data_8EZA
#
_entry.id   8EZA
#
_cell.length_a   1.00
_cell.length_b   1.00
_cell.length_c   1.00
_cell.angle_alpha   90.00
_cell.angle_beta   90.00
_cell.angle_gamma   90.00
#
_symmetry.space_group_name_H-M   'P 1'
#
loop_
_entity.id
_entity.type
_entity.pdbx_description
1 polymer 'Protein PAXX'
2 polymer 'X-ray repair cross-complementing protein 6'
3 polymer 'X-ray repair cross-complementing protein 5'
4 polymer 'DNA-dependent protein kinase catalytic subunit'
5 polymer 'PRKDC_HUMAN DNA-dependent protein kinase catalytic subunit -- Unknown region'
6 polymer 'DNA (31-MER)'
7 polymer 'DNA (30-MER)'
8 polymer 'Non-homologous end-joining factor 1'
9 polymer 'DNA repair protein XRCC4'
10 polymer 'DNA ligase 4'
11 non-polymer "ADENOSINE-5'-TRIPHOSPHATE"
#
loop_
_entity_poly.entity_id
_entity_poly.type
_entity_poly.pdbx_seq_one_letter_code
_entity_poly.pdbx_strand_id
1 'polypeptide(L)'
;MDPLSPPLCTLPPGPEPPRFVCYCEGEESGEGDRGGFNLYVTDAAELWSTCFTPDSLAALKARFGLSAAEDITPRFRAAC
EQQAVALTLQEDRASLTLSGGPSALAFDLSKVPGPEAAPRLRALTLGLAKRVWSLERRLAAAEETAVSPRKSPRPAGPQL
FLPDPDPQRGGPGPGVRRRCPGESLINPGFKSKKPAGGVDFDET
;
S,T
2 'polypeptide(L)'
;MSGWESYYKTEGDEEAEEEQEENLEASGDYKYSGRDSLIFLVDASKAMFESQSEDELTPFDMSIQCIQSVYISKIISSDR
DLLAVVFYGTEKDKNSVNFKNIYVLQELDNPGAKRILELDQFKGQQGQKRFQDMMGHGSDYSLSEVLWVCANLFSDVQFK
MSHKRIMLFTNEDNPHGNDSAKASRARTKAGDLRDTGIFLDLMHLKKPGGFDISLFYRDIISIAEDEDLRVHFEESSKLE
DLLRKVRAKETRKRALSRLKLKLNKDIVISVGIYNLVQKALKPPPIKLYRETNEPVKTKTRTFNTSTGGLLLPSDTKRSQ
IYGSRQIILEKEETEELKRFDDPGLMLMGFKPLVLLKKHHYLRPSLFVYPEESLVIGSSTLFSALLIKCLEKEVAALCRY
TPRRNIPPYFVALVPQEEELDDQKIQVTPPGFQLVFLPFADDKRKMPFTEKIMATPEQVGKMKAIVEKLRFTYRSDSFEN
PVLQQHFRNLEALALDLMEPEQAVDLTLPKVEAMNKRLGSLVDEFKELVYPPDYNPEGKVTKRKHDNEGSGSKRPKVEYS
EEELKTHISKGTLGKFTVPMLKEACRAYGLKSGLKKQELLEALTKHFQD
;
J,A
3 'polypeptide(L)'
;MVRSGNKAAVVLCMDVGFTMSNSIPGIESPFEQAKKVITMFVQRQVFAENKDEIALVLFGTDGTDNPLSGGDQYQNITVH
RHLMLPDFDLLEDIESKIQPGSQQADFLDALIVSMDVIQHETIGKKFEKRHIEIFTDLSSRFSKSQLDIIIHSLKKCDIS
LQFFLPFSLGKEDGSGDRGDGPFRLGGHGPSFPLKGITEQQKEGLEIVKMVMISLEGEDGLDEIYSFSESLRKLCVFKKI
ERHSIHWPCRLTIGSNLSIRIAAYKSILQERVKKTWTVVDAKTLKKEDIQKETVYCLNDDDETEVLKEDIIQGFRYGSDI
VPFSKVDEEQMKYKSEGKCFSVLGFCKSSQVQRRFFMGNQVLKVFAARDDEAAAVALSSLIHALDDLDMVAIVRYAYDKR
ANPQVGVAFPHIKHNYECLVYVQLPFMEDLRQYMFSSLKNSKKYAPTEAQLNAVDALIDSMSLAKKDEKTDTLEDLFPTT
KIPNPRFQRLFQCLLHRALHPREPLPPIQQHIWNMLNPPAEVTTKSQIPLSKIKTLFPLIEAKKKDQVTAQEIFQDNHED
GPTAKKLKTEQGGAHFSVSSLAEGSVTSVGSVNPAENFRVLVKQKKASFEEASNQLINHIEQFLDTNETPYFMKSIDCIR
AFREEAIKFSEEQRFNNFLKALQEKVEIKQLNHFWEIVVQDGITLITKEEASGSSVTAEEAKKFLAPKDKPSGDTAAVFE
EGGDVDDLLDMI
;
K,B
4 'polypeptide(L)'
;MAGSGAGVRCSLLRLQETLSAADRCGAALAGHQLIRGLGQECVLSSSPAVLALQTSLVFSRDFGLLVFVRKSLNSIEFRE
CREEILKFLCIFLEKMGQKIAPYSVEIKNTCTSVYTKDRAAKCKIPALDLLIKLLQTFRSSRLMDEFKIGELFSKFYGEL
ALKKKIPDTVLEKVYELLGLLGEVHPSEMINNAENLFRAFLGELKTQMTSAVREPKLPVLAGCLKGLSSLLCNFTKSMEE
DPQTSREIFNFVLKAIRPQIDLKRYAVPSAGLRLFALHASQFSTCLLDNYVSLFEVLLKWCAHTNVELKKAALSALESFL
KQVSNMVAKNAEMHKNKLQYFMEQFYGIIRNVDSNNKELSIAIRGYGLFAGPCKVINAKDVDFMYVELIQRCKQMFLTQT
DTGDDRVYQMPSFLQSVASVLLYLDTVPEVYTPVLEHLVVMQIDSFPQYSPKMQLVCCRAIVKVFLALAAKGPVLRNCIS
TVVHQGLIRICSKPVVLPKGPESESEDHRASGEVRTGKWKVPTYKDYVDLFRHLLSSDQMMDSILADEAFFSVNSSSESL
NHLLYDEFVKSVLKIVEKLDLTLEIQTVGEQENGDEAPGVWMIPTSDPAANLHPAKPKDFSAFINLVEFCREILPEKQAE
FFEPWVYSFSYELILQSTRLPLISGFYKLLSITVRNAKKIKYFEGVSPKSLKHSPEDPEKYSCFALFVKFGKEVAVKMKQ
YKDELLASCLTFLLSLPHNIIELDVRAYVPALQMAFKLGLSYTPLAEVGLNALEEWSIYIDRHVMQPYYKDILPCLDGYL
KTSALSDETKNNWEVSALSRAAQKGFNKVVLKHLKKTKNLSSNEAISLEEIRIRVVQMLGSLGGQINKNLLTVTSSDEMM
KSYVAWDREKRLSFAVPFREMKPVIFLDVFLPRVTELALTASDRQTKVAACELLHSMVMFMLGKATQMPEGGQGAPPMYQ
LYKRTFPVLLRLACDVDQVTRQLYEPLVMQLIHWFTNNKKFESQDTVALLEAILDGIVDPVDSTLRDFCGRCIREFLKWS
IKQITPQQQEKSPVNTKSLFKRLYSLALHPNAFKRLGASLAFNNIYREFREEESLVEQFVFEALVIYMESLALAHADEKS
LGTIQQCCDAIDHLCRIIEKKHVSLNKAKKRRLPRGFPPSASLCLLDLVKWLLAHCGRPQTECRHKSIELFYKFVPLLPG
NRSPNLWLKDVLKEEGVSFLINTFEGGGCGQPSGILAQPTLLYLRGPFSLQATLCWLDLLLAALECYNTFIGERTVGALQ
VLGTEAQSSLLKAVAFFLESIAMHDIIAAEKCFGTGAAGNRTSPQEGERYNYSKCTVVVRIMEFTTTLLNTSPEGWKLLK
KDLCNTHLMRVLVQTLCEPASIGFNIGDVQVMAHLPDVCVNLMKALKMSPYKDILETHLREKITAQSIEELCAVNLYGPD
AQVDRSRLAAVVSACKQLHRAGLLHNILPSQSTDLHHSVGTELLSLVYKGIAPGDERQCLPSLDLSCKQLASGLLELAFA
FGGLCERLVSLLLNPAVLSTASLGSSQGSVIHFSHGEYFYSLFSETINTELLKNLDLAVLELMQSSVDNTKMVSAVLNGM
LDQSFRERANQKHQGLKLATTILQHWKKCDSWWAKDSPLETKMAVLALLAKILQIDSSVSFNTSHGSFPEVFTTYISLLA
DTKLDLHLKGQAVTLLPFFTSLTGGSLEELRRVLEQLIVAHFPMQSREFPPGTPRFNNYVDCMKKFLDALELSQSPMLLE
LMTEVLCREQQHVMEELFQSSFRRIARRGSCVTQVGLLESVYEMFRKDDPRLSFTRQSFVDRSLLTLLWHCSLDALREFF
STIVVDAIDVLKSRFTKLNESTFDTQITKKMGYYKILDVMYSRLPKDDVHAKESKINQVFHGSCITEGNELTKTLIKLCY
DAFTENMAGENQLLERRRLYHCAAYNCAISVICCVFNELKFYQGFLFSEKPEKNLLIFENLIDLKRRYNFPVEVEVPMER
KKKYIEIRKEAREAANGDSDGPSYMSSLSYLADSTLSEEMSQFDFSTGVQSYSYSSQDPRPATGRFRRREQRDPTVHDDV
LELEMDELNRHECMAPLTALVKHMHRSLGPPQGEEDSVPRDLPSWMKFLHGKLGNPIVPLNIRLFLAKLVINTEEVFRPY
AKHWLSPLLQLAASENNGGEGIHYMVVEIVATILSWTGLATPTGVPKDEVLANRLLNFLMKHVFHPKRAVFRHNLEIIKT
LVECWKDCLSIPYRLIFEKFSGKDPNSKDNSVGIQLLGIVMANDLPPYDPQCGIQSSEYFQALVNNMSFVRYKEVYAAAA
EVLGLILRYVMERKNILEESLCELVAKQLKQHQNTMEDKFIVCLNKVTKSFPPLADRFMNAVFFLLPKFHGVLKTLCLEV
VLCRVEGMTELYFQLKSKDFVQVMRHRDDERQKVCLDIIYKMMPKLKPVELRELLNPVVEFVSHPSTTCREQMYNILMWI
HDNYRDPESETDNDSQEIFKLAKDVLIQGLIDENPGLQLIIRNFWSHETRLPSNTLDRLLALNSLYSPKIEVHFLSLATN
FLLEMTSMSPDYPNPMFEHPLSECEFQEYTIDSDWRFRSTVLTPMFVETQASQGTLQTRTQEGSLSARWPVAGQIRATQQ
QHDFTLTQTADGRSSFDWLTGSSTDPLVDHTSPSSDSLLFAHKRSERLQRAPLKSVGPDFGKKRLGLPGDEVDNKVKGAA
GRTDLLRLRRRFMRDQEKLSLMYARKGVAEQKREKEIKSELKMKQDAQVVLYRSYRHGDLPDIQIKHSSLITPLQAVAQR
DPIIAKQLFSSLFSGILKEMDKFKTLSEKNNITQKLLQDFNRFLNTTFSFFPPFVSCIQDISCQHAALLSLDPAAVSAGC
LASLQQPVGIRLLEEALLRLLPAELPAKRVRGKARLPPDVLRWVELAKLYRSIGEYDVLRGIFTSEIGTKQITQSALLAE
ARSDYSEAAKQYDEALNKQDWVDGEPTEAEKDFWELASLDCYNHLAEWKSLEYCSTASIDSENPPDLNKIWSEPFYQETY
LPYMIRSKLKLLLQGEADQSLLTFIDKAMHGELQKAILELHYSQELSLLYLLQDDVDRAKYYIQNGIQSFMQNYSSIDVL
LHQSRLTKLQSVQALTEIQEFISFISKQGNLSSQVPLKRLLNTWTNRYPDAKMDPMNIWDDIITNRCFFLSKIEEKLTPL
PEDNSMNVDQDGDPSDRMEVQEQEEDISSLIRSCKFSMKMKMIDSARKQNNFSLAMKLLKELHKESKTRDDWLVSWVQSY
CRLSHCRSRSQGCSEQVLTVLKTVSLLDENNVSSYLSKNILAFRDQNILLGTTYRIIANALSSEPACLAEIEEDKARRIL
ELSGSSSEDSEKVIAGLYQRAFQHLSEAVQAAEEEAQPPSWSCGPAAGVIDAYMTLADFCDQQLRKEEENASVIDSAELQ
AYPALVVEKMLKALKLNSNEARLKFPRLLQIIERYPEETLSLMTKEISSVPCWQFISWISHMVALLDKDQAVAVQHSVEE
ITDNYPQAIVYPFIISSESYSFKDTSTGHKNKEFVARIKSKLDQGGVIQDFINALDQLSNPELLFKDWSNDVRAELAKTP
VNKKNIEKMYERMYAALGDPKAPGLGAFRRKFIQTFGKEFDKHFGKGGSKLLRMKLSDFNDITNMLLLKMNKDSKPPGNL
KECSPWMSDFKVEFLRNELEIPGQYDGRGKPLPEYHVRIAGFDERVTVMASLRRPKRIIIRGHDEREHPFLVKGGEDLRQ
DQRVEQLFQVMNGILAQDSACSQRALQLRTYSVVPMTSRLGLIEWLENTVTLKDLLLNTMSQEEKAAYLSDPRAPPCEYK
DWLTKMSGKHDVGAYMLMYKGANRTETVTSFRKRESKVPADLLKRAFVRMSTSPEAFLALRSHFASSHALICISHWILGI
GDRHLNNFMVAMETGGVIGIDFGHAFGSATQFLPVPELMPFRLTRQFINLMLPMKETGLMYSIMVHALRAFRSDPGLLTN
TMDVFVKEPSFDWKNFEQKMLKKGGSWIQEINVAEKNWYPRQKICYAKRKLAGANPAVITCDELLLGHEKAPAFRDYVAV
ARGSKDHNIRAQEPESGLSEETQVKCLMDQATDPNILGRTWEGWEPWM
;
L,C
5 'polypeptide(L)'
;(UNK)(UNK)(UNK)(UNK)(UNK)(UNK)(UNK)(UNK)(UNK)(UNK)(UNK)(UNK)(UNK)(UNK)(UNK)(UNK)
(UNK)(UNK)(UNK)(UNK)
;
R,Q
6 'polydeoxyribonucleotide'
;(DT)(DC)(DT)(DA)(DA)(DG)(DA)(DA)(DC)(DT)(DC)(DT)(DG)(DA)(DT)(DG)(DT)(DC)(DA)(DG)
(DT)(DA)(DG)(DA)(DT)(DT)(DA)(DC)(DA)(DC)(DT)
;
M,D
7 'polydeoxyribonucleotide'
;(DG)(DT)(DG)(DT)(DA)(DA)(DT)(DC)(DT)(DA)(DC)(DT)(DG)(DA)(DC)(DA)(DT)(DC)(DA)(DG)
(DA)(DG)(DT)(DT)(DC)(DT)(DT)(DA)(DG)(DA)
;
N,E
8 'polypeptide(L)'
;MEELEQGLLMQPWAWLQLAENSLLAKVFITKQGYALLVSDLQQVWHEQVDTSVVSQRAKELNKRLTAPPAAFLCHLDNLL
RPLLKDAAHPSEATFSCDCVADALILRVRSELSGLPFYWNFHCMLASPSLVSQHLIRPLMGMSLALQCQVRELATLLHMK
DLEIQDYQESGATLIRDRLKTEPFEENSFLEQFMIEKLPEACSIGDGKPFVMNLQDLYMAVTTQEVQVGQKHQGAGDPHT
SNSASLQGIDSQCVNQPEQLVSSAPTLSAPEKESTGTSGPLQRPQLSKVKRKKPRGLFS
;
H,I
9 'polypeptide(L)'
;MERKISRIHLVSEPSITHFLQVSWEKTLESGFVITLTDGHSAWTGTVSESEISQEADDMAMEKGKYVGELRKALLSGAGP
ADVYTFNFSKESCYFFFEKNLKDVSFRLGSFNLEKVENPAEVIRELICYCLDTIAENQAKNEHLQKENERLLRDWNDVQG
RFEKCVSAKEALETDLYKRFILVLNEKKTKIRSLHNKLLNAAQEREKDIKQEGETAICSEMTADRDPVYDESTDEESENQ
TDLSGLASAAVSKDDSIISSLDVTDIAPSRKRRQRMQRNLGTEPKMAPQENQLQEKENSRPDSSLPETSKKEHISAENMS
LETLRNSSPEDLFDEI
;
F,G,O,P
10 'polypeptide(L)'
;MAASQTSQTVASHVPFADLCSTLERIQKSKGRAEKIRHFREFLDSWRKFHDALHKNHKDVTDSFYPAMRLILPQLERERM
AYGIKETMLAKLYIELLNLPRDGKDALKLLNYRTPTGTHGDAGDFAMIAYFVLKPRCLQKGSLTIQQVNDLLDSIASNNS
AKRKDLIKKSLLQLITQSSALEQKWLIRMIIKDLKLGVSQQTIFSVFHNDAAELHNVTTDLEKVCRQLHDPSVGLSDISI
TLFSAFKPMLAAIADIEHIEKDMKHQSFYIETKLDGERMQMHKDGDVYKYFSRNGYNYTDQFGASPTEGSLTPFIHNAFK
ADIQICILDGEMMAYNPNTQTFMQKGTKFDIKRMVEDSDLQTCYCVFDVLMVNNKKLGHETLRKRYEILSSIFTPIPGRI
EIVQKTQAHTKNEVIDALNEAIDKREEGIMVKQPLSIYKPDKRGEGWLKIKPEYVSGLMDELDILIVGGYWGKGSRGGMM
SHFLCAVAEKPPPGEKPSVFHTLSRVGSGCTMKELYDLGLKLAKYWKPFHRKAPPSSILCGTEKPEVYIEPCNSVIVQIK
AAEIVPSDMYKTGCTLRFPRIEKIRDDKEWHECMTLDDLEQLRGKASGKLASKHLYIGGDDEPQEKKRKAAPKMKKVIGI
IEHLKAPNLTNVNKISNIFEDVEFCVMSGTDSQPKPDLENRIAEFGGYIVQNPGPDTYCVIAGSENIRVKNIILSNKHDV
VKPAWLLECFKTKSFVPWQPRFMIHMCPSTKEHFAREYDCYGDSYFIDTDLNQLKEVFSGIKNSNEQTPEEMASLIADLE
YRYSWDCSPLSMFRRHTVYLDSYAVINDLSTKNEGTRLAIKALELRFHGAKVVSCLAEGVSHVIIGEDHSRVADFKAFRR
TFKRKFKILKESWVTDSIDKCELQEENQYLI
;
X,Y
#
loop_
_chem_comp.id
_chem_comp.type
_chem_comp.name
_chem_comp.formula
ATP non-polymer ADENOSINE-5'-TRIPHOSPHATE 'C10 H16 N5 O13 P3'
DA DNA linking 2'-DEOXYADENOSINE-5'-MONOPHOSPHATE 'C10 H14 N5 O6 P'
DC DNA linking 2'-DEOXYCYTIDINE-5'-MONOPHOSPHATE 'C9 H14 N3 O7 P'
DG DNA linking 2'-DEOXYGUANOSINE-5'-MONOPHOSPHATE 'C10 H14 N5 O7 P'
DT DNA linking THYMIDINE-5'-MONOPHOSPHATE 'C10 H15 N2 O8 P'
#
# COMPACT_ATOMS: atom_id res chain seq x y z
N ARG A 179 -36.37 1.90 -68.76
CA ARG A 179 -36.95 3.02 -68.02
C ARG A 179 -38.48 2.91 -67.94
N CYS A 180 -39.07 3.62 -66.97
CA CYS A 180 -40.49 3.58 -66.60
C CYS A 180 -41.53 3.39 -67.71
N PRO A 181 -41.55 4.13 -68.84
CA PRO A 181 -42.78 4.35 -69.60
C PRO A 181 -43.54 3.11 -70.10
N GLY A 182 -42.84 2.03 -70.44
CA GLY A 182 -43.42 0.80 -70.97
C GLY A 182 -43.38 -0.43 -70.04
N GLU A 183 -42.84 -0.31 -68.83
CA GLU A 183 -42.46 -1.45 -67.99
C GLU A 183 -43.43 -1.62 -66.82
N SER A 184 -44.06 -2.78 -66.66
CA SER A 184 -45.19 -2.94 -65.71
C SER A 184 -44.76 -2.94 -64.25
N LEU A 185 -45.54 -2.34 -63.35
CA LEU A 185 -45.19 -2.34 -61.92
C LEU A 185 -45.53 -3.66 -61.20
N ILE A 186 -46.48 -4.43 -61.71
CA ILE A 186 -46.83 -5.76 -61.16
C ILE A 186 -45.71 -6.77 -61.45
N ASN A 187 -45.09 -6.66 -62.62
CA ASN A 187 -44.19 -7.64 -63.16
C ASN A 187 -43.05 -6.93 -63.93
N PRO A 188 -41.97 -6.51 -63.24
CA PRO A 188 -40.98 -5.58 -63.78
C PRO A 188 -40.13 -6.17 -64.90
N GLY A 189 -39.53 -5.28 -65.70
CA GLY A 189 -38.78 -5.60 -66.91
C GLY A 189 -39.67 -5.99 -68.09
N PHE A 190 -40.71 -6.78 -67.88
CA PHE A 190 -41.69 -7.14 -68.89
C PHE A 190 -42.59 -5.97 -69.25
N LYS A 191 -43.02 -5.93 -70.52
CA LYS A 191 -43.75 -4.81 -71.13
C LYS A 191 -45.20 -4.79 -70.66
N SER A 192 -45.79 -3.63 -70.40
CA SER A 192 -47.13 -3.54 -69.81
C SER A 192 -48.24 -4.18 -70.65
N LYS A 193 -49.02 -5.10 -70.07
CA LYS A 193 -50.17 -5.74 -70.72
C LYS A 193 -51.35 -4.76 -70.86
N LYS A 194 -51.66 -4.37 -72.08
CA LYS A 194 -52.78 -3.46 -72.41
C LYS A 194 -54.12 -4.18 -72.29
N PRO A 195 -55.24 -3.48 -72.03
CA PRO A 195 -56.45 -4.09 -71.49
C PRO A 195 -57.37 -4.73 -72.54
N ALA A 196 -56.90 -5.80 -73.17
CA ALA A 196 -57.62 -6.80 -73.99
C ALA A 196 -58.30 -6.33 -75.30
N GLY A 197 -58.89 -5.15 -75.36
CA GLY A 197 -59.51 -4.60 -76.57
C GLY A 197 -60.69 -5.43 -77.10
N GLY A 198 -60.62 -5.87 -78.33
CA GLY A 198 -61.71 -6.44 -79.10
C GLY A 198 -62.03 -5.53 -80.29
N VAL A 199 -63.18 -5.77 -80.91
CA VAL A 199 -63.64 -5.03 -82.08
C VAL A 199 -64.68 -4.00 -81.67
N ASP A 200 -64.45 -2.73 -82.03
CA ASP A 200 -65.31 -1.59 -81.70
C ASP A 200 -65.06 -0.47 -82.71
N PHE A 201 -66.07 0.07 -83.41
CA PHE A 201 -65.78 0.85 -84.61
C PHE A 201 -65.59 2.34 -84.32
N TYR B 30 -18.72 66.34 26.22
CA TYR B 30 -17.89 65.29 26.80
C TYR B 30 -17.21 65.73 28.11
N LYS B 31 -16.59 64.76 28.79
CA LYS B 31 -15.77 64.93 30.00
C LYS B 31 -14.59 65.88 29.80
N TYR B 32 -13.96 66.33 30.89
CA TYR B 32 -12.97 67.41 30.86
C TYR B 32 -11.72 67.08 30.02
N SER B 33 -11.06 65.97 30.30
CA SER B 33 -9.68 65.78 29.83
C SER B 33 -9.56 65.50 28.32
N GLY B 34 -10.60 64.94 27.68
CA GLY B 34 -10.50 64.46 26.32
C GLY B 34 -10.06 65.54 25.33
N ARG B 35 -8.96 65.32 24.63
CA ARG B 35 -8.46 66.20 23.57
C ARG B 35 -9.39 66.24 22.38
N ASP B 36 -9.55 67.38 21.74
CA ASP B 36 -9.99 67.36 20.34
C ASP B 36 -8.86 66.78 19.48
N SER B 37 -9.19 65.97 18.51
CA SER B 37 -8.20 65.34 17.63
C SER B 37 -8.71 65.36 16.22
N LEU B 38 -7.90 65.77 15.25
CA LEU B 38 -8.41 66.11 13.93
C LEU B 38 -7.44 65.78 12.81
N ILE B 39 -7.87 65.01 11.80
CA ILE B 39 -6.99 64.50 10.74
C ILE B 39 -7.43 65.00 9.37
N PHE B 40 -6.50 65.56 8.59
CA PHE B 40 -6.79 66.21 7.33
C PHE B 40 -6.36 65.37 6.13
N LEU B 41 -7.24 65.10 5.18
CA LEU B 41 -7.09 63.99 4.25
C LEU B 41 -7.39 64.40 2.81
N VAL B 42 -6.35 64.82 2.09
CA VAL B 42 -6.49 65.49 0.79
C VAL B 42 -6.35 64.53 -0.36
N ASP B 43 -7.21 64.73 -1.36
CA ASP B 43 -7.15 64.12 -2.68
C ASP B 43 -5.92 64.62 -3.46
N ALA B 44 -4.91 63.77 -3.67
CA ALA B 44 -3.74 64.11 -4.46
C ALA B 44 -3.92 63.96 -5.97
N SER B 45 -5.14 63.68 -6.47
CA SER B 45 -5.39 63.34 -7.88
C SER B 45 -5.26 64.53 -8.83
N LYS B 46 -4.49 64.37 -9.92
CA LYS B 46 -4.14 65.42 -10.90
C LYS B 46 -5.34 66.23 -11.38
N ALA B 47 -6.46 65.56 -11.64
CA ALA B 47 -7.71 66.15 -12.15
C ALA B 47 -8.30 67.24 -11.26
N MET B 48 -7.89 67.31 -10.00
CA MET B 48 -8.20 68.40 -9.07
C MET B 48 -6.93 69.14 -8.66
N PHE B 49 -5.88 68.40 -8.35
CA PHE B 49 -4.60 68.86 -7.80
C PHE B 49 -3.93 69.95 -8.63
N GLU B 50 -3.81 69.76 -9.94
CA GLU B 50 -3.18 70.74 -10.85
C GLU B 50 -4.23 71.58 -11.59
N SER B 51 -5.50 71.53 -11.18
CA SER B 51 -6.65 71.98 -11.96
C SER B 51 -7.20 73.33 -11.51
N GLN B 52 -7.68 74.13 -12.46
CA GLN B 52 -8.35 75.40 -12.24
C GLN B 52 -9.28 75.72 -13.42
N SER B 53 -10.37 76.44 -13.18
CA SER B 53 -11.26 76.98 -14.22
C SER B 53 -10.92 78.45 -14.51
N GLU B 54 -10.63 79.15 -13.43
CA GLU B 54 -9.91 80.42 -13.28
C GLU B 54 -8.40 80.19 -13.41
N ASP B 55 -7.58 81.19 -13.07
CA ASP B 55 -6.18 81.00 -12.64
C ASP B 55 -6.00 81.31 -11.13
N GLU B 56 -6.98 81.96 -10.52
CA GLU B 56 -6.85 82.73 -9.28
C GLU B 56 -6.82 81.91 -7.98
N LEU B 57 -7.15 80.61 -7.99
CA LEU B 57 -6.98 79.72 -6.86
C LEU B 57 -6.49 78.38 -7.35
N THR B 58 -6.47 77.40 -6.48
CA THR B 58 -6.15 76.03 -6.84
C THR B 58 -6.58 75.08 -5.73
N PRO B 59 -7.36 74.05 -6.06
CA PRO B 59 -7.98 73.25 -5.00
C PRO B 59 -6.98 72.63 -4.05
N PHE B 60 -5.85 72.16 -4.55
CA PHE B 60 -4.83 71.70 -3.62
C PHE B 60 -4.24 72.88 -2.89
N ASP B 61 -3.95 73.95 -3.61
CA ASP B 61 -3.47 75.13 -2.92
C ASP B 61 -4.53 75.71 -2.01
N MET B 62 -5.76 75.28 -2.16
CA MET B 62 -6.82 75.71 -1.28
C MET B 62 -6.84 74.84 -0.03
N SER B 63 -6.72 73.54 -0.22
CA SER B 63 -6.74 72.64 0.91
C SER B 63 -5.50 72.81 1.76
N ILE B 64 -4.35 72.98 1.14
CA ILE B 64 -3.14 73.13 1.92
C ILE B 64 -3.20 74.42 2.69
N GLN B 65 -3.78 75.46 2.11
CA GLN B 65 -3.95 76.69 2.85
C GLN B 65 -4.85 76.46 4.03
N CYS B 66 -5.91 75.70 3.83
CA CYS B 66 -6.80 75.41 4.95
C CYS B 66 -6.05 74.67 6.04
N ILE B 67 -5.27 73.68 5.67
CA ILE B 67 -4.61 72.88 6.68
C ILE B 67 -3.58 73.71 7.43
N GLN B 68 -2.81 74.56 6.76
CA GLN B 68 -1.90 75.47 7.45
C GLN B 68 -2.64 76.47 8.33
N SER B 69 -3.84 76.90 7.95
CA SER B 69 -4.52 77.97 8.66
C SER B 69 -5.33 77.53 9.84
N VAL B 70 -6.07 76.42 9.78
CA VAL B 70 -6.65 75.85 10.99
C VAL B 70 -5.55 75.42 11.95
N TYR B 71 -4.43 74.92 11.43
CA TYR B 71 -3.31 74.47 12.24
C TYR B 71 -2.63 75.62 12.95
N ILE B 72 -2.40 76.76 12.32
CA ILE B 72 -1.93 77.97 13.02
C ILE B 72 -2.97 78.55 13.99
N SER B 73 -4.27 78.39 13.76
CA SER B 73 -5.27 78.68 14.79
C SER B 73 -5.10 77.78 16.03
N LYS B 74 -5.07 76.46 15.82
CA LYS B 74 -4.93 75.48 16.89
C LYS B 74 -3.63 75.62 17.66
N ILE B 75 -2.54 76.11 17.07
CA ILE B 75 -1.30 76.35 17.79
C ILE B 75 -1.45 77.43 18.85
N ILE B 76 -1.98 78.60 18.52
CA ILE B 76 -2.18 79.65 19.52
C ILE B 76 -3.24 79.22 20.52
N SER B 77 -4.31 78.59 20.04
CA SER B 77 -5.50 78.44 20.86
C SER B 77 -5.59 77.17 21.70
N SER B 78 -4.99 76.05 21.28
CA SER B 78 -5.11 74.76 21.96
C SER B 78 -3.98 73.79 21.60
N ASP B 79 -2.75 74.09 22.01
CA ASP B 79 -1.55 73.26 21.84
C ASP B 79 -1.68 71.78 22.32
N ARG B 80 -2.67 71.52 23.15
CA ARG B 80 -3.08 70.24 23.72
C ARG B 80 -3.83 69.34 22.75
N ASP B 81 -4.51 69.89 21.76
CA ASP B 81 -5.35 69.14 20.81
C ASP B 81 -4.55 68.67 19.60
N LEU B 82 -4.91 67.53 19.00
CA LEU B 82 -4.04 66.76 18.10
C LEU B 82 -4.38 66.98 16.62
N LEU B 83 -3.39 67.15 15.74
CA LEU B 83 -3.59 67.19 14.29
C LEU B 83 -2.77 66.11 13.56
N ALA B 84 -3.27 65.61 12.44
CA ALA B 84 -2.53 64.84 11.44
C ALA B 84 -2.94 65.25 10.04
N VAL B 85 -2.14 64.92 9.03
CA VAL B 85 -2.46 65.21 7.63
C VAL B 85 -1.94 64.10 6.71
N VAL B 86 -2.75 63.74 5.73
CA VAL B 86 -2.61 62.52 4.92
C VAL B 86 -2.95 62.81 3.47
N PHE B 87 -2.16 62.28 2.55
CA PHE B 87 -2.47 62.34 1.13
C PHE B 87 -2.84 60.95 0.63
N TYR B 88 -4.00 60.87 0.00
CA TYR B 88 -4.46 59.63 -0.62
C TYR B 88 -4.36 59.71 -2.14
N GLY B 89 -4.32 58.54 -2.77
CA GLY B 89 -4.13 58.44 -4.19
C GLY B 89 -2.76 58.90 -4.64
N THR B 90 -1.78 59.23 -3.80
CA THR B 90 -0.44 59.51 -4.35
C THR B 90 0.26 58.22 -4.82
N GLU B 91 1.36 58.30 -5.58
CA GLU B 91 2.02 57.14 -6.20
C GLU B 91 3.11 56.48 -5.36
N LYS B 92 3.82 57.12 -4.45
CA LYS B 92 4.82 56.59 -3.51
C LYS B 92 4.24 56.65 -2.11
N ASP B 93 4.36 55.59 -1.31
CA ASP B 93 3.50 55.36 -0.15
C ASP B 93 4.21 55.38 1.20
N LYS B 94 3.42 55.72 2.23
CA LYS B 94 3.79 55.64 3.65
C LYS B 94 2.54 55.44 4.50
N ASN B 95 2.44 54.26 5.11
CA ASN B 95 1.31 53.75 5.89
C ASN B 95 1.82 52.67 6.86
N SER B 96 1.04 52.30 7.85
CA SER B 96 1.33 51.08 8.62
C SER B 96 1.04 49.81 7.80
N VAL B 97 -0.11 49.79 7.15
CA VAL B 97 -0.67 48.65 6.41
C VAL B 97 -1.84 49.12 5.53
N ASN B 98 -2.31 48.31 4.58
CA ASN B 98 -3.31 48.74 3.56
C ASN B 98 -2.69 49.88 2.73
N PHE B 99 -1.53 49.59 2.15
CA PHE B 99 -0.58 50.61 1.72
C PHE B 99 -0.95 51.37 0.45
N LYS B 100 -1.73 50.75 -0.45
CA LYS B 100 -1.64 51.14 -1.86
C LYS B 100 -2.08 52.58 -2.08
N ASN B 101 -1.15 53.37 -2.59
CA ASN B 101 -1.37 54.70 -3.10
C ASN B 101 -1.86 55.70 -2.05
N ILE B 102 -1.23 55.73 -0.86
CA ILE B 102 -1.53 56.64 0.25
C ILE B 102 -0.22 56.99 0.98
N TYR B 103 -0.10 58.24 1.42
CA TYR B 103 1.06 58.77 2.09
C TYR B 103 0.61 59.62 3.27
N VAL B 104 0.77 59.11 4.48
CA VAL B 104 0.62 59.89 5.70
C VAL B 104 1.78 60.88 5.78
N LEU B 105 1.55 62.14 5.37
CA LEU B 105 2.57 63.18 5.52
C LEU B 105 2.93 63.36 6.99
N GLN B 106 1.93 63.35 7.87
CA GLN B 106 2.08 63.53 9.32
C GLN B 106 1.12 62.67 10.12
N GLU B 107 1.65 61.83 11.01
CA GLU B 107 0.88 61.07 11.99
C GLU B 107 0.26 61.99 13.05
N LEU B 108 -0.53 61.52 14.00
CA LEU B 108 -1.16 62.39 15.02
C LEU B 108 -0.15 62.93 16.03
N ASP B 109 -0.17 64.23 16.25
CA ASP B 109 0.75 64.87 17.19
C ASP B 109 0.19 66.19 17.69
N ASN B 110 0.70 66.64 18.83
CA ASN B 110 0.49 68.01 19.28
C ASN B 110 1.12 68.95 18.26
N PRO B 111 0.47 70.07 17.94
CA PRO B 111 0.87 70.93 16.85
C PRO B 111 1.97 71.90 17.19
N GLY B 112 2.84 72.18 16.24
CA GLY B 112 3.90 73.16 16.38
C GLY B 112 4.49 73.62 15.06
N ALA B 113 5.60 74.35 15.13
CA ALA B 113 6.18 75.04 13.99
C ALA B 113 6.66 74.10 12.91
N LYS B 114 7.51 73.10 13.22
CA LYS B 114 8.11 72.25 12.18
C LYS B 114 7.09 71.53 11.31
N ARG B 115 5.91 71.22 11.85
CA ARG B 115 4.78 70.70 11.08
C ARG B 115 4.19 71.72 10.11
N ILE B 116 3.97 72.94 10.54
CA ILE B 116 3.59 74.02 9.64
C ILE B 116 4.65 74.24 8.57
N LEU B 117 5.95 74.13 8.87
CA LEU B 117 6.98 74.21 7.81
C LEU B 117 6.92 73.02 6.84
N GLU B 118 6.57 71.80 7.24
CA GLU B 118 6.38 70.71 6.29
C GLU B 118 5.25 70.98 5.29
N LEU B 119 4.11 71.52 5.71
CA LEU B 119 3.04 71.88 4.78
C LEU B 119 3.46 73.03 3.86
N ASP B 120 4.22 74.01 4.37
CA ASP B 120 4.57 75.21 3.60
C ASP B 120 5.33 74.87 2.31
N GLN B 121 6.15 73.83 2.35
CA GLN B 121 6.96 73.37 1.23
C GLN B 121 6.13 73.04 -0.02
N PHE B 122 4.88 72.63 0.11
CA PHE B 122 4.05 72.15 -1.00
C PHE B 122 3.14 73.21 -1.60
N LYS B 123 3.07 74.39 -1.01
CA LYS B 123 2.20 75.50 -1.42
C LYS B 123 2.72 76.18 -2.69
N GLY B 124 1.79 76.54 -3.60
CA GLY B 124 1.98 77.50 -4.70
C GLY B 124 2.31 76.87 -6.07
N GLN B 125 2.56 77.70 -7.09
CA GLN B 125 2.82 77.25 -8.46
C GLN B 125 4.09 76.39 -8.56
N GLN B 126 5.18 76.80 -7.92
CA GLN B 126 6.35 75.95 -7.76
C GLN B 126 6.05 74.78 -6.79
N GLY B 127 5.22 74.97 -5.77
CA GLY B 127 4.81 73.92 -4.83
C GLY B 127 4.16 72.72 -5.51
N GLN B 128 3.25 72.95 -6.46
CA GLN B 128 2.64 71.86 -7.23
C GLN B 128 3.62 71.14 -8.18
N LYS B 129 4.88 71.59 -8.30
CA LYS B 129 5.98 70.77 -8.84
C LYS B 129 6.82 70.13 -7.73
N ARG B 130 7.05 70.82 -6.61
CA ARG B 130 7.78 70.26 -5.45
C ARG B 130 7.17 68.96 -4.95
N PHE B 131 5.85 68.88 -4.91
CA PHE B 131 5.12 67.66 -4.50
C PHE B 131 5.31 66.50 -5.50
N GLN B 132 5.50 66.82 -6.78
CA GLN B 132 5.59 65.86 -7.87
C GLN B 132 6.92 65.14 -7.92
N ASP B 133 7.99 65.83 -7.56
CA ASP B 133 9.31 65.25 -7.41
C ASP B 133 9.34 64.18 -6.29
N MET B 134 8.30 64.12 -5.43
CA MET B 134 8.27 63.24 -4.27
C MET B 134 7.18 62.15 -4.29
N MET B 135 5.89 62.48 -4.26
CA MET B 135 4.89 61.44 -4.00
C MET B 135 4.08 61.01 -5.22
N GLY B 136 4.00 61.84 -6.27
CA GLY B 136 3.52 61.44 -7.60
C GLY B 136 1.99 61.36 -7.78
N HIS B 137 1.50 61.77 -8.96
CA HIS B 137 0.14 62.29 -9.15
C HIS B 137 -0.82 61.74 -10.20
N GLY B 138 -2.04 61.47 -9.72
CA GLY B 138 -3.20 61.06 -10.51
C GLY B 138 -3.56 59.57 -10.39
N SER B 139 -2.76 58.75 -9.72
CA SER B 139 -2.97 57.28 -9.69
C SER B 139 -4.31 56.85 -9.07
N ASP B 140 -4.71 55.60 -9.28
CA ASP B 140 -5.96 55.07 -8.73
C ASP B 140 -5.90 54.90 -7.20
N TYR B 141 -7.06 55.04 -6.57
CA TYR B 141 -7.20 55.13 -5.12
C TYR B 141 -8.46 54.40 -4.64
N SER B 142 -8.61 54.17 -3.34
CA SER B 142 -9.82 53.52 -2.83
C SER B 142 -10.28 53.93 -1.44
N LEU B 143 -11.40 54.69 -1.33
CA LEU B 143 -11.85 55.24 -0.05
C LEU B 143 -11.98 54.19 1.05
N SER B 144 -12.43 52.98 0.75
CA SER B 144 -12.51 51.96 1.81
C SER B 144 -11.13 51.61 2.40
N GLU B 145 -10.04 51.72 1.65
CA GLU B 145 -8.68 51.66 2.18
C GLU B 145 -8.28 52.97 2.84
N VAL B 146 -8.65 54.12 2.30
CA VAL B 146 -8.29 55.41 2.92
C VAL B 146 -8.91 55.54 4.31
N LEU B 147 -10.20 55.26 4.46
CA LEU B 147 -10.87 55.21 5.75
C LEU B 147 -10.27 54.16 6.69
N TRP B 148 -9.75 53.03 6.18
CA TRP B 148 -9.02 52.06 6.99
C TRP B 148 -7.78 52.71 7.55
N VAL B 149 -7.06 53.44 6.72
CA VAL B 149 -5.80 53.98 7.16
C VAL B 149 -6.02 54.94 8.29
N CYS B 150 -6.99 55.84 8.13
CA CYS B 150 -7.18 56.85 9.15
C CYS B 150 -7.64 56.21 10.43
N ALA B 151 -8.39 55.14 10.31
CA ALA B 151 -8.83 54.45 11.51
C ALA B 151 -7.64 53.94 12.27
N ASN B 152 -6.73 53.27 11.58
CA ASN B 152 -5.56 52.77 12.29
C ASN B 152 -4.82 53.92 12.93
N LEU B 153 -4.75 55.05 12.26
CA LEU B 153 -4.08 56.17 12.89
C LEU B 153 -4.70 56.49 14.22
N PHE B 154 -5.98 56.85 14.27
CA PHE B 154 -6.53 57.17 15.58
C PHE B 154 -6.31 56.07 16.57
N SER B 155 -6.36 54.83 16.14
CA SER B 155 -6.15 53.78 17.11
C SER B 155 -4.77 53.90 17.73
N ASP B 156 -3.76 54.18 16.92
CA ASP B 156 -2.38 54.01 17.37
C ASP B 156 -2.06 54.91 18.54
N VAL B 157 -2.78 56.04 18.76
CA VAL B 157 -2.53 57.01 19.87
C VAL B 157 -3.17 56.68 21.21
N GLN B 158 -2.43 57.02 22.26
CA GLN B 158 -2.69 56.63 23.64
C GLN B 158 -3.65 57.55 24.39
N PHE B 159 -3.72 58.83 24.03
CA PHE B 159 -4.49 59.84 24.74
C PHE B 159 -6.00 59.60 24.72
N LYS B 160 -6.71 60.14 25.71
CA LYS B 160 -8.17 60.20 25.68
C LYS B 160 -8.63 61.30 24.74
N MET B 161 -9.50 60.98 23.79
CA MET B 161 -10.00 61.88 22.74
C MET B 161 -11.50 62.15 22.96
N SER B 162 -11.92 63.43 22.98
CA SER B 162 -13.31 63.82 23.19
C SER B 162 -14.11 63.89 21.91
N HIS B 163 -13.50 64.42 20.86
CA HIS B 163 -14.05 64.48 19.53
C HIS B 163 -13.04 63.90 18.56
N LYS B 164 -13.49 62.95 17.74
CA LYS B 164 -12.65 62.27 16.75
C LYS B 164 -13.24 62.64 15.40
N ARG B 165 -12.54 63.43 14.57
CA ARG B 165 -13.09 63.97 13.32
C ARG B 165 -12.12 63.88 12.18
N ILE B 166 -12.60 63.42 11.04
CA ILE B 166 -11.89 63.43 9.75
C ILE B 166 -12.44 64.54 8.84
N MET B 167 -11.58 65.27 8.11
CA MET B 167 -11.98 66.26 7.10
C MET B 167 -11.61 65.85 5.67
N LEU B 168 -12.62 65.68 4.80
CA LEU B 168 -12.44 65.34 3.39
C LEU B 168 -12.18 66.57 2.53
N PHE B 169 -10.98 66.66 1.97
CA PHE B 169 -10.64 67.60 0.92
C PHE B 169 -10.51 66.86 -0.40
N THR B 170 -11.64 66.47 -0.97
CA THR B 170 -11.73 65.97 -2.34
C THR B 170 -12.88 66.67 -3.02
N ASN B 171 -12.73 66.90 -4.31
CA ASN B 171 -13.86 67.29 -5.13
C ASN B 171 -14.56 66.14 -5.84
N GLU B 172 -14.08 64.91 -5.72
CA GLU B 172 -14.45 63.87 -6.66
C GLU B 172 -15.81 63.27 -6.32
N ASP B 173 -16.88 63.97 -6.72
CA ASP B 173 -18.22 63.79 -6.15
C ASP B 173 -18.79 62.39 -6.31
N ASN B 174 -18.62 61.73 -7.46
CA ASN B 174 -18.58 60.28 -7.50
C ASN B 174 -17.12 59.87 -7.24
N PRO B 175 -16.77 59.26 -6.10
CA PRO B 175 -15.39 58.94 -5.74
C PRO B 175 -14.90 57.68 -6.46
N HIS B 176 -15.16 57.61 -7.76
CA HIS B 176 -14.89 56.51 -8.67
C HIS B 176 -15.47 55.19 -8.15
N GLY B 177 -16.75 55.24 -7.79
CA GLY B 177 -17.62 54.11 -7.49
C GLY B 177 -18.18 53.42 -8.74
N ASN B 178 -17.49 53.55 -9.88
CA ASN B 178 -17.84 52.92 -11.16
C ASN B 178 -18.13 51.44 -10.95
N ASP B 179 -17.23 50.76 -10.23
CA ASP B 179 -17.51 49.48 -9.59
C ASP B 179 -18.35 49.71 -8.33
N SER B 180 -19.66 49.44 -8.38
CA SER B 180 -20.50 49.55 -7.19
C SER B 180 -20.06 48.61 -6.06
N ALA B 181 -19.42 47.48 -6.37
CA ALA B 181 -18.87 46.55 -5.40
C ALA B 181 -17.47 46.96 -4.87
N LYS B 182 -16.83 47.98 -5.45
CA LYS B 182 -15.81 48.78 -4.77
C LYS B 182 -16.48 49.70 -3.74
N ALA B 183 -17.43 50.50 -4.22
CA ALA B 183 -18.09 51.55 -3.44
C ALA B 183 -18.86 51.04 -2.20
N SER B 184 -19.50 49.89 -2.25
CA SER B 184 -20.17 49.31 -1.09
C SER B 184 -19.20 48.97 0.05
N ARG B 185 -17.93 48.67 -0.15
CA ARG B 185 -16.90 48.56 0.79
C ARG B 185 -16.70 49.87 1.54
N ALA B 186 -16.60 50.98 0.80
CA ALA B 186 -16.42 52.28 1.41
C ALA B 186 -17.59 52.60 2.35
N ARG B 187 -18.81 52.48 1.80
CA ARG B 187 -20.05 52.84 2.50
C ARG B 187 -20.23 51.98 3.74
N THR B 188 -19.95 50.69 3.66
CA THR B 188 -19.92 49.84 4.86
C THR B 188 -18.80 50.25 5.80
N LYS B 189 -17.57 50.49 5.32
CA LYS B 189 -16.44 50.90 6.16
C LYS B 189 -16.71 52.21 6.88
N ALA B 190 -17.38 53.14 6.23
CA ALA B 190 -17.78 54.40 6.83
C ALA B 190 -19.00 54.28 7.74
N GLY B 191 -19.88 53.31 7.50
CA GLY B 191 -20.75 52.81 8.54
C GLY B 191 -19.92 52.40 9.75
N ASP B 192 -18.86 51.61 9.57
CA ASP B 192 -17.99 51.19 10.67
C ASP B 192 -17.25 52.35 11.35
N LEU B 193 -16.83 53.38 10.63
CA LEU B 193 -16.30 54.62 11.22
C LEU B 193 -17.36 55.21 12.15
N ARG B 194 -18.57 55.47 11.64
CA ARG B 194 -19.63 56.09 12.44
C ARG B 194 -20.05 55.21 13.61
N ASP B 195 -20.09 53.91 13.42
CA ASP B 195 -20.38 52.93 14.46
C ASP B 195 -19.35 52.93 15.58
N THR B 196 -18.06 53.13 15.28
CA THR B 196 -17.01 53.24 16.30
C THR B 196 -16.91 54.63 16.93
N GLY B 197 -17.81 55.56 16.60
CA GLY B 197 -17.86 56.88 17.21
C GLY B 197 -16.71 57.82 16.82
N ILE B 198 -15.91 57.44 15.83
CA ILE B 198 -15.26 58.44 15.02
C ILE B 198 -16.29 59.09 14.11
N PHE B 199 -16.27 60.41 14.07
CA PHE B 199 -17.05 61.18 13.12
C PHE B 199 -16.24 61.42 11.88
N LEU B 200 -16.92 61.85 10.80
CA LEU B 200 -16.34 62.31 9.52
C LEU B 200 -17.14 63.49 8.95
N ASP B 201 -16.43 64.42 8.34
CA ASP B 201 -16.90 65.71 7.89
C ASP B 201 -16.30 66.07 6.51
N LEU B 202 -16.92 66.98 5.78
CA LEU B 202 -16.67 67.15 4.34
C LEU B 202 -16.57 68.60 3.91
N MET B 203 -15.72 68.84 2.90
CA MET B 203 -15.85 70.04 2.11
C MET B 203 -15.58 69.79 0.62
N HIS B 204 -16.54 70.31 -0.16
CA HIS B 204 -16.57 70.39 -1.61
C HIS B 204 -15.91 71.69 -2.08
N LEU B 205 -15.26 71.59 -3.22
CA LEU B 205 -14.12 72.45 -3.54
C LEU B 205 -14.18 73.10 -4.93
N LYS B 206 -15.40 73.45 -5.39
CA LYS B 206 -15.70 74.07 -6.70
C LYS B 206 -15.21 73.23 -7.88
N LYS B 207 -15.75 72.01 -8.01
CA LYS B 207 -15.54 71.15 -9.20
C LYS B 207 -16.15 71.84 -10.43
N PRO B 208 -15.45 71.91 -11.58
CA PRO B 208 -15.95 72.59 -12.77
C PRO B 208 -17.33 72.10 -13.18
N GLY B 209 -18.29 73.01 -13.39
CA GLY B 209 -19.63 72.69 -13.88
C GLY B 209 -20.63 72.18 -12.85
N GLY B 210 -20.23 71.34 -11.89
CA GLY B 210 -21.10 70.94 -10.79
C GLY B 210 -20.46 70.09 -9.69
N PHE B 211 -21.09 70.11 -8.52
CA PHE B 211 -20.93 69.11 -7.46
C PHE B 211 -22.31 68.85 -6.81
N ASP B 212 -22.68 67.59 -6.58
CA ASP B 212 -23.91 67.26 -5.87
C ASP B 212 -23.76 66.05 -4.95
N ILE B 213 -23.83 66.35 -3.67
CA ILE B 213 -23.80 65.43 -2.53
C ILE B 213 -24.85 64.30 -2.69
N SER B 214 -25.99 64.58 -3.31
CA SER B 214 -27.06 63.58 -3.45
C SER B 214 -26.71 62.44 -4.41
N LEU B 215 -25.73 62.62 -5.30
CA LEU B 215 -25.22 61.52 -6.11
C LEU B 215 -24.49 60.52 -5.20
N PHE B 216 -23.49 60.98 -4.48
CA PHE B 216 -22.68 60.20 -3.54
C PHE B 216 -22.05 61.16 -2.51
N TYR B 217 -21.67 60.62 -1.35
CA TYR B 217 -21.48 61.31 -0.07
C TYR B 217 -22.74 61.59 0.73
N ARG B 218 -23.93 61.44 0.13
CA ARG B 218 -25.22 61.56 0.82
C ARG B 218 -25.30 60.74 2.11
N ASP B 219 -24.76 59.52 2.11
CA ASP B 219 -24.74 58.61 3.26
C ASP B 219 -23.41 58.58 4.04
N ILE B 220 -22.35 59.18 3.52
CA ILE B 220 -21.06 59.25 4.23
C ILE B 220 -21.09 60.37 5.28
N ILE B 221 -21.56 61.57 4.93
CA ILE B 221 -21.77 62.63 5.93
C ILE B 221 -22.95 62.30 6.86
N SER B 222 -23.05 62.99 7.99
CA SER B 222 -24.26 62.97 8.83
C SER B 222 -25.40 63.79 8.20
N VAL B 231 -29.45 71.91 -2.22
CA VAL B 231 -29.75 70.93 -3.26
C VAL B 231 -28.56 70.73 -4.20
N HIS B 232 -27.87 71.82 -4.57
CA HIS B 232 -26.64 71.83 -5.35
C HIS B 232 -25.77 73.00 -4.91
N PHE B 233 -24.44 72.88 -5.01
CA PHE B 233 -23.50 73.84 -4.44
C PHE B 233 -22.49 74.39 -5.44
N GLU B 234 -22.16 75.67 -5.24
CA GLU B 234 -21.02 76.36 -5.85
C GLU B 234 -19.69 75.95 -5.19
N GLU B 235 -19.56 76.18 -3.89
CA GLU B 235 -18.39 75.91 -3.02
C GLU B 235 -18.84 76.18 -1.57
N SER B 236 -18.32 75.44 -0.58
CA SER B 236 -18.97 75.43 0.73
C SER B 236 -18.92 76.76 1.49
N SER B 237 -20.07 77.21 1.97
CA SER B 237 -20.20 78.35 2.91
C SER B 237 -19.56 78.09 4.27
N LYS B 238 -19.28 76.82 4.59
CA LYS B 238 -18.53 76.38 5.77
C LYS B 238 -17.04 76.68 5.65
N LEU B 239 -16.46 76.63 4.44
CA LEU B 239 -15.01 76.64 4.28
C LEU B 239 -14.37 77.97 4.68
N GLU B 240 -15.04 79.09 4.48
CA GLU B 240 -14.57 80.39 4.93
C GLU B 240 -14.34 80.47 6.46
N ASP B 241 -15.08 79.68 7.24
CA ASP B 241 -14.89 79.65 8.69
C ASP B 241 -13.53 79.07 9.09
N LEU B 242 -12.92 78.23 8.25
CA LEU B 242 -11.56 77.71 8.47
C LEU B 242 -10.48 78.75 8.13
N LEU B 243 -10.85 79.91 7.58
CA LEU B 243 -9.95 81.02 7.27
C LEU B 243 -10.18 82.23 8.20
N ARG B 244 -10.94 82.07 9.29
CA ARG B 244 -11.13 83.11 10.34
C ARG B 244 -9.85 83.46 11.10
N LYS B 245 -8.86 82.58 11.11
CA LYS B 245 -7.54 82.76 11.74
C LYS B 245 -7.66 83.22 13.20
N VAL B 246 -8.73 82.82 13.88
CA VAL B 246 -9.17 83.46 15.14
C VAL B 246 -8.30 83.01 16.30
N ARG B 247 -7.95 83.95 17.19
CA ARG B 247 -6.97 83.71 18.25
C ARG B 247 -7.45 84.19 19.61
N ALA B 248 -7.31 83.27 20.55
CA ALA B 248 -7.54 83.36 21.98
C ALA B 248 -7.00 82.03 22.56
N LYS B 249 -6.80 81.93 23.87
CA LYS B 249 -6.91 80.61 24.49
C LYS B 249 -8.37 80.22 24.52
N GLU B 250 -8.68 78.97 24.28
CA GLU B 250 -10.00 78.47 24.59
C GLU B 250 -9.82 77.43 25.70
N THR B 251 -10.36 77.73 26.88
CA THR B 251 -10.18 76.89 28.08
C THR B 251 -11.56 76.40 28.53
N ARG B 252 -11.75 75.08 28.53
CA ARG B 252 -13.07 74.45 28.73
C ARG B 252 -13.63 74.66 30.14
N LYS B 253 -14.95 74.50 30.29
CA LYS B 253 -15.69 74.61 31.55
C LYS B 253 -15.01 73.79 32.64
N ARG B 254 -14.54 74.46 33.68
CA ARG B 254 -13.92 73.86 34.86
C ARG B 254 -14.26 74.71 36.07
N ALA B 255 -14.40 74.10 37.23
CA ALA B 255 -14.66 74.82 38.46
C ALA B 255 -13.49 75.70 38.86
N LEU B 256 -13.73 76.78 39.61
CA LEU B 256 -12.63 77.44 40.31
C LEU B 256 -12.35 76.73 41.63
N SER B 257 -13.39 76.34 42.34
CA SER B 257 -13.39 75.62 43.63
C SER B 257 -14.79 75.11 43.95
N ARG B 258 -15.00 74.27 44.98
CA ARG B 258 -16.36 73.94 45.48
C ARG B 258 -16.48 74.31 46.95
N LEU B 259 -17.64 74.81 47.37
CA LEU B 259 -17.85 75.34 48.72
C LEU B 259 -19.21 74.92 49.29
N LYS B 260 -19.36 75.00 50.62
CA LYS B 260 -20.61 74.70 51.32
C LYS B 260 -21.26 76.00 51.78
N LEU B 261 -22.44 76.33 51.29
CA LEU B 261 -23.24 77.49 51.68
C LEU B 261 -23.97 77.22 53.01
N LYS B 262 -23.26 77.42 54.11
CA LYS B 262 -23.77 77.23 55.47
C LYS B 262 -24.87 78.28 55.71
N LEU B 263 -26.12 77.85 55.69
CA LEU B 263 -27.26 78.73 55.96
C LEU B 263 -27.29 79.16 57.44
N ASN B 264 -26.79 78.27 58.32
CA ASN B 264 -26.57 78.45 59.76
C ASN B 264 -25.45 77.49 60.23
N LYS B 265 -25.47 77.08 61.51
CA LYS B 265 -24.57 76.10 62.12
C LYS B 265 -24.65 74.69 61.50
N ASP B 266 -25.62 74.39 60.64
CA ASP B 266 -26.01 73.01 60.31
C ASP B 266 -26.39 72.78 58.83
N ILE B 267 -27.37 73.50 58.26
CA ILE B 267 -27.81 73.26 56.87
C ILE B 267 -26.75 73.75 55.89
N VAL B 268 -26.37 72.89 54.95
CA VAL B 268 -25.36 73.17 53.93
C VAL B 268 -25.80 72.68 52.57
N ILE B 269 -25.47 73.44 51.53
CA ILE B 269 -25.47 72.93 50.15
C ILE B 269 -24.14 73.16 49.46
N SER B 270 -23.71 72.20 48.66
CA SER B 270 -22.56 72.36 47.79
C SER B 270 -22.93 73.22 46.61
N VAL B 271 -22.09 74.22 46.35
CA VAL B 271 -22.16 75.02 45.13
C VAL B 271 -20.78 75.12 44.49
N GLY B 272 -20.79 75.19 43.17
CA GLY B 272 -19.61 75.56 42.41
C GLY B 272 -19.42 77.06 42.36
N ILE B 273 -18.28 77.44 41.83
CA ILE B 273 -17.77 78.79 41.80
C ILE B 273 -17.06 78.89 40.46
N TYR B 274 -17.59 79.57 39.46
CA TYR B 274 -17.06 79.47 38.10
C TYR B 274 -16.71 80.80 37.48
N ASN B 275 -15.71 80.83 36.62
CA ASN B 275 -15.06 82.05 36.21
C ASN B 275 -15.52 82.56 34.84
N LEU B 276 -16.67 83.24 34.80
CA LEU B 276 -17.26 83.68 33.53
C LEU B 276 -16.46 84.79 32.84
N VAL B 277 -15.66 85.56 33.56
CA VAL B 277 -14.92 86.70 33.03
C VAL B 277 -13.58 86.80 33.74
N GLN B 278 -12.47 86.64 33.04
CA GLN B 278 -11.15 86.54 33.69
C GLN B 278 -10.08 87.05 32.73
N LYS B 279 -9.38 88.13 33.08
CA LYS B 279 -8.46 88.77 32.13
C LYS B 279 -7.32 87.85 31.70
N ALA B 280 -7.13 87.69 30.41
CA ALA B 280 -6.03 86.94 29.85
C ALA B 280 -4.75 87.77 29.83
N LEU B 281 -3.63 87.04 29.79
CA LEU B 281 -2.28 87.57 29.89
C LEU B 281 -1.43 86.94 28.78
N LYS B 282 -0.42 87.64 28.29
CA LYS B 282 0.59 87.00 27.45
C LYS B 282 1.22 85.85 28.24
N PRO B 283 1.41 84.66 27.66
CA PRO B 283 1.83 83.48 28.40
C PRO B 283 3.19 83.68 29.06
N PRO B 284 3.45 83.02 30.20
CA PRO B 284 4.65 83.21 30.95
C PRO B 284 5.87 82.82 30.10
N PRO B 285 6.87 83.69 29.98
CA PRO B 285 8.07 83.47 29.20
C PRO B 285 9.04 82.48 29.85
N ILE B 286 9.60 81.55 29.07
CA ILE B 286 10.52 80.53 29.58
C ILE B 286 11.96 80.91 29.30
N LYS B 287 12.70 81.35 30.31
CA LYS B 287 14.12 81.70 30.26
C LYS B 287 14.98 80.62 29.56
N LEU B 288 15.87 80.97 28.61
CA LEU B 288 16.71 80.02 27.82
C LEU B 288 18.21 80.31 27.85
N TYR B 289 19.03 79.27 27.71
CA TYR B 289 20.46 79.38 27.44
C TYR B 289 20.70 79.85 26.01
N ARG B 290 21.42 80.95 25.89
CA ARG B 290 21.81 81.58 24.63
C ARG B 290 22.44 80.62 23.63
N GLU B 291 23.42 79.84 24.05
CA GLU B 291 24.33 79.24 23.06
C GLU B 291 23.73 78.01 22.37
N THR B 292 22.67 77.42 22.93
CA THR B 292 22.02 76.19 22.43
C THR B 292 20.50 76.29 22.35
N ASN B 293 19.91 77.42 22.73
CA ASN B 293 18.50 77.62 23.00
C ASN B 293 17.85 76.70 24.06
N GLU B 294 18.61 75.87 24.78
CA GLU B 294 18.03 74.98 25.78
C GLU B 294 17.35 75.72 26.92
N PRO B 295 16.24 75.23 27.49
CA PRO B 295 15.72 75.74 28.75
C PRO B 295 16.71 75.52 29.88
N VAL B 296 16.65 76.38 30.90
CA VAL B 296 17.57 76.40 32.03
C VAL B 296 16.82 76.66 33.33
N LYS B 297 17.33 76.09 34.42
CA LYS B 297 16.67 76.09 35.71
C LYS B 297 17.09 77.33 36.48
N THR B 298 16.18 78.26 36.69
CA THR B 298 16.32 79.21 37.79
C THR B 298 16.29 78.40 39.09
N LYS B 299 17.34 78.53 39.91
CA LYS B 299 17.71 77.55 40.93
C LYS B 299 18.01 78.23 42.26
N THR B 300 17.19 79.22 42.63
CA THR B 300 17.46 80.14 43.74
C THR B 300 17.73 79.45 45.07
N ARG B 301 18.68 80.00 45.82
CA ARG B 301 19.09 79.58 47.17
C ARG B 301 19.03 80.77 48.10
N THR B 302 19.27 80.58 49.41
CA THR B 302 19.43 81.73 50.31
C THR B 302 20.66 81.53 51.17
N PHE B 303 21.52 82.54 51.28
CA PHE B 303 22.89 82.36 51.74
C PHE B 303 23.21 83.39 52.82
N ASN B 304 23.84 83.02 53.93
CA ASN B 304 24.14 83.96 55.00
C ASN B 304 25.18 85.01 54.56
N THR B 305 24.91 86.31 54.75
CA THR B 305 25.81 87.38 54.26
C THR B 305 27.25 87.25 54.80
N SER B 306 27.43 86.65 55.98
CA SER B 306 28.74 86.45 56.62
C SER B 306 29.47 85.15 56.25
N THR B 307 28.76 84.08 55.89
CA THR B 307 29.23 82.69 56.07
C THR B 307 28.53 81.71 55.12
N GLY B 308 29.08 80.51 54.92
CA GLY B 308 28.59 79.53 53.94
C GLY B 308 27.22 78.89 54.18
N GLY B 309 26.51 79.26 55.25
CA GLY B 309 25.23 78.67 55.58
C GLY B 309 24.23 78.81 54.43
N LEU B 310 23.93 77.71 53.77
CA LEU B 310 22.75 77.58 52.93
C LEU B 310 21.56 77.46 53.88
N LEU B 311 20.99 78.60 54.25
CA LEU B 311 20.01 78.68 55.30
C LEU B 311 18.73 77.97 54.90
N LEU B 312 18.28 77.03 55.72
CA LEU B 312 17.03 76.30 55.50
C LEU B 312 15.82 77.17 55.88
N PRO B 313 14.60 76.85 55.43
CA PRO B 313 13.43 77.65 55.77
C PRO B 313 13.17 77.80 57.28
N SER B 314 13.57 76.80 58.08
CA SER B 314 13.52 76.87 59.54
C SER B 314 14.54 77.84 60.17
N ASP B 315 15.61 78.20 59.48
CA ASP B 315 16.67 79.07 60.01
C ASP B 315 16.27 80.55 60.17
N THR B 316 15.14 80.96 59.65
CA THR B 316 14.88 82.38 59.45
C THR B 316 13.42 82.63 59.71
N LYS B 317 13.11 83.80 60.26
CA LYS B 317 11.75 84.09 60.68
C LYS B 317 11.16 85.09 59.71
N ARG B 318 10.25 85.91 60.18
CA ARG B 318 9.72 87.06 59.47
C ARG B 318 9.57 88.18 60.48
N SER B 319 9.55 89.40 60.02
CA SER B 319 9.58 90.57 60.89
C SER B 319 9.03 91.87 60.34
N GLN B 320 8.85 92.84 61.23
CA GLN B 320 8.38 94.20 60.96
C GLN B 320 9.22 95.22 61.74
N ILE B 321 9.18 96.51 61.39
CA ILE B 321 9.63 97.62 62.25
C ILE B 321 8.48 98.60 62.52
N TYR B 322 8.25 98.91 63.78
CA TYR B 322 7.29 99.93 64.24
C TYR B 322 7.90 100.60 65.48
N GLY B 323 7.58 101.87 65.78
CA GLY B 323 7.96 102.51 67.05
C GLY B 323 9.42 102.31 67.50
N SER B 324 10.36 102.27 66.55
CA SER B 324 11.78 101.95 66.74
C SER B 324 12.06 100.61 67.47
N ARG B 325 11.17 99.62 67.37
CA ARG B 325 11.36 98.24 67.85
C ARG B 325 10.94 97.21 66.80
N GLN B 326 11.52 96.03 66.90
CA GLN B 326 11.44 95.00 65.88
C GLN B 326 10.56 93.86 66.37
N ILE B 327 9.53 93.51 65.60
CA ILE B 327 8.57 92.48 65.96
C ILE B 327 8.92 91.19 65.20
N ILE B 328 8.98 90.05 65.88
CA ILE B 328 9.47 88.78 65.32
C ILE B 328 8.38 87.72 65.33
N LEU B 329 8.11 87.10 64.18
CA LEU B 329 7.14 86.00 64.02
C LEU B 329 7.73 84.89 63.13
N GLU B 330 7.31 83.66 63.31
CA GLU B 330 7.77 82.50 62.56
C GLU B 330 7.17 82.40 61.14
N LYS B 331 7.74 81.57 60.27
CA LYS B 331 7.16 81.27 58.95
C LYS B 331 5.87 80.44 59.04
N GLU B 332 5.60 79.75 60.15
CA GLU B 332 4.22 79.31 60.40
C GLU B 332 3.35 80.55 60.62
N GLU B 333 3.73 81.34 61.62
CA GLU B 333 2.42 82.23 62.17
C GLU B 333 2.21 83.66 61.13
N THR B 334 3.43 83.52 60.17
CA THR B 334 2.83 85.20 59.10
C THR B 334 1.69 84.72 58.39
N GLU B 335 1.30 83.45 58.42
CA GLU B 335 0.11 82.89 57.80
C GLU B 335 -0.79 82.12 58.80
N GLU B 336 -0.57 82.24 60.09
CA GLU B 336 -1.58 81.94 61.12
C GLU B 336 -2.41 83.20 61.40
N LEU B 337 -1.74 84.35 61.52
CA LEU B 337 -2.41 85.61 61.22
C LEU B 337 -2.91 85.55 59.78
N LYS B 338 -3.99 86.27 59.47
CA LYS B 338 -4.82 86.15 58.25
C LYS B 338 -5.75 84.93 58.13
N ARG B 339 -5.79 84.03 59.12
CA ARG B 339 -6.85 83.01 59.26
C ARG B 339 -8.07 83.55 60.03
N PHE B 340 -9.28 83.10 59.68
CA PHE B 340 -10.51 83.37 60.45
C PHE B 340 -11.47 82.18 60.44
N ASP B 341 -11.57 81.51 59.28
CA ASP B 341 -12.56 80.51 58.90
C ASP B 341 -12.07 79.36 58.02
N ASP B 342 -12.89 78.33 57.90
CA ASP B 342 -12.76 77.24 56.93
C ASP B 342 -13.52 77.52 55.61
N PRO B 343 -13.11 76.97 54.45
CA PRO B 343 -13.74 77.14 53.15
C PRO B 343 -15.25 76.89 53.14
N GLY B 344 -16.06 77.93 52.91
CA GLY B 344 -17.50 77.87 52.84
C GLY B 344 -18.08 79.23 52.50
N LEU B 345 -19.38 79.34 52.60
CA LEU B 345 -20.13 80.57 52.35
C LEU B 345 -21.22 80.70 53.44
N MET B 346 -21.08 81.58 54.42
CA MET B 346 -22.10 81.73 55.48
C MET B 346 -23.12 82.84 55.24
N LEU B 347 -24.40 82.49 55.20
CA LEU B 347 -25.50 83.41 54.91
C LEU B 347 -25.67 84.51 55.98
N MET B 348 -25.85 85.78 55.56
CA MET B 348 -25.93 86.94 56.48
C MET B 348 -27.26 87.71 56.43
N GLY B 349 -28.28 87.17 55.78
CA GLY B 349 -29.56 87.86 55.59
C GLY B 349 -29.65 88.71 54.32
N PHE B 350 -30.80 89.32 54.11
CA PHE B 350 -31.30 89.74 52.81
C PHE B 350 -31.53 91.26 52.75
N LYS B 351 -31.51 91.82 51.54
CA LYS B 351 -31.45 93.27 51.22
C LYS B 351 -32.36 93.64 50.04
N PRO B 352 -32.58 94.92 49.72
CA PRO B 352 -33.20 95.28 48.43
C PRO B 352 -32.11 95.37 47.35
N LEU B 353 -32.41 94.99 46.11
CA LEU B 353 -31.38 95.08 45.05
C LEU B 353 -30.97 96.54 44.74
N VAL B 354 -31.81 97.54 45.04
CA VAL B 354 -31.47 98.95 44.82
C VAL B 354 -30.39 99.49 45.76
N LEU B 355 -30.29 98.96 46.98
CA LEU B 355 -29.33 99.45 48.00
C LEU B 355 -27.90 98.95 47.74
N LEU B 356 -27.74 97.85 46.99
CA LEU B 356 -26.47 97.42 46.44
C LEU B 356 -26.01 98.38 45.32
N LYS B 357 -25.48 99.55 45.71
CA LYS B 357 -25.13 100.65 44.79
C LYS B 357 -24.04 100.22 43.80
N LYS B 358 -24.33 100.35 42.51
CA LYS B 358 -23.42 100.03 41.40
C LYS B 358 -22.20 100.98 41.29
N HIS B 359 -21.96 102.01 42.11
CA HIS B 359 -20.68 102.76 41.98
C HIS B 359 -19.49 102.09 42.65
N HIS B 360 -19.68 101.34 43.74
CA HIS B 360 -18.56 100.70 44.41
C HIS B 360 -18.50 99.21 44.09
N TYR B 361 -17.44 98.85 43.38
CA TYR B 361 -17.19 97.56 42.76
C TYR B 361 -15.77 97.12 43.04
N LEU B 362 -15.60 95.87 43.46
CA LEU B 362 -14.36 95.41 44.07
C LEU B 362 -13.43 94.67 43.11
N ARG B 363 -13.85 93.52 42.62
CA ARG B 363 -13.13 92.67 41.66
C ARG B 363 -14.13 91.89 40.80
N PRO B 364 -13.73 91.33 39.64
CA PRO B 364 -14.66 90.71 38.71
C PRO B 364 -15.61 89.70 39.34
N SER B 365 -16.87 89.78 38.95
CA SER B 365 -17.93 88.91 39.42
C SER B 365 -17.74 87.46 38.95
N LEU B 366 -18.03 86.50 39.81
CA LEU B 366 -17.89 85.07 39.57
C LEU B 366 -19.24 84.38 39.63
N PHE B 367 -19.49 83.30 38.91
CA PHE B 367 -20.79 82.65 38.94
C PHE B 367 -20.94 81.62 40.06
N VAL B 368 -22.15 81.42 40.59
CA VAL B 368 -22.46 80.29 41.50
C VAL B 368 -23.53 79.38 40.90
N TYR B 369 -23.25 78.08 40.89
CA TYR B 369 -24.08 77.06 40.25
C TYR B 369 -24.03 75.74 41.03
N PRO B 370 -25.10 74.94 41.16
CA PRO B 370 -25.13 73.80 42.06
C PRO B 370 -24.23 72.66 41.65
N GLU B 371 -23.84 71.83 42.62
CA GLU B 371 -23.00 70.66 42.36
C GLU B 371 -23.42 69.45 43.20
N GLU B 372 -24.18 68.52 42.62
CA GLU B 372 -24.58 67.24 43.23
C GLU B 372 -23.40 66.29 43.53
N SER B 373 -22.19 66.64 43.10
CA SER B 373 -20.94 65.93 43.43
C SER B 373 -20.75 65.75 44.95
N LEU B 374 -21.33 66.65 45.73
CA LEU B 374 -21.45 66.62 47.19
C LEU B 374 -22.91 66.92 47.54
N VAL B 375 -23.32 66.70 48.79
CA VAL B 375 -24.62 67.13 49.32
C VAL B 375 -25.82 66.79 48.40
N ILE B 376 -25.99 65.51 48.05
CA ILE B 376 -26.93 65.08 47.01
C ILE B 376 -28.35 65.60 47.28
N GLY B 377 -29.06 65.99 46.23
CA GLY B 377 -30.38 66.60 46.27
C GLY B 377 -30.41 68.06 46.74
N SER B 378 -29.28 68.67 47.08
CA SER B 378 -29.22 70.09 47.45
C SER B 378 -29.61 71.04 46.31
N SER B 379 -29.48 70.59 45.06
CA SER B 379 -30.07 71.23 43.88
C SER B 379 -31.56 71.58 44.03
N THR B 380 -32.33 70.77 44.76
CA THR B 380 -33.75 71.01 45.03
C THR B 380 -33.97 72.27 45.86
N LEU B 381 -33.11 72.54 46.85
CA LEU B 381 -33.15 73.74 47.67
C LEU B 381 -32.68 74.95 46.87
N PHE B 382 -31.51 74.86 46.26
CA PHE B 382 -30.93 75.94 45.45
C PHE B 382 -31.92 76.48 44.41
N SER B 383 -32.58 75.57 43.70
CA SER B 383 -33.53 75.94 42.64
C SER B 383 -34.71 76.73 43.20
N ALA B 384 -35.30 76.31 44.32
CA ALA B 384 -36.36 77.09 44.97
C ALA B 384 -35.86 78.48 45.41
N LEU B 385 -34.66 78.55 45.98
CA LEU B 385 -33.98 79.76 46.40
C LEU B 385 -33.77 80.75 45.24
N LEU B 386 -33.28 80.27 44.10
CA LEU B 386 -33.20 81.03 42.84
C LEU B 386 -34.56 81.59 42.44
N ILE B 387 -35.55 80.71 42.31
CA ILE B 387 -36.89 81.07 41.79
C ILE B 387 -37.52 82.18 42.64
N LYS B 388 -37.52 82.00 43.96
CA LYS B 388 -38.26 82.88 44.85
C LYS B 388 -37.54 84.20 45.12
N CYS B 389 -36.20 84.27 45.12
CA CYS B 389 -35.51 85.57 45.23
C CYS B 389 -35.89 86.54 44.12
N LEU B 390 -36.07 86.03 42.90
CA LEU B 390 -36.47 86.84 41.75
C LEU B 390 -37.85 87.45 41.93
N GLU B 391 -38.76 86.80 42.67
CA GLU B 391 -40.07 87.36 43.01
C GLU B 391 -39.95 88.47 44.06
N LYS B 392 -39.12 88.25 45.09
CA LYS B 392 -38.89 89.19 46.20
C LYS B 392 -38.11 90.45 45.83
N GLU B 393 -37.52 90.51 44.64
CA GLU B 393 -36.62 91.60 44.21
C GLU B 393 -35.41 91.76 45.16
N VAL B 394 -34.79 90.63 45.52
CA VAL B 394 -33.91 90.51 46.70
C VAL B 394 -32.53 89.97 46.35
N ALA B 395 -31.51 90.44 47.07
CA ALA B 395 -30.29 89.66 47.26
C ALA B 395 -30.05 88.97 48.61
N ALA B 396 -29.38 87.83 48.56
CA ALA B 396 -28.75 87.25 49.74
C ALA B 396 -27.39 87.89 49.96
N LEU B 397 -27.02 88.16 51.20
CA LEU B 397 -25.68 88.62 51.58
C LEU B 397 -24.95 87.48 52.26
N CYS B 398 -23.67 87.27 51.99
CA CYS B 398 -22.88 86.17 52.53
C CYS B 398 -21.47 86.62 52.88
N ARG B 399 -20.80 85.86 53.75
CA ARG B 399 -19.36 85.94 53.93
C ARG B 399 -18.66 84.75 53.29
N TYR B 400 -17.62 85.06 52.53
CA TYR B 400 -17.02 84.22 51.52
C TYR B 400 -15.54 84.00 51.78
N THR B 401 -15.13 82.75 51.93
CA THR B 401 -13.71 82.35 51.95
C THR B 401 -13.44 81.32 50.85
N PRO B 402 -12.63 81.61 49.85
CA PRO B 402 -12.34 80.66 48.77
C PRO B 402 -11.39 79.52 49.14
N ARG B 403 -10.67 79.65 50.25
CA ARG B 403 -9.63 78.73 50.72
C ARG B 403 -9.54 78.76 52.24
N ARG B 404 -8.91 77.76 52.85
CA ARG B 404 -8.30 77.92 54.18
C ARG B 404 -7.20 78.99 54.14
N ASN B 405 -6.98 79.71 55.24
CA ASN B 405 -6.00 80.81 55.34
C ASN B 405 -6.21 81.95 54.33
N ILE B 406 -7.46 82.36 54.16
CA ILE B 406 -7.86 83.61 53.50
C ILE B 406 -8.90 84.29 54.41
N PRO B 407 -8.85 85.61 54.61
CA PRO B 407 -9.92 86.34 55.27
C PRO B 407 -11.26 86.28 54.51
N PRO B 408 -12.38 86.32 55.21
CA PRO B 408 -13.67 86.50 54.59
C PRO B 408 -13.79 87.87 53.93
N TYR B 409 -14.24 87.88 52.68
CA TYR B 409 -14.90 89.03 52.09
C TYR B 409 -16.41 88.91 52.22
N PHE B 410 -17.12 89.99 51.95
CA PHE B 410 -18.56 90.01 51.89
C PHE B 410 -19.09 90.16 50.49
N VAL B 411 -20.07 89.34 50.17
CA VAL B 411 -20.51 89.15 48.81
C VAL B 411 -22.02 89.11 48.75
N ALA B 412 -22.61 89.83 47.80
CA ALA B 412 -24.02 89.76 47.52
C ALA B 412 -24.27 88.73 46.43
N LEU B 413 -25.12 87.76 46.70
CA LEU B 413 -25.63 86.79 45.75
C LEU B 413 -26.87 87.36 45.06
N VAL B 414 -26.67 87.98 43.91
CA VAL B 414 -27.75 88.46 43.04
C VAL B 414 -28.30 87.32 42.17
N PRO B 415 -29.61 87.09 42.05
CA PRO B 415 -30.13 85.91 41.38
C PRO B 415 -30.26 86.10 39.87
N GLN B 416 -30.11 85.06 39.06
CA GLN B 416 -30.10 85.13 37.60
C GLN B 416 -30.95 84.21 36.66
N GLU B 417 -31.32 84.78 35.53
CA GLU B 417 -32.41 84.32 34.65
C GLU B 417 -32.02 84.34 33.16
N GLU B 418 -32.34 83.30 32.40
CA GLU B 418 -31.69 83.01 31.12
C GLU B 418 -32.44 83.48 29.87
N GLU B 419 -31.76 84.24 28.99
CA GLU B 419 -32.32 84.67 27.70
C GLU B 419 -32.01 83.68 26.56
N LEU B 420 -32.77 82.57 26.54
CA LEU B 420 -32.74 81.52 25.52
C LEU B 420 -33.43 81.92 24.20
N ASP B 421 -33.99 83.12 24.12
CA ASP B 421 -34.86 83.57 23.01
C ASP B 421 -34.16 83.55 21.63
N ASP B 422 -32.83 83.65 21.62
CA ASP B 422 -31.97 83.52 20.45
C ASP B 422 -31.77 82.05 20.05
N GLN B 423 -32.87 81.33 19.82
CA GLN B 423 -32.92 79.93 19.43
C GLN B 423 -32.05 79.01 20.33
N LYS B 424 -32.17 79.22 21.65
CA LYS B 424 -31.43 78.53 22.72
C LYS B 424 -29.90 78.71 22.69
N ILE B 425 -29.38 79.73 21.99
CA ILE B 425 -28.06 80.28 22.30
C ILE B 425 -28.15 80.97 23.65
N GLN B 426 -27.71 80.30 24.72
CA GLN B 426 -27.83 80.82 26.07
C GLN B 426 -26.79 81.92 26.32
N VAL B 427 -27.15 83.17 26.02
CA VAL B 427 -26.29 84.34 26.29
C VAL B 427 -25.99 84.51 27.79
N THR B 428 -26.86 83.98 28.65
CA THR B 428 -26.83 84.14 30.11
C THR B 428 -27.25 82.86 30.83
N PRO B 429 -26.38 82.17 31.58
CA PRO B 429 -26.78 81.01 32.37
C PRO B 429 -27.53 81.41 33.64
N PRO B 430 -28.50 80.61 34.11
CA PRO B 430 -29.26 80.90 35.33
C PRO B 430 -28.58 80.33 36.58
N GLY B 431 -28.58 81.08 37.67
CA GLY B 431 -27.83 80.78 38.89
C GLY B 431 -27.73 82.00 39.78
N PHE B 432 -26.59 82.26 40.41
CA PHE B 432 -26.35 83.54 41.10
C PHE B 432 -25.05 84.17 40.63
N GLN B 433 -24.98 85.49 40.67
CA GLN B 433 -23.70 86.20 40.61
C GLN B 433 -23.19 86.44 42.03
N LEU B 434 -21.93 86.10 42.31
CA LEU B 434 -21.20 86.69 43.41
C LEU B 434 -20.77 88.09 42.98
N VAL B 435 -21.38 89.14 43.56
CA VAL B 435 -20.86 90.51 43.42
C VAL B 435 -20.25 90.93 44.75
N PHE B 436 -18.97 91.29 44.73
CA PHE B 436 -18.21 91.60 45.93
C PHE B 436 -18.49 93.03 46.40
N LEU B 437 -18.36 93.30 47.70
CA LEU B 437 -18.63 94.63 48.30
C LEU B 437 -17.37 95.17 48.99
N PRO B 438 -17.05 96.46 48.86
CA PRO B 438 -15.89 97.05 49.53
C PRO B 438 -16.10 97.09 51.04
N PHE B 439 -15.01 97.30 51.78
CA PHE B 439 -14.99 97.70 53.19
C PHE B 439 -14.46 99.12 53.30
N ALA B 440 -14.47 99.70 54.51
CA ALA B 440 -14.12 101.10 54.74
C ALA B 440 -12.78 101.47 54.12
N ASP B 441 -11.74 100.68 54.39
CA ASP B 441 -10.38 100.90 53.91
C ASP B 441 -10.25 101.03 52.38
N ASP B 442 -11.17 100.44 51.63
CA ASP B 442 -11.09 100.37 50.18
C ASP B 442 -11.55 101.66 49.51
N LYS B 443 -12.54 102.33 50.12
CA LYS B 443 -13.18 103.53 49.58
C LYS B 443 -12.34 104.77 49.90
N ARG B 444 -11.36 105.04 49.05
CA ARG B 444 -10.35 106.08 49.26
C ARG B 444 -10.94 107.48 49.19
N LYS B 445 -10.47 108.38 50.06
CA LYS B 445 -10.88 109.79 50.12
C LYS B 445 -10.54 110.49 48.80
N MET B 446 -11.42 111.36 48.34
CA MET B 446 -11.29 112.09 47.07
C MET B 446 -11.58 113.59 47.29
N PRO B 447 -10.84 114.54 46.67
CA PRO B 447 -10.81 115.93 47.13
C PRO B 447 -12.13 116.69 47.10
N PHE B 448 -12.16 117.84 47.78
CA PHE B 448 -13.32 118.73 47.75
C PHE B 448 -13.52 119.39 46.37
N THR B 449 -14.77 119.59 46.01
CA THR B 449 -15.27 120.26 44.81
C THR B 449 -16.76 120.52 44.99
N GLU B 450 -17.26 121.67 44.56
CA GLU B 450 -18.70 121.92 44.44
C GLU B 450 -19.01 122.82 43.24
N LYS B 451 -20.10 122.50 42.54
CA LYS B 451 -20.63 123.16 41.34
C LYS B 451 -21.96 122.49 40.95
N ILE B 452 -22.91 123.27 40.43
CA ILE B 452 -24.04 122.79 39.60
C ILE B 452 -24.20 123.85 38.51
N MET B 453 -23.51 123.68 37.38
CA MET B 453 -23.09 124.83 36.56
C MET B 453 -23.88 125.01 35.25
N ALA B 454 -24.16 123.95 34.50
CA ALA B 454 -24.81 124.04 33.19
C ALA B 454 -26.23 124.66 33.22
N THR B 455 -26.59 125.38 32.14
CA THR B 455 -27.98 125.80 31.83
C THR B 455 -28.69 124.77 30.94
N PRO B 456 -30.03 124.82 30.82
CA PRO B 456 -30.79 123.95 29.94
C PRO B 456 -30.40 123.99 28.45
N GLU B 457 -29.83 125.08 27.95
CA GLU B 457 -29.31 125.10 26.57
C GLU B 457 -28.01 124.32 26.42
N GLN B 458 -27.19 124.32 27.46
CA GLN B 458 -25.88 123.67 27.48
C GLN B 458 -26.04 122.14 27.61
N VAL B 459 -27.01 121.69 28.40
CA VAL B 459 -27.53 120.31 28.30
C VAL B 459 -28.21 120.07 26.96
N GLY B 460 -29.05 121.00 26.48
CA GLY B 460 -29.86 120.84 25.27
C GLY B 460 -29.04 120.59 24.00
N LYS B 461 -27.95 121.33 23.79
CA LYS B 461 -27.02 121.04 22.70
C LYS B 461 -26.32 119.70 22.89
N MET B 462 -25.97 119.33 24.13
CA MET B 462 -25.29 118.05 24.39
C MET B 462 -26.18 116.85 24.07
N LYS B 463 -27.46 116.95 24.44
CA LYS B 463 -28.49 115.96 24.16
C LYS B 463 -28.63 115.69 22.66
N ALA B 464 -28.22 116.61 21.79
CA ALA B 464 -28.12 116.36 20.36
C ALA B 464 -26.87 115.52 20.00
N ILE B 465 -25.67 115.98 20.35
CA ILE B 465 -24.41 115.31 19.98
C ILE B 465 -24.43 113.87 20.47
N VAL B 466 -24.85 113.65 21.72
CA VAL B 466 -24.98 112.32 22.30
C VAL B 466 -25.90 111.43 21.47
N GLU B 467 -27.04 111.93 21.01
CA GLU B 467 -27.97 111.12 20.22
C GLU B 467 -27.49 110.90 18.78
N LYS B 468 -26.61 111.77 18.26
CA LYS B 468 -25.91 111.56 16.98
C LYS B 468 -24.82 110.49 17.07
N LEU B 469 -24.23 110.26 18.24
CA LEU B 469 -23.10 109.33 18.45
C LEU B 469 -23.54 107.97 19.00
N ARG B 470 -24.86 107.71 19.03
CA ARG B 470 -25.51 106.46 19.49
C ARG B 470 -25.17 105.27 18.58
N PHE B 471 -24.56 104.23 19.15
CA PHE B 471 -24.32 102.93 18.49
C PHE B 471 -24.84 101.77 19.37
N THR B 472 -24.47 100.52 19.07
CA THR B 472 -24.68 99.38 19.96
C THR B 472 -23.37 98.70 20.34
N TYR B 473 -22.94 98.86 21.59
CA TYR B 473 -21.92 98.02 22.18
C TYR B 473 -22.43 96.58 22.33
N ARG B 474 -21.58 95.62 22.03
CA ARG B 474 -21.73 94.23 22.44
C ARG B 474 -20.43 93.79 23.08
N SER B 475 -20.50 92.92 24.08
CA SER B 475 -19.37 92.55 24.93
C SER B 475 -18.17 92.09 24.10
N ASP B 476 -18.40 91.28 23.07
CA ASP B 476 -17.37 90.73 22.19
C ASP B 476 -16.93 91.67 21.06
N SER B 477 -17.40 92.93 21.00
CA SER B 477 -17.10 93.80 19.86
C SER B 477 -15.66 94.36 19.80
N PHE B 478 -14.82 94.12 20.81
CA PHE B 478 -13.44 94.64 20.85
C PHE B 478 -12.42 93.52 21.16
N GLU B 479 -11.14 93.78 20.86
CA GLU B 479 -10.06 92.83 21.09
C GLU B 479 -8.81 93.54 21.62
N ASN B 480 -7.98 92.85 22.40
CA ASN B 480 -6.83 93.48 23.03
C ASN B 480 -5.76 93.86 22.01
N PRO B 481 -5.39 95.13 21.85
CA PRO B 481 -4.41 95.51 20.85
C PRO B 481 -3.06 94.86 21.07
N VAL B 482 -2.59 94.79 22.32
CA VAL B 482 -1.30 94.20 22.67
C VAL B 482 -1.32 92.71 22.42
N LEU B 483 -2.21 91.99 23.09
CA LEU B 483 -2.19 90.53 23.04
C LEU B 483 -2.46 90.01 21.62
N GLN B 484 -3.30 90.67 20.82
CA GLN B 484 -3.43 90.30 19.41
C GLN B 484 -2.15 90.58 18.62
N GLN B 485 -1.51 91.74 18.83
CA GLN B 485 -0.27 92.05 18.12
C GLN B 485 0.84 91.07 18.50
N HIS B 486 0.92 90.72 19.78
CA HIS B 486 1.93 89.83 20.32
C HIS B 486 1.96 88.50 19.57
N PHE B 487 0.81 87.87 19.32
CA PHE B 487 0.79 86.61 18.58
C PHE B 487 1.32 86.76 17.16
N ARG B 488 1.05 87.88 16.49
CA ARG B 488 1.52 88.09 15.11
C ARG B 488 3.04 88.27 15.07
N ASN B 489 3.60 88.99 16.03
CA ASN B 489 5.05 89.05 16.18
C ASN B 489 5.62 87.65 16.44
N LEU B 490 5.01 86.90 17.35
CA LEU B 490 5.43 85.56 17.71
C LEU B 490 5.40 84.60 16.51
N GLU B 491 4.41 84.68 15.63
CA GLU B 491 4.39 83.87 14.41
C GLU B 491 5.50 84.22 13.43
N ALA B 492 5.75 85.50 13.21
CA ALA B 492 6.81 85.92 12.32
C ALA B 492 8.13 85.29 12.75
N LEU B 493 8.45 85.39 14.03
CA LEU B 493 9.62 84.76 14.61
C LEU B 493 9.56 83.23 14.52
N ALA B 494 8.40 82.61 14.71
CA ALA B 494 8.29 81.17 14.76
C ALA B 494 8.51 80.50 13.40
N LEU B 495 7.81 80.96 12.36
CA LEU B 495 7.90 80.34 11.04
C LEU B 495 9.09 80.84 10.22
N ASP B 496 9.82 81.87 10.68
CA ASP B 496 10.66 82.70 9.81
C ASP B 496 9.83 83.23 8.63
N LEU B 497 8.73 83.93 8.92
CA LEU B 497 8.00 84.65 7.89
C LEU B 497 8.84 85.79 7.33
N MET B 498 8.34 86.42 6.26
CA MET B 498 8.89 87.66 5.75
C MET B 498 8.60 88.84 6.69
N GLU B 499 7.37 88.98 7.20
CA GLU B 499 6.93 90.20 7.89
C GLU B 499 6.03 89.91 9.11
N PRO B 500 6.07 90.74 10.17
CA PRO B 500 5.00 90.81 11.14
C PRO B 500 3.71 91.33 10.48
N GLU B 501 2.58 90.65 10.69
CA GLU B 501 1.32 90.98 10.00
C GLU B 501 0.75 92.35 10.39
N GLN B 502 1.11 92.89 11.56
CA GLN B 502 0.86 94.29 11.92
C GLN B 502 -0.62 94.72 11.94
N ALA B 503 -1.58 93.78 12.01
CA ALA B 503 -3.01 94.05 11.92
C ALA B 503 -3.50 95.10 12.93
N VAL B 504 -3.96 96.24 12.41
CA VAL B 504 -4.22 97.46 13.17
C VAL B 504 -5.44 97.28 14.07
N ASP B 505 -5.36 97.83 15.27
CA ASP B 505 -6.33 97.65 16.34
C ASP B 505 -7.64 98.41 16.13
N LEU B 506 -8.62 98.03 16.94
CA LEU B 506 -10.01 98.46 16.83
C LEU B 506 -10.44 99.32 18.03
N THR B 507 -9.49 99.77 18.85
CA THR B 507 -9.73 100.62 20.01
C THR B 507 -9.53 102.09 19.70
N LEU B 508 -8.64 102.46 18.78
CA LEU B 508 -8.53 103.85 18.34
C LEU B 508 -9.90 104.33 17.80
N PRO B 509 -10.38 105.52 18.16
CA PRO B 509 -11.52 106.11 17.48
C PRO B 509 -11.12 106.41 16.02
N LYS B 510 -11.98 106.03 15.08
CA LYS B 510 -11.83 106.28 13.64
C LYS B 510 -12.13 107.74 13.31
N VAL B 511 -11.27 108.67 13.73
CA VAL B 511 -11.63 110.09 13.94
C VAL B 511 -12.29 110.79 12.76
N GLU B 512 -12.02 110.44 11.50
CA GLU B 512 -12.74 111.04 10.37
C GLU B 512 -14.24 110.70 10.38
N ALA B 513 -14.65 109.53 10.82
CA ALA B 513 -16.07 109.23 10.99
C ALA B 513 -16.67 110.06 12.13
N MET B 514 -15.94 110.23 13.24
CA MET B 514 -16.34 111.13 14.33
C MET B 514 -16.39 112.58 13.88
N ASN B 515 -15.54 113.01 12.92
CA ASN B 515 -15.68 114.33 12.32
C ASN B 515 -17.02 114.44 11.58
N LYS B 516 -17.35 113.46 10.74
CA LYS B 516 -18.46 113.54 9.78
C LYS B 516 -19.84 113.24 10.36
N ARG B 517 -20.02 112.09 11.05
CA ARG B 517 -21.30 111.68 11.68
C ARG B 517 -21.76 112.74 12.68
N LEU B 518 -20.86 113.10 13.60
CA LEU B 518 -21.12 114.20 14.53
C LEU B 518 -21.35 115.51 13.76
N GLY B 519 -20.50 115.78 12.77
CA GLY B 519 -20.44 117.07 12.09
C GLY B 519 -19.74 118.16 12.93
N SER B 520 -19.96 119.41 12.56
CA SER B 520 -19.27 120.61 13.07
C SER B 520 -19.62 121.04 14.51
N LEU B 521 -20.47 120.30 15.22
CA LEU B 521 -21.13 120.75 16.45
C LEU B 521 -20.23 120.94 17.69
N VAL B 522 -18.93 120.62 17.59
CA VAL B 522 -17.93 121.07 18.59
C VAL B 522 -17.94 122.59 18.77
N ASP B 523 -18.29 123.34 17.71
CA ASP B 523 -18.39 124.79 17.80
C ASP B 523 -19.49 125.26 18.77
N GLU B 524 -20.50 124.43 19.06
CA GLU B 524 -21.55 124.83 20.02
C GLU B 524 -20.99 124.94 21.44
N PHE B 525 -20.06 124.07 21.82
CA PHE B 525 -19.28 124.24 23.05
C PHE B 525 -18.36 125.47 22.94
N LYS B 526 -17.62 125.61 21.84
CA LYS B 526 -16.66 126.70 21.65
C LYS B 526 -17.29 128.09 21.61
N GLU B 527 -18.54 128.21 21.18
CA GLU B 527 -19.29 129.46 21.14
C GLU B 527 -20.19 129.65 22.37
N LEU B 528 -21.04 128.67 22.69
CA LEU B 528 -22.15 128.87 23.63
C LEU B 528 -21.76 128.67 25.10
N VAL B 529 -20.57 128.11 25.35
CA VAL B 529 -20.23 127.52 26.65
C VAL B 529 -18.92 128.07 27.26
N TYR B 530 -17.94 128.50 26.47
CA TYR B 530 -16.69 129.07 27.00
C TYR B 530 -16.04 130.15 26.10
N PRO B 531 -15.14 131.01 26.61
CA PRO B 531 -14.50 132.07 25.84
C PRO B 531 -13.47 131.56 24.79
N PRO B 532 -13.04 132.41 23.84
CA PRO B 532 -12.16 132.01 22.73
C PRO B 532 -10.66 131.91 23.07
N ASP B 533 -10.26 132.01 24.34
CA ASP B 533 -8.85 132.09 24.76
C ASP B 533 -8.05 130.78 24.63
N TYR B 534 -8.70 129.63 24.42
CA TYR B 534 -8.09 128.33 24.12
C TYR B 534 -8.81 127.64 22.95
N TYR C 30 -31.35 -7.33 -66.16
CA TYR C 30 -30.50 -8.26 -65.40
C TYR C 30 -30.38 -9.63 -66.08
N LYS C 31 -29.48 -10.46 -65.55
CA LYS C 31 -29.23 -11.86 -65.90
C LYS C 31 -30.48 -12.74 -65.78
N TYR C 32 -30.46 -13.94 -66.35
CA TYR C 32 -31.65 -14.79 -66.48
C TYR C 32 -32.27 -15.22 -65.16
N SER C 33 -31.48 -15.82 -64.26
CA SER C 33 -32.04 -16.58 -63.15
C SER C 33 -32.67 -15.72 -62.05
N GLY C 34 -32.23 -14.47 -61.88
CA GLY C 34 -32.62 -13.66 -60.73
C GLY C 34 -34.13 -13.49 -60.61
N ARG C 35 -34.70 -13.90 -59.49
CA ARG C 35 -36.12 -13.72 -59.17
C ARG C 35 -36.48 -12.25 -58.99
N ASP C 36 -37.65 -11.82 -59.41
CA ASP C 36 -38.24 -10.63 -58.82
C ASP C 36 -38.62 -10.92 -57.37
N SER C 37 -38.40 -9.99 -56.47
CA SER C 37 -38.71 -10.17 -55.06
C SER C 37 -39.32 -8.91 -54.52
N LEU C 38 -40.42 -8.98 -53.79
CA LEU C 38 -41.22 -7.78 -53.52
C LEU C 38 -41.89 -7.82 -52.15
N ILE C 39 -41.68 -6.81 -51.31
CA ILE C 39 -42.15 -6.79 -49.92
C ILE C 39 -43.12 -5.66 -49.67
N PHE C 40 -44.27 -5.94 -49.09
CA PHE C 40 -45.36 -4.98 -48.91
C PHE C 40 -45.49 -4.51 -47.47
N LEU C 41 -45.49 -3.22 -47.22
CA LEU C 41 -45.18 -2.66 -45.90
C LEU C 41 -46.18 -1.57 -45.49
N VAL C 42 -47.23 -1.97 -44.79
CA VAL C 42 -48.39 -1.12 -44.54
C VAL C 42 -48.31 -0.43 -43.18
N ASP C 43 -48.71 0.84 -43.19
CA ASP C 43 -48.97 1.66 -42.02
C ASP C 43 -50.18 1.13 -41.23
N ALA C 44 -49.97 0.55 -40.05
CA ALA C 44 -51.06 0.08 -39.19
C ALA C 44 -51.69 1.18 -38.32
N SER C 45 -51.33 2.46 -38.49
CA SER C 45 -51.73 3.56 -37.60
C SER C 45 -53.20 3.94 -37.73
N LYS C 46 -53.92 4.02 -36.60
CA LYS C 46 -55.37 4.27 -36.51
C LYS C 46 -55.86 5.43 -37.36
N ALA C 47 -55.10 6.53 -37.37
CA ALA C 47 -55.41 7.76 -38.09
C ALA C 47 -55.57 7.59 -39.62
N MET C 48 -55.10 6.49 -40.17
CA MET C 48 -55.34 6.06 -41.55
C MET C 48 -56.13 4.75 -41.59
N PHE C 49 -55.73 3.80 -40.75
CA PHE C 49 -56.23 2.42 -40.69
C PHE C 49 -57.75 2.31 -40.54
N GLU C 50 -58.34 3.05 -39.60
CA GLU C 50 -59.78 3.04 -39.36
C GLU C 50 -60.48 4.25 -40.01
N SER C 51 -59.79 4.99 -40.87
CA SER C 51 -60.18 6.33 -41.31
C SER C 51 -60.80 6.37 -42.71
N GLN C 52 -61.76 7.26 -42.91
CA GLN C 52 -62.40 7.54 -44.19
C GLN C 52 -62.97 8.97 -44.18
N SER C 53 -63.03 9.61 -45.34
CA SER C 53 -63.70 10.90 -45.56
C SER C 53 -65.11 10.69 -46.12
N GLU C 54 -65.19 9.74 -47.03
CA GLU C 54 -66.31 8.98 -47.54
C GLU C 54 -66.73 7.90 -46.53
N ASP C 55 -67.59 6.97 -46.93
CA ASP C 55 -67.70 5.63 -46.33
C ASP C 55 -67.20 4.51 -47.29
N GLU C 56 -67.04 4.85 -48.57
CA GLU C 56 -67.02 3.92 -49.69
C GLU C 56 -65.69 3.16 -49.92
N LEU C 57 -64.59 3.54 -49.26
CA LEU C 57 -63.35 2.78 -49.29
C LEU C 57 -62.74 2.81 -47.89
N THR C 58 -61.51 2.34 -47.78
CA THR C 58 -60.76 2.43 -46.54
C THR C 58 -59.29 2.17 -46.82
N PRO C 59 -58.40 3.06 -46.38
CA PRO C 59 -57.01 2.96 -46.82
C PRO C 59 -56.36 1.65 -46.46
N PHE C 60 -56.63 1.12 -45.29
CA PHE C 60 -56.12 -0.22 -45.01
C PHE C 60 -56.85 -1.24 -45.84
N ASP C 61 -58.16 -1.11 -45.95
CA ASP C 61 -58.87 -2.01 -46.83
C ASP C 61 -58.48 -1.79 -48.28
N MET C 62 -57.81 -0.69 -48.57
CA MET C 62 -57.31 -0.45 -49.90
C MET C 62 -55.97 -1.13 -50.09
N SER C 63 -55.11 -1.00 -49.10
CA SER C 63 -53.79 -1.60 -49.20
C SER C 63 -53.88 -3.11 -49.15
N ILE C 64 -54.74 -3.64 -48.29
CA ILE C 64 -54.84 -5.08 -48.21
C ILE C 64 -55.41 -5.62 -49.50
N GLN C 65 -56.34 -4.90 -50.10
CA GLN C 65 -56.84 -5.33 -51.39
C GLN C 65 -55.73 -5.33 -52.41
N CYS C 66 -54.89 -4.31 -52.37
CA CYS C 66 -53.77 -4.28 -53.30
C CYS C 66 -52.87 -5.48 -53.08
N ILE C 67 -52.55 -5.79 -51.83
CA ILE C 67 -51.62 -6.86 -51.57
C ILE C 67 -52.21 -8.19 -51.99
N GLN C 68 -53.49 -8.46 -51.71
CA GLN C 68 -54.13 -9.67 -52.23
C GLN C 68 -54.19 -9.72 -53.74
N SER C 69 -54.31 -8.58 -54.42
CA SER C 69 -54.54 -8.58 -55.84
C SER C 69 -53.29 -8.64 -56.70
N VAL C 70 -52.22 -7.93 -56.34
CA VAL C 70 -50.93 -8.17 -56.98
C VAL C 70 -50.46 -9.59 -56.69
N TYR C 71 -50.73 -10.11 -55.51
CA TYR C 71 -50.32 -11.44 -55.09
C TYR C 71 -51.07 -12.53 -55.88
N ILE C 72 -52.37 -12.40 -56.10
CA ILE C 72 -53.09 -13.30 -57.01
C ILE C 72 -52.67 -13.14 -58.48
N SER C 73 -52.22 -11.97 -58.91
CA SER C 73 -51.57 -11.85 -60.23
C SER C 73 -50.27 -12.66 -60.29
N LYS C 74 -49.36 -12.45 -59.34
CA LYS C 74 -48.08 -13.13 -59.27
C LYS C 74 -48.21 -14.64 -59.12
N ILE C 75 -49.27 -15.16 -58.51
CA ILE C 75 -49.50 -16.61 -58.43
C ILE C 75 -49.71 -17.24 -59.80
N ILE C 76 -50.63 -16.71 -60.62
CA ILE C 76 -50.84 -17.27 -61.96
C ILE C 76 -49.61 -17.02 -62.81
N SER C 77 -49.01 -15.84 -62.70
CA SER C 77 -48.06 -15.40 -63.70
C SER C 77 -46.60 -15.74 -63.45
N SER C 78 -46.16 -15.85 -62.19
CA SER C 78 -44.75 -16.05 -61.84
C SER C 78 -44.57 -16.64 -60.43
N ASP C 79 -45.01 -17.87 -60.21
CA ASP C 79 -44.85 -18.65 -58.96
C ASP C 79 -43.41 -18.72 -58.38
N ARG C 80 -42.42 -18.43 -59.22
CA ARG C 80 -41.00 -18.36 -58.97
C ARG C 80 -40.56 -17.10 -58.23
N ASP C 81 -41.29 -15.99 -58.36
CA ASP C 81 -40.93 -14.69 -57.79
C ASP C 81 -41.47 -14.53 -56.36
N LEU C 82 -40.79 -13.78 -55.50
CA LEU C 82 -40.98 -13.84 -54.04
C LEU C 82 -41.82 -12.67 -53.50
N LEU C 83 -42.75 -12.92 -52.58
CA LEU C 83 -43.50 -11.87 -51.87
C LEU C 83 -43.31 -11.97 -50.35
N ALA C 84 -43.36 -10.84 -49.65
CA ALA C 84 -43.54 -10.74 -48.20
C ALA C 84 -44.48 -9.59 -47.87
N VAL C 85 -45.03 -9.56 -46.65
CA VAL C 85 -45.89 -8.48 -46.19
C VAL C 85 -45.70 -8.22 -44.70
N VAL C 86 -45.66 -6.95 -44.32
CA VAL C 86 -45.19 -6.45 -43.03
C VAL C 86 -46.07 -5.31 -42.55
N PHE C 87 -46.43 -5.33 -41.28
CA PHE C 87 -47.13 -4.20 -40.64
C PHE C 87 -46.19 -3.49 -39.68
N TYR C 88 -46.08 -2.19 -39.87
CA TYR C 88 -45.29 -1.35 -38.98
C TYR C 88 -46.19 -0.49 -38.10
N GLY C 89 -45.64 -0.03 -36.99
CA GLY C 89 -46.38 0.72 -36.01
C GLY C 89 -47.45 -0.12 -35.32
N THR C 90 -47.59 -1.43 -35.50
CA THR C 90 -48.53 -2.16 -34.65
C THR C 90 -48.03 -2.32 -33.20
N GLU C 91 -48.87 -2.70 -32.24
CA GLU C 91 -48.53 -2.75 -30.81
C GLU C 91 -47.93 -4.07 -30.31
N LYS C 92 -48.19 -5.24 -30.86
CA LYS C 92 -47.61 -6.56 -30.55
C LYS C 92 -46.71 -6.96 -31.71
N ASP C 93 -45.51 -7.47 -31.43
CA ASP C 93 -44.42 -7.50 -32.41
C ASP C 93 -43.95 -8.89 -32.83
N LYS C 94 -43.40 -8.93 -34.05
CA LYS C 94 -42.71 -10.09 -34.63
C LYS C 94 -41.67 -9.62 -35.65
N ASN C 95 -40.40 -9.82 -35.32
CA ASN C 95 -39.20 -9.37 -36.04
C ASN C 95 -38.03 -10.28 -35.65
N SER C 96 -36.93 -10.24 -36.41
CA SER C 96 -35.68 -10.85 -35.93
C SER C 96 -35.05 -10.02 -34.82
N VAL C 97 -34.98 -8.70 -35.04
CA VAL C 97 -34.30 -7.72 -34.19
C VAL C 97 -34.74 -6.30 -34.58
N ASN C 98 -34.46 -5.27 -33.78
CA ASN C 98 -35.00 -3.91 -33.98
C ASN C 98 -36.54 -3.97 -33.89
N PHE C 99 -37.02 -4.50 -32.77
CA PHE C 99 -38.36 -5.05 -32.66
C PHE C 99 -39.50 -4.04 -32.59
N LYS C 100 -39.24 -2.83 -32.09
CA LYS C 100 -40.31 -2.05 -31.47
C LYS C 100 -41.41 -1.71 -32.48
N ASN C 101 -42.60 -2.18 -32.20
CA ASN C 101 -43.83 -1.80 -32.85
C ASN C 101 -43.88 -2.16 -34.34
N ILE C 102 -43.48 -3.38 -34.72
CA ILE C 102 -43.50 -3.91 -36.09
C ILE C 102 -43.83 -5.41 -36.03
N TYR C 103 -44.60 -5.88 -37.00
CA TYR C 103 -45.04 -7.25 -37.11
C TYR C 103 -44.92 -7.70 -38.57
N VAL C 104 -43.93 -8.53 -38.86
CA VAL C 104 -43.83 -9.24 -40.13
C VAL C 104 -44.95 -10.27 -40.19
N LEU C 105 -46.07 -9.94 -40.86
CA LEU C 105 -47.13 -10.93 -41.06
C LEU C 105 -46.61 -12.14 -41.84
N GLN C 106 -45.80 -11.90 -42.87
CA GLN C 106 -45.22 -12.92 -43.74
C GLN C 106 -43.80 -12.58 -44.17
N GLU C 107 -42.85 -13.48 -43.87
CA GLU C 107 -41.48 -13.43 -44.38
C GLU C 107 -41.42 -13.68 -45.89
N LEU C 108 -40.28 -13.61 -46.56
CA LEU C 108 -40.20 -13.82 -48.01
C LEU C 108 -40.42 -15.28 -48.42
N ASP C 109 -41.31 -15.51 -49.37
CA ASP C 109 -41.60 -16.85 -49.82
C ASP C 109 -42.18 -16.84 -51.23
N ASN C 110 -42.09 -17.98 -51.91
CA ASN C 110 -42.83 -18.21 -53.12
C ASN C 110 -44.32 -18.15 -52.80
N PRO C 111 -45.14 -17.55 -53.65
CA PRO C 111 -46.52 -17.26 -53.35
C PRO C 111 -47.47 -18.40 -53.58
N GLY C 112 -48.49 -18.53 -52.74
CA GLY C 112 -49.53 -19.53 -52.90
C GLY C 112 -50.80 -19.21 -52.10
N ALA C 113 -51.69 -20.18 -52.02
CA ALA C 113 -53.04 -19.99 -51.50
C ALA C 113 -53.03 -19.62 -50.02
N LYS C 114 -52.39 -20.38 -49.14
CA LYS C 114 -52.49 -20.14 -47.68
C LYS C 114 -52.04 -18.74 -47.27
N ARG C 115 -51.12 -18.13 -48.01
CA ARG C 115 -50.75 -16.73 -47.82
C ARG C 115 -51.86 -15.76 -48.21
N ILE C 116 -52.51 -15.96 -49.34
CA ILE C 116 -53.69 -15.19 -49.69
C ILE C 116 -54.80 -15.38 -48.66
N LEU C 117 -54.99 -16.56 -48.08
CA LEU C 117 -55.95 -16.72 -46.98
C LEU C 117 -55.54 -15.98 -45.70
N GLU C 118 -54.26 -15.86 -45.37
CA GLU C 118 -53.84 -15.03 -44.23
C GLU C 118 -54.22 -13.54 -44.41
N LEU C 119 -54.02 -12.95 -45.59
CA LEU C 119 -54.44 -11.58 -45.84
C LEU C 119 -55.96 -11.43 -45.82
N ASP C 120 -56.71 -12.42 -46.31
CA ASP C 120 -58.16 -12.33 -46.44
C ASP C 120 -58.84 -12.10 -45.09
N GLN C 121 -58.30 -12.68 -44.02
CA GLN C 121 -58.81 -12.58 -42.67
C GLN C 121 -58.95 -11.13 -42.17
N PHE C 122 -58.13 -10.20 -42.64
CA PHE C 122 -58.08 -8.82 -42.14
C PHE C 122 -58.91 -7.82 -42.93
N LYS C 123 -59.49 -8.24 -44.05
CA LYS C 123 -60.26 -7.39 -44.96
C LYS C 123 -61.66 -7.07 -44.39
N GLY C 124 -62.11 -5.83 -44.57
CA GLY C 124 -63.49 -5.37 -44.43
C GLY C 124 -63.85 -4.74 -43.08
N GLN C 125 -65.13 -4.37 -42.88
CA GLN C 125 -65.59 -3.68 -41.67
C GLN C 125 -65.40 -4.54 -40.41
N GLN C 126 -65.76 -5.82 -40.46
CA GLN C 126 -65.39 -6.77 -39.41
C GLN C 126 -63.88 -7.03 -39.38
N GLY C 127 -63.20 -7.03 -40.54
CA GLY C 127 -61.75 -7.20 -40.64
C GLY C 127 -60.95 -6.16 -39.83
N GLN C 128 -61.33 -4.89 -39.90
CA GLN C 128 -60.70 -3.84 -39.10
C GLN C 128 -60.98 -3.95 -37.59
N LYS C 129 -61.81 -4.90 -37.13
CA LYS C 129 -61.84 -5.37 -35.74
C LYS C 129 -61.04 -6.65 -35.53
N ARG C 130 -61.05 -7.58 -36.49
CA ARG C 130 -60.25 -8.83 -36.43
C ARG C 130 -58.76 -8.56 -36.23
N PHE C 131 -58.22 -7.53 -36.89
CA PHE C 131 -56.83 -7.11 -36.75
C PHE C 131 -56.52 -6.54 -35.34
N GLN C 132 -57.51 -5.93 -34.71
CA GLN C 132 -57.37 -5.24 -33.42
C GLN C 132 -57.30 -6.19 -32.25
N ASP C 133 -58.01 -7.31 -32.33
CA ASP C 133 -57.91 -8.40 -31.36
C ASP C 133 -56.51 -9.01 -31.32
N MET C 134 -55.65 -8.72 -32.32
CA MET C 134 -54.34 -9.34 -32.46
C MET C 134 -53.13 -8.39 -32.34
N MET C 135 -52.93 -7.43 -33.24
CA MET C 135 -51.65 -6.72 -33.25
C MET C 135 -51.70 -5.29 -32.70
N GLY C 136 -52.88 -4.65 -32.67
CA GLY C 136 -53.11 -3.42 -31.90
C GLY C 136 -52.63 -2.11 -32.55
N HIS C 137 -53.41 -1.03 -32.38
CA HIS C 137 -53.46 0.11 -33.30
C HIS C 137 -53.28 1.55 -32.86
N GLY C 138 -52.40 2.24 -33.61
CA GLY C 138 -52.10 3.67 -33.51
C GLY C 138 -50.77 4.01 -32.83
N SER C 139 -50.03 3.03 -32.27
CA SER C 139 -48.81 3.30 -31.50
C SER C 139 -47.70 4.00 -32.30
N ASP C 140 -46.70 4.54 -31.59
CA ASP C 140 -45.58 5.22 -32.23
C ASP C 140 -44.65 4.25 -32.98
N TYR C 141 -44.02 4.75 -34.05
CA TYR C 141 -43.27 3.97 -35.01
C TYR C 141 -42.04 4.72 -35.49
N SER C 142 -41.11 4.06 -36.17
CA SER C 142 -39.92 4.74 -36.70
C SER C 142 -39.35 4.21 -38.00
N LEU C 143 -39.50 4.93 -39.12
CA LEU C 143 -39.09 4.46 -40.43
C LEU C 143 -37.65 3.97 -40.48
N SER C 144 -36.71 4.61 -39.80
CA SER C 144 -35.33 4.10 -39.80
C SER C 144 -35.20 2.69 -39.21
N GLU C 145 -36.06 2.29 -38.27
CA GLU C 145 -36.19 0.91 -37.82
C GLU C 145 -36.99 0.07 -38.82
N VAL C 146 -38.05 0.59 -39.42
CA VAL C 146 -38.83 -0.18 -40.40
C VAL C 146 -37.99 -0.56 -41.62
N LEU C 147 -37.25 0.38 -42.19
CA LEU C 147 -36.30 0.11 -43.27
C LEU C 147 -35.19 -0.86 -42.82
N TRP C 148 -34.76 -0.84 -41.57
CA TRP C 148 -33.82 -1.83 -41.04
C TRP C 148 -34.43 -3.21 -41.11
N VAL C 149 -35.70 -3.32 -40.71
CA VAL C 149 -36.30 -4.62 -40.64
C VAL C 149 -36.37 -5.22 -42.02
N CYS C 150 -36.83 -4.44 -42.99
CA CYS C 150 -37.00 -5.01 -44.31
C CYS C 150 -35.66 -5.39 -44.90
N ALA C 151 -34.64 -4.63 -44.55
CA ALA C 151 -33.32 -4.98 -45.04
C ALA C 151 -32.92 -6.33 -44.53
N ASN C 152 -33.08 -6.56 -43.24
CA ASN C 152 -32.71 -7.87 -42.73
C ASN C 152 -33.50 -8.95 -43.43
N LEU C 153 -34.77 -8.68 -43.71
CA LEU C 153 -35.53 -9.68 -44.43
C LEU C 153 -34.85 -10.06 -45.72
N PHE C 154 -34.67 -9.11 -46.64
CA PHE C 154 -34.04 -9.52 -47.89
C PHE C 154 -32.73 -10.21 -47.65
N SER C 155 -31.98 -9.79 -46.66
CA SER C 155 -30.72 -10.48 -46.44
C SER C 155 -30.94 -11.94 -46.16
N ASP C 156 -31.94 -12.27 -45.35
CA ASP C 156 -32.03 -13.59 -44.77
C ASP C 156 -32.22 -14.66 -45.84
N VAL C 157 -32.73 -14.32 -47.05
CA VAL C 157 -32.98 -15.27 -48.16
C VAL C 157 -31.79 -15.58 -49.07
N GLN C 158 -31.74 -16.84 -49.50
CA GLN C 158 -30.61 -17.46 -50.19
C GLN C 158 -30.60 -17.25 -51.71
N PHE C 159 -31.77 -17.08 -52.33
CA PHE C 159 -31.90 -17.00 -53.79
C PHE C 159 -31.23 -15.78 -54.41
N LYS C 160 -30.88 -15.89 -55.69
CA LYS C 160 -30.44 -14.73 -56.48
C LYS C 160 -31.64 -13.89 -56.86
N MET C 161 -31.61 -12.60 -56.57
CA MET C 161 -32.69 -11.63 -56.79
C MET C 161 -32.29 -10.62 -57.87
N SER C 162 -33.13 -10.42 -58.90
CA SER C 162 -32.84 -9.49 -60.00
C SER C 162 -33.31 -8.07 -59.72
N HIS C 163 -34.49 -7.95 -59.13
CA HIS C 163 -35.07 -6.70 -58.68
C HIS C 163 -35.47 -6.84 -57.22
N LYS C 164 -35.02 -5.91 -56.39
CA LYS C 164 -35.30 -5.88 -54.97
C LYS C 164 -36.11 -4.63 -54.72
N ARG C 165 -37.40 -4.72 -54.37
CA ARG C 165 -38.30 -3.57 -54.29
C ARG C 165 -39.17 -3.62 -53.05
N ILE C 166 -39.26 -2.50 -52.36
CA ILE C 166 -40.20 -2.26 -51.24
C ILE C 166 -41.36 -1.37 -51.70
N MET C 167 -42.60 -1.64 -51.29
CA MET C 167 -43.77 -0.79 -51.54
C MET C 167 -44.34 -0.16 -50.26
N LEU C 168 -44.34 1.17 -50.17
CA LEU C 168 -44.89 1.93 -49.06
C LEU C 168 -46.39 2.16 -49.19
N PHE C 169 -47.16 1.56 -48.30
CA PHE C 169 -48.56 1.86 -48.11
C PHE C 169 -48.75 2.64 -46.81
N THR C 170 -48.35 3.91 -46.83
CA THR C 170 -48.67 4.87 -45.77
C THR C 170 -49.19 6.13 -46.43
N ASN C 171 -50.10 6.80 -45.73
CA ASN C 171 -50.47 8.14 -46.10
C ASN C 171 -49.71 9.23 -45.34
N GLU C 172 -48.85 8.89 -44.38
CA GLU C 172 -48.44 9.85 -43.39
C GLU C 172 -47.32 10.75 -43.93
N ASP C 173 -47.71 11.77 -44.69
CA ASP C 173 -46.83 12.48 -45.61
C ASP C 173 -45.63 13.15 -44.93
N ASN C 174 -45.80 13.78 -43.77
CA ASN C 174 -44.70 13.90 -42.82
C ASN C 174 -44.74 12.64 -41.95
N PRO C 175 -43.78 11.70 -42.05
CA PRO C 175 -43.80 10.43 -41.33
C PRO C 175 -43.37 10.60 -39.86
N HIS C 176 -43.93 11.61 -39.21
CA HIS C 176 -43.65 12.06 -37.85
C HIS C 176 -42.15 12.30 -37.62
N GLY C 177 -41.56 13.07 -38.54
CA GLY C 177 -40.23 13.65 -38.46
C GLY C 177 -40.18 14.94 -37.60
N ASN C 178 -41.12 15.09 -36.67
CA ASN C 178 -41.20 16.21 -35.72
C ASN C 178 -39.83 16.42 -35.06
N ASP C 179 -39.23 15.33 -34.58
CA ASP C 179 -37.81 15.27 -34.29
C ASP C 179 -37.02 15.13 -35.60
N SER C 180 -36.40 16.20 -36.09
CA SER C 180 -35.56 16.12 -37.30
C SER C 180 -34.38 15.15 -37.13
N ALA C 181 -33.89 14.95 -35.90
CA ALA C 181 -32.84 13.98 -35.59
C ALA C 181 -33.35 12.53 -35.43
N LYS C 182 -34.66 12.30 -35.38
CA LYS C 182 -35.26 11.01 -35.75
C LYS C 182 -35.20 10.83 -37.26
N ALA C 183 -35.75 11.80 -38.00
CA ALA C 183 -35.92 11.75 -39.45
C ALA C 183 -34.62 11.61 -40.25
N SER C 184 -33.53 12.26 -39.83
CA SER C 184 -32.23 12.11 -40.49
C SER C 184 -31.69 10.68 -40.43
N ARG C 185 -31.99 9.83 -39.46
CA ARG C 185 -31.76 8.46 -39.39
C ARG C 185 -32.44 7.72 -40.54
N ALA C 186 -33.73 8.01 -40.75
CA ALA C 186 -34.47 7.37 -41.83
C ALA C 186 -33.83 7.69 -43.19
N ARG C 187 -33.61 8.99 -43.44
CA ARG C 187 -33.10 9.49 -44.71
C ARG C 187 -31.71 8.94 -44.99
N THR C 188 -30.85 8.88 -43.98
CA THR C 188 -29.56 8.20 -44.13
C THR C 188 -29.75 6.70 -44.34
N LYS C 189 -30.61 6.02 -43.58
CA LYS C 189 -30.86 4.58 -43.72
C LYS C 189 -31.40 4.24 -45.09
N ALA C 190 -32.24 5.09 -45.66
CA ALA C 190 -32.75 4.92 -46.99
C ALA C 190 -31.78 5.32 -48.09
N GLY C 191 -30.86 6.23 -47.80
CA GLY C 191 -29.61 6.32 -48.54
C GLY C 191 -28.92 4.96 -48.55
N ASP C 192 -28.77 4.30 -47.40
CA ASP C 192 -28.15 2.98 -47.32
C ASP C 192 -28.93 1.88 -48.04
N LEU C 193 -30.27 1.91 -48.06
CA LEU C 193 -31.09 1.03 -48.90
C LEU C 193 -30.69 1.23 -50.36
N ARG C 194 -30.76 2.47 -50.86
CA ARG C 194 -30.46 2.75 -52.26
C ARG C 194 -29.01 2.43 -52.61
N ASP C 195 -28.08 2.69 -51.70
CA ASP C 195 -26.67 2.36 -51.85
C ASP C 195 -26.42 0.86 -51.96
N THR C 196 -27.17 0.03 -51.22
CA THR C 196 -27.07 -1.44 -51.34
C THR C 196 -27.84 -2.02 -52.52
N GLY C 197 -28.43 -1.20 -53.38
CA GLY C 197 -29.12 -1.65 -54.59
C GLY C 197 -30.45 -2.38 -54.35
N ILE C 198 -30.95 -2.36 -53.12
CA ILE C 198 -32.39 -2.45 -52.93
C ILE C 198 -33.02 -1.15 -53.36
N PHE C 199 -34.08 -1.25 -54.15
CA PHE C 199 -34.91 -0.11 -54.50
C PHE C 199 -36.04 0.00 -53.49
N LEU C 200 -36.71 1.15 -53.50
CA LEU C 200 -37.93 1.45 -52.75
C LEU C 200 -38.89 2.33 -53.57
N ASP C 201 -40.18 2.08 -53.43
CA ASP C 201 -41.27 2.62 -54.23
C ASP C 201 -42.48 2.97 -53.34
N LEU C 202 -43.36 3.83 -53.81
CA LEU C 202 -44.36 4.51 -52.96
C LEU C 202 -45.74 4.57 -53.56
N MET C 203 -46.75 4.50 -52.70
CA MET C 203 -48.07 4.99 -53.04
C MET C 203 -48.76 5.73 -51.89
N HIS C 204 -49.25 6.92 -52.27
CA HIS C 204 -50.08 7.82 -51.50
C HIS C 204 -51.55 7.50 -51.69
N LEU C 205 -52.32 7.69 -50.63
CA LEU C 205 -53.53 6.92 -50.38
C LEU C 205 -54.75 7.79 -50.03
N LYS C 206 -54.85 8.99 -50.62
CA LYS C 206 -55.95 9.97 -50.41
C LYS C 206 -56.08 10.40 -48.94
N LYS C 207 -55.02 11.00 -48.38
CA LYS C 207 -55.06 11.65 -47.05
C LYS C 207 -56.06 12.82 -47.08
N PRO C 208 -56.95 12.98 -46.10
CA PRO C 208 -57.95 14.05 -46.10
C PRO C 208 -57.31 15.44 -46.28
N GLY C 209 -57.82 16.22 -47.23
CA GLY C 209 -57.38 17.61 -47.45
C GLY C 209 -56.08 17.79 -48.25
N GLY C 210 -55.06 16.96 -48.08
CA GLY C 210 -53.86 17.00 -48.91
C GLY C 210 -52.84 15.88 -48.68
N PHE C 211 -52.01 15.66 -49.70
CA PHE C 211 -50.74 14.95 -49.61
C PHE C 211 -49.73 15.66 -50.53
N ASP C 212 -48.50 15.91 -50.07
CA ASP C 212 -47.44 16.46 -50.93
C ASP C 212 -46.06 15.88 -50.62
N ILE C 213 -45.58 15.11 -51.59
CA ILE C 213 -44.28 14.47 -51.64
C ILE C 213 -43.14 15.48 -51.40
N SER C 214 -43.30 16.74 -51.81
CA SER C 214 -42.24 17.74 -51.68
C SER C 214 -41.98 18.16 -50.22
N LEU C 215 -42.93 17.93 -49.31
CA LEU C 215 -42.68 18.11 -47.87
C LEU C 215 -41.65 17.08 -47.39
N PHE C 216 -41.98 15.81 -47.58
CA PHE C 216 -41.14 14.66 -47.22
C PHE C 216 -41.54 13.45 -48.08
N TYR C 217 -40.64 12.48 -48.20
CA TYR C 217 -40.56 11.48 -49.28
C TYR C 217 -39.93 11.96 -50.58
N ARG C 218 -39.73 13.26 -50.76
CA ARG C 218 -39.01 13.84 -51.92
C ARG C 218 -37.65 13.17 -52.18
N ASP C 219 -36.90 12.86 -51.14
CA ASP C 219 -35.58 12.21 -51.22
C ASP C 219 -35.60 10.68 -50.96
N ILE C 220 -36.70 10.13 -50.48
CA ILE C 220 -36.80 8.68 -50.25
C ILE C 220 -37.10 7.95 -51.57
N ILE C 221 -38.05 8.44 -52.38
CA ILE C 221 -38.27 7.88 -53.72
C ILE C 221 -37.14 8.26 -54.67
N SER C 222 -37.02 7.59 -55.81
CA SER C 222 -36.15 8.02 -56.92
C SER C 222 -36.75 9.23 -57.66
N VAL C 231 -47.23 18.14 -58.85
CA VAL C 231 -46.92 19.10 -57.79
C VAL C 231 -47.68 18.77 -56.50
N HIS C 232 -48.94 18.37 -56.61
CA HIS C 232 -49.78 17.89 -55.52
C HIS C 232 -50.76 16.83 -56.05
N PHE C 233 -51.15 15.87 -55.22
CA PHE C 233 -51.92 14.70 -55.65
C PHE C 233 -53.22 14.47 -54.88
N GLU C 234 -54.22 13.99 -55.63
CA GLU C 234 -55.46 13.42 -55.11
C GLU C 234 -55.24 12.01 -54.54
N GLU C 235 -54.76 11.08 -55.37
CA GLU C 235 -54.49 9.66 -55.10
C GLU C 235 -53.77 9.08 -56.33
N SER C 236 -52.85 8.14 -56.17
CA SER C 236 -51.92 7.83 -57.26
C SER C 236 -52.56 7.20 -58.49
N SER C 237 -52.27 7.77 -59.67
CA SER C 237 -52.61 7.20 -60.99
C SER C 237 -51.89 5.88 -61.28
N LYS C 238 -50.84 5.56 -60.52
CA LYS C 238 -50.13 4.29 -60.54
C LYS C 238 -50.92 3.17 -59.87
N LEU C 239 -51.72 3.47 -58.84
CA LEU C 239 -52.30 2.44 -58.00
C LEU C 239 -53.34 1.57 -58.72
N GLU C 240 -54.09 2.13 -59.67
CA GLU C 240 -55.03 1.37 -60.48
C GLU C 240 -54.34 0.25 -61.29
N ASP C 241 -53.06 0.40 -61.63
CA ASP C 241 -52.31 -0.63 -62.35
C ASP C 241 -52.12 -1.90 -61.51
N LEU C 242 -52.13 -1.79 -60.19
CA LEU C 242 -52.07 -2.93 -59.27
C LEU C 242 -53.41 -3.66 -59.15
N LEU C 243 -54.48 -3.13 -59.76
CA LEU C 243 -55.81 -3.73 -59.80
C LEU C 243 -56.18 -4.24 -61.22
N ARG C 244 -55.22 -4.29 -62.15
CA ARG C 244 -55.40 -4.88 -63.50
C ARG C 244 -55.69 -6.38 -63.49
N LYS C 245 -55.34 -7.09 -62.42
CA LYS C 245 -55.59 -8.53 -62.21
C LYS C 245 -55.14 -9.37 -63.41
N VAL C 246 -54.09 -8.93 -64.11
CA VAL C 246 -53.77 -9.41 -65.46
C VAL C 246 -53.10 -10.77 -65.40
N ARG C 247 -53.47 -11.67 -66.32
CA ARG C 247 -53.04 -13.09 -66.27
C ARG C 247 -52.52 -13.60 -67.61
N ALA C 248 -51.36 -14.19 -67.50
CA ALA C 248 -50.59 -14.91 -68.50
C ALA C 248 -49.44 -15.57 -67.73
N LYS C 249 -48.72 -16.53 -68.32
CA LYS C 249 -47.33 -16.72 -67.90
C LYS C 249 -46.51 -15.56 -68.44
N GLU C 250 -45.57 -15.06 -67.67
CA GLU C 250 -44.57 -14.18 -68.25
C GLU C 250 -43.24 -14.92 -68.14
N THR C 251 -42.65 -15.26 -69.29
CA THR C 251 -41.43 -16.06 -69.37
C THR C 251 -40.34 -15.22 -70.03
N ARG C 252 -39.25 -14.95 -69.32
CA ARG C 252 -38.21 -13.99 -69.73
C ARG C 252 -37.43 -14.45 -70.96
N LYS C 253 -36.79 -13.50 -71.63
CA LYS C 253 -35.95 -13.70 -72.83
C LYS C 253 -34.95 -14.83 -72.59
N ARG C 254 -35.08 -15.90 -73.36
CA ARG C 254 -34.19 -17.07 -73.35
C ARG C 254 -34.10 -17.62 -74.75
N ALA C 255 -32.95 -18.17 -75.12
CA ALA C 255 -32.77 -18.80 -76.41
C ALA C 255 -33.64 -20.02 -76.57
N LEU C 256 -34.00 -20.40 -77.81
CA LEU C 256 -34.50 -21.75 -78.05
C LEU C 256 -33.34 -22.73 -78.22
N SER C 257 -32.31 -22.31 -78.94
CA SER C 257 -31.06 -23.06 -79.23
C SER C 257 -30.01 -22.10 -79.82
N ARG C 258 -28.75 -22.50 -80.01
CA ARG C 258 -27.76 -21.73 -80.81
C ARG C 258 -27.23 -22.57 -81.95
N LEU C 259 -27.01 -21.97 -83.12
CA LEU C 259 -26.62 -22.69 -84.33
C LEU C 259 -25.53 -21.95 -85.11
N LYS C 260 -24.84 -22.65 -86.00
CA LYS C 260 -23.81 -22.07 -86.88
C LYS C 260 -24.35 -21.96 -88.31
N LEU C 261 -24.47 -20.76 -88.85
CA LEU C 261 -24.88 -20.48 -90.21
C LEU C 261 -23.72 -20.70 -91.19
N LYS C 262 -23.53 -21.96 -91.59
CA LYS C 262 -22.48 -22.37 -92.52
C LYS C 262 -22.80 -21.76 -93.88
N LEU C 263 -22.06 -20.73 -94.26
CA LEU C 263 -22.21 -20.09 -95.57
C LEU C 263 -21.74 -21.02 -96.70
N ASN C 264 -20.76 -21.87 -96.40
CA ASN C 264 -20.21 -22.95 -97.22
C ASN C 264 -19.58 -24.03 -96.31
N LYS C 265 -18.58 -24.78 -96.81
CA LYS C 265 -17.79 -25.77 -96.07
C LYS C 265 -16.99 -25.21 -94.87
N ASP C 266 -16.90 -23.89 -94.70
CA ASP C 266 -15.88 -23.26 -93.85
C ASP C 266 -16.36 -22.03 -93.05
N ILE C 267 -16.89 -20.97 -93.69
CA ILE C 267 -17.29 -19.75 -92.96
C ILE C 267 -18.55 -20.02 -92.14
N VAL C 268 -18.52 -19.66 -90.86
CA VAL C 268 -19.63 -19.84 -89.92
C VAL C 268 -19.83 -18.61 -89.06
N ILE C 269 -21.09 -18.30 -88.76
CA ILE C 269 -21.42 -17.41 -87.65
C ILE C 269 -22.41 -18.05 -86.70
N SER C 270 -22.23 -17.79 -85.41
CA SER C 270 -23.21 -18.17 -84.41
C SER C 270 -24.39 -17.23 -84.45
N VAL C 271 -25.59 -17.81 -84.48
CA VAL C 271 -26.84 -17.08 -84.32
C VAL C 271 -27.71 -17.76 -83.29
N GLY C 272 -28.48 -16.96 -82.58
CA GLY C 272 -29.56 -17.43 -81.76
C GLY C 272 -30.82 -17.67 -82.56
N ILE C 273 -31.78 -18.27 -81.89
CA ILE C 273 -33.02 -18.76 -82.46
C ILE C 273 -34.05 -18.50 -81.37
N TYR C 274 -34.94 -17.53 -81.50
CA TYR C 274 -35.76 -17.09 -80.36
C TYR C 274 -37.24 -17.10 -80.66
N ASN C 275 -38.06 -17.35 -79.66
CA ASN C 275 -39.45 -17.70 -79.84
C ASN C 275 -40.41 -16.55 -79.62
N LEU C 276 -40.57 -15.68 -80.62
CA LEU C 276 -41.39 -14.47 -80.47
C LEU C 276 -42.88 -14.75 -80.35
N VAL C 277 -43.37 -15.89 -80.82
CA VAL C 277 -44.79 -16.24 -80.84
C VAL C 277 -44.95 -17.73 -80.62
N GLN C 278 -45.56 -18.17 -79.53
CA GLN C 278 -45.59 -19.58 -79.15
C GLN C 278 -46.86 -19.87 -78.34
N LYS C 279 -47.74 -20.73 -78.85
CA LYS C 279 -49.06 -20.91 -78.23
C LYS C 279 -48.96 -21.47 -76.81
N ALA C 280 -49.58 -20.81 -75.86
CA ALA C 280 -49.68 -21.25 -74.49
C ALA C 280 -50.76 -22.32 -74.32
N LEU C 281 -50.59 -23.11 -73.27
CA LEU C 281 -51.40 -24.26 -72.94
C LEU C 281 -51.80 -24.19 -71.47
N LYS C 282 -52.95 -24.73 -71.10
CA LYS C 282 -53.24 -24.95 -69.67
C LYS C 282 -52.13 -25.84 -69.09
N PRO C 283 -51.59 -25.52 -67.90
CA PRO C 283 -50.42 -26.20 -67.37
C PRO C 283 -50.68 -27.69 -67.17
N PRO C 284 -49.65 -28.54 -67.28
CA PRO C 284 -49.81 -29.97 -67.20
C PRO C 284 -50.36 -30.37 -65.83
N PRO C 285 -51.45 -31.15 -65.77
CA PRO C 285 -52.09 -31.58 -64.56
C PRO C 285 -51.31 -32.66 -63.81
N ILE C 286 -51.19 -32.54 -62.48
CA ILE C 286 -50.43 -33.47 -61.65
C ILE C 286 -51.37 -34.46 -60.97
N LYS C 287 -51.42 -35.70 -61.44
CA LYS C 287 -52.20 -36.81 -60.89
C LYS C 287 -52.03 -36.97 -59.37
N LEU C 288 -53.10 -37.11 -58.57
CA LEU C 288 -53.07 -37.19 -57.08
C LEU C 288 -53.78 -38.40 -56.49
N TYR C 289 -53.33 -38.87 -55.32
CA TYR C 289 -54.04 -39.83 -54.48
C TYR C 289 -55.26 -39.19 -53.83
N ARG C 290 -56.42 -39.76 -54.08
CA ARG C 290 -57.70 -39.34 -53.53
C ARG C 290 -57.71 -39.14 -52.02
N GLU C 291 -57.21 -40.09 -51.26
CA GLU C 291 -57.58 -40.13 -49.84
C GLU C 291 -56.80 -39.14 -48.98
N THR C 292 -55.68 -38.60 -49.50
CA THR C 292 -54.76 -37.69 -48.78
C THR C 292 -54.37 -36.46 -49.58
N ASN C 293 -54.85 -36.33 -50.82
CA ASN C 293 -54.39 -35.40 -51.85
C ASN C 293 -52.89 -35.48 -52.22
N GLU C 294 -52.12 -36.45 -51.73
CA GLU C 294 -50.70 -36.53 -52.04
C GLU C 294 -50.44 -36.77 -53.52
N PRO C 295 -49.38 -36.21 -54.13
CA PRO C 295 -48.93 -36.63 -55.45
C PRO C 295 -48.48 -38.08 -55.45
N VAL C 296 -48.59 -38.73 -56.60
CA VAL C 296 -48.31 -40.16 -56.79
C VAL C 296 -47.55 -40.39 -58.09
N LYS C 297 -46.71 -41.41 -58.10
CA LYS C 297 -45.81 -41.70 -59.19
C LYS C 297 -46.49 -42.62 -60.18
N THR C 298 -46.78 -42.10 -61.37
CA THR C 298 -46.98 -42.97 -62.53
C THR C 298 -45.66 -43.69 -62.78
N LYS C 299 -45.68 -45.01 -62.79
CA LYS C 299 -44.49 -45.85 -62.58
C LYS C 299 -44.42 -46.97 -63.61
N THR C 300 -44.70 -46.64 -64.88
CA THR C 300 -44.92 -47.61 -65.95
C THR C 300 -43.77 -48.59 -66.14
N ARG C 301 -44.11 -49.85 -66.42
CA ARG C 301 -43.21 -50.96 -66.72
C ARG C 301 -43.61 -51.60 -68.04
N THR C 302 -42.85 -52.57 -68.54
CA THR C 302 -43.31 -53.35 -69.70
C THR C 302 -43.11 -54.83 -69.43
N PHE C 303 -44.13 -55.65 -69.68
CA PHE C 303 -44.21 -56.99 -69.11
C PHE C 303 -44.54 -58.00 -70.21
N ASN C 304 -43.86 -59.14 -70.28
CA ASN C 304 -44.13 -60.12 -71.34
C ASN C 304 -45.53 -60.75 -71.20
N THR C 305 -46.34 -60.77 -72.26
CA THR C 305 -47.74 -61.26 -72.18
C THR C 305 -47.84 -62.71 -71.66
N SER C 306 -46.81 -63.53 -71.87
CA SER C 306 -46.75 -64.94 -71.43
C SER C 306 -46.19 -65.17 -70.02
N THR C 307 -45.30 -64.29 -69.51
CA THR C 307 -44.28 -64.65 -68.49
C THR C 307 -43.79 -63.43 -67.70
N GLY C 308 -43.16 -63.65 -66.54
CA GLY C 308 -42.77 -62.57 -65.61
C GLY C 308 -41.68 -61.60 -66.08
N GLY C 309 -41.15 -61.73 -67.30
CA GLY C 309 -40.08 -60.88 -67.79
C GLY C 309 -40.47 -59.41 -67.74
N LEU C 310 -39.86 -58.66 -66.82
CA LEU C 310 -39.81 -57.21 -66.88
C LEU C 310 -38.81 -56.87 -67.98
N LEU C 311 -39.31 -56.74 -69.21
CA LEU C 311 -38.47 -56.63 -70.38
C LEU C 311 -37.70 -55.32 -70.37
N LEU C 312 -36.39 -55.39 -70.49
CA LEU C 312 -35.53 -54.22 -70.55
C LEU C 312 -35.59 -53.58 -71.95
N PRO C 313 -35.16 -52.33 -72.14
CA PRO C 313 -35.20 -51.69 -73.46
C PRO C 313 -34.43 -52.44 -74.54
N SER C 314 -33.37 -53.15 -74.18
CA SER C 314 -32.61 -54.02 -75.10
C SER C 314 -33.38 -55.29 -75.53
N ASP C 315 -34.39 -55.73 -74.80
CA ASP C 315 -35.14 -56.97 -75.09
C ASP C 315 -36.07 -56.87 -76.31
N THR C 316 -36.29 -55.70 -76.87
CA THR C 316 -37.40 -55.49 -77.78
C THR C 316 -36.96 -54.54 -78.85
N LYS C 317 -37.48 -54.73 -80.05
CA LYS C 317 -37.02 -53.96 -81.19
C LYS C 317 -38.10 -52.97 -81.58
N ARG C 318 -38.18 -52.62 -82.84
CA ARG C 318 -39.27 -51.87 -83.42
C ARG C 318 -39.56 -52.47 -84.78
N SER C 319 -40.75 -52.28 -85.29
CA SER C 319 -41.19 -52.94 -86.50
C SER C 319 -42.31 -52.28 -87.30
N GLN C 320 -42.53 -52.77 -88.52
CA GLN C 320 -43.57 -52.35 -89.45
C GLN C 320 -44.22 -53.58 -90.10
N ILE C 321 -45.39 -53.44 -90.72
CA ILE C 321 -45.95 -54.42 -91.67
C ILE C 321 -46.18 -53.77 -93.04
N TYR C 322 -45.68 -54.39 -94.11
CA TYR C 322 -45.89 -54.01 -95.51
C TYR C 322 -45.96 -55.31 -96.33
N GLY C 323 -46.67 -55.35 -97.45
CA GLY C 323 -46.62 -56.49 -98.40
C GLY C 323 -46.71 -57.89 -97.76
N SER C 324 -47.52 -58.03 -96.70
CA SER C 324 -47.63 -59.24 -95.86
C SER C 324 -46.30 -59.79 -95.29
N ARG C 325 -45.28 -58.95 -95.09
CA ARG C 325 -44.03 -59.27 -94.39
C ARG C 325 -43.65 -58.21 -93.37
N GLN C 326 -42.88 -58.63 -92.38
CA GLN C 326 -42.59 -57.85 -91.19
C GLN C 326 -41.15 -57.37 -91.22
N ILE C 327 -40.95 -56.06 -91.09
CA ILE C 327 -39.63 -55.44 -91.16
C ILE C 327 -39.15 -55.13 -89.74
N ILE C 328 -37.92 -55.51 -89.38
CA ILE C 328 -37.40 -55.44 -88.00
C ILE C 328 -36.20 -54.50 -87.92
N LEU C 329 -36.25 -53.51 -87.02
CA LEU C 329 -35.16 -52.58 -86.73
C LEU C 329 -34.97 -52.39 -85.23
N GLU C 330 -33.78 -52.07 -84.78
CA GLU C 330 -33.43 -51.87 -83.37
C GLU C 330 -33.90 -50.52 -82.81
N LYS C 331 -33.92 -50.35 -81.48
CA LYS C 331 -34.20 -49.05 -80.85
C LYS C 331 -33.07 -48.03 -81.05
N GLU C 332 -31.86 -48.45 -81.40
CA GLU C 332 -30.92 -47.49 -81.99
C GLU C 332 -31.46 -47.05 -83.35
N GLU C 333 -31.67 -48.04 -84.22
CA GLU C 333 -31.63 -47.42 -85.78
C GLU C 333 -33.21 -46.74 -86.18
N THR C 334 -34.04 -47.08 -84.90
CA THR C 334 -35.70 -46.10 -85.65
C THR C 334 -35.34 -44.72 -85.54
N GLU C 335 -34.20 -44.34 -84.97
CA GLU C 335 -33.69 -42.98 -84.88
C GLU C 335 -32.27 -42.83 -85.45
N GLU C 336 -31.73 -43.80 -86.16
CA GLU C 336 -30.60 -43.62 -87.10
C GLU C 336 -31.16 -43.25 -88.48
N LEU C 337 -32.22 -43.95 -88.91
CA LEU C 337 -33.12 -43.35 -89.88
C LEU C 337 -33.68 -42.05 -89.28
N LYS C 338 -34.04 -41.07 -90.11
CA LYS C 338 -34.31 -39.67 -89.77
C LYS C 338 -33.12 -38.77 -89.42
N ARG C 339 -31.87 -39.27 -89.45
CA ARG C 339 -30.65 -38.44 -89.45
C ARG C 339 -30.25 -38.01 -90.87
N PHE C 340 -29.69 -36.81 -91.03
CA PHE C 340 -29.06 -36.34 -92.28
C PHE C 340 -27.81 -35.49 -92.03
N ASP C 341 -27.89 -34.65 -90.99
CA ASP C 341 -26.98 -33.54 -90.68
C ASP C 341 -26.73 -33.29 -89.19
N ASP C 342 -25.71 -32.48 -88.90
CA ASP C 342 -25.43 -31.90 -87.60
C ASP C 342 -26.10 -30.51 -87.41
N PRO C 343 -26.43 -30.07 -86.18
CA PRO C 343 -27.05 -28.78 -85.85
C PRO C 343 -26.35 -27.57 -86.50
N GLY C 344 -27.00 -26.90 -87.44
CA GLY C 344 -26.50 -25.72 -88.11
C GLY C 344 -27.54 -25.17 -89.06
N LEU C 345 -27.13 -24.21 -89.88
CA LEU C 345 -27.97 -23.59 -90.90
C LEU C 345 -27.12 -23.42 -92.18
N MET C 346 -27.33 -24.21 -93.22
CA MET C 346 -26.53 -24.09 -94.46
C MET C 346 -27.18 -23.23 -95.55
N LEU C 347 -26.50 -22.17 -95.99
CA LEU C 347 -26.99 -21.20 -96.97
C LEU C 347 -27.23 -21.84 -98.37
N MET C 348 -28.37 -21.54 -99.02
CA MET C 348 -28.75 -22.15 -100.32
C MET C 348 -28.92 -21.14 -101.46
N GLY C 349 -28.50 -19.90 -101.29
CA GLY C 349 -28.70 -18.83 -102.27
C GLY C 349 -30.02 -18.06 -102.12
N PHE C 350 -30.21 -17.07 -102.98
CA PHE C 350 -31.07 -15.92 -102.75
C PHE C 350 -32.20 -15.83 -103.79
N LYS C 351 -33.28 -15.13 -103.43
CA LYS C 351 -34.59 -15.12 -104.12
C LYS C 351 -35.20 -13.71 -104.15
N PRO C 352 -36.31 -13.44 -104.88
CA PRO C 352 -37.04 -12.20 -104.69
C PRO C 352 -38.07 -12.38 -103.56
N LEU C 353 -38.34 -11.36 -102.75
CA LEU C 353 -39.32 -11.52 -101.67
C LEU C 353 -40.75 -11.76 -102.18
N VAL C 354 -41.08 -11.38 -103.41
CA VAL C 354 -42.41 -11.63 -103.99
C VAL C 354 -42.69 -13.10 -104.31
N LEU C 355 -41.66 -13.90 -104.63
CA LEU C 355 -41.83 -15.30 -105.03
C LEU C 355 -42.06 -16.22 -103.81
N LEU C 356 -41.66 -15.79 -102.61
CA LEU C 356 -42.05 -16.42 -101.35
C LEU C 356 -43.54 -16.16 -101.06
N LYS C 357 -44.42 -16.90 -101.75
CA LYS C 357 -45.88 -16.72 -101.72
C LYS C 357 -46.44 -16.92 -100.31
N LYS C 358 -47.14 -15.91 -99.79
CA LYS C 358 -47.80 -15.90 -98.47
C LYS C 358 -48.99 -16.86 -98.36
N HIS C 359 -49.43 -17.65 -99.35
CA HIS C 359 -50.52 -18.62 -99.08
C HIS C 359 -50.05 -19.92 -98.43
N HIS C 360 -48.82 -20.38 -98.68
CA HIS C 360 -48.34 -21.63 -98.09
C HIS C 360 -47.38 -21.33 -96.94
N TYR C 361 -47.84 -21.70 -95.75
CA TYR C 361 -47.26 -21.40 -94.45
C TYR C 361 -47.24 -22.66 -93.59
N LEU C 362 -46.11 -22.94 -92.96
CA LEU C 362 -45.84 -24.25 -92.38
C LEU C 362 -46.10 -24.32 -90.87
N ARG C 363 -45.32 -23.58 -90.08
CA ARG C 363 -45.41 -23.48 -88.63
C ARG C 363 -44.94 -22.11 -88.17
N PRO C 364 -45.24 -21.65 -86.94
CA PRO C 364 -44.95 -20.30 -86.49
C PRO C 364 -43.52 -19.86 -86.72
N SER C 365 -43.36 -18.64 -87.21
CA SER C 365 -42.07 -18.03 -87.50
C SER C 365 -41.27 -17.76 -86.22
N LEU C 366 -39.96 -18.00 -86.26
CA LEU C 366 -39.04 -17.82 -85.16
C LEU C 366 -38.01 -16.74 -85.48
N PHE C 367 -37.48 -16.01 -84.52
CA PHE C 367 -36.51 -14.96 -84.80
C PHE C 367 -35.07 -15.45 -84.88
N VAL C 368 -34.22 -14.81 -85.69
CA VAL C 368 -32.77 -15.03 -85.67
C VAL C 368 -32.01 -13.76 -85.32
N TYR C 369 -31.10 -13.86 -84.36
CA TYR C 369 -30.37 -12.74 -83.77
C TYR C 369 -28.95 -13.14 -83.39
N PRO C 370 -27.90 -12.31 -83.52
CA PRO C 370 -26.52 -12.75 -83.34
C PRO C 370 -26.16 -13.10 -81.91
N GLU C 371 -25.13 -13.94 -81.76
CA GLU C 371 -24.65 -14.33 -80.43
C GLU C 371 -23.12 -14.41 -80.38
N GLU C 372 -22.45 -13.39 -79.87
CA GLU C 372 -20.99 -13.34 -79.62
C GLU C 372 -20.50 -14.37 -78.57
N SER C 373 -21.41 -15.08 -77.91
CA SER C 373 -21.11 -16.20 -77.01
C SER C 373 -20.21 -17.27 -77.67
N LEU C 374 -20.30 -17.37 -78.99
CA LEU C 374 -19.47 -18.18 -79.88
C LEU C 374 -19.01 -17.29 -81.03
N VAL C 375 -18.03 -17.73 -81.83
CA VAL C 375 -17.65 -17.05 -83.09
C VAL C 375 -17.47 -15.53 -82.97
N ILE C 376 -16.61 -15.07 -82.06
CA ILE C 376 -16.51 -13.65 -81.69
C ILE C 376 -16.30 -12.76 -82.92
N GLY C 377 -16.92 -11.59 -82.92
CA GLY C 377 -16.92 -10.63 -84.02
C GLY C 377 -17.79 -11.02 -85.22
N SER C 378 -18.46 -12.17 -85.21
CA SER C 378 -19.40 -12.56 -86.27
C SER C 378 -20.61 -11.63 -86.42
N SER C 379 -20.96 -10.93 -85.35
CA SER C 379 -21.89 -9.80 -85.37
C SER C 379 -21.57 -8.75 -86.45
N THR C 380 -20.30 -8.53 -86.77
CA THR C 380 -19.87 -7.60 -87.82
C THR C 380 -20.33 -8.05 -89.22
N LEU C 381 -20.30 -9.36 -89.50
CA LEU C 381 -20.77 -9.93 -90.75
C LEU C 381 -22.29 -9.91 -90.80
N PHE C 382 -22.96 -10.44 -89.77
CA PHE C 382 -24.42 -10.49 -89.68
C PHE C 382 -25.05 -9.12 -89.94
N SER C 383 -24.51 -8.08 -89.29
CA SER C 383 -25.03 -6.72 -89.42
C SER C 383 -24.95 -6.20 -90.85
N ALA C 384 -23.83 -6.40 -91.55
CA ALA C 384 -23.74 -6.04 -92.96
C ALA C 384 -24.74 -6.82 -93.83
N LEU C 385 -24.89 -8.12 -93.56
CA LEU C 385 -25.84 -9.02 -94.22
C LEU C 385 -27.30 -8.54 -94.05
N LEU C 386 -27.71 -8.17 -92.84
CA LEU C 386 -28.99 -7.54 -92.55
C LEU C 386 -29.18 -6.27 -93.38
N ILE C 387 -28.23 -5.33 -93.27
CA ILE C 387 -28.33 -4.01 -93.89
C ILE C 387 -28.53 -4.13 -95.41
N LYS C 388 -27.69 -4.93 -96.06
CA LYS C 388 -27.64 -4.99 -97.52
C LYS C 388 -28.76 -5.82 -98.13
N CYS C 389 -29.27 -6.87 -97.47
CA CYS C 389 -30.44 -7.60 -97.98
C CYS C 389 -31.67 -6.68 -98.14
N LEU C 390 -31.86 -5.76 -97.21
CA LEU C 390 -32.97 -4.80 -97.26
C LEU C 390 -32.88 -3.88 -98.49
N GLU C 391 -31.68 -3.57 -98.97
CA GLU C 391 -31.49 -2.80 -100.21
C GLU C 391 -31.83 -3.64 -101.44
N LYS C 392 -31.38 -4.91 -101.46
CA LYS C 392 -31.60 -5.85 -102.57
C LYS C 392 -33.04 -6.34 -102.74
N GLU C 393 -33.92 -6.07 -101.78
CA GLU C 393 -35.29 -6.60 -101.74
C GLU C 393 -35.33 -8.14 -101.76
N VAL C 394 -34.47 -8.76 -100.94
CA VAL C 394 -34.04 -10.16 -101.08
C VAL C 394 -34.27 -10.98 -99.81
N ALA C 395 -34.59 -12.26 -99.99
CA ALA C 395 -34.29 -13.27 -98.97
C ALA C 395 -33.13 -14.23 -99.19
N ALA C 396 -32.50 -14.63 -98.10
CA ALA C 396 -31.62 -15.79 -98.09
C ALA C 396 -32.47 -17.06 -97.91
N LEU C 397 -32.14 -18.13 -98.59
CA LEU C 397 -32.75 -19.45 -98.40
C LEU C 397 -31.74 -20.34 -97.69
N CYS C 398 -32.17 -21.16 -96.74
CA CYS C 398 -31.29 -22.02 -95.94
C CYS C 398 -31.92 -23.38 -95.70
N ARG C 399 -31.09 -24.37 -95.37
CA ARG C 399 -31.54 -25.62 -94.76
C ARG C 399 -31.21 -25.68 -93.29
N TYR C 400 -32.20 -26.04 -92.50
CA TYR C 400 -32.29 -25.81 -91.07
C TYR C 400 -32.47 -27.11 -90.31
N THR C 401 -31.57 -27.43 -89.39
CA THR C 401 -31.73 -28.50 -88.42
C THR C 401 -31.60 -27.96 -87.00
N PRO C 402 -32.64 -27.99 -86.17
CA PRO C 402 -32.59 -27.47 -84.81
C PRO C 402 -31.82 -28.35 -83.80
N ARG C 403 -31.56 -29.61 -84.15
CA ARG C 403 -30.95 -30.64 -83.29
C ARG C 403 -30.19 -31.64 -84.15
N ARG C 404 -29.31 -32.43 -83.54
CA ARG C 404 -28.93 -33.74 -84.10
C ARG C 404 -30.16 -34.67 -84.17
N ASN C 405 -30.20 -35.58 -85.13
CA ASN C 405 -31.32 -36.50 -85.38
C ASN C 405 -32.67 -35.81 -85.61
N ILE C 406 -32.66 -34.76 -86.43
CA ILE C 406 -33.85 -34.16 -87.03
C ILE C 406 -33.55 -33.94 -88.52
N PRO C 407 -34.49 -34.23 -89.44
CA PRO C 407 -34.34 -33.85 -90.84
C PRO C 407 -34.24 -32.35 -91.06
N PRO C 408 -33.52 -31.90 -92.09
CA PRO C 408 -33.55 -30.52 -92.51
C PRO C 408 -34.92 -30.14 -93.05
N TYR C 409 -35.45 -29.02 -92.56
CA TYR C 409 -36.44 -28.24 -93.30
C TYR C 409 -35.76 -27.12 -94.09
N PHE C 410 -36.51 -26.49 -94.98
CA PHE C 410 -36.05 -25.33 -95.72
C PHE C 410 -36.74 -24.07 -95.27
N VAL C 411 -35.95 -23.02 -95.10
CA VAL C 411 -36.38 -21.83 -94.42
C VAL C 411 -35.87 -20.61 -95.15
N ALA C 412 -36.74 -19.63 -95.37
CA ALA C 412 -36.36 -18.34 -95.90
C ALA C 412 -36.06 -17.38 -94.74
N LEU C 413 -34.87 -16.81 -94.74
CA LEU C 413 -34.45 -15.74 -93.87
C LEU C 413 -34.84 -14.39 -94.48
N VAL C 414 -36.01 -13.89 -94.08
CA VAL C 414 -36.49 -12.54 -94.45
C VAL C 414 -35.87 -11.49 -93.52
N PRO C 415 -35.32 -10.36 -93.99
CA PRO C 415 -34.58 -9.43 -93.15
C PRO C 415 -35.51 -8.42 -92.46
N GLN C 416 -35.18 -7.95 -91.27
CA GLN C 416 -36.01 -7.07 -90.46
C GLN C 416 -35.52 -5.75 -89.78
N GLU C 417 -36.43 -4.80 -89.69
CA GLU C 417 -36.18 -3.37 -89.46
C GLU C 417 -37.12 -2.75 -88.40
N GLU C 418 -36.61 -1.95 -87.48
CA GLU C 418 -37.29 -1.64 -86.22
C GLU C 418 -38.07 -0.32 -86.19
N GLU C 419 -39.35 -0.37 -85.80
CA GLU C 419 -40.19 0.82 -85.62
C GLU C 419 -40.12 1.37 -84.17
N LEU C 420 -39.02 2.07 -83.88
CA LEU C 420 -38.77 2.77 -82.61
C LEU C 420 -39.55 4.09 -82.45
N ASP C 421 -40.33 4.48 -83.45
CA ASP C 421 -40.98 5.79 -83.55
C ASP C 421 -41.93 6.11 -82.38
N ASP C 422 -42.46 5.07 -81.74
CA ASP C 422 -43.28 5.13 -80.53
C ASP C 422 -42.43 5.35 -79.27
N GLN C 423 -41.61 6.41 -79.27
CA GLN C 423 -40.73 6.80 -78.17
C GLN C 423 -39.83 5.65 -77.68
N LYS C 424 -39.25 4.91 -78.63
CA LYS C 424 -38.38 3.73 -78.42
C LYS C 424 -39.06 2.53 -77.73
N ILE C 425 -40.39 2.47 -77.69
CA ILE C 425 -41.10 1.20 -77.52
C ILE C 425 -40.89 0.37 -78.78
N GLN C 426 -39.95 -0.56 -78.75
CA GLN C 426 -39.58 -1.36 -79.92
C GLN C 426 -40.66 -2.41 -80.21
N VAL C 427 -41.67 -2.06 -81.01
CA VAL C 427 -42.72 -2.99 -81.43
C VAL C 427 -42.15 -4.16 -82.25
N THR C 428 -40.98 -3.97 -82.88
CA THR C 428 -40.35 -4.91 -83.81
C THR C 428 -38.82 -4.92 -83.64
N PRO C 429 -38.18 -6.00 -83.18
CA PRO C 429 -36.73 -6.08 -83.11
C PRO C 429 -36.11 -6.32 -84.49
N PRO C 430 -34.90 -5.78 -84.78
CA PRO C 430 -34.22 -5.97 -86.05
C PRO C 430 -33.35 -7.21 -86.07
N GLY C 431 -33.35 -7.95 -87.18
CA GLY C 431 -32.71 -9.27 -87.29
C GLY C 431 -33.22 -10.00 -88.52
N PHE C 432 -33.47 -11.31 -88.45
CA PHE C 432 -34.17 -12.03 -89.52
C PHE C 432 -35.35 -12.80 -88.96
N GLN C 433 -36.38 -13.01 -89.77
CA GLN C 433 -37.39 -14.02 -89.52
C GLN C 433 -36.99 -15.32 -90.22
N LEU C 434 -37.00 -16.44 -89.50
CA LEU C 434 -37.13 -17.74 -90.13
C LEU C 434 -38.59 -17.94 -90.54
N VAL C 435 -38.89 -17.91 -91.83
CA VAL C 435 -40.20 -18.34 -92.34
C VAL C 435 -40.01 -19.68 -93.05
N PHE C 436 -40.74 -20.69 -92.61
CA PHE C 436 -40.60 -22.06 -93.09
C PHE C 436 -41.37 -22.25 -94.41
N LEU C 437 -40.92 -23.18 -95.26
CA LEU C 437 -41.54 -23.45 -96.57
C LEU C 437 -42.02 -24.91 -96.65
N PRO C 438 -43.19 -25.18 -97.22
CA PRO C 438 -43.68 -26.56 -97.36
C PRO C 438 -42.84 -27.34 -98.36
N PHE C 439 -42.97 -28.65 -98.35
CA PHE C 439 -42.54 -29.57 -99.41
C PHE C 439 -43.76 -30.19 -100.08
N ALA C 440 -43.56 -30.97 -101.15
CA ALA C 440 -44.64 -31.50 -101.97
C ALA C 440 -45.71 -32.20 -101.15
N ASP C 441 -45.31 -33.11 -100.26
CA ASP C 441 -46.20 -33.90 -99.41
C ASP C 441 -47.15 -33.07 -98.54
N ASP C 442 -46.79 -31.83 -98.23
CA ASP C 442 -47.53 -31.00 -97.29
C ASP C 442 -48.73 -30.33 -97.96
N LYS C 443 -48.60 -29.99 -99.24
CA LYS C 443 -49.60 -29.25 -100.02
C LYS C 443 -50.67 -30.21 -100.54
N ARG C 444 -51.67 -30.48 -99.71
CA ARG C 444 -52.70 -31.49 -99.95
C ARG C 444 -53.62 -31.10 -101.10
N LYS C 445 -54.01 -32.09 -101.91
CA LYS C 445 -54.94 -31.92 -103.04
C LYS C 445 -56.29 -31.43 -102.54
N MET C 446 -56.93 -30.52 -103.29
CA MET C 446 -58.21 -29.91 -102.93
C MET C 446 -59.16 -29.94 -104.16
N PRO C 447 -60.47 -30.23 -104.00
CA PRO C 447 -61.33 -30.65 -105.12
C PRO C 447 -61.48 -29.66 -106.28
N PHE C 448 -62.00 -30.16 -107.40
CA PHE C 448 -62.31 -29.31 -108.55
C PHE C 448 -63.49 -28.36 -108.27
N THR C 449 -63.42 -27.17 -108.84
CA THR C 449 -64.41 -26.10 -108.83
C THR C 449 -64.01 -25.07 -109.89
N GLU C 450 -64.96 -24.51 -110.61
CA GLU C 450 -64.73 -23.32 -111.45
C GLU C 450 -65.97 -22.42 -111.49
N LYS C 451 -65.73 -21.10 -111.45
CA LYS C 451 -66.70 -20.00 -111.46
C LYS C 451 -65.94 -18.68 -111.50
N ILE C 452 -66.49 -17.67 -112.19
CA ILE C 452 -66.19 -16.24 -112.01
C ILE C 452 -67.54 -15.53 -112.12
N MET C 453 -68.24 -15.35 -111.01
CA MET C 453 -69.71 -15.27 -111.02
C MET C 453 -70.29 -13.86 -110.80
N ALA C 454 -69.77 -13.08 -109.85
CA ALA C 454 -70.32 -11.78 -109.50
C ALA C 454 -70.31 -10.73 -110.63
N THR C 455 -71.31 -9.86 -110.65
CA THR C 455 -71.34 -8.61 -111.46
C THR C 455 -70.78 -7.41 -110.68
N PRO C 456 -70.43 -6.30 -111.35
CA PRO C 456 -69.96 -5.08 -110.68
C PRO C 456 -70.92 -4.49 -109.64
N GLU C 457 -72.23 -4.71 -109.74
CA GLU C 457 -73.15 -4.26 -108.69
C GLU C 457 -73.07 -5.12 -107.43
N GLN C 458 -72.79 -6.41 -107.60
CA GLN C 458 -72.72 -7.38 -106.52
C GLN C 458 -71.41 -7.21 -105.72
N VAL C 459 -70.31 -6.90 -106.40
CA VAL C 459 -69.12 -6.33 -105.75
C VAL C 459 -69.42 -4.93 -105.19
N GLY C 460 -70.11 -4.07 -105.93
CA GLY C 460 -70.36 -2.67 -105.55
C GLY C 460 -71.12 -2.50 -104.23
N LYS C 461 -72.18 -3.29 -104.00
CA LYS C 461 -72.85 -3.31 -102.70
C LYS C 461 -71.94 -3.87 -101.61
N MET C 462 -71.11 -4.87 -101.91
CA MET C 462 -70.21 -5.47 -100.91
C MET C 462 -69.15 -4.47 -100.44
N LYS C 463 -68.59 -3.71 -101.39
CA LYS C 463 -67.63 -2.63 -101.14
C LYS C 463 -68.18 -1.57 -100.18
N ALA C 464 -69.49 -1.45 -100.04
CA ALA C 464 -70.09 -0.62 -99.01
C ALA C 464 -70.06 -1.30 -97.62
N ILE C 465 -70.64 -2.50 -97.49
CA ILE C 465 -70.74 -3.19 -96.19
C ILE C 465 -69.34 -3.36 -95.58
N VAL C 466 -68.37 -3.78 -96.38
CA VAL C 466 -66.98 -3.93 -95.95
C VAL C 466 -66.43 -2.62 -95.40
N GLU C 467 -66.68 -1.49 -96.05
CA GLU C 467 -66.16 -0.21 -95.57
C GLU C 467 -66.93 0.33 -94.35
N LYS C 468 -68.17 -0.11 -94.13
CA LYS C 468 -68.92 0.14 -92.89
C LYS C 468 -68.41 -0.66 -91.70
N LEU C 469 -67.82 -1.83 -91.93
CA LEU C 469 -67.35 -2.76 -90.88
C LEU C 469 -65.86 -2.64 -90.57
N ARG C 470 -65.20 -1.60 -91.10
CA ARG C 470 -63.79 -1.32 -90.90
C ARG C 470 -63.50 -0.93 -89.46
N PHE C 471 -62.55 -1.61 -88.83
CA PHE C 471 -61.97 -1.22 -87.53
C PHE C 471 -60.44 -1.27 -87.59
N THR C 472 -59.76 -1.31 -86.45
CA THR C 472 -58.33 -1.65 -86.38
C THR C 472 -58.06 -2.82 -85.46
N TYR C 473 -57.62 -3.94 -86.06
CA TYR C 473 -57.00 -5.03 -85.33
C TYR C 473 -55.63 -4.61 -84.79
N ARG C 474 -55.32 -5.00 -83.56
CA ARG C 474 -53.97 -5.02 -83.02
C ARG C 474 -53.74 -6.40 -82.42
N SER C 475 -52.50 -6.88 -82.50
CA SER C 475 -52.15 -8.26 -82.16
C SER C 475 -52.64 -8.64 -80.77
N ASP C 476 -52.48 -7.76 -79.78
CA ASP C 476 -52.87 -7.97 -78.40
C ASP C 476 -54.35 -7.70 -78.10
N SER C 477 -55.21 -7.40 -79.08
CA SER C 477 -56.59 -7.00 -78.82
C SER C 477 -57.53 -8.15 -78.39
N PHE C 478 -57.11 -9.40 -78.38
CA PHE C 478 -57.95 -10.56 -78.00
C PHE C 478 -57.26 -11.45 -76.95
N GLU C 479 -58.05 -12.28 -76.27
CA GLU C 479 -57.56 -13.19 -75.23
C GLU C 479 -58.25 -14.55 -75.32
N ASN C 480 -57.58 -15.63 -74.91
CA ASN C 480 -58.11 -16.97 -75.07
C ASN C 480 -59.31 -17.21 -74.16
N PRO C 481 -60.51 -17.51 -74.67
CA PRO C 481 -61.67 -17.67 -73.82
C PRO C 481 -61.51 -18.82 -72.82
N VAL C 482 -60.94 -19.95 -73.26
CA VAL C 482 -60.73 -21.13 -72.42
C VAL C 482 -59.70 -20.84 -71.35
N LEU C 483 -58.48 -20.49 -71.75
CA LEU C 483 -57.39 -20.35 -70.80
C LEU C 483 -57.65 -19.22 -69.79
N GLN C 484 -58.31 -18.12 -70.18
CA GLN C 484 -58.73 -17.12 -69.20
C GLN C 484 -59.80 -17.66 -68.26
N GLN C 485 -60.80 -18.38 -68.76
CA GLN C 485 -61.84 -18.96 -67.91
C GLN C 485 -61.26 -19.97 -66.92
N HIS C 486 -60.32 -20.78 -67.40
CA HIS C 486 -59.68 -21.84 -66.63
C HIS C 486 -59.06 -21.28 -65.35
N PHE C 487 -58.32 -20.18 -65.41
CA PHE C 487 -57.73 -19.59 -64.22
C PHE C 487 -58.79 -19.15 -63.20
N ARG C 488 -59.92 -18.61 -63.65
CA ARG C 488 -60.99 -18.15 -62.75
C ARG C 488 -61.65 -19.33 -62.04
N ASN C 489 -61.89 -20.41 -62.74
CA ASN C 489 -62.34 -21.65 -62.12
C ASN C 489 -61.31 -22.13 -61.08
N LEU C 490 -60.05 -22.15 -61.46
CA LEU C 490 -58.96 -22.59 -60.61
C LEU C 490 -58.84 -21.75 -59.33
N GLU C 491 -59.03 -20.43 -59.40
CA GLU C 491 -59.05 -19.60 -58.19
C GLU C 491 -60.21 -19.89 -57.26
N ALA C 492 -61.42 -20.05 -57.81
CA ALA C 492 -62.57 -20.37 -57.01
C ALA C 492 -62.30 -21.62 -56.16
N LEU C 493 -61.80 -22.68 -56.80
CA LEU C 493 -61.39 -23.89 -56.13
C LEU C 493 -60.24 -23.64 -55.14
N ALA C 494 -59.27 -22.81 -55.48
CA ALA C 494 -58.08 -22.63 -54.66
C ALA C 494 -58.37 -21.91 -53.35
N LEU C 495 -59.04 -20.75 -53.40
CA LEU C 495 -59.30 -19.95 -52.20
C LEU C 495 -60.53 -20.42 -51.41
N ASP C 496 -61.32 -21.37 -51.93
CA ASP C 496 -62.72 -21.56 -51.52
C ASP C 496 -63.48 -20.23 -51.60
N LEU C 497 -63.49 -19.61 -52.78
CA LEU C 497 -64.36 -18.46 -53.03
C LEU C 497 -65.83 -18.86 -52.98
N MET C 498 -66.71 -17.87 -53.01
CA MET C 498 -68.13 -18.10 -53.21
C MET C 498 -68.45 -18.54 -54.64
N GLU C 499 -67.87 -17.91 -55.66
CA GLU C 499 -68.29 -18.09 -57.06
C GLU C 499 -67.12 -18.12 -58.06
N PRO C 500 -67.21 -18.88 -59.17
CA PRO C 500 -66.37 -18.64 -60.34
C PRO C 500 -66.71 -17.27 -60.95
N GLU C 501 -65.68 -16.46 -61.24
CA GLU C 501 -65.88 -15.08 -61.70
C GLU C 501 -66.54 -14.99 -63.09
N GLN C 502 -66.45 -16.04 -63.91
CA GLN C 502 -67.27 -16.18 -65.13
C GLN C 502 -67.09 -15.07 -66.19
N ALA C 503 -66.00 -14.30 -66.14
CA ALA C 503 -65.77 -13.14 -67.01
C ALA C 503 -65.89 -13.47 -68.50
N VAL C 504 -66.90 -12.89 -69.14
CA VAL C 504 -67.34 -13.24 -70.49
C VAL C 504 -66.32 -12.83 -71.54
N ASP C 505 -66.13 -13.70 -72.53
CA ASP C 505 -65.09 -13.58 -73.55
C ASP C 505 -65.34 -12.49 -74.59
N LEU C 506 -64.28 -12.19 -75.34
CA LEU C 506 -64.21 -11.07 -76.27
C LEU C 506 -64.09 -11.55 -77.73
N THR C 507 -64.32 -12.84 -77.98
CA THR C 507 -64.28 -13.44 -79.31
C THR C 507 -65.66 -13.53 -79.94
N LEU C 508 -66.74 -13.69 -79.18
CA LEU C 508 -68.09 -13.62 -79.74
C LEU C 508 -68.29 -12.26 -80.44
N PRO C 509 -68.85 -12.21 -81.65
CA PRO C 509 -69.29 -10.94 -82.23
C PRO C 509 -70.43 -10.38 -81.36
N LYS C 510 -70.35 -9.09 -81.04
CA LYS C 510 -71.36 -8.35 -80.27
C LYS C 510 -72.57 -8.03 -81.15
N VAL C 511 -73.36 -9.04 -81.53
CA VAL C 511 -74.22 -9.00 -82.73
C VAL C 511 -75.18 -7.81 -82.83
N GLU C 512 -75.67 -7.22 -81.74
CA GLU C 512 -76.49 -6.02 -81.84
C GLU C 512 -75.73 -4.82 -82.43
N ALA C 513 -74.43 -4.67 -82.15
CA ALA C 513 -73.63 -3.64 -82.81
C ALA C 513 -73.47 -3.95 -84.31
N MET C 514 -73.26 -5.22 -84.67
CA MET C 514 -73.23 -5.65 -86.07
C MET C 514 -74.60 -5.46 -86.74
N ASN C 515 -75.70 -5.57 -86.01
CA ASN C 515 -77.01 -5.20 -86.56
C ASN C 515 -77.04 -3.70 -86.92
N LYS C 516 -76.61 -2.84 -85.98
CA LYS C 516 -76.82 -1.39 -86.07
C LYS C 516 -75.80 -0.64 -86.93
N ARG C 517 -74.48 -0.84 -86.72
CA ARG C 517 -73.41 -0.19 -87.50
C ARG C 517 -73.54 -0.54 -88.96
N LEU C 518 -73.62 -1.84 -89.25
CA LEU C 518 -73.89 -2.30 -90.61
C LEU C 518 -75.25 -1.75 -91.11
N GLY C 519 -76.27 -1.83 -90.26
CA GLY C 519 -77.65 -1.57 -90.65
C GLY C 519 -78.29 -2.72 -91.44
N SER C 520 -79.38 -2.44 -92.14
CA SER C 520 -80.26 -3.40 -92.81
C SER C 520 -79.71 -4.04 -94.10
N LEU C 521 -78.47 -3.75 -94.49
CA LEU C 521 -77.95 -4.03 -95.83
C LEU C 521 -77.74 -5.52 -96.19
N VAL C 522 -77.98 -6.45 -95.27
CA VAL C 522 -78.13 -7.89 -95.59
C VAL C 522 -79.21 -8.12 -96.64
N ASP C 523 -80.24 -7.27 -96.69
CA ASP C 523 -81.28 -7.36 -97.70
C ASP C 523 -80.75 -7.14 -99.13
N GLU C 524 -79.62 -6.46 -99.32
CA GLU C 524 -79.06 -6.26 -100.66
C GLU C 524 -78.58 -7.58 -101.26
N PHE C 525 -78.01 -8.47 -100.45
CA PHE C 525 -77.75 -9.85 -100.85
C PHE C 525 -79.08 -10.61 -101.08
N LYS C 526 -80.02 -10.52 -100.15
CA LYS C 526 -81.29 -11.25 -100.21
C LYS C 526 -82.18 -10.86 -101.39
N GLU C 527 -82.08 -9.62 -101.87
CA GLU C 527 -82.82 -9.11 -103.02
C GLU C 527 -82.01 -9.18 -104.32
N LEU C 528 -80.79 -8.64 -104.35
CA LEU C 528 -80.07 -8.37 -105.59
C LEU C 528 -79.26 -9.56 -106.11
N VAL C 529 -79.09 -10.60 -105.28
CA VAL C 529 -78.05 -11.62 -105.48
C VAL C 529 -78.60 -13.05 -105.49
N TYR C 530 -79.69 -13.37 -104.79
CA TYR C 530 -80.26 -14.73 -104.81
C TYR C 530 -81.80 -14.77 -104.61
N PRO C 531 -82.50 -15.87 -104.97
CA PRO C 531 -83.95 -15.98 -104.86
C PRO C 531 -84.46 -16.09 -103.40
N PRO C 532 -85.78 -15.92 -103.15
CA PRO C 532 -86.36 -15.88 -101.80
C PRO C 532 -86.60 -17.25 -101.15
N ASP C 533 -86.13 -18.36 -101.74
CA ASP C 533 -86.46 -19.74 -101.29
C ASP C 533 -85.77 -20.17 -99.97
N TYR C 534 -84.78 -19.43 -99.48
CA TYR C 534 -84.14 -19.62 -98.17
C TYR C 534 -83.98 -18.27 -97.44
N ASN D 6 -1.16 117.51 57.03
CA ASN D 6 -1.17 117.89 58.44
C ASN D 6 -0.02 117.24 59.21
N LYS D 7 0.49 117.94 60.22
CA LYS D 7 1.31 117.36 61.31
C LYS D 7 0.72 117.86 62.62
N ALA D 8 0.07 116.97 63.38
CA ALA D 8 -0.62 117.38 64.59
C ALA D 8 0.07 117.43 65.97
N ALA D 9 -0.49 118.28 66.84
CA ALA D 9 -0.23 118.25 68.28
C ALA D 9 -1.41 117.62 69.02
N VAL D 10 -1.09 116.73 69.96
CA VAL D 10 -2.01 116.09 70.90
C VAL D 10 -1.45 116.28 72.30
N VAL D 11 -2.29 116.64 73.27
CA VAL D 11 -1.87 116.74 74.67
C VAL D 11 -2.92 116.11 75.58
N LEU D 12 -2.64 114.87 76.00
CA LEU D 12 -3.46 114.22 77.00
C LEU D 12 -3.22 114.86 78.37
N CYS D 13 -4.26 115.47 78.93
CA CYS D 13 -4.25 116.19 80.19
C CYS D 13 -5.14 115.43 81.17
N MET D 14 -4.53 114.56 81.97
CA MET D 14 -5.23 113.49 82.71
C MET D 14 -5.26 113.76 84.23
N ASP D 15 -6.47 113.81 84.77
CA ASP D 15 -6.71 113.88 86.21
C ASP D 15 -6.42 112.53 86.89
N VAL D 16 -5.46 112.55 87.81
CA VAL D 16 -5.00 111.43 88.63
C VAL D 16 -5.18 111.73 90.12
N GLY D 17 -6.06 112.66 90.52
CA GLY D 17 -6.40 112.83 91.94
C GLY D 17 -7.00 111.55 92.57
N PHE D 18 -7.16 111.57 93.89
CA PHE D 18 -7.73 110.47 94.66
C PHE D 18 -9.15 110.08 94.24
N THR D 19 -10.08 111.04 94.15
CA THR D 19 -11.54 110.80 94.08
C THR D 19 -11.99 109.93 92.91
N MET D 20 -11.39 110.09 91.72
CA MET D 20 -11.76 109.30 90.55
C MET D 20 -11.48 107.79 90.71
N SER D 21 -10.79 107.37 91.77
CA SER D 21 -10.67 105.97 92.17
C SER D 21 -12.00 105.36 92.67
N ASN D 22 -12.98 106.19 93.05
CA ASN D 22 -14.21 105.81 93.72
C ASN D 22 -15.43 106.03 92.81
N SER D 23 -16.37 105.09 92.80
CA SER D 23 -17.47 105.08 91.82
C SER D 23 -18.91 104.58 92.08
N ILE D 24 -19.80 104.89 91.13
CA ILE D 24 -21.04 104.12 90.93
C ILE D 24 -20.63 102.65 90.70
N PRO D 25 -21.07 101.67 91.51
CA PRO D 25 -20.51 100.31 91.49
C PRO D 25 -20.76 99.47 90.22
N GLY D 26 -21.67 99.90 89.34
CA GLY D 26 -21.98 99.25 88.06
C GLY D 26 -20.96 99.46 86.94
N ILE D 27 -19.90 100.23 87.17
CA ILE D 27 -18.81 100.53 86.21
C ILE D 27 -17.43 100.44 86.87
N GLU D 28 -16.40 100.38 86.03
CA GLU D 28 -15.03 100.70 86.44
C GLU D 28 -14.94 102.16 86.93
N SER D 29 -14.03 102.43 87.85
CA SER D 29 -13.72 103.74 88.40
C SER D 29 -13.45 104.79 87.30
N PRO D 30 -13.88 106.06 87.47
CA PRO D 30 -13.53 107.15 86.56
C PRO D 30 -12.02 107.28 86.26
N PHE D 31 -11.14 106.94 87.21
CA PHE D 31 -9.70 106.89 87.01
C PHE D 31 -9.34 105.86 85.94
N GLU D 32 -9.70 104.59 86.16
CA GLU D 32 -9.33 103.51 85.26
C GLU D 32 -10.12 103.58 83.94
N GLN D 33 -11.36 104.07 83.93
CA GLN D 33 -12.10 104.40 82.70
C GLN D 33 -11.28 105.34 81.82
N ALA D 34 -10.83 106.48 82.35
CA ALA D 34 -10.01 107.41 81.59
C ALA D 34 -8.70 106.77 81.13
N LYS D 35 -8.01 106.04 82.02
CA LYS D 35 -6.78 105.27 81.70
C LYS D 35 -7.02 104.30 80.55
N LYS D 36 -8.14 103.59 80.53
CA LYS D 36 -8.52 102.70 79.43
C LYS D 36 -8.80 103.48 78.15
N VAL D 37 -9.53 104.61 78.19
CA VAL D 37 -9.76 105.43 76.99
C VAL D 37 -8.42 105.82 76.37
N ILE D 38 -7.51 106.39 77.16
CA ILE D 38 -6.22 106.83 76.62
C ILE D 38 -5.35 105.65 76.17
N THR D 39 -5.49 104.46 76.76
CA THR D 39 -4.88 103.23 76.23
C THR D 39 -5.43 102.90 74.84
N MET D 40 -6.76 102.84 74.69
CA MET D 40 -7.48 102.53 73.44
C MET D 40 -7.21 103.59 72.35
N PHE D 41 -6.85 104.79 72.76
CA PHE D 41 -6.34 105.82 71.87
C PHE D 41 -4.87 105.59 71.49
N VAL D 42 -3.94 105.51 72.44
CA VAL D 42 -2.49 105.51 72.16
C VAL D 42 -2.10 104.46 71.12
N GLN D 43 -2.67 103.26 71.22
CA GLN D 43 -2.53 102.16 70.25
C GLN D 43 -2.68 102.57 68.78
N ARG D 44 -3.58 103.51 68.50
CA ARG D 44 -4.00 103.93 67.16
C ARG D 44 -2.83 104.52 66.38
N GLN D 45 -2.29 105.64 66.85
CA GLN D 45 -1.11 106.27 66.27
C GLN D 45 0.19 105.57 66.66
N VAL D 46 0.20 104.68 67.67
CA VAL D 46 1.33 103.76 67.86
C VAL D 46 1.56 102.90 66.60
N PHE D 47 0.50 102.50 65.89
CA PHE D 47 0.62 101.82 64.59
C PHE D 47 0.54 102.75 63.39
N ALA D 48 -0.46 103.62 63.29
CA ALA D 48 -0.68 104.45 62.10
C ALA D 48 0.47 105.44 61.83
N GLU D 49 0.99 105.48 60.61
CA GLU D 49 2.17 106.26 60.20
C GLU D 49 1.86 107.76 59.97
N ASN D 50 1.02 108.35 60.81
CA ASN D 50 0.80 109.81 60.87
C ASN D 50 1.98 110.53 61.54
N LYS D 51 2.11 111.83 61.26
CA LYS D 51 3.27 112.65 61.66
C LYS D 51 2.99 113.41 62.96
N ASP D 52 2.17 112.84 63.84
CA ASP D 52 1.53 113.56 64.94
C ASP D 52 2.26 113.36 66.26
N GLU D 53 2.64 114.47 66.88
CA GLU D 53 3.29 114.52 68.18
C GLU D 53 2.26 114.37 69.32
N ILE D 54 2.58 113.59 70.35
CA ILE D 54 1.79 113.45 71.57
C ILE D 54 2.58 113.91 72.80
N ALA D 55 1.91 114.55 73.75
CA ALA D 55 2.40 114.82 75.10
C ALA D 55 1.44 114.23 76.17
N LEU D 56 1.98 113.91 77.35
CA LEU D 56 1.22 113.54 78.55
C LEU D 56 1.42 114.57 79.65
N VAL D 57 0.34 115.04 80.24
CA VAL D 57 0.30 115.82 81.48
C VAL D 57 -0.61 115.12 82.48
N LEU D 58 -0.14 114.94 83.71
CA LEU D 58 -0.87 114.38 84.84
C LEU D 58 -1.17 115.50 85.84
N PHE D 59 -2.37 115.56 86.41
CA PHE D 59 -2.70 116.52 87.47
C PHE D 59 -3.52 115.90 88.57
N GLY D 60 -3.45 116.45 89.79
CA GLY D 60 -3.75 115.68 91.01
C GLY D 60 -2.58 114.81 91.46
N THR D 61 -1.38 115.09 90.96
CA THR D 61 -0.14 114.39 91.31
C THR D 61 0.35 114.80 92.69
N ASP D 62 0.83 113.87 93.51
CA ASP D 62 1.31 114.22 94.87
C ASP D 62 2.65 114.99 94.86
N GLY D 63 3.44 114.85 93.79
CA GLY D 63 4.57 115.73 93.45
C GLY D 63 4.21 116.78 92.41
N THR D 64 5.20 117.47 91.85
CA THR D 64 5.02 118.34 90.67
C THR D 64 6.27 118.48 89.84
N ASP D 65 6.10 118.51 88.52
CA ASP D 65 7.15 118.68 87.52
C ASP D 65 6.58 119.47 86.34
N ASN D 66 6.96 120.73 86.18
CA ASN D 66 6.53 121.58 85.07
C ASN D 66 7.53 122.74 84.82
N PRO D 67 7.52 123.38 83.63
CA PRO D 67 8.38 124.53 83.36
C PRO D 67 7.98 125.84 84.09
N LEU D 68 6.85 125.81 84.81
CA LEU D 68 6.09 126.99 85.24
C LEU D 68 5.73 126.95 86.75
N SER D 69 6.45 126.17 87.55
CA SER D 69 6.08 125.75 88.91
C SER D 69 5.61 126.88 89.83
N GLY D 70 4.58 126.59 90.63
CA GLY D 70 4.01 127.50 91.63
C GLY D 70 3.61 126.81 92.93
N GLY D 71 3.16 127.59 93.92
CA GLY D 71 2.82 127.11 95.26
C GLY D 71 1.40 126.55 95.41
N ASP D 72 0.42 127.17 94.74
CA ASP D 72 -1.00 126.79 94.76
C ASP D 72 -1.53 126.49 93.34
N GLN D 73 -1.43 127.48 92.43
CA GLN D 73 -1.47 127.24 90.99
C GLN D 73 -0.14 126.68 90.50
N TYR D 74 -0.13 126.13 89.29
CA TYR D 74 0.98 125.43 88.68
C TYR D 74 1.56 124.32 89.58
N GLN D 75 0.68 123.59 90.28
CA GLN D 75 1.04 122.66 91.36
C GLN D 75 0.11 121.45 91.42
N ASN D 76 0.60 120.34 91.97
CA ASN D 76 0.03 119.00 91.81
C ASN D 76 -0.18 118.62 90.33
N ILE D 77 0.82 118.98 89.51
CA ILE D 77 0.90 118.74 88.07
C ILE D 77 2.27 118.15 87.73
N THR D 78 2.30 117.10 86.90
CA THR D 78 3.51 116.57 86.26
C THR D 78 3.34 116.56 84.73
N VAL D 79 4.21 117.27 84.01
CA VAL D 79 4.36 117.20 82.54
C VAL D 79 5.16 115.95 82.19
N HIS D 80 4.48 114.81 82.34
CA HIS D 80 5.06 113.46 82.38
C HIS D 80 5.78 113.04 81.09
N ARG D 81 5.33 113.53 79.92
CA ARG D 81 5.95 113.20 78.63
C ARG D 81 5.80 114.37 77.65
N HIS D 82 6.91 114.82 77.07
CA HIS D 82 6.98 115.95 76.11
C HIS D 82 6.34 115.65 74.74
N LEU D 83 6.10 116.67 73.93
CA LEU D 83 5.34 116.60 72.67
C LEU D 83 6.15 116.03 71.48
N MET D 84 6.14 114.70 71.32
CA MET D 84 6.83 113.97 70.23
C MET D 84 5.99 112.77 69.75
N LEU D 85 6.33 112.18 68.59
CA LEU D 85 5.69 110.99 68.04
C LEU D 85 5.56 109.87 69.11
N PRO D 86 4.45 109.12 69.15
CA PRO D 86 4.20 108.06 70.13
C PRO D 86 5.18 106.88 70.02
N ASP D 87 5.24 106.05 71.07
CA ASP D 87 6.09 104.86 71.12
C ASP D 87 5.60 103.81 72.15
N PHE D 88 6.07 102.57 72.03
CA PHE D 88 5.59 101.44 72.84
C PHE D 88 5.84 101.63 74.34
N ASP D 89 6.93 102.26 74.74
CA ASP D 89 7.22 102.55 76.14
C ASP D 89 6.21 103.52 76.75
N LEU D 90 5.72 104.51 75.98
CA LEU D 90 4.64 105.37 76.44
C LEU D 90 3.40 104.51 76.70
N LEU D 91 3.06 103.62 75.75
CA LEU D 91 1.91 102.74 75.88
C LEU D 91 2.05 101.81 77.09
N GLU D 92 3.23 101.25 77.37
CA GLU D 92 3.47 100.47 78.59
C GLU D 92 3.31 101.30 79.86
N ASP D 93 3.82 102.52 79.88
CA ASP D 93 3.72 103.42 81.03
C ASP D 93 2.27 103.81 81.31
N ILE D 94 1.50 104.11 80.27
CA ILE D 94 0.05 104.33 80.34
C ILE D 94 -0.66 103.07 80.86
N GLU D 95 -0.34 101.90 80.32
CA GLU D 95 -1.06 100.68 80.65
C GLU D 95 -0.74 100.16 82.05
N SER D 96 0.47 100.41 82.57
CA SER D 96 0.96 99.74 83.80
C SER D 96 1.60 100.63 84.86
N LYS D 97 2.17 101.80 84.51
CA LYS D 97 2.93 102.64 85.46
C LYS D 97 2.02 103.60 86.22
N ILE D 98 1.19 104.37 85.53
CA ILE D 98 0.36 105.41 86.16
C ILE D 98 -0.50 105.12 87.42
N GLN D 99 -0.34 105.99 88.43
CA GLN D 99 -0.96 105.87 89.76
C GLN D 99 -1.85 107.08 90.11
N PRO D 100 -2.96 106.89 90.83
CA PRO D 100 -3.65 108.01 91.46
C PRO D 100 -2.80 108.59 92.60
N GLY D 101 -2.73 109.92 92.68
CA GLY D 101 -2.27 110.63 93.86
C GLY D 101 -3.29 110.53 95.00
N SER D 102 -2.84 110.67 96.24
CA SER D 102 -3.70 110.79 97.42
C SER D 102 -4.29 112.20 97.57
N GLN D 103 -3.69 113.19 96.90
CA GLN D 103 -4.10 114.59 96.90
C GLN D 103 -5.15 114.88 95.80
N GLN D 104 -5.43 116.15 95.52
CA GLN D 104 -6.36 116.62 94.48
C GLN D 104 -5.78 117.81 93.69
N ALA D 105 -6.19 117.98 92.43
CA ALA D 105 -5.92 119.20 91.64
C ALA D 105 -6.91 119.77 90.60
N ASP D 106 -6.54 120.88 89.97
CA ASP D 106 -7.39 121.66 89.09
C ASP D 106 -7.09 121.44 87.59
N PHE D 107 -8.12 121.12 86.81
CA PHE D 107 -8.03 121.07 85.35
C PHE D 107 -7.78 122.44 84.69
N LEU D 108 -8.25 123.56 85.24
CA LEU D 108 -7.96 124.90 84.69
C LEU D 108 -6.46 125.18 84.90
N ASP D 109 -5.97 125.00 86.12
CA ASP D 109 -4.58 124.73 86.38
C ASP D 109 -3.70 123.89 85.38
N ALA D 110 -4.02 122.62 85.15
CA ALA D 110 -3.35 121.79 84.17
C ALA D 110 -3.49 122.34 82.74
N LEU D 111 -4.65 122.89 82.36
CA LEU D 111 -4.90 123.46 81.04
C LEU D 111 -3.93 124.59 80.73
N ILE D 112 -3.76 125.56 81.64
CA ILE D 112 -2.85 126.69 81.39
C ILE D 112 -1.41 126.18 81.18
N VAL D 113 -0.94 125.25 82.01
CA VAL D 113 0.40 124.65 81.84
C VAL D 113 0.51 123.94 80.49
N SER D 114 -0.48 123.12 80.14
CA SER D 114 -0.47 122.32 78.91
C SER D 114 -0.50 123.20 77.66
N MET D 115 -1.31 124.25 77.69
CA MET D 115 -1.43 125.23 76.60
C MET D 115 -0.16 126.08 76.45
N ASP D 116 0.50 126.42 77.55
CA ASP D 116 1.82 127.05 77.52
C ASP D 116 2.91 126.11 76.98
N VAL D 117 2.88 124.82 77.32
CA VAL D 117 3.77 123.82 76.70
C VAL D 117 3.53 123.74 75.20
N ILE D 118 2.28 123.77 74.72
CA ILE D 118 2.01 123.84 73.27
C ILE D 118 2.62 125.14 72.68
N GLN D 119 2.47 126.29 73.35
CA GLN D 119 3.11 127.54 72.95
C GLN D 119 4.66 127.49 72.93
N HIS D 120 5.30 126.62 73.72
CA HIS D 120 6.73 126.35 73.61
C HIS D 120 7.04 125.46 72.40
N GLU D 121 6.42 124.29 72.34
CA GLU D 121 6.78 123.22 71.40
C GLU D 121 6.47 123.59 69.93
N THR D 122 5.41 124.36 69.68
CA THR D 122 4.95 124.72 68.32
C THR D 122 5.85 125.71 67.56
N ILE D 123 6.95 126.18 68.17
CA ILE D 123 7.88 127.14 67.55
C ILE D 123 9.06 126.43 66.88
N GLY D 124 9.77 125.57 67.62
CA GLY D 124 11.05 124.97 67.21
C GLY D 124 10.96 123.77 66.25
N LYS D 125 9.75 123.25 66.00
CA LYS D 125 9.46 122.17 65.05
C LYS D 125 8.07 122.35 64.44
N LYS D 126 7.85 121.86 63.23
CA LYS D 126 6.58 122.06 62.51
C LYS D 126 5.27 121.33 62.85
N PHE D 127 4.18 122.05 62.62
CA PHE D 127 2.80 121.65 62.89
C PHE D 127 1.84 122.24 61.85
N GLU D 128 0.64 121.68 61.77
CA GLU D 128 -0.52 122.34 61.18
C GLU D 128 -1.63 122.45 62.23
N LYS D 129 -2.43 121.40 62.44
CA LYS D 129 -3.41 121.36 63.54
C LYS D 129 -3.04 120.90 64.96
N ARG D 130 -3.74 121.43 65.96
CA ARG D 130 -3.41 121.27 67.39
C ARG D 130 -4.63 121.01 68.25
N HIS D 131 -4.45 120.15 69.26
CA HIS D 131 -5.47 119.79 70.25
C HIS D 131 -4.88 119.75 71.67
N ILE D 132 -5.75 119.96 72.66
CA ILE D 132 -5.57 119.68 74.08
C ILE D 132 -6.77 118.84 74.54
N GLU D 133 -6.57 117.86 75.42
CA GLU D 133 -7.56 116.84 75.75
C GLU D 133 -7.64 116.62 77.26
N ILE D 134 -8.73 117.04 77.92
CA ILE D 134 -8.84 116.99 79.39
C ILE D 134 -9.74 115.84 79.86
N PHE D 135 -9.22 114.98 80.73
CA PHE D 135 -9.92 113.83 81.29
C PHE D 135 -10.06 113.99 82.81
N THR D 136 -11.28 113.99 83.38
CA THR D 136 -11.49 114.23 84.83
C THR D 136 -12.84 113.68 85.32
N ASP D 137 -13.00 113.58 86.64
CA ASP D 137 -14.26 113.29 87.34
C ASP D 137 -14.96 114.56 87.87
N LEU D 138 -14.44 115.75 87.59
CA LEU D 138 -14.86 117.06 88.12
C LEU D 138 -14.65 117.24 89.62
N SER D 139 -13.70 116.52 90.22
CA SER D 139 -13.20 116.78 91.57
C SER D 139 -12.27 118.00 91.69
N SER D 140 -11.93 118.68 90.58
CA SER D 140 -11.24 119.96 90.63
C SER D 140 -12.06 121.02 91.36
N ARG D 141 -11.45 121.66 92.36
CA ARG D 141 -11.94 122.88 93.00
C ARG D 141 -11.08 124.06 92.56
N PHE D 142 -11.72 125.15 92.13
CA PHE D 142 -11.01 126.29 91.54
C PHE D 142 -11.76 127.62 91.66
N SER D 143 -11.01 128.72 91.61
CA SER D 143 -11.52 130.04 91.25
C SER D 143 -11.71 130.12 89.73
N LYS D 144 -12.83 130.68 89.25
CA LYS D 144 -13.05 130.94 87.81
C LYS D 144 -12.26 132.18 87.33
N SER D 145 -10.94 132.09 87.42
CA SER D 145 -9.96 133.08 86.94
C SER D 145 -9.75 133.49 85.47
N GLN D 146 -8.65 133.07 84.79
CA GLN D 146 -8.30 133.42 83.40
C GLN D 146 -9.19 133.17 82.16
N LEU D 147 -10.49 132.87 82.33
CA LEU D 147 -11.28 132.16 81.33
C LEU D 147 -11.47 132.91 80.00
N ASP D 148 -11.79 134.20 80.03
CA ASP D 148 -11.91 135.00 78.80
C ASP D 148 -10.59 135.10 78.04
N ILE D 149 -9.47 135.34 78.73
CA ILE D 149 -8.13 135.31 78.16
C ILE D 149 -7.77 133.91 77.65
N ILE D 150 -8.17 132.83 78.31
CA ILE D 150 -7.96 131.47 77.83
C ILE D 150 -8.73 131.23 76.53
N ILE D 151 -10.02 131.58 76.46
CA ILE D 151 -10.83 131.33 75.27
C ILE D 151 -10.34 132.19 74.09
N HIS D 152 -10.01 133.46 74.32
CA HIS D 152 -9.32 134.35 73.37
C HIS D 152 -8.00 133.74 72.91
N SER D 153 -7.16 133.28 73.85
CA SER D 153 -5.88 132.66 73.55
C SER D 153 -6.02 131.32 72.84
N LEU D 154 -7.08 130.53 73.05
CA LEU D 154 -7.31 129.29 72.31
C LEU D 154 -7.57 129.58 70.83
N LYS D 155 -8.19 130.73 70.51
CA LYS D 155 -8.22 131.27 69.14
C LYS D 155 -6.85 131.77 68.68
N LYS D 156 -6.14 132.59 69.47
CA LYS D 156 -4.83 133.17 69.07
C LYS D 156 -3.69 132.16 68.95
N CYS D 157 -3.75 131.05 69.70
CA CYS D 157 -2.86 129.89 69.58
C CYS D 157 -3.37 128.83 68.58
N ASP D 158 -4.63 128.93 68.16
CA ASP D 158 -5.36 128.02 67.26
C ASP D 158 -5.36 126.54 67.71
N ILE D 159 -5.68 126.30 68.99
CA ILE D 159 -5.73 124.96 69.61
C ILE D 159 -7.19 124.66 70.01
N SER D 160 -7.76 123.54 69.58
CA SER D 160 -9.08 123.11 70.08
C SER D 160 -8.96 122.23 71.33
N LEU D 161 -9.95 122.33 72.21
CA LEU D 161 -10.02 121.55 73.45
C LEU D 161 -11.10 120.47 73.31
N GLN D 162 -10.75 119.22 73.58
CA GLN D 162 -11.70 118.12 73.77
C GLN D 162 -11.78 117.78 75.26
N PHE D 163 -13.00 117.57 75.79
CA PHE D 163 -13.21 117.34 77.22
C PHE D 163 -13.92 116.01 77.47
N PHE D 164 -13.43 115.23 78.41
CA PHE D 164 -13.83 113.83 78.63
C PHE D 164 -14.31 113.61 80.07
N LEU D 165 -15.50 113.01 80.24
CA LEU D 165 -16.19 112.92 81.54
C LEU D 165 -16.80 111.54 81.84
N PRO D 166 -17.13 111.20 83.11
CA PRO D 166 -17.60 109.87 83.49
C PRO D 166 -19.12 109.62 83.33
N PHE D 167 -19.92 110.58 82.84
CA PHE D 167 -21.39 110.52 82.86
C PHE D 167 -22.08 111.21 81.67
N SER D 168 -23.34 110.84 81.44
CA SER D 168 -24.10 110.99 80.18
C SER D 168 -24.56 112.41 79.82
N LEU D 169 -24.74 112.66 78.51
CA LEU D 169 -25.32 113.90 77.98
C LEU D 169 -26.75 113.98 77.37
N GLY D 170 -27.60 113.00 77.67
CA GLY D 170 -28.97 112.89 77.17
C GLY D 170 -29.91 113.98 77.68
N GLY D 196 -26.80 108.79 90.16
CA GLY D 196 -25.97 108.85 91.36
C GLY D 196 -24.89 109.93 91.36
N ILE D 197 -24.75 110.71 90.29
CA ILE D 197 -23.72 111.77 90.16
C ILE D 197 -23.88 112.88 91.21
N THR D 198 -22.77 113.46 91.63
CA THR D 198 -22.74 114.49 92.68
C THR D 198 -23.20 115.85 92.16
N GLU D 199 -23.65 116.70 93.07
CA GLU D 199 -23.99 118.10 92.83
C GLU D 199 -22.77 118.85 92.27
N GLN D 200 -21.59 118.63 92.87
CA GLN D 200 -20.31 118.94 92.26
C GLN D 200 -19.97 118.49 90.79
N GLN D 201 -20.50 117.37 90.30
CA GLN D 201 -20.39 116.93 88.91
C GLN D 201 -21.40 117.65 88.01
N LYS D 202 -22.63 117.85 88.49
CA LYS D 202 -23.66 118.64 87.77
C LYS D 202 -23.21 120.09 87.56
N GLU D 203 -22.76 120.75 88.63
CA GLU D 203 -22.32 122.16 88.56
C GLU D 203 -21.01 122.29 87.76
N GLY D 204 -20.09 121.34 87.91
CA GLY D 204 -18.89 121.26 87.08
C GLY D 204 -19.20 121.15 85.59
N LEU D 205 -20.13 120.27 85.19
CA LEU D 205 -20.56 120.17 83.79
C LEU D 205 -21.15 121.48 83.27
N GLU D 206 -22.01 122.16 84.03
CA GLU D 206 -22.53 123.47 83.59
C GLU D 206 -21.41 124.50 83.42
N ILE D 207 -20.40 124.49 84.30
CA ILE D 207 -19.16 125.21 84.03
C ILE D 207 -18.29 124.80 82.79
N VAL D 208 -18.22 123.51 82.41
CA VAL D 208 -17.61 123.03 81.17
C VAL D 208 -18.44 123.46 79.95
N LYS D 209 -19.78 123.29 80.00
CA LYS D 209 -20.69 123.80 78.97
C LYS D 209 -20.46 125.29 78.73
N MET D 210 -20.46 126.09 79.79
CA MET D 210 -20.24 127.54 79.72
C MET D 210 -18.90 127.87 79.03
N VAL D 211 -17.81 127.20 79.43
CA VAL D 211 -16.58 127.28 78.66
C VAL D 211 -16.58 126.90 77.16
N MET D 212 -17.35 125.89 76.71
CA MET D 212 -17.38 125.47 75.30
C MET D 212 -18.42 126.24 74.47
N ILE D 213 -19.51 126.67 75.10
CA ILE D 213 -20.40 127.70 74.55
C ILE D 213 -19.59 128.96 74.27
N SER D 214 -18.71 129.37 75.19
CA SER D 214 -17.84 130.54 75.01
C SER D 214 -16.80 130.35 73.88
N LEU D 215 -16.24 129.14 73.72
CA LEU D 215 -15.31 128.82 72.62
C LEU D 215 -15.98 128.77 71.24
N GLU D 216 -17.08 128.03 71.10
CA GLU D 216 -17.60 127.56 69.81
C GLU D 216 -19.13 127.61 69.66
N GLY D 217 -19.87 127.97 70.72
CA GLY D 217 -21.34 127.98 70.71
C GLY D 217 -21.95 126.57 70.58
N GLU D 218 -22.92 126.40 69.68
CA GLU D 218 -23.68 125.15 69.53
C GLU D 218 -22.82 123.94 69.15
N ASP D 219 -21.80 124.10 68.29
CA ASP D 219 -20.85 123.02 67.99
C ASP D 219 -19.94 122.69 69.18
N GLY D 220 -19.79 123.59 70.17
CA GLY D 220 -18.83 123.42 71.27
C GLY D 220 -19.09 122.20 72.14
N LEU D 221 -20.35 121.86 72.42
CA LEU D 221 -20.68 120.68 73.22
C LEU D 221 -20.34 119.36 72.50
N ASP D 222 -20.18 119.38 71.18
CA ASP D 222 -19.68 118.22 70.44
C ASP D 222 -18.14 118.05 70.51
N GLU D 223 -17.43 118.92 71.24
CA GLU D 223 -16.08 118.64 71.73
C GLU D 223 -16.06 117.92 73.10
N ILE D 224 -17.24 117.63 73.67
CA ILE D 224 -17.39 116.95 74.97
C ILE D 224 -17.82 115.49 74.77
N TYR D 225 -17.14 114.56 75.42
CA TYR D 225 -17.34 113.10 75.26
C TYR D 225 -17.44 112.39 76.61
N SER D 226 -18.33 111.41 76.75
CA SER D 226 -18.31 110.55 77.93
C SER D 226 -17.27 109.42 77.79
N PHE D 227 -16.68 108.95 78.89
CA PHE D 227 -15.87 107.73 78.90
C PHE D 227 -16.67 106.52 78.39
N SER D 228 -17.98 106.50 78.66
CA SER D 228 -18.92 105.48 78.19
C SER D 228 -18.99 105.42 76.67
N GLU D 229 -19.40 106.50 76.00
CA GLU D 229 -19.54 106.48 74.54
C GLU D 229 -18.18 106.30 73.85
N SER D 230 -17.10 106.85 74.42
CA SER D 230 -15.77 106.76 73.82
C SER D 230 -15.18 105.36 73.92
N LEU D 231 -15.25 104.64 75.05
CA LEU D 231 -14.89 103.20 75.05
C LEU D 231 -15.76 102.38 74.07
N ARG D 232 -17.01 102.81 73.85
CA ARG D 232 -17.95 102.24 72.87
C ARG D 232 -17.76 102.79 71.43
N LYS D 233 -16.63 103.47 71.16
CA LYS D 233 -16.27 104.06 69.85
C LYS D 233 -14.80 103.87 69.46
N LEU D 234 -13.89 103.86 70.44
CA LEU D 234 -12.45 103.57 70.30
C LEU D 234 -12.16 102.04 70.30
N CYS D 235 -13.14 101.20 70.02
CA CYS D 235 -13.09 99.73 70.10
C CYS D 235 -12.07 99.05 69.15
N VAL D 236 -11.63 99.75 68.11
CA VAL D 236 -10.97 99.20 66.91
C VAL D 236 -9.74 100.04 66.54
N PHE D 237 -8.81 99.47 65.79
CA PHE D 237 -7.69 100.21 65.17
C PHE D 237 -8.18 101.10 64.03
N LYS D 238 -7.37 102.08 63.60
CA LYS D 238 -7.77 103.02 62.53
C LYS D 238 -8.00 102.29 61.19
N LYS D 239 -8.95 102.77 60.40
CA LYS D 239 -8.96 102.67 58.93
C LYS D 239 -7.56 102.97 58.37
N ILE D 240 -7.08 102.25 57.36
CA ILE D 240 -5.83 102.62 56.69
C ILE D 240 -6.00 103.93 55.89
N GLU D 241 -5.19 104.94 56.20
CA GLU D 241 -5.27 106.23 55.55
C GLU D 241 -4.41 106.21 54.29
N ARG D 242 -5.06 106.31 53.13
CA ARG D 242 -4.37 106.57 51.87
C ARG D 242 -5.18 107.46 50.94
N HIS D 243 -4.49 108.37 50.29
CA HIS D 243 -4.92 109.22 49.18
C HIS D 243 -5.05 108.42 47.89
N SER D 244 -5.76 108.97 46.92
CA SER D 244 -5.55 108.64 45.50
C SER D 244 -4.70 109.74 44.88
N ILE D 245 -3.63 109.39 44.17
CA ILE D 245 -2.74 110.40 43.60
C ILE D 245 -3.42 111.18 42.48
N HIS D 246 -3.08 112.45 42.30
CA HIS D 246 -3.50 113.24 41.14
C HIS D 246 -2.90 112.71 39.83
N TRP D 247 -3.75 112.73 38.79
CA TRP D 247 -3.46 112.46 37.38
C TRP D 247 -4.14 113.48 36.44
N PRO D 248 -3.41 114.36 35.74
CA PRO D 248 -3.96 115.35 34.81
C PRO D 248 -4.11 114.78 33.40
N CYS D 249 -5.24 115.02 32.75
CA CYS D 249 -5.53 114.52 31.41
C CYS D 249 -6.53 115.41 30.65
N ARG D 250 -6.93 114.99 29.45
CA ARG D 250 -7.87 115.63 28.52
C ARG D 250 -9.03 114.89 27.80
N LEU D 251 -10.17 114.71 28.46
CA LEU D 251 -11.36 114.02 27.99
C LEU D 251 -11.73 114.49 26.58
N THR D 252 -11.71 113.61 25.61
CA THR D 252 -11.85 113.96 24.19
C THR D 252 -12.90 113.34 23.25
N ILE D 253 -14.13 113.84 23.33
CA ILE D 253 -15.30 113.33 22.58
C ILE D 253 -15.18 113.39 21.04
N GLY D 254 -14.28 114.20 20.48
CA GLY D 254 -13.99 114.23 19.06
C GLY D 254 -12.66 114.94 18.77
N SER D 255 -12.13 114.81 17.56
CA SER D 255 -10.74 115.19 17.25
C SER D 255 -10.39 116.64 17.65
N ASN D 256 -11.30 117.58 17.47
CA ASN D 256 -11.09 118.99 17.84
C ASN D 256 -11.44 119.29 19.31
N LEU D 257 -12.54 118.75 19.83
CA LEU D 257 -13.08 119.06 21.17
C LEU D 257 -12.46 118.22 22.28
N SER D 258 -11.60 118.85 23.07
CA SER D 258 -11.07 118.28 24.31
C SER D 258 -11.49 119.11 25.51
N ILE D 259 -11.75 118.46 26.63
CA ILE D 259 -12.01 119.08 27.93
C ILE D 259 -10.93 118.62 28.92
N ARG D 260 -10.48 119.46 29.83
CA ARG D 260 -9.55 119.04 30.90
C ARG D 260 -10.24 118.10 31.87
N ILE D 261 -9.64 116.94 32.19
CA ILE D 261 -10.15 115.95 33.15
C ILE D 261 -9.03 115.53 34.13
N ALA D 262 -9.35 115.29 35.40
CA ALA D 262 -8.40 114.72 36.36
C ALA D 262 -9.09 113.73 37.30
N ALA D 263 -8.90 112.45 37.04
CA ALA D 263 -9.57 111.35 37.75
C ALA D 263 -8.87 110.96 39.05
N TYR D 264 -9.62 110.38 39.99
CA TYR D 264 -9.07 109.74 41.18
C TYR D 264 -9.63 108.33 41.34
N LYS D 265 -8.76 107.37 41.67
CA LYS D 265 -9.22 106.05 42.12
C LYS D 265 -10.17 106.22 43.31
N SER D 266 -11.18 105.38 43.43
CA SER D 266 -12.23 105.56 44.42
C SER D 266 -12.46 104.33 45.27
N ILE D 267 -12.62 103.18 44.64
CA ILE D 267 -12.43 101.89 45.27
C ILE D 267 -11.10 101.35 44.81
N LEU D 268 -10.27 100.91 45.75
CA LEU D 268 -9.14 100.05 45.46
C LEU D 268 -9.06 98.95 46.52
N GLN D 269 -8.93 97.68 46.13
CA GLN D 269 -8.80 96.57 47.07
C GLN D 269 -7.48 96.72 47.83
N GLU D 270 -7.52 97.20 49.07
CA GLU D 270 -6.34 97.78 49.69
C GLU D 270 -5.43 96.77 50.40
N ARG D 271 -4.12 96.98 50.29
CA ARG D 271 -3.03 96.12 50.79
C ARG D 271 -2.18 96.88 51.81
N VAL D 272 -1.60 96.16 52.77
CA VAL D 272 -0.83 96.77 53.88
C VAL D 272 0.45 97.44 53.37
N LYS D 273 0.84 98.56 53.99
CA LYS D 273 2.00 99.38 53.59
C LYS D 273 3.34 98.66 53.73
N LYS D 274 3.65 98.14 54.91
CA LYS D 274 4.95 97.52 55.20
C LYS D 274 4.91 96.02 54.98
N THR D 275 5.77 95.51 54.11
CA THR D 275 5.95 94.06 53.90
C THR D 275 6.65 93.40 55.08
N TRP D 276 6.46 92.11 55.27
CA TRP D 276 7.23 91.30 56.21
C TRP D 276 8.69 91.16 55.76
N THR D 277 9.58 91.91 56.41
CA THR D 277 11.04 91.80 56.28
C THR D 277 11.55 90.41 56.69
N VAL D 278 12.70 89.99 56.18
CA VAL D 278 13.29 88.66 56.42
C VAL D 278 14.52 88.79 57.31
N VAL D 279 14.61 87.99 58.37
CA VAL D 279 15.55 88.17 59.48
C VAL D 279 16.09 86.85 60.04
N ASP D 280 17.39 86.84 60.34
CA ASP D 280 18.11 85.69 60.92
C ASP D 280 17.62 85.33 62.33
N ALA D 281 17.41 84.06 62.61
CA ALA D 281 16.75 83.60 63.82
C ALA D 281 17.46 83.92 65.15
N LYS D 282 18.78 84.10 65.15
CA LYS D 282 19.57 84.30 66.39
C LYS D 282 20.15 85.70 66.53
N THR D 283 20.51 86.34 65.42
CA THR D 283 21.06 87.71 65.40
C THR D 283 19.96 88.76 65.37
N LEU D 284 18.80 88.43 64.78
CA LEU D 284 17.70 89.36 64.57
C LEU D 284 18.08 90.62 63.76
N LYS D 285 18.98 90.48 62.77
CA LYS D 285 19.39 91.55 61.83
C LYS D 285 18.92 91.28 60.40
N LYS D 286 18.27 92.28 59.79
CA LYS D 286 17.55 92.20 58.49
C LYS D 286 18.42 92.23 57.23
N GLU D 287 19.71 91.95 57.37
CA GLU D 287 20.68 92.00 56.25
C GLU D 287 21.77 90.91 56.34
N ASP D 288 21.64 89.97 57.27
CA ASP D 288 22.49 88.77 57.35
C ASP D 288 22.06 87.64 56.39
N ILE D 289 21.06 87.87 55.53
CA ILE D 289 20.68 86.95 54.45
C ILE D 289 20.83 87.63 53.08
N GLN D 290 21.58 87.00 52.16
CA GLN D 290 21.62 87.33 50.73
C GLN D 290 20.89 86.28 49.91
N LYS D 291 20.03 86.71 48.99
CA LYS D 291 19.17 85.82 48.21
C LYS D 291 19.76 85.58 46.82
N GLU D 292 20.63 84.58 46.72
CA GLU D 292 21.23 84.18 45.45
C GLU D 292 20.22 83.49 44.54
N THR D 293 19.72 84.19 43.52
CA THR D 293 19.00 83.56 42.41
C THR D 293 19.99 82.98 41.41
N VAL D 294 20.68 81.89 41.75
CA VAL D 294 21.61 81.17 40.85
C VAL D 294 20.88 80.41 39.73
N TYR D 295 21.57 80.10 38.62
CA TYR D 295 21.04 79.40 37.44
C TYR D 295 21.77 78.09 37.17
N CYS D 296 21.06 77.10 36.61
CA CYS D 296 21.62 75.83 36.17
C CYS D 296 21.20 75.45 34.74
N LEU D 297 22.16 75.13 33.88
CA LEU D 297 21.93 74.21 32.77
C LEU D 297 21.98 72.77 33.32
N ASN D 298 21.19 71.81 32.87
CA ASN D 298 21.06 70.50 33.47
C ASN D 298 22.21 69.51 33.14
N ASP D 299 23.15 69.89 32.27
CA ASP D 299 24.36 69.13 31.92
C ASP D 299 25.43 69.15 33.02
N ASP D 300 25.09 68.61 34.20
CA ASP D 300 25.92 68.58 35.40
C ASP D 300 26.38 70.00 35.82
N ASP D 301 25.41 70.81 36.22
CA ASP D 301 25.60 72.07 36.96
C ASP D 301 26.58 73.06 36.30
N GLU D 302 26.51 73.21 34.99
CA GLU D 302 27.05 74.40 34.32
C GLU D 302 26.24 75.63 34.75
N THR D 303 26.87 76.54 35.51
CA THR D 303 26.23 77.75 36.05
C THR D 303 26.38 78.92 35.10
N GLU D 304 25.26 79.52 34.71
CA GLU D 304 25.21 80.61 33.74
C GLU D 304 25.44 82.00 34.34
N VAL D 305 25.72 82.98 33.48
CA VAL D 305 25.76 84.41 33.81
C VAL D 305 24.63 85.12 33.08
N LEU D 306 23.67 85.67 33.84
CA LEU D 306 22.46 86.27 33.26
C LEU D 306 22.77 87.48 32.35
N LYS D 307 23.85 88.19 32.63
CA LYS D 307 24.28 89.38 31.88
C LYS D 307 24.86 89.07 30.49
N GLU D 308 25.04 87.81 30.15
CA GLU D 308 25.63 87.41 28.86
C GLU D 308 24.86 86.28 28.15
N ASP D 309 24.32 85.32 28.90
CA ASP D 309 24.01 83.99 28.35
C ASP D 309 22.56 83.54 28.52
N ILE D 310 21.66 84.38 29.05
CA ILE D 310 20.26 84.02 29.29
C ILE D 310 19.34 84.94 28.52
N ILE D 311 18.51 84.36 27.65
CA ILE D 311 17.67 85.07 26.72
C ILE D 311 16.24 84.55 26.87
N GLN D 312 15.26 85.43 27.11
CA GLN D 312 13.90 84.95 27.35
C GLN D 312 13.32 84.31 26.09
N GLY D 313 12.51 83.28 26.25
CA GLY D 313 11.72 82.74 25.15
C GLY D 313 10.23 82.71 25.46
N PHE D 314 9.39 82.70 24.43
CA PHE D 314 8.00 82.31 24.55
C PHE D 314 7.83 80.87 24.08
N ARG D 315 6.61 80.35 24.11
CA ARG D 315 6.32 78.96 23.75
C ARG D 315 5.22 78.93 22.71
N TYR D 316 5.41 78.12 21.67
CA TYR D 316 4.59 78.12 20.48
C TYR D 316 4.27 76.68 20.09
N GLY D 317 3.15 76.16 20.62
CA GLY D 317 2.75 74.79 20.39
C GLY D 317 3.70 73.79 21.03
N SER D 318 4.03 72.74 20.31
CA SER D 318 5.00 71.72 20.71
C SER D 318 6.46 72.19 20.78
N ASP D 319 6.79 73.47 20.57
CA ASP D 319 8.18 73.95 20.60
C ASP D 319 8.38 75.37 21.15
N ILE D 320 9.61 75.65 21.57
CA ILE D 320 10.06 76.95 22.09
C ILE D 320 10.59 77.82 20.95
N VAL D 321 10.38 79.14 21.03
CA VAL D 321 11.03 80.09 20.10
C VAL D 321 11.73 81.21 20.87
N PRO D 322 13.00 81.50 20.58
CA PRO D 322 13.72 82.57 21.25
C PRO D 322 13.37 83.94 20.65
N PHE D 323 12.91 84.84 21.51
CA PHE D 323 12.91 86.29 21.27
C PHE D 323 14.27 86.87 21.70
N SER D 324 14.38 88.18 21.79
CA SER D 324 15.30 88.88 22.68
C SER D 324 14.48 89.85 23.51
N LYS D 325 14.77 90.10 24.80
CA LYS D 325 14.03 91.14 25.54
C LYS D 325 14.19 92.50 24.86
N VAL D 326 15.41 92.75 24.35
CA VAL D 326 15.81 93.88 23.51
C VAL D 326 15.25 93.88 22.08
N ASP D 327 14.45 92.89 21.66
CA ASP D 327 13.76 92.92 20.36
C ASP D 327 12.24 92.78 20.47
N GLU D 328 11.70 92.28 21.59
CA GLU D 328 10.29 92.48 21.90
C GLU D 328 9.99 93.97 21.91
N GLU D 329 10.82 94.79 22.57
CA GLU D 329 10.69 96.25 22.57
C GLU D 329 10.78 96.88 21.17
N GLN D 330 11.36 96.20 20.18
CA GLN D 330 11.44 96.67 18.80
C GLN D 330 10.12 96.44 18.05
N MET D 331 9.34 95.45 18.45
CA MET D 331 8.11 94.98 17.78
C MET D 331 6.83 95.20 18.60
N LYS D 332 6.95 95.46 19.90
CA LYS D 332 5.85 95.61 20.86
C LYS D 332 4.88 96.70 20.44
N TYR D 333 3.60 96.49 20.73
CA TYR D 333 2.58 97.50 20.55
C TYR D 333 2.82 98.71 21.47
N LYS D 334 3.13 99.87 20.89
CA LYS D 334 3.41 101.11 21.60
C LYS D 334 2.24 102.07 21.42
N SER D 335 1.61 102.48 22.52
CA SER D 335 0.57 103.51 22.49
C SER D 335 1.17 104.85 22.06
N GLU D 336 0.46 105.59 21.22
CA GLU D 336 0.94 106.87 20.69
C GLU D 336 0.85 108.02 21.70
N GLY D 337 0.17 107.82 22.84
CA GLY D 337 0.04 108.83 23.88
C GLY D 337 -0.64 108.34 25.16
N LYS D 338 -0.57 109.16 26.21
CA LYS D 338 -1.16 108.96 27.53
C LYS D 338 -2.68 109.27 27.54
N CYS D 339 -3.38 108.62 26.62
CA CYS D 339 -4.68 109.02 26.08
C CYS D 339 -5.87 108.88 27.05
N PHE D 340 -6.93 109.68 26.85
CA PHE D 340 -8.31 109.37 27.22
C PHE D 340 -9.26 109.93 26.14
N SER D 341 -10.04 109.10 25.44
CA SER D 341 -10.89 109.57 24.33
C SER D 341 -12.11 108.68 24.08
N VAL D 342 -13.31 109.28 24.05
CA VAL D 342 -14.57 108.52 23.94
C VAL D 342 -14.72 107.89 22.56
N LEU D 343 -15.20 106.64 22.49
CA LEU D 343 -15.45 105.92 21.24
C LEU D 343 -16.88 106.11 20.73
N GLY D 344 -17.85 106.35 21.61
CA GLY D 344 -19.27 106.48 21.28
C GLY D 344 -20.16 106.23 22.50
N PHE D 345 -21.47 106.07 22.31
CA PHE D 345 -22.45 105.89 23.41
C PHE D 345 -23.52 104.83 23.14
N CYS D 346 -24.14 104.22 24.16
CA CYS D 346 -25.26 103.27 23.96
C CYS D 346 -25.99 102.92 25.26
N LYS D 347 -27.23 102.43 25.22
CA LYS D 347 -28.05 102.25 26.42
C LYS D 347 -27.49 101.44 27.61
N SER D 348 -28.06 101.62 28.78
CA SER D 348 -27.73 100.81 29.96
C SER D 348 -27.94 99.31 29.69
N SER D 349 -28.90 98.97 28.83
CA SER D 349 -29.17 97.61 28.31
C SER D 349 -27.97 96.92 27.66
N GLN D 350 -27.09 97.64 26.95
CA GLN D 350 -25.91 97.05 26.32
C GLN D 350 -24.90 96.53 27.35
N VAL D 351 -25.00 96.96 28.61
CA VAL D 351 -24.01 96.72 29.65
C VAL D 351 -24.67 96.14 30.90
N GLN D 352 -24.73 94.82 30.94
CA GLN D 352 -25.30 94.11 32.07
C GLN D 352 -24.36 94.15 33.29
N ARG D 353 -24.79 93.79 34.46
CA ARG D 353 -24.15 93.83 35.74
C ARG D 353 -22.87 93.00 35.74
N ARG D 354 -22.97 91.73 35.34
CA ARG D 354 -21.96 90.72 35.59
C ARG D 354 -20.61 91.12 35.07
N PHE D 355 -20.58 91.70 33.86
CA PHE D 355 -19.39 91.61 33.06
C PHE D 355 -18.25 92.49 33.60
N PHE D 356 -18.52 93.53 34.41
CA PHE D 356 -17.51 94.47 34.92
C PHE D 356 -16.24 93.78 35.41
N MET D 357 -15.08 94.29 34.98
CA MET D 357 -13.84 93.51 34.92
C MET D 357 -12.60 94.17 35.55
N GLY D 358 -12.73 95.24 36.33
CA GLY D 358 -11.61 96.11 36.73
C GLY D 358 -10.86 95.74 38.00
N ASN D 359 -9.61 96.20 38.04
CA ASN D 359 -8.78 96.25 39.24
C ASN D 359 -9.22 97.37 40.20
N GLN D 360 -9.69 98.49 39.65
CA GLN D 360 -10.03 99.74 40.34
C GLN D 360 -11.24 100.43 39.72
N VAL D 361 -11.80 101.41 40.42
CA VAL D 361 -12.80 102.35 39.88
C VAL D 361 -12.20 103.75 39.89
N LEU D 362 -12.33 104.53 38.81
CA LEU D 362 -11.96 105.96 38.80
C LEU D 362 -13.20 106.81 39.08
N LYS D 363 -13.05 108.00 39.67
CA LYS D 363 -13.98 109.12 39.60
C LYS D 363 -13.28 110.25 38.85
N VAL D 364 -13.85 110.66 37.75
CA VAL D 364 -13.28 111.28 36.54
C VAL D 364 -13.80 112.71 36.45
N PHE D 365 -13.03 113.68 36.96
CA PHE D 365 -13.53 114.99 37.38
C PHE D 365 -13.00 116.16 36.55
N ALA D 366 -13.77 117.25 36.47
CA ALA D 366 -13.33 118.51 35.85
C ALA D 366 -12.11 119.11 36.57
N ALA D 367 -11.11 119.50 35.80
CA ALA D 367 -9.81 119.94 36.31
C ALA D 367 -9.91 121.12 37.29
N ARG D 368 -9.04 121.17 38.29
CA ARG D 368 -9.10 122.18 39.35
C ARG D 368 -8.92 123.60 38.81
N ASP D 369 -9.85 124.47 39.18
CA ASP D 369 -9.98 125.86 38.73
C ASP D 369 -10.20 126.05 37.21
N ASP D 370 -10.65 125.02 36.47
CA ASP D 370 -11.13 125.21 35.09
C ASP D 370 -12.66 125.33 35.05
N GLU D 371 -13.14 126.56 35.16
CA GLU D 371 -14.56 126.90 35.11
C GLU D 371 -15.21 126.68 33.72
N ALA D 372 -14.42 126.65 32.64
CA ALA D 372 -14.92 126.22 31.34
C ALA D 372 -15.14 124.69 31.30
N ALA D 373 -14.20 123.92 31.83
CA ALA D 373 -14.39 122.48 31.98
C ALA D 373 -15.56 122.17 32.92
N ALA D 374 -15.72 122.91 34.01
CA ALA D 374 -16.80 122.71 34.97
C ALA D 374 -18.19 122.81 34.31
N VAL D 375 -18.44 123.84 33.48
CA VAL D 375 -19.70 123.95 32.74
C VAL D 375 -19.83 122.88 31.65
N ALA D 376 -18.74 122.55 30.95
CA ALA D 376 -18.78 121.59 29.85
C ALA D 376 -19.02 120.15 30.33
N LEU D 377 -18.33 119.71 31.38
CA LEU D 377 -18.50 118.38 31.92
C LEU D 377 -19.80 118.24 32.71
N SER D 378 -20.23 119.26 33.45
CA SER D 378 -21.58 119.23 34.03
C SER D 378 -22.65 119.11 32.93
N SER D 379 -22.47 119.76 31.77
CA SER D 379 -23.35 119.55 30.62
C SER D 379 -23.28 118.10 30.11
N LEU D 380 -22.08 117.54 29.94
CA LEU D 380 -21.86 116.17 29.47
C LEU D 380 -22.69 115.19 30.29
N ILE D 381 -22.48 115.17 31.60
CA ILE D 381 -23.08 114.16 32.47
C ILE D 381 -24.57 114.46 32.73
N HIS D 382 -24.98 115.73 32.85
CA HIS D 382 -26.41 116.02 32.88
C HIS D 382 -27.14 115.59 31.60
N ALA D 383 -26.47 115.56 30.45
CA ALA D 383 -27.03 115.03 29.22
C ALA D 383 -26.97 113.49 29.13
N LEU D 384 -26.38 112.81 30.10
CA LEU D 384 -26.42 111.34 30.22
C LEU D 384 -27.41 110.89 31.31
N ASP D 385 -27.70 111.75 32.29
CA ASP D 385 -28.62 111.46 33.40
C ASP D 385 -30.04 111.04 32.97
N ASP D 386 -30.48 111.41 31.78
CA ASP D 386 -31.88 111.35 31.32
C ASP D 386 -32.13 110.37 30.17
N LEU D 387 -31.12 110.05 29.35
CA LEU D 387 -31.24 109.14 28.20
C LEU D 387 -31.01 107.65 28.56
N ASP D 388 -30.54 107.34 29.77
CA ASP D 388 -29.99 106.02 30.12
C ASP D 388 -28.80 105.59 29.24
N MET D 389 -28.25 106.51 28.44
CA MET D 389 -27.06 106.24 27.65
C MET D 389 -25.81 106.20 28.53
N VAL D 390 -24.90 105.32 28.18
CA VAL D 390 -23.53 105.27 28.69
C VAL D 390 -22.39 105.47 27.68
N ALA D 391 -21.26 106.00 28.11
CA ALA D 391 -20.06 106.13 27.27
C ALA D 391 -19.19 104.88 27.24
N ILE D 392 -18.41 104.77 26.18
CA ILE D 392 -17.43 103.70 25.96
C ILE D 392 -16.15 104.43 25.54
N VAL D 393 -15.00 104.13 26.15
CA VAL D 393 -13.84 105.03 26.11
C VAL D 393 -12.53 104.27 26.00
N ARG D 394 -11.62 104.68 25.12
CA ARG D 394 -10.25 104.20 25.17
C ARG D 394 -9.56 104.88 26.34
N TYR D 395 -8.92 104.14 27.21
CA TYR D 395 -8.01 104.75 28.20
C TYR D 395 -6.55 104.19 28.27
N ALA D 396 -5.68 104.98 28.87
CA ALA D 396 -4.30 104.65 29.18
C ALA D 396 -3.77 105.59 30.26
N TYR D 397 -3.33 105.03 31.39
CA TYR D 397 -2.80 105.81 32.50
C TYR D 397 -1.55 106.61 32.12
N ASP D 398 -0.62 105.99 31.40
CA ASP D 398 0.67 106.56 31.03
C ASP D 398 1.29 105.82 29.84
N LYS D 399 2.41 106.31 29.33
CA LYS D 399 3.15 105.71 28.20
C LYS D 399 3.68 104.33 28.57
N ARG D 400 3.86 103.45 27.59
CA ARG D 400 4.27 102.03 27.71
C ARG D 400 3.23 101.10 28.35
N ALA D 401 2.41 101.57 29.28
CA ALA D 401 1.36 100.75 29.89
C ALA D 401 0.30 100.35 28.86
N ASN D 402 -0.42 99.26 29.12
CA ASN D 402 -1.37 98.72 28.16
C ASN D 402 -2.52 99.70 27.87
N PRO D 403 -2.99 99.80 26.62
CA PRO D 403 -4.23 100.48 26.29
C PRO D 403 -5.41 99.77 26.94
N GLN D 404 -6.55 100.44 26.99
CA GLN D 404 -7.60 99.99 27.87
C GLN D 404 -8.96 100.38 27.32
N VAL D 405 -10.00 99.60 27.57
CA VAL D 405 -11.38 99.95 27.19
C VAL D 405 -12.45 99.88 28.28
N GLY D 406 -13.48 100.71 28.19
CA GLY D 406 -14.73 100.42 28.88
C GLY D 406 -15.60 101.60 29.27
N VAL D 407 -16.45 101.32 30.24
CA VAL D 407 -17.75 101.98 30.43
C VAL D 407 -17.61 103.12 31.41
N ALA D 408 -17.94 104.33 31.00
CA ALA D 408 -17.85 105.49 31.87
C ALA D 408 -19.26 105.89 32.35
N PHE D 409 -19.69 105.28 33.46
CA PHE D 409 -21.07 105.08 33.92
C PHE D 409 -21.54 106.21 34.87
N PRO D 410 -22.47 107.09 34.45
CA PRO D 410 -22.92 108.23 35.25
C PRO D 410 -23.99 107.94 36.32
N HIS D 411 -24.03 108.78 37.34
CA HIS D 411 -24.82 108.72 38.58
C HIS D 411 -24.88 110.13 39.20
N ILE D 412 -25.80 110.44 40.12
CA ILE D 412 -25.93 111.79 40.70
C ILE D 412 -26.12 111.82 42.21
N LYS D 413 -25.42 112.78 42.83
CA LYS D 413 -25.46 113.13 44.26
C LYS D 413 -25.69 114.63 44.38
N HIS D 414 -26.37 115.12 45.41
CA HIS D 414 -26.79 116.54 45.46
C HIS D 414 -25.62 117.52 45.41
N ASN D 415 -24.45 117.14 45.96
CA ASN D 415 -23.24 117.94 45.84
C ASN D 415 -22.27 117.85 44.63
N TYR D 416 -22.39 116.86 43.75
CA TYR D 416 -21.59 116.72 42.52
C TYR D 416 -22.18 115.65 41.60
N GLU D 417 -21.96 115.79 40.30
CA GLU D 417 -22.27 114.73 39.34
C GLU D 417 -21.22 113.61 39.41
N CYS D 418 -21.66 112.35 39.39
CA CYS D 418 -20.79 111.20 39.29
C CYS D 418 -20.74 110.73 37.83
N LEU D 419 -19.53 110.42 37.37
CA LEU D 419 -19.31 109.57 36.22
C LEU D 419 -18.04 108.77 36.48
N VAL D 420 -18.23 107.55 36.97
CA VAL D 420 -17.14 106.62 37.22
C VAL D 420 -16.65 106.02 35.91
N TYR D 421 -15.38 105.68 35.79
CA TYR D 421 -14.89 104.85 34.68
C TYR D 421 -14.48 103.49 35.21
N VAL D 422 -14.88 102.43 34.50
CA VAL D 422 -14.59 101.02 34.81
C VAL D 422 -14.17 100.24 33.56
N GLN D 423 -13.18 99.34 33.66
CA GLN D 423 -12.75 98.51 32.53
C GLN D 423 -13.77 97.42 32.18
N LEU D 424 -13.96 97.17 30.88
CA LEU D 424 -14.74 96.06 30.34
C LEU D 424 -13.93 95.10 29.47
N PRO D 425 -14.33 93.82 29.39
CA PRO D 425 -13.54 92.77 28.77
C PRO D 425 -13.29 93.01 27.28
N PHE D 426 -12.14 92.57 26.79
CA PHE D 426 -11.96 92.27 25.37
C PHE D 426 -12.57 90.89 25.04
N MET D 427 -12.70 90.56 23.76
CA MET D 427 -13.34 89.31 23.34
C MET D 427 -12.69 88.04 23.90
N GLU D 428 -11.39 88.04 24.20
CA GLU D 428 -10.70 86.90 24.80
C GLU D 428 -10.67 86.90 26.33
N ASP D 429 -11.16 87.95 27.00
CA ASP D 429 -11.33 87.95 28.46
C ASP D 429 -12.67 87.35 28.93
N LEU D 430 -13.56 87.05 28.00
CA LEU D 430 -14.94 86.65 28.25
C LEU D 430 -15.09 85.15 27.99
N ARG D 431 -15.63 84.39 28.95
CA ARG D 431 -15.80 82.93 28.85
C ARG D 431 -17.27 82.57 28.67
N GLN D 432 -17.57 81.75 27.66
CA GLN D 432 -18.92 81.32 27.36
C GLN D 432 -19.05 79.81 27.53
N TYR D 433 -19.93 79.38 28.43
CA TYR D 433 -20.22 77.98 28.75
C TYR D 433 -21.74 77.80 28.83
N MET D 434 -22.28 76.74 28.22
CA MET D 434 -23.69 76.40 28.40
C MET D 434 -23.87 75.52 29.64
N PHE D 435 -23.94 76.16 30.81
CA PHE D 435 -24.40 75.51 32.03
C PHE D 435 -25.77 74.90 31.83
N SER D 436 -25.94 73.63 32.17
CA SER D 436 -27.20 72.91 31.98
C SER D 436 -28.33 73.65 32.70
N SER D 437 -29.33 74.12 31.93
CA SER D 437 -30.25 75.18 32.32
C SER D 437 -31.41 74.68 33.19
N LEU D 438 -31.75 75.39 34.27
CA LEU D 438 -32.38 74.74 35.42
C LEU D 438 -33.93 74.66 35.37
N LYS D 439 -34.61 75.45 34.52
CA LYS D 439 -36.08 75.42 34.36
C LYS D 439 -36.65 74.10 33.81
N ASN D 440 -35.78 73.19 33.31
CA ASN D 440 -36.10 71.82 32.90
C ASN D 440 -36.23 70.91 34.15
N SER D 441 -37.08 71.32 35.09
CA SER D 441 -37.03 70.92 36.51
C SER D 441 -37.48 69.48 36.83
N LYS D 442 -37.93 68.71 35.83
CA LYS D 442 -38.50 67.35 35.95
C LYS D 442 -37.66 66.31 36.73
N LYS D 443 -36.37 66.40 36.82
CA LYS D 443 -35.46 65.55 37.62
C LYS D 443 -34.95 66.22 38.98
N TYR D 444 -35.29 67.46 39.34
CA TYR D 444 -34.78 68.26 40.44
C TYR D 444 -35.97 69.03 40.99
N ALA D 445 -37.04 68.33 41.40
CA ALA D 445 -38.37 68.90 41.58
C ALA D 445 -38.45 70.01 42.66
N PRO D 446 -39.00 71.22 42.35
CA PRO D 446 -39.32 72.26 43.32
C PRO D 446 -40.81 72.19 43.73
N THR D 447 -41.17 71.30 44.67
CA THR D 447 -42.59 71.04 44.99
C THR D 447 -43.26 72.14 45.84
N GLU D 448 -44.59 72.17 45.84
CA GLU D 448 -45.42 73.19 46.49
C GLU D 448 -45.05 73.48 47.95
N ALA D 449 -44.77 72.45 48.75
CA ALA D 449 -44.40 72.59 50.15
C ALA D 449 -42.97 73.15 50.35
N GLN D 450 -42.02 72.78 49.48
CA GLN D 450 -40.68 73.36 49.47
C GLN D 450 -40.76 74.86 49.13
N LEU D 451 -41.49 75.20 48.07
CA LEU D 451 -41.69 76.60 47.68
C LEU D 451 -42.39 77.39 48.80
N ASN D 452 -43.48 76.86 49.33
CA ASN D 452 -44.11 77.40 50.52
C ASN D 452 -43.37 77.42 51.88
N ALA D 453 -42.16 76.88 51.98
CA ALA D 453 -41.23 77.13 53.05
C ALA D 453 -40.36 78.35 52.73
N VAL D 454 -39.66 78.31 51.59
CA VAL D 454 -38.75 79.38 51.13
C VAL D 454 -39.45 80.73 51.08
N ASP D 455 -40.72 80.77 50.68
CA ASP D 455 -41.57 81.96 50.67
C ASP D 455 -41.51 82.77 51.96
N ALA D 456 -41.48 82.17 53.12
CA ALA D 456 -41.15 82.81 54.35
C ALA D 456 -39.69 83.05 54.80
N LEU D 457 -38.67 82.34 54.28
CA LEU D 457 -37.26 82.48 54.67
C LEU D 457 -36.76 83.88 54.33
N ILE D 458 -36.92 84.22 53.07
CA ILE D 458 -36.27 85.36 52.43
C ILE D 458 -36.93 86.69 52.79
N ASP D 459 -38.15 86.68 53.32
CA ASP D 459 -38.73 87.80 54.06
C ASP D 459 -38.32 87.77 55.54
N SER D 460 -38.48 86.65 56.24
CA SER D 460 -38.00 86.48 57.59
C SER D 460 -36.55 86.85 57.98
N MET D 461 -35.52 86.54 57.16
CA MET D 461 -34.11 86.85 57.42
C MET D 461 -33.65 88.17 56.78
N SER D 462 -34.58 89.07 56.45
CA SER D 462 -34.26 90.42 56.00
C SER D 462 -33.44 91.19 57.04
N LEU D 463 -32.37 91.83 56.57
CA LEU D 463 -31.56 92.81 57.31
C LEU D 463 -32.18 94.20 57.20
N ALA D 464 -32.52 94.56 55.97
CA ALA D 464 -33.19 95.80 55.67
C ALA D 464 -34.62 95.69 56.22
N LYS D 465 -34.95 96.50 57.24
CA LYS D 465 -36.29 96.64 57.79
C LYS D 465 -36.88 98.00 57.40
N LYS D 466 -38.17 98.01 57.08
CA LYS D 466 -38.98 99.15 56.61
C LYS D 466 -39.38 100.13 57.72
N ASP D 467 -38.48 100.47 58.65
CA ASP D 467 -38.75 101.42 59.73
C ASP D 467 -38.65 102.91 59.29
N GLU D 468 -39.23 103.25 58.13
CA GLU D 468 -38.99 104.52 57.44
C GLU D 468 -40.13 104.93 56.49
N LYS D 469 -40.15 106.22 56.10
CA LYS D 469 -41.03 106.82 55.09
C LYS D 469 -40.27 107.55 53.96
N THR D 470 -38.93 107.59 54.05
CA THR D 470 -38.00 107.95 52.95
C THR D 470 -37.95 106.93 51.80
N ASP D 471 -38.55 105.74 51.96
CA ASP D 471 -38.35 104.54 51.12
C ASP D 471 -36.89 104.03 51.10
N THR D 472 -36.07 104.46 52.08
CA THR D 472 -34.77 103.86 52.40
C THR D 472 -34.92 103.06 53.69
N LEU D 473 -34.59 101.77 53.65
CA LEU D 473 -34.70 100.87 54.80
C LEU D 473 -33.54 101.10 55.78
N GLU D 474 -33.68 100.57 56.99
CA GLU D 474 -32.82 100.89 58.14
C GLU D 474 -31.31 100.72 57.88
N ASP D 475 -30.92 99.92 56.88
CA ASP D 475 -29.52 99.66 56.54
C ASP D 475 -28.80 99.07 57.78
N LEU D 476 -29.44 98.03 58.34
CA LEU D 476 -29.15 97.46 59.66
C LEU D 476 -27.73 96.89 59.78
N PHE D 477 -27.08 96.62 58.64
CA PHE D 477 -25.73 96.06 58.54
C PHE D 477 -24.95 96.76 57.40
N PRO D 478 -24.34 97.93 57.66
CA PRO D 478 -23.76 98.79 56.63
C PRO D 478 -22.34 98.34 56.26
N THR D 479 -22.21 97.21 55.58
CA THR D 479 -20.92 96.52 55.37
C THR D 479 -19.83 97.40 54.77
N THR D 480 -20.15 98.41 53.97
CA THR D 480 -19.15 99.34 53.42
C THR D 480 -18.57 100.32 54.44
N LYS D 481 -19.19 100.46 55.63
CA LYS D 481 -18.68 101.24 56.77
C LYS D 481 -17.85 100.41 57.74
N ILE D 482 -17.86 99.07 57.65
CA ILE D 482 -17.04 98.19 58.51
C ILE D 482 -15.56 98.31 58.10
N PRO D 483 -14.59 98.33 59.03
CA PRO D 483 -13.16 98.27 58.73
C PRO D 483 -12.70 96.84 58.37
N ASN D 484 -11.65 96.67 57.58
CA ASN D 484 -11.25 95.34 57.13
C ASN D 484 -10.74 94.46 58.31
N PRO D 485 -11.38 93.32 58.61
CA PRO D 485 -10.93 92.44 59.68
C PRO D 485 -9.50 91.95 59.47
N ARG D 486 -8.98 91.82 58.24
CA ARG D 486 -7.56 91.49 58.01
C ARG D 486 -6.64 92.46 58.72
N PHE D 487 -6.87 93.78 58.71
CA PHE D 487 -5.89 94.69 59.31
C PHE D 487 -6.09 94.85 60.80
N GLN D 488 -7.34 94.84 61.28
CA GLN D 488 -7.63 94.77 62.71
C GLN D 488 -6.89 93.58 63.34
N ARG D 489 -7.00 92.39 62.74
CA ARG D 489 -6.29 91.19 63.19
C ARG D 489 -4.77 91.32 63.15
N LEU D 490 -4.21 91.94 62.11
CA LEU D 490 -2.76 92.12 62.02
C LEU D 490 -2.25 93.03 63.14
N PHE D 491 -2.81 94.23 63.28
CA PHE D 491 -2.34 95.18 64.30
C PHE D 491 -2.58 94.63 65.70
N GLN D 492 -3.65 93.87 65.91
CA GLN D 492 -3.94 93.24 67.19
C GLN D 492 -2.86 92.23 67.60
N CYS D 493 -2.33 91.45 66.66
CA CYS D 493 -1.16 90.61 66.91
C CYS D 493 0.10 91.45 67.16
N LEU D 494 0.40 92.43 66.32
CA LEU D 494 1.57 93.27 66.52
C LEU D 494 1.51 93.97 67.88
N LEU D 495 0.33 94.37 68.37
CA LEU D 495 0.16 94.88 69.72
C LEU D 495 0.57 93.83 70.76
N HIS D 496 -0.10 92.67 70.76
CA HIS D 496 0.12 91.65 71.77
C HIS D 496 1.59 91.20 71.84
N ARG D 497 2.22 90.93 70.70
CA ARG D 497 3.64 90.56 70.65
C ARG D 497 4.58 91.73 70.96
N ALA D 498 4.14 92.99 70.88
CA ALA D 498 4.93 94.10 71.37
C ALA D 498 4.90 94.18 72.91
N LEU D 499 3.72 94.15 73.53
CA LEU D 499 3.59 94.25 74.98
C LEU D 499 3.98 92.97 75.75
N HIS D 500 4.03 91.80 75.10
CA HIS D 500 4.32 90.50 75.76
C HIS D 500 5.37 89.69 74.98
N PRO D 501 6.60 90.21 74.82
CA PRO D 501 7.51 89.89 73.70
C PRO D 501 8.05 88.46 73.54
N ARG D 502 7.68 87.49 74.37
CA ARG D 502 8.04 86.06 74.18
C ARG D 502 6.86 85.09 74.28
N GLU D 503 5.63 85.59 74.43
CA GLU D 503 4.44 84.77 74.67
C GLU D 503 3.71 84.33 73.39
N PRO D 504 2.95 83.21 73.41
CA PRO D 504 2.03 82.90 72.31
C PRO D 504 0.81 83.76 71.89
N LEU D 505 0.37 83.58 70.66
CA LEU D 505 -0.60 84.44 70.02
C LEU D 505 -2.01 84.24 70.62
N PRO D 506 -2.83 85.30 70.68
CA PRO D 506 -4.16 85.23 71.25
C PRO D 506 -5.18 84.71 70.24
N PRO D 507 -6.36 84.30 70.70
CA PRO D 507 -7.52 84.11 69.84
C PRO D 507 -7.92 85.38 69.10
N ILE D 508 -8.86 85.28 68.17
CA ILE D 508 -9.54 86.45 67.61
C ILE D 508 -10.22 87.19 68.77
N GLN D 509 -9.95 88.49 68.97
CA GLN D 509 -10.67 89.26 69.98
C GLN D 509 -12.16 89.26 69.66
N GLN D 510 -12.98 88.95 70.66
CA GLN D 510 -14.40 88.58 70.52
C GLN D 510 -15.26 89.65 69.86
N HIS D 511 -15.01 90.93 70.13
CA HIS D 511 -15.78 92.02 69.52
C HIS D 511 -15.66 92.06 68.00
N ILE D 512 -14.57 91.53 67.43
CA ILE D 512 -14.42 91.37 65.98
C ILE D 512 -15.46 90.40 65.43
N TRP D 513 -15.67 89.24 66.05
CA TRP D 513 -16.79 88.37 65.66
C TRP D 513 -18.12 89.07 65.83
N ASN D 514 -18.34 89.76 66.94
CA ASN D 514 -19.60 90.45 67.19
C ASN D 514 -19.90 91.52 66.14
N MET D 515 -18.88 92.12 65.55
CA MET D 515 -18.97 93.06 64.44
C MET D 515 -19.17 92.38 63.07
N LEU D 516 -18.46 91.27 62.84
CA LEU D 516 -18.35 90.57 61.56
C LEU D 516 -19.48 89.57 61.31
N ASN D 517 -20.06 88.99 62.36
CA ASN D 517 -21.38 88.38 62.31
C ASN D 517 -22.41 89.40 61.76
N PRO D 518 -23.69 89.00 61.60
CA PRO D 518 -24.86 89.87 61.39
C PRO D 518 -26.00 89.59 62.41
N PRO D 519 -25.70 89.33 63.70
CA PRO D 519 -26.53 88.49 64.55
C PRO D 519 -27.92 88.97 64.98
N ALA D 520 -27.96 90.05 65.78
CA ALA D 520 -28.98 90.39 66.77
C ALA D 520 -30.42 89.89 66.54
N GLU D 521 -31.37 90.77 66.20
CA GLU D 521 -32.79 90.39 66.08
C GLU D 521 -33.02 89.43 64.91
N VAL D 522 -32.22 89.50 63.85
CA VAL D 522 -32.40 88.67 62.65
C VAL D 522 -32.30 87.17 62.98
N THR D 523 -31.35 86.78 63.82
CA THR D 523 -31.28 85.38 64.29
C THR D 523 -32.46 84.99 65.17
N THR D 524 -33.03 85.89 65.98
CA THR D 524 -34.26 85.58 66.72
C THR D 524 -35.45 85.35 65.79
N LYS D 525 -35.51 86.03 64.64
CA LYS D 525 -36.55 85.82 63.62
C LYS D 525 -36.34 84.53 62.83
N SER D 526 -35.10 84.17 62.53
CA SER D 526 -34.80 83.11 61.56
C SER D 526 -35.18 81.69 61.99
N GLN D 527 -35.09 81.39 63.29
CA GLN D 527 -34.96 80.00 63.75
C GLN D 527 -36.12 79.08 63.33
N ILE D 528 -37.35 79.58 63.30
CA ILE D 528 -38.53 78.78 62.94
C ILE D 528 -38.65 78.53 61.43
N PRO D 529 -38.57 79.54 60.54
CA PRO D 529 -38.52 79.28 59.09
C PRO D 529 -37.35 78.37 58.70
N LEU D 530 -36.16 78.53 59.30
CA LEU D 530 -35.07 77.56 59.12
C LEU D 530 -35.44 76.15 59.59
N SER D 531 -36.19 76.01 60.69
CA SER D 531 -36.56 74.69 61.22
C SER D 531 -37.44 73.86 60.27
N LYS D 532 -38.25 74.51 59.41
CA LYS D 532 -39.01 73.81 58.36
C LYS D 532 -38.21 73.55 57.08
N ILE D 533 -37.11 74.24 56.85
CA ILE D 533 -36.16 73.84 55.79
C ILE D 533 -35.57 72.47 56.08
N LYS D 534 -35.17 72.20 57.34
CA LYS D 534 -34.49 70.96 57.77
C LYS D 534 -35.22 69.67 57.42
N THR D 535 -36.55 69.74 57.27
CA THR D 535 -37.42 68.60 57.00
C THR D 535 -37.89 68.57 55.54
N LEU D 536 -38.32 69.70 54.98
CA LEU D 536 -38.83 69.78 53.60
C LEU D 536 -37.75 69.63 52.51
N PHE D 537 -36.47 69.76 52.88
CA PHE D 537 -35.34 69.55 51.98
C PHE D 537 -34.38 68.47 52.53
N PRO D 538 -33.81 67.62 51.67
CA PRO D 538 -32.78 66.66 52.04
C PRO D 538 -31.41 67.31 52.29
N LEU D 539 -30.55 66.62 53.03
CA LEU D 539 -29.25 67.10 53.51
C LEU D 539 -28.25 65.94 53.61
N ILE D 540 -28.05 65.24 52.48
CA ILE D 540 -27.11 64.11 52.36
C ILE D 540 -25.66 64.57 52.59
N GLU D 541 -24.82 63.62 53.01
CA GLU D 541 -23.53 63.83 53.65
C GLU D 541 -22.51 64.68 52.87
N ALA D 542 -21.57 65.24 53.64
CA ALA D 542 -20.25 65.62 53.18
C ALA D 542 -19.19 65.16 54.19
N LYS D 543 -17.97 64.85 53.71
CA LYS D 543 -16.82 64.48 54.55
C LYS D 543 -16.30 65.68 55.35
N LYS D 544 -15.45 65.42 56.34
CA LYS D 544 -14.65 66.42 57.06
C LYS D 544 -13.15 66.11 56.96
N LYS D 545 -12.32 67.14 57.07
CA LYS D 545 -10.84 67.10 57.21
C LYS D 545 -10.32 67.78 58.49
N ASP D 546 -9.17 67.34 58.99
CA ASP D 546 -8.59 67.67 60.31
C ASP D 546 -7.48 68.74 60.26
N GLN D 547 -6.79 68.96 61.39
CA GLN D 547 -5.76 70.02 61.52
C GLN D 547 -4.59 69.58 62.43
N VAL D 548 -3.90 70.49 63.16
CA VAL D 548 -2.99 70.13 64.28
C VAL D 548 -3.66 69.27 65.37
N THR D 549 -4.99 69.33 65.46
CA THR D 549 -5.86 68.37 66.15
C THR D 549 -5.56 66.90 65.82
N ALA D 550 -5.02 66.61 64.63
CA ALA D 550 -4.56 65.27 64.24
C ALA D 550 -3.42 64.73 65.11
N GLN D 551 -2.77 65.58 65.93
CA GLN D 551 -1.95 65.17 67.06
C GLN D 551 -1.77 66.32 68.06
N GLU D 552 -2.85 66.68 68.77
CA GLU D 552 -2.86 67.69 69.84
C GLU D 552 -3.65 67.20 71.07
N ILE D 553 -3.33 67.72 72.25
CA ILE D 553 -3.75 67.16 73.55
C ILE D 553 -5.27 67.13 73.77
N PHE D 554 -5.71 66.19 74.61
CA PHE D 554 -7.03 66.15 75.25
C PHE D 554 -8.20 66.38 74.29
N VAL D 725 -47.25 -6.74 76.45
CA VAL D 725 -45.80 -6.70 76.17
C VAL D 725 -44.96 -7.42 77.24
N ASP D 726 -45.60 -7.89 78.32
CA ASP D 726 -44.99 -8.72 79.36
C ASP D 726 -44.49 -10.09 78.84
N ASP D 727 -44.84 -10.50 77.61
CA ASP D 727 -44.35 -11.74 76.99
C ASP D 727 -43.23 -11.51 75.96
N LEU D 728 -42.89 -10.25 75.69
CA LEU D 728 -41.61 -9.87 75.09
C LEU D 728 -40.53 -9.69 76.18
N LEU D 729 -40.96 -9.34 77.40
CA LEU D 729 -40.27 -9.69 78.63
C LEU D 729 -40.37 -11.23 78.87
N ASP D 730 -39.87 -11.72 80.01
CA ASP D 730 -39.75 -13.16 80.30
C ASP D 730 -38.90 -13.95 79.28
N MET D 731 -39.44 -14.99 78.62
CA MET D 731 -38.65 -15.91 77.80
C MET D 731 -38.02 -15.26 76.55
N ALA E 6 22.36 31.46 26.37
CA ALA E 6 21.81 32.56 27.14
C ALA E 6 21.42 33.71 26.21
N GLY E 7 20.15 34.11 26.23
CA GLY E 7 19.56 35.16 25.37
C GLY E 7 19.77 36.58 25.88
N VAL E 8 20.52 36.77 26.96
CA VAL E 8 20.78 38.08 27.55
C VAL E 8 21.50 38.99 26.60
N ARG E 9 22.50 38.55 25.85
CA ARG E 9 23.18 39.45 24.91
C ARG E 9 22.40 39.73 23.66
N CYS E 10 21.68 38.80 23.04
CA CYS E 10 20.87 39.19 21.89
C CYS E 10 19.77 40.17 22.34
N SER E 11 19.21 39.99 23.53
CA SER E 11 18.34 41.00 24.15
C SER E 11 19.07 42.30 24.39
N LEU E 12 20.22 42.39 25.05
CA LEU E 12 20.84 43.72 25.25
C LEU E 12 21.23 44.44 23.96
N LEU E 13 21.60 43.69 22.93
CA LEU E 13 21.95 44.27 21.64
C LEU E 13 20.78 45.03 21.02
N ARG E 14 19.56 44.50 21.10
CA ARG E 14 18.35 45.18 20.60
C ARG E 14 17.94 46.39 21.42
N LEU E 15 18.25 46.45 22.70
CA LEU E 15 17.94 47.63 23.53
C LEU E 15 18.64 48.88 22.97
N GLN E 16 19.93 48.78 22.62
CA GLN E 16 20.67 49.86 21.95
C GLN E 16 20.09 50.26 20.60
N GLU E 17 19.39 49.36 19.89
CA GLU E 17 18.69 49.75 18.67
C GLU E 17 17.48 50.63 18.99
N THR E 18 16.69 50.33 20.04
CA THR E 18 15.53 51.18 20.39
C THR E 18 15.92 52.61 20.74
N LEU E 19 17.12 52.82 21.27
CA LEU E 19 17.67 54.15 21.52
C LEU E 19 17.89 54.94 20.24
N SER E 20 18.23 54.27 19.14
CA SER E 20 18.61 54.86 17.84
C SER E 20 17.52 54.75 16.76
N ALA E 21 16.40 54.09 17.04
CA ALA E 21 15.22 54.07 16.20
C ALA E 21 14.62 55.48 15.98
N ALA E 22 13.96 55.66 14.84
CA ALA E 22 13.41 56.95 14.40
C ALA E 22 12.09 57.33 15.07
N ASP E 23 11.18 56.37 15.26
CA ASP E 23 9.96 56.58 16.05
C ASP E 23 10.29 56.53 17.55
N ARG E 24 10.89 57.60 18.08
CA ARG E 24 11.37 57.64 19.46
C ARG E 24 10.25 57.46 20.48
N CYS E 25 9.02 57.75 20.09
CA CYS E 25 7.84 57.59 20.94
C CYS E 25 7.36 56.14 21.01
N GLY E 26 7.32 55.44 19.87
CA GLY E 26 6.90 54.03 19.79
C GLY E 26 8.00 53.05 20.20
N ALA E 27 9.27 53.34 19.86
CA ALA E 27 10.40 52.48 20.18
C ALA E 27 10.60 52.30 21.69
N ALA E 28 10.24 53.29 22.49
CA ALA E 28 10.21 53.16 23.94
C ALA E 28 9.35 52.00 24.42
N LEU E 29 8.22 51.70 23.77
CA LEU E 29 7.34 50.63 24.21
C LEU E 29 7.97 49.26 23.97
N ALA E 30 8.74 49.13 22.88
CA ALA E 30 9.58 47.96 22.69
C ALA E 30 10.67 47.89 23.78
N GLY E 31 11.44 48.96 23.95
CA GLY E 31 12.54 49.03 24.91
C GLY E 31 12.12 48.71 26.34
N HIS E 32 10.98 49.24 26.80
CA HIS E 32 10.42 48.92 28.10
C HIS E 32 10.18 47.43 28.24
N GLN E 33 9.40 46.84 27.33
CA GLN E 33 9.02 45.44 27.52
C GLN E 33 10.18 44.49 27.27
N LEU E 34 11.15 44.87 26.45
CA LEU E 34 12.43 44.19 26.30
C LEU E 34 13.19 44.12 27.63
N ILE E 35 13.35 45.22 28.35
CA ILE E 35 13.91 45.20 29.72
C ILE E 35 13.06 44.35 30.64
N ARG E 36 11.74 44.47 30.57
CA ARG E 36 10.85 43.69 31.42
C ARG E 36 11.00 42.19 31.17
N GLY E 37 11.47 41.77 30.00
CA GLY E 37 11.80 40.39 29.66
C GLY E 37 13.23 39.98 30.06
N LEU E 38 14.22 40.78 29.72
CA LEU E 38 15.63 40.62 30.10
C LEU E 38 15.81 40.49 31.62
N GLY E 39 15.08 41.30 32.39
CA GLY E 39 15.14 41.21 33.84
C GLY E 39 14.53 39.92 34.40
N GLN E 40 13.60 39.28 33.70
CA GLN E 40 13.09 37.96 34.11
C GLN E 40 14.14 36.88 33.88
N GLU E 41 14.81 36.86 32.72
CA GLU E 41 15.77 35.83 32.36
C GLU E 41 16.90 35.68 33.38
N CYS E 42 17.46 36.77 33.89
CA CYS E 42 18.62 36.69 34.79
C CYS E 42 18.31 36.78 36.29
N VAL E 43 17.11 37.15 36.72
CA VAL E 43 16.66 36.81 38.08
C VAL E 43 16.23 35.34 38.18
N LEU E 44 15.77 34.72 37.08
CA LEU E 44 15.46 33.30 37.03
C LEU E 44 16.69 32.40 37.20
N SER E 45 17.85 32.79 36.66
CA SER E 45 19.07 31.96 36.59
C SER E 45 19.66 31.50 37.94
N SER E 46 20.52 30.48 37.88
CA SER E 46 21.09 29.81 39.05
C SER E 46 22.54 29.31 38.87
N SER E 47 22.94 28.87 37.67
CA SER E 47 24.29 28.35 37.43
C SER E 47 25.37 29.42 37.63
N PRO E 48 26.37 29.24 38.52
CA PRO E 48 27.30 30.31 38.89
C PRO E 48 28.09 30.90 37.72
N ALA E 49 28.44 30.10 36.73
CA ALA E 49 29.12 30.60 35.54
C ALA E 49 28.19 31.46 34.67
N VAL E 50 26.99 30.96 34.35
CA VAL E 50 26.02 31.71 33.53
C VAL E 50 25.60 33.00 34.23
N LEU E 51 25.39 32.93 35.53
CA LEU E 51 25.12 34.09 36.36
C LEU E 51 26.28 35.10 36.29
N ALA E 52 27.54 34.67 36.35
CA ALA E 52 28.66 35.58 36.18
C ALA E 52 28.65 36.26 34.82
N LEU E 53 28.39 35.53 33.73
CA LEU E 53 28.25 36.13 32.40
C LEU E 53 27.20 37.22 32.43
N GLN E 54 26.00 36.91 32.91
CA GLN E 54 24.90 37.85 32.95
C GLN E 54 25.27 39.09 33.77
N THR E 55 25.95 38.99 34.92
CA THR E 55 26.36 40.22 35.62
C THR E 55 27.18 41.12 34.73
N SER E 56 28.17 40.61 34.00
CA SER E 56 29.05 41.47 33.21
C SER E 56 28.54 41.75 31.81
N LEU E 57 27.40 41.18 31.43
CA LEU E 57 26.61 41.63 30.31
C LEU E 57 25.71 42.79 30.74
N VAL E 58 25.05 42.67 31.89
CA VAL E 58 24.24 43.73 32.48
C VAL E 58 25.09 44.97 32.72
N PHE E 59 26.19 44.86 33.44
CA PHE E 59 27.09 45.96 33.76
C PHE E 59 28.15 46.25 32.71
N SER E 60 27.90 45.90 31.45
CA SER E 60 28.87 46.11 30.36
C SER E 60 29.25 47.59 30.18
N ARG E 61 30.37 47.86 29.51
CA ARG E 61 31.04 49.18 29.46
C ARG E 61 30.84 49.92 28.14
N ASP E 62 30.55 49.21 27.07
CA ASP E 62 30.38 49.72 25.70
C ASP E 62 28.95 49.50 25.18
N PHE E 63 28.09 49.06 26.08
CA PHE E 63 26.90 48.24 25.85
C PHE E 63 26.19 48.14 27.20
N GLY E 64 25.13 47.34 27.36
CA GLY E 64 24.65 47.08 28.72
C GLY E 64 23.77 48.19 29.30
N LEU E 65 23.27 47.98 30.51
CA LEU E 65 22.15 48.74 31.07
C LEU E 65 22.54 50.16 31.46
N LEU E 66 23.64 50.33 32.20
CA LEU E 66 24.00 51.64 32.73
C LEU E 66 24.43 52.59 31.62
N VAL E 67 25.00 52.09 30.54
CA VAL E 67 25.28 52.92 29.35
C VAL E 67 23.98 53.31 28.66
N PHE E 68 23.01 52.41 28.54
CA PHE E 68 21.70 52.79 28.00
C PHE E 68 21.05 53.90 28.83
N VAL E 69 21.08 53.82 30.16
CA VAL E 69 20.54 54.90 31.02
C VAL E 69 21.24 56.20 30.74
N ARG E 70 22.55 56.26 30.92
CA ARG E 70 23.32 57.51 30.86
C ARG E 70 23.37 58.11 29.45
N LYS E 71 23.15 57.31 28.41
CA LYS E 71 23.06 57.74 27.00
C LYS E 71 21.64 58.10 26.54
N SER E 72 20.59 57.59 27.18
CA SER E 72 19.19 58.02 26.95
C SER E 72 18.71 59.16 27.84
N LEU E 73 19.58 59.78 28.64
CA LEU E 73 19.15 60.54 29.83
C LEU E 73 18.47 61.87 29.52
N ASN E 74 18.61 62.41 28.31
CA ASN E 74 17.97 63.66 27.88
C ASN E 74 16.55 63.50 27.31
N SER E 75 16.17 62.31 26.82
CA SER E 75 14.81 62.02 26.36
C SER E 75 13.76 62.10 27.49
N ILE E 76 12.51 62.37 27.13
CA ILE E 76 11.35 62.33 28.03
C ILE E 76 10.42 61.13 27.72
N GLU E 77 10.62 60.47 26.60
CA GLU E 77 9.91 59.26 26.22
C GLU E 77 10.36 58.05 27.05
N PHE E 78 11.66 57.92 27.30
CA PHE E 78 12.24 56.74 27.95
C PHE E 78 12.09 56.68 29.48
N ARG E 79 11.28 57.52 30.13
CA ARG E 79 11.04 57.43 31.59
C ARG E 79 10.68 56.02 32.03
N GLU E 80 9.79 55.36 31.29
CA GLU E 80 9.27 54.05 31.67
C GLU E 80 10.38 52.99 31.68
N CYS E 81 11.37 53.15 30.79
CA CYS E 81 12.57 52.32 30.77
C CYS E 81 13.48 52.61 31.97
N ARG E 82 13.73 53.87 32.32
CA ARG E 82 14.53 54.22 33.50
C ARG E 82 13.88 53.78 34.80
N GLU E 83 12.57 53.83 34.95
CA GLU E 83 11.98 53.25 36.14
C GLU E 83 12.29 51.75 36.18
N GLU E 84 11.97 51.02 35.13
CA GLU E 84 12.04 49.56 35.18
C GLU E 84 13.46 49.06 35.32
N ILE E 85 14.43 49.72 34.69
CA ILE E 85 15.82 49.33 34.79
C ILE E 85 16.33 49.54 36.21
N LEU E 86 15.90 50.58 36.92
CA LEU E 86 16.30 50.83 38.29
C LEU E 86 15.55 49.92 39.26
N LYS E 87 14.27 49.62 39.03
CA LYS E 87 13.59 48.57 39.78
C LYS E 87 14.28 47.22 39.59
N PHE E 88 14.65 46.83 38.38
CA PHE E 88 15.41 45.61 38.13
C PHE E 88 16.75 45.62 38.86
N LEU E 89 17.57 46.67 38.78
CA LEU E 89 18.84 46.70 39.50
C LEU E 89 18.66 46.60 41.01
N CYS E 90 17.59 47.16 41.59
CA CYS E 90 17.26 46.98 42.98
C CYS E 90 17.05 45.48 43.34
N ILE E 91 16.48 44.67 42.44
CA ILE E 91 16.42 43.21 42.61
C ILE E 91 17.78 42.57 42.40
N PHE E 92 18.48 42.87 41.32
CA PHE E 92 19.74 42.20 40.97
C PHE E 92 20.83 42.41 42.03
N LEU E 93 20.90 43.60 42.62
CA LEU E 93 21.80 43.93 43.71
C LEU E 93 21.43 43.21 45.02
N GLU E 94 20.17 42.83 45.22
CA GLU E 94 19.79 41.97 46.33
C GLU E 94 20.17 40.51 46.06
N LYS E 95 19.88 39.99 44.86
CA LYS E 95 20.22 38.64 44.40
C LYS E 95 21.71 38.36 44.54
N MET E 96 22.52 39.32 44.13
CA MET E 96 23.96 39.19 44.05
C MET E 96 24.74 39.63 45.29
N GLY E 97 24.16 40.43 46.17
CA GLY E 97 24.86 40.93 47.36
C GLY E 97 26.22 41.56 47.02
N GLN E 98 27.25 41.30 47.84
CA GLN E 98 28.56 41.91 47.63
C GLN E 98 29.32 41.47 46.37
N LYS E 99 28.83 40.50 45.60
CA LYS E 99 29.45 40.09 44.33
C LYS E 99 29.48 41.23 43.29
N ILE E 100 28.66 42.26 43.46
CA ILE E 100 28.57 43.47 42.61
C ILE E 100 29.78 44.42 42.76
N ALA E 101 30.70 44.17 43.68
CA ALA E 101 31.72 45.13 44.09
C ALA E 101 32.38 45.95 42.97
N PRO E 102 32.95 45.39 41.89
CA PRO E 102 33.66 46.19 40.89
C PRO E 102 32.77 47.16 40.12
N TYR E 103 31.46 46.89 40.00
CA TYR E 103 30.50 47.78 39.33
C TYR E 103 29.88 48.83 40.26
N SER E 104 30.00 48.65 41.57
CA SER E 104 29.24 49.42 42.56
C SER E 104 29.42 50.93 42.44
N VAL E 105 30.61 51.42 42.14
CA VAL E 105 30.84 52.86 41.95
C VAL E 105 30.02 53.41 40.79
N GLU E 106 29.90 52.66 39.69
CA GLU E 106 29.18 53.17 38.54
C GLU E 106 27.66 53.05 38.68
N ILE E 107 27.17 52.15 39.53
CA ILE E 107 25.78 52.22 39.96
C ILE E 107 25.52 53.55 40.68
N LYS E 108 26.37 53.95 41.62
CA LYS E 108 26.22 55.24 42.31
C LYS E 108 26.16 56.40 41.33
N ASN E 109 27.09 56.48 40.38
CA ASN E 109 27.12 57.54 39.39
C ASN E 109 25.87 57.54 38.49
N THR E 110 25.31 56.38 38.19
CA THR E 110 24.03 56.32 37.49
C THR E 110 22.91 56.85 38.35
N CYS E 111 22.85 56.53 39.64
CA CYS E 111 21.78 57.02 40.50
C CYS E 111 21.77 58.53 40.66
N THR E 112 22.92 59.15 40.91
CA THR E 112 22.95 60.61 41.09
C THR E 112 22.74 61.35 39.77
N SER E 113 23.23 60.83 38.65
CA SER E 113 22.95 61.43 37.35
C SER E 113 21.46 61.32 37.03
N VAL E 114 20.81 60.17 37.17
CA VAL E 114 19.35 60.05 36.99
C VAL E 114 18.60 61.01 37.89
N TYR E 115 18.98 61.09 39.16
CA TYR E 115 18.26 61.92 40.09
C TYR E 115 18.32 63.40 39.73
N THR E 116 19.48 63.94 39.35
CA THR E 116 19.56 65.36 39.01
C THR E 116 18.89 65.68 37.69
N LYS E 117 19.12 64.89 36.64
CA LYS E 117 18.69 65.24 35.28
C LYS E 117 17.26 64.91 34.96
N ASP E 118 16.57 64.11 35.76
CA ASP E 118 15.21 63.67 35.46
C ASP E 118 14.18 64.40 36.33
N ARG E 119 13.19 65.04 35.71
CA ARG E 119 12.17 65.85 36.37
C ARG E 119 11.12 65.01 37.12
N ALA E 120 10.90 63.76 36.74
CA ALA E 120 9.81 62.94 37.29
C ALA E 120 10.22 62.25 38.59
N ALA E 121 9.46 62.45 39.66
CA ALA E 121 9.53 61.77 40.94
C ALA E 121 9.52 60.26 40.82
N LYS E 122 8.77 59.68 39.88
CA LYS E 122 8.80 58.23 39.69
C LYS E 122 10.12 57.69 39.12
N CYS E 123 10.99 58.53 38.57
CA CYS E 123 12.39 58.20 38.29
C CYS E 123 13.32 58.58 39.44
N LYS E 124 13.09 59.72 40.10
CA LYS E 124 13.87 60.10 41.27
C LYS E 124 13.74 59.09 42.41
N ILE E 125 12.58 58.49 42.63
CA ILE E 125 12.36 57.45 43.64
C ILE E 125 13.29 56.25 43.44
N PRO E 126 13.29 55.49 42.34
CA PRO E 126 14.19 54.36 42.25
C PRO E 126 15.65 54.76 42.28
N ALA E 127 16.03 55.93 41.77
CA ALA E 127 17.40 56.40 41.86
C ALA E 127 17.82 56.58 43.31
N LEU E 128 16.94 57.08 44.17
CA LEU E 128 17.16 57.12 45.61
C LEU E 128 17.16 55.72 46.21
N ASP E 129 16.14 54.90 45.95
CA ASP E 129 16.05 53.53 46.50
C ASP E 129 17.31 52.72 46.26
N LEU E 130 17.86 52.82 45.06
CA LEU E 130 19.02 52.05 44.69
C LEU E 130 20.24 52.53 45.47
N LEU E 131 20.40 53.84 45.71
CA LEU E 131 21.43 54.33 46.61
C LEU E 131 21.24 53.85 48.04
N ILE E 132 20.02 53.76 48.57
CA ILE E 132 19.78 53.21 49.90
C ILE E 132 20.38 51.81 49.98
N LYS E 133 19.98 50.87 49.13
CA LYS E 133 20.51 49.50 49.17
C LYS E 133 21.99 49.43 48.85
N LEU E 134 22.49 50.26 47.94
CA LEU E 134 23.90 50.28 47.59
C LEU E 134 24.73 50.67 48.80
N LEU E 135 24.42 51.80 49.43
CA LEU E 135 25.11 52.25 50.63
C LEU E 135 25.00 51.21 51.73
N GLN E 136 23.80 50.67 51.97
CA GLN E 136 23.52 49.73 53.03
C GLN E 136 24.27 48.40 52.90
N THR E 137 24.42 47.86 51.68
CA THR E 137 25.12 46.58 51.48
C THR E 137 26.63 46.75 51.49
N PHE E 138 27.17 47.82 50.92
CA PHE E 138 28.61 48.09 50.92
C PHE E 138 29.11 48.78 52.19
N ARG E 139 28.33 48.85 53.28
CA ARG E 139 28.69 49.47 54.58
C ARG E 139 30.11 49.15 55.05
N SER E 140 30.48 47.87 55.08
CA SER E 140 31.78 47.39 55.57
C SER E 140 32.94 47.55 54.58
N SER E 141 32.66 47.97 53.35
CA SER E 141 33.55 47.78 52.21
C SER E 141 34.77 48.69 52.20
N ARG E 142 35.84 48.20 51.55
CA ARG E 142 36.97 49.01 51.10
C ARG E 142 36.53 50.10 50.13
N LEU E 143 35.51 49.86 49.29
CA LEU E 143 34.99 50.81 48.30
C LEU E 143 34.42 52.11 48.92
N MET E 144 34.08 52.07 50.21
CA MET E 144 33.29 53.11 50.85
C MET E 144 33.96 54.51 50.85
N ASP E 145 35.28 54.60 50.65
CA ASP E 145 35.93 55.91 50.46
C ASP E 145 35.75 56.46 49.04
N GLU E 146 35.94 55.64 48.01
CA GLU E 146 35.85 56.06 46.61
C GLU E 146 34.41 56.22 46.11
N PHE E 147 33.41 55.90 46.92
CA PHE E 147 32.05 56.41 46.75
C PHE E 147 31.99 57.94 46.82
N LYS E 148 33.03 58.65 47.29
CA LYS E 148 33.01 60.08 47.60
C LYS E 148 31.81 60.38 48.50
N ILE E 149 31.78 59.73 49.65
CA ILE E 149 30.63 59.72 50.57
C ILE E 149 30.32 61.07 51.25
N GLY E 150 31.25 62.00 51.29
CA GLY E 150 31.05 63.34 51.88
C GLY E 150 30.60 64.38 50.87
N GLU E 151 31.13 64.32 49.65
CA GLU E 151 30.63 65.11 48.53
C GLU E 151 29.14 64.80 48.29
N LEU E 152 28.75 63.54 48.39
CA LEU E 152 27.36 63.11 48.32
C LEU E 152 26.49 63.78 49.38
N PHE E 153 26.95 63.89 50.63
CA PHE E 153 26.23 64.65 51.64
C PHE E 153 26.06 66.10 51.21
N SER E 154 27.12 66.78 50.77
CA SER E 154 26.98 68.17 50.34
C SER E 154 25.97 68.30 49.18
N LYS E 155 25.91 67.33 48.27
CA LYS E 155 24.98 67.33 47.14
C LYS E 155 23.55 67.23 47.61
N PHE E 156 23.18 66.17 48.33
CA PHE E 156 21.78 66.01 48.73
C PHE E 156 21.37 66.89 49.90
N TYR E 157 22.28 67.39 50.73
CA TYR E 157 21.95 68.41 51.74
C TYR E 157 21.53 69.72 51.07
N GLY E 158 22.25 70.13 50.02
CA GLY E 158 21.93 71.34 49.28
C GLY E 158 20.50 71.36 48.73
N GLU E 159 19.90 70.22 48.40
CA GLU E 159 18.53 70.19 47.90
C GLU E 159 17.53 70.78 48.89
N LEU E 160 17.80 70.76 50.19
CA LEU E 160 16.87 71.25 51.20
C LEU E 160 16.68 72.76 51.19
N ALA E 161 17.67 73.51 50.70
CA ALA E 161 17.62 74.97 50.64
C ALA E 161 16.50 75.49 49.73
N LEU E 162 15.86 74.58 49.00
CA LEU E 162 14.70 74.77 48.14
C LEU E 162 13.64 73.65 48.34
N LYS E 163 13.60 73.00 49.52
CA LYS E 163 12.84 71.75 49.78
C LYS E 163 11.36 71.81 49.43
N LYS E 164 10.77 72.99 49.58
CA LYS E 164 9.39 73.32 49.25
C LYS E 164 8.95 72.86 47.85
N LYS E 165 9.86 72.89 46.89
CA LYS E 165 9.62 72.47 45.50
C LYS E 165 9.56 70.96 45.34
N ILE E 166 10.26 70.21 46.19
CA ILE E 166 10.46 68.76 46.10
C ILE E 166 9.17 68.04 46.48
N PRO E 167 8.63 67.12 45.65
CA PRO E 167 7.41 66.42 45.97
C PRO E 167 7.51 65.58 47.24
N ASP E 168 6.39 65.39 47.93
CA ASP E 168 6.32 64.75 49.23
C ASP E 168 7.08 63.43 49.27
N THR E 169 6.77 62.47 48.42
CA THR E 169 7.39 61.15 48.52
C THR E 169 8.87 61.14 48.13
N VAL E 170 9.36 62.12 47.38
CA VAL E 170 10.80 62.25 47.12
C VAL E 170 11.51 62.77 48.36
N LEU E 171 10.85 63.63 49.11
CA LEU E 171 11.36 64.15 50.36
C LEU E 171 11.34 63.10 51.48
N GLU E 172 10.58 62.00 51.42
CA GLU E 172 10.91 60.88 52.31
C GLU E 172 12.34 60.42 52.07
N LYS E 173 12.69 60.21 50.80
CA LYS E 173 13.87 59.44 50.47
C LYS E 173 15.11 60.26 50.63
N VAL E 174 15.04 61.58 50.44
CA VAL E 174 16.17 62.46 50.75
C VAL E 174 16.50 62.37 52.23
N TYR E 175 15.55 62.13 53.12
CA TYR E 175 15.83 61.96 54.53
C TYR E 175 16.19 60.54 54.95
N GLU E 176 15.53 59.54 54.41
CA GLU E 176 16.02 58.18 54.50
C GLU E 176 17.51 58.11 54.11
N LEU E 177 17.90 58.76 53.00
CA LEU E 177 19.29 58.81 52.55
C LEU E 177 20.15 59.59 53.53
N LEU E 178 19.85 60.86 53.78
CA LEU E 178 20.76 61.74 54.52
C LEU E 178 21.07 61.17 55.90
N GLY E 179 20.06 60.74 56.64
CA GLY E 179 20.29 60.14 57.95
C GLY E 179 21.19 58.91 57.86
N LEU E 180 21.05 58.10 56.82
CA LEU E 180 21.87 56.92 56.61
C LEU E 180 23.33 57.24 56.31
N LEU E 181 23.67 58.41 55.78
CA LEU E 181 25.08 58.77 55.59
C LEU E 181 25.84 58.83 56.93
N GLY E 182 25.14 59.18 58.01
CA GLY E 182 25.67 59.14 59.37
C GLY E 182 25.65 57.75 60.01
N GLU E 183 25.03 56.76 59.40
CA GLU E 183 25.19 55.37 59.85
C GLU E 183 26.45 54.75 59.25
N VAL E 184 26.60 54.83 57.94
CA VAL E 184 27.55 53.98 57.19
C VAL E 184 28.99 54.44 57.23
N HIS E 185 29.29 55.74 57.35
CA HIS E 185 30.66 56.23 57.27
C HIS E 185 30.88 57.48 58.13
N PRO E 186 30.82 57.32 59.48
CA PRO E 186 30.83 58.42 60.41
C PRO E 186 32.01 59.38 60.25
N SER E 187 33.20 58.90 59.93
CA SER E 187 34.41 59.73 59.91
C SER E 187 34.32 60.91 58.95
N GLU E 188 33.69 60.77 57.79
CA GLU E 188 33.53 61.87 56.85
C GLU E 188 32.40 62.82 57.24
N MET E 189 31.46 62.36 58.06
CA MET E 189 30.34 63.14 58.59
C MET E 189 30.70 63.96 59.84
N ILE E 190 31.92 63.91 60.34
CA ILE E 190 32.19 64.22 61.75
C ILE E 190 31.78 65.65 62.21
N ASN E 191 31.85 66.66 61.34
CA ASN E 191 31.38 68.02 61.63
C ASN E 191 29.97 68.32 61.09
N ASN E 192 29.56 67.71 59.97
CA ASN E 192 28.27 67.97 59.34
C ASN E 192 27.08 67.53 60.19
N ALA E 193 27.25 66.55 61.07
CA ALA E 193 26.17 65.97 61.85
C ALA E 193 25.35 66.99 62.64
N GLU E 194 25.95 68.05 63.19
CA GLU E 194 25.18 69.01 63.97
C GLU E 194 24.20 69.83 63.13
N ASN E 195 24.62 70.28 61.95
CA ASN E 195 23.71 70.96 61.02
C ASN E 195 22.60 70.05 60.53
N LEU E 196 22.90 68.79 60.26
CA LEU E 196 21.87 67.85 59.89
C LEU E 196 20.91 67.56 61.06
N PHE E 197 21.35 67.59 62.33
CA PHE E 197 20.41 67.57 63.46
C PHE E 197 19.50 68.80 63.45
N ARG E 198 20.06 70.00 63.31
CA ARG E 198 19.29 71.25 63.24
C ARG E 198 18.23 71.16 62.13
N ALA E 199 18.59 70.62 60.98
CA ALA E 199 17.68 70.41 59.85
C ALA E 199 16.56 69.41 60.15
N PHE E 200 16.89 68.21 60.63
CA PHE E 200 15.89 67.18 60.93
C PHE E 200 14.90 67.63 61.99
N LEU E 201 15.37 68.32 63.03
CA LEU E 201 14.50 68.82 64.09
C LEU E 201 13.65 69.98 63.60
N GLY E 202 14.26 71.00 62.99
CA GLY E 202 13.53 72.19 62.54
C GLY E 202 12.40 71.83 61.58
N GLU E 203 12.68 70.92 60.65
CA GLU E 203 11.65 70.42 59.76
C GLU E 203 10.57 69.67 60.53
N LEU E 204 10.93 68.69 61.36
CA LEU E 204 9.92 67.86 62.01
C LEU E 204 9.03 68.65 62.98
N LYS E 205 9.59 69.67 63.65
CA LYS E 205 8.82 70.63 64.45
C LYS E 205 7.76 71.31 63.60
N THR E 206 8.19 71.91 62.50
CA THR E 206 7.32 72.60 61.58
C THR E 206 6.26 71.67 61.02
N GLN E 207 6.60 70.43 60.69
CA GLN E 207 5.68 69.45 60.14
C GLN E 207 4.64 68.96 61.17
N MET E 208 5.03 68.75 62.43
CA MET E 208 4.11 68.27 63.47
C MET E 208 3.25 69.36 64.09
N THR E 209 3.85 70.50 64.42
CA THR E 209 3.25 71.54 65.29
C THR E 209 2.49 72.63 64.54
N SER E 210 2.56 72.68 63.21
CA SER E 210 1.89 73.73 62.43
C SER E 210 0.38 73.69 62.56
N ALA E 211 -0.21 74.84 62.90
CA ALA E 211 -1.64 75.01 63.07
C ALA E 211 -2.41 75.20 61.75
N VAL E 212 -1.70 75.55 60.66
CA VAL E 212 -2.31 75.98 59.39
C VAL E 212 -2.57 74.83 58.40
N ARG E 213 -1.81 73.73 58.50
CA ARG E 213 -1.88 72.58 57.59
C ARG E 213 -1.78 71.27 58.36
N GLU E 214 -2.60 70.31 57.97
CA GLU E 214 -2.45 68.92 58.38
C GLU E 214 -1.10 68.35 57.93
N PRO E 215 -0.50 67.41 58.67
CA PRO E 215 0.84 66.92 58.39
C PRO E 215 0.90 66.13 57.09
N LYS E 216 2.01 66.25 56.37
CA LYS E 216 2.42 65.41 55.26
C LYS E 216 3.06 64.14 55.82
N LEU E 217 2.26 63.13 56.08
CA LEU E 217 2.68 61.85 56.65
C LEU E 217 3.96 61.27 56.02
N PRO E 218 4.13 61.15 54.70
CA PRO E 218 5.37 60.65 54.11
C PRO E 218 6.62 61.43 54.50
N VAL E 219 6.55 62.76 54.58
CA VAL E 219 7.70 63.59 54.96
C VAL E 219 8.04 63.39 56.44
N LEU E 220 7.02 63.29 57.27
CA LEU E 220 7.17 63.06 58.70
C LEU E 220 7.79 61.67 58.97
N ALA E 221 7.32 60.63 58.30
CA ALA E 221 7.93 59.31 58.38
C ALA E 221 9.38 59.32 57.89
N GLY E 222 9.69 60.01 56.80
CA GLY E 222 11.05 60.14 56.28
C GLY E 222 12.02 60.79 57.26
N CYS E 223 11.58 61.77 58.06
CA CYS E 223 12.43 62.30 59.14
C CYS E 223 12.75 61.24 60.17
N LEU E 224 11.74 60.58 60.74
CA LEU E 224 11.92 59.59 61.80
C LEU E 224 12.79 58.42 61.34
N LYS E 225 12.60 57.93 60.11
CA LYS E 225 13.43 56.85 59.56
C LYS E 225 14.88 57.28 59.47
N GLY E 226 15.16 58.43 58.88
CA GLY E 226 16.53 58.90 58.70
C GLY E 226 17.21 59.18 60.03
N LEU E 227 16.48 59.79 60.94
CA LEU E 227 16.93 60.06 62.29
C LEU E 227 17.36 58.79 63.03
N SER E 228 16.59 57.70 62.92
CA SER E 228 16.94 56.44 63.58
C SER E 228 18.32 55.93 63.16
N SER E 229 18.77 56.21 61.94
CA SER E 229 20.14 55.94 61.52
C SER E 229 21.11 56.96 62.07
N LEU E 230 20.72 58.22 62.13
CA LEU E 230 21.59 59.30 62.57
C LEU E 230 22.00 59.17 64.03
N LEU E 231 21.14 58.70 64.92
CA LEU E 231 21.46 58.52 66.34
C LEU E 231 22.37 57.32 66.63
N CYS E 232 22.72 56.50 65.63
CA CYS E 232 23.49 55.29 65.85
C CYS E 232 24.97 55.59 66.13
N ASN E 233 25.57 56.46 65.32
CA ASN E 233 26.70 57.29 65.74
C ASN E 233 26.15 58.62 66.31
N PHE E 234 26.98 59.63 66.57
CA PHE E 234 26.52 61.00 66.90
C PHE E 234 25.39 61.07 67.95
N THR E 235 25.60 60.44 69.10
CA THR E 235 24.61 60.32 70.18
C THR E 235 24.18 61.66 70.78
N LYS E 236 22.96 61.72 71.34
CA LYS E 236 22.38 62.88 72.03
C LYS E 236 21.48 62.44 73.20
N SER E 237 22.08 62.13 74.35
CA SER E 237 21.38 61.65 75.56
C SER E 237 21.75 62.46 76.79
N MET E 238 20.79 62.67 77.70
CA MET E 238 20.73 63.80 78.66
C MET E 238 21.92 64.04 79.61
N GLU E 239 22.88 63.14 79.69
CA GLU E 239 24.19 63.46 80.26
C GLU E 239 24.88 64.63 79.52
N GLU E 240 24.62 64.80 78.22
CA GLU E 240 25.04 65.93 77.38
C GLU E 240 23.94 66.34 76.39
N ASP E 241 23.87 67.62 76.02
CA ASP E 241 22.81 68.18 75.18
C ASP E 241 21.38 67.83 75.66
N PRO E 242 21.01 68.19 76.90
CA PRO E 242 19.73 67.80 77.50
C PRO E 242 18.53 68.43 76.82
N GLN E 243 18.70 69.59 76.18
CA GLN E 243 17.60 70.28 75.49
C GLN E 243 17.26 69.61 74.17
N THR E 244 18.22 69.37 73.28
CA THR E 244 17.92 68.73 72.00
C THR E 244 17.43 67.30 72.18
N SER E 245 17.96 66.59 73.16
CA SER E 245 17.49 65.24 73.49
C SER E 245 16.09 65.22 74.10
N ARG E 246 15.67 66.27 74.82
CA ARG E 246 14.26 66.45 75.21
C ARG E 246 13.38 66.65 73.99
N GLU E 247 13.79 67.52 73.07
CA GLU E 247 13.03 67.83 71.86
C GLU E 247 12.78 66.58 71.00
N ILE E 248 13.83 65.80 70.76
CA ILE E 248 13.70 64.53 70.02
C ILE E 248 12.68 63.65 70.73
N PHE E 249 12.79 63.48 72.04
CA PHE E 249 11.90 62.60 72.77
C PHE E 249 10.45 63.06 72.68
N ASN E 250 10.15 64.33 72.90
CA ASN E 250 8.75 64.73 72.90
C ASN E 250 8.13 64.69 71.48
N PHE E 251 8.92 64.82 70.40
CA PHE E 251 8.43 64.49 69.06
C PHE E 251 8.17 63.00 68.87
N VAL E 252 8.97 62.11 69.47
CA VAL E 252 8.63 60.70 69.49
C VAL E 252 7.31 60.47 70.22
N LEU E 253 7.04 61.16 71.33
CA LEU E 253 5.70 61.06 71.95
C LEU E 253 4.60 61.51 71.01
N LYS E 254 4.76 62.65 70.32
CA LYS E 254 3.79 63.12 69.33
C LYS E 254 3.52 62.06 68.26
N ALA E 255 4.55 61.41 67.75
CA ALA E 255 4.39 60.35 66.76
C ALA E 255 3.65 59.13 67.32
N ILE E 256 4.10 58.63 68.47
CA ILE E 256 3.69 57.34 69.04
C ILE E 256 2.25 57.39 69.52
N ARG E 257 1.83 58.49 70.16
CA ARG E 257 0.49 58.63 70.73
C ARG E 257 -0.57 58.56 69.62
N PRO E 258 -1.54 57.62 69.66
CA PRO E 258 -2.69 57.61 68.75
C PRO E 258 -3.67 58.70 69.19
N GLN E 259 -3.24 59.97 69.07
CA GLN E 259 -3.98 61.12 69.58
C GLN E 259 -5.33 61.31 68.85
N ILE E 260 -5.35 60.90 67.57
CA ILE E 260 -6.51 60.42 66.85
C ILE E 260 -6.00 59.35 65.86
N ASP E 261 -6.81 58.34 65.54
CA ASP E 261 -6.38 57.20 64.73
C ASP E 261 -6.09 57.57 63.27
N LEU E 262 -4.94 57.11 62.76
CA LEU E 262 -4.65 57.08 61.33
C LEU E 262 -5.29 55.86 60.66
N LYS E 263 -5.56 55.97 59.37
CA LYS E 263 -5.93 54.86 58.47
C LYS E 263 -4.74 54.27 57.69
N ARG E 264 -3.51 54.76 57.93
CA ARG E 264 -2.23 54.15 57.52
C ARG E 264 -1.17 54.35 58.60
N TYR E 265 -0.35 53.34 58.87
CA TYR E 265 0.46 53.27 60.10
C TYR E 265 1.94 53.58 59.95
N ALA E 266 2.37 54.09 58.79
CA ALA E 266 3.78 54.40 58.54
C ALA E 266 4.41 55.34 59.58
N VAL E 267 3.65 56.32 60.07
CA VAL E 267 4.10 57.28 61.07
C VAL E 267 4.34 56.66 62.46
N PRO E 268 3.38 55.96 63.10
CA PRO E 268 3.67 55.22 64.32
C PRO E 268 4.76 54.18 64.10
N SER E 269 4.70 53.42 63.02
CA SER E 269 5.66 52.37 62.69
C SER E 269 7.11 52.89 62.69
N ALA E 270 7.37 54.02 62.03
CA ALA E 270 8.68 54.65 62.04
C ALA E 270 9.04 55.19 63.42
N GLY E 271 8.09 55.78 64.13
CA GLY E 271 8.31 56.31 65.48
C GLY E 271 8.72 55.20 66.45
N LEU E 272 8.09 54.02 66.37
CA LEU E 272 8.38 52.91 67.26
C LEU E 272 9.80 52.41 67.08
N ARG E 273 10.27 52.22 65.85
CA ARG E 273 11.65 51.76 65.61
C ARG E 273 12.65 52.74 66.19
N LEU E 274 12.46 54.03 65.98
CA LEU E 274 13.31 55.05 66.57
C LEU E 274 13.35 54.93 68.10
N PHE E 275 12.19 54.74 68.72
CA PHE E 275 12.11 54.58 70.16
C PHE E 275 12.82 53.33 70.66
N ALA E 276 12.60 52.19 70.01
CA ALA E 276 13.19 50.92 70.41
C ALA E 276 14.72 50.95 70.37
N LEU E 277 15.31 51.43 69.26
CA LEU E 277 16.76 51.44 69.10
C LEU E 277 17.45 52.45 70.02
N HIS E 278 16.77 53.54 70.38
CA HIS E 278 17.40 54.67 71.05
C HIS E 278 16.74 55.08 72.36
N ALA E 279 15.96 54.23 73.03
CA ALA E 279 15.49 54.52 74.39
C ALA E 279 16.65 54.82 75.35
N SER E 280 17.84 54.26 75.13
CA SER E 280 19.06 54.59 75.88
C SER E 280 19.47 56.04 75.71
N GLN E 281 19.05 56.69 74.62
CA GLN E 281 19.20 58.11 74.46
C GLN E 281 18.28 58.93 75.38
N PHE E 282 17.11 58.43 75.76
CA PHE E 282 16.09 59.25 76.42
C PHE E 282 15.97 58.99 77.93
N SER E 283 17.05 58.55 78.58
CA SER E 283 17.06 57.96 79.94
C SER E 283 16.07 58.56 80.94
N THR E 284 16.20 59.84 81.29
CA THR E 284 15.30 60.53 82.24
C THR E 284 13.84 60.50 81.78
N CYS E 285 13.59 60.79 80.50
CA CYS E 285 12.25 61.02 80.01
C CYS E 285 11.36 59.76 80.06
N LEU E 286 11.95 58.56 79.97
CA LEU E 286 11.24 57.30 80.25
C LEU E 286 10.48 57.36 81.58
N LEU E 287 11.06 58.02 82.59
CA LEU E 287 10.54 58.07 83.95
C LEU E 287 9.70 59.32 84.21
N ASP E 288 9.71 60.31 83.32
CA ASP E 288 8.78 61.44 83.39
C ASP E 288 7.37 61.02 82.92
N ASN E 289 7.28 60.51 81.70
CA ASN E 289 6.01 60.25 81.00
C ASN E 289 5.47 58.83 81.19
N TYR E 290 5.96 58.12 82.21
CA TYR E 290 6.02 56.66 82.24
C TYR E 290 4.71 55.92 82.01
N VAL E 291 3.59 56.35 82.60
CA VAL E 291 2.32 55.65 82.40
C VAL E 291 1.87 55.73 80.94
N SER E 292 1.84 56.95 80.41
CA SER E 292 1.39 57.23 79.06
C SER E 292 2.23 56.47 78.04
N LEU E 293 3.53 56.33 78.31
CA LEU E 293 4.38 55.45 77.53
C LEU E 293 3.85 54.03 77.59
N PHE E 294 3.82 53.40 78.75
CA PHE E 294 3.46 51.98 78.80
C PHE E 294 1.98 51.70 78.45
N GLU E 295 1.07 52.63 78.72
CA GLU E 295 -0.30 52.61 78.21
C GLU E 295 -0.33 52.58 76.70
N VAL E 296 0.33 53.53 76.03
CA VAL E 296 0.30 53.62 74.57
C VAL E 296 1.10 52.48 73.93
N LEU E 297 2.31 52.18 74.40
CA LEU E 297 3.07 51.06 73.89
C LEU E 297 2.23 49.78 74.00
N LEU E 298 1.66 49.49 75.17
CA LEU E 298 0.83 48.31 75.32
C LEU E 298 -0.45 48.36 74.46
N LYS E 299 -1.04 49.54 74.26
CA LYS E 299 -2.16 49.71 73.32
C LYS E 299 -1.77 49.27 71.91
N TRP E 300 -0.55 49.56 71.46
CA TRP E 300 -0.07 49.09 70.15
C TRP E 300 0.11 47.57 70.06
N CYS E 301 0.28 46.84 71.16
CA CYS E 301 0.26 45.37 71.11
C CYS E 301 -1.11 44.78 70.71
N ALA E 302 -2.20 45.52 70.85
CA ALA E 302 -3.52 45.07 70.40
C ALA E 302 -3.74 45.16 68.88
N HIS E 303 -2.87 45.86 68.14
CA HIS E 303 -3.21 46.37 66.80
C HIS E 303 -3.04 45.33 65.68
N THR E 304 -3.92 45.36 64.67
CA THR E 304 -4.10 44.22 63.75
C THR E 304 -3.06 44.12 62.62
N ASN E 305 -2.34 45.18 62.27
CA ASN E 305 -1.23 45.10 61.32
C ASN E 305 -0.01 44.44 61.96
N VAL E 306 0.55 43.42 61.31
CA VAL E 306 1.60 42.58 61.91
C VAL E 306 2.95 43.29 62.01
N GLU E 307 3.40 44.05 61.02
CA GLU E 307 4.65 44.79 61.16
C GLU E 307 4.56 45.92 62.19
N LEU E 308 3.39 46.54 62.33
CA LEU E 308 3.12 47.46 63.43
C LEU E 308 3.17 46.74 64.78
N LYS E 309 2.59 45.53 64.88
CA LYS E 309 2.63 44.70 66.08
C LYS E 309 4.06 44.28 66.41
N LYS E 310 4.90 43.93 65.45
CA LYS E 310 6.33 43.64 65.66
C LYS E 310 7.09 44.88 66.14
N ALA E 311 6.81 46.04 65.56
CA ALA E 311 7.38 47.30 66.02
C ALA E 311 6.89 47.66 67.43
N ALA E 312 5.65 47.35 67.77
CA ALA E 312 5.14 47.48 69.13
C ALA E 312 5.87 46.53 70.08
N LEU E 313 5.87 45.22 69.83
CA LEU E 313 6.51 44.24 70.71
C LEU E 313 7.99 44.56 70.94
N SER E 314 8.73 44.95 69.92
CA SER E 314 10.17 45.25 70.06
C SER E 314 10.44 46.53 70.84
N ALA E 315 9.49 47.46 70.90
CA ALA E 315 9.64 48.71 71.64
C ALA E 315 9.51 48.50 73.16
N LEU E 316 8.52 47.73 73.61
CA LEU E 316 8.31 47.45 75.04
C LEU E 316 9.56 46.85 75.70
N GLU E 317 10.18 45.86 75.09
CA GLU E 317 11.35 45.19 75.65
C GLU E 317 12.47 46.18 75.98
N SER E 318 12.84 47.02 75.01
CA SER E 318 13.90 48.02 75.17
C SER E 318 13.52 49.07 76.23
N PHE E 319 12.26 49.43 76.27
CA PHE E 319 11.71 50.37 77.24
C PHE E 319 11.82 49.83 78.68
N LEU E 320 11.31 48.62 78.95
CA LEU E 320 11.37 48.02 80.29
C LEU E 320 12.82 47.78 80.72
N LYS E 321 13.66 47.30 79.82
CA LYS E 321 15.09 47.04 80.07
C LYS E 321 15.79 48.32 80.51
N GLN E 322 15.56 49.43 79.82
CA GLN E 322 16.10 50.73 80.22
C GLN E 322 15.52 51.21 81.56
N VAL E 323 14.22 51.08 81.77
CA VAL E 323 13.58 51.47 83.05
C VAL E 323 14.14 50.66 84.22
N SER E 324 14.44 49.38 84.03
CA SER E 324 15.06 48.53 85.06
C SER E 324 16.47 48.99 85.42
N ASN E 325 17.28 49.43 84.45
CA ASN E 325 18.60 50.00 84.72
C ASN E 325 18.46 51.29 85.52
N MET E 326 17.49 52.13 85.17
CA MET E 326 17.29 53.44 85.76
C MET E 326 17.09 53.37 87.28
N VAL E 327 16.62 52.25 87.83
CA VAL E 327 16.67 52.00 89.30
C VAL E 327 17.52 50.82 89.78
N ALA E 328 18.24 50.13 88.90
CA ALA E 328 19.30 49.21 89.33
C ALA E 328 20.36 49.96 90.16
N LYS E 329 20.56 51.26 89.84
CA LYS E 329 21.38 52.21 90.59
C LYS E 329 20.62 53.53 90.83
N ASN E 330 19.52 53.45 91.58
CA ASN E 330 18.87 54.60 92.21
C ASN E 330 18.18 54.25 93.55
N ALA E 331 17.97 55.26 94.37
CA ALA E 331 17.38 55.20 95.72
C ALA E 331 15.88 54.88 95.75
N GLU E 332 15.34 54.84 96.98
CA GLU E 332 13.95 54.52 97.33
C GLU E 332 12.88 55.40 96.67
N MET E 333 13.26 56.56 96.13
CA MET E 333 12.34 57.51 95.51
C MET E 333 11.32 56.86 94.56
N HIS E 334 11.76 55.86 93.80
CA HIS E 334 10.98 55.20 92.77
C HIS E 334 10.07 54.07 93.25
N LYS E 335 9.87 53.87 94.56
CA LYS E 335 8.88 52.89 95.05
C LYS E 335 7.49 53.16 94.48
N ASN E 336 7.11 54.41 94.27
CA ASN E 336 5.89 54.78 93.56
C ASN E 336 5.82 54.22 92.11
N LYS E 337 6.91 54.27 91.32
CA LYS E 337 6.95 53.72 89.96
C LYS E 337 6.91 52.20 89.99
N LEU E 338 7.72 51.56 90.83
CA LEU E 338 7.75 50.10 90.93
C LEU E 338 6.40 49.54 91.39
N GLN E 339 5.76 50.17 92.36
CA GLN E 339 4.41 49.85 92.78
C GLN E 339 3.40 49.92 91.62
N TYR E 340 3.60 50.79 90.63
CA TYR E 340 2.78 50.78 89.42
C TYR E 340 3.13 49.58 88.52
N PHE E 341 4.39 49.32 88.21
CA PHE E 341 4.73 48.19 87.35
C PHE E 341 4.41 46.83 87.99
N MET E 342 4.83 46.62 89.23
CA MET E 342 4.61 45.42 90.03
C MET E 342 3.13 45.12 90.27
N GLU E 343 2.27 46.15 90.26
CA GLU E 343 0.82 45.97 90.28
C GLU E 343 0.28 45.65 88.89
N GLN E 344 0.52 46.55 87.93
CA GLN E 344 -0.39 46.69 86.82
C GLN E 344 -0.27 45.57 85.79
N PHE E 345 0.93 45.31 85.27
CA PHE E 345 1.07 44.21 84.32
C PHE E 345 0.98 42.85 85.00
N TYR E 346 1.26 42.76 86.31
CA TYR E 346 0.93 41.58 87.10
C TYR E 346 -0.59 41.34 87.10
N GLY E 347 -1.39 42.39 87.23
CA GLY E 347 -2.83 42.37 87.02
C GLY E 347 -3.27 41.92 85.62
N ILE E 348 -2.41 42.06 84.61
CA ILE E 348 -2.64 41.49 83.28
C ILE E 348 -2.33 39.98 83.28
N ILE E 349 -1.10 39.60 83.67
CA ILE E 349 -0.66 38.20 83.70
C ILE E 349 -1.63 37.33 84.48
N ARG E 350 -2.04 37.78 85.67
CA ARG E 350 -2.94 37.05 86.59
C ARG E 350 -4.43 37.01 86.18
N ASN E 351 -4.83 37.58 85.04
CA ASN E 351 -6.23 37.63 84.62
C ASN E 351 -6.48 37.34 83.14
N VAL E 352 -5.70 37.97 82.26
CA VAL E 352 -6.12 38.29 80.89
C VAL E 352 -6.37 37.08 79.98
N ASP E 353 -7.40 37.16 79.15
CA ASP E 353 -7.70 36.13 78.14
C ASP E 353 -6.96 36.34 76.81
N SER E 354 -6.08 37.34 76.74
CA SER E 354 -5.47 37.84 75.51
C SER E 354 -4.27 37.00 75.05
N ASN E 355 -3.74 37.37 73.88
CA ASN E 355 -2.75 36.59 73.17
C ASN E 355 -1.45 36.37 73.96
N ASN E 356 -0.77 35.27 73.63
CA ASN E 356 0.49 34.89 74.25
C ASN E 356 1.57 35.96 74.12
N LYS E 357 1.50 36.84 73.11
CA LYS E 357 2.38 38.01 72.96
C LYS E 357 2.23 39.02 74.10
N GLU E 358 0.99 39.43 74.40
CA GLU E 358 0.70 40.31 75.54
C GLU E 358 1.04 39.66 76.88
N LEU E 359 0.74 38.36 77.01
CA LEU E 359 1.07 37.64 78.23
C LEU E 359 2.59 37.57 78.43
N SER E 360 3.32 37.06 77.44
CA SER E 360 4.76 36.81 77.58
C SER E 360 5.59 38.08 77.68
N ILE E 361 5.21 39.21 77.07
CA ILE E 361 5.92 40.48 77.34
C ILE E 361 5.72 40.96 78.79
N ALA E 362 4.58 40.65 79.39
CA ALA E 362 4.37 40.88 80.80
C ALA E 362 5.19 39.90 81.68
N ILE E 363 5.21 38.59 81.37
CA ILE E 363 6.09 37.62 82.05
C ILE E 363 7.56 38.10 82.04
N ARG E 364 8.02 38.56 80.89
CA ARG E 364 9.34 39.16 80.70
C ARG E 364 9.56 40.30 81.67
N GLY E 365 8.58 41.18 81.80
CA GLY E 365 8.64 42.35 82.67
C GLY E 365 8.99 41.99 84.10
N TYR E 366 8.27 41.04 84.69
CA TYR E 366 8.53 40.60 86.06
C TYR E 366 9.99 40.16 86.24
N GLY E 367 10.52 39.34 85.33
CA GLY E 367 11.91 38.89 85.43
C GLY E 367 12.94 40.01 85.54
N LEU E 368 12.74 41.15 84.86
CA LEU E 368 13.71 42.25 84.84
C LEU E 368 13.80 42.97 86.20
N PHE E 369 12.70 43.09 86.93
CA PHE E 369 12.59 43.96 88.08
C PHE E 369 13.16 43.40 89.39
N ALA E 370 13.71 42.19 89.40
CA ALA E 370 14.41 41.66 90.58
C ALA E 370 15.57 42.57 91.04
N GLY E 371 16.36 43.10 90.11
CA GLY E 371 17.54 43.95 90.37
C GLY E 371 17.23 45.33 90.94
N PRO E 372 16.18 45.99 90.46
CA PRO E 372 15.48 47.03 91.20
C PRO E 372 15.03 46.59 92.59
N CYS E 373 14.26 45.50 92.68
CA CYS E 373 13.53 45.15 93.90
C CYS E 373 14.44 44.72 95.06
N LYS E 374 15.54 44.01 94.77
CA LYS E 374 16.54 43.59 95.78
C LYS E 374 17.16 44.72 96.58
N VAL E 375 17.13 45.95 96.06
CA VAL E 375 17.64 47.14 96.74
C VAL E 375 16.75 47.54 97.93
N ILE E 376 15.42 47.37 97.83
CA ILE E 376 14.50 47.71 98.93
C ILE E 376 14.29 46.55 99.90
N ASN E 377 14.24 45.31 99.41
CA ASN E 377 14.02 44.14 100.27
C ASN E 377 14.49 42.83 99.62
N ALA E 378 15.52 42.21 100.18
CA ALA E 378 15.97 40.87 99.77
C ALA E 378 14.87 39.80 99.94
N LYS E 379 14.01 39.94 100.96
CA LYS E 379 12.88 39.04 101.24
C LYS E 379 11.61 39.36 100.41
N ASP E 380 11.77 39.99 99.25
CA ASP E 380 10.83 39.83 98.13
C ASP E 380 11.48 39.09 96.93
N VAL E 381 12.81 39.01 96.88
CA VAL E 381 13.57 38.46 95.74
C VAL E 381 13.39 36.94 95.62
N ASP E 382 13.53 36.24 96.73
CA ASP E 382 13.30 34.80 96.80
C ASP E 382 11.86 34.48 96.44
N PHE E 383 10.86 35.12 97.05
CA PHE E 383 9.45 34.91 96.70
C PHE E 383 9.13 35.20 95.23
N MET E 384 9.73 36.21 94.59
CA MET E 384 9.55 36.40 93.14
C MET E 384 10.30 35.36 92.27
N TYR E 385 11.15 34.51 92.84
CA TYR E 385 11.72 33.30 92.19
C TYR E 385 10.90 32.04 92.49
N VAL E 386 10.65 31.79 93.76
CA VAL E 386 9.96 30.62 94.32
C VAL E 386 8.59 30.43 93.66
N GLU E 387 7.84 31.52 93.51
CA GLU E 387 6.52 31.50 92.89
C GLU E 387 6.58 31.28 91.37
N LEU E 388 7.56 31.87 90.68
CA LEU E 388 7.81 31.64 89.26
C LEU E 388 8.16 30.17 88.99
N ILE E 389 9.02 29.55 89.82
CA ILE E 389 9.30 28.11 89.76
C ILE E 389 8.04 27.29 89.93
N GLN E 390 7.20 27.59 90.92
CA GLN E 390 5.94 26.87 91.13
C GLN E 390 4.98 27.03 89.95
N ARG E 391 4.99 28.17 89.26
CA ARG E 391 4.30 28.31 87.97
C ARG E 391 4.91 27.45 86.87
N CYS E 392 6.24 27.38 86.74
CA CYS E 392 6.89 26.52 85.73
C CYS E 392 6.60 25.04 85.98
N LYS E 393 6.68 24.59 87.23
CA LYS E 393 6.37 23.21 87.67
C LYS E 393 4.93 22.78 87.35
N GLN E 394 4.01 23.71 87.05
CA GLN E 394 2.73 23.37 86.43
C GLN E 394 2.59 23.78 84.94
N MET E 395 3.34 24.75 84.41
CA MET E 395 3.25 25.09 82.97
C MET E 395 3.85 24.01 82.06
N PHE E 396 4.81 23.20 82.52
CA PHE E 396 5.23 22.01 81.76
C PHE E 396 4.22 20.86 81.88
N LEU E 397 3.37 20.89 82.91
CA LEU E 397 2.61 19.74 83.42
C LEU E 397 1.15 19.71 82.93
N THR E 398 0.92 20.29 81.75
CA THR E 398 -0.32 20.21 80.96
C THR E 398 -0.65 18.78 80.48
N GLN E 399 0.29 17.83 80.62
CA GLN E 399 0.18 16.40 80.29
C GLN E 399 0.00 16.15 78.77
N THR E 400 1.05 16.40 77.96
CA THR E 400 0.98 16.31 76.51
C THR E 400 -0.24 17.07 75.96
N ASP E 401 -0.21 18.39 76.11
CA ASP E 401 -1.20 19.28 75.51
C ASP E 401 -0.62 19.80 74.21
N THR E 402 -0.89 19.08 73.12
CA THR E 402 -0.21 19.34 71.86
C THR E 402 -0.78 20.55 71.13
N GLY E 403 0.11 21.34 70.55
CA GLY E 403 -0.25 22.38 69.61
C GLY E 403 -0.68 23.70 70.21
N ASP E 404 -0.69 23.83 71.53
CA ASP E 404 -1.18 25.06 72.15
C ASP E 404 -0.25 25.64 73.19
N ASP E 405 0.42 24.81 73.99
CA ASP E 405 1.01 25.30 75.23
C ASP E 405 2.47 25.70 75.07
N ARG E 406 3.27 25.04 74.23
CA ARG E 406 4.65 25.50 73.94
C ARG E 406 4.78 26.76 73.07
N VAL E 407 3.73 27.17 72.35
CA VAL E 407 3.81 27.94 71.08
C VAL E 407 4.59 29.26 71.14
N TYR E 408 4.48 30.00 72.24
CA TYR E 408 5.38 31.10 72.59
C TYR E 408 5.82 31.07 74.08
N GLN E 409 5.25 30.16 74.89
CA GLN E 409 5.11 30.45 76.32
C GLN E 409 6.35 30.17 77.18
N MET E 410 6.83 28.92 77.26
CA MET E 410 7.94 28.63 78.18
C MET E 410 9.28 29.30 77.91
N PRO E 411 9.70 29.71 76.69
CA PRO E 411 10.93 30.50 76.58
C PRO E 411 10.86 31.79 77.39
N SER E 412 9.68 32.39 77.56
CA SER E 412 9.54 33.57 78.40
C SER E 412 9.70 33.28 79.90
N PHE E 413 9.23 32.13 80.41
CA PHE E 413 9.55 31.72 81.78
C PHE E 413 11.05 31.49 81.95
N LEU E 414 11.71 30.80 81.02
CA LEU E 414 13.17 30.63 81.07
C LEU E 414 13.85 31.99 81.08
N GLN E 415 13.49 32.89 80.17
CA GLN E 415 14.10 34.19 80.02
C GLN E 415 13.97 35.04 81.30
N SER E 416 12.82 34.96 81.97
CA SER E 416 12.53 35.71 83.21
C SER E 416 13.03 35.02 84.48
N VAL E 417 12.97 33.69 84.58
CA VAL E 417 13.55 32.95 85.70
C VAL E 417 15.06 33.10 85.66
N ALA E 418 15.67 33.16 84.47
CA ALA E 418 17.08 33.44 84.33
C ALA E 418 17.46 34.81 84.90
N SER E 419 16.55 35.80 84.93
CA SER E 419 16.87 37.12 85.48
C SER E 419 16.53 37.27 86.96
N VAL E 420 15.46 36.67 87.49
CA VAL E 420 15.32 36.55 88.97
C VAL E 420 16.43 35.69 89.54
N LEU E 421 16.89 34.67 88.80
CA LEU E 421 18.07 33.91 89.16
C LEU E 421 19.29 34.83 89.15
N LEU E 422 19.55 35.58 88.08
CA LEU E 422 20.73 36.44 87.95
C LEU E 422 20.94 37.34 89.16
N TYR E 423 19.86 37.91 89.68
CA TYR E 423 19.91 38.85 90.80
C TYR E 423 19.95 38.21 92.21
N LEU E 424 19.56 36.95 92.40
CA LEU E 424 19.79 36.23 93.67
C LEU E 424 21.29 35.99 93.91
N ASP E 425 21.77 36.28 95.11
CA ASP E 425 23.16 35.99 95.54
C ASP E 425 23.31 34.56 96.10
N THR E 426 22.44 34.18 97.04
CA THR E 426 22.27 32.80 97.52
C THR E 426 21.54 31.93 96.49
N VAL E 427 21.51 30.60 96.64
CA VAL E 427 20.71 29.70 95.80
C VAL E 427 19.95 28.67 96.66
N PRO E 428 18.63 28.49 96.47
CA PRO E 428 17.89 27.36 97.03
C PRO E 428 18.25 26.06 96.29
N GLU E 429 19.24 25.34 96.82
CA GLU E 429 19.77 24.15 96.14
C GLU E 429 18.68 23.11 95.87
N VAL E 430 17.69 23.04 96.77
CA VAL E 430 16.48 22.20 96.67
C VAL E 430 15.63 22.41 95.42
N TYR E 431 15.79 23.54 94.73
CA TYR E 431 15.12 23.81 93.45
C TYR E 431 16.05 23.70 92.25
N THR E 432 17.36 23.51 92.43
CA THR E 432 18.30 23.22 91.33
C THR E 432 17.81 22.06 90.44
N PRO E 433 17.28 20.95 91.00
CA PRO E 433 16.76 19.88 90.15
C PRO E 433 15.60 20.32 89.27
N VAL E 434 14.69 21.14 89.81
CA VAL E 434 13.53 21.65 89.09
C VAL E 434 13.93 22.64 88.01
N LEU E 435 14.79 23.60 88.37
CA LEU E 435 15.40 24.55 87.46
C LEU E 435 16.03 23.82 86.27
N GLU E 436 16.88 22.83 86.52
CA GLU E 436 17.52 22.11 85.43
C GLU E 436 16.56 21.24 84.63
N HIS E 437 15.56 20.63 85.27
CA HIS E 437 14.51 19.91 84.56
C HIS E 437 13.76 20.83 83.60
N LEU E 438 13.46 22.07 84.01
CA LEU E 438 12.83 23.05 83.13
C LEU E 438 13.76 23.49 81.98
N VAL E 439 15.06 23.63 82.23
CA VAL E 439 16.03 23.90 81.14
C VAL E 439 16.04 22.76 80.13
N VAL E 440 16.14 21.51 80.59
CA VAL E 440 16.02 20.33 79.74
C VAL E 440 14.73 20.38 78.93
N MET E 441 13.62 20.77 79.55
CA MET E 441 12.35 20.80 78.84
C MET E 441 12.32 21.82 77.69
N GLN E 442 13.15 22.88 77.72
CA GLN E 442 13.32 23.76 76.56
C GLN E 442 14.06 23.05 75.43
N ILE E 443 15.20 22.41 75.73
CA ILE E 443 15.94 21.62 74.74
C ILE E 443 15.00 20.61 74.07
N ASP E 444 14.17 19.96 74.86
CA ASP E 444 13.22 18.95 74.40
C ASP E 444 12.05 19.48 73.56
N SER E 445 11.86 20.80 73.47
CA SER E 445 10.70 21.44 72.81
C SER E 445 11.06 22.47 71.74
N PHE E 446 12.33 22.87 71.69
CA PHE E 446 12.93 23.67 70.62
C PHE E 446 12.44 23.35 69.19
N PRO E 447 12.26 22.09 68.76
CA PRO E 447 11.84 21.77 67.39
C PRO E 447 10.47 22.27 67.00
N GLN E 448 9.64 22.60 67.98
CA GLN E 448 8.22 22.83 67.76
C GLN E 448 7.91 24.25 67.29
N TYR E 449 8.87 25.19 67.38
CA TYR E 449 8.65 26.60 67.09
C TYR E 449 8.82 26.98 65.61
N SER E 450 8.25 28.13 65.25
CA SER E 450 8.47 28.84 63.98
C SER E 450 9.87 29.50 63.92
N PRO E 451 10.38 29.93 62.76
CA PRO E 451 11.82 30.14 62.57
C PRO E 451 12.40 31.30 63.40
N LYS E 452 11.79 32.50 63.37
CA LYS E 452 12.24 33.60 64.24
C LYS E 452 12.07 33.28 65.72
N MET E 453 11.07 32.46 66.07
CA MET E 453 10.84 32.04 67.44
C MET E 453 11.78 30.90 67.89
N GLN E 454 12.30 30.07 66.98
CA GLN E 454 13.47 29.23 67.23
C GLN E 454 14.72 30.06 67.46
N LEU E 455 14.90 31.25 66.89
CA LEU E 455 15.99 32.12 67.37
C LEU E 455 15.73 32.62 68.80
N VAL E 456 14.51 33.08 69.11
CA VAL E 456 14.16 33.59 70.45
C VAL E 456 14.32 32.52 71.52
N CYS E 457 14.00 31.26 71.22
CA CYS E 457 14.28 30.14 72.13
C CYS E 457 15.78 29.98 72.41
N CYS E 458 16.63 30.00 71.38
CA CYS E 458 18.07 29.99 71.61
C CYS E 458 18.46 31.14 72.51
N ARG E 459 17.92 32.35 72.29
CA ARG E 459 18.23 33.50 73.13
C ARG E 459 17.86 33.25 74.58
N ALA E 460 16.69 32.68 74.86
CA ALA E 460 16.29 32.29 76.21
C ALA E 460 17.23 31.27 76.82
N ILE E 461 17.49 30.16 76.13
CA ILE E 461 18.32 29.07 76.67
C ILE E 461 19.78 29.50 76.80
N VAL E 462 20.26 30.36 75.91
CA VAL E 462 21.57 30.99 76.01
C VAL E 462 21.59 31.87 77.24
N LYS E 463 20.64 32.77 77.51
CA LYS E 463 20.76 33.64 78.70
C LYS E 463 20.76 32.92 80.05
N VAL E 464 20.02 31.81 80.24
CA VAL E 464 20.06 31.11 81.54
C VAL E 464 21.43 30.48 81.85
N PHE E 465 22.18 30.02 80.86
CA PHE E 465 23.50 29.43 81.10
C PHE E 465 24.48 30.47 81.66
N LEU E 466 24.48 31.70 81.13
CA LEU E 466 25.29 32.80 81.65
C LEU E 466 24.98 33.04 83.12
N ALA E 467 23.69 33.05 83.42
CA ALA E 467 23.21 33.37 84.74
C ALA E 467 23.67 32.35 85.79
N LEU E 468 23.78 31.05 85.45
CA LEU E 468 24.35 30.07 86.37
C LEU E 468 25.84 30.30 86.60
N ALA E 469 26.62 30.52 85.53
CA ALA E 469 28.08 30.63 85.63
C ALA E 469 28.54 31.78 86.55
N ALA E 470 27.76 32.87 86.62
CA ALA E 470 28.02 33.97 87.53
C ALA E 470 27.96 33.58 89.03
N LYS E 471 27.27 32.49 89.37
CA LYS E 471 27.12 31.98 90.76
C LYS E 471 28.34 31.21 91.27
N GLY E 472 29.41 31.17 90.50
CA GLY E 472 30.57 30.34 90.79
C GLY E 472 30.29 28.84 90.69
N PRO E 473 31.24 28.02 91.14
CA PRO E 473 31.31 26.61 90.75
C PRO E 473 30.23 25.67 91.29
N VAL E 474 29.50 26.04 92.35
CA VAL E 474 28.43 25.19 92.90
C VAL E 474 27.35 24.85 91.87
N LEU E 475 27.13 25.71 90.85
CA LEU E 475 26.27 25.42 89.70
C LEU E 475 27.02 25.02 88.43
N ARG E 476 28.35 25.14 88.35
CA ARG E 476 29.09 24.73 87.14
C ARG E 476 28.93 23.26 86.84
N ASN E 477 29.02 22.39 87.84
CA ASN E 477 28.78 20.98 87.59
C ASN E 477 27.32 20.73 87.16
N CYS E 478 26.36 21.55 87.62
CA CYS E 478 24.99 21.47 87.13
C CYS E 478 24.87 21.83 85.64
N ILE E 479 25.58 22.87 85.15
CA ILE E 479 25.71 23.12 83.70
C ILE E 479 26.13 21.84 82.98
N SER E 480 27.17 21.15 83.47
CA SER E 480 27.61 19.93 82.80
C SER E 480 26.50 18.88 82.73
N THR E 481 25.70 18.74 83.78
CA THR E 481 24.61 17.76 83.79
C THR E 481 23.50 18.10 82.80
N VAL E 482 23.16 19.37 82.57
CA VAL E 482 22.05 19.68 81.65
C VAL E 482 22.38 19.35 80.22
N VAL E 483 23.56 19.74 79.73
CA VAL E 483 23.92 19.46 78.34
C VAL E 483 24.14 17.97 78.13
N HIS E 484 24.70 17.26 79.11
CA HIS E 484 24.73 15.81 79.09
C HIS E 484 23.32 15.19 78.99
N GLN E 485 22.41 15.63 79.86
CA GLN E 485 21.06 15.10 79.90
C GLN E 485 20.27 15.38 78.62
N GLY E 486 20.31 16.62 78.11
CA GLY E 486 19.65 16.99 76.87
C GLY E 486 20.22 16.21 75.69
N LEU E 487 21.55 16.02 75.64
CA LEU E 487 22.18 15.24 74.59
C LEU E 487 21.71 13.78 74.59
N ILE E 488 21.62 13.14 75.75
CA ILE E 488 21.08 11.77 75.84
C ILE E 488 19.67 11.72 75.27
N ARG E 489 18.82 12.69 75.58
CA ARG E 489 17.45 12.68 75.06
C ARG E 489 17.38 12.90 73.54
N ILE E 490 18.23 13.73 72.93
CA ILE E 490 18.24 13.84 71.48
C ILE E 490 18.87 12.62 70.79
N CYS E 491 20.00 12.09 71.23
CA CYS E 491 20.60 10.95 70.51
C CYS E 491 19.79 9.65 70.67
N SER E 492 18.95 9.55 71.70
CA SER E 492 17.96 8.47 71.85
C SER E 492 16.59 8.78 71.20
N LYS E 493 16.41 9.96 70.62
CA LYS E 493 15.25 10.29 69.77
C LYS E 493 15.28 9.38 68.54
N PRO E 494 14.16 8.74 68.14
CA PRO E 494 14.17 7.64 67.17
C PRO E 494 14.65 8.04 65.76
N VAL E 495 15.19 7.06 65.02
CA VAL E 495 15.65 7.22 63.62
C VAL E 495 15.28 6.01 62.76
N VAL E 496 15.08 6.26 61.46
CA VAL E 496 14.69 5.26 60.45
C VAL E 496 15.41 5.49 59.11
N LEU E 497 15.50 4.44 58.29
CA LEU E 497 16.23 4.43 57.01
C LEU E 497 15.36 3.84 55.89
N PRO E 522 11.59 15.99 66.14
CA PRO E 522 11.42 14.54 66.28
C PRO E 522 12.62 13.72 65.79
N THR E 523 13.67 14.33 65.25
CA THR E 523 14.91 13.66 64.80
C THR E 523 16.17 14.47 65.14
N TYR E 524 17.36 13.85 65.11
CA TYR E 524 18.61 14.55 65.38
C TYR E 524 18.84 15.80 64.52
N LYS E 525 18.41 15.80 63.26
CA LYS E 525 18.47 16.97 62.38
C LYS E 525 17.58 18.13 62.79
N ASP E 526 16.53 17.90 63.58
CA ASP E 526 15.66 18.96 64.08
C ASP E 526 16.26 19.77 65.23
N TYR E 527 17.37 19.30 65.83
CA TYR E 527 18.02 19.92 66.98
C TYR E 527 19.33 20.60 66.65
N VAL E 528 20.03 20.20 65.58
CA VAL E 528 21.40 20.66 65.34
C VAL E 528 21.51 22.18 65.16
N ASP E 529 20.46 22.86 64.71
CA ASP E 529 20.45 24.33 64.63
C ASP E 529 20.62 24.99 65.99
N LEU E 530 19.92 24.51 67.03
CA LEU E 530 20.06 24.97 68.40
C LEU E 530 21.50 24.80 68.87
N PHE E 531 22.01 23.58 68.81
CA PHE E 531 23.34 23.30 69.32
C PHE E 531 24.40 24.05 68.52
N ARG E 532 24.23 24.22 67.21
CA ARG E 532 25.13 25.06 66.42
C ARG E 532 25.07 26.47 66.95
N HIS E 533 23.90 27.10 67.10
CA HIS E 533 23.84 28.45 67.66
C HIS E 533 24.51 28.52 69.03
N LEU E 534 24.09 27.66 69.95
CA LEU E 534 24.59 27.56 71.30
C LEU E 534 26.13 27.50 71.31
N LEU E 535 26.73 26.51 70.64
CA LEU E 535 28.18 26.27 70.61
C LEU E 535 28.94 27.22 69.68
N SER E 536 28.30 28.16 68.97
CA SER E 536 28.98 29.05 68.02
C SER E 536 28.85 30.54 68.31
N SER E 537 27.72 31.00 68.87
CA SER E 537 27.25 32.40 68.73
C SER E 537 28.00 33.40 69.62
N ASP E 538 29.09 33.97 69.13
CA ASP E 538 29.96 34.87 69.91
C ASP E 538 29.39 36.28 70.15
N GLN E 539 28.34 36.69 69.44
CA GLN E 539 27.84 38.07 69.47
C GLN E 539 26.93 38.40 70.69
N MET E 540 26.40 37.38 71.37
CA MET E 540 25.31 37.50 72.36
C MET E 540 25.69 38.19 73.68
N MET E 541 27.00 38.31 73.96
CA MET E 541 27.51 38.98 75.16
C MET E 541 27.48 40.51 75.01
N ASP E 542 28.01 41.03 73.90
CA ASP E 542 28.00 42.46 73.59
C ASP E 542 26.62 42.94 73.09
N SER E 543 25.99 42.16 72.20
CA SER E 543 24.72 42.54 71.56
C SER E 543 23.51 42.26 72.43
N SER E 557 31.14 36.25 76.11
CA SER E 557 30.65 35.16 75.26
C SER E 557 31.74 34.17 74.96
N GLU E 558 32.97 34.60 74.64
CA GLU E 558 34.02 33.66 74.22
C GLU E 558 34.33 32.68 75.35
N SER E 559 34.42 33.14 76.60
CA SER E 559 34.70 32.28 77.75
C SER E 559 33.54 31.31 78.08
N LEU E 560 32.29 31.72 77.84
CA LEU E 560 31.14 30.79 77.87
C LEU E 560 31.22 29.80 76.70
N ASN E 561 31.30 30.27 75.47
CA ASN E 561 31.24 29.43 74.28
C ASN E 561 32.40 28.42 74.27
N HIS E 562 33.55 28.79 74.83
CA HIS E 562 34.65 27.89 75.20
C HIS E 562 34.23 26.86 76.25
N LEU E 563 33.81 27.30 77.45
CA LEU E 563 33.45 26.40 78.54
C LEU E 563 32.38 25.40 78.13
N LEU E 564 31.34 25.88 77.47
CA LEU E 564 30.22 25.08 77.05
C LEU E 564 30.59 24.11 75.94
N TYR E 565 31.55 24.45 75.08
CA TYR E 565 32.11 23.48 74.16
C TYR E 565 32.80 22.36 74.93
N ASP E 566 33.65 22.69 75.91
CA ASP E 566 34.29 21.69 76.76
C ASP E 566 33.27 20.80 77.49
N GLU E 567 32.17 21.35 78.02
CA GLU E 567 31.11 20.52 78.60
C GLU E 567 30.42 19.62 77.57
N PHE E 568 30.16 20.13 76.37
CA PHE E 568 29.56 19.33 75.31
C PHE E 568 30.47 18.18 74.95
N VAL E 569 31.73 18.45 74.58
CA VAL E 569 32.62 17.38 74.14
C VAL E 569 32.91 16.39 75.28
N LYS E 570 33.04 16.82 76.54
CA LYS E 570 33.07 15.90 77.70
C LYS E 570 31.92 14.91 77.69
N SER E 571 30.70 15.39 77.49
CA SER E 571 29.53 14.52 77.53
C SER E 571 29.59 13.39 76.51
N VAL E 572 30.29 13.57 75.37
CA VAL E 572 30.50 12.52 74.36
C VAL E 572 31.28 11.35 74.94
N LEU E 573 32.34 11.61 75.71
CA LEU E 573 33.12 10.55 76.32
C LEU E 573 32.36 9.91 77.48
N LYS E 574 31.60 10.67 78.27
CA LYS E 574 30.71 10.09 79.28
C LYS E 574 29.69 9.17 78.62
N ILE E 575 29.00 9.61 77.58
CA ILE E 575 27.93 8.81 76.97
C ILE E 575 28.49 7.55 76.31
N VAL E 576 29.61 7.60 75.58
CA VAL E 576 30.16 6.40 74.95
C VAL E 576 30.59 5.35 75.99
N GLU E 577 31.14 5.76 77.13
CA GLU E 577 31.45 4.84 78.23
C GLU E 577 30.20 4.25 78.89
N LYS E 578 29.05 4.93 78.83
CA LYS E 578 27.77 4.38 79.29
C LYS E 578 27.26 3.30 78.32
N LEU E 579 27.52 3.42 77.02
CA LEU E 579 27.11 2.38 76.06
C LEU E 579 27.93 1.11 76.26
N ASP E 580 27.33 -0.07 76.05
CA ASP E 580 28.07 -1.34 76.04
C ASP E 580 28.54 -1.72 74.62
N LEU E 581 27.73 -1.47 73.59
CA LEU E 581 27.99 -1.81 72.18
C LEU E 581 28.40 -3.28 71.94
N THR E 582 27.97 -4.21 72.79
CA THR E 582 28.21 -5.64 72.56
C THR E 582 27.52 -6.12 71.28
N LEU E 583 28.04 -7.20 70.69
CA LEU E 583 27.84 -7.49 69.27
C LEU E 583 27.31 -8.91 68.99
N GLU E 584 27.07 -9.70 70.05
CA GLU E 584 26.67 -11.11 69.94
C GLU E 584 25.17 -11.30 69.64
N ILE E 585 24.87 -12.34 68.85
CA ILE E 585 23.51 -12.82 68.56
C ILE E 585 22.75 -13.19 69.85
N ALA E 609 30.01 -11.09 57.70
CA ALA E 609 29.95 -10.01 58.69
C ALA E 609 28.51 -9.69 59.05
N ALA E 610 27.53 -10.10 58.24
CA ALA E 610 26.10 -10.04 58.53
C ALA E 610 25.61 -11.09 59.57
N ASN E 611 26.47 -12.01 60.03
CA ASN E 611 26.12 -13.17 60.84
C ASN E 611 25.86 -12.87 62.34
N LEU E 612 25.69 -11.60 62.72
CA LEU E 612 25.51 -11.13 64.10
C LEU E 612 24.48 -9.99 64.20
N HIS E 613 24.03 -9.70 65.42
CA HIS E 613 23.20 -8.54 65.81
C HIS E 613 23.77 -7.87 67.08
N PRO E 614 23.60 -6.56 67.25
CA PRO E 614 24.04 -5.85 68.45
C PRO E 614 23.24 -6.25 69.68
N ALA E 615 23.71 -5.84 70.84
CA ALA E 615 23.11 -6.10 72.15
C ALA E 615 21.56 -5.94 72.19
N LYS E 616 21.08 -4.79 71.70
CA LYS E 616 19.69 -4.32 71.79
C LYS E 616 19.50 -3.05 70.94
N PRO E 617 18.40 -2.89 70.19
CA PRO E 617 18.22 -1.78 69.26
C PRO E 617 18.06 -0.43 69.96
N LYS E 618 17.42 -0.39 71.13
CA LYS E 618 17.24 0.83 71.94
C LYS E 618 18.56 1.37 72.50
N ASP E 619 19.60 0.54 72.60
CA ASP E 619 20.98 1.03 72.83
C ASP E 619 21.67 1.39 71.53
N PHE E 620 21.84 0.44 70.61
CA PHE E 620 22.74 0.62 69.48
C PHE E 620 22.36 1.82 68.60
N SER E 621 21.06 2.06 68.39
CA SER E 621 20.62 3.23 67.62
C SER E 621 20.97 4.57 68.28
N ALA E 622 21.12 4.63 69.61
CA ALA E 622 21.56 5.85 70.27
C ALA E 622 23.00 6.21 69.91
N PHE E 623 23.86 5.22 69.69
CA PHE E 623 25.19 5.46 69.17
C PHE E 623 25.16 6.04 67.77
N ILE E 624 24.39 5.43 66.86
CA ILE E 624 24.34 5.85 65.46
C ILE E 624 23.79 7.28 65.30
N ASN E 625 22.80 7.66 66.12
CA ASN E 625 22.35 9.04 66.19
C ASN E 625 23.40 9.98 66.77
N LEU E 626 24.01 9.64 67.91
CA LEU E 626 25.10 10.44 68.49
C LEU E 626 26.19 10.67 67.45
N VAL E 627 26.51 9.66 66.64
CA VAL E 627 27.49 9.74 65.58
C VAL E 627 27.09 10.77 64.54
N GLU E 628 25.97 10.58 63.86
CA GLU E 628 25.62 11.46 62.76
C GLU E 628 25.28 12.87 63.26
N PHE E 629 24.88 13.01 64.51
CA PHE E 629 24.75 14.30 65.18
C PHE E 629 26.10 14.95 65.47
N CYS E 630 26.99 14.32 66.22
CA CYS E 630 28.25 14.95 66.64
C CYS E 630 29.12 15.29 65.43
N ARG E 631 29.01 14.50 64.35
CA ARG E 631 29.60 14.77 63.03
C ARG E 631 29.19 16.11 62.45
N GLU E 632 27.96 16.55 62.65
CA GLU E 632 27.47 17.81 62.09
C GLU E 632 27.86 19.05 62.92
N ILE E 633 28.24 18.87 64.19
CA ILE E 633 28.42 19.97 65.15
C ILE E 633 29.85 20.16 65.66
N LEU E 634 30.65 19.08 65.80
CA LEU E 634 32.05 19.19 66.22
C LEU E 634 33.01 19.88 65.22
N PRO E 635 32.90 19.69 63.88
CA PRO E 635 34.04 19.96 63.00
C PRO E 635 34.45 21.44 62.87
N GLU E 636 35.77 21.63 62.89
CA GLU E 636 36.55 22.86 62.61
C GLU E 636 36.08 24.14 63.29
N LYS E 637 35.68 24.04 64.56
CA LYS E 637 35.49 25.20 65.45
C LYS E 637 36.81 25.91 65.78
N GLN E 638 37.95 25.24 65.58
CA GLN E 638 39.29 25.86 65.67
C GLN E 638 39.45 26.60 67.01
N ALA E 639 39.90 27.86 66.99
CA ALA E 639 39.77 28.83 68.08
C ALA E 639 40.30 28.35 69.45
N GLU E 640 41.28 27.44 69.48
CA GLU E 640 41.78 26.76 70.70
C GLU E 640 40.72 25.89 71.42
N PHE E 641 39.51 25.74 70.90
CA PHE E 641 38.43 25.03 71.58
C PHE E 641 38.67 23.52 71.60
N PHE E 642 39.36 22.96 70.59
CA PHE E 642 39.61 21.52 70.51
C PHE E 642 41.01 21.11 71.00
N GLU E 643 41.97 22.03 71.09
CA GLU E 643 43.38 21.70 71.39
C GLU E 643 43.61 20.89 72.67
N PRO E 644 42.92 21.15 73.81
CA PRO E 644 43.11 20.34 75.01
C PRO E 644 42.63 18.89 74.86
N TRP E 645 41.78 18.61 73.87
CA TRP E 645 41.07 17.35 73.76
C TRP E 645 41.71 16.35 72.81
N VAL E 646 42.57 16.76 71.88
CA VAL E 646 42.93 15.93 70.73
C VAL E 646 43.51 14.58 71.16
N TYR E 647 44.51 14.60 72.04
CA TYR E 647 45.18 13.39 72.52
C TYR E 647 44.24 12.48 73.33
N SER E 648 43.57 13.04 74.32
CA SER E 648 42.72 12.29 75.24
C SER E 648 41.49 11.72 74.55
N PHE E 649 40.78 12.52 73.76
CA PHE E 649 39.62 12.08 73.00
C PHE E 649 40.02 10.98 72.00
N SER E 650 41.08 11.17 71.21
CA SER E 650 41.50 10.15 70.27
C SER E 650 41.87 8.85 70.99
N TYR E 651 42.74 8.88 71.99
CA TYR E 651 43.20 7.68 72.68
C TYR E 651 42.06 6.84 73.26
N GLU E 652 41.13 7.48 73.97
CA GLU E 652 40.04 6.77 74.63
C GLU E 652 39.02 6.20 73.64
N LEU E 653 38.87 6.82 72.48
CA LEU E 653 38.00 6.35 71.41
C LEU E 653 38.70 5.29 70.53
N ILE E 654 40.01 5.37 70.35
CA ILE E 654 40.78 4.33 69.67
C ILE E 654 40.67 3.03 70.45
N LEU E 655 40.84 3.05 71.78
CA LEU E 655 40.66 1.86 72.61
C LEU E 655 39.31 1.19 72.32
N GLN E 656 38.22 1.94 72.31
CA GLN E 656 36.90 1.41 71.95
C GLN E 656 36.91 0.72 70.57
N SER E 657 37.48 1.34 69.54
CA SER E 657 37.55 0.69 68.23
C SER E 657 38.41 -0.58 68.25
N THR E 658 39.53 -0.62 68.97
CA THR E 658 40.34 -1.85 69.05
C THR E 658 39.65 -2.94 69.85
N ARG E 659 38.79 -2.58 70.82
CA ARG E 659 37.91 -3.53 71.51
C ARG E 659 36.86 -4.08 70.56
N LEU E 660 36.31 -3.21 69.72
CA LEU E 660 35.21 -3.49 68.82
C LEU E 660 35.50 -3.03 67.38
N PRO E 661 36.29 -3.79 66.60
CA PRO E 661 36.23 -3.73 65.15
C PRO E 661 34.80 -4.03 64.67
N LEU E 662 34.52 -3.79 63.40
CA LEU E 662 33.17 -3.97 62.82
C LEU E 662 32.09 -3.03 63.43
N ILE E 663 32.47 -2.06 64.25
CA ILE E 663 31.62 -0.94 64.66
C ILE E 663 32.06 0.30 63.90
N SER E 664 31.30 0.70 62.88
CA SER E 664 31.73 1.72 61.93
C SER E 664 31.84 3.12 62.54
N GLY E 665 31.00 3.45 63.51
CA GLY E 665 30.91 4.83 64.03
C GLY E 665 32.21 5.33 64.67
N PHE E 666 33.05 4.46 65.20
CA PHE E 666 34.31 4.92 65.80
C PHE E 666 35.28 5.45 64.76
N TYR E 667 35.31 4.85 63.58
CA TYR E 667 36.03 5.42 62.45
C TYR E 667 35.43 6.75 62.02
N LYS E 668 34.10 6.92 62.04
CA LYS E 668 33.49 8.22 61.77
C LYS E 668 33.91 9.27 62.79
N LEU E 669 33.74 9.07 64.10
CA LEU E 669 34.14 10.07 65.10
C LEU E 669 35.65 10.33 65.07
N LEU E 670 36.46 9.30 64.83
CA LEU E 670 37.89 9.50 64.69
C LEU E 670 38.24 10.23 63.38
N SER E 671 37.50 10.06 62.28
CA SER E 671 37.78 10.89 61.09
C SER E 671 37.55 12.38 61.36
N ILE E 672 36.50 12.73 62.10
CA ILE E 672 36.24 14.10 62.53
C ILE E 672 37.37 14.61 63.41
N THR E 673 37.81 13.80 64.37
CA THR E 673 38.93 14.13 65.25
C THR E 673 40.18 14.45 64.46
N VAL E 674 40.58 13.60 63.53
CA VAL E 674 41.85 13.80 62.82
C VAL E 674 41.78 14.92 61.78
N ARG E 675 40.64 15.14 61.10
CA ARG E 675 40.50 16.31 60.19
C ARG E 675 40.50 17.61 60.95
N ASN E 676 39.82 17.68 62.09
CA ASN E 676 39.83 18.84 62.97
C ASN E 676 41.28 19.15 63.44
N ALA E 677 42.00 18.12 63.87
CA ALA E 677 43.41 18.22 64.21
C ALA E 677 44.28 18.73 63.03
N LYS E 678 44.12 18.20 61.81
CA LYS E 678 44.89 18.64 60.64
C LYS E 678 44.77 20.16 60.45
N LYS E 679 43.55 20.69 60.50
CA LYS E 679 43.29 22.12 60.23
C LYS E 679 43.82 23.08 61.30
N ILE E 680 44.01 22.62 62.54
CA ILE E 680 44.57 23.45 63.63
C ILE E 680 46.10 23.39 63.71
N LYS E 681 46.76 22.77 62.71
CA LYS E 681 48.23 22.64 62.59
C LYS E 681 48.86 21.83 63.75
N TYR E 682 48.13 20.84 64.27
CA TYR E 682 48.50 20.15 65.51
C TYR E 682 49.72 19.24 65.40
N PHE E 683 49.82 18.38 64.38
CA PHE E 683 50.97 17.46 64.23
C PHE E 683 52.24 18.12 63.67
N GLU E 684 52.26 19.44 63.47
CA GLU E 684 53.39 20.13 62.87
C GLU E 684 54.67 20.01 63.71
N GLY E 685 55.80 19.81 63.04
CA GLY E 685 57.11 19.67 63.70
C GLY E 685 57.32 18.34 64.43
N VAL E 686 56.42 17.37 64.30
CA VAL E 686 56.55 16.02 64.87
C VAL E 686 56.82 16.06 66.38
N PRO E 698 56.06 15.97 76.01
CA PRO E 698 54.76 16.38 75.55
C PRO E 698 53.90 15.20 75.12
N GLU E 699 52.58 15.38 75.18
CA GLU E 699 51.61 14.41 74.68
C GLU E 699 51.51 14.39 73.15
N LYS E 700 52.04 15.42 72.46
CA LYS E 700 52.01 15.52 71.00
C LYS E 700 52.76 14.37 70.33
N TYR E 701 54.02 14.12 70.65
CA TYR E 701 54.68 12.94 70.07
C TYR E 701 54.22 11.60 70.66
N SER E 702 53.33 11.59 71.65
CA SER E 702 52.53 10.39 71.98
C SER E 702 51.35 10.24 71.02
N CYS E 703 50.55 11.28 70.78
CA CYS E 703 49.43 11.19 69.83
C CYS E 703 49.91 10.95 68.39
N PHE E 704 51.12 11.40 68.05
CA PHE E 704 51.76 11.07 66.78
C PHE E 704 51.98 9.56 66.66
N ALA E 705 52.69 8.94 67.60
CA ALA E 705 52.95 7.52 67.57
C ALA E 705 51.67 6.67 67.67
N LEU E 706 50.70 7.15 68.44
CA LEU E 706 49.36 6.60 68.52
C LEU E 706 48.71 6.53 67.14
N PHE E 707 48.66 7.64 66.40
CA PHE E 707 48.12 7.61 65.06
C PHE E 707 49.02 6.88 64.06
N VAL E 708 50.35 6.93 64.17
CA VAL E 708 51.23 6.17 63.27
C VAL E 708 50.91 4.68 63.37
N LYS E 709 50.93 4.09 64.56
CA LYS E 709 50.63 2.67 64.68
C LYS E 709 49.17 2.38 64.45
N PHE E 710 48.22 3.26 64.80
CA PHE E 710 46.82 3.01 64.44
C PHE E 710 46.61 3.04 62.93
N GLY E 711 47.29 3.93 62.20
CA GLY E 711 47.24 4.04 60.75
C GLY E 711 47.78 2.78 60.07
N LYS E 712 49.00 2.35 60.42
CA LYS E 712 49.53 1.05 59.99
C LYS E 712 48.60 -0.11 60.33
N GLU E 713 48.01 -0.11 61.52
CA GLU E 713 47.16 -1.22 61.96
C GLU E 713 45.88 -1.31 61.14
N VAL E 714 45.10 -0.25 61.01
CA VAL E 714 43.84 -0.34 60.22
C VAL E 714 44.12 -0.52 58.73
N ALA E 715 45.25 -0.01 58.22
CA ALA E 715 45.66 -0.26 56.84
C ALA E 715 45.87 -1.75 56.55
N VAL E 716 46.14 -2.58 57.56
CA VAL E 716 45.96 -4.04 57.47
C VAL E 716 44.48 -4.39 57.55
N LYS E 717 43.79 -4.03 58.64
CA LYS E 717 42.43 -4.52 58.94
C LYS E 717 41.45 -4.33 57.79
N MET E 718 41.49 -3.18 57.11
CA MET E 718 40.53 -2.89 56.03
C MET E 718 40.69 -3.79 54.80
N LYS E 719 41.82 -4.48 54.61
CA LYS E 719 41.99 -5.48 53.54
C LYS E 719 41.07 -6.71 53.70
N GLN E 720 40.31 -6.81 54.80
CA GLN E 720 39.24 -7.78 55.00
C GLN E 720 37.84 -7.12 55.06
N TYR E 721 37.74 -5.80 55.07
CA TYR E 721 36.45 -5.10 55.23
C TYR E 721 35.74 -4.84 53.90
N LYS E 722 34.47 -4.43 53.99
CA LYS E 722 33.48 -4.55 52.93
C LYS E 722 32.39 -3.49 53.07
N ASP E 723 31.65 -3.21 52.00
CA ASP E 723 30.46 -2.35 51.99
C ASP E 723 30.61 -1.04 52.78
N GLU E 724 29.64 -0.64 53.60
CA GLU E 724 29.69 0.66 54.30
C GLU E 724 30.65 0.66 55.51
N LEU E 725 31.04 -0.50 56.04
CA LEU E 725 32.17 -0.55 56.95
C LEU E 725 33.46 -0.10 56.25
N LEU E 726 33.71 -0.59 55.04
CA LEU E 726 34.90 -0.24 54.27
C LEU E 726 34.95 1.25 53.97
N ALA E 727 33.86 1.83 53.48
CA ALA E 727 33.82 3.25 53.19
C ALA E 727 34.11 4.12 54.42
N SER E 728 33.64 3.74 55.60
CA SER E 728 33.91 4.51 56.82
C SER E 728 35.37 4.48 57.24
N CYS E 729 36.04 3.33 57.24
CA CYS E 729 37.46 3.26 57.58
C CYS E 729 38.37 3.76 56.45
N LEU E 730 37.96 3.69 55.17
CA LEU E 730 38.62 4.44 54.11
C LEU E 730 38.54 5.93 54.38
N THR E 731 37.38 6.46 54.75
CA THR E 731 37.25 7.88 55.08
C THR E 731 38.19 8.27 56.21
N PHE E 732 38.40 7.38 57.19
CA PHE E 732 39.43 7.59 58.19
C PHE E 732 40.84 7.58 57.58
N LEU E 733 41.25 6.54 56.88
CA LEU E 733 42.62 6.41 56.36
C LEU E 733 43.05 7.60 55.52
N LEU E 734 42.27 7.98 54.51
CA LEU E 734 42.65 9.07 53.62
C LEU E 734 42.69 10.43 54.32
N SER E 735 42.09 10.55 55.51
CA SER E 735 42.07 11.80 56.26
C SER E 735 43.29 12.03 57.17
N LEU E 736 44.18 11.04 57.32
CA LEU E 736 45.43 11.19 58.10
C LEU E 736 46.34 12.31 57.54
N PRO E 737 47.15 12.98 58.37
CA PRO E 737 47.94 14.13 57.97
C PRO E 737 49.20 13.74 57.19
N HIS E 738 49.66 14.58 56.24
CA HIS E 738 50.82 14.30 55.38
C HIS E 738 52.06 13.89 56.16
N ASN E 739 52.24 14.44 57.36
CA ASN E 739 53.38 14.16 58.18
C ASN E 739 53.48 12.67 58.60
N ILE E 740 52.33 11.99 58.72
CA ILE E 740 52.27 10.55 59.01
C ILE E 740 52.28 9.73 57.71
N ILE E 741 51.57 10.17 56.68
CA ILE E 741 51.42 9.40 55.45
C ILE E 741 52.76 9.11 54.77
N GLU E 742 53.74 10.01 54.85
CA GLU E 742 55.05 9.76 54.24
C GLU E 742 55.83 8.59 54.87
N LEU E 743 55.38 8.03 55.99
CA LEU E 743 55.96 6.84 56.59
C LEU E 743 55.47 5.57 55.86
N ASP E 744 56.22 5.15 54.85
CA ASP E 744 55.90 4.05 53.93
C ASP E 744 54.59 4.23 53.15
N VAL E 745 54.60 5.19 52.22
CA VAL E 745 53.44 5.60 51.41
C VAL E 745 52.73 4.42 50.76
N ARG E 746 53.44 3.37 50.37
CA ARG E 746 52.89 2.20 49.70
C ARG E 746 51.82 1.48 50.53
N ALA E 747 51.83 1.63 51.84
CA ALA E 747 50.75 1.14 52.69
C ALA E 747 49.41 1.80 52.40
N TYR E 748 49.41 3.10 52.10
CA TYR E 748 48.23 3.93 51.93
C TYR E 748 47.73 4.02 50.48
N VAL E 749 48.62 3.88 49.50
CA VAL E 749 48.24 3.92 48.07
C VAL E 749 47.03 3.05 47.73
N PRO E 750 46.95 1.77 48.11
CA PRO E 750 45.78 0.96 47.78
C PRO E 750 44.49 1.36 48.51
N ALA E 751 44.56 2.21 49.54
CA ALA E 751 43.37 2.87 50.08
C ALA E 751 42.86 3.94 49.13
N LEU E 752 43.71 4.80 48.57
CA LEU E 752 43.25 5.85 47.66
C LEU E 752 42.78 5.29 46.32
N GLN E 753 43.44 4.27 45.79
CA GLN E 753 42.91 3.56 44.63
C GLN E 753 41.51 3.03 44.88
N MET E 754 41.30 2.41 46.04
CA MET E 754 40.01 1.87 46.41
C MET E 754 38.97 2.96 46.64
N ALA E 755 39.36 4.10 47.20
CA ALA E 755 38.46 5.22 47.34
C ALA E 755 37.94 5.71 46.00
N PHE E 756 38.79 5.90 44.99
CA PHE E 756 38.31 6.31 43.67
C PHE E 756 37.40 5.27 43.03
N LYS E 757 37.70 3.97 43.22
CA LYS E 757 36.88 2.86 42.72
C LYS E 757 35.46 2.93 43.28
N LEU E 758 35.31 3.16 44.58
CA LEU E 758 34.00 3.29 45.21
C LEU E 758 33.32 4.59 44.81
N GLY E 759 34.09 5.68 44.76
CA GLY E 759 33.55 7.02 44.72
C GLY E 759 32.68 7.28 43.51
N LEU E 760 32.98 6.68 42.35
CA LEU E 760 32.18 6.88 41.14
C LEU E 760 30.81 6.19 41.20
N SER E 761 30.48 5.53 42.29
CA SER E 761 29.13 5.12 42.63
C SER E 761 28.76 5.44 44.09
N TYR E 762 29.47 6.37 44.71
CA TYR E 762 29.16 6.94 46.02
C TYR E 762 29.94 8.23 46.21
N THR E 763 29.41 9.32 45.66
CA THR E 763 30.13 10.58 45.44
C THR E 763 30.96 11.11 46.60
N PRO E 764 30.53 11.13 47.87
CA PRO E 764 31.35 11.72 48.93
C PRO E 764 32.68 11.01 49.14
N LEU E 765 32.82 9.73 48.78
CA LEU E 765 34.13 9.07 48.81
C LEU E 765 35.06 9.57 47.72
N ALA E 766 34.54 9.88 46.54
CA ALA E 766 35.36 10.54 45.53
C ALA E 766 35.79 11.92 45.99
N GLU E 767 34.91 12.63 46.70
CA GLU E 767 35.22 13.94 47.26
C GLU E 767 36.36 13.86 48.24
N VAL E 768 36.32 12.88 49.16
CA VAL E 768 37.44 12.59 50.07
C VAL E 768 38.71 12.25 49.31
N GLY E 769 38.63 11.37 48.32
CA GLY E 769 39.79 10.94 47.55
C GLY E 769 40.53 12.11 46.91
N LEU E 770 39.80 13.03 46.29
CA LEU E 770 40.41 14.21 45.69
C LEU E 770 41.06 15.12 46.73
N ASN E 771 40.46 15.30 47.91
CA ASN E 771 41.08 16.08 48.98
C ASN E 771 42.37 15.42 49.47
N ALA E 772 42.39 14.10 49.59
CA ALA E 772 43.58 13.37 49.98
C ALA E 772 44.69 13.49 48.95
N LEU E 773 44.39 13.24 47.67
CA LEU E 773 45.39 13.37 46.62
C LEU E 773 45.88 14.80 46.51
N GLU E 774 45.03 15.80 46.70
CA GLU E 774 45.44 17.18 46.69
C GLU E 774 46.48 17.44 47.77
N GLU E 775 46.18 17.08 49.02
CA GLU E 775 47.08 17.29 50.15
C GLU E 775 48.37 16.51 49.99
N TRP E 776 48.31 15.25 49.57
CA TRP E 776 49.53 14.50 49.35
C TRP E 776 50.33 15.16 48.23
N SER E 777 49.72 15.50 47.10
CA SER E 777 50.40 16.13 45.97
C SER E 777 51.22 17.33 46.38
N ILE E 778 50.64 18.26 47.13
CA ILE E 778 51.31 19.52 47.45
C ILE E 778 52.44 19.34 48.48
N TYR E 779 52.27 18.50 49.52
CA TYR E 779 53.22 18.47 50.64
C TYR E 779 54.22 17.32 50.67
N ILE E 780 53.91 16.12 50.17
CA ILE E 780 54.86 14.99 50.23
C ILE E 780 56.06 15.26 49.30
N ASP E 781 57.25 14.77 49.63
CA ASP E 781 58.46 14.98 48.82
C ASP E 781 58.33 14.39 47.41
N ARG E 782 58.66 15.18 46.37
CA ARG E 782 58.47 14.79 44.96
C ARG E 782 59.12 13.46 44.63
N HIS E 783 60.37 13.26 45.00
CA HIS E 783 61.07 12.00 44.71
C HIS E 783 60.53 10.81 45.49
N VAL E 784 59.86 11.03 46.63
CA VAL E 784 59.13 9.95 47.33
C VAL E 784 57.87 9.58 46.56
N MET E 785 57.14 10.56 46.05
CA MET E 785 55.81 10.37 45.49
C MET E 785 55.80 9.82 44.06
N GLN E 786 56.77 10.22 43.24
CA GLN E 786 56.83 9.88 41.80
C GLN E 786 56.51 8.44 41.39
N PRO E 787 57.01 7.37 42.02
CA PRO E 787 56.70 6.02 41.57
C PRO E 787 55.22 5.65 41.67
N TYR E 788 54.44 6.30 42.53
CA TYR E 788 53.06 5.89 42.82
C TYR E 788 52.02 6.54 41.92
N TYR E 789 52.28 7.71 41.33
CA TYR E 789 51.32 8.31 40.39
C TYR E 789 50.95 7.36 39.25
N LYS E 790 51.89 6.50 38.85
CA LYS E 790 51.76 5.48 37.82
C LYS E 790 50.57 4.53 38.00
N ASP E 791 50.01 4.41 39.19
CA ASP E 791 48.77 3.66 39.42
C ASP E 791 47.78 4.33 40.40
N ILE E 792 48.02 5.57 40.83
CA ILE E 792 46.95 6.42 41.35
C ILE E 792 46.14 7.02 40.20
N LEU E 793 46.80 7.68 39.24
CA LEU E 793 46.16 8.44 38.17
C LEU E 793 45.20 7.64 37.28
N PRO E 794 45.48 6.39 36.86
CA PRO E 794 44.61 5.67 35.96
C PRO E 794 43.21 5.38 36.50
N CYS E 795 43.00 5.47 37.81
CA CYS E 795 41.68 5.34 38.40
C CYS E 795 40.77 6.56 38.16
N LEU E 796 41.32 7.71 37.76
CA LEU E 796 40.54 8.93 37.56
C LEU E 796 39.71 8.93 36.28
N ASP E 797 40.04 8.09 35.29
CA ASP E 797 39.38 8.08 33.97
C ASP E 797 37.86 8.03 34.09
N GLY E 798 37.32 7.25 35.01
CA GLY E 798 35.89 7.14 35.25
C GLY E 798 35.14 8.45 35.49
N TYR E 799 35.76 9.40 36.17
CA TYR E 799 35.10 10.67 36.48
C TYR E 799 34.99 11.57 35.25
N LEU E 800 35.73 11.27 34.18
CA LEU E 800 35.67 11.96 32.90
C LEU E 800 35.50 11.00 31.69
N LYS E 801 35.10 9.75 31.94
CA LYS E 801 34.95 8.64 30.97
C LYS E 801 33.76 8.80 30.07
N THR E 802 32.65 9.27 30.61
CA THR E 802 31.43 9.62 29.88
C THR E 802 31.04 11.05 30.23
N SER E 803 30.51 11.81 29.27
CA SER E 803 30.11 13.20 29.47
C SER E 803 28.60 13.40 29.68
N ALA E 804 27.88 12.32 30.00
CA ALA E 804 26.46 12.35 30.42
C ALA E 804 25.48 12.94 29.36
N LEU E 805 25.58 12.50 28.11
CA LEU E 805 24.80 13.02 26.98
C LEU E 805 23.57 12.15 26.68
N GLU E 814 12.59 25.64 37.98
CA GLU E 814 12.22 25.93 36.60
C GLU E 814 11.02 26.86 36.54
N VAL E 815 9.91 26.44 37.14
CA VAL E 815 8.70 27.25 37.16
C VAL E 815 8.41 27.62 38.61
N SER E 816 9.45 27.74 39.41
CA SER E 816 9.30 27.95 40.84
C SER E 816 8.60 29.28 41.12
N ALA E 817 8.21 29.43 42.38
CA ALA E 817 7.35 30.56 42.76
C ALA E 817 8.00 31.89 42.43
N LEU E 818 9.31 31.99 42.59
CA LEU E 818 9.96 33.25 42.24
C LEU E 818 9.83 33.53 40.77
N SER E 819 9.78 32.50 39.93
CA SER E 819 9.69 32.75 38.50
C SER E 819 8.37 33.42 38.16
N ARG E 820 7.27 32.81 38.58
CA ARG E 820 5.98 33.40 38.30
C ARG E 820 5.87 34.75 38.96
N ALA E 821 6.43 34.89 40.16
CA ALA E 821 6.34 36.18 40.84
C ALA E 821 7.02 37.26 40.04
N ALA E 822 8.28 37.04 39.67
CA ALA E 822 9.01 38.03 38.90
C ALA E 822 8.38 38.26 37.55
N GLN E 823 7.56 37.32 37.08
CA GLN E 823 6.90 37.54 35.81
C GLN E 823 6.00 38.77 35.86
N LYS E 824 5.23 38.92 36.94
CA LYS E 824 4.22 39.97 36.94
C LYS E 824 4.84 41.34 37.12
N GLY E 825 5.98 41.43 37.77
CA GLY E 825 6.68 42.69 37.88
C GLY E 825 7.74 42.64 38.97
N PHE E 826 8.65 43.59 38.92
CA PHE E 826 9.76 43.65 39.87
C PHE E 826 9.38 44.38 41.15
N ASN E 827 8.26 43.99 41.73
CA ASN E 827 7.77 44.70 42.90
C ASN E 827 8.45 44.16 44.14
N LYS E 828 8.00 44.64 45.30
CA LYS E 828 8.60 44.22 46.55
C LYS E 828 8.47 42.73 46.76
N VAL E 829 7.45 42.10 46.20
CA VAL E 829 7.21 40.69 46.48
C VAL E 829 8.37 39.84 46.01
N VAL E 830 9.00 40.24 44.92
CA VAL E 830 10.13 39.48 44.41
C VAL E 830 11.26 39.45 45.44
N LEU E 831 11.48 40.55 46.15
CA LEU E 831 12.56 40.55 47.12
C LEU E 831 12.30 39.57 48.24
N LYS E 832 11.04 39.40 48.66
CA LYS E 832 10.80 38.41 49.69
C LYS E 832 11.23 37.03 49.21
N HIS E 833 10.83 36.65 47.99
CA HIS E 833 11.17 35.33 47.51
C HIS E 833 12.67 35.16 47.37
N LEU E 834 13.35 36.17 46.84
CA LEU E 834 14.78 36.00 46.63
C LEU E 834 15.54 36.02 47.95
N LYS E 835 15.12 36.84 48.90
CA LYS E 835 15.78 36.86 50.20
C LYS E 835 15.61 35.53 50.89
N LYS E 836 14.41 34.95 50.84
CA LYS E 836 14.20 33.65 51.45
C LYS E 836 15.01 32.57 50.72
N THR E 837 15.14 32.70 49.40
CA THR E 837 15.97 31.77 48.64
C THR E 837 17.43 31.88 49.07
N LYS E 838 17.91 33.11 49.29
CA LYS E 838 19.30 33.31 49.68
C LYS E 838 19.55 32.88 51.12
N GLU E 844 25.35 18.85 53.05
CA GLU E 844 24.97 18.02 51.91
C GLU E 844 26.14 17.66 50.98
N ALA E 845 25.96 16.63 50.15
CA ALA E 845 27.00 16.11 49.27
C ALA E 845 27.41 17.11 48.17
N ILE E 846 28.67 17.01 47.73
CA ILE E 846 29.13 17.67 46.50
C ILE E 846 28.49 16.97 45.30
N SER E 847 28.00 17.74 44.33
CA SER E 847 27.34 17.22 43.12
C SER E 847 28.31 16.42 42.26
N LEU E 848 27.87 15.44 41.48
CA LEU E 848 28.74 14.84 40.48
C LEU E 848 29.19 15.83 39.39
N GLU E 849 28.42 16.89 39.12
CA GLU E 849 28.91 17.99 38.27
C GLU E 849 30.07 18.72 38.93
N GLU E 850 30.06 18.92 40.24
CA GLU E 850 31.19 19.53 40.92
C GLU E 850 32.42 18.61 40.96
N ILE E 851 32.23 17.31 41.17
CA ILE E 851 33.36 16.37 41.16
C ILE E 851 34.03 16.32 39.80
N ARG E 852 33.27 16.32 38.71
CA ARG E 852 33.84 16.32 37.36
C ARG E 852 34.73 17.53 37.11
N ILE E 853 34.29 18.74 37.40
CA ILE E 853 35.18 19.91 37.27
C ILE E 853 36.33 19.85 38.26
N ARG E 854 36.12 19.39 39.51
CA ARG E 854 37.19 19.26 40.49
C ARG E 854 38.25 18.27 40.01
N VAL E 855 37.90 17.13 39.46
CA VAL E 855 38.90 16.18 38.97
C VAL E 855 39.64 16.71 37.77
N VAL E 856 39.04 17.44 36.82
CA VAL E 856 39.83 18.05 35.73
C VAL E 856 40.81 19.09 36.28
N GLN E 857 40.33 19.95 37.16
CA GLN E 857 41.16 20.98 37.79
C GLN E 857 42.31 20.36 38.57
N MET E 858 42.03 19.34 39.38
CA MET E 858 43.02 18.67 40.19
C MET E 858 44.01 17.90 39.32
N LEU E 859 43.57 17.24 38.25
CA LEU E 859 44.44 16.54 37.32
C LEU E 859 45.42 17.48 36.64
N GLY E 860 44.97 18.62 36.14
CA GLY E 860 45.86 19.66 35.68
C GLY E 860 46.77 20.13 36.80
N SER E 861 46.28 20.19 38.03
CA SER E 861 47.10 20.64 39.13
C SER E 861 48.32 19.76 39.45
N LEU E 862 48.47 18.54 38.93
CA LEU E 862 49.73 17.79 39.08
C LEU E 862 50.80 18.25 38.09
N GLY E 863 50.47 19.06 37.10
CA GLY E 863 51.38 19.50 36.06
C GLY E 863 51.58 18.48 34.96
N GLY E 864 52.08 18.87 33.81
CA GLY E 864 52.23 17.93 32.69
C GLY E 864 53.24 16.82 32.95
N GLN E 865 54.32 17.06 33.71
CA GLN E 865 55.31 16.00 33.98
C GLN E 865 54.67 14.76 34.58
N ILE E 866 53.69 14.94 35.47
CA ILE E 866 52.99 13.86 36.14
C ILE E 866 51.79 13.39 35.33
N ASN E 867 50.93 14.29 34.87
CA ASN E 867 49.60 13.91 34.43
C ASN E 867 49.56 13.09 33.14
N LYS E 868 50.69 12.87 32.45
CA LYS E 868 50.82 11.83 31.41
C LYS E 868 50.32 10.48 31.91
N ASN E 869 50.51 10.17 33.19
CA ASN E 869 50.15 8.89 33.79
C ASN E 869 48.65 8.61 33.84
N LEU E 870 47.78 9.52 33.41
CA LEU E 870 46.36 9.20 33.23
C LEU E 870 46.16 8.17 32.12
N LEU E 871 46.91 8.30 31.02
CA LEU E 871 46.88 7.32 29.95
C LEU E 871 47.62 6.06 30.41
N THR E 872 47.12 4.89 30.00
CA THR E 872 47.45 3.57 30.59
C THR E 872 48.89 3.42 31.09
N VAL E 873 49.89 3.65 30.24
CA VAL E 873 51.30 3.78 30.60
C VAL E 873 51.91 4.91 29.76
N THR E 874 53.09 5.39 30.13
CA THR E 874 54.00 6.03 29.15
C THR E 874 54.27 5.06 27.97
N SER E 875 54.67 5.57 26.81
CA SER E 875 54.77 4.82 25.55
C SER E 875 55.50 3.47 25.70
N SER E 876 54.82 2.37 25.37
CA SER E 876 55.17 1.02 25.82
C SER E 876 54.55 -0.05 24.89
N ASP E 877 54.99 -1.30 25.03
CA ASP E 877 54.24 -2.44 24.50
C ASP E 877 52.83 -2.55 25.10
N GLU E 878 52.59 -2.03 26.31
CA GLU E 878 51.34 -2.26 27.05
C GLU E 878 50.05 -1.82 26.33
N MET E 879 50.05 -0.66 25.67
CA MET E 879 48.93 -0.23 24.83
C MET E 879 49.04 -0.81 23.40
N MET E 880 50.24 -1.08 22.92
CA MET E 880 50.50 -1.71 21.63
C MET E 880 49.86 -3.09 21.53
N LYS E 881 49.92 -3.86 22.63
CA LYS E 881 49.22 -5.13 22.82
C LYS E 881 47.69 -5.03 22.70
N SER E 882 47.11 -3.82 22.72
CA SER E 882 45.65 -3.63 22.68
C SER E 882 45.07 -3.39 21.28
N TYR E 883 45.90 -3.18 20.25
CA TYR E 883 45.38 -2.86 18.91
C TYR E 883 44.73 -4.04 18.17
N VAL E 884 45.06 -5.29 18.49
CA VAL E 884 44.39 -6.46 17.90
C VAL E 884 42.97 -6.61 18.45
N ALA E 885 42.00 -6.99 17.60
CA ALA E 885 40.65 -7.30 18.07
C ALA E 885 40.66 -8.49 19.05
N TRP E 886 39.64 -8.60 19.89
CA TRP E 886 39.56 -9.69 20.88
C TRP E 886 39.44 -11.08 20.25
N ASP E 887 39.19 -11.20 18.96
CA ASP E 887 39.13 -12.49 18.27
C ASP E 887 39.68 -12.39 16.83
N ARG E 888 40.21 -13.50 16.30
CA ARG E 888 40.85 -13.57 14.99
C ARG E 888 39.84 -13.42 13.85
N GLU E 889 38.63 -13.93 14.05
CA GLU E 889 37.52 -13.88 13.10
C GLU E 889 36.19 -13.65 13.82
N LYS E 890 35.21 -13.04 13.14
CA LYS E 890 33.99 -12.52 13.75
C LYS E 890 33.04 -13.63 14.17
N ARG E 891 32.87 -13.82 15.48
CA ARG E 891 31.75 -14.55 16.08
C ARG E 891 30.58 -13.57 16.29
N LEU E 892 29.45 -14.05 16.80
CA LEU E 892 28.26 -13.22 17.08
C LEU E 892 27.55 -12.61 15.86
N SER E 893 27.64 -13.20 14.68
CA SER E 893 26.93 -12.69 13.49
C SER E 893 25.42 -12.64 13.72
N PHE E 894 24.83 -11.45 13.81
CA PHE E 894 23.46 -11.22 14.26
C PHE E 894 22.61 -10.49 13.24
N ALA E 895 21.57 -11.14 12.72
CA ALA E 895 20.71 -10.60 11.70
C ALA E 895 19.62 -9.72 12.31
N VAL E 896 19.68 -8.43 12.04
CA VAL E 896 18.75 -7.44 12.55
C VAL E 896 17.36 -7.75 11.99
N PRO E 897 16.33 -7.82 12.82
CA PRO E 897 14.97 -8.09 12.41
C PRO E 897 14.34 -6.90 11.65
N PHE E 898 14.64 -6.70 10.36
CA PHE E 898 13.87 -5.79 9.50
C PHE E 898 12.75 -6.54 8.78
N ARG E 899 11.81 -5.81 8.16
CA ARG E 899 10.69 -6.40 7.38
C ARG E 899 11.04 -6.64 5.92
N GLU E 900 11.74 -5.72 5.27
CA GLU E 900 12.25 -5.93 3.92
C GLU E 900 13.37 -6.97 3.85
N MET E 901 14.30 -6.96 4.81
CA MET E 901 15.63 -7.57 4.68
C MET E 901 16.19 -8.05 6.02
N LYS E 902 17.37 -8.69 5.99
CA LYS E 902 18.07 -9.25 7.16
C LYS E 902 19.57 -8.87 7.13
N PRO E 903 19.92 -7.59 7.28
CA PRO E 903 21.32 -7.16 7.37
C PRO E 903 21.98 -7.70 8.63
N VAL E 904 23.29 -7.93 8.59
CA VAL E 904 24.06 -8.58 9.66
C VAL E 904 24.99 -7.61 10.37
N ILE E 905 24.92 -7.61 11.70
CA ILE E 905 25.83 -6.93 12.63
C ILE E 905 26.71 -8.00 13.26
N PHE E 906 28.01 -7.81 13.39
CA PHE E 906 28.83 -8.70 14.22
C PHE E 906 29.00 -8.07 15.60
N LEU E 907 28.29 -8.55 16.62
CA LEU E 907 28.26 -7.87 17.93
C LEU E 907 29.60 -7.82 18.67
N ASP E 908 30.60 -8.62 18.30
CA ASP E 908 31.87 -8.66 19.03
C ASP E 908 32.73 -7.41 18.82
N VAL E 909 32.29 -6.41 18.04
CA VAL E 909 32.88 -5.07 18.01
C VAL E 909 32.39 -4.18 19.15
N PHE E 910 31.21 -4.43 19.73
CA PHE E 910 30.68 -3.58 20.80
C PHE E 910 31.29 -3.87 22.17
N LEU E 911 31.68 -5.10 22.46
CA LEU E 911 32.19 -5.50 23.77
C LEU E 911 33.33 -4.65 24.32
N PRO E 912 34.43 -4.37 23.60
CA PRO E 912 35.51 -3.60 24.17
C PRO E 912 35.08 -2.25 24.74
N ARG E 913 34.08 -1.56 24.19
CA ARG E 913 33.55 -0.33 24.81
C ARG E 913 32.43 -0.59 25.80
N VAL E 914 31.52 -1.53 25.57
CA VAL E 914 30.40 -1.75 26.49
C VAL E 914 30.86 -2.30 27.82
N THR E 915 31.86 -3.16 27.84
CA THR E 915 32.47 -3.62 29.09
C THR E 915 33.02 -2.46 29.90
N GLU E 916 33.77 -1.52 29.30
CA GLU E 916 34.27 -0.34 29.98
C GLU E 916 33.15 0.53 30.51
N LEU E 917 32.07 0.75 29.77
CA LEU E 917 30.94 1.52 30.28
C LEU E 917 30.32 0.86 31.48
N ALA E 918 30.10 -0.45 31.44
CA ALA E 918 29.36 -1.14 32.48
C ALA E 918 30.08 -1.06 33.84
N LEU E 919 31.40 -1.23 33.89
CA LEU E 919 32.19 -0.94 35.10
C LEU E 919 32.25 0.55 35.40
N THR E 920 32.83 1.32 34.50
CA THR E 920 33.51 2.58 34.82
C THR E 920 32.68 3.83 34.53
N ALA E 921 31.47 3.72 33.96
CA ALA E 921 30.63 4.88 33.73
C ALA E 921 30.24 5.53 35.06
N SER E 922 30.62 6.78 35.28
CA SER E 922 30.25 7.51 36.49
C SER E 922 28.80 7.98 36.45
N ASP E 923 28.26 8.37 35.29
CA ASP E 923 26.83 8.62 35.15
C ASP E 923 26.06 7.33 35.38
N ARG E 924 25.25 7.28 36.44
CA ARG E 924 24.53 6.06 36.77
C ARG E 924 23.55 5.64 35.69
N GLN E 925 22.83 6.50 35.00
CA GLN E 925 21.85 5.97 34.03
C GLN E 925 22.53 5.29 32.84
N THR E 926 23.68 5.79 32.38
CA THR E 926 24.47 5.09 31.36
C THR E 926 24.88 3.71 31.83
N LYS E 927 25.36 3.61 33.06
CA LYS E 927 25.91 2.39 33.63
C LYS E 927 24.93 1.23 33.58
N VAL E 928 23.74 1.39 34.15
CA VAL E 928 22.78 0.28 34.18
C VAL E 928 22.33 -0.13 32.77
N ALA E 929 22.13 0.81 31.85
CA ALA E 929 21.78 0.46 30.48
C ALA E 929 22.91 -0.27 29.75
N ALA E 930 24.17 0.05 30.03
CA ALA E 930 25.30 -0.71 29.52
C ALA E 930 25.37 -2.11 30.12
N CYS E 931 24.99 -2.29 31.38
CA CYS E 931 24.85 -3.62 31.94
C CYS E 931 23.80 -4.41 31.18
N GLU E 932 22.59 -3.94 31.06
CA GLU E 932 21.57 -4.81 30.47
C GLU E 932 21.77 -5.14 29.00
N LEU E 933 22.49 -4.31 28.28
CA LEU E 933 23.05 -4.69 27.00
C LEU E 933 24.05 -5.84 27.15
N LEU E 934 25.06 -5.75 28.00
CA LEU E 934 26.01 -6.85 28.19
C LEU E 934 25.34 -8.13 28.67
N HIS E 935 24.33 -8.07 29.54
CA HIS E 935 23.56 -9.23 29.96
C HIS E 935 22.91 -9.90 28.77
N SER E 936 22.11 -9.17 28.01
CA SER E 936 21.46 -9.71 26.83
C SER E 936 22.45 -10.18 25.77
N MET E 937 23.62 -9.55 25.68
CA MET E 937 24.68 -9.92 24.77
C MET E 937 25.45 -11.16 25.22
N VAL E 938 25.59 -11.46 26.52
CA VAL E 938 26.16 -12.74 26.97
C VAL E 938 25.13 -13.87 26.95
N MET E 939 23.83 -13.57 27.06
CA MET E 939 22.80 -14.55 26.71
C MET E 939 22.89 -14.95 25.25
N PHE E 940 22.97 -13.97 24.36
CA PHE E 940 23.23 -14.22 22.95
C PHE E 940 24.48 -15.07 22.78
N MET E 941 25.51 -14.79 23.57
CA MET E 941 26.76 -15.52 23.43
C MET E 941 26.61 -17.01 23.67
N LEU E 942 26.05 -17.38 24.83
CA LEU E 942 25.87 -18.77 25.21
C LEU E 942 25.04 -19.53 24.18
N GLY E 943 23.92 -18.95 23.75
CA GLY E 943 23.06 -19.55 22.74
C GLY E 943 23.80 -19.80 21.43
N LYS E 944 24.49 -18.80 20.89
CA LYS E 944 25.18 -18.93 19.61
C LYS E 944 26.27 -20.00 19.68
N ALA E 945 27.01 -20.08 20.78
CA ALA E 945 27.99 -21.15 20.96
C ALA E 945 27.32 -22.54 21.01
N THR E 946 26.15 -22.64 21.60
CA THR E 946 25.45 -23.93 21.83
C THR E 946 24.70 -24.45 20.60
N GLN E 947 24.41 -23.62 19.61
CA GLN E 947 24.12 -24.10 18.24
C GLN E 947 25.32 -24.80 17.60
N MET E 948 26.52 -24.79 18.21
CA MET E 948 27.74 -25.37 17.67
C MET E 948 28.10 -24.78 16.30
N PRO E 949 28.54 -23.51 16.26
CA PRO E 949 28.91 -22.83 15.01
C PRO E 949 30.17 -23.47 14.41
N GLU E 950 31.11 -23.87 15.27
CA GLU E 950 32.07 -24.97 15.04
C GLU E 950 32.31 -25.75 16.37
N GLY E 951 32.46 -27.08 16.30
CA GLY E 951 32.62 -28.01 17.40
C GLY E 951 34.07 -28.39 17.67
N GLY E 952 34.86 -27.43 18.15
CA GLY E 952 36.22 -27.75 18.54
C GLY E 952 37.18 -27.85 17.37
N GLN E 953 38.02 -28.88 17.39
CA GLN E 953 39.10 -29.02 16.41
C GLN E 953 39.97 -27.77 16.39
N GLY E 954 40.29 -27.28 17.57
CA GLY E 954 41.05 -26.06 17.76
C GLY E 954 40.49 -25.29 18.92
N ALA E 955 40.84 -24.01 19.00
CA ALA E 955 40.24 -23.13 19.98
C ALA E 955 38.71 -23.23 19.81
N PRO E 956 37.95 -23.62 20.85
CA PRO E 956 36.50 -23.63 20.75
C PRO E 956 36.02 -22.24 20.33
N PRO E 957 34.97 -22.12 19.51
CA PRO E 957 34.47 -20.82 19.14
C PRO E 957 34.18 -20.03 20.40
N MET E 958 34.52 -18.75 20.39
CA MET E 958 34.25 -17.85 21.51
C MET E 958 35.05 -18.12 22.79
N TYR E 959 35.92 -19.13 22.85
CA TYR E 959 36.85 -19.26 23.99
C TYR E 959 37.63 -17.97 24.21
N GLN E 960 38.10 -17.34 23.13
CA GLN E 960 38.82 -16.07 23.19
C GLN E 960 37.96 -14.91 23.71
N LEU E 961 36.63 -14.97 23.58
CA LEU E 961 35.70 -14.02 24.17
C LEU E 961 35.49 -14.35 25.65
N TYR E 962 35.23 -15.61 25.95
CA TYR E 962 35.04 -16.11 27.30
C TYR E 962 36.24 -15.77 28.18
N LYS E 963 37.46 -16.04 27.74
CA LYS E 963 38.70 -15.62 28.41
C LYS E 963 38.77 -14.12 28.67
N ARG E 964 38.11 -13.28 27.87
CA ARG E 964 38.11 -11.82 28.04
C ARG E 964 36.87 -11.25 28.74
N THR E 965 35.76 -11.96 28.79
CA THR E 965 34.51 -11.49 29.39
C THR E 965 34.23 -12.07 30.76
N PHE E 966 34.68 -13.28 31.07
CA PHE E 966 34.54 -13.82 32.41
C PHE E 966 35.18 -12.95 33.50
N PRO E 967 36.41 -12.41 33.40
CA PRO E 967 36.93 -11.54 34.44
C PRO E 967 36.12 -10.25 34.62
N VAL E 968 35.57 -9.72 33.52
CA VAL E 968 34.63 -8.59 33.58
C VAL E 968 33.37 -8.96 34.35
N LEU E 969 32.81 -10.14 34.12
CA LEU E 969 31.60 -10.57 34.83
C LEU E 969 31.81 -10.66 36.34
N LEU E 970 32.99 -11.04 36.83
CA LEU E 970 33.24 -11.06 38.28
C LEU E 970 33.31 -9.66 38.85
N ARG E 971 34.17 -8.82 38.27
CA ARG E 971 34.41 -7.45 38.70
C ARG E 971 33.13 -6.63 38.77
N LEU E 972 32.09 -7.10 38.11
CA LEU E 972 30.86 -6.41 37.87
C LEU E 972 29.68 -7.08 38.56
N ALA E 973 29.84 -8.23 39.20
CA ALA E 973 28.83 -8.73 40.13
C ALA E 973 28.87 -7.98 41.44
N CYS E 974 29.99 -8.05 42.15
CA CYS E 974 30.26 -7.25 43.33
C CYS E 974 30.72 -5.83 43.02
N ASP E 975 30.18 -5.25 41.96
CA ASP E 975 30.24 -3.81 41.82
C ASP E 975 29.51 -3.18 43.01
N VAL E 976 29.76 -1.91 43.29
CA VAL E 976 29.02 -1.19 44.33
C VAL E 976 27.55 -1.13 43.94
N ASP E 977 27.20 -0.49 42.82
CA ASP E 977 25.82 -0.17 42.42
C ASP E 977 24.84 -1.33 42.64
N GLN E 978 23.87 -1.18 43.54
CA GLN E 978 23.03 -2.31 43.95
C GLN E 978 22.17 -2.83 42.80
N VAL E 979 21.74 -2.00 41.86
CA VAL E 979 21.01 -2.44 40.68
C VAL E 979 21.89 -3.34 39.82
N THR E 980 23.17 -3.03 39.61
CA THR E 980 24.09 -3.95 38.94
C THR E 980 24.27 -5.27 39.70
N ARG E 981 24.46 -5.24 41.02
CA ARG E 981 24.74 -6.46 41.81
C ARG E 981 23.59 -7.45 41.77
N GLN E 982 22.36 -6.99 41.93
CA GLN E 982 21.15 -7.82 41.82
C GLN E 982 20.95 -8.46 40.45
N LEU E 983 21.71 -8.06 39.44
CA LEU E 983 21.62 -8.62 38.10
C LEU E 983 22.72 -9.64 37.83
N TYR E 984 23.94 -9.44 38.34
CA TYR E 984 25.09 -10.26 37.97
C TYR E 984 25.56 -11.27 39.01
N GLU E 985 25.34 -11.08 40.30
CA GLU E 985 25.58 -12.17 41.26
C GLU E 985 24.81 -13.44 40.89
N PRO E 986 23.48 -13.42 40.68
CA PRO E 986 22.78 -14.59 40.19
C PRO E 986 23.32 -15.06 38.85
N LEU E 987 23.63 -14.18 37.91
CA LEU E 987 24.11 -14.61 36.59
C LEU E 987 25.44 -15.36 36.65
N VAL E 988 26.40 -14.92 37.47
CA VAL E 988 27.65 -15.68 37.57
C VAL E 988 27.38 -17.03 38.20
N MET E 989 26.57 -17.16 39.25
CA MET E 989 26.28 -18.48 39.80
C MET E 989 25.53 -19.36 38.78
N GLN E 990 24.60 -18.79 38.03
CA GLN E 990 23.94 -19.41 36.90
C GLN E 990 24.94 -19.91 35.84
N LEU E 991 25.93 -19.12 35.45
CA LEU E 991 26.98 -19.57 34.53
C LEU E 991 27.77 -20.69 35.13
N ILE E 992 28.09 -20.60 36.41
CA ILE E 992 28.93 -21.55 37.12
C ILE E 992 28.22 -22.90 37.24
N HIS E 993 26.89 -22.95 37.40
CA HIS E 993 26.12 -24.19 37.27
C HIS E 993 26.27 -24.76 35.86
N TRP E 994 25.98 -23.99 34.82
CA TRP E 994 26.02 -24.49 33.44
C TRP E 994 27.38 -25.05 33.09
N PHE E 995 28.44 -24.34 33.44
CA PHE E 995 29.79 -24.80 33.20
C PHE E 995 30.24 -25.93 34.13
N THR E 996 29.36 -26.62 34.84
CA THR E 996 29.62 -28.03 35.21
C THR E 996 28.54 -28.92 34.59
N ASN E 997 28.85 -29.83 33.68
CA ASN E 997 27.83 -30.63 32.99
C ASN E 997 28.44 -31.82 32.23
N ASN E 998 27.60 -32.79 31.85
CA ASN E 998 28.02 -34.10 31.37
C ASN E 998 29.03 -34.06 30.20
N LYS E 999 28.79 -33.23 29.18
CA LYS E 999 29.79 -32.84 28.18
C LYS E 999 30.72 -31.76 28.70
N LYS E 1000 30.16 -30.62 29.10
CA LYS E 1000 30.93 -29.35 29.19
C LYS E 1000 31.94 -29.29 30.34
N PHE E 1001 31.91 -30.19 31.31
CA PHE E 1001 32.88 -30.22 32.43
C PHE E 1001 34.32 -30.45 31.99
N GLU E 1002 34.51 -31.05 30.81
CA GLU E 1002 35.82 -31.31 30.20
C GLU E 1002 36.28 -30.15 29.29
N SER E 1003 35.39 -29.21 28.98
CA SER E 1003 35.65 -28.15 27.99
C SER E 1003 36.60 -27.09 28.52
N GLN E 1004 37.46 -26.55 27.65
CA GLN E 1004 38.26 -25.37 27.95
C GLN E 1004 37.43 -24.11 28.26
N ASP E 1005 36.14 -24.07 27.93
CA ASP E 1005 35.24 -23.05 28.45
C ASP E 1005 35.30 -22.98 29.97
N THR E 1006 35.35 -24.13 30.62
CA THR E 1006 35.47 -24.25 32.07
C THR E 1006 36.90 -24.03 32.54
N VAL E 1007 37.92 -24.30 31.74
CA VAL E 1007 39.31 -23.98 32.10
C VAL E 1007 39.49 -22.47 32.14
N ALA E 1008 39.02 -21.77 31.11
CA ALA E 1008 39.00 -20.32 31.07
C ALA E 1008 38.22 -19.79 32.27
N LEU E 1009 37.05 -20.35 32.56
CA LEU E 1009 36.27 -19.94 33.71
C LEU E 1009 37.03 -20.15 35.02
N LEU E 1010 37.58 -21.34 35.26
CA LEU E 1010 38.29 -21.63 36.50
C LEU E 1010 39.47 -20.69 36.70
N GLU E 1011 40.32 -20.53 35.69
CA GLU E 1011 41.49 -19.66 35.79
C GLU E 1011 41.12 -18.17 35.83
N ALA E 1012 39.93 -17.77 35.37
CA ALA E 1012 39.43 -16.42 35.61
C ALA E 1012 39.13 -16.25 37.09
N ILE E 1013 38.39 -17.17 37.70
CA ILE E 1013 38.00 -17.01 39.11
C ILE E 1013 39.22 -17.15 40.04
N LEU E 1014 40.13 -18.06 39.75
CA LEU E 1014 41.36 -18.23 40.51
C LEU E 1014 42.46 -17.24 40.16
N ASP E 1015 42.20 -16.28 39.28
CA ASP E 1015 42.88 -14.99 39.26
C ASP E 1015 42.07 -13.93 40.04
N GLY E 1016 40.75 -14.05 40.03
CA GLY E 1016 39.84 -13.21 40.83
C GLY E 1016 40.20 -13.16 42.30
N ILE E 1017 40.33 -14.31 42.97
CA ILE E 1017 40.71 -14.35 44.41
C ILE E 1017 42.06 -13.68 44.72
N VAL E 1018 42.94 -13.49 43.75
CA VAL E 1018 44.27 -12.93 43.98
C VAL E 1018 44.28 -11.40 44.06
N ASP E 1019 43.24 -10.71 43.62
CA ASP E 1019 43.36 -9.30 43.19
C ASP E 1019 44.10 -8.41 44.23
N PRO E 1020 45.19 -7.73 43.82
CA PRO E 1020 46.04 -6.96 44.72
C PRO E 1020 45.44 -5.63 45.15
N VAL E 1021 44.32 -5.18 44.58
CA VAL E 1021 43.72 -3.86 44.86
C VAL E 1021 42.22 -3.90 45.18
N ASP E 1022 41.62 -5.05 45.50
CA ASP E 1022 40.21 -5.15 45.87
C ASP E 1022 39.95 -6.18 46.98
N SER E 1023 39.27 -5.79 48.07
CA SER E 1023 38.92 -6.71 49.16
C SER E 1023 37.63 -7.50 48.94
N THR E 1024 36.65 -6.97 48.20
CA THR E 1024 35.32 -7.58 48.04
C THR E 1024 35.26 -8.51 46.83
N LEU E 1025 36.10 -8.28 45.82
CA LEU E 1025 36.26 -9.22 44.72
C LEU E 1025 36.74 -10.58 45.22
N ARG E 1026 37.74 -10.61 46.11
CA ARG E 1026 38.31 -11.86 46.62
C ARG E 1026 37.27 -12.67 47.38
N ASP E 1027 36.49 -12.04 48.24
CA ASP E 1027 35.40 -12.71 48.95
C ASP E 1027 34.42 -13.35 47.97
N PHE E 1028 33.98 -12.61 46.97
CA PHE E 1028 33.06 -13.13 45.98
C PHE E 1028 33.68 -14.32 45.23
N CYS E 1029 34.91 -14.19 44.75
CA CYS E 1029 35.57 -15.26 44.03
C CYS E 1029 35.76 -16.51 44.89
N GLY E 1030 36.00 -16.36 46.20
CA GLY E 1030 35.96 -17.49 47.13
C GLY E 1030 34.59 -18.16 47.14
N ARG E 1031 33.50 -17.41 47.33
CA ARG E 1031 32.14 -17.94 47.28
C ARG E 1031 31.78 -18.54 45.91
N CYS E 1032 32.41 -18.06 44.85
CA CYS E 1032 32.29 -18.65 43.53
C CYS E 1032 32.97 -20.02 43.46
N ILE E 1033 34.19 -20.14 44.00
CA ILE E 1033 34.90 -21.42 44.10
C ILE E 1033 34.16 -22.43 44.95
N ARG E 1034 33.55 -22.00 46.05
CA ARG E 1034 32.63 -22.79 46.86
C ARG E 1034 31.56 -23.45 46.00
N GLU E 1035 30.86 -22.66 45.18
CA GLU E 1035 29.78 -23.19 44.36
C GLU E 1035 30.28 -24.06 43.20
N PHE E 1036 31.38 -23.68 42.57
CA PHE E 1036 32.01 -24.47 41.52
C PHE E 1036 32.39 -25.85 42.04
N LEU E 1037 32.97 -25.92 43.23
CA LEU E 1037 33.28 -27.17 43.89
C LEU E 1037 31.99 -27.95 44.19
N LYS E 1038 30.96 -27.37 44.80
CA LYS E 1038 29.69 -28.07 45.07
C LYS E 1038 29.14 -28.74 43.83
N TRP E 1039 29.02 -28.03 42.73
CA TRP E 1039 28.45 -28.60 41.51
C TRP E 1039 29.40 -29.58 40.84
N SER E 1040 30.71 -29.41 40.99
CA SER E 1040 31.70 -30.42 40.60
C SER E 1040 31.59 -31.73 41.39
N ILE E 1041 30.86 -31.78 42.52
CA ILE E 1041 30.40 -33.03 43.14
C ILE E 1041 29.00 -33.39 42.68
N LYS E 1042 28.08 -32.42 42.73
CA LYS E 1042 26.64 -32.66 42.69
C LYS E 1042 26.09 -32.98 41.29
N GLN E 1043 26.58 -32.28 40.27
CA GLN E 1043 26.03 -32.32 38.92
C GLN E 1043 26.75 -33.32 38.01
N ILE E 1044 28.09 -33.34 38.04
CA ILE E 1044 28.87 -34.25 37.19
C ILE E 1044 28.83 -35.69 37.70
N THR E 1045 28.86 -36.65 36.78
CA THR E 1045 28.98 -38.06 37.14
C THR E 1045 30.39 -38.32 37.63
N PRO E 1046 30.57 -38.89 38.80
CA PRO E 1046 31.93 -39.04 39.29
C PRO E 1046 32.78 -40.07 38.57
N GLN E 1047 32.21 -40.94 37.73
CA GLN E 1047 32.99 -41.95 37.04
C GLN E 1047 34.15 -41.33 36.28
N GLN E 1048 33.90 -40.24 35.57
CA GLN E 1048 35.01 -39.48 35.02
C GLN E 1048 35.72 -38.69 36.10
N GLN E 1049 35.01 -38.30 37.14
CA GLN E 1049 35.50 -37.23 38.02
C GLN E 1049 36.79 -37.61 38.72
N GLU E 1050 37.05 -38.90 38.97
CA GLU E 1050 38.25 -39.25 39.73
C GLU E 1050 39.50 -38.72 39.05
N LYS E 1051 39.64 -38.96 37.75
CA LYS E 1051 40.84 -38.54 37.03
C LYS E 1051 40.58 -37.90 35.69
N SER E 1052 39.39 -38.02 35.11
CA SER E 1052 39.14 -37.39 33.81
C SER E 1052 39.19 -35.88 33.85
N PRO E 1053 38.58 -35.18 34.82
CA PRO E 1053 38.44 -33.73 34.68
C PRO E 1053 39.74 -32.99 34.90
N VAL E 1054 39.64 -31.66 34.81
CA VAL E 1054 40.72 -30.77 35.18
C VAL E 1054 40.18 -29.88 36.29
N ASN E 1055 39.31 -30.44 37.13
CA ASN E 1055 38.60 -29.64 38.13
C ASN E 1055 38.78 -30.14 39.56
N THR E 1056 38.43 -31.38 39.87
CA THR E 1056 38.20 -31.72 41.27
C THR E 1056 39.48 -31.66 42.09
N LYS E 1057 40.42 -32.53 41.81
CA LYS E 1057 41.70 -32.39 42.49
C LYS E 1057 42.44 -31.21 41.92
N SER E 1058 42.16 -30.88 40.68
CA SER E 1058 42.92 -29.83 40.05
C SER E 1058 42.73 -28.51 40.77
N LEU E 1059 41.58 -28.27 41.41
CA LEU E 1059 41.41 -27.24 42.43
C LEU E 1059 42.46 -27.37 43.53
N PHE E 1060 42.57 -28.49 44.27
CA PHE E 1060 43.56 -28.62 45.35
C PHE E 1060 45.01 -28.42 44.89
N LYS E 1061 45.46 -29.10 43.83
CA LYS E 1061 46.86 -28.93 43.39
C LYS E 1061 47.14 -27.52 42.87
N ARG E 1062 46.17 -26.83 42.26
CA ARG E 1062 46.29 -25.42 41.90
C ARG E 1062 46.41 -24.54 43.14
N LEU E 1063 45.54 -24.74 44.12
CA LEU E 1063 45.58 -23.98 45.36
C LEU E 1063 46.93 -24.05 46.07
N TYR E 1064 47.56 -25.22 46.10
CA TYR E 1064 48.83 -25.39 46.80
C TYR E 1064 49.93 -24.49 46.29
N SER E 1065 50.05 -24.35 44.97
CA SER E 1065 50.98 -23.40 44.37
C SER E 1065 50.75 -21.97 44.87
N LEU E 1066 49.49 -21.53 44.87
CA LEU E 1066 49.16 -20.18 45.28
C LEU E 1066 49.53 -19.91 46.74
N ALA E 1067 49.46 -20.93 47.60
CA ALA E 1067 49.84 -20.81 48.99
C ALA E 1067 51.36 -20.71 49.17
N LEU E 1068 52.12 -21.59 48.51
CA LEU E 1068 53.60 -21.59 48.58
C LEU E 1068 54.24 -20.40 47.87
N HIS E 1069 53.49 -19.61 47.11
CA HIS E 1069 54.06 -18.49 46.36
C HIS E 1069 54.61 -17.37 47.27
N PRO E 1070 55.78 -16.79 46.98
CA PRO E 1070 56.31 -15.66 47.73
C PRO E 1070 55.54 -14.35 47.62
N ASN E 1071 54.74 -14.11 46.57
CA ASN E 1071 53.87 -12.94 46.48
C ASN E 1071 52.76 -12.98 47.56
N ALA E 1072 52.61 -11.90 48.32
CA ALA E 1072 51.65 -11.85 49.43
C ALA E 1072 50.22 -12.14 49.02
N PHE E 1073 49.76 -11.59 47.90
CA PHE E 1073 48.38 -11.73 47.48
C PHE E 1073 48.08 -13.15 47.00
N LYS E 1074 49.04 -13.85 46.41
CA LYS E 1074 48.89 -15.26 46.07
C LYS E 1074 48.75 -16.11 47.34
N ARG E 1075 49.58 -15.87 48.36
CA ARG E 1075 49.46 -16.52 49.68
C ARG E 1075 48.05 -16.31 50.24
N LEU E 1076 47.63 -15.04 50.24
CA LEU E 1076 46.31 -14.61 50.72
C LEU E 1076 45.17 -15.33 50.00
N GLY E 1077 45.25 -15.37 48.66
CA GLY E 1077 44.23 -15.98 47.83
C GLY E 1077 44.02 -17.45 48.17
N ALA E 1078 45.11 -18.21 48.26
CA ALA E 1078 45.01 -19.63 48.55
C ALA E 1078 44.29 -19.92 49.86
N SER E 1079 44.58 -19.13 50.89
CA SER E 1079 43.82 -19.23 52.11
C SER E 1079 42.35 -18.86 51.96
N LEU E 1080 42.02 -17.79 51.25
CA LEU E 1080 40.62 -17.35 51.11
C LEU E 1080 39.75 -18.43 50.44
N ALA E 1081 40.33 -19.22 49.56
CA ALA E 1081 39.64 -20.37 48.96
C ALA E 1081 39.23 -21.39 50.03
N PHE E 1082 40.18 -21.88 50.83
CA PHE E 1082 39.84 -22.76 51.95
C PHE E 1082 38.95 -22.11 52.98
N ASN E 1083 39.07 -20.82 53.26
CA ASN E 1083 38.17 -20.19 54.23
C ASN E 1083 36.68 -20.37 53.84
N ASN E 1084 36.39 -20.59 52.55
CA ASN E 1084 35.06 -20.98 52.07
C ASN E 1084 34.83 -22.50 52.06
N ILE E 1085 35.73 -23.29 51.45
CA ILE E 1085 35.45 -24.70 51.13
C ILE E 1085 35.51 -25.69 52.33
N TYR E 1086 35.70 -25.23 53.56
CA TYR E 1086 35.63 -26.07 54.77
C TYR E 1086 34.37 -26.93 54.85
N ARG E 1087 33.24 -26.39 54.38
CA ARG E 1087 31.94 -27.07 54.39
C ARG E 1087 31.91 -28.33 53.51
N GLU E 1088 32.87 -28.57 52.62
CA GLU E 1088 32.94 -29.85 51.88
C GLU E 1088 33.34 -31.05 52.76
N PHE E 1089 34.24 -30.82 53.70
CA PHE E 1089 34.72 -31.86 54.61
C PHE E 1089 33.78 -32.05 55.82
N ARG E 1090 32.96 -31.04 56.11
CA ARG E 1090 31.72 -31.19 56.90
C ARG E 1090 30.58 -31.93 56.15
N GLU E 1091 30.81 -32.51 54.96
CA GLU E 1091 29.75 -33.04 54.10
C GLU E 1091 30.04 -34.42 53.50
N GLU E 1092 31.17 -34.61 52.81
CA GLU E 1092 31.23 -35.64 51.75
C GLU E 1092 32.50 -36.51 51.71
N GLU E 1093 33.67 -35.88 51.76
CA GLU E 1093 34.88 -36.43 51.14
C GLU E 1093 35.64 -37.51 51.92
N SER E 1094 34.99 -38.59 52.35
CA SER E 1094 35.53 -39.59 53.28
C SER E 1094 36.91 -40.16 52.93
N LEU E 1095 37.24 -40.33 51.65
CA LEU E 1095 38.59 -40.68 51.19
C LEU E 1095 39.51 -39.46 51.09
N VAL E 1096 39.06 -38.42 50.41
CA VAL E 1096 39.78 -37.16 50.17
C VAL E 1096 40.01 -36.33 51.45
N GLU E 1097 39.48 -36.75 52.61
CA GLU E 1097 39.94 -36.35 53.95
C GLU E 1097 41.47 -36.29 54.02
N GLN E 1098 42.14 -37.26 53.39
CA GLN E 1098 43.60 -37.32 53.35
C GLN E 1098 44.24 -36.10 52.64
N PHE E 1099 43.58 -35.49 51.67
CA PHE E 1099 44.14 -34.44 50.82
C PHE E 1099 44.39 -33.15 51.62
N VAL E 1100 43.43 -32.85 52.51
CA VAL E 1100 43.59 -31.89 53.63
C VAL E 1100 44.60 -32.33 54.69
N PHE E 1101 44.79 -33.62 54.97
CA PHE E 1101 45.90 -34.06 55.82
C PHE E 1101 47.25 -33.65 55.19
N GLU E 1102 47.37 -33.77 53.86
CA GLU E 1102 48.45 -33.16 53.07
C GLU E 1102 48.48 -31.64 53.24
N ALA E 1103 47.31 -31.01 53.08
CA ALA E 1103 47.17 -29.57 53.03
C ALA E 1103 47.50 -28.88 54.36
N LEU E 1104 47.30 -29.53 55.51
CA LEU E 1104 47.62 -28.92 56.80
C LEU E 1104 49.08 -28.52 56.84
N VAL E 1105 49.99 -29.42 56.45
CA VAL E 1105 51.41 -29.11 56.36
C VAL E 1105 51.68 -28.05 55.29
N ILE E 1106 51.13 -28.22 54.09
CA ILE E 1106 51.36 -27.31 52.98
C ILE E 1106 50.94 -25.88 53.36
N TYR E 1107 49.76 -25.72 53.96
CA TYR E 1107 49.26 -24.44 54.41
C TYR E 1107 50.01 -23.95 55.64
N MET E 1108 50.25 -24.77 56.67
CA MET E 1108 50.96 -24.31 57.87
C MET E 1108 52.40 -23.87 57.59
N GLU E 1109 53.08 -24.53 56.63
CA GLU E 1109 54.34 -24.09 56.03
C GLU E 1109 54.22 -22.84 55.16
N SER E 1110 53.06 -22.50 54.60
CA SER E 1110 52.93 -21.18 53.96
C SER E 1110 53.17 -20.07 54.98
N LEU E 1111 52.82 -20.32 56.25
CA LEU E 1111 53.10 -19.40 57.36
C LEU E 1111 54.59 -19.28 57.67
N ALA E 1112 55.47 -20.12 57.11
CA ALA E 1112 56.91 -19.90 57.12
C ALA E 1112 57.29 -18.64 56.33
N LEU E 1113 56.47 -18.27 55.36
CA LEU E 1113 56.69 -17.14 54.45
C LEU E 1113 56.08 -15.84 55.00
N ALA E 1114 55.21 -15.94 56.01
CA ALA E 1114 54.40 -14.83 56.50
C ALA E 1114 55.20 -13.76 57.25
N HIS E 1115 56.11 -14.18 58.14
CA HIS E 1115 56.75 -13.32 59.15
C HIS E 1115 57.62 -12.21 58.59
N ALA E 1116 58.32 -12.48 57.49
CA ALA E 1116 59.52 -11.75 57.12
C ALA E 1116 59.27 -10.28 56.75
N ASP E 1117 58.17 -9.94 56.08
CA ASP E 1117 57.96 -8.63 55.48
C ASP E 1117 56.47 -8.33 55.13
N GLU E 1118 56.24 -7.23 54.39
CA GLU E 1118 54.97 -6.84 53.76
C GLU E 1118 53.82 -6.48 54.72
N LYS E 1119 54.10 -6.34 56.03
CA LYS E 1119 53.12 -6.45 57.12
C LYS E 1119 51.80 -5.71 56.88
N SER E 1120 51.85 -4.46 56.42
CA SER E 1120 50.66 -3.62 56.23
C SER E 1120 49.71 -4.12 55.11
N LEU E 1121 50.24 -4.68 54.02
CA LEU E 1121 49.43 -5.37 53.00
C LEU E 1121 49.08 -6.81 53.41
N GLY E 1122 50.03 -7.50 54.05
CA GLY E 1122 49.91 -8.91 54.39
C GLY E 1122 49.04 -9.19 55.61
N THR E 1123 47.71 -9.29 55.44
CA THR E 1123 46.77 -9.85 56.43
C THR E 1123 46.76 -11.40 56.48
N ILE E 1124 47.76 -12.05 55.89
CA ILE E 1124 47.89 -13.50 55.73
C ILE E 1124 47.96 -14.22 57.09
N GLN E 1125 48.63 -13.61 58.06
CA GLN E 1125 48.75 -14.16 59.41
C GLN E 1125 47.38 -14.35 60.07
N GLN E 1126 46.44 -13.40 59.93
CA GLN E 1126 45.09 -13.61 60.43
C GLN E 1126 44.38 -14.71 59.64
N CYS E 1127 44.61 -14.79 58.34
CA CYS E 1127 44.06 -15.87 57.53
C CYS E 1127 44.60 -17.25 57.91
N CYS E 1128 45.64 -17.38 58.75
CA CYS E 1128 45.96 -18.66 59.37
C CYS E 1128 44.83 -19.17 60.28
N ASP E 1129 43.92 -18.34 60.79
CA ASP E 1129 42.76 -18.86 61.54
C ASP E 1129 41.84 -19.76 60.69
N ALA E 1130 42.02 -19.84 59.37
CA ALA E 1130 41.41 -20.88 58.55
C ALA E 1130 41.76 -22.31 59.01
N ILE E 1131 42.97 -22.49 59.56
CA ILE E 1131 43.49 -23.77 60.09
C ILE E 1131 42.68 -24.26 61.30
N ASP E 1132 41.89 -23.43 61.95
CA ASP E 1132 40.91 -23.86 62.95
C ASP E 1132 39.97 -24.95 62.42
N HIS E 1133 39.50 -24.82 61.17
CA HIS E 1133 38.67 -25.85 60.54
C HIS E 1133 39.48 -27.13 60.33
N LEU E 1134 40.73 -26.99 59.87
CA LEU E 1134 41.63 -28.12 59.65
C LEU E 1134 42.08 -28.80 60.97
N CYS E 1135 41.93 -28.14 62.12
CA CYS E 1135 41.90 -28.78 63.42
C CYS E 1135 40.54 -29.50 63.64
N ARG E 1136 39.41 -28.79 63.58
CA ARG E 1136 38.12 -29.35 64.00
C ARG E 1136 37.67 -30.56 63.18
N ILE E 1137 38.03 -30.65 61.90
CA ILE E 1137 37.73 -31.85 61.10
C ILE E 1137 38.33 -33.11 61.71
N ILE E 1138 39.50 -33.00 62.35
CA ILE E 1138 40.07 -34.05 63.16
C ILE E 1138 39.19 -34.30 64.37
N GLU E 1139 38.89 -33.27 65.17
CA GLU E 1139 38.12 -33.41 66.42
C GLU E 1139 36.77 -34.14 66.26
N LYS E 1140 36.12 -34.09 65.08
CA LYS E 1140 34.93 -34.90 64.75
C LYS E 1140 35.18 -36.30 64.12
N LYS E 1141 36.39 -36.58 63.60
CA LYS E 1141 36.70 -37.78 62.76
C LYS E 1141 37.89 -38.62 63.24
N HIS E 1142 38.58 -38.23 64.31
CA HIS E 1142 39.87 -38.81 64.78
C HIS E 1142 39.94 -40.36 64.79
N VAL E 1143 38.84 -41.05 65.08
CA VAL E 1143 38.78 -42.53 65.14
C VAL E 1143 39.22 -43.23 63.84
N SER E 1144 38.99 -42.64 62.67
CA SER E 1144 39.49 -43.18 61.40
C SER E 1144 40.91 -42.67 61.05
N LEU E 1145 41.42 -41.65 61.73
CA LEU E 1145 42.80 -41.15 61.53
C LEU E 1145 43.87 -42.03 62.19
N ASN E 1146 43.49 -43.18 62.76
CA ASN E 1146 44.39 -44.31 63.02
C ASN E 1146 43.87 -45.64 62.43
N LYS E 1147 43.00 -45.60 61.41
CA LYS E 1147 42.71 -46.77 60.59
C LYS E 1147 43.93 -47.06 59.70
N ALA E 1148 44.19 -48.34 59.41
CA ALA E 1148 45.33 -48.76 58.62
C ALA E 1148 45.28 -48.25 57.16
N LYS E 1149 46.43 -48.36 56.47
CA LYS E 1149 46.60 -48.53 55.01
C LYS E 1149 45.99 -47.39 54.22
N LYS E 1150 45.90 -46.21 54.80
CA LYS E 1150 45.56 -45.00 54.07
C LYS E 1150 46.81 -44.13 54.00
N ARG E 1151 47.37 -44.02 52.80
CA ARG E 1151 48.75 -43.61 52.66
C ARG E 1151 48.92 -42.52 51.62
N ARG E 1152 48.12 -41.46 51.69
CA ARG E 1152 48.33 -40.35 50.77
C ARG E 1152 49.68 -39.71 51.00
N LEU E 1153 50.41 -39.50 49.91
CA LEU E 1153 51.73 -38.92 50.01
C LEU E 1153 51.60 -37.52 50.56
N PRO E 1154 52.30 -37.20 51.63
CA PRO E 1154 52.28 -35.85 52.17
C PRO E 1154 53.46 -35.02 51.73
N ARG E 1155 53.53 -33.77 52.16
CA ARG E 1155 54.74 -32.99 52.00
C ARG E 1155 55.50 -32.94 53.33
N GLY E 1156 56.82 -32.97 53.23
CA GLY E 1156 57.66 -32.92 54.42
C GLY E 1156 57.82 -34.25 55.10
N PHE E 1157 57.67 -35.35 54.37
CA PHE E 1157 57.85 -36.69 54.92
C PHE E 1157 58.36 -37.59 53.80
N PRO E 1158 59.65 -37.93 53.78
CA PRO E 1158 60.18 -38.76 52.71
C PRO E 1158 59.52 -40.14 52.67
N PRO E 1159 59.56 -40.92 53.75
CA PRO E 1159 59.08 -42.31 53.60
C PRO E 1159 57.57 -42.36 53.60
N SER E 1160 56.94 -42.98 52.60
CA SER E 1160 55.52 -43.43 52.67
C SER E 1160 55.25 -44.48 53.78
N ALA E 1161 54.05 -44.50 54.40
CA ALA E 1161 53.68 -45.29 55.58
C ALA E 1161 52.15 -45.55 55.73
N SER E 1162 51.78 -46.51 56.60
CA SER E 1162 50.41 -47.02 56.85
C SER E 1162 49.78 -46.58 58.18
N LEU E 1163 50.56 -46.61 59.27
CA LEU E 1163 50.28 -45.93 60.55
C LEU E 1163 51.02 -44.58 60.63
N CYS E 1164 51.24 -43.96 59.46
CA CYS E 1164 51.77 -42.60 59.26
C CYS E 1164 51.15 -41.58 60.22
N LEU E 1165 49.87 -41.80 60.48
CA LEU E 1165 48.94 -40.88 61.09
C LEU E 1165 49.20 -40.63 62.59
N LEU E 1166 49.98 -41.49 63.26
CA LEU E 1166 50.49 -41.24 64.60
C LEU E 1166 51.67 -40.27 64.60
N ASP E 1167 52.77 -40.67 63.95
CA ASP E 1167 54.04 -39.95 64.00
C ASP E 1167 53.98 -38.59 63.34
N LEU E 1168 52.94 -38.33 62.54
CA LEU E 1168 52.70 -36.98 62.07
C LEU E 1168 52.18 -36.02 63.17
N VAL E 1169 51.92 -36.52 64.38
CA VAL E 1169 51.85 -35.72 65.61
C VAL E 1169 53.24 -35.45 66.18
N LYS E 1170 54.15 -36.41 66.13
CA LYS E 1170 55.57 -36.18 66.45
C LYS E 1170 56.18 -35.13 65.50
N TRP E 1171 55.72 -35.07 64.26
CA TRP E 1171 56.09 -34.00 63.35
C TRP E 1171 55.67 -32.61 63.85
N LEU E 1172 54.48 -32.45 64.42
CA LEU E 1172 54.11 -31.18 65.08
C LEU E 1172 55.03 -30.86 66.27
N LEU E 1173 55.41 -31.85 67.09
CA LEU E 1173 56.39 -31.63 68.15
C LEU E 1173 57.75 -31.22 67.57
N ALA E 1174 58.22 -31.92 66.54
CA ALA E 1174 59.41 -31.54 65.80
C ALA E 1174 59.29 -30.11 65.27
N HIS E 1175 58.11 -29.69 64.80
CA HIS E 1175 57.78 -28.34 64.36
C HIS E 1175 57.24 -27.45 65.50
N CYS E 1176 58.02 -27.31 66.58
CA CYS E 1176 57.80 -26.26 67.58
C CYS E 1176 58.77 -25.10 67.45
N GLY E 1177 60.03 -25.20 67.91
CA GLY E 1177 60.92 -24.05 68.12
C GLY E 1177 61.57 -23.43 66.87
N ARG E 1178 60.81 -23.22 65.81
CA ARG E 1178 61.23 -22.45 64.63
C ARG E 1178 61.15 -20.94 64.90
N PRO E 1179 61.94 -20.09 64.22
CA PRO E 1179 61.91 -18.65 64.43
C PRO E 1179 60.59 -17.96 64.04
N GLN E 1180 59.81 -18.54 63.11
CA GLN E 1180 58.59 -17.94 62.59
C GLN E 1180 57.49 -17.89 63.65
N THR E 1181 57.24 -16.69 64.19
CA THR E 1181 56.60 -16.51 65.49
C THR E 1181 55.15 -16.95 65.52
N GLU E 1182 54.40 -16.81 64.42
CA GLU E 1182 53.01 -17.25 64.38
C GLU E 1182 52.91 -18.77 64.18
N CYS E 1183 53.76 -19.33 63.32
CA CYS E 1183 53.75 -20.77 63.03
C CYS E 1183 54.09 -21.60 64.27
N ARG E 1184 55.11 -21.19 65.04
CA ARG E 1184 55.41 -21.87 66.28
C ARG E 1184 54.26 -21.79 67.28
N HIS E 1185 53.51 -20.68 67.37
CA HIS E 1185 52.31 -20.67 68.21
C HIS E 1185 51.28 -21.68 67.72
N LYS E 1186 50.93 -21.61 66.43
CA LYS E 1186 49.90 -22.45 65.84
C LYS E 1186 50.22 -23.93 66.05
N SER E 1187 51.46 -24.30 65.79
CA SER E 1187 51.94 -25.67 65.98
C SER E 1187 51.75 -26.20 67.40
N ILE E 1188 51.92 -25.35 68.41
CA ILE E 1188 51.97 -25.73 69.82
C ILE E 1188 50.59 -26.02 70.37
N GLU E 1189 49.61 -25.14 70.18
CA GLU E 1189 48.26 -25.43 70.68
C GLU E 1189 47.66 -26.63 69.94
N LEU E 1190 48.00 -26.76 68.66
CA LEU E 1190 47.52 -27.81 67.78
C LEU E 1190 48.14 -29.15 68.23
N PHE E 1191 49.45 -29.19 68.49
CA PHE E 1191 50.12 -30.31 69.12
C PHE E 1191 49.52 -30.69 70.49
N TYR E 1192 49.35 -29.74 71.41
CA TYR E 1192 48.85 -30.03 72.77
C TYR E 1192 47.40 -30.54 72.74
N LYS E 1193 46.62 -30.19 71.71
CA LYS E 1193 45.33 -30.83 71.43
C LYS E 1193 45.48 -32.21 70.78
N PHE E 1194 46.36 -32.37 69.80
CA PHE E 1194 46.50 -33.60 69.03
C PHE E 1194 46.94 -34.78 69.89
N VAL E 1195 47.64 -34.52 70.99
CA VAL E 1195 48.23 -35.53 71.85
C VAL E 1195 47.22 -36.46 72.54
N PRO E 1196 46.22 -35.99 73.30
CA PRO E 1196 45.12 -36.85 73.74
C PRO E 1196 44.23 -37.35 72.59
N LEU E 1197 44.40 -36.81 71.39
CA LEU E 1197 43.77 -37.28 70.15
C LEU E 1197 44.58 -38.40 69.44
N LEU E 1198 45.67 -38.88 70.06
CA LEU E 1198 46.21 -40.21 69.81
C LEU E 1198 45.54 -41.28 70.68
N PRO E 1199 45.51 -42.56 70.25
CA PRO E 1199 45.04 -43.69 71.05
C PRO E 1199 45.98 -44.04 72.22
N GLY E 1200 45.52 -44.84 73.17
CA GLY E 1200 46.33 -45.32 74.30
C GLY E 1200 46.51 -44.25 75.39
N ASN E 1201 47.76 -43.94 75.76
CA ASN E 1201 48.07 -42.92 76.77
C ASN E 1201 47.51 -41.55 76.32
N ARG E 1202 46.60 -40.97 77.11
CA ARG E 1202 45.77 -39.82 76.71
C ARG E 1202 45.70 -38.71 77.77
N SER E 1203 46.86 -38.17 78.11
CA SER E 1203 47.02 -36.87 78.75
C SER E 1203 48.35 -36.30 78.26
N PRO E 1204 48.53 -34.99 78.08
CA PRO E 1204 49.79 -34.43 77.58
C PRO E 1204 50.98 -34.87 78.43
N ASN E 1205 50.87 -34.75 79.75
CA ASN E 1205 51.89 -35.26 80.68
C ASN E 1205 52.08 -36.79 80.55
N LEU E 1206 51.01 -37.58 80.52
CA LEU E 1206 51.08 -39.04 80.52
C LEU E 1206 51.59 -39.62 79.19
N TRP E 1207 51.35 -38.96 78.07
CA TRP E 1207 51.93 -39.31 76.78
C TRP E 1207 53.37 -38.83 76.67
N LEU E 1208 53.64 -37.59 77.09
CA LEU E 1208 55.02 -37.08 77.18
C LEU E 1208 55.86 -37.92 78.13
N LYS E 1209 55.30 -38.56 79.16
CA LYS E 1209 55.98 -39.46 80.09
C LYS E 1209 56.87 -40.46 79.35
N ASP E 1210 56.37 -41.11 78.29
CA ASP E 1210 57.18 -42.06 77.54
C ASP E 1210 58.33 -41.34 76.80
N VAL E 1211 58.11 -40.28 76.02
CA VAL E 1211 59.25 -39.68 75.29
C VAL E 1211 60.32 -39.12 76.25
N LEU E 1212 59.93 -38.51 77.38
CA LEU E 1212 60.91 -37.99 78.34
C LEU E 1212 61.64 -39.12 79.11
N LYS E 1213 61.00 -40.27 79.35
CA LYS E 1213 61.62 -41.42 80.02
C LYS E 1213 62.63 -42.16 79.13
N GLU E 1214 62.45 -42.18 77.82
CA GLU E 1214 63.27 -43.01 76.91
C GLU E 1214 64.16 -42.22 75.95
N GLU E 1215 63.72 -41.05 75.46
CA GLU E 1215 64.54 -40.29 74.51
C GLU E 1215 65.59 -39.41 75.21
N GLY E 1216 65.35 -39.05 76.47
CA GLY E 1216 66.25 -38.21 77.27
C GLY E 1216 66.20 -36.73 76.93
N VAL E 1217 66.57 -35.87 77.87
CA VAL E 1217 66.40 -34.42 77.73
C VAL E 1217 67.23 -33.81 76.60
N SER E 1218 68.31 -34.45 76.16
CA SER E 1218 69.07 -34.02 74.97
C SER E 1218 68.22 -34.05 73.69
N PHE E 1219 67.36 -35.05 73.51
CA PHE E 1219 66.39 -35.07 72.41
C PHE E 1219 65.36 -33.95 72.54
N LEU E 1220 64.83 -33.73 73.74
CA LEU E 1220 63.89 -32.63 73.99
C LEU E 1220 64.56 -31.27 73.76
N ILE E 1221 65.85 -31.12 74.05
CA ILE E 1221 66.63 -29.94 73.69
C ILE E 1221 66.72 -29.78 72.16
N ASN E 1222 67.10 -30.83 71.44
CA ASN E 1222 67.08 -30.84 69.99
C ASN E 1222 65.69 -30.63 69.36
N THR E 1223 64.59 -30.69 70.13
CA THR E 1223 63.22 -30.52 69.66
C THR E 1223 62.44 -29.40 70.39
N PHE E 1224 63.07 -28.66 71.30
CA PHE E 1224 62.55 -27.42 71.91
C PHE E 1224 63.50 -26.23 71.77
N GLU E 1225 64.71 -26.43 71.23
CA GLU E 1225 65.50 -25.34 70.66
C GLU E 1225 65.83 -25.59 69.20
N GLY E 1226 66.12 -26.83 68.82
CA GLY E 1226 66.57 -27.19 67.47
C GLY E 1226 65.55 -27.11 66.31
N GLY E 1227 64.26 -26.91 66.57
CA GLY E 1227 63.20 -27.07 65.55
C GLY E 1227 63.25 -26.10 64.37
N GLY E 1228 62.51 -26.45 63.30
CA GLY E 1228 62.33 -25.64 62.09
C GLY E 1228 63.24 -26.06 60.92
N CYS E 1229 62.63 -26.43 59.79
CA CYS E 1229 63.27 -26.93 58.56
C CYS E 1229 64.41 -27.94 58.80
N GLY E 1230 64.15 -28.95 59.63
CA GLY E 1230 65.16 -29.85 60.17
C GLY E 1230 65.79 -29.25 61.43
N GLN E 1231 67.12 -29.17 61.46
CA GLN E 1231 67.88 -28.49 62.52
C GLN E 1231 69.13 -27.78 61.95
N PRO E 1232 69.00 -26.53 61.45
CA PRO E 1232 70.10 -25.58 61.32
C PRO E 1232 70.61 -25.05 62.70
N SER E 1233 71.14 -25.96 63.53
CA SER E 1233 71.90 -25.73 64.78
C SER E 1233 71.23 -24.81 65.84
N GLY E 1234 69.91 -24.88 66.02
CA GLY E 1234 69.15 -24.01 66.93
C GLY E 1234 69.53 -24.01 68.43
N ILE E 1235 70.38 -24.94 68.90
CA ILE E 1235 70.94 -24.98 70.26
C ILE E 1235 72.19 -24.09 70.46
N LEU E 1236 72.77 -23.50 69.41
CA LEU E 1236 74.03 -22.74 69.48
C LEU E 1236 73.86 -21.32 70.05
N ALA E 1237 74.09 -21.16 71.35
CA ALA E 1237 73.91 -19.89 72.06
C ALA E 1237 75.10 -18.93 71.93
N GLN E 1238 76.34 -19.30 72.19
CA GLN E 1238 77.47 -18.35 72.12
C GLN E 1238 77.75 -17.59 70.78
N PRO E 1239 77.62 -18.15 69.56
CA PRO E 1239 77.94 -17.45 68.30
C PRO E 1239 77.07 -16.24 68.07
N THR E 1240 75.79 -16.31 68.47
CA THR E 1240 74.92 -15.16 68.37
C THR E 1240 75.38 -14.03 69.28
N LEU E 1241 75.79 -14.36 70.50
CA LEU E 1241 76.39 -13.34 71.34
C LEU E 1241 77.54 -12.68 70.64
N LEU E 1242 78.43 -13.47 70.05
CA LEU E 1242 79.68 -12.98 69.50
C LEU E 1242 79.51 -12.36 68.12
N TYR E 1243 78.83 -13.04 67.21
CA TYR E 1243 78.79 -12.57 65.84
C TYR E 1243 77.79 -11.44 65.68
N SER E 1249 76.12 -5.64 64.57
CA SER E 1249 76.20 -6.63 63.50
C SER E 1249 75.02 -6.52 62.52
N LEU E 1250 74.91 -7.46 61.58
CA LEU E 1250 73.92 -7.47 60.50
C LEU E 1250 72.47 -7.43 61.00
N GLN E 1251 71.59 -6.74 60.28
CA GLN E 1251 70.15 -6.69 60.60
C GLN E 1251 69.52 -8.08 60.68
N ALA E 1252 70.02 -9.05 59.91
CA ALA E 1252 69.59 -10.43 59.94
C ALA E 1252 69.72 -11.11 61.32
N THR E 1253 70.53 -10.58 62.24
CA THR E 1253 70.60 -11.07 63.64
C THR E 1253 69.26 -11.01 64.37
N LEU E 1254 68.33 -10.14 63.95
CA LEU E 1254 66.95 -10.10 64.44
C LEU E 1254 66.20 -11.43 64.21
N CYS E 1255 66.49 -12.18 63.12
CA CYS E 1255 65.86 -13.50 62.94
C CYS E 1255 66.32 -14.49 64.02
N TRP E 1256 67.55 -14.36 64.52
CA TRP E 1256 67.96 -15.10 65.69
C TRP E 1256 67.38 -14.55 67.00
N LEU E 1257 67.24 -13.23 67.16
CA LEU E 1257 66.54 -12.71 68.34
C LEU E 1257 65.14 -13.33 68.43
N ASP E 1258 64.47 -13.54 67.30
CA ASP E 1258 63.22 -14.31 67.22
C ASP E 1258 63.40 -15.81 67.50
N LEU E 1259 64.52 -16.42 67.11
CA LEU E 1259 64.85 -17.80 67.49
C LEU E 1259 65.01 -17.94 69.00
N LEU E 1260 65.65 -16.98 69.66
CA LEU E 1260 65.68 -16.91 71.12
C LEU E 1260 64.28 -16.76 71.68
N LEU E 1261 63.45 -15.91 71.08
CA LEU E 1261 62.07 -15.72 71.53
C LEU E 1261 61.27 -17.04 71.49
N ALA E 1262 61.41 -17.81 70.42
CA ALA E 1262 60.88 -19.17 70.35
C ALA E 1262 61.54 -20.10 71.39
N ALA E 1263 62.85 -19.99 71.58
CA ALA E 1263 63.61 -20.72 72.59
C ALA E 1263 63.32 -20.29 74.04
N LEU E 1264 62.53 -19.24 74.27
CA LEU E 1264 61.83 -18.98 75.52
C LEU E 1264 60.44 -19.60 75.50
N GLU E 1265 59.65 -19.33 74.46
CA GLU E 1265 58.21 -19.60 74.48
C GLU E 1265 57.88 -21.11 74.53
N CYS E 1266 58.82 -21.96 74.12
CA CYS E 1266 58.78 -23.40 74.41
C CYS E 1266 58.68 -23.67 75.92
N TYR E 1267 59.71 -23.35 76.71
CA TYR E 1267 59.67 -23.54 78.17
C TYR E 1267 58.50 -22.82 78.82
N ASN E 1268 58.11 -21.69 78.28
CA ASN E 1268 56.92 -20.98 78.73
C ASN E 1268 55.61 -21.83 78.77
N THR E 1269 55.51 -22.91 78.00
CA THR E 1269 54.28 -23.71 77.89
C THR E 1269 54.36 -25.06 78.61
N PHE E 1270 55.50 -25.76 78.61
CA PHE E 1270 55.59 -27.13 79.17
C PHE E 1270 55.35 -27.21 80.68
N ILE E 1271 56.08 -26.43 81.49
CA ILE E 1271 55.95 -26.49 82.96
C ILE E 1271 54.66 -25.81 83.44
N GLY E 1272 54.18 -24.76 82.75
CA GLY E 1272 52.93 -24.07 83.09
C GLY E 1272 51.70 -24.97 82.90
N GLU E 1273 51.71 -25.83 81.88
CA GLU E 1273 50.73 -26.88 81.65
C GLU E 1273 50.95 -28.13 82.55
N ARG E 1274 52.00 -28.13 83.38
CA ARG E 1274 52.42 -29.22 84.27
C ARG E 1274 52.60 -30.55 83.54
N THR E 1275 53.39 -30.50 82.46
CA THR E 1275 53.69 -31.63 81.56
C THR E 1275 55.09 -32.26 81.71
N VAL E 1276 56.02 -31.61 82.42
CA VAL E 1276 57.40 -32.09 82.62
C VAL E 1276 57.89 -31.73 84.03
N GLY E 1277 58.77 -32.56 84.61
CA GLY E 1277 59.50 -32.23 85.84
C GLY E 1277 60.51 -31.10 85.60
N ALA E 1278 60.34 -29.96 86.28
CA ALA E 1278 60.99 -28.71 85.89
C ALA E 1278 62.53 -28.76 85.91
N LEU E 1279 63.14 -29.46 86.87
CA LEU E 1279 64.60 -29.59 86.96
C LEU E 1279 65.17 -30.57 85.93
N GLN E 1280 64.35 -31.44 85.30
CA GLN E 1280 64.76 -32.18 84.11
C GLN E 1280 64.94 -31.20 82.94
N VAL E 1281 63.96 -30.32 82.76
CA VAL E 1281 63.86 -29.37 81.64
C VAL E 1281 65.04 -28.40 81.60
N LEU E 1282 65.30 -27.72 82.72
CA LEU E 1282 66.41 -26.78 82.85
C LEU E 1282 67.73 -27.56 83.07
N GLY E 1283 68.12 -28.31 82.04
CA GLY E 1283 69.13 -29.38 82.09
C GLY E 1283 70.61 -28.96 82.22
N THR E 1284 71.42 -29.89 82.67
CA THR E 1284 72.88 -29.77 82.83
C THR E 1284 73.63 -29.95 81.51
N GLU E 1285 73.05 -30.76 80.63
CA GLU E 1285 73.56 -31.22 79.35
C GLU E 1285 73.30 -30.22 78.21
N ALA E 1286 74.16 -29.21 78.10
CA ALA E 1286 74.25 -28.26 76.97
C ALA E 1286 72.98 -27.41 76.67
N GLN E 1287 72.19 -27.04 77.69
CA GLN E 1287 71.00 -26.18 77.54
C GLN E 1287 71.35 -24.68 77.36
N SER E 1288 72.31 -24.38 76.49
CA SER E 1288 73.11 -23.16 76.54
C SER E 1288 72.36 -21.84 76.36
N SER E 1289 71.13 -21.85 75.81
CA SER E 1289 70.31 -20.64 75.64
C SER E 1289 69.97 -19.96 76.97
N LEU E 1290 69.34 -20.68 77.89
CA LEU E 1290 68.96 -20.13 79.19
C LEU E 1290 70.18 -19.87 80.08
N LEU E 1291 71.26 -20.64 79.87
CA LEU E 1291 72.49 -20.54 80.65
C LEU E 1291 73.32 -19.31 80.29
N LYS E 1292 73.42 -18.97 78.99
CA LYS E 1292 74.26 -17.87 78.47
C LYS E 1292 73.47 -16.77 77.76
N ALA E 1293 72.59 -17.11 76.84
CA ALA E 1293 71.91 -16.12 76.02
C ALA E 1293 70.97 -15.22 76.84
N VAL E 1294 70.10 -15.78 77.70
CA VAL E 1294 69.22 -14.96 78.53
C VAL E 1294 70.04 -14.03 79.43
N ALA E 1295 71.07 -14.55 80.08
CA ALA E 1295 71.95 -13.75 80.92
C ALA E 1295 72.50 -12.56 80.14
N PHE E 1296 73.16 -12.80 79.00
CA PHE E 1296 73.71 -11.74 78.16
C PHE E 1296 72.67 -10.74 77.68
N PHE E 1297 71.50 -11.20 77.26
CA PHE E 1297 70.43 -10.32 76.83
C PHE E 1297 70.14 -9.28 77.91
N LEU E 1298 70.00 -9.73 79.16
CA LEU E 1298 69.74 -8.88 80.31
C LEU E 1298 70.96 -8.05 80.74
N GLU E 1299 72.16 -8.65 80.76
CA GLU E 1299 73.41 -7.99 81.17
C GLU E 1299 73.93 -6.95 80.17
N SER E 1300 73.54 -7.04 78.89
CA SER E 1300 74.27 -6.37 77.81
C SER E 1300 73.46 -5.96 76.58
N ILE E 1301 72.17 -6.28 76.46
CA ILE E 1301 71.35 -5.84 75.31
C ILE E 1301 70.11 -5.05 75.74
N ALA E 1302 69.31 -5.58 76.66
CA ALA E 1302 67.93 -5.15 76.91
C ALA E 1302 67.73 -3.68 77.29
N MET E 1303 68.78 -2.98 77.77
CA MET E 1303 68.76 -1.57 78.13
C MET E 1303 69.94 -0.78 77.50
N HIS E 1304 70.65 -1.39 76.56
CA HIS E 1304 72.05 -1.07 76.21
C HIS E 1304 72.21 -0.46 74.82
N ASP E 1305 71.13 0.09 74.27
CA ASP E 1305 70.90 0.20 72.84
C ASP E 1305 70.30 1.56 72.40
N ILE E 1306 70.98 2.66 72.75
CA ILE E 1306 70.69 4.00 72.22
C ILE E 1306 70.88 3.99 70.69
N ILE E 1307 72.11 3.74 70.24
CA ILE E 1307 72.49 3.15 68.96
C ILE E 1307 73.62 2.17 69.29
N ALA E 1308 73.58 0.95 68.75
CA ALA E 1308 74.45 -0.15 69.17
C ALA E 1308 74.58 -1.24 68.10
N ALA E 1309 75.58 -2.11 68.26
CA ALA E 1309 75.88 -3.24 67.38
C ALA E 1309 76.41 -4.43 68.21
N GLU E 1310 76.07 -5.66 67.81
CA GLU E 1310 76.57 -6.88 68.46
C GLU E 1310 78.01 -7.25 68.06
N LYS E 1311 78.44 -6.87 66.84
CA LYS E 1311 79.76 -7.12 66.23
C LYS E 1311 80.38 -8.47 66.65
N SER E 1323 67.52 5.92 61.31
CA SER E 1323 66.51 5.31 60.44
C SER E 1323 65.34 4.66 61.22
N PRO E 1324 64.19 4.43 60.56
CA PRO E 1324 63.06 3.72 61.16
C PRO E 1324 63.34 2.21 61.38
N GLN E 1325 64.37 1.64 60.76
CA GLN E 1325 64.70 0.22 60.88
C GLN E 1325 64.96 -0.19 62.35
N GLU E 1326 65.88 0.50 63.02
CA GLU E 1326 66.16 0.34 64.45
C GLU E 1326 64.91 0.65 65.29
N GLY E 1327 64.34 1.84 65.06
CA GLY E 1327 63.22 2.39 65.83
C GLY E 1327 61.92 1.59 65.74
N GLU E 1328 61.76 0.77 64.70
CA GLU E 1328 60.55 -0.03 64.47
C GLU E 1328 60.84 -1.53 64.54
N ARG E 1329 61.72 -2.07 63.70
CA ARG E 1329 61.96 -3.52 63.64
C ARG E 1329 62.71 -4.01 64.87
N TYR E 1330 63.85 -3.39 65.19
CA TYR E 1330 64.63 -3.82 66.33
C TYR E 1330 63.90 -3.52 67.64
N ASN E 1331 63.41 -2.29 67.81
CA ASN E 1331 62.60 -1.98 68.99
C ASN E 1331 61.38 -2.90 69.13
N TYR E 1332 60.57 -3.16 68.11
CA TYR E 1332 59.45 -4.10 68.29
C TYR E 1332 59.92 -5.52 68.58
N SER E 1333 61.01 -5.98 67.97
CA SER E 1333 61.53 -7.31 68.28
C SER E 1333 61.99 -7.38 69.73
N LYS E 1334 62.87 -6.48 70.21
CA LYS E 1334 63.24 -6.48 71.63
C LYS E 1334 62.04 -6.22 72.53
N CYS E 1335 61.01 -5.46 72.15
CA CYS E 1335 59.86 -5.26 73.02
C CYS E 1335 59.21 -6.61 73.36
N THR E 1336 58.98 -7.45 72.36
CA THR E 1336 58.41 -8.78 72.58
C THR E 1336 59.32 -9.69 73.38
N VAL E 1337 60.65 -9.59 73.25
CA VAL E 1337 61.56 -10.51 73.95
C VAL E 1337 61.69 -10.22 75.42
N VAL E 1338 61.89 -8.95 75.80
CA VAL E 1338 62.07 -8.61 77.20
C VAL E 1338 60.79 -8.91 77.99
N VAL E 1339 59.63 -8.64 77.38
CA VAL E 1339 58.33 -9.07 77.93
C VAL E 1339 58.24 -10.58 78.03
N ARG E 1340 58.79 -11.35 77.08
CA ARG E 1340 58.74 -12.81 77.15
C ARG E 1340 59.68 -13.41 78.18
N ILE E 1341 60.85 -12.84 78.44
CA ILE E 1341 61.68 -13.27 79.58
C ILE E 1341 60.95 -13.00 80.89
N MET E 1342 60.47 -11.77 81.06
CA MET E 1342 59.74 -11.38 82.26
C MET E 1342 58.59 -12.36 82.52
N GLU E 1343 57.83 -12.69 81.48
CA GLU E 1343 56.74 -13.65 81.59
C GLU E 1343 57.16 -14.99 82.18
N PHE E 1344 58.24 -15.65 81.71
CA PHE E 1344 58.56 -16.99 82.21
C PHE E 1344 58.85 -16.99 83.72
N THR E 1345 59.51 -15.94 84.21
CA THR E 1345 59.99 -15.92 85.60
C THR E 1345 58.84 -16.09 86.57
N THR E 1346 57.65 -15.63 86.20
CA THR E 1346 56.40 -16.07 86.81
C THR E 1346 55.96 -17.41 86.28
N THR E 1347 55.56 -17.46 85.01
CA THR E 1347 54.58 -18.40 84.48
C THR E 1347 55.06 -19.84 84.37
N LEU E 1348 56.34 -20.09 84.06
CA LEU E 1348 56.89 -21.46 84.12
C LEU E 1348 57.56 -21.74 85.45
N LEU E 1349 58.08 -20.71 86.11
CA LEU E 1349 59.19 -20.88 87.02
C LEU E 1349 58.81 -20.82 88.49
N ASN E 1350 58.33 -19.68 88.96
CA ASN E 1350 58.12 -19.43 90.39
C ASN E 1350 56.91 -20.16 90.99
N THR E 1351 55.97 -20.66 90.19
CA THR E 1351 54.74 -21.32 90.70
C THR E 1351 55.02 -22.82 90.93
N SER E 1352 55.95 -23.09 91.84
CA SER E 1352 56.57 -24.41 92.08
C SER E 1352 56.82 -24.62 93.58
N PRO E 1353 56.81 -25.87 94.11
CA PRO E 1353 57.15 -26.15 95.50
C PRO E 1353 58.56 -25.68 95.89
N GLU E 1354 59.51 -25.69 94.94
CA GLU E 1354 60.77 -24.95 95.05
C GLU E 1354 61.28 -24.46 93.68
N GLY E 1355 62.01 -23.34 93.66
CA GLY E 1355 62.70 -22.76 92.50
C GLY E 1355 64.11 -22.25 92.81
N TRP E 1356 64.53 -22.21 94.09
CA TRP E 1356 65.86 -21.76 94.49
C TRP E 1356 67.02 -22.60 93.93
N LYS E 1357 66.81 -23.85 93.51
CA LYS E 1357 67.79 -24.60 92.69
C LYS E 1357 68.11 -23.94 91.34
N LEU E 1358 67.32 -22.94 90.96
CA LEU E 1358 67.49 -22.05 89.81
C LEU E 1358 67.89 -20.63 90.27
N LEU E 1359 67.22 -20.08 91.28
CA LEU E 1359 67.54 -18.75 91.85
C LEU E 1359 68.93 -18.69 92.53
N LYS E 1360 69.57 -19.84 92.83
CA LYS E 1360 71.02 -19.92 93.09
C LYS E 1360 71.81 -19.62 91.82
N LYS E 1361 71.56 -20.40 90.77
CA LYS E 1361 72.27 -20.32 89.48
C LYS E 1361 72.18 -18.94 88.84
N ASP E 1362 71.09 -18.21 89.06
CA ASP E 1362 70.97 -16.82 88.61
C ASP E 1362 71.01 -15.77 89.75
N LEU E 1363 71.69 -16.03 90.88
CA LEU E 1363 71.96 -15.01 91.92
C LEU E 1363 72.73 -13.77 91.40
N CYS E 1364 73.37 -13.88 90.23
CA CYS E 1364 73.92 -12.78 89.43
C CYS E 1364 72.89 -11.69 89.04
N ASN E 1365 71.60 -11.99 89.19
CA ASN E 1365 70.50 -11.25 88.61
C ASN E 1365 70.08 -9.97 89.35
N THR E 1366 70.77 -8.85 89.08
CA THR E 1366 70.18 -7.52 89.18
C THR E 1366 69.51 -7.13 87.86
N HIS E 1367 69.92 -7.77 86.76
CA HIS E 1367 69.65 -7.36 85.39
C HIS E 1367 68.19 -7.50 84.97
N LEU E 1368 67.50 -8.56 85.38
CA LEU E 1368 66.02 -8.63 85.28
C LEU E 1368 65.39 -7.51 86.10
N MET E 1369 65.87 -7.31 87.32
CA MET E 1369 65.22 -6.48 88.34
C MET E 1369 65.29 -4.99 87.98
N ARG E 1370 66.40 -4.52 87.40
CA ARG E 1370 66.52 -3.16 86.87
C ARG E 1370 65.70 -2.93 85.60
N VAL E 1371 65.66 -3.92 84.71
CA VAL E 1371 64.80 -3.90 83.53
C VAL E 1371 63.32 -3.90 83.93
N LEU E 1372 62.92 -4.72 84.91
CA LEU E 1372 61.58 -4.81 85.47
C LEU E 1372 61.18 -3.47 86.06
N VAL E 1373 62.03 -2.87 86.91
CA VAL E 1373 61.65 -1.62 87.54
C VAL E 1373 61.62 -0.45 86.55
N GLN E 1374 62.54 -0.38 85.59
CA GLN E 1374 62.44 0.64 84.56
C GLN E 1374 61.22 0.43 83.66
N THR E 1375 60.89 -0.81 83.30
CA THR E 1375 59.65 -1.14 82.60
C THR E 1375 58.44 -0.60 83.35
N LEU E 1376 58.41 -0.82 84.66
CA LEU E 1376 57.34 -0.40 85.53
C LEU E 1376 57.19 1.13 85.57
N CYS E 1377 58.27 1.86 85.91
CA CYS E 1377 58.13 3.27 86.29
C CYS E 1377 58.35 4.26 85.13
N GLU E 1378 59.14 3.88 84.14
CA GLU E 1378 59.36 4.65 82.92
C GLU E 1378 59.34 3.68 81.73
N PRO E 1379 58.16 3.11 81.39
CA PRO E 1379 58.06 2.07 80.39
C PRO E 1379 58.66 2.49 79.05
N ALA E 1380 58.57 3.78 78.70
CA ALA E 1380 59.16 4.34 77.48
C ALA E 1380 60.68 4.15 77.37
N SER E 1381 61.37 3.79 78.44
CA SER E 1381 62.78 3.36 78.42
C SER E 1381 63.01 2.06 77.63
N ILE E 1382 62.00 1.18 77.52
CA ILE E 1382 62.07 -0.11 76.81
C ILE E 1382 60.68 -0.51 76.25
N GLY E 1383 60.51 -0.46 74.92
CA GLY E 1383 59.38 -1.08 74.23
C GLY E 1383 58.09 -0.25 74.18
N PHE E 1384 57.59 0.22 75.33
CA PHE E 1384 56.47 1.19 75.38
C PHE E 1384 56.82 2.53 74.71
N ASN E 1385 58.07 2.76 74.31
CA ASN E 1385 58.48 3.87 73.44
C ASN E 1385 57.63 3.94 72.16
N ILE E 1386 57.13 2.78 71.68
CA ILE E 1386 56.40 2.63 70.43
C ILE E 1386 54.99 3.26 70.52
N GLY E 1387 54.45 3.47 71.72
CA GLY E 1387 53.19 4.19 71.91
C GLY E 1387 51.94 3.41 71.50
N ASP E 1388 51.99 2.09 71.38
CA ASP E 1388 50.96 1.26 70.76
C ASP E 1388 50.08 0.52 71.77
N VAL E 1389 48.79 0.89 71.79
CA VAL E 1389 47.92 0.74 72.97
C VAL E 1389 47.65 -0.70 73.42
N GLN E 1390 47.40 -1.64 72.51
CA GLN E 1390 47.06 -3.02 72.89
C GLN E 1390 48.22 -3.71 73.64
N VAL E 1391 49.43 -3.66 73.08
CA VAL E 1391 50.59 -4.28 73.71
C VAL E 1391 50.99 -3.47 74.94
N MET E 1392 51.13 -2.16 74.80
CA MET E 1392 51.73 -1.34 75.84
C MET E 1392 50.81 -1.09 77.04
N ALA E 1393 49.51 -1.35 76.95
CA ALA E 1393 48.62 -1.38 78.12
C ALA E 1393 48.54 -2.76 78.82
N HIS E 1394 48.94 -3.84 78.16
CA HIS E 1394 48.97 -5.20 78.74
C HIS E 1394 50.28 -5.49 79.49
N LEU E 1395 51.40 -4.94 79.03
CA LEU E 1395 52.72 -5.03 79.65
C LEU E 1395 52.73 -4.86 81.20
N PRO E 1396 51.99 -3.93 81.80
CA PRO E 1396 51.86 -3.81 83.25
C PRO E 1396 51.39 -5.07 83.98
N ASP E 1397 50.49 -5.86 83.40
CA ASP E 1397 49.93 -7.04 84.06
C ASP E 1397 50.98 -8.13 84.28
N VAL E 1398 52.00 -8.17 83.40
CA VAL E 1398 53.16 -9.05 83.53
C VAL E 1398 54.02 -8.62 84.71
N CYS E 1399 54.33 -7.32 84.81
CA CYS E 1399 55.03 -6.76 85.95
C CYS E 1399 54.27 -6.99 87.27
N VAL E 1400 52.96 -6.75 87.29
CA VAL E 1400 52.09 -6.96 88.44
C VAL E 1400 52.16 -8.39 88.96
N ASN E 1401 51.87 -9.39 88.12
CA ASN E 1401 51.85 -10.78 88.57
C ASN E 1401 53.24 -11.31 88.91
N LEU E 1402 54.30 -10.80 88.29
CA LEU E 1402 55.66 -11.11 88.70
C LEU E 1402 56.00 -10.56 90.09
N MET E 1403 55.54 -9.35 90.42
CA MET E 1403 55.68 -8.85 91.78
C MET E 1403 54.88 -9.69 92.78
N LYS E 1404 53.64 -10.06 92.47
CA LYS E 1404 52.88 -10.95 93.35
C LYS E 1404 53.54 -12.32 93.48
N ALA E 1405 54.18 -12.85 92.44
CA ALA E 1405 54.93 -14.11 92.55
C ALA E 1405 56.15 -13.98 93.47
N LEU E 1406 56.87 -12.85 93.44
CA LEU E 1406 58.03 -12.62 94.31
C LEU E 1406 57.71 -12.07 95.71
N LYS E 1407 56.49 -11.57 95.96
CA LYS E 1407 55.94 -11.20 97.29
C LYS E 1407 56.18 -12.29 98.36
N MET E 1408 55.98 -13.54 97.95
CA MET E 1408 56.16 -14.72 98.77
C MET E 1408 57.13 -15.73 98.15
N SER E 1409 58.11 -15.22 97.40
CA SER E 1409 59.40 -15.90 97.21
C SER E 1409 60.33 -15.53 98.36
N PRO E 1410 61.18 -16.44 98.86
CA PRO E 1410 62.25 -16.08 99.80
C PRO E 1410 63.26 -15.07 99.21
N TYR E 1411 63.17 -14.73 97.92
CA TYR E 1411 63.97 -13.70 97.25
C TYR E 1411 63.49 -12.26 97.53
N LYS E 1412 62.38 -12.05 98.26
CA LYS E 1412 61.70 -10.73 98.38
C LYS E 1412 62.64 -9.52 98.51
N ASP E 1413 63.61 -9.58 99.40
CA ASP E 1413 64.53 -8.48 99.74
C ASP E 1413 65.21 -7.83 98.52
N ILE E 1414 65.49 -8.60 97.46
CA ILE E 1414 66.25 -8.11 96.30
C ILE E 1414 65.40 -7.26 95.37
N LEU E 1415 64.07 -7.36 95.37
CA LEU E 1415 63.24 -6.33 94.73
C LEU E 1415 63.13 -5.10 95.64
N GLU E 1416 63.07 -5.29 96.96
CA GLU E 1416 62.94 -4.20 97.93
C GLU E 1416 64.20 -3.32 98.03
N THR E 1417 65.38 -3.86 97.70
CA THR E 1417 66.64 -3.09 97.61
C THR E 1417 66.77 -2.30 96.30
N HIS E 1418 65.78 -2.38 95.41
CA HIS E 1418 65.68 -1.57 94.20
C HIS E 1418 64.48 -0.61 94.24
N LEU E 1419 63.23 -1.12 94.31
CA LEU E 1419 62.01 -0.34 94.06
C LEU E 1419 61.87 0.87 95.00
N ARG E 1420 61.79 0.58 96.30
CA ARG E 1420 61.73 1.55 97.41
C ARG E 1420 62.99 2.40 97.55
N GLU E 1421 64.10 1.97 96.96
CA GLU E 1421 65.39 2.65 97.02
C GLU E 1421 65.60 3.66 95.87
N LYS E 1422 65.05 3.40 94.67
CA LYS E 1422 65.32 4.17 93.45
C LYS E 1422 64.09 4.89 92.92
N ILE E 1423 63.12 4.15 92.39
CA ILE E 1423 61.97 4.75 91.69
C ILE E 1423 60.96 5.40 92.63
N THR E 1424 60.97 5.08 93.92
CA THR E 1424 59.96 5.54 94.88
C THR E 1424 60.55 5.71 96.28
N ALA E 1425 61.45 6.69 96.42
CA ALA E 1425 61.93 7.16 97.72
C ALA E 1425 60.84 7.97 98.47
N GLN E 1426 60.98 8.10 99.78
CA GLN E 1426 59.91 8.55 100.67
C GLN E 1426 59.51 10.02 100.46
N SER E 1427 60.41 10.95 100.76
CA SER E 1427 60.07 12.38 100.82
C SER E 1427 59.93 13.04 99.45
N ILE E 1428 60.50 12.45 98.39
CA ILE E 1428 60.48 13.03 97.03
C ILE E 1428 59.04 13.28 96.54
N GLU E 1429 58.07 12.46 96.96
CA GLU E 1429 56.66 12.66 96.64
C GLU E 1429 56.09 13.97 97.21
N GLU E 1430 56.56 14.45 98.36
CA GLU E 1430 56.22 15.79 98.86
C GLU E 1430 56.94 16.88 98.07
N LEU E 1431 58.20 16.67 97.66
CA LEU E 1431 58.91 17.61 96.81
C LEU E 1431 58.24 17.74 95.42
N CYS E 1432 57.59 16.69 94.94
CA CYS E 1432 56.80 16.73 93.70
C CYS E 1432 55.60 17.70 93.76
N ALA E 1433 55.24 18.23 94.92
CA ALA E 1433 54.20 19.26 95.06
C ALA E 1433 54.59 20.66 94.51
N VAL E 1434 55.86 20.93 94.22
CA VAL E 1434 56.32 22.30 93.86
C VAL E 1434 55.86 22.81 92.49
N ASN E 1435 55.44 21.93 91.57
CA ASN E 1435 54.95 22.32 90.25
C ASN E 1435 53.82 21.39 89.78
N LEU E 1436 52.59 21.91 89.77
CA LEU E 1436 51.39 21.29 89.22
C LEU E 1436 50.81 22.18 88.12
N TYR E 1437 50.28 21.58 87.05
CA TYR E 1437 49.57 22.26 85.95
C TYR E 1437 50.28 23.51 85.36
N GLY E 1438 51.61 23.55 85.45
CA GLY E 1438 52.40 24.77 85.26
C GLY E 1438 52.56 25.23 83.80
N PRO E 1439 53.23 26.36 83.56
CA PRO E 1439 53.71 26.73 82.22
C PRO E 1439 54.67 25.73 81.58
N ASP E 1440 55.56 25.06 82.35
CA ASP E 1440 56.67 24.26 81.81
C ASP E 1440 56.27 22.84 81.32
N ALA E 1441 55.20 22.76 80.52
CA ALA E 1441 54.43 21.55 80.21
C ALA E 1441 55.21 20.39 79.57
N GLN E 1442 56.34 20.67 78.92
CA GLN E 1442 57.18 19.64 78.29
C GLN E 1442 57.83 18.70 79.33
N VAL E 1443 58.10 19.20 80.54
CA VAL E 1443 58.92 18.49 81.57
C VAL E 1443 58.32 18.58 82.99
N ASP E 1444 57.41 19.51 83.24
CA ASP E 1444 56.93 19.92 84.57
C ASP E 1444 56.71 18.78 85.58
N ARG E 1445 55.84 17.84 85.24
CA ARG E 1445 55.09 17.08 86.25
C ARG E 1445 54.69 15.66 85.81
N SER E 1446 55.11 15.23 84.63
CA SER E 1446 55.08 13.81 84.22
C SER E 1446 55.85 12.90 85.17
N ARG E 1447 56.87 13.41 85.88
CA ARG E 1447 57.69 12.61 86.80
C ARG E 1447 56.90 12.00 87.96
N LEU E 1448 55.83 12.63 88.47
CA LEU E 1448 54.97 11.96 89.44
C LEU E 1448 53.83 11.14 88.77
N ALA E 1449 53.48 11.40 87.50
CA ALA E 1449 52.54 10.54 86.76
C ALA E 1449 53.10 9.11 86.59
N ALA E 1450 54.38 9.04 86.24
CA ALA E 1450 55.25 7.88 86.38
C ALA E 1450 55.09 7.22 87.75
N VAL E 1451 55.36 7.95 88.83
CA VAL E 1451 55.33 7.43 90.19
C VAL E 1451 53.99 6.82 90.52
N VAL E 1452 52.88 7.52 90.28
CA VAL E 1452 51.57 6.98 90.66
C VAL E 1452 51.18 5.78 89.80
N SER E 1453 51.51 5.77 88.51
CA SER E 1453 51.22 4.60 87.66
C SER E 1453 51.96 3.36 88.17
N ALA E 1454 53.24 3.51 88.54
CA ALA E 1454 54.02 2.46 89.13
C ALA E 1454 53.44 1.99 90.47
N CYS E 1455 53.25 2.90 91.43
CA CYS E 1455 52.86 2.51 92.77
C CYS E 1455 51.41 1.99 92.85
N LYS E 1456 50.49 2.46 91.99
CA LYS E 1456 49.17 1.82 91.82
C LYS E 1456 49.28 0.38 91.30
N GLN E 1457 50.19 0.12 90.37
CA GLN E 1457 50.47 -1.25 89.92
C GLN E 1457 51.13 -2.09 91.03
N LEU E 1458 51.94 -1.47 91.88
CA LEU E 1458 52.45 -2.15 93.08
C LEU E 1458 51.34 -2.49 94.08
N HIS E 1459 50.26 -1.71 94.18
CA HIS E 1459 49.07 -2.09 94.97
C HIS E 1459 48.36 -3.29 94.37
N ARG E 1460 48.23 -3.39 93.03
CA ARG E 1460 47.76 -4.63 92.40
C ARG E 1460 48.58 -5.85 92.87
N ALA E 1461 49.90 -5.70 93.03
CA ALA E 1461 50.78 -6.74 93.54
C ALA E 1461 50.83 -6.90 95.08
N GLY E 1462 50.40 -5.91 95.86
CA GLY E 1462 50.38 -5.92 97.33
C GLY E 1462 51.66 -5.47 98.05
N LEU E 1463 52.80 -5.31 97.34
CA LEU E 1463 54.08 -4.86 97.91
C LEU E 1463 54.04 -3.42 98.46
N LEU E 1464 53.06 -2.61 98.07
CA LEU E 1464 53.05 -1.16 98.34
C LEU E 1464 53.16 -0.82 99.83
N HIS E 1465 52.52 -1.60 100.69
CA HIS E 1465 52.48 -1.38 102.15
C HIS E 1465 53.83 -1.59 102.85
N ASN E 1466 54.82 -2.09 102.12
CA ASN E 1466 56.21 -2.29 102.58
C ASN E 1466 57.18 -1.43 101.75
N ILE E 1467 56.89 -1.25 100.46
CA ILE E 1467 57.56 -0.31 99.55
C ILE E 1467 57.37 1.14 100.01
N LEU E 1468 56.37 1.44 100.84
CA LEU E 1468 56.39 2.59 101.73
C LEU E 1468 56.55 2.10 103.19
N PRO E 1469 57.48 2.66 103.98
CA PRO E 1469 57.59 2.37 105.40
C PRO E 1469 56.46 3.02 106.22
N SER E 1470 56.06 2.39 107.33
CA SER E 1470 55.06 2.90 108.26
C SER E 1470 55.54 4.13 109.05
N GLN E 1471 54.61 4.97 109.48
CA GLN E 1471 54.86 6.28 110.09
C GLN E 1471 54.21 6.40 111.49
N SER E 1472 54.25 7.59 112.10
CA SER E 1472 53.93 7.81 113.52
C SER E 1472 52.51 7.46 113.98
N THR E 1473 51.51 7.44 113.08
CA THR E 1473 50.11 7.09 113.40
C THR E 1473 49.56 6.06 112.39
N ASP E 1474 48.36 5.55 112.64
CA ASP E 1474 47.77 4.45 111.85
C ASP E 1474 47.60 4.80 110.36
N LEU E 1475 47.37 6.08 110.03
CA LEU E 1475 47.46 6.60 108.67
C LEU E 1475 48.93 6.74 108.25
N HIS E 1476 49.31 6.23 107.08
CA HIS E 1476 50.63 6.47 106.48
C HIS E 1476 50.83 7.98 106.29
N HIS E 1477 51.69 8.62 107.09
CA HIS E 1477 51.78 10.09 107.07
C HIS E 1477 52.10 10.66 105.69
N SER E 1478 52.96 10.01 104.90
CA SER E 1478 53.24 10.41 103.53
C SER E 1478 51.97 10.48 102.65
N VAL E 1479 50.99 9.61 102.90
CA VAL E 1479 49.69 9.58 102.22
C VAL E 1479 48.73 10.63 102.78
N GLY E 1480 48.61 10.71 104.10
CA GLY E 1480 47.82 11.75 104.75
C GLY E 1480 48.29 13.16 104.37
N THR E 1481 49.59 13.34 104.26
CA THR E 1481 50.20 14.61 103.87
C THR E 1481 50.12 14.87 102.37
N GLU E 1482 50.30 13.90 101.47
CA GLU E 1482 50.15 14.19 100.03
C GLU E 1482 48.71 14.60 99.69
N LEU E 1483 47.70 13.99 100.33
CA LEU E 1483 46.30 14.38 100.19
C LEU E 1483 46.13 15.89 100.38
N LEU E 1484 46.69 16.43 101.47
CA LEU E 1484 46.61 17.85 101.75
C LEU E 1484 47.59 18.68 100.92
N SER E 1485 48.81 18.24 100.71
CA SER E 1485 49.88 19.07 100.12
C SER E 1485 49.91 19.04 98.59
N LEU E 1486 49.65 17.91 97.94
CA LEU E 1486 49.67 17.79 96.48
C LEU E 1486 48.33 18.17 95.85
N VAL E 1487 47.22 18.13 96.59
CA VAL E 1487 45.90 18.49 96.06
C VAL E 1487 45.09 19.46 96.95
N TYR E 1488 44.76 19.17 98.20
CA TYR E 1488 43.80 20.04 98.92
C TYR E 1488 44.27 21.50 99.12
N LYS E 1489 45.60 21.71 99.26
CA LYS E 1489 46.25 23.02 99.21
C LYS E 1489 46.39 23.56 97.78
N GLY E 1490 46.79 22.71 96.83
CA GLY E 1490 47.15 23.09 95.46
C GLY E 1490 45.97 23.37 94.53
N ILE E 1491 44.78 22.85 94.84
CA ILE E 1491 43.58 22.96 94.01
C ILE E 1491 43.02 24.39 93.94
N ALA E 1492 43.20 25.16 95.01
CA ALA E 1492 42.53 26.45 95.20
C ALA E 1492 43.50 27.51 95.78
N PRO E 1493 43.89 28.53 95.00
CA PRO E 1493 44.82 29.59 95.41
C PRO E 1493 44.21 30.63 96.37
N GLY E 1494 43.45 30.19 97.38
CA GLY E 1494 42.74 31.06 98.33
C GLY E 1494 43.64 31.92 99.24
N ASP E 1495 44.91 31.55 99.42
CA ASP E 1495 45.90 32.36 100.14
C ASP E 1495 46.28 33.63 99.36
N GLU E 1496 46.57 33.49 98.06
CA GLU E 1496 47.06 34.57 97.19
C GLU E 1496 45.96 35.33 96.45
N ARG E 1497 44.77 34.73 96.32
CA ARG E 1497 43.54 35.27 95.69
C ARG E 1497 43.73 35.82 94.27
N GLN E 1498 44.78 35.39 93.58
CA GLN E 1498 44.89 35.43 92.13
C GLN E 1498 43.94 34.35 91.57
N CYS E 1499 43.16 34.65 90.53
CA CYS E 1499 41.90 33.96 90.28
C CYS E 1499 42.01 32.42 90.17
N LEU E 1500 41.14 31.71 90.90
CA LEU E 1500 41.07 30.25 90.99
C LEU E 1500 40.82 29.58 89.62
N PRO E 1501 41.57 28.53 89.23
CA PRO E 1501 41.53 27.99 87.87
C PRO E 1501 40.31 27.11 87.60
N SER E 1502 39.69 27.29 86.43
CA SER E 1502 38.89 26.24 85.80
C SER E 1502 39.82 25.15 85.22
N LEU E 1503 39.49 23.89 85.41
CA LEU E 1503 40.49 22.82 85.35
C LEU E 1503 40.48 22.12 83.98
N ASP E 1504 41.67 21.98 83.41
CA ASP E 1504 41.92 21.05 82.30
C ASP E 1504 41.57 19.63 82.78
N LEU E 1505 40.91 18.83 81.93
CA LEU E 1505 40.67 17.41 82.24
C LEU E 1505 41.97 16.70 82.66
N SER E 1506 43.12 17.13 82.16
CA SER E 1506 44.45 16.68 82.58
C SER E 1506 44.72 16.88 84.08
N CYS E 1507 44.58 18.10 84.61
CA CYS E 1507 44.79 18.32 86.04
C CYS E 1507 43.62 17.77 86.89
N LYS E 1508 42.38 17.75 86.38
CA LYS E 1508 41.26 17.03 87.04
C LYS E 1508 41.59 15.55 87.22
N GLN E 1509 41.85 14.82 86.13
CA GLN E 1509 42.07 13.39 86.18
C GLN E 1509 43.33 13.05 86.99
N LEU E 1510 44.40 13.83 86.84
CA LEU E 1510 45.64 13.64 87.59
C LEU E 1510 45.41 13.78 89.09
N ALA E 1511 44.77 14.86 89.52
CA ALA E 1511 44.38 15.03 90.93
C ALA E 1511 43.51 13.86 91.40
N SER E 1512 42.54 13.46 90.59
CA SER E 1512 41.67 12.31 90.90
C SER E 1512 42.45 11.01 91.08
N GLY E 1513 43.57 10.82 90.36
CA GLY E 1513 44.43 9.65 90.49
C GLY E 1513 45.31 9.69 91.74
N LEU E 1514 45.78 10.87 92.14
CA LEU E 1514 46.50 11.07 93.40
C LEU E 1514 45.56 10.80 94.59
N LEU E 1515 44.35 11.32 94.52
CA LEU E 1515 43.28 10.98 95.45
C LEU E 1515 43.02 9.46 95.46
N GLU E 1516 42.78 8.84 94.31
CA GLU E 1516 42.56 7.39 94.18
C GLU E 1516 43.67 6.57 94.87
N LEU E 1517 44.94 6.92 94.63
CA LEU E 1517 46.07 6.30 95.29
C LEU E 1517 45.96 6.44 96.81
N ALA E 1518 45.62 7.62 97.33
CA ALA E 1518 45.56 7.84 98.76
C ALA E 1518 44.58 6.91 99.47
N PHE E 1519 43.48 6.58 98.80
CA PHE E 1519 42.46 5.65 99.30
C PHE E 1519 42.77 4.17 99.02
N ALA E 1520 43.89 3.85 98.38
CA ALA E 1520 44.47 2.50 98.45
C ALA E 1520 44.97 2.12 99.86
N PHE E 1521 45.23 3.11 100.73
CA PHE E 1521 45.78 2.95 102.08
C PHE E 1521 44.73 2.99 103.20
N GLY E 1522 45.10 2.52 104.39
CA GLY E 1522 44.25 2.52 105.59
C GLY E 1522 44.25 3.84 106.38
N GLY E 1523 43.32 3.96 107.33
CA GLY E 1523 43.32 5.00 108.38
C GLY E 1523 42.93 6.43 107.94
N LEU E 1524 42.60 6.66 106.66
CA LEU E 1524 42.37 8.00 106.12
C LEU E 1524 40.96 8.58 106.39
N CYS E 1525 39.98 7.72 106.66
CA CYS E 1525 38.56 8.05 106.82
C CYS E 1525 38.29 9.20 107.82
N GLU E 1526 38.81 9.08 109.03
CA GLU E 1526 38.58 10.04 110.11
C GLU E 1526 39.21 11.42 109.86
N ARG E 1527 40.25 11.53 109.01
CA ARG E 1527 40.72 12.83 108.53
C ARG E 1527 39.87 13.37 107.38
N LEU E 1528 39.48 12.52 106.42
CA LEU E 1528 38.76 12.93 105.21
C LEU E 1528 37.52 13.78 105.51
N VAL E 1529 36.72 13.38 106.51
CA VAL E 1529 35.56 14.14 106.98
C VAL E 1529 35.86 15.61 107.27
N SER E 1530 36.98 15.91 107.94
CA SER E 1530 37.34 17.29 108.27
C SER E 1530 37.67 18.15 107.03
N LEU E 1531 38.07 17.52 105.92
CA LEU E 1531 38.31 18.18 104.63
C LEU E 1531 37.06 18.24 103.75
N LEU E 1532 36.10 17.33 103.92
CA LEU E 1532 34.77 17.43 103.33
C LEU E 1532 33.94 18.53 104.01
N LEU E 1533 33.78 18.46 105.34
CA LEU E 1533 32.98 19.40 106.16
C LEU E 1533 33.76 20.65 106.58
N ASN E 1534 34.82 21.03 105.85
CA ASN E 1534 35.63 22.21 106.13
C ASN E 1534 34.79 23.51 106.03
N PRO E 1535 34.68 24.33 107.09
CA PRO E 1535 33.92 25.58 107.05
C PRO E 1535 34.60 26.69 106.22
N ALA E 1536 35.86 26.55 105.81
CA ALA E 1536 36.56 27.56 105.02
C ALA E 1536 35.88 27.84 103.66
N VAL E 1537 35.70 29.12 103.35
CA VAL E 1537 35.02 29.59 102.14
C VAL E 1537 36.02 30.24 101.19
N LEU E 1538 35.97 29.90 99.90
CA LEU E 1538 36.86 30.48 98.91
C LEU E 1538 36.43 31.89 98.53
N SER E 1539 37.44 32.70 98.20
CA SER E 1539 37.31 34.07 97.72
C SER E 1539 37.99 34.20 96.35
N THR E 1540 37.46 35.09 95.51
CA THR E 1540 37.63 35.02 94.05
C THR E 1540 37.94 36.38 93.44
N SER E 1549 33.30 35.86 89.97
CA SER E 1549 34.60 36.52 89.89
C SER E 1549 34.99 37.29 91.17
N VAL E 1550 34.01 37.57 92.04
CA VAL E 1550 34.17 38.18 93.36
C VAL E 1550 33.40 37.46 94.48
N ILE E 1551 32.39 36.65 94.12
CA ILE E 1551 31.51 35.87 95.02
C ILE E 1551 32.26 34.73 95.75
N HIS E 1552 31.72 34.26 96.88
CA HIS E 1552 32.33 33.23 97.74
C HIS E 1552 31.52 31.90 97.77
N PHE E 1553 32.22 30.76 97.93
CA PHE E 1553 31.62 29.41 98.08
C PHE E 1553 32.54 28.46 98.87
N SER E 1554 32.00 27.44 99.58
CA SER E 1554 32.79 26.60 100.51
C SER E 1554 33.92 25.81 99.83
N HIS E 1555 35.13 25.82 100.41
CA HIS E 1555 36.30 25.05 99.99
C HIS E 1555 36.09 23.53 100.19
N GLY E 1556 35.55 23.11 101.33
CA GLY E 1556 35.24 21.70 101.59
C GLY E 1556 34.16 21.16 100.65
N GLU E 1557 33.12 21.94 100.41
CA GLU E 1557 32.10 21.59 99.41
C GLU E 1557 32.62 21.69 97.97
N TYR E 1558 33.52 22.62 97.66
CA TYR E 1558 34.12 22.73 96.34
C TYR E 1558 34.92 21.47 96.01
N PHE E 1559 35.83 21.09 96.89
CA PHE E 1559 36.57 19.84 96.80
C PHE E 1559 35.61 18.65 96.65
N TYR E 1560 34.57 18.56 97.49
CA TYR E 1560 33.57 17.50 97.36
C TYR E 1560 32.87 17.49 95.99
N SER E 1561 32.32 18.62 95.56
CA SER E 1561 31.54 18.71 94.33
C SER E 1561 32.42 18.53 93.09
N LEU E 1562 33.69 18.91 93.15
CA LEU E 1562 34.67 18.63 92.10
C LEU E 1562 35.10 17.16 92.07
N PHE E 1563 35.75 16.65 93.13
CA PHE E 1563 36.28 15.29 93.20
C PHE E 1563 35.24 14.26 93.62
N SER E 1564 33.97 14.38 93.21
CA SER E 1564 32.88 13.59 93.83
C SER E 1564 33.06 12.06 93.82
N GLU E 1565 33.43 11.45 92.69
CA GLU E 1565 33.51 9.99 92.54
C GLU E 1565 34.53 9.39 93.52
N THR E 1566 35.74 9.92 93.48
CA THR E 1566 36.88 9.49 94.30
C THR E 1566 36.61 9.61 95.79
N ILE E 1567 35.70 10.50 96.20
CA ILE E 1567 35.23 10.55 97.58
C ILE E 1567 34.15 9.48 97.79
N ASN E 1568 33.10 9.48 96.97
CA ASN E 1568 31.90 8.69 97.25
C ASN E 1568 32.19 7.20 97.38
N THR E 1569 32.94 6.58 96.45
CA THR E 1569 33.21 5.14 96.59
C THR E 1569 33.92 4.83 97.91
N GLU E 1570 34.76 5.75 98.38
CA GLU E 1570 35.58 5.63 99.58
C GLU E 1570 34.84 6.06 100.84
N LEU E 1571 33.57 6.43 100.73
CA LEU E 1571 32.56 6.44 101.78
C LEU E 1571 31.61 5.23 101.65
N LEU E 1572 31.49 4.65 100.45
CA LEU E 1572 30.55 3.56 100.13
C LEU E 1572 31.15 2.15 100.29
N LYS E 1573 32.48 2.01 100.32
CA LYS E 1573 33.18 0.78 100.76
C LYS E 1573 33.07 0.50 102.27
N ASN E 1574 32.78 1.52 103.07
CA ASN E 1574 33.06 1.56 104.52
C ASN E 1574 31.89 2.17 105.32
N LEU E 1575 30.68 1.69 105.01
CA LEU E 1575 29.40 2.34 105.34
C LEU E 1575 29.17 2.65 106.82
N ASP E 1576 29.44 1.72 107.74
CA ASP E 1576 29.09 1.93 109.16
C ASP E 1576 29.80 3.14 109.76
N LEU E 1577 31.14 3.15 109.72
CA LEU E 1577 31.92 4.24 110.32
C LEU E 1577 31.77 5.55 109.53
N ALA E 1578 31.62 5.49 108.21
CA ALA E 1578 31.35 6.66 107.38
C ALA E 1578 30.01 7.32 107.74
N VAL E 1579 28.92 6.55 107.79
CA VAL E 1579 27.60 7.11 108.12
C VAL E 1579 27.58 7.59 109.59
N LEU E 1580 28.30 6.91 110.48
CA LEU E 1580 28.49 7.36 111.87
C LEU E 1580 29.08 8.77 111.93
N GLU E 1581 30.20 9.06 111.24
CA GLU E 1581 30.73 10.43 111.22
C GLU E 1581 29.81 11.41 110.47
N LEU E 1582 29.14 10.96 109.40
CA LEU E 1582 28.19 11.78 108.64
C LEU E 1582 26.90 12.12 109.41
N MET E 1583 26.54 11.42 110.50
CA MET E 1583 25.31 11.68 111.26
C MET E 1583 25.55 12.14 112.70
N GLN E 1584 26.51 11.58 113.43
CA GLN E 1584 26.76 11.95 114.81
C GLN E 1584 27.84 13.02 114.96
N SER E 1585 28.93 12.91 114.21
CA SER E 1585 30.06 13.86 114.27
C SER E 1585 29.83 15.13 113.43
N SER E 1586 28.90 15.09 112.47
CA SER E 1586 28.59 16.23 111.60
C SER E 1586 27.88 17.37 112.33
N VAL E 1587 28.33 18.61 112.15
CA VAL E 1587 27.91 19.84 112.85
C VAL E 1587 27.75 20.97 111.84
N ASP E 1588 26.76 21.85 112.03
CA ASP E 1588 26.38 22.92 111.07
C ASP E 1588 26.24 22.40 109.63
N ASN E 1589 25.80 21.14 109.55
CA ASN E 1589 26.11 20.23 108.46
C ASN E 1589 25.29 20.44 107.18
N THR E 1590 24.19 21.20 107.23
CA THR E 1590 23.13 21.21 106.22
C THR E 1590 23.65 21.41 104.79
N LYS E 1591 24.51 22.41 104.54
CA LYS E 1591 25.04 22.74 103.20
C LYS E 1591 26.06 21.73 102.64
N MET E 1592 26.35 20.65 103.37
CA MET E 1592 27.36 19.65 103.02
C MET E 1592 26.84 18.22 103.14
N VAL E 1593 26.26 17.84 104.28
CA VAL E 1593 25.72 16.49 104.50
C VAL E 1593 24.55 16.19 103.57
N SER E 1594 23.72 17.20 103.26
CA SER E 1594 22.71 17.13 102.20
C SER E 1594 23.30 16.63 100.89
N ALA E 1595 24.39 17.24 100.44
CA ALA E 1595 25.03 16.92 99.18
C ALA E 1595 25.61 15.50 99.19
N VAL E 1596 26.43 15.15 100.18
CA VAL E 1596 27.09 13.83 100.16
C VAL E 1596 26.15 12.66 100.52
N LEU E 1597 25.07 12.88 101.27
CA LEU E 1597 24.06 11.83 101.49
C LEU E 1597 23.25 11.55 100.20
N ASN E 1598 22.88 12.59 99.45
CA ASN E 1598 22.36 12.40 98.10
C ASN E 1598 23.40 11.72 97.20
N GLY E 1599 24.64 12.22 97.19
CA GLY E 1599 25.72 11.71 96.35
C GLY E 1599 25.95 10.22 96.56
N MET E 1600 26.05 9.80 97.82
CA MET E 1600 26.17 8.40 98.20
C MET E 1600 25.05 7.54 97.60
N LEU E 1601 23.80 7.99 97.71
CA LEU E 1601 22.66 7.28 97.15
C LEU E 1601 22.68 7.25 95.62
N ASP E 1602 23.01 8.38 94.98
CA ASP E 1602 23.14 8.43 93.52
C ASP E 1602 24.25 7.49 93.03
N GLN E 1603 25.47 7.57 93.56
CA GLN E 1603 26.59 6.78 93.05
C GLN E 1603 26.45 5.28 93.36
N SER E 1604 25.87 4.91 94.51
CA SER E 1604 25.50 3.50 94.74
C SER E 1604 24.44 3.03 93.75
N PHE E 1605 23.36 3.80 93.55
CA PHE E 1605 22.32 3.51 92.56
C PHE E 1605 22.88 3.39 91.12
N ARG E 1606 23.90 4.19 90.79
CA ARG E 1606 24.69 4.10 89.55
C ARG E 1606 25.44 2.78 89.42
N GLU E 1607 26.06 2.26 90.48
CA GLU E 1607 26.76 0.97 90.47
C GLU E 1607 25.90 -0.26 90.80
N ARG E 1608 24.64 -0.07 91.22
CA ARG E 1608 23.70 -1.12 91.66
C ARG E 1608 23.52 -2.26 90.66
N ALA E 1609 23.75 -2.02 89.38
CA ALA E 1609 23.78 -3.04 88.34
C ALA E 1609 24.69 -4.24 88.68
N ASN E 1610 25.86 -3.98 89.29
CA ASN E 1610 26.69 -5.00 89.94
C ASN E 1610 26.42 -5.06 91.45
N GLN E 1611 26.29 -3.89 92.10
CA GLN E 1611 26.18 -3.74 93.55
C GLN E 1611 24.75 -4.04 94.05
N LYS E 1612 24.34 -5.30 93.89
CA LYS E 1612 23.03 -5.86 94.33
C LYS E 1612 22.71 -5.59 95.81
N HIS E 1613 23.74 -5.61 96.67
CA HIS E 1613 23.64 -5.48 98.13
C HIS E 1613 23.81 -4.04 98.66
N GLN E 1614 24.76 -3.27 98.13
CA GLN E 1614 25.36 -2.14 98.87
C GLN E 1614 24.41 -0.94 99.11
N GLY E 1615 23.43 -0.73 98.24
CA GLY E 1615 22.36 0.24 98.48
C GLY E 1615 21.47 -0.10 99.68
N LEU E 1616 21.11 -1.38 99.88
CA LEU E 1616 20.30 -1.79 101.05
C LEU E 1616 21.10 -1.71 102.35
N LYS E 1617 22.41 -1.99 102.31
CA LYS E 1617 23.32 -1.74 103.43
C LYS E 1617 23.31 -0.25 103.78
N LEU E 1618 23.57 0.61 102.81
CA LEU E 1618 23.58 2.07 102.99
C LEU E 1618 22.25 2.56 103.59
N ALA E 1619 21.12 2.18 102.99
CA ALA E 1619 19.80 2.58 103.49
C ALA E 1619 19.61 2.20 104.96
N THR E 1620 19.93 0.95 105.30
CA THR E 1620 19.83 0.47 106.69
C THR E 1620 20.69 1.30 107.62
N THR E 1621 21.93 1.62 107.22
CA THR E 1621 22.85 2.37 108.08
C THR E 1621 22.45 3.82 108.32
N ILE E 1622 21.89 4.55 107.34
CA ILE E 1622 21.39 5.90 107.63
C ILE E 1622 20.14 5.82 108.52
N LEU E 1623 19.22 4.90 108.25
CA LEU E 1623 17.97 4.80 108.98
C LEU E 1623 18.14 4.27 110.41
N GLN E 1624 19.20 3.52 110.72
CA GLN E 1624 19.46 3.01 112.07
C GLN E 1624 19.81 4.11 113.07
N HIS E 1625 20.47 5.20 112.67
CA HIS E 1625 20.83 6.34 113.54
C HIS E 1625 19.65 7.28 113.86
N TRP E 1626 18.48 6.72 114.17
CA TRP E 1626 17.23 7.49 114.19
C TRP E 1626 17.10 8.49 115.35
N LYS E 1627 17.82 8.28 116.46
CA LYS E 1627 17.91 9.26 117.57
C LYS E 1627 18.77 10.47 117.22
N LYS E 1628 19.89 10.25 116.50
CA LYS E 1628 20.73 11.33 115.95
C LYS E 1628 20.01 12.09 114.82
N CYS E 1629 19.22 11.41 114.01
CA CYS E 1629 18.37 12.04 113.00
C CYS E 1629 17.38 13.05 113.60
N ASP E 1630 16.82 12.77 114.78
CA ASP E 1630 15.93 13.68 115.54
C ASP E 1630 16.60 14.99 116.02
N SER E 1631 17.90 15.19 115.78
CA SER E 1631 18.50 16.52 115.90
C SER E 1631 17.97 17.50 114.84
N TRP E 1632 17.46 17.00 113.70
CA TRP E 1632 16.69 17.80 112.74
C TRP E 1632 15.17 17.66 112.97
N TRP E 1633 14.36 18.11 112.00
CA TRP E 1633 12.89 18.16 112.00
C TRP E 1633 12.27 19.14 113.01
N ALA E 1634 13.07 19.93 113.71
CA ALA E 1634 12.59 20.89 114.70
C ALA E 1634 11.72 21.98 114.07
N LYS E 1635 10.68 22.42 114.79
CA LYS E 1635 9.80 23.53 114.39
C LYS E 1635 10.59 24.80 114.06
N ASP E 1636 11.61 25.09 114.87
CA ASP E 1636 12.67 26.08 114.63
C ASP E 1636 13.81 25.51 113.77
N SER E 1637 13.59 25.42 112.46
CA SER E 1637 14.60 25.02 111.47
C SER E 1637 14.65 26.01 110.29
N PRO E 1638 15.84 26.31 109.74
CA PRO E 1638 16.01 27.04 108.48
C PRO E 1638 15.16 26.48 107.34
N LEU E 1639 14.42 27.35 106.64
CA LEU E 1639 13.36 26.94 105.71
C LEU E 1639 13.88 26.12 104.53
N GLU E 1640 14.96 26.53 103.87
CA GLU E 1640 15.55 25.73 102.79
C GLU E 1640 15.98 24.33 103.25
N THR E 1641 16.42 24.19 104.50
CA THR E 1641 16.74 22.90 105.09
C THR E 1641 15.50 22.12 105.52
N LYS E 1642 14.38 22.77 105.88
CA LYS E 1642 13.08 22.09 106.02
C LYS E 1642 12.68 21.40 104.71
N MET E 1643 12.92 22.00 103.55
CA MET E 1643 12.81 21.28 102.27
C MET E 1643 13.89 20.21 102.14
N ALA E 1644 15.16 20.57 102.33
CA ALA E 1644 16.29 19.70 101.99
C ALA E 1644 16.30 18.37 102.75
N VAL E 1645 15.89 18.34 104.02
CA VAL E 1645 15.88 17.11 104.82
C VAL E 1645 14.94 16.04 104.24
N LEU E 1646 13.79 16.45 103.68
CA LEU E 1646 12.78 15.52 103.17
C LEU E 1646 13.34 14.68 102.02
N ALA E 1647 14.19 15.28 101.18
CA ALA E 1647 14.76 14.63 100.01
C ALA E 1647 15.54 13.35 100.36
N LEU E 1648 16.21 13.32 101.52
CA LEU E 1648 16.99 12.13 101.91
C LEU E 1648 16.09 10.93 102.20
N LEU E 1649 15.06 11.08 103.03
CA LEU E 1649 14.14 9.97 103.26
C LEU E 1649 13.28 9.69 102.01
N ALA E 1650 12.92 10.70 101.23
CA ALA E 1650 12.21 10.50 99.98
C ALA E 1650 13.02 9.65 98.99
N LYS E 1651 14.34 9.85 98.91
CA LYS E 1651 15.25 8.98 98.13
C LYS E 1651 15.45 7.61 98.80
N ILE E 1652 15.60 7.54 100.12
CA ILE E 1652 16.05 6.31 100.75
C ILE E 1652 15.08 5.15 100.53
N LEU E 1653 13.77 5.41 100.61
CA LEU E 1653 12.77 4.38 100.39
C LEU E 1653 12.70 3.93 98.93
N GLN E 1654 13.22 4.73 97.99
CA GLN E 1654 13.29 4.37 96.57
C GLN E 1654 14.48 3.45 96.23
N ILE E 1655 15.56 3.44 97.02
CA ILE E 1655 16.61 2.40 96.94
C ILE E 1655 16.35 1.24 97.91
N ASP E 1656 15.69 1.49 99.05
CA ASP E 1656 15.42 0.54 100.15
C ASP E 1656 14.17 -0.33 99.95
N SER E 1657 13.13 0.22 99.33
CA SER E 1657 11.84 -0.44 99.09
C SER E 1657 11.13 -0.91 100.36
N SER E 1658 11.26 -0.17 101.47
CA SER E 1658 10.57 -0.37 102.76
C SER E 1658 10.96 -1.63 103.55
N VAL E 1659 12.23 -2.00 103.58
CA VAL E 1659 12.73 -3.16 104.35
C VAL E 1659 13.06 -2.86 105.83
N SER E 1660 12.99 -1.59 106.26
CA SER E 1660 13.12 -1.15 107.67
C SER E 1660 12.44 0.21 107.90
N PHE E 1661 12.13 0.57 109.16
CA PHE E 1661 11.46 1.84 109.54
C PHE E 1661 10.11 2.09 108.81
N ASN E 1662 9.42 1.01 108.41
CA ASN E 1662 8.19 1.02 107.61
C ASN E 1662 7.15 -0.01 108.13
N THR E 1663 7.42 -1.30 107.91
CA THR E 1663 6.46 -2.40 108.11
C THR E 1663 6.41 -2.88 109.57
N SER E 1664 6.00 -1.99 110.47
CA SER E 1664 5.98 -2.21 111.93
C SER E 1664 7.36 -2.55 112.51
N HIS E 1665 8.40 -1.86 112.01
CA HIS E 1665 9.81 -2.08 112.34
C HIS E 1665 10.53 -0.77 112.71
N GLY E 1666 11.51 -0.84 113.61
CA GLY E 1666 12.31 0.30 114.06
C GLY E 1666 11.49 1.31 114.88
N SER E 1667 12.02 2.53 115.04
CA SER E 1667 11.26 3.65 115.62
C SER E 1667 10.27 4.27 114.61
N PHE E 1668 9.62 3.43 113.79
CA PHE E 1668 8.53 3.85 112.89
C PHE E 1668 7.45 4.68 113.60
N PRO E 1669 6.99 4.35 114.81
CA PRO E 1669 6.03 5.18 115.54
C PRO E 1669 6.52 6.61 115.79
N GLU E 1670 7.82 6.82 115.99
CA GLU E 1670 8.41 8.13 116.22
C GLU E 1670 8.41 8.99 114.94
N VAL E 1671 8.91 8.48 113.81
CA VAL E 1671 8.82 9.22 112.53
C VAL E 1671 7.35 9.46 112.15
N PHE E 1672 6.49 8.45 112.32
CA PHE E 1672 5.07 8.57 111.99
C PHE E 1672 4.32 9.56 112.91
N THR E 1673 4.68 9.68 114.19
CA THR E 1673 4.15 10.72 115.09
C THR E 1673 4.83 12.08 114.92
N THR E 1674 6.04 12.15 114.36
CA THR E 1674 6.69 13.43 114.04
C THR E 1674 5.82 14.29 113.11
N TYR E 1675 5.07 13.67 112.20
CA TYR E 1675 4.11 14.35 111.34
C TYR E 1675 3.03 15.11 112.11
N ILE E 1676 2.66 14.69 113.31
CA ILE E 1676 1.66 15.41 114.13
C ILE E 1676 2.18 16.81 114.52
N SER E 1677 3.48 16.96 114.74
CA SER E 1677 4.10 18.28 114.93
C SER E 1677 4.19 19.10 113.62
N LEU E 1678 4.53 18.46 112.50
CA LEU E 1678 4.75 19.13 111.21
C LEU E 1678 3.45 19.58 110.54
N LEU E 1679 2.46 18.69 110.44
CA LEU E 1679 1.17 18.96 109.82
C LEU E 1679 0.27 19.90 110.64
N ALA E 1680 0.67 20.21 111.88
CA ALA E 1680 0.09 21.26 112.71
C ALA E 1680 0.75 22.66 112.51
N ASP E 1681 1.88 22.81 111.82
CA ASP E 1681 2.46 24.15 111.64
C ASP E 1681 1.57 25.08 110.79
N THR E 1682 1.68 26.38 111.02
CA THR E 1682 0.93 27.46 110.34
C THR E 1682 1.80 28.31 109.41
N LYS E 1683 3.13 28.30 109.58
CA LYS E 1683 4.06 29.30 109.02
C LYS E 1683 4.60 28.95 107.63
N LEU E 1684 3.77 28.33 106.78
CA LEU E 1684 4.23 27.59 105.60
C LEU E 1684 3.67 28.05 104.26
N ASP E 1685 4.50 27.88 103.23
CA ASP E 1685 4.02 27.66 101.87
C ASP E 1685 3.34 26.27 101.77
N LEU E 1686 2.83 25.92 100.60
CA LEU E 1686 2.24 24.60 100.39
C LEU E 1686 3.31 23.56 99.96
N HIS E 1687 4.62 23.75 100.15
CA HIS E 1687 5.66 22.87 99.61
C HIS E 1687 6.34 22.01 100.68
N LEU E 1688 6.47 22.47 101.92
CA LEU E 1688 6.77 21.55 103.03
C LEU E 1688 5.62 20.54 103.13
N LYS E 1689 4.41 21.06 103.26
CA LYS E 1689 3.16 20.27 103.25
C LYS E 1689 2.98 19.50 101.94
N GLY E 1690 3.24 20.11 100.79
CA GLY E 1690 3.21 19.46 99.48
C GLY E 1690 4.16 18.27 99.35
N GLN E 1691 5.39 18.37 99.83
CA GLN E 1691 6.30 17.22 99.86
C GLN E 1691 5.89 16.19 100.93
N ALA E 1692 5.45 16.63 102.11
CA ALA E 1692 5.05 15.75 103.20
C ALA E 1692 3.96 14.78 102.74
N VAL E 1693 2.93 15.26 102.04
CA VAL E 1693 1.90 14.35 101.49
C VAL E 1693 2.46 13.39 100.44
N THR E 1694 3.62 13.68 99.85
CA THR E 1694 4.30 12.80 98.90
C THR E 1694 5.15 11.71 99.60
N LEU E 1695 5.36 11.79 100.92
CA LEU E 1695 5.99 10.70 101.71
C LEU E 1695 5.00 9.59 102.07
N LEU E 1696 3.71 9.92 102.20
CA LEU E 1696 2.64 8.99 102.58
C LEU E 1696 2.61 7.65 101.81
N PRO E 1697 2.91 7.59 100.48
CA PRO E 1697 2.91 6.34 99.72
C PRO E 1697 3.70 5.21 100.37
N PHE E 1698 4.80 5.55 101.07
CA PHE E 1698 5.58 4.58 101.84
C PHE E 1698 5.08 4.43 103.29
N PHE E 1699 4.84 5.53 104.01
CA PHE E 1699 4.48 5.47 105.43
C PHE E 1699 3.18 4.71 105.70
N THR E 1700 2.25 4.66 104.74
CA THR E 1700 1.07 3.78 104.80
C THR E 1700 0.98 2.78 103.64
N SER E 1701 2.12 2.35 103.08
CA SER E 1701 2.18 1.03 102.45
C SER E 1701 2.05 -0.07 103.51
N LEU E 1702 1.14 -1.03 103.28
CA LEU E 1702 0.91 -2.24 104.09
C LEU E 1702 0.50 -2.02 105.57
N THR E 1703 0.21 -0.79 106.01
CA THR E 1703 -0.12 -0.46 107.41
C THR E 1703 -1.53 -0.89 107.80
N GLY E 1704 -1.64 -1.79 108.78
CA GLY E 1704 -2.92 -2.30 109.31
C GLY E 1704 -3.54 -1.47 110.45
N GLY E 1705 -2.87 -0.39 110.85
CA GLY E 1705 -3.29 0.51 111.94
C GLY E 1705 -2.59 1.87 111.86
N SER E 1706 -2.79 2.71 112.87
CA SER E 1706 -2.39 4.13 112.87
C SER E 1706 -2.99 4.94 111.70
N LEU E 1707 -4.04 4.43 111.07
CA LEU E 1707 -4.72 5.09 109.96
C LEU E 1707 -5.56 6.28 110.44
N GLU E 1708 -6.03 6.24 111.69
CA GLU E 1708 -6.74 7.34 112.32
C GLU E 1708 -5.82 8.53 112.66
N GLU E 1709 -4.55 8.24 112.96
CA GLU E 1709 -3.53 9.27 113.12
C GLU E 1709 -3.25 10.01 111.81
N LEU E 1710 -3.22 9.30 110.67
CA LEU E 1710 -3.11 9.93 109.35
C LEU E 1710 -4.39 10.69 109.00
N ARG E 1711 -5.55 10.02 109.08
CA ARG E 1711 -6.83 10.58 108.67
C ARG E 1711 -7.15 11.93 109.34
N ARG E 1712 -6.90 12.08 110.64
CA ARG E 1712 -7.21 13.35 111.32
C ARG E 1712 -6.33 14.53 110.87
N VAL E 1713 -5.07 14.31 110.50
CA VAL E 1713 -4.23 15.39 109.93
C VAL E 1713 -4.56 15.64 108.46
N LEU E 1714 -4.98 14.63 107.70
CA LEU E 1714 -5.51 14.85 106.35
C LEU E 1714 -6.78 15.69 106.44
N GLU E 1715 -7.69 15.37 107.36
CA GLU E 1715 -8.87 16.18 107.64
C GLU E 1715 -8.54 17.63 108.00
N GLN E 1716 -7.58 17.88 108.90
CA GLN E 1716 -7.23 19.27 109.25
C GLN E 1716 -6.50 20.01 108.12
N LEU E 1717 -5.76 19.29 107.26
CA LEU E 1717 -5.11 19.85 106.08
C LEU E 1717 -6.13 20.29 105.03
N ILE E 1718 -7.02 19.38 104.61
CA ILE E 1718 -7.94 19.64 103.50
C ILE E 1718 -8.93 20.78 103.81
N VAL E 1719 -9.41 20.91 105.05
CA VAL E 1719 -10.39 21.96 105.40
C VAL E 1719 -9.78 23.36 105.39
N ALA E 1720 -8.52 23.49 105.79
CA ALA E 1720 -7.86 24.79 105.86
C ALA E 1720 -7.41 25.30 104.48
N HIS E 1721 -6.75 24.45 103.69
CA HIS E 1721 -5.99 24.91 102.52
C HIS E 1721 -6.76 24.98 101.19
N PHE E 1722 -7.82 24.17 101.05
CA PHE E 1722 -8.62 24.03 99.83
C PHE E 1722 -10.09 24.41 100.09
N PRO E 1723 -10.70 25.32 99.31
CA PRO E 1723 -12.12 25.66 99.46
C PRO E 1723 -13.08 24.53 99.06
N MET E 1724 -14.37 24.76 99.33
CA MET E 1724 -15.48 23.91 98.91
C MET E 1724 -15.78 24.00 97.39
N GLN E 1725 -15.37 25.09 96.72
CA GLN E 1725 -15.48 25.28 95.26
C GLN E 1725 -14.24 26.02 94.72
N SER E 1726 -13.72 25.62 93.56
CA SER E 1726 -12.47 26.18 92.99
C SER E 1726 -12.60 27.59 92.41
N ARG E 1727 -13.81 28.10 92.17
CA ARG E 1727 -14.07 29.46 91.64
C ARG E 1727 -13.65 30.59 92.58
N GLU E 1728 -13.13 30.26 93.76
CA GLU E 1728 -12.36 31.15 94.63
C GLU E 1728 -11.22 31.88 93.89
N PHE E 1729 -10.58 31.24 92.90
CA PHE E 1729 -9.34 31.72 92.30
C PHE E 1729 -9.40 31.88 90.76
N PRO E 1730 -8.86 32.97 90.19
CA PRO E 1730 -8.41 32.98 88.80
C PRO E 1730 -7.01 32.31 88.67
N PRO E 1731 -6.78 31.36 87.76
CA PRO E 1731 -5.45 30.73 87.62
C PRO E 1731 -4.34 31.75 87.28
N GLY E 1732 -3.14 31.51 87.80
CA GLY E 1732 -2.03 32.48 87.79
C GLY E 1732 -1.95 33.35 89.07
N THR E 1733 -3.00 33.41 89.89
CA THR E 1733 -2.86 33.85 91.30
C THR E 1733 -2.11 32.77 92.10
N PRO E 1734 -1.12 33.12 92.95
CA PRO E 1734 -0.16 32.13 93.46
C PRO E 1734 -0.82 31.02 94.26
N ARG E 1735 -1.87 31.37 95.01
CA ARG E 1735 -2.67 30.43 95.81
C ARG E 1735 -3.20 29.28 94.96
N PHE E 1736 -3.69 29.56 93.75
CA PHE E 1736 -4.20 28.53 92.86
C PHE E 1736 -3.10 27.65 92.26
N ASN E 1737 -1.98 28.25 91.84
CA ASN E 1737 -0.86 27.46 91.32
C ASN E 1737 -0.30 26.52 92.42
N ASN E 1738 -0.25 26.98 93.66
CA ASN E 1738 0.09 26.13 94.80
C ASN E 1738 -0.97 25.05 95.08
N TYR E 1739 -2.27 25.38 95.01
CA TYR E 1739 -3.36 24.44 95.21
C TYR E 1739 -3.31 23.29 94.20
N VAL E 1740 -3.28 23.58 92.88
CA VAL E 1740 -3.19 22.53 91.86
C VAL E 1740 -1.91 21.70 92.00
N ASP E 1741 -0.82 22.28 92.49
CA ASP E 1741 0.38 21.52 92.78
C ASP E 1741 0.17 20.52 93.92
N CYS E 1742 -0.55 20.88 94.98
CA CYS E 1742 -0.92 19.91 96.02
C CYS E 1742 -1.72 18.75 95.45
N MET E 1743 -2.65 19.04 94.53
CA MET E 1743 -3.41 17.99 93.86
C MET E 1743 -2.50 17.12 92.97
N LYS E 1744 -1.58 17.68 92.18
CA LYS E 1744 -0.59 16.87 91.46
C LYS E 1744 0.17 15.97 92.42
N LYS E 1745 0.73 16.51 93.51
CA LYS E 1745 1.53 15.73 94.47
C LYS E 1745 0.70 14.64 95.13
N PHE E 1746 -0.58 14.85 95.36
CA PHE E 1746 -1.44 13.77 95.82
C PHE E 1746 -1.71 12.70 94.77
N LEU E 1747 -1.80 13.00 93.48
CA LEU E 1747 -1.95 11.96 92.47
C LEU E 1747 -0.66 11.16 92.27
N ASP E 1748 0.48 11.86 92.31
CA ASP E 1748 1.81 11.26 92.40
C ASP E 1748 1.90 10.33 93.62
N ALA E 1749 1.31 10.73 94.74
CA ALA E 1749 1.18 9.88 95.92
C ALA E 1749 0.21 8.71 95.71
N LEU E 1750 -0.94 8.92 95.10
CA LEU E 1750 -1.93 7.87 94.88
C LEU E 1750 -1.37 6.74 94.04
N GLU E 1751 -0.81 7.05 92.87
CA GLU E 1751 -0.41 6.08 91.83
C GLU E 1751 0.43 4.91 92.38
N LEU E 1752 1.41 5.19 93.24
CA LEU E 1752 2.28 4.17 93.83
C LEU E 1752 2.10 4.04 95.35
N SER E 1753 0.93 4.43 95.87
CA SER E 1753 0.36 3.85 97.08
C SER E 1753 -0.54 2.64 96.76
N GLN E 1754 -1.19 2.62 95.59
CA GLN E 1754 -2.22 1.64 95.19
C GLN E 1754 -3.31 1.43 96.25
N SER E 1755 -3.59 2.42 97.10
CA SER E 1755 -4.23 2.20 98.42
C SER E 1755 -5.70 2.65 98.49
N PRO E 1756 -6.61 1.87 99.09
CA PRO E 1756 -8.02 2.24 99.22
C PRO E 1756 -8.26 3.41 100.17
N MET E 1757 -7.36 3.61 101.15
CA MET E 1757 -7.42 4.74 102.07
C MET E 1757 -7.27 6.06 101.31
N LEU E 1758 -6.22 6.22 100.51
CA LEU E 1758 -6.02 7.44 99.71
C LEU E 1758 -7.10 7.57 98.63
N LEU E 1759 -7.47 6.50 97.91
CA LEU E 1759 -8.49 6.61 96.86
C LEU E 1759 -9.82 7.16 97.41
N GLU E 1760 -10.28 6.65 98.55
CA GLU E 1760 -11.44 7.19 99.24
C GLU E 1760 -11.27 8.68 99.55
N LEU E 1761 -10.18 9.04 100.23
CA LEU E 1761 -9.91 10.41 100.68
C LEU E 1761 -9.78 11.40 99.51
N MET E 1762 -9.23 10.98 98.37
CA MET E 1762 -9.16 11.81 97.16
C MET E 1762 -10.54 12.10 96.58
N THR E 1763 -11.39 11.08 96.41
CA THR E 1763 -12.68 11.25 95.70
C THR E 1763 -13.56 12.30 96.34
N GLU E 1764 -13.57 12.43 97.66
CA GLU E 1764 -14.41 13.39 98.38
C GLU E 1764 -13.85 14.83 98.34
N VAL E 1765 -12.59 15.01 97.90
CA VAL E 1765 -12.00 16.31 97.53
C VAL E 1765 -12.38 16.71 96.10
N LEU E 1766 -12.46 15.76 95.17
CA LEU E 1766 -12.89 16.02 93.79
C LEU E 1766 -14.39 16.31 93.69
N CYS E 1767 -15.22 15.48 94.31
CA CYS E 1767 -16.65 15.43 94.06
C CYS E 1767 -17.38 16.54 94.84
N ARG E 1768 -17.40 17.76 94.30
CA ARG E 1768 -18.08 18.92 94.91
C ARG E 1768 -18.68 19.88 93.88
N GLU E 1769 -18.13 19.94 92.68
CA GLU E 1769 -18.74 20.47 91.45
C GLU E 1769 -18.09 19.80 90.23
N GLN E 1770 -18.64 19.98 89.04
CA GLN E 1770 -18.27 19.35 87.79
C GLN E 1770 -17.27 20.20 87.04
N GLN E 1771 -16.23 19.56 86.52
CA GLN E 1771 -15.32 20.16 85.55
C GLN E 1771 -14.76 21.48 86.08
N HIS E 1772 -14.02 21.43 87.18
CA HIS E 1772 -13.58 22.60 87.95
C HIS E 1772 -12.08 22.62 88.29
N VAL E 1773 -11.40 21.47 88.19
CA VAL E 1773 -9.96 21.29 88.44
C VAL E 1773 -9.33 20.47 87.31
N MET E 1774 -10.01 20.42 86.16
CA MET E 1774 -9.55 19.68 84.99
C MET E 1774 -9.43 18.18 85.32
N GLU E 1775 -10.50 17.63 85.87
CA GLU E 1775 -10.65 16.23 86.30
C GLU E 1775 -10.16 15.20 85.25
N GLU E 1776 -10.16 15.53 83.97
CA GLU E 1776 -9.54 14.76 82.91
C GLU E 1776 -8.06 14.39 83.15
N LEU E 1777 -7.31 15.16 83.96
CA LEU E 1777 -5.98 14.77 84.43
C LEU E 1777 -6.06 13.77 85.59
N PHE E 1778 -7.01 13.96 86.52
CA PHE E 1778 -7.22 13.09 87.67
C PHE E 1778 -7.63 11.69 87.23
N GLN E 1779 -8.56 11.58 86.27
CA GLN E 1779 -9.04 10.31 85.73
C GLN E 1779 -7.90 9.38 85.30
N SER E 1780 -6.79 9.90 84.77
CA SER E 1780 -5.63 9.11 84.36
C SER E 1780 -5.03 8.26 85.49
N SER E 1781 -5.02 8.76 86.72
CA SER E 1781 -4.51 8.01 87.88
C SER E 1781 -5.39 6.78 88.19
N PHE E 1782 -6.72 6.91 88.09
CA PHE E 1782 -7.65 5.82 88.30
C PHE E 1782 -7.40 4.73 87.26
N ARG E 1783 -7.36 5.08 85.96
CA ARG E 1783 -7.01 4.14 84.88
C ARG E 1783 -5.69 3.40 85.17
N ARG E 1784 -4.66 4.13 85.58
CA ARG E 1784 -3.31 3.61 85.83
C ARG E 1784 -3.28 2.59 86.97
N ILE E 1785 -3.92 2.85 88.12
CA ILE E 1785 -4.04 1.87 89.22
C ILE E 1785 -5.03 0.72 88.92
N ALA E 1786 -6.05 0.97 88.10
CA ALA E 1786 -6.98 -0.06 87.65
C ALA E 1786 -6.31 -1.11 86.75
N ARG E 1787 -5.41 -0.65 85.88
CA ARG E 1787 -4.59 -1.50 85.01
C ARG E 1787 -3.54 -2.29 85.81
N ARG E 1788 -2.64 -1.60 86.52
CA ARG E 1788 -1.46 -2.21 87.16
C ARG E 1788 -1.68 -2.45 88.65
N GLY E 1789 -2.16 -3.64 88.99
CA GLY E 1789 -2.43 -4.11 90.35
C GLY E 1789 -3.07 -5.51 90.38
N SER E 1790 -3.24 -6.05 91.58
CA SER E 1790 -3.90 -7.34 91.80
C SER E 1790 -5.43 -7.20 91.91
N CYS E 1791 -6.16 -8.30 91.68
CA CYS E 1791 -7.60 -8.33 91.90
C CYS E 1791 -7.99 -8.15 93.39
N VAL E 1792 -7.15 -8.59 94.34
CA VAL E 1792 -7.42 -8.44 95.78
C VAL E 1792 -7.27 -6.98 96.25
N THR E 1793 -6.23 -6.28 95.80
CA THR E 1793 -6.13 -4.83 96.03
C THR E 1793 -7.28 -4.09 95.36
N GLN E 1794 -7.63 -4.47 94.13
CA GLN E 1794 -8.72 -3.84 93.41
C GLN E 1794 -10.09 -4.10 94.06
N VAL E 1795 -10.33 -5.27 94.65
CA VAL E 1795 -11.48 -5.48 95.54
C VAL E 1795 -11.49 -4.47 96.69
N GLY E 1796 -10.35 -4.22 97.34
CA GLY E 1796 -10.25 -3.22 98.39
C GLY E 1796 -10.61 -1.80 97.91
N LEU E 1797 -10.04 -1.40 96.76
CA LEU E 1797 -10.38 -0.13 96.11
C LEU E 1797 -11.89 -0.04 95.91
N LEU E 1798 -12.45 -1.02 95.19
CA LEU E 1798 -13.82 -1.04 94.70
C LEU E 1798 -14.83 -1.15 95.85
N GLU E 1799 -14.55 -1.96 96.88
CA GLU E 1799 -15.35 -2.01 98.10
C GLU E 1799 -15.43 -0.66 98.78
N SER E 1800 -14.31 0.03 98.96
CA SER E 1800 -14.31 1.29 99.71
C SER E 1800 -15.14 2.38 99.03
N VAL E 1801 -15.01 2.50 97.70
CA VAL E 1801 -15.80 3.46 96.93
C VAL E 1801 -17.26 3.02 96.81
N TYR E 1802 -17.55 1.73 96.75
CA TYR E 1802 -18.93 1.24 96.78
C TYR E 1802 -19.61 1.51 98.12
N GLU E 1803 -18.99 1.15 99.23
CA GLU E 1803 -19.54 1.38 100.57
C GLU E 1803 -19.77 2.88 100.82
N MET E 1804 -18.89 3.74 100.31
CA MET E 1804 -19.10 5.19 100.31
C MET E 1804 -20.39 5.58 99.59
N PHE E 1805 -20.65 5.00 98.40
CA PHE E 1805 -21.82 5.34 97.59
C PHE E 1805 -23.10 4.73 98.15
N ARG E 1806 -23.02 3.49 98.63
CA ARG E 1806 -24.13 2.69 99.16
C ARG E 1806 -24.74 3.33 100.40
N LYS E 1807 -23.92 3.73 101.37
CA LYS E 1807 -24.41 4.21 102.65
C LYS E 1807 -25.09 5.56 102.54
N ASP E 1808 -26.11 5.77 103.35
CA ASP E 1808 -27.12 6.83 103.22
C ASP E 1808 -27.04 7.92 104.31
N ASP E 1809 -25.85 8.13 104.88
CA ASP E 1809 -25.55 9.28 105.72
C ASP E 1809 -25.77 10.59 104.93
N PRO E 1810 -26.51 11.59 105.44
CA PRO E 1810 -27.18 12.60 104.62
C PRO E 1810 -26.23 13.65 103.99
N ARG E 1811 -26.30 13.80 102.66
CA ARG E 1811 -25.53 14.73 101.81
C ARG E 1811 -26.28 15.09 100.52
N LEU E 1812 -25.83 16.13 99.83
CA LEU E 1812 -26.43 16.62 98.59
C LEU E 1812 -26.49 15.53 97.50
N SER E 1813 -27.66 15.31 96.92
CA SER E 1813 -27.93 14.32 95.85
C SER E 1813 -27.06 14.49 94.60
N PHE E 1814 -26.79 15.72 94.15
CA PHE E 1814 -25.87 16.00 93.05
C PHE E 1814 -24.47 15.46 93.32
N THR E 1815 -23.90 15.83 94.47
CA THR E 1815 -22.64 15.28 94.96
C THR E 1815 -22.73 13.77 95.04
N ARG E 1816 -23.83 13.25 95.56
CA ARG E 1816 -24.07 11.82 95.71
C ARG E 1816 -24.08 11.07 94.38
N GLN E 1817 -24.62 11.64 93.30
CA GLN E 1817 -24.45 11.06 91.95
C GLN E 1817 -22.96 11.04 91.57
N SER E 1818 -22.29 12.19 91.70
CA SER E 1818 -20.91 12.38 91.21
C SER E 1818 -19.91 11.39 91.81
N PHE E 1819 -20.19 10.89 93.02
CA PHE E 1819 -19.48 9.81 93.68
C PHE E 1819 -19.33 8.55 92.79
N VAL E 1820 -20.43 7.96 92.31
CA VAL E 1820 -20.31 6.88 91.32
C VAL E 1820 -19.80 7.43 89.99
N ASP E 1821 -20.48 8.46 89.50
CA ASP E 1821 -20.45 8.87 88.09
C ASP E 1821 -19.06 9.35 87.64
N ARG E 1822 -18.38 10.09 88.52
CA ARG E 1822 -17.10 10.75 88.25
C ARG E 1822 -15.94 10.17 89.06
N SER E 1823 -16.10 8.98 89.66
CA SER E 1823 -14.96 8.24 90.19
C SER E 1823 -15.10 6.72 90.06
N LEU E 1824 -16.02 6.08 90.77
CA LEU E 1824 -16.20 4.63 90.77
C LEU E 1824 -16.30 4.09 89.34
N LEU E 1825 -17.20 4.66 88.56
CA LEU E 1825 -17.48 4.25 87.19
C LEU E 1825 -16.22 4.35 86.32
N THR E 1826 -15.41 5.39 86.53
CA THR E 1826 -14.15 5.57 85.77
C THR E 1826 -13.15 4.45 86.04
N LEU E 1827 -13.18 3.89 87.25
CA LEU E 1827 -12.30 2.79 87.67
C LEU E 1827 -12.79 1.46 87.09
N LEU E 1828 -14.09 1.19 87.14
CA LEU E 1828 -14.74 -0.02 86.61
C LEU E 1828 -14.38 -0.31 85.15
N TRP E 1829 -14.41 0.71 84.30
CA TRP E 1829 -14.05 0.56 82.90
C TRP E 1829 -12.63 0.03 82.64
N HIS E 1830 -11.74 0.12 83.63
CA HIS E 1830 -10.30 -0.16 83.49
C HIS E 1830 -9.77 -1.20 84.49
N CYS E 1831 -10.59 -1.68 85.44
CA CYS E 1831 -10.23 -2.82 86.29
C CYS E 1831 -9.97 -4.06 85.42
N SER E 1832 -9.04 -4.88 85.89
CA SER E 1832 -8.39 -6.02 85.27
C SER E 1832 -9.40 -7.09 84.83
N LEU E 1833 -9.03 -7.84 83.79
CA LEU E 1833 -9.98 -8.65 83.01
C LEU E 1833 -10.62 -9.80 83.83
N ASP E 1834 -9.86 -10.42 84.71
CA ASP E 1834 -10.19 -11.55 85.55
C ASP E 1834 -10.41 -11.20 87.03
N ALA E 1835 -11.34 -11.80 87.68
CA ALA E 1835 -11.94 -11.61 88.97
C ALA E 1835 -12.51 -10.19 89.23
N LEU E 1836 -12.76 -9.39 88.22
CA LEU E 1836 -13.60 -8.20 88.34
C LEU E 1836 -15.03 -8.64 88.71
N ARG E 1837 -15.44 -9.80 88.18
CA ARG E 1837 -16.63 -10.56 88.58
C ARG E 1837 -16.72 -10.81 90.09
N GLU E 1838 -15.60 -10.87 90.80
CA GLU E 1838 -15.58 -11.10 92.24
C GLU E 1838 -16.30 -9.96 92.98
N PHE E 1839 -16.11 -8.70 92.55
CA PHE E 1839 -16.85 -7.58 93.12
C PHE E 1839 -18.35 -7.75 92.86
N PHE E 1840 -18.74 -7.84 91.59
CA PHE E 1840 -20.16 -7.82 91.24
C PHE E 1840 -20.90 -9.02 91.86
N SER E 1841 -20.31 -10.22 91.80
CA SER E 1841 -20.86 -11.42 92.44
C SER E 1841 -20.99 -11.28 93.96
N THR E 1842 -20.14 -10.48 94.61
CA THR E 1842 -20.24 -10.20 96.04
C THR E 1842 -21.38 -9.24 96.38
N ILE E 1843 -21.70 -8.29 95.50
CA ILE E 1843 -22.65 -7.19 95.80
C ILE E 1843 -24.03 -7.32 95.15
N VAL E 1844 -24.21 -8.12 94.08
CA VAL E 1844 -25.36 -8.04 93.16
C VAL E 1844 -26.73 -8.04 93.83
N VAL E 1845 -26.90 -8.79 94.92
CA VAL E 1845 -28.15 -8.84 95.69
C VAL E 1845 -28.61 -7.48 96.19
N ASP E 1846 -27.70 -6.57 96.51
CA ASP E 1846 -28.04 -5.28 97.12
C ASP E 1846 -28.87 -4.42 96.16
N ALA E 1847 -28.34 -4.12 94.98
CA ALA E 1847 -29.03 -3.28 94.02
C ALA E 1847 -30.38 -3.90 93.60
N ILE E 1848 -30.43 -5.21 93.38
CA ILE E 1848 -31.65 -5.92 93.00
C ILE E 1848 -32.73 -5.80 94.11
N ASP E 1849 -32.35 -5.95 95.37
CA ASP E 1849 -33.28 -5.73 96.49
C ASP E 1849 -33.66 -4.25 96.68
N VAL E 1850 -32.77 -3.32 96.33
CA VAL E 1850 -33.06 -1.88 96.33
C VAL E 1850 -34.07 -1.48 95.26
N LEU E 1851 -33.88 -1.95 94.02
CA LEU E 1851 -34.69 -1.55 92.86
C LEU E 1851 -36.17 -1.94 92.98
N LYS E 1852 -36.50 -2.99 93.74
CA LYS E 1852 -37.86 -3.53 93.86
C LYS E 1852 -38.83 -2.77 94.82
N SER E 1853 -38.50 -1.58 95.33
CA SER E 1853 -39.35 -0.94 96.35
C SER E 1853 -39.29 0.61 96.34
N ARG E 1854 -39.72 1.24 97.45
CA ARG E 1854 -39.76 2.68 97.78
C ARG E 1854 -40.84 3.53 97.13
N PHE E 1855 -41.61 3.00 96.18
CA PHE E 1855 -42.56 3.81 95.38
C PHE E 1855 -43.67 4.48 96.19
N THR E 1856 -44.05 3.93 97.34
CA THR E 1856 -45.04 4.52 98.27
C THR E 1856 -44.45 5.58 99.21
N LYS E 1857 -43.16 5.90 99.10
CA LYS E 1857 -42.44 6.84 99.97
C LYS E 1857 -41.95 8.11 99.27
N LEU E 1858 -42.38 8.38 98.02
CA LEU E 1858 -42.19 9.68 97.34
C LEU E 1858 -43.12 10.76 97.93
N ASN E 1859 -43.01 11.01 99.23
CA ASN E 1859 -43.94 11.87 99.99
C ASN E 1859 -43.29 13.20 100.44
N GLU E 1860 -42.02 13.43 100.11
CA GLU E 1860 -41.26 14.67 100.32
C GLU E 1860 -40.07 14.78 99.33
N SER E 1861 -39.49 15.98 99.22
CA SER E 1861 -38.44 16.32 98.25
C SER E 1861 -37.09 15.66 98.51
N THR E 1862 -36.79 15.28 99.76
CA THR E 1862 -35.50 14.68 100.15
C THR E 1862 -35.23 13.36 99.42
N PHE E 1863 -36.28 12.74 98.88
CA PHE E 1863 -36.24 11.54 98.04
C PHE E 1863 -35.44 11.72 96.71
N ASP E 1864 -34.98 12.92 96.35
CA ASP E 1864 -33.97 13.07 95.28
C ASP E 1864 -32.65 12.32 95.60
N THR E 1865 -32.33 12.22 96.89
CA THR E 1865 -31.26 11.33 97.40
C THR E 1865 -31.52 9.85 97.11
N GLN E 1866 -32.77 9.49 96.78
CA GLN E 1866 -33.18 8.15 96.43
C GLN E 1866 -33.29 7.91 94.93
N ILE E 1867 -33.80 8.85 94.14
CA ILE E 1867 -33.73 8.61 92.69
C ILE E 1867 -32.26 8.46 92.28
N THR E 1868 -31.37 9.19 92.96
CA THR E 1868 -29.92 9.00 92.89
C THR E 1868 -29.46 7.58 93.17
N LYS E 1869 -29.96 6.88 94.21
CA LYS E 1869 -29.46 5.52 94.49
C LYS E 1869 -29.88 4.54 93.41
N LYS E 1870 -31.16 4.51 93.02
CA LYS E 1870 -31.61 3.64 91.93
C LYS E 1870 -30.85 3.91 90.64
N MET E 1871 -30.66 5.19 90.33
CA MET E 1871 -29.89 5.69 89.19
C MET E 1871 -28.46 5.14 89.17
N GLY E 1872 -27.71 5.33 90.25
CA GLY E 1872 -26.36 4.79 90.35
C GLY E 1872 -26.33 3.28 90.26
N TYR E 1873 -27.36 2.62 90.78
CA TYR E 1873 -27.43 1.16 90.79
C TYR E 1873 -27.71 0.55 89.45
N TYR E 1874 -28.43 1.23 88.57
CA TYR E 1874 -28.37 0.94 87.15
C TYR E 1874 -26.97 1.22 86.56
N LYS E 1875 -26.33 2.32 86.94
CA LYS E 1875 -25.04 2.73 86.37
C LYS E 1875 -23.80 1.95 86.85
N ILE E 1876 -23.92 0.96 87.77
CA ILE E 1876 -22.78 0.10 88.18
C ILE E 1876 -22.88 -1.35 87.70
N LEU E 1877 -23.70 -1.62 86.70
CA LEU E 1877 -23.92 -2.98 86.19
C LEU E 1877 -23.96 -3.05 84.68
N ASP E 1878 -24.35 -1.99 83.99
CA ASP E 1878 -24.32 -1.91 82.54
C ASP E 1878 -22.87 -1.95 82.05
N VAL E 1879 -22.00 -1.22 82.75
CA VAL E 1879 -20.55 -1.29 82.61
C VAL E 1879 -19.97 -2.66 83.01
N MET E 1880 -20.72 -3.50 83.74
CA MET E 1880 -20.36 -4.91 83.99
C MET E 1880 -21.01 -5.89 82.99
N TYR E 1881 -22.06 -5.52 82.29
CA TYR E 1881 -22.48 -6.28 81.11
C TYR E 1881 -21.49 -6.01 79.97
N SER E 1882 -21.06 -4.75 79.87
CA SER E 1882 -19.79 -4.38 79.25
C SER E 1882 -18.62 -5.08 79.94
N ARG E 1883 -17.46 -5.19 79.26
CA ARG E 1883 -16.25 -5.94 79.69
C ARG E 1883 -16.43 -7.45 79.75
N LEU E 1884 -17.43 -7.95 80.49
CA LEU E 1884 -17.55 -9.35 80.88
C LEU E 1884 -17.82 -10.32 79.71
N PRO E 1885 -17.31 -11.56 79.80
CA PRO E 1885 -17.41 -12.55 78.74
C PRO E 1885 -18.80 -13.19 78.62
N LYS E 1886 -19.23 -13.45 77.37
CA LYS E 1886 -20.47 -14.18 77.05
C LYS E 1886 -20.54 -15.55 77.75
N ASP E 1887 -19.39 -16.19 77.94
CA ASP E 1887 -19.28 -17.50 78.60
C ASP E 1887 -19.56 -17.47 80.11
N ASP E 1888 -19.55 -16.31 80.79
CA ASP E 1888 -20.05 -16.18 82.16
C ASP E 1888 -21.53 -15.77 82.21
N VAL E 1889 -21.98 -14.92 81.28
CA VAL E 1889 -23.33 -14.33 81.31
C VAL E 1889 -24.40 -15.16 80.59
N HIS E 1890 -24.09 -15.99 79.61
CA HIS E 1890 -25.03 -16.99 79.04
C HIS E 1890 -24.35 -18.30 78.68
N ALA E 1891 -24.47 -19.27 79.60
CA ALA E 1891 -23.87 -20.59 79.57
C ALA E 1891 -24.63 -21.59 80.46
N LYS E 1892 -24.30 -22.88 80.37
CA LYS E 1892 -24.80 -23.97 81.23
C LYS E 1892 -24.42 -23.79 82.72
N GLU E 1893 -23.35 -23.06 83.00
CA GLU E 1893 -22.83 -22.76 84.32
C GLU E 1893 -23.00 -21.26 84.57
N SER E 1894 -23.72 -20.93 85.65
CA SER E 1894 -24.07 -19.54 85.96
C SER E 1894 -23.28 -19.11 87.19
N LYS E 1895 -22.08 -18.58 86.97
CA LYS E 1895 -21.33 -17.99 88.06
C LYS E 1895 -22.19 -16.94 88.75
N ILE E 1896 -22.69 -15.99 87.98
CA ILE E 1896 -23.55 -14.94 88.52
C ILE E 1896 -24.95 -15.55 88.57
N ASN E 1897 -25.16 -16.36 89.60
CA ASN E 1897 -26.47 -16.95 89.86
C ASN E 1897 -27.02 -16.46 91.18
N GLN E 1898 -26.59 -15.28 91.59
CA GLN E 1898 -26.80 -14.81 92.95
C GLN E 1898 -28.03 -13.93 93.09
N VAL E 1899 -28.74 -13.68 91.98
CA VAL E 1899 -30.03 -13.00 92.10
C VAL E 1899 -30.96 -13.84 92.96
N PHE E 1900 -30.99 -15.14 92.70
CA PHE E 1900 -31.54 -16.09 93.65
C PHE E 1900 -30.43 -16.51 94.62
N HIS E 1901 -30.78 -17.38 95.56
CA HIS E 1901 -29.77 -17.94 96.45
C HIS E 1901 -28.66 -18.63 95.68
N GLY E 1902 -28.96 -19.20 94.51
CA GLY E 1902 -27.95 -19.83 93.69
C GLY E 1902 -27.51 -21.20 94.15
N SER E 1903 -27.97 -21.66 95.31
CA SER E 1903 -27.59 -22.99 95.78
C SER E 1903 -28.17 -24.07 94.88
N CYS E 1904 -29.42 -23.91 94.45
CA CYS E 1904 -30.06 -24.86 93.55
C CYS E 1904 -29.99 -24.45 92.08
N ILE E 1905 -30.00 -23.15 91.80
CA ILE E 1905 -29.92 -22.67 90.40
C ILE E 1905 -28.44 -22.48 90.11
N THR E 1906 -27.79 -23.57 89.71
CA THR E 1906 -26.46 -23.53 89.15
C THR E 1906 -26.42 -23.96 87.69
N GLU E 1907 -27.47 -24.61 87.21
CA GLU E 1907 -27.57 -25.06 85.83
C GLU E 1907 -28.29 -23.99 85.03
N GLY E 1908 -27.54 -23.27 84.19
CA GLY E 1908 -28.14 -22.30 83.30
C GLY E 1908 -28.38 -20.96 83.95
N ASN E 1909 -28.22 -19.88 83.17
CA ASN E 1909 -28.49 -18.53 83.63
C ASN E 1909 -29.74 -18.00 82.95
N GLU E 1910 -30.76 -17.60 83.72
CA GLU E 1910 -31.90 -16.84 83.20
C GLU E 1910 -32.47 -15.80 84.18
N LEU E 1911 -31.86 -15.60 85.34
CA LEU E 1911 -32.39 -14.67 86.35
C LEU E 1911 -32.38 -13.21 85.87
N THR E 1912 -31.53 -12.91 84.91
CA THR E 1912 -31.54 -11.69 84.11
C THR E 1912 -32.92 -11.47 83.48
N LYS E 1913 -33.42 -12.46 82.74
CA LYS E 1913 -34.74 -12.42 82.09
C LYS E 1913 -35.89 -12.75 83.04
N THR E 1914 -35.63 -13.25 84.24
CA THR E 1914 -36.55 -13.08 85.38
C THR E 1914 -36.69 -11.60 85.76
N LEU E 1915 -35.58 -10.85 85.87
CA LEU E 1915 -35.57 -9.50 86.48
C LEU E 1915 -35.48 -8.28 85.54
N ILE E 1916 -35.57 -8.45 84.23
CA ILE E 1916 -35.75 -7.34 83.26
C ILE E 1916 -36.98 -6.46 83.57
N LYS E 1917 -37.94 -6.99 84.34
CA LYS E 1917 -39.11 -6.31 84.94
C LYS E 1917 -38.77 -4.99 85.61
N LEU E 1918 -37.57 -4.90 86.20
CA LEU E 1918 -37.05 -3.72 86.88
C LEU E 1918 -36.77 -2.60 85.89
N CYS E 1919 -36.12 -2.92 84.78
CA CYS E 1919 -35.99 -2.00 83.68
C CYS E 1919 -37.35 -1.62 83.11
N TYR E 1920 -38.29 -2.45 82.85
CA TYR E 1920 -39.63 -2.29 82.43
C TYR E 1920 -40.37 -1.26 83.24
N ASP E 1921 -40.32 -1.37 84.56
CA ASP E 1921 -40.86 -0.32 85.45
C ASP E 1921 -40.18 1.02 85.18
N ALA E 1922 -38.86 1.04 85.08
CA ALA E 1922 -38.09 2.23 84.74
C ALA E 1922 -38.29 2.74 83.30
N PHE E 1923 -38.90 1.98 82.39
CA PHE E 1923 -39.32 2.49 81.09
C PHE E 1923 -40.71 3.11 81.23
N THR E 1924 -41.65 2.36 81.79
CA THR E 1924 -43.08 2.51 81.50
C THR E 1924 -43.92 3.10 82.61
N GLU E 1925 -43.30 3.65 83.67
CA GLU E 1925 -44.04 4.44 84.65
C GLU E 1925 -44.85 5.53 83.96
N ASN E 1926 -46.17 5.57 84.16
CA ASN E 1926 -46.99 6.64 83.59
C ASN E 1926 -46.60 7.96 84.26
N MET E 1927 -45.90 8.85 83.54
CA MET E 1927 -45.25 10.02 84.14
C MET E 1927 -46.21 10.91 84.92
N ALA E 1928 -45.76 11.36 86.09
CA ALA E 1928 -46.58 12.05 87.10
C ALA E 1928 -47.17 13.36 86.59
N GLY E 1929 -48.36 13.71 87.06
CA GLY E 1929 -49.09 14.89 86.61
C GLY E 1929 -48.53 16.25 87.07
N GLU E 1930 -47.87 16.31 88.23
CA GLU E 1930 -47.50 17.57 88.90
C GLU E 1930 -46.15 17.51 89.66
N ASN E 1931 -45.21 16.66 89.23
CA ASN E 1931 -43.89 16.52 89.86
C ASN E 1931 -43.02 17.80 89.76
N GLN E 1932 -41.91 17.82 90.50
CA GLN E 1932 -40.91 18.89 90.54
C GLN E 1932 -39.45 18.38 90.58
N LEU E 1933 -39.18 17.17 90.10
CA LEU E 1933 -37.87 16.51 89.98
C LEU E 1933 -37.63 15.97 88.54
N LEU E 1934 -38.27 16.56 87.52
CA LEU E 1934 -38.41 15.96 86.19
C LEU E 1934 -37.08 15.68 85.51
N GLU E 1935 -36.07 16.52 85.67
CA GLU E 1935 -34.73 16.27 85.12
C GLU E 1935 -34.10 15.01 85.71
N ARG E 1936 -34.24 14.77 87.02
CA ARG E 1936 -33.69 13.57 87.67
C ARG E 1936 -34.55 12.34 87.35
N ARG E 1937 -35.87 12.50 87.22
CA ARG E 1937 -36.74 11.49 86.63
C ARG E 1937 -36.24 11.10 85.24
N ARG E 1938 -35.99 12.08 84.36
CA ARG E 1938 -35.60 11.85 82.95
C ARG E 1938 -34.34 11.01 82.86
N LEU E 1939 -33.28 11.45 83.52
CA LEU E 1939 -32.01 10.73 83.44
C LEU E 1939 -32.01 9.41 84.22
N TYR E 1940 -32.91 9.23 85.21
CA TYR E 1940 -33.19 7.90 85.74
C TYR E 1940 -33.80 6.97 84.69
N HIS E 1941 -34.85 7.40 83.99
CA HIS E 1941 -35.42 6.57 82.92
C HIS E 1941 -34.34 6.20 81.89
N CYS E 1942 -33.48 7.15 81.54
CA CYS E 1942 -32.35 6.90 80.65
C CYS E 1942 -31.42 5.81 81.20
N ALA E 1943 -31.09 5.86 82.49
CA ALA E 1943 -30.13 4.94 83.08
C ALA E 1943 -30.59 3.49 82.89
N ALA E 1944 -31.81 3.18 83.32
CA ALA E 1944 -32.35 1.84 83.16
C ALA E 1944 -32.48 1.39 81.71
N TYR E 1945 -32.76 2.33 80.80
CA TYR E 1945 -32.74 2.06 79.35
C TYR E 1945 -31.34 1.66 78.88
N ASN E 1946 -30.27 2.33 79.33
CA ASN E 1946 -28.91 1.87 79.05
C ASN E 1946 -28.71 0.45 79.57
N CYS E 1947 -29.23 0.15 80.75
CA CYS E 1947 -29.08 -1.17 81.33
C CYS E 1947 -29.82 -2.22 80.53
N ALA E 1948 -31.04 -1.93 80.12
CA ALA E 1948 -31.79 -2.78 79.20
C ALA E 1948 -31.01 -3.02 77.91
N ILE E 1949 -30.39 -2.01 77.29
CA ILE E 1949 -29.47 -2.25 76.17
C ILE E 1949 -28.43 -3.30 76.61
N SER E 1950 -27.71 -3.01 77.69
CA SER E 1950 -26.51 -3.74 78.07
C SER E 1950 -26.78 -5.22 78.38
N VAL E 1951 -27.87 -5.54 79.07
CA VAL E 1951 -28.25 -6.94 79.32
C VAL E 1951 -28.72 -7.61 78.03
N ILE E 1952 -29.55 -6.94 77.22
CA ILE E 1952 -30.12 -7.54 76.01
C ILE E 1952 -29.03 -7.83 74.98
N CYS E 1953 -28.18 -6.86 74.67
CA CYS E 1953 -27.11 -7.01 73.67
C CYS E 1953 -26.01 -8.01 74.07
N CYS E 1954 -25.96 -8.42 75.34
CA CYS E 1954 -25.20 -9.58 75.78
C CYS E 1954 -26.05 -10.86 75.68
N VAL E 1955 -27.07 -11.02 76.53
CA VAL E 1955 -27.68 -12.33 76.83
C VAL E 1955 -28.83 -12.71 75.89
N PHE E 1956 -29.72 -11.78 75.54
CA PHE E 1956 -30.96 -12.09 74.83
C PHE E 1956 -30.73 -12.06 73.30
N ASN E 1957 -30.00 -13.05 72.77
CA ASN E 1957 -29.33 -12.96 71.46
C ASN E 1957 -30.26 -12.90 70.23
N GLU E 1958 -31.54 -13.25 70.33
CA GLU E 1958 -32.48 -13.21 69.20
C GLU E 1958 -32.77 -11.76 68.78
N LEU E 1959 -32.87 -11.49 67.48
CA LEU E 1959 -33.43 -10.21 67.00
C LEU E 1959 -34.85 -10.00 67.54
N LYS E 1960 -35.60 -11.09 67.80
CA LYS E 1960 -36.91 -11.11 68.48
C LYS E 1960 -36.89 -10.49 69.88
N PHE E 1961 -35.78 -10.61 70.61
CA PHE E 1961 -35.62 -10.07 71.96
C PHE E 1961 -34.69 -8.85 72.04
N TYR E 1962 -33.87 -8.58 71.02
CA TYR E 1962 -33.38 -7.21 70.75
C TYR E 1962 -34.54 -6.26 70.46
N GLN E 1963 -35.53 -6.70 69.68
CA GLN E 1963 -36.81 -6.03 69.56
C GLN E 1963 -37.46 -5.99 70.94
N GLY E 1964 -37.79 -7.17 71.49
CA GLY E 1964 -38.19 -7.37 72.88
C GLY E 1964 -39.28 -6.40 73.32
N PHE E 1965 -39.32 -6.09 74.62
CA PHE E 1965 -39.99 -4.85 75.03
C PHE E 1965 -39.21 -3.62 74.54
N LEU E 1966 -37.86 -3.72 74.48
CA LEU E 1966 -36.89 -2.66 74.22
C LEU E 1966 -37.33 -1.64 73.15
N PHE E 1967 -37.98 -2.07 72.06
CA PHE E 1967 -38.55 -1.20 71.02
C PHE E 1967 -40.10 -1.20 70.80
N SER E 1968 -40.91 -1.89 71.60
CA SER E 1968 -42.23 -2.39 71.14
C SER E 1968 -43.46 -1.97 71.98
N GLU E 1969 -43.36 -0.86 72.71
CA GLU E 1969 -44.22 -0.50 73.85
C GLU E 1969 -45.74 -0.47 73.61
N LYS E 1970 -46.47 -0.81 74.68
CA LYS E 1970 -47.84 -0.37 74.98
C LYS E 1970 -47.84 1.17 75.12
N PRO E 1971 -48.98 1.89 75.10
CA PRO E 1971 -48.97 3.36 74.98
C PRO E 1971 -48.18 4.23 76.00
N GLU E 1972 -47.67 3.69 77.11
CA GLU E 1972 -46.60 4.31 77.90
C GLU E 1972 -45.24 4.22 77.15
N LYS E 1973 -45.16 4.80 75.95
CA LYS E 1973 -44.06 4.66 74.98
C LYS E 1973 -42.76 5.30 75.44
N ASN E 1974 -41.63 4.61 75.22
CA ASN E 1974 -40.30 4.88 75.77
C ASN E 1974 -39.72 6.25 75.39
N LEU E 1975 -39.52 6.44 74.09
CA LEU E 1975 -38.77 7.58 73.53
C LEU E 1975 -39.45 8.94 73.81
N LEU E 1976 -40.74 8.95 74.18
CA LEU E 1976 -41.48 10.12 74.65
C LEU E 1976 -41.09 10.57 76.07
N ILE E 1977 -40.37 9.74 76.81
CA ILE E 1977 -40.11 9.87 78.26
C ILE E 1977 -38.69 10.35 78.53
N PHE E 1978 -37.72 9.84 77.76
CA PHE E 1978 -36.29 10.10 77.89
C PHE E 1978 -35.84 11.54 77.60
N GLU E 1979 -36.72 12.38 77.07
CA GLU E 1979 -36.32 13.63 76.41
C GLU E 1979 -36.99 14.85 77.03
N ASN E 1980 -36.23 15.90 77.32
CA ASN E 1980 -36.80 17.14 77.85
C ASN E 1980 -37.59 17.88 76.75
N LEU E 1981 -38.76 18.41 77.08
CA LEU E 1981 -39.73 18.92 76.10
C LEU E 1981 -39.81 20.46 76.06
N ILE E 1982 -38.81 21.17 76.55
CA ILE E 1982 -38.80 22.66 76.57
C ILE E 1982 -37.46 23.31 76.17
N ASP E 1983 -36.34 22.58 76.27
CA ASP E 1983 -35.03 23.04 75.78
C ASP E 1983 -35.13 23.41 74.30
N LEU E 1984 -34.75 24.64 73.92
CA LEU E 1984 -34.80 25.06 72.51
C LEU E 1984 -33.83 24.27 71.62
N LYS E 1985 -32.78 23.67 72.19
CA LYS E 1985 -31.87 22.69 71.58
C LYS E 1985 -31.39 23.08 70.16
N ARG E 1986 -30.93 24.31 69.99
CA ARG E 1986 -30.48 24.92 68.71
C ARG E 1986 -29.07 24.52 68.28
N ARG E 1987 -28.77 24.61 66.98
CA ARG E 1987 -27.47 24.27 66.34
C ARG E 1987 -26.52 25.47 66.26
N TYR E 1988 -25.25 25.18 65.95
CA TYR E 1988 -24.21 26.16 65.68
C TYR E 1988 -23.33 25.69 64.51
N ASN E 1989 -23.37 26.40 63.38
CA ASN E 1989 -22.66 26.02 62.15
C ASN E 1989 -21.20 26.55 62.08
N PHE E 1990 -20.59 26.80 63.24
CA PHE E 1990 -19.42 27.64 63.45
C PHE E 1990 -18.83 27.40 64.85
N PRO E 1991 -18.13 26.27 65.09
CA PRO E 1991 -17.71 25.81 66.41
C PRO E 1991 -16.38 26.43 66.86
N VAL E 1992 -15.94 26.08 68.09
CA VAL E 1992 -14.56 26.21 68.62
C VAL E 1992 -13.79 27.42 68.09
N MET E 2085 -20.00 13.37 66.34
CA MET E 2085 -20.15 14.64 67.06
C MET E 2085 -20.39 14.43 68.56
N ASP E 2086 -19.94 15.37 69.38
CA ASP E 2086 -19.98 15.30 70.85
C ASP E 2086 -20.31 16.67 71.50
N GLU E 2087 -21.01 17.56 70.79
CA GLU E 2087 -21.50 18.85 71.27
C GLU E 2087 -22.89 18.74 71.93
N LEU E 2088 -23.93 18.34 71.18
CA LEU E 2088 -25.31 18.12 71.63
C LEU E 2088 -25.85 16.70 71.30
N ASN E 2089 -25.22 15.93 70.51
CA ASN E 2089 -25.17 14.50 70.45
C ASN E 2089 -24.60 13.92 71.79
N ARG E 2090 -23.99 14.76 72.62
CA ARG E 2090 -23.54 14.61 74.00
C ARG E 2090 -24.63 14.15 74.97
N HIS E 2091 -25.91 14.23 74.56
CA HIS E 2091 -27.06 13.66 75.25
C HIS E 2091 -26.90 12.15 75.55
N GLU E 2092 -27.67 11.62 76.50
CA GLU E 2092 -27.67 10.21 76.85
C GLU E 2092 -28.03 9.28 75.66
N CYS E 2093 -27.73 8.00 75.81
CA CYS E 2093 -28.18 6.89 74.96
C CYS E 2093 -27.64 6.87 73.52
N MET E 2094 -27.33 8.00 72.89
CA MET E 2094 -27.06 8.06 71.45
C MET E 2094 -25.93 7.15 71.00
N ALA E 2095 -24.76 7.19 71.65
CA ALA E 2095 -23.68 6.26 71.32
C ALA E 2095 -24.10 4.78 71.52
N PRO E 2096 -24.67 4.38 72.67
CA PRO E 2096 -25.25 3.05 72.85
C PRO E 2096 -26.20 2.60 71.72
N LEU E 2097 -27.08 3.47 71.21
CA LEU E 2097 -28.04 3.05 70.18
C LEU E 2097 -27.38 2.91 68.83
N THR E 2098 -26.42 3.76 68.47
CA THR E 2098 -25.61 3.51 67.27
C THR E 2098 -24.90 2.17 67.36
N ALA E 2099 -24.38 1.80 68.53
CA ALA E 2099 -23.75 0.51 68.74
C ALA E 2099 -24.76 -0.64 68.62
N LEU E 2100 -25.95 -0.51 69.20
CA LEU E 2100 -27.00 -1.52 69.18
C LEU E 2100 -27.40 -1.88 67.75
N VAL E 2101 -27.74 -0.87 66.94
CA VAL E 2101 -28.10 -1.11 65.54
C VAL E 2101 -26.90 -1.59 64.72
N LYS E 2102 -25.71 -1.01 64.91
CA LYS E 2102 -24.49 -1.40 64.19
C LYS E 2102 -24.11 -2.86 64.42
N HIS E 2103 -24.21 -3.32 65.66
CA HIS E 2103 -23.95 -4.72 66.01
C HIS E 2103 -24.93 -5.66 65.31
N MET E 2104 -26.23 -5.37 65.38
CA MET E 2104 -27.21 -6.29 64.79
C MET E 2104 -27.28 -6.22 63.28
N HIS E 2105 -26.84 -5.12 62.66
CA HIS E 2105 -26.61 -5.06 61.22
C HIS E 2105 -25.60 -6.12 60.76
N ARG E 2106 -24.64 -6.50 61.62
CA ARG E 2106 -23.71 -7.64 61.44
C ARG E 2106 -24.25 -8.98 61.97
N SER E 2107 -25.52 -9.04 62.38
CA SER E 2107 -26.15 -10.18 63.08
C SER E 2107 -27.57 -10.50 62.56
N LEU E 2108 -27.80 -10.34 61.25
CA LEU E 2108 -29.11 -10.47 60.60
C LEU E 2108 -29.73 -11.87 60.80
N PRO E 2119 -34.33 -6.01 58.55
CA PRO E 2119 -35.75 -6.19 58.34
C PRO E 2119 -36.57 -4.96 58.73
N ARG E 2120 -37.64 -4.66 57.99
CA ARG E 2120 -38.46 -3.42 58.13
C ARG E 2120 -39.27 -3.30 59.41
N ASP E 2121 -39.57 -4.39 60.11
CA ASP E 2121 -40.40 -4.37 61.32
C ASP E 2121 -39.76 -3.60 62.49
N LEU E 2122 -38.42 -3.68 62.60
CA LEU E 2122 -37.62 -2.94 63.58
C LEU E 2122 -37.78 -1.40 63.42
N PRO E 2123 -37.48 -0.80 62.26
CA PRO E 2123 -37.70 0.61 62.03
C PRO E 2123 -39.17 0.99 61.81
N SER E 2124 -40.08 0.06 61.50
CA SER E 2124 -41.52 0.35 61.38
C SER E 2124 -42.06 0.98 62.67
N TRP E 2125 -41.64 0.44 63.82
CA TRP E 2125 -41.98 0.98 65.13
C TRP E 2125 -41.36 2.35 65.44
N MET E 2126 -40.44 2.85 64.60
CA MET E 2126 -39.70 4.11 64.79
C MET E 2126 -40.00 5.15 63.73
N LYS E 2127 -39.67 4.90 62.46
CA LYS E 2127 -39.73 5.87 61.35
C LYS E 2127 -41.15 6.34 61.05
N PHE E 2128 -42.06 5.38 61.10
CA PHE E 2128 -43.47 5.59 60.83
C PHE E 2128 -44.16 6.12 62.08
N LEU E 2129 -43.60 5.90 63.27
CA LEU E 2129 -44.01 6.58 64.48
C LEU E 2129 -43.71 8.07 64.36
N HIS E 2130 -42.46 8.48 64.19
CA HIS E 2130 -42.13 9.90 64.00
C HIS E 2130 -42.70 10.51 62.72
N GLY E 2131 -42.92 9.69 61.68
CA GLY E 2131 -43.37 10.15 60.37
C GLY E 2131 -44.87 10.39 60.33
N LYS E 2132 -45.68 9.40 60.73
CA LYS E 2132 -47.14 9.52 60.75
C LYS E 2132 -47.60 10.53 61.81
N LEU E 2133 -46.89 10.61 62.93
CA LEU E 2133 -47.00 11.70 63.90
C LEU E 2133 -46.21 12.95 63.44
N GLY E 2134 -46.50 13.48 62.25
CA GLY E 2134 -46.11 14.84 61.89
C GLY E 2134 -46.74 15.91 62.80
N ASN E 2135 -47.84 15.57 63.45
CA ASN E 2135 -48.60 16.41 64.36
C ASN E 2135 -47.83 16.70 65.66
N PRO E 2136 -48.22 17.71 66.47
CA PRO E 2136 -47.71 17.92 67.83
C PRO E 2136 -47.94 16.75 68.81
N ILE E 2137 -48.61 15.68 68.38
CA ILE E 2137 -48.78 14.41 69.12
C ILE E 2137 -47.42 13.81 69.52
N VAL E 2138 -46.35 14.10 68.75
CA VAL E 2138 -44.98 14.14 69.29
C VAL E 2138 -44.44 15.57 69.14
N PRO E 2139 -43.78 16.15 70.16
CA PRO E 2139 -43.04 17.38 70.00
C PRO E 2139 -41.84 17.24 69.06
N LEU E 2140 -41.41 18.37 68.48
CA LEU E 2140 -40.24 18.44 67.60
C LEU E 2140 -38.96 17.89 68.24
N ASN E 2141 -38.80 18.04 69.56
CA ASN E 2141 -37.69 17.48 70.33
C ASN E 2141 -37.57 15.95 70.11
N ILE E 2142 -38.70 15.25 70.06
CA ILE E 2142 -38.73 13.80 69.78
C ILE E 2142 -38.31 13.53 68.35
N ARG E 2143 -38.91 14.21 67.37
CA ARG E 2143 -38.61 13.96 65.94
C ARG E 2143 -37.14 14.16 65.63
N LEU E 2144 -36.52 15.24 66.10
CA LEU E 2144 -35.09 15.47 65.87
C LEU E 2144 -34.25 14.37 66.53
N PHE E 2145 -34.61 13.92 67.73
CA PHE E 2145 -33.89 12.83 68.39
C PHE E 2145 -33.93 11.53 67.59
N LEU E 2146 -35.11 11.16 67.06
CA LEU E 2146 -35.23 10.01 66.17
C LEU E 2146 -34.38 10.21 64.92
N ALA E 2147 -34.47 11.40 64.31
CA ALA E 2147 -33.72 11.73 63.10
C ALA E 2147 -32.20 11.66 63.31
N LYS E 2148 -31.69 12.06 64.48
CA LYS E 2148 -30.26 11.95 64.77
C LYS E 2148 -29.76 10.51 64.63
N LEU E 2149 -30.54 9.52 65.06
CA LEU E 2149 -30.17 8.11 64.93
C LEU E 2149 -30.15 7.64 63.47
N VAL E 2150 -30.79 8.36 62.55
CA VAL E 2150 -30.67 8.12 61.11
C VAL E 2150 -29.35 8.67 60.58
N ILE E 2151 -29.10 9.94 60.87
CA ILE E 2151 -28.04 10.75 60.26
C ILE E 2151 -26.68 10.09 60.46
N ASN E 2152 -26.37 9.69 61.69
CA ASN E 2152 -25.10 9.09 62.06
C ASN E 2152 -24.95 7.61 61.64
N THR E 2153 -25.91 7.09 60.88
CA THR E 2153 -26.11 5.65 60.66
C THR E 2153 -26.51 5.33 59.21
N GLU E 2154 -26.47 6.29 58.28
CA GLU E 2154 -26.78 6.08 56.85
C GLU E 2154 -26.11 4.85 56.24
N GLU E 2155 -24.81 4.64 56.47
CA GLU E 2155 -24.03 3.52 55.94
C GLU E 2155 -24.44 2.17 56.56
N VAL E 2156 -25.07 2.21 57.73
CA VAL E 2156 -25.74 1.10 58.40
C VAL E 2156 -27.20 0.94 57.91
N PHE E 2157 -27.74 1.88 57.12
CA PHE E 2157 -29.21 2.01 56.91
C PHE E 2157 -29.70 2.09 55.46
N ARG E 2158 -28.80 2.07 54.47
CA ARG E 2158 -29.13 2.19 53.03
C ARG E 2158 -30.36 1.37 52.56
N PRO E 2159 -30.59 0.10 52.96
CA PRO E 2159 -31.61 -0.75 52.32
C PRO E 2159 -33.05 -0.24 52.37
N TYR E 2160 -33.42 0.55 53.40
CA TYR E 2160 -34.81 0.93 53.67
C TYR E 2160 -35.15 2.37 53.23
N ALA E 2161 -34.20 3.09 52.61
CA ALA E 2161 -34.31 4.53 52.35
C ALA E 2161 -35.58 4.94 51.55
N LYS E 2162 -36.09 4.05 50.69
CA LYS E 2162 -37.25 4.32 49.82
C LYS E 2162 -38.48 4.80 50.63
N HIS E 2163 -38.91 4.05 51.63
CA HIS E 2163 -40.03 4.48 52.49
C HIS E 2163 -39.59 5.30 53.70
N TRP E 2164 -38.32 5.27 54.11
CA TRP E 2164 -37.84 6.20 55.14
C TRP E 2164 -37.79 7.67 54.70
N LEU E 2165 -37.56 7.95 53.42
CA LEU E 2165 -37.41 9.32 52.97
C LEU E 2165 -38.70 10.14 53.11
N SER E 2166 -39.88 9.53 52.95
CA SER E 2166 -41.14 10.27 53.11
C SER E 2166 -41.24 10.89 54.52
N PRO E 2167 -41.05 10.15 55.62
CA PRO E 2167 -40.83 10.74 56.94
C PRO E 2167 -39.65 11.71 56.99
N LEU E 2168 -38.46 11.30 56.54
CA LEU E 2168 -37.22 12.01 56.88
C LEU E 2168 -37.10 13.36 56.18
N LEU E 2169 -37.52 13.44 54.92
CA LEU E 2169 -37.59 14.70 54.19
C LEU E 2169 -38.82 15.52 54.58
N GLN E 2170 -39.91 14.88 55.03
CA GLN E 2170 -41.04 15.63 55.60
C GLN E 2170 -40.59 16.43 56.81
N LEU E 2171 -39.66 15.91 57.62
CA LEU E 2171 -39.11 16.67 58.74
C LEU E 2171 -38.48 17.97 58.25
N ALA E 2172 -37.53 17.93 57.31
CA ALA E 2172 -36.90 19.14 56.79
C ALA E 2172 -37.89 20.06 56.03
N ALA E 2173 -38.96 19.51 55.46
CA ALA E 2173 -40.04 20.27 54.84
C ALA E 2173 -41.03 20.88 55.85
N SER E 2174 -41.07 20.41 57.09
CA SER E 2174 -41.96 20.94 58.15
C SER E 2174 -41.59 22.38 58.52
N GLU E 2175 -42.59 23.21 58.81
CA GLU E 2175 -42.38 24.67 58.86
C GLU E 2175 -41.47 25.14 60.00
N ASN E 2176 -41.22 24.31 61.02
CA ASN E 2176 -40.22 24.61 62.05
C ASN E 2176 -39.36 23.39 62.42
N ASN E 2177 -38.05 23.62 62.55
CA ASN E 2177 -37.05 22.69 63.10
C ASN E 2177 -36.20 23.37 64.21
N GLY E 2178 -36.56 24.58 64.64
CA GLY E 2178 -35.75 25.47 65.46
C GLY E 2178 -34.71 26.30 64.70
N GLY E 2179 -34.52 26.06 63.39
CA GLY E 2179 -33.55 26.75 62.54
C GLY E 2179 -34.01 28.14 62.10
N GLU E 2180 -33.27 29.17 62.49
CA GLU E 2180 -33.41 30.54 61.95
C GLU E 2180 -32.82 30.58 60.54
N GLY E 2181 -33.66 30.34 59.53
CA GLY E 2181 -33.18 30.01 58.19
C GLY E 2181 -32.51 28.62 58.17
N ILE E 2182 -31.61 28.39 57.22
CA ILE E 2182 -30.86 27.12 57.16
C ILE E 2182 -30.05 26.98 58.46
N HIS E 2183 -29.98 25.76 58.96
CA HIS E 2183 -29.23 25.38 60.16
C HIS E 2183 -28.73 23.95 60.01
N TYR E 2184 -27.74 23.55 60.81
CA TYR E 2184 -27.01 22.31 60.60
C TYR E 2184 -27.89 21.03 60.55
N MET E 2185 -29.05 21.02 61.19
CA MET E 2185 -29.94 19.84 61.11
C MET E 2185 -30.54 19.65 59.72
N VAL E 2186 -31.11 20.68 59.10
CA VAL E 2186 -31.56 20.61 57.70
C VAL E 2186 -30.43 20.23 56.77
N VAL E 2187 -29.22 20.78 56.98
CA VAL E 2187 -28.03 20.41 56.19
C VAL E 2187 -27.74 18.92 56.30
N GLU E 2188 -27.84 18.34 57.50
CA GLU E 2188 -27.65 16.90 57.71
C GLU E 2188 -28.77 16.05 57.11
N ILE E 2189 -30.03 16.45 57.26
CA ILE E 2189 -31.13 15.76 56.60
C ILE E 2189 -30.88 15.77 55.09
N VAL E 2190 -30.74 16.94 54.44
CA VAL E 2190 -30.59 17.00 52.99
C VAL E 2190 -29.32 16.27 52.50
N ALA E 2191 -28.22 16.31 53.26
CA ALA E 2191 -27.03 15.53 52.93
C ALA E 2191 -27.29 14.02 52.98
N THR E 2192 -27.98 13.51 54.00
CA THR E 2192 -28.30 12.08 54.09
C THR E 2192 -29.22 11.64 52.94
N ILE E 2193 -30.21 12.46 52.66
CA ILE E 2193 -31.19 12.28 51.60
C ILE E 2193 -30.47 12.11 50.25
N LEU E 2194 -29.67 13.09 49.88
CA LEU E 2194 -28.86 13.03 48.67
C LEU E 2194 -27.93 11.82 48.68
N SER E 2195 -27.27 11.55 49.80
CA SER E 2195 -26.33 10.43 49.97
C SER E 2195 -26.98 9.08 49.68
N TRP E 2196 -28.27 8.90 49.92
CA TRP E 2196 -29.01 7.70 49.52
C TRP E 2196 -29.26 7.55 48.01
N THR E 2197 -29.18 8.62 47.22
CA THR E 2197 -29.76 8.65 45.85
C THR E 2197 -29.28 7.51 44.94
N GLY E 2198 -28.01 7.11 45.02
CA GLY E 2198 -27.42 6.12 44.11
C GLY E 2198 -28.12 4.76 44.14
N LEU E 2199 -28.29 4.19 45.33
CA LEU E 2199 -29.00 2.91 45.51
C LEU E 2199 -30.51 3.07 45.64
N ALA E 2200 -30.98 4.13 46.32
CA ALA E 2200 -32.38 4.31 46.65
C ALA E 2200 -33.20 4.94 45.52
N THR E 2201 -32.63 5.99 44.91
CA THR E 2201 -33.20 6.76 43.80
C THR E 2201 -34.71 7.12 43.90
N PRO E 2202 -35.24 7.68 45.00
CA PRO E 2202 -36.64 8.14 45.00
C PRO E 2202 -36.83 9.32 44.04
N THR E 2203 -37.75 9.16 43.09
CA THR E 2203 -38.25 10.23 42.20
C THR E 2203 -39.71 9.92 41.85
N GLY E 2204 -40.58 10.92 41.77
CA GLY E 2204 -41.92 10.77 41.20
C GLY E 2204 -42.96 10.03 42.05
N VAL E 2205 -42.60 9.51 43.23
CA VAL E 2205 -43.59 9.00 44.21
C VAL E 2205 -44.45 10.18 44.71
N PRO E 2206 -45.74 10.02 44.99
CA PRO E 2206 -46.70 11.14 44.95
C PRO E 2206 -46.45 12.27 45.98
N LYS E 2207 -45.86 11.96 47.14
CA LYS E 2207 -45.51 12.98 48.15
C LYS E 2207 -44.15 13.64 47.93
N ASP E 2208 -43.19 12.92 47.34
CA ASP E 2208 -41.83 13.39 47.12
C ASP E 2208 -41.82 14.73 46.38
N GLU E 2209 -42.60 14.84 45.29
CA GLU E 2209 -42.73 16.07 44.50
C GLU E 2209 -43.16 17.28 45.35
N VAL E 2210 -44.27 17.19 46.07
CA VAL E 2210 -44.82 18.37 46.77
C VAL E 2210 -43.97 18.76 47.98
N LEU E 2211 -43.21 17.85 48.57
CA LEU E 2211 -42.19 18.17 49.58
C LEU E 2211 -40.93 18.77 48.94
N ALA E 2212 -40.40 18.20 47.86
CA ALA E 2212 -39.21 18.71 47.21
C ALA E 2212 -39.40 20.17 46.80
N ASN E 2213 -40.60 20.52 46.30
CA ASN E 2213 -40.94 21.91 45.98
C ASN E 2213 -40.78 22.83 47.19
N ARG E 2214 -41.25 22.41 48.37
CA ARG E 2214 -41.08 23.15 49.61
C ARG E 2214 -39.62 23.22 50.06
N LEU E 2215 -38.84 22.16 49.85
CA LEU E 2215 -37.40 22.18 50.13
C LEU E 2215 -36.71 23.23 49.29
N LEU E 2216 -36.85 23.19 47.97
CA LEU E 2216 -36.10 24.08 47.08
C LEU E 2216 -36.43 25.54 47.31
N ASN E 2217 -37.70 25.86 47.49
CA ASN E 2217 -38.12 27.21 47.81
C ASN E 2217 -37.49 27.68 49.13
N PHE E 2218 -37.39 26.82 50.15
CA PHE E 2218 -36.75 27.20 51.41
C PHE E 2218 -35.21 27.33 51.31
N LEU E 2219 -34.56 26.29 50.79
CA LEU E 2219 -33.11 26.24 50.58
C LEU E 2219 -32.63 27.45 49.77
N MET E 2220 -33.36 27.86 48.73
CA MET E 2220 -33.00 29.05 47.97
C MET E 2220 -33.35 30.33 48.69
N LYS E 2221 -34.50 30.45 49.36
CA LYS E 2221 -34.90 31.70 50.01
C LYS E 2221 -33.88 32.13 51.07
N HIS E 2222 -33.41 31.21 51.88
CA HIS E 2222 -32.48 31.49 52.98
C HIS E 2222 -31.00 31.26 52.64
N VAL E 2223 -30.62 31.16 51.37
CA VAL E 2223 -29.27 30.72 50.94
C VAL E 2223 -28.10 31.59 51.44
N PHE E 2224 -28.35 32.89 51.60
CA PHE E 2224 -27.33 33.87 51.97
C PHE E 2224 -26.66 33.55 53.30
N HIS E 2225 -25.39 33.97 53.46
CA HIS E 2225 -24.76 34.04 54.76
C HIS E 2225 -23.80 35.25 54.84
N PRO E 2226 -23.68 35.94 55.98
CA PRO E 2226 -22.73 37.02 56.14
C PRO E 2226 -21.27 36.62 55.90
N LYS E 2227 -20.94 35.33 56.02
CA LYS E 2227 -19.58 34.80 55.86
C LYS E 2227 -19.44 34.12 54.51
N ARG E 2228 -18.54 34.59 53.64
CA ARG E 2228 -18.43 34.09 52.26
C ARG E 2228 -18.23 32.58 52.19
N ALA E 2229 -17.40 31.99 53.02
CA ALA E 2229 -17.15 30.55 52.97
C ALA E 2229 -18.40 29.74 53.29
N VAL E 2230 -19.30 30.22 54.17
CA VAL E 2230 -20.58 29.56 54.46
C VAL E 2230 -21.59 29.74 53.34
N PHE E 2231 -21.72 30.94 52.79
CA PHE E 2231 -22.63 31.21 51.68
C PHE E 2231 -22.33 30.30 50.48
N ARG E 2232 -21.05 30.19 50.13
CA ARG E 2232 -20.53 29.29 49.09
C ARG E 2232 -20.92 27.83 49.34
N HIS E 2233 -20.98 27.38 50.60
CA HIS E 2233 -21.44 26.04 50.93
C HIS E 2233 -22.95 25.86 50.73
N ASN E 2234 -23.78 26.80 51.18
CA ASN E 2234 -25.24 26.71 50.97
C ASN E 2234 -25.57 26.60 49.49
N LEU E 2235 -24.92 27.42 48.69
CA LEU E 2235 -25.05 27.40 47.24
C LEU E 2235 -24.69 26.03 46.65
N GLU E 2236 -23.62 25.41 47.13
CA GLU E 2236 -23.18 24.10 46.67
C GLU E 2236 -24.14 22.96 47.03
N ILE E 2237 -24.96 23.08 48.09
CA ILE E 2237 -26.05 22.13 48.32
C ILE E 2237 -27.02 22.15 47.14
N ILE E 2238 -27.40 23.34 46.67
CA ILE E 2238 -28.37 23.49 45.58
C ILE E 2238 -27.90 22.76 44.31
N LYS E 2239 -26.64 22.98 43.90
CA LYS E 2239 -26.02 22.37 42.72
C LYS E 2239 -26.28 20.88 42.64
N THR E 2240 -26.05 20.13 43.71
CA THR E 2240 -26.31 18.69 43.71
C THR E 2240 -27.78 18.34 43.99
N LEU E 2241 -28.47 19.13 44.82
CA LEU E 2241 -29.89 18.99 45.14
C LEU E 2241 -30.79 19.03 43.90
N VAL E 2242 -30.43 19.81 42.88
CA VAL E 2242 -31.08 19.70 41.57
C VAL E 2242 -30.46 18.58 40.73
N GLU E 2243 -29.20 18.71 40.31
CA GLU E 2243 -28.70 17.97 39.15
C GLU E 2243 -28.53 16.47 39.40
N CYS E 2244 -28.31 16.08 40.65
CA CYS E 2244 -28.17 14.68 41.02
C CYS E 2244 -29.51 14.02 41.40
N TRP E 2245 -30.61 14.78 41.58
CA TRP E 2245 -31.73 14.28 42.38
C TRP E 2245 -33.14 14.72 41.99
N LYS E 2246 -33.46 15.84 41.33
CA LYS E 2246 -34.85 16.17 40.93
C LYS E 2246 -35.09 16.68 39.50
N ASP E 2247 -36.02 15.99 38.83
CA ASP E 2247 -36.87 16.49 37.75
C ASP E 2247 -38.06 17.26 38.34
N CYS E 2248 -38.50 16.93 39.53
CA CYS E 2248 -39.68 17.34 40.27
C CYS E 2248 -39.56 18.76 40.86
N LEU E 2249 -39.20 19.76 40.09
CA LEU E 2249 -38.60 21.00 40.59
C LEU E 2249 -39.53 22.17 40.85
N SER E 2250 -40.36 22.52 39.85
CA SER E 2250 -41.12 23.78 39.82
C SER E 2250 -40.24 24.99 40.20
N ILE E 2251 -39.09 25.15 39.54
CA ILE E 2251 -37.99 26.02 39.97
C ILE E 2251 -38.52 27.42 40.39
N PRO E 2252 -38.11 27.95 41.56
CA PRO E 2252 -38.75 29.09 42.22
C PRO E 2252 -38.43 30.45 41.59
N TYR E 2253 -38.43 30.53 40.28
CA TYR E 2253 -37.98 31.67 39.48
C TYR E 2253 -38.62 33.01 39.86
N ARG E 2254 -39.84 33.03 40.39
CA ARG E 2254 -40.45 34.27 40.89
C ARG E 2254 -39.67 34.89 42.06
N LEU E 2255 -39.04 34.08 42.90
CA LEU E 2255 -38.07 34.57 43.87
C LEU E 2255 -36.84 35.13 43.16
N ILE E 2256 -36.28 34.36 42.23
CA ILE E 2256 -34.93 34.59 41.71
C ILE E 2256 -34.78 36.01 41.19
N PHE E 2257 -35.79 36.53 40.50
CA PHE E 2257 -35.83 37.93 40.10
C PHE E 2257 -35.58 38.91 41.26
N GLU E 2258 -36.30 38.78 42.37
CA GLU E 2258 -36.11 39.65 43.53
C GLU E 2258 -34.70 39.50 44.14
N LYS E 2259 -34.12 38.29 44.07
CA LYS E 2259 -32.76 38.02 44.55
C LYS E 2259 -31.67 38.69 43.72
N PHE E 2260 -31.99 39.43 42.65
CA PHE E 2260 -30.99 40.21 41.89
C PHE E 2260 -31.43 41.63 41.50
N SER E 2261 -32.70 41.84 41.18
CA SER E 2261 -33.19 43.03 40.45
C SER E 2261 -33.28 44.34 41.23
N GLY E 2262 -33.16 44.35 42.56
CA GLY E 2262 -33.32 45.57 43.36
C GLY E 2262 -32.16 46.54 43.16
N LYS E 2263 -32.35 47.60 42.36
CA LYS E 2263 -31.28 48.51 41.96
C LYS E 2263 -30.75 49.36 43.12
N ASP E 2264 -29.44 49.49 43.19
CA ASP E 2264 -28.68 50.45 44.01
C ASP E 2264 -27.21 50.40 43.52
N PRO E 2265 -26.56 51.53 43.26
CA PRO E 2265 -25.23 51.56 42.65
C PRO E 2265 -24.15 50.85 43.45
N ASN E 2266 -24.32 50.70 44.76
CA ASN E 2266 -23.36 50.08 45.67
C ASN E 2266 -23.89 48.79 46.31
N SER E 2267 -24.97 48.23 45.76
CA SER E 2267 -25.42 46.87 46.11
C SER E 2267 -24.29 45.88 45.85
N LYS E 2268 -23.92 45.08 46.86
CA LYS E 2268 -23.36 43.74 46.61
C LYS E 2268 -24.50 42.71 46.51
N ASP E 2269 -25.61 42.95 47.20
CA ASP E 2269 -26.70 41.99 47.45
C ASP E 2269 -27.57 41.61 46.24
N ASN E 2270 -27.37 42.22 45.07
CA ASN E 2270 -27.83 41.67 43.80
C ASN E 2270 -27.15 40.33 43.47
N SER E 2271 -25.92 40.12 43.93
CA SER E 2271 -25.05 39.06 43.43
C SER E 2271 -25.58 37.66 43.66
N VAL E 2272 -26.36 37.43 44.70
CA VAL E 2272 -26.88 36.11 45.02
C VAL E 2272 -27.78 35.59 43.90
N GLY E 2273 -28.70 36.40 43.37
CA GLY E 2273 -29.54 35.94 42.28
C GLY E 2273 -28.74 35.62 41.02
N ILE E 2274 -27.63 36.33 40.76
CA ILE E 2274 -26.71 35.98 39.68
C ILE E 2274 -26.17 34.56 39.88
N GLN E 2275 -25.59 34.30 41.05
CA GLN E 2275 -24.96 33.03 41.36
C GLN E 2275 -25.98 31.91 41.28
N LEU E 2276 -27.16 32.15 41.83
CA LEU E 2276 -28.24 31.20 41.92
C LEU E 2276 -28.84 30.86 40.55
N LEU E 2277 -29.04 31.85 39.69
CA LEU E 2277 -29.36 31.64 38.28
C LEU E 2277 -28.27 30.81 37.58
N GLY E 2278 -27.01 31.00 37.98
CA GLY E 2278 -25.89 30.17 37.53
C GLY E 2278 -26.00 28.71 37.98
N ILE E 2279 -26.64 28.42 39.12
CA ILE E 2279 -26.95 27.03 39.51
C ILE E 2279 -28.10 26.46 38.68
N VAL E 2280 -29.21 27.20 38.54
CA VAL E 2280 -30.37 26.71 37.75
C VAL E 2280 -30.08 26.71 36.25
N MET E 2281 -29.03 27.36 35.79
CA MET E 2281 -28.48 27.17 34.47
C MET E 2281 -27.62 25.91 34.41
N ALA E 2282 -26.57 25.79 35.23
CA ALA E 2282 -25.51 24.80 35.03
C ALA E 2282 -25.92 23.32 35.12
N ASN E 2283 -27.08 23.02 35.72
CA ASN E 2283 -27.68 21.68 35.78
C ASN E 2283 -28.30 21.23 34.44
N ASP E 2284 -27.50 21.22 33.37
CA ASP E 2284 -27.91 20.87 32.00
C ASP E 2284 -29.13 21.66 31.50
N LEU E 2285 -29.28 22.88 32.00
CA LEU E 2285 -30.10 23.93 31.39
C LEU E 2285 -31.59 23.59 31.28
N PRO E 2286 -32.34 23.58 32.39
CA PRO E 2286 -33.79 23.80 32.34
C PRO E 2286 -34.13 25.17 31.73
N PRO E 2287 -35.32 25.35 31.15
CA PRO E 2287 -35.76 26.62 30.56
C PRO E 2287 -35.94 27.71 31.62
N TYR E 2288 -36.04 28.97 31.19
CA TYR E 2288 -36.19 30.14 32.06
C TYR E 2288 -37.48 30.89 31.78
N ASP E 2289 -38.09 31.45 32.81
CA ASP E 2289 -39.35 32.17 32.72
C ASP E 2289 -40.52 31.49 31.95
N PRO E 2290 -40.79 30.17 32.07
CA PRO E 2290 -42.07 29.62 31.62
C PRO E 2290 -43.19 30.01 32.62
N GLN E 2291 -44.15 30.82 32.19
CA GLN E 2291 -45.48 31.03 32.82
C GLN E 2291 -45.52 31.30 34.34
N CYS E 2292 -44.46 31.88 34.92
CA CYS E 2292 -44.27 32.00 36.38
C CYS E 2292 -44.88 33.29 36.99
N GLY E 2293 -45.73 34.00 36.25
CA GLY E 2293 -46.39 35.25 36.69
C GLY E 2293 -45.58 36.54 36.49
N ILE E 2294 -44.53 36.50 35.67
CA ILE E 2294 -43.62 37.61 35.42
C ILE E 2294 -43.33 37.74 33.90
N GLN E 2295 -42.96 38.95 33.44
CA GLN E 2295 -42.93 39.28 32.02
C GLN E 2295 -41.49 39.31 31.50
N SER E 2296 -41.22 38.55 30.43
CA SER E 2296 -39.88 38.41 29.88
C SER E 2296 -39.27 39.75 29.49
N SER E 2297 -40.12 40.67 29.00
CA SER E 2297 -39.76 42.03 28.61
C SER E 2297 -39.23 42.91 29.75
N GLU E 2298 -39.41 42.50 31.01
CA GLU E 2298 -38.88 43.19 32.19
C GLU E 2298 -37.79 42.36 32.86
N TYR E 2299 -38.05 41.07 33.06
CA TYR E 2299 -37.20 40.12 33.74
C TYR E 2299 -35.76 40.10 33.17
N PHE E 2300 -35.60 39.82 31.88
CA PHE E 2300 -34.27 39.76 31.26
C PHE E 2300 -33.57 41.13 31.22
N GLN E 2301 -34.33 42.22 31.12
CA GLN E 2301 -33.77 43.57 31.04
C GLN E 2301 -32.96 43.91 32.31
N ALA E 2302 -33.46 43.51 33.45
CA ALA E 2302 -32.83 43.74 34.73
C ALA E 2302 -31.57 42.91 34.85
N LEU E 2303 -31.69 41.65 34.43
CA LEU E 2303 -30.63 40.69 34.44
C LEU E 2303 -29.46 41.17 33.58
N VAL E 2304 -29.71 41.80 32.43
CA VAL E 2304 -28.64 42.53 31.76
C VAL E 2304 -28.25 43.76 32.56
N ASN E 2305 -29.22 44.59 32.97
CA ASN E 2305 -28.98 45.91 33.55
C ASN E 2305 -28.02 45.85 34.74
N ASN E 2306 -28.03 44.76 35.49
CA ASN E 2306 -27.07 44.46 36.55
C ASN E 2306 -25.62 44.77 36.17
N MET E 2307 -25.21 44.50 34.93
CA MET E 2307 -23.84 44.76 34.51
C MET E 2307 -23.49 46.25 34.35
N SER E 2308 -24.36 47.18 34.76
CA SER E 2308 -24.04 48.59 35.01
C SER E 2308 -23.45 48.84 36.39
N PHE E 2309 -23.61 47.94 37.36
CA PHE E 2309 -23.19 48.13 38.75
C PHE E 2309 -21.69 47.86 38.94
N VAL E 2310 -20.88 48.66 38.26
CA VAL E 2310 -19.45 48.41 38.08
C VAL E 2310 -18.59 48.61 39.34
N ARG E 2311 -19.17 48.94 40.50
CA ARG E 2311 -18.39 49.12 41.75
C ARG E 2311 -17.75 47.81 42.23
N TYR E 2312 -18.41 46.66 42.03
CA TYR E 2312 -17.97 45.35 42.53
C TYR E 2312 -17.99 44.28 41.44
N LYS E 2313 -16.92 43.49 41.32
CA LYS E 2313 -16.72 42.52 40.23
C LYS E 2313 -17.78 41.44 40.19
N GLU E 2314 -18.10 40.82 41.32
CA GLU E 2314 -19.10 39.77 41.41
C GLU E 2314 -20.52 40.25 41.13
N VAL E 2315 -20.76 41.55 41.08
CA VAL E 2315 -22.10 42.10 40.80
C VAL E 2315 -22.26 42.29 39.29
N TYR E 2316 -21.30 42.92 38.64
CA TYR E 2316 -21.45 43.25 37.22
C TYR E 2316 -21.01 42.09 36.31
N ALA E 2317 -19.77 41.59 36.44
CA ALA E 2317 -19.19 40.64 35.51
C ALA E 2317 -19.90 39.29 35.56
N ALA E 2318 -20.27 38.83 36.76
CA ALA E 2318 -20.96 37.56 36.89
C ALA E 2318 -22.31 37.54 36.15
N ALA E 2319 -22.98 38.69 35.97
CA ALA E 2319 -24.18 38.74 35.16
C ALA E 2319 -23.87 38.44 33.70
N ALA E 2320 -22.80 39.02 33.16
CA ALA E 2320 -22.32 38.71 31.83
C ALA E 2320 -21.93 37.24 31.69
N GLU E 2321 -21.24 36.66 32.69
CA GLU E 2321 -20.88 35.24 32.69
C GLU E 2321 -22.11 34.34 32.59
N VAL E 2322 -23.18 34.67 33.29
CA VAL E 2322 -24.45 33.95 33.16
C VAL E 2322 -25.03 34.12 31.76
N LEU E 2323 -25.08 35.35 31.24
CA LEU E 2323 -25.72 35.61 29.95
C LEU E 2323 -25.02 34.89 28.79
N GLY E 2324 -23.70 34.80 28.82
CA GLY E 2324 -22.94 34.01 27.84
C GLY E 2324 -23.24 32.50 27.86
N LEU E 2325 -23.88 31.98 28.90
CA LEU E 2325 -24.49 30.66 28.93
C LEU E 2325 -25.96 30.69 28.47
N ILE E 2326 -26.70 31.76 28.77
CA ILE E 2326 -28.09 31.85 28.33
C ILE E 2326 -28.17 31.85 26.80
N LEU E 2327 -27.34 32.63 26.08
CA LEU E 2327 -27.37 32.60 24.60
C LEU E 2327 -27.12 31.18 24.08
N ARG E 2328 -26.12 30.49 24.64
CA ARG E 2328 -25.79 29.11 24.28
C ARG E 2328 -26.96 28.16 24.51
N TYR E 2329 -27.80 28.40 25.52
CA TYR E 2329 -29.05 27.67 25.67
C TYR E 2329 -30.06 28.03 24.59
N VAL E 2330 -30.55 29.28 24.58
CA VAL E 2330 -31.71 29.66 23.76
C VAL E 2330 -31.45 29.49 22.27
N MET E 2331 -30.25 29.82 21.79
CA MET E 2331 -29.84 29.59 20.40
C MET E 2331 -29.86 28.10 20.03
N GLU E 2332 -29.37 27.22 20.90
CA GLU E 2332 -29.30 25.79 20.60
C GLU E 2332 -30.62 25.05 20.81
N ARG E 2333 -31.51 25.56 21.68
CA ARG E 2333 -32.92 25.15 21.74
C ARG E 2333 -33.80 25.82 20.68
N LYS E 2334 -33.23 26.67 19.84
CA LYS E 2334 -33.84 27.29 18.64
C LYS E 2334 -35.08 28.14 18.93
N ASN E 2335 -35.22 28.66 20.14
CA ASN E 2335 -36.34 29.50 20.56
C ASN E 2335 -36.13 30.97 20.14
N ILE E 2336 -37.21 31.74 19.99
CA ILE E 2336 -37.18 33.10 19.43
C ILE E 2336 -36.53 34.18 20.32
N LEU E 2337 -36.38 33.98 21.64
CA LEU E 2337 -35.97 35.07 22.53
C LEU E 2337 -34.54 35.59 22.28
N GLU E 2338 -33.64 34.80 21.68
CA GLU E 2338 -32.31 35.29 21.28
C GLU E 2338 -32.38 36.42 20.23
N GLU E 2339 -33.51 36.59 19.54
CA GLU E 2339 -33.75 37.74 18.67
C GLU E 2339 -33.92 39.06 19.44
N SER E 2340 -34.24 38.97 20.73
CA SER E 2340 -34.45 40.11 21.63
C SER E 2340 -33.36 40.19 22.68
N LEU E 2341 -33.05 39.11 23.39
CA LEU E 2341 -32.04 39.10 24.44
C LEU E 2341 -30.65 39.48 23.90
N CYS E 2342 -30.31 39.03 22.69
CA CYS E 2342 -29.09 39.50 22.01
C CYS E 2342 -29.12 41.02 21.82
N GLU E 2343 -30.27 41.60 21.48
CA GLU E 2343 -30.44 43.05 21.39
C GLU E 2343 -30.40 43.76 22.74
N LEU E 2344 -30.96 43.18 23.81
CA LEU E 2344 -30.85 43.74 25.16
C LEU E 2344 -29.39 43.83 25.59
N VAL E 2345 -28.64 42.74 25.42
CA VAL E 2345 -27.22 42.68 25.76
C VAL E 2345 -26.45 43.68 24.91
N ALA E 2346 -26.64 43.65 23.58
CA ALA E 2346 -25.95 44.54 22.68
C ALA E 2346 -26.21 46.02 22.99
N LYS E 2347 -27.47 46.39 23.25
CA LYS E 2347 -27.84 47.75 23.63
C LYS E 2347 -27.09 48.20 24.87
N GLN E 2348 -26.98 47.35 25.90
CA GLN E 2348 -26.32 47.78 27.12
C GLN E 2348 -24.80 47.87 26.99
N LEU E 2349 -24.15 46.93 26.33
CA LEU E 2349 -22.70 46.99 26.17
C LEU E 2349 -22.26 48.23 25.38
N LYS E 2350 -23.03 48.68 24.37
CA LYS E 2350 -22.75 49.94 23.68
C LYS E 2350 -22.59 51.11 24.64
N GLN E 2351 -23.38 51.17 25.71
CA GLN E 2351 -23.23 52.21 26.72
C GLN E 2351 -21.86 52.20 27.40
N HIS E 2352 -21.22 51.03 27.51
CA HIS E 2352 -19.85 50.92 28.00
C HIS E 2352 -18.84 51.28 26.91
N GLN E 2353 -19.05 50.84 25.67
CA GLN E 2353 -18.14 51.03 24.55
C GLN E 2353 -17.78 52.50 24.32
N ASN E 2354 -18.74 53.41 24.53
CA ASN E 2354 -18.53 54.84 24.40
C ASN E 2354 -18.01 55.54 25.69
N THR E 2355 -17.87 54.87 26.83
CA THR E 2355 -17.71 55.54 28.14
C THR E 2355 -16.76 54.87 29.14
N MET E 2356 -16.57 53.56 29.05
CA MET E 2356 -15.86 52.70 30.00
C MET E 2356 -15.20 51.57 29.23
N GLU E 2357 -14.13 51.89 28.51
CA GLU E 2357 -13.51 50.96 27.58
C GLU E 2357 -13.03 49.67 28.26
N ASP E 2358 -12.52 49.75 29.48
CA ASP E 2358 -12.09 48.57 30.24
C ASP E 2358 -13.28 47.71 30.65
N LYS E 2359 -14.30 48.27 31.28
CA LYS E 2359 -15.47 47.47 31.68
C LYS E 2359 -16.21 46.94 30.45
N PHE E 2360 -16.15 47.61 29.31
CA PHE E 2360 -16.63 47.08 28.04
C PHE E 2360 -15.90 45.80 27.66
N ILE E 2361 -14.56 45.81 27.54
CA ILE E 2361 -13.82 44.61 27.15
C ILE E 2361 -13.90 43.51 28.18
N VAL E 2362 -13.80 43.80 29.48
CA VAL E 2362 -13.93 42.75 30.51
C VAL E 2362 -15.31 42.12 30.45
N CYS E 2363 -16.36 42.92 30.34
CA CYS E 2363 -17.70 42.41 30.22
C CYS E 2363 -17.89 41.60 28.94
N LEU E 2364 -17.43 42.10 27.80
CA LEU E 2364 -17.52 41.39 26.52
C LEU E 2364 -16.77 40.06 26.59
N ASN E 2365 -15.55 40.00 27.10
CA ASN E 2365 -14.82 38.73 27.20
C ASN E 2365 -15.66 37.66 27.91
N LYS E 2366 -16.31 38.00 29.03
CA LYS E 2366 -17.12 37.07 29.81
C LYS E 2366 -18.40 36.59 29.10
N VAL E 2367 -18.98 37.34 28.16
CA VAL E 2367 -20.08 36.81 27.33
C VAL E 2367 -19.52 35.90 26.26
N THR E 2368 -18.58 36.41 25.48
CA THR E 2368 -18.17 35.76 24.24
C THR E 2368 -17.35 34.50 24.45
N LYS E 2369 -16.64 34.38 25.57
CA LYS E 2369 -15.96 33.14 25.98
C LYS E 2369 -16.90 31.94 25.90
N SER E 2370 -18.16 32.15 26.25
CA SER E 2370 -19.20 31.13 26.23
C SER E 2370 -20.11 31.19 24.99
N PHE E 2371 -20.17 32.30 24.26
CA PHE E 2371 -21.04 32.46 23.09
C PHE E 2371 -20.42 33.32 21.99
N PRO E 2372 -19.83 32.74 20.94
CA PRO E 2372 -19.12 33.50 19.91
C PRO E 2372 -19.94 34.50 19.06
N PRO E 2373 -21.21 34.26 18.67
CA PRO E 2373 -21.87 35.07 17.64
C PRO E 2373 -21.99 36.57 17.93
N LEU E 2374 -22.24 37.00 19.17
CA LEU E 2374 -22.36 38.42 19.49
C LEU E 2374 -21.06 39.20 19.21
N ALA E 2375 -19.89 38.57 19.25
CA ALA E 2375 -18.64 39.22 18.89
C ALA E 2375 -18.63 39.73 17.44
N ASP E 2376 -19.37 39.10 16.52
CA ASP E 2376 -19.39 39.52 15.12
C ASP E 2376 -20.00 40.91 14.92
N ARG E 2377 -20.80 41.41 15.87
CA ARG E 2377 -21.22 42.82 15.91
C ARG E 2377 -20.07 43.73 16.30
N PHE E 2378 -19.38 43.42 17.38
CA PHE E 2378 -18.43 44.33 18.05
C PHE E 2378 -16.98 44.17 17.60
N MET E 2379 -16.68 43.33 16.62
CA MET E 2379 -15.29 43.09 16.22
C MET E 2379 -14.55 44.35 15.74
N ASN E 2380 -15.22 45.33 15.15
CA ASN E 2380 -14.60 46.63 14.84
C ASN E 2380 -14.17 47.38 16.11
N ALA E 2381 -14.97 47.36 17.16
CA ALA E 2381 -14.62 48.02 18.41
C ALA E 2381 -13.41 47.34 19.04
N VAL E 2382 -13.40 46.01 19.07
CA VAL E 2382 -12.28 45.25 19.65
C VAL E 2382 -10.99 45.56 18.89
N PHE E 2383 -10.99 45.51 17.57
CA PHE E 2383 -9.82 45.92 16.81
C PHE E 2383 -9.48 47.39 17.01
N PHE E 2384 -10.44 48.31 17.15
CA PHE E 2384 -10.11 49.72 17.35
C PHE E 2384 -9.47 49.98 18.71
N LEU E 2385 -9.92 49.31 19.75
CA LEU E 2385 -9.40 49.47 21.11
C LEU E 2385 -8.13 48.67 21.40
N LEU E 2386 -7.82 47.65 20.60
CA LEU E 2386 -6.69 46.76 20.86
C LEU E 2386 -5.32 47.45 21.14
N PRO E 2387 -4.92 48.55 20.50
CA PRO E 2387 -3.65 49.19 20.82
C PRO E 2387 -3.72 50.15 22.03
N LYS E 2388 -4.91 50.47 22.52
CA LYS E 2388 -5.10 51.42 23.62
C LYS E 2388 -4.93 50.77 24.98
N PHE E 2389 -5.27 49.49 25.13
CA PHE E 2389 -5.02 48.73 26.36
C PHE E 2389 -3.56 48.30 26.51
N HIS E 2390 -3.21 47.90 27.73
CA HIS E 2390 -1.97 47.25 28.13
C HIS E 2390 -2.26 46.26 29.26
N GLY E 2391 -1.32 45.38 29.57
CA GLY E 2391 -1.48 44.43 30.66
C GLY E 2391 -2.61 43.43 30.42
N VAL E 2392 -3.32 43.02 31.47
CA VAL E 2392 -4.28 41.92 31.39
C VAL E 2392 -5.38 42.18 30.37
N LEU E 2393 -5.88 43.40 30.24
CA LEU E 2393 -6.93 43.75 29.28
C LEU E 2393 -6.52 43.44 27.83
N LYS E 2394 -5.24 43.56 27.49
CA LYS E 2394 -4.72 43.22 26.17
C LYS E 2394 -4.98 41.75 25.86
N THR E 2395 -4.78 40.86 26.82
CA THR E 2395 -5.09 39.43 26.63
C THR E 2395 -6.58 39.22 26.49
N LEU E 2396 -7.41 39.84 27.34
CA LEU E 2396 -8.86 39.68 27.26
C LEU E 2396 -9.40 40.20 25.93
N CYS E 2397 -8.76 41.21 25.36
CA CYS E 2397 -9.09 41.76 24.07
C CYS E 2397 -8.71 40.80 22.94
N LEU E 2398 -7.46 40.32 22.88
CA LEU E 2398 -7.01 39.33 21.90
C LEU E 2398 -7.81 38.03 21.98
N GLU E 2399 -8.20 37.61 23.17
CA GLU E 2399 -8.98 36.39 23.35
C GLU E 2399 -10.33 36.44 22.65
N VAL E 2400 -10.94 37.61 22.48
CA VAL E 2400 -12.15 37.72 21.65
C VAL E 2400 -11.84 37.49 20.17
N VAL E 2401 -10.68 37.91 19.66
CA VAL E 2401 -10.19 37.50 18.34
C VAL E 2401 -10.07 35.99 18.27
N LEU E 2402 -9.50 35.35 19.27
CA LEU E 2402 -9.36 33.90 19.29
C LEU E 2402 -10.73 33.20 19.30
N CYS E 2403 -11.74 33.75 19.96
CA CYS E 2403 -13.09 33.21 19.92
C CYS E 2403 -13.74 33.28 18.53
N ARG E 2404 -13.13 33.93 17.52
CA ARG E 2404 -13.80 34.25 16.25
C ARG E 2404 -12.93 34.34 14.98
N VAL E 2405 -11.64 34.08 15.10
CA VAL E 2405 -10.62 34.22 14.05
C VAL E 2405 -10.86 33.40 12.80
N GLU E 2406 -11.60 32.30 12.87
CA GLU E 2406 -11.97 31.50 11.70
C GLU E 2406 -13.12 32.11 10.88
N GLY E 2407 -13.79 33.14 11.37
CA GLY E 2407 -14.80 33.89 10.63
C GLY E 2407 -14.20 34.92 9.65
N MET E 2408 -13.46 35.90 10.17
CA MET E 2408 -13.05 37.11 9.44
C MET E 2408 -12.33 36.84 8.11
N THR E 2409 -12.53 37.77 7.17
CA THR E 2409 -11.67 38.02 6.02
C THR E 2409 -10.78 39.25 6.25
N GLU E 2410 -9.74 39.42 5.43
CA GLU E 2410 -8.73 40.50 5.55
C GLU E 2410 -8.02 40.53 6.92
N LEU E 2411 -8.13 39.46 7.72
CA LEU E 2411 -7.67 39.49 9.11
C LEU E 2411 -6.18 39.73 9.22
N TYR E 2412 -5.38 39.31 8.25
CA TYR E 2412 -3.97 39.64 8.29
C TYR E 2412 -3.74 41.13 8.21
N PHE E 2413 -4.37 41.88 7.29
CA PHE E 2413 -4.20 43.34 7.27
C PHE E 2413 -4.73 43.98 8.54
N GLN E 2414 -5.89 43.53 9.01
CA GLN E 2414 -6.47 44.02 10.24
C GLN E 2414 -5.56 43.76 11.44
N LEU E 2415 -4.92 42.61 11.50
CA LEU E 2415 -4.06 42.21 12.60
C LEU E 2415 -2.67 42.82 12.47
N LYS E 2416 -2.09 42.92 11.28
CA LYS E 2416 -0.86 43.69 10.99
C LYS E 2416 -1.02 45.19 11.22
N SER E 2417 -2.25 45.71 11.24
CA SER E 2417 -2.48 47.14 11.45
C SER E 2417 -2.17 47.58 12.86
N LYS E 2418 -2.53 46.76 13.82
CA LYS E 2418 -2.01 46.84 15.18
C LYS E 2418 -0.66 46.16 15.12
N ASP E 2419 0.30 46.49 15.98
CA ASP E 2419 1.69 46.04 15.78
C ASP E 2419 1.87 44.57 16.17
N PHE E 2420 1.06 43.66 15.64
CA PHE E 2420 0.85 42.33 16.17
C PHE E 2420 2.13 41.52 16.27
N VAL E 2421 3.03 41.64 15.30
CA VAL E 2421 4.35 41.02 15.40
C VAL E 2421 5.17 41.52 16.59
N GLN E 2422 5.02 42.77 17.01
CA GLN E 2422 5.58 43.24 18.26
C GLN E 2422 4.74 42.79 19.46
N VAL E 2423 3.41 42.74 19.36
CA VAL E 2423 2.53 42.14 20.40
C VAL E 2423 2.89 40.69 20.69
N MET E 2424 3.40 39.98 19.70
CA MET E 2424 3.85 38.61 19.80
C MET E 2424 5.16 38.44 20.56
N ARG E 2425 5.85 39.51 20.93
CA ARG E 2425 7.17 39.48 21.59
C ARG E 2425 7.17 39.99 23.03
N HIS E 2426 6.03 40.43 23.59
CA HIS E 2426 5.95 40.81 24.99
C HIS E 2426 6.13 39.52 25.85
N ARG E 2427 7.13 39.22 26.58
CA ARG E 2427 7.23 38.14 27.51
C ARG E 2427 6.15 38.26 28.59
N ASP E 2428 5.11 37.47 28.42
CA ASP E 2428 3.88 37.44 29.18
C ASP E 2428 3.18 36.15 28.76
N ASP E 2429 3.29 35.08 29.55
CA ASP E 2429 3.03 33.72 29.08
C ASP E 2429 1.61 33.53 28.61
N GLU E 2430 0.63 34.14 29.27
CA GLU E 2430 -0.78 34.07 28.89
C GLU E 2430 -1.00 34.65 27.49
N ARG E 2431 -0.45 35.84 27.24
CA ARG E 2431 -0.65 36.54 25.98
C ARG E 2431 -0.03 35.76 24.86
N GLN E 2432 1.23 35.34 25.01
CA GLN E 2432 1.94 34.65 23.95
C GLN E 2432 1.27 33.34 23.57
N LYS E 2433 0.69 32.60 24.51
CA LYS E 2433 -0.09 31.40 24.18
C LYS E 2433 -1.28 31.74 23.31
N VAL E 2434 -2.18 32.64 23.70
CA VAL E 2434 -3.35 32.96 22.84
C VAL E 2434 -2.94 33.62 21.54
N CYS E 2435 -1.87 34.39 21.55
CA CYS E 2435 -1.35 35.06 20.37
C CYS E 2435 -0.86 34.06 19.32
N LEU E 2436 -0.10 33.05 19.70
CA LEU E 2436 0.23 31.90 18.84
C LEU E 2436 -1.02 31.08 18.45
N ASP E 2437 -2.10 31.14 19.22
CA ASP E 2437 -3.34 30.44 18.91
C ASP E 2437 -4.15 31.17 17.81
N ILE E 2438 -4.10 32.51 17.76
CA ILE E 2438 -4.56 33.26 16.60
C ILE E 2438 -3.82 32.79 15.36
N ILE E 2439 -2.48 32.72 15.42
CA ILE E 2439 -1.65 32.25 14.31
C ILE E 2439 -2.18 30.92 13.84
N TYR E 2440 -2.37 29.93 14.71
CA TYR E 2440 -2.76 28.60 14.29
C TYR E 2440 -4.13 28.51 13.63
N LYS E 2441 -5.10 29.35 13.99
CA LYS E 2441 -6.43 29.33 13.35
C LYS E 2441 -6.47 30.09 12.03
N MET E 2442 -5.80 31.23 11.89
CA MET E 2442 -5.76 31.93 10.58
C MET E 2442 -4.84 31.22 9.59
N MET E 2443 -4.06 30.25 10.06
CA MET E 2443 -3.05 29.54 9.30
C MET E 2443 -3.48 29.05 7.91
N PRO E 2444 -4.63 28.39 7.71
CA PRO E 2444 -4.98 27.82 6.41
C PRO E 2444 -5.26 28.83 5.30
N LYS E 2445 -5.56 30.09 5.65
CA LYS E 2445 -6.05 31.13 4.72
C LYS E 2445 -4.98 32.12 4.26
N LEU E 2446 -3.77 32.10 4.78
CA LEU E 2446 -2.71 33.00 4.34
C LEU E 2446 -2.16 32.61 2.97
N LYS E 2447 -1.73 33.58 2.19
CA LYS E 2447 -0.82 33.43 1.06
C LYS E 2447 0.63 33.35 1.54
N PRO E 2448 1.57 32.77 0.77
CA PRO E 2448 2.95 32.63 1.20
C PRO E 2448 3.64 33.96 1.49
N VAL E 2449 3.20 35.05 0.89
CA VAL E 2449 3.80 36.36 1.11
C VAL E 2449 3.70 36.78 2.57
N GLU E 2450 2.50 36.88 3.14
CA GLU E 2450 2.37 37.26 4.54
C GLU E 2450 2.90 36.20 5.50
N LEU E 2451 2.76 34.91 5.19
CA LEU E 2451 3.21 33.87 6.09
C LEU E 2451 4.72 33.94 6.33
N ARG E 2452 5.50 34.25 5.30
CA ARG E 2452 6.95 34.43 5.44
C ARG E 2452 7.27 35.52 6.44
N GLU E 2453 6.59 36.65 6.34
CA GLU E 2453 6.74 37.76 7.25
C GLU E 2453 6.36 37.33 8.68
N LEU E 2454 5.21 36.68 8.82
CA LEU E 2454 4.63 36.26 10.09
C LEU E 2454 5.40 35.12 10.76
N LEU E 2455 6.03 34.25 9.99
CA LEU E 2455 6.76 33.09 10.49
C LEU E 2455 8.11 33.46 11.08
N ASN E 2456 8.82 34.45 10.54
CA ASN E 2456 10.11 34.88 11.07
C ASN E 2456 10.12 35.16 12.58
N PRO E 2457 9.13 35.82 13.19
CA PRO E 2457 9.04 35.96 14.63
C PRO E 2457 8.50 34.71 15.36
N VAL E 2458 7.72 33.84 14.72
CA VAL E 2458 7.33 32.56 15.35
C VAL E 2458 8.52 31.65 15.52
N VAL E 2459 9.38 31.54 14.52
CA VAL E 2459 10.65 30.81 14.57
C VAL E 2459 11.58 31.30 15.67
N GLU E 2460 11.38 32.51 16.20
CA GLU E 2460 12.21 33.01 17.30
C GLU E 2460 11.91 32.30 18.62
N PHE E 2461 10.74 31.68 18.78
CA PHE E 2461 10.31 31.10 20.06
C PHE E 2461 11.01 29.78 20.44
N VAL E 2462 11.94 29.25 19.63
CA VAL E 2462 12.50 27.91 19.85
C VAL E 2462 13.28 27.79 21.16
N SER E 2463 13.77 28.90 21.69
CA SER E 2463 14.41 29.03 22.99
C SER E 2463 13.46 29.43 24.13
N HIS E 2464 12.18 29.66 23.87
CA HIS E 2464 11.25 30.23 24.84
C HIS E 2464 11.06 29.29 26.03
N PRO E 2465 11.10 29.76 27.29
CA PRO E 2465 11.09 28.88 28.45
C PRO E 2465 9.77 28.16 28.70
N SER E 2466 8.62 28.65 28.26
CA SER E 2466 7.34 28.01 28.62
C SER E 2466 7.06 26.79 27.76
N THR E 2467 7.01 25.62 28.38
CA THR E 2467 6.78 24.34 27.71
C THR E 2467 5.44 24.28 26.99
N THR E 2468 4.41 24.93 27.53
CA THR E 2468 3.08 25.05 26.91
C THR E 2468 3.10 25.98 25.70
N CYS E 2469 3.80 27.11 25.81
CA CYS E 2469 3.97 28.03 24.70
C CYS E 2469 4.78 27.40 23.58
N ARG E 2470 5.86 26.68 23.87
CA ARG E 2470 6.67 26.07 22.81
C ARG E 2470 5.95 24.95 22.08
N GLU E 2471 5.12 24.18 22.77
CA GLU E 2471 4.31 23.13 22.14
C GLU E 2471 3.40 23.70 21.05
N GLN E 2472 2.74 24.82 21.28
CA GLN E 2472 1.85 25.41 20.28
C GLN E 2472 2.65 25.86 19.06
N MET E 2473 3.83 26.41 19.25
CA MET E 2473 4.72 26.80 18.16
C MET E 2473 5.16 25.60 17.35
N TYR E 2474 5.47 24.45 17.98
CA TYR E 2474 5.70 23.24 17.21
C TYR E 2474 4.45 22.77 16.47
N ASN E 2475 3.24 22.93 17.01
CA ASN E 2475 2.03 22.61 16.25
C ASN E 2475 1.88 23.50 15.00
N ILE E 2476 2.24 24.78 15.06
CA ILE E 2476 2.34 25.62 13.86
C ILE E 2476 3.32 24.98 12.89
N LEU E 2477 4.55 24.75 13.32
CA LEU E 2477 5.62 24.34 12.42
C LEU E 2477 5.33 22.96 11.83
N MET E 2478 4.76 22.05 12.60
CA MET E 2478 4.28 20.78 12.10
C MET E 2478 3.23 20.99 11.02
N TRP E 2479 2.33 21.96 11.08
CA TRP E 2479 1.37 22.17 9.97
C TRP E 2479 2.03 22.72 8.71
N ILE E 2480 2.95 23.68 8.84
CA ILE E 2480 3.64 24.32 7.71
C ILE E 2480 4.33 23.29 6.85
N HIS E 2481 5.11 22.39 7.47
CA HIS E 2481 5.83 21.33 6.77
C HIS E 2481 4.86 20.53 5.91
N ASP E 2482 3.79 20.02 6.52
CA ASP E 2482 2.87 19.11 5.89
C ASP E 2482 2.20 19.73 4.65
N ASN E 2483 1.79 20.99 4.71
CA ASN E 2483 1.03 21.63 3.64
C ASN E 2483 1.87 22.38 2.61
N TYR E 2484 3.14 22.72 2.89
CA TYR E 2484 4.02 23.41 1.94
C TYR E 2484 5.12 22.52 1.36
N ARG E 2485 5.25 21.27 1.80
CA ARG E 2485 6.02 20.23 1.10
C ARG E 2485 5.52 20.03 -0.33
N ASP E 2486 6.42 20.09 -1.30
CA ASP E 2486 6.17 19.86 -2.75
C ASP E 2486 4.84 20.44 -3.28
N PRO E 2487 4.74 21.77 -3.44
CA PRO E 2487 3.69 22.39 -4.24
C PRO E 2487 3.77 21.95 -5.72
N GLU E 2488 2.66 22.13 -6.46
CA GLU E 2488 2.57 21.84 -7.90
C GLU E 2488 3.57 22.66 -8.76
N SER E 2489 4.02 23.81 -8.27
CA SER E 2489 5.19 24.50 -8.79
C SER E 2489 6.16 24.84 -7.67
N GLU E 2490 7.39 24.33 -7.78
CA GLU E 2490 8.51 24.58 -6.86
C GLU E 2490 9.02 26.04 -6.87
N THR E 2491 8.57 26.85 -7.82
CA THR E 2491 9.29 27.99 -8.41
C THR E 2491 9.39 29.29 -7.60
N ASP E 2492 8.55 29.54 -6.60
CA ASP E 2492 8.49 30.85 -5.93
C ASP E 2492 9.25 30.88 -4.60
N ASN E 2493 10.17 31.82 -4.47
CA ASN E 2493 11.04 31.95 -3.30
C ASN E 2493 10.27 32.06 -1.98
N ASP E 2494 9.12 32.74 -1.95
CA ASP E 2494 8.30 32.82 -0.75
C ASP E 2494 7.75 31.47 -0.29
N SER E 2495 7.24 30.61 -1.17
CA SER E 2495 6.78 29.30 -0.73
C SER E 2495 7.94 28.37 -0.38
N GLN E 2496 9.05 28.46 -1.09
CA GLN E 2496 10.18 27.56 -0.89
C GLN E 2496 11.02 27.91 0.35
N GLU E 2497 11.18 29.19 0.67
CA GLU E 2497 11.86 29.62 1.88
C GLU E 2497 11.11 29.16 3.13
N ILE E 2498 9.78 29.23 3.09
CA ILE E 2498 8.93 28.80 4.19
C ILE E 2498 9.13 27.31 4.45
N PHE E 2499 9.19 26.47 3.42
CA PHE E 2499 9.43 25.05 3.66
C PHE E 2499 10.81 24.80 4.26
N LYS E 2500 11.87 25.40 3.70
CA LYS E 2500 13.21 25.28 4.26
C LYS E 2500 13.23 25.70 5.72
N LEU E 2501 12.75 26.90 6.03
CA LEU E 2501 12.83 27.45 7.37
C LEU E 2501 11.96 26.69 8.38
N ALA E 2502 10.81 26.17 7.97
CA ALA E 2502 10.00 25.34 8.85
C ALA E 2502 10.65 24.00 9.14
N LYS E 2503 11.23 23.37 8.11
CA LYS E 2503 11.97 22.12 8.28
C LYS E 2503 13.17 22.32 9.20
N ASP E 2504 13.97 23.33 8.98
CA ASP E 2504 15.21 23.57 9.72
C ASP E 2504 15.00 23.74 11.23
N VAL E 2505 13.84 24.22 11.68
CA VAL E 2505 13.51 24.31 13.11
C VAL E 2505 12.76 23.08 13.63
N LEU E 2506 12.03 22.35 12.78
CA LEU E 2506 11.58 21.01 13.14
C LEU E 2506 12.76 20.06 13.38
N ILE E 2507 13.90 20.26 12.73
CA ILE E 2507 15.13 19.58 13.08
C ILE E 2507 15.55 19.96 14.51
N GLN E 2508 15.71 21.24 14.84
CA GLN E 2508 16.19 21.61 16.18
C GLN E 2508 15.23 21.19 17.29
N GLY E 2509 13.93 21.09 17.04
CA GLY E 2509 12.99 20.59 18.02
C GLY E 2509 13.27 19.16 18.43
N LEU E 2510 14.05 18.45 17.64
CA LEU E 2510 14.51 17.11 17.89
C LEU E 2510 15.67 17.03 18.90
N ILE E 2511 16.12 18.11 19.52
CA ILE E 2511 16.97 18.06 20.71
C ILE E 2511 16.34 18.80 21.87
N ASP E 2512 15.03 19.05 21.84
CA ASP E 2512 14.43 19.97 22.78
C ASP E 2512 14.45 19.48 24.23
N GLU E 2513 14.60 20.42 25.15
CA GLU E 2513 15.00 20.19 26.53
C GLU E 2513 13.99 19.35 27.31
N ASN E 2514 12.71 19.57 27.11
CA ASN E 2514 11.64 18.82 27.76
C ASN E 2514 11.47 17.45 27.09
N PRO E 2515 11.62 16.31 27.79
CA PRO E 2515 11.48 14.99 27.21
C PRO E 2515 10.12 14.75 26.55
N GLY E 2516 9.06 15.44 26.97
CA GLY E 2516 7.76 15.36 26.32
C GLY E 2516 7.77 15.95 24.91
N LEU E 2517 8.35 17.13 24.70
CA LEU E 2517 8.46 17.72 23.36
C LEU E 2517 9.52 17.01 22.53
N GLN E 2518 10.65 16.61 23.12
CA GLN E 2518 11.62 15.74 22.48
C GLN E 2518 10.92 14.51 21.93
N LEU E 2519 9.96 13.91 22.62
CA LEU E 2519 9.25 12.74 22.12
C LEU E 2519 8.27 13.05 20.99
N ILE E 2520 7.48 14.12 21.08
CA ILE E 2520 6.50 14.44 20.02
C ILE E 2520 7.17 14.70 18.68
N ILE E 2521 8.26 15.44 18.63
CA ILE E 2521 8.95 15.68 17.36
C ILE E 2521 9.61 14.41 16.82
N ARG E 2522 10.15 13.53 17.68
CA ARG E 2522 10.63 12.20 17.25
C ARG E 2522 9.48 11.41 16.62
N ASN E 2523 8.35 11.36 17.29
CA ASN E 2523 7.19 10.64 16.81
C ASN E 2523 6.61 11.28 15.54
N PHE E 2524 6.76 12.58 15.33
CA PHE E 2524 6.40 13.26 14.09
C PHE E 2524 7.24 12.77 12.92
N TRP E 2525 8.57 12.81 13.02
CA TRP E 2525 9.42 12.37 11.91
C TRP E 2525 9.34 10.86 11.66
N SER E 2526 9.09 10.05 12.69
CA SER E 2526 9.01 8.61 12.54
C SER E 2526 7.84 8.14 11.67
N HIS E 2527 6.80 8.96 11.50
CA HIS E 2527 5.60 8.60 10.74
C HIS E 2527 5.90 8.29 9.27
N GLU E 2528 5.37 7.18 8.77
CA GLU E 2528 5.70 6.62 7.46
C GLU E 2528 5.39 7.52 6.25
N THR E 2529 4.68 8.63 6.42
CA THR E 2529 4.58 9.65 5.36
C THR E 2529 5.63 10.74 5.43
N ARG E 2530 6.14 11.14 6.60
CA ARG E 2530 7.19 12.18 6.71
C ARG E 2530 8.54 11.64 6.31
N LEU E 2531 8.80 10.39 6.66
CA LEU E 2531 10.11 9.77 6.53
C LEU E 2531 9.90 8.28 6.23
N PRO E 2532 10.34 7.79 5.04
CA PRO E 2532 9.92 6.51 4.43
C PRO E 2532 10.07 5.26 5.28
N SER E 2533 9.40 4.19 4.87
CA SER E 2533 9.28 2.93 5.63
C SER E 2533 10.23 1.82 5.17
N ASN E 2534 10.57 1.73 3.88
CA ASN E 2534 11.54 0.75 3.41
C ASN E 2534 12.97 1.16 3.81
N THR E 2535 13.84 0.20 4.14
CA THR E 2535 15.07 0.51 4.88
C THR E 2535 16.07 1.33 4.08
N LEU E 2536 16.24 1.05 2.79
CA LEU E 2536 17.13 1.84 1.94
C LEU E 2536 16.68 3.30 1.89
N ASP E 2537 15.44 3.58 1.55
CA ASP E 2537 15.01 4.96 1.40
C ASP E 2537 14.95 5.68 2.75
N ARG E 2538 14.72 4.95 3.84
CA ARG E 2538 14.89 5.49 5.18
C ARG E 2538 16.34 5.89 5.44
N LEU E 2539 17.29 4.99 5.20
CA LEU E 2539 18.71 5.25 5.36
C LEU E 2539 19.14 6.43 4.49
N LEU E 2540 18.71 6.50 3.23
CA LEU E 2540 18.97 7.63 2.34
C LEU E 2540 18.31 8.91 2.82
N ALA E 2541 17.07 8.87 3.30
CA ALA E 2541 16.34 10.05 3.72
C ALA E 2541 16.89 10.67 5.00
N LEU E 2542 17.43 9.89 5.94
CA LEU E 2542 17.93 10.40 7.21
C LEU E 2542 19.05 11.42 7.05
N ASN E 2543 19.83 11.36 5.97
CA ASN E 2543 20.81 12.38 5.66
C ASN E 2543 20.23 13.79 5.49
N SER E 2544 18.94 13.90 5.20
CA SER E 2544 18.25 15.19 5.14
C SER E 2544 17.88 15.72 6.52
N LEU E 2545 17.74 14.86 7.55
CA LEU E 2545 17.51 15.27 8.93
C LEU E 2545 18.79 15.74 9.64
N TYR E 2546 19.51 16.67 9.05
CA TYR E 2546 20.68 17.26 9.70
C TYR E 2546 20.83 18.73 9.39
N SER E 2547 21.17 19.48 10.44
CA SER E 2547 21.89 20.73 10.32
C SER E 2547 22.83 20.79 11.53
N PRO E 2548 24.00 21.44 11.44
CA PRO E 2548 25.06 21.31 12.44
C PRO E 2548 24.67 21.57 13.88
N LYS E 2549 23.64 22.38 14.14
CA LYS E 2549 23.16 22.62 15.49
C LYS E 2549 22.65 21.36 16.20
N ILE E 2550 22.42 20.27 15.46
CA ILE E 2550 22.06 18.95 15.99
C ILE E 2550 23.25 17.97 16.12
N GLU E 2551 24.43 18.30 15.64
CA GLU E 2551 25.48 17.31 15.35
C GLU E 2551 25.90 16.43 16.52
N VAL E 2552 26.07 16.99 17.72
CA VAL E 2552 26.44 16.23 18.92
C VAL E 2552 25.47 15.10 19.20
N HIS E 2553 24.19 15.23 18.86
CA HIS E 2553 23.18 14.17 18.98
C HIS E 2553 22.94 13.29 17.76
N PHE E 2554 23.35 13.67 16.56
CA PHE E 2554 22.83 13.10 15.31
C PHE E 2554 22.92 11.57 15.21
N LEU E 2555 24.07 10.98 15.53
CA LEU E 2555 24.30 9.53 15.37
C LEU E 2555 23.31 8.70 16.17
N SER E 2556 22.98 9.16 17.37
CA SER E 2556 22.00 8.50 18.21
C SER E 2556 20.58 8.67 17.69
N LEU E 2557 20.27 9.74 16.96
CA LEU E 2557 18.95 9.93 16.37
C LEU E 2557 18.82 9.08 15.11
N ALA E 2558 19.79 9.08 14.21
CA ALA E 2558 19.73 8.27 13.01
C ALA E 2558 19.54 6.79 13.35
N THR E 2559 20.32 6.28 14.29
CA THR E 2559 20.12 4.91 14.79
C THR E 2559 18.81 4.75 15.52
N ASN E 2560 18.33 5.71 16.29
CA ASN E 2560 17.00 5.60 16.85
C ASN E 2560 15.93 5.61 15.78
N PHE E 2561 16.08 6.20 14.60
CA PHE E 2561 15.08 6.09 13.54
C PHE E 2561 15.18 4.77 12.77
N LEU E 2562 16.33 4.15 12.63
CA LEU E 2562 16.46 2.87 11.92
C LEU E 2562 15.99 1.69 12.77
N LEU E 2563 16.51 1.51 13.99
CA LEU E 2563 16.12 0.37 14.81
C LEU E 2563 14.64 0.42 15.20
N GLU E 2564 14.06 1.60 15.44
CA GLU E 2564 12.64 1.67 15.77
C GLU E 2564 11.75 1.36 14.57
N MET E 2565 12.26 1.32 13.35
CA MET E 2565 11.52 0.70 12.25
C MET E 2565 11.32 -0.78 12.49
N THR E 2566 12.22 -1.43 13.21
CA THR E 2566 11.99 -2.81 13.65
C THR E 2566 10.92 -2.91 14.73
N SER E 2567 10.48 -1.85 15.43
CA SER E 2567 9.47 -2.03 16.51
C SER E 2567 8.18 -2.73 16.03
N MET E 2568 7.95 -2.76 14.72
CA MET E 2568 6.80 -3.32 14.04
C MET E 2568 7.10 -4.65 13.32
N SER E 2569 8.33 -5.15 13.34
CA SER E 2569 8.78 -6.30 12.53
C SER E 2569 8.24 -7.64 13.03
N PRO E 2570 7.97 -8.64 12.15
CA PRO E 2570 7.41 -9.93 12.57
C PRO E 2570 8.27 -10.74 13.53
N ASP E 2571 9.59 -10.53 13.54
CA ASP E 2571 10.50 -11.19 14.48
C ASP E 2571 10.67 -10.48 15.81
N TYR E 2572 10.30 -9.21 15.95
CA TYR E 2572 10.53 -8.46 17.17
C TYR E 2572 10.08 -9.19 18.47
N PRO E 2573 8.96 -9.95 18.50
CA PRO E 2573 8.53 -10.71 19.66
C PRO E 2573 8.89 -12.21 19.63
N ASN E 2574 9.58 -12.72 18.60
CA ASN E 2574 10.07 -14.10 18.59
C ASN E 2574 11.28 -14.28 19.52
N PRO E 2575 11.52 -15.49 20.06
CA PRO E 2575 12.73 -15.83 20.78
C PRO E 2575 13.92 -15.95 19.82
N MET E 2576 15.13 -15.58 20.23
CA MET E 2576 16.35 -15.73 19.41
C MET E 2576 16.77 -17.20 19.22
N PHE E 2577 16.54 -18.04 20.21
CA PHE E 2577 16.83 -19.48 20.17
C PHE E 2577 15.59 -20.26 20.62
N GLU E 2578 15.32 -21.41 20.00
CA GLU E 2578 14.03 -22.12 20.15
C GLU E 2578 13.92 -23.05 21.37
N HIS E 2579 15.04 -23.58 21.88
CA HIS E 2579 15.08 -24.58 22.96
C HIS E 2579 15.91 -24.10 24.17
N PRO E 2580 15.54 -24.49 25.40
CA PRO E 2580 16.31 -24.17 26.61
C PRO E 2580 17.71 -24.79 26.54
N LEU E 2581 18.68 -24.37 27.36
CA LEU E 2581 19.95 -25.10 27.34
C LEU E 2581 19.80 -26.60 27.61
N SER E 2582 18.86 -26.99 28.50
CA SER E 2582 18.48 -28.37 28.80
C SER E 2582 17.11 -28.41 29.49
N GLU E 2583 16.73 -29.51 30.15
CA GLU E 2583 15.60 -29.51 31.10
C GLU E 2583 15.92 -28.66 32.33
N CYS E 2584 15.19 -27.55 32.48
CA CYS E 2584 15.25 -26.63 33.60
C CYS E 2584 13.95 -25.81 33.63
N GLU E 2585 13.71 -25.08 34.72
CA GLU E 2585 12.49 -24.31 34.94
C GLU E 2585 12.81 -22.89 35.40
N PHE E 2586 11.96 -21.93 35.04
CA PHE E 2586 12.22 -20.48 35.19
C PHE E 2586 11.12 -19.77 35.98
N GLN E 2587 11.44 -18.56 36.45
CA GLN E 2587 10.61 -17.69 37.30
C GLN E 2587 10.68 -16.20 36.90
N GLU E 2588 9.76 -15.40 37.44
CA GLU E 2588 9.86 -13.93 37.42
C GLU E 2588 10.78 -13.40 38.52
N TYR E 2589 11.09 -12.10 38.49
CA TYR E 2589 12.08 -11.45 39.37
C TYR E 2589 11.81 -9.94 39.48
N THR E 2590 12.45 -9.29 40.46
CA THR E 2590 12.36 -7.84 40.61
C THR E 2590 13.66 -7.26 41.17
N ILE E 2591 13.97 -6.03 40.81
CA ILE E 2591 15.19 -5.32 41.18
C ILE E 2591 14.82 -4.04 41.90
N ASP E 2592 15.55 -3.70 42.97
CA ASP E 2592 15.20 -2.64 43.93
C ASP E 2592 15.05 -1.26 43.26
N SER E 2593 16.10 -0.77 42.60
CA SER E 2593 16.06 0.30 41.56
C SER E 2593 15.44 1.66 41.96
N ASP E 2594 15.55 2.09 43.21
CA ASP E 2594 14.77 3.24 43.72
C ASP E 2594 15.60 4.39 44.32
N TRP E 2595 16.35 4.13 45.38
CA TRP E 2595 16.91 5.16 46.30
C TRP E 2595 18.37 4.91 46.69
N ARG E 2596 18.97 3.83 46.16
CA ARG E 2596 20.07 3.12 46.80
C ARG E 2596 21.28 2.84 45.91
N PHE E 2597 22.45 3.09 46.48
CA PHE E 2597 23.73 2.48 46.15
C PHE E 2597 24.18 1.68 47.40
N ARG E 2598 24.83 0.53 47.26
CA ARG E 2598 25.07 -0.42 48.38
C ARG E 2598 25.75 0.20 49.61
N SER E 2599 26.64 1.17 49.41
CA SER E 2599 27.56 1.64 50.45
C SER E 2599 26.96 2.79 51.29
N THR E 2600 25.79 2.60 51.87
CA THR E 2600 25.04 3.73 52.50
C THR E 2600 24.28 3.41 53.80
N VAL E 2601 24.29 2.16 54.31
CA VAL E 2601 23.60 1.76 55.55
C VAL E 2601 24.47 0.87 56.45
N LEU E 2602 24.46 1.11 57.77
CA LEU E 2602 25.44 0.54 58.71
C LEU E 2602 25.18 -0.94 59.05
N THR E 2603 26.23 -1.68 59.44
CA THR E 2603 26.28 -3.16 59.40
C THR E 2603 25.30 -3.86 60.37
N PRO E 2604 25.33 -3.61 61.69
CA PRO E 2604 24.59 -4.47 62.63
C PRO E 2604 23.09 -4.12 62.75
N MET E 2605 22.65 -2.98 62.20
CA MET E 2605 21.25 -2.55 62.26
C MET E 2605 20.32 -3.53 61.54
N GLY E 2721 -20.45 10.78 41.74
CA GLY E 2721 -20.29 10.83 43.19
C GLY E 2721 -21.58 10.60 43.98
N ARG E 2722 -22.69 10.29 43.30
CA ARG E 2722 -24.08 10.26 43.82
C ARG E 2722 -24.34 9.48 45.11
N THR E 2723 -23.57 8.45 45.42
CA THR E 2723 -23.63 7.68 46.69
C THR E 2723 -22.90 8.34 47.86
N ASP E 2724 -22.00 9.28 47.57
CA ASP E 2724 -20.93 9.74 48.48
C ASP E 2724 -21.22 11.12 49.08
N LEU E 2725 -22.42 11.64 48.82
CA LEU E 2725 -22.84 13.01 49.11
C LEU E 2725 -22.97 13.32 50.62
N LEU E 2726 -22.69 12.34 51.48
CA LEU E 2726 -22.30 12.57 52.87
C LEU E 2726 -21.13 13.58 52.97
N ARG E 2727 -20.24 13.63 51.98
CA ARG E 2727 -19.10 14.57 51.93
C ARG E 2727 -19.48 16.05 52.04
N LEU E 2728 -20.75 16.40 51.82
CA LEU E 2728 -21.29 17.75 52.02
C LEU E 2728 -21.65 18.08 53.48
N ARG E 2729 -21.61 17.10 54.40
CA ARG E 2729 -21.57 17.31 55.85
C ARG E 2729 -20.24 17.98 56.24
N ARG E 2730 -20.28 19.27 56.59
CA ARG E 2730 -19.09 20.03 57.03
C ARG E 2730 -19.50 21.21 57.91
N ARG E 2731 -18.56 21.71 58.72
CA ARG E 2731 -18.66 22.94 59.52
C ARG E 2731 -17.35 23.75 59.42
N PHE E 2732 -17.41 25.04 59.74
CA PHE E 2732 -16.34 26.01 59.47
C PHE E 2732 -16.02 26.84 60.71
N MET E 2733 -14.75 27.11 61.04
CA MET E 2733 -14.38 28.08 62.10
C MET E 2733 -15.13 29.43 61.96
N ARG E 2734 -15.34 30.15 63.08
CA ARG E 2734 -15.71 31.58 63.07
C ARG E 2734 -14.66 32.53 63.66
N ASP E 2735 -13.66 32.03 64.36
CA ASP E 2735 -12.43 32.79 64.57
C ASP E 2735 -11.60 32.77 63.29
N GLN E 2736 -11.67 33.87 62.53
CA GLN E 2736 -10.70 34.20 61.50
C GLN E 2736 -9.27 34.20 62.06
N GLU E 2737 -9.07 34.58 63.33
CA GLU E 2737 -7.76 34.49 63.97
C GLU E 2737 -7.27 33.04 64.06
N LYS E 2738 -8.02 32.12 64.67
CA LYS E 2738 -7.62 30.71 64.74
C LYS E 2738 -7.41 30.10 63.36
N LEU E 2739 -8.28 30.43 62.41
CA LEU E 2739 -8.14 29.98 61.03
C LEU E 2739 -6.83 30.50 60.40
N SER E 2740 -6.45 31.74 60.66
CA SER E 2740 -5.14 32.25 60.25
C SER E 2740 -3.98 31.53 60.94
N LEU E 2741 -4.10 31.13 62.21
CA LEU E 2741 -3.07 30.34 62.89
C LEU E 2741 -2.93 28.94 62.28
N MET E 2742 -4.05 28.31 61.89
CA MET E 2742 -4.04 27.05 61.14
C MET E 2742 -3.24 27.23 59.86
N TYR E 2743 -3.49 28.27 59.08
CA TYR E 2743 -2.72 28.52 57.85
C TYR E 2743 -1.28 28.97 58.11
N ALA E 2744 -0.97 29.62 59.22
CA ALA E 2744 0.42 29.87 59.60
C ALA E 2744 1.15 28.58 59.99
N ARG E 2745 0.54 27.69 60.78
CA ARG E 2745 1.11 26.39 61.18
C ARG E 2745 1.29 25.45 59.98
N LYS E 2746 0.29 25.38 59.10
CA LYS E 2746 0.41 24.70 57.80
C LYS E 2746 1.50 25.35 56.96
N GLY E 2747 1.54 26.67 56.88
CA GLY E 2747 2.52 27.42 56.12
C GLY E 2747 3.96 27.20 56.54
N VAL E 2748 4.27 27.12 57.84
CA VAL E 2748 5.64 26.82 58.27
C VAL E 2748 6.03 25.37 57.96
N ALA E 2749 5.14 24.40 58.22
CA ALA E 2749 5.40 23.00 57.90
C ALA E 2749 5.61 22.80 56.38
N GLU E 2750 4.78 23.45 55.56
CA GLU E 2750 4.93 23.54 54.10
C GLU E 2750 6.27 24.16 53.70
N GLN E 2751 6.71 25.23 54.37
CA GLN E 2751 7.98 25.88 54.03
C GLN E 2751 9.18 24.95 54.29
N LYS E 2752 9.15 24.16 55.37
CA LYS E 2752 10.16 23.12 55.61
C LYS E 2752 10.02 21.97 54.62
N ARG E 2753 8.80 21.51 54.35
CA ARG E 2753 8.47 20.41 53.42
C ARG E 2753 8.92 20.70 52.00
N GLU E 2754 8.71 21.93 51.52
CA GLU E 2754 9.24 22.49 50.27
C GLU E 2754 10.77 22.38 50.22
N LYS E 2755 11.48 22.82 51.26
CA LYS E 2755 12.95 22.81 51.28
C LYS E 2755 13.50 21.38 51.29
N GLU E 2756 13.00 20.53 52.18
CA GLU E 2756 13.49 19.16 52.26
C GLU E 2756 13.13 18.35 51.02
N ILE E 2757 11.93 18.48 50.44
CA ILE E 2757 11.60 17.75 49.22
C ILE E 2757 12.41 18.25 48.02
N LYS E 2758 12.73 19.54 47.93
CA LYS E 2758 13.71 20.03 46.94
C LYS E 2758 15.09 19.43 47.14
N SER E 2759 15.56 19.33 48.38
CA SER E 2759 16.86 18.70 48.69
C SER E 2759 16.87 17.20 48.37
N GLU E 2760 15.76 16.50 48.55
CA GLU E 2760 15.63 15.10 48.18
C GLU E 2760 15.55 14.93 46.66
N LEU E 2761 14.81 15.79 45.96
CA LEU E 2761 14.72 15.80 44.50
C LEU E 2761 16.05 16.15 43.82
N LYS E 2762 16.96 16.84 44.52
CA LYS E 2762 18.34 17.05 44.09
C LYS E 2762 19.12 15.73 44.11
N MET E 2763 19.06 15.00 45.22
CA MET E 2763 19.74 13.71 45.39
C MET E 2763 19.20 12.68 44.38
N LYS E 2764 17.88 12.52 44.31
CA LYS E 2764 17.24 11.50 43.48
C LYS E 2764 17.24 11.85 41.98
N GLN E 2765 17.35 13.12 41.58
CA GLN E 2765 17.56 13.49 40.16
C GLN E 2765 18.86 12.90 39.61
N ASP E 2766 19.97 12.95 40.35
CA ASP E 2766 21.23 12.35 39.89
C ASP E 2766 21.14 10.82 39.82
N ALA E 2767 20.32 10.17 40.66
CA ALA E 2767 20.36 8.73 40.92
C ALA E 2767 19.23 7.90 40.27
N GLN E 2768 18.17 8.52 39.74
CA GLN E 2768 17.04 7.83 39.11
C GLN E 2768 17.46 6.99 37.88
N VAL E 2769 16.89 5.79 37.74
CA VAL E 2769 17.16 4.84 36.65
C VAL E 2769 15.88 4.19 36.10
N VAL E 2770 16.00 3.48 34.97
CA VAL E 2770 14.96 2.59 34.44
C VAL E 2770 15.61 1.37 33.76
N LEU E 2771 14.97 0.20 33.82
CA LEU E 2771 15.41 -1.04 33.17
C LEU E 2771 14.64 -1.22 31.86
N TYR E 2772 15.34 -1.50 30.76
CA TYR E 2772 14.77 -1.64 29.42
C TYR E 2772 14.35 -3.06 29.04
N ARG E 2773 14.91 -4.11 29.67
CA ARG E 2773 14.40 -5.49 29.51
C ARG E 2773 13.96 -6.08 30.85
N SER E 2774 12.96 -6.97 30.80
CA SER E 2774 12.57 -7.83 31.94
C SER E 2774 13.46 -9.07 32.01
N TYR E 2775 13.60 -9.65 33.20
CA TYR E 2775 14.50 -10.78 33.46
C TYR E 2775 13.75 -11.96 34.08
N ARG E 2776 14.16 -13.19 33.72
CA ARG E 2776 13.78 -14.41 34.43
C ARG E 2776 14.90 -14.89 35.36
N HIS E 2777 14.58 -15.86 36.21
CA HIS E 2777 15.53 -16.54 37.08
C HIS E 2777 15.35 -18.05 37.01
N GLY E 2778 16.38 -18.82 37.33
CA GLY E 2778 16.41 -20.29 37.27
C GLY E 2778 17.79 -20.85 37.60
N ASP E 2779 17.95 -22.18 37.61
CA ASP E 2779 19.26 -22.83 37.81
C ASP E 2779 20.22 -22.60 36.64
N LEU E 2780 19.72 -22.23 35.46
CA LEU E 2780 20.50 -22.04 34.23
C LEU E 2780 20.26 -20.65 33.61
N PRO E 2781 21.17 -20.16 32.74
CA PRO E 2781 20.94 -18.98 31.93
C PRO E 2781 19.70 -19.09 31.03
N ASP E 2782 18.82 -18.10 31.05
CA ASP E 2782 17.55 -18.04 30.30
C ASP E 2782 17.74 -17.70 28.80
N ILE E 2783 18.44 -18.55 28.05
CA ILE E 2783 18.90 -18.26 26.68
C ILE E 2783 17.82 -17.81 25.69
N GLN E 2784 16.60 -18.28 25.81
CA GLN E 2784 15.53 -18.08 24.82
C GLN E 2784 14.87 -16.68 24.88
N ILE E 2785 15.67 -15.62 24.99
CA ILE E 2785 15.23 -14.22 25.04
C ILE E 2785 14.68 -13.73 23.69
N LYS E 2786 13.73 -12.80 23.73
CA LYS E 2786 13.13 -12.21 22.52
C LYS E 2786 14.08 -11.23 21.84
N HIS E 2787 14.04 -11.10 20.52
CA HIS E 2787 14.82 -10.09 19.78
C HIS E 2787 14.67 -8.69 20.39
N SER E 2788 13.44 -8.32 20.75
CA SER E 2788 13.12 -7.10 21.49
C SER E 2788 14.06 -6.82 22.66
N SER E 2789 14.39 -7.84 23.45
CA SER E 2789 15.15 -7.68 24.69
C SER E 2789 16.63 -7.43 24.51
N LEU E 2790 17.17 -7.59 23.29
CA LEU E 2790 18.50 -7.12 22.94
C LEU E 2790 18.45 -5.77 22.22
N ILE E 2791 17.54 -5.60 21.27
CA ILE E 2791 17.51 -4.38 20.47
C ILE E 2791 17.11 -3.16 21.30
N THR E 2792 16.20 -3.31 22.24
CA THR E 2792 15.84 -2.20 23.13
C THR E 2792 17.05 -1.71 23.94
N PRO E 2793 17.84 -2.51 24.67
CA PRO E 2793 19.01 -1.97 25.33
C PRO E 2793 20.11 -1.55 24.38
N LEU E 2794 20.28 -2.19 23.22
CA LEU E 2794 21.28 -1.75 22.25
C LEU E 2794 21.02 -0.31 21.80
N GLN E 2795 19.76 0.04 21.51
CA GLN E 2795 19.40 1.43 21.29
C GLN E 2795 19.56 2.25 22.57
N ALA E 2796 19.12 1.78 23.73
CA ALA E 2796 19.17 2.57 24.95
C ALA E 2796 20.58 3.00 25.36
N VAL E 2797 21.62 2.24 25.03
CA VAL E 2797 23.01 2.68 25.23
C VAL E 2797 23.45 3.65 24.15
N ALA E 2798 23.17 3.37 22.88
CA ALA E 2798 23.54 4.25 21.78
C ALA E 2798 22.86 5.62 21.84
N GLN E 2799 21.68 5.68 22.43
CA GLN E 2799 20.97 6.91 22.78
C GLN E 2799 21.78 7.83 23.70
N ARG E 2800 22.82 7.31 24.35
CA ARG E 2800 23.31 7.79 25.63
C ARG E 2800 24.82 7.90 25.72
N ASP E 2801 25.60 7.08 25.04
CA ASP E 2801 27.05 7.26 24.90
C ASP E 2801 27.48 7.43 23.43
N PRO E 2802 28.13 8.54 23.02
CA PRO E 2802 28.38 8.83 21.62
C PRO E 2802 29.24 7.81 20.92
N ILE E 2803 30.19 7.19 21.61
CA ILE E 2803 31.14 6.30 20.94
C ILE E 2803 30.55 4.91 20.70
N ILE E 2804 29.56 4.45 21.47
CA ILE E 2804 28.70 3.33 21.06
C ILE E 2804 27.78 3.75 19.92
N ALA E 2805 27.28 4.97 19.88
CA ALA E 2805 26.50 5.44 18.74
C ALA E 2805 27.32 5.45 17.47
N LYS E 2806 28.62 5.78 17.52
CA LYS E 2806 29.54 5.56 16.40
C LYS E 2806 29.61 4.10 16.05
N GLN E 2807 29.88 3.15 16.95
CA GLN E 2807 30.01 1.75 16.53
C GLN E 2807 28.73 1.25 15.85
N LEU E 2808 27.57 1.51 16.46
CA LEU E 2808 26.29 0.98 16.02
C LEU E 2808 25.83 1.52 14.68
N PHE E 2809 25.87 2.82 14.44
CA PHE E 2809 25.49 3.34 13.14
C PHE E 2809 26.39 2.79 12.05
N SER E 2810 27.69 2.68 12.31
CA SER E 2810 28.61 2.16 11.32
C SER E 2810 28.36 0.70 10.97
N SER E 2811 28.20 -0.15 11.97
CA SER E 2811 27.93 -1.55 11.72
C SER E 2811 26.60 -1.74 11.00
N LEU E 2812 25.56 -1.08 11.47
CA LEU E 2812 24.22 -1.20 10.90
C LEU E 2812 24.16 -0.64 9.48
N PHE E 2813 24.70 0.54 9.22
CA PHE E 2813 24.79 1.09 7.87
C PHE E 2813 25.52 0.14 6.94
N SER E 2814 26.69 -0.35 7.33
CA SER E 2814 27.47 -1.19 6.43
C SER E 2814 26.79 -2.53 6.20
N GLY E 2815 26.02 -3.03 7.15
CA GLY E 2815 25.12 -4.17 6.95
C GLY E 2815 24.04 -3.84 5.95
N ILE E 2816 23.32 -2.71 6.01
CA ILE E 2816 22.35 -2.31 4.97
C ILE E 2816 22.97 -2.28 3.56
N LEU E 2817 24.09 -1.60 3.33
CA LEU E 2817 24.67 -1.54 1.99
C LEU E 2817 25.24 -2.89 1.50
N LYS E 2818 25.61 -3.81 2.38
CA LYS E 2818 25.96 -5.17 1.93
C LYS E 2818 24.74 -5.88 1.37
N GLU E 2819 23.57 -5.60 1.92
CA GLU E 2819 22.34 -6.29 1.58
C GLU E 2819 21.75 -5.89 0.24
N MET E 2820 21.91 -4.64 -0.23
CA MET E 2820 21.23 -4.22 -1.46
C MET E 2820 21.66 -5.01 -2.69
N ASP E 2821 22.86 -5.58 -2.71
CA ASP E 2821 23.33 -6.48 -3.77
C ASP E 2821 22.47 -7.75 -3.94
N LYS E 2822 21.70 -8.13 -2.92
CA LYS E 2822 20.67 -9.17 -3.00
C LYS E 2822 19.52 -8.78 -3.94
N PHE E 2823 19.24 -7.49 -4.06
CA PHE E 2823 18.00 -6.99 -4.64
C PHE E 2823 18.18 -6.15 -5.90
N LYS E 2824 19.12 -5.21 -5.93
CA LYS E 2824 19.06 -4.09 -6.88
C LYS E 2824 20.25 -4.08 -7.83
N THR E 2825 20.01 -3.61 -9.05
CA THR E 2825 20.96 -3.69 -10.17
C THR E 2825 22.08 -2.67 -10.06
N LEU E 2826 23.09 -2.78 -10.93
CA LEU E 2826 24.09 -1.73 -11.10
C LEU E 2826 23.45 -0.37 -11.40
N SER E 2827 22.34 -0.33 -12.13
CA SER E 2827 21.63 0.92 -12.45
C SER E 2827 21.04 1.62 -11.23
N GLU E 2828 20.61 0.89 -10.20
CA GLU E 2828 20.22 1.49 -8.92
C GLU E 2828 21.43 1.88 -8.07
N LYS E 2829 22.46 1.03 -8.02
CA LYS E 2829 23.62 1.25 -7.15
C LYS E 2829 24.47 2.43 -7.57
N ASN E 2830 24.52 2.75 -8.87
CA ASN E 2830 25.06 4.02 -9.32
C ASN E 2830 24.30 5.18 -8.66
N ASN E 2831 22.98 5.23 -8.81
CA ASN E 2831 22.19 6.32 -8.22
C ASN E 2831 22.37 6.41 -6.70
N ILE E 2832 22.24 5.31 -5.97
CA ILE E 2832 22.40 5.32 -4.51
C ILE E 2832 23.79 5.78 -4.06
N THR E 2833 24.87 5.20 -4.58
CA THR E 2833 26.19 5.60 -4.11
C THR E 2833 26.53 7.03 -4.49
N GLN E 2834 26.12 7.53 -5.66
CA GLN E 2834 26.24 8.96 -5.96
C GLN E 2834 25.44 9.82 -4.99
N LYS E 2835 24.27 9.36 -4.53
CA LYS E 2835 23.44 10.12 -3.60
C LYS E 2835 24.07 10.19 -2.22
N LEU E 2836 24.54 9.08 -1.68
CA LEU E 2836 25.22 9.06 -0.37
C LEU E 2836 26.49 9.90 -0.40
N LEU E 2837 27.33 9.74 -1.41
CA LEU E 2837 28.50 10.58 -1.58
C LEU E 2837 28.13 12.06 -1.63
N GLN E 2838 27.10 12.44 -2.38
CA GLN E 2838 26.69 13.82 -2.48
C GLN E 2838 26.28 14.39 -1.11
N ASP E 2839 25.65 13.59 -0.26
CA ASP E 2839 25.33 14.01 1.09
C ASP E 2839 26.57 14.11 1.96
N PHE E 2840 27.43 13.10 2.01
CA PHE E 2840 28.61 13.14 2.88
C PHE E 2840 29.58 14.26 2.54
N ASN E 2841 29.69 14.70 1.29
CA ASN E 2841 30.38 15.95 0.98
C ASN E 2841 29.78 17.13 1.73
N ARG E 2842 28.45 17.25 1.76
CA ARG E 2842 27.76 18.29 2.49
C ARG E 2842 28.08 18.22 3.98
N PHE E 2843 27.97 17.06 4.61
CA PHE E 2843 28.27 16.91 6.03
C PHE E 2843 29.67 17.38 6.41
N LEU E 2844 30.68 17.03 5.62
CA LEU E 2844 32.05 17.44 5.91
C LEU E 2844 32.31 18.89 5.59
N ASN E 2845 31.59 19.46 4.63
CA ASN E 2845 31.78 20.83 4.24
C ASN E 2845 30.94 21.81 5.08
N THR E 2846 29.88 21.37 5.76
CA THR E 2846 29.03 22.24 6.59
C THR E 2846 29.12 22.03 8.11
N THR E 2847 29.70 20.96 8.65
CA THR E 2847 29.90 20.86 10.10
C THR E 2847 30.74 22.02 10.62
N PHE E 2848 30.38 22.56 11.79
CA PHE E 2848 31.14 23.62 12.44
C PHE E 2848 31.81 23.17 13.73
N SER E 2849 31.24 22.19 14.45
CA SER E 2849 31.75 21.73 15.74
C SER E 2849 32.69 20.56 15.64
N PHE E 2850 32.83 19.94 14.47
CA PHE E 2850 33.76 18.85 14.21
C PHE E 2850 33.74 17.76 15.29
N PHE E 2851 32.57 17.37 15.77
CA PHE E 2851 32.48 16.51 16.95
C PHE E 2851 33.16 15.19 16.66
N PRO E 2852 34.16 14.72 17.44
CA PRO E 2852 35.03 13.67 16.98
C PRO E 2852 34.33 12.36 16.63
N PRO E 2853 33.39 11.78 17.39
CA PRO E 2853 32.68 10.57 16.96
C PRO E 2853 31.91 10.71 15.65
N PHE E 2854 31.35 11.87 15.34
CA PHE E 2854 30.65 12.08 14.08
C PHE E 2854 31.63 12.20 12.93
N VAL E 2855 32.63 13.09 13.03
CA VAL E 2855 33.60 13.29 11.96
C VAL E 2855 34.31 12.00 11.61
N SER E 2856 34.63 11.15 12.58
CA SER E 2856 35.25 9.86 12.32
C SER E 2856 34.28 8.86 11.71
N CYS E 2857 33.04 8.80 12.16
CA CYS E 2857 32.06 7.85 11.65
C CYS E 2857 31.88 7.92 10.15
N ILE E 2858 31.66 9.10 9.59
CA ILE E 2858 31.45 9.32 8.16
C ILE E 2858 32.62 8.78 7.34
N GLN E 2859 33.80 8.80 7.93
CA GLN E 2859 35.05 8.47 7.27
C GLN E 2859 35.44 7.01 7.44
N ASP E 2860 35.07 6.37 8.53
CA ASP E 2860 35.05 4.91 8.62
C ASP E 2860 34.13 4.38 7.53
N ILE E 2861 32.87 4.81 7.51
CA ILE E 2861 31.88 4.37 6.53
C ILE E 2861 32.35 4.54 5.11
N SER E 2862 32.79 5.73 4.73
CA SER E 2862 33.23 5.98 3.36
C SER E 2862 34.53 5.30 2.99
N CYS E 2863 35.24 4.70 3.93
CA CYS E 2863 36.43 3.92 3.65
C CYS E 2863 36.11 2.48 3.28
N GLN E 2864 34.91 1.99 3.58
CA GLN E 2864 34.54 0.58 3.38
C GLN E 2864 34.16 0.23 1.94
N HIS E 2865 33.70 1.19 1.14
CA HIS E 2865 33.03 0.95 -0.15
C HIS E 2865 33.61 1.79 -1.28
N ALA E 2866 33.71 1.23 -2.48
CA ALA E 2866 33.98 2.03 -3.68
C ALA E 2866 32.88 3.08 -3.93
N ALA E 2867 33.17 4.04 -4.81
CA ALA E 2867 32.36 5.25 -5.07
C ALA E 2867 32.27 6.23 -3.88
N LEU E 2868 31.81 5.78 -2.70
CA LEU E 2868 31.83 6.59 -1.47
C LEU E 2868 33.24 7.13 -1.19
N LEU E 2869 34.24 6.32 -1.54
CA LEU E 2869 35.65 6.58 -1.34
C LEU E 2869 36.25 7.75 -2.13
N SER E 2870 35.45 8.48 -2.89
CA SER E 2870 35.88 9.65 -3.66
C SER E 2870 35.82 10.98 -2.91
N LEU E 2871 35.49 10.94 -1.62
CA LEU E 2871 35.12 12.09 -0.77
C LEU E 2871 36.06 13.30 -0.87
N ASP E 2872 35.53 14.53 -0.79
CA ASP E 2872 36.30 15.75 -1.02
C ASP E 2872 37.49 15.85 -0.06
N PRO E 2873 38.74 15.80 -0.54
CA PRO E 2873 39.90 15.60 0.30
C PRO E 2873 40.24 16.80 1.18
N ALA E 2874 40.06 18.03 0.70
CA ALA E 2874 40.30 19.19 1.53
C ALA E 2874 39.24 19.30 2.63
N ALA E 2875 38.02 18.82 2.40
CA ALA E 2875 37.01 18.76 3.44
C ALA E 2875 37.39 17.72 4.48
N VAL E 2876 37.76 16.51 4.03
CA VAL E 2876 38.23 15.42 4.90
C VAL E 2876 39.38 15.85 5.78
N SER E 2877 40.38 16.49 5.19
CA SER E 2877 41.57 16.86 5.92
C SER E 2877 41.32 17.97 6.94
N ALA E 2878 40.54 18.98 6.59
CA ALA E 2878 40.14 20.01 7.54
C ALA E 2878 39.36 19.40 8.71
N GLY E 2879 38.41 18.51 8.43
CA GLY E 2879 37.64 17.86 9.47
C GLY E 2879 38.51 17.07 10.43
N CYS E 2880 39.41 16.25 9.91
CA CYS E 2880 40.28 15.42 10.73
C CYS E 2880 41.31 16.23 11.51
N LEU E 2881 41.89 17.25 10.91
CA LEU E 2881 42.85 18.13 11.56
C LEU E 2881 42.19 18.85 12.73
N ALA E 2882 41.01 19.46 12.54
CA ALA E 2882 40.30 20.15 13.60
C ALA E 2882 39.79 19.21 14.69
N SER E 2883 39.20 18.07 14.31
CA SER E 2883 38.71 17.06 15.24
C SER E 2883 39.82 16.21 15.85
N LEU E 2884 41.10 16.51 15.56
CA LEU E 2884 42.25 15.97 16.28
C LEU E 2884 42.43 14.47 16.10
N GLN E 2885 41.89 13.93 15.02
CA GLN E 2885 41.62 12.51 14.82
C GLN E 2885 42.20 12.05 13.48
N GLN E 2886 43.51 12.23 13.32
CA GLN E 2886 44.20 12.08 12.06
C GLN E 2886 44.20 10.67 11.47
N PRO E 2887 44.40 9.57 12.21
CA PRO E 2887 44.57 8.26 11.61
C PRO E 2887 43.41 7.81 10.73
N VAL E 2888 42.16 8.06 11.10
CA VAL E 2888 41.04 7.64 10.24
C VAL E 2888 40.98 8.46 8.96
N GLY E 2889 41.31 9.75 8.99
CA GLY E 2889 41.35 10.57 7.78
C GLY E 2889 42.43 10.11 6.80
N ILE E 2890 43.57 9.70 7.33
CA ILE E 2890 44.67 9.17 6.53
C ILE E 2890 44.25 7.91 5.81
N ARG E 2891 43.67 6.90 6.46
CA ARG E 2891 43.35 5.66 5.74
C ARG E 2891 42.37 5.88 4.60
N LEU E 2892 41.48 6.87 4.68
CA LEU E 2892 40.60 7.18 3.57
C LEU E 2892 41.40 7.68 2.37
N LEU E 2893 42.23 8.71 2.53
CA LEU E 2893 43.01 9.24 1.41
C LEU E 2893 43.95 8.18 0.85
N GLU E 2894 44.55 7.37 1.72
CA GLU E 2894 45.33 6.22 1.34
C GLU E 2894 44.56 5.24 0.47
N GLU E 2895 43.39 4.77 0.88
CA GLU E 2895 42.53 3.92 0.07
C GLU E 2895 42.11 4.58 -1.24
N ALA E 2896 41.89 5.90 -1.28
CA ALA E 2896 41.60 6.56 -2.53
C ALA E 2896 42.81 6.48 -3.48
N LEU E 2897 43.99 6.80 -2.99
CA LEU E 2897 45.20 6.96 -3.80
C LEU E 2897 45.66 5.66 -4.46
N LEU E 2898 45.21 4.52 -3.99
CA LEU E 2898 45.36 3.24 -4.69
C LEU E 2898 44.12 2.87 -5.52
N ARG E 2899 42.90 3.04 -5.01
CA ARG E 2899 41.69 2.51 -5.68
C ARG E 2899 41.29 3.32 -6.90
N LEU E 2900 41.41 4.65 -6.82
CA LEU E 2900 41.13 5.56 -7.93
C LEU E 2900 42.26 5.60 -8.98
N LEU E 2901 43.41 4.98 -8.70
CA LEU E 2901 44.51 4.80 -9.65
C LEU E 2901 45.22 3.45 -9.45
N PRO E 2902 44.65 2.34 -9.97
CA PRO E 2902 45.23 0.99 -9.84
C PRO E 2902 46.62 0.86 -10.46
N ARG E 2915 45.63 9.85 -18.26
CA ARG E 2915 46.03 9.64 -16.87
C ARG E 2915 47.09 10.68 -16.45
N LEU E 2916 46.72 11.58 -15.55
CA LEU E 2916 47.62 12.51 -14.87
C LEU E 2916 48.09 11.87 -13.54
N PRO E 2917 49.39 11.52 -13.38
CA PRO E 2917 49.82 10.72 -12.24
C PRO E 2917 49.52 11.31 -10.85
N PRO E 2918 49.85 12.58 -10.54
CA PRO E 2918 50.05 12.95 -9.14
C PRO E 2918 48.79 13.07 -8.26
N ASP E 2919 47.61 13.27 -8.86
CA ASP E 2919 46.35 13.46 -8.12
C ASP E 2919 46.57 14.40 -6.93
N VAL E 2920 47.25 15.52 -7.17
CA VAL E 2920 48.04 16.22 -6.15
C VAL E 2920 47.20 16.59 -4.96
N LEU E 2921 45.94 16.96 -5.20
CA LEU E 2921 45.00 17.29 -4.15
C LEU E 2921 44.87 16.17 -3.11
N ARG E 2922 44.86 14.89 -3.51
CA ARG E 2922 44.85 13.79 -2.53
C ARG E 2922 46.24 13.57 -1.94
N TRP E 2923 47.28 13.56 -2.75
CA TRP E 2923 48.62 13.30 -2.24
C TRP E 2923 49.14 14.36 -1.27
N VAL E 2924 48.95 15.65 -1.54
CA VAL E 2924 49.40 16.72 -0.65
C VAL E 2924 48.52 16.84 0.59
N GLU E 2925 47.21 16.62 0.49
CA GLU E 2925 46.37 16.60 1.69
C GLU E 2925 46.70 15.40 2.57
N LEU E 2926 47.06 14.25 2.02
CA LEU E 2926 47.59 13.13 2.82
C LEU E 2926 48.90 13.52 3.52
N ALA E 2927 49.80 14.26 2.88
CA ALA E 2927 50.98 14.75 3.57
C ALA E 2927 50.60 15.69 4.71
N LYS E 2928 49.74 16.67 4.46
CA LYS E 2928 49.28 17.60 5.48
C LYS E 2928 48.70 16.89 6.70
N LEU E 2929 47.98 15.78 6.53
CA LEU E 2929 47.50 14.98 7.65
C LEU E 2929 48.64 14.30 8.41
N TYR E 2930 49.57 13.66 7.72
CA TYR E 2930 50.70 13.03 8.42
C TYR E 2930 51.58 14.05 9.14
N ARG E 2931 51.75 15.25 8.61
CA ARG E 2931 52.66 16.19 9.26
C ARG E 2931 52.07 16.66 10.59
N SER E 2932 50.75 16.76 10.68
CA SER E 2932 50.04 17.05 11.92
C SER E 2932 50.29 16.02 13.01
N ILE E 2933 50.25 14.72 12.70
CA ILE E 2933 50.62 13.65 13.63
C ILE E 2933 52.15 13.56 13.83
N GLY E 2934 52.94 14.40 13.17
CA GLY E 2934 54.37 14.56 13.41
C GLY E 2934 55.24 13.43 12.85
N GLU E 2935 54.74 12.71 11.84
CA GLU E 2935 55.41 11.59 11.22
C GLU E 2935 56.40 12.04 10.13
N TYR E 2936 57.33 12.94 10.46
CA TYR E 2936 58.19 13.56 9.45
C TYR E 2936 58.98 12.58 8.62
N ASP E 2937 59.42 11.48 9.23
CA ASP E 2937 60.31 10.56 8.55
C ASP E 2937 59.65 9.77 7.40
N VAL E 2938 58.32 9.70 7.32
CA VAL E 2938 57.57 9.21 6.14
C VAL E 2938 57.25 10.29 5.12
N LEU E 2939 57.38 11.58 5.43
CA LEU E 2939 57.19 12.61 4.38
C LEU E 2939 58.27 12.58 3.30
N ARG E 2940 59.40 11.92 3.53
CA ARG E 2940 60.35 11.56 2.46
C ARG E 2940 59.69 10.77 1.33
N GLY E 2941 58.84 9.81 1.67
CA GLY E 2941 58.22 8.89 0.71
C GLY E 2941 57.10 9.51 -0.11
N ILE E 2942 56.44 10.56 0.41
CA ILE E 2942 55.53 11.34 -0.42
C ILE E 2942 56.36 12.08 -1.45
N PHE E 2943 57.22 13.00 -1.01
CA PHE E 2943 57.71 14.06 -1.87
C PHE E 2943 58.94 13.71 -2.75
N THR E 2944 59.29 12.43 -2.91
CA THR E 2944 60.24 12.00 -3.96
C THR E 2944 59.82 12.54 -5.33
N SER E 2945 60.78 13.15 -6.05
CA SER E 2945 60.52 14.11 -7.15
C SER E 2945 59.73 13.56 -8.37
N GLU E 2946 59.57 12.24 -8.45
CA GLU E 2946 58.72 11.50 -9.41
C GLU E 2946 57.24 11.97 -9.42
N ILE E 2947 56.73 12.52 -8.31
CA ILE E 2947 55.42 13.19 -8.21
C ILE E 2947 55.59 14.52 -7.49
N GLY E 2948 54.67 15.48 -7.70
CA GLY E 2948 54.67 16.74 -6.93
C GLY E 2948 55.97 17.51 -7.08
N THR E 2949 56.46 17.60 -8.32
CA THR E 2949 57.84 17.91 -8.72
C THR E 2949 58.20 19.38 -8.49
N LYS E 2950 58.38 19.74 -7.21
CA LYS E 2950 58.86 21.02 -6.70
C LYS E 2950 59.73 20.74 -5.49
N GLN E 2951 60.99 20.37 -5.73
CA GLN E 2951 61.93 19.88 -4.72
C GLN E 2951 62.20 20.88 -3.57
N ILE E 2952 61.85 22.15 -3.74
CA ILE E 2952 61.79 23.12 -2.64
C ILE E 2952 60.97 22.57 -1.46
N THR E 2953 59.86 21.86 -1.71
CA THR E 2953 59.08 21.21 -0.66
C THR E 2953 59.92 20.18 0.08
N GLN E 2954 60.64 19.31 -0.62
CA GLN E 2954 61.51 18.32 0.01
C GLN E 2954 62.61 18.99 0.85
N SER E 2955 63.25 20.03 0.35
CA SER E 2955 64.24 20.78 1.12
C SER E 2955 63.65 21.42 2.39
N ALA E 2956 62.48 22.05 2.27
CA ALA E 2956 61.82 22.67 3.40
C ALA E 2956 61.44 21.64 4.47
N LEU E 2957 60.85 20.52 4.06
CA LEU E 2957 60.49 19.44 4.98
C LEU E 2957 61.72 18.87 5.68
N LEU E 2958 62.86 18.76 5.00
CA LEU E 2958 64.07 18.23 5.61
C LEU E 2958 64.53 19.14 6.76
N ALA E 2959 64.54 20.46 6.56
CA ALA E 2959 64.94 21.39 7.61
C ALA E 2959 64.03 21.32 8.86
N GLU E 2960 62.72 21.25 8.71
CA GLU E 2960 61.85 21.07 9.89
C GLU E 2960 61.89 19.66 10.45
N ALA E 2961 62.24 18.64 9.67
CA ALA E 2961 62.47 17.30 10.22
C ALA E 2961 63.67 17.28 11.16
N ARG E 2962 64.70 18.09 10.88
CA ARG E 2962 65.82 18.40 11.79
C ARG E 2962 65.53 19.51 12.81
N SER E 2963 64.31 20.04 12.88
CA SER E 2963 63.91 21.16 13.74
C SER E 2963 64.61 22.50 13.47
N ASP E 2964 65.20 22.73 12.29
CA ASP E 2964 65.58 24.07 11.83
C ASP E 2964 64.35 24.82 11.31
N TYR E 2965 63.41 25.14 12.19
CA TYR E 2965 62.21 25.87 11.79
C TYR E 2965 62.54 27.22 11.18
N SER E 2966 63.65 27.86 11.54
CA SER E 2966 64.08 29.11 10.91
C SER E 2966 64.51 28.90 9.46
N GLU E 2967 65.31 27.88 9.18
CA GLU E 2967 65.69 27.54 7.81
C GLU E 2967 64.46 27.09 7.01
N ALA E 2968 63.60 26.25 7.58
CA ALA E 2968 62.36 25.86 6.92
C ALA E 2968 61.48 27.08 6.64
N ALA E 2969 61.34 28.04 7.54
CA ALA E 2969 60.56 29.25 7.27
C ALA E 2969 61.13 30.04 6.08
N LYS E 2970 62.45 30.14 5.94
CA LYS E 2970 63.07 30.75 4.76
C LYS E 2970 62.75 29.99 3.47
N GLN E 2971 62.83 28.67 3.47
CA GLN E 2971 62.58 27.88 2.27
C GLN E 2971 61.14 28.02 1.76
N TYR E 2972 60.13 27.93 2.62
CA TYR E 2972 58.75 28.15 2.17
C TYR E 2972 58.50 29.58 1.70
N ASP E 2973 59.14 30.56 2.36
CA ASP E 2973 59.01 31.95 1.97
C ASP E 2973 59.49 32.15 0.53
N GLU E 2974 60.68 31.65 0.17
CA GLU E 2974 61.13 31.79 -1.20
C GLU E 2974 60.29 30.95 -2.19
N ALA E 2975 59.69 29.84 -1.78
CA ALA E 2975 58.77 29.10 -2.66
C ALA E 2975 57.56 29.94 -3.08
N LEU E 2976 57.01 30.72 -2.14
CA LEU E 2976 55.90 31.63 -2.41
C LEU E 2976 56.35 32.88 -3.15
N ASN E 2977 57.59 33.34 -2.97
CA ASN E 2977 58.12 34.50 -3.70
C ASN E 2977 58.61 34.19 -5.12
N LYS E 2978 59.03 32.96 -5.45
CA LYS E 2978 59.53 32.59 -6.78
C LYS E 2978 58.47 32.78 -7.88
N GLN E 2979 58.68 33.77 -8.74
CA GLN E 2979 57.62 34.33 -9.58
C GLN E 2979 57.40 33.64 -10.94
N ASP E 2980 58.39 32.91 -11.48
CA ASP E 2980 58.20 32.08 -12.67
C ASP E 2980 59.02 30.79 -12.64
N TRP E 2981 58.46 29.72 -13.22
CA TRP E 2981 58.88 28.34 -13.04
C TRP E 2981 59.19 27.69 -14.39
N VAL E 2982 60.41 27.16 -14.53
CA VAL E 2982 60.67 26.10 -15.50
C VAL E 2982 59.86 24.86 -15.11
N ASP E 2983 59.34 24.12 -16.08
CA ASP E 2983 58.34 23.05 -15.88
C ASP E 2983 56.97 23.50 -15.33
N GLY E 2984 56.71 24.82 -15.28
CA GLY E 2984 55.41 25.39 -14.94
C GLY E 2984 55.11 25.49 -13.44
N GLU E 2985 54.13 26.31 -13.10
CA GLU E 2985 53.82 26.71 -11.73
C GLU E 2985 53.38 25.56 -10.80
N PRO E 2986 53.63 25.66 -9.48
CA PRO E 2986 53.04 24.78 -8.48
C PRO E 2986 51.51 24.91 -8.44
N THR E 2987 50.84 23.92 -7.89
CA THR E 2987 49.38 23.89 -7.74
C THR E 2987 48.88 24.82 -6.62
N GLU E 2988 47.58 25.12 -6.63
CA GLU E 2988 46.92 25.70 -5.45
C GLU E 2988 47.05 24.81 -4.22
N ALA E 2989 47.05 23.49 -4.41
CA ALA E 2989 47.21 22.56 -3.33
C ALA E 2989 48.59 22.72 -2.64
N GLU E 2990 49.68 22.79 -3.39
CA GLU E 2990 51.02 23.03 -2.82
C GLU E 2990 51.20 24.44 -2.29
N LYS E 2991 50.71 25.47 -2.99
CA LYS E 2991 50.83 26.85 -2.52
C LYS E 2991 50.14 26.99 -1.17
N ASP E 2992 48.97 26.39 -1.00
CA ASP E 2992 48.29 26.35 0.28
C ASP E 2992 49.05 25.50 1.31
N PHE E 2993 49.65 24.38 0.92
CA PHE E 2993 50.47 23.61 1.83
C PHE E 2993 51.66 24.44 2.34
N TRP E 2994 52.38 25.15 1.49
CA TRP E 2994 53.47 26.03 1.94
C TRP E 2994 52.99 27.15 2.84
N GLU E 2995 51.82 27.70 2.56
CA GLU E 2995 51.25 28.72 3.41
C GLU E 2995 50.98 28.17 4.82
N LEU E 2996 50.29 27.04 4.94
CA LEU E 2996 50.01 26.42 6.24
C LEU E 2996 51.28 25.95 6.93
N ALA E 2997 52.21 25.30 6.24
CA ALA E 2997 53.42 24.84 6.86
C ALA E 2997 54.29 26.01 7.36
N SER E 2998 54.37 27.11 6.63
CA SER E 2998 55.14 28.27 7.07
C SER E 2998 54.47 29.01 8.22
N LEU E 2999 53.15 29.19 8.23
CA LEU E 2999 52.44 29.68 9.40
C LEU E 2999 52.83 28.88 10.63
N ASP E 3000 52.89 27.56 10.52
CA ASP E 3000 53.27 26.72 11.64
C ASP E 3000 54.74 26.89 12.05
N CYS E 3001 55.66 27.10 11.11
CA CYS E 3001 57.05 27.34 11.45
C CYS E 3001 57.21 28.56 12.34
N TYR E 3002 56.65 29.70 11.97
CA TYR E 3002 56.69 30.88 12.82
C TYR E 3002 56.09 30.67 14.20
N ASN E 3003 55.25 29.65 14.39
CA ASN E 3003 54.65 29.29 15.66
C ASN E 3003 55.50 28.32 16.49
N HIS E 3004 56.44 27.55 15.88
CA HIS E 3004 57.45 26.78 16.60
C HIS E 3004 58.67 27.64 16.95
N LEU E 3005 59.01 28.57 16.07
CA LEU E 3005 59.69 29.80 16.45
C LEU E 3005 58.76 30.59 17.39
N ALA E 3006 59.15 31.75 17.91
CA ALA E 3006 58.22 32.63 18.65
C ALA E 3006 58.02 33.99 17.99
N GLU E 3007 57.96 34.02 16.67
CA GLU E 3007 58.03 35.26 15.88
C GLU E 3007 56.67 35.96 15.79
N TRP E 3008 56.08 36.34 16.91
CA TRP E 3008 54.67 36.78 16.99
C TRP E 3008 54.30 37.89 16.02
N LYS E 3009 55.14 38.91 15.86
CA LYS E 3009 54.87 40.00 14.91
C LYS E 3009 54.84 39.50 13.47
N SER E 3010 55.73 38.58 13.10
CA SER E 3010 55.73 37.98 11.76
C SER E 3010 54.50 37.09 11.53
N LEU E 3011 54.10 36.32 12.53
CA LEU E 3011 52.95 35.42 12.48
C LEU E 3011 51.63 36.20 12.45
N GLU E 3012 51.52 37.27 13.23
CA GLU E 3012 50.40 38.19 13.19
C GLU E 3012 50.29 38.88 11.82
N TYR E 3013 51.39 39.38 11.28
CA TYR E 3013 51.43 39.94 9.94
C TYR E 3013 50.97 38.90 8.92
N CYS E 3014 51.57 37.72 8.92
CA CYS E 3014 51.31 36.70 7.93
C CYS E 3014 49.87 36.20 7.99
N SER E 3015 49.34 35.93 9.17
CA SER E 3015 47.98 35.46 9.36
C SER E 3015 46.92 36.50 8.98
N THR E 3016 47.27 37.79 8.86
CA THR E 3016 46.36 38.85 8.42
C THR E 3016 46.64 39.36 7.00
N ALA E 3017 47.82 39.13 6.44
CA ALA E 3017 48.19 39.69 5.15
C ALA E 3017 47.41 39.11 3.96
N SER E 3018 47.06 37.83 4.00
CA SER E 3018 46.50 37.14 2.83
C SER E 3018 44.98 37.28 2.66
N ILE E 3019 44.28 37.87 3.63
CA ILE E 3019 42.81 37.90 3.66
C ILE E 3019 42.24 39.12 2.93
N ASP E 3020 42.95 40.25 2.92
CA ASP E 3020 42.42 41.53 2.43
C ASP E 3020 43.46 42.43 1.75
N SER E 3021 43.01 43.27 0.80
CA SER E 3021 43.84 44.11 -0.07
C SER E 3021 44.09 45.54 0.48
N GLU E 3022 43.51 45.91 1.63
CA GLU E 3022 43.87 47.14 2.35
C GLU E 3022 45.31 47.16 2.87
N ASN E 3023 45.82 48.34 3.25
CA ASN E 3023 47.07 48.45 4.01
C ASN E 3023 46.90 47.90 5.45
N PRO E 3024 45.99 48.41 6.29
CA PRO E 3024 45.54 47.71 7.49
C PRO E 3024 44.42 46.72 7.08
N PRO E 3025 44.70 45.41 6.93
CA PRO E 3025 43.73 44.48 6.37
C PRO E 3025 42.50 44.38 7.25
N ASP E 3026 41.31 44.32 6.66
CA ASP E 3026 40.07 44.20 7.39
C ASP E 3026 39.88 42.78 7.93
N LEU E 3027 40.19 42.57 9.21
CA LEU E 3027 40.04 41.30 9.91
C LEU E 3027 38.64 40.72 9.74
N ASN E 3028 37.61 41.55 9.60
CA ASN E 3028 36.23 41.09 9.45
C ASN E 3028 36.01 40.25 8.19
N LYS E 3029 36.93 40.27 7.22
CA LYS E 3029 36.84 39.42 6.04
C LYS E 3029 37.05 37.95 6.35
N ILE E 3030 37.69 37.56 7.46
CA ILE E 3030 38.10 36.15 7.73
C ILE E 3030 36.96 35.14 7.55
N TRP E 3031 35.73 35.52 7.81
CA TRP E 3031 34.55 34.67 7.63
C TRP E 3031 34.12 34.45 6.17
N SER E 3032 34.83 35.01 5.18
CA SER E 3032 34.39 35.06 3.77
C SER E 3032 34.35 33.72 3.04
N GLU E 3033 35.23 32.77 3.37
CA GLU E 3033 35.18 31.41 2.85
C GLU E 3033 35.78 30.41 3.84
N PRO E 3034 35.37 29.13 3.80
CA PRO E 3034 35.77 28.14 4.80
C PRO E 3034 37.28 27.89 4.89
N PHE E 3035 38.07 28.24 3.88
CA PHE E 3035 39.52 28.14 3.99
C PHE E 3035 40.05 29.03 5.11
N TYR E 3036 39.86 30.35 5.04
CA TYR E 3036 40.39 31.27 6.04
C TYR E 3036 39.95 30.93 7.46
N GLN E 3037 38.70 30.57 7.64
CA GLN E 3037 38.14 30.15 8.91
C GLN E 3037 38.76 28.85 9.44
N GLU E 3038 39.16 27.93 8.57
CA GLU E 3038 39.89 26.71 8.93
C GLU E 3038 41.37 26.99 9.23
N THR E 3039 42.08 27.60 8.30
CA THR E 3039 43.55 27.69 8.29
C THR E 3039 44.11 28.91 8.98
N TYR E 3040 43.56 30.10 8.71
CA TYR E 3040 44.13 31.36 9.14
C TYR E 3040 43.64 31.79 10.52
N LEU E 3041 42.34 31.69 10.77
CA LEU E 3041 41.74 32.08 12.03
C LEU E 3041 42.46 31.51 13.26
N PRO E 3042 42.80 30.23 13.40
CA PRO E 3042 43.44 29.73 14.61
C PRO E 3042 44.75 30.44 14.92
N TYR E 3043 45.63 30.63 13.94
CA TYR E 3043 46.90 31.31 14.13
C TYR E 3043 46.76 32.81 14.29
N MET E 3044 45.77 33.39 13.64
CA MET E 3044 45.51 34.82 13.71
C MET E 3044 45.14 35.20 15.14
N ILE E 3045 44.11 34.58 15.73
CA ILE E 3045 43.71 34.89 17.11
C ILE E 3045 44.83 34.62 18.09
N ARG E 3046 45.57 33.51 17.95
CA ARG E 3046 46.74 33.21 18.80
C ARG E 3046 47.76 34.33 18.78
N SER E 3047 48.15 34.79 17.61
CA SER E 3047 49.21 35.78 17.47
C SER E 3047 48.79 37.18 17.90
N LYS E 3048 47.58 37.65 17.56
CA LYS E 3048 47.06 38.89 18.16
C LYS E 3048 47.13 38.80 19.67
N LEU E 3049 46.64 37.72 20.26
CA LEU E 3049 46.56 37.55 21.69
C LEU E 3049 47.94 37.51 22.34
N LYS E 3050 48.92 36.82 21.74
CA LYS E 3050 50.30 36.83 22.24
C LYS E 3050 50.87 38.23 22.28
N LEU E 3051 50.68 39.04 21.25
CA LEU E 3051 51.19 40.41 21.28
C LEU E 3051 50.57 41.24 22.41
N LEU E 3052 49.28 41.08 22.72
CA LEU E 3052 48.66 41.88 23.79
C LEU E 3052 49.34 41.67 25.14
N LEU E 3053 49.58 40.40 25.48
CA LEU E 3053 50.12 39.91 26.74
C LEU E 3053 51.56 40.35 27.00
N GLN E 3054 52.37 40.53 25.95
CA GLN E 3054 53.70 41.13 26.08
C GLN E 3054 53.73 42.63 25.77
N GLY E 3055 52.58 43.30 25.86
CA GLY E 3055 52.47 44.73 26.08
C GLY E 3055 52.12 45.60 24.87
N GLU E 3056 51.90 45.05 23.68
CA GLU E 3056 51.56 45.86 22.51
C GLU E 3056 50.05 46.17 22.47
N ALA E 3057 49.68 47.45 22.57
CA ALA E 3057 48.35 47.88 22.98
C ALA E 3057 47.23 47.90 21.91
N ASP E 3058 47.36 47.17 20.80
CA ASP E 3058 46.41 47.21 19.67
C ASP E 3058 44.98 46.81 20.06
N GLN E 3059 43.98 47.58 19.64
CA GLN E 3059 42.56 47.29 19.87
C GLN E 3059 41.92 46.42 18.78
N SER E 3060 42.74 45.89 17.86
CA SER E 3060 42.24 45.18 16.68
C SER E 3060 41.51 43.90 17.05
N LEU E 3061 42.11 43.04 17.87
CA LEU E 3061 41.49 41.76 18.19
C LEU E 3061 40.23 41.94 19.00
N LEU E 3062 40.25 42.79 20.02
CA LEU E 3062 39.09 42.98 20.87
C LEU E 3062 37.90 43.51 20.07
N THR E 3063 38.12 44.45 19.13
CA THR E 3063 37.03 44.88 18.26
C THR E 3063 36.62 43.81 17.25
N PHE E 3064 37.54 42.99 16.74
CA PHE E 3064 37.18 41.87 15.86
C PHE E 3064 36.27 40.88 16.57
N ILE E 3065 36.61 40.46 17.78
CA ILE E 3065 35.78 39.53 18.54
C ILE E 3065 34.46 40.17 18.94
N ASP E 3066 34.44 41.43 19.32
CA ASP E 3066 33.18 42.12 19.61
C ASP E 3066 32.23 42.10 18.41
N LYS E 3067 32.73 42.37 17.21
CA LYS E 3067 31.93 42.22 15.99
C LYS E 3067 31.50 40.77 15.80
N ALA E 3068 32.40 39.80 15.87
CA ALA E 3068 32.05 38.41 15.65
C ALA E 3068 30.92 37.94 16.57
N MET E 3069 30.94 38.31 17.84
CA MET E 3069 29.92 37.89 18.81
C MET E 3069 28.49 38.39 18.51
N HIS E 3070 28.29 39.21 17.47
CA HIS E 3070 26.97 39.57 16.96
C HIS E 3070 26.29 38.43 16.18
N GLY E 3071 27.04 37.55 15.53
CA GLY E 3071 26.48 36.49 14.67
C GLY E 3071 26.45 35.13 15.37
N GLU E 3072 25.35 34.38 15.27
CA GLU E 3072 25.17 33.14 16.03
C GLU E 3072 26.15 32.01 15.62
N LEU E 3073 26.44 31.84 14.33
CA LEU E 3073 27.44 30.87 13.89
C LEU E 3073 28.85 31.28 14.33
N GLN E 3074 29.23 32.54 14.17
CA GLN E 3074 30.55 33.01 14.56
C GLN E 3074 30.75 32.91 16.06
N LYS E 3075 29.73 33.23 16.86
CA LYS E 3075 29.71 32.98 18.30
C LYS E 3075 29.95 31.51 18.60
N ALA E 3076 29.24 30.61 17.93
CA ALA E 3076 29.38 29.19 18.14
C ALA E 3076 30.75 28.62 17.73
N ILE E 3077 31.42 29.15 16.69
CA ILE E 3077 32.81 28.85 16.41
C ILE E 3077 33.70 29.30 17.57
N LEU E 3078 33.61 30.57 17.96
CA LEU E 3078 34.54 31.13 18.94
C LEU E 3078 34.42 30.45 20.29
N GLU E 3079 33.24 30.39 20.88
CA GLU E 3079 33.14 29.91 22.26
C GLU E 3079 33.27 28.38 22.37
N LEU E 3080 33.41 27.67 21.26
CA LEU E 3080 33.64 26.23 21.23
C LEU E 3080 35.12 25.91 21.05
N HIS E 3081 35.82 26.56 20.12
CA HIS E 3081 37.22 26.27 19.83
C HIS E 3081 38.24 27.17 20.53
N TYR E 3082 37.89 28.40 20.90
CA TYR E 3082 38.85 29.41 21.36
C TYR E 3082 38.61 29.90 22.78
N SER E 3083 37.89 29.15 23.61
CA SER E 3083 37.55 29.59 24.96
C SER E 3083 38.75 29.76 25.90
N GLN E 3084 39.95 29.23 25.60
CA GLN E 3084 41.16 29.72 26.28
C GLN E 3084 41.45 31.16 25.88
N GLU E 3085 41.69 31.44 24.61
CA GLU E 3085 42.09 32.77 24.16
C GLU E 3085 41.08 33.82 24.57
N LEU E 3086 39.79 33.54 24.41
CA LEU E 3086 38.75 34.44 24.83
C LEU E 3086 38.77 34.69 26.33
N SER E 3087 39.00 33.68 27.18
CA SER E 3087 39.04 33.91 28.61
C SER E 3087 40.25 34.71 29.06
N LEU E 3088 41.36 34.70 28.30
CA LEU E 3088 42.49 35.59 28.53
C LEU E 3088 42.18 37.00 28.05
N LEU E 3089 41.51 37.13 26.91
CA LEU E 3089 41.19 38.43 26.35
C LEU E 3089 40.31 39.23 27.29
N TYR E 3090 39.20 38.71 27.77
CA TYR E 3090 38.38 39.45 28.73
C TYR E 3090 39.07 39.67 30.07
N LEU E 3091 40.08 38.88 30.41
CA LEU E 3091 40.82 39.06 31.64
C LEU E 3091 41.90 40.13 31.49
N LEU E 3092 42.45 40.33 30.30
CA LEU E 3092 43.24 41.52 30.00
C LEU E 3092 42.43 42.78 30.20
N GLN E 3093 41.10 42.73 30.09
CA GLN E 3093 40.18 43.86 30.33
C GLN E 3093 39.68 43.97 31.78
N ASP E 3094 40.14 43.12 32.69
CA ASP E 3094 39.58 42.97 34.04
C ASP E 3094 38.10 42.56 34.13
N ASP E 3095 37.50 41.99 33.07
CA ASP E 3095 36.19 41.34 33.19
C ASP E 3095 36.34 39.96 33.82
N VAL E 3096 36.71 39.89 35.10
CA VAL E 3096 36.86 38.60 35.78
C VAL E 3096 35.57 37.80 35.72
N ASP E 3097 34.41 38.43 35.60
CA ASP E 3097 33.16 37.70 35.40
C ASP E 3097 33.07 37.02 34.04
N ARG E 3098 33.48 37.64 32.94
CA ARG E 3098 33.47 36.97 31.63
C ARG E 3098 34.63 35.99 31.52
N ALA E 3099 35.76 36.24 32.15
CA ALA E 3099 36.78 35.24 32.30
C ALA E 3099 36.29 34.02 33.09
N LYS E 3100 35.56 34.16 34.21
CA LYS E 3100 34.91 33.04 34.92
C LYS E 3100 34.01 32.26 33.99
N TYR E 3101 33.25 32.93 33.13
CA TYR E 3101 32.38 32.22 32.19
C TYR E 3101 33.15 31.45 31.13
N TYR E 3102 33.99 32.11 30.34
CA TYR E 3102 34.66 31.42 29.24
C TYR E 3102 35.59 30.33 29.72
N ILE E 3103 36.27 30.48 30.85
CA ILE E 3103 37.13 29.41 31.33
C ILE E 3103 36.35 28.20 31.80
N GLN E 3104 35.23 28.36 32.51
CA GLN E 3104 34.40 27.24 32.91
C GLN E 3104 33.85 26.50 31.70
N ASN E 3105 33.41 27.22 30.68
CA ASN E 3105 32.99 26.65 29.41
C ASN E 3105 34.18 25.99 28.67
N GLY E 3106 35.41 26.44 28.88
CA GLY E 3106 36.61 25.75 28.42
C GLY E 3106 36.81 24.40 29.09
N ILE E 3107 36.59 24.27 30.39
CA ILE E 3107 36.64 22.99 31.09
C ILE E 3107 35.53 22.07 30.60
N GLN E 3108 34.29 22.54 30.43
CA GLN E 3108 33.21 21.65 29.98
C GLN E 3108 33.41 21.16 28.55
N SER E 3109 33.87 22.01 27.65
CA SER E 3109 34.13 21.60 26.26
C SER E 3109 35.39 20.76 26.12
N PHE E 3110 36.36 20.84 27.04
CA PHE E 3110 37.45 19.87 27.12
C PHE E 3110 36.92 18.48 27.42
N MET E 3111 36.08 18.33 28.45
CA MET E 3111 35.62 17.01 28.89
C MET E 3111 34.84 16.29 27.81
N GLN E 3112 33.95 16.98 27.11
CA GLN E 3112 33.20 16.43 26.01
C GLN E 3112 34.15 15.88 24.95
N ASN E 3113 35.08 16.68 24.45
CA ASN E 3113 35.95 16.20 23.37
C ASN E 3113 36.85 15.10 23.87
N TYR E 3114 37.49 15.23 25.03
CA TYR E 3114 38.35 14.18 25.56
C TYR E 3114 37.63 12.86 25.77
N SER E 3115 36.47 12.86 26.42
CA SER E 3115 35.69 11.64 26.61
C SER E 3115 35.27 11.02 25.28
N SER E 3116 35.02 11.82 24.25
CA SER E 3116 34.62 11.30 22.95
C SER E 3116 35.77 10.73 22.10
N ILE E 3117 37.03 11.10 22.30
CA ILE E 3117 38.14 10.50 21.56
C ILE E 3117 38.30 9.04 21.98
N ASP E 3118 38.21 8.14 21.02
CA ASP E 3118 38.18 6.70 21.24
C ASP E 3118 39.52 6.15 21.77
N VAL E 3119 39.49 5.14 22.65
CA VAL E 3119 40.59 4.85 23.59
C VAL E 3119 41.91 4.48 22.91
N LEU E 3120 41.87 3.88 21.73
CA LEU E 3120 43.07 3.45 21.01
C LEU E 3120 43.93 4.59 20.49
N LEU E 3121 43.39 5.80 20.33
CA LEU E 3121 44.11 6.96 19.80
C LEU E 3121 45.01 7.63 20.85
N HIS E 3122 46.08 6.97 21.24
CA HIS E 3122 46.99 7.45 22.29
C HIS E 3122 47.58 8.81 21.98
N GLN E 3123 48.08 9.05 20.76
CA GLN E 3123 48.58 10.38 20.40
C GLN E 3123 47.49 11.46 20.44
N SER E 3124 46.26 11.15 20.03
CA SER E 3124 45.20 12.14 20.10
C SER E 3124 44.84 12.47 21.53
N ARG E 3125 44.62 11.47 22.39
CA ARG E 3125 44.31 11.70 23.80
C ARG E 3125 45.45 12.39 24.52
N LEU E 3126 46.69 12.00 24.26
CA LEU E 3126 47.87 12.67 24.79
C LEU E 3126 47.94 14.14 24.37
N THR E 3127 47.67 14.47 23.11
CA THR E 3127 47.65 15.87 22.68
C THR E 3127 46.44 16.65 23.17
N LYS E 3128 45.36 16.02 23.64
CA LYS E 3128 44.34 16.74 24.43
C LYS E 3128 44.83 17.09 25.83
N LEU E 3129 45.51 16.19 26.53
CA LEU E 3129 45.95 16.45 27.90
C LEU E 3129 46.81 17.70 28.00
N GLN E 3130 47.59 18.05 27.00
CA GLN E 3130 48.46 19.23 27.04
C GLN E 3130 47.72 20.52 27.38
N SER E 3131 46.46 20.67 27.01
CA SER E 3131 45.67 21.85 27.34
C SER E 3131 45.28 21.95 28.82
N VAL E 3132 45.31 20.87 29.58
CA VAL E 3132 44.69 20.83 30.92
C VAL E 3132 45.48 21.62 31.95
N GLN E 3133 46.80 21.71 31.78
CA GLN E 3133 47.57 22.60 32.61
C GLN E 3133 47.24 24.05 32.34
N ALA E 3134 47.16 24.48 31.09
CA ALA E 3134 46.91 25.87 30.75
C ALA E 3134 45.60 26.36 31.34
N LEU E 3135 44.50 25.64 31.13
CA LEU E 3135 43.21 25.99 31.72
C LEU E 3135 43.30 26.14 33.23
N THR E 3136 44.09 25.31 33.90
CA THR E 3136 44.20 25.34 35.35
C THR E 3136 45.05 26.50 35.86
N GLU E 3137 46.05 26.99 35.13
CA GLU E 3137 46.74 28.22 35.52
C GLU E 3137 45.74 29.39 35.51
N ILE E 3138 44.87 29.51 34.49
CA ILE E 3138 43.85 30.58 34.47
C ILE E 3138 42.92 30.45 35.67
N GLN E 3139 42.35 29.27 35.87
CA GLN E 3139 41.36 29.04 36.90
C GLN E 3139 41.91 29.31 38.31
N GLU E 3140 43.15 28.94 38.62
CA GLU E 3140 43.74 29.26 39.92
C GLU E 3140 43.89 30.75 40.12
N PHE E 3141 44.29 31.47 39.09
CA PHE E 3141 44.48 32.89 39.22
C PHE E 3141 43.16 33.64 39.38
N ILE E 3142 42.11 33.26 38.65
CA ILE E 3142 40.77 33.83 38.80
C ILE E 3142 40.23 33.60 40.22
N SER E 3143 40.55 32.47 40.83
CA SER E 3143 40.28 32.26 42.24
C SER E 3143 41.06 33.25 43.09
N PHE E 3144 42.39 33.27 42.96
CA PHE E 3144 43.28 34.11 43.76
C PHE E 3144 42.90 35.59 43.72
N ILE E 3145 42.74 36.19 42.53
CA ILE E 3145 42.39 37.60 42.37
C ILE E 3145 41.03 37.96 42.97
N SER E 3146 40.10 37.01 43.10
CA SER E 3146 38.80 37.29 43.71
C SER E 3146 38.87 37.42 45.24
N LYS E 3147 39.90 36.84 45.89
CA LYS E 3147 39.91 36.66 47.35
C LYS E 3147 40.49 37.86 48.08
N GLN E 3148 39.67 38.50 48.92
CA GLN E 3148 39.99 39.67 49.74
C GLN E 3148 41.12 39.42 50.74
N GLY E 3149 41.12 38.26 51.40
CA GLY E 3149 42.16 37.88 52.37
C GLY E 3149 43.48 37.53 51.70
N ASN E 3150 43.46 37.00 50.47
CA ASN E 3150 44.67 36.64 49.75
C ASN E 3150 45.40 37.85 49.15
N LEU E 3151 44.65 38.81 48.62
CA LEU E 3151 45.21 39.95 47.90
C LEU E 3151 45.83 41.01 48.83
N SER E 3152 45.44 41.10 50.10
CA SER E 3152 45.74 42.25 50.97
C SER E 3152 47.23 42.50 51.18
N SER E 3153 47.94 41.38 51.46
CA SER E 3153 49.31 41.19 51.94
C SER E 3153 50.06 40.05 51.21
N GLN E 3154 51.38 39.93 51.44
CA GLN E 3154 52.27 38.96 50.78
C GLN E 3154 52.03 37.46 51.09
N VAL E 3155 51.42 37.11 52.23
CA VAL E 3155 51.57 35.75 52.81
C VAL E 3155 51.21 34.59 51.86
N PRO E 3156 50.00 34.47 51.30
CA PRO E 3156 49.67 33.39 50.37
C PRO E 3156 50.22 33.61 48.95
N LEU E 3157 50.64 34.82 48.59
CA LEU E 3157 51.31 35.03 47.31
C LEU E 3157 52.63 34.25 47.29
N LYS E 3158 53.42 34.22 48.38
CA LYS E 3158 54.62 33.37 48.41
C LYS E 3158 54.26 31.90 48.16
N ARG E 3159 53.19 31.41 48.77
CA ARG E 3159 52.71 30.04 48.59
C ARG E 3159 52.30 29.73 47.15
N LEU E 3160 51.60 30.64 46.48
CA LEU E 3160 51.29 30.49 45.05
C LEU E 3160 52.57 30.42 44.21
N LEU E 3161 53.47 31.38 44.40
CA LEU E 3161 54.75 31.49 43.70
C LEU E 3161 55.60 30.24 43.84
N ASN E 3162 55.59 29.63 45.03
CA ASN E 3162 56.25 28.35 45.28
C ASN E 3162 55.73 27.29 44.31
N THR E 3163 54.43 27.02 44.28
CA THR E 3163 53.90 25.90 43.47
C THR E 3163 54.15 26.09 41.99
N TRP E 3164 53.99 27.30 41.47
CA TRP E 3164 54.24 27.54 40.06
C TRP E 3164 55.71 27.31 39.73
N THR E 3165 56.64 27.59 40.63
CA THR E 3165 58.07 27.38 40.42
C THR E 3165 58.46 25.92 40.20
N ASN E 3166 57.61 24.93 40.52
CA ASN E 3166 57.87 23.52 40.26
C ASN E 3166 56.65 22.72 39.75
N ARG E 3167 55.87 23.31 38.83
CA ARG E 3167 54.75 22.68 38.13
C ARG E 3167 54.93 22.83 36.64
N TYR E 3168 55.88 22.16 36.03
CA TYR E 3168 56.11 22.27 34.59
C TYR E 3168 55.36 21.23 33.76
N PRO E 3169 55.19 21.42 32.44
CA PRO E 3169 54.83 20.34 31.55
C PRO E 3169 55.97 19.32 31.40
N ASP E 3170 55.85 18.30 30.55
CA ASP E 3170 56.91 17.30 30.41
C ASP E 3170 58.02 17.78 29.47
N ALA E 3171 59.16 18.19 30.03
CA ALA E 3171 60.28 18.74 29.25
C ALA E 3171 60.86 17.79 28.19
N LYS E 3172 60.65 16.47 28.30
CA LYS E 3172 61.11 15.51 27.30
C LYS E 3172 60.09 15.24 26.20
N MET E 3173 58.81 15.56 26.41
CA MET E 3173 57.71 15.13 25.54
C MET E 3173 56.82 16.25 25.04
N ASP E 3174 56.38 17.16 25.91
CA ASP E 3174 55.43 18.20 25.53
C ASP E 3174 56.09 19.26 24.63
N PRO E 3175 55.53 19.62 23.46
CA PRO E 3175 56.20 20.48 22.49
C PRO E 3175 56.26 21.94 22.93
N MET E 3176 57.09 22.75 22.28
CA MET E 3176 57.34 24.10 22.78
C MET E 3176 56.15 25.05 22.66
N ASN E 3177 55.23 24.85 21.73
CA ASN E 3177 54.06 25.71 21.64
C ASN E 3177 53.09 25.57 22.83
N ILE E 3178 53.10 24.46 23.58
CA ILE E 3178 52.41 24.40 24.87
C ILE E 3178 53.30 24.95 25.97
N TRP E 3179 54.62 24.92 25.81
CA TRP E 3179 55.48 25.47 26.83
C TRP E 3179 55.41 26.99 26.94
N ASP E 3180 55.54 27.71 25.83
CA ASP E 3180 55.44 29.15 25.89
C ASP E 3180 54.01 29.65 26.10
N ASP E 3181 52.99 28.82 25.88
CA ASP E 3181 51.65 29.06 26.40
C ASP E 3181 51.67 29.14 27.91
N ILE E 3182 52.23 28.18 28.62
CA ILE E 3182 52.27 28.23 30.07
C ILE E 3182 53.07 29.44 30.53
N ILE E 3183 54.19 29.75 29.90
CA ILE E 3183 55.10 30.74 30.47
C ILE E 3183 54.77 32.18 30.09
N THR E 3184 54.33 32.47 28.88
CA THR E 3184 53.80 33.82 28.60
C THR E 3184 52.52 34.10 29.37
N ASN E 3185 51.73 33.08 29.75
CA ASN E 3185 50.62 33.25 30.69
C ASN E 3185 51.09 33.50 32.12
N ARG E 3186 51.96 32.67 32.68
CA ARG E 3186 52.51 32.86 34.04
C ARG E 3186 53.07 34.26 34.16
N CYS E 3187 53.87 34.68 33.19
CA CYS E 3187 54.41 36.02 33.12
C CYS E 3187 53.33 37.12 33.23
N PHE E 3188 52.27 37.05 32.41
CA PHE E 3188 51.17 37.99 32.50
C PHE E 3188 50.55 38.02 33.91
N PHE E 3189 50.20 36.87 34.47
CA PHE E 3189 49.61 36.83 35.81
C PHE E 3189 50.51 37.46 36.87
N LEU E 3190 51.80 37.16 36.87
CA LEU E 3190 52.70 37.77 37.83
C LEU E 3190 52.72 39.29 37.69
N SER E 3191 52.77 39.83 36.46
CA SER E 3191 52.70 41.28 36.27
C SER E 3191 51.36 41.89 36.71
N LYS E 3192 50.25 41.16 36.56
CA LYS E 3192 48.93 41.65 36.97
C LYS E 3192 48.80 41.65 38.49
N ILE E 3193 49.26 40.61 39.19
CA ILE E 3193 49.27 40.56 40.65
C ILE E 3193 50.18 41.66 41.20
N GLU E 3194 51.34 41.87 40.57
CA GLU E 3194 52.29 42.92 40.95
C GLU E 3194 51.60 44.30 41.01
N GLU E 3195 50.83 44.66 39.98
CA GLU E 3195 50.05 45.90 40.00
C GLU E 3195 48.94 45.85 41.05
N LYS E 3196 48.15 44.78 41.13
CA LYS E 3196 47.04 44.66 42.10
C LYS E 3196 47.51 44.80 43.55
N LEU E 3197 48.68 44.28 43.86
CA LEU E 3197 49.36 44.32 45.15
C LEU E 3197 50.55 45.31 45.11
N THR E 3198 50.33 46.49 44.53
CA THR E 3198 51.34 47.57 44.54
C THR E 3198 51.60 48.13 45.93
N PRO E 3199 50.59 48.66 46.66
CA PRO E 3199 50.89 49.33 47.94
C PRO E 3199 50.98 48.37 49.12
N ILE E 3227 56.54 43.13 44.83
CA ILE E 3227 57.50 42.34 45.60
C ILE E 3227 58.65 41.88 44.69
N SER E 3228 59.31 42.80 44.01
CA SER E 3228 60.25 42.50 42.91
C SER E 3228 61.34 41.47 43.25
N SER E 3229 61.82 41.43 44.48
CA SER E 3229 62.79 40.44 44.96
C SER E 3229 62.24 39.01 44.96
N LEU E 3230 60.96 38.81 45.26
CA LEU E 3230 60.23 37.56 45.04
C LEU E 3230 60.00 37.36 43.53
N ILE E 3231 59.33 38.30 42.87
CA ILE E 3231 58.81 38.08 41.52
C ILE E 3231 59.92 37.80 40.51
N ARG E 3232 61.02 38.56 40.52
CA ARG E 3232 62.14 38.32 39.60
C ARG E 3232 62.73 36.92 39.76
N SER E 3233 62.87 36.42 40.98
CA SER E 3233 63.42 35.08 41.23
C SER E 3233 62.59 33.97 40.60
N CYS E 3234 61.27 34.11 40.64
CA CYS E 3234 60.38 33.15 40.01
C CYS E 3234 60.39 33.33 38.50
N LYS E 3235 60.13 34.54 38.00
CA LYS E 3235 60.09 34.84 36.57
C LYS E 3235 61.39 34.41 35.86
N PHE E 3236 62.55 34.64 36.45
CA PHE E 3236 63.82 34.18 35.87
C PHE E 3236 64.03 32.67 35.94
N SER E 3237 63.82 32.02 37.08
CA SER E 3237 64.01 30.55 37.17
C SER E 3237 62.99 29.77 36.34
N MET E 3238 61.77 30.27 36.24
CA MET E 3238 60.75 29.76 35.35
C MET E 3238 61.19 29.86 33.90
N LYS E 3239 61.60 31.04 33.43
CA LYS E 3239 62.09 31.21 32.06
C LYS E 3239 63.33 30.35 31.83
N MET E 3240 64.29 30.21 32.75
CA MET E 3240 65.43 29.27 32.56
C MET E 3240 65.00 27.84 32.25
N LYS E 3241 63.94 27.31 32.86
CA LYS E 3241 63.47 25.95 32.56
C LYS E 3241 62.98 25.81 31.12
N MET E 3242 62.39 26.85 30.53
CA MET E 3242 61.98 26.85 29.12
C MET E 3242 63.17 26.76 28.18
N ILE E 3243 64.34 27.25 28.59
CA ILE E 3243 65.56 27.14 27.79
C ILE E 3243 66.08 25.72 27.79
N ASP E 3244 66.25 25.09 28.95
CA ASP E 3244 66.83 23.76 28.94
C ASP E 3244 65.89 22.73 28.31
N SER E 3245 64.59 22.88 28.51
CA SER E 3245 63.62 22.05 27.78
C SER E 3245 63.64 22.33 26.28
N ALA E 3246 63.81 23.56 25.80
CA ALA E 3246 63.99 23.82 24.37
C ALA E 3246 65.25 23.12 23.81
N ARG E 3247 66.35 23.16 24.55
CA ARG E 3247 67.58 22.38 24.25
C ARG E 3247 67.29 20.89 24.17
N LYS E 3248 66.72 20.26 25.21
CA LYS E 3248 66.41 18.83 25.21
C LYS E 3248 65.42 18.44 24.11
N GLN E 3249 64.48 19.31 23.74
CA GLN E 3249 63.64 19.22 22.53
C GLN E 3249 64.37 19.49 21.21
N ASN E 3250 65.65 19.81 21.22
CA ASN E 3250 66.51 20.13 20.07
C ASN E 3250 66.13 21.37 19.25
N ASN E 3251 65.28 22.25 19.79
CA ASN E 3251 64.78 23.42 19.11
C ASN E 3251 65.68 24.62 19.42
N PHE E 3252 66.73 24.82 18.63
CA PHE E 3252 67.79 25.76 18.97
C PHE E 3252 67.47 27.24 18.79
N SER E 3253 66.88 27.68 17.70
CA SER E 3253 66.70 29.11 17.46
C SER E 3253 65.73 29.74 18.46
N LEU E 3254 64.70 29.02 18.90
CA LEU E 3254 63.85 29.47 20.01
C LEU E 3254 64.68 29.59 21.29
N ALA E 3255 65.60 28.67 21.52
CA ALA E 3255 66.47 28.74 22.68
C ALA E 3255 67.41 29.94 22.57
N MET E 3256 68.11 30.19 21.46
CA MET E 3256 68.91 31.42 21.26
C MET E 3256 68.13 32.67 21.61
N LYS E 3257 66.92 32.80 21.07
CA LYS E 3257 66.08 33.98 21.21
C LYS E 3257 65.71 34.24 22.66
N LEU E 3258 65.43 33.21 23.43
CA LEU E 3258 65.26 33.29 24.88
C LEU E 3258 66.56 33.66 25.59
N LEU E 3259 67.70 33.09 25.18
CA LEU E 3259 68.98 33.29 25.86
C LEU E 3259 69.43 34.74 25.81
N LYS E 3260 69.35 35.35 24.62
CA LYS E 3260 69.77 36.73 24.41
C LYS E 3260 68.92 37.73 25.17
N GLU E 3261 67.63 37.45 25.37
CA GLU E 3261 66.76 38.30 26.17
C GLU E 3261 67.19 38.34 27.64
N LEU E 3262 67.45 37.19 28.26
CA LEU E 3262 67.75 37.14 29.69
C LEU E 3262 69.18 37.57 30.04
N HIS E 3263 70.11 37.68 29.08
CA HIS E 3263 71.49 38.09 29.36
C HIS E 3263 71.58 39.39 30.16
N LYS E 3264 70.88 40.44 29.73
CA LYS E 3264 70.95 41.74 30.40
C LYS E 3264 70.29 41.76 31.79
N GLU E 3265 69.36 40.85 32.07
CA GLU E 3265 68.88 40.58 33.43
C GLU E 3265 69.91 39.79 34.26
N SER E 3266 70.56 38.79 33.65
CA SER E 3266 71.40 37.84 34.37
C SER E 3266 72.71 38.46 34.85
N LYS E 3267 73.19 39.45 34.08
CA LYS E 3267 74.38 40.27 34.37
C LYS E 3267 74.38 40.90 35.77
N THR E 3268 73.21 41.11 36.37
CA THR E 3268 73.08 41.82 37.65
C THR E 3268 73.49 41.01 38.89
N ARG E 3269 73.55 39.67 38.85
CA ARG E 3269 73.70 38.85 40.07
C ARG E 3269 74.49 37.58 39.84
N ASP E 3270 75.21 37.09 40.85
CA ASP E 3270 76.13 35.96 40.71
C ASP E 3270 75.46 34.64 40.34
N ASP E 3271 74.34 34.32 40.99
CA ASP E 3271 73.55 33.14 40.72
C ASP E 3271 72.85 33.22 39.35
N TRP E 3272 72.32 34.37 38.97
CA TRP E 3272 71.75 34.51 37.63
C TRP E 3272 72.82 34.49 36.54
N LEU E 3273 73.98 35.12 36.76
CA LEU E 3273 75.09 35.13 35.80
C LEU E 3273 75.71 33.75 35.62
N VAL E 3274 76.03 33.02 36.70
CA VAL E 3274 76.61 31.69 36.55
C VAL E 3274 75.63 30.74 35.84
N SER E 3275 74.34 30.84 36.16
CA SER E 3275 73.32 30.04 35.48
C SER E 3275 73.18 30.43 34.02
N TRP E 3276 73.24 31.71 33.67
CA TRP E 3276 73.22 32.13 32.27
C TRP E 3276 74.43 31.61 31.51
N VAL E 3277 75.63 31.69 32.08
CA VAL E 3277 76.82 31.14 31.42
C VAL E 3277 76.68 29.63 31.23
N GLN E 3278 76.31 28.90 32.29
CA GLN E 3278 76.09 27.46 32.20
C GLN E 3278 75.01 27.08 31.17
N SER E 3279 73.88 27.76 31.13
CA SER E 3279 72.81 27.43 30.19
C SER E 3279 73.18 27.84 28.76
N TYR E 3280 73.88 28.95 28.52
CA TYR E 3280 74.40 29.27 27.18
C TYR E 3280 75.44 28.24 26.70
N CYS E 3281 76.39 27.86 27.55
CA CYS E 3281 77.40 26.91 27.11
C CYS E 3281 76.82 25.50 26.92
N ARG E 3282 75.92 24.99 27.77
CA ARG E 3282 75.19 23.73 27.49
C ARG E 3282 74.63 23.73 26.08
N LEU E 3283 73.94 24.81 25.73
CA LEU E 3283 73.26 24.98 24.46
C LEU E 3283 74.24 25.04 23.27
N SER E 3284 75.44 25.55 23.46
CA SER E 3284 76.48 25.51 22.42
C SER E 3284 77.00 24.10 22.11
N HIS E 3285 77.09 23.21 23.11
CA HIS E 3285 77.55 21.84 22.89
C HIS E 3285 76.54 21.13 22.04
N CYS E 3286 75.28 21.09 22.47
CA CYS E 3286 74.23 20.39 21.75
C CYS E 3286 74.05 20.99 20.34
N ARG E 3287 74.23 22.31 20.17
CA ARG E 3287 74.26 22.94 18.84
C ARG E 3287 75.40 22.43 17.98
N SER E 3288 76.64 22.54 18.45
CA SER E 3288 77.85 22.20 17.70
C SER E 3288 77.88 20.74 17.26
N ARG E 3289 77.25 19.83 18.01
CA ARG E 3289 77.36 18.38 17.86
C ARG E 3289 77.13 17.86 16.44
N SER E 3290 76.28 18.53 15.66
CA SER E 3290 75.92 18.17 14.29
C SER E 3290 76.50 19.07 13.21
N GLN E 3291 77.22 20.15 13.56
CA GLN E 3291 77.56 21.26 12.65
C GLN E 3291 78.81 21.01 11.79
N GLY E 3292 78.94 19.82 11.22
CA GLY E 3292 79.82 19.54 10.08
C GLY E 3292 81.31 19.52 10.40
N CYS E 3293 82.15 19.78 9.40
CA CYS E 3293 83.61 19.66 9.52
C CYS E 3293 84.22 20.77 10.40
N SER E 3294 83.93 22.05 10.11
CA SER E 3294 84.75 23.18 10.57
C SER E 3294 84.05 24.20 11.46
N GLU E 3295 82.76 24.43 11.24
CA GLU E 3295 81.96 25.38 12.01
C GLU E 3295 81.87 24.99 13.50
N GLN E 3296 82.20 23.74 13.85
CA GLN E 3296 82.35 23.29 15.23
C GLN E 3296 83.34 24.17 15.98
N VAL E 3297 84.59 24.34 15.52
CA VAL E 3297 85.57 25.08 16.32
C VAL E 3297 85.20 26.54 16.49
N LEU E 3298 84.55 27.20 15.52
CA LEU E 3298 83.94 28.51 15.78
C LEU E 3298 82.84 28.45 16.86
N THR E 3299 81.84 27.60 16.65
CA THR E 3299 80.63 27.53 17.50
C THR E 3299 80.88 27.05 18.93
N VAL E 3300 82.06 26.47 19.22
CA VAL E 3300 82.42 26.02 20.58
C VAL E 3300 83.75 26.55 21.13
N LEU E 3301 84.76 26.94 20.34
CA LEU E 3301 85.91 27.67 20.90
C LEU E 3301 85.57 29.13 21.13
N LYS E 3302 85.28 29.85 20.04
CA LYS E 3302 85.45 31.30 19.86
C LYS E 3302 85.06 32.10 21.09
N THR E 3303 83.79 32.02 21.47
CA THR E 3303 83.25 32.69 22.67
C THR E 3303 83.13 31.74 23.85
N VAL E 3304 82.71 30.48 23.68
CA VAL E 3304 82.34 29.61 24.81
C VAL E 3304 83.52 29.38 25.76
N SER E 3305 84.71 29.11 25.21
CA SER E 3305 85.91 28.90 26.04
C SER E 3305 86.31 30.13 26.88
N LEU E 3306 86.03 31.34 26.41
CA LEU E 3306 86.32 32.56 27.15
C LEU E 3306 85.35 32.68 28.34
N LEU E 3307 84.12 32.21 28.11
CA LEU E 3307 82.96 32.44 28.95
C LEU E 3307 82.99 31.68 30.28
N ASP E 3308 83.72 30.57 30.43
CA ASP E 3308 83.74 29.78 31.68
C ASP E 3308 84.91 30.10 32.65
N GLU E 3309 85.88 30.92 32.26
CA GLU E 3309 87.09 31.19 33.05
C GLU E 3309 86.91 32.29 34.12
N ASN E 3310 85.67 32.71 34.41
CA ASN E 3310 85.36 34.03 34.96
C ASN E 3310 86.01 34.29 36.32
N ASN E 3311 86.58 35.48 36.49
CA ASN E 3311 87.06 35.99 37.78
C ASN E 3311 85.93 35.96 38.84
N VAL E 3312 84.73 36.41 38.45
CA VAL E 3312 83.54 36.42 39.29
C VAL E 3312 82.93 35.04 39.58
N SER E 3313 83.28 34.00 38.81
CA SER E 3313 82.76 32.62 39.00
C SER E 3313 83.67 31.81 39.93
N SER E 3314 84.86 32.34 40.23
CA SER E 3314 85.72 31.92 41.34
C SER E 3314 85.39 32.69 42.63
N TYR E 3315 84.09 32.81 42.95
CA TYR E 3315 83.59 33.51 44.15
C TYR E 3315 83.69 32.62 45.41
N LEU E 3316 84.90 32.14 45.67
CA LEU E 3316 85.26 31.26 46.79
C LEU E 3316 84.46 29.94 46.83
N SER E 3317 84.05 29.46 45.64
CA SER E 3317 83.31 28.21 45.40
C SER E 3317 82.20 27.97 46.43
N LYS E 3318 81.36 28.99 46.64
CA LYS E 3318 80.45 29.12 47.77
C LYS E 3318 79.52 27.91 47.97
N ASN E 3319 79.07 27.28 46.87
CA ASN E 3319 78.45 25.96 46.87
C ASN E 3319 79.11 25.06 45.80
N ILE E 3320 79.46 23.82 46.14
CA ILE E 3320 80.33 22.98 45.29
C ILE E 3320 79.61 22.42 44.04
N LEU E 3321 78.28 22.32 44.02
CA LEU E 3321 77.54 21.79 42.88
C LEU E 3321 77.79 22.59 41.59
N ALA E 3322 77.81 23.93 41.69
CA ALA E 3322 78.12 24.80 40.56
C ALA E 3322 79.57 24.60 40.06
N PHE E 3323 80.52 24.42 40.98
CA PHE E 3323 81.91 24.10 40.64
C PHE E 3323 82.00 22.76 39.90
N ARG E 3324 81.31 21.72 40.39
CA ARG E 3324 81.17 20.41 39.71
C ARG E 3324 80.61 20.58 38.31
N ASP E 3325 79.55 21.37 38.14
CA ASP E 3325 78.94 21.61 36.85
C ASP E 3325 79.86 22.36 35.89
N GLN E 3326 80.47 23.46 36.30
CA GLN E 3326 81.47 24.20 35.49
C GLN E 3326 82.70 23.34 35.14
N ASN E 3327 83.11 22.47 36.07
CA ASN E 3327 84.19 21.52 35.87
C ASN E 3327 83.85 20.42 34.84
N ILE E 3328 82.57 20.16 34.55
CA ILE E 3328 82.25 19.35 33.36
C ILE E 3328 82.38 20.21 32.12
N LEU E 3329 81.71 21.37 32.12
CA LEU E 3329 81.39 22.13 30.91
C LEU E 3329 82.65 22.58 30.16
N LEU E 3330 83.63 23.22 30.80
CA LEU E 3330 84.83 23.71 30.09
C LEU E 3330 85.72 22.57 29.54
N GLY E 3331 85.57 21.35 30.02
CA GLY E 3331 86.42 20.23 29.59
C GLY E 3331 85.78 19.43 28.48
N THR E 3332 84.47 19.17 28.56
CA THR E 3332 83.76 18.69 27.38
C THR E 3332 83.87 19.75 26.27
N THR E 3333 83.95 21.05 26.58
CA THR E 3333 84.32 22.08 25.60
C THR E 3333 85.69 21.80 24.94
N TYR E 3334 86.77 21.56 25.70
CA TYR E 3334 88.07 21.24 25.11
C TYR E 3334 88.08 19.96 24.29
N ARG E 3335 87.41 18.89 24.74
CA ARG E 3335 87.32 17.64 23.96
C ARG E 3335 86.81 17.93 22.55
N ILE E 3336 85.72 18.70 22.40
CA ILE E 3336 85.14 18.96 21.08
C ILE E 3336 86.16 19.68 20.20
N ILE E 3337 86.80 20.72 20.72
CA ILE E 3337 87.78 21.54 19.99
C ILE E 3337 88.94 20.68 19.48
N ALA E 3338 89.41 19.74 20.30
CA ALA E 3338 90.49 18.84 19.95
C ALA E 3338 90.05 17.70 19.00
N ASN E 3339 88.85 17.17 19.22
CA ASN E 3339 88.28 16.10 18.43
C ASN E 3339 87.95 16.57 17.01
N ALA E 3340 87.57 17.84 16.85
CA ALA E 3340 87.47 18.47 15.54
C ALA E 3340 88.80 18.35 14.76
N LEU E 3341 89.90 18.78 15.37
CA LEU E 3341 91.24 18.68 14.78
C LEU E 3341 91.72 17.22 14.58
N SER E 3342 91.22 16.27 15.37
CA SER E 3342 91.47 14.84 15.12
C SER E 3342 90.66 14.30 13.94
N SER E 3343 89.49 14.87 13.63
CA SER E 3343 88.74 14.51 12.43
C SER E 3343 89.45 14.96 11.14
N GLU E 3344 90.04 16.16 11.13
CA GLU E 3344 91.07 16.53 10.16
C GLU E 3344 92.07 17.55 10.77
N PRO E 3345 93.38 17.23 10.85
CA PRO E 3345 94.38 18.17 11.35
C PRO E 3345 94.80 19.21 10.31
N ALA E 3346 94.80 18.83 9.03
CA ALA E 3346 95.51 19.56 7.97
C ALA E 3346 94.79 20.82 7.47
N CYS E 3347 93.52 21.04 7.84
CA CYS E 3347 92.67 22.06 7.22
C CYS E 3347 92.02 23.04 8.20
N LEU E 3348 91.61 22.63 9.41
CA LEU E 3348 90.84 23.53 10.28
C LEU E 3348 91.62 24.79 10.65
N ALA E 3349 92.86 24.64 11.15
CA ALA E 3349 93.72 25.77 11.43
C ALA E 3349 94.11 26.53 10.13
N GLU E 3350 94.45 25.80 9.07
CA GLU E 3350 94.91 26.40 7.82
C GLU E 3350 93.84 27.25 7.11
N ILE E 3351 92.55 26.97 7.33
CA ILE E 3351 91.43 27.68 6.70
C ILE E 3351 90.80 28.71 7.64
N GLU E 3352 90.63 28.42 8.95
CA GLU E 3352 90.05 29.38 9.92
C GLU E 3352 91.11 30.38 10.45
N GLU E 3353 91.80 31.04 9.51
CA GLU E 3353 93.16 31.60 9.66
C GLU E 3353 93.33 32.92 10.46
N ASP E 3354 92.25 33.55 10.92
CA ASP E 3354 92.25 34.97 11.30
C ASP E 3354 92.14 35.26 12.83
N LYS E 3355 90.92 35.38 13.35
CA LYS E 3355 90.61 36.02 14.64
C LYS E 3355 90.96 35.17 15.86
N ALA E 3356 90.84 33.84 15.74
CA ALA E 3356 90.92 32.91 16.87
C ALA E 3356 92.35 32.48 17.26
N ARG E 3357 93.35 32.56 16.37
CA ARG E 3357 94.62 31.82 16.52
C ARG E 3357 95.39 32.06 17.84
N ARG E 3358 95.42 33.27 18.38
CA ARG E 3358 96.12 33.54 19.66
C ARG E 3358 95.35 32.97 20.85
N ILE E 3359 94.05 33.21 20.92
CA ILE E 3359 93.22 32.63 21.98
C ILE E 3359 93.16 31.11 21.84
N LEU E 3360 93.33 30.55 20.64
CA LEU E 3360 93.51 29.12 20.41
C LEU E 3360 94.83 28.63 21.04
N GLU E 3361 95.95 29.33 20.84
CA GLU E 3361 97.21 29.03 21.54
C GLU E 3361 97.05 29.10 23.06
N LEU E 3362 96.43 30.15 23.61
CA LEU E 3362 96.17 30.25 25.04
C LEU E 3362 95.16 29.19 25.54
N SER E 3363 94.32 28.66 24.66
CA SER E 3363 93.41 27.56 24.91
C SER E 3363 94.05 26.17 24.75
N GLY E 3364 95.30 26.07 24.29
CA GLY E 3364 96.02 24.80 24.09
C GLY E 3364 97.44 24.80 24.67
N SER E 3365 98.31 23.95 24.12
CA SER E 3365 99.75 23.97 24.43
C SER E 3365 100.43 25.21 23.86
N SER E 3366 101.47 25.68 24.56
CA SER E 3366 102.21 26.89 24.19
C SER E 3366 103.00 26.74 22.88
N SER E 3367 103.44 25.52 22.54
CA SER E 3367 104.27 25.22 21.35
C SER E 3367 103.59 25.51 20.00
N GLU E 3368 104.41 25.87 19.02
CA GLU E 3368 104.06 26.05 17.59
C GLU E 3368 104.27 24.77 16.75
N ASP E 3369 104.63 23.64 17.38
CA ASP E 3369 104.61 22.31 16.75
C ASP E 3369 103.18 21.92 16.33
N SER E 3370 102.94 21.77 15.04
CA SER E 3370 101.59 21.54 14.46
C SER E 3370 100.86 20.31 15.01
N GLU E 3371 101.56 19.24 15.39
CA GLU E 3371 100.96 18.04 15.94
C GLU E 3371 100.60 18.16 17.44
N LYS E 3372 101.44 18.82 18.23
CA LYS E 3372 101.34 18.76 19.72
C LYS E 3372 100.14 19.51 20.28
N VAL E 3373 99.49 20.35 19.49
CA VAL E 3373 98.34 21.15 19.94
C VAL E 3373 97.21 20.27 20.46
N ILE E 3374 96.90 19.15 19.78
CA ILE E 3374 95.84 18.25 20.24
C ILE E 3374 96.21 17.57 21.56
N ALA E 3375 97.46 17.10 21.72
CA ALA E 3375 97.90 16.50 22.99
C ALA E 3375 97.88 17.51 24.14
N GLY E 3376 98.25 18.77 23.86
CA GLY E 3376 98.14 19.86 24.81
C GLY E 3376 96.70 20.13 25.25
N LEU E 3377 95.79 20.22 24.28
CA LEU E 3377 94.36 20.36 24.50
C LEU E 3377 93.84 19.20 25.36
N TYR E 3378 94.17 17.96 25.01
CA TYR E 3378 93.74 16.80 25.78
C TYR E 3378 94.33 16.76 27.20
N GLN E 3379 95.54 17.26 27.44
CA GLN E 3379 96.13 17.28 28.78
C GLN E 3379 95.37 18.21 29.73
N ARG E 3380 95.08 19.43 29.28
CA ARG E 3380 94.25 20.37 30.06
C ARG E 3380 92.78 19.95 30.16
N ALA E 3381 92.26 19.23 29.17
CA ALA E 3381 90.97 18.57 29.32
C ALA E 3381 91.01 17.54 30.47
N PHE E 3382 91.94 16.58 30.43
CA PHE E 3382 92.02 15.49 31.40
C PHE E 3382 92.10 15.96 32.85
N GLN E 3383 92.95 16.94 33.14
CA GLN E 3383 93.05 17.46 34.51
C GLN E 3383 91.72 18.12 34.94
N HIS E 3384 91.02 18.81 34.03
CA HIS E 3384 89.74 19.43 34.37
C HIS E 3384 88.66 18.39 34.64
N LEU E 3385 88.57 17.36 33.78
CA LEU E 3385 87.73 16.19 34.01
C LEU E 3385 88.02 15.54 35.38
N SER E 3386 89.30 15.41 35.74
CA SER E 3386 89.71 14.87 37.03
C SER E 3386 89.31 15.79 38.20
N GLU E 3387 89.41 17.10 38.03
CA GLU E 3387 88.95 18.09 39.02
C GLU E 3387 87.44 17.94 39.30
N ALA E 3388 86.65 17.64 38.27
CA ALA E 3388 85.22 17.40 38.42
C ALA E 3388 84.91 16.25 39.39
N VAL E 3389 85.73 15.20 39.41
CA VAL E 3389 85.59 14.08 40.35
C VAL E 3389 85.74 14.53 41.80
N GLN E 3390 86.72 15.40 42.07
CA GLN E 3390 86.97 15.89 43.43
C GLN E 3390 85.82 16.76 43.95
N ALA E 3391 85.21 17.55 43.07
CA ALA E 3391 83.98 18.28 43.39
C ALA E 3391 82.78 17.33 43.55
N ALA E 3392 82.68 16.30 42.70
CA ALA E 3392 81.63 15.28 42.77
C ALA E 3392 81.67 14.46 44.07
N GLU E 3393 82.85 14.14 44.61
CA GLU E 3393 83.02 13.43 45.88
C GLU E 3393 82.99 14.37 47.12
N GLU E 3394 82.47 15.59 46.95
CA GLU E 3394 82.21 16.58 48.01
C GLU E 3394 80.79 17.18 47.82
N GLU E 3395 79.77 16.32 47.86
CA GLU E 3395 78.37 16.72 47.65
C GLU E 3395 77.88 17.75 48.67
N ALA E 3406 73.60 10.31 42.85
CA ALA E 3406 73.30 9.66 41.58
C ALA E 3406 73.22 10.66 40.41
N ALA E 3407 72.98 11.94 40.70
CA ALA E 3407 73.38 13.05 39.83
C ALA E 3407 74.89 13.38 39.97
N GLY E 3408 75.53 12.89 41.04
CA GLY E 3408 76.92 13.10 41.39
C GLY E 3408 77.88 12.14 40.68
N VAL E 3409 78.63 11.36 41.46
CA VAL E 3409 79.89 10.74 41.00
C VAL E 3409 79.73 9.88 39.75
N ILE E 3410 78.62 9.18 39.53
CA ILE E 3410 78.49 8.28 38.38
C ILE E 3410 78.55 9.01 37.05
N ASP E 3411 77.99 10.22 36.96
CA ASP E 3411 78.04 11.02 35.74
C ASP E 3411 79.44 11.61 35.51
N ALA E 3412 80.09 12.08 36.57
CA ALA E 3412 81.46 12.60 36.50
C ALA E 3412 82.47 11.49 36.13
N TYR E 3413 82.48 10.41 36.92
CA TYR E 3413 83.30 9.22 36.68
C TYR E 3413 83.09 8.69 35.27
N MET E 3414 81.85 8.59 34.78
CA MET E 3414 81.64 8.06 33.43
C MET E 3414 82.14 9.01 32.34
N THR E 3415 82.15 10.32 32.53
CA THR E 3415 82.77 11.21 31.54
C THR E 3415 84.29 11.08 31.48
N LEU E 3416 84.99 10.81 32.59
CA LEU E 3416 86.41 10.45 32.53
C LEU E 3416 86.55 9.16 31.76
N ALA E 3417 85.82 8.14 32.18
CA ALA E 3417 85.86 6.82 31.59
C ALA E 3417 85.69 6.87 30.06
N ASP E 3418 84.69 7.60 29.58
CA ASP E 3418 84.49 7.86 28.17
C ASP E 3418 85.69 8.56 27.53
N PHE E 3419 86.14 9.70 28.05
CA PHE E 3419 87.23 10.44 27.42
C PHE E 3419 88.53 9.64 27.39
N CYS E 3420 88.91 9.07 28.53
CA CYS E 3420 90.03 8.17 28.70
C CYS E 3420 89.96 7.00 27.70
N ASP E 3421 88.85 6.27 27.66
CA ASP E 3421 88.72 5.12 26.77
C ASP E 3421 88.56 5.51 25.29
N GLN E 3422 88.04 6.70 24.97
CA GLN E 3422 88.05 7.25 23.61
C GLN E 3422 89.48 7.53 23.17
N GLN E 3423 90.27 8.15 24.05
CA GLN E 3423 91.71 8.27 23.84
C GLN E 3423 92.31 6.89 23.68
N LEU E 3424 91.92 5.87 24.46
CA LEU E 3424 92.34 4.49 24.17
C LEU E 3424 91.93 4.04 22.77
N ARG E 3425 90.69 4.15 22.27
CA ARG E 3425 90.39 3.61 20.95
C ARG E 3425 91.29 4.26 19.92
N LYS E 3426 91.38 5.59 19.98
CA LYS E 3426 92.23 6.28 19.04
C LYS E 3426 93.68 5.85 19.20
N GLU E 3427 94.10 5.59 20.43
CA GLU E 3427 95.49 5.27 20.66
C GLU E 3427 95.84 3.92 20.07
N GLU E 3428 94.91 2.97 20.13
CA GLU E 3428 95.24 1.63 19.68
C GLU E 3428 95.48 1.60 18.18
N GLU E 3429 95.18 2.69 17.48
CA GLU E 3429 95.38 2.70 16.04
C GLU E 3429 96.70 3.34 15.63
N ASN E 3430 97.54 3.72 16.58
CA ASN E 3430 98.83 4.34 16.28
C ASN E 3430 99.76 4.09 17.46
N ALA E 3431 100.87 4.84 17.50
CA ALA E 3431 101.86 4.72 18.57
C ALA E 3431 102.26 6.13 19.01
N SER E 3432 101.76 6.55 20.16
CA SER E 3432 102.10 7.85 20.75
C SER E 3432 102.72 7.59 22.11
N VAL E 3433 104.05 7.66 22.19
CA VAL E 3433 104.77 7.26 23.40
C VAL E 3433 104.44 8.21 24.55
N ILE E 3434 104.49 9.52 24.31
CA ILE E 3434 104.26 10.49 25.37
C ILE E 3434 102.79 10.52 25.77
N ASP E 3435 101.82 10.24 24.90
CA ASP E 3435 100.49 9.86 25.39
C ASP E 3435 100.51 8.54 26.20
N SER E 3436 101.33 7.56 25.81
CA SER E 3436 101.51 6.29 26.55
C SER E 3436 102.02 6.54 27.99
N ALA E 3437 102.84 7.58 28.19
CA ALA E 3437 103.43 7.93 29.47
C ALA E 3437 102.37 8.41 30.47
N GLU E 3438 101.54 9.39 30.09
CA GLU E 3438 100.38 9.76 30.90
C GLU E 3438 99.34 8.63 30.96
N LEU E 3439 99.28 7.78 29.93
CA LEU E 3439 98.50 6.55 29.94
C LEU E 3439 99.02 5.50 30.92
N GLN E 3440 100.22 5.60 31.50
CA GLN E 3440 100.53 4.81 32.70
C GLN E 3440 99.52 5.07 33.84
N ALA E 3441 98.85 6.24 33.83
CA ALA E 3441 97.67 6.50 34.64
C ALA E 3441 96.36 6.14 33.92
N TYR E 3442 96.20 6.43 32.61
CA TYR E 3442 94.88 6.42 31.96
C TYR E 3442 94.01 5.21 32.32
N PRO E 3443 94.37 3.94 32.06
CA PRO E 3443 93.41 2.86 32.21
C PRO E 3443 93.25 2.44 33.66
N ALA E 3444 94.22 2.69 34.53
CA ALA E 3444 94.04 2.54 35.97
C ALA E 3444 92.98 3.53 36.49
N LEU E 3445 92.96 4.75 35.97
CA LEU E 3445 91.95 5.77 36.25
C LEU E 3445 90.62 5.50 35.52
N VAL E 3446 90.62 4.79 34.40
CA VAL E 3446 89.42 4.17 33.85
C VAL E 3446 88.90 3.20 34.88
N VAL E 3447 89.61 2.14 35.25
CA VAL E 3447 89.00 0.96 35.75
C VAL E 3447 88.43 1.21 37.13
N GLU E 3448 89.19 1.82 38.03
CA GLU E 3448 88.69 2.05 39.38
C GLU E 3448 87.46 2.97 39.39
N LYS E 3449 87.52 4.09 38.66
CA LYS E 3449 86.49 5.13 38.72
C LYS E 3449 85.27 4.76 37.88
N MET E 3450 85.49 4.22 36.68
CA MET E 3450 84.41 3.72 35.81
C MET E 3450 83.59 2.65 36.52
N LEU E 3451 84.25 1.72 37.19
CA LEU E 3451 83.55 0.64 37.86
C LEU E 3451 82.89 1.08 39.15
N LYS E 3452 83.39 2.11 39.84
CA LYS E 3452 82.73 2.65 41.05
C LYS E 3452 81.25 3.00 40.81
N ALA E 3453 80.86 3.27 39.56
CA ALA E 3453 79.46 3.41 39.16
C ALA E 3453 78.60 2.15 39.40
N LEU E 3454 79.14 0.95 39.20
CA LEU E 3454 78.40 -0.31 39.14
C LEU E 3454 77.84 -0.79 40.48
N LYS E 3455 78.14 -0.16 41.63
CA LYS E 3455 77.32 -0.38 42.84
C LYS E 3455 75.94 0.27 42.75
N LEU E 3456 75.76 1.25 41.86
CA LEU E 3456 74.55 2.02 41.62
C LEU E 3456 73.85 1.57 40.33
N ASN E 3457 72.78 2.26 39.93
CA ASN E 3457 71.98 1.98 38.74
C ASN E 3457 72.84 1.81 37.46
N SER E 3458 73.57 2.86 37.07
CA SER E 3458 74.82 2.84 36.29
C SER E 3458 74.88 2.06 34.97
N ASN E 3459 73.75 1.82 34.32
CA ASN E 3459 73.68 0.85 33.24
C ASN E 3459 74.61 1.14 32.07
N GLU E 3460 74.98 2.38 31.78
CA GLU E 3460 75.98 2.71 30.74
C GLU E 3460 77.30 1.96 30.99
N ALA E 3461 77.78 1.97 32.23
CA ALA E 3461 79.03 1.34 32.60
C ALA E 3461 78.92 -0.19 32.57
N ARG E 3462 77.76 -0.76 32.94
CA ARG E 3462 77.51 -2.22 32.88
C ARG E 3462 77.45 -2.69 31.43
N LEU E 3463 76.90 -1.87 30.55
CA LEU E 3463 76.94 -2.05 29.09
C LEU E 3463 78.36 -1.99 28.50
N LYS E 3464 79.29 -1.28 29.16
CA LYS E 3464 80.66 -1.03 28.68
C LYS E 3464 81.73 -1.96 29.23
N PHE E 3465 81.42 -2.74 30.26
CA PHE E 3465 82.36 -3.69 30.90
C PHE E 3465 83.02 -4.76 29.98
N PRO E 3466 82.48 -5.20 28.81
CA PRO E 3466 83.15 -6.19 27.95
C PRO E 3466 84.54 -5.78 27.44
N ARG E 3467 84.88 -4.48 27.46
CA ARG E 3467 86.22 -4.00 27.05
C ARG E 3467 87.34 -4.53 27.95
N LEU E 3468 87.14 -4.52 29.27
CA LEU E 3468 88.25 -4.54 30.24
C LEU E 3468 89.21 -5.69 29.95
N LEU E 3469 88.67 -6.90 29.88
CA LEU E 3469 89.40 -8.15 29.85
C LEU E 3469 90.39 -8.26 28.65
N GLN E 3470 90.16 -7.57 27.54
CA GLN E 3470 91.13 -7.50 26.43
C GLN E 3470 92.09 -6.31 26.52
N ILE E 3471 91.70 -5.13 27.02
CA ILE E 3471 92.70 -4.07 27.28
C ILE E 3471 93.70 -4.52 28.35
N ILE E 3472 93.24 -5.12 29.45
CA ILE E 3472 94.14 -5.67 30.48
C ILE E 3472 94.88 -6.94 30.02
N GLU E 3473 94.72 -7.37 28.76
CA GLU E 3473 95.67 -8.27 28.09
C GLU E 3473 96.68 -7.46 27.27
N ARG E 3474 96.25 -6.64 26.31
CA ARG E 3474 97.16 -5.92 25.40
C ARG E 3474 97.94 -4.77 26.05
N TYR E 3475 97.54 -4.34 27.24
CA TYR E 3475 98.34 -3.55 28.17
C TYR E 3475 98.33 -4.27 29.53
N PRO E 3476 99.22 -5.26 29.73
CA PRO E 3476 99.02 -6.28 30.75
C PRO E 3476 99.19 -5.78 32.19
N GLU E 3477 100.21 -4.95 32.44
CA GLU E 3477 100.65 -4.59 33.79
C GLU E 3477 99.53 -4.00 34.66
N GLU E 3478 98.69 -3.14 34.09
CA GLU E 3478 97.68 -2.40 34.86
C GLU E 3478 96.52 -3.25 35.36
N THR E 3479 96.46 -4.54 34.96
CA THR E 3479 95.56 -5.53 35.53
C THR E 3479 95.60 -5.56 37.06
N LEU E 3480 96.78 -5.33 37.66
CA LEU E 3480 96.96 -5.24 39.11
C LEU E 3480 95.98 -4.29 39.80
N SER E 3481 95.67 -3.16 39.15
CA SER E 3481 94.78 -2.12 39.70
C SER E 3481 93.29 -2.53 39.74
N LEU E 3482 92.89 -3.58 39.02
CA LEU E 3482 91.55 -4.15 39.07
C LEU E 3482 91.37 -5.05 40.31
N MET E 3483 92.09 -6.18 40.36
CA MET E 3483 91.81 -7.24 41.33
C MET E 3483 92.17 -6.90 42.77
N THR E 3484 93.20 -6.06 42.97
CA THR E 3484 93.82 -5.91 44.31
C THR E 3484 92.98 -5.18 45.35
N LYS E 3485 91.88 -4.50 44.98
CA LYS E 3485 91.12 -3.67 45.92
C LYS E 3485 89.59 -3.83 45.88
N GLU E 3486 88.90 -3.55 44.78
CA GLU E 3486 87.44 -3.37 44.89
C GLU E 3486 86.59 -3.86 43.71
N ILE E 3487 87.13 -4.67 42.78
CA ILE E 3487 86.27 -5.52 41.96
C ILE E 3487 85.40 -6.43 42.84
N SER E 3488 85.97 -6.93 43.94
CA SER E 3488 85.30 -7.69 45.01
C SER E 3488 84.37 -6.83 45.88
N SER E 3489 84.27 -5.52 45.68
CA SER E 3489 83.24 -4.69 46.31
C SER E 3489 81.96 -4.60 45.46
N VAL E 3490 82.07 -4.86 44.15
CA VAL E 3490 80.93 -4.78 43.23
C VAL E 3490 79.89 -5.82 43.66
N PRO E 3491 78.62 -5.44 43.92
CA PRO E 3491 77.59 -6.42 44.25
C PRO E 3491 77.57 -7.51 43.19
N CYS E 3492 77.74 -8.77 43.56
CA CYS E 3492 77.96 -9.86 42.61
C CYS E 3492 76.83 -10.02 41.60
N TRP E 3493 75.59 -9.65 41.95
CA TRP E 3493 74.45 -9.72 41.04
C TRP E 3493 74.61 -8.84 39.80
N GLN E 3494 75.47 -7.82 39.82
CA GLN E 3494 75.82 -7.00 38.64
C GLN E 3494 76.53 -7.79 37.53
N PHE E 3495 77.32 -8.80 37.88
CA PHE E 3495 78.24 -9.46 36.93
C PHE E 3495 77.64 -10.71 36.26
N ILE E 3496 76.40 -11.07 36.55
CA ILE E 3496 75.71 -12.19 35.87
C ILE E 3496 75.45 -11.91 34.38
N SER E 3497 75.40 -10.63 33.99
CA SER E 3497 74.81 -10.12 32.74
C SER E 3497 75.21 -10.92 31.50
N TRP E 3498 76.50 -11.19 31.31
CA TRP E 3498 77.03 -12.05 30.24
C TRP E 3498 78.06 -13.05 30.78
N ILE E 3499 77.74 -13.68 31.91
CA ILE E 3499 78.70 -14.50 32.66
C ILE E 3499 79.34 -15.63 31.84
N SER E 3500 78.66 -16.13 30.82
CA SER E 3500 79.16 -17.12 29.86
C SER E 3500 80.52 -16.75 29.26
N HIS E 3501 80.73 -15.48 28.97
CA HIS E 3501 81.98 -14.99 28.41
C HIS E 3501 83.09 -15.01 29.45
N MET E 3502 82.90 -14.41 30.63
CA MET E 3502 83.96 -14.39 31.64
C MET E 3502 84.28 -15.78 32.20
N VAL E 3503 83.29 -16.65 32.45
CA VAL E 3503 83.53 -17.98 33.01
C VAL E 3503 84.18 -18.94 32.01
N ALA E 3504 84.10 -18.65 30.71
CA ALA E 3504 84.82 -19.41 29.70
C ALA E 3504 86.31 -19.04 29.60
N LEU E 3505 86.71 -17.82 29.98
CA LEU E 3505 88.09 -17.34 29.86
C LEU E 3505 89.07 -17.89 30.91
N LEU E 3506 88.72 -18.96 31.63
CA LEU E 3506 89.42 -19.36 32.85
C LEU E 3506 90.87 -19.85 32.66
N ASP E 3507 91.32 -20.06 31.42
CA ASP E 3507 92.69 -20.45 31.09
C ASP E 3507 93.65 -19.27 30.89
N LYS E 3508 93.12 -18.10 30.54
CA LYS E 3508 93.91 -16.86 30.49
C LYS E 3508 94.24 -16.45 31.92
N ASP E 3509 95.41 -15.86 32.16
CA ASP E 3509 95.80 -15.40 33.50
C ASP E 3509 94.83 -14.36 34.09
N GLN E 3510 94.22 -13.53 33.24
CA GLN E 3510 93.22 -12.51 33.62
C GLN E 3510 92.01 -13.10 34.34
N ALA E 3511 91.79 -14.40 34.32
CA ALA E 3511 90.75 -15.06 35.13
C ALA E 3511 90.92 -14.82 36.64
N VAL E 3512 92.09 -14.41 37.12
CA VAL E 3512 92.28 -13.83 38.46
C VAL E 3512 91.30 -12.68 38.77
N ALA E 3513 90.86 -11.93 37.76
CA ALA E 3513 89.78 -10.95 37.87
C ALA E 3513 88.40 -11.57 37.99
N VAL E 3514 88.13 -12.59 37.18
CA VAL E 3514 86.86 -13.30 37.20
C VAL E 3514 86.63 -13.97 38.57
N GLN E 3515 87.71 -14.48 39.18
CA GLN E 3515 87.68 -15.35 40.37
C GLN E 3515 86.69 -14.92 41.46
N HIS E 3516 86.89 -13.75 42.06
CA HIS E 3516 86.12 -13.37 43.24
C HIS E 3516 84.63 -13.15 42.93
N SER E 3517 84.31 -12.51 41.79
CA SER E 3517 82.90 -12.35 41.43
C SER E 3517 82.21 -13.67 41.07
N VAL E 3518 82.85 -14.61 40.36
CA VAL E 3518 82.17 -15.87 40.04
C VAL E 3518 82.20 -16.88 41.19
N GLU E 3519 83.13 -16.75 42.14
CA GLU E 3519 83.00 -17.36 43.48
C GLU E 3519 81.72 -16.88 44.16
N GLU E 3520 81.49 -15.56 44.25
CA GLU E 3520 80.27 -15.03 44.85
C GLU E 3520 79.02 -15.53 44.11
N ILE E 3521 79.01 -15.51 42.77
CA ILE E 3521 77.84 -15.99 42.02
C ILE E 3521 77.65 -17.50 42.18
N THR E 3522 78.72 -18.28 42.34
CA THR E 3522 78.62 -19.71 42.70
C THR E 3522 78.06 -19.91 44.11
N ASP E 3523 78.38 -19.03 45.05
CA ASP E 3523 77.86 -19.05 46.42
C ASP E 3523 76.39 -18.61 46.50
N ASN E 3524 76.08 -17.42 46.00
CA ASN E 3524 74.75 -16.83 46.04
C ASN E 3524 73.76 -17.50 45.05
N TYR E 3525 74.18 -17.74 43.82
CA TYR E 3525 73.30 -17.99 42.67
C TYR E 3525 73.82 -19.10 41.73
N PRO E 3526 74.05 -20.33 42.22
CA PRO E 3526 74.58 -21.44 41.40
C PRO E 3526 73.73 -21.70 40.15
N GLN E 3527 72.41 -21.54 40.26
CA GLN E 3527 71.47 -21.67 39.15
C GLN E 3527 71.77 -20.70 37.99
N ALA E 3528 72.31 -19.54 38.29
CA ALA E 3528 72.59 -18.51 37.29
C ALA E 3528 73.82 -18.87 36.44
N ILE E 3529 74.81 -19.54 37.04
CA ILE E 3529 76.11 -19.85 36.42
C ILE E 3529 76.17 -21.26 35.80
N VAL E 3530 75.54 -22.24 36.42
CA VAL E 3530 75.63 -23.67 36.09
C VAL E 3530 75.51 -24.02 34.61
N TYR E 3531 74.41 -23.69 33.95
CA TYR E 3531 74.13 -24.22 32.61
C TYR E 3531 75.19 -23.84 31.54
N PRO E 3532 75.50 -22.54 31.32
CA PRO E 3532 76.60 -22.17 30.44
C PRO E 3532 77.94 -22.66 31.01
N PHE E 3533 78.07 -22.78 32.34
CA PHE E 3533 79.31 -23.23 32.95
C PHE E 3533 79.71 -24.66 32.61
N ILE E 3534 78.78 -25.62 32.52
CA ILE E 3534 79.13 -27.02 32.22
C ILE E 3534 79.89 -27.17 30.89
N ILE E 3535 79.65 -26.32 29.90
CA ILE E 3535 80.37 -26.38 28.60
C ILE E 3535 81.62 -25.49 28.53
N SER E 3536 81.63 -24.36 29.23
CA SER E 3536 82.88 -23.62 29.44
C SER E 3536 83.86 -24.37 30.34
N SER E 3537 83.39 -25.19 31.27
CA SER E 3537 84.18 -26.20 32.00
C SER E 3537 84.72 -27.26 31.02
N GLU E 3538 83.91 -27.80 30.13
CA GLU E 3538 84.40 -28.71 29.09
C GLU E 3538 85.50 -28.05 28.22
N SER E 3539 86.44 -28.87 27.74
CA SER E 3539 87.48 -28.52 26.77
C SER E 3539 88.40 -27.34 27.12
N TYR E 3540 88.69 -27.11 28.41
CA TYR E 3540 89.95 -26.45 28.79
C TYR E 3540 91.15 -27.34 28.38
N SER E 3541 92.27 -26.75 27.99
CA SER E 3541 93.40 -27.48 27.38
C SER E 3541 94.79 -26.94 27.77
N PHE E 3542 94.88 -26.18 28.87
CA PHE E 3542 96.14 -25.55 29.29
C PHE E 3542 97.05 -26.45 30.15
N LYS E 3543 98.36 -26.18 30.14
CA LYS E 3543 99.42 -27.09 30.66
C LYS E 3543 99.68 -26.93 32.18
N ASP E 3544 100.56 -27.76 32.72
CA ASP E 3544 100.95 -27.80 34.16
C ASP E 3544 101.82 -26.60 34.63
N THR E 3545 101.73 -25.45 33.98
CA THR E 3545 102.50 -24.24 34.28
C THR E 3545 102.13 -23.67 35.66
N SER E 3546 102.93 -22.73 36.16
CA SER E 3546 102.68 -22.07 37.47
C SER E 3546 101.35 -21.31 37.53
N THR E 3547 100.81 -20.81 36.42
CA THR E 3547 99.45 -20.26 36.33
C THR E 3547 98.40 -21.35 36.08
N GLY E 3548 98.69 -22.34 35.22
CA GLY E 3548 97.77 -23.45 34.94
C GLY E 3548 97.44 -24.28 36.17
N HIS E 3549 98.42 -24.47 37.05
CA HIS E 3549 98.28 -25.05 38.39
C HIS E 3549 97.18 -24.34 39.20
N LYS E 3550 97.35 -23.04 39.50
CA LYS E 3550 96.41 -22.29 40.35
C LYS E 3550 95.06 -22.05 39.66
N ASN E 3551 95.02 -21.84 38.35
CA ASN E 3551 93.76 -21.72 37.63
C ASN E 3551 92.97 -23.04 37.66
N LYS E 3552 93.58 -24.18 37.34
CA LYS E 3552 92.87 -25.47 37.38
C LYS E 3552 92.52 -25.88 38.82
N GLU E 3553 93.31 -25.49 39.81
CA GLU E 3553 92.89 -25.59 41.22
C GLU E 3553 91.64 -24.76 41.52
N PHE E 3554 91.53 -23.52 41.00
CA PHE E 3554 90.32 -22.71 41.15
C PHE E 3554 89.11 -23.33 40.45
N VAL E 3555 89.32 -23.92 39.26
CA VAL E 3555 88.30 -24.71 38.57
C VAL E 3555 87.85 -25.90 39.44
N ALA E 3556 88.78 -26.64 40.02
CA ALA E 3556 88.46 -27.80 40.85
C ALA E 3556 87.56 -27.43 42.04
N ARG E 3557 87.86 -26.32 42.75
CA ARG E 3557 87.00 -25.89 43.87
C ARG E 3557 85.62 -25.47 43.42
N ILE E 3558 85.45 -24.68 42.35
CA ILE E 3558 84.10 -24.34 41.86
C ILE E 3558 83.37 -25.58 41.35
N LYS E 3559 84.03 -26.48 40.62
CA LYS E 3559 83.42 -27.74 40.16
C LYS E 3559 82.86 -28.57 41.32
N SER E 3560 83.53 -28.54 42.47
CA SER E 3560 83.04 -29.19 43.71
C SER E 3560 81.87 -28.44 44.39
N LYS E 3561 81.65 -27.16 44.09
CA LYS E 3561 80.68 -26.30 44.81
C LYS E 3561 79.20 -26.51 44.42
N LEU E 3562 78.92 -27.21 43.32
CA LEU E 3562 77.64 -27.16 42.61
C LEU E 3562 77.12 -28.53 42.18
N ASP E 3563 75.82 -28.59 41.85
CA ASP E 3563 75.05 -29.80 41.54
C ASP E 3563 75.17 -30.89 42.62
N GLN E 3564 74.69 -30.56 43.82
CA GLN E 3564 74.78 -31.42 45.00
C GLN E 3564 74.00 -32.73 44.76
N GLY E 3565 74.72 -33.84 44.57
CA GLY E 3565 74.16 -35.15 44.23
C GLY E 3565 74.06 -35.47 42.73
N GLY E 3566 74.52 -34.60 41.82
CA GLY E 3566 74.56 -34.89 40.39
C GLY E 3566 73.18 -34.99 39.72
N VAL E 3567 72.23 -34.15 40.13
CA VAL E 3567 70.82 -34.18 39.70
C VAL E 3567 70.55 -33.22 38.53
N ILE E 3568 71.26 -32.09 38.48
CA ILE E 3568 71.26 -31.20 37.32
C ILE E 3568 71.99 -31.90 36.17
N GLN E 3569 73.08 -32.62 36.45
CA GLN E 3569 73.70 -33.52 35.49
C GLN E 3569 72.73 -34.63 35.02
N ASP E 3570 71.86 -35.14 35.88
CA ASP E 3570 70.86 -36.12 35.46
C ASP E 3570 69.83 -35.51 34.48
N PHE E 3571 69.40 -34.27 34.68
CA PHE E 3571 68.58 -33.55 33.69
C PHE E 3571 69.35 -33.31 32.39
N ILE E 3572 70.58 -32.79 32.48
CA ILE E 3572 71.45 -32.51 31.32
C ILE E 3572 71.66 -33.79 30.51
N ASN E 3573 71.84 -34.92 31.16
CA ASN E 3573 71.89 -36.22 30.52
C ASN E 3573 70.53 -36.63 29.94
N ALA E 3574 69.46 -36.68 30.75
CA ALA E 3574 68.16 -37.22 30.33
C ALA E 3574 67.66 -36.54 29.06
N LEU E 3575 67.71 -35.22 29.00
CA LEU E 3575 67.33 -34.51 27.80
C LEU E 3575 68.39 -34.60 26.69
N ASP E 3576 69.66 -34.92 26.96
CA ASP E 3576 70.66 -35.18 25.91
C ASP E 3576 70.30 -36.43 25.09
N GLN E 3577 70.24 -37.53 25.85
CA GLN E 3577 70.24 -38.90 25.40
C GLN E 3577 68.90 -39.29 24.82
N LEU E 3578 67.79 -38.83 25.41
CA LEU E 3578 66.48 -39.05 24.82
C LEU E 3578 66.31 -38.23 23.55
N SER E 3579 66.29 -36.93 23.75
CA SER E 3579 65.59 -35.98 22.89
C SER E 3579 66.07 -35.77 21.46
N ASN E 3580 67.25 -36.28 21.13
CA ASN E 3580 67.87 -36.15 19.82
C ASN E 3580 67.29 -37.25 18.91
N PRO E 3581 66.48 -36.91 17.88
CA PRO E 3581 65.83 -37.89 16.99
C PRO E 3581 66.85 -38.66 16.13
N GLU E 3582 66.37 -39.45 15.17
CA GLU E 3582 67.17 -40.19 14.18
C GLU E 3582 68.34 -39.35 13.61
N LEU E 3583 68.06 -38.07 13.34
CA LEU E 3583 68.97 -37.06 12.81
C LEU E 3583 70.29 -36.92 13.60
N LEU E 3584 70.35 -37.40 14.85
CA LEU E 3584 71.60 -37.54 15.60
C LEU E 3584 72.67 -38.26 14.79
N PHE E 3585 72.33 -39.38 14.12
CA PHE E 3585 73.30 -40.09 13.31
C PHE E 3585 73.91 -39.21 12.21
N LYS E 3586 73.05 -38.49 11.47
CA LYS E 3586 73.47 -37.64 10.36
C LYS E 3586 74.51 -36.61 10.80
N ASP E 3587 74.46 -36.11 12.04
CA ASP E 3587 75.31 -35.05 12.54
C ASP E 3587 76.71 -35.57 12.83
N TRP E 3588 76.80 -36.59 13.66
CA TRP E 3588 78.16 -36.99 14.00
C TRP E 3588 78.78 -37.69 12.81
N SER E 3589 77.97 -38.14 11.86
CA SER E 3589 78.50 -38.83 10.71
C SER E 3589 79.23 -37.87 9.80
N ASN E 3590 78.64 -36.72 9.51
CA ASN E 3590 79.39 -35.82 8.66
C ASN E 3590 80.47 -35.12 9.47
N ASP E 3591 80.34 -35.06 10.81
CA ASP E 3591 81.50 -34.62 11.58
C ASP E 3591 82.65 -35.59 11.40
N VAL E 3592 82.38 -36.89 11.49
CA VAL E 3592 83.41 -37.88 11.24
C VAL E 3592 83.92 -37.76 9.81
N ARG E 3593 83.02 -37.44 8.88
CA ARG E 3593 83.41 -37.27 7.49
C ARG E 3593 84.43 -36.16 7.33
N ALA E 3594 84.18 -35.04 7.99
CA ALA E 3594 85.15 -33.95 7.95
C ALA E 3594 86.46 -34.37 8.60
N GLU E 3595 86.36 -35.02 9.76
CA GLU E 3595 87.57 -35.33 10.51
C GLU E 3595 88.39 -36.44 9.87
N LEU E 3596 87.79 -37.23 8.99
CA LEU E 3596 88.50 -38.33 8.33
C LEU E 3596 89.44 -37.84 7.24
N ALA E 3597 89.26 -36.62 6.74
CA ALA E 3597 90.21 -36.07 5.80
C ALA E 3597 91.57 -35.80 6.43
N LYS E 3598 91.66 -35.86 7.76
CA LYS E 3598 92.92 -35.61 8.44
C LYS E 3598 93.81 -36.85 8.42
N THR E 3599 95.05 -36.66 8.85
CA THR E 3599 96.02 -37.73 8.91
C THR E 3599 95.65 -38.75 9.97
N PRO E 3600 96.18 -39.97 9.88
CA PRO E 3600 95.80 -41.02 10.85
C PRO E 3600 96.12 -40.69 12.30
N VAL E 3601 96.94 -39.66 12.57
CA VAL E 3601 97.18 -39.25 13.94
C VAL E 3601 95.93 -38.65 14.60
N ASN E 3602 94.88 -38.43 13.82
CA ASN E 3602 93.59 -37.98 14.34
C ASN E 3602 92.79 -39.11 14.97
N LYS E 3603 93.43 -40.25 15.25
CA LYS E 3603 92.71 -41.39 15.83
C LYS E 3603 92.16 -41.05 17.21
N LYS E 3604 92.82 -40.16 17.95
CA LYS E 3604 92.30 -39.75 19.25
C LYS E 3604 90.96 -39.03 19.09
N ASN E 3605 90.88 -38.11 18.14
CA ASN E 3605 89.61 -37.43 17.87
C ASN E 3605 88.59 -38.41 17.30
N ILE E 3606 89.05 -39.38 16.50
CA ILE E 3606 88.13 -40.38 15.97
C ILE E 3606 87.51 -41.17 17.11
N GLU E 3607 88.31 -41.56 18.10
CA GLU E 3607 87.78 -42.28 19.24
C GLU E 3607 86.86 -41.40 20.07
N LYS E 3608 87.22 -40.13 20.23
CA LYS E 3608 86.35 -39.20 20.96
C LYS E 3608 85.04 -38.94 20.24
N MET E 3609 84.98 -39.18 18.93
CA MET E 3609 83.72 -39.08 18.20
C MET E 3609 82.96 -40.40 18.22
N TYR E 3610 83.67 -41.53 18.23
CA TYR E 3610 83.01 -42.81 18.40
C TYR E 3610 82.35 -42.92 19.76
N GLU E 3611 83.04 -42.49 20.81
CA GLU E 3611 82.50 -42.62 22.16
C GLU E 3611 81.20 -41.88 22.34
N ARG E 3612 81.00 -40.79 21.60
CA ARG E 3612 79.71 -40.12 21.64
C ARG E 3612 78.60 -41.09 21.32
N MET E 3613 78.57 -41.57 20.08
CA MET E 3613 77.50 -42.46 19.66
C MET E 3613 77.49 -43.73 20.46
N TYR E 3614 78.65 -44.18 20.93
CA TYR E 3614 78.70 -45.40 21.73
C TYR E 3614 77.95 -45.23 23.04
N ALA E 3615 78.25 -44.16 23.78
CA ALA E 3615 77.52 -43.88 25.00
C ALA E 3615 76.06 -43.57 24.69
N ALA E 3616 75.80 -43.06 23.49
CA ALA E 3616 74.43 -42.75 23.12
C ALA E 3616 73.60 -44.02 22.87
N LEU E 3617 74.17 -45.00 22.18
CA LEU E 3617 73.44 -46.16 21.71
C LEU E 3617 73.98 -47.47 22.27
N GLY E 3618 75.25 -47.79 22.02
CA GLY E 3618 75.71 -49.16 22.16
C GLY E 3618 75.69 -49.67 23.58
N ASP E 3619 76.00 -48.80 24.54
CA ASP E 3619 76.13 -49.26 25.92
C ASP E 3619 74.81 -49.82 26.42
N PRO E 3620 74.81 -51.04 26.95
CA PRO E 3620 73.58 -51.61 27.51
C PRO E 3620 73.08 -50.77 28.67
N LYS E 3621 71.75 -50.64 28.76
CA LYS E 3621 71.10 -49.80 29.76
C LYS E 3621 71.70 -48.41 29.76
N ALA E 3622 71.73 -47.79 28.58
CA ALA E 3622 72.37 -46.50 28.42
C ALA E 3622 71.63 -45.45 29.24
N PRO E 3623 72.34 -44.43 29.73
CA PRO E 3623 71.68 -43.37 30.48
C PRO E 3623 70.60 -42.69 29.65
N GLY E 3624 69.51 -42.32 30.31
CA GLY E 3624 68.35 -41.78 29.64
C GLY E 3624 67.32 -42.84 29.31
N LEU E 3625 67.79 -43.97 28.78
CA LEU E 3625 66.91 -45.10 28.46
C LEU E 3625 65.78 -44.69 27.53
N GLY E 3626 66.13 -44.16 26.36
CA GLY E 3626 65.12 -43.63 25.48
C GLY E 3626 64.25 -44.70 24.88
N ALA E 3627 63.06 -44.30 24.44
CA ALA E 3627 62.12 -45.23 23.81
C ALA E 3627 62.50 -45.45 22.36
N PHE E 3628 62.43 -44.39 21.55
CA PHE E 3628 62.93 -44.52 20.20
C PHE E 3628 64.45 -44.69 20.22
N ARG E 3629 65.12 -44.22 21.26
CA ARG E 3629 66.53 -44.55 21.42
C ARG E 3629 66.73 -46.04 21.56
N ARG E 3630 65.92 -46.70 22.40
CA ARG E 3630 66.00 -48.15 22.52
C ARG E 3630 65.68 -48.79 21.18
N LYS E 3631 64.68 -48.28 20.48
CA LYS E 3631 64.32 -48.86 19.18
C LYS E 3631 65.48 -48.76 18.20
N PHE E 3632 66.17 -47.62 18.19
CA PHE E 3632 67.25 -47.44 17.24
C PHE E 3632 68.45 -48.29 17.59
N ILE E 3633 68.82 -48.34 18.88
CA ILE E 3633 69.94 -49.21 19.24
C ILE E 3633 69.61 -50.67 18.99
N GLN E 3634 68.35 -51.06 19.24
CA GLN E 3634 67.93 -52.41 18.91
C GLN E 3634 68.00 -52.66 17.41
N THR E 3635 67.68 -51.65 16.59
CA THR E 3635 67.83 -51.76 15.15
C THR E 3635 69.27 -51.60 14.68
N PHE E 3636 70.19 -51.26 15.58
CA PHE E 3636 71.56 -51.05 15.17
C PHE E 3636 72.53 -51.68 16.15
N GLY E 3637 72.30 -52.96 16.40
CA GLY E 3637 73.22 -53.77 17.18
C GLY E 3637 74.16 -54.48 16.24
N LYS E 3638 73.93 -55.77 16.00
CA LYS E 3638 74.80 -56.56 15.13
C LYS E 3638 75.02 -55.89 13.77
N GLU E 3639 74.08 -55.05 13.32
CA GLU E 3639 74.28 -54.29 12.09
C GLU E 3639 75.43 -53.31 12.22
N PHE E 3640 75.55 -52.67 13.38
CA PHE E 3640 76.71 -51.83 13.66
C PHE E 3640 77.99 -52.65 13.75
N ASP E 3641 77.94 -53.80 14.42
CA ASP E 3641 79.13 -54.61 14.58
C ASP E 3641 79.64 -55.10 13.23
N LYS E 3642 78.73 -55.44 12.33
CA LYS E 3642 79.13 -55.94 11.02
C LYS E 3642 79.90 -54.88 10.24
N HIS E 3643 79.37 -53.65 10.20
CA HIS E 3643 79.91 -52.67 9.27
C HIS E 3643 80.79 -51.62 9.93
N PHE E 3644 80.20 -50.84 10.83
CA PHE E 3644 80.78 -49.55 11.15
C PHE E 3644 81.74 -49.58 12.31
N GLY E 3645 81.59 -50.52 13.24
CA GLY E 3645 82.43 -50.47 14.41
C GLY E 3645 83.35 -51.67 14.54
N LYS E 3646 82.91 -52.81 14.01
CA LYS E 3646 83.60 -54.09 14.17
C LYS E 3646 83.84 -54.40 15.65
N GLY E 3647 82.87 -54.07 16.49
CA GLY E 3647 83.06 -54.16 17.92
C GLY E 3647 83.80 -52.98 18.53
N GLY E 3648 84.17 -52.00 17.72
CA GLY E 3648 84.97 -50.90 18.20
C GLY E 3648 86.29 -50.82 17.48
N SER E 3649 86.65 -51.92 16.82
CA SER E 3649 87.96 -52.07 16.18
C SER E 3649 88.00 -51.50 14.77
N LYS E 3650 87.02 -50.69 14.38
CA LYS E 3650 87.10 -50.05 13.08
C LYS E 3650 88.06 -48.87 13.09
N LEU E 3651 88.62 -48.55 14.25
CA LEU E 3651 89.47 -47.37 14.42
C LEU E 3651 90.69 -47.40 13.48
N LEU E 3652 91.06 -48.58 13.01
CA LEU E 3652 92.24 -48.69 12.16
C LEU E 3652 92.06 -47.98 10.82
N ARG E 3653 90.91 -48.14 10.19
CA ARG E 3653 90.74 -47.80 8.78
C ARG E 3653 90.36 -46.33 8.58
N MET E 3654 91.31 -45.46 8.92
CA MET E 3654 91.12 -44.02 8.73
C MET E 3654 91.70 -43.52 7.41
N LYS E 3655 92.37 -44.39 6.65
CA LYS E 3655 93.03 -43.91 5.43
C LYS E 3655 92.05 -43.48 4.35
N LEU E 3656 90.95 -44.19 4.17
CA LEU E 3656 90.01 -43.88 3.09
C LEU E 3656 88.68 -43.46 3.70
N SER E 3657 87.98 -42.57 3.00
CA SER E 3657 86.80 -41.93 3.56
C SER E 3657 85.51 -42.33 2.86
N ASP E 3658 85.48 -43.47 2.19
CA ASP E 3658 84.30 -43.86 1.42
C ASP E 3658 83.10 -44.17 2.29
N PHE E 3659 83.28 -44.30 3.60
CA PHE E 3659 82.24 -44.85 4.47
C PHE E 3659 80.94 -44.07 4.40
N ASN E 3660 80.95 -42.94 3.71
CA ASN E 3660 79.76 -42.14 3.47
C ASN E 3660 78.70 -43.01 2.82
N ASP E 3661 79.12 -44.04 2.09
CA ASP E 3661 78.16 -44.96 1.50
C ASP E 3661 77.37 -45.70 2.58
N ILE E 3662 78.07 -46.27 3.56
CA ILE E 3662 77.38 -46.94 4.66
C ILE E 3662 76.49 -45.95 5.40
N THR E 3663 77.02 -44.75 5.63
CA THR E 3663 76.24 -43.72 6.28
C THR E 3663 74.95 -43.45 5.52
N ASN E 3664 75.05 -43.32 4.20
CA ASN E 3664 73.88 -42.96 3.41
C ASN E 3664 72.86 -44.08 3.40
N MET E 3665 73.34 -45.33 3.24
CA MET E 3665 72.40 -46.44 3.20
C MET E 3665 71.69 -46.62 4.54
N LEU E 3666 72.40 -46.40 5.64
CA LEU E 3666 71.75 -46.40 6.95
C LEU E 3666 70.73 -45.28 7.03
N LEU E 3667 71.15 -44.06 6.66
CA LEU E 3667 70.35 -42.88 6.88
C LEU E 3667 69.07 -42.90 6.08
N LEU E 3668 69.14 -43.41 4.85
CA LEU E 3668 67.93 -43.59 4.07
C LEU E 3668 66.94 -44.44 4.84
N LYS E 3669 67.31 -45.69 5.09
CA LYS E 3669 66.36 -46.64 5.65
C LYS E 3669 65.88 -46.21 7.03
N MET E 3670 66.65 -45.38 7.73
CA MET E 3670 66.13 -44.85 8.98
C MET E 3670 65.24 -43.64 8.76
N ASN E 3671 65.44 -42.91 7.67
CA ASN E 3671 64.55 -41.80 7.35
C ASN E 3671 63.19 -42.33 6.95
N LYS E 3672 63.15 -43.31 6.06
CA LYS E 3672 61.89 -43.96 5.73
C LYS E 3672 61.44 -44.84 6.89
N ASP E 3673 60.12 -44.94 7.04
CA ASP E 3673 59.51 -45.73 8.13
C ASP E 3673 60.01 -45.27 9.49
N SER E 3674 60.45 -44.02 9.57
CA SER E 3674 60.85 -43.43 10.84
C SER E 3674 59.63 -43.18 11.71
N LYS E 3675 59.85 -43.04 13.00
CA LYS E 3675 58.77 -42.84 13.94
C LYS E 3675 58.91 -41.49 14.63
N PRO E 3676 57.87 -40.66 14.64
CA PRO E 3676 57.89 -39.48 15.50
C PRO E 3676 57.99 -39.90 16.95
N PRO E 3677 58.66 -39.13 17.77
CA PRO E 3677 58.68 -39.45 19.20
C PRO E 3677 57.26 -39.49 19.74
N GLY E 3678 56.99 -40.47 20.60
CA GLY E 3678 55.63 -40.92 20.88
C GLY E 3678 54.78 -39.81 21.47
N ASN E 3679 53.66 -39.47 20.82
CA ASN E 3679 52.86 -38.28 21.13
C ASN E 3679 52.45 -38.22 22.60
N LEU E 3680 52.09 -39.36 23.20
CA LEU E 3680 52.07 -39.52 24.65
C LEU E 3680 53.47 -39.94 25.12
N LYS E 3681 54.19 -39.00 25.74
CA LYS E 3681 55.63 -39.11 26.11
C LYS E 3681 56.00 -40.20 27.13
N GLU E 3682 55.06 -40.96 27.68
CA GLU E 3682 55.33 -41.96 28.72
C GLU E 3682 56.41 -42.98 28.31
N CYS E 3683 56.51 -43.29 27.01
CA CYS E 3683 57.70 -43.89 26.42
C CYS E 3683 58.84 -42.85 26.29
N SER E 3684 59.39 -42.43 27.45
CA SER E 3684 60.62 -41.65 27.64
C SER E 3684 60.94 -41.64 29.15
N PRO E 3685 61.18 -42.81 29.77
CA PRO E 3685 60.91 -43.07 31.18
C PRO E 3685 61.37 -41.98 32.16
N TRP E 3686 62.55 -41.39 32.00
CA TRP E 3686 63.02 -40.35 32.91
C TRP E 3686 62.13 -39.09 32.96
N MET E 3687 61.62 -38.66 31.81
CA MET E 3687 60.67 -37.54 31.71
C MET E 3687 59.32 -37.88 32.36
N SER E 3688 58.95 -39.16 32.41
CA SER E 3688 57.83 -39.59 33.25
C SER E 3688 58.24 -39.64 34.74
N ASP E 3689 59.47 -40.00 35.05
CA ASP E 3689 59.95 -40.28 36.41
C ASP E 3689 60.23 -39.03 37.26
N PHE E 3690 60.48 -37.88 36.63
CA PHE E 3690 60.74 -36.61 37.33
C PHE E 3690 59.48 -35.99 37.99
N LYS E 3691 59.57 -35.75 39.30
CA LYS E 3691 58.57 -35.10 40.18
C LYS E 3691 59.26 -34.17 41.20
N VAL E 3692 58.53 -33.32 41.91
CA VAL E 3692 59.08 -32.63 43.09
C VAL E 3692 59.15 -33.59 44.30
N GLU E 3693 60.38 -33.87 44.76
CA GLU E 3693 60.70 -34.76 45.87
C GLU E 3693 61.94 -34.26 46.59
N PHE E 3694 62.04 -34.62 47.87
CA PHE E 3694 63.24 -34.34 48.64
C PHE E 3694 64.41 -35.17 48.09
N LEU E 3695 65.58 -34.94 48.69
CA LEU E 3695 66.86 -35.45 48.19
C LEU E 3695 67.10 -35.04 46.73
N ARG E 3696 66.46 -33.96 46.25
CA ARG E 3696 66.69 -33.37 44.92
C ARG E 3696 66.72 -31.85 45.02
N ASN E 3697 67.75 -31.24 44.42
CA ASN E 3697 67.82 -29.79 44.26
C ASN E 3697 66.71 -29.37 43.29
N GLU E 3698 65.75 -28.59 43.74
CA GLU E 3698 64.59 -28.27 42.90
C GLU E 3698 65.02 -27.41 41.71
N LEU E 3699 64.77 -27.92 40.50
CA LEU E 3699 65.25 -27.30 39.27
C LEU E 3699 64.43 -26.03 38.95
N GLU E 3700 65.01 -24.86 39.23
CA GLU E 3700 64.56 -23.57 38.71
C GLU E 3700 64.47 -23.63 37.18
N ILE E 3701 63.49 -22.98 36.56
CA ILE E 3701 63.31 -23.01 35.10
C ILE E 3701 64.58 -22.52 34.38
N PRO E 3702 65.04 -23.19 33.30
CA PRO E 3702 66.36 -22.94 32.72
C PRO E 3702 66.60 -21.49 32.26
N GLY E 3703 67.75 -20.92 32.63
CA GLY E 3703 68.25 -19.66 32.08
C GLY E 3703 67.46 -18.41 32.46
N GLN E 3704 66.55 -18.52 33.43
CA GLN E 3704 65.71 -17.40 33.87
C GLN E 3704 66.49 -16.26 34.56
N TYR E 3705 67.70 -16.53 35.04
CA TYR E 3705 68.60 -15.55 35.66
C TYR E 3705 69.22 -14.62 34.60
N ASP E 3706 69.16 -13.31 34.84
CA ASP E 3706 69.70 -12.24 33.97
C ASP E 3706 70.07 -10.98 34.77
N GLY E 3707 70.83 -10.06 34.15
CA GLY E 3707 71.42 -8.89 34.83
C GLY E 3707 70.47 -7.73 35.12
N ARG E 3708 69.19 -7.84 34.75
CA ARG E 3708 68.18 -6.79 34.93
C ARG E 3708 67.71 -6.72 36.40
N GLY E 3709 68.48 -6.00 37.22
CA GLY E 3709 68.20 -5.81 38.65
C GLY E 3709 68.54 -7.03 39.53
N LYS E 3710 68.47 -6.86 40.86
CA LYS E 3710 68.65 -7.96 41.82
C LYS E 3710 67.52 -9.01 41.63
N PRO E 3711 67.81 -10.32 41.77
CA PRO E 3711 66.98 -11.36 41.15
C PRO E 3711 65.65 -11.72 41.83
N LEU E 3712 65.57 -11.63 43.17
CA LEU E 3712 64.53 -12.32 43.97
C LEU E 3712 64.47 -13.82 43.60
N PRO E 3713 65.55 -14.59 43.82
CA PRO E 3713 65.73 -15.93 43.26
C PRO E 3713 64.55 -16.88 43.54
N GLU E 3714 63.99 -16.88 44.75
CA GLU E 3714 62.87 -17.77 45.11
C GLU E 3714 61.58 -17.48 44.32
N TYR E 3715 61.44 -16.30 43.70
CA TYR E 3715 60.29 -15.97 42.86
C TYR E 3715 60.41 -16.60 41.45
N HIS E 3716 61.60 -17.02 41.01
CA HIS E 3716 61.75 -17.68 39.72
C HIS E 3716 60.99 -19.01 39.69
N VAL E 3717 60.42 -19.33 38.53
CA VAL E 3717 59.65 -20.57 38.34
C VAL E 3717 60.58 -21.76 38.52
N ARG E 3718 60.07 -22.92 38.97
CA ARG E 3718 60.80 -24.19 39.04
C ARG E 3718 59.96 -25.38 38.57
N ILE E 3719 60.58 -26.41 38.04
CA ILE E 3719 59.91 -27.52 37.35
C ILE E 3719 59.03 -28.25 38.35
N ALA E 3720 57.74 -28.40 38.04
CA ALA E 3720 56.89 -29.38 38.72
C ALA E 3720 57.01 -30.74 38.02
N GLY E 3721 56.91 -30.75 36.69
CA GLY E 3721 57.16 -31.93 35.86
C GLY E 3721 56.94 -31.70 34.36
N PHE E 3722 57.45 -32.63 33.55
CA PHE E 3722 57.14 -32.76 32.14
C PHE E 3722 55.71 -33.32 31.94
N ASP E 3723 55.30 -33.50 30.69
CA ASP E 3723 53.93 -33.88 30.35
C ASP E 3723 53.89 -34.96 29.27
N GLU E 3724 52.78 -35.69 29.19
CA GLU E 3724 52.49 -36.73 28.20
C GLU E 3724 52.10 -36.17 26.82
N ARG E 3725 52.81 -35.15 26.32
CA ARG E 3725 52.53 -34.47 25.04
C ARG E 3725 53.82 -34.07 24.30
N VAL E 3726 53.87 -34.26 22.98
CA VAL E 3726 54.97 -33.79 22.10
C VAL E 3726 54.53 -33.62 20.63
N THR E 3727 55.23 -32.78 19.88
CA THR E 3727 55.17 -32.70 18.41
C THR E 3727 56.52 -32.24 17.85
N VAL E 3728 56.82 -32.57 16.60
CA VAL E 3728 58.06 -32.16 15.90
C VAL E 3728 57.82 -31.05 14.88
N MET E 3729 58.70 -30.05 14.88
CA MET E 3729 58.70 -28.94 13.92
C MET E 3729 59.15 -29.40 12.53
N ALA E 3730 58.62 -28.79 11.47
CA ALA E 3730 58.82 -29.26 10.09
C ALA E 3730 60.25 -29.10 9.56
N SER E 3731 60.96 -28.04 10.00
CA SER E 3731 62.24 -27.64 9.44
C SER E 3731 63.36 -28.67 9.74
N LEU E 3732 64.36 -28.75 8.85
CA LEU E 3732 65.18 -29.94 8.57
C LEU E 3732 65.80 -30.72 9.75
N ARG E 3733 66.15 -30.08 10.88
CA ARG E 3733 66.68 -30.73 12.09
C ARG E 3733 65.60 -31.29 13.03
N ARG E 3734 64.33 -31.24 12.63
CA ARG E 3734 63.12 -31.74 13.35
C ARG E 3734 63.18 -31.56 14.89
N PRO E 3735 63.42 -30.31 15.35
CA PRO E 3735 63.37 -29.96 16.76
C PRO E 3735 61.94 -30.07 17.29
N LYS E 3736 61.79 -29.96 18.61
CA LYS E 3736 60.66 -30.56 19.32
C LYS E 3736 59.99 -29.60 20.30
N ARG E 3737 58.69 -29.38 20.16
CA ARG E 3737 57.91 -28.54 21.08
C ARG E 3737 57.52 -29.32 22.35
N ILE E 3738 58.52 -29.58 23.18
CA ILE E 3738 58.37 -30.03 24.58
C ILE E 3738 57.53 -29.04 25.39
N ILE E 3739 56.88 -29.54 26.43
CA ILE E 3739 56.12 -28.75 27.41
C ILE E 3739 56.58 -29.11 28.82
N ILE E 3740 56.89 -28.09 29.61
CA ILE E 3740 57.20 -28.18 31.05
C ILE E 3740 56.05 -27.55 31.84
N ARG E 3741 55.56 -28.17 32.93
CA ARG E 3741 54.71 -27.50 33.92
C ARG E 3741 55.56 -27.08 35.11
N GLY E 3742 55.47 -25.80 35.48
CA GLY E 3742 56.18 -25.26 36.64
C GLY E 3742 55.38 -25.40 37.93
N HIS E 3743 56.02 -25.14 39.07
CA HIS E 3743 55.39 -25.08 40.40
C HIS E 3743 54.34 -23.95 40.48
N ASP E 3744 54.41 -22.98 39.58
CA ASP E 3744 53.41 -21.96 39.30
C ASP E 3744 52.09 -22.55 38.72
N GLU E 3745 52.00 -23.87 38.51
CA GLU E 3745 50.89 -24.59 37.84
C GLU E 3745 50.56 -23.97 36.48
N ARG E 3746 51.62 -23.79 35.66
CA ARG E 3746 51.59 -23.04 34.41
C ARG E 3746 52.49 -23.71 33.37
N GLU E 3747 52.07 -23.64 32.12
CA GLU E 3747 52.78 -24.17 30.96
C GLU E 3747 54.01 -23.34 30.58
N HIS E 3748 55.13 -24.00 30.30
CA HIS E 3748 56.23 -23.44 29.54
C HIS E 3748 56.48 -24.33 28.31
N PRO E 3749 55.71 -24.11 27.23
CA PRO E 3749 56.04 -24.66 25.94
C PRO E 3749 57.41 -24.14 25.55
N PHE E 3750 58.24 -25.02 25.04
CA PHE E 3750 59.66 -24.77 24.83
C PHE E 3750 60.10 -25.47 23.54
N LEU E 3751 61.09 -24.93 22.84
CA LEU E 3751 61.75 -25.68 21.78
C LEU E 3751 63.00 -26.37 22.32
N VAL E 3752 63.04 -27.70 22.33
CA VAL E 3752 64.32 -28.41 22.29
C VAL E 3752 64.84 -28.39 20.87
N LYS E 3753 66.06 -27.88 20.75
CA LYS E 3753 66.96 -27.97 19.59
C LYS E 3753 68.28 -28.60 20.04
N GLY E 3754 68.96 -29.35 19.18
CA GLY E 3754 70.18 -30.05 19.58
C GLY E 3754 70.96 -30.65 18.42
N GLY E 3755 72.13 -31.22 18.70
CA GLY E 3755 73.10 -31.61 17.67
C GLY E 3755 73.82 -30.41 17.03
N GLU E 3756 73.06 -29.39 16.64
CA GLU E 3756 73.52 -27.99 16.55
C GLU E 3756 73.93 -27.51 17.96
N ASP E 3757 75.05 -26.78 18.03
CA ASP E 3757 75.60 -26.30 19.29
C ASP E 3757 75.10 -24.87 19.55
N LEU E 3758 74.30 -24.71 20.60
CA LEU E 3758 73.64 -23.44 20.91
C LEU E 3758 74.61 -22.36 21.43
N ARG E 3759 75.92 -22.60 21.45
CA ARG E 3759 76.96 -21.61 21.77
C ARG E 3759 76.91 -20.40 20.83
N GLN E 3760 76.81 -20.65 19.53
CA GLN E 3760 76.67 -19.64 18.49
C GLN E 3760 75.38 -18.82 18.67
N ASP E 3761 74.25 -19.50 18.90
CA ASP E 3761 72.94 -18.89 19.13
C ASP E 3761 72.88 -18.07 20.43
N GLN E 3762 73.55 -18.50 21.49
CA GLN E 3762 73.66 -17.69 22.68
C GLN E 3762 74.46 -16.41 22.40
N ARG E 3763 75.59 -16.52 21.72
CA ARG E 3763 76.46 -15.37 21.44
C ARG E 3763 75.77 -14.39 20.51
N VAL E 3764 75.06 -14.86 19.48
CA VAL E 3764 74.24 -13.95 18.67
C VAL E 3764 73.09 -13.28 19.44
N GLU E 3765 72.66 -13.78 20.61
CA GLU E 3765 71.77 -13.01 21.49
C GLU E 3765 72.46 -12.06 22.47
N GLN E 3766 73.68 -12.30 22.96
CA GLN E 3766 74.38 -11.30 23.80
C GLN E 3766 74.42 -9.96 23.08
N LEU E 3767 74.87 -10.04 21.84
CA LEU E 3767 74.79 -8.99 20.84
C LEU E 3767 73.44 -8.29 20.82
N PHE E 3768 72.35 -9.02 20.63
CA PHE E 3768 71.06 -8.38 20.47
C PHE E 3768 70.65 -7.68 21.77
N GLN E 3769 71.01 -8.22 22.94
CA GLN E 3769 70.77 -7.56 24.22
C GLN E 3769 71.53 -6.22 24.33
N VAL E 3770 72.79 -6.16 23.93
CA VAL E 3770 73.52 -4.89 23.92
C VAL E 3770 73.00 -3.92 22.83
N MET E 3771 72.40 -4.39 21.74
CA MET E 3771 71.78 -3.50 20.74
C MET E 3771 70.51 -2.84 21.27
N ASN E 3772 69.66 -3.59 21.98
CA ASN E 3772 68.60 -3.02 22.80
C ASN E 3772 69.14 -1.99 23.79
N GLY E 3773 70.30 -2.28 24.38
CA GLY E 3773 71.05 -1.37 25.22
C GLY E 3773 71.29 0.00 24.58
N ILE E 3774 72.01 0.09 23.45
CA ILE E 3774 72.26 1.40 22.83
C ILE E 3774 70.98 2.03 22.30
N LEU E 3775 70.06 1.24 21.77
CA LEU E 3775 68.79 1.72 21.23
C LEU E 3775 67.96 2.45 22.28
N ALA E 3776 67.93 1.95 23.52
CA ALA E 3776 67.22 2.60 24.62
C ALA E 3776 67.94 3.88 25.08
N GLN E 3777 69.17 4.12 24.67
CA GLN E 3777 70.13 5.07 25.22
C GLN E 3777 70.68 6.08 24.19
N ASP E 3778 70.12 6.34 23.09
CA ASP E 3778 70.19 7.43 22.21
C ASP E 3778 68.84 7.99 21.74
N SER E 3779 68.68 9.31 21.74
CA SER E 3779 67.47 10.08 21.45
C SER E 3779 66.81 9.68 20.13
N ALA E 3780 67.60 9.45 19.09
CA ALA E 3780 67.12 9.03 17.77
C ALA E 3780 66.31 7.71 17.80
N CYS E 3781 66.43 6.91 18.86
CA CYS E 3781 65.74 5.62 18.98
C CYS E 3781 64.84 5.51 20.20
N SER E 3782 65.15 6.18 21.31
CA SER E 3782 64.19 6.27 22.42
C SER E 3782 62.94 7.03 22.00
N GLN E 3783 63.07 8.11 21.22
CA GLN E 3783 61.92 8.89 20.75
C GLN E 3783 61.00 8.10 19.80
N ARG E 3784 61.56 7.11 19.09
CA ARG E 3784 60.87 6.15 18.21
C ARG E 3784 60.44 4.85 18.90
N ALA E 3785 60.74 4.66 20.20
CA ALA E 3785 60.46 3.42 20.94
C ALA E 3785 61.06 2.14 20.30
N LEU E 3786 62.26 2.26 19.73
CA LEU E 3786 62.95 1.23 18.98
C LEU E 3786 63.69 0.25 19.90
N GLN E 3787 63.31 -1.03 19.90
CA GLN E 3787 64.00 -2.17 20.54
C GLN E 3787 63.79 -3.42 19.68
N LEU E 3788 64.76 -4.32 19.58
CA LEU E 3788 64.51 -5.68 19.13
C LEU E 3788 63.82 -6.47 20.25
N ARG E 3789 63.14 -7.56 19.93
CA ARG E 3789 63.00 -8.64 20.91
C ARG E 3789 64.16 -9.60 20.72
N THR E 3790 64.96 -9.77 21.76
CA THR E 3790 65.71 -11.01 22.00
C THR E 3790 64.77 -12.02 22.70
N TYR E 3791 65.28 -13.20 23.03
CA TYR E 3791 64.63 -14.30 23.76
C TYR E 3791 65.71 -15.24 24.35
N SER E 3792 65.36 -16.08 25.31
CA SER E 3792 66.30 -16.96 26.02
C SER E 3792 66.67 -18.22 25.24
N VAL E 3793 67.91 -18.27 24.77
CA VAL E 3793 68.69 -19.49 24.54
C VAL E 3793 69.21 -20.00 25.89
N VAL E 3794 69.44 -21.30 26.05
CA VAL E 3794 70.24 -21.87 27.15
C VAL E 3794 70.91 -23.16 26.65
N PRO E 3795 72.25 -23.18 26.50
CA PRO E 3795 72.96 -24.25 25.81
C PRO E 3795 73.20 -25.45 26.73
N MET E 3796 72.11 -26.10 27.16
CA MET E 3796 72.06 -27.11 28.23
C MET E 3796 73.11 -28.21 28.10
N THR E 3797 73.49 -28.57 26.88
CA THR E 3797 74.78 -29.22 26.65
C THR E 3797 75.35 -28.74 25.33
N SER E 3798 76.55 -29.20 24.96
CA SER E 3798 77.21 -28.89 23.68
C SER E 3798 76.31 -29.21 22.46
N ARG E 3799 75.26 -30.02 22.67
CA ARG E 3799 74.30 -30.47 21.67
C ARG E 3799 72.84 -30.31 22.10
N LEU E 3800 72.51 -29.32 22.93
CA LEU E 3800 71.11 -29.00 23.32
C LEU E 3800 70.88 -27.54 23.67
N GLY E 3801 69.63 -27.09 23.56
CA GLY E 3801 69.11 -26.01 24.37
C GLY E 3801 67.60 -26.06 24.49
N LEU E 3802 67.07 -25.52 25.60
CA LEU E 3802 65.63 -25.29 25.82
C LEU E 3802 65.29 -23.85 25.41
N ILE E 3803 65.13 -23.62 24.11
CA ILE E 3803 64.92 -22.29 23.52
C ILE E 3803 63.48 -21.83 23.74
N GLU E 3804 63.23 -20.70 24.40
CA GLU E 3804 61.87 -20.33 24.80
C GLU E 3804 60.91 -20.14 23.63
N TRP E 3805 59.76 -20.81 23.69
CA TRP E 3805 58.68 -20.60 22.74
C TRP E 3805 57.98 -19.29 23.11
N LEU E 3806 57.87 -18.31 22.23
CA LEU E 3806 56.96 -17.17 22.43
C LEU E 3806 55.52 -17.60 22.11
N GLU E 3807 54.69 -17.70 23.14
CA GLU E 3807 53.26 -18.04 23.00
C GLU E 3807 52.44 -16.93 22.33
N ASN E 3808 51.32 -17.30 21.71
CA ASN E 3808 50.47 -16.42 20.91
C ASN E 3808 51.23 -15.77 19.73
N THR E 3809 52.15 -16.52 19.13
CA THR E 3809 52.87 -16.14 17.92
C THR E 3809 52.75 -17.22 16.85
N VAL E 3810 52.91 -16.83 15.57
CA VAL E 3810 52.95 -17.72 14.37
C VAL E 3810 54.01 -17.29 13.35
N THR E 3811 54.58 -18.21 12.56
CA THR E 3811 55.59 -17.81 11.56
C THR E 3811 54.99 -17.12 10.37
N LEU E 3812 55.81 -16.35 9.67
CA LEU E 3812 55.34 -15.52 8.58
C LEU E 3812 54.89 -16.36 7.38
N LYS E 3813 55.51 -17.49 7.05
CA LYS E 3813 54.98 -18.41 6.02
C LYS E 3813 53.64 -19.00 6.44
N ASP E 3814 53.49 -19.40 7.70
CA ASP E 3814 52.21 -19.90 8.20
C ASP E 3814 51.14 -18.81 8.09
N LEU E 3815 51.45 -17.60 8.54
CA LEU E 3815 50.61 -16.42 8.39
C LEU E 3815 50.24 -16.17 6.93
N LEU E 3816 51.20 -16.18 5.99
CA LEU E 3816 50.97 -15.93 4.57
C LEU E 3816 49.96 -16.93 3.99
N LEU E 3817 50.22 -18.22 4.12
CA LEU E 3817 49.28 -19.25 3.66
C LEU E 3817 47.92 -19.13 4.37
N ASN E 3818 47.92 -18.80 5.65
CA ASN E 3818 46.70 -18.56 6.41
C ASN E 3818 45.92 -17.32 5.93
N THR E 3819 46.52 -16.36 5.21
CA THR E 3819 45.72 -15.34 4.48
C THR E 3819 45.12 -15.82 3.16
N MET E 3820 45.59 -16.91 2.55
CA MET E 3820 45.10 -17.37 1.23
C MET E 3820 43.75 -18.09 1.35
N SER E 3821 42.95 -18.06 0.27
CA SER E 3821 41.85 -19.00 0.10
C SER E 3821 42.34 -20.31 -0.53
N GLN E 3822 41.51 -21.35 -0.49
CA GLN E 3822 41.77 -22.63 -1.16
C GLN E 3822 42.10 -22.50 -2.66
N GLU E 3823 41.66 -21.42 -3.31
CA GLU E 3823 41.90 -21.21 -4.73
C GLU E 3823 43.30 -20.64 -5.04
N GLU E 3824 43.86 -19.78 -4.17
CA GLU E 3824 45.26 -19.35 -4.31
C GLU E 3824 46.23 -20.37 -3.72
N LYS E 3825 45.82 -21.05 -2.64
CA LYS E 3825 46.52 -22.17 -2.02
C LYS E 3825 46.79 -23.31 -3.01
N ALA E 3826 45.93 -23.46 -4.02
CA ALA E 3826 46.21 -24.34 -5.14
C ALA E 3826 47.58 -24.05 -5.78
N ALA E 3827 47.99 -22.78 -5.87
CA ALA E 3827 49.32 -22.36 -6.31
C ALA E 3827 50.47 -22.66 -5.32
N TYR E 3828 50.25 -23.44 -4.26
CA TYR E 3828 51.29 -23.93 -3.34
C TYR E 3828 51.18 -25.43 -3.06
N LEU E 3829 49.95 -25.95 -3.04
CA LEU E 3829 49.65 -27.35 -3.39
C LEU E 3829 50.22 -27.74 -4.77
N SER E 3830 50.61 -26.75 -5.58
CA SER E 3830 51.34 -26.90 -6.85
C SER E 3830 50.54 -27.70 -7.87
N ASP E 3831 49.23 -27.49 -7.87
CA ASP E 3831 48.28 -28.08 -8.81
C ASP E 3831 48.27 -27.37 -10.19
N PRO E 3832 48.38 -26.02 -10.29
CA PRO E 3832 48.42 -25.33 -11.58
C PRO E 3832 49.73 -25.58 -12.34
N ARG E 3833 50.87 -25.65 -11.62
CA ARG E 3833 52.19 -26.08 -12.11
C ARG E 3833 52.92 -26.81 -10.97
N ALA E 3834 53.81 -27.74 -11.32
CA ALA E 3834 54.48 -28.64 -10.36
C ALA E 3834 55.38 -27.96 -9.30
N PRO E 3835 56.02 -26.81 -9.57
CA PRO E 3835 56.48 -25.87 -8.55
C PRO E 3835 55.46 -24.73 -8.35
N PRO E 3836 55.38 -24.13 -7.13
CA PRO E 3836 54.32 -23.21 -6.71
C PRO E 3836 54.18 -21.99 -7.63
N CYS E 3837 55.26 -21.23 -7.78
CA CYS E 3837 55.54 -20.47 -8.99
C CYS E 3837 56.38 -21.38 -9.90
N GLU E 3838 56.42 -21.14 -11.21
CA GLU E 3838 57.12 -21.97 -12.22
C GLU E 3838 58.60 -22.30 -11.92
N TYR E 3839 59.23 -21.54 -11.01
CA TYR E 3839 60.66 -21.41 -10.78
C TYR E 3839 61.47 -22.67 -11.08
N LYS E 3840 61.24 -23.79 -10.38
CA LYS E 3840 62.06 -25.02 -10.54
C LYS E 3840 62.08 -25.58 -11.97
N ASP E 3841 60.99 -25.43 -12.71
CA ASP E 3841 60.89 -25.88 -14.10
C ASP E 3841 61.42 -24.81 -15.06
N TRP E 3842 61.13 -23.54 -14.78
CA TRP E 3842 61.70 -22.40 -15.51
C TRP E 3842 63.22 -22.37 -15.47
N LEU E 3843 63.85 -23.01 -14.48
CA LEU E 3843 65.29 -23.22 -14.48
C LEU E 3843 65.80 -23.70 -15.85
N THR E 3844 65.08 -24.57 -16.55
CA THR E 3844 65.48 -25.07 -17.87
C THR E 3844 65.56 -23.98 -18.94
N LYS E 3845 64.67 -22.98 -18.93
CA LYS E 3845 64.76 -21.77 -19.76
C LYS E 3845 65.95 -20.89 -19.34
N MET E 3846 66.22 -20.85 -18.04
CA MET E 3846 67.41 -20.27 -17.43
C MET E 3846 68.68 -21.18 -17.53
N SER E 3847 68.64 -22.24 -18.36
CA SER E 3847 69.71 -23.23 -18.60
C SER E 3847 70.13 -24.13 -17.41
N GLY E 3848 69.44 -24.06 -16.28
CA GLY E 3848 69.62 -24.94 -15.11
C GLY E 3848 68.66 -26.14 -15.12
N LYS E 3849 69.17 -27.37 -14.96
CA LYS E 3849 68.40 -28.60 -15.17
C LYS E 3849 67.85 -29.20 -13.87
N HIS E 3850 68.73 -29.53 -12.95
CA HIS E 3850 68.42 -30.13 -11.65
C HIS E 3850 67.95 -29.10 -10.61
N ASP E 3851 67.44 -29.57 -9.47
CA ASP E 3851 66.89 -28.66 -8.45
C ASP E 3851 68.00 -27.96 -7.63
N VAL E 3852 68.98 -28.71 -7.13
CA VAL E 3852 70.05 -28.19 -6.27
C VAL E 3852 71.20 -27.75 -7.15
N GLY E 3853 71.83 -26.64 -6.78
CA GLY E 3853 73.07 -26.23 -7.40
C GLY E 3853 72.94 -25.71 -8.80
N ALA E 3854 71.86 -25.98 -9.50
CA ALA E 3854 71.70 -25.48 -10.84
C ALA E 3854 71.83 -23.97 -10.91
N TYR E 3855 71.61 -23.27 -9.79
CA TYR E 3855 71.85 -21.83 -9.77
C TYR E 3855 73.29 -21.52 -10.13
N MET E 3856 74.19 -22.46 -9.90
CA MET E 3856 75.60 -22.24 -10.16
C MET E 3856 75.86 -21.99 -11.63
N LEU E 3857 74.90 -22.33 -12.49
CA LEU E 3857 75.04 -22.05 -13.90
C LEU E 3857 74.36 -20.75 -14.31
N MET E 3858 73.20 -20.44 -13.75
CA MET E 3858 72.42 -19.33 -14.29
C MET E 3858 73.15 -18.01 -14.24
N TYR E 3859 73.91 -17.75 -13.19
CA TYR E 3859 74.63 -16.50 -13.08
C TYR E 3859 75.57 -16.23 -14.24
N LYS E 3860 75.80 -17.23 -15.10
CA LYS E 3860 76.69 -17.00 -16.23
C LYS E 3860 76.02 -16.15 -17.29
N GLY E 3861 74.92 -16.63 -17.86
CA GLY E 3861 74.25 -15.96 -18.96
C GLY E 3861 73.08 -15.09 -18.58
N ALA E 3862 72.90 -14.83 -17.30
CA ALA E 3862 71.74 -14.11 -16.78
C ALA E 3862 71.86 -12.61 -17.03
N ASN E 3863 71.77 -12.24 -18.29
CA ASN E 3863 71.61 -10.86 -18.72
C ASN E 3863 70.43 -10.21 -17.98
N ARG E 3864 70.56 -8.91 -17.68
CA ARG E 3864 69.56 -8.15 -16.92
C ARG E 3864 68.16 -8.32 -17.53
N THR E 3865 68.03 -8.14 -18.84
CA THR E 3865 66.73 -8.15 -19.51
C THR E 3865 65.99 -9.49 -19.39
N GLU E 3866 66.57 -10.65 -19.71
CA GLU E 3866 65.80 -11.90 -19.64
C GLU E 3866 65.48 -12.28 -18.18
N THR E 3867 66.42 -12.12 -17.26
CA THR E 3867 66.16 -12.48 -15.86
C THR E 3867 65.21 -11.51 -15.19
N VAL E 3868 65.33 -10.20 -15.40
CA VAL E 3868 64.36 -9.24 -14.86
C VAL E 3868 62.98 -9.53 -15.45
N THR E 3869 62.82 -9.61 -16.78
CA THR E 3869 61.47 -9.76 -17.38
C THR E 3869 60.80 -11.06 -16.97
N SER E 3870 61.54 -12.17 -16.92
CA SER E 3870 60.99 -13.43 -16.41
C SER E 3870 60.72 -13.39 -14.91
N PHE E 3871 61.62 -12.83 -14.08
CA PHE E 3871 61.35 -12.65 -12.65
C PHE E 3871 60.12 -11.76 -12.41
N ARG E 3872 59.97 -10.66 -13.15
CA ARG E 3872 58.79 -9.80 -13.05
C ARG E 3872 57.52 -10.54 -13.45
N LYS E 3873 57.55 -11.45 -14.43
CA LYS E 3873 56.37 -12.30 -14.74
C LYS E 3873 55.95 -13.18 -13.57
N ARG E 3874 56.89 -13.74 -12.80
CA ARG E 3874 56.56 -14.50 -11.57
C ARG E 3874 56.17 -13.63 -10.39
N GLU E 3875 56.89 -12.56 -10.14
CA GLU E 3875 56.56 -11.62 -9.06
C GLU E 3875 55.14 -11.06 -9.21
N SER E 3876 54.68 -10.86 -10.45
CA SER E 3876 53.32 -10.43 -10.80
C SER E 3876 52.29 -11.57 -10.92
N LYS E 3877 52.68 -12.84 -10.71
CA LYS E 3877 51.74 -13.98 -10.67
C LYS E 3877 51.04 -14.13 -9.32
N VAL E 3878 51.84 -14.07 -8.26
CA VAL E 3878 51.47 -14.52 -6.91
C VAL E 3878 50.67 -13.41 -6.20
N PRO E 3879 49.66 -13.71 -5.36
CA PRO E 3879 48.54 -12.80 -5.12
C PRO E 3879 48.89 -11.43 -4.54
N ALA E 3880 48.20 -10.40 -5.01
CA ALA E 3880 48.22 -9.06 -4.44
C ALA E 3880 47.71 -9.03 -2.98
N ASP E 3881 48.14 -8.03 -2.22
CA ASP E 3881 47.48 -7.61 -0.99
C ASP E 3881 47.30 -8.70 0.09
N LEU E 3882 48.21 -9.68 0.16
CA LEU E 3882 48.17 -10.75 1.18
C LEU E 3882 48.43 -10.21 2.58
N LEU E 3883 49.51 -9.45 2.79
CA LEU E 3883 49.79 -8.89 4.11
C LEU E 3883 48.88 -7.72 4.47
N LYS E 3884 48.45 -6.91 3.51
CA LYS E 3884 47.38 -5.96 3.75
C LYS E 3884 46.15 -6.70 4.29
N ARG E 3885 45.79 -7.85 3.72
CA ARG E 3885 44.72 -8.70 4.25
C ARG E 3885 45.01 -9.24 5.65
N ALA E 3886 46.23 -9.66 5.94
CA ALA E 3886 46.59 -10.10 7.30
C ALA E 3886 46.27 -9.02 8.34
N PHE E 3887 46.68 -7.77 8.14
CA PHE E 3887 46.46 -6.75 9.16
C PHE E 3887 45.03 -6.21 9.18
N VAL E 3888 44.33 -6.18 8.04
CA VAL E 3888 42.90 -5.89 8.05
C VAL E 3888 42.15 -6.92 8.89
N ARG E 3889 42.50 -8.20 8.80
CA ARG E 3889 41.93 -9.27 9.65
C ARG E 3889 42.24 -9.06 11.13
N MET E 3890 43.47 -8.67 11.49
CA MET E 3890 43.85 -8.41 12.89
C MET E 3890 43.13 -7.21 13.51
N SER E 3891 42.93 -6.15 12.73
CA SER E 3891 42.59 -4.82 13.22
C SER E 3891 41.11 -4.64 13.56
N THR E 3892 40.83 -3.88 14.62
CA THR E 3892 39.46 -3.47 14.95
C THR E 3892 38.88 -2.49 13.93
N SER E 3893 39.62 -1.46 13.53
CA SER E 3893 39.15 -0.32 12.73
C SER E 3893 40.32 0.50 12.14
N PRO E 3894 40.12 1.44 11.21
CA PRO E 3894 41.19 2.11 10.46
C PRO E 3894 42.31 2.71 11.28
N GLU E 3895 42.03 3.27 12.44
CA GLU E 3895 43.05 3.80 13.34
C GLU E 3895 43.92 2.70 13.94
N ALA E 3896 43.33 1.57 14.28
CA ALA E 3896 44.05 0.44 14.80
C ALA E 3896 44.85 -0.23 13.69
N PHE E 3897 44.31 -0.36 12.48
CA PHE E 3897 45.11 -0.83 11.35
C PHE E 3897 46.28 0.10 11.11
N LEU E 3898 46.16 1.42 10.99
CA LEU E 3898 47.31 2.27 10.62
C LEU E 3898 48.48 2.08 11.60
N ALA E 3899 48.19 2.05 12.90
CA ALA E 3899 49.17 1.80 13.95
C ALA E 3899 49.85 0.44 13.83
N LEU E 3900 49.07 -0.63 13.70
CA LEU E 3900 49.58 -2.00 13.66
C LEU E 3900 50.52 -2.21 12.48
N ARG E 3901 50.12 -1.70 11.32
CA ARG E 3901 50.93 -1.62 10.10
C ARG E 3901 52.29 -1.00 10.37
N SER E 3902 52.29 0.16 10.99
CA SER E 3902 53.52 0.91 11.25
C SER E 3902 54.46 0.14 12.16
N HIS E 3903 53.97 -0.51 13.23
CA HIS E 3903 54.84 -1.24 14.15
C HIS E 3903 55.41 -2.51 13.51
N PHE E 3904 54.63 -3.24 12.73
CA PHE E 3904 55.18 -4.36 11.95
C PHE E 3904 56.33 -3.89 11.07
N ALA E 3905 56.12 -2.88 10.23
CA ALA E 3905 57.14 -2.35 9.34
C ALA E 3905 58.32 -1.74 10.07
N SER E 3906 58.12 -1.10 11.22
CA SER E 3906 59.18 -0.55 12.05
C SER E 3906 60.02 -1.64 12.69
N SER E 3907 59.38 -2.61 13.35
CA SER E 3907 60.10 -3.68 14.03
C SER E 3907 60.82 -4.52 13.00
N HIS E 3908 60.16 -4.87 11.90
CA HIS E 3908 60.79 -5.52 10.75
C HIS E 3908 62.00 -4.76 10.24
N ALA E 3909 61.95 -3.42 10.16
CA ALA E 3909 63.03 -2.63 9.62
C ALA E 3909 64.28 -2.76 10.50
N LEU E 3910 64.09 -2.56 11.79
CA LEU E 3910 65.14 -2.61 12.79
C LEU E 3910 65.84 -3.97 12.85
N ILE E 3911 65.07 -5.05 12.75
CA ILE E 3911 65.61 -6.40 12.69
C ILE E 3911 66.45 -6.61 11.45
N CYS E 3912 66.02 -6.14 10.29
CA CYS E 3912 66.72 -6.49 9.08
C CYS E 3912 68.04 -5.72 8.92
N ILE E 3913 68.16 -4.49 9.43
CA ILE E 3913 69.48 -3.84 9.56
C ILE E 3913 70.37 -4.55 10.58
N SER E 3914 69.88 -4.87 11.78
CA SER E 3914 70.72 -5.50 12.80
C SER E 3914 71.18 -6.92 12.44
N HIS E 3915 70.35 -7.73 11.79
CA HIS E 3915 70.74 -8.95 11.09
C HIS E 3915 71.81 -8.68 10.05
N TRP E 3916 71.65 -7.66 9.19
CA TRP E 3916 72.74 -7.31 8.28
C TRP E 3916 74.01 -6.98 9.06
N ILE E 3917 74.01 -6.14 10.09
CA ILE E 3917 75.18 -5.72 10.85
C ILE E 3917 76.04 -6.92 11.32
N LEU E 3918 75.42 -8.04 11.68
CA LEU E 3918 76.10 -9.28 12.11
C LEU E 3918 76.08 -10.38 11.03
N GLY E 3919 75.87 -9.99 9.78
CA GLY E 3919 76.00 -10.78 8.54
C GLY E 3919 75.18 -12.07 8.46
N ILE E 3920 74.16 -12.22 9.30
CA ILE E 3920 73.26 -13.38 9.31
C ILE E 3920 72.58 -13.55 7.93
N GLY E 3921 72.22 -14.78 7.58
CA GLY E 3921 71.50 -15.09 6.34
C GLY E 3921 70.56 -16.28 6.51
N ASP E 3922 70.15 -16.88 5.40
CA ASP E 3922 69.05 -17.83 5.34
C ASP E 3922 67.77 -17.28 6.02
N ARG E 3923 67.36 -16.10 5.54
CA ARG E 3923 66.14 -15.40 5.97
C ARG E 3923 64.86 -16.05 5.39
N HIS E 3924 64.78 -17.38 5.43
CA HIS E 3924 63.64 -18.20 5.00
C HIS E 3924 62.37 -17.82 5.78
N LEU E 3925 61.19 -17.98 5.19
CA LEU E 3925 59.96 -17.40 5.76
C LEU E 3925 59.43 -18.14 6.99
N ASN E 3926 60.03 -19.26 7.38
CA ASN E 3926 59.86 -19.82 8.72
C ASN E 3926 60.77 -19.16 9.77
N ASN E 3927 61.79 -18.40 9.35
CA ASN E 3927 62.78 -17.76 10.23
C ASN E 3927 62.35 -16.34 10.65
N PHE E 3928 61.06 -16.05 10.58
CA PHE E 3928 60.44 -14.87 11.13
C PHE E 3928 59.13 -15.25 11.81
N MET E 3929 58.79 -14.60 12.91
CA MET E 3929 57.47 -14.72 13.48
C MET E 3929 56.81 -13.38 13.65
N VAL E 3930 55.51 -13.35 13.44
CA VAL E 3930 54.68 -12.25 13.87
C VAL E 3930 54.29 -12.51 15.32
N ALA E 3931 54.67 -11.59 16.20
CA ALA E 3931 54.31 -11.63 17.59
C ALA E 3931 52.83 -11.25 17.74
N MET E 3932 51.93 -12.17 17.42
CA MET E 3932 50.55 -11.91 16.98
C MET E 3932 49.69 -10.99 17.88
N GLU E 3933 49.97 -10.90 19.18
CA GLU E 3933 49.34 -9.89 20.06
C GLU E 3933 49.80 -8.46 19.72
N THR E 3934 51.11 -8.19 19.76
CA THR E 3934 51.66 -6.85 19.49
C THR E 3934 51.82 -6.56 18.01
N GLY E 3935 51.90 -7.58 17.15
CA GLY E 3935 51.99 -7.47 15.70
C GLY E 3935 53.39 -7.16 15.15
N GLY E 3936 54.43 -7.20 15.97
CA GLY E 3936 55.83 -6.95 15.56
C GLY E 3936 56.53 -8.20 15.03
N VAL E 3937 57.57 -8.03 14.21
CA VAL E 3937 58.42 -9.15 13.74
C VAL E 3937 59.45 -9.56 14.79
N ILE E 3938 59.75 -10.86 14.89
CA ILE E 3938 60.89 -11.43 15.60
C ILE E 3938 61.73 -12.25 14.62
N GLY E 3939 63.04 -12.01 14.55
CA GLY E 3939 63.98 -12.80 13.74
C GLY E 3939 64.41 -14.04 14.50
N ILE E 3940 64.10 -15.26 14.00
CA ILE E 3940 63.92 -16.39 14.93
C ILE E 3940 65.19 -17.18 15.23
N ASP E 3941 66.08 -17.39 14.25
CA ASP E 3941 67.24 -18.27 14.43
C ASP E 3941 68.42 -17.97 13.48
N PHE E 3942 69.59 -18.53 13.82
CA PHE E 3942 70.91 -18.03 13.52
C PHE E 3942 72.00 -19.13 13.35
N GLY E 3943 71.65 -20.33 12.90
CA GLY E 3943 72.61 -21.37 12.49
C GLY E 3943 73.66 -20.87 11.49
N HIS E 3944 73.47 -19.72 10.81
CA HIS E 3944 74.40 -19.16 9.81
C HIS E 3944 74.85 -17.70 10.06
N ALA E 3945 75.08 -17.34 11.31
CA ALA E 3945 75.51 -16.00 11.73
C ALA E 3945 76.90 -15.55 11.20
N PHE E 3946 77.22 -14.27 11.33
CA PHE E 3946 78.55 -13.67 11.15
C PHE E 3946 79.13 -13.85 9.74
N GLY E 3947 78.31 -13.57 8.73
CA GLY E 3947 78.66 -13.77 7.32
C GLY E 3947 78.63 -15.24 6.89
N SER E 3948 78.52 -16.20 7.83
CA SER E 3948 78.66 -17.62 7.49
C SER E 3948 77.56 -18.13 6.55
N ALA E 3949 76.41 -17.48 6.43
CA ALA E 3949 75.45 -17.78 5.37
C ALA E 3949 76.06 -17.67 3.96
N THR E 3950 76.74 -16.57 3.65
CA THR E 3950 77.25 -16.30 2.29
C THR E 3950 78.62 -16.94 2.05
N GLN E 3951 79.38 -17.28 3.10
CA GLN E 3951 80.64 -17.98 2.95
C GLN E 3951 80.45 -19.41 2.41
N PHE E 3952 79.39 -20.11 2.81
CA PHE E 3952 79.18 -21.51 2.43
C PHE E 3952 78.70 -21.65 0.97
N LEU E 3953 79.65 -22.17 0.18
CA LEU E 3953 79.77 -22.31 -1.29
C LEU E 3953 78.55 -22.78 -2.12
N PRO E 3954 77.83 -23.87 -1.81
CA PRO E 3954 77.09 -24.61 -2.84
C PRO E 3954 75.92 -23.84 -3.45
N VAL E 3955 75.30 -22.93 -2.70
CA VAL E 3955 74.33 -21.92 -3.20
C VAL E 3955 74.62 -20.58 -2.52
N PRO E 3956 75.35 -19.65 -3.17
CA PRO E 3956 75.73 -18.39 -2.55
C PRO E 3956 74.54 -17.46 -2.29
N GLU E 3957 74.53 -16.78 -1.15
CA GLU E 3957 73.54 -15.75 -0.83
C GLU E 3957 74.08 -14.34 -1.16
N LEU E 3958 73.67 -13.80 -2.31
CA LEU E 3958 73.99 -12.45 -2.77
C LEU E 3958 73.25 -11.36 -1.99
N MET E 3959 71.94 -11.56 -1.74
CA MET E 3959 71.11 -10.59 -1.03
C MET E 3959 71.60 -10.39 0.42
N PRO E 3960 71.82 -9.16 0.92
CA PRO E 3960 72.36 -8.99 2.27
C PRO E 3960 71.31 -9.19 3.37
N PHE E 3961 70.04 -8.89 3.07
CA PHE E 3961 68.86 -9.12 3.91
C PHE E 3961 67.59 -9.01 3.04
N ARG E 3962 66.42 -8.92 3.67
CA ARG E 3962 65.11 -9.12 3.05
C ARG E 3962 64.22 -7.85 2.94
N LEU E 3963 63.86 -7.42 1.73
CA LEU E 3963 62.82 -6.41 1.45
C LEU E 3963 61.89 -6.85 0.31
N THR E 3964 61.17 -7.97 0.44
CA THR E 3964 60.48 -8.51 -0.71
C THR E 3964 59.07 -7.93 -0.80
N ARG E 3965 58.47 -8.40 -1.91
CA ARG E 3965 57.24 -7.98 -2.56
C ARG E 3965 56.13 -7.77 -1.57
N GLN E 3966 55.76 -8.75 -0.77
CA GLN E 3966 54.63 -8.52 0.12
C GLN E 3966 54.93 -7.45 1.18
N PHE E 3967 56.18 -7.07 1.47
CA PHE E 3967 56.48 -5.85 2.23
C PHE E 3967 56.34 -4.59 1.38
N ILE E 3968 56.84 -4.55 0.15
CA ILE E 3968 56.61 -3.40 -0.74
C ILE E 3968 55.10 -3.19 -0.97
N ASN E 3969 54.36 -4.27 -1.19
CA ASN E 3969 52.90 -4.29 -1.32
C ASN E 3969 52.21 -3.90 -0.01
N LEU E 3970 52.83 -4.12 1.16
CA LEU E 3970 52.26 -3.64 2.42
C LEU E 3970 52.30 -2.12 2.49
N MET E 3971 53.35 -1.49 2.01
CA MET E 3971 53.49 -0.03 1.96
C MET E 3971 52.88 0.61 0.70
N LEU E 3972 52.02 -0.07 -0.05
CA LEU E 3972 51.89 0.18 -1.49
C LEU E 3972 51.98 1.63 -2.01
N PRO E 3973 51.14 2.57 -1.55
CA PRO E 3973 51.17 3.94 -2.06
C PRO E 3973 52.54 4.62 -1.95
N MET E 3974 53.45 4.19 -1.07
CA MET E 3974 54.85 4.63 -1.09
C MET E 3974 55.86 3.48 -1.09
N LYS E 3975 56.95 3.66 -1.84
CA LYS E 3975 58.04 2.68 -1.93
C LYS E 3975 58.69 2.42 -0.56
N GLU E 3976 59.59 1.45 -0.47
CA GLU E 3976 60.37 1.18 0.75
C GLU E 3976 61.20 2.38 1.22
N THR E 3977 61.39 3.39 0.37
CA THR E 3977 61.96 4.69 0.70
C THR E 3977 61.13 5.52 1.67
N GLY E 3978 59.95 5.08 2.11
CA GLY E 3978 59.23 5.74 3.20
C GLY E 3978 59.72 5.29 4.58
N LEU E 3979 58.78 4.86 5.41
CA LEU E 3979 59.01 4.60 6.84
C LEU E 3979 60.04 3.52 7.09
N MET E 3980 60.15 2.51 6.23
CA MET E 3980 61.17 1.48 6.35
C MET E 3980 62.54 2.14 6.27
N TYR E 3981 62.89 2.67 5.11
CA TYR E 3981 64.12 3.45 4.89
C TYR E 3981 64.47 4.42 6.03
N SER E 3982 63.60 5.36 6.36
CA SER E 3982 63.98 6.40 7.31
C SER E 3982 64.14 5.90 8.75
N ILE E 3983 63.43 4.84 9.16
CA ILE E 3983 63.71 4.19 10.45
C ILE E 3983 65.11 3.60 10.46
N MET E 3984 65.65 3.13 9.35
CA MET E 3984 67.02 2.67 9.32
C MET E 3984 68.04 3.79 9.38
N VAL E 3985 67.78 5.04 9.04
CA VAL E 3985 68.54 6.30 9.13
C VAL E 3985 68.67 6.40 10.64
N HIS E 3986 67.54 6.35 11.35
CA HIS E 3986 67.54 6.56 12.80
C HIS E 3986 68.20 5.42 13.56
N ALA E 3987 68.14 4.19 13.05
CA ALA E 3987 68.80 3.03 13.66
C ALA E 3987 70.31 2.96 13.39
N LEU E 3988 70.76 2.95 12.14
CA LEU E 3988 72.19 2.77 11.83
C LEU E 3988 73.06 3.90 12.37
N ARG E 3989 72.55 5.14 12.39
CA ARG E 3989 73.24 6.27 13.00
C ARG E 3989 73.59 6.00 14.46
N ALA E 3990 72.67 5.45 15.23
CA ALA E 3990 72.89 5.16 16.64
C ALA E 3990 74.07 4.20 16.86
N PHE E 3991 74.30 3.24 15.95
CA PHE E 3991 75.45 2.34 16.03
C PHE E 3991 76.72 2.97 15.45
N ARG E 3992 76.67 3.44 14.19
CA ARG E 3992 77.81 3.99 13.43
C ARG E 3992 78.55 5.10 14.18
N SER E 3993 77.82 5.89 14.97
CA SER E 3993 78.39 6.97 15.77
C SER E 3993 79.48 6.50 16.75
N ASP E 3994 79.38 5.29 17.30
CA ASP E 3994 80.27 4.74 18.34
C ASP E 3994 80.66 3.27 18.07
N PRO E 3995 81.55 2.99 17.09
CA PRO E 3995 81.79 1.62 16.62
C PRO E 3995 82.42 0.71 17.67
N GLY E 3996 83.13 1.27 18.65
CA GLY E 3996 83.73 0.50 19.74
C GLY E 3996 82.71 -0.38 20.47
N LEU E 3997 81.63 0.21 20.95
CA LEU E 3997 80.68 -0.42 21.88
C LEU E 3997 80.26 -1.83 21.46
N LEU E 3998 79.85 -2.00 20.19
CA LEU E 3998 79.45 -3.29 19.64
C LEU E 3998 80.66 -4.10 19.16
N THR E 3999 81.57 -3.55 18.35
CA THR E 3999 82.67 -4.35 17.75
C THR E 3999 83.62 -4.92 18.82
N ASN E 4000 83.89 -4.15 19.85
CA ASN E 4000 84.69 -4.52 20.99
C ASN E 4000 83.99 -5.60 21.84
N THR E 4001 82.67 -5.50 22.04
CA THR E 4001 81.90 -6.62 22.60
C THR E 4001 82.01 -7.86 21.71
N MET E 4002 81.94 -7.69 20.39
CA MET E 4002 81.95 -8.78 19.44
C MET E 4002 83.34 -9.46 19.29
N ASP E 4003 84.37 -8.94 19.97
CA ASP E 4003 85.61 -9.69 20.25
C ASP E 4003 85.41 -10.83 21.27
N VAL E 4004 84.17 -11.11 21.69
CA VAL E 4004 83.74 -12.33 22.43
C VAL E 4004 84.17 -13.64 21.75
N PHE E 4005 84.50 -13.63 20.47
CA PHE E 4005 85.05 -14.76 19.72
C PHE E 4005 86.56 -14.99 19.96
N VAL E 4006 86.93 -15.14 21.24
CA VAL E 4006 88.15 -15.83 21.70
C VAL E 4006 87.98 -17.37 21.67
N LYS E 4007 86.75 -17.89 21.65
CA LYS E 4007 86.42 -19.32 21.65
C LYS E 4007 87.12 -20.14 20.55
N ASN E 4037 93.46 -19.40 9.41
CA ASN E 4037 93.47 -18.32 10.39
C ASN E 4037 92.23 -18.37 11.29
N TRP E 4038 92.09 -17.39 12.17
CA TRP E 4038 90.88 -17.25 12.96
C TRP E 4038 89.82 -16.71 12.01
N TYR E 4039 88.83 -17.54 11.67
CA TYR E 4039 87.60 -17.01 11.07
C TYR E 4039 87.04 -15.81 11.87
N PRO E 4040 87.13 -15.78 13.22
CA PRO E 4040 86.88 -14.56 14.00
C PRO E 4040 87.63 -13.33 13.49
N ARG E 4041 88.97 -13.34 13.39
CA ARG E 4041 89.72 -12.13 13.02
C ARG E 4041 89.31 -11.63 11.64
N GLN E 4042 89.20 -12.50 10.64
CA GLN E 4042 88.98 -12.03 9.27
C GLN E 4042 87.54 -11.56 9.00
N LYS E 4043 86.55 -12.02 9.78
CA LYS E 4043 85.16 -11.52 9.73
C LYS E 4043 84.95 -10.28 10.60
N ILE E 4044 85.62 -10.18 11.75
CA ILE E 4044 85.66 -8.96 12.57
C ILE E 4044 86.41 -7.85 11.84
N CYS E 4045 87.46 -8.16 11.08
CA CYS E 4045 88.11 -7.23 10.15
C CYS E 4045 87.09 -6.56 9.21
N TYR E 4046 86.12 -7.32 8.70
CA TYR E 4046 85.02 -6.80 7.88
C TYR E 4046 83.96 -6.08 8.73
N ALA E 4047 83.62 -6.58 9.91
CA ALA E 4047 82.67 -5.94 10.82
C ALA E 4047 83.12 -4.54 11.24
N LYS E 4048 84.40 -4.36 11.57
CA LYS E 4048 84.98 -3.05 11.91
C LYS E 4048 84.92 -2.07 10.72
N ARG E 4049 85.05 -2.57 9.49
CA ARG E 4049 84.85 -1.74 8.28
C ARG E 4049 83.39 -1.36 8.07
N LYS E 4050 82.45 -2.30 8.21
CA LYS E 4050 81.02 -2.05 7.93
C LYS E 4050 80.29 -1.28 9.05
N LEU E 4051 80.79 -1.33 10.29
CA LEU E 4051 80.32 -0.43 11.37
C LEU E 4051 80.85 0.99 11.14
N ALA E 4052 82.11 1.12 10.71
CA ALA E 4052 82.61 2.34 10.09
C ALA E 4052 81.94 2.57 8.73
N GLY E 4053 82.34 3.62 8.01
CA GLY E 4053 81.83 3.86 6.66
C GLY E 4053 82.43 2.87 5.67
N ALA E 4054 81.69 1.83 5.26
CA ALA E 4054 82.02 0.93 4.16
C ALA E 4054 80.76 0.44 3.43
N ASN E 4055 80.88 0.15 2.14
CA ASN E 4055 79.77 -0.16 1.24
C ASN E 4055 79.31 -1.64 1.32
N PRO E 4056 77.99 -1.94 1.24
CA PRO E 4056 77.45 -3.30 1.38
C PRO E 4056 77.83 -4.25 0.23
N ALA E 4057 77.79 -3.76 -1.01
CA ALA E 4057 78.22 -4.55 -2.16
C ALA E 4057 79.72 -4.84 -2.09
N VAL E 4058 80.54 -3.88 -1.65
CA VAL E 4058 81.98 -4.05 -1.47
C VAL E 4058 82.30 -5.23 -0.56
N ILE E 4059 81.71 -5.32 0.64
CA ILE E 4059 81.87 -6.50 1.52
C ILE E 4059 81.46 -7.80 0.81
N THR E 4060 80.45 -7.78 -0.05
CA THR E 4060 80.04 -8.98 -0.80
C THR E 4060 81.13 -9.37 -1.80
N CYS E 4061 81.68 -8.41 -2.54
CA CYS E 4061 82.83 -8.65 -3.42
C CYS E 4061 84.03 -9.19 -2.64
N ASP E 4062 84.32 -8.57 -1.50
CA ASP E 4062 85.40 -8.91 -0.60
C ASP E 4062 85.25 -10.36 -0.08
N GLU E 4063 84.04 -10.78 0.29
CA GLU E 4063 83.77 -12.17 0.63
C GLU E 4063 84.04 -13.11 -0.55
N LEU E 4064 83.54 -12.79 -1.74
CA LEU E 4064 83.74 -13.65 -2.91
C LEU E 4064 85.24 -13.78 -3.27
N LEU E 4065 86.03 -12.72 -3.05
CA LEU E 4065 87.49 -12.73 -3.18
C LEU E 4065 88.16 -13.62 -2.11
N LEU E 4066 87.56 -13.77 -0.93
CA LEU E 4066 88.10 -14.52 0.22
C LEU E 4066 87.91 -16.04 0.04
N GLY E 4067 88.68 -16.61 -0.88
CA GLY E 4067 88.80 -18.05 -1.15
C GLY E 4067 87.71 -18.64 -2.04
N HIS E 4068 86.50 -18.07 -2.02
CA HIS E 4068 85.37 -18.51 -2.87
C HIS E 4068 85.61 -18.30 -4.38
N GLU E 4069 86.65 -17.58 -4.79
CA GLU E 4069 87.10 -17.46 -6.19
C GLU E 4069 87.39 -18.78 -6.90
N LYS E 4070 87.44 -19.91 -6.18
CA LYS E 4070 87.43 -21.22 -6.80
C LYS E 4070 86.13 -21.62 -7.49
N ALA E 4071 84.93 -21.06 -7.20
CA ALA E 4071 83.78 -21.48 -8.00
C ALA E 4071 83.69 -20.67 -9.31
N PRO E 4072 83.40 -21.27 -10.47
CA PRO E 4072 83.63 -20.65 -11.78
C PRO E 4072 82.87 -19.32 -12.02
N ALA E 4073 81.67 -19.20 -11.48
CA ALA E 4073 80.89 -17.98 -11.63
C ALA E 4073 81.33 -16.82 -10.72
N PHE E 4074 82.44 -16.89 -9.97
CA PHE E 4074 82.87 -15.77 -9.11
C PHE E 4074 83.01 -14.44 -9.86
N ARG E 4075 83.57 -14.47 -11.09
CA ARG E 4075 83.63 -13.34 -12.02
C ARG E 4075 82.27 -12.70 -12.24
N ASP E 4076 81.23 -13.52 -12.32
CA ASP E 4076 79.84 -13.10 -12.54
C ASP E 4076 79.12 -12.74 -11.23
N TYR E 4077 79.36 -13.47 -10.15
CA TYR E 4077 78.87 -13.14 -8.81
C TYR E 4077 79.30 -11.73 -8.42
N VAL E 4078 80.55 -11.34 -8.66
CA VAL E 4078 80.97 -9.94 -8.44
C VAL E 4078 80.23 -8.99 -9.39
N ALA E 4079 80.02 -9.33 -10.66
CA ALA E 4079 79.26 -8.51 -11.61
C ALA E 4079 77.76 -8.38 -11.26
N VAL E 4080 77.20 -9.31 -10.51
CA VAL E 4080 75.88 -9.17 -9.87
C VAL E 4080 75.98 -8.31 -8.62
N ALA E 4081 76.98 -8.51 -7.74
CA ALA E 4081 77.18 -7.68 -6.55
C ALA E 4081 77.47 -6.20 -6.86
N ARG E 4082 78.45 -5.91 -7.71
CA ARG E 4082 78.84 -4.57 -8.19
C ARG E 4082 77.76 -3.89 -9.03
N GLY E 4083 76.84 -4.65 -9.60
CA GLY E 4083 75.75 -4.10 -10.41
C GLY E 4083 76.21 -3.42 -11.70
N SER E 4084 75.30 -2.64 -12.29
CA SER E 4084 75.55 -1.86 -13.52
C SER E 4084 75.63 -0.37 -13.20
N LYS E 4085 76.76 0.29 -13.52
CA LYS E 4085 76.94 1.74 -13.30
C LYS E 4085 75.94 2.62 -14.05
N ASP E 4086 75.28 2.07 -15.07
CA ASP E 4086 74.22 2.74 -15.84
C ASP E 4086 72.92 2.95 -15.05
N HIS E 4087 72.55 2.04 -14.15
CA HIS E 4087 71.20 2.02 -13.55
C HIS E 4087 71.08 1.32 -12.19
N ASN E 4088 72.17 1.05 -11.48
CA ASN E 4088 72.17 0.57 -10.09
C ASN E 4088 72.84 1.61 -9.18
N ILE E 4089 72.11 2.14 -8.20
CA ILE E 4089 72.51 3.32 -7.41
C ILE E 4089 73.62 3.04 -6.38
N ARG E 4090 74.03 1.79 -6.17
CA ARG E 4090 75.25 1.45 -5.42
C ARG E 4090 76.53 1.78 -6.19
N ALA E 4091 76.50 1.67 -7.51
CA ALA E 4091 77.70 1.40 -8.29
C ALA E 4091 78.58 2.64 -8.47
N GLN E 4092 78.01 3.82 -8.33
CA GLN E 4092 78.70 5.11 -8.48
C GLN E 4092 79.43 5.53 -7.19
N GLU E 4093 79.12 4.94 -6.04
CA GLU E 4093 79.70 5.38 -4.77
C GLU E 4093 81.14 4.87 -4.55
N PRO E 4094 81.98 5.58 -3.76
CA PRO E 4094 83.23 5.03 -3.27
C PRO E 4094 83.01 3.81 -2.37
N GLU E 4095 84.09 3.11 -2.04
CA GLU E 4095 84.03 1.92 -1.18
C GLU E 4095 83.80 2.23 0.31
N SER E 4096 84.29 3.38 0.77
CA SER E 4096 84.51 3.70 2.18
C SER E 4096 84.21 5.18 2.50
N GLY E 4097 84.06 5.52 3.78
CA GLY E 4097 83.78 6.89 4.24
C GLY E 4097 82.32 7.34 4.08
N LEU E 4098 81.42 6.40 3.81
CA LEU E 4098 80.00 6.63 3.52
C LEU E 4098 79.26 7.21 4.73
N SER E 4099 78.48 8.28 4.51
CA SER E 4099 77.49 8.80 5.47
C SER E 4099 76.35 7.80 5.66
N GLU E 4100 75.59 7.94 6.76
CA GLU E 4100 74.42 7.12 7.03
C GLU E 4100 73.45 7.07 5.84
N GLU E 4101 73.22 8.20 5.15
CA GLU E 4101 72.42 8.21 3.94
C GLU E 4101 73.03 7.31 2.88
N THR E 4102 74.24 7.59 2.40
CA THR E 4102 74.86 6.80 1.32
C THR E 4102 74.92 5.30 1.65
N GLN E 4103 75.32 4.99 2.88
CA GLN E 4103 75.33 3.65 3.44
C GLN E 4103 74.02 2.89 3.21
N VAL E 4104 72.89 3.47 3.66
CA VAL E 4104 71.59 2.80 3.58
C VAL E 4104 71.00 2.89 2.18
N LYS E 4105 71.14 4.02 1.49
CA LYS E 4105 70.69 4.24 0.10
C LYS E 4105 71.16 3.13 -0.83
N CYS E 4106 72.43 2.78 -0.69
CA CYS E 4106 73.07 1.68 -1.38
C CYS E 4106 72.62 0.32 -0.87
N LEU E 4107 72.54 0.14 0.45
CA LEU E 4107 72.11 -1.10 1.07
C LEU E 4107 70.69 -1.50 0.65
N MET E 4108 69.80 -0.54 0.36
CA MET E 4108 68.54 -0.79 -0.33
C MET E 4108 68.83 -1.48 -1.67
N ASP E 4109 69.53 -0.81 -2.60
CA ASP E 4109 69.80 -1.33 -3.94
C ASP E 4109 70.38 -2.76 -3.94
N GLN E 4110 71.42 -3.01 -3.15
CA GLN E 4110 72.02 -4.34 -3.10
C GLN E 4110 71.08 -5.44 -2.53
N ALA E 4111 70.02 -5.07 -1.80
CA ALA E 4111 69.00 -6.02 -1.35
C ALA E 4111 67.82 -6.17 -2.33
N THR E 4112 67.36 -5.07 -2.94
CA THR E 4112 66.15 -5.08 -3.79
C THR E 4112 66.38 -5.43 -5.26
N ASP E 4113 67.61 -5.77 -5.65
CA ASP E 4113 67.98 -5.97 -7.06
C ASP E 4113 67.19 -7.13 -7.71
N PRO E 4114 66.31 -6.87 -8.71
CA PRO E 4114 65.58 -7.92 -9.40
C PRO E 4114 66.51 -8.87 -10.15
N ASN E 4115 67.72 -8.45 -10.50
CA ASN E 4115 68.71 -9.30 -11.15
C ASN E 4115 69.54 -10.15 -10.17
N ILE E 4116 69.48 -9.91 -8.86
CA ILE E 4116 69.82 -10.95 -7.85
C ILE E 4116 68.64 -11.89 -7.71
N LEU E 4117 67.45 -11.33 -7.42
CA LEU E 4117 66.29 -12.12 -7.02
C LEU E 4117 65.84 -13.07 -8.14
N GLY E 4118 65.95 -12.62 -9.39
CA GLY E 4118 65.73 -13.44 -10.59
C GLY E 4118 66.72 -14.57 -10.80
N ARG E 4119 67.72 -14.79 -9.93
CA ARG E 4119 68.63 -15.94 -9.95
C ARG E 4119 69.05 -16.39 -8.54
N THR E 4120 68.23 -17.17 -7.83
CA THR E 4120 68.48 -17.47 -6.41
C THR E 4120 67.78 -18.74 -5.90
N TRP E 4121 68.09 -19.15 -4.66
CA TRP E 4121 67.54 -20.35 -4.02
C TRP E 4121 66.00 -20.34 -3.92
N GLU E 4122 65.40 -21.49 -4.22
CA GLU E 4122 64.03 -21.89 -3.86
C GLU E 4122 63.97 -22.44 -2.42
N GLY E 4123 62.78 -22.64 -1.84
CA GLY E 4123 62.63 -22.88 -0.40
C GLY E 4123 62.76 -21.56 0.33
N TRP E 4124 63.96 -20.96 0.31
CA TRP E 4124 64.05 -19.50 0.41
C TRP E 4124 63.29 -18.92 -0.79
N GLU E 4125 62.73 -17.71 -0.66
CA GLU E 4125 61.60 -17.37 -1.54
C GLU E 4125 61.51 -15.87 -1.81
N PRO E 4126 61.91 -15.42 -3.02
CA PRO E 4126 61.75 -14.02 -3.39
C PRO E 4126 60.28 -13.63 -3.65
N TRP E 4127 59.46 -14.55 -4.16
CA TRP E 4127 58.04 -14.27 -4.40
C TRP E 4127 57.12 -14.44 -3.18
N MET E 4128 57.57 -15.18 -2.15
CA MET E 4128 56.84 -15.59 -0.93
C MET E 4128 55.54 -16.39 -1.15
N UNK F 1 16.83 -3.66 78.17
CA UNK F 1 16.97 -2.23 78.44
C UNK F 1 17.86 -1.57 77.38
N UNK F 2 18.31 -0.36 77.68
CA UNK F 2 19.14 0.41 76.76
C UNK F 2 19.89 1.51 77.48
N UNK F 3 21.21 1.48 77.38
CA UNK F 3 22.08 2.39 78.11
C UNK F 3 21.60 3.83 78.04
N UNK F 4 21.07 4.21 76.89
CA UNK F 4 20.51 5.52 76.76
C UNK F 4 19.32 5.61 77.66
N UNK F 5 18.29 4.81 77.36
CA UNK F 5 17.03 4.84 78.09
C UNK F 5 17.26 4.63 79.58
N UNK F 6 18.30 3.87 79.90
CA UNK F 6 18.68 3.69 81.27
C UNK F 6 19.18 5.01 81.81
N UNK F 7 20.36 5.42 81.36
CA UNK F 7 21.02 6.60 81.90
C UNK F 7 20.07 7.77 81.90
N UNK F 8 19.09 7.71 81.01
CA UNK F 8 18.03 8.70 80.99
C UNK F 8 17.40 8.80 82.35
N UNK F 9 16.59 7.82 82.68
CA UNK F 9 15.89 7.81 83.95
C UNK F 9 16.88 7.89 85.08
N UNK F 10 18.07 7.32 84.87
CA UNK F 10 19.09 7.37 85.89
C UNK F 10 19.37 8.80 86.22
N UNK F 11 19.41 9.62 85.20
CA UNK F 11 19.63 11.03 85.39
C UNK F 11 18.28 11.69 85.58
N UNK F 12 17.46 11.02 86.37
CA UNK F 12 16.18 11.58 86.74
C UNK F 12 15.89 11.17 88.16
N UNK F 13 16.48 10.06 88.60
CA UNK F 13 16.33 9.62 89.97
C UNK F 13 16.92 10.71 90.83
N UNK F 14 17.94 11.35 90.29
CA UNK F 14 18.57 12.46 90.96
C UNK F 14 17.66 13.66 90.91
N UNK F 15 17.10 13.91 89.74
CA UNK F 15 16.40 15.16 89.51
C UNK F 15 15.09 15.20 90.28
N UNK F 16 14.69 14.06 90.82
CA UNK F 16 13.42 13.94 91.50
C UNK F 16 12.28 14.42 90.60
N UNK F 17 12.49 14.25 89.30
CA UNK F 17 11.48 14.62 88.32
C UNK F 17 11.30 13.46 87.34
N UNK F 18 10.11 12.86 87.36
CA UNK F 18 9.83 11.69 86.53
C UNK F 18 9.57 12.08 85.08
N UNK F 19 9.46 13.37 84.81
CA UNK F 19 9.21 13.90 83.47
C UNK F 19 7.94 13.31 82.86
N UNK F 20 6.93 13.10 83.69
CA UNK F 20 5.67 12.54 83.23
C UNK F 20 4.70 13.65 82.83
N MET I 1 -48.69 71.65 -69.52
CA MET I 1 -48.80 71.88 -68.05
C MET I 1 -48.84 70.60 -67.24
N GLU I 2 -49.50 69.56 -67.71
CA GLU I 2 -49.96 68.42 -66.93
C GLU I 2 -48.83 67.71 -66.19
N GLU I 3 -47.66 67.67 -66.84
CA GLU I 3 -46.42 67.17 -66.31
C GLU I 3 -45.98 67.92 -65.02
N LEU I 4 -46.34 69.20 -64.88
CA LEU I 4 -46.03 69.99 -63.69
C LEU I 4 -46.87 69.53 -62.51
N GLU I 5 -48.17 69.34 -62.72
CA GLU I 5 -49.05 68.77 -61.71
C GLU I 5 -48.59 67.36 -61.34
N GLN I 6 -48.25 66.56 -62.33
CA GLN I 6 -47.85 65.18 -62.08
C GLN I 6 -46.51 65.10 -61.35
N GLY I 7 -45.58 66.02 -61.61
CA GLY I 7 -44.40 66.21 -60.81
C GLY I 7 -44.74 66.69 -59.41
N LEU I 8 -45.63 67.68 -59.30
CA LEU I 8 -46.15 68.21 -58.05
C LEU I 8 -46.66 67.10 -57.14
N LEU I 9 -47.48 66.18 -57.64
CA LEU I 9 -48.01 65.08 -56.84
C LEU I 9 -46.88 64.30 -56.15
N MET I 10 -45.78 64.05 -56.86
CA MET I 10 -44.61 63.36 -56.31
C MET I 10 -43.61 64.24 -55.58
N GLN I 11 -43.80 65.54 -55.54
CA GLN I 11 -42.99 66.37 -54.68
C GLN I 11 -43.25 66.06 -53.20
N PRO I 12 -42.20 66.03 -52.37
CA PRO I 12 -42.36 66.19 -50.95
C PRO I 12 -42.91 67.57 -50.59
N TRP I 13 -43.54 67.65 -49.43
CA TRP I 13 -43.66 68.90 -48.68
C TRP I 13 -42.32 69.30 -48.07
N ALA I 14 -42.10 70.61 -48.02
CA ALA I 14 -40.98 71.26 -47.39
C ALA I 14 -41.46 72.43 -46.52
N TRP I 15 -40.56 72.93 -45.67
CA TRP I 15 -40.83 74.03 -44.74
C TRP I 15 -40.25 75.36 -45.23
N LEU I 16 -40.94 76.45 -44.92
CA LEU I 16 -40.50 77.79 -45.27
C LEU I 16 -40.93 78.78 -44.18
N GLN I 17 -40.18 79.89 -44.09
CA GLN I 17 -40.37 80.96 -43.13
C GLN I 17 -40.19 82.33 -43.78
N LEU I 18 -40.82 83.19 -42.94
CA LEU I 18 -40.64 84.61 -42.69
C LEU I 18 -41.15 85.14 -41.34
N ALA I 19 -40.30 85.71 -40.51
CA ALA I 19 -40.68 86.68 -39.47
C ALA I 19 -41.93 86.33 -38.61
N GLU I 20 -41.87 85.20 -37.91
CA GLU I 20 -42.95 84.56 -37.14
C GLU I 20 -44.07 83.88 -37.95
N ASN I 21 -44.10 84.03 -39.28
CA ASN I 21 -44.96 83.31 -40.22
C ASN I 21 -44.18 82.24 -41.01
N SER I 22 -44.89 81.19 -41.44
CA SER I 22 -44.28 79.97 -41.94
C SER I 22 -45.29 79.22 -42.77
N LEU I 23 -44.81 78.53 -43.80
CA LEU I 23 -45.66 77.77 -44.71
C LEU I 23 -45.07 76.38 -44.88
N LEU I 24 -45.96 75.44 -45.18
CA LEU I 24 -45.63 74.24 -45.92
C LEU I 24 -45.86 74.48 -47.38
N ALA I 25 -44.92 73.99 -48.19
CA ALA I 25 -44.97 74.18 -49.64
C ALA I 25 -44.40 72.96 -50.39
N LYS I 26 -44.82 72.80 -51.64
CA LYS I 26 -44.08 72.07 -52.68
C LYS I 26 -44.15 72.82 -53.98
N VAL I 27 -43.06 72.78 -54.72
CA VAL I 27 -42.97 73.36 -56.07
C VAL I 27 -42.42 72.33 -57.03
N PHE I 28 -42.92 72.33 -58.25
CA PHE I 28 -42.29 71.65 -59.38
C PHE I 28 -42.10 72.64 -60.52
N ILE I 29 -40.86 73.11 -60.66
CA ILE I 29 -40.37 74.01 -61.73
C ILE I 29 -39.89 73.16 -62.91
N THR I 30 -40.12 73.62 -64.13
CA THR I 30 -39.41 73.16 -65.33
C THR I 30 -39.10 74.37 -66.20
N LYS I 31 -38.55 74.16 -67.40
CA LYS I 31 -38.45 75.22 -68.41
C LYS I 31 -39.82 75.67 -68.96
N GLN I 32 -40.86 74.83 -68.87
CA GLN I 32 -42.23 75.17 -69.30
C GLN I 32 -42.91 76.17 -68.34
N GLY I 33 -42.59 76.12 -67.05
CA GLY I 33 -43.27 76.88 -66.01
C GLY I 33 -43.10 76.26 -64.64
N TYR I 34 -44.08 76.45 -63.76
CA TYR I 34 -44.12 75.76 -62.48
C TYR I 34 -45.54 75.41 -62.04
N ALA I 35 -45.66 74.41 -61.16
CA ALA I 35 -46.81 74.26 -60.29
C ALA I 35 -46.37 74.43 -58.84
N LEU I 36 -47.21 75.10 -58.05
CA LEU I 36 -46.96 75.46 -56.67
C LEU I 36 -48.18 75.10 -55.83
N LEU I 37 -47.96 74.49 -54.67
CA LEU I 37 -49.01 74.26 -53.68
C LEU I 37 -48.49 74.56 -52.28
N VAL I 38 -49.30 75.27 -51.51
CA VAL I 38 -48.92 75.99 -50.30
C VAL I 38 -49.96 75.76 -49.24
N SER I 39 -49.57 75.64 -47.98
CA SER I 39 -50.49 75.58 -46.86
C SER I 39 -49.91 76.27 -45.63
N ASP I 40 -50.77 76.93 -44.85
CA ASP I 40 -50.46 77.39 -43.49
C ASP I 40 -51.07 76.48 -42.41
N LEU I 41 -51.36 75.22 -42.74
CA LEU I 41 -51.98 74.24 -41.84
C LEU I 41 -53.43 74.57 -41.46
N GLN I 42 -54.04 75.51 -42.16
CA GLN I 42 -55.37 76.05 -41.92
C GLN I 42 -56.14 76.24 -43.24
N GLN I 43 -55.47 76.71 -44.29
CA GLN I 43 -55.92 76.76 -45.69
C GLN I 43 -54.79 76.22 -46.58
N VAL I 44 -55.15 75.95 -47.83
CA VAL I 44 -54.26 75.46 -48.89
C VAL I 44 -54.43 76.36 -50.11
N TRP I 45 -53.34 76.68 -50.80
CA TRP I 45 -53.31 77.56 -51.96
C TRP I 45 -52.55 76.97 -53.12
N HIS I 46 -53.02 77.22 -54.34
CA HIS I 46 -52.42 76.68 -55.55
C HIS I 46 -52.22 77.75 -56.64
N GLU I 47 -51.16 77.57 -57.41
CA GLU I 47 -50.95 78.24 -58.69
C GLU I 47 -50.24 77.27 -59.65
N GLN I 48 -50.56 77.42 -60.93
CA GLN I 48 -49.68 76.98 -62.00
C GLN I 48 -49.47 78.10 -62.98
N VAL I 49 -48.25 78.20 -63.49
CA VAL I 49 -47.78 79.28 -64.36
C VAL I 49 -47.07 78.68 -65.55
N ASP I 50 -47.29 79.29 -66.71
CA ASP I 50 -46.67 78.97 -67.98
C ASP I 50 -45.72 80.06 -68.45
N THR I 51 -44.91 79.72 -69.45
CA THR I 51 -43.88 80.54 -70.10
C THR I 51 -44.32 81.96 -70.41
N SER I 52 -45.54 82.11 -70.92
CA SER I 52 -46.16 83.41 -71.20
C SER I 52 -46.27 84.25 -69.95
N VAL I 53 -46.88 83.69 -68.90
CA VAL I 53 -47.09 84.37 -67.64
C VAL I 53 -45.76 84.70 -66.97
N VAL I 54 -44.78 83.80 -67.06
CA VAL I 54 -43.42 84.10 -66.62
C VAL I 54 -42.85 85.32 -67.34
N SER I 55 -42.89 85.36 -68.68
CA SER I 55 -42.35 86.52 -69.41
C SER I 55 -43.06 87.81 -69.00
N GLN I 56 -44.39 87.80 -69.03
CA GLN I 56 -45.17 88.99 -68.75
C GLN I 56 -44.95 89.49 -67.31
N ARG I 57 -45.05 88.60 -66.33
CA ARG I 57 -44.88 88.98 -64.93
C ARG I 57 -43.44 89.29 -64.56
N ALA I 58 -42.43 88.64 -65.11
CA ALA I 58 -41.05 89.06 -64.84
C ALA I 58 -40.79 90.46 -65.39
N LYS I 59 -41.31 90.76 -66.58
CA LYS I 59 -41.16 92.09 -67.14
C LYS I 59 -41.87 93.11 -66.31
N GLU I 60 -43.14 92.91 -65.97
CA GLU I 60 -43.87 93.90 -65.18
C GLU I 60 -43.26 94.08 -63.79
N LEU I 61 -42.60 93.07 -63.26
CA LEU I 61 -41.87 93.17 -62.01
C LEU I 61 -40.43 93.71 -62.14
N ASN I 62 -39.82 93.67 -63.32
CA ASN I 62 -38.42 94.03 -63.56
C ASN I 62 -38.26 94.42 -65.03
N LYS I 63 -38.79 95.62 -65.38
CA LYS I 63 -39.12 96.11 -66.73
C LYS I 63 -38.00 95.99 -67.74
N ARG I 64 -36.82 96.52 -67.43
CA ARG I 64 -35.64 96.42 -68.29
C ARG I 64 -35.17 94.97 -68.49
N LEU I 65 -35.60 94.01 -67.66
CA LEU I 65 -34.92 92.72 -67.58
C LEU I 65 -35.22 91.72 -68.73
N THR I 66 -34.37 91.58 -69.75
CA THR I 66 -34.66 90.88 -71.04
C THR I 66 -34.03 89.48 -71.19
N ALA I 67 -34.27 88.53 -70.29
CA ALA I 67 -34.10 87.12 -70.65
C ALA I 67 -35.38 86.46 -71.18
N PRO I 68 -35.25 85.37 -71.95
CA PRO I 68 -36.26 84.33 -72.06
C PRO I 68 -36.62 83.74 -70.68
N PRO I 69 -37.85 83.24 -70.53
CA PRO I 69 -38.43 82.84 -69.24
C PRO I 69 -37.73 81.66 -68.56
N ALA I 70 -36.99 80.86 -69.31
CA ALA I 70 -36.10 79.83 -68.81
C ALA I 70 -35.08 80.33 -67.78
N ALA I 71 -34.49 81.51 -67.98
CA ALA I 71 -33.57 82.09 -67.00
C ALA I 71 -34.30 82.43 -65.69
N PHE I 72 -35.52 82.98 -65.82
CA PHE I 72 -36.33 83.36 -64.67
C PHE I 72 -36.76 82.11 -63.87
N LEU I 73 -37.18 81.05 -64.55
CA LEU I 73 -37.57 79.79 -63.94
C LEU I 73 -36.38 79.03 -63.33
N CYS I 74 -35.23 78.98 -64.00
CA CYS I 74 -34.01 78.35 -63.48
C CYS I 74 -33.48 79.08 -62.25
N HIS I 75 -33.51 80.42 -62.23
CA HIS I 75 -33.17 81.17 -61.03
C HIS I 75 -34.10 80.82 -59.86
N LEU I 76 -35.42 80.85 -60.07
CA LEU I 76 -36.41 80.50 -59.04
C LEU I 76 -36.18 79.11 -58.48
N ASP I 77 -35.92 78.14 -59.36
CA ASP I 77 -35.57 76.80 -58.97
C ASP I 77 -34.31 76.79 -58.08
N ASN I 78 -33.18 77.29 -58.57
CA ASN I 78 -31.91 77.30 -57.80
C ASN I 78 -32.00 78.11 -56.51
N LEU I 79 -32.87 79.10 -56.43
CA LEU I 79 -33.17 79.85 -55.22
C LEU I 79 -33.92 79.00 -54.19
N LEU I 80 -34.94 78.28 -54.66
CA LEU I 80 -35.82 77.52 -53.79
C LEU I 80 -35.25 76.16 -53.39
N ARG I 81 -34.50 75.47 -54.24
CA ARG I 81 -34.08 74.09 -53.92
C ARG I 81 -33.27 73.95 -52.64
N PRO I 82 -32.27 74.82 -52.37
CA PRO I 82 -31.50 74.70 -51.14
C PRO I 82 -32.38 75.04 -49.94
N LEU I 83 -33.29 76.00 -50.11
CA LEU I 83 -34.09 76.57 -49.03
C LEU I 83 -35.21 75.64 -48.59
N LEU I 84 -35.81 74.91 -49.53
CA LEU I 84 -36.79 73.86 -49.27
C LEU I 84 -36.07 72.58 -48.83
N ALA I 93 -31.34 86.34 -50.26
CA ALA I 93 -32.74 86.53 -50.65
C ALA I 93 -33.74 86.51 -49.48
N THR I 94 -34.95 87.01 -49.72
CA THR I 94 -36.02 87.19 -48.71
C THR I 94 -37.42 87.03 -49.32
N PHE I 95 -38.40 86.75 -48.45
CA PHE I 95 -39.78 86.42 -48.81
C PHE I 95 -40.80 87.14 -47.95
N SER I 96 -41.98 87.42 -48.49
CA SER I 96 -43.10 87.98 -47.73
C SER I 96 -44.42 87.39 -48.20
N CYS I 97 -45.37 87.28 -47.30
CA CYS I 97 -46.62 86.58 -47.56
C CYS I 97 -47.85 87.41 -47.25
N ASP I 98 -48.67 87.66 -48.27
CA ASP I 98 -49.80 88.58 -48.16
C ASP I 98 -51.08 87.91 -48.66
N CYS I 99 -52.15 88.00 -47.88
CA CYS I 99 -53.42 87.47 -48.29
C CYS I 99 -54.36 88.59 -48.76
N VAL I 100 -55.00 88.38 -49.90
CA VAL I 100 -56.06 89.23 -50.43
C VAL I 100 -57.29 88.39 -50.73
N ALA I 101 -58.37 88.63 -49.98
CA ALA I 101 -59.53 87.75 -49.90
C ALA I 101 -59.05 86.28 -49.76
N ASP I 102 -59.56 85.39 -50.61
CA ASP I 102 -59.24 83.96 -50.64
C ASP I 102 -57.80 83.65 -51.14
N ALA I 103 -57.15 84.60 -51.80
CA ALA I 103 -55.90 84.40 -52.51
C ALA I 103 -54.67 84.76 -51.68
N LEU I 104 -53.65 83.92 -51.78
CA LEU I 104 -52.35 84.14 -51.16
C LEU I 104 -51.34 84.60 -52.19
N ILE I 105 -50.65 85.66 -51.86
CA ILE I 105 -49.53 86.13 -52.63
C ILE I 105 -48.26 85.82 -51.87
N LEU I 106 -47.33 85.19 -52.56
CA LEU I 106 -45.98 84.96 -52.06
C LEU I 106 -44.99 85.77 -52.87
N ARG I 107 -44.23 86.64 -52.19
CA ARG I 107 -43.35 87.61 -52.80
C ARG I 107 -41.90 87.21 -52.61
N VAL I 108 -41.10 87.35 -53.65
CA VAL I 108 -39.66 87.05 -53.66
C VAL I 108 -38.88 88.31 -53.94
N ARG I 109 -37.98 88.63 -53.02
CA ARG I 109 -36.90 89.59 -53.27
C ARG I 109 -35.59 88.82 -53.26
N SER I 110 -34.87 88.85 -54.36
CA SER I 110 -33.54 88.23 -54.44
C SER I 110 -32.67 88.95 -55.46
N GLU I 111 -31.69 88.26 -56.04
CA GLU I 111 -30.78 88.78 -57.05
C GLU I 111 -30.45 87.72 -58.12
N LEU I 112 -30.30 88.19 -59.36
CA LEU I 112 -30.03 87.43 -60.59
C LEU I 112 -29.12 88.33 -61.44
N SER I 113 -27.92 87.87 -61.82
CA SER I 113 -26.95 88.69 -62.58
C SER I 113 -26.51 89.97 -61.83
N GLY I 114 -26.07 89.85 -60.59
CA GLY I 114 -25.83 90.89 -59.56
C GLY I 114 -27.04 91.76 -59.22
N LEU I 115 -27.92 92.01 -60.20
CA LEU I 115 -29.12 92.82 -60.12
C LEU I 115 -30.15 92.19 -59.17
N PRO I 116 -30.94 92.99 -58.46
CA PRO I 116 -32.09 92.54 -57.68
C PRO I 116 -33.16 91.91 -58.59
N PHE I 117 -33.79 90.81 -58.17
CA PHE I 117 -34.88 90.14 -58.89
C PHE I 117 -36.12 90.01 -58.04
N TYR I 118 -37.25 90.31 -58.65
CA TYR I 118 -38.55 90.32 -58.00
C TYR I 118 -39.55 89.43 -58.69
N TRP I 119 -40.26 88.66 -57.87
CA TRP I 119 -41.35 87.80 -58.27
C TRP I 119 -42.50 87.85 -57.27
N ASN I 120 -43.73 87.68 -57.77
CA ASN I 120 -44.89 87.34 -56.95
C ASN I 120 -45.56 86.08 -57.49
N PHE I 121 -45.72 85.10 -56.62
CA PHE I 121 -46.62 83.98 -56.76
C PHE I 121 -48.06 84.40 -56.42
N HIS I 122 -49.04 84.08 -57.27
CA HIS I 122 -50.43 84.45 -57.06
C HIS I 122 -51.30 83.21 -56.94
N CYS I 123 -51.62 82.81 -55.72
CA CYS I 123 -52.22 81.53 -55.42
C CYS I 123 -53.69 81.69 -55.01
N MET I 124 -54.59 80.97 -55.67
CA MET I 124 -55.97 80.84 -55.24
C MET I 124 -56.08 79.79 -54.12
N LEU I 125 -57.25 79.62 -53.48
CA LEU I 125 -57.46 78.40 -52.67
C LEU I 125 -57.39 77.16 -53.55
N ALA I 126 -56.58 76.19 -53.16
CA ALA I 126 -56.55 74.90 -53.83
C ALA I 126 -57.95 74.26 -53.84
N SER I 127 -58.25 73.51 -54.90
CA SER I 127 -59.53 72.83 -55.01
C SER I 127 -59.61 71.59 -54.10
N PRO I 128 -60.81 71.12 -53.74
CA PRO I 128 -60.99 69.91 -52.95
C PRO I 128 -60.38 68.65 -53.55
N SER I 129 -60.20 68.62 -54.88
CA SER I 129 -59.46 67.56 -55.56
C SER I 129 -58.01 67.57 -55.08
N LEU I 130 -57.29 68.69 -55.28
CA LEU I 130 -55.89 68.82 -54.87
C LEU I 130 -55.70 68.50 -53.38
N VAL I 131 -56.57 69.02 -52.51
CA VAL I 131 -56.43 68.83 -51.07
C VAL I 131 -56.62 67.36 -50.71
N SER I 132 -57.53 66.68 -51.39
CA SER I 132 -57.69 65.26 -51.23
C SER I 132 -56.45 64.49 -51.69
N GLN I 133 -55.91 64.82 -52.86
CA GLN I 133 -54.80 64.09 -53.48
C GLN I 133 -53.45 64.38 -52.83
N HIS I 134 -53.17 65.63 -52.49
CA HIS I 134 -51.90 66.04 -51.91
C HIS I 134 -51.88 65.91 -50.39
N LEU I 135 -53.03 66.01 -49.69
CA LEU I 135 -53.10 65.97 -48.23
C LEU I 135 -53.91 64.79 -47.72
N ILE I 136 -55.23 64.78 -47.83
CA ILE I 136 -56.07 63.89 -47.02
C ILE I 136 -55.75 62.43 -47.30
N ARG I 137 -55.85 62.03 -48.56
CA ARG I 137 -55.65 60.64 -48.96
C ARG I 137 -54.26 60.14 -48.61
N PRO I 138 -53.17 60.82 -49.00
CA PRO I 138 -51.85 60.35 -48.65
C PRO I 138 -51.67 60.33 -47.14
N LEU I 139 -52.03 61.39 -46.41
CA LEU I 139 -51.90 61.41 -44.96
C LEU I 139 -52.63 60.24 -44.27
N MET I 140 -53.83 59.91 -44.78
CA MET I 140 -54.57 58.76 -44.30
C MET I 140 -53.81 57.45 -44.65
N GLY I 141 -53.31 57.32 -45.89
CA GLY I 141 -52.56 56.15 -46.34
C GLY I 141 -51.25 55.94 -45.57
N MET I 142 -50.65 57.03 -45.11
CA MET I 142 -49.47 57.04 -44.23
C MET I 142 -49.83 56.54 -42.85
N SER I 143 -50.93 57.00 -42.28
CA SER I 143 -51.38 56.56 -40.96
C SER I 143 -51.71 55.09 -40.95
N LEU I 144 -52.36 54.57 -41.99
CA LEU I 144 -52.59 53.14 -42.14
C LEU I 144 -51.28 52.35 -42.24
N ALA I 145 -50.37 52.79 -43.11
CA ALA I 145 -49.11 52.10 -43.30
C ALA I 145 -48.26 52.14 -42.02
N LEU I 146 -48.28 53.26 -41.33
CA LEU I 146 -47.63 53.42 -40.04
C LEU I 146 -48.29 52.56 -38.96
N GLN I 147 -49.59 52.37 -39.04
CA GLN I 147 -50.27 51.47 -38.14
C GLN I 147 -49.87 50.01 -38.44
N CYS I 148 -49.66 49.67 -39.71
CA CYS I 148 -49.09 48.38 -40.09
C CYS I 148 -47.65 48.22 -39.65
N GLN I 149 -46.86 49.30 -39.68
CA GLN I 149 -45.52 49.28 -39.11
C GLN I 149 -45.57 48.95 -37.64
N VAL I 150 -46.36 49.68 -36.85
CA VAL I 150 -46.55 49.41 -35.42
C VAL I 150 -46.96 47.96 -35.18
N ARG I 151 -47.89 47.42 -35.99
CA ARG I 151 -48.31 46.02 -35.87
C ARG I 151 -47.15 45.08 -36.14
N GLU I 152 -46.42 45.27 -37.24
CA GLU I 152 -45.29 44.43 -37.59
C GLU I 152 -44.15 44.52 -36.57
N LEU I 153 -43.91 45.69 -35.99
CA LEU I 153 -42.95 45.89 -34.90
C LEU I 153 -43.41 45.26 -33.57
N ALA I 154 -44.71 45.20 -33.30
CA ALA I 154 -45.24 44.50 -32.13
C ALA I 154 -45.11 42.98 -32.22
N THR I 155 -45.36 42.41 -33.39
CA THR I 155 -45.12 40.96 -33.60
C THR I 155 -43.62 40.65 -33.59
N LEU I 156 -42.77 41.50 -34.18
CA LEU I 156 -41.32 41.49 -33.96
C LEU I 156 -40.94 41.53 -32.48
N LEU I 157 -41.51 42.43 -31.69
CA LEU I 157 -41.20 42.55 -30.26
C LEU I 157 -41.57 41.28 -29.50
N HIS I 158 -42.76 40.74 -29.74
CA HIS I 158 -43.18 39.51 -29.09
C HIS I 158 -42.28 38.34 -29.48
N MET I 159 -41.86 38.25 -30.75
CA MET I 159 -40.92 37.22 -31.17
C MET I 159 -39.52 37.34 -30.54
N LYS I 160 -39.06 38.55 -30.20
CA LYS I 160 -37.89 38.71 -29.35
C LYS I 160 -38.15 38.33 -27.88
N ASP I 161 -39.36 38.50 -27.36
CA ASP I 161 -39.70 38.06 -25.99
C ASP I 161 -39.77 36.54 -25.83
N LEU I 162 -40.27 35.81 -26.82
CA LEU I 162 -40.16 34.36 -26.82
C LEU I 162 -38.69 33.92 -26.80
N GLU I 163 -37.81 34.70 -27.41
CA GLU I 163 -36.39 34.36 -27.52
C GLU I 163 -35.60 34.57 -26.23
N ILE I 164 -35.84 35.66 -25.50
CA ILE I 164 -35.20 35.83 -24.18
C ILE I 164 -35.75 34.87 -23.14
N GLN I 165 -37.05 34.58 -23.23
CA GLN I 165 -37.66 33.55 -22.41
C GLN I 165 -36.92 32.26 -22.69
N ASP I 166 -36.86 31.79 -23.92
CA ASP I 166 -36.12 30.56 -24.25
C ASP I 166 -34.68 30.54 -23.74
N TYR I 167 -33.99 31.68 -23.61
CA TYR I 167 -32.73 31.71 -22.86
C TYR I 167 -32.88 31.57 -21.34
N GLN I 168 -33.68 32.40 -20.67
CA GLN I 168 -33.81 32.32 -19.21
C GLN I 168 -34.57 31.07 -18.73
N GLU I 169 -35.71 30.78 -19.34
CA GLU I 169 -36.66 29.73 -18.94
C GLU I 169 -36.13 28.31 -19.16
N SER I 170 -35.23 28.12 -20.13
CA SER I 170 -34.78 26.79 -20.54
C SER I 170 -33.36 26.74 -21.08
N GLY I 171 -32.89 27.79 -21.78
CA GLY I 171 -31.51 28.00 -22.21
C GLY I 171 -30.54 28.30 -21.06
N ALA I 172 -30.98 28.07 -19.83
CA ALA I 172 -30.23 27.82 -18.60
C ALA I 172 -29.10 28.82 -18.33
N THR I 173 -29.38 30.10 -18.49
CA THR I 173 -28.37 31.16 -18.39
C THR I 173 -28.94 32.51 -17.96
N LEU I 174 -28.05 33.41 -17.53
CA LEU I 174 -28.36 34.78 -17.13
C LEU I 174 -27.56 35.81 -17.97
N ILE I 175 -27.62 37.08 -17.53
CA ILE I 175 -27.02 38.27 -18.11
C ILE I 175 -26.30 39.12 -17.07
N ARG I 176 -25.74 40.27 -17.48
CA ARG I 176 -25.24 41.32 -16.56
C ARG I 176 -26.32 42.06 -15.77
N ASP I 177 -27.57 41.64 -15.88
CA ASP I 177 -28.75 42.23 -15.24
C ASP I 177 -29.12 43.67 -15.67
N ARG I 178 -28.16 44.55 -15.98
CA ARG I 178 -28.36 46.00 -16.26
C ARG I 178 -29.15 46.29 -17.55
N LEU I 179 -29.58 45.25 -18.26
CA LEU I 179 -30.16 45.32 -19.60
C LEU I 179 -31.47 44.55 -19.79
N LYS I 180 -31.96 43.90 -18.74
CA LYS I 180 -33.23 43.15 -18.75
C LYS I 180 -34.40 44.06 -19.17
N THR I 181 -35.05 43.76 -20.29
CA THR I 181 -36.25 44.44 -20.76
C THR I 181 -37.54 43.83 -20.20
N GLU I 182 -38.59 44.63 -20.06
CA GLU I 182 -39.93 44.14 -19.71
C GLU I 182 -40.58 43.38 -20.89
N PRO I 183 -41.40 42.33 -20.67
CA PRO I 183 -42.18 41.70 -21.74
C PRO I 183 -43.18 42.67 -22.41
N PHE I 184 -43.16 42.76 -23.75
CA PHE I 184 -43.96 43.72 -24.49
C PHE I 184 -45.44 43.31 -24.60
N GLU I 185 -46.32 44.26 -24.34
CA GLU I 185 -47.77 44.15 -24.47
C GLU I 185 -48.32 45.44 -25.07
N GLU I 186 -48.83 45.39 -26.29
CA GLU I 186 -49.18 46.58 -27.06
C GLU I 186 -50.31 47.43 -26.47
N ASN I 187 -51.21 46.83 -25.68
CA ASN I 187 -52.20 47.56 -24.91
C ASN I 187 -51.52 48.57 -23.98
N SER I 188 -50.60 48.05 -23.14
CA SER I 188 -49.90 48.90 -22.18
C SER I 188 -48.91 49.82 -22.88
N PHE I 189 -48.28 49.37 -23.96
CA PHE I 189 -47.44 50.25 -24.77
C PHE I 189 -48.21 51.50 -25.24
N LEU I 190 -49.41 51.29 -25.79
CA LEU I 190 -50.28 52.38 -26.21
C LEU I 190 -50.76 53.25 -25.05
N GLU I 191 -51.09 52.69 -23.89
CA GLU I 191 -51.62 53.51 -22.80
C GLU I 191 -50.53 54.44 -22.22
N GLN I 192 -49.31 53.94 -22.09
CA GLN I 192 -48.15 54.73 -21.68
C GLN I 192 -47.83 55.76 -22.74
N PHE I 193 -47.80 55.35 -24.01
CA PHE I 193 -47.61 56.28 -25.11
C PHE I 193 -48.62 57.41 -25.07
N MET I 194 -49.91 57.09 -24.93
CA MET I 194 -50.93 58.11 -25.04
C MET I 194 -51.15 58.97 -23.81
N ILE I 195 -50.81 58.51 -22.60
CA ILE I 195 -50.71 59.44 -21.47
C ILE I 195 -49.45 60.28 -21.61
N GLU I 196 -48.30 59.65 -21.82
CA GLU I 196 -46.99 60.28 -21.63
C GLU I 196 -46.48 61.04 -22.85
N LYS I 197 -46.70 60.53 -24.05
CA LYS I 197 -45.97 60.93 -25.26
C LYS I 197 -46.83 61.60 -26.32
N LEU I 198 -48.12 61.27 -26.38
CA LEU I 198 -49.07 61.89 -27.30
C LEU I 198 -49.11 63.42 -27.29
N PRO I 199 -49.14 64.13 -26.13
CA PRO I 199 -49.27 65.58 -26.10
C PRO I 199 -48.29 66.31 -27.03
N GLU I 200 -47.02 65.92 -27.03
CA GLU I 200 -46.03 66.49 -27.95
C GLU I 200 -45.99 65.75 -29.29
N ALA I 201 -46.24 64.43 -29.28
CA ALA I 201 -46.04 63.61 -30.45
C ALA I 201 -46.92 63.99 -31.63
N CYS I 202 -48.18 64.31 -31.37
CA CYS I 202 -49.09 64.76 -32.41
C CYS I 202 -49.11 66.26 -32.62
N SER I 203 -48.12 66.98 -32.06
CA SER I 203 -48.04 68.42 -32.23
C SER I 203 -47.87 68.78 -33.69
N ILE I 204 -48.84 69.52 -34.24
CA ILE I 204 -48.76 70.02 -35.62
C ILE I 204 -47.64 71.05 -35.73
N GLY I 205 -47.51 71.93 -34.73
CA GLY I 205 -46.48 72.96 -34.69
C GLY I 205 -46.49 73.84 -35.94
N ASP I 206 -45.30 74.14 -36.44
CA ASP I 206 -45.09 74.82 -37.71
C ASP I 206 -45.18 73.94 -38.95
N GLY I 207 -45.60 72.67 -38.83
CA GLY I 207 -45.54 71.68 -39.92
C GLY I 207 -44.11 71.20 -40.20
N LYS I 208 -43.13 72.00 -39.80
CA LYS I 208 -41.74 71.68 -39.57
C LYS I 208 -41.52 70.18 -39.39
N PRO I 209 -41.81 69.53 -38.23
CA PRO I 209 -41.43 68.13 -38.05
C PRO I 209 -42.09 67.15 -39.03
N PHE I 210 -43.27 67.43 -39.56
CA PHE I 210 -43.83 66.60 -40.63
C PHE I 210 -42.93 66.58 -41.87
N VAL I 211 -42.34 67.70 -42.26
CA VAL I 211 -41.50 67.72 -43.47
C VAL I 211 -40.17 67.07 -43.31
N MET I 212 -39.74 66.91 -42.07
CA MET I 212 -38.47 66.28 -41.81
C MET I 212 -38.63 64.79 -41.55
N ASN I 213 -39.65 64.39 -40.78
CA ASN I 213 -39.80 63.00 -40.38
C ASN I 213 -40.55 62.16 -41.42
N LEU I 214 -41.49 62.75 -42.20
CA LEU I 214 -42.51 61.94 -42.89
C LEU I 214 -42.45 61.92 -44.41
N GLN I 215 -41.55 62.68 -45.02
CA GLN I 215 -41.65 62.90 -46.46
C GLN I 215 -41.34 61.67 -47.27
N ASP I 216 -40.28 60.92 -46.96
CA ASP I 216 -39.98 59.69 -47.70
C ASP I 216 -41.15 58.68 -47.72
N LEU I 217 -41.98 58.69 -46.67
CA LEU I 217 -43.22 57.93 -46.65
C LEU I 217 -44.27 58.61 -47.55
N TYR I 218 -44.42 59.91 -47.47
CA TYR I 218 -45.34 60.68 -48.30
C TYR I 218 -45.14 60.44 -49.82
N MET I 219 -43.90 60.53 -50.30
CA MET I 219 -43.59 60.25 -51.70
C MET I 219 -43.92 58.82 -52.11
N ALA I 220 -43.66 57.88 -51.21
CA ALA I 220 -43.93 56.48 -51.45
C ALA I 220 -45.43 56.21 -51.52
N VAL I 221 -46.21 56.71 -50.55
CA VAL I 221 -47.67 56.57 -50.51
C VAL I 221 -48.31 57.19 -51.73
N THR I 222 -47.90 58.41 -52.09
CA THR I 222 -48.42 59.03 -53.30
C THR I 222 -48.13 58.21 -54.55
N THR I 223 -46.90 57.75 -54.76
CA THR I 223 -46.62 56.85 -55.91
C THR I 223 -47.57 55.66 -55.91
N GLN I 224 -47.73 55.05 -54.74
CA GLN I 224 -48.53 53.85 -54.61
C GLN I 224 -50.02 54.07 -54.85
N LYS I 293 -53.87 -34.84 -115.78
CA LYS I 293 -52.57 -35.04 -115.14
C LYS I 293 -52.13 -36.53 -115.13
N PRO I 294 -50.82 -36.84 -115.00
CA PRO I 294 -50.28 -38.16 -115.30
C PRO I 294 -50.85 -39.31 -114.45
N ARG I 295 -50.70 -40.54 -114.97
CA ARG I 295 -51.27 -41.79 -114.42
C ARG I 295 -50.43 -43.00 -114.86
N GLY I 296 -50.83 -44.21 -114.48
CA GLY I 296 -50.22 -45.47 -114.92
C GLY I 296 -48.89 -45.69 -114.24
N LEU I 297 -47.78 -45.75 -114.98
CA LEU I 297 -46.45 -45.69 -114.37
C LEU I 297 -46.24 -44.38 -113.56
N PHE I 298 -46.95 -43.32 -113.96
CA PHE I 298 -46.90 -41.99 -113.36
C PHE I 298 -48.05 -41.73 -112.39
N SER I 299 -48.63 -42.81 -111.82
CA SER I 299 -49.55 -42.77 -110.66
C SER I 299 -48.88 -42.24 -109.39
N MET J 1 -75.45 75.00 -29.41
CA MET J 1 -74.90 74.37 -30.65
C MET J 1 -73.36 74.40 -30.66
N GLU J 2 -72.69 75.32 -29.99
CA GLU J 2 -71.24 75.34 -29.86
C GLU J 2 -70.71 74.01 -29.27
N GLU J 3 -71.38 73.48 -28.26
CA GLU J 3 -71.10 72.17 -27.67
C GLU J 3 -71.35 71.01 -28.65
N LEU J 4 -72.27 71.17 -29.60
CA LEU J 4 -72.46 70.19 -30.67
C LEU J 4 -71.25 70.12 -31.61
N GLU J 5 -70.71 71.29 -31.96
CA GLU J 5 -69.47 71.34 -32.74
C GLU J 5 -68.30 70.75 -31.95
N GLN J 6 -68.23 71.02 -30.65
CA GLN J 6 -67.15 70.52 -29.79
C GLN J 6 -67.21 69.02 -29.60
N GLY J 7 -68.40 68.47 -29.43
CA GLY J 7 -68.55 67.04 -29.43
C GLY J 7 -68.09 66.50 -30.76
N LEU J 8 -68.53 67.07 -31.89
CA LEU J 8 -68.19 66.58 -33.21
C LEU J 8 -66.70 66.43 -33.47
N LEU J 9 -65.89 67.44 -33.15
CA LEU J 9 -64.43 67.39 -33.34
C LEU J 9 -63.87 66.09 -32.77
N MET J 10 -64.40 65.67 -31.62
CA MET J 10 -63.89 64.54 -30.85
C MET J 10 -64.66 63.23 -31.04
N GLN J 11 -65.68 63.20 -31.90
CA GLN J 11 -66.31 61.94 -32.32
C GLN J 11 -65.45 61.21 -33.35
N PRO J 12 -65.41 59.87 -33.28
CA PRO J 12 -64.80 59.06 -34.30
C PRO J 12 -65.65 59.01 -35.57
N TRP J 13 -65.04 58.52 -36.62
CA TRP J 13 -65.71 58.23 -37.89
C TRP J 13 -66.33 56.83 -37.90
N ALA J 14 -67.59 56.79 -38.30
CA ALA J 14 -68.32 55.60 -38.72
C ALA J 14 -68.16 55.37 -40.23
N TRP J 15 -68.49 54.15 -40.68
CA TRP J 15 -68.49 53.77 -42.09
C TRP J 15 -69.87 53.35 -42.56
N LEU J 16 -70.34 53.94 -43.65
CA LEU J 16 -71.68 53.75 -44.15
C LEU J 16 -71.70 53.05 -45.50
N GLN J 17 -72.46 51.98 -45.54
CA GLN J 17 -72.74 51.18 -46.71
C GLN J 17 -73.89 51.82 -47.48
N LEU J 18 -73.60 52.63 -48.49
CA LEU J 18 -74.65 52.97 -49.45
C LEU J 18 -74.86 51.78 -50.38
N ALA J 19 -75.88 51.83 -51.23
CA ALA J 19 -75.93 50.95 -52.39
C ALA J 19 -74.93 51.42 -53.46
N GLU J 20 -74.72 52.73 -53.55
CA GLU J 20 -74.03 53.42 -54.65
C GLU J 20 -72.49 53.49 -54.47
N ASN J 21 -72.04 53.62 -53.22
CA ASN J 21 -70.64 53.66 -52.75
C ASN J 21 -70.66 53.34 -51.24
N SER J 22 -69.63 53.73 -50.52
CA SER J 22 -69.69 53.92 -49.08
C SER J 22 -69.42 55.39 -48.73
N LEU J 23 -69.70 55.78 -47.50
CA LEU J 23 -69.32 57.07 -46.93
C LEU J 23 -68.59 56.84 -45.60
N LEU J 24 -67.82 57.83 -45.21
CA LEU J 24 -67.40 58.04 -43.85
C LEU J 24 -68.20 59.15 -43.22
N ALA J 25 -68.64 58.96 -41.99
CA ALA J 25 -69.43 59.95 -41.30
C ALA J 25 -68.99 60.03 -39.83
N LYS J 26 -68.69 61.22 -39.32
CA LYS J 26 -68.71 61.50 -37.88
C LYS J 26 -69.88 62.36 -37.53
N VAL J 27 -70.54 62.02 -36.45
CA VAL J 27 -71.77 62.67 -36.01
C VAL J 27 -71.72 62.86 -34.52
N PHE J 28 -72.28 63.96 -34.07
CA PHE J 28 -72.55 64.19 -32.66
C PHE J 28 -74.02 64.59 -32.49
N ILE J 29 -74.76 63.81 -31.69
CA ILE J 29 -76.19 63.97 -31.41
C ILE J 29 -76.35 64.34 -29.95
N THR J 30 -77.28 65.25 -29.68
CA THR J 30 -77.85 65.51 -28.35
C THR J 30 -79.36 65.75 -28.52
N LYS J 31 -80.09 65.96 -27.42
CA LYS J 31 -81.45 66.53 -27.47
C LYS J 31 -81.55 67.93 -28.10
N GLN J 32 -80.42 68.62 -28.24
CA GLN J 32 -80.32 70.00 -28.70
C GLN J 32 -80.28 70.11 -30.23
N GLY J 33 -79.94 69.03 -30.91
CA GLY J 33 -79.64 69.00 -32.33
C GLY J 33 -78.55 68.02 -32.68
N TYR J 34 -77.94 68.23 -33.84
CA TYR J 34 -76.80 67.46 -34.27
C TYR J 34 -75.83 68.28 -35.07
N ALA J 35 -74.61 67.77 -35.16
CA ALA J 35 -73.65 68.19 -36.16
C ALA J 35 -73.06 66.93 -36.81
N LEU J 36 -72.86 66.99 -38.11
CA LEU J 36 -72.42 65.90 -38.96
C LEU J 36 -71.33 66.38 -39.91
N LEU J 37 -70.31 65.57 -40.09
CA LEU J 37 -69.36 65.69 -41.18
C LEU J 37 -69.29 64.37 -41.94
N VAL J 38 -69.38 64.42 -43.27
CA VAL J 38 -69.37 63.25 -44.16
C VAL J 38 -68.27 63.38 -45.19
N SER J 39 -67.71 62.26 -45.62
CA SER J 39 -66.76 62.21 -46.71
C SER J 39 -66.89 60.93 -47.56
N ASP J 40 -66.60 61.02 -48.86
CA ASP J 40 -66.42 59.87 -49.77
C ASP J 40 -64.94 59.66 -50.14
N LEU J 41 -64.04 60.32 -49.40
CA LEU J 41 -62.59 60.31 -49.60
C LEU J 41 -62.11 61.11 -50.82
N GLN J 42 -63.02 61.78 -51.53
CA GLN J 42 -62.73 62.80 -52.54
C GLN J 42 -63.18 64.20 -52.13
N GLN J 43 -64.31 64.27 -51.43
CA GLN J 43 -64.92 65.48 -50.93
C GLN J 43 -65.45 65.30 -49.49
N VAL J 44 -65.80 66.42 -48.86
CA VAL J 44 -66.25 66.50 -47.47
C VAL J 44 -67.47 67.42 -47.36
N TRP J 45 -68.45 67.05 -46.54
CA TRP J 45 -69.69 67.78 -46.39
C TRP J 45 -70.16 67.91 -44.96
N HIS J 46 -70.78 69.04 -44.67
CA HIS J 46 -71.10 69.47 -43.33
C HIS J 46 -72.59 69.78 -43.19
N GLU J 47 -73.16 69.42 -42.05
CA GLU J 47 -74.41 70.00 -41.59
C GLU J 47 -74.40 70.09 -40.07
N GLN J 48 -75.05 71.12 -39.56
CA GLN J 48 -75.38 71.35 -38.18
C GLN J 48 -76.83 71.78 -38.12
N VAL J 49 -77.59 71.26 -37.15
CA VAL J 49 -79.03 71.43 -37.06
C VAL J 49 -79.49 71.43 -35.62
N ASP J 50 -80.33 72.39 -35.27
CA ASP J 50 -81.02 72.41 -33.98
C ASP J 50 -82.42 71.80 -34.06
N THR J 51 -83.07 71.63 -32.91
CA THR J 51 -84.42 71.07 -32.80
C THR J 51 -85.51 71.80 -33.61
N SER J 52 -85.30 73.08 -33.96
CA SER J 52 -86.27 73.83 -34.76
C SER J 52 -86.35 73.22 -36.16
N VAL J 53 -85.17 73.02 -36.76
CA VAL J 53 -85.05 72.39 -38.07
C VAL J 53 -85.48 70.93 -38.02
N VAL J 54 -85.16 70.21 -36.94
CA VAL J 54 -85.64 68.84 -36.75
C VAL J 54 -87.16 68.77 -36.86
N SER J 55 -87.94 69.46 -36.02
CA SER J 55 -89.39 69.27 -36.08
C SER J 55 -90.02 69.77 -37.37
N GLN J 56 -89.47 70.83 -37.98
CA GLN J 56 -89.92 71.27 -39.31
C GLN J 56 -89.63 70.22 -40.38
N ARG J 57 -88.37 69.81 -40.55
CA ARG J 57 -87.97 68.90 -41.62
C ARG J 57 -88.59 67.52 -41.43
N ALA J 58 -88.67 67.03 -40.20
CA ALA J 58 -89.34 65.79 -39.92
C ALA J 58 -90.83 65.87 -40.21
N LYS J 59 -91.53 66.97 -39.85
CA LYS J 59 -92.93 67.16 -40.23
C LYS J 59 -93.10 67.22 -41.74
N GLU J 60 -92.12 67.69 -42.50
CA GLU J 60 -92.20 67.66 -43.96
C GLU J 60 -92.03 66.24 -44.48
N LEU J 61 -90.92 65.59 -44.13
CA LEU J 61 -90.56 64.26 -44.62
C LEU J 61 -91.55 63.21 -44.10
N ASN J 62 -92.14 63.38 -42.91
CA ASN J 62 -92.97 62.40 -42.21
C ASN J 62 -94.29 63.04 -41.68
N LYS J 63 -95.15 63.44 -42.63
CA LYS J 63 -96.26 64.42 -42.53
C LYS J 63 -97.09 64.39 -41.26
N ARG J 64 -97.52 63.21 -40.81
CA ARG J 64 -98.39 63.04 -39.62
C ARG J 64 -97.77 62.15 -38.53
N LEU J 65 -96.50 61.78 -38.67
CA LEU J 65 -95.78 60.93 -37.70
C LEU J 65 -95.07 61.78 -36.64
N THR J 66 -95.84 62.28 -35.65
CA THR J 66 -95.36 63.29 -34.69
C THR J 66 -94.47 62.73 -33.58
N ALA J 67 -93.51 63.54 -33.15
CA ALA J 67 -92.67 63.34 -31.99
C ALA J 67 -92.06 64.68 -31.53
N PRO J 68 -91.55 64.78 -30.30
CA PRO J 68 -90.57 65.76 -29.94
C PRO J 68 -89.27 65.57 -30.73
N PRO J 69 -88.60 66.65 -31.12
CA PRO J 69 -87.32 66.61 -31.81
C PRO J 69 -86.31 65.63 -31.19
N ALA J 70 -86.20 65.63 -29.86
CA ALA J 70 -85.24 64.77 -29.15
C ALA J 70 -85.47 63.26 -29.35
N ALA J 71 -86.70 62.81 -29.59
CA ALA J 71 -86.95 61.39 -29.85
C ALA J 71 -86.51 60.97 -31.25
N PHE J 72 -86.64 61.86 -32.24
CA PHE J 72 -86.04 61.61 -33.54
C PHE J 72 -84.52 61.53 -33.42
N LEU J 73 -83.92 62.53 -32.76
CA LEU J 73 -82.48 62.60 -32.55
C LEU J 73 -81.95 61.34 -31.84
N CYS J 74 -82.61 60.90 -30.78
CA CYS J 74 -82.32 59.65 -30.08
C CYS J 74 -82.28 58.42 -31.00
N HIS J 75 -83.18 58.35 -31.98
CA HIS J 75 -83.17 57.25 -32.91
C HIS J 75 -82.02 57.34 -33.90
N LEU J 76 -81.74 58.53 -34.44
CA LEU J 76 -80.57 58.71 -35.28
C LEU J 76 -79.29 58.34 -34.54
N ASP J 77 -79.24 58.59 -33.24
CA ASP J 77 -78.13 58.13 -32.40
C ASP J 77 -77.98 56.60 -32.39
N ASN J 78 -79.05 55.83 -32.61
CA ASN J 78 -78.97 54.39 -32.77
C ASN J 78 -78.37 54.01 -34.12
N LEU J 79 -78.70 54.77 -35.17
CA LEU J 79 -78.28 54.58 -36.56
C LEU J 79 -78.28 53.12 -37.00
N ALA J 93 -80.69 50.38 -41.41
CA ALA J 93 -81.14 51.54 -42.19
C ALA J 93 -80.65 51.54 -43.65
N THR J 94 -81.42 52.13 -44.56
CA THR J 94 -81.08 52.22 -45.99
C THR J 94 -80.64 53.64 -46.33
N PHE J 95 -79.41 53.77 -46.87
CA PHE J 95 -78.82 55.06 -47.25
C PHE J 95 -78.72 55.20 -48.75
N SER J 96 -79.14 56.36 -49.25
CA SER J 96 -78.91 56.79 -50.63
C SER J 96 -78.51 58.25 -50.65
N CYS J 97 -77.87 58.71 -51.70
CA CYS J 97 -77.54 60.13 -51.80
C CYS J 97 -77.49 60.65 -53.23
N ASP J 98 -77.65 61.97 -53.36
CA ASP J 98 -77.31 62.69 -54.56
C ASP J 98 -76.42 63.87 -54.18
N CYS J 99 -75.40 64.14 -55.00
CA CYS J 99 -74.91 65.50 -55.05
C CYS J 99 -75.80 66.26 -56.02
N VAL J 100 -76.57 67.20 -55.49
CA VAL J 100 -77.33 68.18 -56.25
C VAL J 100 -76.71 69.55 -55.98
N ALA J 101 -76.20 70.20 -57.02
CA ALA J 101 -75.08 71.15 -56.87
C ALA J 101 -74.00 70.47 -55.97
N ASP J 102 -73.62 71.07 -54.85
CA ASP J 102 -72.83 70.40 -53.81
C ASP J 102 -73.52 70.27 -52.46
N ALA J 103 -74.86 70.22 -52.51
CA ALA J 103 -75.60 69.54 -51.48
C ALA J 103 -75.37 68.07 -51.73
N LEU J 104 -74.48 67.46 -50.96
CA LEU J 104 -74.65 66.04 -50.78
C LEU J 104 -75.89 65.87 -49.94
N ILE J 105 -77.02 65.70 -50.60
CA ILE J 105 -78.20 65.32 -49.90
C ILE J 105 -78.11 63.82 -49.61
N LEU J 106 -77.98 63.50 -48.33
CA LEU J 106 -77.94 62.13 -47.83
C LEU J 106 -79.34 61.78 -47.34
N ARG J 107 -79.95 60.78 -47.97
CA ARG J 107 -81.33 60.35 -47.75
C ARG J 107 -81.31 59.03 -47.00
N VAL J 108 -81.88 59.06 -45.80
CA VAL J 108 -81.76 58.01 -44.80
C VAL J 108 -83.15 57.51 -44.46
N ARG J 109 -83.42 56.28 -44.90
CA ARG J 109 -84.59 55.52 -44.52
C ARG J 109 -84.24 54.63 -43.34
N SER J 110 -85.04 54.68 -42.29
CA SER J 110 -84.88 53.86 -41.09
C SER J 110 -86.24 53.30 -40.66
N GLU J 111 -86.24 52.32 -39.76
CA GLU J 111 -87.47 51.88 -39.10
C GLU J 111 -87.43 52.35 -37.64
N LEU J 112 -88.46 53.12 -37.25
CA LEU J 112 -88.70 53.54 -35.87
C LEU J 112 -90.21 53.45 -35.53
N SER J 113 -90.56 52.99 -34.34
CA SER J 113 -91.96 52.81 -33.88
C SER J 113 -92.80 51.79 -34.69
N GLY J 114 -92.13 50.86 -35.40
CA GLY J 114 -92.77 49.94 -36.36
C GLY J 114 -93.05 50.56 -37.75
N LEU J 115 -92.72 51.84 -37.91
CA LEU J 115 -92.95 52.67 -39.07
C LEU J 115 -91.61 53.00 -39.78
N PRO J 116 -91.63 52.92 -41.13
CA PRO J 116 -90.63 53.57 -41.96
C PRO J 116 -90.54 55.06 -41.65
N PHE J 117 -89.32 55.58 -41.71
CA PHE J 117 -88.96 56.93 -41.36
C PHE J 117 -88.03 57.50 -42.40
N TYR J 118 -88.12 58.82 -42.59
CA TYR J 118 -87.26 59.53 -43.48
C TYR J 118 -86.59 60.75 -42.87
N TRP J 119 -85.27 60.79 -43.05
CA TRP J 119 -84.48 61.99 -42.89
C TRP J 119 -83.64 62.26 -44.13
N ASN J 120 -83.53 63.53 -44.52
CA ASN J 120 -82.57 63.98 -45.53
C ASN J 120 -81.62 65.00 -44.94
N PHE J 121 -80.33 64.69 -44.99
CA PHE J 121 -79.25 65.57 -44.59
C PHE J 121 -78.89 66.49 -45.74
N HIS J 122 -78.80 67.79 -45.49
CA HIS J 122 -78.66 68.80 -46.53
C HIS J 122 -77.24 69.35 -46.55
N CYS J 123 -76.32 68.43 -46.81
CA CYS J 123 -74.93 68.62 -46.45
C CYS J 123 -74.20 69.46 -47.47
N MET J 124 -73.76 70.66 -47.09
CA MET J 124 -73.00 71.51 -48.01
C MET J 124 -71.52 71.15 -47.97
N LEU J 125 -70.78 71.45 -49.04
CA LEU J 125 -69.35 71.34 -49.04
C LEU J 125 -68.79 71.98 -47.75
N ALA J 126 -68.11 71.17 -46.94
CA ALA J 126 -67.51 71.61 -45.69
C ALA J 126 -66.55 72.76 -45.91
N SER J 127 -66.41 73.66 -44.93
CA SER J 127 -65.42 74.73 -45.06
C SER J 127 -63.98 74.17 -44.97
N PRO J 128 -63.01 74.75 -45.69
CA PRO J 128 -61.59 74.38 -45.59
C PRO J 128 -61.07 74.39 -44.14
N SER J 129 -61.65 75.25 -43.30
CA SER J 129 -61.28 75.35 -41.91
C SER J 129 -61.67 74.08 -41.13
N LEU J 130 -62.91 73.59 -41.28
CA LEU J 130 -63.31 72.32 -40.66
C LEU J 130 -62.56 71.15 -41.30
N VAL J 131 -62.29 71.16 -42.60
CA VAL J 131 -61.48 70.10 -43.24
C VAL J 131 -60.11 70.01 -42.57
N SER J 132 -59.53 71.16 -42.28
CA SER J 132 -58.32 71.21 -41.50
C SER J 132 -58.50 70.66 -40.08
N GLN J 133 -59.52 71.11 -39.35
CA GLN J 133 -59.69 70.73 -37.94
C GLN J 133 -60.16 69.28 -37.72
N HIS J 134 -60.96 68.75 -38.63
CA HIS J 134 -61.55 67.43 -38.56
C HIS J 134 -60.75 66.36 -39.32
N LEU J 135 -59.98 66.73 -40.36
CA LEU J 135 -59.11 65.79 -41.07
C LEU J 135 -57.66 66.21 -40.97
N ILE J 136 -57.23 67.23 -41.71
CA ILE J 136 -55.80 67.35 -42.08
C ILE J 136 -54.94 67.39 -40.84
N ARG J 137 -55.28 68.28 -39.91
CA ARG J 137 -54.51 68.43 -38.69
C ARG J 137 -54.55 67.18 -37.86
N PRO J 138 -55.72 66.61 -37.50
CA PRO J 138 -55.74 65.29 -36.87
C PRO J 138 -54.94 64.23 -37.61
N LEU J 139 -55.13 64.06 -38.92
CA LEU J 139 -54.50 63.01 -39.72
C LEU J 139 -52.98 63.16 -39.79
N MET J 140 -52.52 64.40 -39.87
CA MET J 140 -51.12 64.74 -39.69
C MET J 140 -50.65 64.35 -38.29
N GLY J 141 -51.38 64.80 -37.27
CA GLY J 141 -51.03 64.60 -35.87
C GLY J 141 -50.93 63.13 -35.53
N MET J 142 -51.83 62.34 -36.10
CA MET J 142 -51.84 60.90 -36.09
C MET J 142 -50.61 60.31 -36.78
N SER J 143 -50.25 60.75 -37.98
CA SER J 143 -49.02 60.27 -38.62
C SER J 143 -47.76 60.56 -37.80
N LEU J 144 -47.62 61.76 -37.23
CA LEU J 144 -46.50 62.06 -36.32
C LEU J 144 -46.54 61.17 -35.08
N ALA J 145 -47.71 61.02 -34.45
CA ALA J 145 -47.80 60.18 -33.27
C ALA J 145 -47.51 58.71 -33.59
N LEU J 146 -48.00 58.20 -34.71
CA LEU J 146 -47.71 56.84 -35.14
C LEU J 146 -46.24 56.64 -35.41
N GLN J 147 -45.60 57.63 -36.02
CA GLN J 147 -44.16 57.58 -36.20
C GLN J 147 -43.42 57.61 -34.85
N CYS J 148 -43.86 58.35 -33.84
CA CYS J 148 -43.22 58.23 -32.53
C CYS J 148 -43.44 56.87 -31.89
N GLN J 149 -44.55 56.20 -32.21
CA GLN J 149 -44.77 54.83 -31.77
C GLN J 149 -43.86 53.87 -32.48
N VAL J 150 -43.68 54.04 -33.79
CA VAL J 150 -42.68 53.28 -34.53
C VAL J 150 -41.31 53.48 -33.90
N ARG J 151 -40.97 54.73 -33.56
CA ARG J 151 -39.70 55.09 -32.93
C ARG J 151 -39.52 54.43 -31.57
N GLU J 152 -40.57 54.40 -30.77
CA GLU J 152 -40.50 53.72 -29.49
C GLU J 152 -40.55 52.20 -29.57
N LEU J 153 -41.18 51.60 -30.58
CA LEU J 153 -41.07 50.16 -30.79
C LEU J 153 -39.68 49.78 -31.31
N ALA J 154 -39.04 50.66 -32.10
CA ALA J 154 -37.68 50.47 -32.61
C ALA J 154 -36.59 50.66 -31.55
N THR J 155 -36.75 51.60 -30.63
CA THR J 155 -35.90 51.62 -29.42
C THR J 155 -36.16 50.35 -28.62
N LEU J 156 -37.42 49.97 -28.35
CA LEU J 156 -37.73 48.74 -27.62
C LEU J 156 -37.12 47.48 -28.28
N LEU J 157 -37.16 47.39 -29.61
CA LEU J 157 -36.52 46.31 -30.36
C LEU J 157 -35.00 46.36 -30.24
N HIS J 158 -34.41 47.55 -30.30
CA HIS J 158 -32.99 47.69 -30.08
C HIS J 158 -32.59 47.29 -28.66
N MET J 159 -33.39 47.64 -27.64
CA MET J 159 -33.15 47.31 -26.23
C MET J 159 -33.20 45.80 -26.00
N LYS J 160 -34.18 45.13 -26.62
CA LYS J 160 -34.27 43.67 -26.58
C LYS J 160 -33.13 42.98 -27.30
N ASP J 161 -32.54 43.60 -28.33
CA ASP J 161 -31.32 43.08 -28.93
C ASP J 161 -30.08 43.22 -28.06
N LEU J 162 -29.88 44.34 -27.38
CA LEU J 162 -28.80 44.47 -26.40
C LEU J 162 -28.89 43.37 -25.32
N GLU J 163 -30.13 43.14 -24.86
CA GLU J 163 -30.44 42.06 -23.94
C GLU J 163 -30.08 40.67 -24.51
N ILE J 164 -30.56 40.33 -25.70
CA ILE J 164 -30.32 39.03 -26.36
C ILE J 164 -28.87 38.83 -26.81
N GLN J 165 -28.20 39.90 -27.21
CA GLN J 165 -26.78 39.85 -27.55
C GLN J 165 -25.92 39.60 -26.30
N ASP J 166 -26.33 40.03 -25.10
CA ASP J 166 -25.65 39.62 -23.88
C ASP J 166 -25.66 38.09 -23.67
N TYR J 167 -26.81 37.45 -23.94
CA TYR J 167 -26.87 35.99 -23.99
C TYR J 167 -25.96 35.42 -25.07
N GLN J 168 -26.03 35.90 -26.32
CA GLN J 168 -25.15 35.46 -27.42
C GLN J 168 -23.64 35.64 -27.12
N GLU J 169 -23.26 36.61 -26.28
CA GLU J 169 -21.89 36.91 -25.88
C GLU J 169 -21.43 36.15 -24.62
N SER J 170 -22.26 35.28 -24.01
CA SER J 170 -21.85 34.39 -22.91
C SER J 170 -22.76 33.16 -22.77
N GLY J 171 -22.38 32.02 -23.37
CA GLY J 171 -23.15 30.79 -23.31
C GLY J 171 -24.52 30.92 -24.02
N ALA J 172 -25.55 30.38 -23.38
CA ALA J 172 -26.94 30.64 -23.71
C ALA J 172 -27.33 30.30 -25.16
N THR J 173 -27.21 29.03 -25.54
CA THR J 173 -27.74 28.56 -26.83
C THR J 173 -29.28 28.52 -26.81
N LEU J 174 -29.89 28.66 -27.99
CA LEU J 174 -31.34 28.52 -28.20
C LEU J 174 -31.74 27.05 -28.18
N ILE J 175 -32.89 26.73 -27.59
CA ILE J 175 -33.39 25.36 -27.56
C ILE J 175 -34.35 25.13 -28.72
N ARG J 176 -35.44 25.90 -28.77
CA ARG J 176 -36.40 25.78 -29.88
C ARG J 176 -35.81 26.44 -31.11
N ASP J 177 -35.48 25.61 -32.09
CA ASP J 177 -34.77 25.93 -33.35
C ASP J 177 -35.60 26.79 -34.34
N ARG J 178 -36.65 27.45 -33.85
CA ARG J 178 -37.60 28.25 -34.64
C ARG J 178 -37.96 29.61 -34.00
N LEU J 179 -37.34 29.94 -32.86
CA LEU J 179 -37.55 31.18 -32.12
C LEU J 179 -36.61 32.31 -32.51
N LYS J 180 -35.61 32.04 -33.37
CA LYS J 180 -34.59 33.01 -33.78
C LYS J 180 -35.23 34.32 -34.21
N THR J 181 -34.69 35.43 -33.72
CA THR J 181 -34.85 36.72 -34.38
C THR J 181 -33.54 37.19 -34.98
N GLU J 182 -33.62 37.67 -36.21
CA GLU J 182 -32.58 38.51 -36.79
C GLU J 182 -32.49 39.84 -35.99
N PRO J 183 -31.29 40.43 -35.85
CA PRO J 183 -31.09 41.70 -35.17
C PRO J 183 -31.94 42.83 -35.81
N PHE J 184 -32.73 43.58 -35.04
CA PHE J 184 -33.56 44.63 -35.63
C PHE J 184 -32.72 45.82 -36.10
N GLU J 185 -33.00 46.25 -37.33
CA GLU J 185 -32.39 47.38 -38.01
C GLU J 185 -33.50 48.08 -38.79
N GLU J 186 -33.65 49.36 -38.56
CA GLU J 186 -34.87 50.09 -38.92
C GLU J 186 -34.98 50.44 -40.40
N ASN J 187 -33.85 50.79 -41.04
CA ASN J 187 -33.83 51.12 -42.45
C ASN J 187 -34.30 49.91 -43.29
N SER J 188 -33.76 48.73 -43.02
CA SER J 188 -34.14 47.50 -43.75
C SER J 188 -35.56 47.03 -43.44
N PHE J 189 -36.07 47.26 -42.22
CA PHE J 189 -37.47 47.02 -41.89
C PHE J 189 -38.43 47.92 -42.67
N LEU J 190 -38.03 49.18 -42.90
CA LEU J 190 -38.71 50.01 -43.87
C LEU J 190 -38.54 49.42 -45.29
N GLU J 191 -37.34 49.09 -45.75
CA GLU J 191 -37.13 48.58 -47.12
C GLU J 191 -38.06 47.42 -47.50
N GLN J 192 -38.14 46.41 -46.65
CA GLN J 192 -39.03 45.27 -46.84
C GLN J 192 -40.51 45.70 -46.78
N PHE J 193 -40.88 46.52 -45.79
CA PHE J 193 -42.25 47.03 -45.69
C PHE J 193 -42.67 47.73 -46.98
N MET J 194 -41.80 48.55 -47.57
CA MET J 194 -42.17 49.40 -48.71
C MET J 194 -42.49 48.59 -49.96
N ILE J 195 -41.82 47.45 -50.12
CA ILE J 195 -42.08 46.54 -51.23
C ILE J 195 -43.24 45.59 -50.88
N GLU J 196 -43.19 44.94 -49.72
CA GLU J 196 -44.08 43.84 -49.37
C GLU J 196 -45.43 44.26 -48.76
N LYS J 197 -45.50 45.41 -48.10
CA LYS J 197 -46.62 45.78 -47.21
C LYS J 197 -47.27 47.09 -47.56
N LEU J 198 -46.50 48.07 -48.02
CA LEU J 198 -47.04 49.37 -48.33
C LEU J 198 -48.16 49.37 -49.38
N PRO J 199 -48.07 48.64 -50.51
CA PRO J 199 -49.14 48.59 -51.51
C PRO J 199 -50.52 48.38 -50.89
N GLU J 200 -50.68 47.27 -50.19
CA GLU J 200 -51.89 46.93 -49.44
C GLU J 200 -52.16 47.94 -48.33
N ALA J 201 -51.18 48.21 -47.46
CA ALA J 201 -51.46 48.89 -46.22
C ALA J 201 -51.86 50.36 -46.43
N CYS J 202 -51.27 51.04 -47.40
CA CYS J 202 -51.63 52.43 -47.68
C CYS J 202 -52.89 52.60 -48.53
N SER J 203 -53.41 51.52 -49.11
CA SER J 203 -54.63 51.57 -49.91
C SER J 203 -55.76 52.15 -49.10
N ILE J 204 -56.41 53.16 -49.65
CA ILE J 204 -57.53 53.82 -48.98
C ILE J 204 -58.74 52.87 -49.00
N GLY J 205 -58.95 52.21 -50.15
CA GLY J 205 -60.12 51.38 -50.41
C GLY J 205 -61.41 52.19 -50.36
N ASP J 206 -62.27 51.81 -49.44
CA ASP J 206 -63.59 52.42 -49.18
C ASP J 206 -63.65 53.15 -47.83
N GLY J 207 -62.49 53.31 -47.16
CA GLY J 207 -62.37 53.90 -45.83
C GLY J 207 -62.70 52.95 -44.67
N LYS J 208 -63.05 51.69 -44.93
CA LYS J 208 -63.26 50.72 -43.86
C LYS J 208 -61.97 50.48 -43.07
N PRO J 209 -60.79 50.33 -43.66
CA PRO J 209 -59.56 50.25 -42.87
C PRO J 209 -59.39 51.40 -41.86
N PHE J 210 -59.68 52.64 -42.27
CA PHE J 210 -59.57 53.81 -41.39
C PHE J 210 -60.46 53.65 -40.14
N VAL J 211 -61.74 53.39 -40.37
CA VAL J 211 -62.70 53.27 -39.27
C VAL J 211 -62.47 52.04 -38.42
N MET J 212 -61.92 50.98 -39.02
CA MET J 212 -61.68 49.75 -38.30
C MET J 212 -60.55 49.88 -37.29
N ASN J 213 -59.44 50.53 -37.57
CA ASN J 213 -58.25 50.44 -36.68
C ASN J 213 -57.70 51.78 -36.16
N LEU J 214 -58.11 52.94 -36.68
CA LEU J 214 -57.52 54.22 -36.29
C LEU J 214 -58.38 55.12 -35.39
N GLN J 215 -59.62 54.74 -35.09
CA GLN J 215 -60.49 55.69 -34.41
C GLN J 215 -60.06 56.09 -33.00
N ASP J 216 -59.40 55.20 -32.26
CA ASP J 216 -58.83 55.52 -30.95
C ASP J 216 -57.79 56.63 -31.04
N LEU J 217 -56.88 56.54 -32.01
CA LEU J 217 -55.88 57.57 -32.20
C LEU J 217 -56.52 58.86 -32.72
N TYR J 218 -57.55 58.74 -33.55
CA TYR J 218 -58.29 59.89 -34.03
C TYR J 218 -58.90 60.67 -32.85
N MET J 219 -59.57 59.96 -31.96
CA MET J 219 -60.18 60.55 -30.77
C MET J 219 -59.15 61.13 -29.85
N ALA J 220 -58.01 60.48 -29.68
CA ALA J 220 -56.98 61.00 -28.81
C ALA J 220 -56.34 62.27 -29.38
N VAL J 221 -55.98 62.28 -30.66
CA VAL J 221 -55.28 63.41 -31.28
C VAL J 221 -56.18 64.63 -31.36
N THR J 222 -57.44 64.45 -31.72
CA THR J 222 -58.40 65.56 -31.66
C THR J 222 -58.52 66.13 -30.26
N THR J 223 -58.66 65.30 -29.22
CA THR J 223 -58.66 65.81 -27.83
C THR J 223 -57.33 66.37 -27.37
N GLN J 224 -56.22 66.12 -28.06
CA GLN J 224 -54.96 66.75 -27.74
C GLN J 224 -54.84 68.13 -28.40
N LYS J 293 -15.65 117.18 59.85
CA LYS J 293 -15.57 115.79 60.29
C LYS J 293 -14.56 115.56 61.45
N PRO J 294 -14.69 114.50 62.25
CA PRO J 294 -14.00 114.38 63.54
C PRO J 294 -12.47 114.38 63.45
N ARG J 295 -11.82 114.69 64.59
CA ARG J 295 -10.36 114.90 64.75
C ARG J 295 -9.93 114.63 66.20
N GLY J 296 -8.64 114.80 66.50
CA GLY J 296 -8.10 114.71 67.87
C GLY J 296 -8.02 113.27 68.32
N LEU J 297 -8.74 112.88 69.38
CA LEU J 297 -8.92 111.46 69.69
C LEU J 297 -9.59 110.69 68.53
N PHE J 298 -10.38 111.39 67.73
CA PHE J 298 -11.13 110.86 66.60
C PHE J 298 -10.43 111.13 65.25
N SER J 299 -9.10 111.31 65.28
CA SER J 299 -8.21 111.30 64.10
C SER J 299 -8.19 109.94 63.40
N ASN K 6 -60.52 -44.45 -106.77
CA ASN K 6 -60.05 -45.33 -107.83
C ASN K 6 -59.52 -46.65 -107.26
N LYS K 7 -59.71 -47.75 -108.01
CA LYS K 7 -58.96 -49.01 -107.85
C LYS K 7 -58.43 -49.40 -109.23
N ALA K 8 -57.13 -49.27 -109.45
CA ALA K 8 -56.57 -49.53 -110.77
C ALA K 8 -56.10 -50.91 -111.24
N ALA K 9 -56.10 -51.09 -112.56
CA ALA K 9 -55.40 -52.18 -113.24
C ALA K 9 -54.12 -51.66 -113.90
N VAL K 10 -53.04 -52.42 -113.71
CA VAL K 10 -51.72 -52.23 -114.34
C VAL K 10 -51.32 -53.54 -114.97
N VAL K 11 -50.79 -53.52 -116.20
CA VAL K 11 -50.26 -54.72 -116.85
C VAL K 11 -48.94 -54.41 -117.53
N LEU K 12 -47.85 -54.78 -116.85
CA LEU K 12 -46.53 -54.70 -117.45
C LEU K 12 -46.39 -55.79 -118.52
N CYS K 13 -46.21 -55.38 -119.76
CA CYS K 13 -46.10 -56.22 -120.94
C CYS K 13 -44.67 -56.07 -121.50
N MET K 14 -43.77 -56.96 -121.09
CA MET K 14 -42.32 -56.79 -121.23
C MET K 14 -41.71 -57.71 -122.28
N ASP K 15 -41.04 -57.12 -123.26
CA ASP K 15 -40.25 -57.83 -124.25
C ASP K 15 -38.95 -58.36 -123.65
N VAL K 16 -38.79 -59.67 -123.70
CA VAL K 16 -37.65 -60.45 -123.24
C VAL K 16 -37.01 -61.25 -124.37
N GLY K 17 -37.23 -60.89 -125.64
CA GLY K 17 -36.48 -61.51 -126.75
C GLY K 17 -34.96 -61.33 -126.63
N PHE K 18 -34.22 -62.03 -127.50
CA PHE K 18 -32.76 -61.95 -127.54
C PHE K 18 -32.20 -60.54 -127.79
N THR K 19 -32.68 -59.85 -128.84
CA THR K 19 -32.04 -58.65 -129.41
C THR K 19 -31.84 -57.50 -128.43
N MET K 20 -32.79 -57.24 -127.53
CA MET K 20 -32.69 -56.17 -126.54
C MET K 20 -31.52 -56.36 -125.56
N SER K 21 -30.86 -57.52 -125.54
CA SER K 21 -29.60 -57.74 -124.83
C SER K 21 -28.42 -56.96 -125.43
N ASN K 22 -28.54 -56.49 -126.68
CA ASN K 22 -27.45 -55.92 -127.49
C ASN K 22 -27.70 -54.41 -127.74
N SER K 23 -26.66 -53.59 -127.63
CA SER K 23 -26.80 -52.13 -127.64
C SER K 23 -25.80 -51.12 -128.22
N ILE K 24 -26.25 -49.87 -128.34
CA ILE K 24 -25.34 -48.70 -128.39
C ILE K 24 -24.46 -48.76 -127.12
N PRO K 25 -23.12 -48.83 -127.21
CA PRO K 25 -22.25 -49.14 -126.05
C PRO K 25 -22.21 -48.10 -124.93
N GLY K 26 -22.70 -46.87 -125.16
CA GLY K 26 -22.76 -45.78 -124.18
C GLY K 26 -23.88 -45.90 -123.13
N ILE K 27 -24.71 -46.95 -123.19
CA ILE K 27 -25.82 -47.23 -122.26
C ILE K 27 -25.87 -48.70 -121.86
N GLU K 28 -26.61 -48.98 -120.79
CA GLU K 28 -27.10 -50.33 -120.52
C GLU K 28 -28.01 -50.84 -121.66
N SER K 29 -28.03 -52.15 -121.88
CA SER K 29 -28.86 -52.83 -122.86
C SER K 29 -30.35 -52.46 -122.75
N PRO K 30 -31.10 -52.32 -123.85
CA PRO K 30 -32.55 -52.14 -123.84
C PRO K 30 -33.32 -53.14 -122.95
N PHE K 31 -32.84 -54.38 -122.83
CA PHE K 31 -33.40 -55.38 -121.91
C PHE K 31 -33.30 -54.92 -120.46
N GLU K 32 -32.08 -54.67 -119.99
CA GLU K 32 -31.84 -54.30 -118.59
C GLU K 32 -32.32 -52.87 -118.28
N GLN K 33 -32.29 -51.95 -119.24
CA GLN K 33 -32.96 -50.64 -119.12
C GLN K 33 -34.44 -50.81 -118.78
N ALA K 34 -35.20 -51.59 -119.56
CA ALA K 34 -36.60 -51.83 -119.27
C ALA K 34 -36.78 -52.53 -117.92
N LYS K 35 -35.97 -53.55 -117.62
CA LYS K 35 -35.97 -54.25 -116.31
C LYS K 35 -35.75 -53.27 -115.15
N LYS K 36 -34.83 -52.32 -115.29
CA LYS K 36 -34.60 -51.27 -114.30
C LYS K 36 -35.80 -50.33 -114.20
N VAL K 37 -36.39 -49.87 -115.31
CA VAL K 37 -37.60 -49.03 -115.25
C VAL K 37 -38.67 -49.73 -114.43
N ILE K 38 -39.02 -50.97 -114.77
CA ILE K 38 -40.08 -51.69 -114.05
C ILE K 38 -39.69 -51.98 -112.61
N THR K 39 -38.41 -52.13 -112.27
CA THR K 39 -37.94 -52.17 -110.88
C THR K 39 -38.25 -50.86 -110.15
N MET K 40 -37.83 -49.73 -110.73
CA MET K 40 -38.02 -48.37 -110.19
C MET K 40 -39.50 -48.00 -110.07
N PHE K 41 -40.35 -48.63 -110.88
CA PHE K 41 -41.79 -48.58 -110.74
C PHE K 41 -42.31 -49.45 -109.61
N VAL K 42 -42.05 -50.76 -109.62
CA VAL K 42 -42.68 -51.74 -108.70
C VAL K 42 -42.56 -51.31 -107.23
N GLN K 43 -41.38 -50.81 -106.84
CA GLN K 43 -41.09 -50.23 -105.52
C GLN K 43 -42.15 -49.24 -105.01
N ARG K 44 -42.71 -48.44 -105.90
CA ARG K 44 -43.62 -47.33 -105.61
C ARG K 44 -44.89 -47.80 -104.92
N GLN K 45 -45.68 -48.61 -105.60
CA GLN K 45 -46.89 -49.24 -105.05
C GLN K 45 -46.58 -50.43 -104.14
N VAL K 46 -45.35 -50.97 -104.17
CA VAL K 46 -44.92 -51.91 -103.11
C VAL K 46 -45.00 -51.25 -101.73
N PHE K 47 -44.71 -49.94 -101.61
CA PHE K 47 -44.91 -49.18 -100.39
C PHE K 47 -46.26 -48.44 -100.32
N ALA K 48 -46.65 -47.67 -101.33
CA ALA K 48 -47.84 -46.84 -101.28
C ALA K 48 -49.13 -47.66 -101.13
N GLU K 49 -50.00 -47.31 -100.19
CA GLU K 49 -51.23 -48.05 -99.82
C GLU K 49 -52.41 -47.80 -100.78
N ASN K 50 -52.13 -47.70 -102.09
CA ASN K 50 -53.16 -47.69 -103.13
C ASN K 50 -53.75 -49.09 -103.37
N LYS K 51 -54.96 -49.13 -103.95
CA LYS K 51 -55.77 -50.35 -104.08
C LYS K 51 -55.58 -51.01 -105.46
N ASP K 52 -54.38 -50.85 -106.04
CA ASP K 52 -54.14 -51.10 -107.46
C ASP K 52 -53.53 -52.47 -107.72
N GLU K 53 -54.19 -53.24 -108.57
CA GLU K 53 -53.75 -54.56 -109.01
C GLU K 53 -52.68 -54.44 -110.11
N ILE K 54 -51.63 -55.26 -110.05
CA ILE K 54 -50.61 -55.39 -111.08
C ILE K 54 -50.58 -56.81 -111.66
N ALA K 55 -50.34 -56.92 -112.97
CA ALA K 55 -49.98 -58.15 -113.66
C ALA K 55 -48.64 -58.02 -114.40
N LEU K 56 -47.94 -59.14 -114.60
CA LEU K 56 -46.75 -59.26 -115.46
C LEU K 56 -47.04 -60.18 -116.64
N VAL K 57 -46.72 -59.73 -117.85
CA VAL K 57 -46.66 -60.54 -119.08
C VAL K 57 -45.27 -60.39 -119.69
N LEU K 58 -44.64 -61.51 -120.04
CA LEU K 58 -43.34 -61.58 -120.73
C LEU K 58 -43.57 -62.06 -122.16
N PHE K 59 -42.92 -61.48 -123.15
CA PHE K 59 -42.99 -61.95 -124.54
C PHE K 59 -41.63 -61.95 -125.23
N GLY K 60 -41.43 -62.80 -126.23
CA GLY K 60 -40.09 -63.25 -126.61
C GLY K 60 -39.57 -64.36 -125.71
N THR K 61 -40.46 -65.04 -124.97
CA THR K 61 -40.15 -66.16 -124.08
C THR K 61 -39.89 -67.42 -124.88
N ASP K 62 -38.90 -68.24 -124.52
CA ASP K 62 -38.61 -69.46 -125.27
C ASP K 62 -39.67 -70.57 -125.05
N GLY K 63 -40.39 -70.52 -123.93
CA GLY K 63 -41.63 -71.27 -123.69
C GLY K 63 -42.88 -70.43 -123.94
N THR K 64 -44.05 -70.92 -123.52
CA THR K 64 -45.28 -70.13 -123.48
C THR K 64 -46.26 -70.61 -122.42
N ASP K 65 -46.94 -69.65 -121.78
CA ASP K 65 -47.96 -69.87 -120.75
C ASP K 65 -49.02 -68.76 -120.87
N ASN K 66 -50.21 -69.07 -121.36
CA ASN K 66 -51.31 -68.12 -121.48
C ASN K 66 -52.68 -68.84 -121.54
N PRO K 67 -53.80 -68.16 -121.26
CA PRO K 67 -55.14 -68.76 -121.37
C PRO K 67 -55.62 -69.00 -122.82
N LEU K 68 -54.83 -68.57 -123.81
CA LEU K 68 -55.26 -68.34 -125.20
C LEU K 68 -54.31 -68.99 -126.23
N SER K 69 -53.51 -69.98 -125.81
CA SER K 69 -52.33 -70.49 -126.55
C SER K 69 -52.56 -70.80 -128.02
N GLY K 70 -51.56 -70.46 -128.85
CA GLY K 70 -51.54 -70.70 -130.30
C GLY K 70 -50.17 -71.14 -130.83
N GLY K 71 -50.11 -71.46 -132.12
CA GLY K 71 -48.90 -71.98 -132.77
C GLY K 71 -47.91 -70.91 -133.24
N ASP K 72 -48.42 -69.79 -133.76
CA ASP K 72 -47.62 -68.66 -134.28
C ASP K 72 -47.98 -67.35 -133.56
N GLN K 73 -49.26 -66.95 -133.60
CA GLN K 73 -49.83 -66.00 -132.64
C GLN K 73 -50.11 -66.69 -131.30
N TYR K 74 -50.33 -65.90 -130.26
CA TYR K 74 -50.49 -66.34 -128.88
C TYR K 74 -49.35 -67.25 -128.41
N GLN K 75 -48.10 -66.94 -128.81
CA GLN K 75 -46.94 -67.80 -128.67
C GLN K 75 -45.64 -67.01 -128.43
N ASN K 76 -44.65 -67.64 -127.79
CA ASN K 76 -43.51 -66.98 -127.17
C ASN K 76 -43.93 -65.88 -126.18
N ILE K 77 -44.99 -66.18 -125.40
CA ILE K 77 -45.60 -65.33 -124.39
C ILE K 77 -45.78 -66.15 -123.10
N THR K 78 -45.42 -65.56 -121.95
CA THR K 78 -45.76 -66.07 -120.62
C THR K 78 -46.51 -65.00 -119.82
N VAL K 79 -47.74 -65.28 -119.38
CA VAL K 79 -48.52 -64.48 -118.42
C VAL K 79 -48.01 -64.79 -117.02
N HIS K 80 -46.82 -64.26 -116.74
CA HIS K 80 -45.95 -64.62 -115.62
C HIS K 80 -46.55 -64.35 -114.23
N ARG K 81 -47.40 -63.33 -114.10
CA ARG K 81 -48.05 -62.97 -112.82
C ARG K 81 -49.43 -62.35 -113.06
N HIS K 82 -50.47 -62.90 -112.44
CA HIS K 82 -51.87 -62.46 -112.54
C HIS K 82 -52.15 -61.09 -111.89
N LEU K 83 -53.30 -60.49 -112.20
CA LEU K 83 -53.66 -59.10 -111.82
C LEU K 83 -54.12 -58.97 -110.35
N MET K 84 -53.18 -58.75 -109.43
CA MET K 84 -53.42 -58.54 -107.98
C MET K 84 -52.47 -57.48 -107.39
N LEU K 85 -52.75 -56.99 -106.18
CA LEU K 85 -51.88 -56.05 -105.46
C LEU K 85 -50.42 -56.51 -105.44
N PRO K 86 -49.44 -55.60 -105.58
CA PRO K 86 -48.00 -55.92 -105.62
C PRO K 86 -47.48 -56.52 -104.31
N ASP K 87 -46.31 -57.15 -104.35
CA ASP K 87 -45.64 -57.74 -103.19
C ASP K 87 -44.11 -57.91 -103.39
N PHE K 88 -43.37 -58.08 -102.29
CA PHE K 88 -41.90 -58.12 -102.32
C PHE K 88 -41.31 -59.26 -103.16
N ASP K 89 -41.98 -60.41 -103.22
CA ASP K 89 -41.56 -61.53 -104.05
C ASP K 89 -41.64 -61.20 -105.54
N LEU K 90 -42.65 -60.43 -105.97
CA LEU K 90 -42.70 -59.94 -107.34
C LEU K 90 -41.48 -59.05 -107.60
N LEU K 91 -41.19 -58.13 -106.68
CA LEU K 91 -40.04 -57.24 -106.81
C LEU K 91 -38.71 -58.01 -106.85
N GLU K 92 -38.53 -59.06 -106.05
CA GLU K 92 -37.36 -59.92 -106.13
C GLU K 92 -37.27 -60.68 -107.47
N ASP K 93 -38.39 -61.17 -107.98
CA ASP K 93 -38.43 -61.89 -109.25
C ASP K 93 -38.10 -60.96 -110.43
N ILE K 94 -38.62 -59.74 -110.41
CA ILE K 94 -38.27 -58.67 -111.34
C ILE K 94 -36.78 -58.33 -111.24
N GLU K 95 -36.27 -58.14 -110.03
CA GLU K 95 -34.90 -57.67 -109.83
C GLU K 95 -33.86 -58.76 -110.14
N SER K 96 -34.18 -60.05 -109.96
CA SER K 96 -33.17 -61.12 -110.00
C SER K 96 -33.51 -62.36 -110.84
N LYS K 97 -34.79 -62.68 -111.06
CA LYS K 97 -35.19 -63.93 -111.73
C LYS K 97 -35.22 -63.78 -113.25
N ILE K 98 -35.91 -62.77 -113.78
CA ILE K 98 -36.10 -62.61 -115.22
C ILE K 98 -34.91 -62.68 -116.22
N GLN K 99 -35.11 -63.49 -117.27
CA GLN K 99 -34.09 -63.84 -118.29
C GLN K 99 -34.55 -63.46 -119.70
N PRO K 100 -33.64 -63.01 -120.59
CA PRO K 100 -33.93 -62.96 -122.02
C PRO K 100 -34.07 -64.38 -122.60
N GLY K 101 -35.09 -64.59 -123.44
CA GLY K 101 -35.15 -65.74 -124.32
C GLY K 101 -34.12 -65.64 -125.45
N SER K 102 -33.72 -66.78 -126.01
CA SER K 102 -32.89 -66.83 -127.23
C SER K 102 -33.71 -66.59 -128.51
N GLN K 103 -35.04 -66.72 -128.41
CA GLN K 103 -35.98 -66.52 -129.52
C GLN K 103 -36.43 -65.04 -129.60
N GLN K 104 -37.48 -64.76 -130.39
CA GLN K 104 -38.09 -63.44 -130.57
C GLN K 104 -39.63 -63.51 -130.55
N ALA K 105 -40.29 -62.42 -130.15
CA ALA K 105 -41.75 -62.24 -130.32
C ALA K 105 -42.41 -60.88 -130.59
N ASP K 106 -43.74 -60.88 -130.72
CA ASP K 106 -44.52 -59.72 -131.15
C ASP K 106 -45.26 -59.02 -129.99
N PHE K 107 -45.07 -57.70 -129.88
CA PHE K 107 -45.85 -56.87 -128.96
C PHE K 107 -47.34 -56.77 -129.30
N LEU K 108 -47.77 -56.84 -130.57
CA LEU K 108 -49.19 -56.85 -130.93
C LEU K 108 -49.80 -58.17 -130.43
N ASP K 109 -49.18 -59.28 -130.78
CA ASP K 109 -49.29 -60.52 -130.02
C ASP K 109 -49.47 -60.51 -128.48
N ALA K 110 -48.50 -60.01 -127.70
CA ALA K 110 -48.61 -59.86 -126.27
C ALA K 110 -49.76 -58.91 -125.86
N LEU K 111 -49.98 -57.81 -126.60
CA LEU K 111 -51.06 -56.85 -126.32
C LEU K 111 -52.43 -57.53 -126.34
N ILE K 112 -52.75 -58.30 -127.39
CA ILE K 112 -54.06 -58.95 -127.46
C ILE K 112 -54.27 -59.90 -126.28
N VAL K 113 -53.25 -60.71 -125.93
CA VAL K 113 -53.33 -61.59 -124.75
C VAL K 113 -53.55 -60.79 -123.46
N SER K 114 -52.77 -59.73 -123.27
CA SER K 114 -52.80 -58.91 -122.07
C SER K 114 -54.14 -58.19 -121.90
N MET K 115 -54.67 -57.64 -123.00
CA MET K 115 -55.96 -56.97 -123.05
C MET K 115 -57.13 -57.95 -122.82
N ASP K 116 -57.03 -59.18 -123.33
CA ASP K 116 -57.99 -60.24 -123.01
C ASP K 116 -57.91 -60.67 -121.55
N VAL K 117 -56.71 -60.75 -120.94
CA VAL K 117 -56.57 -60.98 -119.50
C VAL K 117 -57.23 -59.86 -118.70
N ILE K 118 -57.09 -58.59 -119.10
CA ILE K 118 -57.83 -57.49 -118.44
C ILE K 118 -59.35 -57.70 -118.61
N GLN K 119 -59.84 -58.11 -119.79
CA GLN K 119 -61.25 -58.47 -120.00
C GLN K 119 -61.73 -59.66 -119.15
N HIS K 120 -60.85 -60.57 -118.72
CA HIS K 120 -61.19 -61.61 -117.74
C HIS K 120 -61.25 -61.02 -116.32
N GLU K 121 -60.16 -60.40 -115.88
CA GLU K 121 -59.96 -60.00 -114.48
C GLU K 121 -60.92 -58.89 -114.03
N THR K 122 -61.28 -57.97 -114.93
CA THR K 122 -62.14 -56.80 -114.60
C THR K 122 -63.61 -57.12 -114.31
N ILE K 123 -64.03 -58.39 -114.38
CA ILE K 123 -65.42 -58.82 -114.13
C ILE K 123 -65.63 -59.28 -112.68
N GLY K 124 -64.80 -60.21 -112.19
CA GLY K 124 -64.99 -60.91 -110.91
C GLY K 124 -64.54 -60.15 -109.66
N LYS K 125 -63.86 -59.00 -109.82
CA LYS K 125 -63.44 -58.09 -108.75
C LYS K 125 -63.43 -56.65 -109.25
N LYS K 126 -63.62 -55.68 -108.35
CA LYS K 126 -63.73 -54.26 -108.73
C LYS K 126 -62.55 -53.39 -109.15
N PHE K 127 -62.86 -52.46 -110.05
CA PHE K 127 -61.94 -51.51 -110.67
C PHE K 127 -62.63 -50.16 -110.94
N GLU K 128 -61.82 -49.13 -111.17
CA GLU K 128 -62.26 -47.91 -111.86
C GLU K 128 -61.41 -47.70 -113.12
N LYS K 129 -60.22 -47.12 -112.99
CA LYS K 129 -59.26 -47.03 -114.12
C LYS K 129 -58.27 -48.16 -114.45
N ARG K 130 -57.93 -48.27 -115.74
CA ARG K 130 -57.15 -49.40 -116.29
C ARG K 130 -56.06 -48.95 -117.26
N HIS K 131 -54.93 -49.65 -117.21
CA HIS K 131 -53.78 -49.43 -118.09
C HIS K 131 -53.19 -50.76 -118.58
N ILE K 132 -52.53 -50.71 -119.73
CA ILE K 132 -51.61 -51.71 -120.29
C ILE K 132 -50.30 -50.98 -120.66
N GLU K 133 -49.15 -51.61 -120.45
CA GLU K 133 -47.85 -50.95 -120.52
C GLU K 133 -46.84 -51.79 -121.29
N ILE K 134 -46.45 -51.39 -122.51
CA ILE K 134 -45.59 -52.20 -123.39
C ILE K 134 -44.15 -51.69 -123.42
N PHE K 135 -43.19 -52.57 -123.10
CA PHE K 135 -41.76 -52.27 -123.07
C PHE K 135 -41.02 -53.11 -124.13
N THR K 136 -40.30 -52.51 -125.09
CA THR K 136 -39.65 -53.25 -126.19
C THR K 136 -38.51 -52.47 -126.84
N ASP K 137 -37.67 -53.14 -127.62
CA ASP K 137 -36.64 -52.57 -128.50
C ASP K 137 -37.10 -52.45 -129.98
N LEU K 138 -38.37 -52.79 -130.28
CA LEU K 138 -38.95 -52.89 -131.62
C LEU K 138 -38.36 -54.01 -132.50
N SER K 139 -37.81 -55.06 -131.89
CA SER K 139 -37.46 -56.30 -132.57
C SER K 139 -38.65 -57.20 -132.92
N SER K 140 -39.87 -56.84 -132.52
CA SER K 140 -41.08 -57.53 -132.98
C SER K 140 -41.23 -57.42 -134.51
N ARG K 141 -41.40 -58.57 -135.16
CA ARG K 141 -41.84 -58.69 -136.56
C ARG K 141 -43.29 -59.18 -136.59
N PHE K 142 -44.14 -58.52 -137.35
CA PHE K 142 -45.58 -58.80 -137.36
C PHE K 142 -46.29 -58.40 -138.66
N SER K 143 -47.43 -59.06 -138.92
CA SER K 143 -48.48 -58.55 -139.81
C SER K 143 -49.29 -57.47 -139.07
N LYS K 144 -49.59 -56.35 -139.73
CA LYS K 144 -50.49 -55.30 -139.19
C LYS K 144 -51.97 -55.72 -139.27
N SER K 145 -52.30 -56.81 -138.58
CA SER K 145 -53.65 -57.36 -138.40
C SER K 145 -54.83 -56.65 -137.69
N GLN K 146 -55.25 -57.05 -136.47
CA GLN K 146 -56.37 -56.50 -135.70
C GLN K 146 -56.54 -55.01 -135.29
N LEU K 147 -55.78 -54.08 -135.88
CA LEU K 147 -55.49 -52.78 -135.28
C LEU K 147 -56.71 -51.88 -135.08
N ASP K 148 -57.60 -51.75 -136.07
CA ASP K 148 -58.83 -50.98 -135.93
C ASP K 148 -59.76 -51.54 -134.85
N ILE K 149 -59.95 -52.86 -134.82
CA ILE K 149 -60.69 -53.56 -133.77
C ILE K 149 -60.00 -53.40 -132.41
N ILE K 150 -58.67 -53.41 -132.33
CA ILE K 150 -57.95 -53.16 -131.07
C ILE K 150 -58.19 -51.73 -130.59
N ILE K 151 -58.06 -50.71 -131.44
CA ILE K 151 -58.24 -49.32 -131.03
C ILE K 151 -59.70 -49.05 -130.62
N HIS K 152 -60.67 -49.56 -131.38
CA HIS K 152 -62.10 -49.59 -131.03
C HIS K 152 -62.31 -50.28 -129.68
N SER K 153 -61.76 -51.48 -129.51
CA SER K 153 -61.86 -52.24 -128.26
C SER K 153 -61.15 -51.58 -127.09
N LEU K 154 -60.07 -50.82 -127.28
CA LEU K 154 -59.42 -50.08 -126.18
C LEU K 154 -60.35 -48.97 -125.66
N LYS K 155 -61.20 -48.39 -126.51
CA LYS K 155 -62.34 -47.56 -126.07
C LYS K 155 -63.44 -48.40 -125.40
N LYS K 156 -63.90 -49.51 -126.01
CA LYS K 156 -64.99 -50.34 -125.46
C LYS K 156 -64.66 -51.07 -124.14
N CYS K 157 -63.38 -51.40 -123.92
CA CYS K 157 -62.83 -51.92 -122.66
C CYS K 157 -62.38 -50.81 -121.69
N ASP K 158 -62.26 -49.57 -122.17
CA ASP K 158 -61.79 -48.37 -121.47
C ASP K 158 -60.41 -48.52 -120.79
N ILE K 159 -59.43 -49.05 -121.55
CA ILE K 159 -58.05 -49.27 -121.10
C ILE K 159 -57.10 -48.35 -121.90
N SER K 160 -56.26 -47.54 -121.25
CA SER K 160 -55.22 -46.78 -121.96
C SER K 160 -53.91 -47.58 -122.08
N LEU K 161 -53.18 -47.35 -123.16
CA LEU K 161 -51.90 -48.00 -123.43
C LEU K 161 -50.77 -46.98 -123.24
N GLN K 162 -49.78 -47.31 -122.42
CA GLN K 162 -48.50 -46.59 -122.36
C GLN K 162 -47.41 -47.42 -123.05
N PHE K 163 -46.55 -46.79 -123.85
CA PHE K 163 -45.54 -47.49 -124.64
C PHE K 163 -44.14 -46.96 -124.33
N PHE K 164 -43.19 -47.87 -124.12
CA PHE K 164 -41.87 -47.57 -123.58
C PHE K 164 -40.76 -48.07 -124.53
N LEU K 165 -39.80 -47.20 -124.87
CA LEU K 165 -38.81 -47.44 -125.93
C LEU K 165 -37.36 -47.03 -125.56
N PRO K 166 -36.33 -47.53 -126.25
CA PRO K 166 -34.93 -47.28 -125.89
C PRO K 166 -34.30 -45.97 -126.43
N PHE K 167 -35.04 -45.13 -127.18
CA PHE K 167 -34.48 -43.99 -127.91
C PHE K 167 -35.42 -42.76 -128.03
N SER K 168 -34.83 -41.60 -128.33
CA SER K 168 -35.37 -40.26 -128.09
C SER K 168 -36.50 -39.79 -129.01
N LEU K 169 -37.33 -38.87 -128.50
CA LEU K 169 -38.38 -38.18 -129.27
C LEU K 169 -38.29 -36.71 -129.73
N GLY K 170 -37.07 -36.14 -129.73
CA GLY K 170 -36.80 -34.75 -130.09
C GLY K 170 -37.05 -34.43 -131.57
N GLY K 196 -27.42 -44.12 -133.89
CA GLY K 196 -27.10 -45.52 -134.19
C GLY K 196 -28.31 -46.46 -134.30
N ILE K 197 -29.54 -45.97 -134.09
CA ILE K 197 -30.77 -46.78 -134.14
C ILE K 197 -31.02 -47.39 -135.53
N THR K 198 -31.61 -48.59 -135.55
CA THR K 198 -31.85 -49.34 -136.78
C THR K 198 -33.04 -48.77 -137.58
N GLU K 199 -33.06 -49.05 -138.88
CA GLU K 199 -34.17 -48.75 -139.78
C GLU K 199 -35.46 -49.42 -139.29
N GLN K 200 -35.35 -50.70 -138.88
CA GLN K 200 -36.36 -51.36 -138.05
C GLN K 200 -36.91 -50.68 -136.76
N GLN K 201 -36.12 -49.86 -136.04
CA GLN K 201 -36.57 -49.05 -134.90
C GLN K 201 -37.26 -47.77 -135.37
N LYS K 202 -36.74 -47.11 -136.41
CA LYS K 202 -37.40 -45.94 -137.02
C LYS K 202 -38.78 -46.28 -137.58
N GLU K 203 -38.88 -47.35 -138.37
CA GLU K 203 -40.15 -47.78 -138.98
C GLU K 203 -41.13 -48.31 -137.92
N GLY K 204 -40.62 -49.04 -136.92
CA GLY K 204 -41.41 -49.47 -135.77
C GLY K 204 -42.00 -48.29 -135.00
N LEU K 205 -41.22 -47.23 -134.71
CA LEU K 205 -41.74 -46.03 -134.05
C LEU K 205 -42.84 -45.35 -134.89
N GLU K 206 -42.67 -45.21 -136.20
CA GLU K 206 -43.75 -44.64 -137.05
C GLU K 206 -45.01 -45.51 -137.01
N ILE K 207 -44.88 -46.83 -136.97
CA ILE K 207 -46.00 -47.70 -136.61
C ILE K 207 -46.64 -47.58 -135.20
N VAL K 208 -45.87 -47.29 -134.13
CA VAL K 208 -46.36 -46.96 -132.79
C VAL K 208 -47.06 -45.60 -132.79
N LYS K 209 -46.46 -44.57 -133.42
CA LYS K 209 -47.09 -43.25 -133.63
C LYS K 209 -48.45 -43.42 -134.28
N MET K 210 -48.51 -44.14 -135.41
CA MET K 210 -49.75 -44.39 -136.15
C MET K 210 -50.82 -45.04 -135.26
N VAL K 211 -50.45 -46.08 -134.50
CA VAL K 211 -51.35 -46.58 -133.46
C VAL K 211 -51.85 -45.61 -132.35
N MET K 212 -51.05 -44.66 -131.87
CA MET K 212 -51.46 -43.72 -130.81
C MET K 212 -52.15 -42.47 -131.35
N ILE K 213 -51.78 -42.03 -132.56
CA ILE K 213 -52.57 -41.10 -133.35
C ILE K 213 -53.98 -41.66 -133.55
N SER K 214 -54.10 -42.95 -133.88
CA SER K 214 -55.39 -43.61 -134.05
C SER K 214 -56.20 -43.71 -132.74
N LEU K 215 -55.55 -43.95 -131.60
CA LEU K 215 -56.19 -43.98 -130.28
C LEU K 215 -56.67 -42.60 -129.78
N GLU K 216 -55.79 -41.57 -129.83
CA GLU K 216 -55.95 -40.33 -129.05
C GLU K 216 -55.54 -39.05 -129.81
N GLY K 217 -55.00 -39.16 -131.03
CA GLY K 217 -54.52 -38.00 -131.79
C GLY K 217 -53.30 -37.33 -131.17
N GLU K 218 -53.31 -36.01 -131.05
CA GLU K 218 -52.17 -35.20 -130.59
C GLU K 218 -51.72 -35.53 -129.15
N ASP K 219 -52.65 -35.81 -128.22
CA ASP K 219 -52.29 -36.29 -126.88
C ASP K 219 -51.71 -37.71 -126.87
N GLY K 220 -51.93 -38.51 -127.92
CA GLY K 220 -51.54 -39.92 -127.96
C GLY K 220 -50.04 -40.15 -127.83
N LEU K 221 -49.20 -39.31 -128.45
CA LEU K 221 -47.74 -39.46 -128.34
C LEU K 221 -47.22 -39.17 -126.92
N ASP K 222 -47.99 -38.47 -126.08
CA ASP K 222 -47.66 -38.31 -124.66
C ASP K 222 -48.01 -39.54 -123.80
N GLU K 223 -48.53 -40.62 -124.39
CA GLU K 223 -48.52 -41.96 -123.78
C GLU K 223 -47.24 -42.75 -124.12
N ILE K 224 -46.30 -42.17 -124.88
CA ILE K 224 -45.03 -42.80 -125.29
C ILE K 224 -43.87 -42.20 -124.48
N TYR K 225 -43.01 -43.06 -123.92
CA TYR K 225 -41.91 -42.67 -123.03
C TYR K 225 -40.60 -43.38 -123.40
N SER K 226 -39.47 -42.68 -123.34
CA SER K 226 -38.18 -43.36 -123.48
C SER K 226 -37.74 -43.98 -122.14
N PHE K 227 -36.97 -45.08 -122.17
CA PHE K 227 -36.30 -45.63 -120.99
C PHE K 227 -35.36 -44.58 -120.36
N SER K 228 -34.76 -43.72 -121.19
CA SER K 228 -33.90 -42.61 -120.77
C SER K 228 -34.64 -41.61 -119.89
N GLU K 229 -35.70 -40.96 -120.40
CA GLU K 229 -36.43 -39.95 -119.62
C GLU K 229 -37.10 -40.57 -118.39
N SER K 230 -37.59 -41.81 -118.50
CA SER K 230 -38.29 -42.47 -117.40
C SER K 230 -37.35 -42.88 -116.27
N LEU K 231 -36.16 -43.47 -116.51
CA LEU K 231 -35.18 -43.63 -115.42
C LEU K 231 -34.77 -42.28 -114.81
N ARG K 232 -34.79 -41.19 -115.60
CA ARG K 232 -34.56 -39.80 -115.17
C ARG K 232 -35.81 -39.12 -114.58
N LYS K 233 -36.87 -39.88 -114.26
CA LYS K 233 -38.15 -39.40 -113.67
C LYS K 233 -38.70 -40.30 -112.57
N LEU K 234 -38.48 -41.62 -112.65
CA LEU K 234 -38.81 -42.63 -111.62
C LEU K 234 -37.73 -42.74 -110.52
N CYS K 235 -36.89 -41.71 -110.35
CA CYS K 235 -35.73 -41.68 -109.45
C CYS K 235 -36.05 -41.83 -107.94
N VAL K 236 -37.30 -41.60 -107.54
CA VAL K 236 -37.73 -41.33 -106.17
C VAL K 236 -38.99 -42.12 -105.83
N PHE K 237 -39.28 -42.34 -104.55
CA PHE K 237 -40.55 -42.90 -104.07
C PHE K 237 -41.69 -41.88 -104.23
N LYS K 238 -42.95 -42.33 -104.17
CA LYS K 238 -44.11 -41.44 -104.34
C LYS K 238 -44.18 -40.38 -103.23
N LYS K 239 -44.66 -39.18 -103.58
CA LYS K 239 -45.36 -38.26 -102.66
C LYS K 239 -46.37 -39.04 -101.81
N ILE K 240 -46.51 -38.73 -100.53
CA ILE K 240 -47.58 -39.32 -99.71
C ILE K 240 -48.95 -38.80 -100.14
N GLU K 241 -49.85 -39.72 -100.53
CA GLU K 241 -51.18 -39.36 -101.01
C GLU K 241 -52.11 -39.25 -99.81
N ARG K 242 -52.60 -38.04 -99.55
CA ARG K 242 -53.70 -37.82 -98.63
C ARG K 242 -54.62 -36.68 -99.07
N HIS K 243 -55.90 -36.91 -98.91
CA HIS K 243 -57.00 -35.96 -99.03
C HIS K 243 -57.03 -34.99 -97.84
N SER K 244 -57.74 -33.87 -97.99
CA SER K 244 -58.31 -33.13 -96.86
C SER K 244 -59.77 -33.51 -96.74
N ILE K 245 -60.25 -33.88 -95.56
CA ILE K 245 -61.64 -34.31 -95.39
C ILE K 245 -62.61 -33.14 -95.59
N HIS K 246 -63.81 -33.42 -96.10
CA HIS K 246 -64.89 -32.44 -96.15
C HIS K 246 -65.38 -32.05 -94.75
N TRP K 247 -65.67 -30.74 -94.60
CA TRP K 247 -66.31 -30.08 -93.46
C TRP K 247 -67.37 -29.05 -93.92
N PRO K 248 -68.68 -29.28 -93.68
CA PRO K 248 -69.76 -28.34 -94.05
C PRO K 248 -70.01 -27.30 -92.97
N CYS K 249 -70.17 -26.04 -93.34
CA CYS K 249 -70.39 -24.95 -92.39
C CYS K 249 -71.16 -23.77 -93.03
N ARG K 250 -71.34 -22.68 -92.29
CA ARG K 250 -72.01 -21.42 -92.64
C ARG K 250 -71.43 -20.01 -92.38
N LEU K 251 -70.56 -19.51 -93.24
CA LEU K 251 -69.87 -18.23 -93.16
C LEU K 251 -70.86 -17.12 -92.84
N THR K 252 -70.70 -16.46 -91.71
CA THR K 252 -71.67 -15.49 -91.19
C THR K 252 -71.35 -14.04 -90.80
N ILE K 253 -71.27 -13.17 -91.81
CA ILE K 253 -70.90 -11.75 -91.67
C ILE K 253 -71.80 -10.90 -90.75
N GLY K 254 -73.03 -11.33 -90.47
CA GLY K 254 -73.92 -10.68 -89.51
C GLY K 254 -75.05 -11.59 -89.09
N SER K 255 -75.78 -11.25 -88.03
CA SER K 255 -76.73 -12.19 -87.37
C SER K 255 -77.74 -12.84 -88.31
N ASN K 256 -78.27 -12.08 -89.28
CA ASN K 256 -79.22 -12.59 -90.27
C ASN K 256 -78.56 -13.26 -91.49
N LEU K 257 -77.48 -12.67 -92.03
CA LEU K 257 -76.83 -13.10 -93.28
C LEU K 257 -75.80 -14.20 -93.08
N SER K 258 -76.15 -15.42 -93.47
CA SER K 258 -75.23 -16.55 -93.56
C SER K 258 -75.10 -17.03 -94.98
N ILE K 259 -73.90 -17.47 -95.36
CA ILE K 259 -73.61 -18.11 -96.63
C ILE K 259 -73.08 -19.53 -96.35
N ARG K 260 -73.40 -20.52 -97.17
CA ARG K 260 -72.82 -21.87 -97.04
C ARG K 260 -71.33 -21.86 -97.37
N ILE K 261 -70.48 -22.41 -96.51
CA ILE K 261 -69.02 -22.53 -96.71
C ILE K 261 -68.55 -23.97 -96.44
N ALA K 262 -67.57 -24.49 -97.18
CA ALA K 262 -66.95 -25.77 -96.88
C ALA K 262 -65.45 -25.73 -97.17
N ALA K 263 -64.64 -25.62 -96.12
CA ALA K 263 -63.20 -25.43 -96.20
C ALA K 263 -62.43 -26.75 -96.34
N TYR K 264 -61.22 -26.69 -96.90
CA TYR K 264 -60.28 -27.81 -96.90
C TYR K 264 -58.91 -27.35 -96.40
N LYS K 265 -58.28 -28.14 -95.54
CA LYS K 265 -56.86 -27.95 -95.22
C LYS K 265 -56.05 -27.96 -96.51
N SER K 266 -54.99 -27.19 -96.57
CA SER K 266 -54.24 -26.99 -97.82
C SER K 266 -52.77 -27.22 -97.66
N ILE K 267 -52.15 -26.61 -96.65
CA ILE K 267 -50.88 -27.04 -96.11
C ILE K 267 -51.15 -27.75 -94.81
N LEU K 268 -50.59 -28.95 -94.64
CA LEU K 268 -50.46 -29.58 -93.34
C LEU K 268 -49.06 -30.19 -93.23
N GLN K 269 -48.34 -29.94 -92.14
CA GLN K 269 -47.02 -30.54 -91.93
C GLN K 269 -47.18 -32.06 -91.77
N GLU K 270 -46.87 -32.83 -92.80
CA GLU K 270 -47.40 -34.19 -92.91
C GLU K 270 -46.53 -35.25 -92.20
N ARG K 271 -47.19 -36.22 -91.58
CA ARG K 271 -46.63 -37.30 -90.77
C ARG K 271 -46.96 -38.67 -91.37
N VAL K 272 -46.09 -39.66 -91.19
CA VAL K 272 -46.23 -40.99 -91.80
C VAL K 272 -47.45 -41.73 -91.25
N LYS K 273 -48.13 -42.52 -92.11
CA LYS K 273 -49.36 -43.25 -91.78
C LYS K 273 -49.19 -44.33 -90.72
N LYS K 274 -48.25 -45.26 -90.91
CA LYS K 274 -48.06 -46.40 -90.00
C LYS K 274 -47.00 -46.10 -88.95
N THR K 275 -47.36 -46.18 -87.67
CA THR K 275 -46.40 -46.07 -86.57
C THR K 275 -45.50 -47.30 -86.46
N TRP K 276 -44.33 -47.15 -85.86
CA TRP K 276 -43.47 -48.27 -85.49
C TRP K 276 -44.09 -49.12 -84.39
N THR K 277 -44.62 -50.28 -84.76
CA THR K 277 -45.10 -51.34 -83.85
C THR K 277 -43.97 -51.87 -82.96
N VAL K 278 -44.31 -52.41 -81.79
CA VAL K 278 -43.35 -52.92 -80.80
C VAL K 278 -43.40 -54.44 -80.75
N VAL K 279 -42.22 -55.09 -80.81
CA VAL K 279 -42.10 -56.53 -81.06
C VAL K 279 -40.97 -57.20 -80.28
N ASP K 280 -41.23 -58.39 -79.75
CA ASP K 280 -40.28 -59.21 -78.99
C ASP K 280 -39.09 -59.66 -79.85
N ALA K 281 -37.86 -59.56 -79.32
CA ALA K 281 -36.64 -59.76 -80.09
C ALA K 281 -36.42 -61.16 -80.69
N LYS K 282 -37.00 -62.22 -80.10
CA LYS K 282 -36.77 -63.61 -80.52
C LYS K 282 -37.98 -64.28 -81.18
N THR K 283 -39.19 -63.93 -80.75
CA THR K 283 -40.44 -64.45 -81.30
C THR K 283 -40.90 -63.66 -82.52
N LEU K 284 -40.56 -62.37 -82.59
CA LEU K 284 -41.04 -61.46 -83.63
C LEU K 284 -42.57 -61.37 -83.74
N LYS K 285 -43.30 -61.44 -82.61
CA LYS K 285 -44.76 -61.27 -82.52
C LYS K 285 -45.16 -59.99 -81.77
N LYS K 286 -46.03 -59.19 -82.38
CA LYS K 286 -46.43 -57.83 -81.97
C LYS K 286 -47.42 -57.73 -80.80
N GLU K 287 -47.57 -58.80 -80.03
CA GLU K 287 -48.52 -58.87 -78.91
C GLU K 287 -48.00 -59.69 -77.70
N ASP K 288 -46.73 -60.07 -77.71
CA ASP K 288 -46.04 -60.68 -76.58
C ASP K 288 -45.55 -59.67 -75.54
N ILE K 289 -45.84 -58.38 -75.70
CA ILE K 289 -45.58 -57.33 -74.71
C ILE K 289 -46.88 -56.65 -74.27
N GLN K 290 -47.13 -56.63 -72.95
CA GLN K 290 -48.16 -55.81 -72.30
C GLN K 290 -47.54 -54.63 -71.55
N LYS K 291 -48.08 -53.43 -71.73
CA LYS K 291 -47.52 -52.20 -71.18
C LYS K 291 -48.26 -51.78 -69.93
N GLU K 292 -47.84 -52.31 -68.79
CA GLU K 292 -48.41 -51.97 -67.48
C GLU K 292 -48.02 -50.54 -67.06
N THR K 293 -48.93 -49.60 -67.18
CA THR K 293 -48.80 -48.30 -66.52
C THR K 293 -49.23 -48.40 -65.05
N VAL K 294 -48.42 -49.05 -64.21
CA VAL K 294 -48.66 -49.16 -62.75
C VAL K 294 -48.42 -47.84 -62.00
N TYR K 295 -49.01 -47.67 -60.81
CA TYR K 295 -48.91 -46.47 -59.97
C TYR K 295 -48.29 -46.75 -58.61
N CYS K 296 -47.57 -45.77 -58.05
CA CYS K 296 -47.02 -45.84 -56.69
C CYS K 296 -47.34 -44.59 -55.86
N LEU K 297 -47.88 -44.77 -54.65
CA LEU K 297 -47.68 -43.83 -53.54
C LEU K 297 -46.29 -44.10 -52.95
N ASN K 298 -45.52 -43.11 -52.50
CA ASN K 298 -44.14 -43.28 -52.10
C ASN K 298 -43.94 -43.88 -50.68
N ASP K 299 -45.02 -44.11 -49.93
CA ASP K 299 -45.01 -44.77 -48.62
C ASP K 299 -44.81 -46.30 -48.70
N ASP K 300 -43.65 -46.71 -49.22
CA ASP K 300 -43.26 -48.10 -49.47
C ASP K 300 -44.29 -48.83 -50.35
N ASP K 301 -44.37 -48.39 -51.62
CA ASP K 301 -45.02 -49.11 -52.71
C ASP K 301 -46.48 -49.56 -52.44
N GLU K 302 -47.28 -48.70 -51.81
CA GLU K 302 -48.73 -48.82 -51.90
C GLU K 302 -49.19 -48.55 -53.34
N THR K 303 -49.69 -49.58 -54.01
CA THR K 303 -50.13 -49.52 -55.41
C THR K 303 -51.59 -49.15 -55.51
N GLU K 304 -51.89 -48.09 -56.26
CA GLU K 304 -53.23 -47.54 -56.40
C GLU K 304 -54.07 -48.21 -57.49
N VAL K 305 -55.38 -47.97 -57.47
CA VAL K 305 -56.33 -48.34 -58.53
C VAL K 305 -56.89 -47.06 -59.16
N LEU K 306 -56.59 -46.83 -60.44
CA LEU K 306 -56.96 -45.58 -61.12
C LEU K 306 -58.47 -45.35 -61.17
N LYS K 307 -59.25 -46.44 -61.21
CA LYS K 307 -60.72 -46.42 -61.31
C LYS K 307 -61.41 -45.97 -60.01
N GLU K 308 -60.68 -45.80 -58.92
CA GLU K 308 -61.25 -45.43 -57.62
C GLU K 308 -60.50 -44.30 -56.91
N ASP K 309 -59.17 -44.26 -57.02
CA ASP K 309 -58.33 -43.56 -56.04
C ASP K 309 -57.40 -42.49 -56.62
N ILE K 310 -57.47 -42.19 -57.92
CA ILE K 310 -56.58 -41.21 -58.56
C ILE K 310 -57.39 -40.09 -59.18
N ILE K 311 -57.13 -38.87 -58.74
CA ILE K 311 -57.90 -37.68 -59.09
C ILE K 311 -56.93 -36.62 -59.61
N GLN K 312 -57.16 -36.07 -60.80
CA GLN K 312 -56.20 -35.12 -61.37
C GLN K 312 -56.17 -33.83 -60.54
N GLY K 313 -55.01 -33.21 -60.40
CA GLY K 313 -54.92 -31.87 -59.86
C GLY K 313 -54.23 -30.89 -60.79
N PHE K 314 -54.49 -29.60 -60.62
CA PHE K 314 -53.64 -28.54 -61.19
C PHE K 314 -52.73 -28.00 -60.10
N ARG K 315 -51.89 -27.02 -60.43
CA ARG K 315 -50.91 -26.46 -59.51
C ARG K 315 -51.07 -24.95 -59.46
N TYR K 316 -51.07 -24.40 -58.26
CA TYR K 316 -51.42 -23.02 -58.00
C TYR K 316 -50.40 -22.40 -57.04
N GLY K 317 -49.35 -21.81 -57.61
CA GLY K 317 -48.26 -21.24 -56.83
C GLY K 317 -47.48 -22.30 -56.08
N SER K 318 -47.15 -22.02 -54.83
CA SER K 318 -46.47 -22.94 -53.91
C SER K 318 -47.30 -24.17 -53.48
N ASP K 319 -48.51 -24.40 -53.98
CA ASP K 319 -49.33 -25.55 -53.57
C ASP K 319 -50.21 -26.16 -54.68
N ILE K 320 -50.62 -27.40 -54.46
CA ILE K 320 -51.50 -28.19 -55.33
C ILE K 320 -52.97 -27.98 -54.95
N VAL K 321 -53.88 -27.96 -55.92
CA VAL K 321 -55.32 -27.98 -55.64
C VAL K 321 -56.01 -29.10 -56.42
N PRO K 322 -56.84 -29.94 -55.76
CA PRO K 322 -57.55 -31.00 -56.44
C PRO K 322 -58.80 -30.49 -57.13
N PHE K 323 -58.90 -30.73 -58.43
CA PHE K 323 -60.15 -30.71 -59.21
C PHE K 323 -60.82 -32.08 -59.10
N SER K 324 -61.83 -32.33 -59.91
CA SER K 324 -62.20 -33.67 -60.38
C SER K 324 -62.24 -33.62 -61.91
N LYS K 325 -61.84 -34.66 -62.64
CA LYS K 325 -62.01 -34.63 -64.12
C LYS K 325 -63.48 -34.45 -64.49
N VAL K 326 -64.35 -35.11 -63.72
CA VAL K 326 -65.81 -34.99 -63.72
C VAL K 326 -66.39 -33.67 -63.19
N ASP K 327 -65.57 -32.71 -62.75
CA ASP K 327 -66.06 -31.37 -62.39
C ASP K 327 -65.37 -30.23 -63.16
N GLU K 328 -64.21 -30.46 -63.77
CA GLU K 328 -63.73 -29.56 -64.81
C GLU K 328 -64.77 -29.46 -65.92
N GLU K 329 -65.34 -30.59 -66.36
CA GLU K 329 -66.42 -30.61 -67.35
C GLU K 329 -67.69 -29.88 -66.89
N GLN K 330 -67.89 -29.66 -65.59
CA GLN K 330 -69.01 -28.90 -65.05
C GLN K 330 -68.80 -27.39 -65.16
N MET K 331 -67.53 -26.95 -65.18
CA MET K 331 -67.13 -25.53 -65.13
C MET K 331 -66.43 -25.05 -66.42
N LYS K 332 -65.97 -25.97 -67.27
CA LYS K 332 -65.20 -25.72 -68.50
C LYS K 332 -65.94 -24.80 -69.45
N TYR K 333 -65.19 -23.97 -70.16
CA TYR K 333 -65.74 -23.13 -71.22
C TYR K 333 -66.25 -23.99 -72.38
N LYS K 334 -67.58 -23.98 -72.60
CA LYS K 334 -68.25 -24.73 -73.65
C LYS K 334 -68.70 -23.79 -74.76
N SER K 335 -68.21 -24.02 -75.98
CA SER K 335 -68.68 -23.27 -77.15
C SER K 335 -70.14 -23.59 -77.43
N GLU K 336 -70.93 -22.58 -77.78
CA GLU K 336 -72.37 -22.73 -78.02
C GLU K 336 -72.69 -23.38 -79.37
N GLY K 337 -71.70 -23.54 -80.26
CA GLY K 337 -71.88 -24.17 -81.56
C GLY K 337 -70.59 -24.38 -82.35
N LYS K 338 -70.69 -25.14 -83.44
CA LYS K 338 -69.62 -25.49 -84.39
C LYS K 338 -69.36 -24.34 -85.37
N CYS K 339 -69.11 -23.16 -84.81
CA CYS K 339 -69.26 -21.85 -85.43
C CYS K 339 -68.22 -21.50 -86.52
N PHE K 340 -68.61 -20.63 -87.46
CA PHE K 340 -67.70 -19.74 -88.20
C PHE K 340 -68.38 -18.38 -88.43
N SER K 341 -67.85 -17.27 -87.92
CA SER K 341 -68.53 -15.96 -88.02
C SER K 341 -67.57 -14.78 -87.96
N VAL K 342 -67.62 -13.88 -88.94
CA VAL K 342 -66.68 -12.76 -89.06
C VAL K 342 -66.89 -11.73 -87.95
N LEU K 343 -65.79 -11.21 -87.39
CA LEU K 343 -65.81 -10.18 -86.35
C LEU K 343 -65.75 -8.75 -86.91
N GLY K 344 -65.13 -8.57 -88.08
CA GLY K 344 -64.93 -7.27 -88.73
C GLY K 344 -63.79 -7.30 -89.73
N PHE K 345 -63.32 -6.15 -90.21
CA PHE K 345 -62.27 -6.05 -91.25
C PHE K 345 -61.22 -4.95 -90.99
N CYS K 346 -59.99 -5.04 -91.51
CA CYS K 346 -58.98 -3.97 -91.39
C CYS K 346 -57.78 -4.17 -92.31
N LYS K 347 -57.00 -3.12 -92.62
CA LYS K 347 -55.94 -3.22 -93.64
C LYS K 347 -54.86 -4.33 -93.52
N SER K 348 -54.19 -4.62 -94.61
CA SER K 348 -53.04 -5.53 -94.62
C SER K 348 -51.95 -5.07 -93.62
N SER K 349 -51.82 -3.76 -93.42
CA SER K 349 -50.96 -3.12 -92.42
C SER K 349 -51.17 -3.59 -90.98
N GLN K 350 -52.41 -3.90 -90.56
CA GLN K 350 -52.69 -4.39 -89.21
C GLN K 350 -52.07 -5.77 -88.95
N VAL K 351 -51.70 -6.50 -90.00
CA VAL K 351 -51.29 -7.91 -89.93
C VAL K 351 -49.96 -8.11 -90.63
N GLN K 352 -48.88 -7.98 -89.87
CA GLN K 352 -47.54 -8.18 -90.37
C GLN K 352 -47.25 -9.66 -90.61
N ARG K 353 -46.20 -10.02 -91.28
CA ARG K 353 -45.76 -11.31 -91.71
C ARG K 353 -45.55 -12.24 -90.53
N ARG K 354 -44.75 -11.81 -89.55
CA ARG K 354 -44.17 -12.66 -88.53
C ARG K 354 -45.22 -13.43 -87.76
N PHE K 355 -46.30 -12.76 -87.42
CA PHE K 355 -47.08 -13.18 -86.28
C PHE K 355 -47.85 -14.49 -86.54
N PHE K 356 -48.13 -14.86 -87.79
CA PHE K 356 -48.93 -16.05 -88.16
C PHE K 356 -48.57 -17.29 -87.34
N MET K 357 -49.59 -17.97 -86.81
CA MET K 357 -49.43 -18.83 -85.63
C MET K 357 -50.02 -20.25 -85.76
N GLY K 358 -50.38 -20.72 -86.95
CA GLY K 358 -51.23 -21.91 -87.13
C GLY K 358 -50.52 -23.25 -87.25
N ASN K 359 -51.27 -24.29 -86.90
CA ASN K 359 -50.95 -25.68 -87.20
C ASN K 359 -51.16 -26.04 -88.68
N GLN K 360 -52.16 -25.43 -89.31
CA GLN K 360 -52.65 -25.70 -90.66
C GLN K 360 -53.11 -24.42 -91.38
N VAL K 361 -53.31 -24.50 -92.68
CA VAL K 361 -53.99 -23.46 -93.48
C VAL K 361 -55.27 -24.06 -94.05
N LEU K 362 -56.41 -23.36 -93.98
CA LEU K 362 -57.64 -23.74 -94.67
C LEU K 362 -57.73 -23.04 -96.02
N LYS K 363 -58.39 -23.62 -97.02
CA LYS K 363 -58.99 -22.94 -98.17
C LYS K 363 -60.50 -23.12 -98.07
N VAL K 364 -61.22 -22.02 -98.00
CA VAL K 364 -62.53 -21.78 -97.39
C VAL K 364 -63.51 -21.44 -98.50
N PHE K 365 -64.25 -22.44 -99.01
CA PHE K 365 -64.87 -22.41 -100.34
C PHE K 365 -66.41 -22.41 -100.30
N ALA K 366 -67.03 -21.86 -101.35
CA ALA K 366 -68.48 -21.93 -101.54
C ALA K 366 -68.97 -23.37 -101.70
N ALA K 367 -70.03 -23.72 -100.97
CA ALA K 367 -70.54 -25.09 -100.85
C ALA K 367 -70.91 -25.70 -102.21
N ARG K 368 -70.70 -27.02 -102.36
CA ARG K 368 -70.89 -27.71 -103.65
C ARG K 368 -72.34 -27.64 -104.13
N ASP K 369 -72.51 -27.21 -105.37
CA ASP K 369 -73.78 -26.95 -106.05
C ASP K 369 -74.66 -25.85 -105.40
N ASP K 370 -74.11 -24.96 -104.56
CA ASP K 370 -74.83 -23.74 -104.14
C ASP K 370 -74.42 -22.54 -105.00
N GLU K 371 -75.17 -22.33 -106.08
CA GLU K 371 -74.98 -21.23 -107.02
C GLU K 371 -75.32 -19.84 -106.41
N ALA K 372 -76.15 -19.78 -105.36
CA ALA K 372 -76.34 -18.55 -104.59
C ALA K 372 -75.10 -18.23 -103.74
N ALA K 373 -74.54 -19.23 -103.06
CA ALA K 373 -73.27 -19.06 -102.35
C ALA K 373 -72.13 -18.69 -103.32
N ALA K 374 -72.08 -19.30 -104.49
CA ALA K 374 -71.04 -19.02 -105.49
C ALA K 374 -71.01 -17.54 -105.89
N VAL K 375 -72.16 -16.92 -106.18
CA VAL K 375 -72.22 -15.48 -106.49
C VAL K 375 -71.91 -14.62 -105.25
N ALA K 376 -72.41 -15.02 -104.07
CA ALA K 376 -72.24 -14.22 -102.86
C ALA K 376 -70.79 -14.21 -102.36
N LEU K 377 -70.12 -15.36 -102.32
CA LEU K 377 -68.73 -15.44 -101.90
C LEU K 377 -67.77 -14.90 -102.95
N SER K 378 -68.02 -15.12 -104.24
CA SER K 378 -67.24 -14.41 -105.27
C SER K 378 -67.37 -12.89 -105.11
N SER K 379 -68.54 -12.37 -104.77
CA SER K 379 -68.69 -10.96 -104.42
C SER K 379 -67.87 -10.56 -103.19
N LEU K 380 -67.94 -11.35 -102.11
CA LEU K 380 -67.20 -11.12 -100.87
C LEU K 380 -65.72 -10.90 -101.16
N ILE K 381 -65.07 -11.86 -101.80
CA ILE K 381 -63.62 -11.85 -101.98
C ILE K 381 -63.22 -10.88 -103.09
N HIS K 382 -64.00 -10.73 -104.17
CA HIS K 382 -63.74 -9.66 -105.12
C HIS K 382 -63.83 -8.26 -104.50
N ALA K 383 -64.65 -8.07 -103.47
CA ALA K 383 -64.70 -6.83 -102.71
C ALA K 383 -63.58 -6.68 -101.66
N LEU K 384 -62.72 -7.68 -101.49
CA LEU K 384 -61.52 -7.60 -100.66
C LEU K 384 -60.26 -7.47 -101.53
N ASP K 385 -60.29 -7.91 -102.80
CA ASP K 385 -59.17 -7.86 -103.74
C ASP K 385 -58.59 -6.45 -103.96
N ASP K 386 -59.37 -5.40 -103.74
CA ASP K 386 -59.09 -4.03 -104.16
C ASP K 386 -58.86 -3.03 -103.02
N LEU K 387 -59.40 -3.29 -101.82
CA LEU K 387 -59.26 -2.41 -100.65
C LEU K 387 -58.01 -2.68 -99.81
N ASP K 388 -57.26 -3.76 -100.07
CA ASP K 388 -56.24 -4.30 -99.15
C ASP K 388 -56.77 -4.66 -97.75
N MET K 389 -58.09 -4.67 -97.57
CA MET K 389 -58.72 -5.09 -96.33
C MET K 389 -58.63 -6.60 -96.15
N VAL K 390 -58.45 -7.03 -94.92
CA VAL K 390 -58.60 -8.40 -94.48
C VAL K 390 -59.68 -8.69 -93.42
N ALA K 391 -60.25 -9.88 -93.40
CA ALA K 391 -61.19 -10.32 -92.37
C ALA K 391 -60.54 -10.88 -91.12
N ILE K 392 -61.27 -10.81 -90.02
CA ILE K 392 -60.91 -11.35 -88.72
C ILE K 392 -62.12 -12.17 -88.25
N VAL K 393 -61.94 -13.41 -87.83
CA VAL K 393 -63.06 -14.37 -87.75
C VAL K 393 -62.98 -15.26 -86.52
N ARG K 394 -64.07 -15.46 -85.80
CA ARG K 394 -64.14 -16.52 -84.80
C ARG K 394 -64.27 -17.85 -85.54
N TYR K 395 -63.44 -18.83 -85.25
CA TYR K 395 -63.70 -20.20 -85.73
C TYR K 395 -63.72 -21.34 -84.65
N ALA K 396 -64.31 -22.45 -85.03
CA ALA K 396 -64.35 -23.69 -84.29
C ALA K 396 -64.68 -24.85 -85.22
N TYR K 397 -63.79 -25.84 -85.29
CA TYR K 397 -63.99 -27.01 -86.14
C TYR K 397 -65.24 -27.82 -85.77
N ASP K 398 -65.44 -28.05 -84.48
CA ASP K 398 -66.52 -28.87 -83.94
C ASP K 398 -66.78 -28.56 -82.47
N LYS K 399 -67.82 -29.17 -81.89
CA LYS K 399 -68.21 -29.00 -80.48
C LYS K 399 -67.12 -29.53 -79.55
N ARG K 400 -67.02 -28.99 -78.34
CA ARG K 400 -65.99 -29.26 -77.31
C ARG K 400 -64.59 -28.76 -77.63
N ALA K 401 -64.17 -28.74 -78.90
CA ALA K 401 -62.86 -28.22 -79.29
C ALA K 401 -62.74 -26.72 -79.00
N ASN K 402 -61.52 -26.24 -78.83
CA ASN K 402 -61.28 -24.85 -78.44
C ASN K 402 -61.80 -23.85 -79.49
N PRO K 403 -62.39 -22.72 -79.08
CA PRO K 403 -62.68 -21.61 -79.97
C PRO K 403 -61.39 -21.03 -80.51
N GLN K 404 -61.48 -20.23 -81.56
CA GLN K 404 -60.33 -19.90 -82.34
C GLN K 404 -60.46 -18.54 -82.99
N VAL K 405 -59.37 -17.81 -83.18
CA VAL K 405 -59.38 -16.53 -83.90
C VAL K 405 -58.39 -16.37 -85.05
N GLY K 406 -58.73 -15.57 -86.07
CA GLY K 406 -57.70 -14.99 -86.93
C GLY K 406 -58.12 -14.66 -88.35
N VAL K 407 -57.10 -14.56 -89.18
CA VAL K 407 -57.07 -13.73 -90.39
C VAL K 407 -57.48 -14.53 -91.59
N ALA K 408 -58.52 -14.13 -92.28
CA ALA K 408 -58.99 -14.83 -93.47
C ALA K 408 -58.56 -14.06 -94.74
N PHE K 409 -57.36 -14.35 -95.22
CA PHE K 409 -56.49 -13.55 -96.09
C PHE K 409 -56.70 -13.86 -97.58
N PRO K 410 -57.30 -12.96 -98.38
CA PRO K 410 -57.61 -13.19 -99.80
C PRO K 410 -56.44 -12.99 -100.78
N HIS K 411 -56.55 -13.67 -101.93
CA HIS K 411 -55.56 -13.80 -103.01
C HIS K 411 -56.31 -14.25 -104.29
N ILE K 412 -55.73 -14.13 -105.49
CA ILE K 412 -56.44 -14.50 -106.74
C ILE K 412 -55.59 -15.30 -107.74
N LYS K 413 -56.23 -16.31 -108.33
CA LYS K 413 -55.73 -17.19 -109.38
C LYS K 413 -56.76 -17.20 -110.53
N HIS K 414 -56.35 -17.35 -111.78
CA HIS K 414 -57.28 -17.18 -112.92
C HIS K 414 -58.47 -18.15 -112.88
N ASN K 415 -58.28 -19.36 -112.36
CA ASN K 415 -59.38 -20.30 -112.15
C ASN K 415 -60.26 -20.31 -110.89
N TYR K 416 -59.94 -19.59 -109.82
CA TYR K 416 -60.75 -19.44 -108.61
C TYR K 416 -60.21 -18.32 -107.72
N GLU K 417 -61.09 -17.70 -106.93
CA GLU K 417 -60.68 -16.78 -105.87
C GLU K 417 -60.13 -17.55 -104.67
N CYS K 418 -59.02 -17.07 -104.10
CA CYS K 418 -58.48 -17.60 -102.86
C CYS K 418 -58.90 -16.70 -101.70
N LEU K 419 -59.31 -17.33 -100.62
CA LEU K 419 -59.35 -16.72 -99.30
C LEU K 419 -59.02 -17.80 -98.28
N VAL K 420 -57.74 -17.85 -97.90
CA VAL K 420 -57.25 -18.78 -96.89
C VAL K 420 -57.65 -18.31 -95.50
N TYR K 421 -57.88 -19.20 -94.55
CA TYR K 421 -58.00 -18.83 -93.14
C TYR K 421 -56.79 -19.36 -92.37
N VAL K 422 -56.21 -18.51 -91.51
CA VAL K 422 -55.06 -18.82 -90.65
C VAL K 422 -55.25 -18.31 -89.22
N GLN K 423 -54.85 -19.07 -88.21
CA GLN K 423 -54.95 -18.63 -86.81
C GLN K 423 -53.94 -17.53 -86.45
N LEU K 424 -54.38 -16.56 -85.64
CA LEU K 424 -53.55 -15.52 -85.06
C LEU K 424 -53.54 -15.54 -83.53
N PRO K 425 -52.45 -15.06 -82.89
CA PRO K 425 -52.25 -15.20 -81.46
C PRO K 425 -53.30 -14.51 -80.62
N PHE K 426 -53.61 -15.06 -79.46
CA PHE K 426 -54.19 -14.30 -78.36
C PHE K 426 -53.10 -13.51 -77.62
N MET K 427 -53.48 -12.57 -76.75
CA MET K 427 -52.52 -11.71 -76.05
C MET K 427 -51.45 -12.46 -75.23
N GLU K 428 -51.73 -13.66 -74.73
CA GLU K 428 -50.76 -14.48 -73.99
C GLU K 428 -49.95 -15.44 -74.87
N ASP K 429 -50.24 -15.56 -76.16
CA ASP K 429 -49.41 -16.33 -77.11
C ASP K 429 -48.25 -15.52 -77.70
N LEU K 430 -48.21 -14.23 -77.44
CA LEU K 430 -47.30 -13.27 -78.06
C LEU K 430 -46.22 -12.86 -77.05
N ARG K 431 -44.93 -12.97 -77.42
CA ARG K 431 -43.80 -12.65 -76.55
C ARG K 431 -43.13 -11.36 -76.97
N GLN K 432 -42.93 -10.44 -76.03
CA GLN K 432 -42.29 -9.16 -76.30
C GLN K 432 -40.99 -9.03 -75.52
N TYR K 433 -39.88 -8.87 -76.24
CA TYR K 433 -38.53 -8.71 -75.69
C TYR K 433 -37.84 -7.56 -76.42
N MET K 434 -37.14 -6.67 -75.70
CA MET K 434 -36.31 -5.65 -76.32
C MET K 434 -34.91 -6.20 -76.58
N PHE K 435 -34.76 -6.92 -77.70
CA PHE K 435 -33.44 -7.28 -78.24
C PHE K 435 -32.62 -6.01 -78.45
N SER K 436 -31.39 -5.99 -77.94
CA SER K 436 -30.52 -4.82 -78.05
C SER K 436 -30.32 -4.44 -79.52
N SER K 437 -30.76 -3.24 -79.89
CA SER K 437 -31.06 -2.85 -81.27
C SER K 437 -29.82 -2.43 -82.06
N LEU K 438 -29.68 -2.90 -83.30
CA LEU K 438 -28.35 -3.05 -83.90
C LEU K 438 -27.79 -1.81 -84.62
N LYS K 439 -28.62 -0.82 -84.98
CA LYS K 439 -28.20 0.44 -85.64
C LYS K 439 -27.27 1.33 -84.79
N ASN K 440 -27.13 1.04 -83.50
CA ASN K 440 -26.17 1.65 -82.56
C ASN K 440 -24.75 1.07 -82.78
N SER K 441 -24.28 1.11 -84.03
CA SER K 441 -23.23 0.23 -84.57
C SER K 441 -21.80 0.51 -84.09
N LYS K 442 -21.58 1.54 -83.26
CA LYS K 442 -20.27 2.02 -82.79
C LYS K 442 -19.34 0.98 -82.15
N LYS K 443 -19.79 -0.09 -81.57
CA LYS K 443 -19.00 -1.22 -81.02
C LYS K 443 -18.97 -2.53 -81.96
N TYR K 444 -19.63 -2.58 -83.13
CA TYR K 444 -19.85 -3.73 -84.00
C TYR K 444 -19.73 -3.21 -85.42
N ALA K 445 -18.62 -2.56 -85.77
CA ALA K 445 -18.51 -1.69 -86.95
C ALA K 445 -18.76 -2.38 -88.31
N PRO K 446 -19.68 -1.87 -89.15
CA PRO K 446 -19.87 -2.30 -90.54
C PRO K 446 -19.10 -1.38 -91.52
N THR K 447 -17.79 -1.61 -91.69
CA THR K 447 -16.93 -0.67 -92.46
C THR K 447 -17.10 -0.77 -93.99
N GLU K 448 -16.67 0.27 -94.71
CA GLU K 448 -16.84 0.44 -96.15
C GLU K 448 -16.41 -0.78 -96.98
N ALA K 449 -15.27 -1.41 -96.66
CA ALA K 449 -14.77 -2.59 -97.37
C ALA K 449 -15.57 -3.86 -97.08
N GLN K 450 -16.06 -4.04 -95.84
CA GLN K 450 -16.99 -5.13 -95.50
C GLN K 450 -18.29 -4.98 -96.28
N LEU K 451 -18.88 -3.80 -96.27
CA LEU K 451 -20.11 -3.52 -97.02
C LEU K 451 -19.88 -3.72 -98.53
N ASN K 452 -18.83 -3.16 -99.08
CA ASN K 452 -18.40 -3.45 -100.43
C ASN K 452 -17.93 -4.87 -100.84
N ALA K 453 -17.88 -5.82 -99.92
CA ALA K 453 -17.80 -7.24 -100.21
C ALA K 453 -19.21 -7.82 -100.33
N VAL K 454 -20.03 -7.66 -99.28
CA VAL K 454 -21.42 -8.18 -99.21
C VAL K 454 -22.25 -7.71 -100.39
N ASP K 455 -22.06 -6.48 -100.85
CA ASP K 455 -22.72 -5.91 -102.03
C ASP K 455 -22.67 -6.81 -103.25
N ALA K 456 -21.59 -7.51 -103.53
CA ALA K 456 -21.54 -8.58 -104.47
C ALA K 456 -21.99 -10.02 -104.12
N LEU K 457 -22.06 -10.43 -102.85
CA LEU K 457 -22.43 -11.78 -102.41
C LEU K 457 -23.86 -12.10 -102.83
N ILE K 458 -24.75 -11.21 -102.40
CA ILE K 458 -26.19 -11.42 -102.41
C ILE K 458 -26.81 -11.25 -103.80
N ASP K 459 -26.10 -10.62 -104.72
CA ASP K 459 -26.39 -10.72 -106.16
C ASP K 459 -25.71 -11.96 -106.78
N SER K 460 -24.42 -12.16 -106.57
CA SER K 460 -23.72 -13.36 -106.99
C SER K 460 -24.29 -14.76 -106.68
N MET K 461 -24.84 -15.03 -105.49
CA MET K 461 -25.41 -16.33 -105.09
C MET K 461 -26.93 -16.39 -105.30
N SER K 462 -27.49 -15.54 -106.16
CA SER K 462 -28.89 -15.63 -106.58
C SER K 462 -29.22 -16.98 -107.24
N LEU K 463 -30.31 -17.58 -106.80
CA LEU K 463 -30.96 -18.75 -107.41
C LEU K 463 -31.88 -18.32 -108.55
N ALA K 464 -32.71 -17.32 -108.24
CA ALA K 464 -33.60 -16.72 -109.20
C ALA K 464 -32.73 -15.93 -110.19
N LYS K 465 -32.71 -16.37 -111.45
CA LYS K 465 -32.08 -15.68 -112.57
C LYS K 465 -33.13 -15.09 -113.51
N LYS K 466 -32.87 -13.88 -114.01
CA LYS K 466 -33.73 -13.06 -114.87
C LYS K 466 -33.78 -13.52 -116.34
N ASP K 467 -33.84 -14.82 -116.60
CA ASP K 467 -33.91 -15.36 -117.97
C ASP K 467 -35.33 -15.29 -118.58
N GLU K 468 -36.02 -14.16 -118.44
CA GLU K 468 -37.47 -14.02 -118.71
C GLU K 468 -37.90 -12.58 -119.03
N LYS K 469 -39.10 -12.43 -119.61
CA LYS K 469 -39.81 -11.16 -119.86
C LYS K 469 -41.23 -11.13 -119.25
N THR K 470 -41.67 -12.23 -118.64
CA THR K 470 -42.84 -12.30 -117.75
C THR K 470 -42.68 -11.55 -116.41
N ASP K 471 -41.47 -11.08 -116.08
CA ASP K 471 -41.07 -10.62 -114.73
C ASP K 471 -41.16 -11.71 -113.65
N THR K 472 -41.26 -12.99 -114.05
CA THR K 472 -41.06 -14.16 -113.18
C THR K 472 -39.70 -14.76 -113.51
N LEU K 473 -38.83 -14.89 -112.50
CA LEU K 473 -37.48 -15.43 -112.65
C LEU K 473 -37.53 -16.97 -112.75
N GLU K 474 -36.42 -17.56 -113.20
CA GLU K 474 -36.35 -18.97 -113.61
C GLU K 474 -36.88 -19.97 -112.57
N ASP K 475 -36.92 -19.59 -111.28
CA ASP K 475 -37.35 -20.46 -110.19
C ASP K 475 -36.49 -21.73 -110.15
N LEU K 476 -35.17 -21.49 -110.16
CA LEU K 476 -34.12 -22.48 -110.42
C LEU K 476 -34.09 -23.62 -109.37
N PHE K 477 -34.71 -23.40 -108.21
CA PHE K 477 -34.79 -24.34 -107.10
C PHE K 477 -36.19 -24.31 -106.47
N PRO K 478 -37.18 -25.05 -107.04
CA PRO K 478 -38.59 -24.93 -106.68
C PRO K 478 -38.92 -25.78 -105.44
N THR K 479 -38.45 -25.37 -104.27
CA THR K 479 -38.45 -26.19 -103.04
C THR K 479 -39.83 -26.74 -102.67
N THR K 480 -40.93 -26.08 -103.01
CA THR K 480 -42.28 -26.61 -102.75
C THR K 480 -42.69 -27.78 -103.65
N LYS K 481 -41.97 -28.04 -104.74
CA LYS K 481 -42.13 -29.20 -105.62
C LYS K 481 -41.24 -30.38 -105.23
N ILE K 482 -40.25 -30.21 -104.35
CA ILE K 482 -39.38 -31.30 -103.86
C ILE K 482 -40.20 -32.21 -102.92
N PRO K 483 -40.04 -33.55 -102.96
CA PRO K 483 -40.64 -34.48 -102.00
C PRO K 483 -39.88 -34.49 -100.67
N ASN K 484 -40.53 -34.81 -99.55
CA ASN K 484 -39.86 -34.75 -98.24
C ASN K 484 -38.73 -35.79 -98.11
N PRO K 485 -37.47 -35.38 -97.90
CA PRO K 485 -36.37 -36.31 -97.74
C PRO K 485 -36.57 -37.26 -96.56
N ARG K 486 -37.31 -36.90 -95.49
CA ARG K 486 -37.65 -37.84 -94.41
C ARG K 486 -38.35 -39.07 -94.95
N PHE K 487 -39.29 -39.00 -95.88
CA PHE K 487 -40.02 -40.21 -96.30
C PHE K 487 -39.27 -41.00 -97.35
N GLN K 488 -38.58 -40.31 -98.28
CA GLN K 488 -37.66 -40.96 -99.21
C GLN K 488 -36.66 -41.83 -98.44
N ARG K 489 -36.03 -41.27 -97.41
CA ARG K 489 -35.09 -42.00 -96.56
C ARG K 489 -35.72 -43.18 -95.81
N LEU K 490 -36.95 -43.03 -95.31
CA LEU K 490 -37.62 -44.12 -94.60
C LEU K 490 -37.91 -45.29 -95.55
N PHE K 491 -38.58 -45.05 -96.67
CA PHE K 491 -38.92 -46.12 -97.61
C PHE K 491 -37.67 -46.75 -98.20
N GLN K 492 -36.61 -45.97 -98.41
CA GLN K 492 -35.35 -46.49 -98.90
C GLN K 492 -34.71 -47.50 -97.95
N CYS K 493 -34.77 -47.26 -96.64
CA CYS K 493 -34.38 -48.26 -95.65
C CYS K 493 -35.32 -49.47 -95.66
N LEU K 494 -36.64 -49.26 -95.63
CA LEU K 494 -37.59 -50.38 -95.66
C LEU K 494 -37.37 -51.23 -96.91
N LEU K 495 -37.02 -50.65 -98.05
CA LEU K 495 -36.64 -51.40 -99.24
C LEU K 495 -35.41 -52.26 -98.98
N HIS K 496 -34.29 -51.65 -98.60
CA HIS K 496 -33.03 -52.36 -98.43
C HIS K 496 -33.14 -53.51 -97.42
N ARG K 497 -33.75 -53.27 -96.25
CA ARG K 497 -33.97 -54.32 -95.26
C ARG K 497 -35.03 -55.34 -95.68
N ALA K 498 -35.89 -55.06 -96.64
CA ALA K 498 -36.77 -56.07 -97.21
C ALA K 498 -36.00 -57.01 -98.17
N LEU K 499 -35.24 -56.46 -99.12
CA LEU K 499 -34.51 -57.27 -100.10
C LEU K 499 -33.24 -57.94 -99.53
N HIS K 500 -32.68 -57.49 -98.40
CA HIS K 500 -31.43 -58.00 -97.82
C HIS K 500 -31.57 -58.27 -96.30
N PRO K 501 -32.47 -59.19 -95.89
CA PRO K 501 -33.13 -59.18 -94.58
C PRO K 501 -32.30 -59.38 -93.29
N ARG K 502 -30.98 -59.52 -93.37
CA ARG K 502 -30.08 -59.56 -92.18
C ARG K 502 -28.88 -58.62 -92.24
N GLU K 503 -28.78 -57.79 -93.28
CA GLU K 503 -27.60 -56.95 -93.53
C GLU K 503 -27.70 -55.54 -92.90
N PRO K 504 -26.56 -54.86 -92.61
CA PRO K 504 -26.61 -53.44 -92.27
C PRO K 504 -27.09 -52.29 -93.20
N LEU K 505 -27.44 -51.18 -92.60
CA LEU K 505 -28.13 -50.09 -93.29
C LEU K 505 -27.19 -49.35 -94.25
N PRO K 506 -27.70 -48.83 -95.38
CA PRO K 506 -26.89 -48.14 -96.36
C PRO K 506 -26.68 -46.67 -95.98
N PRO K 507 -25.72 -46.00 -96.62
CA PRO K 507 -25.64 -44.55 -96.60
C PRO K 507 -26.89 -43.88 -97.19
N ILE K 508 -26.97 -42.56 -97.07
CA ILE K 508 -27.96 -41.79 -97.84
C ILE K 508 -27.69 -42.04 -99.33
N GLN K 509 -28.68 -42.48 -100.12
CA GLN K 509 -28.49 -42.61 -101.56
C GLN K 509 -28.16 -41.24 -102.16
N GLN K 510 -27.11 -41.19 -102.97
CA GLN K 510 -26.42 -39.97 -103.40
C GLN K 510 -27.31 -38.98 -104.14
N HIS K 511 -28.24 -39.45 -104.96
CA HIS K 511 -29.14 -38.57 -105.70
C HIS K 511 -30.03 -37.72 -104.78
N ILE K 512 -30.30 -38.17 -103.55
CA ILE K 512 -31.00 -37.39 -102.54
C ILE K 512 -30.19 -36.15 -102.15
N TRP K 513 -28.88 -36.27 -101.89
CA TRP K 513 -28.04 -35.09 -101.71
C TRP K 513 -28.04 -34.20 -102.94
N ASN K 514 -27.92 -34.78 -104.13
CA ASN K 514 -27.88 -34.00 -105.38
C ASN K 514 -29.17 -33.21 -105.59
N MET K 515 -30.30 -33.70 -105.09
CA MET K 515 -31.60 -33.02 -105.09
C MET K 515 -31.73 -31.96 -103.98
N LEU K 516 -31.23 -32.28 -102.78
CA LEU K 516 -31.40 -31.52 -101.54
C LEU K 516 -30.39 -30.39 -101.37
N ASN K 517 -29.17 -30.54 -101.92
CA ASN K 517 -28.28 -29.42 -102.20
C ASN K 517 -29.02 -28.38 -103.06
N PRO K 518 -28.36 -27.23 -103.38
CA PRO K 518 -28.77 -26.27 -104.42
C PRO K 518 -27.61 -25.98 -105.43
N PRO K 519 -26.83 -26.98 -105.86
CA PRO K 519 -25.43 -26.79 -106.26
C PRO K 519 -25.12 -26.01 -107.54
N ALA K 520 -25.51 -26.56 -108.69
CA ALA K 520 -24.89 -26.41 -110.01
C ALA K 520 -24.15 -25.10 -110.32
N GLU K 521 -24.69 -24.22 -111.17
CA GLU K 521 -23.98 -23.01 -111.60
C GLU K 521 -23.78 -22.03 -110.45
N VAL K 522 -24.67 -22.00 -109.47
CA VAL K 522 -24.61 -21.04 -108.34
C VAL K 522 -23.31 -21.20 -107.55
N THR K 523 -22.87 -22.43 -107.29
CA THR K 523 -21.56 -22.66 -106.65
C THR K 523 -20.39 -22.24 -107.54
N THR K 524 -20.47 -22.37 -108.86
CA THR K 524 -19.41 -21.85 -109.74
C THR K 524 -19.33 -20.32 -109.69
N LYS K 525 -20.45 -19.62 -109.47
CA LYS K 525 -20.48 -18.17 -109.30
C LYS K 525 -19.97 -17.73 -107.93
N SER K 526 -20.28 -18.47 -106.87
CA SER K 526 -20.07 -18.02 -105.50
C SER K 526 -18.62 -17.88 -105.06
N GLN K 527 -17.71 -18.71 -105.57
CA GLN K 527 -16.44 -18.98 -104.90
C GLN K 527 -15.56 -17.74 -104.68
N ILE K 528 -15.54 -16.81 -105.63
CA ILE K 528 -14.72 -15.59 -105.55
C ILE K 528 -15.30 -14.55 -104.57
N PRO K 529 -16.58 -14.13 -104.65
CA PRO K 529 -17.16 -13.27 -103.63
C PRO K 529 -17.06 -13.86 -102.22
N LEU K 530 -17.28 -15.17 -102.04
CA LEU K 530 -16.98 -15.83 -100.75
C LEU K 530 -15.51 -15.71 -100.35
N SER K 531 -14.56 -15.80 -101.28
CA SER K 531 -13.13 -15.72 -100.95
C SER K 531 -12.69 -14.38 -100.35
N LYS K 532 -13.38 -13.27 -100.69
CA LYS K 532 -13.14 -11.96 -100.04
C LYS K 532 -13.89 -11.77 -98.72
N ILE K 533 -14.93 -12.57 -98.43
CA ILE K 533 -15.51 -12.61 -97.08
C ILE K 533 -14.48 -13.13 -96.08
N LYS K 534 -13.74 -14.20 -96.44
CA LYS K 534 -12.78 -14.90 -95.54
C LYS K 534 -11.72 -14.00 -94.93
N THR K 535 -11.40 -12.88 -95.57
CA THR K 535 -10.37 -11.92 -95.15
C THR K 535 -10.96 -10.66 -94.55
N LEU K 536 -12.00 -10.07 -95.15
CA LEU K 536 -12.62 -8.82 -94.67
C LEU K 536 -13.45 -8.99 -93.38
N PHE K 537 -13.78 -10.22 -93.01
CA PHE K 537 -14.48 -10.54 -91.77
C PHE K 537 -13.68 -11.53 -90.91
N PRO K 538 -13.67 -11.37 -89.57
CA PRO K 538 -13.07 -12.32 -88.65
C PRO K 538 -13.91 -13.61 -88.48
N LEU K 539 -13.27 -14.67 -88.02
CA LEU K 539 -13.83 -16.03 -87.93
C LEU K 539 -13.20 -16.78 -86.73
N ILE K 540 -13.34 -16.19 -85.53
CA ILE K 540 -12.83 -16.74 -84.26
C ILE K 540 -13.56 -18.05 -83.92
N GLU K 541 -12.89 -18.89 -83.13
CA GLU K 541 -13.15 -20.31 -82.96
C GLU K 541 -14.57 -20.69 -82.50
N ALA K 542 -14.91 -21.94 -82.80
CA ALA K 542 -15.90 -22.74 -82.09
C ALA K 542 -15.36 -24.16 -81.83
N LYS K 543 -15.78 -24.78 -80.72
CA LYS K 543 -15.44 -26.17 -80.36
C LYS K 543 -16.12 -27.17 -81.31
N LYS K 544 -15.67 -28.42 -81.27
CA LYS K 544 -16.33 -29.57 -81.89
C LYS K 544 -16.65 -30.66 -80.85
N LYS K 545 -17.67 -31.48 -81.12
CA LYS K 545 -18.07 -32.72 -80.40
C LYS K 545 -18.08 -33.96 -81.30
N ASP K 546 -17.86 -35.13 -80.71
CA ASP K 546 -17.61 -36.42 -81.38
C ASP K 546 -18.83 -37.36 -81.42
N GLN K 547 -18.65 -38.61 -81.86
CA GLN K 547 -19.74 -39.59 -82.05
C GLN K 547 -19.31 -41.03 -81.69
N VAL K 548 -19.85 -42.10 -82.32
CA VAL K 548 -19.29 -43.47 -82.26
C VAL K 548 -17.82 -43.54 -82.71
N THR K 549 -17.37 -42.57 -83.50
CA THR K 549 -15.96 -42.24 -83.76
C THR K 549 -15.10 -42.14 -82.49
N ALA K 550 -15.69 -41.80 -81.33
CA ALA K 550 -15.03 -41.80 -80.02
C ALA K 550 -14.53 -43.19 -79.60
N GLN K 551 -14.95 -44.27 -80.26
CA GLN K 551 -14.31 -45.58 -80.23
C GLN K 551 -14.74 -46.43 -81.43
N GLU K 552 -14.27 -46.07 -82.63
CA GLU K 552 -14.48 -46.80 -83.89
C GLU K 552 -13.18 -46.89 -84.70
N ILE K 553 -13.05 -47.92 -85.54
CA ILE K 553 -11.79 -48.35 -86.16
C ILE K 553 -11.13 -47.29 -87.07
N PHE K 554 -9.80 -47.39 -87.20
CA PHE K 554 -8.98 -46.75 -88.23
C PHE K 554 -9.28 -45.26 -88.44
N VAL K 725 61.71 -9.87 -64.56
CA VAL K 725 61.07 -10.78 -63.60
C VAL K 725 61.90 -12.03 -63.25
N ASP K 726 63.05 -12.21 -63.90
CA ASP K 726 63.99 -13.31 -63.62
C ASP K 726 64.67 -13.22 -62.24
N ASP K 727 64.47 -12.15 -61.45
CA ASP K 727 64.94 -12.04 -60.06
C ASP K 727 63.83 -12.30 -59.03
N LEU K 728 62.59 -12.51 -59.48
CA LEU K 728 61.53 -13.17 -58.70
C LEU K 728 61.62 -14.71 -58.87
N LEU K 729 62.14 -15.14 -60.03
CA LEU K 729 62.84 -16.42 -60.15
C LEU K 729 64.20 -16.36 -59.39
N ASP K 730 65.01 -17.40 -59.47
CA ASP K 730 66.25 -17.58 -58.68
C ASP K 730 66.03 -17.53 -57.15
N MET K 731 66.65 -16.61 -56.40
CA MET K 731 66.68 -16.64 -54.93
C MET K 731 65.29 -16.43 -54.29
N ALA L 6 -18.09 -36.59 -22.88
CA ALA L 6 -18.36 -36.72 -24.31
C ALA L 6 -19.61 -35.95 -24.70
N GLY L 7 -19.48 -35.00 -25.62
CA GLY L 7 -20.55 -34.10 -26.08
C GLY L 7 -21.45 -34.69 -27.17
N VAL L 8 -21.27 -35.97 -27.51
CA VAL L 8 -22.05 -36.64 -28.54
C VAL L 8 -23.52 -36.70 -28.18
N ARG L 9 -23.92 -36.98 -26.94
CA ARG L 9 -25.35 -37.01 -26.61
C ARG L 9 -25.97 -35.64 -26.47
N CYS L 10 -25.33 -34.63 -25.91
CA CYS L 10 -25.98 -33.30 -25.92
C CYS L 10 -26.14 -32.81 -27.36
N SER L 11 -25.16 -33.09 -28.23
CA SER L 11 -25.31 -32.89 -29.67
C SER L 11 -26.45 -33.72 -30.25
N LEU L 12 -26.56 -35.04 -30.08
CA LEU L 12 -27.68 -35.74 -30.72
C LEU L 12 -29.06 -35.32 -30.21
N LEU L 13 -29.16 -34.91 -28.95
CA LEU L 13 -30.41 -34.43 -28.38
C LEU L 13 -30.94 -33.20 -29.12
N ARG L 14 -30.07 -32.24 -29.48
CA ARG L 14 -30.46 -31.05 -30.24
C ARG L 14 -30.83 -31.33 -31.69
N LEU L 15 -30.29 -32.38 -32.30
CA LEU L 15 -30.66 -32.76 -33.67
C LEU L 15 -32.16 -33.07 -33.77
N GLN L 16 -32.71 -33.84 -32.83
CA GLN L 16 -34.14 -34.11 -32.73
C GLN L 16 -34.98 -32.85 -32.50
N GLU L 17 -34.43 -31.79 -31.90
CA GLU L 17 -35.15 -30.52 -31.81
C GLU L 17 -35.24 -29.84 -33.18
N THR L 18 -34.20 -29.85 -34.01
CA THR L 18 -34.27 -29.23 -35.35
C THR L 18 -35.32 -29.87 -36.24
N LEU L 19 -35.62 -31.15 -36.05
CA LEU L 19 -36.69 -31.85 -36.75
C LEU L 19 -38.07 -31.30 -36.38
N SER L 20 -38.25 -30.83 -35.15
CA SER L 20 -39.52 -30.38 -34.57
C SER L 20 -39.65 -28.84 -34.44
N ALA L 21 -38.61 -28.10 -34.79
CA ALA L 21 -38.64 -26.64 -34.90
C ALA L 21 -39.65 -26.16 -35.97
N ALA L 22 -40.18 -24.95 -35.78
CA ALA L 22 -41.23 -24.36 -36.61
C ALA L 22 -40.72 -23.77 -37.94
N ASP L 23 -39.57 -23.10 -37.93
CA ASP L 23 -38.90 -22.65 -39.14
C ASP L 23 -38.16 -23.84 -39.80
N ARG L 24 -38.92 -24.72 -40.46
CA ARG L 24 -38.38 -25.96 -41.04
C ARG L 24 -37.32 -25.69 -42.10
N CYS L 25 -37.33 -24.51 -42.71
CA CYS L 25 -36.36 -24.10 -43.71
C CYS L 25 -35.03 -23.64 -43.09
N GLY L 26 -35.08 -22.85 -42.02
CA GLY L 26 -33.89 -22.36 -41.31
C GLY L 26 -33.28 -23.39 -40.36
N ALA L 27 -34.11 -24.19 -39.69
CA ALA L 27 -33.66 -25.20 -38.74
C ALA L 27 -32.78 -26.27 -39.39
N ALA L 28 -32.99 -26.57 -40.66
CA ALA L 28 -32.11 -27.44 -41.42
C ALA L 28 -30.67 -26.95 -41.43
N LEU L 29 -30.41 -25.64 -41.46
CA LEU L 29 -29.04 -25.13 -41.51
C LEU L 29 -28.33 -25.36 -40.17
N ALA L 30 -29.06 -25.28 -39.06
CA ALA L 30 -28.53 -25.72 -37.78
C ALA L 30 -28.27 -27.25 -37.80
N GLY L 31 -29.28 -28.04 -38.17
CA GLY L 31 -29.18 -29.50 -38.18
C GLY L 31 -28.03 -30.02 -39.03
N HIS L 32 -27.81 -29.46 -40.22
CA HIS L 32 -26.67 -29.81 -41.07
C HIS L 32 -25.37 -29.57 -40.35
N GLN L 33 -25.13 -28.37 -39.86
CA GLN L 33 -23.82 -28.07 -39.29
C GLN L 33 -23.60 -28.73 -37.94
N LEU L 34 -24.67 -29.01 -37.19
CA LEU L 34 -24.66 -29.86 -36.01
C LEU L 34 -24.14 -31.27 -36.34
N ILE L 35 -24.67 -31.94 -37.37
CA ILE L 35 -24.11 -33.21 -37.85
C ILE L 35 -22.68 -33.05 -38.29
N ARG L 36 -22.36 -31.98 -39.02
CA ARG L 36 -21.00 -31.76 -39.49
C ARG L 36 -20.02 -31.58 -38.33
N GLY L 37 -20.48 -31.19 -37.14
CA GLY L 37 -19.70 -31.13 -35.91
C GLY L 37 -19.65 -32.45 -35.13
N LEU L 38 -20.80 -33.08 -34.92
CA LEU L 38 -20.94 -34.40 -34.30
C LEU L 38 -20.08 -35.47 -35.00
N GLY L 39 -20.06 -35.46 -36.32
CA GLY L 39 -19.23 -36.38 -37.09
C GLY L 39 -17.73 -36.15 -36.92
N GLN L 40 -17.29 -34.92 -36.61
CA GLN L 40 -15.88 -34.68 -36.28
C GLN L 40 -15.51 -35.26 -34.92
N GLU L 41 -16.35 -35.06 -33.90
CA GLU L 41 -16.06 -35.51 -32.53
C GLU L 41 -15.78 -37.01 -32.43
N CYS L 42 -16.54 -37.85 -33.12
CA CYS L 42 -16.39 -39.31 -32.98
C CYS L 42 -15.56 -40.00 -34.06
N VAL L 43 -15.21 -39.35 -35.18
CA VAL L 43 -14.07 -39.82 -35.99
C VAL L 43 -12.74 -39.42 -35.35
N LEU L 44 -12.69 -38.34 -34.57
CA LEU L 44 -11.50 -37.93 -33.82
C LEU L 44 -11.13 -38.92 -32.70
N SER L 45 -12.10 -39.53 -32.02
CA SER L 45 -11.92 -40.38 -30.83
C SER L 45 -11.04 -41.62 -31.01
N SER L 46 -10.58 -42.18 -29.89
CA SER L 46 -9.62 -43.30 -29.85
C SER L 46 -9.82 -44.27 -28.67
N SER L 47 -10.24 -43.80 -27.49
CA SER L 47 -10.43 -44.66 -26.31
C SER L 47 -11.52 -45.72 -26.53
N PRO L 48 -11.24 -47.04 -26.41
CA PRO L 48 -12.19 -48.09 -26.81
C PRO L 48 -13.53 -48.03 -26.09
N ALA L 49 -13.56 -47.62 -24.83
CA ALA L 49 -14.81 -47.46 -24.10
C ALA L 49 -15.63 -46.27 -24.63
N VAL L 50 -15.02 -45.09 -24.76
CA VAL L 50 -15.70 -43.90 -25.26
C VAL L 50 -16.19 -44.11 -26.68
N LEU L 51 -15.38 -44.74 -27.51
CA LEU L 51 -15.73 -45.14 -28.85
C LEU L 51 -16.94 -46.09 -28.85
N ALA L 52 -17.01 -47.07 -27.95
CA ALA L 52 -18.18 -47.93 -27.82
C ALA L 52 -19.44 -47.13 -27.47
N LEU L 53 -19.36 -46.20 -26.52
CA LEU L 53 -20.49 -45.31 -26.20
C LEU L 53 -20.96 -44.60 -27.46
N GLN L 54 -20.05 -43.94 -28.16
CA GLN L 54 -20.40 -43.19 -29.36
C GLN L 54 -21.05 -44.08 -30.41
N THR L 55 -20.60 -45.32 -30.66
CA THR L 55 -21.30 -46.18 -31.61
C THR L 55 -22.76 -46.35 -31.23
N SER L 56 -23.08 -46.62 -29.98
CA SER L 56 -24.47 -46.90 -29.60
C SER L 56 -25.26 -45.65 -29.23
N LEU L 57 -24.64 -44.48 -29.24
CA LEU L 57 -25.32 -43.20 -29.30
C LEU L 57 -25.68 -42.87 -30.74
N VAL L 58 -24.74 -43.05 -31.67
CA VAL L 58 -24.98 -42.87 -33.10
C VAL L 58 -26.10 -43.78 -33.57
N PHE L 59 -26.00 -45.09 -33.34
CA PHE L 59 -27.00 -46.08 -33.75
C PHE L 59 -28.14 -46.28 -32.77
N SER L 60 -28.46 -45.28 -31.95
CA SER L 60 -29.53 -45.39 -30.95
C SER L 60 -30.89 -45.70 -31.57
N ARG L 61 -31.84 -46.18 -30.76
CA ARG L 61 -33.10 -46.79 -31.21
C ARG L 61 -34.33 -45.88 -31.01
N ASP L 62 -34.25 -44.93 -30.10
CA ASP L 62 -35.33 -43.99 -29.73
C ASP L 62 -34.94 -42.53 -30.04
N PHE L 63 -33.82 -42.38 -30.72
CA PHE L 63 -32.93 -41.24 -30.70
C PHE L 63 -31.88 -41.51 -31.80
N GLY L 64 -30.82 -40.72 -31.94
CA GLY L 64 -29.73 -41.15 -32.82
C GLY L 64 -29.99 -40.93 -34.30
N LEU L 65 -29.00 -41.27 -35.14
CA LEU L 65 -28.92 -40.80 -36.52
C LEU L 65 -29.94 -41.47 -37.44
N LEU L 66 -30.05 -42.79 -37.39
CA LEU L 66 -30.90 -43.52 -38.33
C LEU L 66 -32.37 -43.24 -38.07
N VAL L 67 -32.77 -42.98 -36.82
CA VAL L 67 -34.13 -42.53 -36.50
C VAL L 67 -34.36 -41.13 -37.03
N PHE L 68 -33.40 -40.21 -36.91
CA PHE L 68 -33.53 -38.89 -37.52
C PHE L 68 -33.73 -38.98 -39.04
N VAL L 69 -32.98 -39.82 -39.74
CA VAL L 69 -33.17 -40.03 -41.19
C VAL L 69 -34.58 -40.52 -41.47
N ARG L 70 -34.97 -41.66 -40.93
CA ARG L 70 -36.23 -42.32 -41.28
C ARG L 70 -37.46 -41.54 -40.83
N LYS L 71 -37.32 -40.65 -39.83
CA LYS L 71 -38.37 -39.76 -39.33
C LYS L 71 -38.42 -38.39 -40.03
N SER L 72 -37.33 -37.92 -40.64
CA SER L 72 -37.31 -36.72 -41.50
C SER L 72 -37.56 -37.00 -42.99
N LEU L 73 -37.91 -38.22 -43.37
CA LEU L 73 -37.71 -38.68 -44.76
C LEU L 73 -38.69 -38.08 -45.79
N ASN L 74 -39.79 -37.48 -45.34
CA ASN L 74 -40.78 -36.82 -46.20
C ASN L 74 -40.47 -35.34 -46.51
N SER L 75 -39.69 -34.65 -45.70
CA SER L 75 -39.25 -33.27 -45.96
C SER L 75 -38.37 -33.15 -47.21
N ILE L 76 -38.34 -31.98 -47.83
CA ILE L 76 -37.42 -31.62 -48.93
C ILE L 76 -36.35 -30.61 -48.50
N GLU L 77 -36.50 -30.02 -47.32
CA GLU L 77 -35.53 -29.11 -46.72
C GLU L 77 -34.30 -29.88 -46.20
N PHE L 78 -34.50 -31.04 -45.59
CA PHE L 78 -33.43 -31.80 -44.92
C PHE L 78 -32.52 -32.62 -45.85
N ARG L 79 -32.55 -32.46 -47.17
CA ARG L 79 -31.62 -33.16 -48.09
C ARG L 79 -30.17 -33.03 -47.65
N GLU L 80 -29.76 -31.83 -47.27
CA GLU L 80 -28.37 -31.54 -46.95
C GLU L 80 -27.92 -32.33 -45.70
N CYS L 81 -28.84 -32.57 -44.77
CA CYS L 81 -28.61 -33.43 -43.61
C CYS L 81 -28.51 -34.90 -44.01
N ARG L 82 -29.39 -35.42 -44.86
CA ARG L 82 -29.30 -36.80 -45.35
C ARG L 82 -28.04 -37.07 -46.17
N GLU L 83 -27.56 -36.13 -46.97
CA GLU L 83 -26.27 -36.36 -47.61
C GLU L 83 -25.20 -36.50 -46.53
N GLU L 84 -25.08 -35.53 -45.63
CA GLU L 84 -23.95 -35.50 -44.71
C GLU L 84 -23.96 -36.66 -43.74
N ILE L 85 -25.14 -37.07 -43.27
CA ILE L 85 -25.25 -38.20 -42.36
C ILE L 85 -24.83 -39.49 -43.04
N LEU L 86 -25.12 -39.67 -44.34
CA LEU L 86 -24.70 -40.86 -45.07
C LEU L 86 -23.23 -40.79 -45.44
N LYS L 87 -22.69 -39.63 -45.81
CA LYS L 87 -21.24 -39.47 -45.93
C LYS L 87 -20.53 -39.78 -44.62
N PHE L 88 -21.01 -39.28 -43.49
CA PHE L 88 -20.45 -39.61 -42.18
C PHE L 88 -20.51 -41.12 -41.90
N LEU L 89 -21.64 -41.79 -42.08
CA LEU L 89 -21.73 -43.24 -41.86
C LEU L 89 -20.77 -44.03 -42.76
N CYS L 90 -20.54 -43.59 -44.00
CA CYS L 90 -19.53 -44.18 -44.86
C CYS L 90 -18.12 -44.10 -44.25
N ILE L 91 -17.79 -43.04 -43.51
CA ILE L 91 -16.54 -42.97 -42.73
C ILE L 91 -16.61 -43.85 -41.49
N PHE L 92 -17.66 -43.77 -40.68
CA PHE L 92 -17.75 -44.47 -39.42
C PHE L 92 -17.71 -45.99 -39.58
N LEU L 93 -18.34 -46.52 -40.63
CA LEU L 93 -18.31 -47.93 -41.00
C LEU L 93 -16.95 -48.38 -41.50
N GLU L 94 -16.11 -47.49 -42.03
CA GLU L 94 -14.72 -47.79 -42.34
C GLU L 94 -13.87 -47.81 -41.06
N LYS L 95 -14.01 -46.80 -40.21
CA LYS L 95 -13.31 -46.66 -38.91
C LYS L 95 -13.53 -47.89 -38.04
N MET L 96 -14.76 -48.35 -37.98
CA MET L 96 -15.20 -49.42 -37.09
C MET L 96 -15.13 -50.83 -37.68
N GLY L 97 -15.09 -51.00 -39.00
CA GLY L 97 -15.09 -52.31 -39.62
C GLY L 97 -16.20 -53.23 -39.11
N GLN L 98 -15.92 -54.51 -38.88
CA GLN L 98 -16.95 -55.46 -38.45
C GLN L 98 -17.54 -55.23 -37.05
N LYS L 99 -17.02 -54.29 -36.25
CA LYS L 99 -17.60 -53.96 -34.95
C LYS L 99 -19.04 -53.43 -35.03
N ILE L 100 -19.49 -52.99 -36.21
CA ILE L 100 -20.84 -52.50 -36.51
C ILE L 100 -21.91 -53.61 -36.57
N ALA L 101 -21.54 -54.88 -36.46
CA ALA L 101 -22.41 -56.01 -36.76
C ALA L 101 -23.86 -55.91 -36.29
N PRO L 102 -24.19 -55.64 -35.02
CA PRO L 102 -25.58 -55.64 -34.57
C PRO L 102 -26.45 -54.54 -35.20
N TYR L 103 -25.86 -53.44 -35.65
CA TYR L 103 -26.57 -52.34 -36.31
C TYR L 103 -26.69 -52.52 -37.83
N SER L 104 -25.90 -53.41 -38.42
CA SER L 104 -25.70 -53.49 -39.86
C SER L 104 -27.00 -53.68 -40.66
N VAL L 105 -27.95 -54.46 -40.16
CA VAL L 105 -29.23 -54.66 -40.83
C VAL L 105 -30.00 -53.35 -40.93
N GLU L 106 -29.96 -52.51 -39.90
CA GLU L 106 -30.73 -51.28 -39.93
C GLU L 106 -30.06 -50.18 -40.73
N ILE L 107 -28.74 -50.24 -40.91
CA ILE L 107 -28.09 -49.42 -41.93
C ILE L 107 -28.65 -49.77 -43.31
N LYS L 108 -28.75 -51.06 -43.67
CA LYS L 108 -29.33 -51.47 -44.95
C LYS L 108 -30.74 -50.92 -45.13
N ASN L 109 -31.61 -51.07 -44.15
CA ASN L 109 -32.98 -50.56 -44.24
C ASN L 109 -33.04 -49.04 -44.36
N THR L 110 -32.11 -48.31 -43.76
CA THR L 110 -32.00 -46.87 -43.99
C THR L 110 -31.58 -46.57 -45.42
N CYS L 111 -30.62 -47.29 -45.98
CA CYS L 111 -30.17 -47.03 -47.34
C CYS L 111 -31.26 -47.25 -48.38
N THR L 112 -32.00 -48.36 -48.32
CA THR L 112 -33.05 -48.62 -49.31
C THR L 112 -34.25 -47.70 -49.13
N SER L 113 -34.62 -47.35 -47.90
CA SER L 113 -35.67 -46.37 -47.67
C SER L 113 -35.26 -45.00 -48.20
N VAL L 114 -34.07 -44.49 -47.90
CA VAL L 114 -33.58 -43.22 -48.49
C VAL L 114 -33.59 -43.28 -50.00
N TYR L 115 -33.10 -44.35 -50.58
CA TYR L 115 -33.01 -44.44 -52.03
C TYR L 115 -34.37 -44.39 -52.71
N THR L 116 -35.38 -45.11 -52.21
CA THR L 116 -36.69 -45.08 -52.86
C THR L 116 -37.42 -43.77 -52.66
N LYS L 117 -37.44 -43.24 -51.43
CA LYS L 117 -38.31 -42.10 -51.08
C LYS L 117 -37.73 -40.74 -51.45
N ASP L 118 -36.45 -40.63 -51.77
CA ASP L 118 -35.81 -39.35 -52.04
C ASP L 118 -35.55 -39.14 -53.54
N ARG L 119 -36.05 -38.04 -54.10
CA ARG L 119 -35.98 -37.71 -55.53
C ARG L 119 -34.57 -37.29 -55.98
N ALA L 120 -33.73 -36.77 -55.10
CA ALA L 120 -32.45 -36.20 -55.48
C ALA L 120 -31.35 -37.25 -55.57
N ALA L 121 -30.67 -37.34 -56.71
CA ALA L 121 -29.49 -38.13 -56.99
C ALA L 121 -28.37 -37.92 -55.99
N LYS L 122 -28.17 -36.70 -55.47
CA LYS L 122 -27.16 -36.49 -54.44
C LYS L 122 -27.49 -37.12 -53.08
N CYS L 123 -28.73 -37.53 -52.83
CA CYS L 123 -29.10 -38.42 -51.73
C CYS L 123 -29.09 -39.90 -52.15
N LYS L 124 -29.55 -40.22 -53.36
CA LYS L 124 -29.49 -41.60 -53.86
C LYS L 124 -28.06 -42.11 -53.97
N ILE L 125 -27.08 -41.28 -54.32
CA ILE L 125 -25.65 -41.65 -54.36
C ILE L 125 -25.13 -42.15 -53.02
N PRO L 126 -25.15 -41.40 -51.90
CA PRO L 126 -24.62 -41.95 -50.66
C PRO L 126 -25.40 -43.15 -50.17
N ALA L 127 -26.71 -43.23 -50.41
CA ALA L 127 -27.50 -44.39 -50.04
C ALA L 127 -27.00 -45.65 -50.77
N LEU L 128 -26.64 -45.52 -52.05
CA LEU L 128 -25.98 -46.59 -52.78
C LEU L 128 -24.56 -46.83 -52.26
N ASP L 129 -23.71 -45.82 -52.12
CA ASP L 129 -22.34 -45.96 -51.63
C ASP L 129 -22.27 -46.73 -50.33
N LEU L 130 -23.16 -46.42 -49.41
CA LEU L 130 -23.15 -47.04 -48.10
C LEU L 130 -23.53 -48.52 -48.21
N LEU L 131 -24.46 -48.90 -49.09
CA LEU L 131 -24.71 -50.31 -49.38
C LEU L 131 -23.51 -51.00 -50.00
N ILE L 132 -22.76 -50.36 -50.89
CA ILE L 132 -21.52 -50.96 -51.44
C ILE L 132 -20.61 -51.35 -50.30
N LYS L 133 -20.21 -50.44 -49.43
CA LYS L 133 -19.30 -50.75 -48.31
C LYS L 133 -19.91 -51.71 -47.30
N LEU L 134 -21.22 -51.61 -47.04
CA LEU L 134 -21.88 -52.50 -46.11
C LEU L 134 -21.82 -53.93 -46.62
N LEU L 135 -22.26 -54.18 -47.85
CA LEU L 135 -22.20 -55.49 -48.47
C LEU L 135 -20.76 -56.00 -48.51
N GLN L 136 -19.82 -55.16 -48.94
CA GLN L 136 -18.43 -55.51 -49.11
C GLN L 136 -17.72 -55.90 -47.81
N THR L 137 -18.00 -55.23 -46.69
CA THR L 137 -17.35 -55.55 -45.40
C THR L 137 -17.99 -56.74 -44.72
N PHE L 138 -19.30 -56.90 -44.78
CA PHE L 138 -19.99 -58.04 -44.20
C PHE L 138 -20.03 -59.29 -45.09
N ARG L 139 -19.24 -59.36 -46.18
CA ARG L 139 -19.13 -60.49 -47.13
C ARG L 139 -19.12 -61.87 -46.45
N SER L 140 -18.23 -62.06 -45.48
CA SER L 140 -18.04 -63.34 -44.78
C SER L 140 -19.09 -63.65 -43.70
N SER L 141 -19.98 -62.71 -43.40
CA SER L 141 -20.73 -62.68 -42.16
C SER L 141 -21.86 -63.71 -42.08
N ARG L 142 -22.18 -64.10 -40.84
CA ARG L 142 -23.44 -64.78 -40.49
C ARG L 142 -24.65 -63.93 -40.84
N LEU L 143 -24.57 -62.59 -40.74
CA LEU L 143 -25.65 -61.65 -41.04
C LEU L 143 -26.14 -61.70 -42.51
N MET L 144 -25.31 -62.23 -43.41
CA MET L 144 -25.51 -62.09 -44.85
C MET L 144 -26.81 -62.73 -45.36
N ASP L 145 -27.45 -63.64 -44.62
CA ASP L 145 -28.77 -64.16 -44.98
C ASP L 145 -29.90 -63.19 -44.61
N GLU L 146 -29.88 -62.63 -43.39
CA GLU L 146 -30.92 -61.73 -42.89
C GLU L 146 -30.83 -60.30 -43.46
N PHE L 147 -29.80 -60.00 -44.25
CA PHE L 147 -29.84 -58.88 -45.19
C PHE L 147 -30.97 -59.00 -46.22
N LYS L 148 -31.61 -60.17 -46.38
CA LYS L 148 -32.55 -60.46 -47.48
C LYS L 148 -31.90 -60.10 -48.82
N ILE L 149 -30.77 -60.73 -49.10
CA ILE L 149 -29.89 -60.40 -50.22
C ILE L 149 -30.46 -60.69 -51.61
N GLY L 150 -31.48 -61.53 -51.73
CA GLY L 150 -32.14 -61.84 -53.01
C GLY L 150 -33.33 -60.95 -53.31
N GLU L 151 -34.11 -60.61 -52.29
CA GLU L 151 -35.14 -59.60 -52.41
C GLU L 151 -34.54 -58.27 -52.86
N LEU L 152 -33.38 -57.90 -52.33
CA LEU L 152 -32.61 -56.74 -52.75
C LEU L 152 -32.26 -56.77 -54.23
N PHE L 153 -31.85 -57.91 -54.78
CA PHE L 153 -31.64 -58.04 -56.22
C PHE L 153 -32.94 -57.77 -56.97
N SER L 154 -34.06 -58.38 -56.58
CA SER L 154 -35.33 -58.11 -57.28
C SER L 154 -35.71 -56.64 -57.22
N LYS L 155 -35.43 -55.94 -56.12
CA LYS L 155 -35.71 -54.51 -55.95
C LYS L 155 -34.89 -53.67 -56.91
N PHE L 156 -33.56 -53.74 -56.87
CA PHE L 156 -32.76 -52.88 -57.72
C PHE L 156 -32.68 -53.36 -59.17
N TYR L 157 -32.93 -54.63 -59.48
CA TYR L 157 -33.08 -55.08 -60.87
C TYR L 157 -34.30 -54.45 -61.52
N GLY L 158 -35.42 -54.39 -60.80
CA GLY L 158 -36.65 -53.79 -61.30
C GLY L 158 -36.47 -52.33 -61.74
N GLU L 159 -35.56 -51.57 -61.15
CA GLU L 159 -35.34 -50.18 -61.56
C GLU L 159 -34.93 -50.05 -63.04
N LEU L 160 -34.32 -51.08 -63.62
CA LEU L 160 -33.84 -51.01 -65.00
C LEU L 160 -34.96 -50.99 -66.04
N ALA L 161 -36.14 -51.52 -65.71
CA ALA L 161 -37.28 -51.57 -66.61
C ALA L 161 -37.79 -50.17 -67.01
N LEU L 162 -37.25 -49.15 -66.34
CA LEU L 162 -37.47 -47.73 -66.57
C LEU L 162 -36.15 -46.92 -66.55
N LYS L 163 -34.99 -47.57 -66.84
CA LYS L 163 -33.63 -47.02 -66.60
C LYS L 163 -33.36 -45.66 -67.22
N LYS L 164 -34.00 -45.39 -68.36
CA LYS L 164 -33.97 -44.13 -69.10
C LYS L 164 -34.20 -42.89 -68.22
N LYS L 165 -35.07 -43.00 -67.20
CA LYS L 165 -35.38 -41.93 -66.28
C LYS L 165 -34.27 -41.65 -65.26
N ILE L 166 -33.49 -42.66 -64.92
CA ILE L 166 -32.48 -42.64 -63.87
C ILE L 166 -31.27 -41.80 -64.30
N PRO L 167 -30.83 -40.80 -63.53
CA PRO L 167 -29.69 -39.97 -63.92
C PRO L 167 -28.40 -40.77 -64.07
N ASP L 168 -27.52 -40.30 -64.95
CA ASP L 168 -26.29 -40.99 -65.33
C ASP L 168 -25.51 -41.50 -64.13
N THR L 169 -25.11 -40.65 -63.20
CA THR L 169 -24.24 -41.09 -62.12
C THR L 169 -24.95 -42.00 -61.11
N VAL L 170 -26.27 -42.01 -61.02
CA VAL L 170 -26.99 -42.98 -60.20
C VAL L 170 -26.97 -44.34 -60.86
N LEU L 171 -27.02 -44.36 -62.18
CA LEU L 171 -26.93 -45.59 -62.95
C LEU L 171 -25.51 -46.18 -62.96
N GLU L 172 -24.43 -45.45 -62.64
CA GLU L 172 -23.19 -46.16 -62.28
C GLU L 172 -23.46 -47.09 -61.11
N LYS L 173 -24.09 -46.56 -60.05
CA LYS L 173 -24.06 -47.21 -58.77
C LYS L 173 -25.03 -48.36 -58.72
N VAL L 174 -26.13 -48.29 -59.46
CA VAL L 174 -27.03 -49.44 -59.61
C VAL L 174 -26.29 -50.61 -60.24
N TYR L 175 -25.30 -50.38 -61.10
CA TYR L 175 -24.51 -51.47 -61.66
C TYR L 175 -23.31 -51.89 -60.82
N GLU L 176 -22.60 -50.95 -60.24
CA GLU L 176 -21.66 -51.28 -59.17
C GLU L 176 -22.32 -52.18 -58.13
N LEU L 177 -23.55 -51.87 -57.68
CA LEU L 177 -24.29 -52.69 -56.73
C LEU L 177 -24.67 -54.03 -57.33
N LEU L 178 -25.42 -54.05 -58.42
CA LEU L 178 -26.00 -55.29 -58.93
C LEU L 178 -24.95 -56.34 -59.21
N GLY L 179 -23.87 -55.98 -59.90
CA GLY L 179 -22.78 -56.92 -60.16
C GLY L 179 -22.17 -57.46 -58.87
N LEU L 180 -22.06 -56.63 -57.82
CA LEU L 180 -21.52 -57.04 -56.55
C LEU L 180 -22.43 -58.03 -55.80
N LEU L 181 -23.74 -58.07 -56.04
CA LEU L 181 -24.61 -59.09 -55.43
C LEU L 181 -24.19 -60.52 -55.84
N GLY L 182 -23.63 -60.66 -57.05
CA GLY L 182 -23.07 -61.91 -57.53
C GLY L 182 -21.64 -62.17 -57.04
N GLU L 183 -20.98 -61.22 -56.39
CA GLU L 183 -19.72 -61.51 -55.71
C GLU L 183 -19.98 -62.07 -54.30
N VAL L 184 -20.80 -61.38 -53.51
CA VAL L 184 -20.86 -61.60 -52.07
C VAL L 184 -21.69 -62.79 -51.61
N HIS L 185 -22.73 -63.20 -52.34
CA HIS L 185 -23.61 -64.27 -51.88
C HIS L 185 -24.19 -65.08 -53.04
N PRO L 186 -23.34 -65.85 -53.75
CA PRO L 186 -23.69 -66.52 -54.98
C PRO L 186 -24.92 -67.44 -54.88
N SER L 187 -25.13 -68.12 -53.75
CA SER L 187 -26.18 -69.12 -53.63
C SER L 187 -27.59 -68.58 -53.87
N GLU L 188 -27.87 -67.35 -53.43
CA GLU L 188 -29.18 -66.73 -53.66
C GLU L 188 -29.32 -66.16 -55.07
N MET L 189 -28.21 -65.90 -55.76
CA MET L 189 -28.17 -65.42 -57.13
C MET L 189 -28.24 -66.54 -58.18
N ILE L 190 -28.36 -67.81 -57.80
CA ILE L 190 -27.95 -68.91 -58.67
C ILE L 190 -28.66 -69.00 -60.03
N ASN L 191 -29.93 -68.59 -60.13
CA ASN L 191 -30.68 -68.52 -61.40
C ASN L 191 -30.72 -67.11 -62.01
N ASN L 192 -30.71 -66.05 -61.21
CA ASN L 192 -30.81 -64.66 -61.67
C ASN L 192 -29.61 -64.22 -62.52
N ALA L 193 -28.44 -64.84 -62.32
CA ALA L 193 -27.20 -64.41 -62.97
C ALA L 193 -27.30 -64.34 -64.50
N GLU L 194 -28.03 -65.23 -65.16
CA GLU L 194 -28.10 -65.21 -66.62
C GLU L 194 -28.85 -63.99 -67.16
N ASN L 195 -29.97 -63.62 -66.53
CA ASN L 195 -30.69 -62.41 -66.91
C ASN L 195 -29.88 -61.15 -66.63
N LEU L 196 -29.14 -61.12 -65.54
CA LEU L 196 -28.26 -60.00 -65.26
C LEU L 196 -27.09 -59.95 -66.27
N PHE L 197 -26.58 -61.07 -66.79
CA PHE L 197 -25.65 -61.03 -67.93
C PHE L 197 -26.30 -60.43 -69.16
N ARG L 198 -27.50 -60.89 -69.54
CA ARG L 198 -28.23 -60.34 -70.69
C ARG L 198 -28.41 -58.83 -70.55
N ALA L 199 -28.72 -58.34 -69.36
CA ALA L 199 -28.85 -56.92 -69.05
C ALA L 199 -27.54 -56.15 -69.18
N PHE L 200 -26.46 -56.60 -68.54
CA PHE L 200 -25.16 -55.91 -68.59
C PHE L 200 -24.61 -55.83 -70.01
N LEU L 201 -24.75 -56.91 -70.79
CA LEU L 201 -24.28 -56.91 -72.16
C LEU L 201 -25.16 -56.05 -73.06
N GLY L 202 -26.48 -56.23 -73.02
CA GLY L 202 -27.38 -55.49 -73.89
C GLY L 202 -27.24 -53.98 -73.69
N GLU L 203 -27.13 -53.54 -72.45
CA GLU L 203 -26.87 -52.14 -72.16
C GLU L 203 -25.52 -51.72 -72.71
N LEU L 204 -24.43 -52.42 -72.38
CA LEU L 204 -23.10 -51.96 -72.77
C LEU L 204 -22.90 -51.93 -74.29
N LYS L 205 -23.52 -52.87 -75.02
CA LYS L 205 -23.58 -52.85 -76.49
C LYS L 205 -24.19 -51.56 -76.98
N THR L 206 -25.38 -51.27 -76.49
CA THR L 206 -26.14 -50.07 -76.85
C THR L 206 -25.35 -48.81 -76.50
N GLN L 207 -24.69 -48.78 -75.35
CA GLN L 207 -23.90 -47.63 -74.91
C GLN L 207 -22.63 -47.42 -75.74
N MET L 208 -21.91 -48.48 -76.13
CA MET L 208 -20.67 -48.36 -76.91
C MET L 208 -20.90 -48.17 -78.41
N THR L 209 -21.82 -48.93 -79.00
CA THR L 209 -21.94 -49.09 -80.46
C THR L 209 -22.94 -48.13 -81.11
N SER L 210 -23.71 -47.36 -80.34
CA SER L 210 -24.72 -46.46 -80.89
C SER L 210 -24.11 -45.34 -81.74
N ALA L 211 -24.61 -45.19 -82.96
CA ALA L 211 -24.18 -44.19 -83.92
C ALA L 211 -24.78 -42.79 -83.68
N VAL L 212 -25.87 -42.70 -82.91
CA VAL L 212 -26.66 -41.48 -82.74
C VAL L 212 -26.22 -40.56 -81.60
N ARG L 213 -25.57 -41.13 -80.56
CA ARG L 213 -25.13 -40.41 -79.36
C ARG L 213 -23.75 -40.86 -78.94
N GLU L 214 -22.94 -39.90 -78.53
CA GLU L 214 -21.69 -40.14 -77.83
C GLU L 214 -21.94 -40.88 -76.49
N PRO L 215 -21.02 -41.71 -76.03
CA PRO L 215 -21.24 -42.55 -74.86
C PRO L 215 -21.34 -41.72 -73.57
N LYS L 216 -22.19 -42.17 -72.66
CA LYS L 216 -22.27 -41.72 -71.27
C LYS L 216 -21.21 -42.47 -70.46
N LEU L 217 -20.01 -41.91 -70.41
CA LEU L 217 -18.85 -42.49 -69.71
C LEU L 217 -19.18 -43.06 -68.30
N PRO L 218 -19.85 -42.36 -67.38
CA PRO L 218 -20.19 -42.92 -66.08
C PRO L 218 -21.01 -44.20 -66.14
N VAL L 219 -21.98 -44.31 -67.05
CA VAL L 219 -22.80 -45.52 -67.19
C VAL L 219 -21.98 -46.68 -67.73
N LEU L 220 -21.11 -46.38 -68.69
CA LEU L 220 -20.21 -47.36 -69.29
C LEU L 220 -19.21 -47.90 -68.26
N ALA L 221 -18.59 -47.03 -67.46
CA ALA L 221 -17.73 -47.45 -66.36
C ALA L 221 -18.49 -48.28 -65.33
N GLY L 222 -19.72 -47.91 -64.97
CA GLY L 222 -20.55 -48.66 -64.03
C GLY L 222 -20.86 -50.08 -64.51
N CYS L 223 -21.05 -50.32 -65.80
CA CYS L 223 -21.18 -51.68 -66.32
C CYS L 223 -19.91 -52.49 -66.08
N LEU L 224 -18.75 -51.99 -66.52
CA LEU L 224 -17.48 -52.70 -66.42
C LEU L 224 -17.11 -52.99 -64.97
N LYS L 225 -17.32 -52.05 -64.05
CA LYS L 225 -17.05 -52.26 -62.62
C LYS L 225 -17.92 -53.38 -62.08
N GLY L 226 -19.23 -53.33 -62.31
CA GLY L 226 -20.15 -54.33 -61.79
C GLY L 226 -19.90 -55.70 -62.37
N LEU L 227 -19.63 -55.75 -63.67
CA LEU L 227 -19.27 -56.96 -64.37
C LEU L 227 -18.03 -57.65 -63.78
N SER L 228 -17.00 -56.88 -63.44
CA SER L 228 -15.78 -57.46 -62.85
C SER L 228 -16.07 -58.24 -61.56
N SER L 229 -17.09 -57.87 -60.80
CA SER L 229 -17.57 -58.65 -59.67
C SER L 229 -18.39 -59.83 -60.12
N LEU L 230 -19.21 -59.67 -61.15
CA LEU L 230 -20.10 -60.71 -61.62
C LEU L 230 -19.37 -61.93 -62.16
N LEU L 231 -18.23 -61.77 -62.84
CA LEU L 231 -17.44 -62.88 -63.39
C LEU L 231 -16.67 -63.66 -62.31
N CYS L 232 -16.68 -63.24 -61.05
CA CYS L 232 -15.88 -63.88 -60.01
C CYS L 232 -16.47 -65.24 -59.58
N ASN L 233 -17.78 -65.29 -59.35
CA ASN L 233 -18.58 -66.50 -59.52
C ASN L 233 -19.12 -66.53 -60.96
N PHE L 234 -20.04 -67.43 -61.31
CA PHE L 234 -20.77 -67.38 -62.60
C PHE L 234 -19.89 -67.15 -63.84
N THR L 235 -18.86 -67.98 -64.00
CA THR L 235 -17.85 -67.85 -65.07
C THR L 235 -18.43 -68.01 -66.48
N LYS L 236 -17.77 -67.41 -67.48
CA LYS L 236 -18.11 -67.48 -68.92
C LYS L 236 -16.82 -67.46 -69.78
N SER L 237 -16.17 -68.61 -69.94
CA SER L 237 -14.93 -68.78 -70.70
C SER L 237 -15.03 -69.89 -71.73
N MET L 238 -14.38 -69.73 -72.89
CA MET L 238 -14.72 -70.37 -74.18
C MET L 238 -14.79 -71.90 -74.25
N GLU L 239 -14.38 -72.63 -73.23
CA GLU L 239 -14.77 -74.03 -73.07
C GLU L 239 -16.30 -74.20 -73.02
N GLU L 240 -17.04 -73.21 -72.51
CA GLU L 240 -18.51 -73.13 -72.52
C GLU L 240 -18.97 -71.69 -72.78
N ASP L 241 -20.14 -71.51 -73.40
CA ASP L 241 -20.67 -70.20 -73.82
C ASP L 241 -19.66 -69.35 -74.63
N PRO L 242 -19.16 -69.87 -75.76
CA PRO L 242 -18.10 -69.21 -76.53
C PRO L 242 -18.56 -67.90 -77.17
N GLN L 243 -19.86 -67.73 -77.44
CA GLN L 243 -20.38 -66.51 -78.04
C GLN L 243 -20.44 -65.36 -77.04
N THR L 244 -21.06 -65.55 -75.87
CA THR L 244 -21.15 -64.46 -74.89
C THR L 244 -19.79 -64.07 -74.35
N SER L 245 -18.87 -65.03 -74.19
CA SER L 245 -17.50 -64.76 -73.79
C SER L 245 -16.69 -64.03 -74.87
N ARG L 246 -16.96 -64.25 -76.16
CA ARG L 246 -16.43 -63.40 -77.24
C ARG L 246 -16.95 -61.97 -77.12
N GLU L 247 -18.24 -61.80 -76.90
CA GLU L 247 -18.87 -60.48 -76.80
C GLU L 247 -18.28 -59.66 -75.66
N ILE L 248 -18.15 -60.25 -74.48
CA ILE L 248 -17.53 -59.59 -73.34
C ILE L 248 -16.12 -59.15 -73.72
N PHE L 249 -15.33 -60.04 -74.31
CA PHE L 249 -13.95 -59.72 -74.65
C PHE L 249 -13.85 -58.56 -75.64
N ASN L 250 -14.63 -58.58 -76.74
CA ASN L 250 -14.47 -57.51 -77.71
C ASN L 250 -14.99 -56.16 -77.20
N PHE L 251 -15.93 -56.11 -76.24
CA PHE L 251 -16.23 -54.87 -75.52
C PHE L 251 -15.09 -54.43 -74.61
N VAL L 252 -14.35 -55.35 -73.98
CA VAL L 252 -13.12 -54.97 -73.28
C VAL L 252 -12.11 -54.36 -74.25
N LEU L 253 -11.96 -54.90 -75.47
CA LEU L 253 -11.11 -54.24 -76.46
C LEU L 253 -11.58 -52.82 -76.79
N LYS L 254 -12.89 -52.63 -77.01
CA LYS L 254 -13.45 -51.29 -77.25
C LYS L 254 -13.11 -50.33 -76.11
N ALA L 255 -13.23 -50.77 -74.86
CA ALA L 255 -12.88 -49.94 -73.71
C ALA L 255 -11.39 -49.60 -73.66
N ILE L 256 -10.54 -50.63 -73.78
CA ILE L 256 -9.10 -50.55 -73.51
C ILE L 256 -8.38 -49.72 -74.58
N ARG L 257 -8.76 -49.89 -75.86
CA ARG L 257 -8.11 -49.19 -76.97
C ARG L 257 -8.30 -47.68 -76.84
N PRO L 258 -7.21 -46.86 -76.78
CA PRO L 258 -7.30 -45.41 -76.86
C PRO L 258 -7.59 -45.00 -78.31
N GLN L 259 -8.77 -45.37 -78.81
CA GLN L 259 -9.15 -45.21 -80.21
C GLN L 259 -9.22 -43.71 -80.62
N ILE L 260 -9.59 -42.88 -79.63
CA ILE L 260 -9.20 -41.48 -79.52
C ILE L 260 -9.07 -41.18 -78.01
N ASP L 261 -8.18 -40.25 -77.63
CA ASP L 261 -7.87 -40.00 -76.22
C ASP L 261 -9.05 -39.35 -75.45
N LEU L 262 -9.35 -39.90 -74.26
CA LEU L 262 -10.19 -39.25 -73.26
C LEU L 262 -9.37 -38.23 -72.45
N LYS L 263 -10.07 -37.22 -71.92
CA LYS L 263 -9.56 -36.29 -70.89
C LYS L 263 -9.93 -36.69 -69.46
N ARG L 264 -10.58 -37.84 -69.26
CA ARG L 264 -10.76 -38.53 -67.96
C ARG L 264 -10.70 -40.04 -68.16
N TYR L 265 -10.05 -40.77 -67.26
CA TYR L 265 -9.61 -42.15 -67.49
C TYR L 265 -10.44 -43.23 -66.83
N ALA L 266 -11.60 -42.91 -66.26
CA ALA L 266 -12.44 -43.88 -65.56
C ALA L 266 -12.82 -45.09 -66.42
N VAL L 267 -13.07 -44.88 -67.71
CA VAL L 267 -13.43 -45.94 -68.66
C VAL L 267 -12.29 -46.93 -68.95
N PRO L 268 -11.09 -46.52 -69.38
CA PRO L 268 -9.96 -47.43 -69.46
C PRO L 268 -9.63 -48.06 -68.13
N SER L 269 -9.60 -47.28 -67.05
CA SER L 269 -9.29 -47.75 -65.70
C SER L 269 -10.18 -48.91 -65.27
N ALA L 270 -11.50 -48.81 -65.46
CA ALA L 270 -12.42 -49.90 -65.17
C ALA L 270 -12.23 -51.08 -66.12
N GLY L 271 -11.98 -50.83 -67.40
CA GLY L 271 -11.74 -51.87 -68.38
C GLY L 271 -10.50 -52.70 -68.04
N LEU L 272 -9.43 -52.07 -67.59
CA LEU L 272 -8.17 -52.74 -67.25
C LEU L 272 -8.37 -53.70 -66.09
N ARG L 273 -9.04 -53.28 -65.01
CA ARG L 273 -9.27 -54.18 -63.86
C ARG L 273 -10.06 -55.41 -64.29
N LEU L 274 -11.11 -55.23 -65.07
CA LEU L 274 -11.87 -56.35 -65.60
C LEU L 274 -10.98 -57.31 -66.40
N PHE L 275 -10.12 -56.77 -67.25
CA PHE L 275 -9.20 -57.59 -68.02
C PHE L 275 -8.20 -58.35 -67.14
N ALA L 276 -7.58 -57.69 -66.19
CA ALA L 276 -6.58 -58.28 -65.30
C ALA L 276 -7.15 -59.45 -64.50
N LEU L 277 -8.30 -59.27 -63.85
CA LEU L 277 -8.89 -60.30 -63.00
C LEU L 277 -9.42 -61.50 -63.81
N HIS L 278 -9.84 -61.29 -65.04
CA HIS L 278 -10.58 -62.29 -65.82
C HIS L 278 -9.97 -62.61 -67.18
N ALA L 279 -8.70 -62.34 -67.44
CA ALA L 279 -8.03 -62.84 -68.65
C ALA L 279 -8.13 -64.37 -68.79
N SER L 280 -8.22 -65.12 -67.68
CA SER L 280 -8.49 -66.55 -67.68
C SER L 280 -9.85 -66.89 -68.29
N GLN L 281 -10.78 -65.95 -68.27
CA GLN L 281 -12.03 -66.10 -68.99
C GLN L 281 -11.87 -66.01 -70.52
N PHE L 282 -10.88 -65.28 -71.04
CA PHE L 282 -10.81 -64.96 -72.47
C PHE L 282 -9.77 -65.77 -73.25
N SER L 283 -9.45 -66.98 -72.79
CA SER L 283 -8.27 -67.78 -73.18
C SER L 283 -7.87 -67.68 -74.66
N THR L 284 -8.71 -68.11 -75.60
CA THR L 284 -8.43 -68.04 -77.04
C THR L 284 -8.17 -66.62 -77.52
N CYS L 285 -8.99 -65.67 -77.10
CA CYS L 285 -8.98 -64.32 -77.66
C CYS L 285 -7.68 -63.56 -77.36
N LEU L 286 -6.99 -63.86 -76.26
CA LEU L 286 -5.63 -63.38 -76.01
C LEU L 286 -4.70 -63.61 -77.20
N LEU L 287 -4.87 -64.74 -77.89
CA LEU L 287 -4.01 -65.17 -78.99
C LEU L 287 -4.55 -64.78 -80.36
N ASP L 288 -5.80 -64.32 -80.46
CA ASP L 288 -6.32 -63.74 -81.69
C ASP L 288 -5.78 -62.32 -81.91
N ASN L 289 -6.00 -61.44 -80.93
CA ASN L 289 -5.76 -60.00 -81.03
C ASN L 289 -4.36 -59.57 -80.52
N TYR L 290 -3.43 -60.53 -80.42
CA TYR L 290 -2.31 -60.48 -79.49
C TYR L 290 -1.41 -59.24 -79.58
N VAL L 291 -1.05 -58.76 -80.78
CA VAL L 291 -0.19 -57.58 -80.89
C VAL L 291 -0.87 -56.34 -80.34
N SER L 292 -2.10 -56.09 -80.80
CA SER L 292 -2.87 -54.92 -80.44
C SER L 292 -3.12 -54.89 -78.94
N LEU L 293 -3.31 -56.06 -78.31
CA LEU L 293 -3.33 -56.18 -76.87
C LEU L 293 -2.02 -55.67 -76.31
N PHE L 294 -0.88 -56.31 -76.59
CA PHE L 294 0.35 -55.94 -75.91
C PHE L 294 0.89 -54.55 -76.32
N GLU L 295 0.62 -54.08 -77.53
CA GLU L 295 0.81 -52.70 -77.96
C GLU L 295 0.04 -51.73 -77.07
N VAL L 296 -1.27 -51.92 -76.92
CA VAL L 296 -2.10 -51.00 -76.15
C VAL L 296 -1.84 -51.14 -74.66
N LEU L 297 -1.77 -52.35 -74.11
CA LEU L 297 -1.42 -52.52 -72.71
C LEU L 297 -0.09 -51.83 -72.41
N LEU L 298 0.96 -52.08 -73.21
CA LEU L 298 2.24 -51.43 -72.99
C LEU L 298 2.16 -49.91 -73.20
N LYS L 299 1.34 -49.41 -74.13
CA LYS L 299 1.09 -47.97 -74.28
C LYS L 299 0.54 -47.37 -72.98
N TRP L 300 -0.34 -48.07 -72.26
CA TRP L 300 -0.83 -47.59 -70.97
C TRP L 300 0.24 -47.55 -69.87
N CYS L 301 1.33 -48.30 -69.95
CA CYS L 301 2.46 -48.13 -69.02
C CYS L 301 3.16 -46.76 -69.14
N ALA L 302 3.03 -46.05 -70.26
CA ALA L 302 3.59 -44.71 -70.40
C ALA L 302 2.77 -43.61 -69.69
N HIS L 303 1.55 -43.90 -69.25
CA HIS L 303 0.55 -42.84 -68.97
C HIS L 303 0.71 -42.19 -67.59
N THR L 304 0.44 -40.89 -67.48
CA THR L 304 0.89 -40.07 -66.33
C THR L 304 0.01 -40.18 -65.07
N ASN L 305 -1.24 -40.62 -65.16
CA ASN L 305 -2.06 -40.89 -63.97
C ASN L 305 -1.62 -42.19 -63.29
N VAL L 306 -1.36 -42.14 -61.98
CA VAL L 306 -0.74 -43.26 -61.26
C VAL L 306 -1.70 -44.43 -61.05
N GLU L 307 -2.96 -44.23 -60.71
CA GLU L 307 -3.89 -45.36 -60.60
C GLU L 307 -4.18 -46.02 -61.95
N LEU L 308 -4.19 -45.25 -63.04
CA LEU L 308 -4.23 -45.80 -64.39
C LEU L 308 -2.96 -46.61 -64.69
N LYS L 309 -1.78 -46.11 -64.30
CA LYS L 309 -0.51 -46.82 -64.45
C LYS L 309 -0.50 -48.12 -63.64
N LYS L 310 -1.01 -48.14 -62.41
CA LYS L 310 -1.16 -49.36 -61.61
C LYS L 310 -2.12 -50.36 -62.27
N ALA L 311 -3.24 -49.87 -62.81
CA ALA L 311 -4.16 -50.71 -63.56
C ALA L 311 -3.53 -51.24 -64.85
N ALA L 312 -2.67 -50.45 -65.50
CA ALA L 312 -1.89 -50.90 -66.63
C ALA L 312 -0.89 -51.98 -66.21
N LEU L 313 0.00 -51.72 -65.24
CA LEU L 313 1.01 -52.67 -64.80
C LEU L 313 0.39 -53.99 -64.36
N SER L 314 -0.72 -53.98 -63.62
CA SER L 314 -1.36 -55.22 -63.15
C SER L 314 -2.03 -56.02 -64.25
N ALA L 315 -2.40 -55.39 -65.36
CA ALA L 315 -3.01 -56.08 -66.50
C ALA L 315 -2.00 -56.89 -67.31
N LEU L 316 -0.83 -56.33 -67.61
CA LEU L 316 0.22 -57.04 -68.36
C LEU L 316 0.61 -58.36 -67.72
N GLU L 317 0.86 -58.39 -66.42
CA GLU L 317 1.28 -59.59 -65.71
C GLU L 317 0.31 -60.76 -65.94
N SER L 318 -0.99 -60.52 -65.71
CA SER L 318 -2.04 -61.53 -65.87
C SER L 318 -2.16 -61.97 -67.33
N PHE L 319 -1.99 -61.04 -68.25
CA PHE L 319 -2.01 -61.29 -69.68
C PHE L 319 -0.87 -62.22 -70.12
N LEU L 320 0.39 -61.89 -69.79
CA LEU L 320 1.55 -62.71 -70.15
C LEU L 320 1.47 -64.08 -69.49
N LYS L 321 1.09 -64.15 -68.22
CA LYS L 321 0.94 -65.39 -67.47
C LYS L 321 -0.05 -66.33 -68.15
N GLN L 322 -1.21 -65.82 -68.56
CA GLN L 322 -2.18 -66.60 -69.32
C GLN L 322 -1.64 -67.01 -70.70
N VAL L 323 -0.99 -66.11 -71.44
CA VAL L 323 -0.40 -66.44 -72.74
C VAL L 323 0.67 -67.53 -72.62
N SER L 324 1.45 -67.54 -71.55
CA SER L 324 2.45 -68.58 -71.28
C SER L 324 1.81 -69.95 -71.04
N ASN L 325 0.68 -70.02 -70.34
CA ASN L 325 -0.06 -71.26 -70.15
C ASN L 325 -0.59 -71.77 -71.50
N MET L 326 -1.10 -70.86 -72.32
CA MET L 326 -1.73 -71.17 -73.60
C MET L 326 -0.81 -71.96 -74.54
N VAL L 327 0.52 -71.82 -74.40
CA VAL L 327 1.48 -72.75 -75.07
C VAL L 327 2.36 -73.62 -74.16
N ALA L 328 2.19 -73.58 -72.83
CA ALA L 328 2.78 -74.60 -71.97
C ALA L 328 2.28 -76.00 -72.35
N LYS L 329 1.04 -76.07 -72.87
CA LYS L 329 0.42 -77.25 -73.48
C LYS L 329 -0.22 -76.92 -74.84
N ASN L 330 0.62 -76.51 -75.80
CA ASN L 330 0.27 -76.49 -77.23
C ASN L 330 1.50 -76.75 -78.14
N ALA L 331 1.22 -77.19 -79.36
CA ALA L 331 2.18 -77.54 -80.40
C ALA L 331 2.96 -76.37 -81.02
N GLU L 332 3.82 -76.70 -81.98
CA GLU L 332 4.73 -75.81 -82.71
C GLU L 332 4.06 -74.64 -83.44
N MET L 333 2.75 -74.69 -83.66
CA MET L 333 1.98 -73.67 -84.37
C MET L 333 2.33 -72.24 -83.95
N HIS L 334 2.56 -72.03 -82.65
CA HIS L 334 2.77 -70.72 -82.05
C HIS L 334 4.21 -70.21 -82.10
N LYS L 335 5.13 -70.85 -82.85
CA LYS L 335 6.49 -70.30 -83.03
C LYS L 335 6.45 -68.88 -83.60
N ASN L 336 5.49 -68.56 -84.45
CA ASN L 336 5.24 -67.19 -84.91
C ASN L 336 4.92 -66.20 -83.77
N LYS L 337 4.10 -66.57 -82.78
CA LYS L 337 3.79 -65.71 -81.63
C LYS L 337 4.99 -65.57 -80.71
N LEU L 338 5.66 -66.66 -80.38
CA LEU L 338 6.84 -66.63 -79.50
C LEU L 338 7.98 -65.82 -80.11
N GLN L 339 8.21 -65.98 -81.41
CA GLN L 339 9.15 -65.14 -82.16
C GLN L 339 8.82 -63.64 -82.06
N TYR L 340 7.54 -63.25 -81.93
CA TYR L 340 7.18 -61.87 -81.64
C TYR L 340 7.51 -61.48 -80.20
N PHE L 341 7.12 -62.26 -79.20
CA PHE L 341 7.43 -61.89 -77.81
C PHE L 341 8.93 -61.92 -77.50
N MET L 342 9.61 -63.01 -77.88
CA MET L 342 11.05 -63.22 -77.69
C MET L 342 11.90 -62.18 -78.43
N GLU L 343 11.40 -61.60 -79.51
CA GLU L 343 12.04 -60.47 -80.17
C GLU L 343 11.72 -59.15 -79.45
N GLN L 344 10.43 -58.83 -79.34
CA GLN L 344 10.04 -57.43 -79.27
C GLN L 344 10.31 -56.80 -77.90
N PHE L 345 9.83 -57.40 -76.80
CA PHE L 345 10.13 -56.82 -75.49
C PHE L 345 11.59 -57.06 -75.09
N TYR L 346 12.25 -58.08 -75.63
CA TYR L 346 13.70 -58.21 -75.54
C TYR L 346 14.40 -56.99 -76.17
N GLY L 347 13.92 -56.53 -77.33
CA GLY L 347 14.32 -55.28 -77.94
C GLY L 347 14.06 -54.04 -77.08
N ILE L 348 13.13 -54.10 -76.14
CA ILE L 348 12.94 -53.05 -75.13
C ILE L 348 14.00 -53.16 -74.04
N ILE L 349 14.09 -54.33 -73.38
CA ILE L 349 15.04 -54.58 -72.27
C ILE L 349 16.46 -54.23 -72.69
N ARG L 350 16.89 -54.68 -73.88
CA ARG L 350 18.24 -54.48 -74.43
C ARG L 350 18.56 -53.07 -74.95
N ASN L 351 17.64 -52.10 -74.86
CA ASN L 351 17.86 -50.74 -75.38
C ASN L 351 17.38 -49.60 -74.47
N VAL L 352 16.15 -49.73 -73.95
CA VAL L 352 15.32 -48.58 -73.58
C VAL L 352 15.86 -47.73 -72.43
N ASP L 353 15.70 -46.41 -72.53
CA ASP L 353 16.07 -45.46 -71.47
C ASP L 353 14.94 -45.24 -70.44
N SER L 354 13.83 -45.97 -70.57
CA SER L 354 12.58 -45.74 -69.85
C SER L 354 12.57 -46.31 -68.43
N ASN L 355 11.49 -46.04 -67.71
CA ASN L 355 11.38 -46.31 -66.29
C ASN L 355 11.53 -47.79 -65.93
N ASN L 356 11.99 -48.03 -64.69
CA ASN L 356 12.18 -49.35 -64.15
C ASN L 356 10.92 -50.21 -64.18
N LYS L 357 9.72 -49.61 -64.19
CA LYS L 357 8.43 -50.31 -64.36
C LYS L 357 8.31 -50.97 -65.74
N GLU L 358 8.57 -50.24 -66.82
CA GLU L 358 8.60 -50.77 -68.18
C GLU L 358 9.70 -51.81 -68.37
N LEU L 359 10.87 -51.56 -67.79
CA LEU L 359 11.98 -52.50 -67.87
C LEU L 359 11.62 -53.81 -67.14
N SER L 360 11.24 -53.74 -65.87
CA SER L 360 11.02 -54.92 -65.05
C SER L 360 9.81 -55.74 -65.46
N ILE L 361 8.74 -55.17 -66.01
CA ILE L 361 7.66 -55.99 -66.59
C ILE L 361 8.14 -56.77 -67.82
N ALA L 362 9.08 -56.22 -68.58
CA ALA L 362 9.73 -56.95 -69.65
C ALA L 362 10.67 -58.05 -69.12
N ILE L 363 11.51 -57.77 -68.11
CA ILE L 363 12.33 -58.79 -67.41
C ILE L 363 11.46 -59.97 -66.96
N ARG L 364 10.32 -59.66 -66.33
CA ARG L 364 9.32 -60.63 -65.90
C ARG L 364 8.88 -61.50 -67.06
N GLY L 365 8.60 -60.88 -68.21
CA GLY L 365 8.13 -61.56 -69.40
C GLY L 365 9.06 -62.69 -69.83
N TYR L 366 10.35 -62.41 -69.94
CA TYR L 366 11.34 -63.42 -70.33
C TYR L 366 11.29 -64.64 -69.40
N GLY L 367 11.26 -64.43 -68.08
CA GLY L 367 11.19 -65.52 -67.12
C GLY L 367 10.03 -66.50 -67.35
N LEU L 368 8.85 -66.02 -67.77
CA LEU L 368 7.66 -66.86 -67.95
C LEU L 368 7.79 -67.84 -69.13
N PHE L 369 8.46 -67.43 -70.20
CA PHE L 369 8.44 -68.13 -71.48
C PHE L 369 9.38 -69.34 -71.58
N ALA L 370 10.15 -69.68 -70.54
CA ALA L 370 10.95 -70.91 -70.52
C ALA L 370 10.10 -72.17 -70.75
N GLY L 371 8.92 -72.26 -70.13
CA GLY L 371 8.00 -73.42 -70.19
C GLY L 371 7.34 -73.65 -71.55
N PRO L 372 6.93 -72.59 -72.24
CA PRO L 372 6.75 -72.58 -73.67
C PRO L 372 7.99 -73.05 -74.44
N CYS L 373 9.14 -72.42 -74.21
CA CYS L 373 10.31 -72.56 -75.09
C CYS L 373 10.95 -73.95 -75.01
N LYS L 374 10.99 -74.58 -73.82
CA LYS L 374 11.51 -75.94 -73.61
C LYS L 374 10.85 -77.02 -74.46
N VAL L 375 9.63 -76.77 -74.94
CA VAL L 375 8.90 -77.70 -75.82
C VAL L 375 9.52 -77.78 -77.22
N ILE L 376 10.05 -76.66 -77.75
CA ILE L 376 10.68 -76.64 -79.08
C ILE L 376 12.17 -76.98 -79.03
N ASN L 377 12.89 -76.54 -77.99
CA ASN L 377 14.33 -76.79 -77.87
C ASN L 377 14.84 -76.65 -76.43
N ALA L 378 15.28 -77.75 -75.82
CA ALA L 378 15.93 -77.73 -74.52
C ALA L 378 17.23 -76.90 -74.52
N LYS L 379 17.95 -76.86 -75.65
CA LYS L 379 19.18 -76.06 -75.85
C LYS L 379 18.93 -74.59 -76.22
N ASP L 380 17.77 -74.06 -75.87
CA ASP L 380 17.60 -72.62 -75.61
C ASP L 380 17.32 -72.32 -74.13
N VAL L 381 16.90 -73.32 -73.34
CA VAL L 381 16.47 -73.16 -71.94
C VAL L 381 17.63 -72.82 -71.02
N ASP L 382 18.73 -73.56 -71.15
CA ASP L 382 19.95 -73.29 -70.40
C ASP L 382 20.50 -71.92 -70.75
N PHE L 383 20.67 -71.58 -72.03
CA PHE L 383 21.12 -70.25 -72.42
C PHE L 383 20.22 -69.10 -71.93
N MET L 384 18.89 -69.26 -71.88
CA MET L 384 18.03 -68.24 -71.25
C MET L 384 18.12 -68.20 -69.71
N TYR L 385 18.80 -69.15 -69.06
CA TYR L 385 19.19 -69.08 -67.64
C TYR L 385 20.61 -68.52 -67.44
N VAL L 386 21.57 -69.09 -68.16
CA VAL L 386 23.01 -68.80 -68.12
C VAL L 386 23.26 -67.31 -68.32
N GLU L 387 22.59 -66.72 -69.31
CA GLU L 387 22.72 -65.30 -69.63
C GLU L 387 22.05 -64.38 -68.59
N LEU L 388 20.91 -64.78 -68.04
CA LEU L 388 20.25 -64.07 -66.95
C LEU L 388 21.12 -64.06 -65.69
N ILE L 389 21.75 -65.19 -65.34
CA ILE L 389 22.74 -65.25 -64.24
C ILE L 389 23.90 -64.30 -64.50
N GLN L 390 24.46 -64.28 -65.70
CA GLN L 390 25.57 -63.38 -66.02
C GLN L 390 25.14 -61.90 -65.94
N ARG L 391 23.88 -61.58 -66.25
CA ARG L 391 23.32 -60.25 -65.96
C ARG L 391 23.18 -59.98 -64.47
N CYS L 392 22.73 -60.93 -63.65
CA CYS L 392 22.63 -60.75 -62.20
C CYS L 392 24.01 -60.54 -61.56
N LYS L 393 25.01 -61.35 -61.95
CA LYS L 393 26.41 -61.25 -61.52
C LYS L 393 27.05 -59.89 -61.80
N GLN L 394 26.49 -59.08 -62.69
CA GLN L 394 26.85 -57.65 -62.81
C GLN L 394 25.80 -56.67 -62.28
N MET L 395 24.50 -57.00 -62.19
CA MET L 395 23.50 -56.08 -61.61
C MET L 395 23.65 -55.89 -60.10
N PHE L 396 24.19 -56.85 -59.36
CA PHE L 396 24.57 -56.62 -57.96
C PHE L 396 25.87 -55.79 -57.82
N LEU L 397 26.68 -55.76 -58.88
CA LEU L 397 28.10 -55.40 -58.86
C LEU L 397 28.36 -53.94 -59.31
N THR L 398 27.36 -53.09 -59.12
CA THR L 398 27.41 -51.62 -59.26
C THR L 398 28.38 -50.95 -58.27
N GLN L 399 28.88 -51.69 -57.26
CA GLN L 399 29.84 -51.28 -56.23
C GLN L 399 29.29 -50.18 -55.28
N THR L 400 28.31 -50.53 -54.43
CA THR L 400 27.62 -49.56 -53.57
C THR L 400 27.16 -48.33 -54.37
N ASP L 401 26.20 -48.57 -55.26
CA ASP L 401 25.54 -47.50 -56.00
C ASP L 401 24.23 -47.19 -55.26
N THR L 402 24.29 -46.25 -54.33
CA THR L 402 23.20 -46.02 -53.40
C THR L 402 22.06 -45.23 -54.04
N GLY L 403 20.83 -45.63 -53.72
CA GLY L 403 19.65 -44.85 -54.03
C GLY L 403 19.09 -45.00 -55.43
N ASP L 404 19.70 -45.82 -56.28
CA ASP L 404 19.26 -45.93 -57.66
C ASP L 404 19.04 -47.35 -58.14
N ASP L 405 19.88 -48.29 -57.74
CA ASP L 405 19.96 -49.56 -58.44
C ASP L 405 19.08 -50.64 -57.84
N ARG L 406 18.86 -50.69 -56.52
CA ARG L 406 17.89 -51.63 -55.91
C ARG L 406 16.41 -51.30 -56.14
N VAL L 407 16.06 -50.07 -56.53
CA VAL L 407 14.76 -49.41 -56.23
C VAL L 407 13.51 -50.16 -56.69
N TYR L 408 13.56 -50.82 -57.84
CA TYR L 408 12.59 -51.84 -58.27
C TYR L 408 13.25 -53.09 -58.87
N GLN L 409 14.57 -53.08 -59.07
CA GLN L 409 15.16 -53.88 -60.14
C GLN L 409 15.43 -55.34 -59.81
N MET L 410 16.27 -55.67 -58.82
CA MET L 410 16.62 -57.08 -58.60
C MET L 410 15.49 -58.02 -58.15
N PRO L 411 14.40 -57.63 -57.49
CA PRO L 411 13.30 -58.59 -57.27
C PRO L 411 12.77 -59.14 -58.59
N SER L 412 12.79 -58.38 -59.68
CA SER L 412 12.36 -58.89 -60.99
C SER L 412 13.33 -59.91 -61.57
N PHE L 413 14.65 -59.77 -61.39
CA PHE L 413 15.60 -60.83 -61.76
C PHE L 413 15.37 -62.08 -60.93
N LEU L 414 15.18 -61.97 -59.62
CA LEU L 414 14.84 -63.12 -58.77
C LEU L 414 13.56 -63.79 -59.28
N GLN L 415 12.51 -63.00 -59.51
CA GLN L 415 11.20 -63.51 -59.92
C GLN L 415 11.28 -64.26 -61.25
N SER L 416 12.08 -63.78 -62.20
CA SER L 416 12.26 -64.38 -63.53
C SER L 416 13.31 -65.49 -63.56
N VAL L 417 14.41 -65.38 -62.82
CA VAL L 417 15.38 -66.48 -62.70
C VAL L 417 14.73 -67.65 -61.98
N ALA L 418 13.86 -67.40 -61.02
CA ALA L 418 13.08 -68.43 -60.37
C ALA L 418 12.20 -69.20 -61.36
N SER L 419 11.75 -68.60 -62.46
CA SER L 419 10.91 -69.29 -63.44
C SER L 419 11.70 -69.95 -64.57
N VAL L 420 12.81 -69.39 -65.07
CA VAL L 420 13.74 -70.19 -65.91
C VAL L 420 14.34 -71.34 -65.13
N LEU L 421 14.58 -71.15 -63.83
CA LEU L 421 14.97 -72.22 -62.93
C LEU L 421 13.84 -73.26 -62.87
N LEU L 422 12.59 -72.87 -62.58
CA LEU L 422 11.45 -73.78 -62.42
C LEU L 422 11.34 -74.77 -63.57
N TYR L 423 11.54 -74.29 -64.80
CA TYR L 423 11.39 -75.10 -66.01
C TYR L 423 12.62 -75.95 -66.40
N LEU L 424 13.83 -75.65 -65.93
CA LEU L 424 14.99 -76.56 -66.09
C LEU L 424 14.79 -77.85 -65.29
N ASP L 425 15.05 -79.01 -65.91
CA ASP L 425 15.03 -80.32 -65.25
C ASP L 425 16.39 -80.67 -64.61
N THR L 426 17.49 -80.53 -65.36
CA THR L 426 18.87 -80.58 -64.86
C THR L 426 19.25 -79.30 -64.11
N VAL L 427 20.36 -79.27 -63.38
CA VAL L 427 20.88 -78.04 -62.75
C VAL L 427 22.39 -77.89 -63.00
N PRO L 428 22.88 -76.72 -63.46
CA PRO L 428 24.30 -76.40 -63.47
C PRO L 428 24.79 -76.11 -62.05
N GLU L 429 25.29 -77.15 -61.38
CA GLU L 429 25.68 -77.05 -59.97
C GLU L 429 26.71 -75.93 -59.73
N VAL L 430 27.58 -75.71 -60.72
CA VAL L 430 28.59 -74.64 -60.77
C VAL L 430 28.04 -73.23 -60.63
N TYR L 431 26.74 -73.01 -60.85
CA TYR L 431 26.08 -71.72 -60.63
C TYR L 431 25.20 -71.70 -59.38
N THR L 432 25.01 -72.82 -58.69
CA THR L 432 24.34 -72.84 -57.38
C THR L 432 24.93 -71.82 -56.41
N PRO L 433 26.25 -71.65 -56.30
CA PRO L 433 26.82 -70.64 -55.42
C PRO L 433 26.39 -69.22 -55.79
N VAL L 434 26.35 -68.90 -57.09
CA VAL L 434 25.96 -67.59 -57.61
C VAL L 434 24.49 -67.33 -57.37
N LEU L 435 23.64 -68.30 -57.75
CA LEU L 435 22.22 -68.30 -57.49
C LEU L 435 21.93 -67.99 -56.02
N GLU L 436 22.54 -68.73 -55.10
CA GLU L 436 22.31 -68.50 -53.68
C GLU L 436 22.88 -67.18 -53.19
N HIS L 437 24.03 -66.74 -53.68
CA HIS L 437 24.56 -65.42 -53.38
C HIS L 437 23.59 -64.32 -53.81
N LEU L 438 22.94 -64.44 -54.96
CA LEU L 438 21.93 -63.48 -55.40
C LEU L 438 20.67 -63.54 -54.53
N VAL L 439 20.24 -64.72 -54.08
CA VAL L 439 19.13 -64.83 -53.11
C VAL L 439 19.47 -64.13 -51.81
N VAL L 440 20.66 -64.38 -51.25
CA VAL L 440 21.16 -63.66 -50.07
C VAL L 440 21.12 -62.16 -50.31
N MET L 441 21.52 -61.69 -51.49
CA MET L 441 21.54 -60.27 -51.77
C MET L 441 20.15 -59.63 -51.76
N GLN L 442 19.07 -60.38 -52.00
CA GLN L 442 17.72 -59.87 -51.80
C GLN L 442 17.41 -59.70 -50.31
N ILE L 443 17.68 -60.72 -49.49
CA ILE L 443 17.51 -60.61 -48.03
C ILE L 443 18.25 -59.38 -47.51
N ASP L 444 19.47 -59.16 -47.99
CA ASP L 444 20.33 -58.05 -47.59
C ASP L 444 19.85 -56.66 -48.05
N SER L 445 18.85 -56.57 -48.92
CA SER L 445 18.39 -55.31 -49.54
C SER L 445 16.91 -55.03 -49.39
N PHE L 446 16.14 -56.02 -48.94
CA PHE L 446 14.75 -55.89 -48.51
C PHE L 446 14.39 -54.60 -47.75
N PRO L 447 15.21 -54.08 -46.81
CA PRO L 447 14.86 -52.89 -46.02
C PRO L 447 14.73 -51.61 -46.83
N GLN L 448 15.28 -51.59 -48.04
CA GLN L 448 15.46 -50.37 -48.82
C GLN L 448 14.20 -49.96 -49.59
N TYR L 449 13.21 -50.85 -49.72
CA TYR L 449 12.03 -50.61 -50.55
C TYR L 449 10.89 -49.86 -49.86
N SER L 450 10.00 -49.29 -50.65
CA SER L 450 8.70 -48.75 -50.26
C SER L 450 7.68 -49.86 -49.90
N PRO L 451 6.56 -49.58 -49.23
CA PRO L 451 5.80 -50.61 -48.50
C PRO L 451 5.15 -51.66 -49.39
N LYS L 452 4.42 -51.27 -50.45
CA LYS L 452 3.86 -52.25 -51.41
C LYS L 452 4.97 -53.00 -52.14
N MET L 453 6.12 -52.38 -52.36
CA MET L 453 7.27 -53.00 -53.01
C MET L 453 8.07 -53.92 -52.06
N GLN L 454 8.05 -53.69 -50.74
CA GLN L 454 8.45 -54.68 -49.75
C GLN L 454 7.50 -55.88 -49.75
N LEU L 455 6.21 -55.78 -50.07
CA LEU L 455 5.42 -56.99 -50.33
C LEU L 455 5.89 -57.72 -51.60
N VAL L 456 6.10 -56.99 -52.71
CA VAL L 456 6.55 -57.59 -53.97
C VAL L 456 7.90 -58.30 -53.84
N CYS L 457 8.81 -57.75 -53.05
CA CYS L 457 10.06 -58.42 -52.72
C CYS L 457 9.84 -59.76 -52.01
N CYS L 458 8.99 -59.79 -50.97
CA CYS L 458 8.64 -61.05 -50.34
C CYS L 458 8.09 -62.02 -51.38
N ARG L 459 7.23 -61.56 -52.30
CA ARG L 459 6.66 -62.42 -53.34
C ARG L 459 7.77 -63.01 -54.22
N ALA L 460 8.74 -62.21 -54.63
CA ALA L 460 9.91 -62.70 -55.37
C ALA L 460 10.72 -63.73 -54.59
N ILE L 461 11.12 -63.41 -53.36
CA ILE L 461 11.97 -64.30 -52.58
C ILE L 461 11.21 -65.56 -52.14
N VAL L 462 9.91 -65.46 -51.91
CA VAL L 462 9.03 -66.60 -51.67
C VAL L 462 9.00 -67.45 -52.92
N LYS L 463 8.76 -66.95 -54.14
CA LYS L 463 8.67 -67.85 -55.32
C LYS L 463 9.96 -68.62 -55.64
N VAL L 464 11.16 -68.07 -55.44
CA VAL L 464 12.39 -68.84 -55.74
C VAL L 464 12.58 -70.04 -54.81
N PHE L 465 12.16 -69.98 -53.55
CA PHE L 465 12.30 -71.12 -52.63
C PHE L 465 11.46 -72.32 -53.08
N LEU L 466 10.22 -72.08 -53.56
CA LEU L 466 9.38 -73.15 -54.11
C LEU L 466 10.07 -73.83 -55.28
N ALA L 467 10.67 -73.01 -56.14
CA ALA L 467 11.29 -73.46 -57.35
C ALA L 467 12.48 -74.40 -57.06
N LEU L 468 13.27 -74.16 -56.00
CA LEU L 468 14.33 -75.10 -55.63
C LEU L 468 13.77 -76.42 -55.11
N ALA L 469 12.77 -76.38 -54.23
CA ALA L 469 12.24 -77.60 -53.60
C ALA L 469 11.68 -78.62 -54.60
N ALA L 470 11.15 -78.16 -55.73
CA ALA L 470 10.69 -79.01 -56.82
C ALA L 470 11.81 -79.85 -57.47
N LYS L 471 13.08 -79.43 -57.34
CA LYS L 471 14.26 -80.13 -57.91
C LYS L 471 14.72 -81.33 -57.07
N GLY L 472 13.97 -81.70 -56.04
CA GLY L 472 14.38 -82.70 -55.09
C GLY L 472 15.59 -82.30 -54.24
N PRO L 473 16.14 -83.25 -53.48
CA PRO L 473 17.01 -82.94 -52.35
C PRO L 473 18.38 -82.35 -52.63
N VAL L 474 18.92 -82.48 -53.86
CA VAL L 474 20.22 -81.89 -54.20
C VAL L 474 20.30 -80.38 -53.96
N LEU L 475 19.17 -79.67 -54.03
CA LEU L 475 19.08 -78.26 -53.64
C LEU L 475 18.45 -78.02 -52.25
N ARG L 476 17.86 -79.02 -51.59
CA ARG L 476 17.28 -78.82 -50.25
C ARG L 476 18.32 -78.39 -49.24
N ASN L 477 19.50 -79.00 -49.22
CA ASN L 477 20.54 -78.53 -48.32
C ASN L 477 20.99 -77.11 -48.69
N CYS L 478 20.93 -76.71 -49.95
CA CYS L 478 21.19 -75.33 -50.35
C CYS L 478 20.15 -74.35 -49.78
N ILE L 479 18.85 -74.69 -49.77
CA ILE L 479 17.84 -73.92 -49.02
C ILE L 479 18.30 -73.70 -47.58
N SER L 480 18.74 -74.75 -46.89
CA SER L 480 19.18 -74.58 -45.51
C SER L 480 20.34 -73.58 -45.39
N THR L 481 21.28 -73.59 -46.34
CA THR L 481 22.41 -72.65 -46.29
C THR L 481 21.99 -71.21 -46.52
N VAL L 482 21.00 -70.91 -47.37
CA VAL L 482 20.65 -69.51 -47.60
C VAL L 482 20.03 -68.84 -46.40
N VAL L 483 19.07 -69.49 -45.75
CA VAL L 483 18.41 -68.89 -44.58
C VAL L 483 19.39 -68.81 -43.41
N HIS L 484 20.27 -69.79 -43.23
CA HIS L 484 21.38 -69.68 -42.29
C HIS L 484 22.27 -68.47 -42.59
N GLN L 485 22.70 -68.32 -43.85
CA GLN L 485 23.60 -67.25 -44.25
C GLN L 485 22.95 -65.87 -44.10
N GLY L 486 21.72 -65.70 -44.56
CA GLY L 486 20.99 -64.45 -44.41
C GLY L 486 20.77 -64.09 -42.95
N LEU L 487 20.45 -65.08 -42.11
CA LEU L 487 20.27 -64.85 -40.68
C LEU L 487 21.56 -64.37 -40.02
N ILE L 488 22.71 -64.97 -40.32
CA ILE L 488 24.00 -64.48 -39.82
C ILE L 488 24.21 -63.01 -40.19
N ARG L 489 23.91 -62.63 -41.42
CA ARG L 489 24.10 -61.23 -41.83
C ARG L 489 23.15 -60.26 -41.13
N ILE L 490 21.90 -60.62 -40.85
CA ILE L 490 21.03 -59.74 -40.07
C ILE L 490 21.39 -59.71 -38.59
N CYS L 491 21.66 -60.82 -37.91
CA CYS L 491 21.96 -60.74 -36.47
C CYS L 491 23.32 -60.09 -36.17
N SER L 492 24.24 -60.07 -37.14
CA SER L 492 25.49 -59.30 -37.08
C SER L 492 25.36 -57.85 -37.61
N LYS L 493 24.19 -57.44 -38.11
CA LYS L 493 23.89 -56.04 -38.44
C LYS L 493 23.92 -55.22 -37.13
N PRO L 494 24.58 -54.04 -37.10
CA PRO L 494 24.91 -53.37 -35.83
C PRO L 494 23.70 -52.92 -35.03
N VAL L 495 23.87 -52.79 -33.70
CA VAL L 495 22.86 -52.30 -32.76
C VAL L 495 23.45 -51.37 -31.69
N VAL L 496 22.62 -50.44 -31.19
CA VAL L 496 23.00 -49.42 -30.20
C VAL L 496 21.87 -49.18 -29.19
N LEU L 497 22.21 -48.65 -28.02
CA LEU L 497 21.29 -48.43 -26.88
C LEU L 497 21.43 -47.02 -26.32
N PRO L 522 18.77 -51.42 -41.82
CA PRO L 522 20.01 -51.26 -41.09
C PRO L 522 19.99 -51.81 -39.66
N THR L 523 18.87 -52.38 -39.18
CA THR L 523 18.73 -52.99 -37.84
C THR L 523 17.86 -54.26 -37.88
N TYR L 524 17.92 -55.12 -36.87
CA TYR L 524 17.10 -56.33 -36.80
C TYR L 524 15.59 -56.08 -36.97
N LYS L 525 15.07 -54.95 -36.47
CA LYS L 525 13.66 -54.56 -36.65
C LYS L 525 13.29 -54.23 -38.09
N ASP L 526 14.24 -53.87 -38.95
CA ASP L 526 13.98 -53.59 -40.36
C ASP L 526 13.76 -54.84 -41.22
N TYR L 527 14.07 -56.02 -40.69
CA TYR L 527 13.99 -57.31 -41.40
C TYR L 527 12.84 -58.18 -40.94
N VAL L 528 12.35 -58.04 -39.71
CA VAL L 528 11.39 -59.00 -39.14
C VAL L 528 10.09 -59.11 -39.92
N ASP L 529 9.68 -58.05 -40.64
CA ASP L 529 8.49 -58.12 -41.52
C ASP L 529 8.66 -59.16 -42.63
N LEU L 530 9.81 -59.21 -43.29
CA LEU L 530 10.14 -60.21 -44.30
C LEU L 530 10.04 -61.60 -43.71
N PHE L 531 10.78 -61.86 -42.64
CA PHE L 531 10.82 -63.20 -42.07
C PHE L 531 9.46 -63.59 -41.52
N ARG L 532 8.68 -62.66 -40.96
CA ARG L 532 7.31 -62.95 -40.56
C ARG L 532 6.51 -63.35 -41.78
N HIS L 533 6.50 -62.59 -42.88
CA HIS L 533 5.77 -62.99 -44.08
C HIS L 533 6.22 -64.37 -44.56
N LEU L 534 7.53 -64.54 -44.77
CA LEU L 534 8.14 -65.76 -45.23
C LEU L 534 7.69 -66.96 -44.40
N LEU L 535 7.90 -66.94 -43.07
CA LEU L 535 7.58 -68.02 -42.13
C LEU L 535 6.08 -68.14 -41.79
N SER L 536 5.19 -67.26 -42.31
CA SER L 536 3.77 -67.29 -41.97
C SER L 536 2.81 -67.49 -43.13
N SER L 537 3.13 -66.99 -44.33
CA SER L 537 2.12 -66.66 -45.37
C SER L 537 1.59 -67.89 -46.12
N ASP L 538 0.51 -68.48 -45.63
CA ASP L 538 -0.08 -69.71 -46.18
C ASP L 538 -0.84 -69.54 -47.51
N GLN L 539 -1.17 -68.31 -47.91
CA GLN L 539 -2.07 -68.05 -49.04
C GLN L 539 -1.37 -68.13 -50.42
N MET L 540 -0.03 -68.04 -50.46
CA MET L 540 0.77 -67.81 -51.69
C MET L 540 0.81 -68.99 -52.68
N MET L 541 0.44 -70.20 -52.23
CA MET L 541 0.37 -71.40 -53.07
C MET L 541 -0.88 -71.40 -53.96
N ASP L 542 -2.06 -71.18 -53.36
CA ASP L 542 -3.33 -71.10 -54.09
C ASP L 542 -3.50 -69.75 -54.81
N SER L 543 -3.16 -68.64 -54.15
CA SER L 543 -3.38 -67.29 -54.69
C SER L 543 -2.27 -66.86 -55.65
N SER L 557 1.78 -74.58 -50.00
CA SER L 557 2.32 -73.58 -49.09
C SER L 557 2.56 -74.17 -47.72
N GLU L 558 1.65 -74.96 -47.16
CA GLU L 558 1.81 -75.44 -45.79
C GLU L 558 3.06 -76.31 -45.65
N SER L 559 3.34 -77.19 -46.62
CA SER L 559 4.53 -78.04 -46.60
C SER L 559 5.83 -77.26 -46.80
N LEU L 560 5.82 -76.17 -47.57
CA LEU L 560 6.94 -75.21 -47.61
C LEU L 560 7.06 -74.46 -46.27
N ASN L 561 6.02 -73.80 -45.81
CA ASN L 561 6.05 -72.96 -44.62
C ASN L 561 6.45 -73.77 -43.40
N HIS L 562 6.05 -75.04 -43.34
CA HIS L 562 6.58 -76.05 -42.41
C HIS L 562 8.09 -76.28 -42.60
N LEU L 563 8.52 -76.75 -43.78
CA LEU L 563 9.93 -77.06 -44.03
C LEU L 563 10.85 -75.89 -43.74
N LEU L 564 10.46 -74.70 -44.20
CA LEU L 564 11.24 -73.49 -44.05
C LEU L 564 11.28 -73.02 -42.60
N TYR L 565 10.24 -73.27 -41.82
CA TYR L 565 10.30 -73.06 -40.38
C TYR L 565 11.35 -73.98 -39.77
N ASP L 566 11.33 -75.27 -40.09
CA ASP L 566 12.35 -76.21 -39.61
C ASP L 566 13.76 -75.79 -40.02
N GLU L 567 14.00 -75.31 -41.24
CA GLU L 567 15.30 -74.76 -41.62
C GLU L 567 15.68 -73.51 -40.82
N PHE L 568 14.74 -72.61 -40.59
CA PHE L 568 15.01 -71.42 -39.79
C PHE L 568 15.39 -71.82 -38.37
N VAL L 569 14.57 -72.59 -37.67
CA VAL L 569 14.85 -72.93 -36.29
C VAL L 569 16.12 -73.76 -36.17
N LYS L 570 16.43 -74.69 -37.11
CA LYS L 570 17.76 -75.35 -37.18
C LYS L 570 18.90 -74.35 -37.16
N SER L 571 18.83 -73.31 -37.98
CA SER L 571 19.93 -72.36 -38.07
C SER L 571 20.23 -71.68 -36.74
N VAL L 572 19.24 -71.54 -35.83
CA VAL L 572 19.46 -70.99 -34.48
C VAL L 572 20.41 -71.87 -33.66
N LEU L 573 20.25 -73.19 -33.73
CA LEU L 573 21.14 -74.08 -33.01
C LEU L 573 22.51 -74.15 -33.67
N LYS L 574 22.60 -74.12 -35.01
CA LYS L 574 23.89 -74.00 -35.69
C LYS L 574 24.61 -72.71 -35.27
N ILE L 575 23.94 -71.55 -35.31
CA ILE L 575 24.60 -70.29 -35.01
C ILE L 575 25.03 -70.20 -33.56
N VAL L 576 24.22 -70.64 -32.58
CA VAL L 576 24.63 -70.58 -31.18
C VAL L 576 25.85 -71.45 -30.89
N GLU L 577 25.96 -72.63 -31.51
CA GLU L 577 27.15 -73.47 -31.41
C GLU L 577 28.39 -72.86 -32.08
N LYS L 578 28.22 -71.98 -33.08
CA LYS L 578 29.32 -71.21 -33.66
C LYS L 578 29.82 -70.12 -32.70
N LEU L 579 28.94 -69.53 -31.89
CA LEU L 579 29.36 -68.53 -30.90
C LEU L 579 30.19 -69.18 -29.79
N ASP L 580 31.18 -68.49 -29.25
CA ASP L 580 31.91 -68.95 -28.06
C ASP L 580 31.30 -68.42 -26.75
N LEU L 581 30.82 -67.16 -26.74
CA LEU L 581 30.25 -66.47 -25.58
C LEU L 581 31.12 -66.51 -24.30
N THR L 582 32.44 -66.62 -24.43
CA THR L 582 33.36 -66.55 -23.28
C THR L 582 33.28 -65.18 -22.60
N LEU L 583 33.62 -65.13 -21.32
CA LEU L 583 33.16 -64.07 -20.42
C LEU L 583 34.30 -63.36 -19.65
N GLU L 584 35.54 -63.76 -19.88
CA GLU L 584 36.71 -63.26 -19.15
C GLU L 584 37.21 -61.89 -19.64
N ILE L 585 37.68 -61.07 -18.70
CA ILE L 585 38.37 -59.79 -18.94
C ILE L 585 39.59 -59.96 -19.85
N ALA L 609 29.04 -58.31 -10.35
CA ALA L 609 28.74 -58.97 -11.62
C ALA L 609 29.17 -58.09 -12.79
N ALA L 610 29.38 -56.80 -12.57
CA ALA L 610 29.99 -55.86 -13.53
C ALA L 610 31.52 -56.03 -13.73
N ASN L 611 32.17 -56.90 -12.97
CA ASN L 611 33.64 -57.03 -12.90
C ASN L 611 34.30 -57.78 -14.09
N LEU L 612 33.57 -58.00 -15.19
CA LEU L 612 33.99 -58.74 -16.38
C LEU L 612 33.51 -58.09 -17.69
N HIS L 613 34.09 -58.52 -18.81
CA HIS L 613 33.68 -58.23 -20.19
C HIS L 613 33.66 -59.51 -21.04
N PRO L 614 32.78 -59.59 -22.06
CA PRO L 614 32.72 -60.74 -22.95
C PRO L 614 33.96 -60.82 -23.84
N ALA L 615 34.11 -61.95 -24.52
CA ALA L 615 35.21 -62.26 -25.44
C ALA L 615 35.62 -61.10 -26.36
N LYS L 616 34.64 -60.52 -27.06
CA LYS L 616 34.79 -59.53 -28.13
C LYS L 616 33.41 -58.96 -28.54
N PRO L 617 33.27 -57.65 -28.78
CA PRO L 617 31.96 -57.02 -29.03
C PRO L 617 31.34 -57.44 -30.37
N LYS L 618 32.16 -57.68 -31.39
CA LYS L 618 31.70 -58.14 -32.72
C LYS L 618 31.14 -59.56 -32.69
N ASP L 619 31.48 -60.37 -31.68
CA ASP L 619 30.77 -61.63 -31.40
C ASP L 619 29.55 -61.39 -30.51
N PHE L 620 29.74 -60.88 -29.30
CA PHE L 620 28.69 -60.90 -28.28
C PHE L 620 27.43 -60.16 -28.73
N SER L 621 27.56 -59.03 -29.43
CA SER L 621 26.40 -58.31 -29.96
C SER L 621 25.58 -59.12 -30.99
N ALA L 622 26.20 -60.05 -31.72
CA ALA L 622 25.46 -60.92 -32.64
C ALA L 622 24.50 -61.85 -31.89
N PHE L 623 24.86 -62.30 -30.69
CA PHE L 623 23.95 -63.05 -29.85
C PHE L 623 22.77 -62.19 -29.42
N ILE L 624 23.01 -60.98 -28.92
CA ILE L 624 21.95 -60.11 -28.40
C ILE L 624 20.95 -59.70 -29.49
N ASN L 625 21.43 -59.47 -30.72
CA ASN L 625 20.55 -59.28 -31.86
C ASN L 625 19.77 -60.53 -32.23
N LEU L 626 20.44 -61.69 -32.36
CA LEU L 626 19.75 -62.96 -32.62
C LEU L 626 18.66 -63.19 -31.60
N VAL L 627 18.90 -62.85 -30.33
CA VAL L 627 17.94 -62.98 -29.25
C VAL L 627 16.71 -62.11 -29.51
N GLU L 628 16.89 -60.80 -29.58
CA GLU L 628 15.74 -59.93 -29.68
C GLU L 628 15.01 -60.08 -31.02
N PHE L 629 15.71 -60.56 -32.06
CA PHE L 629 15.11 -60.97 -33.31
C PHE L 629 14.31 -62.26 -33.17
N CYS L 630 14.90 -63.38 -32.74
CA CYS L 630 14.21 -64.66 -32.73
C CYS L 630 13.00 -64.63 -31.78
N ARG L 631 13.08 -63.82 -30.73
CA ARG L 631 11.97 -63.48 -29.82
C ARG L 631 10.76 -62.91 -30.54
N GLU L 632 10.94 -62.11 -31.58
CA GLU L 632 9.83 -61.49 -32.30
C GLU L 632 9.18 -62.41 -33.35
N ILE L 633 9.87 -63.47 -33.76
CA ILE L 633 9.46 -64.31 -34.91
C ILE L 633 9.12 -65.76 -34.58
N LEU L 634 9.75 -66.38 -33.58
CA LEU L 634 9.41 -67.74 -33.14
C LEU L 634 8.02 -67.92 -32.50
N PRO L 635 7.48 -67.01 -31.67
CA PRO L 635 6.42 -67.37 -30.73
C PRO L 635 5.08 -67.74 -31.35
N GLU L 636 4.49 -68.81 -30.79
CA GLU L 636 3.13 -69.33 -30.99
C GLU L 636 2.65 -69.50 -32.43
N LYS L 637 3.54 -69.95 -33.31
CA LYS L 637 3.18 -70.46 -34.64
C LYS L 637 2.36 -71.76 -34.60
N GLN L 638 2.39 -72.48 -33.47
CA GLN L 638 1.51 -73.63 -33.20
C GLN L 638 1.59 -74.64 -34.36
N ALA L 639 0.46 -75.09 -34.89
CA ALA L 639 0.33 -75.74 -36.21
C ALA L 639 1.25 -76.97 -36.42
N GLU L 640 1.64 -77.67 -35.35
CA GLU L 640 2.65 -78.76 -35.37
C GLU L 640 4.06 -78.30 -35.78
N PHE L 641 4.31 -77.01 -36.04
CA PHE L 641 5.59 -76.54 -36.54
C PHE L 641 6.70 -76.60 -35.49
N PHE L 642 6.37 -76.47 -34.21
CA PHE L 642 7.34 -76.50 -33.12
C PHE L 642 7.45 -77.86 -32.40
N GLU L 643 6.46 -78.75 -32.53
CA GLU L 643 6.40 -80.01 -31.76
C GLU L 643 7.64 -80.91 -31.88
N PRO L 644 8.28 -81.10 -33.04
CA PRO L 644 9.48 -81.91 -33.14
C PRO L 644 10.68 -81.32 -32.41
N TRP L 645 10.65 -80.03 -32.10
CA TRP L 645 11.82 -79.29 -31.62
C TRP L 645 11.87 -79.12 -30.11
N VAL L 646 10.76 -79.27 -29.38
CA VAL L 646 10.68 -78.76 -28.00
C VAL L 646 11.75 -79.36 -27.11
N TYR L 647 11.88 -80.69 -27.10
CA TYR L 647 12.85 -81.40 -26.28
C TYR L 647 14.29 -81.09 -26.65
N SER L 648 14.62 -81.23 -27.93
CA SER L 648 15.96 -81.07 -28.45
C SER L 648 16.47 -79.63 -28.33
N PHE L 649 15.66 -78.66 -28.74
CA PHE L 649 15.99 -77.24 -28.64
C PHE L 649 16.18 -76.85 -27.17
N SER L 650 15.24 -77.20 -26.28
CA SER L 650 15.40 -76.86 -24.87
C SER L 650 16.66 -77.48 -24.28
N TYR L 651 16.88 -78.79 -24.43
CA TYR L 651 18.02 -79.47 -23.83
C TYR L 651 19.37 -78.86 -24.23
N GLU L 652 19.57 -78.64 -25.52
CA GLU L 652 20.84 -78.14 -26.04
C GLU L 652 21.08 -76.67 -25.66
N LEU L 653 20.04 -75.88 -25.44
CA LEU L 653 20.13 -74.51 -24.98
C LEU L 653 20.25 -74.41 -23.45
N ILE L 654 19.65 -75.34 -22.71
CA ILE L 654 19.83 -75.43 -21.26
C ILE L 654 21.29 -75.72 -20.95
N LEU L 655 21.93 -76.67 -21.65
CA LEU L 655 23.36 -76.95 -21.47
C LEU L 655 24.18 -75.67 -21.59
N GLN L 656 23.96 -74.86 -22.64
CA GLN L 656 24.62 -73.57 -22.78
C GLN L 656 24.42 -72.66 -21.56
N SER L 657 23.19 -72.52 -21.05
CA SER L 657 22.97 -71.71 -19.84
C SER L 657 23.68 -72.28 -18.61
N THR L 658 23.71 -73.60 -18.41
CA THR L 658 24.44 -74.19 -17.26
C THR L 658 25.94 -74.05 -17.41
N ARG L 659 26.48 -74.00 -18.64
CA ARG L 659 27.88 -73.66 -18.91
C ARG L 659 28.15 -72.21 -18.57
N LEU L 660 27.21 -71.33 -18.91
CA LEU L 660 27.32 -69.89 -18.80
C LEU L 660 26.09 -69.27 -18.10
N PRO L 661 26.00 -69.34 -16.76
CA PRO L 661 25.20 -68.40 -15.99
C PRO L 661 25.66 -66.97 -16.28
N LEU L 662 24.90 -65.98 -15.84
CA LEU L 662 25.18 -64.56 -16.11
C LEU L 662 25.14 -64.16 -17.60
N ILE L 663 24.70 -65.06 -18.49
CA ILE L 663 24.34 -64.73 -19.88
C ILE L 663 22.81 -64.72 -19.97
N SER L 664 22.23 -63.52 -20.03
CA SER L 664 20.77 -63.35 -19.90
C SER L 664 19.98 -63.94 -21.07
N GLY L 665 20.52 -63.91 -22.28
CA GLY L 665 19.77 -64.28 -23.48
C GLY L 665 19.28 -65.72 -23.50
N PHE L 666 19.95 -66.65 -22.81
CA PHE L 666 19.49 -68.03 -22.79
C PHE L 666 18.20 -68.20 -22.01
N TYR L 667 18.03 -67.44 -20.94
CA TYR L 667 16.73 -67.36 -20.26
C TYR L 667 15.68 -66.74 -21.16
N LYS L 668 16.01 -65.72 -21.98
CA LYS L 668 15.06 -65.19 -22.96
C LYS L 668 14.65 -66.24 -23.99
N LEU L 669 15.55 -66.89 -24.71
CA LEU L 669 15.18 -67.91 -25.70
C LEU L 669 14.46 -69.09 -25.05
N LEU L 670 14.85 -69.49 -23.85
CA LEU L 670 14.14 -70.54 -23.14
C LEU L 670 12.76 -70.06 -22.66
N SER L 671 12.54 -68.80 -22.30
CA SER L 671 11.18 -68.35 -21.97
C SER L 671 10.24 -68.45 -23.19
N ILE L 672 10.73 -68.12 -24.39
CA ILE L 672 9.98 -68.30 -25.64
C ILE L 672 9.67 -69.77 -25.86
N THR L 673 10.66 -70.64 -25.69
CA THR L 673 10.50 -72.09 -25.81
C THR L 673 9.40 -72.62 -24.90
N VAL L 674 9.43 -72.27 -23.61
CA VAL L 674 8.46 -72.84 -22.67
C VAL L 674 7.07 -72.23 -22.81
N ARG L 675 6.91 -70.94 -23.15
CA ARG L 675 5.58 -70.38 -23.43
C ARG L 675 4.97 -70.96 -24.68
N ASN L 676 5.76 -71.13 -25.73
CA ASN L 676 5.32 -71.79 -26.96
C ASN L 676 4.85 -73.23 -26.67
N ALA L 677 5.63 -73.98 -25.90
CA ALA L 677 5.25 -75.30 -25.41
C ALA L 677 3.94 -75.28 -24.60
N LYS L 678 3.76 -74.37 -23.65
CA LYS L 678 2.53 -74.29 -22.85
C LYS L 678 1.28 -74.21 -23.75
N LYS L 679 1.31 -73.32 -24.76
CA LYS L 679 0.15 -73.07 -25.62
C LYS L 679 -0.20 -74.23 -26.56
N ILE L 680 0.75 -75.11 -26.89
CA ILE L 680 0.51 -76.29 -27.76
C ILE L 680 0.07 -77.54 -26.95
N LYS L 681 -0.20 -77.38 -25.65
CA LYS L 681 -0.66 -78.44 -24.72
C LYS L 681 0.38 -79.57 -24.55
N TYR L 682 1.66 -79.25 -24.62
CA TYR L 682 2.74 -80.25 -24.71
C TYR L 682 2.98 -81.05 -23.44
N PHE L 683 3.08 -80.43 -22.26
CA PHE L 683 3.31 -81.15 -20.99
C PHE L 683 2.07 -81.85 -20.41
N GLU L 684 0.94 -81.87 -21.11
CA GLU L 684 -0.30 -82.44 -20.60
C GLU L 684 -0.20 -83.94 -20.34
N GLY L 685 -0.78 -84.40 -19.24
CA GLY L 685 -0.75 -85.81 -18.84
C GLY L 685 0.58 -86.32 -18.33
N VAL L 686 1.58 -85.45 -18.12
CA VAL L 686 2.87 -85.80 -17.54
C VAL L 686 3.57 -86.93 -18.29
N PRO L 698 9.03 -92.29 -24.19
CA PRO L 698 8.91 -91.02 -24.88
C PRO L 698 9.89 -89.98 -24.33
N GLU L 699 10.22 -89.01 -25.17
CA GLU L 699 11.04 -87.85 -24.79
C GLU L 699 10.26 -86.84 -23.94
N LYS L 700 8.92 -86.91 -23.91
CA LYS L 700 8.07 -85.99 -23.15
C LYS L 700 8.35 -86.06 -21.65
N TYR L 701 8.29 -87.22 -21.00
CA TYR L 701 8.67 -87.29 -19.59
C TYR L 701 10.18 -87.16 -19.32
N SER L 702 11.02 -87.09 -20.37
CA SER L 702 12.39 -86.56 -20.22
C SER L 702 12.41 -85.03 -20.19
N CYS L 703 11.73 -84.35 -21.13
CA CYS L 703 11.67 -82.89 -21.11
C CYS L 703 10.93 -82.35 -19.88
N PHE L 704 10.00 -83.12 -19.32
CA PHE L 704 9.36 -82.81 -18.05
C PHE L 704 10.39 -82.78 -16.92
N ALA L 705 11.13 -83.87 -16.71
CA ALA L 705 12.13 -83.92 -15.65
C ALA L 705 13.28 -82.91 -15.85
N LEU L 706 13.64 -82.67 -17.11
CA LEU L 706 14.57 -81.63 -17.52
C LEU L 706 14.10 -80.26 -17.01
N PHE L 707 12.86 -79.86 -17.31
CA PHE L 707 12.34 -78.61 -16.80
C PHE L 707 12.08 -78.62 -15.29
N VAL L 708 11.65 -79.73 -14.70
CA VAL L 708 11.47 -79.81 -13.24
C VAL L 708 12.77 -79.50 -12.52
N LYS L 709 13.86 -80.20 -12.84
CA LYS L 709 15.13 -79.92 -12.17
C LYS L 709 15.72 -78.60 -12.64
N PHE L 710 15.55 -78.15 -13.87
CA PHE L 710 16.03 -76.82 -14.25
C PHE L 710 15.27 -75.71 -13.51
N GLY L 711 13.96 -75.87 -13.29
CA GLY L 711 13.11 -74.96 -12.54
C GLY L 711 13.55 -74.85 -11.08
N LYS L 712 13.66 -75.98 -10.37
CA LYS L 712 14.26 -76.03 -9.02
C LYS L 712 15.65 -75.40 -8.99
N GLU L 713 16.49 -75.67 -9.98
CA GLU L 713 17.86 -75.19 -9.99
C GLU L 713 17.94 -73.68 -10.13
N VAL L 714 17.30 -73.07 -11.13
CA VAL L 714 17.37 -71.61 -11.27
C VAL L 714 16.63 -70.88 -10.16
N ALA L 715 15.58 -71.48 -9.59
CA ALA L 715 14.90 -70.93 -8.42
C ALA L 715 15.82 -70.80 -7.21
N VAL L 716 16.93 -71.55 -7.13
CA VAL L 716 18.06 -71.24 -6.26
C VAL L 716 18.88 -70.10 -6.87
N LYS L 717 19.41 -70.26 -8.08
CA LYS L 717 20.42 -69.36 -8.66
C LYS L 717 19.98 -67.89 -8.63
N MET L 718 18.72 -67.59 -8.95
CA MET L 718 18.24 -66.21 -8.99
C MET L 718 18.23 -65.49 -7.64
N LYS L 719 18.27 -66.21 -6.50
CA LYS L 719 18.43 -65.58 -5.17
C LYS L 719 19.77 -64.86 -4.98
N GLN L 720 20.69 -64.94 -5.94
CA GLN L 720 21.91 -64.14 -6.02
C GLN L 720 21.90 -63.14 -7.19
N TYR L 721 20.92 -63.18 -8.09
CA TYR L 721 20.90 -62.33 -9.29
C TYR L 721 20.22 -60.98 -9.06
N LYS L 722 20.38 -60.08 -10.03
CA LYS L 722 20.24 -58.63 -9.86
C LYS L 722 19.87 -57.96 -11.18
N ASP L 723 19.33 -56.74 -11.13
CA ASP L 723 19.06 -55.87 -12.28
C ASP L 723 18.42 -56.60 -13.48
N GLU L 724 18.87 -56.37 -14.71
CA GLU L 724 18.23 -56.96 -15.90
C GLU L 724 18.54 -58.46 -16.10
N LEU L 725 19.59 -59.00 -15.47
CA LEU L 725 19.74 -60.45 -15.37
C LEU L 725 18.58 -61.04 -14.57
N LEU L 726 18.22 -60.46 -13.43
CA LEU L 726 17.14 -60.95 -12.59
C LEU L 726 15.81 -60.92 -13.32
N ALA L 727 15.47 -59.81 -13.98
CA ALA L 727 14.22 -59.72 -14.72
C ALA L 727 14.11 -60.78 -15.82
N SER L 728 15.19 -61.12 -16.51
CA SER L 728 15.15 -62.13 -17.56
C SER L 728 14.90 -63.54 -17.02
N CYS L 729 15.57 -63.97 -15.94
CA CYS L 729 15.32 -65.28 -15.35
C CYS L 729 14.04 -65.33 -14.52
N LEU L 730 13.54 -64.22 -13.97
CA LEU L 730 12.17 -64.14 -13.48
C LEU L 730 11.18 -64.39 -14.61
N THR L 731 11.36 -63.75 -15.76
CA THR L 731 10.48 -63.96 -16.91
C THR L 731 10.47 -65.43 -17.31
N PHE L 732 11.61 -66.12 -17.21
CA PHE L 732 11.63 -67.57 -17.38
C PHE L 732 10.84 -68.29 -16.28
N LEU L 733 11.14 -68.10 -15.00
CA LEU L 733 10.50 -68.83 -13.91
C LEU L 733 8.98 -68.74 -13.94
N LEU L 734 8.41 -67.54 -14.01
CA LEU L 734 6.95 -67.38 -13.97
C LEU L 734 6.28 -67.97 -15.21
N SER L 735 7.00 -68.25 -16.28
CA SER L 735 6.44 -68.80 -17.51
C SER L 735 6.34 -70.33 -17.54
N LEU L 736 6.89 -71.04 -16.55
CA LEU L 736 6.77 -72.50 -16.43
C LEU L 736 5.30 -72.96 -16.33
N PRO L 737 4.96 -74.17 -16.80
CA PRO L 737 3.57 -74.65 -16.88
C PRO L 737 3.03 -75.11 -15.52
N HIS L 738 1.72 -74.96 -15.26
CA HIS L 738 1.09 -75.31 -13.98
C HIS L 738 1.40 -76.72 -13.52
N ASN L 739 1.55 -77.64 -14.47
CA ASN L 739 1.83 -79.03 -14.16
C ASN L 739 3.17 -79.23 -13.43
N ILE L 740 4.16 -78.36 -13.67
CA ILE L 740 5.44 -78.36 -12.97
C ILE L 740 5.38 -77.50 -11.70
N ILE L 741 4.72 -76.34 -11.76
CA ILE L 741 4.71 -75.39 -10.64
C ILE L 741 4.12 -76.00 -9.36
N GLU L 742 3.14 -76.90 -9.45
CA GLU L 742 2.57 -77.52 -8.26
C GLU L 742 3.55 -78.42 -7.48
N LEU L 743 4.73 -78.72 -8.02
CA LEU L 743 5.79 -79.44 -7.32
C LEU L 743 6.54 -78.49 -6.36
N ASP L 744 6.08 -78.42 -5.12
CA ASP L 744 6.55 -77.51 -4.06
C ASP L 744 6.43 -76.01 -4.42
N VAL L 745 5.19 -75.53 -4.48
CA VAL L 745 4.83 -74.16 -4.87
C VAL L 745 5.64 -73.11 -4.13
N ARG L 746 6.00 -73.34 -2.87
CA ARG L 746 6.74 -72.38 -2.04
C ARG L 746 8.09 -72.01 -2.63
N ALA L 747 8.68 -72.83 -3.47
CA ALA L 747 9.88 -72.47 -4.23
C ALA L 747 9.65 -71.29 -5.18
N TYR L 748 8.49 -71.23 -5.82
CA TYR L 748 8.16 -70.26 -6.87
C TYR L 748 7.49 -69.00 -6.34
N VAL L 749 6.77 -69.06 -5.22
CA VAL L 749 6.10 -67.89 -4.62
C VAL L 749 7.00 -66.66 -4.51
N PRO L 750 8.22 -66.71 -3.97
CA PRO L 750 9.08 -65.53 -3.89
C PRO L 750 9.59 -65.02 -5.24
N ALA L 751 9.45 -65.78 -6.33
CA ALA L 751 9.64 -65.24 -7.66
C ALA L 751 8.46 -64.34 -8.07
N LEU L 752 7.21 -64.74 -7.82
CA LEU L 752 6.07 -63.90 -8.21
C LEU L 752 5.95 -62.66 -7.32
N GLN L 753 6.23 -62.75 -6.04
CA GLN L 753 6.34 -61.56 -5.20
C GLN L 753 7.37 -60.58 -5.75
N MET L 754 8.53 -61.09 -6.14
CA MET L 754 9.59 -60.25 -6.69
C MET L 754 9.21 -59.67 -8.05
N ALA L 755 8.50 -60.41 -8.88
CA ALA L 755 8.01 -59.90 -10.15
C ALA L 755 7.08 -58.70 -9.95
N PHE L 756 6.11 -58.77 -9.03
CA PHE L 756 5.26 -57.61 -8.78
C PHE L 756 6.03 -56.42 -8.23
N LYS L 757 7.03 -56.65 -7.38
CA LYS L 757 7.91 -55.62 -6.82
C LYS L 757 8.63 -54.86 -7.93
N LEU L 758 9.20 -55.56 -8.90
CA LEU L 758 9.87 -54.94 -10.04
C LEU L 758 8.87 -54.27 -10.98
N GLY L 759 7.76 -54.93 -11.23
CA GLY L 759 6.86 -54.60 -12.32
C GLY L 759 6.32 -53.20 -12.25
N LEU L 760 6.06 -52.66 -11.05
CA LEU L 760 5.53 -51.30 -10.90
C LEU L 760 6.55 -50.21 -11.20
N SER L 761 7.77 -50.58 -11.60
CA SER L 761 8.72 -49.69 -12.25
C SER L 761 9.37 -50.33 -13.49
N TYR L 762 8.74 -51.35 -14.05
CA TYR L 762 9.12 -51.97 -15.33
C TYR L 762 7.94 -52.79 -15.83
N THR L 763 6.99 -52.14 -16.48
CA THR L 763 5.65 -52.67 -16.75
C THR L 763 5.58 -54.09 -17.32
N PRO L 764 6.39 -54.54 -18.30
CA PRO L 764 6.22 -55.87 -18.85
C PRO L 764 6.43 -56.98 -17.82
N LEU L 765 7.18 -56.76 -16.75
CA LEU L 765 7.27 -57.76 -15.67
C LEU L 765 5.98 -57.85 -14.86
N ALA L 766 5.28 -56.75 -14.65
CA ALA L 766 3.97 -56.80 -14.04
C ALA L 766 2.99 -57.55 -14.96
N GLU L 767 3.12 -57.37 -16.27
CA GLU L 767 2.29 -58.05 -17.25
C GLU L 767 2.51 -59.55 -17.17
N VAL L 768 3.76 -60.02 -17.11
CA VAL L 768 4.10 -61.42 -16.86
C VAL L 768 3.52 -61.91 -15.54
N GLY L 769 3.70 -61.16 -14.45
CA GLY L 769 3.24 -61.56 -13.15
C GLY L 769 1.75 -61.84 -13.11
N LEU L 770 0.94 -60.96 -13.71
CA LEU L 770 -0.51 -61.18 -13.78
C LEU L 770 -0.87 -62.40 -14.62
N ASN L 771 -0.18 -62.67 -15.73
CA ASN L 771 -0.41 -63.89 -16.51
C ASN L 771 -0.09 -65.15 -15.70
N ALA L 772 0.98 -65.12 -14.92
CA ALA L 772 1.37 -66.23 -14.07
C ALA L 772 0.35 -66.47 -12.97
N LEU L 773 -0.03 -65.43 -12.23
CA LEU L 773 -1.04 -65.56 -11.19
C LEU L 773 -2.37 -66.00 -11.76
N GLU L 774 -2.75 -65.54 -12.94
CA GLU L 774 -3.97 -65.98 -13.58
C GLU L 774 -3.94 -67.48 -13.83
N GLU L 775 -2.90 -67.99 -14.49
CA GLU L 775 -2.75 -69.41 -14.80
C GLU L 775 -2.68 -70.24 -13.54
N TRP L 776 -1.91 -69.84 -12.54
CA TRP L 776 -1.86 -70.59 -11.29
C TRP L 776 -3.23 -70.58 -10.64
N SER L 777 -3.89 -69.43 -10.53
CA SER L 777 -5.21 -69.32 -9.91
C SER L 777 -6.20 -70.31 -10.47
N ILE L 778 -6.32 -70.40 -11.80
CA ILE L 778 -7.35 -71.23 -12.41
C ILE L 778 -7.05 -72.73 -12.31
N TYR L 779 -5.79 -73.17 -12.46
CA TYR L 779 -5.49 -74.60 -12.59
C TYR L 779 -4.92 -75.32 -11.37
N ILE L 780 -4.16 -74.66 -10.48
CA ILE L 780 -3.56 -75.34 -9.32
C ILE L 780 -4.67 -75.73 -8.32
N ASP L 781 -4.52 -76.82 -7.59
CA ASP L 781 -5.52 -77.29 -6.62
C ASP L 781 -5.78 -76.25 -5.50
N ARG L 782 -7.05 -75.94 -5.22
CA ARG L 782 -7.44 -74.89 -4.26
C ARG L 782 -6.80 -75.08 -2.90
N HIS L 783 -6.86 -76.27 -2.33
CA HIS L 783 -6.29 -76.53 -1.01
C HIS L 783 -4.76 -76.49 -0.99
N VAL L 784 -4.09 -76.69 -2.13
CA VAL L 784 -2.64 -76.46 -2.26
C VAL L 784 -2.33 -74.96 -2.24
N MET L 785 -3.13 -74.16 -2.94
CA MET L 785 -2.83 -72.75 -3.20
C MET L 785 -3.16 -71.83 -2.03
N GLN L 786 -4.24 -72.10 -1.28
CA GLN L 786 -4.77 -71.24 -0.22
C GLN L 786 -3.75 -70.61 0.74
N PRO L 787 -2.76 -71.30 1.31
CA PRO L 787 -1.85 -70.67 2.26
C PRO L 787 -1.01 -69.53 1.65
N TYR L 788 -0.78 -69.52 0.34
CA TYR L 788 0.15 -68.59 -0.30
C TYR L 788 -0.48 -67.27 -0.72
N TYR L 789 -1.79 -67.20 -0.97
CA TYR L 789 -2.44 -65.93 -1.31
C TYR L 789 -2.19 -64.85 -0.26
N LYS L 790 -2.05 -65.27 1.01
CA LYS L 790 -1.76 -64.44 2.18
C LYS L 790 -0.53 -63.55 2.04
N ASP L 791 0.39 -63.83 1.12
CA ASP L 791 1.51 -62.94 0.81
C ASP L 791 1.85 -62.83 -0.68
N ILE L 792 1.03 -63.38 -1.58
CA ILE L 792 1.02 -62.94 -2.98
C ILE L 792 0.21 -61.65 -3.12
N LEU L 793 -1.04 -61.63 -2.63
CA LEU L 793 -1.99 -60.53 -2.81
C LEU L 793 -1.51 -59.17 -2.31
N PRO L 794 -0.86 -59.03 -1.14
CA PRO L 794 -0.50 -57.72 -0.62
C PRO L 794 0.49 -56.94 -1.49
N CYS L 795 1.20 -57.59 -2.42
CA CYS L 795 2.05 -56.91 -3.37
C CYS L 795 1.28 -56.15 -4.46
N LEU L 796 0.00 -56.43 -4.67
CA LEU L 796 -0.78 -55.80 -5.73
C LEU L 796 -1.20 -54.36 -5.41
N ASP L 797 -1.18 -53.94 -4.14
CA ASP L 797 -1.66 -52.62 -3.73
C ASP L 797 -1.04 -51.49 -4.56
N GLY L 798 0.24 -51.57 -4.88
CA GLY L 798 0.94 -50.59 -5.71
C GLY L 798 0.30 -50.27 -7.05
N TYR L 799 -0.28 -51.25 -7.71
CA TYR L 799 -0.88 -51.03 -9.03
C TYR L 799 -2.19 -50.25 -8.95
N LEU L 800 -2.79 -50.16 -7.76
CA LEU L 800 -3.98 -49.38 -7.48
C LEU L 800 -3.83 -48.42 -6.27
N LYS L 801 -2.59 -48.15 -5.84
CA LYS L 801 -2.19 -47.34 -4.66
C LYS L 801 -2.40 -45.86 -4.86
N THR L 802 -2.11 -45.37 -6.06
CA THR L 802 -2.36 -44.00 -6.49
C THR L 802 -3.14 -44.03 -7.79
N SER L 803 -4.06 -43.09 -8.00
CA SER L 803 -4.91 -43.01 -9.19
C SER L 803 -4.43 -41.98 -10.22
N ALA L 804 -3.18 -41.52 -10.12
CA ALA L 804 -2.50 -40.68 -11.12
C ALA L 804 -3.19 -39.30 -11.39
N LEU L 805 -3.55 -38.57 -10.33
CA LEU L 805 -4.30 -37.31 -10.41
C LEU L 805 -3.37 -36.09 -10.34
N GLU L 814 -4.10 -35.63 -31.07
CA GLU L 814 -4.92 -34.51 -30.65
C GLU L 814 -5.28 -33.62 -31.83
N VAL L 815 -4.26 -33.09 -32.50
CA VAL L 815 -4.46 -32.22 -33.65
C VAL L 815 -3.88 -32.91 -34.87
N SER L 816 -3.90 -34.23 -34.86
CA SER L 816 -3.24 -35.02 -35.90
C SER L 816 -3.89 -34.76 -37.25
N ALA L 817 -3.20 -35.24 -38.29
CA ALA L 817 -3.58 -34.90 -39.66
C ALA L 817 -5.01 -35.31 -39.96
N LEU L 818 -5.45 -36.45 -39.42
CA LEU L 818 -6.82 -36.85 -39.67
C LEU L 818 -7.79 -35.86 -39.07
N SER L 819 -7.42 -35.23 -37.97
CA SER L 819 -8.35 -34.29 -37.34
C SER L 819 -8.60 -33.10 -38.26
N ARG L 820 -7.52 -32.45 -38.70
CA ARG L 820 -7.71 -31.32 -39.58
C ARG L 820 -8.36 -31.74 -40.87
N ALA L 821 -8.02 -32.94 -41.35
CA ALA L 821 -8.62 -33.40 -42.59
C ALA L 821 -10.12 -33.53 -42.45
N ALA L 822 -10.56 -34.27 -41.43
CA ALA L 822 -12.00 -34.45 -41.23
C ALA L 822 -12.68 -33.14 -40.92
N GLN L 823 -11.93 -32.13 -40.49
CA GLN L 823 -12.56 -30.84 -40.25
C GLN L 823 -13.17 -30.29 -41.52
N LYS L 824 -12.45 -30.37 -42.64
CA LYS L 824 -12.93 -29.67 -43.82
C LYS L 824 -14.11 -30.37 -44.46
N GLY L 825 -14.22 -31.67 -44.28
CA GLY L 825 -15.36 -32.40 -44.79
C GLY L 825 -15.11 -33.89 -44.83
N PHE L 826 -16.19 -34.65 -44.92
CA PHE L 826 -16.10 -36.11 -44.92
C PHE L 826 -15.85 -36.66 -46.31
N ASN L 827 -14.86 -36.12 -46.99
CA ASN L 827 -14.62 -36.51 -48.37
C ASN L 827 -13.76 -37.77 -48.39
N LYS L 828 -13.37 -38.17 -49.59
CA LYS L 828 -12.57 -39.38 -49.74
C LYS L 828 -11.26 -39.28 -48.99
N VAL L 829 -10.73 -38.09 -48.82
CA VAL L 829 -9.40 -37.96 -48.22
C VAL L 829 -9.39 -38.50 -46.81
N VAL L 830 -10.50 -38.35 -46.10
CA VAL L 830 -10.56 -38.86 -44.74
C VAL L 830 -10.37 -40.36 -44.72
N LEU L 831 -10.93 -41.07 -45.69
CA LEU L 831 -10.77 -42.52 -45.69
C LEU L 831 -9.32 -42.92 -45.86
N LYS L 832 -8.54 -42.18 -46.65
CA LYS L 832 -7.14 -42.55 -46.75
C LYS L 832 -6.46 -42.47 -45.39
N HIS L 833 -6.69 -41.39 -44.67
CA HIS L 833 -6.04 -41.23 -43.39
C HIS L 833 -6.49 -42.30 -42.42
N LEU L 834 -7.78 -42.59 -42.38
CA LEU L 834 -8.25 -43.56 -41.40
C LEU L 834 -7.82 -44.97 -41.77
N LYS L 835 -7.80 -45.30 -43.06
CA LYS L 835 -7.34 -46.62 -43.48
C LYS L 835 -5.88 -46.80 -43.12
N LYS L 836 -5.06 -45.79 -43.38
CA LYS L 836 -3.64 -45.89 -43.01
C LYS L 836 -3.49 -45.98 -41.50
N THR L 837 -4.33 -45.28 -40.75
CA THR L 837 -4.29 -45.38 -39.30
C THR L 837 -4.65 -46.79 -38.84
N LYS L 838 -5.64 -47.41 -39.49
CA LYS L 838 -6.06 -48.75 -39.12
C LYS L 838 -5.04 -49.80 -39.54
N GLU L 844 4.91 -54.33 -28.83
CA GLU L 844 5.08 -53.26 -27.85
C GLU L 844 4.46 -53.58 -26.49
N ALA L 845 4.88 -52.84 -25.45
CA ALA L 845 4.46 -53.07 -24.08
C ALA L 845 2.96 -52.79 -23.84
N ILE L 846 2.37 -53.48 -22.88
CA ILE L 846 1.06 -53.15 -22.33
C ILE L 846 1.18 -51.84 -21.54
N SER L 847 0.22 -50.93 -21.72
CA SER L 847 0.22 -49.62 -21.04
C SER L 847 0.03 -49.78 -19.54
N LEU L 848 0.53 -48.87 -18.71
CA LEU L 848 0.17 -48.88 -17.29
C LEU L 848 -1.34 -48.65 -17.05
N GLU L 849 -2.04 -47.97 -17.95
CA GLU L 849 -3.51 -47.92 -17.90
C GLU L 849 -4.12 -49.29 -18.12
N GLU L 850 -3.57 -50.11 -19.01
CA GLU L 850 -4.06 -51.47 -19.19
C GLU L 850 -3.73 -52.37 -18.01
N ILE L 851 -2.55 -52.26 -17.40
CA ILE L 851 -2.21 -53.04 -16.22
C ILE L 851 -3.14 -52.73 -15.05
N ARG L 852 -3.46 -51.46 -14.82
CA ARG L 852 -4.35 -51.07 -13.74
C ARG L 852 -5.73 -51.72 -13.89
N ILE L 853 -6.38 -51.65 -15.04
CA ILE L 853 -7.65 -52.37 -15.23
C ILE L 853 -7.47 -53.87 -15.17
N ARG L 854 -6.38 -54.44 -15.70
CA ARG L 854 -6.11 -55.87 -15.63
C ARG L 854 -5.96 -56.33 -14.19
N VAL L 855 -5.25 -55.61 -13.33
CA VAL L 855 -5.11 -56.01 -11.93
C VAL L 855 -6.41 -55.88 -11.18
N VAL L 856 -7.28 -54.90 -11.40
CA VAL L 856 -8.60 -54.90 -10.73
C VAL L 856 -9.44 -56.09 -11.19
N GLN L 857 -9.48 -56.33 -12.50
CA GLN L 857 -10.22 -57.44 -13.07
C GLN L 857 -9.71 -58.78 -12.53
N MET L 858 -8.40 -58.97 -12.50
CA MET L 858 -7.78 -60.20 -12.02
C MET L 858 -7.98 -60.37 -10.52
N LEU L 859 -7.89 -59.31 -9.73
CA LEU L 859 -8.14 -59.34 -8.30
C LEU L 859 -9.55 -59.78 -7.98
N GLY L 860 -10.55 -59.21 -8.65
CA GLY L 860 -11.91 -59.72 -8.56
C GLY L 860 -11.98 -61.15 -9.02
N SER L 861 -11.22 -61.53 -10.02
CA SER L 861 -11.24 -62.89 -10.51
C SER L 861 -10.81 -63.97 -9.50
N LEU L 862 -10.19 -63.66 -8.36
CA LEU L 862 -9.95 -64.67 -7.32
C LEU L 862 -11.20 -64.95 -6.47
N GLY L 863 -12.24 -64.15 -6.59
CA GLY L 863 -13.45 -64.25 -5.79
C GLY L 863 -13.31 -63.64 -4.41
N GLY L 864 -14.40 -63.35 -3.72
CA GLY L 864 -14.31 -62.70 -2.41
C GLY L 864 -13.66 -63.55 -1.33
N GLN L 865 -13.80 -64.88 -1.36
CA GLN L 865 -13.17 -65.74 -0.34
C GLN L 865 -11.67 -65.50 -0.23
N ILE L 866 -11.01 -65.30 -1.37
CA ILE L 866 -9.58 -65.08 -1.46
C ILE L 866 -9.24 -63.60 -1.33
N ASN L 867 -9.90 -62.72 -2.07
CA ASN L 867 -9.38 -61.37 -2.28
C ASN L 867 -9.41 -60.47 -1.04
N LYS L 868 -10.00 -60.92 0.09
CA LYS L 868 -9.80 -60.29 1.41
C LYS L 868 -8.31 -60.09 1.69
N ASN L 869 -7.46 -61.00 1.26
CA ASN L 869 -6.02 -60.99 1.52
C ASN L 869 -5.26 -59.81 0.89
N LEU L 870 -5.91 -58.95 0.09
CA LEU L 870 -5.28 -57.71 -0.34
C LEU L 870 -5.01 -56.77 0.84
N LEU L 871 -5.94 -56.69 1.79
CA LEU L 871 -5.74 -55.92 3.01
C LEU L 871 -4.77 -56.68 3.92
N THR L 872 -3.91 -55.94 4.63
CA THR L 872 -2.68 -56.45 5.28
C THR L 872 -2.79 -57.87 5.84
N VAL L 873 -3.76 -58.14 6.71
CA VAL L 873 -4.14 -59.49 7.16
C VAL L 873 -5.67 -59.53 7.26
N THR L 874 -6.26 -60.73 7.37
CA THR L 874 -7.57 -60.88 8.01
C THR L 874 -7.55 -60.29 9.43
N SER L 875 -8.69 -59.92 9.99
CA SER L 875 -8.81 -59.16 11.26
C SER L 875 -7.94 -59.71 12.39
N SER L 876 -7.02 -58.88 12.91
CA SER L 876 -5.85 -59.31 13.69
C SER L 876 -5.31 -58.17 14.56
N ASP L 877 -4.41 -58.49 15.49
CA ASP L 877 -3.56 -57.49 16.13
C ASP L 877 -2.69 -56.73 15.10
N GLU L 878 -2.37 -57.35 13.95
CA GLU L 878 -1.37 -56.81 13.01
C GLU L 878 -1.66 -55.39 12.48
N MET L 879 -2.91 -55.08 12.13
CA MET L 879 -3.31 -53.72 11.77
C MET L 879 -3.66 -52.88 13.01
N MET L 880 -4.12 -53.50 14.08
CA MET L 880 -4.41 -52.84 15.36
C MET L 880 -3.16 -52.17 15.94
N LYS L 881 -2.01 -52.83 15.83
CA LYS L 881 -0.69 -52.29 16.15
C LYS L 881 -0.31 -51.03 15.35
N SER L 882 -1.03 -50.69 14.27
CA SER L 882 -0.72 -49.54 13.41
C SER L 882 -1.46 -48.25 13.77
N TYR L 883 -2.46 -48.27 14.66
CA TYR L 883 -3.24 -47.07 14.97
C TYR L 883 -2.49 -46.01 15.79
N VAL L 884 -1.47 -46.36 16.56
CA VAL L 884 -0.65 -45.36 17.28
C VAL L 884 0.24 -44.57 16.31
N ALA L 885 0.41 -43.27 16.54
CA ALA L 885 1.35 -42.48 15.75
C ALA L 885 2.79 -42.99 15.94
N TRP L 886 3.68 -42.69 14.98
CA TRP L 886 5.07 -43.15 15.05
C TRP L 886 5.86 -42.56 16.21
N ASP L 887 5.35 -41.54 16.91
CA ASP L 887 6.00 -40.96 18.08
C ASP L 887 4.96 -40.52 19.14
N ARG L 888 5.36 -40.51 20.41
CA ARG L 888 4.50 -40.19 21.56
C ARG L 888 4.13 -38.71 21.60
N GLU L 889 5.04 -37.85 21.16
CA GLU L 889 4.86 -36.39 21.11
C GLU L 889 5.52 -35.82 19.84
N LYS L 890 5.00 -34.69 19.35
CA LYS L 890 5.34 -34.15 18.02
C LYS L 890 6.76 -33.57 17.97
N ARG L 891 7.65 -34.24 17.26
CA ARG L 891 8.92 -33.67 16.77
C ARG L 891 8.67 -32.97 15.42
N LEU L 892 9.69 -32.36 14.83
CA LEU L 892 9.61 -31.67 13.53
C LEU L 892 8.71 -30.42 13.48
N SER L 893 8.51 -29.71 14.58
CA SER L 893 7.73 -28.46 14.57
C SER L 893 8.32 -27.42 13.61
N PHE L 894 7.64 -27.13 12.51
CA PHE L 894 8.16 -26.35 11.39
C PHE L 894 7.34 -25.11 11.08
N ALA L 895 7.92 -23.93 11.24
CA ALA L 895 7.23 -22.67 11.05
C ALA L 895 7.26 -22.28 9.58
N VAL L 896 6.09 -22.27 8.94
CA VAL L 896 5.92 -21.93 7.54
C VAL L 896 6.32 -20.47 7.34
N PRO L 897 7.18 -20.18 6.36
CA PRO L 897 7.61 -18.83 6.04
C PRO L 897 6.49 -17.97 5.42
N PHE L 898 5.55 -17.43 6.19
CA PHE L 898 4.65 -16.38 5.72
C PHE L 898 5.23 -14.98 6.01
N ARG L 899 4.64 -13.92 5.42
CA ARG L 899 5.07 -12.52 5.65
C ARG L 899 4.36 -11.88 6.83
N GLU L 900 3.07 -12.10 6.99
CA GLU L 900 2.33 -11.64 8.18
C GLU L 900 2.72 -12.39 9.46
N MET L 901 2.92 -13.70 9.38
CA MET L 901 2.86 -14.61 10.53
C MET L 901 3.75 -15.85 10.36
N LYS L 902 3.85 -16.69 11.39
CA LYS L 902 4.65 -17.92 11.43
C LYS L 902 3.85 -19.10 12.00
N PRO L 903 2.82 -19.58 11.30
CA PRO L 903 2.05 -20.76 11.70
C PRO L 903 2.94 -22.02 11.67
N VAL L 904 2.64 -22.99 12.51
CA VAL L 904 3.45 -24.20 12.71
C VAL L 904 2.77 -25.45 12.18
N ILE L 905 3.50 -26.22 11.38
CA ILE L 905 3.16 -27.55 10.90
C ILE L 905 4.04 -28.54 11.65
N PHE L 906 3.52 -29.66 12.14
CA PHE L 906 4.38 -30.73 12.64
C PHE L 906 4.57 -31.77 11.55
N LEU L 907 5.72 -31.80 10.89
CA LEU L 907 5.91 -32.65 9.69
C LEU L 907 5.82 -34.16 9.94
N ASP L 908 5.89 -34.64 11.18
CA ASP L 908 5.88 -36.08 11.45
C ASP L 908 4.51 -36.74 11.23
N VAL L 909 3.47 -35.99 10.83
CA VAL L 909 2.22 -36.55 10.32
C VAL L 909 2.31 -36.95 8.84
N PHE L 910 3.20 -36.36 8.04
CA PHE L 910 3.29 -36.68 6.61
C PHE L 910 4.04 -37.98 6.33
N LEU L 911 5.02 -38.35 7.14
CA LEU L 911 5.86 -39.54 6.90
C LEU L 911 5.10 -40.84 6.64
N PRO L 912 4.13 -41.28 7.45
CA PRO L 912 3.47 -42.54 7.22
C PRO L 912 2.87 -42.67 5.83
N ARG L 913 2.38 -41.61 5.18
CA ARG L 913 1.95 -41.67 3.78
C ARG L 913 3.05 -41.39 2.77
N VAL L 914 3.97 -40.46 3.02
CA VAL L 914 5.00 -40.13 2.04
C VAL L 914 5.99 -41.27 1.84
N THR L 915 6.32 -41.99 2.90
CA THR L 915 7.14 -43.20 2.79
C THR L 915 6.48 -44.23 1.89
N GLU L 916 5.19 -44.51 2.05
CA GLU L 916 4.48 -45.44 1.16
C GLU L 916 4.46 -44.96 -0.27
N LEU L 917 4.25 -43.67 -0.54
CA LEU L 917 4.31 -43.16 -1.91
C LEU L 917 5.68 -43.37 -2.51
N ALA L 918 6.74 -43.06 -1.78
CA ALA L 918 8.08 -43.07 -2.34
C ALA L 918 8.50 -44.48 -2.80
N LEU L 919 8.22 -45.52 -2.04
CA LEU L 919 8.36 -46.91 -2.50
C LEU L 919 7.35 -47.28 -3.58
N THR L 920 6.08 -47.25 -3.24
CA THR L 920 5.05 -48.07 -3.85
C THR L 920 4.21 -47.36 -4.89
N ALA L 921 4.39 -46.06 -5.13
CA ALA L 921 3.65 -45.35 -6.17
C ALA L 921 3.99 -45.92 -7.55
N SER L 922 3.00 -46.47 -8.26
CA SER L 922 3.22 -46.98 -9.60
C SER L 922 3.32 -45.85 -10.64
N ASP L 923 2.57 -44.76 -10.50
CA ASP L 923 2.79 -43.58 -11.33
C ASP L 923 4.17 -43.00 -11.05
N ARG L 924 5.05 -43.01 -12.05
CA ARG L 924 6.41 -42.55 -11.86
C ARG L 924 6.51 -41.09 -11.48
N GLN L 925 5.71 -40.16 -12.01
CA GLN L 925 5.92 -38.77 -11.63
C GLN L 925 5.59 -38.49 -10.16
N THR L 926 4.57 -39.15 -9.60
CA THR L 926 4.30 -39.09 -8.16
C THR L 926 5.48 -39.58 -7.36
N LYS L 927 6.06 -40.71 -7.76
CA LYS L 927 7.12 -41.38 -7.03
C LYS L 927 8.32 -40.49 -6.79
N VAL L 928 8.91 -39.92 -7.83
CA VAL L 928 10.10 -39.09 -7.66
C VAL L 928 9.83 -37.84 -6.84
N ALA L 929 8.67 -37.19 -6.98
CA ALA L 929 8.33 -36.04 -6.17
C ALA L 929 8.13 -36.41 -4.70
N ALA L 930 7.60 -37.60 -4.40
CA ALA L 930 7.54 -38.11 -3.03
C ALA L 930 8.92 -38.41 -2.47
N CYS L 931 9.87 -38.88 -3.28
CA CYS L 931 11.24 -39.01 -2.84
C CYS L 931 11.81 -37.64 -2.46
N GLU L 932 11.78 -36.66 -3.33
CA GLU L 932 12.48 -35.44 -2.97
C GLU L 932 11.90 -34.64 -1.81
N LEU L 933 10.62 -34.83 -1.54
CA LEU L 933 10.03 -34.45 -0.26
C LEU L 933 10.67 -35.22 0.89
N LEU L 934 10.72 -36.54 0.87
CA LEU L 934 11.34 -37.32 1.94
C LEU L 934 12.83 -36.98 2.12
N HIS L 935 13.58 -36.74 1.05
CA HIS L 935 14.97 -36.30 1.14
C HIS L 935 15.08 -34.99 1.91
N SER L 936 14.37 -33.95 1.47
CA SER L 936 14.38 -32.67 2.14
C SER L 936 13.83 -32.75 3.56
N MET L 937 12.92 -33.67 3.83
CA MET L 937 12.35 -33.91 5.15
C MET L 937 13.30 -34.68 6.07
N VAL L 938 14.17 -35.57 5.58
CA VAL L 938 15.22 -36.18 6.42
C VAL L 938 16.43 -35.27 6.59
N MET L 939 16.69 -34.34 5.66
CA MET L 939 17.61 -33.24 5.94
C MET L 939 17.11 -32.37 7.08
N PHE L 940 15.85 -31.96 7.02
CA PHE L 940 15.20 -31.29 8.13
C PHE L 940 15.36 -32.09 9.41
N MET L 941 15.21 -33.41 9.33
CA MET L 941 15.28 -34.23 10.51
C MET L 941 16.62 -34.13 11.23
N LEU L 942 17.70 -34.37 10.51
CA LEU L 942 19.05 -34.36 11.06
C LEU L 942 19.37 -33.00 11.69
N GLY L 943 19.06 -31.91 10.99
CA GLY L 943 19.28 -30.57 11.50
C GLY L 943 18.53 -30.32 12.80
N LYS L 944 17.23 -30.61 12.84
CA LYS L 944 16.42 -30.34 14.03
C LYS L 944 16.90 -31.15 15.23
N ALA L 945 17.31 -32.39 15.03
CA ALA L 945 17.91 -33.18 16.11
C ALA L 945 19.23 -32.58 16.61
N THR L 946 20.04 -32.01 15.70
CA THR L 946 21.39 -31.51 16.01
C THR L 946 21.40 -30.12 16.66
N GLN L 947 20.32 -29.34 16.56
CA GLN L 947 20.05 -28.24 17.49
C GLN L 947 19.85 -28.71 18.94
N MET L 948 19.73 -30.02 19.19
CA MET L 948 19.45 -30.61 20.51
C MET L 948 18.11 -30.09 21.05
N PRO L 949 16.97 -30.53 20.50
CA PRO L 949 15.68 -30.15 21.03
C PRO L 949 15.50 -30.72 22.46
N GLU L 950 16.03 -31.93 22.67
CA GLU L 950 16.33 -32.56 23.96
C GLU L 950 17.67 -33.30 23.82
N GLY L 951 18.52 -33.31 24.85
CA GLY L 951 19.77 -34.04 24.89
C GLY L 951 19.72 -35.29 25.72
N GLY L 952 18.97 -36.29 25.26
CA GLY L 952 18.97 -37.57 25.95
C GLY L 952 18.10 -37.58 27.19
N GLN L 953 18.61 -38.16 28.27
CA GLN L 953 17.84 -38.39 29.49
C GLN L 953 16.56 -39.16 29.17
N GLY L 954 16.70 -40.19 28.35
CA GLY L 954 15.60 -40.99 27.89
C GLY L 954 15.81 -41.34 26.43
N ALA L 955 14.75 -41.77 25.77
CA ALA L 955 14.79 -41.99 24.34
C ALA L 955 15.29 -40.68 23.69
N PRO L 956 16.40 -40.69 22.94
CA PRO L 956 16.84 -39.50 22.25
C PRO L 956 15.71 -38.98 21.36
N PRO L 957 15.53 -37.66 21.21
CA PRO L 957 14.48 -37.16 20.35
C PRO L 957 14.66 -37.78 18.97
N MET L 958 13.54 -38.15 18.36
CA MET L 958 13.53 -38.70 17.01
C MET L 958 14.15 -40.09 16.86
N TYR L 959 14.68 -40.73 17.90
CA TYR L 959 15.07 -42.14 17.82
C TYR L 959 13.93 -43.01 17.30
N GLN L 960 12.71 -42.75 17.77
CA GLN L 960 11.51 -43.46 17.33
C GLN L 960 11.17 -43.21 15.85
N LEU L 961 11.59 -42.08 15.26
CA LEU L 961 11.49 -41.81 13.84
C LEU L 961 12.60 -42.51 13.08
N TYR L 962 13.83 -42.41 13.56
CA TYR L 962 15.00 -43.04 13.00
C TYR L 962 14.81 -44.55 12.89
N LYS L 963 14.37 -45.20 13.96
CA LYS L 963 13.98 -46.62 13.97
C LYS L 963 12.94 -46.97 12.91
N ARG L 964 12.09 -46.04 12.51
CA ARG L 964 11.05 -46.25 11.49
C ARG L 964 11.40 -45.77 10.08
N THR L 965 12.34 -44.87 9.92
CA THR L 965 12.72 -44.30 8.61
C THR L 965 13.99 -44.89 8.03
N PHE L 966 14.94 -45.33 8.86
CA PHE L 966 16.12 -46.02 8.33
C PHE L 966 15.81 -47.25 7.51
N PRO L 967 14.93 -48.20 7.87
CA PRO L 967 14.64 -49.33 7.00
C PRO L 967 14.01 -48.90 5.67
N VAL L 968 13.20 -47.84 5.67
CA VAL L 968 12.66 -47.24 4.45
C VAL L 968 13.78 -46.70 3.58
N LEU L 969 14.77 -46.03 4.14
CA LEU L 969 15.89 -45.48 3.38
C LEU L 969 16.70 -46.56 2.66
N LEU L 970 16.86 -47.75 3.24
CA LEU L 970 17.55 -48.84 2.55
C LEU L 970 16.75 -49.37 1.38
N ARG L 971 15.50 -49.75 1.64
CA ARG L 971 14.58 -50.33 0.65
C ARG L 971 14.42 -49.44 -0.57
N LEU L 972 14.78 -48.18 -0.43
CA LEU L 972 14.54 -47.13 -1.38
C LEU L 972 15.83 -46.57 -1.97
N ALA L 973 17.00 -46.99 -1.54
CA ALA L 973 18.23 -46.73 -2.29
C ALA L 973 18.33 -47.64 -3.50
N CYS L 974 18.40 -48.95 -3.28
CA CYS L 974 18.31 -49.97 -4.31
C CYS L 974 16.88 -50.25 -4.79
N ASP L 975 16.04 -49.22 -4.82
CA ASP L 975 14.84 -49.30 -5.61
C ASP L 975 15.24 -49.52 -7.08
N VAL L 976 14.31 -49.99 -7.90
CA VAL L 976 14.57 -50.12 -9.34
C VAL L 976 14.80 -48.74 -9.92
N ASP L 977 13.83 -47.82 -9.86
CA ASP L 977 13.83 -46.53 -10.54
C ASP L 977 15.18 -45.80 -10.47
N GLN L 978 15.87 -45.61 -11.60
CA GLN L 978 17.25 -45.10 -11.56
C GLN L 978 17.34 -43.68 -11.01
N VAL L 979 16.32 -42.84 -11.22
CA VAL L 979 16.29 -41.50 -10.64
C VAL L 979 16.21 -41.58 -9.13
N THR L 980 15.44 -42.48 -8.52
CA THR L 980 15.49 -42.69 -7.07
C THR L 980 16.85 -43.20 -6.60
N ARG L 981 17.47 -44.18 -7.28
CA ARG L 981 18.74 -44.77 -6.83
C ARG L 981 19.89 -43.76 -6.79
N GLN L 982 20.03 -42.94 -7.81
CA GLN L 982 21.02 -41.86 -7.87
C GLN L 982 20.85 -40.79 -6.78
N LEU L 983 19.74 -40.80 -6.05
CA LEU L 983 19.48 -39.86 -4.97
C LEU L 983 19.76 -40.46 -3.60
N TYR L 984 19.47 -41.74 -3.38
CA TYR L 984 19.52 -42.35 -2.05
C TYR L 984 20.70 -43.28 -1.77
N GLU L 985 21.32 -43.92 -2.75
CA GLU L 985 22.59 -44.61 -2.49
C GLU L 985 23.64 -43.66 -1.89
N PRO L 986 23.96 -42.50 -2.48
CA PRO L 986 24.85 -41.55 -1.83
C PRO L 986 24.32 -41.10 -0.48
N LEU L 987 23.01 -40.84 -0.32
CA LEU L 987 22.49 -40.37 0.95
C LEU L 987 22.66 -41.38 2.08
N VAL L 988 22.43 -42.67 1.84
CA VAL L 988 22.64 -43.63 2.91
C VAL L 988 24.13 -43.70 3.26
N MET L 989 25.05 -43.71 2.30
CA MET L 989 26.47 -43.71 2.66
C MET L 989 26.86 -42.43 3.41
N GLN L 990 26.33 -41.28 2.99
CA GLN L 990 26.44 -40.01 3.70
C GLN L 990 25.92 -40.11 5.14
N LEU L 991 24.76 -40.69 5.39
CA LEU L 991 24.26 -40.90 6.75
C LEU L 991 25.19 -41.81 7.53
N ILE L 992 25.69 -42.86 6.89
CA ILE L 992 26.53 -43.87 7.51
C ILE L 992 27.87 -43.27 7.92
N HIS L 993 28.44 -42.33 7.16
CA HIS L 993 29.59 -41.53 7.61
C HIS L 993 29.24 -40.74 8.87
N TRP L 994 28.19 -39.93 8.83
CA TRP L 994 27.83 -39.07 9.96
C TRP L 994 27.61 -39.87 11.23
N PHE L 995 26.90 -40.98 11.14
CA PHE L 995 26.66 -41.84 12.27
C PHE L 995 27.89 -42.67 12.67
N THR L 996 29.10 -42.37 12.23
CA THR L 996 30.31 -42.68 13.03
C THR L 996 31.02 -41.38 13.39
N ASN L 997 31.14 -40.98 14.65
CA ASN L 997 31.73 -39.68 15.01
C ASN L 997 32.05 -39.59 16.51
N ASN L 998 32.88 -38.63 16.90
CA ASN L 998 33.51 -38.54 18.23
C ASN L 998 32.50 -38.62 19.40
N LYS L 999 31.39 -37.86 19.33
CA LYS L 999 30.22 -38.06 20.21
C LYS L 999 29.34 -39.20 19.71
N LYS L 1000 28.86 -39.11 18.47
CA LYS L 1000 27.68 -39.87 18.03
C LYS L 1000 27.89 -41.38 17.85
N PHE L 1001 29.12 -41.87 17.85
CA PHE L 1001 29.41 -43.31 17.72
C PHE L 1001 28.88 -44.16 18.88
N GLU L 1002 28.65 -43.52 20.03
CA GLU L 1002 28.07 -44.15 21.23
C GLU L 1002 26.54 -44.05 21.27
N SER L 1003 25.94 -43.24 20.40
CA SER L 1003 24.51 -42.92 20.45
C SER L 1003 23.64 -44.08 19.98
N GLN L 1004 22.47 -44.26 20.60
CA GLN L 1004 21.44 -45.18 20.10
C GLN L 1004 20.92 -44.83 18.70
N ASP L 1005 21.15 -43.62 18.19
CA ASP L 1005 20.92 -43.31 16.78
C ASP L 1005 21.67 -44.31 15.87
N THR L 1006 22.89 -44.65 16.25
CA THR L 1006 23.71 -45.64 15.56
C THR L 1006 23.32 -47.06 15.89
N VAL L 1007 22.76 -47.34 17.06
CA VAL L 1007 22.23 -48.68 17.38
C VAL L 1007 21.01 -48.98 16.51
N ALA L 1008 20.08 -48.03 16.42
CA ALA L 1008 18.95 -48.11 15.52
C ALA L 1008 19.43 -48.29 14.09
N LEU L 1009 20.42 -47.50 13.66
CA LEU L 1009 20.99 -47.65 12.33
C LEU L 1009 21.59 -49.01 12.11
N LEU L 1010 22.45 -49.51 13.00
CA LEU L 1010 23.10 -50.79 12.84
C LEU L 1010 22.08 -51.91 12.75
N GLU L 1011 21.13 -51.98 13.67
CA GLU L 1011 20.11 -53.02 13.68
C GLU L 1011 19.11 -52.89 12.53
N ALA L 1012 18.94 -51.71 11.94
CA ALA L 1012 18.20 -51.58 10.70
C ALA L 1012 18.95 -52.27 9.56
N ILE L 1013 20.25 -52.00 9.40
CA ILE L 1013 21.01 -52.58 8.30
C ILE L 1013 21.20 -54.09 8.47
N LEU L 1014 21.45 -54.54 9.69
CA LEU L 1014 21.58 -55.96 10.00
C LEU L 1014 20.24 -56.69 10.16
N ASP L 1015 19.11 -56.02 9.94
CA ASP L 1015 17.87 -56.66 9.49
C ASP L 1015 17.74 -56.59 7.96
N GLY L 1016 18.28 -55.54 7.33
CA GLY L 1016 18.35 -55.40 5.88
C GLY L 1016 18.98 -56.59 5.19
N ILE L 1017 20.19 -57.01 5.59
CA ILE L 1017 20.86 -58.19 4.97
C ILE L 1017 20.04 -59.49 5.08
N VAL L 1018 19.10 -59.60 5.99
CA VAL L 1018 18.32 -60.83 6.21
C VAL L 1018 17.19 -61.02 5.21
N ASP L 1019 16.75 -59.99 4.48
CA ASP L 1019 15.40 -59.95 3.91
C ASP L 1019 15.00 -61.23 3.14
N PRO L 1020 13.90 -61.89 3.54
CA PRO L 1020 13.50 -63.18 2.98
C PRO L 1020 12.89 -63.10 1.58
N VAL L 1021 12.62 -61.90 1.05
CA VAL L 1021 11.96 -61.71 -0.26
C VAL L 1021 12.66 -60.74 -1.21
N ASP L 1022 13.93 -60.37 -0.99
CA ASP L 1022 14.67 -59.48 -1.89
C ASP L 1022 16.15 -59.88 -2.01
N SER L 1023 16.66 -60.06 -3.23
CA SER L 1023 18.08 -60.38 -3.48
C SER L 1023 19.00 -59.16 -3.54
N THR L 1024 18.53 -57.99 -3.95
CA THR L 1024 19.36 -56.80 -4.18
C THR L 1024 19.46 -55.93 -2.93
N LEU L 1025 18.46 -55.98 -2.05
CA LEU L 1025 18.54 -55.34 -0.74
C LEU L 1025 19.70 -55.91 0.08
N ARG L 1026 19.87 -57.24 0.09
CA ARG L 1026 20.92 -57.89 0.88
C ARG L 1026 22.31 -57.48 0.41
N ASP L 1027 22.54 -57.46 -0.90
CA ASP L 1027 23.80 -56.98 -1.45
C ASP L 1027 24.11 -55.56 -0.99
N PHE L 1028 23.14 -54.65 -1.12
CA PHE L 1028 23.33 -53.28 -0.69
C PHE L 1028 23.65 -53.21 0.80
N CYS L 1029 22.87 -53.89 1.64
CA CYS L 1029 23.10 -53.86 3.08
C CYS L 1029 24.46 -54.44 3.45
N GLY L 1030 24.96 -55.45 2.74
CA GLY L 1030 26.34 -55.90 2.88
C GLY L 1030 27.34 -54.77 2.58
N ARG L 1031 27.22 -54.11 1.43
CA ARG L 1031 28.07 -52.96 1.08
C ARG L 1031 27.92 -51.78 2.05
N CYS L 1032 26.77 -51.66 2.69
CA CYS L 1032 26.56 -50.69 3.77
C CYS L 1032 27.36 -51.08 5.03
N ILE L 1033 27.33 -52.35 5.43
CA ILE L 1033 28.13 -52.87 6.54
C ILE L 1033 29.63 -52.71 6.30
N ARG L 1034 30.08 -52.95 5.07
CA ARG L 1034 31.44 -52.67 4.61
C ARG L 1034 31.85 -51.24 4.95
N GLU L 1035 31.04 -50.26 4.58
CA GLU L 1035 31.38 -48.87 4.81
C GLU L 1035 31.27 -48.46 6.28
N PHE L 1036 30.26 -48.97 6.99
CA PHE L 1036 30.09 -48.75 8.42
C PHE L 1036 31.31 -49.25 9.18
N LEU L 1037 31.81 -50.43 8.85
CA LEU L 1037 33.03 -50.97 9.41
C LEU L 1037 34.24 -50.08 9.05
N LYS L 1038 34.45 -49.70 7.78
CA LYS L 1038 35.57 -48.83 7.41
C LYS L 1038 35.62 -47.57 8.26
N TRP L 1039 34.51 -46.85 8.38
CA TRP L 1039 34.51 -45.61 9.14
C TRP L 1039 34.58 -45.85 10.65
N SER L 1040 34.09 -46.99 11.14
CA SER L 1040 34.33 -47.43 12.51
C SER L 1040 35.80 -47.73 12.82
N ILE L 1041 36.69 -47.84 11.82
CA ILE L 1041 38.14 -47.77 12.00
C ILE L 1041 38.65 -46.35 11.76
N LYS L 1042 38.24 -45.74 10.64
CA LYS L 1042 38.89 -44.57 10.05
C LYS L 1042 38.57 -43.26 10.77
N GLN L 1043 37.31 -43.07 11.18
CA GLN L 1043 36.81 -41.80 11.71
C GLN L 1043 36.86 -41.71 13.23
N ILE L 1044 36.44 -42.77 13.93
CA ILE L 1044 36.43 -42.78 15.39
C ILE L 1044 37.83 -42.96 15.98
N THR L 1045 38.08 -42.32 17.13
CA THR L 1045 39.33 -42.52 17.86
C THR L 1045 39.31 -43.90 18.49
N PRO L 1046 40.32 -44.72 18.26
CA PRO L 1046 40.23 -46.08 18.78
C PRO L 1046 40.36 -46.21 20.29
N GLN L 1047 40.78 -45.16 21.02
CA GLN L 1047 40.93 -45.26 22.45
C GLN L 1047 39.66 -45.76 23.13
N GLN L 1048 38.52 -45.22 22.71
CA GLN L 1048 37.25 -45.80 23.14
C GLN L 1048 36.98 -47.10 22.40
N GLN L 1049 37.48 -47.22 21.17
CA GLN L 1049 36.95 -48.22 20.26
C GLN L 1049 37.18 -49.65 20.76
N GLU L 1050 38.23 -49.89 21.56
CA GLU L 1050 38.49 -51.26 21.97
C GLU L 1050 37.29 -51.87 22.69
N LYS L 1051 36.75 -51.15 23.66
CA LYS L 1051 35.64 -51.68 24.45
C LYS L 1051 34.50 -50.70 24.68
N SER L 1052 34.69 -49.40 24.48
CA SER L 1052 33.59 -48.47 24.69
C SER L 1052 32.43 -48.66 23.75
N PRO L 1053 32.62 -48.83 22.44
CA PRO L 1053 31.46 -48.76 21.54
C PRO L 1053 30.56 -49.97 21.63
N VAL L 1054 29.53 -49.97 20.79
CA VAL L 1054 28.67 -51.11 20.59
C VAL L 1054 28.75 -51.44 19.11
N ASN L 1055 29.92 -51.24 18.51
CA ASN L 1055 30.07 -51.37 17.07
C ASN L 1055 31.16 -52.35 16.64
N THR L 1056 32.41 -52.16 17.07
CA THR L 1056 33.49 -52.82 16.35
C THR L 1056 33.46 -54.33 16.51
N LYS L 1057 33.67 -54.81 17.71
CA LYS L 1057 33.49 -56.24 17.90
C LYS L 1057 32.02 -56.58 17.88
N SER L 1058 31.19 -55.62 18.24
CA SER L 1058 29.78 -55.92 18.34
C SER L 1058 29.21 -56.33 17.00
N LEU L 1059 29.76 -55.84 15.88
CA LEU L 1059 29.56 -56.42 14.56
C LEU L 1059 29.90 -57.91 14.55
N PHE L 1060 31.12 -58.36 14.88
CA PHE L 1060 31.46 -59.80 14.87
C PHE L 1060 30.58 -60.66 15.77
N LYS L 1061 30.38 -60.30 17.03
CA LYS L 1061 29.54 -61.13 17.91
C LYS L 1061 28.07 -61.15 17.48
N ARG L 1062 27.55 -60.07 16.90
CA ARG L 1062 26.22 -60.07 16.28
C ARG L 1062 26.15 -60.99 15.08
N LEU L 1063 27.12 -60.91 14.18
CA LEU L 1063 27.19 -61.77 13.00
C LEU L 1063 27.17 -63.26 13.35
N TYR L 1064 27.87 -63.67 14.40
CA TYR L 1064 27.96 -65.09 14.76
C TYR L 1064 26.61 -65.70 15.07
N SER L 1065 25.75 -64.99 15.82
CA SER L 1065 24.38 -65.43 16.06
C SER L 1065 23.62 -65.68 14.75
N LEU L 1066 23.71 -64.74 13.81
CA LEU L 1066 22.99 -64.84 12.55
C LEU L 1066 23.44 -66.06 11.75
N ALA L 1067 24.71 -66.44 11.85
CA ALA L 1067 25.23 -67.61 11.16
C ALA L 1067 24.73 -68.92 11.80
N LEU L 1068 24.81 -69.04 13.13
CA LEU L 1068 24.35 -70.22 13.86
C LEU L 1068 22.83 -70.40 13.87
N HIS L 1069 22.06 -69.40 13.41
CA HIS L 1069 20.61 -69.48 13.44
C HIS L 1069 20.04 -70.57 12.50
N PRO L 1070 19.04 -71.36 12.92
CA PRO L 1070 18.38 -72.33 12.05
C PRO L 1070 17.56 -71.76 10.89
N ASN L 1071 17.10 -70.52 10.94
CA ASN L 1071 16.43 -69.89 9.80
C ASN L 1071 17.41 -69.68 8.62
N ALA L 1072 17.03 -70.12 7.43
CA ALA L 1072 17.91 -70.06 6.25
C ALA L 1072 18.40 -68.65 5.92
N PHE L 1073 17.53 -67.66 5.98
CA PHE L 1073 17.87 -66.31 5.60
C PHE L 1073 18.83 -65.65 6.60
N LYS L 1074 18.72 -65.99 7.89
CA LYS L 1074 19.70 -65.54 8.88
C LYS L 1074 21.07 -66.13 8.60
N ARG L 1075 21.15 -67.44 8.30
CA ARG L 1075 22.40 -68.10 7.89
C ARG L 1075 23.00 -67.37 6.69
N LEU L 1076 22.18 -67.14 5.67
CA LEU L 1076 22.54 -66.45 4.43
C LEU L 1076 23.09 -65.05 4.70
N GLY L 1077 22.39 -64.28 5.53
CA GLY L 1077 22.76 -62.91 5.87
C GLY L 1077 24.15 -62.84 6.49
N ALA L 1078 24.43 -63.69 7.47
CA ALA L 1078 25.71 -63.67 8.15
C ALA L 1078 26.88 -63.88 7.19
N SER L 1079 26.72 -64.81 6.26
CA SER L 1079 27.70 -64.97 5.21
C SER L 1079 27.84 -63.76 4.31
N LEU L 1080 26.73 -63.15 3.86
CA LEU L 1080 26.80 -62.01 2.94
C LEU L 1080 27.57 -60.82 3.54
N ALA L 1081 27.51 -60.65 4.86
CA ALA L 1081 28.32 -59.66 5.56
C ALA L 1081 29.82 -59.91 5.37
N PHE L 1082 30.31 -61.11 5.71
CA PHE L 1082 31.70 -61.46 5.43
C PHE L 1082 32.04 -61.45 3.96
N ASN L 1083 31.15 -61.83 3.05
CA ASN L 1083 31.48 -61.77 1.63
C ASN L 1083 31.91 -60.36 1.19
N ASN L 1084 31.50 -59.32 1.92
CA ASN L 1084 31.99 -57.95 1.74
C ASN L 1084 33.24 -57.63 2.58
N ILE L 1085 33.23 -57.89 3.89
CA ILE L 1085 34.25 -57.35 4.82
C ILE L 1085 35.62 -58.06 4.78
N TYR L 1086 35.87 -59.01 3.87
CA TYR L 1086 37.19 -59.63 3.66
C TYR L 1086 38.32 -58.62 3.49
N ARG L 1087 38.04 -57.49 2.84
CA ARG L 1087 39.01 -56.43 2.59
C ARG L 1087 39.52 -55.75 3.85
N GLU L 1088 38.92 -55.93 5.03
CA GLU L 1088 39.49 -55.41 6.30
C GLU L 1088 40.75 -56.17 6.74
N PHE L 1089 40.77 -57.48 6.54
CA PHE L 1089 41.90 -58.33 6.91
C PHE L 1089 43.01 -58.32 5.84
N ARG L 1090 42.67 -57.94 4.61
CA ARG L 1090 43.61 -57.44 3.59
C ARG L 1090 44.17 -56.03 3.89
N GLU L 1091 43.90 -55.43 5.06
CA GLU L 1091 44.22 -54.03 5.33
C GLU L 1091 44.88 -53.77 6.70
N GLU L 1092 44.27 -54.20 7.81
CA GLU L 1092 44.49 -53.50 9.09
C GLU L 1092 44.71 -54.40 10.32
N GLU L 1093 43.86 -55.39 10.52
CA GLU L 1093 43.53 -55.92 11.85
C GLU L 1093 44.54 -56.90 12.48
N SER L 1094 45.82 -56.57 12.56
CA SER L 1094 46.91 -57.48 12.93
C SER L 1094 46.70 -58.30 14.23
N LEU L 1095 46.03 -57.74 15.24
CA LEU L 1095 45.61 -58.49 16.43
C LEU L 1095 44.31 -59.26 16.21
N VAL L 1096 43.28 -58.57 15.71
CA VAL L 1096 41.93 -59.10 15.44
C VAL L 1096 41.90 -60.12 14.30
N GLU L 1097 43.02 -60.39 13.62
CA GLU L 1097 43.27 -61.62 12.85
C GLU L 1097 42.74 -62.86 13.56
N GLN L 1098 42.93 -62.92 14.88
CA GLN L 1098 42.46 -64.03 15.71
C GLN L 1098 40.92 -64.20 15.68
N PHE L 1099 40.16 -63.13 15.52
CA PHE L 1099 38.70 -63.13 15.65
C PHE L 1099 38.04 -63.92 14.50
N VAL L 1100 38.61 -63.75 13.30
CA VAL L 1100 38.41 -64.65 12.14
C VAL L 1100 38.96 -66.06 12.34
N PHE L 1101 40.06 -66.27 13.07
CA PHE L 1101 40.48 -67.62 13.45
C PHE L 1101 39.37 -68.33 14.27
N GLU L 1102 38.71 -67.60 15.17
CA GLU L 1102 37.45 -68.00 15.81
C GLU L 1102 36.36 -68.25 14.76
N ALA L 1103 36.18 -67.29 13.85
CA ALA L 1103 35.08 -67.27 12.91
C ALA L 1103 35.15 -68.42 11.89
N LEU L 1104 36.33 -68.91 11.52
CA LEU L 1104 36.43 -70.00 10.56
C LEU L 1104 35.66 -71.22 11.07
N VAL L 1105 35.84 -71.60 12.33
CA VAL L 1105 35.07 -72.69 12.92
C VAL L 1105 33.59 -72.33 13.02
N ILE L 1106 33.27 -71.14 13.53
CA ILE L 1106 31.89 -70.70 13.73
C ILE L 1106 31.12 -70.73 12.39
N TYR L 1107 31.71 -70.21 11.33
CA TYR L 1107 31.13 -70.20 10.00
C TYR L 1107 31.16 -71.59 9.38
N MET L 1108 32.26 -72.33 9.42
CA MET L 1108 32.31 -73.67 8.82
C MET L 1108 31.33 -74.66 9.46
N GLU L 1109 31.10 -74.53 10.77
CA GLU L 1109 30.01 -75.20 11.51
C GLU L 1109 28.62 -74.67 11.17
N SER L 1110 28.44 -73.45 10.67
CA SER L 1110 27.12 -73.07 10.15
C SER L 1110 26.73 -73.97 8.97
N LEU L 1111 27.72 -74.47 8.22
CA LEU L 1111 27.50 -75.44 7.16
C LEU L 1111 27.07 -76.82 7.69
N ALA L 1112 27.13 -77.08 9.00
CA ALA L 1112 26.48 -78.24 9.60
C ALA L 1112 24.94 -78.16 9.48
N LEU L 1113 24.42 -76.94 9.38
CA LEU L 1113 22.99 -76.65 9.31
C LEU L 1113 22.48 -76.62 7.86
N ALA L 1114 23.39 -76.56 6.87
CA ALA L 1114 23.07 -76.32 5.47
C ALA L 1114 22.36 -77.50 4.79
N HIS L 1115 22.86 -78.72 5.01
CA HIS L 1115 22.52 -79.92 4.24
C HIS L 1115 21.06 -80.36 4.32
N ALA L 1116 20.45 -80.19 5.49
CA ALA L 1116 19.28 -80.97 5.87
C ALA L 1116 18.02 -80.67 5.04
N ASP L 1117 17.78 -79.42 4.65
CA ASP L 1117 16.51 -78.99 4.05
C ASP L 1117 16.59 -77.65 3.29
N GLU L 1118 15.42 -77.10 2.90
CA GLU L 1118 15.21 -75.75 2.35
C GLU L 1118 15.84 -75.48 0.97
N LYS L 1119 16.33 -76.51 0.28
CA LYS L 1119 17.33 -76.41 -0.80
C LYS L 1119 17.07 -75.30 -1.82
N SER L 1120 15.84 -75.16 -2.30
CA SER L 1120 15.49 -74.18 -3.35
C SER L 1120 15.60 -72.71 -2.89
N LEU L 1121 15.27 -72.41 -1.63
CA LEU L 1121 15.54 -71.08 -1.03
C LEU L 1121 16.99 -70.94 -0.55
N GLY L 1122 17.55 -72.02 0.01
CA GLY L 1122 18.86 -72.01 0.64
C GLY L 1122 20.03 -72.06 -0.34
N THR L 1123 20.46 -70.90 -0.88
CA THR L 1123 21.74 -70.75 -1.60
C THR L 1123 22.97 -70.62 -0.66
N ILE L 1124 22.82 -70.99 0.60
CA ILE L 1124 23.82 -70.87 1.68
C ILE L 1124 25.08 -71.70 1.38
N GLN L 1125 24.90 -72.88 0.78
CA GLN L 1125 26.01 -73.75 0.42
C GLN L 1125 26.96 -73.08 -0.56
N GLN L 1126 26.47 -72.34 -1.56
CA GLN L 1126 27.36 -71.58 -2.44
C GLN L 1126 28.02 -70.43 -1.67
N CYS L 1127 27.31 -69.81 -0.74
CA CYS L 1127 27.91 -68.78 0.11
C CYS L 1127 29.01 -69.33 1.04
N CYS L 1128 29.19 -70.65 1.17
CA CYS L 1128 30.42 -71.18 1.79
C CYS L 1128 31.67 -70.81 0.99
N ASP L 1129 31.62 -70.49 -0.30
CA ASP L 1129 32.81 -70.00 -1.01
C ASP L 1129 33.36 -68.67 -0.44
N ALA L 1130 32.65 -67.98 0.45
CA ALA L 1130 33.23 -66.92 1.27
C ALA L 1130 34.46 -67.36 2.08
N ILE L 1131 34.50 -68.62 2.51
CA ILE L 1131 35.59 -69.25 3.27
C ILE L 1131 36.89 -69.32 2.47
N ASP L 1132 36.86 -69.17 1.15
CA ASP L 1132 38.06 -69.00 0.33
C ASP L 1132 38.95 -67.83 0.82
N HIS L 1133 38.33 -66.71 1.22
CA HIS L 1133 39.07 -65.59 1.79
C HIS L 1133 39.68 -65.99 3.14
N LEU L 1134 38.91 -66.69 3.97
CA LEU L 1134 39.37 -67.16 5.28
C LEU L 1134 40.44 -68.27 5.18
N CYS L 1135 40.59 -68.91 4.02
CA CYS L 1135 41.80 -69.63 3.65
C CYS L 1135 42.92 -68.66 3.26
N ARG L 1136 42.73 -67.79 2.26
CA ARG L 1136 43.82 -66.99 1.70
C ARG L 1136 44.47 -66.03 2.68
N ILE L 1137 43.73 -65.51 3.67
CA ILE L 1137 44.34 -64.68 4.73
C ILE L 1137 45.45 -65.43 5.48
N ILE L 1138 45.30 -66.74 5.65
CA ILE L 1138 46.36 -67.61 6.15
C ILE L 1138 47.49 -67.64 5.13
N GLU L 1139 47.23 -67.99 3.88
CA GLU L 1139 48.25 -68.15 2.84
C GLU L 1139 49.19 -66.93 2.67
N LYS L 1140 48.75 -65.70 2.99
CA LYS L 1140 49.60 -64.48 3.06
C LYS L 1140 50.26 -64.19 4.43
N LYS L 1141 49.80 -64.78 5.55
CA LYS L 1141 50.17 -64.42 6.93
C LYS L 1141 50.68 -65.57 7.81
N HIS L 1142 50.71 -66.80 7.32
CA HIS L 1142 50.98 -68.04 8.09
C HIS L 1142 52.17 -67.97 9.07
N VAL L 1143 53.23 -67.23 8.77
CA VAL L 1143 54.42 -67.09 9.63
C VAL L 1143 54.13 -66.58 11.05
N SER L 1144 53.13 -65.72 11.24
CA SER L 1144 52.69 -65.29 12.57
C SER L 1144 51.64 -66.22 13.20
N LEU L 1145 51.03 -67.14 12.43
CA LEU L 1145 50.07 -68.13 12.96
C LEU L 1145 50.75 -69.31 13.69
N ASN L 1146 52.06 -69.26 13.88
CA ASN L 1146 52.77 -70.03 14.90
C ASN L 1146 53.67 -69.14 15.82
N LYS L 1147 53.39 -67.83 15.92
CA LYS L 1147 53.95 -66.99 16.99
C LYS L 1147 53.31 -67.38 18.31
N ALA L 1148 54.05 -67.29 19.40
CA ALA L 1148 53.56 -67.67 20.73
C ALA L 1148 52.40 -66.77 21.23
N LYS L 1149 51.73 -67.23 22.31
CA LYS L 1149 51.03 -66.45 23.33
C LYS L 1149 49.93 -65.56 22.76
N LYS L 1150 49.35 -65.96 21.63
CA LYS L 1150 48.14 -65.34 21.12
C LYS L 1150 47.02 -66.36 21.28
N ARG L 1151 46.09 -66.07 22.19
CA ARG L 1151 45.24 -67.09 22.75
C ARG L 1151 43.78 -66.67 22.75
N ARG L 1152 43.27 -66.18 21.63
CA ARG L 1152 41.84 -65.87 21.58
C ARG L 1152 41.01 -67.12 21.76
N LEU L 1153 40.02 -67.04 22.63
CA LEU L 1153 39.18 -68.18 22.91
C LEU L 1153 38.43 -68.54 21.63
N PRO L 1154 38.52 -69.78 21.19
CA PRO L 1154 37.77 -70.21 20.01
C PRO L 1154 36.48 -70.93 20.38
N ARG L 1155 35.73 -71.35 19.37
CA ARG L 1155 34.63 -72.27 19.61
C ARG L 1155 35.03 -73.68 19.22
N GLY L 1156 34.56 -74.66 19.98
CA GLY L 1156 34.88 -76.05 19.71
C GLY L 1156 36.22 -76.49 20.23
N PHE L 1157 36.73 -75.83 21.26
CA PHE L 1157 38.01 -76.18 21.88
C PHE L 1157 37.93 -75.81 23.36
N PRO L 1158 37.74 -76.79 24.25
CA PRO L 1158 37.64 -76.48 25.68
C PRO L 1158 38.91 -75.82 26.22
N PRO L 1159 40.08 -76.44 26.10
CA PRO L 1159 41.24 -75.86 26.79
C PRO L 1159 41.80 -74.67 26.04
N SER L 1160 41.94 -73.51 26.68
CA SER L 1160 42.82 -72.41 26.18
C SER L 1160 44.32 -72.79 26.05
N ALA L 1161 45.06 -72.23 25.08
CA ALA L 1161 46.44 -72.60 24.69
C ALA L 1161 47.24 -71.48 23.96
N SER L 1162 48.57 -71.65 23.87
CA SER L 1162 49.56 -70.68 23.32
C SER L 1162 50.14 -71.05 21.95
N LEU L 1163 50.47 -72.34 21.75
CA LEU L 1163 50.73 -72.96 20.44
C LEU L 1163 49.48 -73.71 19.94
N CYS L 1164 48.30 -73.21 20.33
CA CYS L 1164 46.95 -73.61 19.88
C CYS L 1164 46.88 -73.81 18.36
N LEU L 1165 47.62 -72.95 17.68
CA LEU L 1165 47.55 -72.69 16.27
C LEU L 1165 48.07 -73.83 15.37
N LEU L 1166 48.82 -74.78 15.94
CA LEU L 1166 49.18 -76.03 15.27
C LEU L 1166 48.04 -77.03 15.29
N ASP L 1167 47.62 -77.46 16.49
CA ASP L 1167 46.66 -78.55 16.67
C ASP L 1167 45.27 -78.20 16.17
N LEU L 1168 45.00 -76.93 15.92
CA LEU L 1168 43.77 -76.55 15.22
C LEU L 1168 43.80 -76.92 13.72
N VAL L 1169 44.92 -77.40 13.19
CA VAL L 1169 44.98 -78.18 11.95
C VAL L 1169 44.61 -79.64 12.18
N LYS L 1170 45.02 -80.24 13.29
CA LYS L 1170 44.54 -81.57 13.70
C LYS L 1170 43.01 -81.54 13.91
N TRP L 1171 42.45 -80.43 14.35
CA TRP L 1171 41.01 -80.26 14.40
C TRP L 1171 40.34 -80.35 13.02
N LEU L 1172 40.93 -79.79 11.97
CA LEU L 1172 40.41 -80.01 10.61
C LEU L 1172 40.50 -81.49 10.19
N LEU L 1173 41.57 -82.21 10.55
CA LEU L 1173 41.64 -83.66 10.30
C LEU L 1173 40.55 -84.39 11.09
N ALA L 1174 40.39 -84.07 12.38
CA ALA L 1174 39.29 -84.56 13.18
C ALA L 1174 37.93 -84.27 12.54
N HIS L 1175 37.77 -83.10 11.93
CA HIS L 1175 36.60 -82.68 11.16
C HIS L 1175 36.69 -83.03 9.66
N CYS L 1176 36.90 -84.31 9.36
CA CYS L 1176 36.70 -84.86 8.01
C CYS L 1176 35.39 -85.64 7.86
N GLY L 1177 35.30 -86.89 8.33
CA GLY L 1177 34.22 -87.82 7.95
C GLY L 1177 32.85 -87.61 8.62
N ARG L 1178 32.37 -86.37 8.70
CA ARG L 1178 31.01 -86.05 9.12
C ARG L 1178 30.00 -86.27 7.98
N PRO L 1179 28.71 -86.54 8.26
CA PRO L 1179 27.72 -86.77 7.22
C PRO L 1179 27.42 -85.55 6.33
N GLN L 1180 27.64 -84.33 6.82
CA GLN L 1180 27.30 -83.09 6.10
C GLN L 1180 28.21 -82.89 4.88
N THR L 1181 27.64 -83.13 3.70
CA THR L 1181 28.41 -83.45 2.49
C THR L 1181 29.27 -82.30 1.98
N GLU L 1182 28.83 -81.05 2.14
CA GLU L 1182 29.62 -79.90 1.72
C GLU L 1182 30.72 -79.57 2.73
N CYS L 1183 30.41 -79.65 4.03
CA CYS L 1183 31.37 -79.34 5.08
C CYS L 1183 32.55 -80.30 5.06
N ARG L 1184 32.31 -81.61 4.90
CA ARG L 1184 33.40 -82.57 4.76
C ARG L 1184 34.26 -82.28 3.53
N HIS L 1185 33.70 -81.85 2.39
CA HIS L 1185 34.55 -81.42 1.27
C HIS L 1185 35.42 -80.23 1.65
N LYS L 1186 34.79 -79.17 2.17
CA LYS L 1186 35.47 -77.92 2.49
C LYS L 1186 36.62 -78.18 3.46
N SER L 1187 36.36 -78.96 4.51
CA SER L 1187 37.36 -79.33 5.50
C SER L 1187 38.59 -80.01 4.91
N ILE L 1188 38.41 -80.85 3.89
CA ILE L 1188 39.43 -81.73 3.33
C ILE L 1188 40.43 -80.96 2.47
N GLU L 1189 39.98 -80.16 1.51
CA GLU L 1189 40.92 -79.37 0.69
C GLU L 1189 41.66 -78.36 1.56
N LEU L 1190 40.97 -77.81 2.56
CA LEU L 1190 41.48 -76.81 3.48
C LEU L 1190 42.54 -77.45 4.38
N PHE L 1191 42.27 -78.64 4.93
CA PHE L 1191 43.25 -79.46 5.64
C PHE L 1191 44.48 -79.81 4.76
N TYR L 1192 44.29 -80.32 3.55
CA TYR L 1192 45.40 -80.74 2.69
C TYR L 1192 46.27 -79.55 2.26
N LYS L 1193 45.71 -78.33 2.23
CA LYS L 1193 46.50 -77.10 2.10
C LYS L 1193 47.17 -76.69 3.42
N PHE L 1194 46.47 -76.76 4.55
CA PHE L 1194 46.98 -76.29 5.84
C PHE L 1194 48.19 -77.08 6.32
N VAL L 1195 48.34 -78.31 5.88
CA VAL L 1195 49.39 -79.23 6.33
C VAL L 1195 50.82 -78.79 5.98
N PRO L 1196 51.20 -78.50 4.72
CA PRO L 1196 52.47 -77.85 4.43
C PRO L 1196 52.55 -76.41 4.94
N LEU L 1197 51.42 -75.83 5.39
CA LEU L 1197 51.34 -74.54 6.07
C LEU L 1197 51.56 -74.65 7.60
N LEU L 1198 51.90 -75.83 8.12
CA LEU L 1198 52.60 -76.00 9.39
C LEU L 1198 54.14 -75.92 9.20
N PRO L 1199 54.90 -75.52 10.23
CA PRO L 1199 56.37 -75.55 10.22
C PRO L 1199 56.93 -76.97 10.27
N GLY L 1200 58.23 -77.13 9.98
CA GLY L 1200 58.92 -78.42 10.04
C GLY L 1200 58.62 -79.33 8.84
N ASN L 1201 58.15 -80.56 9.08
CA ASN L 1201 57.79 -81.50 8.02
C ASN L 1201 56.68 -80.92 7.14
N ARG L 1202 56.97 -80.74 5.84
CA ARG L 1202 56.14 -79.95 4.91
C ARG L 1202 55.86 -80.64 3.58
N SER L 1203 55.24 -81.79 3.65
CA SER L 1203 54.51 -82.43 2.54
C SER L 1203 53.37 -83.21 3.17
N PRO L 1204 52.19 -83.36 2.54
CA PRO L 1204 51.07 -84.07 3.15
C PRO L 1204 51.46 -85.49 3.56
N ASN L 1205 52.11 -86.24 2.66
CA ASN L 1205 52.66 -87.56 2.98
C ASN L 1205 53.70 -87.51 4.11
N LEU L 1206 54.66 -86.58 4.06
CA LEU L 1206 55.77 -86.51 5.02
C LEU L 1206 55.34 -86.05 6.41
N TRP L 1207 54.31 -85.21 6.52
CA TRP L 1207 53.70 -84.83 7.79
C TRP L 1207 52.79 -85.95 8.31
N LEU L 1208 51.96 -86.52 7.43
CA LEU L 1208 51.15 -87.69 7.78
C LEU L 1208 52.02 -88.87 8.21
N LYS L 1209 53.26 -89.01 7.71
CA LYS L 1209 54.21 -90.04 8.11
C LYS L 1209 54.29 -90.20 9.61
N ASP L 1210 54.41 -89.10 10.37
CA ASP L 1210 54.46 -89.18 11.82
C ASP L 1210 53.13 -89.69 12.41
N VAL L 1211 51.96 -89.12 12.07
CA VAL L 1211 50.73 -89.62 12.71
C VAL L 1211 50.44 -91.09 12.37
N LEU L 1212 50.70 -91.54 11.13
CA LEU L 1212 50.48 -92.94 10.76
C LEU L 1212 51.51 -93.88 11.40
N LYS L 1213 52.75 -93.44 11.65
CA LYS L 1213 53.79 -94.24 12.32
C LYS L 1213 53.55 -94.43 13.82
N GLU L 1214 52.93 -93.46 14.50
CA GLU L 1214 52.81 -93.48 15.97
C GLU L 1214 51.38 -93.65 16.50
N GLU L 1215 50.37 -93.09 15.83
CA GLU L 1215 48.99 -93.22 16.32
C GLU L 1215 48.33 -94.54 15.92
N GLY L 1216 48.80 -95.16 14.83
CA GLY L 1216 48.28 -96.44 14.32
C GLY L 1216 46.95 -96.31 13.58
N VAL L 1217 46.67 -97.25 12.68
CA VAL L 1217 45.52 -97.15 11.76
C VAL L 1217 44.18 -97.16 12.46
N SER L 1218 44.06 -97.68 13.69
CA SER L 1218 42.84 -97.58 14.50
C SER L 1218 42.47 -96.12 14.82
N PHE L 1219 43.44 -95.24 15.09
CA PHE L 1219 43.20 -93.81 15.24
C PHE L 1219 42.75 -93.18 13.92
N LEU L 1220 43.40 -93.52 12.81
CA LEU L 1220 42.99 -93.03 11.49
C LEU L 1220 41.60 -93.54 11.12
N ILE L 1221 41.20 -94.73 11.54
CA ILE L 1221 39.82 -95.22 11.41
C ILE L 1221 38.86 -94.36 12.24
N ASN L 1222 39.16 -94.13 13.52
CA ASN L 1222 38.38 -93.20 14.35
C ASN L 1222 38.36 -91.75 13.85
N THR L 1223 39.20 -91.37 12.87
CA THR L 1223 39.27 -90.01 12.32
C THR L 1223 39.06 -89.96 10.79
N PHE L 1224 38.75 -91.07 10.13
CA PHE L 1224 38.30 -91.15 8.73
C PHE L 1224 36.98 -91.90 8.57
N GLU L 1225 36.45 -92.50 9.63
CA GLU L 1225 35.03 -92.87 9.70
C GLU L 1225 34.33 -92.19 10.86
N GLY L 1226 34.98 -92.07 12.01
CA GLY L 1226 34.39 -91.56 13.25
C GLY L 1226 34.05 -90.06 13.35
N GLY L 1227 34.48 -89.22 12.39
CA GLY L 1227 34.41 -87.76 12.52
C GLY L 1227 33.02 -87.14 12.62
N GLY L 1228 32.96 -85.88 13.07
CA GLY L 1228 31.74 -85.06 13.17
C GLY L 1228 31.14 -85.02 14.58
N CYS L 1229 31.03 -83.80 15.15
CA CYS L 1229 30.55 -83.50 16.50
C CYS L 1229 31.08 -84.46 17.60
N GLY L 1230 32.39 -84.68 17.62
CA GLY L 1230 33.04 -85.73 18.39
C GLY L 1230 33.02 -87.05 17.63
N GLN L 1231 32.53 -88.12 18.25
CA GLN L 1231 32.31 -89.42 17.62
C GLN L 1231 31.04 -90.11 18.16
N PRO L 1232 29.85 -89.80 17.59
CA PRO L 1232 28.67 -90.67 17.65
C PRO L 1232 28.82 -91.96 16.80
N SER L 1233 29.79 -92.81 17.15
CA SER L 1233 30.03 -94.19 16.68
C SER L 1233 30.11 -94.41 15.15
N GLY L 1234 30.71 -93.48 14.39
CA GLY L 1234 30.76 -93.52 12.92
C GLY L 1234 31.45 -94.74 12.25
N ILE L 1235 32.12 -95.61 13.02
CA ILE L 1235 32.70 -96.90 12.55
C ILE L 1235 31.69 -98.07 12.53
N LEU L 1236 30.47 -97.92 13.06
CA LEU L 1236 29.51 -99.02 13.22
C LEU L 1236 28.75 -99.35 11.91
N ALA L 1237 29.25 -100.36 11.19
CA ALA L 1237 28.71 -100.75 9.89
C ALA L 1237 27.48 -101.69 9.99
N GLN L 1238 27.49 -102.79 10.72
CA GLN L 1238 26.35 -103.72 10.75
C GLN L 1238 24.94 -103.17 11.20
N PRO L 1239 24.77 -102.26 12.19
CA PRO L 1239 23.45 -101.80 12.64
C PRO L 1239 22.67 -101.07 11.55
N THR L 1240 23.38 -100.31 10.71
CA THR L 1240 22.73 -99.66 9.58
C THR L 1240 22.18 -100.68 8.59
N LEU L 1241 22.95 -101.73 8.31
CA LEU L 1241 22.41 -102.81 7.50
C LEU L 1241 21.12 -103.33 8.10
N LEU L 1242 21.13 -103.59 9.40
CA LEU L 1242 20.02 -104.28 10.06
C LEU L 1242 18.88 -103.34 10.39
N TYR L 1243 19.15 -102.19 10.98
CA TYR L 1243 18.06 -101.35 11.46
C TYR L 1243 17.44 -100.56 10.31
N SER L 1249 12.91 -99.07 6.46
CA SER L 1249 13.08 -98.38 7.74
C SER L 1249 12.88 -96.86 7.61
N LEU L 1250 13.13 -96.12 8.69
CA LEU L 1250 12.90 -94.68 8.80
C LEU L 1250 13.62 -93.86 7.72
N GLN L 1251 13.01 -92.79 7.24
CA GLN L 1251 13.62 -91.86 6.27
C GLN L 1251 14.96 -91.30 6.77
N ALA L 1252 15.12 -91.13 8.08
CA ALA L 1252 16.37 -90.69 8.70
C ALA L 1252 17.57 -91.60 8.39
N THR L 1253 17.38 -92.85 7.96
CA THR L 1253 18.48 -93.71 7.49
C THR L 1253 19.29 -93.12 6.33
N LEU L 1254 18.70 -92.21 5.55
CA LEU L 1254 19.40 -91.44 4.51
C LEU L 1254 20.55 -90.60 5.09
N CYS L 1255 20.46 -90.09 6.33
CA CYS L 1255 21.59 -89.38 6.93
C CYS L 1255 22.78 -90.31 7.16
N TRP L 1256 22.54 -91.60 7.44
CA TRP L 1256 23.61 -92.58 7.46
C TRP L 1256 24.06 -92.98 6.04
N LEU L 1257 23.18 -93.09 5.05
CA LEU L 1257 23.64 -93.31 3.68
C LEU L 1257 24.64 -92.22 3.28
N ASP L 1258 24.42 -90.97 3.72
CA ASP L 1258 25.40 -89.89 3.58
C ASP L 1258 26.65 -90.07 4.45
N LEU L 1259 26.54 -90.65 5.64
CA LEU L 1259 27.70 -91.03 6.46
C LEU L 1259 28.57 -92.07 5.77
N LEU L 1260 27.96 -93.06 5.12
CA LEU L 1260 28.67 -94.00 4.25
C LEU L 1260 29.33 -93.25 3.09
N LEU L 1261 28.63 -92.31 2.46
CA LEU L 1261 29.18 -91.53 1.37
C LEU L 1261 30.45 -90.77 1.80
N ALA L 1262 30.44 -90.15 2.98
CA ALA L 1262 31.63 -89.58 3.58
C ALA L 1262 32.68 -90.66 3.92
N ALA L 1263 32.26 -91.81 4.43
CA ALA L 1263 33.10 -92.97 4.70
C ALA L 1263 33.65 -93.66 3.44
N LEU L 1264 33.22 -93.27 2.24
CA LEU L 1264 33.92 -93.54 0.99
C LEU L 1264 34.87 -92.37 0.65
N GLU L 1265 34.36 -91.13 0.67
CA GLU L 1265 35.08 -90.00 0.08
C GLU L 1265 36.38 -89.65 0.81
N CYS L 1266 36.51 -90.05 2.07
CA CYS L 1266 37.79 -90.08 2.79
C CYS L 1266 38.83 -90.91 2.03
N TYR L 1267 38.66 -92.24 1.92
CA TYR L 1267 39.59 -93.09 1.18
C TYR L 1267 39.78 -92.64 -0.26
N ASN L 1268 38.76 -92.09 -0.87
CA ASN L 1268 38.84 -91.50 -2.19
C ASN L 1268 39.96 -90.43 -2.37
N THR L 1269 40.46 -89.82 -1.30
CA THR L 1269 41.47 -88.74 -1.34
C THR L 1269 42.86 -89.15 -0.90
N PHE L 1270 43.01 -89.88 0.21
CA PHE L 1270 44.34 -90.18 0.79
C PHE L 1270 45.29 -90.91 -0.17
N ILE L 1271 44.81 -91.99 -0.78
CA ILE L 1271 45.64 -92.83 -1.64
C ILE L 1271 45.86 -92.19 -3.02
N GLY L 1272 44.85 -91.52 -3.59
CA GLY L 1272 44.92 -90.82 -4.87
C GLY L 1272 45.93 -89.65 -4.85
N GLU L 1273 46.03 -88.97 -3.71
CA GLU L 1273 47.07 -87.97 -3.43
C GLU L 1273 48.44 -88.59 -3.06
N ARG L 1274 48.54 -89.92 -2.98
CA ARG L 1274 49.71 -90.71 -2.60
C ARG L 1274 50.29 -90.29 -1.25
N THR L 1275 49.41 -90.25 -0.24
CA THR L 1275 49.72 -89.84 1.16
C THR L 1275 49.80 -90.96 2.19
N VAL L 1276 49.36 -92.18 1.87
CA VAL L 1276 49.37 -93.34 2.77
C VAL L 1276 49.68 -94.63 1.99
N GLY L 1277 50.34 -95.61 2.62
CA GLY L 1277 50.49 -96.96 2.10
C GLY L 1277 49.15 -97.71 2.04
N ALA L 1278 48.69 -98.08 0.86
CA ALA L 1278 47.29 -98.46 0.64
C ALA L 1278 46.80 -99.67 1.47
N LEU L 1279 47.66 -100.67 1.68
CA LEU L 1279 47.32 -101.86 2.47
C LEU L 1279 47.34 -101.59 3.98
N GLN L 1280 47.95 -100.49 4.45
CA GLN L 1280 47.75 -100.01 5.82
C GLN L 1280 46.31 -99.51 5.98
N VAL L 1281 45.85 -98.70 5.01
CA VAL L 1281 44.55 -98.01 5.02
C VAL L 1281 43.39 -98.99 5.04
N LEU L 1282 43.37 -99.95 4.11
CA LEU L 1282 42.33 -100.98 4.03
C LEU L 1282 42.62 -102.07 5.08
N GLY L 1283 42.51 -101.69 6.36
CA GLY L 1283 43.03 -102.42 7.52
C GLY L 1283 42.28 -103.68 7.95
N THR L 1284 42.97 -104.53 8.71
CA THR L 1284 42.46 -105.77 9.31
C THR L 1284 41.64 -105.52 10.58
N GLU L 1285 41.99 -104.46 11.28
CA GLU L 1285 41.49 -104.03 12.59
C GLU L 1285 40.21 -103.19 12.48
N ALA L 1286 39.07 -103.90 12.37
CA ALA L 1286 37.71 -103.35 12.46
C ALA L 1286 37.31 -102.25 11.44
N GLN L 1287 37.83 -102.29 10.21
CA GLN L 1287 37.49 -101.34 9.13
C GLN L 1287 36.11 -101.62 8.48
N SER L 1288 35.09 -101.86 9.30
CA SER L 1288 33.90 -102.63 8.92
C SER L 1288 33.04 -102.04 7.80
N SER L 1289 33.16 -100.74 7.49
CA SER L 1289 32.41 -100.09 6.40
C SER L 1289 32.71 -100.71 5.03
N LEU L 1290 33.97 -100.71 4.62
CA LEU L 1290 34.37 -101.27 3.32
C LEU L 1290 34.23 -102.80 3.28
N LEU L 1291 34.35 -103.44 4.45
CA LEU L 1291 34.28 -104.90 4.58
C LEU L 1291 32.84 -105.43 4.46
N LYS L 1292 31.86 -104.74 5.05
CA LYS L 1292 30.44 -105.17 5.11
C LYS L 1292 29.48 -104.21 4.40
N ALA L 1293 29.55 -102.91 4.70
CA ALA L 1293 28.57 -101.96 4.20
C ALA L 1293 28.63 -101.81 2.67
N VAL L 1294 29.82 -101.61 2.06
CA VAL L 1294 29.92 -101.51 0.60
C VAL L 1294 29.40 -102.78 -0.07
N ALA L 1295 29.81 -103.95 0.42
CA ALA L 1295 29.34 -105.22 -0.11
C ALA L 1295 27.81 -105.26 -0.10
N PHE L 1296 27.16 -105.06 1.04
CA PHE L 1296 25.70 -105.06 1.15
C PHE L 1296 25.03 -104.04 0.25
N PHE L 1297 25.56 -102.82 0.18
CA PHE L 1297 25.00 -101.80 -0.68
C PHE L 1297 24.88 -102.33 -2.11
N LEU L 1298 25.93 -102.95 -2.62
CA LEU L 1298 25.97 -103.53 -3.95
C LEU L 1298 25.16 -104.82 -4.08
N GLU L 1299 25.22 -105.72 -3.09
CA GLU L 1299 24.51 -107.00 -3.09
C GLU L 1299 22.99 -106.88 -2.89
N SER L 1300 22.51 -105.79 -2.30
CA SER L 1300 21.16 -105.74 -1.72
C SER L 1300 20.47 -104.39 -1.68
N ILE L 1301 21.08 -103.27 -2.10
CA ILE L 1301 20.40 -101.95 -2.13
C ILE L 1301 20.44 -101.32 -3.52
N ALA L 1302 21.62 -101.22 -4.15
CA ALA L 1302 21.89 -100.33 -5.28
C ALA L 1302 21.01 -100.53 -6.52
N MET L 1303 20.37 -101.70 -6.68
CA MET L 1303 19.47 -102.04 -7.79
C MET L 1303 18.13 -102.64 -7.29
N HIS L 1304 17.87 -102.55 -5.99
CA HIS L 1304 16.96 -103.47 -5.27
C HIS L 1304 15.68 -102.78 -4.76
N ASP L 1305 15.34 -101.64 -5.35
CA ASP L 1305 14.55 -100.58 -4.71
C ASP L 1305 13.47 -99.96 -5.62
N ILE L 1306 12.58 -100.81 -6.16
CA ILE L 1306 11.35 -100.37 -6.85
C ILE L 1306 10.49 -99.57 -5.87
N ILE L 1307 10.02 -100.23 -4.81
CA ILE L 1307 9.66 -99.70 -3.48
C ILE L 1307 10.23 -100.70 -2.47
N ALA L 1308 10.90 -100.23 -1.42
CA ALA L 1308 11.68 -101.07 -0.52
C ALA L 1308 11.91 -100.41 0.85
N ALA L 1309 12.34 -101.22 1.82
CA ALA L 1309 12.63 -100.82 3.19
C ALA L 1309 13.81 -101.64 3.74
N GLU L 1310 14.67 -101.03 4.57
CA GLU L 1310 15.80 -101.73 5.22
C GLU L 1310 15.38 -102.56 6.43
N LYS L 1311 14.29 -102.17 7.13
CA LYS L 1311 13.71 -102.81 8.32
C LYS L 1311 14.77 -103.43 9.26
N SER L 1323 5.11 -91.31 -3.41
CA SER L 1323 5.47 -89.94 -3.05
C SER L 1323 6.77 -89.45 -3.71
N PRO L 1324 6.99 -88.12 -3.80
CA PRO L 1324 8.25 -87.55 -4.28
C PRO L 1324 9.43 -87.77 -3.32
N GLN L 1325 9.20 -88.14 -2.06
CA GLN L 1325 10.25 -88.36 -1.07
C GLN L 1325 11.26 -89.43 -1.53
N GLU L 1326 10.78 -90.62 -1.87
CA GLU L 1326 11.58 -91.71 -2.44
C GLU L 1326 12.20 -91.29 -3.78
N GLY L 1327 11.36 -90.79 -4.68
CA GLY L 1327 11.71 -90.45 -6.06
C GLY L 1327 12.73 -89.30 -6.20
N GLU L 1328 12.86 -88.47 -5.16
CA GLU L 1328 13.75 -87.31 -5.17
C GLU L 1328 14.86 -87.45 -4.12
N ARG L 1329 14.55 -87.58 -2.83
CA ARG L 1329 15.56 -87.60 -1.76
C ARG L 1329 16.33 -88.91 -1.76
N TYR L 1330 15.64 -90.04 -1.75
CA TYR L 1330 16.32 -91.33 -1.72
C TYR L 1330 17.02 -91.59 -3.06
N ASN L 1331 16.34 -91.41 -4.19
CA ASN L 1331 17.00 -91.54 -5.48
C ASN L 1331 18.20 -90.59 -5.63
N TYR L 1332 18.13 -89.30 -5.29
CA TYR L 1332 19.32 -88.45 -5.40
C TYR L 1332 20.43 -88.88 -4.43
N SER L 1333 20.09 -89.33 -3.22
CA SER L 1333 21.12 -89.82 -2.30
C SER L 1333 21.78 -91.07 -2.86
N LYS L 1334 21.05 -92.12 -3.23
CA LYS L 1334 21.67 -93.30 -3.85
C LYS L 1334 22.36 -92.93 -5.17
N CYS L 1335 21.92 -91.96 -5.95
CA CYS L 1335 22.62 -91.61 -7.19
C CYS L 1335 24.07 -91.21 -6.88
N THR L 1336 24.26 -90.32 -5.89
CA THR L 1336 25.60 -89.90 -5.49
C THR L 1336 26.43 -91.04 -4.92
N VAL L 1337 25.84 -92.00 -4.20
CA VAL L 1337 26.60 -93.07 -3.55
C VAL L 1337 27.13 -94.09 -4.52
N VAL L 1338 26.27 -94.60 -5.41
CA VAL L 1338 26.70 -95.64 -6.36
C VAL L 1338 27.78 -95.10 -7.29
N VAL L 1339 27.64 -93.85 -7.72
CA VAL L 1339 28.70 -93.13 -8.45
C VAL L 1339 29.96 -92.98 -7.60
N ARG L 1340 29.86 -92.76 -6.29
CA ARG L 1340 31.05 -92.64 -5.44
C ARG L 1340 31.74 -93.96 -5.17
N ILE L 1341 31.05 -95.10 -5.06
CA ILE L 1341 31.71 -96.41 -5.02
C ILE L 1341 32.44 -96.66 -6.32
N MET L 1342 31.75 -96.50 -7.44
CA MET L 1342 32.32 -96.71 -8.77
C MET L 1342 33.60 -95.88 -8.90
N GLU L 1343 33.58 -94.62 -8.50
CA GLU L 1343 34.75 -93.75 -8.53
C GLU L 1343 35.96 -94.33 -7.81
N PHE L 1344 35.86 -94.83 -6.57
CA PHE L 1344 37.05 -95.27 -5.85
C PHE L 1344 37.76 -96.43 -6.56
N THR L 1345 36.99 -97.34 -7.16
CA THR L 1345 37.55 -98.58 -7.72
C THR L 1345 38.58 -98.27 -8.77
N THR L 1346 38.44 -97.14 -9.47
CA THR L 1346 39.52 -96.50 -10.21
C THR L 1346 40.43 -95.72 -9.30
N THR L 1347 39.92 -94.62 -8.74
CA THR L 1347 40.70 -93.44 -8.35
C THR L 1347 41.60 -93.64 -7.13
N LEU L 1348 41.19 -94.41 -6.13
CA LEU L 1348 42.10 -94.76 -5.02
C LEU L 1348 42.80 -96.10 -5.26
N LEU L 1349 42.18 -96.98 -6.02
CA LEU L 1349 42.41 -98.41 -5.86
C LEU L 1349 43.30 -99.03 -6.94
N ASN L 1350 42.81 -99.04 -8.18
CA ASN L 1350 43.46 -99.78 -9.27
C ASN L 1350 44.75 -99.14 -9.79
N THR L 1351 45.03 -97.87 -9.51
CA THR L 1351 46.23 -97.17 -10.04
C THR L 1351 47.42 -97.39 -9.09
N SER L 1352 47.81 -98.66 -8.95
CA SER L 1352 48.74 -99.18 -7.94
C SER L 1352 49.63 -100.29 -8.54
N PRO L 1353 50.88 -100.50 -8.07
CA PRO L 1353 51.72 -101.61 -8.52
C PRO L 1353 51.09 -102.99 -8.30
N GLU L 1354 50.26 -103.15 -7.25
CA GLU L 1354 49.32 -104.26 -7.11
C GLU L 1354 48.05 -103.85 -6.36
N GLY L 1355 46.93 -104.51 -6.67
CA GLY L 1355 45.63 -104.38 -6.01
C GLY L 1355 44.92 -105.72 -5.76
N TRP L 1356 45.42 -106.84 -6.31
CA TRP L 1356 44.84 -108.18 -6.12
C TRP L 1356 44.81 -108.66 -4.67
N LYS L 1357 45.62 -108.12 -3.75
CA LYS L 1357 45.43 -108.33 -2.30
C LYS L 1357 44.09 -107.78 -1.76
N LEU L 1358 43.37 -107.02 -2.58
CA LEU L 1358 42.01 -106.52 -2.38
C LEU L 1358 41.03 -107.24 -3.32
N LEU L 1359 41.38 -107.39 -4.61
CA LEU L 1359 40.54 -108.11 -5.59
C LEU L 1359 40.39 -109.61 -5.30
N LYS L 1360 41.21 -110.20 -4.43
CA LYS L 1360 40.93 -111.49 -3.77
C LYS L 1360 39.74 -111.35 -2.80
N LYS L 1361 39.88 -110.44 -1.82
CA LYS L 1361 38.90 -110.20 -0.77
C LYS L 1361 37.51 -109.86 -1.31
N ASP L 1362 37.42 -109.20 -2.46
CA ASP L 1362 36.14 -108.94 -3.14
C ASP L 1362 35.93 -109.77 -4.43
N LEU L 1363 36.50 -110.98 -4.56
CA LEU L 1363 36.18 -111.91 -5.66
C LEU L 1363 34.68 -112.30 -5.73
N CYS L 1364 33.92 -112.07 -4.65
CA CYS L 1364 32.45 -112.10 -4.59
C CYS L 1364 31.75 -111.15 -5.58
N ASN L 1365 32.50 -110.21 -6.16
CA ASN L 1365 31.99 -109.05 -6.87
C ASN L 1365 31.53 -109.29 -8.32
N THR L 1366 30.29 -109.76 -8.49
CA THR L 1366 29.50 -109.46 -9.70
C THR L 1366 28.72 -108.16 -9.53
N HIS L 1367 28.51 -107.75 -8.28
CA HIS L 1367 27.54 -106.73 -7.90
C HIS L 1367 27.92 -105.32 -8.32
N LEU L 1368 29.20 -104.93 -8.26
CA LEU L 1368 29.69 -103.72 -8.93
C LEU L 1368 29.48 -103.82 -10.44
N MET L 1369 29.81 -104.96 -11.02
CA MET L 1369 29.93 -105.16 -12.46
C MET L 1369 28.56 -105.12 -13.16
N ARG L 1370 27.52 -105.66 -12.53
CA ARG L 1370 26.13 -105.55 -13.01
C ARG L 1370 25.55 -104.14 -12.85
N VAL L 1371 25.86 -103.48 -11.74
CA VAL L 1371 25.51 -102.07 -11.52
C VAL L 1371 26.22 -101.17 -12.53
N LEU L 1372 27.51 -101.40 -12.79
CA LEU L 1372 28.32 -100.69 -13.76
C LEU L 1372 27.74 -100.86 -15.16
N VAL L 1373 27.46 -102.09 -15.57
CA VAL L 1373 26.94 -102.29 -16.92
C VAL L 1373 25.52 -101.75 -17.09
N GLN L 1374 24.64 -101.88 -16.11
CA GLN L 1374 23.32 -101.25 -16.19
C GLN L 1374 23.43 -99.73 -16.19
N THR L 1375 24.31 -99.15 -15.37
CA THR L 1375 24.59 -97.70 -15.41
C THR L 1375 24.99 -97.27 -16.82
N LEU L 1376 25.88 -98.04 -17.45
CA LEU L 1376 26.38 -97.77 -18.79
C LEU L 1376 25.26 -97.82 -19.83
N CYS L 1377 24.51 -98.93 -19.93
CA CYS L 1377 23.66 -99.17 -21.10
C CYS L 1377 22.20 -98.72 -20.93
N GLU L 1378 21.70 -98.69 -19.70
CA GLU L 1378 20.38 -98.17 -19.37
C GLU L 1378 20.51 -97.33 -18.09
N PRO L 1379 21.16 -96.15 -18.16
CA PRO L 1379 21.48 -95.37 -16.98
C PRO L 1379 20.23 -95.05 -16.15
N ALA L 1380 19.07 -94.88 -16.81
CA ALA L 1380 17.79 -94.62 -16.15
C ALA L 1380 17.36 -95.73 -15.16
N SER L 1381 17.98 -96.91 -15.20
CA SER L 1381 17.83 -97.95 -14.17
C SER L 1381 18.34 -97.54 -12.78
N ILE L 1382 19.30 -96.60 -12.69
CA ILE L 1382 19.91 -96.11 -11.45
C ILE L 1382 20.37 -94.65 -11.60
N GLY L 1383 19.69 -93.70 -10.94
CA GLY L 1383 20.18 -92.33 -10.75
C GLY L 1383 19.94 -91.37 -11.93
N PHE L 1384 20.36 -91.72 -13.15
CA PHE L 1384 20.01 -90.97 -14.37
C PHE L 1384 18.50 -90.93 -14.64
N ASN L 1385 17.69 -91.69 -13.89
CA ASN L 1385 16.23 -91.56 -13.87
C ASN L 1385 15.77 -90.11 -13.62
N ILE L 1386 16.58 -89.34 -12.87
CA ILE L 1386 16.28 -87.97 -12.45
C ILE L 1386 16.32 -86.98 -13.63
N GLY L 1387 16.98 -87.32 -14.74
CA GLY L 1387 16.95 -86.51 -15.96
C GLY L 1387 17.76 -85.21 -15.90
N ASP L 1388 18.70 -85.07 -14.96
CA ASP L 1388 19.36 -83.81 -14.63
C ASP L 1388 20.78 -83.68 -15.22
N VAL L 1389 20.94 -82.72 -16.13
CA VAL L 1389 21.97 -82.75 -17.17
C VAL L 1389 23.41 -82.69 -16.68
N GLN L 1390 23.75 -81.87 -15.69
CA GLN L 1390 25.13 -81.71 -15.24
C GLN L 1390 25.67 -83.02 -14.63
N VAL L 1391 24.93 -83.62 -13.70
CA VAL L 1391 25.35 -84.87 -13.07
C VAL L 1391 25.24 -86.01 -14.06
N MET L 1392 24.11 -86.15 -14.73
CA MET L 1392 23.82 -87.33 -15.53
C MET L 1392 24.58 -87.38 -16.87
N ALA L 1393 25.18 -86.27 -17.33
CA ALA L 1393 26.13 -86.30 -18.46
C ALA L 1393 27.59 -86.55 -18.04
N HIS L 1394 27.94 -86.36 -16.76
CA HIS L 1394 29.29 -86.64 -16.25
C HIS L 1394 29.49 -88.09 -15.81
N LEU L 1395 28.43 -88.73 -15.29
CA LEU L 1395 28.38 -90.15 -14.91
C LEU L 1395 29.08 -91.12 -15.90
N PRO L 1396 28.93 -90.99 -17.23
CA PRO L 1396 29.65 -91.80 -18.19
C PRO L 1396 31.18 -91.77 -18.08
N ASP L 1397 31.78 -90.65 -17.71
CA ASP L 1397 33.24 -90.52 -17.67
C ASP L 1397 33.85 -91.38 -16.55
N VAL L 1398 33.06 -91.64 -15.49
CA VAL L 1398 33.42 -92.54 -14.40
C VAL L 1398 33.44 -93.98 -14.90
N CYS L 1399 32.38 -94.39 -15.61
CA CYS L 1399 32.30 -95.69 -16.25
C CYS L 1399 33.46 -95.90 -17.26
N VAL L 1400 33.71 -94.90 -18.12
CA VAL L 1400 34.79 -94.91 -19.11
C VAL L 1400 36.15 -95.17 -18.47
N ASN L 1401 36.57 -94.35 -17.51
CA ASN L 1401 37.90 -94.48 -16.93
C ASN L 1401 38.03 -95.74 -16.06
N LEU L 1402 36.94 -96.22 -15.47
CA LEU L 1402 36.94 -97.52 -14.78
C LEU L 1402 37.13 -98.68 -15.76
N MET L 1403 36.53 -98.64 -16.94
CA MET L 1403 36.83 -99.63 -17.97
C MET L 1403 38.27 -99.55 -18.45
N LYS L 1404 38.81 -98.34 -18.69
CA LYS L 1404 40.24 -98.22 -19.03
C LYS L 1404 41.14 -98.71 -17.90
N ALA L 1405 40.78 -98.52 -16.63
CA ALA L 1405 41.56 -99.07 -15.52
C ALA L 1405 41.54 -100.60 -15.49
N LEU L 1406 40.41 -101.24 -15.81
CA LEU L 1406 40.29 -102.70 -15.84
C LEU L 1406 40.74 -103.37 -17.16
N LYS L 1407 40.89 -102.61 -18.26
CA LYS L 1407 41.50 -103.04 -19.55
C LYS L 1407 42.82 -103.79 -19.35
N MET L 1408 43.65 -103.27 -18.44
CA MET L 1408 44.95 -103.83 -18.08
C MET L 1408 45.07 -104.12 -16.59
N SER L 1409 43.94 -104.46 -15.96
CA SER L 1409 43.93 -105.28 -14.75
C SER L 1409 43.95 -106.76 -15.16
N PRO L 1410 44.64 -107.66 -14.43
CA PRO L 1410 44.49 -109.10 -14.65
C PRO L 1410 43.05 -109.61 -14.40
N TYR L 1411 42.14 -108.78 -13.92
CA TYR L 1411 40.71 -109.08 -13.75
C TYR L 1411 39.90 -108.99 -15.07
N LYS L 1412 40.49 -108.60 -16.20
CA LYS L 1412 39.76 -108.24 -17.45
C LYS L 1412 38.58 -109.17 -17.78
N ASP L 1413 38.78 -110.47 -17.76
CA ASP L 1413 37.80 -111.49 -18.15
C ASP L 1413 36.41 -111.32 -17.51
N ILE L 1414 36.35 -110.83 -16.26
CA ILE L 1414 35.10 -110.75 -15.51
C ILE L 1414 34.21 -109.58 -15.94
N LEU L 1415 34.75 -108.53 -16.58
CA LEU L 1415 33.90 -107.57 -17.29
C LEU L 1415 33.45 -108.15 -18.65
N GLU L 1416 34.32 -108.91 -19.31
CA GLU L 1416 34.05 -109.50 -20.62
C GLU L 1416 32.99 -110.61 -20.57
N THR L 1417 32.84 -111.29 -19.43
CA THR L 1417 31.78 -112.28 -19.19
C THR L 1417 30.41 -111.64 -18.87
N HIS L 1418 30.34 -110.32 -18.83
CA HIS L 1418 29.09 -109.55 -18.69
C HIS L 1418 28.77 -108.72 -19.94
N LEU L 1419 29.63 -107.75 -20.31
CA LEU L 1419 29.30 -106.71 -21.30
C LEU L 1419 28.93 -107.28 -22.67
N ARG L 1420 29.86 -108.00 -23.28
CA ARG L 1420 29.73 -108.72 -24.56
C ARG L 1420 28.71 -109.86 -24.51
N GLU L 1421 28.36 -110.32 -23.31
CA GLU L 1421 27.42 -111.42 -23.11
C GLU L 1421 25.95 -110.97 -22.95
N LYS L 1422 25.71 -109.78 -22.40
CA LYS L 1422 24.36 -109.30 -22.03
C LYS L 1422 23.94 -108.07 -22.82
N ILE L 1423 24.55 -106.92 -22.56
CA ILE L 1423 24.11 -105.64 -23.12
C ILE L 1423 24.44 -105.49 -24.61
N THR L 1424 25.37 -106.27 -25.15
CA THR L 1424 25.87 -106.10 -26.53
C THR L 1424 26.29 -107.45 -27.13
N ALA L 1425 25.30 -108.33 -27.35
CA ALA L 1425 25.47 -109.53 -28.15
C ALA L 1425 25.60 -109.21 -29.65
N GLN L 1426 26.16 -110.15 -30.42
CA GLN L 1426 26.65 -109.90 -31.78
C GLN L 1426 25.54 -109.58 -32.79
N SER L 1427 24.67 -110.55 -33.08
CA SER L 1427 23.70 -110.45 -34.17
C SER L 1427 22.51 -109.54 -33.87
N ILE L 1428 22.20 -109.27 -32.60
CA ILE L 1428 21.04 -108.48 -32.18
C ILE L 1428 21.07 -107.07 -32.81
N GLU L 1429 22.25 -106.51 -33.05
CA GLU L 1429 22.40 -105.22 -33.72
C GLU L 1429 21.88 -105.24 -35.17
N GLU L 1430 21.97 -106.36 -35.89
CA GLU L 1430 21.31 -106.51 -37.19
C GLU L 1430 19.80 -106.68 -37.04
N LEU L 1431 19.33 -107.39 -36.02
CA LEU L 1431 17.89 -107.50 -35.73
C LEU L 1431 17.29 -106.14 -35.37
N CYS L 1432 18.06 -105.22 -34.78
CA CYS L 1432 17.63 -103.85 -34.49
C CYS L 1432 17.31 -103.03 -35.77
N ALA L 1433 17.65 -103.51 -36.97
CA ALA L 1433 17.27 -102.87 -38.23
C ALA L 1433 15.76 -102.96 -38.58
N VAL L 1434 14.97 -103.81 -37.92
CA VAL L 1434 13.56 -104.06 -38.33
C VAL L 1434 12.59 -102.90 -38.10
N ASN L 1435 12.92 -101.92 -37.24
CA ASN L 1435 12.09 -100.76 -36.98
C ASN L 1435 12.93 -99.50 -36.71
N LEU L 1436 12.94 -98.58 -37.68
CA LEU L 1436 13.54 -97.25 -37.60
C LEU L 1436 12.45 -96.19 -37.83
N TYR L 1437 12.52 -95.07 -37.11
CA TYR L 1437 11.66 -93.89 -37.28
C TYR L 1437 10.13 -94.18 -37.34
N GLY L 1438 9.69 -95.28 -36.72
CA GLY L 1438 8.38 -95.88 -36.96
C GLY L 1438 7.19 -95.15 -36.33
N PRO L 1439 5.96 -95.62 -36.53
CA PRO L 1439 4.79 -95.20 -35.75
C PRO L 1439 4.90 -95.48 -34.24
N ASP L 1440 5.54 -96.57 -33.82
CA ASP L 1440 5.49 -97.05 -32.41
C ASP L 1440 6.46 -96.31 -31.45
N ALA L 1441 6.46 -94.98 -31.50
CA ALA L 1441 7.50 -94.08 -30.97
C ALA L 1441 7.79 -94.20 -29.47
N GLN L 1442 6.84 -94.70 -28.67
CA GLN L 1442 7.02 -94.88 -27.23
C GLN L 1442 8.09 -95.95 -26.89
N VAL L 1443 8.26 -96.95 -27.76
CA VAL L 1443 9.08 -98.16 -27.49
C VAL L 1443 9.96 -98.59 -28.67
N ASP L 1444 9.68 -98.11 -29.89
CA ASP L 1444 10.24 -98.60 -31.16
C ASP L 1444 11.74 -98.95 -31.13
N ARG L 1445 12.58 -97.97 -30.82
CA ARG L 1445 13.96 -97.95 -31.31
C ARG L 1445 14.97 -97.25 -30.38
N SER L 1446 14.52 -96.81 -29.21
CA SER L 1446 15.40 -96.41 -28.09
C SER L 1446 16.38 -97.53 -27.68
N ARG L 1447 16.01 -98.80 -27.87
CA ARG L 1447 16.84 -99.94 -27.48
C ARG L 1447 18.21 -99.99 -28.17
N LEU L 1448 18.34 -99.52 -29.41
CA LEU L 1448 19.68 -99.39 -30.02
C LEU L 1448 20.34 -98.01 -29.71
N ALA L 1449 19.58 -96.98 -29.33
CA ALA L 1449 20.17 -95.71 -28.86
C ALA L 1449 20.99 -95.92 -27.56
N ALA L 1450 20.43 -96.71 -26.64
CA ALA L 1450 21.10 -97.37 -25.55
C ALA L 1450 22.41 -98.04 -26.01
N VAL L 1451 22.32 -98.97 -26.96
CA VAL L 1451 23.47 -99.76 -27.42
C VAL L 1451 24.57 -98.86 -27.93
N VAL L 1452 24.28 -97.91 -28.82
CA VAL L 1452 25.34 -97.06 -29.38
C VAL L 1452 25.94 -96.13 -28.34
N SER L 1453 25.14 -95.59 -27.41
CA SER L 1453 25.70 -94.74 -26.35
C SER L 1453 26.68 -95.53 -25.48
N ALA L 1454 26.32 -96.76 -25.12
CA ALA L 1454 27.20 -97.65 -24.39
C ALA L 1454 28.47 -97.98 -25.17
N CYS L 1455 28.34 -98.50 -26.39
CA CYS L 1455 29.50 -99.00 -27.12
C CYS L 1455 30.43 -97.87 -27.61
N LYS L 1456 29.92 -96.66 -27.89
CA LYS L 1456 30.77 -95.46 -28.08
C LYS L 1456 31.57 -95.11 -26.83
N GLN L 1457 30.97 -95.22 -25.65
CA GLN L 1457 31.70 -95.05 -24.38
C GLN L 1457 32.72 -96.17 -24.15
N LEU L 1458 32.42 -97.39 -24.61
CA LEU L 1458 33.41 -98.47 -24.61
C LEU L 1458 34.58 -98.19 -25.56
N HIS L 1459 34.39 -97.47 -26.67
CA HIS L 1459 35.52 -97.00 -27.50
C HIS L 1459 36.37 -95.97 -26.78
N ARG L 1460 35.77 -95.04 -26.01
CA ARG L 1460 36.55 -94.17 -25.12
C ARG L 1460 37.47 -95.00 -24.21
N ALA L 1461 36.99 -96.14 -23.69
CA ALA L 1461 37.78 -97.07 -22.87
C ALA L 1461 38.70 -98.04 -23.65
N GLY L 1462 38.50 -98.26 -24.94
CA GLY L 1462 39.30 -99.15 -25.79
C GLY L 1462 38.90 -100.65 -25.81
N LEU L 1463 38.02 -101.10 -24.91
CA LEU L 1463 37.53 -102.50 -24.85
C LEU L 1463 36.72 -102.93 -26.08
N LEU L 1464 36.22 -101.99 -26.89
CA LEU L 1464 35.24 -102.28 -27.95
C LEU L 1464 35.74 -103.31 -28.96
N HIS L 1465 37.03 -103.28 -29.32
CA HIS L 1465 37.65 -104.16 -30.32
C HIS L 1465 37.73 -105.63 -29.88
N ASN L 1466 37.39 -105.92 -28.63
CA ASN L 1466 37.32 -107.27 -28.04
C ASN L 1466 35.88 -107.59 -27.59
N ILE L 1467 35.16 -106.58 -27.10
CA ILE L 1467 33.72 -106.62 -26.81
C ILE L 1467 32.89 -106.88 -28.10
N LEU L 1468 33.44 -106.63 -29.28
CA LEU L 1468 33.03 -107.30 -30.51
C LEU L 1468 34.13 -108.28 -30.97
N PRO L 1469 33.80 -109.54 -31.28
CA PRO L 1469 34.75 -110.48 -31.86
C PRO L 1469 35.06 -110.16 -33.33
N SER L 1470 36.27 -110.48 -33.77
CA SER L 1470 36.72 -110.32 -35.18
C SER L 1470 36.02 -111.28 -36.14
N GLN L 1471 35.91 -110.89 -37.40
CA GLN L 1471 35.14 -111.58 -38.45
C GLN L 1471 36.01 -111.94 -39.67
N SER L 1472 35.41 -112.46 -40.73
CA SER L 1472 36.10 -113.10 -41.87
C SER L 1472 37.09 -112.23 -42.65
N THR L 1473 36.96 -110.91 -42.66
CA THR L 1473 37.88 -109.97 -43.35
C THR L 1473 38.31 -108.84 -42.42
N ASP L 1474 39.26 -108.01 -42.87
CA ASP L 1474 39.88 -106.97 -42.03
C ASP L 1474 38.87 -105.93 -41.48
N LEU L 1475 37.78 -105.67 -42.21
CA LEU L 1475 36.62 -104.95 -41.70
C LEU L 1475 35.80 -105.85 -40.77
N HIS L 1476 35.44 -105.37 -39.58
CA HIS L 1476 34.49 -106.06 -38.70
C HIS L 1476 33.15 -106.23 -39.43
N HIS L 1477 32.78 -107.44 -39.83
CA HIS L 1477 31.62 -107.62 -40.71
C HIS L 1477 30.34 -107.08 -40.08
N SER L 1478 30.12 -107.20 -38.78
CA SER L 1478 28.98 -106.61 -38.08
C SER L 1478 28.89 -105.08 -38.29
N VAL L 1479 30.03 -104.39 -38.41
CA VAL L 1479 30.12 -102.96 -38.67
C VAL L 1479 29.94 -102.63 -40.16
N GLY L 1480 30.62 -103.37 -41.04
CA GLY L 1480 30.42 -103.24 -42.49
C GLY L 1480 28.97 -103.49 -42.89
N THR L 1481 28.33 -104.46 -42.26
CA THR L 1481 26.93 -104.79 -42.50
C THR L 1481 25.95 -103.84 -41.84
N GLU L 1482 26.17 -103.33 -40.62
CA GLU L 1482 25.23 -102.36 -40.06
C GLU L 1482 25.22 -101.05 -40.87
N LEU L 1483 26.37 -100.61 -41.38
CA LEU L 1483 26.47 -99.46 -42.28
C LEU L 1483 25.45 -99.58 -43.43
N LEU L 1484 25.43 -100.73 -44.10
CA LEU L 1484 24.50 -100.95 -45.20
C LEU L 1484 23.08 -101.28 -44.73
N SER L 1485 22.90 -102.08 -43.67
CA SER L 1485 21.59 -102.61 -43.30
C SER L 1485 20.77 -101.68 -42.38
N LEU L 1486 21.40 -100.99 -41.43
CA LEU L 1486 20.71 -100.09 -40.51
C LEU L 1486 20.52 -98.69 -41.08
N VAL L 1487 21.33 -98.27 -42.07
CA VAL L 1487 21.20 -96.94 -42.68
C VAL L 1487 21.21 -96.94 -44.22
N TYR L 1488 22.21 -97.44 -44.94
CA TYR L 1488 22.24 -97.19 -46.40
C TYR L 1488 21.06 -97.82 -47.18
N LYS L 1489 20.52 -98.95 -46.70
CA LYS L 1489 19.25 -99.55 -47.14
C LYS L 1489 18.02 -98.82 -46.58
N GLY L 1490 18.06 -98.47 -45.29
CA GLY L 1490 16.89 -97.94 -44.56
C GLY L 1490 16.59 -96.47 -44.81
N ILE L 1491 17.56 -95.69 -45.29
CA ILE L 1491 17.42 -94.24 -45.50
C ILE L 1491 16.47 -93.88 -46.66
N ALA L 1492 16.38 -94.74 -47.67
CA ALA L 1492 15.71 -94.46 -48.92
C ALA L 1492 14.88 -95.65 -49.41
N PRO L 1493 13.53 -95.57 -49.41
CA PRO L 1493 12.62 -96.64 -49.81
C PRO L 1493 12.53 -96.84 -51.34
N GLY L 1494 13.67 -96.84 -52.04
CA GLY L 1494 13.74 -96.95 -53.51
C GLY L 1494 13.26 -98.28 -54.11
N ASP L 1495 13.21 -99.35 -53.32
CA ASP L 1495 12.63 -100.64 -53.72
C ASP L 1495 11.09 -100.56 -53.85
N GLU L 1496 10.42 -99.97 -52.87
CA GLU L 1496 8.95 -99.92 -52.78
C GLU L 1496 8.33 -98.66 -53.41
N ARG L 1497 9.13 -97.60 -53.59
CA ARG L 1497 8.79 -96.29 -54.20
C ARG L 1497 7.54 -95.60 -53.63
N GLN L 1498 7.16 -95.98 -52.41
CA GLN L 1498 6.31 -95.15 -51.54
C GLN L 1498 7.18 -93.98 -51.04
N CYS L 1499 6.65 -92.76 -51.03
CA CYS L 1499 7.48 -91.55 -51.12
C CYS L 1499 8.57 -91.45 -50.03
N LEU L 1500 9.81 -91.15 -50.47
CA LEU L 1500 11.02 -91.04 -49.65
C LEU L 1500 10.88 -89.94 -48.57
N PRO L 1501 11.24 -90.20 -47.29
CA PRO L 1501 10.95 -89.28 -46.18
C PRO L 1501 11.90 -88.08 -46.11
N SER L 1502 11.34 -86.88 -45.88
CA SER L 1502 12.10 -85.78 -45.28
C SER L 1502 12.30 -86.06 -43.78
N LEU L 1503 13.50 -85.81 -43.26
CA LEU L 1503 13.95 -86.46 -42.04
C LEU L 1503 13.77 -85.56 -40.81
N ASP L 1504 13.18 -86.12 -39.77
CA ASP L 1504 13.23 -85.55 -38.42
C ASP L 1504 14.70 -85.44 -37.99
N LEU L 1505 15.09 -84.35 -37.34
CA LEU L 1505 16.43 -84.23 -36.76
C LEU L 1505 16.77 -85.44 -35.89
N SER L 1506 15.78 -86.07 -35.24
CA SER L 1506 15.90 -87.33 -34.52
C SER L 1506 16.46 -88.48 -35.37
N CYS L 1507 15.85 -88.81 -36.52
CA CYS L 1507 16.37 -89.87 -37.36
C CYS L 1507 17.64 -89.44 -38.12
N LYS L 1508 17.81 -88.14 -38.47
CA LYS L 1508 19.09 -87.62 -38.98
C LYS L 1508 20.22 -87.86 -37.99
N GLN L 1509 20.12 -87.34 -36.77
CA GLN L 1509 21.19 -87.41 -35.78
C GLN L 1509 21.45 -88.87 -35.38
N LEU L 1510 20.39 -89.68 -35.23
CA LEU L 1510 20.54 -91.10 -34.89
C LEU L 1510 21.31 -91.85 -35.96
N ALA L 1511 20.92 -91.72 -37.23
CA ALA L 1511 21.66 -92.29 -38.35
C ALA L 1511 23.12 -91.80 -38.35
N SER L 1512 23.32 -90.51 -38.13
CA SER L 1512 24.66 -89.93 -38.05
C SER L 1512 25.52 -90.55 -36.93
N GLY L 1513 24.90 -90.94 -35.82
CA GLY L 1513 25.58 -91.60 -34.70
C GLY L 1513 25.92 -93.07 -34.99
N LEU L 1514 25.06 -93.79 -35.71
CA LEU L 1514 25.34 -95.13 -36.19
C LEU L 1514 26.50 -95.12 -37.19
N LEU L 1515 26.47 -94.16 -38.11
CA LEU L 1515 27.59 -93.88 -39.00
C LEU L 1515 28.86 -93.55 -38.19
N GLU L 1516 28.81 -92.59 -37.26
CA GLU L 1516 29.94 -92.24 -36.39
C GLU L 1516 30.56 -93.45 -35.70
N LEU L 1517 29.73 -94.33 -35.12
CA LEU L 1517 30.19 -95.57 -34.52
C LEU L 1517 30.94 -96.44 -35.54
N ALA L 1518 30.42 -96.57 -36.75
CA ALA L 1518 31.01 -97.45 -37.76
C ALA L 1518 32.45 -97.04 -38.09
N PHE L 1519 32.73 -95.73 -38.08
CA PHE L 1519 34.05 -95.17 -38.32
C PHE L 1519 34.95 -95.10 -37.06
N ALA L 1520 34.48 -95.57 -35.90
CA ALA L 1520 35.36 -95.94 -34.79
C ALA L 1520 36.24 -97.19 -35.12
N PHE L 1521 35.85 -98.00 -36.10
CA PHE L 1521 36.51 -99.25 -36.49
C PHE L 1521 37.43 -99.11 -37.72
N GLY L 1522 38.31 -100.10 -37.92
CA GLY L 1522 39.23 -100.19 -39.06
C GLY L 1522 38.63 -100.78 -40.35
N GLY L 1523 39.36 -100.66 -41.45
CA GLY L 1523 39.11 -101.39 -42.71
C GLY L 1523 37.90 -100.93 -43.55
N LEU L 1524 37.16 -99.92 -43.13
CA LEU L 1524 35.90 -99.52 -43.78
C LEU L 1524 36.07 -98.63 -45.03
N CYS L 1525 37.22 -97.94 -45.17
CA CYS L 1525 37.52 -96.96 -46.21
C CYS L 1525 37.25 -97.47 -47.64
N GLU L 1526 37.82 -98.61 -48.00
CA GLU L 1526 37.73 -99.19 -49.35
C GLU L 1526 36.31 -99.64 -49.72
N ARG L 1527 35.42 -99.92 -48.76
CA ARG L 1527 34.00 -100.12 -49.05
C ARG L 1527 33.26 -98.79 -49.17
N LEU L 1528 33.53 -97.82 -48.30
CA LEU L 1528 32.81 -96.55 -48.23
C LEU L 1528 32.74 -95.83 -49.59
N VAL L 1529 33.85 -95.79 -50.33
CA VAL L 1529 33.90 -95.23 -51.69
C VAL L 1529 32.82 -95.78 -52.61
N SER L 1530 32.56 -97.09 -52.60
CA SER L 1530 31.55 -97.68 -53.47
C SER L 1530 30.12 -97.26 -53.12
N LEU L 1531 29.87 -96.83 -51.87
CA LEU L 1531 28.59 -96.28 -51.42
C LEU L 1531 28.48 -94.76 -51.60
N LEU L 1532 29.61 -94.05 -51.64
CA LEU L 1532 29.67 -92.64 -52.06
C LEU L 1532 29.46 -92.50 -53.57
N LEU L 1533 30.27 -93.20 -54.37
CA LEU L 1533 30.26 -93.16 -55.84
C LEU L 1533 29.24 -94.13 -56.47
N ASN L 1534 28.20 -94.54 -55.73
CA ASN L 1534 27.16 -95.45 -56.21
C ASN L 1534 26.39 -94.85 -57.41
N PRO L 1535 26.36 -95.48 -58.58
CA PRO L 1535 25.62 -94.97 -59.73
C PRO L 1535 24.09 -95.07 -59.60
N ALA L 1536 23.55 -95.80 -58.62
CA ALA L 1536 22.11 -95.95 -58.43
C ALA L 1536 21.39 -94.60 -58.17
N VAL L 1537 20.29 -94.37 -58.89
CA VAL L 1537 19.51 -93.14 -58.84
C VAL L 1537 18.16 -93.38 -58.18
N LEU L 1538 17.76 -92.52 -57.24
CA LEU L 1538 16.48 -92.65 -56.56
C LEU L 1538 15.33 -92.20 -57.45
N SER L 1539 14.19 -92.84 -57.25
CA SER L 1539 12.92 -92.57 -57.88
C SER L 1539 11.85 -92.27 -56.83
N THR L 1540 10.90 -91.41 -57.17
CA THR L 1540 10.11 -90.64 -56.20
C THR L 1540 8.62 -90.61 -56.54
N SER L 1549 8.74 -84.81 -56.64
CA SER L 1549 7.74 -85.83 -56.33
C SER L 1549 7.70 -86.98 -57.34
N VAL L 1550 8.29 -86.78 -58.52
CA VAL L 1550 8.45 -87.79 -59.59
C VAL L 1550 9.88 -87.80 -60.19
N ILE L 1551 10.66 -86.72 -60.00
CA ILE L 1551 12.04 -86.52 -60.49
C ILE L 1551 13.05 -87.47 -59.81
N HIS L 1552 14.21 -87.70 -60.45
CA HIS L 1552 15.27 -88.62 -59.99
C HIS L 1552 16.58 -87.90 -59.59
N PHE L 1553 17.31 -88.44 -58.61
CA PHE L 1553 18.64 -87.95 -58.16
C PHE L 1553 19.49 -89.08 -57.54
N SER L 1554 20.83 -89.01 -57.60
CA SER L 1554 21.72 -90.13 -57.19
C SER L 1554 21.60 -90.53 -55.72
N HIS L 1555 21.48 -91.83 -55.42
CA HIS L 1555 21.46 -92.42 -54.07
C HIS L 1555 22.81 -92.25 -53.35
N GLY L 1556 23.92 -92.51 -54.04
CA GLY L 1556 25.26 -92.30 -53.47
C GLY L 1556 25.55 -90.83 -53.15
N GLU L 1557 25.16 -89.93 -54.06
CA GLU L 1557 25.25 -88.49 -53.79
C GLU L 1557 24.23 -88.01 -52.75
N TYR L 1558 23.03 -88.60 -52.69
CA TYR L 1558 22.04 -88.27 -51.67
C TYR L 1558 22.57 -88.58 -50.27
N PHE L 1559 23.04 -89.80 -50.06
CA PHE L 1559 23.72 -90.21 -48.84
C PHE L 1559 24.88 -89.27 -48.51
N TYR L 1560 25.74 -88.97 -49.48
CA TYR L 1560 26.83 -88.01 -49.27
C TYR L 1560 26.34 -86.63 -48.84
N SER L 1561 25.43 -86.03 -49.58
CA SER L 1561 24.96 -84.67 -49.35
C SER L 1561 24.14 -84.57 -48.06
N LEU L 1562 23.44 -85.64 -47.65
CA LEU L 1562 22.77 -85.73 -46.36
C LEU L 1562 23.77 -85.92 -45.21
N PHE L 1563 24.50 -87.04 -45.16
CA PHE L 1563 25.41 -87.38 -44.06
C PHE L 1563 26.78 -86.74 -44.21
N SER L 1564 26.90 -85.51 -44.72
CA SER L 1564 28.22 -84.96 -45.15
C SER L 1564 29.33 -84.98 -44.09
N GLU L 1565 29.07 -84.51 -42.86
CA GLU L 1565 30.10 -84.37 -41.81
C GLU L 1565 30.75 -85.71 -41.47
N THR L 1566 29.91 -86.69 -41.15
CA THR L 1566 30.29 -88.04 -40.76
C THR L 1566 31.08 -88.76 -41.84
N ILE L 1567 30.92 -88.38 -43.10
CA ILE L 1567 31.78 -88.87 -44.18
C ILE L 1567 33.07 -88.06 -44.20
N ASN L 1568 33.00 -86.73 -44.28
CA ASN L 1568 34.16 -85.90 -44.57
C ASN L 1568 35.29 -86.08 -43.56
N THR L 1569 35.03 -86.05 -42.25
CA THR L 1569 36.13 -86.22 -41.28
C THR L 1569 36.83 -87.57 -41.48
N GLU L 1570 36.08 -88.58 -41.89
CA GLU L 1570 36.55 -89.95 -42.07
C GLU L 1570 37.12 -90.20 -43.46
N LEU L 1571 37.21 -89.17 -44.29
CA LEU L 1571 38.11 -89.02 -45.43
C LEU L 1571 39.30 -88.10 -45.11
N LEU L 1572 39.16 -87.22 -44.11
CA LEU L 1572 40.13 -86.19 -43.72
C LEU L 1572 41.11 -86.64 -42.62
N LYS L 1573 40.79 -87.68 -41.86
CA LYS L 1573 41.74 -88.39 -40.98
C LYS L 1573 42.80 -89.21 -41.74
N ASN L 1574 42.54 -89.59 -42.98
CA ASN L 1574 43.19 -90.69 -43.70
C ASN L 1574 43.54 -90.32 -45.16
N LEU L 1575 44.14 -89.15 -45.32
CA LEU L 1575 44.25 -88.40 -46.58
C LEU L 1575 44.88 -89.17 -47.75
N ASP L 1576 46.00 -89.86 -47.56
CA ASP L 1576 46.71 -90.49 -48.70
C ASP L 1576 45.85 -91.52 -49.43
N LEU L 1577 45.37 -92.54 -48.72
CA LEU L 1577 44.59 -93.61 -49.33
C LEU L 1577 43.20 -93.12 -49.78
N ALA L 1578 42.59 -92.17 -49.05
CA ALA L 1578 41.33 -91.56 -49.44
C ALA L 1578 41.46 -90.79 -50.76
N VAL L 1579 42.45 -89.89 -50.88
CA VAL L 1579 42.64 -89.13 -52.12
C VAL L 1579 43.06 -90.05 -53.27
N LEU L 1580 43.82 -91.11 -53.00
CA LEU L 1580 44.15 -92.15 -53.97
C LEU L 1580 42.88 -92.78 -54.59
N GLU L 1581 41.92 -93.25 -53.78
CA GLU L 1581 40.67 -93.77 -54.35
C GLU L 1581 39.81 -92.66 -55.00
N LEU L 1582 39.82 -91.44 -54.46
CA LEU L 1582 39.11 -90.30 -55.03
C LEU L 1582 39.68 -89.80 -56.36
N MET L 1583 40.93 -90.13 -56.74
CA MET L 1583 41.54 -89.66 -57.99
C MET L 1583 41.88 -90.77 -58.99
N GLN L 1584 42.38 -91.93 -58.54
CA GLN L 1584 42.76 -93.01 -59.45
C GLN L 1584 41.63 -94.04 -59.64
N SER L 1585 40.94 -94.42 -58.56
CA SER L 1585 39.86 -95.41 -58.61
C SER L 1585 38.51 -94.82 -59.04
N SER L 1586 38.34 -93.50 -58.95
CA SER L 1586 37.09 -92.82 -59.30
C SER L 1586 36.85 -92.81 -60.83
N VAL L 1587 35.63 -93.15 -61.25
CA VAL L 1587 35.20 -93.36 -62.65
C VAL L 1587 33.82 -92.72 -62.86
N ASP L 1588 33.58 -92.13 -64.04
CA ASP L 1588 32.37 -91.34 -64.35
C ASP L 1588 32.06 -90.29 -63.26
N ASN L 1589 33.14 -89.78 -62.67
CA ASN L 1589 33.16 -89.28 -61.31
C ASN L 1589 32.59 -87.87 -61.13
N THR L 1590 32.40 -87.11 -62.21
CA THR L 1590 32.20 -85.64 -62.18
C THR L 1590 31.11 -85.19 -61.21
N LYS L 1591 29.91 -85.79 -61.25
CA LYS L 1591 28.77 -85.41 -60.40
C LYS L 1591 28.90 -85.77 -58.92
N MET L 1592 30.03 -86.35 -58.50
CA MET L 1592 30.29 -86.85 -57.14
C MET L 1592 31.64 -86.38 -56.59
N VAL L 1593 32.73 -86.62 -57.31
CA VAL L 1593 34.07 -86.21 -56.88
C VAL L 1593 34.20 -84.70 -56.76
N SER L 1594 33.54 -83.94 -57.66
CA SER L 1594 33.37 -82.49 -57.54
C SER L 1594 32.86 -82.09 -56.15
N ALA L 1595 31.77 -82.72 -55.70
CA ALA L 1595 31.13 -82.42 -54.43
C ALA L 1595 32.04 -82.77 -53.25
N VAL L 1596 32.57 -83.98 -53.18
CA VAL L 1596 33.36 -84.38 -51.99
C VAL L 1596 34.77 -83.76 -51.98
N LEU L 1597 35.37 -83.40 -53.11
CA LEU L 1597 36.64 -82.65 -53.10
C LEU L 1597 36.45 -81.21 -52.60
N ASN L 1598 35.36 -80.55 -53.02
CA ASN L 1598 34.97 -79.28 -52.39
C ASN L 1598 34.67 -79.48 -50.89
N GLY L 1599 33.85 -80.49 -50.56
CA GLY L 1599 33.43 -80.77 -49.19
C GLY L 1599 34.63 -80.95 -48.26
N MET L 1600 35.59 -81.79 -48.66
CA MET L 1600 36.83 -81.98 -47.94
C MET L 1600 37.57 -80.66 -47.65
N LEU L 1601 37.69 -79.79 -48.65
CA LEU L 1601 38.33 -78.50 -48.48
C LEU L 1601 37.52 -77.57 -47.56
N ASP L 1602 36.20 -77.52 -47.72
CA ASP L 1602 35.34 -76.73 -46.85
C ASP L 1602 35.43 -77.21 -45.40
N GLN L 1603 35.23 -78.50 -45.11
CA GLN L 1603 35.20 -79.00 -43.74
C GLN L 1603 36.58 -78.95 -43.06
N SER L 1604 37.68 -79.17 -43.78
CA SER L 1604 39.01 -78.90 -43.24
C SER L 1604 39.20 -77.42 -42.92
N PHE L 1605 38.86 -76.52 -43.86
CA PHE L 1605 38.91 -75.07 -43.64
C PHE L 1605 38.05 -74.62 -42.45
N ARG L 1606 36.91 -75.28 -42.22
CA ARG L 1606 36.05 -75.12 -41.04
C ARG L 1606 36.76 -75.52 -39.74
N GLU L 1607 37.51 -76.61 -39.71
CA GLU L 1607 38.27 -77.04 -38.51
C GLU L 1607 39.69 -76.47 -38.40
N ARG L 1608 40.20 -75.75 -39.41
CA ARG L 1608 41.56 -75.21 -39.52
C ARG L 1608 41.98 -74.36 -38.31
N ALA L 1609 41.02 -73.77 -37.60
CA ALA L 1609 41.24 -73.05 -36.34
C ALA L 1609 42.05 -73.88 -35.31
N ASN L 1610 41.78 -75.18 -35.21
CA ASN L 1610 42.64 -76.15 -34.52
C ASN L 1610 43.58 -76.87 -35.49
N GLN L 1611 43.06 -77.26 -36.66
CA GLN L 1611 43.76 -78.09 -37.66
C GLN L 1611 44.73 -77.26 -38.51
N LYS L 1612 45.77 -76.73 -37.86
CA LYS L 1612 46.87 -75.94 -38.43
C LYS L 1612 47.58 -76.63 -39.62
N HIS L 1613 47.69 -77.95 -39.57
CA HIS L 1613 48.40 -78.78 -40.55
C HIS L 1613 47.52 -79.37 -41.66
N GLN L 1614 46.32 -79.85 -41.35
CA GLN L 1614 45.63 -80.87 -42.17
C GLN L 1614 45.16 -80.37 -43.54
N GLY L 1615 44.86 -79.09 -43.69
CA GLY L 1615 44.59 -78.49 -45.00
C GLY L 1615 45.80 -78.51 -45.94
N LEU L 1616 47.02 -78.24 -45.46
CA LEU L 1616 48.23 -78.29 -46.29
C LEU L 1616 48.60 -79.73 -46.68
N LYS L 1617 48.36 -80.69 -45.79
CA LYS L 1617 48.45 -82.13 -46.11
C LYS L 1617 47.49 -82.47 -47.26
N LEU L 1618 46.20 -82.14 -47.09
CA LEU L 1618 45.17 -82.38 -48.11
C LEU L 1618 45.56 -81.75 -49.45
N ALA L 1619 45.92 -80.47 -49.47
CA ALA L 1619 46.31 -79.79 -50.69
C ALA L 1619 47.46 -80.49 -51.41
N THR L 1620 48.51 -80.86 -50.67
CA THR L 1620 49.65 -81.59 -51.21
C THR L 1620 49.22 -82.92 -51.82
N THR L 1621 48.34 -83.66 -51.15
CA THR L 1621 47.90 -84.98 -51.62
C THR L 1621 47.04 -84.93 -52.88
N ILE L 1622 46.14 -83.95 -53.06
CA ILE L 1622 45.42 -83.85 -54.34
C ILE L 1622 46.38 -83.43 -55.45
N LEU L 1623 47.25 -82.47 -55.20
CA LEU L 1623 48.14 -81.92 -56.23
C LEU L 1623 49.27 -82.90 -56.62
N GLN L 1624 49.65 -83.85 -55.77
CA GLN L 1624 50.68 -84.85 -56.09
C GLN L 1624 50.24 -85.85 -57.18
N HIS L 1625 48.96 -86.20 -57.29
CA HIS L 1625 48.41 -87.12 -58.31
C HIS L 1625 48.26 -86.47 -59.71
N TRP L 1626 49.25 -85.69 -60.15
CA TRP L 1626 49.08 -84.79 -61.30
C TRP L 1626 48.98 -85.49 -62.66
N LYS L 1627 49.48 -86.73 -62.80
CA LYS L 1627 49.30 -87.56 -64.00
C LYS L 1627 47.87 -88.12 -64.10
N LYS L 1628 47.28 -88.53 -62.97
CA LYS L 1628 45.87 -88.94 -62.88
C LYS L 1628 44.92 -87.76 -63.08
N CYS L 1629 45.28 -86.58 -62.60
CA CYS L 1629 44.54 -85.34 -62.85
C CYS L 1629 44.41 -85.02 -64.36
N ASP L 1630 45.46 -85.28 -65.16
CA ASP L 1630 45.44 -85.13 -66.63
C ASP L 1630 44.47 -86.07 -67.38
N SER L 1631 43.74 -86.95 -66.68
CA SER L 1631 42.57 -87.61 -67.26
C SER L 1631 41.43 -86.62 -67.55
N TRP L 1632 41.37 -85.48 -66.85
CA TRP L 1632 40.51 -84.34 -67.20
C TRP L 1632 41.25 -83.29 -68.04
N TRP L 1633 40.66 -82.10 -68.17
CA TRP L 1633 41.12 -80.96 -68.98
C TRP L 1633 41.10 -81.17 -70.50
N ALA L 1634 40.59 -82.30 -70.98
CA ALA L 1634 40.54 -82.62 -72.41
C ALA L 1634 39.65 -81.64 -73.19
N LYS L 1635 40.05 -81.31 -74.41
CA LYS L 1635 39.27 -80.48 -75.35
C LYS L 1635 37.84 -81.00 -75.54
N ASP L 1636 37.70 -82.32 -75.65
CA ASP L 1636 36.45 -83.08 -75.58
C ASP L 1636 36.05 -83.40 -74.12
N SER L 1637 35.49 -82.40 -73.42
CA SER L 1637 34.93 -82.54 -72.07
C SER L 1637 33.52 -81.94 -71.98
N PRO L 1638 32.59 -82.56 -71.22
CA PRO L 1638 31.29 -81.98 -70.87
C PRO L 1638 31.41 -80.55 -70.31
N LEU L 1639 30.61 -79.62 -70.83
CA LEU L 1639 30.80 -78.19 -70.60
C LEU L 1639 30.62 -77.79 -69.13
N GLU L 1640 29.58 -78.26 -68.44
CA GLU L 1640 29.43 -77.99 -67.00
C GLU L 1640 30.62 -78.48 -66.18
N THR L 1641 31.25 -79.59 -66.58
CA THR L 1641 32.45 -80.11 -65.94
C THR L 1641 33.71 -79.33 -66.35
N LYS L 1642 33.77 -78.74 -67.55
CA LYS L 1642 34.81 -77.74 -67.89
C LYS L 1642 34.79 -76.56 -66.92
N MET L 1643 33.62 -76.08 -66.49
CA MET L 1643 33.53 -75.14 -65.36
C MET L 1643 33.93 -75.82 -64.06
N ALA L 1644 33.32 -76.96 -63.72
CA ALA L 1644 33.43 -77.56 -62.38
C ALA L 1644 34.86 -77.91 -61.98
N VAL L 1645 35.70 -78.39 -62.92
CA VAL L 1645 37.09 -78.76 -62.60
C VAL L 1645 37.92 -77.58 -62.11
N LEU L 1646 37.70 -76.38 -62.64
CA LEU L 1646 38.48 -75.19 -62.30
C LEU L 1646 38.33 -74.85 -60.81
N ALA L 1647 37.13 -75.03 -60.25
CA ALA L 1647 36.82 -74.70 -58.87
C ALA L 1647 37.74 -75.43 -57.87
N LEU L 1648 38.16 -76.66 -58.16
CA LEU L 1648 39.01 -77.41 -57.24
C LEU L 1648 40.40 -76.79 -57.12
N LEU L 1649 41.09 -76.51 -58.25
CA LEU L 1649 42.38 -75.83 -58.15
C LEU L 1649 42.22 -74.36 -57.70
N ALA L 1650 41.14 -73.69 -58.09
CA ALA L 1650 40.86 -72.34 -57.61
C ALA L 1650 40.72 -72.30 -56.08
N LYS L 1651 40.08 -73.30 -55.46
CA LYS L 1651 40.04 -73.46 -54.00
C LYS L 1651 41.38 -73.91 -53.42
N ILE L 1652 42.09 -74.83 -54.06
CA ILE L 1652 43.24 -75.47 -53.41
C ILE L 1652 44.34 -74.48 -53.07
N LEU L 1653 44.62 -73.53 -53.97
CA LEU L 1653 45.64 -72.53 -53.72
C LEU L 1653 45.23 -71.52 -52.63
N GLN L 1654 43.94 -71.42 -52.32
CA GLN L 1654 43.44 -70.57 -51.23
C GLN L 1654 43.57 -71.20 -49.83
N ILE L 1655 43.63 -72.54 -49.72
CA ILE L 1655 44.04 -73.22 -48.47
C ILE L 1655 45.56 -73.52 -48.45
N ASP L 1656 46.18 -73.73 -49.61
CA ASP L 1656 47.60 -74.12 -49.80
C ASP L 1656 48.58 -72.94 -49.78
N SER L 1657 48.18 -71.78 -50.31
CA SER L 1657 48.99 -70.57 -50.44
C SER L 1657 50.29 -70.77 -51.25
N SER L 1658 50.25 -71.62 -52.29
CA SER L 1658 51.32 -71.86 -53.27
C SER L 1658 52.60 -72.54 -52.73
N VAL L 1659 52.47 -73.53 -51.84
CA VAL L 1659 53.62 -74.30 -51.31
C VAL L 1659 54.06 -75.49 -52.19
N SER L 1660 53.33 -75.81 -53.26
CA SER L 1660 53.69 -76.82 -54.28
C SER L 1660 52.99 -76.55 -55.62
N PHE L 1661 53.49 -77.11 -56.74
CA PHE L 1661 52.93 -76.93 -58.10
C PHE L 1661 52.80 -75.45 -58.55
N ASN L 1662 53.67 -74.58 -58.01
CA ASN L 1662 53.65 -73.12 -58.20
C ASN L 1662 55.06 -72.54 -58.38
N THR L 1663 55.87 -72.51 -57.32
CA THR L 1663 57.15 -71.77 -57.24
C THR L 1663 58.32 -72.59 -57.81
N SER L 1664 58.25 -72.91 -59.11
CA SER L 1664 59.21 -73.77 -59.82
C SER L 1664 59.31 -75.19 -59.22
N HIS L 1665 58.16 -75.75 -58.82
CA HIS L 1665 58.02 -77.04 -58.13
C HIS L 1665 56.96 -77.95 -58.79
N GLY L 1666 57.18 -79.26 -58.75
CA GLY L 1666 56.25 -80.26 -59.30
C GLY L 1666 56.19 -80.21 -60.83
N SER L 1667 55.16 -80.82 -61.41
CA SER L 1667 54.85 -80.69 -62.85
C SER L 1667 54.17 -79.33 -63.18
N PHE L 1668 54.58 -78.25 -62.52
CA PHE L 1668 54.15 -76.89 -62.83
C PHE L 1668 54.25 -76.54 -64.33
N PRO L 1669 55.32 -76.91 -65.07
CA PRO L 1669 55.39 -76.68 -66.51
C PRO L 1669 54.25 -77.34 -67.29
N GLU L 1670 53.75 -78.49 -66.85
CA GLU L 1670 52.65 -79.21 -67.49
C GLU L 1670 51.31 -78.49 -67.30
N VAL L 1671 50.93 -78.14 -66.05
CA VAL L 1671 49.72 -77.34 -65.83
C VAL L 1671 49.82 -75.98 -66.53
N PHE L 1672 50.97 -75.32 -66.45
CA PHE L 1672 51.19 -74.03 -67.08
C PHE L 1672 51.15 -74.08 -68.62
N THR L 1673 51.63 -75.17 -69.24
CA THR L 1673 51.49 -75.40 -70.69
C THR L 1673 50.11 -75.94 -71.09
N THR L 1674 49.35 -76.55 -70.18
CA THR L 1674 47.97 -76.97 -70.46
C THR L 1674 47.09 -75.79 -70.92
N TYR L 1675 47.34 -74.58 -70.39
CA TYR L 1675 46.68 -73.35 -70.83
C TYR L 1675 46.86 -73.06 -72.31
N ILE L 1676 47.95 -73.47 -72.93
CA ILE L 1676 48.17 -73.26 -74.38
C ILE L 1676 47.13 -74.02 -75.22
N SER L 1677 46.68 -75.19 -74.75
CA SER L 1677 45.55 -75.90 -75.37
C SER L 1677 44.19 -75.24 -75.06
N LEU L 1678 43.97 -74.75 -73.85
CA LEU L 1678 42.68 -74.19 -73.40
C LEU L 1678 42.42 -72.79 -73.97
N LEU L 1679 43.40 -71.89 -73.88
CA LEU L 1679 43.28 -70.51 -74.37
C LEU L 1679 43.30 -70.40 -75.91
N ALA L 1680 43.59 -71.50 -76.60
CA ALA L 1680 43.41 -71.65 -78.05
C ALA L 1680 42.00 -72.15 -78.46
N ASP L 1681 41.13 -72.62 -77.56
CA ASP L 1681 39.80 -73.09 -77.99
C ASP L 1681 38.93 -71.94 -78.55
N THR L 1682 38.00 -72.28 -79.45
CA THR L 1682 37.05 -71.36 -80.12
C THR L 1682 35.61 -71.54 -79.66
N LYS L 1683 35.25 -72.69 -79.05
CA LYS L 1683 33.87 -73.16 -78.87
C LYS L 1683 33.22 -72.69 -77.56
N LEU L 1684 33.52 -71.46 -77.12
CA LEU L 1684 33.31 -71.04 -75.73
C LEU L 1684 32.42 -69.80 -75.54
N ASP L 1685 31.73 -69.80 -74.41
CA ASP L 1685 31.34 -68.56 -73.73
C ASP L 1685 32.59 -67.86 -73.16
N LEU L 1686 32.41 -66.70 -72.53
CA LEU L 1686 33.51 -66.00 -71.89
C LEU L 1686 33.73 -66.48 -70.44
N HIS L 1687 33.24 -67.64 -69.98
CA HIS L 1687 33.29 -68.05 -68.56
C HIS L 1687 34.29 -69.16 -68.29
N LEU L 1688 34.56 -70.07 -69.23
CA LEU L 1688 35.76 -70.91 -69.13
C LEU L 1688 36.99 -70.00 -69.16
N LYS L 1689 37.06 -69.17 -70.21
CA LYS L 1689 38.08 -68.13 -70.35
C LYS L 1689 38.05 -67.11 -69.20
N GLY L 1690 36.88 -66.65 -68.79
CA GLY L 1690 36.68 -65.76 -67.65
C GLY L 1690 37.22 -66.31 -66.32
N GLN L 1691 36.99 -67.59 -66.02
CA GLN L 1691 37.59 -68.22 -64.84
C GLN L 1691 39.09 -68.48 -65.03
N ALA L 1692 39.53 -68.90 -66.23
CA ALA L 1692 40.93 -69.18 -66.51
C ALA L 1692 41.81 -67.97 -66.20
N VAL L 1693 41.41 -66.76 -66.63
CA VAL L 1693 42.16 -65.55 -66.29
C VAL L 1693 42.16 -65.26 -64.80
N THR L 1694 41.23 -65.82 -64.03
CA THR L 1694 41.18 -65.70 -62.56
C THR L 1694 42.10 -66.69 -61.85
N LEU L 1695 42.69 -67.68 -62.54
CA LEU L 1695 43.74 -68.56 -62.00
C LEU L 1695 45.13 -67.92 -62.02
N LEU L 1696 45.37 -67.02 -62.98
CA LEU L 1696 46.65 -66.34 -63.18
C LEU L 1696 47.29 -65.73 -61.91
N PRO L 1697 46.53 -65.14 -60.95
CA PRO L 1697 47.09 -64.56 -59.73
C PRO L 1697 48.06 -65.49 -58.98
N PHE L 1698 47.80 -66.81 -59.02
CA PHE L 1698 48.70 -67.81 -58.46
C PHE L 1698 49.74 -68.30 -59.46
N PHE L 1699 49.36 -68.65 -60.69
CA PHE L 1699 50.29 -69.24 -61.66
C PHE L 1699 51.47 -68.33 -62.02
N THR L 1700 51.30 -67.01 -61.92
CA THR L 1700 52.41 -66.05 -62.02
C THR L 1700 52.59 -65.18 -60.78
N SER L 1701 52.25 -65.69 -59.60
CA SER L 1701 52.91 -65.23 -58.36
C SER L 1701 54.38 -65.68 -58.35
N LEU L 1702 55.31 -64.76 -58.10
CA LEU L 1702 56.75 -64.97 -57.94
C LEU L 1702 57.51 -65.58 -59.15
N THR L 1703 56.88 -65.74 -60.31
CA THR L 1703 57.49 -66.36 -61.50
C THR L 1703 58.51 -65.47 -62.20
N GLY L 1704 59.77 -65.90 -62.26
CA GLY L 1704 60.88 -65.19 -62.92
C GLY L 1704 61.04 -65.49 -64.42
N GLY L 1705 60.20 -66.35 -64.99
CA GLY L 1705 60.22 -66.77 -66.38
C GLY L 1705 58.89 -67.39 -66.82
N SER L 1706 58.84 -67.92 -68.04
CA SER L 1706 57.60 -68.36 -68.71
C SER L 1706 56.56 -67.24 -68.87
N LEU L 1707 56.97 -65.97 -68.72
CA LEU L 1707 56.09 -64.81 -68.85
C LEU L 1707 55.73 -64.57 -70.32
N GLU L 1708 56.58 -64.95 -71.26
CA GLU L 1708 56.30 -64.88 -72.70
C GLU L 1708 55.26 -65.91 -73.14
N GLU L 1709 55.20 -67.07 -72.47
CA GLU L 1709 54.15 -68.06 -72.68
C GLU L 1709 52.77 -67.51 -72.24
N LEU L 1710 52.71 -66.80 -71.12
CA LEU L 1710 51.48 -66.11 -70.69
C LEU L 1710 51.15 -64.96 -71.64
N ARG L 1711 52.09 -64.05 -71.87
CA ARG L 1711 51.86 -62.84 -72.66
C ARG L 1711 51.29 -63.12 -74.05
N ARG L 1712 51.78 -64.13 -74.77
CA ARG L 1712 51.26 -64.41 -76.14
C ARG L 1712 49.81 -64.92 -76.14
N VAL L 1713 49.37 -65.66 -75.12
CA VAL L 1713 47.94 -66.05 -75.04
C VAL L 1713 47.07 -64.92 -74.51
N LEU L 1714 47.58 -64.03 -73.67
CA LEU L 1714 46.87 -62.80 -73.30
C LEU L 1714 46.70 -61.93 -74.53
N GLU L 1715 47.74 -61.76 -75.35
CA GLU L 1715 47.67 -61.08 -76.63
C GLU L 1715 46.62 -61.68 -77.58
N GLN L 1716 46.58 -63.01 -77.76
CA GLN L 1716 45.57 -63.62 -78.64
C GLN L 1716 44.15 -63.55 -78.06
N LEU L 1717 44.01 -63.55 -76.74
CA LEU L 1717 42.72 -63.38 -76.06
C LEU L 1717 42.17 -61.96 -76.26
N ILE L 1718 42.95 -60.93 -75.92
CA ILE L 1718 42.45 -59.54 -75.93
C ILE L 1718 42.08 -59.06 -77.34
N VAL L 1719 42.81 -59.46 -78.39
CA VAL L 1719 42.50 -59.00 -79.76
C VAL L 1719 41.22 -59.59 -80.30
N ALA L 1720 40.89 -60.83 -79.95
CA ALA L 1720 39.71 -61.51 -80.46
C ALA L 1720 38.42 -61.04 -79.76
N HIS L 1721 38.42 -61.00 -78.42
CA HIS L 1721 37.19 -60.90 -77.63
C HIS L 1721 36.70 -59.49 -77.31
N PHE L 1722 37.59 -58.51 -77.28
CA PHE L 1722 37.33 -57.12 -76.90
C PHE L 1722 37.66 -56.16 -78.07
N PRO L 1723 36.76 -55.27 -78.51
CA PRO L 1723 37.04 -54.28 -79.54
C PRO L 1723 38.03 -53.20 -79.12
N MET L 1724 38.43 -52.38 -80.09
CA MET L 1724 39.24 -51.17 -79.89
C MET L 1724 38.47 -50.01 -79.24
N GLN L 1725 37.12 -50.00 -79.31
CA GLN L 1725 36.24 -49.04 -78.66
C GLN L 1725 34.95 -49.73 -78.15
N SER L 1726 34.47 -49.40 -76.94
CA SER L 1726 33.31 -50.07 -76.32
C SER L 1726 31.94 -49.72 -76.94
N ARG L 1727 31.84 -48.68 -77.75
CA ARG L 1727 30.59 -48.26 -78.42
C ARG L 1727 30.06 -49.27 -79.46
N GLU L 1728 30.78 -50.38 -79.66
CA GLU L 1728 30.30 -51.59 -80.31
C GLU L 1728 28.94 -52.07 -79.75
N PHE L 1729 28.70 -51.92 -78.44
CA PHE L 1729 27.59 -52.56 -77.74
C PHE L 1729 26.67 -51.57 -76.99
N PRO L 1730 25.33 -51.73 -77.06
CA PRO L 1730 24.43 -51.23 -76.03
C PRO L 1730 24.41 -52.19 -74.81
N PRO L 1731 24.59 -51.73 -73.55
CA PRO L 1731 24.55 -52.62 -72.39
C PRO L 1731 23.21 -53.36 -72.25
N GLY L 1732 23.25 -54.61 -71.76
CA GLY L 1732 22.13 -55.55 -71.79
C GLY L 1732 22.10 -56.47 -73.02
N THR L 1733 22.85 -56.17 -74.08
CA THR L 1733 23.22 -57.18 -75.11
C THR L 1733 24.21 -58.18 -74.50
N PRO L 1734 24.07 -59.50 -74.68
CA PRO L 1734 24.79 -60.49 -73.86
C PRO L 1734 26.30 -60.37 -73.98
N ARG L 1735 26.79 -60.04 -75.17
CA ARG L 1735 28.21 -59.83 -75.48
C ARG L 1735 28.83 -58.79 -74.54
N PHE L 1736 28.13 -57.69 -74.27
CA PHE L 1736 28.62 -56.65 -73.37
C PHE L 1736 28.61 -57.06 -71.91
N ASN L 1737 27.55 -57.73 -71.45
CA ASN L 1737 27.51 -58.23 -70.07
C ASN L 1737 28.63 -59.25 -69.82
N ASN L 1738 28.92 -60.10 -70.79
CA ASN L 1738 30.07 -61.00 -70.74
C ASN L 1738 31.42 -60.25 -70.79
N TYR L 1739 31.56 -59.22 -71.63
CA TYR L 1739 32.77 -58.40 -71.73
C TYR L 1739 33.09 -57.73 -70.40
N VAL L 1740 32.17 -56.96 -69.82
CA VAL L 1740 32.40 -56.31 -68.52
C VAL L 1740 32.69 -57.33 -67.41
N ASP L 1741 32.12 -58.54 -67.48
CA ASP L 1741 32.47 -59.59 -66.53
C ASP L 1741 33.93 -60.03 -66.69
N CYS L 1742 34.46 -60.15 -67.90
CA CYS L 1742 35.89 -60.43 -68.10
C CYS L 1742 36.75 -59.35 -67.45
N MET L 1743 36.35 -58.09 -67.59
CA MET L 1743 37.05 -57.00 -66.94
C MET L 1743 36.96 -57.08 -65.42
N LYS L 1744 35.79 -57.36 -64.83
CA LYS L 1744 35.70 -57.62 -63.38
C LYS L 1744 36.66 -58.74 -62.98
N LYS L 1745 36.63 -59.89 -63.66
CA LYS L 1745 37.48 -61.03 -63.29
C LYS L 1745 38.95 -60.71 -63.43
N PHE L 1746 39.34 -59.86 -64.37
CA PHE L 1746 40.72 -59.39 -64.40
C PHE L 1746 41.09 -58.43 -63.27
N LEU L 1747 40.19 -57.58 -62.77
CA LEU L 1747 40.51 -56.76 -61.61
C LEU L 1747 40.59 -57.59 -60.32
N ASP L 1748 39.67 -58.55 -60.18
CA ASP L 1748 39.74 -59.60 -59.15
C ASP L 1748 41.09 -60.34 -59.23
N ALA L 1749 41.57 -60.61 -60.45
CA ALA L 1749 42.90 -61.16 -60.66
C ALA L 1749 44.03 -60.18 -60.31
N LEU L 1750 43.92 -58.91 -60.70
CA LEU L 1750 44.96 -57.91 -60.44
C LEU L 1750 45.20 -57.74 -58.94
N GLU L 1751 44.15 -57.48 -58.16
CA GLU L 1751 44.21 -57.07 -56.75
C GLU L 1751 45.13 -57.96 -55.90
N LEU L 1752 45.03 -59.29 -56.05
CA LEU L 1752 45.85 -60.25 -55.30
C LEU L 1752 46.82 -61.04 -56.19
N SER L 1753 47.18 -60.47 -57.35
CA SER L 1753 48.47 -60.73 -57.97
C SER L 1753 49.55 -59.73 -57.51
N GLN L 1754 49.16 -58.50 -57.16
CA GLN L 1754 50.05 -57.36 -56.87
C GLN L 1754 51.16 -57.14 -57.92
N SER L 1755 50.93 -57.53 -59.18
CA SER L 1755 52.02 -57.83 -60.13
C SER L 1755 52.20 -56.76 -61.23
N PRO L 1756 53.44 -56.35 -61.55
CA PRO L 1756 53.70 -55.36 -62.60
C PRO L 1756 53.37 -55.87 -64.01
N MET L 1757 53.44 -57.18 -64.23
CA MET L 1757 53.07 -57.80 -65.50
C MET L 1757 51.60 -57.55 -65.81
N LEU L 1758 50.68 -57.91 -64.89
CA LEU L 1758 49.25 -57.67 -65.09
C LEU L 1758 48.94 -56.17 -65.12
N LEU L 1759 49.51 -55.34 -64.22
CA LEU L 1759 49.21 -53.91 -64.22
C LEU L 1759 49.53 -53.26 -65.58
N GLU L 1760 50.68 -53.56 -66.16
CA GLU L 1760 51.02 -53.12 -67.50
C GLU L 1760 49.98 -53.57 -68.52
N LEU L 1761 49.69 -54.87 -68.57
CA LEU L 1761 48.78 -55.47 -69.55
C LEU L 1761 47.33 -54.94 -69.42
N MET L 1762 46.87 -54.64 -68.21
CA MET L 1762 45.56 -54.01 -68.00
C MET L 1762 45.49 -52.59 -68.57
N THR L 1763 46.47 -51.74 -68.27
CA THR L 1763 46.41 -50.31 -68.65
C THR L 1763 46.23 -50.10 -70.15
N GLU L 1764 46.83 -50.93 -70.99
CA GLU L 1764 46.76 -50.80 -72.45
C GLU L 1764 45.43 -51.34 -73.03
N VAL L 1765 44.63 -52.06 -72.23
CA VAL L 1765 43.23 -52.41 -72.52
C VAL L 1765 42.28 -51.26 -72.15
N LEU L 1766 42.55 -50.54 -71.06
CA LEU L 1766 41.76 -49.37 -70.64
C LEU L 1766 41.99 -48.15 -71.55
N CYS L 1767 43.24 -47.83 -71.82
CA CYS L 1767 43.62 -46.55 -72.40
C CYS L 1767 43.43 -46.55 -73.93
N ARG L 1768 42.20 -46.30 -74.39
CA ARG L 1768 41.86 -46.25 -75.83
C ARG L 1768 40.77 -45.23 -76.16
N GLU L 1769 39.89 -44.92 -75.20
CA GLU L 1769 39.03 -43.72 -75.14
C GLU L 1769 38.69 -43.43 -73.67
N GLN L 1770 38.10 -42.28 -73.39
CA GLN L 1770 37.78 -41.74 -72.08
C GLN L 1770 36.39 -42.14 -71.66
N GLN L 1771 36.26 -42.56 -70.41
CA GLN L 1771 34.97 -42.73 -69.76
C GLN L 1771 34.03 -43.61 -70.59
N HIS L 1772 34.42 -44.86 -70.81
CA HIS L 1772 33.77 -45.78 -71.74
C HIS L 1772 33.43 -47.17 -71.17
N VAL L 1773 34.04 -47.53 -70.05
CA VAL L 1773 33.82 -48.79 -69.32
C VAL L 1773 33.64 -48.53 -67.83
N MET L 1774 33.30 -47.29 -67.48
CA MET L 1774 33.10 -46.85 -66.10
C MET L 1774 34.39 -47.03 -65.29
N GLU L 1775 35.49 -46.48 -65.83
CA GLU L 1775 36.83 -46.51 -65.28
C GLU L 1775 36.92 -46.16 -63.77
N GLU L 1776 35.97 -45.40 -63.24
CA GLU L 1776 35.80 -45.17 -61.81
C GLU L 1776 35.71 -46.44 -60.95
N LEU L 1777 35.29 -47.59 -61.51
CA LEU L 1777 35.39 -48.88 -60.83
C LEU L 1777 36.82 -49.45 -60.93
N PHE L 1778 37.49 -49.31 -62.07
CA PHE L 1778 38.85 -49.77 -62.31
C PHE L 1778 39.84 -49.06 -61.39
N GLN L 1779 39.72 -47.74 -61.25
CA GLN L 1779 40.58 -46.92 -60.39
C GLN L 1779 40.70 -47.46 -58.97
N SER L 1780 39.63 -48.04 -58.41
CA SER L 1780 39.63 -48.63 -57.07
C SER L 1780 40.69 -49.73 -56.88
N SER L 1781 40.95 -50.54 -57.90
CA SER L 1781 41.99 -51.58 -57.83
C SER L 1781 43.39 -50.98 -57.69
N PHE L 1782 43.69 -49.91 -58.41
CA PHE L 1782 44.96 -49.20 -58.34
C PHE L 1782 45.17 -48.67 -56.93
N ARG L 1783 44.19 -47.94 -56.38
CA ARG L 1783 44.23 -47.46 -54.98
C ARG L 1783 44.51 -48.60 -54.00
N ARG L 1784 43.82 -49.72 -54.15
CA ARG L 1784 43.90 -50.88 -53.26
C ARG L 1784 45.28 -51.54 -53.26
N ILE L 1785 45.92 -51.75 -54.43
CA ILE L 1785 47.31 -52.26 -54.51
C ILE L 1785 48.37 -51.21 -54.14
N ALA L 1786 48.09 -49.92 -54.36
CA ALA L 1786 48.96 -48.82 -53.94
C ALA L 1786 49.06 -48.72 -52.41
N ARG L 1787 47.93 -48.92 -51.71
CA ARG L 1787 47.86 -48.96 -50.26
C ARG L 1787 48.54 -50.19 -49.68
N ARG L 1788 48.08 -51.39 -50.05
CA ARG L 1788 48.50 -52.66 -49.41
C ARG L 1788 49.55 -53.39 -50.25
N GLY L 1789 50.82 -53.13 -49.94
CA GLY L 1789 52.00 -53.71 -50.58
C GLY L 1789 53.31 -53.12 -50.04
N SER L 1790 54.44 -53.67 -50.50
CA SER L 1790 55.78 -53.18 -50.17
C SER L 1790 56.24 -52.08 -51.12
N CYS L 1791 57.21 -51.26 -50.68
CA CYS L 1791 57.85 -50.27 -51.54
C CYS L 1791 58.62 -50.90 -52.72
N VAL L 1792 59.20 -52.10 -52.55
CA VAL L 1792 59.93 -52.80 -53.62
C VAL L 1792 59.01 -53.33 -54.72
N THR L 1793 57.87 -53.92 -54.36
CA THR L 1793 56.84 -54.27 -55.34
C THR L 1793 56.29 -53.02 -56.02
N GLN L 1794 56.05 -51.95 -55.26
CA GLN L 1794 55.54 -50.70 -55.81
C GLN L 1794 56.56 -50.03 -56.74
N VAL L 1795 57.86 -50.10 -56.48
CA VAL L 1795 58.88 -49.73 -57.47
C VAL L 1795 58.71 -50.51 -58.75
N GLY L 1796 58.49 -51.83 -58.69
CA GLY L 1796 58.24 -52.63 -59.89
C GLY L 1796 57.00 -52.18 -60.67
N LEU L 1797 55.89 -51.96 -59.97
CA LEU L 1797 54.66 -51.39 -60.56
C LEU L 1797 55.00 -50.09 -61.29
N LEU L 1798 55.56 -49.14 -60.56
CA LEU L 1798 55.78 -47.76 -60.99
C LEU L 1798 56.82 -47.68 -62.11
N GLU L 1799 57.90 -48.45 -62.05
CA GLU L 1799 58.87 -48.58 -63.13
C GLU L 1799 58.21 -49.05 -64.42
N SER L 1800 57.38 -50.10 -64.37
CA SER L 1800 56.82 -50.67 -65.58
C SER L 1800 55.89 -49.69 -66.32
N VAL L 1801 55.05 -48.98 -65.57
CA VAL L 1801 54.15 -47.97 -66.12
C VAL L 1801 54.92 -46.71 -66.55
N TYR L 1802 56.00 -46.34 -65.86
CA TYR L 1802 56.85 -45.25 -66.29
C TYR L 1802 57.59 -45.56 -67.59
N GLU L 1803 58.25 -46.70 -67.68
CA GLU L 1803 58.96 -47.12 -68.89
C GLU L 1803 58.02 -47.22 -70.08
N MET L 1804 56.78 -47.67 -69.88
CA MET L 1804 55.73 -47.63 -70.89
C MET L 1804 55.47 -46.21 -71.39
N PHE L 1805 55.38 -45.22 -70.48
CA PHE L 1805 55.08 -43.84 -70.84
C PHE L 1805 56.28 -43.12 -71.46
N ARG L 1806 57.47 -43.37 -70.91
CA ARG L 1806 58.75 -42.77 -71.29
C ARG L 1806 59.13 -43.11 -72.73
N LYS L 1807 59.05 -44.39 -73.11
CA LYS L 1807 59.52 -44.84 -74.41
C LYS L 1807 58.65 -44.35 -75.55
N ASP L 1808 59.27 -44.07 -76.68
CA ASP L 1808 58.72 -43.29 -77.80
C ASP L 1808 58.42 -44.12 -79.07
N ASP L 1809 58.16 -45.41 -78.90
CA ASP L 1809 57.63 -46.27 -79.95
C ASP L 1809 56.25 -45.72 -80.43
N PRO L 1810 56.01 -45.55 -81.74
CA PRO L 1810 55.00 -44.61 -82.25
C PRO L 1810 53.54 -45.05 -82.05
N ARG L 1811 52.74 -44.18 -81.40
CA ARG L 1811 51.30 -44.34 -81.10
C ARG L 1811 50.59 -42.98 -80.97
N LEU L 1812 49.26 -42.99 -80.99
CA LEU L 1812 48.42 -41.79 -80.89
C LEU L 1812 48.71 -40.99 -79.61
N SER L 1813 48.96 -39.69 -79.75
CA SER L 1813 49.24 -38.74 -78.66
C SER L 1813 48.16 -38.66 -77.58
N PHE L 1814 46.87 -38.71 -77.96
CA PHE L 1814 45.74 -38.76 -77.01
C PHE L 1814 45.85 -39.98 -76.09
N THR L 1815 45.98 -41.17 -76.69
CA THR L 1815 46.25 -42.41 -75.97
C THR L 1815 47.50 -42.26 -75.11
N ARG L 1816 48.54 -41.68 -75.67
CA ARG L 1816 49.81 -41.46 -74.99
C ARG L 1816 49.69 -40.56 -73.75
N GLN L 1817 48.85 -39.53 -73.77
CA GLN L 1817 48.52 -38.78 -72.54
C GLN L 1817 47.83 -39.69 -71.52
N SER L 1818 46.79 -40.41 -71.97
CA SER L 1818 45.92 -41.20 -71.07
C SER L 1818 46.67 -42.27 -70.28
N PHE L 1819 47.78 -42.75 -70.82
CA PHE L 1819 48.73 -43.62 -70.14
C PHE L 1819 49.19 -43.09 -68.77
N VAL L 1820 49.77 -41.88 -68.70
CA VAL L 1820 50.01 -41.26 -67.38
C VAL L 1820 48.72 -40.90 -66.70
N ASP L 1821 47.89 -40.14 -67.42
CA ASP L 1821 46.81 -39.33 -66.84
C ASP L 1821 45.73 -40.18 -66.16
N ARG L 1822 45.40 -41.31 -66.77
CA ARG L 1822 44.31 -42.22 -66.36
C ARG L 1822 44.80 -43.57 -65.86
N SER L 1823 46.09 -43.71 -65.54
CA SER L 1823 46.57 -44.88 -64.78
C SER L 1823 47.72 -44.55 -63.83
N LEU L 1824 48.91 -44.21 -64.33
CA LEU L 1824 50.10 -43.95 -63.51
C LEU L 1824 49.79 -42.94 -62.40
N LEU L 1825 49.23 -41.80 -62.78
CA LEU L 1825 48.90 -40.71 -61.87
C LEU L 1825 47.94 -41.16 -60.77
N THR L 1826 46.97 -42.01 -61.12
CA THR L 1826 46.00 -42.54 -60.13
C THR L 1826 46.68 -43.40 -59.07
N LEU L 1827 47.78 -44.08 -59.42
CA LEU L 1827 48.55 -44.93 -58.52
C LEU L 1827 49.44 -44.06 -57.61
N LEU L 1828 50.11 -43.06 -58.16
CA LEU L 1828 50.98 -42.12 -57.43
C LEU L 1828 50.31 -41.49 -56.22
N TRP L 1829 49.07 -41.02 -56.37
CA TRP L 1829 48.32 -40.42 -55.29
C TRP L 1829 48.11 -41.33 -54.06
N HIS L 1830 48.28 -42.64 -54.22
CA HIS L 1830 47.93 -43.65 -53.21
C HIS L 1830 49.09 -44.60 -52.86
N CYS L 1831 50.24 -44.51 -53.53
CA CYS L 1831 51.47 -45.22 -53.12
C CYS L 1831 51.87 -44.78 -51.71
N SER L 1832 52.44 -45.73 -50.99
CA SER L 1832 52.77 -45.76 -49.58
C SER L 1832 53.72 -44.60 -49.18
N LEU L 1833 53.61 -44.18 -47.92
CA LEU L 1833 54.15 -42.90 -47.45
C LEU L 1833 55.69 -42.80 -47.54
N ASP L 1834 56.38 -43.89 -47.26
CA ASP L 1834 57.82 -44.05 -47.21
C ASP L 1834 58.42 -44.82 -48.41
N ALA L 1835 59.54 -44.45 -48.89
CA ALA L 1835 60.30 -44.79 -50.08
C ALA L 1835 59.52 -44.63 -51.41
N LEU L 1836 58.45 -43.87 -51.45
CA LEU L 1836 57.88 -43.40 -52.71
C LEU L 1836 58.88 -42.46 -53.40
N ARG L 1837 59.65 -41.73 -52.58
CA ARG L 1837 60.85 -40.97 -52.96
C ARG L 1837 61.87 -41.81 -53.73
N GLU L 1838 61.92 -43.12 -53.51
CA GLU L 1838 62.86 -44.00 -54.19
C GLU L 1838 62.61 -44.00 -55.70
N PHE L 1839 61.35 -43.99 -56.15
CA PHE L 1839 61.04 -43.86 -57.57
C PHE L 1839 61.54 -42.51 -58.10
N PHE L 1840 61.06 -41.41 -57.52
CA PHE L 1840 61.33 -40.09 -58.07
C PHE L 1840 62.84 -39.79 -58.06
N SER L 1841 63.54 -40.10 -56.97
CA SER L 1841 65.00 -39.97 -56.88
C SER L 1841 65.74 -40.83 -57.91
N THR L 1842 65.19 -41.96 -58.34
CA THR L 1842 65.77 -42.79 -59.40
C THR L 1842 65.59 -42.19 -60.79
N ILE L 1843 64.49 -41.47 -61.04
CA ILE L 1843 64.13 -41.01 -62.40
C ILE L 1843 64.33 -39.52 -62.67
N VAL L 1844 64.45 -38.66 -61.64
CA VAL L 1844 64.28 -37.19 -61.76
C VAL L 1844 65.10 -36.54 -62.87
N VAL L 1845 66.33 -37.02 -63.11
CA VAL L 1845 67.20 -36.51 -64.18
C VAL L 1845 66.56 -36.57 -65.57
N ASP L 1846 65.72 -37.56 -65.85
CA ASP L 1846 65.16 -37.78 -67.17
C ASP L 1846 64.27 -36.61 -67.61
N ALA L 1847 63.22 -36.32 -66.83
CA ALA L 1847 62.29 -35.25 -67.17
C ALA L 1847 63.00 -33.89 -67.24
N ILE L 1848 63.92 -33.60 -66.31
CA ILE L 1848 64.69 -32.35 -66.30
C ILE L 1848 65.54 -32.21 -67.57
N ASP L 1849 66.20 -33.27 -68.03
CA ASP L 1849 66.95 -33.25 -69.29
C ASP L 1849 66.02 -33.19 -70.51
N VAL L 1850 64.81 -33.76 -70.43
CA VAL L 1850 63.80 -33.66 -71.49
C VAL L 1850 63.26 -32.23 -71.65
N LEU L 1851 62.89 -31.59 -70.55
CA LEU L 1851 62.24 -30.26 -70.54
C LEU L 1851 63.11 -29.15 -71.15
N LYS L 1852 64.44 -29.27 -71.09
CA LYS L 1852 65.38 -28.23 -71.55
C LYS L 1852 65.63 -28.13 -73.07
N SER L 1853 64.88 -28.81 -73.94
CA SER L 1853 65.20 -28.82 -75.39
C SER L 1853 63.97 -28.99 -76.32
N ARG L 1854 64.23 -29.40 -77.58
CA ARG L 1854 63.30 -29.70 -78.70
C ARG L 1854 62.66 -28.51 -79.41
N PHE L 1855 62.82 -27.28 -78.94
CA PHE L 1855 62.09 -26.13 -79.47
C PHE L 1855 62.37 -25.81 -80.95
N THR L 1856 63.54 -26.18 -81.47
CA THR L 1856 63.92 -26.02 -82.89
C THR L 1856 63.40 -27.16 -83.79
N LYS L 1857 62.65 -28.13 -83.24
CA LYS L 1857 62.15 -29.31 -83.96
C LYS L 1857 60.62 -29.36 -84.10
N LEU L 1858 59.89 -28.29 -83.77
CA LEU L 1858 58.47 -28.12 -84.08
C LEU L 1858 58.24 -27.85 -85.59
N ASN L 1859 58.71 -28.75 -86.45
CA ASN L 1859 58.76 -28.58 -87.90
C ASN L 1859 57.76 -29.47 -88.66
N GLU L 1860 56.97 -30.28 -87.95
CA GLU L 1860 55.87 -31.11 -88.45
C GLU L 1860 54.85 -31.43 -87.33
N SER L 1861 53.67 -31.94 -87.70
CA SER L 1861 52.53 -32.17 -86.80
C SER L 1861 52.73 -33.34 -85.83
N THR L 1862 53.57 -34.31 -86.16
CA THR L 1862 53.82 -35.50 -85.33
C THR L 1862 54.36 -35.16 -83.94
N PHE L 1863 54.91 -33.95 -83.79
CA PHE L 1863 55.37 -33.36 -82.54
C PHE L 1863 54.25 -33.19 -81.47
N ASP L 1864 52.98 -33.42 -81.76
CA ASP L 1864 51.95 -33.56 -80.71
C ASP L 1864 52.26 -34.72 -79.74
N THR L 1865 52.92 -35.77 -80.25
CA THR L 1865 53.52 -36.84 -79.43
C THR L 1865 54.61 -36.33 -78.47
N GLN L 1866 55.12 -35.12 -78.70
CA GLN L 1866 56.12 -34.48 -77.88
C GLN L 1866 55.53 -33.44 -76.92
N ILE L 1867 54.56 -32.63 -77.32
CA ILE L 1867 53.95 -31.77 -76.29
C ILE L 1867 53.35 -32.66 -75.19
N THR L 1868 52.85 -33.84 -75.58
CA THR L 1868 52.45 -34.91 -74.66
C THR L 1868 53.57 -35.32 -73.69
N LYS L 1869 54.82 -35.51 -74.12
CA LYS L 1869 55.86 -35.96 -73.17
C LYS L 1869 56.20 -34.87 -72.14
N LYS L 1870 56.43 -33.64 -72.58
CA LYS L 1870 56.70 -32.53 -71.63
C LYS L 1870 55.52 -32.36 -70.66
N MET L 1871 54.30 -32.43 -71.18
CA MET L 1871 53.04 -32.37 -70.43
C MET L 1871 53.00 -33.42 -69.33
N GLY L 1872 53.16 -34.69 -69.69
CA GLY L 1872 53.18 -35.76 -68.70
C GLY L 1872 54.29 -35.60 -67.68
N TYR L 1873 55.42 -35.06 -68.10
CA TYR L 1873 56.58 -34.89 -67.24
C TYR L 1873 56.44 -33.78 -66.22
N TYR L 1874 55.68 -32.73 -66.53
CA TYR L 1874 55.13 -31.88 -65.48
C TYR L 1874 54.13 -32.63 -64.60
N LYS L 1875 53.25 -33.46 -65.17
CA LYS L 1875 52.19 -34.16 -64.42
C LYS L 1875 52.65 -35.36 -63.55
N ILE L 1876 53.94 -35.75 -63.52
CA ILE L 1876 54.44 -36.82 -62.62
C ILE L 1876 55.34 -36.33 -61.50
N LEU L 1877 55.30 -35.04 -61.18
CA LEU L 1877 56.15 -34.44 -60.15
C LEU L 1877 55.41 -33.47 -59.25
N ASP L 1878 54.36 -32.83 -59.73
CA ASP L 1878 53.51 -31.96 -58.92
C ASP L 1878 52.80 -32.79 -57.86
N VAL L 1879 52.31 -33.96 -58.26
CA VAL L 1879 51.79 -35.01 -57.38
C VAL L 1879 52.88 -35.60 -56.45
N MET L 1880 54.17 -35.39 -56.73
CA MET L 1880 55.28 -35.70 -55.80
C MET L 1880 55.72 -34.50 -54.96
N TYR L 1881 55.42 -33.27 -55.34
CA TYR L 1881 55.51 -32.15 -54.40
C TYR L 1881 54.37 -32.25 -53.38
N SER L 1882 53.19 -32.62 -53.88
CA SER L 1882 52.14 -33.26 -53.09
C SER L 1882 52.66 -34.55 -52.44
N ARG L 1883 51.99 -35.02 -51.38
CA ARG L 1883 52.39 -36.16 -50.52
C ARG L 1883 53.66 -35.93 -49.71
N LEU L 1884 54.77 -35.57 -50.35
CA LEU L 1884 56.12 -35.59 -49.76
C LEU L 1884 56.33 -34.58 -48.62
N PRO L 1885 57.17 -34.93 -47.63
CA PRO L 1885 57.40 -34.12 -46.44
C PRO L 1885 58.31 -32.90 -46.71
N LYS L 1886 57.98 -31.78 -46.05
CA LYS L 1886 58.80 -30.54 -46.05
C LYS L 1886 60.25 -30.81 -45.64
N ASP L 1887 60.47 -31.76 -44.75
CA ASP L 1887 61.79 -32.14 -44.25
C ASP L 1887 62.68 -32.87 -45.28
N ASP L 1888 62.13 -33.39 -46.40
CA ASP L 1888 62.94 -33.85 -47.53
C ASP L 1888 63.14 -32.76 -48.59
N VAL L 1889 62.14 -31.92 -48.82
CA VAL L 1889 62.16 -30.92 -49.92
C VAL L 1889 62.78 -29.57 -49.55
N HIS L 1890 62.79 -29.13 -48.28
CA HIS L 1890 63.57 -27.97 -47.85
C HIS L 1890 64.18 -28.16 -46.45
N ALA L 1891 65.45 -28.56 -46.44
CA ALA L 1891 66.26 -28.89 -45.28
C ALA L 1891 67.77 -28.76 -45.58
N LYS L 1892 68.61 -28.86 -44.54
CA LYS L 1892 70.08 -28.91 -44.61
C LYS L 1892 70.61 -30.14 -45.38
N GLU L 1893 69.82 -31.20 -45.45
CA GLU L 1893 70.12 -32.45 -46.13
C GLU L 1893 69.16 -32.60 -47.29
N SER L 1894 69.71 -32.74 -48.50
CA SER L 1894 68.92 -32.77 -49.73
C SER L 1894 68.98 -34.18 -50.29
N LYS L 1895 68.05 -35.03 -49.87
CA LYS L 1895 67.92 -36.34 -50.48
C LYS L 1895 67.76 -36.20 -51.98
N ILE L 1896 66.79 -35.40 -52.40
CA ILE L 1896 66.55 -35.16 -53.81
C ILE L 1896 67.52 -34.05 -54.20
N ASN L 1897 68.78 -34.44 -54.38
CA ASN L 1897 69.81 -33.54 -54.85
C ASN L 1897 70.32 -33.97 -56.23
N GLN L 1898 69.47 -34.65 -56.97
CA GLN L 1898 69.91 -35.36 -58.16
C GLN L 1898 69.72 -34.56 -59.43
N VAL L 1899 69.17 -33.35 -59.33
CA VAL L 1899 69.14 -32.46 -60.49
C VAL L 1899 70.56 -32.19 -60.95
N PHE L 1900 71.45 -31.90 -60.00
CA PHE L 1900 72.87 -31.98 -60.24
C PHE L 1900 73.35 -33.41 -59.96
N HIS L 1901 74.64 -33.64 -60.14
CA HIS L 1901 75.20 -34.93 -59.79
C HIS L 1901 74.97 -35.28 -58.32
N GLY L 1902 74.87 -34.27 -57.45
CA GLY L 1902 74.58 -34.49 -56.05
C GLY L 1902 75.74 -35.00 -55.23
N SER L 1903 76.88 -35.31 -55.85
CA SER L 1903 78.03 -35.80 -55.09
C SER L 1903 78.59 -34.70 -54.19
N CYS L 1904 78.65 -33.47 -54.70
CA CYS L 1904 79.11 -32.33 -53.92
C CYS L 1904 77.99 -31.53 -53.30
N ILE L 1905 76.84 -31.43 -53.97
CA ILE L 1905 75.69 -30.68 -53.41
C ILE L 1905 74.89 -31.68 -52.58
N THR L 1906 75.31 -31.84 -51.33
CA THR L 1906 74.52 -32.54 -50.32
C THR L 1906 74.08 -31.63 -49.20
N GLU L 1907 74.67 -30.45 -49.06
CA GLU L 1907 74.32 -29.49 -48.03
C GLU L 1907 73.30 -28.53 -48.62
N GLY L 1908 72.05 -28.65 -48.19
CA GLY L 1908 71.03 -27.71 -48.60
C GLY L 1908 70.40 -28.03 -49.94
N ASN L 1909 69.11 -27.78 -50.08
CA ASN L 1909 68.40 -27.97 -51.34
C ASN L 1909 68.03 -26.61 -51.93
N GLU L 1910 68.49 -26.33 -53.16
CA GLU L 1910 68.01 -25.18 -53.93
C GLU L 1910 67.91 -25.43 -55.44
N LEU L 1911 68.17 -26.64 -55.92
CA LEU L 1911 68.17 -26.92 -57.37
C LEU L 1911 66.78 -26.77 -58.00
N THR L 1912 65.74 -26.86 -57.18
CA THR L 1912 64.38 -26.46 -57.50
C THR L 1912 64.32 -25.02 -57.99
N LYS L 1913 64.87 -24.08 -57.21
CA LYS L 1913 64.94 -22.65 -57.55
C LYS L 1913 66.09 -22.31 -58.50
N THR L 1914 67.03 -23.21 -58.74
CA THR L 1914 67.82 -23.21 -59.98
C THR L 1914 66.91 -23.46 -61.20
N LEU L 1915 66.01 -24.46 -61.15
CA LEU L 1915 65.30 -24.96 -62.34
C LEU L 1915 63.83 -24.54 -62.52
N ILE L 1916 63.28 -23.66 -61.70
CA ILE L 1916 61.97 -23.02 -61.93
C ILE L 1916 61.87 -22.32 -63.31
N LYS L 1917 63.02 -22.00 -63.92
CA LYS L 1917 63.20 -21.51 -65.30
C LYS L 1917 62.41 -22.31 -66.35
N LEU L 1918 62.25 -23.61 -66.11
CA LEU L 1918 61.54 -24.54 -66.97
C LEU L 1918 60.04 -24.23 -66.95
N CYS L 1919 59.47 -24.04 -65.76
CA CYS L 1919 58.13 -23.53 -65.64
C CYS L 1919 57.99 -22.14 -66.26
N TYR L 1920 58.81 -21.18 -66.09
CA TYR L 1920 58.91 -19.90 -66.65
C TYR L 1920 58.80 -19.91 -68.15
N ASP L 1921 59.58 -20.75 -68.82
CA ASP L 1921 59.42 -20.96 -70.26
C ASP L 1921 58.00 -21.44 -70.60
N ALA L 1922 57.49 -22.41 -69.86
CA ALA L 1922 56.13 -22.91 -70.00
C ALA L 1922 55.03 -21.90 -69.60
N PHE L 1923 55.34 -20.80 -68.92
CA PHE L 1923 54.39 -19.71 -68.70
C PHE L 1923 54.45 -18.77 -69.90
N THR L 1924 55.65 -18.31 -70.25
CA THR L 1924 55.86 -17.03 -70.92
C THR L 1924 56.28 -17.12 -72.38
N GLU L 1925 56.20 -18.29 -73.00
CA GLU L 1925 56.38 -18.40 -74.45
C GLU L 1925 55.43 -17.42 -75.16
N ASN L 1926 55.95 -16.52 -76.00
CA ASN L 1926 55.11 -15.61 -76.76
C ASN L 1926 54.29 -16.44 -77.76
N MET L 1927 53.00 -16.62 -77.53
CA MET L 1927 52.18 -17.60 -78.27
C MET L 1927 52.24 -17.41 -79.80
N ALA L 1928 52.36 -18.52 -80.51
CA ALA L 1928 52.63 -18.56 -81.95
C ALA L 1928 51.54 -17.89 -82.80
N GLY L 1929 51.93 -17.29 -83.92
CA GLY L 1929 51.02 -16.53 -84.78
C GLY L 1929 50.03 -17.37 -85.59
N GLU L 1930 50.37 -18.61 -85.96
CA GLU L 1930 49.63 -19.42 -86.94
C GLU L 1930 49.62 -20.94 -86.63
N ASN L 1931 49.74 -21.34 -85.36
CA ASN L 1931 49.73 -22.75 -84.94
C ASN L 1931 48.40 -23.48 -85.23
N GLN L 1932 48.40 -24.81 -85.09
CA GLN L 1932 47.25 -25.70 -85.26
C GLN L 1932 47.16 -26.83 -84.20
N LEU L 1933 47.77 -26.63 -83.01
CA LEU L 1933 47.77 -27.53 -81.85
C LEU L 1933 47.34 -26.79 -80.55
N LEU L 1934 46.56 -25.70 -80.67
CA LEU L 1934 46.36 -24.71 -79.60
C LEU L 1934 45.77 -25.32 -78.33
N GLU L 1935 44.86 -26.27 -78.42
CA GLU L 1935 44.30 -26.96 -77.25
C GLU L 1935 45.38 -27.71 -76.46
N ARG L 1936 46.31 -28.39 -77.14
CA ARG L 1936 47.42 -29.12 -76.48
C ARG L 1936 48.48 -28.15 -75.97
N ARG L 1937 48.73 -27.05 -76.70
CA ARG L 1937 49.50 -25.91 -76.18
C ARG L 1937 48.89 -25.41 -74.86
N ARG L 1938 47.58 -25.14 -74.84
CA ARG L 1938 46.87 -24.56 -73.69
C ARG L 1938 47.05 -25.42 -72.45
N LEU L 1939 46.71 -26.70 -72.55
CA LEU L 1939 46.78 -27.58 -71.38
C LEU L 1939 48.23 -27.94 -71.02
N TYR L 1940 49.20 -27.84 -71.94
CA TYR L 1940 50.60 -27.84 -71.55
C TYR L 1940 50.98 -26.64 -70.69
N HIS L 1941 50.62 -25.42 -71.10
CA HIS L 1941 50.88 -24.24 -70.27
C HIS L 1941 50.27 -24.41 -68.87
N CYS L 1942 49.04 -24.95 -68.81
CA CYS L 1942 48.38 -25.28 -67.55
C CYS L 1942 49.21 -26.24 -66.70
N ALA L 1943 49.75 -27.30 -67.30
CA ALA L 1943 50.46 -28.33 -66.56
C ALA L 1943 51.63 -27.73 -65.79
N ALA L 1944 52.50 -27.01 -66.48
CA ALA L 1944 53.66 -26.39 -65.83
C ALA L 1944 53.25 -25.35 -64.79
N TYR L 1945 52.14 -24.64 -64.98
CA TYR L 1945 51.57 -23.75 -63.98
C TYR L 1945 51.16 -24.52 -62.72
N ASN L 1946 50.53 -25.69 -62.84
CA ASN L 1946 50.27 -26.54 -61.68
C ASN L 1946 51.58 -26.89 -60.98
N CYS L 1947 52.61 -27.19 -61.75
CA CYS L 1947 53.90 -27.57 -61.19
C CYS L 1947 54.54 -26.40 -60.45
N ALA L 1948 54.52 -25.21 -61.04
CA ALA L 1948 54.93 -23.99 -60.37
C ALA L 1948 54.16 -23.78 -59.06
N ILE L 1949 52.83 -23.96 -59.02
CA ILE L 1949 52.12 -23.97 -57.72
C ILE L 1949 52.81 -24.97 -56.78
N SER L 1950 52.92 -26.22 -57.21
CA SER L 1950 53.28 -27.33 -56.34
C SER L 1950 54.68 -27.18 -55.74
N VAL L 1951 55.68 -26.73 -56.51
CA VAL L 1951 57.01 -26.47 -55.98
C VAL L 1951 57.01 -25.25 -55.06
N ILE L 1952 56.35 -24.16 -55.44
CA ILE L 1952 56.36 -22.92 -54.67
C ILE L 1952 55.66 -23.10 -53.31
N CYS L 1953 54.45 -23.66 -53.30
CA CYS L 1953 53.67 -23.87 -52.07
C CYS L 1953 54.31 -24.89 -51.09
N CYS L 1954 55.27 -25.68 -51.55
CA CYS L 1954 56.16 -26.45 -50.67
C CYS L 1954 57.38 -25.61 -50.26
N VAL L 1955 58.30 -25.33 -51.19
CA VAL L 1955 59.67 -24.92 -50.85
C VAL L 1955 59.86 -23.42 -50.68
N PHE L 1956 59.25 -22.59 -51.52
CA PHE L 1956 59.53 -21.14 -51.58
C PHE L 1956 58.62 -20.38 -50.59
N ASN L 1957 58.85 -20.54 -49.29
CA ASN L 1957 57.86 -20.26 -48.23
C ASN L 1957 57.47 -18.78 -48.05
N GLU L 1958 58.24 -17.82 -48.55
CA GLU L 1958 57.90 -16.39 -48.42
C GLU L 1958 56.66 -16.03 -49.24
N LEU L 1959 55.78 -15.16 -48.71
CA LEU L 1959 54.73 -14.54 -49.52
C LEU L 1959 55.33 -13.78 -50.72
N LYS L 1960 56.57 -13.26 -50.58
CA LYS L 1960 57.39 -12.66 -51.63
C LYS L 1960 57.66 -13.59 -52.82
N PHE L 1961 57.76 -14.90 -52.60
CA PHE L 1961 58.01 -15.90 -53.63
C PHE L 1961 56.80 -16.79 -53.95
N TYR L 1962 55.75 -16.82 -53.10
CA TYR L 1962 54.39 -17.15 -53.54
C TYR L 1962 53.89 -16.15 -54.57
N GLN L 1963 54.15 -14.84 -54.37
CA GLN L 1963 54.00 -13.83 -55.39
C GLN L 1963 54.92 -14.17 -56.56
N GLY L 1964 56.24 -14.16 -56.31
CA GLY L 1964 57.27 -14.69 -57.20
C GLY L 1964 57.12 -14.20 -58.63
N PHE L 1965 57.59 -14.98 -59.60
CA PHE L 1965 57.07 -14.83 -60.95
C PHE L 1965 55.59 -15.24 -61.04
N LEU L 1966 55.19 -16.24 -60.23
CA LEU L 1966 53.90 -16.93 -60.24
C LEU L 1966 52.69 -16.02 -60.49
N PHE L 1967 52.65 -14.79 -59.93
CA PHE L 1967 51.61 -13.77 -60.17
C PHE L 1967 52.02 -12.44 -60.86
N SER L 1968 53.26 -12.24 -61.31
CA SER L 1968 53.85 -10.88 -61.43
C SER L 1968 54.38 -10.47 -62.82
N GLU L 1969 53.89 -11.09 -63.88
CA GLU L 1969 54.50 -11.16 -65.22
C GLU L 1969 54.86 -9.82 -65.90
N LYS L 1970 55.95 -9.87 -66.66
CA LYS L 1970 56.23 -9.01 -67.81
C LYS L 1970 55.14 -9.26 -68.89
N PRO L 1971 54.92 -8.40 -69.94
CA PRO L 1971 53.71 -8.48 -70.77
C PRO L 1971 53.32 -9.78 -71.50
N GLU L 1972 54.15 -10.83 -71.53
CA GLU L 1972 53.73 -12.20 -71.82
C GLU L 1972 52.95 -12.80 -70.61
N LYS L 1973 51.83 -12.16 -70.24
CA LYS L 1973 51.05 -12.41 -69.02
C LYS L 1973 50.36 -13.78 -69.00
N ASN L 1974 50.39 -14.47 -67.85
CA ASN L 1974 50.03 -15.87 -67.64
C ASN L 1974 48.57 -16.20 -67.97
N LEU L 1975 47.66 -15.57 -67.24
CA LEU L 1975 46.23 -15.91 -67.23
C LEU L 1975 45.55 -15.66 -68.60
N LEU L 1976 46.17 -14.89 -69.49
CA LEU L 1976 45.76 -14.69 -70.88
C LEU L 1976 46.04 -15.91 -71.79
N ILE L 1977 46.85 -16.86 -71.31
CA ILE L 1977 47.42 -17.96 -72.10
C ILE L 1977 46.71 -19.30 -71.80
N PHE L 1978 46.38 -19.53 -70.54
CA PHE L 1978 45.75 -20.75 -70.02
C PHE L 1978 44.34 -21.03 -70.51
N GLU L 1979 43.69 -20.10 -71.20
CA GLU L 1979 42.24 -20.12 -71.39
C GLU L 1979 41.86 -20.09 -72.87
N ASN L 1980 40.93 -20.95 -73.30
CA ASN L 1980 40.46 -20.93 -74.67
C ASN L 1980 39.56 -19.69 -74.91
N LEU L 1981 39.72 -19.02 -76.06
CA LEU L 1981 39.13 -17.71 -76.32
C LEU L 1981 37.94 -17.74 -77.30
N ILE L 1982 37.30 -18.90 -77.50
CA ILE L 1982 36.17 -19.04 -78.43
C ILE L 1982 35.00 -19.90 -77.91
N ASP L 1983 35.23 -20.77 -76.92
CA ASP L 1983 34.18 -21.53 -76.25
C ASP L 1983 33.13 -20.57 -75.67
N LEU L 1984 31.85 -20.73 -76.02
CA LEU L 1984 30.78 -19.86 -75.50
C LEU L 1984 30.59 -20.01 -73.97
N LYS L 1985 31.02 -21.13 -73.39
CA LYS L 1985 31.14 -21.38 -71.94
C LYS L 1985 29.92 -20.91 -71.11
N ARG L 1986 28.71 -21.26 -71.55
CA ARG L 1986 27.41 -20.87 -70.94
C ARG L 1986 27.01 -21.69 -69.71
N ARG L 1987 26.15 -21.12 -68.86
CA ARG L 1987 25.63 -21.72 -67.60
C ARG L 1987 24.34 -22.52 -67.80
N TYR L 1988 23.98 -23.28 -66.77
CA TYR L 1988 22.70 -24.02 -66.69
C TYR L 1988 22.15 -23.93 -65.26
N ASN L 1989 21.01 -23.27 -65.06
CA ASN L 1989 20.41 -23.03 -63.75
C ASN L 1989 19.47 -24.18 -63.27
N PHE L 1990 19.70 -25.39 -63.79
CA PHE L 1990 18.75 -26.51 -63.81
C PHE L 1990 19.50 -27.83 -64.17
N PRO L 1991 20.25 -28.40 -63.23
CA PRO L 1991 21.18 -29.52 -63.48
C PRO L 1991 20.49 -30.90 -63.43
N VAL L 1992 21.27 -31.96 -63.71
CA VAL L 1992 20.99 -33.37 -63.36
C VAL L 1992 19.51 -33.76 -63.41
N MET L 2085 31.56 -26.63 -56.86
CA MET L 2085 31.01 -27.06 -58.15
C MET L 2085 32.06 -27.78 -59.01
N ASP L 2086 31.62 -28.72 -59.83
CA ASP L 2086 32.46 -29.59 -60.66
C ASP L 2086 31.86 -29.84 -62.06
N GLU L 2087 31.03 -28.94 -62.57
CA GLU L 2087 30.44 -28.96 -63.93
C GLU L 2087 31.36 -28.28 -64.97
N LEU L 2088 31.61 -26.97 -64.81
CA LEU L 2088 32.50 -26.15 -65.67
C LEU L 2088 33.60 -25.41 -64.87
N ASN L 2089 33.57 -25.34 -63.60
CA ASN L 2089 34.63 -25.22 -62.65
C ASN L 2089 35.58 -26.45 -62.76
N ARG L 2090 35.18 -27.50 -63.45
CA ARG L 2090 35.88 -28.70 -63.91
C ARG L 2090 37.13 -28.40 -64.76
N HIS L 2091 37.27 -27.16 -65.24
CA HIS L 2091 38.47 -26.64 -65.88
C HIS L 2091 39.75 -26.82 -65.04
N GLU L 2092 40.93 -26.76 -65.66
CA GLU L 2092 42.21 -26.86 -64.96
C GLU L 2092 42.41 -25.76 -63.90
N CYS L 2093 43.40 -25.98 -63.02
CA CYS L 2093 43.94 -25.00 -62.07
C CYS L 2093 43.01 -24.53 -60.95
N MET L 2094 41.69 -24.49 -61.13
CA MET L 2094 40.78 -23.82 -60.20
C MET L 2094 40.88 -24.35 -58.77
N ALA L 2095 40.79 -25.66 -58.55
CA ALA L 2095 40.98 -26.22 -57.21
C ALA L 2095 42.37 -25.90 -56.63
N PRO L 2096 43.49 -26.12 -57.34
CA PRO L 2096 44.81 -25.67 -56.91
C PRO L 2096 44.87 -24.19 -56.48
N LEU L 2097 44.24 -23.26 -57.18
CA LEU L 2097 44.33 -21.85 -56.84
C LEU L 2097 43.49 -21.51 -55.62
N THR L 2098 42.31 -22.12 -55.44
CA THR L 2098 41.59 -21.98 -54.18
C THR L 2098 42.45 -22.48 -53.02
N ALA L 2099 43.18 -23.57 -53.19
CA ALA L 2099 44.08 -24.09 -52.16
C ALA L 2099 45.25 -23.12 -51.90
N LEU L 2100 45.86 -22.56 -52.95
CA LEU L 2100 46.99 -21.64 -52.85
C LEU L 2100 46.64 -20.42 -52.01
N VAL L 2101 45.54 -19.74 -52.34
CA VAL L 2101 45.09 -18.57 -51.57
C VAL L 2101 44.63 -18.96 -50.18
N LYS L 2102 43.88 -20.06 -50.03
CA LYS L 2102 43.37 -20.54 -48.73
C LYS L 2102 44.50 -20.85 -47.76
N HIS L 2103 45.56 -21.51 -48.23
CA HIS L 2103 46.75 -21.80 -47.42
C HIS L 2103 47.43 -20.52 -46.94
N MET L 2104 47.68 -19.58 -47.84
CA MET L 2104 48.41 -18.38 -47.45
C MET L 2104 47.57 -17.38 -46.65
N HIS L 2105 46.24 -17.44 -46.75
CA HIS L 2105 45.34 -16.74 -45.84
C HIS L 2105 45.59 -17.15 -44.37
N ARG L 2106 46.01 -18.40 -44.14
CA ARG L 2106 46.49 -18.91 -42.83
C ARG L 2106 47.99 -18.71 -42.58
N SER L 2107 48.69 -17.96 -43.45
CA SER L 2107 50.15 -17.81 -43.46
C SER L 2107 50.60 -16.35 -43.71
N LEU L 2108 49.87 -15.38 -43.17
CA LEU L 2108 50.06 -13.93 -43.39
C LEU L 2108 51.46 -13.46 -42.97
N PRO L 2119 47.27 -8.97 -47.75
CA PRO L 2119 47.77 -7.70 -48.25
C PRO L 2119 47.31 -7.42 -49.68
N ARG L 2120 47.04 -6.15 -50.01
CA ARG L 2120 46.43 -5.70 -51.28
C ARG L 2120 47.30 -5.86 -52.53
N ASP L 2121 48.62 -5.97 -52.40
CA ASP L 2121 49.52 -6.07 -53.56
C ASP L 2121 49.34 -7.37 -54.37
N LEU L 2122 49.00 -8.47 -53.69
CA LEU L 2122 48.68 -9.76 -54.30
C LEU L 2122 47.45 -9.68 -55.25
N PRO L 2123 46.27 -9.24 -54.79
CA PRO L 2123 45.12 -9.04 -55.67
C PRO L 2123 45.22 -7.79 -56.55
N SER L 2124 46.07 -6.81 -56.26
CA SER L 2124 46.27 -5.64 -57.13
C SER L 2124 46.66 -6.07 -58.55
N TRP L 2125 47.54 -7.05 -58.67
CA TRP L 2125 47.95 -7.65 -59.93
C TRP L 2125 46.83 -8.44 -60.63
N MET L 2126 45.69 -8.68 -59.99
CA MET L 2126 44.57 -9.49 -60.50
C MET L 2126 43.29 -8.68 -60.70
N LYS L 2127 42.70 -8.14 -59.62
CA LYS L 2127 41.37 -7.49 -59.62
C LYS L 2127 41.33 -6.24 -60.49
N PHE L 2128 42.41 -5.46 -60.40
CA PHE L 2128 42.57 -4.21 -61.11
C PHE L 2128 43.06 -4.50 -62.53
N LEU L 2129 43.69 -5.66 -62.78
CA LEU L 2129 43.94 -6.12 -64.12
C LEU L 2129 42.61 -6.42 -64.83
N HIS L 2130 41.78 -7.33 -64.33
CA HIS L 2130 40.48 -7.59 -64.94
C HIS L 2130 39.50 -6.40 -64.88
N GLY L 2131 39.67 -5.52 -63.89
CA GLY L 2131 38.76 -4.39 -63.65
C GLY L 2131 39.06 -3.22 -64.57
N LYS L 2132 40.31 -2.75 -64.60
CA LYS L 2132 40.72 -1.63 -65.45
C LYS L 2132 40.66 -2.01 -66.93
N LEU L 2133 40.96 -3.28 -67.25
CA LEU L 2133 40.66 -3.87 -68.56
C LEU L 2133 39.19 -4.31 -68.67
N GLY L 2134 38.24 -3.39 -68.46
CA GLY L 2134 36.85 -3.60 -68.89
C GLY L 2134 36.72 -3.75 -70.41
N ASN L 2135 37.72 -3.26 -71.16
CA ASN L 2135 37.80 -3.30 -72.62
C ASN L 2135 38.01 -4.74 -73.15
N PRO L 2136 37.78 -5.01 -74.44
CA PRO L 2136 38.19 -6.27 -75.09
C PRO L 2136 39.69 -6.60 -75.05
N ILE L 2137 40.52 -5.71 -74.48
CA ILE L 2137 41.95 -5.93 -74.20
C ILE L 2137 42.17 -7.19 -73.34
N VAL L 2138 41.18 -7.58 -72.52
CA VAL L 2138 40.97 -8.99 -72.15
C VAL L 2138 39.60 -9.43 -72.67
N PRO L 2139 39.48 -10.63 -73.26
CA PRO L 2139 38.18 -11.23 -73.57
C PRO L 2139 37.38 -11.56 -72.31
N LEU L 2140 36.06 -11.63 -72.45
CA LEU L 2140 35.13 -12.02 -71.38
C LEU L 2140 35.47 -13.38 -70.73
N ASN L 2141 36.01 -14.32 -71.50
CA ASN L 2141 36.48 -15.62 -71.00
C ASN L 2141 37.50 -15.45 -69.86
N ILE L 2142 38.40 -14.47 -69.98
CA ILE L 2142 39.39 -14.15 -68.94
C ILE L 2142 38.69 -13.56 -67.71
N ARG L 2143 37.84 -12.55 -67.89
CA ARG L 2143 37.17 -11.88 -66.76
C ARG L 2143 36.36 -12.86 -65.93
N LEU L 2144 35.57 -13.72 -66.56
CA LEU L 2144 34.78 -14.72 -65.81
C LEU L 2144 35.69 -15.70 -65.07
N PHE L 2145 36.81 -16.11 -65.66
CA PHE L 2145 37.76 -16.99 -65.00
C PHE L 2145 38.36 -16.35 -63.73
N LEU L 2146 38.76 -15.07 -63.82
CA LEU L 2146 39.22 -14.34 -62.64
C LEU L 2146 38.10 -14.23 -61.61
N ALA L 2147 36.89 -13.90 -62.03
CA ALA L 2147 35.74 -13.76 -61.15
C ALA L 2147 35.39 -15.08 -60.43
N LYS L 2148 35.53 -16.23 -61.09
CA LYS L 2148 35.29 -17.52 -60.44
C LYS L 2148 36.15 -17.72 -59.20
N LEU L 2149 37.41 -17.27 -59.24
CA LEU L 2149 38.32 -17.37 -58.09
C LEU L 2149 37.90 -16.43 -56.94
N VAL L 2150 37.06 -15.43 -57.19
CA VAL L 2150 36.44 -14.61 -56.15
C VAL L 2150 35.29 -15.37 -55.50
N ILE L 2151 34.37 -15.84 -56.33
CA ILE L 2151 33.07 -16.37 -55.93
C ILE L 2151 33.22 -17.50 -54.91
N ASN L 2152 34.08 -18.46 -55.22
CA ASN L 2152 34.31 -19.64 -54.38
C ASN L 2152 35.19 -19.37 -53.14
N THR L 2153 35.51 -18.10 -52.87
CA THR L 2153 36.57 -17.69 -51.95
C THR L 2153 36.18 -16.45 -51.12
N GLU L 2154 34.93 -15.99 -51.17
CA GLU L 2154 34.45 -14.84 -50.37
C GLU L 2154 34.85 -14.89 -48.89
N GLU L 2155 34.69 -16.03 -48.22
CA GLU L 2155 35.01 -16.22 -46.80
C GLU L 2155 36.53 -16.17 -46.52
N VAL L 2156 37.33 -16.39 -47.56
CA VAL L 2156 38.78 -16.20 -47.60
C VAL L 2156 39.13 -14.74 -47.98
N PHE L 2157 38.17 -13.91 -48.41
CA PHE L 2157 38.45 -12.64 -49.13
C PHE L 2157 37.77 -11.37 -48.60
N ARG L 2158 36.96 -11.45 -47.55
CA ARG L 2158 36.21 -10.32 -46.97
C ARG L 2158 37.00 -9.00 -46.83
N PRO L 2159 38.29 -8.96 -46.38
CA PRO L 2159 38.94 -7.69 -46.01
C PRO L 2159 39.06 -6.64 -47.12
N TYR L 2160 39.13 -7.05 -48.39
CA TYR L 2160 39.44 -6.17 -49.52
C TYR L 2160 38.21 -5.75 -50.35
N ALA L 2161 37.00 -6.17 -49.95
CA ALA L 2161 35.78 -6.04 -50.75
C ALA L 2161 35.46 -4.61 -51.21
N LYS L 2162 35.86 -3.59 -50.43
CA LYS L 2162 35.59 -2.17 -50.71
C LYS L 2162 36.05 -1.76 -52.10
N HIS L 2163 37.33 -1.97 -52.45
CA HIS L 2163 37.83 -1.66 -53.79
C HIS L 2163 37.68 -2.81 -54.78
N TRP L 2164 37.49 -4.06 -54.34
CA TRP L 2164 37.17 -5.17 -55.25
C TRP L 2164 35.78 -5.04 -55.90
N LEU L 2165 34.80 -4.46 -55.21
CA LEU L 2165 33.44 -4.41 -55.73
C LEU L 2165 33.32 -3.56 -57.01
N SER L 2166 34.10 -2.49 -57.15
CA SER L 2166 34.05 -1.66 -58.37
C SER L 2166 34.35 -2.51 -59.62
N PRO L 2167 35.45 -3.28 -59.69
CA PRO L 2167 35.61 -4.32 -60.71
C PRO L 2167 34.49 -5.36 -60.72
N LEU L 2168 34.17 -5.98 -59.58
CA LEU L 2168 33.37 -7.20 -59.57
C LEU L 2168 31.92 -6.98 -59.95
N LEU L 2169 31.32 -5.87 -59.49
CA LEU L 2169 29.98 -5.48 -59.89
C LEU L 2169 29.98 -4.83 -61.28
N GLN L 2170 31.07 -4.20 -61.72
CA GLN L 2170 31.19 -3.73 -63.10
C GLN L 2170 31.05 -4.91 -64.07
N LEU L 2171 31.57 -6.09 -63.72
CA LEU L 2171 31.39 -7.28 -64.55
C LEU L 2171 29.91 -7.58 -64.76
N ALA L 2172 29.13 -7.73 -63.69
CA ALA L 2172 27.69 -8.00 -63.81
C ALA L 2172 26.91 -6.85 -64.47
N ALA L 2173 27.40 -5.61 -64.37
CA ALA L 2173 26.84 -4.44 -65.04
C ALA L 2173 27.23 -4.34 -66.53
N SER L 2174 28.28 -5.04 -66.98
CA SER L 2174 28.73 -5.06 -68.38
C SER L 2174 27.69 -5.68 -69.30
N GLU L 2175 27.53 -5.15 -70.51
CA GLU L 2175 26.36 -5.47 -71.35
C GLU L 2175 26.30 -6.93 -71.82
N ASN L 2176 27.40 -7.68 -71.76
CA ASN L 2176 27.39 -9.13 -72.02
C ASN L 2176 28.24 -9.93 -71.02
N ASN L 2177 27.69 -11.05 -70.54
CA ASN L 2177 28.36 -12.09 -69.76
C ASN L 2177 28.14 -13.50 -70.38
N GLY L 2178 27.55 -13.58 -71.58
CA GLY L 2178 27.03 -14.80 -72.19
C GLY L 2178 25.62 -15.22 -71.72
N GLY L 2179 25.06 -14.53 -70.71
CA GLY L 2179 23.73 -14.82 -70.14
C GLY L 2179 22.57 -14.31 -71.00
N GLU L 2180 21.73 -15.22 -71.48
CA GLU L 2180 20.44 -14.89 -72.10
C GLU L 2180 19.45 -14.48 -71.00
N GLY L 2181 19.38 -13.17 -70.70
CA GLY L 2181 18.76 -12.70 -69.47
C GLY L 2181 19.59 -13.09 -68.24
N ILE L 2182 18.96 -13.20 -67.07
CA ILE L 2182 19.66 -13.63 -65.87
C ILE L 2182 20.19 -15.05 -66.09
N HIS L 2183 21.38 -15.33 -65.58
CA HIS L 2183 22.06 -16.61 -65.64
C HIS L 2183 22.92 -16.79 -64.39
N TYR L 2184 23.33 -18.02 -64.10
CA TYR L 2184 23.94 -18.36 -62.81
C TYR L 2184 25.19 -17.54 -62.44
N MET L 2185 25.94 -17.01 -63.41
CA MET L 2185 27.11 -16.18 -63.10
C MET L 2185 26.72 -14.83 -62.48
N VAL L 2186 25.78 -14.09 -63.09
CA VAL L 2186 25.24 -12.87 -62.47
C VAL L 2186 24.65 -13.15 -61.09
N VAL L 2187 23.94 -14.26 -60.93
CA VAL L 2187 23.40 -14.67 -59.62
C VAL L 2187 24.53 -14.85 -58.59
N GLU L 2188 25.64 -15.46 -58.97
CA GLU L 2188 26.80 -15.61 -58.10
C GLU L 2188 27.51 -14.30 -57.81
N ILE L 2189 27.71 -13.44 -58.80
CA ILE L 2189 28.26 -12.11 -58.56
C ILE L 2189 27.36 -11.38 -57.56
N VAL L 2190 26.07 -11.18 -57.85
CA VAL L 2190 25.19 -10.42 -56.97
C VAL L 2190 25.07 -11.05 -55.57
N ALA L 2191 25.08 -12.37 -55.45
CA ALA L 2191 25.10 -13.03 -54.15
C ALA L 2191 26.39 -12.73 -53.38
N THR L 2192 27.57 -12.79 -54.01
CA THR L 2192 28.84 -12.46 -53.33
C THR L 2192 28.86 -11.01 -52.87
N ILE L 2193 28.41 -10.11 -53.75
CA ILE L 2193 28.32 -8.69 -53.52
C ILE L 2193 27.49 -8.39 -52.27
N LEU L 2194 26.25 -8.88 -52.25
CA LEU L 2194 25.39 -8.76 -51.08
C LEU L 2194 26.02 -9.39 -49.85
N SER L 2195 26.61 -10.58 -49.98
CA SER L 2195 27.23 -11.31 -48.89
C SER L 2195 28.35 -10.51 -48.20
N TRP L 2196 29.05 -9.63 -48.91
CA TRP L 2196 30.03 -8.71 -48.33
C TRP L 2196 29.42 -7.57 -47.49
N THR L 2197 28.14 -7.23 -47.66
CA THR L 2197 27.58 -5.94 -47.19
C THR L 2197 27.81 -5.65 -45.70
N GLY L 2198 27.73 -6.66 -44.83
CA GLY L 2198 27.82 -6.48 -43.37
C GLY L 2198 29.13 -5.83 -42.91
N LEU L 2199 30.27 -6.39 -43.33
CA LEU L 2199 31.59 -5.84 -43.00
C LEU L 2199 32.05 -4.75 -43.97
N ALA L 2200 31.74 -4.90 -45.27
CA ALA L 2200 32.26 -4.02 -46.31
C ALA L 2200 31.44 -2.73 -46.48
N THR L 2201 30.12 -2.89 -46.49
CA THR L 2201 29.11 -1.83 -46.62
C THR L 2201 29.40 -0.73 -47.69
N PRO L 2202 29.73 -1.04 -48.96
CA PRO L 2202 29.85 0.01 -49.99
C PRO L 2202 28.48 0.65 -50.27
N THR L 2203 28.40 1.97 -50.10
CA THR L 2203 27.27 2.82 -50.52
C THR L 2203 27.82 4.20 -50.89
N GLY L 2204 27.29 4.85 -51.92
CA GLY L 2204 27.56 6.26 -52.21
C GLY L 2204 28.95 6.60 -52.78
N VAL L 2205 29.85 5.64 -52.95
CA VAL L 2205 31.10 5.86 -53.71
C VAL L 2205 30.74 6.12 -55.19
N PRO L 2206 31.46 6.98 -55.93
CA PRO L 2206 30.89 7.65 -57.11
C PRO L 2206 30.48 6.72 -58.27
N LYS L 2207 31.13 5.56 -58.45
CA LYS L 2207 30.78 4.59 -59.48
C LYS L 2207 29.69 3.60 -59.05
N ASP L 2208 29.59 3.28 -57.76
CA ASP L 2208 28.65 2.31 -57.21
C ASP L 2208 27.22 2.65 -57.61
N GLU L 2209 26.82 3.92 -57.47
CA GLU L 2209 25.48 4.40 -57.85
C GLU L 2209 25.14 4.11 -59.32
N VAL L 2210 25.97 4.54 -60.27
CA VAL L 2210 25.62 4.44 -61.70
C VAL L 2210 25.68 3.00 -62.21
N LEU L 2211 26.45 2.12 -61.56
CA LEU L 2211 26.38 0.67 -61.82
C LEU L 2211 25.16 0.02 -61.16
N ALA L 2212 24.84 0.33 -59.90
CA ALA L 2212 23.69 -0.25 -59.23
C ALA L 2212 22.40 0.04 -60.01
N ASN L 2213 22.27 1.24 -60.56
CA ASN L 2213 21.14 1.59 -61.42
C ASN L 2213 21.02 0.64 -62.61
N ARG L 2214 22.13 0.33 -63.27
CA ARG L 2214 22.16 -0.65 -64.37
C ARG L 2214 21.86 -2.07 -63.91
N LEU L 2215 22.31 -2.46 -62.72
CA LEU L 2215 21.96 -3.77 -62.13
C LEU L 2215 20.45 -3.87 -61.94
N LEU L 2216 19.83 -2.93 -61.22
CA LEU L 2216 18.41 -3.05 -60.87
C LEU L 2216 17.52 -3.06 -62.10
N ASN L 2217 17.80 -2.21 -63.07
CA ASN L 2217 17.05 -2.19 -64.31
C ASN L 2217 17.18 -3.53 -65.05
N PHE L 2218 18.36 -4.18 -65.04
CA PHE L 2218 18.52 -5.48 -65.68
C PHE L 2218 17.85 -6.63 -64.89
N LEU L 2219 18.15 -6.73 -63.60
CA LEU L 2219 17.59 -7.73 -62.69
C LEU L 2219 16.06 -7.72 -62.72
N MET L 2220 15.44 -6.53 -62.76
CA MET L 2220 13.99 -6.44 -62.87
C MET L 2220 13.50 -6.73 -64.28
N LYS L 2221 14.16 -6.25 -65.34
CA LYS L 2221 13.66 -6.45 -66.71
C LYS L 2221 13.54 -7.93 -67.07
N HIS L 2222 14.54 -8.73 -66.70
CA HIS L 2222 14.60 -10.16 -67.03
C HIS L 2222 14.10 -11.08 -65.91
N VAL L 2223 13.36 -10.58 -64.91
CA VAL L 2223 13.02 -11.34 -63.68
C VAL L 2223 12.22 -12.63 -63.90
N PHE L 2224 11.38 -12.65 -64.94
CA PHE L 2224 10.47 -13.75 -65.23
C PHE L 2224 11.20 -15.09 -65.44
N HIS L 2225 10.54 -16.20 -65.13
CA HIS L 2225 10.95 -17.51 -65.60
C HIS L 2225 9.74 -18.40 -65.90
N PRO L 2226 9.78 -19.26 -66.93
CA PRO L 2226 8.69 -20.20 -67.20
C PRO L 2226 8.39 -21.16 -66.04
N LYS L 2227 9.34 -21.39 -65.13
CA LYS L 2227 9.22 -22.31 -63.99
C LYS L 2227 8.97 -21.52 -62.71
N ARG L 2228 7.84 -21.73 -62.04
CA ARG L 2228 7.44 -20.92 -60.87
C ARG L 2228 8.51 -20.90 -59.78
N ALA L 2229 9.13 -22.01 -59.46
CA ALA L 2229 10.14 -22.06 -58.39
C ALA L 2229 11.37 -21.20 -58.73
N VAL L 2230 11.77 -21.10 -60.00
CA VAL L 2230 12.87 -20.22 -60.44
C VAL L 2230 12.47 -18.75 -60.43
N PHE L 2231 11.29 -18.41 -60.92
CA PHE L 2231 10.79 -17.02 -60.93
C PHE L 2231 10.75 -16.44 -59.51
N ARG L 2232 10.22 -17.22 -58.56
CA ARG L 2232 10.20 -16.91 -57.14
C ARG L 2232 11.59 -16.63 -56.57
N HIS L 2233 12.62 -17.33 -57.05
CA HIS L 2233 14.00 -17.06 -56.64
C HIS L 2233 14.55 -15.75 -57.21
N ASN L 2234 14.33 -15.45 -58.49
CA ASN L 2234 14.78 -14.17 -59.07
C ASN L 2234 14.19 -12.99 -58.33
N LEU L 2235 12.90 -13.08 -58.02
CA LEU L 2235 12.19 -12.07 -57.26
C LEU L 2235 12.82 -11.88 -55.87
N GLU L 2236 13.20 -12.96 -55.20
CA GLU L 2236 13.82 -12.90 -53.87
C GLU L 2236 15.22 -12.27 -53.88
N ILE L 2237 15.96 -12.30 -54.99
CA ILE L 2237 17.19 -11.51 -55.10
C ILE L 2237 16.87 -10.02 -54.94
N ILE L 2238 15.83 -9.53 -55.62
CA ILE L 2238 15.46 -8.11 -55.58
C ILE L 2238 15.19 -7.64 -54.16
N LYS L 2239 14.38 -8.39 -53.40
CA LYS L 2239 14.00 -8.09 -52.00
C LYS L 2239 15.21 -7.72 -51.15
N THR L 2240 16.29 -8.49 -51.20
CA THR L 2240 17.49 -8.17 -50.42
C THR L 2240 18.40 -7.15 -51.14
N LEU L 2241 18.47 -7.21 -52.47
CA LEU L 2241 19.24 -6.28 -53.32
C LEU L 2241 18.83 -4.81 -53.10
N VAL L 2242 17.57 -4.53 -52.81
CA VAL L 2242 17.16 -3.20 -52.32
C VAL L 2242 17.38 -3.08 -50.81
N GLU L 2243 16.63 -3.82 -49.99
CA GLU L 2243 16.41 -3.42 -48.59
C GLU L 2243 17.66 -3.58 -47.72
N CYS L 2244 18.55 -4.49 -48.08
CA CYS L 2244 19.79 -4.71 -47.33
C CYS L 2244 20.95 -3.84 -47.85
N TRP L 2245 20.83 -3.17 -49.01
CA TRP L 2245 22.02 -2.73 -49.74
C TRP L 2245 21.96 -1.43 -50.54
N LYS L 2246 20.84 -0.86 -51.02
CA LYS L 2246 20.84 0.43 -51.73
C LYS L 2246 19.78 1.47 -51.34
N ASP L 2247 20.26 2.66 -51.01
CA ASP L 2247 19.59 3.96 -51.14
C ASP L 2247 19.69 4.46 -52.59
N CYS L 2248 20.74 4.09 -53.29
CA CYS L 2248 21.21 4.54 -54.60
C CYS L 2248 20.39 3.95 -55.77
N LEU L 2249 19.07 4.06 -55.76
CA LEU L 2249 18.19 3.17 -56.51
C LEU L 2249 17.73 3.64 -57.89
N SER L 2250 17.20 4.87 -57.97
CA SER L 2250 16.45 5.38 -59.12
C SER L 2250 15.44 4.36 -59.64
N ILE L 2251 14.57 3.85 -58.76
CA ILE L 2251 13.74 2.65 -58.97
C ILE L 2251 13.08 2.69 -60.36
N PRO L 2252 13.14 1.60 -61.16
CA PRO L 2252 12.84 1.60 -62.60
C PRO L 2252 11.33 1.62 -62.92
N TYR L 2253 10.57 2.43 -62.21
CA TYR L 2253 9.10 2.47 -62.22
C TYR L 2253 8.48 2.62 -63.61
N ARG L 2254 9.17 3.24 -64.59
CA ARG L 2254 8.67 3.30 -65.97
C ARG L 2254 8.55 1.93 -66.61
N LEU L 2255 9.43 0.98 -66.26
CA LEU L 2255 9.23 -0.42 -66.62
C LEU L 2255 8.00 -0.99 -65.92
N ILE L 2256 7.91 -0.79 -64.61
CA ILE L 2256 7.01 -1.54 -63.74
C ILE L 2256 5.57 -1.45 -64.25
N PHE L 2257 5.14 -0.28 -64.70
CA PHE L 2257 3.86 -0.13 -65.37
C PHE L 2257 3.63 -1.12 -66.52
N GLU L 2258 4.57 -1.24 -67.46
CA GLU L 2258 4.45 -2.18 -68.58
C GLU L 2258 4.42 -3.63 -68.10
N LYS L 2259 5.12 -3.94 -67.00
CA LYS L 2259 5.13 -5.28 -66.39
C LYS L 2259 3.79 -5.69 -65.75
N PHE L 2260 2.75 -4.83 -65.77
CA PHE L 2260 1.41 -5.20 -65.29
C PHE L 2260 0.25 -4.75 -66.19
N SER L 2261 0.34 -3.57 -66.79
CA SER L 2261 -0.79 -2.84 -67.39
C SER L 2261 -1.37 -3.37 -68.71
N GLY L 2262 -0.71 -4.27 -69.42
CA GLY L 2262 -1.18 -4.75 -70.71
C GLY L 2262 -2.43 -5.62 -70.61
N LYS L 2263 -3.60 -5.06 -70.91
CA LYS L 2263 -4.89 -5.74 -70.68
C LYS L 2263 -5.10 -6.93 -71.61
N ASP L 2264 -5.61 -8.01 -71.04
CA ASP L 2264 -6.18 -9.20 -71.72
C ASP L 2264 -6.89 -10.04 -70.64
N PRO L 2265 -8.14 -10.48 -70.84
CA PRO L 2265 -8.93 -11.14 -69.81
C PRO L 2265 -8.31 -12.43 -69.27
N ASN L 2266 -7.44 -13.09 -70.03
CA ASN L 2266 -6.80 -14.35 -69.65
C ASN L 2266 -5.28 -14.22 -69.49
N SER L 2267 -4.77 -12.99 -69.39
CA SER L 2267 -3.39 -12.74 -68.98
C SER L 2267 -3.12 -13.37 -67.61
N LYS L 2268 -2.11 -14.22 -67.51
CA LYS L 2268 -1.38 -14.39 -66.23
C LYS L 2268 -0.26 -13.35 -66.13
N ASP L 2269 0.30 -12.92 -67.25
CA ASP L 2269 1.55 -12.15 -67.37
C ASP L 2269 1.49 -10.69 -66.88
N ASN L 2270 0.33 -10.17 -66.49
CA ASN L 2270 0.23 -8.98 -65.66
C ASN L 2270 0.86 -9.19 -64.27
N SER L 2271 0.85 -10.43 -63.76
CA SER L 2271 1.12 -10.71 -62.34
C SER L 2271 2.51 -10.32 -61.88
N VAL L 2272 3.50 -10.34 -62.75
CA VAL L 2272 4.88 -10.01 -62.38
C VAL L 2272 4.98 -8.57 -61.89
N GLY L 2273 4.38 -7.59 -62.56
CA GLY L 2273 4.45 -6.22 -62.08
C GLY L 2273 3.74 -6.04 -60.74
N ILE L 2274 2.69 -6.81 -60.45
CA ILE L 2274 2.06 -6.83 -59.11
C ILE L 2274 3.10 -7.25 -58.07
N GLN L 2275 3.73 -8.42 -58.29
CA GLN L 2275 4.67 -8.99 -57.33
C GLN L 2275 5.84 -8.05 -57.12
N LEU L 2276 6.34 -7.49 -58.21
CA LEU L 2276 7.49 -6.61 -58.24
C LEU L 2276 7.22 -5.28 -57.54
N LEU L 2277 6.05 -4.67 -57.77
CA LEU L 2277 5.58 -3.52 -56.99
C LEU L 2277 5.47 -3.88 -55.50
N GLY L 2278 5.12 -5.12 -55.18
CA GLY L 2278 5.16 -5.64 -53.82
C GLY L 2278 6.56 -5.72 -53.23
N ILE L 2279 7.61 -5.89 -54.04
CA ILE L 2279 8.99 -5.77 -53.56
C ILE L 2279 9.37 -4.31 -53.32
N VAL L 2280 9.12 -3.42 -54.28
CA VAL L 2280 9.46 -2.00 -54.13
C VAL L 2280 8.56 -1.30 -53.11
N MET L 2281 7.45 -1.88 -52.71
CA MET L 2281 6.71 -1.48 -51.53
C MET L 2281 7.38 -2.01 -50.26
N ALA L 2282 7.54 -3.32 -50.11
CA ALA L 2282 7.85 -3.95 -48.82
C ALA L 2282 9.18 -3.55 -48.16
N ASN L 2283 10.12 -2.99 -48.93
CA ASN L 2283 11.41 -2.45 -48.44
C ASN L 2283 11.24 -1.10 -47.71
N ASP L 2284 10.41 -1.06 -46.67
CA ASP L 2284 10.09 0.13 -45.86
C ASP L 2284 9.62 1.32 -46.71
N LEU L 2285 8.99 1.04 -47.85
CA LEU L 2285 8.13 1.95 -48.58
C LEU L 2285 8.84 3.24 -49.08
N PRO L 2286 9.69 3.14 -50.11
CA PRO L 2286 9.99 4.27 -50.98
C PRO L 2286 8.71 4.79 -51.66
N PRO L 2287 8.66 6.07 -52.06
CA PRO L 2287 7.52 6.67 -52.75
C PRO L 2287 7.29 6.06 -54.13
N TYR L 2288 6.11 6.30 -54.72
CA TYR L 2288 5.72 5.78 -56.03
C TYR L 2288 5.43 6.90 -57.03
N ASP L 2289 5.76 6.69 -58.29
CA ASP L 2289 5.57 7.67 -59.36
C ASP L 2289 6.09 9.12 -59.10
N PRO L 2290 7.27 9.37 -58.47
CA PRO L 2290 7.89 10.69 -58.55
C PRO L 2290 8.48 10.92 -59.95
N GLN L 2291 7.96 11.88 -60.71
CA GLN L 2291 8.57 12.50 -61.91
C GLN L 2291 9.19 11.56 -62.98
N CYS L 2292 8.70 10.33 -63.12
CA CYS L 2292 9.31 9.28 -63.94
C CYS L 2292 8.85 9.25 -65.42
N GLY L 2293 8.19 10.32 -65.89
CA GLY L 2293 7.69 10.46 -67.26
C GLY L 2293 6.31 9.85 -67.52
N ILE L 2294 5.54 9.54 -66.49
CA ILE L 2294 4.23 8.88 -66.55
C ILE L 2294 3.22 9.58 -65.61
N GLN L 2295 1.92 9.46 -65.89
CA GLN L 2295 0.89 10.30 -65.27
C GLN L 2295 0.11 9.50 -64.23
N SER L 2296 0.03 10.02 -63.00
CA SER L 2296 -0.60 9.31 -61.89
C SER L 2296 -2.06 8.97 -62.19
N SER L 2297 -2.74 9.86 -62.92
CA SER L 2297 -4.13 9.70 -63.36
C SER L 2297 -4.39 8.50 -64.29
N GLU L 2298 -3.33 7.90 -64.86
CA GLU L 2298 -3.42 6.70 -65.69
C GLU L 2298 -2.78 5.50 -64.99
N TYR L 2299 -1.59 5.70 -64.43
CA TYR L 2299 -0.77 4.69 -63.78
C TYR L 2299 -1.55 3.91 -62.69
N PHE L 2300 -2.08 4.61 -61.68
CA PHE L 2300 -2.81 3.96 -60.60
C PHE L 2300 -4.12 3.33 -61.05
N GLN L 2301 -4.77 3.88 -62.08
CA GLN L 2301 -6.04 3.38 -62.59
C GLN L 2301 -5.91 1.93 -63.10
N ALA L 2302 -4.81 1.65 -63.78
CA ALA L 2302 -4.52 0.35 -64.33
C ALA L 2302 -4.25 -0.63 -63.23
N LEU L 2303 -3.45 -0.17 -62.26
CA LEU L 2303 -3.06 -0.93 -61.10
C LEU L 2303 -4.29 -1.35 -60.30
N VAL L 2304 -5.30 -0.49 -60.16
CA VAL L 2304 -6.59 -0.99 -59.66
C VAL L 2304 -7.25 -1.89 -60.70
N ASN L 2305 -7.35 -1.47 -61.96
CA ASN L 2305 -8.14 -2.12 -62.99
C ASN L 2305 -7.78 -3.60 -63.15
N ASN L 2306 -6.53 -3.96 -62.89
CA ASN L 2306 -6.06 -5.33 -62.81
C ASN L 2306 -6.98 -6.25 -62.03
N MET L 2307 -7.58 -5.80 -60.93
CA MET L 2307 -8.47 -6.63 -60.13
C MET L 2307 -9.82 -6.93 -60.79
N SER L 2308 -10.03 -6.58 -62.07
CA SER L 2308 -11.11 -7.10 -62.91
C SER L 2308 -10.77 -8.44 -63.57
N PHE L 2309 -9.49 -8.83 -63.65
CA PHE L 2309 -9.03 -10.04 -64.35
C PHE L 2309 -9.24 -11.30 -63.50
N VAL L 2310 -10.50 -11.59 -63.19
CA VAL L 2310 -10.88 -12.58 -62.18
C VAL L 2310 -10.64 -14.04 -62.59
N ARG L 2311 -10.08 -14.33 -63.76
CA ARG L 2311 -9.82 -15.73 -64.18
C ARG L 2311 -8.77 -16.41 -63.31
N TYR L 2312 -7.76 -15.68 -62.82
CA TYR L 2312 -6.63 -16.22 -62.06
C TYR L 2312 -6.36 -15.44 -60.76
N LYS L 2313 -6.20 -16.14 -59.64
CA LYS L 2313 -6.09 -15.53 -58.30
C LYS L 2313 -4.91 -14.59 -58.15
N GLU L 2314 -3.72 -14.99 -58.59
CA GLU L 2314 -2.52 -14.17 -58.50
C GLU L 2314 -2.56 -12.94 -59.39
N VAL L 2315 -3.51 -12.81 -60.31
CA VAL L 2315 -3.64 -11.65 -61.18
C VAL L 2315 -4.53 -10.61 -60.51
N TYR L 2316 -5.70 -11.00 -60.03
CA TYR L 2316 -6.66 -10.05 -59.50
C TYR L 2316 -6.40 -9.73 -58.02
N ALA L 2317 -6.35 -10.74 -57.14
CA ALA L 2317 -6.31 -10.53 -55.69
C ALA L 2317 -4.99 -9.90 -55.25
N ALA L 2318 -3.88 -10.30 -55.84
CA ALA L 2318 -2.58 -9.74 -55.48
C ALA L 2318 -2.52 -8.23 -55.75
N ALA L 2319 -3.27 -7.69 -56.72
CA ALA L 2319 -3.34 -6.25 -56.92
C ALA L 2319 -3.99 -5.57 -55.72
N ALA L 2320 -5.09 -6.13 -55.22
CA ALA L 2320 -5.72 -5.65 -54.00
C ALA L 2320 -4.78 -5.74 -52.79
N GLU L 2321 -4.04 -6.84 -52.64
CA GLU L 2321 -3.06 -7.01 -51.56
C GLU L 2321 -2.00 -5.91 -51.60
N VAL L 2322 -1.51 -5.53 -52.77
CA VAL L 2322 -0.61 -4.39 -52.90
C VAL L 2322 -1.29 -3.10 -52.51
N LEU L 2323 -2.50 -2.85 -53.00
CA LEU L 2323 -3.18 -1.57 -52.76
C LEU L 2323 -3.48 -1.34 -51.28
N GLY L 2324 -3.82 -2.38 -50.53
CA GLY L 2324 -3.99 -2.31 -49.08
C GLY L 2324 -2.72 -1.95 -48.30
N LEU L 2325 -1.54 -2.05 -48.92
CA LEU L 2325 -0.30 -1.47 -48.42
C LEU L 2325 -0.07 -0.05 -48.95
N ILE L 2326 -0.48 0.26 -50.18
CA ILE L 2326 -0.32 1.61 -50.72
C ILE L 2326 -1.12 2.62 -49.88
N LEU L 2327 -2.38 2.35 -49.51
CA LEU L 2327 -3.14 3.28 -48.65
C LEU L 2327 -2.40 3.53 -47.34
N ARG L 2328 -1.91 2.47 -46.69
CA ARG L 2328 -1.14 2.54 -45.45
C ARG L 2328 0.11 3.40 -45.61
N TYR L 2329 0.74 3.41 -46.78
CA TYR L 2329 1.83 4.35 -47.06
C TYR L 2329 1.31 5.78 -47.20
N VAL L 2330 0.50 6.07 -48.22
CA VAL L 2330 0.16 7.45 -48.60
C VAL L 2330 -0.60 8.18 -47.48
N MET L 2331 -1.51 7.51 -46.79
CA MET L 2331 -2.21 8.08 -45.64
C MET L 2331 -1.25 8.44 -44.51
N GLU L 2332 -0.26 7.59 -44.20
CA GLU L 2332 0.65 7.83 -43.08
C GLU L 2332 1.78 8.82 -43.44
N ARG L 2333 2.15 8.93 -44.72
CA ARG L 2333 2.99 10.03 -45.24
C ARG L 2333 2.20 11.31 -45.51
N LYS L 2334 0.89 11.31 -45.26
CA LYS L 2334 -0.02 12.47 -45.28
C LYS L 2334 -0.10 13.20 -46.62
N ASN L 2335 0.19 12.51 -47.72
CA ASN L 2335 0.14 13.06 -49.09
C ASN L 2335 -1.29 13.04 -49.65
N ILE L 2336 -1.61 13.90 -50.61
CA ILE L 2336 -2.98 14.10 -51.11
C ILE L 2336 -3.55 12.95 -51.96
N LEU L 2337 -2.75 12.04 -52.52
CA LEU L 2337 -3.26 11.08 -53.50
C LEU L 2337 -4.28 10.06 -52.94
N GLU L 2338 -4.29 9.80 -51.63
CA GLU L 2338 -5.33 8.97 -51.01
C GLU L 2338 -6.74 9.58 -51.15
N GLU L 2339 -6.86 10.87 -51.44
CA GLU L 2339 -8.14 11.51 -51.78
C GLU L 2339 -8.69 11.05 -53.14
N SER L 2340 -7.82 10.51 -54.00
CA SER L 2340 -8.16 10.02 -55.34
C SER L 2340 -8.03 8.51 -55.43
N LEU L 2341 -6.92 7.93 -54.99
CA LEU L 2341 -6.69 6.48 -55.06
C LEU L 2341 -7.74 5.71 -54.27
N CYS L 2342 -8.16 6.21 -53.11
CA CYS L 2342 -9.29 5.65 -52.37
C CYS L 2342 -10.55 5.66 -53.23
N GLU L 2343 -10.80 6.71 -54.00
CA GLU L 2343 -11.93 6.78 -54.94
C GLU L 2343 -11.76 5.85 -56.15
N LEU L 2344 -10.55 5.69 -56.71
CA LEU L 2344 -10.30 4.72 -57.77
C LEU L 2344 -10.64 3.30 -57.30
N VAL L 2345 -10.13 2.92 -56.13
CA VAL L 2345 -10.38 1.60 -55.54
C VAL L 2345 -11.88 1.44 -55.28
N ALA L 2346 -12.49 2.41 -54.60
CA ALA L 2346 -13.90 2.35 -54.27
C ALA L 2346 -14.79 2.24 -55.51
N LYS L 2347 -14.51 3.03 -56.55
CA LYS L 2347 -15.25 2.96 -57.81
C LYS L 2347 -15.18 1.57 -58.42
N GLN L 2348 -14.02 0.93 -58.43
CA GLN L 2348 -13.92 -0.38 -59.06
C GLN L 2348 -14.56 -1.50 -58.24
N LEU L 2349 -14.41 -1.51 -56.93
CA LEU L 2349 -15.03 -2.55 -56.12
C LEU L 2349 -16.56 -2.51 -56.20
N LYS L 2350 -17.18 -1.33 -56.31
CA LYS L 2350 -18.62 -1.23 -56.55
C LYS L 2350 -19.08 -2.05 -57.75
N GLN L 2351 -18.29 -2.10 -58.82
CA GLN L 2351 -18.61 -2.93 -59.98
C GLN L 2351 -18.70 -4.42 -59.64
N HIS L 2352 -17.96 -4.88 -58.65
CA HIS L 2352 -18.06 -6.25 -58.13
C HIS L 2352 -19.27 -6.39 -57.20
N GLN L 2353 -19.51 -5.42 -56.32
CA GLN L 2353 -20.57 -5.46 -55.31
C GLN L 2353 -21.95 -5.73 -55.92
N ASN L 2354 -22.22 -5.18 -57.10
CA ASN L 2354 -23.48 -5.40 -57.82
C ASN L 2354 -23.50 -6.66 -58.72
N THR L 2355 -22.41 -7.41 -58.89
CA THR L 2355 -22.29 -8.40 -59.98
C THR L 2355 -21.57 -9.70 -59.64
N MET L 2356 -20.66 -9.69 -58.68
CA MET L 2356 -19.73 -10.75 -58.32
C MET L 2356 -19.49 -10.69 -56.81
N GLU L 2357 -20.47 -11.11 -56.03
CA GLU L 2357 -20.46 -10.95 -54.59
C GLU L 2357 -19.26 -11.64 -53.93
N ASP L 2358 -18.84 -12.80 -54.41
CA ASP L 2358 -17.67 -13.49 -53.89
C ASP L 2358 -16.39 -12.75 -54.21
N LYS L 2359 -16.13 -12.39 -55.46
CA LYS L 2359 -14.91 -11.66 -55.80
C LYS L 2359 -14.90 -10.27 -55.16
N PHE L 2360 -16.05 -9.67 -54.87
CA PHE L 2360 -16.16 -8.46 -54.06
C PHE L 2360 -15.62 -8.69 -52.66
N ILE L 2361 -16.13 -9.66 -51.90
CA ILE L 2361 -15.66 -9.89 -50.54
C ILE L 2361 -14.24 -10.39 -50.49
N VAL L 2362 -13.80 -11.29 -51.36
CA VAL L 2362 -12.39 -11.73 -51.37
C VAL L 2362 -11.47 -10.57 -51.66
N CYS L 2363 -11.80 -9.74 -52.65
CA CYS L 2363 -11.01 -8.58 -52.97
C CYS L 2363 -10.99 -7.57 -51.82
N LEU L 2364 -12.15 -7.27 -51.22
CA LEU L 2364 -12.25 -6.35 -50.09
C LEU L 2364 -11.44 -6.86 -48.91
N ASN L 2365 -11.53 -8.13 -48.53
CA ASN L 2365 -10.74 -8.65 -47.41
C ASN L 2365 -9.24 -8.34 -47.59
N LYS L 2366 -8.69 -8.56 -48.80
CA LYS L 2366 -7.28 -8.32 -49.08
C LYS L 2366 -6.85 -6.85 -49.04
N VAL L 2367 -7.74 -5.87 -49.28
CA VAL L 2367 -7.40 -4.46 -49.04
C VAL L 2367 -7.46 -4.15 -47.56
N THR L 2368 -8.59 -4.45 -46.93
CA THR L 2368 -8.89 -3.95 -45.58
C THR L 2368 -8.09 -4.62 -44.50
N LYS L 2369 -7.62 -5.86 -44.70
CA LYS L 2369 -6.67 -6.54 -43.80
C LYS L 2369 -5.46 -5.65 -43.50
N SER L 2370 -5.02 -4.90 -44.49
CA SER L 2370 -3.89 -3.98 -44.38
C SER L 2370 -4.28 -2.51 -44.19
N PHE L 2371 -5.52 -2.11 -44.48
CA PHE L 2371 -5.97 -0.72 -44.37
C PHE L 2371 -7.44 -0.60 -43.95
N PRO L 2372 -7.75 -0.37 -42.66
CA PRO L 2372 -9.13 -0.34 -42.18
C PRO L 2372 -10.08 0.74 -42.75
N PRO L 2373 -9.67 1.99 -43.03
CA PRO L 2373 -10.62 3.07 -43.30
C PRO L 2373 -11.59 2.87 -44.46
N LEU L 2374 -11.18 2.25 -45.57
CA LEU L 2374 -12.07 2.03 -46.71
C LEU L 2374 -13.26 1.12 -46.36
N ALA L 2375 -13.15 0.24 -45.37
CA ALA L 2375 -14.27 -0.57 -44.91
C ALA L 2375 -15.44 0.27 -44.39
N ASP L 2376 -15.18 1.47 -43.85
CA ASP L 2376 -16.25 2.32 -43.32
C ASP L 2376 -17.23 2.79 -44.39
N ARG L 2377 -16.85 2.79 -45.68
CA ARG L 2377 -17.77 2.98 -46.80
C ARG L 2377 -18.67 1.77 -46.99
N PHE L 2378 -18.07 0.58 -47.07
CA PHE L 2378 -18.75 -0.64 -47.52
C PHE L 2378 -19.36 -1.49 -46.40
N MET L 2379 -19.34 -1.04 -45.15
CA MET L 2379 -19.83 -1.87 -44.05
C MET L 2379 -21.30 -2.27 -44.16
N ASN L 2380 -22.16 -1.45 -44.79
CA ASN L 2380 -23.53 -1.86 -45.10
C ASN L 2380 -23.59 -3.04 -46.07
N ALA L 2381 -22.75 -3.06 -47.09
CA ALA L 2381 -22.71 -4.16 -48.03
C ALA L 2381 -22.25 -5.44 -47.34
N VAL L 2382 -21.21 -5.36 -46.52
CA VAL L 2382 -20.69 -6.52 -45.79
C VAL L 2382 -21.76 -7.09 -44.87
N PHE L 2383 -22.44 -6.27 -44.08
CA PHE L 2383 -23.55 -6.76 -43.29
C PHE L 2383 -24.71 -7.27 -44.14
N PHE L 2384 -25.01 -6.69 -45.30
CA PHE L 2384 -26.12 -7.17 -46.13
C PHE L 2384 -25.81 -8.54 -46.74
N LEU L 2385 -24.57 -8.79 -47.15
CA LEU L 2385 -24.15 -10.04 -47.77
C LEU L 2385 -23.81 -11.14 -46.76
N LEU L 2386 -23.54 -10.81 -45.51
CA LEU L 2386 -23.10 -11.78 -44.50
C LEU L 2386 -23.94 -13.07 -44.38
N PRO L 2387 -25.27 -13.09 -44.49
CA PRO L 2387 -26.03 -14.34 -44.41
C PRO L 2387 -26.10 -15.10 -45.73
N LYS L 2388 -25.69 -14.51 -46.86
CA LYS L 2388 -25.77 -15.12 -48.18
C LYS L 2388 -24.59 -16.03 -48.48
N PHE L 2389 -23.41 -15.75 -47.94
CA PHE L 2389 -22.26 -16.65 -48.04
C PHE L 2389 -22.33 -17.84 -47.09
N HIS L 2390 -21.48 -18.84 -47.37
CA HIS L 2390 -21.20 -19.99 -46.53
C HIS L 2390 -19.73 -20.38 -46.73
N GLY L 2391 -19.19 -21.23 -45.86
CA GLY L 2391 -17.82 -21.70 -45.98
C GLY L 2391 -16.79 -20.59 -45.81
N VAL L 2392 -15.67 -20.65 -46.53
CA VAL L 2392 -14.53 -19.75 -46.30
C VAL L 2392 -14.90 -18.28 -46.44
N LEU L 2393 -15.76 -17.91 -47.39
CA LEU L 2393 -16.19 -16.53 -47.61
C LEU L 2393 -16.85 -15.93 -46.37
N LYS L 2394 -17.57 -16.73 -45.57
CA LYS L 2394 -18.18 -16.28 -44.32
C LYS L 2394 -17.12 -15.78 -43.36
N THR L 2395 -15.97 -16.44 -43.26
CA THR L 2395 -14.87 -15.96 -42.41
C THR L 2395 -14.27 -14.69 -42.98
N LEU L 2396 -14.03 -14.63 -44.29
CA LEU L 2396 -13.45 -13.43 -44.91
C LEU L 2396 -14.38 -12.23 -44.75
N CYS L 2397 -15.69 -12.46 -44.73
CA CYS L 2397 -16.70 -11.46 -44.49
C CYS L 2397 -16.68 -10.97 -43.04
N LEU L 2398 -16.76 -11.88 -42.05
CA LEU L 2398 -16.66 -11.54 -40.62
C LEU L 2398 -15.34 -10.85 -40.27
N GLU L 2399 -14.25 -11.24 -40.90
CA GLU L 2399 -12.94 -10.65 -40.66
C GLU L 2399 -12.91 -9.16 -40.99
N VAL L 2400 -13.70 -8.66 -41.94
CA VAL L 2400 -13.81 -7.22 -42.17
C VAL L 2400 -14.53 -6.53 -41.01
N VAL L 2401 -15.52 -7.16 -40.37
CA VAL L 2401 -16.08 -6.70 -39.08
C VAL L 2401 -14.99 -6.61 -38.04
N LEU L 2402 -14.15 -7.63 -37.93
CA LEU L 2402 -13.06 -7.63 -36.97
C LEU L 2402 -12.05 -6.51 -37.23
N CYS L 2403 -11.78 -6.17 -38.49
CA CYS L 2403 -10.93 -5.04 -38.84
C CYS L 2403 -11.51 -3.68 -38.43
N ARG L 2404 -12.75 -3.60 -37.93
CA ARG L 2404 -13.46 -2.30 -37.74
C ARG L 2404 -14.48 -2.21 -36.61
N VAL L 2405 -14.67 -3.27 -35.84
CA VAL L 2405 -15.68 -3.43 -34.78
C VAL L 2405 -15.63 -2.40 -33.67
N GLU L 2406 -14.48 -1.77 -33.43
CA GLU L 2406 -14.37 -0.69 -32.44
C GLU L 2406 -14.89 0.67 -32.94
N GLY L 2407 -15.19 0.80 -34.24
CA GLY L 2407 -15.84 1.98 -34.80
C GLY L 2407 -17.36 2.03 -34.57
N MET L 2408 -18.10 1.04 -35.09
CA MET L 2408 -19.55 1.08 -35.20
C MET L 2408 -20.30 1.36 -33.90
N THR L 2409 -21.45 2.01 -34.04
CA THR L 2409 -22.56 2.03 -33.07
C THR L 2409 -23.69 1.08 -33.52
N GLU L 2410 -24.61 0.77 -32.61
CA GLU L 2410 -25.72 -0.18 -32.83
C GLU L 2410 -25.25 -1.59 -33.25
N LEU L 2411 -23.97 -1.91 -33.11
CA LEU L 2411 -23.39 -3.12 -33.68
C LEU L 2411 -24.03 -4.39 -33.13
N TYR L 2412 -24.48 -4.38 -31.87
CA TYR L 2412 -25.19 -5.52 -31.36
C TYR L 2412 -26.48 -5.78 -32.14
N PHE L 2413 -27.34 -4.79 -32.41
CA PHE L 2413 -28.53 -5.04 -33.21
C PHE L 2413 -28.17 -5.47 -34.62
N GLN L 2414 -27.19 -4.81 -35.22
CA GLN L 2414 -26.71 -5.15 -36.55
C GLN L 2414 -26.17 -6.58 -36.60
N LEU L 2415 -25.46 -7.02 -35.57
CA LEU L 2415 -24.86 -8.33 -35.51
C LEU L 2415 -25.87 -9.41 -35.09
N LYS L 2416 -26.79 -9.12 -34.17
CA LYS L 2416 -27.94 -9.97 -33.84
C LYS L 2416 -28.93 -10.12 -34.98
N SER L 2417 -28.91 -9.21 -35.96
CA SER L 2417 -29.83 -9.28 -37.10
C SER L 2417 -29.53 -10.43 -38.03
N LYS L 2418 -28.25 -10.67 -38.26
CA LYS L 2418 -27.77 -11.93 -38.83
C LYS L 2418 -27.73 -12.90 -37.66
N ASP L 2419 -27.85 -14.20 -37.85
CA ASP L 2419 -28.08 -15.12 -36.73
C ASP L 2419 -26.79 -15.39 -35.94
N PHE L 2420 -26.10 -14.35 -35.49
CA PHE L 2420 -24.70 -14.40 -35.08
C PHE L 2420 -24.45 -15.38 -33.95
N VAL L 2421 -25.37 -15.50 -32.99
CA VAL L 2421 -25.29 -16.55 -31.97
C VAL L 2421 -25.31 -17.97 -32.54
N GLN L 2422 -26.01 -18.21 -33.64
CA GLN L 2422 -25.89 -19.47 -34.37
C GLN L 2422 -24.61 -19.50 -35.22
N VAL L 2423 -24.18 -18.40 -35.83
CA VAL L 2423 -22.87 -18.31 -36.53
C VAL L 2423 -21.71 -18.64 -35.59
N MET L 2424 -21.86 -18.36 -34.31
CA MET L 2424 -20.90 -18.67 -33.27
C MET L 2424 -20.80 -20.14 -32.91
N ARG L 2425 -21.67 -21.00 -33.43
CA ARG L 2425 -21.75 -22.43 -33.11
C ARG L 2425 -21.36 -23.37 -34.27
N HIS L 2426 -21.01 -22.87 -35.45
CA HIS L 2426 -20.54 -23.71 -36.54
C HIS L 2426 -19.15 -24.26 -36.13
N ARG L 2427 -18.87 -25.47 -35.85
CA ARG L 2427 -17.56 -26.03 -35.66
C ARG L 2427 -16.71 -25.86 -36.92
N ASP L 2428 -15.84 -24.88 -36.88
CA ASP L 2428 -15.00 -24.38 -37.94
C ASP L 2428 -13.98 -23.48 -37.26
N ASP L 2429 -12.77 -23.95 -36.98
CA ASP L 2429 -11.88 -23.35 -35.99
C ASP L 2429 -11.50 -21.92 -36.35
N GLU L 2430 -11.29 -21.62 -37.63
CA GLU L 2430 -10.96 -20.27 -38.10
C GLU L 2430 -12.09 -19.29 -37.78
N ARG L 2431 -13.33 -19.67 -38.08
CA ARG L 2431 -14.48 -18.79 -37.90
C ARG L 2431 -14.68 -18.53 -36.44
N GLN L 2432 -14.69 -19.56 -35.60
CA GLN L 2432 -14.98 -19.40 -34.19
C GLN L 2432 -13.93 -18.54 -33.50
N LYS L 2433 -12.65 -18.59 -33.89
CA LYS L 2433 -11.64 -17.68 -33.36
C LYS L 2433 -11.96 -16.23 -33.68
N VAL L 2434 -12.16 -15.85 -34.95
CA VAL L 2434 -12.46 -14.44 -35.26
C VAL L 2434 -13.81 -14.01 -34.71
N CYS L 2435 -14.76 -14.91 -34.63
CA CYS L 2435 -16.09 -14.66 -34.10
C CYS L 2435 -16.04 -14.29 -32.61
N LEU L 2436 -15.31 -15.05 -31.80
CA LEU L 2436 -14.98 -14.67 -30.42
C LEU L 2436 -14.14 -13.39 -30.33
N ASP L 2437 -13.41 -13.02 -31.37
CA ASP L 2437 -12.62 -11.80 -31.41
C ASP L 2437 -13.49 -10.56 -31.65
N ILE L 2438 -14.57 -10.68 -32.45
CA ILE L 2438 -15.63 -9.67 -32.49
C ILE L 2438 -16.16 -9.44 -31.08
N ILE L 2439 -16.52 -10.52 -30.38
CA ILE L 2439 -17.05 -10.43 -29.01
C ILE L 2439 -16.08 -9.62 -28.18
N TYR L 2440 -14.78 -9.93 -28.17
CA TYR L 2440 -13.84 -9.25 -27.29
C TYR L 2440 -13.66 -7.75 -27.57
N LYS L 2441 -13.79 -7.29 -28.81
CA LYS L 2441 -13.68 -5.86 -29.13
C LYS L 2441 -14.95 -5.08 -28.87
N MET L 2442 -16.14 -5.61 -29.14
CA MET L 2442 -17.39 -4.89 -28.81
C MET L 2442 -17.68 -4.93 -27.30
N MET L 2443 -16.95 -5.75 -26.56
CA MET L 2443 -17.14 -6.01 -25.14
C MET L 2443 -17.36 -4.78 -24.25
N PRO L 2444 -16.56 -3.69 -24.33
CA PRO L 2444 -16.69 -2.58 -23.41
C PRO L 2444 -17.97 -1.75 -23.56
N LYS L 2445 -18.67 -1.84 -24.70
CA LYS L 2445 -19.80 -0.98 -25.07
C LYS L 2445 -21.18 -1.60 -24.87
N LEU L 2446 -21.29 -2.88 -24.53
CA LEU L 2446 -22.58 -3.51 -24.27
C LEU L 2446 -23.20 -3.05 -22.95
N LYS L 2447 -24.51 -3.00 -22.88
CA LYS L 2447 -25.31 -2.99 -21.65
C LYS L 2447 -25.47 -4.43 -21.12
N PRO L 2448 -25.75 -4.62 -19.82
CA PRO L 2448 -25.88 -5.96 -19.26
C PRO L 2448 -26.99 -6.80 -19.89
N VAL L 2449 -28.02 -6.17 -20.46
CA VAL L 2449 -29.12 -6.89 -21.10
C VAL L 2449 -28.62 -7.75 -22.26
N GLU L 2450 -27.99 -7.16 -23.28
CA GLU L 2450 -27.50 -7.97 -24.39
C GLU L 2450 -26.34 -8.88 -24.00
N LEU L 2451 -25.45 -8.47 -23.09
CA LEU L 2451 -24.32 -9.30 -22.73
C LEU L 2451 -24.76 -10.62 -22.11
N ARG L 2452 -25.82 -10.63 -21.30
CA ARG L 2452 -26.37 -11.87 -20.74
C ARG L 2452 -26.79 -12.83 -21.83
N GLU L 2453 -27.49 -12.32 -22.83
CA GLU L 2453 -27.92 -13.11 -23.97
C GLU L 2453 -26.69 -13.65 -24.73
N LEU L 2454 -25.72 -12.78 -25.00
CA LEU L 2454 -24.53 -13.08 -25.78
C LEU L 2454 -23.53 -13.99 -25.06
N LEU L 2455 -23.48 -13.95 -23.74
CA LEU L 2455 -22.57 -14.73 -22.91
C LEU L 2455 -23.00 -16.18 -22.77
N ASN L 2456 -24.28 -16.47 -22.72
CA ASN L 2456 -24.78 -17.84 -22.61
C ASN L 2456 -24.18 -18.81 -23.65
N PRO L 2457 -24.04 -18.47 -24.94
CA PRO L 2457 -23.35 -19.31 -25.91
C PRO L 2457 -21.82 -19.23 -25.81
N VAL L 2458 -21.21 -18.15 -25.32
CA VAL L 2458 -19.76 -18.12 -25.09
C VAL L 2458 -19.36 -19.07 -23.99
N VAL L 2459 -20.10 -19.12 -22.89
CA VAL L 2459 -19.94 -20.09 -21.80
C VAL L 2459 -20.04 -21.54 -22.27
N GLU L 2460 -20.64 -21.82 -23.42
CA GLU L 2460 -20.72 -23.17 -23.94
C GLU L 2460 -19.35 -23.70 -24.41
N PHE L 2461 -18.39 -22.83 -24.72
CA PHE L 2461 -17.12 -23.24 -25.33
C PHE L 2461 -16.14 -23.90 -24.36
N VAL L 2462 -16.46 -24.09 -23.08
CA VAL L 2462 -15.50 -24.55 -22.07
C VAL L 2462 -14.96 -25.96 -22.33
N SER L 2463 -15.72 -26.76 -23.08
CA SER L 2463 -15.34 -28.09 -23.58
C SER L 2463 -14.72 -28.07 -24.98
N HIS L 2464 -14.60 -26.93 -25.65
CA HIS L 2464 -14.21 -26.85 -27.06
C HIS L 2464 -12.78 -27.37 -27.26
N PRO L 2465 -12.49 -28.21 -28.26
CA PRO L 2465 -11.19 -28.84 -28.38
C PRO L 2465 -10.04 -27.91 -28.77
N SER L 2466 -10.26 -26.78 -29.43
CA SER L 2466 -9.15 -25.94 -29.90
C SER L 2466 -8.57 -25.09 -28.79
N THR L 2467 -7.32 -25.33 -28.45
CA THR L 2467 -6.60 -24.63 -27.37
C THR L 2467 -6.49 -23.14 -27.61
N THR L 2468 -6.35 -22.71 -28.88
CA THR L 2468 -6.33 -21.31 -29.29
C THR L 2468 -7.71 -20.66 -29.17
N CYS L 2469 -8.75 -21.36 -29.57
CA CYS L 2469 -10.12 -20.90 -29.42
C CYS L 2469 -10.50 -20.78 -27.95
N ARG L 2470 -10.16 -21.74 -27.10
CA ARG L 2470 -10.53 -21.67 -25.68
C ARG L 2470 -9.79 -20.56 -24.94
N GLU L 2471 -8.55 -20.27 -25.29
CA GLU L 2471 -7.81 -19.15 -24.70
C GLU L 2471 -8.52 -17.82 -24.89
N GLN L 2472 -9.04 -17.54 -26.09
CA GLN L 2472 -9.74 -16.28 -26.34
C GLN L 2472 -11.00 -16.18 -25.50
N MET L 2473 -11.74 -17.28 -25.33
CA MET L 2473 -12.91 -17.33 -24.47
C MET L 2473 -12.56 -17.07 -23.02
N TYR L 2474 -11.44 -17.60 -22.52
CA TYR L 2474 -10.99 -17.21 -21.19
C TYR L 2474 -10.59 -15.74 -21.12
N ASN L 2475 -10.03 -15.13 -22.16
CA ASN L 2475 -9.78 -13.69 -22.16
C ASN L 2475 -11.08 -12.88 -22.08
N ILE L 2476 -12.16 -13.31 -22.72
CA ILE L 2476 -13.48 -12.72 -22.51
C ILE L 2476 -13.83 -12.84 -21.03
N LEU L 2477 -13.84 -14.03 -20.49
CA LEU L 2477 -14.36 -14.29 -19.15
C LEU L 2477 -13.52 -13.57 -18.11
N MET L 2478 -12.21 -13.53 -18.27
CA MET L 2478 -11.33 -12.73 -17.43
C MET L 2478 -11.72 -11.27 -17.50
N TRP L 2479 -12.14 -10.67 -18.62
CA TRP L 2479 -12.55 -9.26 -18.61
C TRP L 2479 -13.88 -9.04 -17.88
N ILE L 2480 -14.87 -9.93 -18.07
CA ILE L 2480 -16.20 -9.82 -17.46
C ILE L 2480 -16.10 -9.74 -15.95
N HIS L 2481 -15.33 -10.66 -15.33
CA HIS L 2481 -15.12 -10.69 -13.90
C HIS L 2481 -14.63 -9.35 -13.41
N ASP L 2482 -13.55 -8.85 -14.00
CA ASP L 2482 -12.88 -7.65 -13.54
C ASP L 2482 -13.79 -6.41 -13.57
N ASN L 2483 -14.59 -6.23 -14.61
CA ASN L 2483 -15.41 -5.04 -14.79
C ASN L 2483 -16.82 -5.13 -14.22
N TYR L 2484 -17.36 -6.31 -13.92
CA TYR L 2484 -18.70 -6.48 -13.35
C TYR L 2484 -18.69 -6.90 -11.88
N ARG L 2485 -17.54 -7.18 -11.29
CA ARG L 2485 -17.36 -7.25 -9.83
C ARG L 2485 -17.80 -5.96 -9.14
N ASP L 2486 -18.67 -6.07 -8.14
CA ASP L 2486 -19.17 -4.96 -7.30
C ASP L 2486 -19.47 -3.64 -8.05
N PRO L 2487 -20.55 -3.57 -8.84
CA PRO L 2487 -21.09 -2.32 -9.31
C PRO L 2487 -21.58 -1.42 -8.15
N GLU L 2488 -21.73 -0.12 -8.42
CA GLU L 2488 -22.25 0.87 -7.45
C GLU L 2488 -23.67 0.55 -6.93
N SER L 2489 -24.45 -0.20 -7.71
CA SER L 2489 -25.67 -0.85 -7.23
C SER L 2489 -25.66 -2.34 -7.58
N GLU L 2490 -25.75 -3.19 -6.55
CA GLU L 2490 -25.82 -4.65 -6.65
C GLU L 2490 -27.14 -5.17 -7.28
N THR L 2491 -28.11 -4.28 -7.48
CA THR L 2491 -29.55 -4.59 -7.48
C THR L 2491 -30.17 -5.28 -8.71
N ASP L 2492 -29.54 -5.27 -9.89
CA ASP L 2492 -30.17 -5.74 -11.13
C ASP L 2492 -29.74 -7.16 -11.49
N ASN L 2493 -30.72 -8.04 -11.69
CA ASN L 2493 -30.49 -9.45 -11.99
C ASN L 2493 -29.61 -9.66 -13.22
N ASP L 2494 -29.73 -8.85 -14.27
CA ASP L 2494 -28.88 -8.96 -15.45
C ASP L 2494 -27.40 -8.71 -15.16
N SER L 2495 -27.03 -7.69 -14.38
CA SER L 2495 -25.62 -7.49 -14.05
C SER L 2495 -25.11 -8.54 -13.06
N GLN L 2496 -25.94 -8.97 -12.13
CA GLN L 2496 -25.51 -9.89 -11.09
C GLN L 2496 -25.40 -11.34 -11.58
N GLU L 2497 -26.28 -11.78 -12.48
CA GLU L 2497 -26.19 -13.10 -13.10
C GLU L 2497 -24.91 -13.24 -13.92
N ILE L 2498 -24.55 -12.18 -14.64
CA ILE L 2498 -23.34 -12.16 -15.45
C ILE L 2498 -22.11 -12.35 -14.57
N PHE L 2499 -22.03 -11.69 -13.41
CA PHE L 2499 -20.88 -11.91 -12.54
C PHE L 2499 -20.83 -13.33 -12.00
N LYS L 2500 -21.96 -13.87 -11.50
CA LYS L 2500 -22.01 -15.26 -11.05
C LYS L 2500 -21.57 -16.21 -12.14
N LEU L 2501 -22.17 -16.12 -13.32
CA LEU L 2501 -21.91 -17.07 -14.39
C LEU L 2501 -20.49 -16.94 -14.95
N ALA L 2502 -19.92 -15.74 -15.01
CA ALA L 2502 -18.53 -15.58 -15.42
C ALA L 2502 -17.55 -16.15 -14.40
N LYS L 2503 -17.81 -15.92 -13.11
CA LYS L 2503 -17.00 -16.51 -12.04
C LYS L 2503 -17.06 -18.02 -12.06
N ASP L 2504 -18.25 -18.60 -12.17
CA ASP L 2504 -18.44 -20.04 -12.08
C ASP L 2504 -17.70 -20.83 -13.17
N VAL L 2505 -17.44 -20.24 -14.34
CA VAL L 2505 -16.64 -20.87 -15.39
C VAL L 2505 -15.17 -20.50 -15.31
N LEU L 2506 -14.80 -19.35 -14.76
CA LEU L 2506 -13.42 -19.10 -14.35
C LEU L 2506 -12.95 -20.09 -13.28
N ILE L 2507 -13.84 -20.60 -12.44
CA ILE L 2507 -13.53 -21.73 -11.57
C ILE L 2507 -13.21 -22.95 -12.41
N GLN L 2508 -14.07 -23.40 -13.32
CA GLN L 2508 -13.81 -24.64 -14.07
C GLN L 2508 -12.58 -24.53 -14.96
N GLY L 2509 -12.21 -23.35 -15.42
CA GLY L 2509 -10.95 -23.18 -16.18
C GLY L 2509 -9.72 -23.53 -15.37
N LEU L 2510 -9.87 -23.60 -14.06
CA LEU L 2510 -8.85 -24.00 -13.12
C LEU L 2510 -8.63 -25.52 -13.04
N ILE L 2511 -9.30 -26.35 -13.84
CA ILE L 2511 -8.90 -27.74 -14.06
C ILE L 2511 -8.65 -28.03 -15.52
N ASP L 2512 -8.41 -27.01 -16.34
CA ASP L 2512 -8.43 -27.20 -17.78
C ASP L 2512 -7.28 -28.07 -18.31
N GLU L 2513 -7.57 -28.83 -19.35
CA GLU L 2513 -6.79 -29.99 -19.78
C GLU L 2513 -5.38 -29.60 -20.24
N ASN L 2514 -5.22 -28.49 -20.94
CA ASN L 2514 -3.94 -27.99 -21.40
C ASN L 2514 -3.17 -27.33 -20.24
N PRO L 2515 -1.96 -27.79 -19.86
CA PRO L 2515 -1.21 -27.21 -18.77
C PRO L 2515 -0.91 -25.71 -18.95
N GLY L 2516 -0.86 -25.20 -20.18
CA GLY L 2516 -0.72 -23.77 -20.44
C GLY L 2516 -1.93 -22.97 -19.98
N LEU L 2517 -3.15 -23.39 -20.31
CA LEU L 2517 -4.36 -22.70 -19.83
C LEU L 2517 -4.61 -22.96 -18.36
N GLN L 2518 -4.36 -24.17 -17.87
CA GLN L 2518 -4.36 -24.45 -16.44
C GLN L 2518 -3.46 -23.48 -15.71
N LEU L 2519 -2.30 -23.09 -16.25
CA LEU L 2519 -1.43 -22.13 -15.59
C LEU L 2519 -1.93 -20.69 -15.65
N ILE L 2520 -2.45 -20.21 -16.78
CA ILE L 2520 -2.92 -18.82 -16.89
C ILE L 2520 -4.07 -18.54 -15.92
N ILE L 2521 -5.05 -19.43 -15.77
CA ILE L 2521 -6.14 -19.20 -14.83
C ILE L 2521 -5.66 -19.27 -13.39
N ARG L 2522 -4.71 -20.16 -13.05
CA ARG L 2522 -4.08 -20.15 -11.72
C ARG L 2522 -3.41 -18.79 -11.46
N ASN L 2523 -2.62 -18.32 -12.42
CA ASN L 2523 -1.93 -17.06 -12.30
C ASN L 2523 -2.91 -15.86 -12.26
N PHE L 2524 -4.08 -15.97 -12.87
CA PHE L 2524 -5.15 -14.98 -12.78
C PHE L 2524 -5.67 -14.88 -11.35
N TRP L 2525 -6.11 -15.97 -10.73
CA TRP L 2525 -6.64 -15.92 -9.38
C TRP L 2525 -5.57 -15.57 -8.34
N SER L 2526 -4.32 -15.95 -8.55
CA SER L 2526 -3.24 -15.67 -7.59
C SER L 2526 -2.96 -14.18 -7.42
N HIS L 2527 -3.33 -13.33 -8.38
CA HIS L 2527 -3.05 -11.89 -8.34
C HIS L 2527 -3.71 -11.20 -7.14
N GLU L 2528 -2.93 -10.37 -6.44
CA GLU L 2528 -3.30 -9.78 -5.15
C GLU L 2528 -4.54 -8.87 -5.18
N THR L 2529 -5.08 -8.50 -6.34
CA THR L 2529 -6.39 -7.85 -6.43
C THR L 2529 -7.56 -8.82 -6.60
N ARG L 2530 -7.41 -9.98 -7.25
CA ARG L 2530 -8.52 -10.95 -7.43
C ARG L 2530 -8.77 -11.70 -6.13
N LEU L 2531 -7.69 -12.03 -5.43
CA LEU L 2531 -7.73 -12.92 -4.28
C LEU L 2531 -6.67 -12.44 -3.28
N PRO L 2532 -7.07 -12.00 -2.05
CA PRO L 2532 -6.26 -11.20 -1.12
C PRO L 2532 -4.89 -11.73 -0.76
N SER L 2533 -4.05 -10.86 -0.20
CA SER L 2533 -2.64 -11.14 0.09
C SER L 2533 -2.33 -11.50 1.54
N ASN L 2534 -3.06 -10.96 2.52
CA ASN L 2534 -2.88 -11.34 3.92
C ASN L 2534 -3.46 -12.74 4.18
N THR L 2535 -2.85 -13.54 5.05
CA THR L 2535 -3.10 -14.99 5.07
C THR L 2535 -4.50 -15.34 5.54
N LEU L 2536 -5.04 -14.65 6.55
CA LEU L 2536 -6.40 -14.90 7.01
C LEU L 2536 -7.41 -14.64 5.89
N ASP L 2537 -7.39 -13.48 5.27
CA ASP L 2537 -8.40 -13.17 4.26
C ASP L 2537 -8.21 -14.02 3.01
N ARG L 2538 -6.98 -14.46 2.71
CA ARG L 2538 -6.75 -15.47 1.69
C ARG L 2538 -7.41 -16.78 2.05
N LEU L 2539 -7.15 -17.30 3.25
CA LEU L 2539 -7.76 -18.54 3.74
C LEU L 2539 -9.28 -18.44 3.72
N LEU L 2540 -9.85 -17.33 4.19
CA LEU L 2540 -11.29 -17.07 4.13
C LEU L 2540 -11.81 -16.95 2.70
N ALA L 2541 -11.10 -16.29 1.80
CA ALA L 2541 -11.55 -16.08 0.43
C ALA L 2541 -11.54 -17.36 -0.41
N LEU L 2542 -10.61 -18.28 -0.17
CA LEU L 2542 -10.50 -19.51 -0.96
C LEU L 2542 -11.75 -20.36 -0.91
N ASN L 2543 -12.54 -20.30 0.15
CA ASN L 2543 -13.84 -20.96 0.20
C ASN L 2543 -14.81 -20.53 -0.88
N SER L 2544 -14.63 -19.34 -1.47
CA SER L 2544 -15.42 -18.88 -2.60
C SER L 2544 -14.97 -19.48 -3.92
N LEU L 2545 -13.71 -19.94 -4.04
CA LEU L 2545 -13.21 -20.65 -5.23
C LEU L 2545 -13.62 -22.12 -5.26
N TYR L 2546 -14.91 -22.41 -5.11
CA TYR L 2546 -15.41 -23.76 -5.26
C TYR L 2546 -16.77 -23.83 -5.92
N SER L 2547 -16.90 -24.79 -6.81
CA SER L 2547 -18.17 -25.40 -7.15
C SER L 2547 -17.90 -26.88 -7.40
N PRO L 2548 -18.85 -27.80 -7.14
CA PRO L 2548 -18.57 -29.23 -7.08
C PRO L 2548 -17.89 -29.85 -8.28
N LYS L 2549 -18.02 -29.27 -9.46
CA LYS L 2549 -17.31 -29.75 -10.65
C LYS L 2549 -15.79 -29.67 -10.53
N ILE L 2550 -15.26 -28.95 -9.55
CA ILE L 2550 -13.83 -28.88 -9.21
C ILE L 2550 -13.41 -29.80 -8.07
N GLU L 2551 -14.32 -30.47 -7.37
CA GLU L 2551 -14.07 -31.03 -6.04
C GLU L 2551 -12.89 -32.00 -5.93
N VAL L 2552 -12.75 -32.91 -6.89
CA VAL L 2552 -11.64 -33.89 -6.91
C VAL L 2552 -10.29 -33.20 -6.87
N HIS L 2553 -10.13 -32.00 -7.43
CA HIS L 2553 -8.90 -31.20 -7.38
C HIS L 2553 -8.80 -30.18 -6.24
N PHE L 2554 -9.88 -29.80 -5.58
CA PHE L 2554 -9.91 -28.56 -4.76
C PHE L 2554 -8.82 -28.45 -3.71
N LEU L 2555 -8.57 -29.49 -2.92
CA LEU L 2555 -7.62 -29.46 -1.79
C LEU L 2555 -6.21 -29.11 -2.26
N SER L 2556 -5.82 -29.62 -3.41
CA SER L 2556 -4.53 -29.31 -3.99
C SER L 2556 -4.45 -27.90 -4.54
N LEU L 2557 -5.57 -27.30 -4.96
CA LEU L 2557 -5.59 -25.91 -5.41
C LEU L 2557 -5.55 -24.96 -4.23
N ALA L 2558 -6.37 -25.17 -3.20
CA ALA L 2558 -6.36 -24.31 -2.03
C ALA L 2558 -4.97 -24.25 -1.41
N THR L 2559 -4.32 -25.40 -1.21
CA THR L 2559 -2.94 -25.45 -0.76
C THR L 2559 -1.98 -24.84 -1.75
N ASN L 2560 -2.15 -25.02 -3.06
CA ASN L 2560 -1.32 -24.32 -4.02
C ASN L 2560 -1.53 -22.82 -3.97
N PHE L 2561 -2.67 -22.27 -3.57
CA PHE L 2561 -2.81 -20.83 -3.41
C PHE L 2561 -2.23 -20.30 -2.11
N LEU L 2562 -2.22 -21.07 -1.02
CA LEU L 2562 -1.64 -20.62 0.25
C LEU L 2562 -0.13 -20.69 0.26
N LEU L 2563 0.49 -21.82 -0.05
CA LEU L 2563 1.95 -21.92 -0.02
C LEU L 2563 2.61 -21.03 -1.06
N GLU L 2564 2.03 -20.81 -2.23
CA GLU L 2564 2.62 -19.91 -3.22
C GLU L 2564 2.53 -18.45 -2.80
N MET L 2565 1.73 -18.10 -1.79
CA MET L 2565 1.88 -16.78 -1.16
C MET L 2565 3.23 -16.65 -0.48
N THR L 2566 3.81 -17.74 -0.01
CA THR L 2566 5.19 -17.72 0.47
C THR L 2566 6.21 -17.55 -0.66
N SER L 2567 5.91 -17.72 -1.95
CA SER L 2567 6.96 -17.58 -2.99
C SER L 2567 7.69 -16.22 -2.96
N MET L 2568 7.09 -15.21 -2.31
CA MET L 2568 7.55 -13.85 -2.16
C MET L 2568 8.10 -13.53 -0.75
N SER L 2569 8.07 -14.46 0.19
CA SER L 2569 8.38 -14.22 1.62
C SER L 2569 9.88 -13.99 1.88
N PRO L 2570 10.28 -13.16 2.87
CA PRO L 2570 11.68 -12.86 3.15
C PRO L 2570 12.53 -14.07 3.56
N ASP L 2571 11.92 -15.12 4.11
CA ASP L 2571 12.62 -16.36 4.45
C ASP L 2571 12.73 -17.37 3.32
N TYR L 2572 11.95 -17.27 2.26
CA TYR L 2572 11.95 -18.27 1.20
C TYR L 2572 13.35 -18.66 0.68
N PRO L 2573 14.33 -17.74 0.54
CA PRO L 2573 15.69 -18.06 0.12
C PRO L 2573 16.71 -18.19 1.27
N ASN L 2574 16.32 -18.05 2.55
CA ASN L 2574 17.22 -18.31 3.67
C ASN L 2574 17.45 -19.81 3.89
N PRO L 2575 18.60 -20.23 4.45
CA PRO L 2575 18.84 -21.60 4.89
C PRO L 2575 18.02 -21.92 6.15
N MET L 2576 17.54 -23.15 6.31
CA MET L 2576 16.81 -23.59 7.51
C MET L 2576 17.70 -23.67 8.76
N PHE L 2577 18.97 -24.03 8.59
CA PHE L 2577 19.96 -24.11 9.67
C PHE L 2577 21.22 -23.35 9.25
N GLU L 2578 21.87 -22.52 10.06
CA GLU L 2578 22.81 -21.53 9.43
C GLU L 2578 24.05 -22.11 8.67
N HIS L 2579 24.69 -23.15 9.21
CA HIS L 2579 25.99 -23.74 8.86
C HIS L 2579 25.87 -25.31 8.84
N PRO L 2580 26.81 -26.09 8.25
CA PRO L 2580 26.74 -27.56 8.21
C PRO L 2580 27.01 -28.25 9.57
N LEU L 2581 26.97 -29.59 9.55
CA LEU L 2581 27.08 -30.51 10.69
C LEU L 2581 28.46 -30.42 11.38
N SER L 2582 29.53 -30.21 10.62
CA SER L 2582 30.91 -30.00 11.11
C SER L 2582 31.77 -29.33 10.01
N GLU L 2583 33.10 -29.34 10.13
CA GLU L 2583 33.99 -29.05 9.00
C GLU L 2583 33.87 -30.13 7.92
N CYS L 2584 33.34 -29.75 6.76
CA CYS L 2584 33.21 -30.57 5.56
C CYS L 2584 33.02 -29.64 4.34
N GLU L 2585 33.12 -30.19 3.14
CA GLU L 2585 33.06 -29.43 1.89
C GLU L 2585 32.09 -30.09 0.90
N PHE L 2586 31.44 -29.28 0.05
CA PHE L 2586 30.32 -29.70 -0.79
C PHE L 2586 30.55 -29.39 -2.27
N GLN L 2587 29.75 -30.03 -3.14
CA GLN L 2587 29.82 -29.99 -4.60
C GLN L 2587 28.42 -29.92 -5.27
N GLU L 2588 28.41 -29.61 -6.56
CA GLU L 2588 27.22 -29.78 -7.42
C GLU L 2588 27.08 -31.24 -7.91
N TYR L 2589 25.95 -31.57 -8.54
CA TYR L 2589 25.58 -32.93 -8.93
C TYR L 2589 24.57 -32.93 -10.08
N THR L 2590 24.36 -34.08 -10.72
CA THR L 2590 23.35 -34.23 -11.76
C THR L 2590 22.76 -35.64 -11.76
N ILE L 2591 21.51 -35.77 -12.17
CA ILE L 2591 20.75 -37.01 -12.18
C ILE L 2591 20.26 -37.28 -13.59
N ASP L 2592 20.32 -38.53 -14.04
CA ASP L 2592 20.13 -38.94 -15.44
C ASP L 2592 18.75 -38.53 -16.00
N SER L 2593 17.67 -38.99 -15.37
CA SER L 2593 16.30 -38.41 -15.46
C SER L 2593 15.67 -38.29 -16.86
N ASP L 2594 15.96 -39.17 -17.81
CA ASP L 2594 15.61 -38.98 -19.23
C ASP L 2594 14.75 -40.10 -19.86
N TRP L 2595 15.26 -41.32 -19.92
CA TRP L 2595 14.77 -42.41 -20.79
C TRP L 2595 14.68 -43.76 -20.09
N ARG L 2596 15.03 -43.81 -18.80
CA ARG L 2596 15.56 -45.02 -18.15
C ARG L 2596 14.88 -45.39 -16.83
N PHE L 2597 14.60 -46.67 -16.70
CA PHE L 2597 14.47 -47.42 -15.46
C PHE L 2597 15.61 -48.47 -15.45
N ARG L 2598 16.21 -48.80 -14.30
CA ARG L 2598 17.46 -49.60 -14.23
C ARG L 2598 17.40 -50.94 -14.98
N SER L 2599 16.24 -51.60 -14.99
CA SER L 2599 16.12 -53.00 -15.40
C SER L 2599 15.87 -53.15 -16.91
N THR L 2600 16.74 -52.57 -17.77
CA THR L 2600 16.45 -52.47 -19.21
C THR L 2600 17.64 -52.66 -20.18
N VAL L 2601 18.88 -52.87 -19.67
CA VAL L 2601 20.08 -53.07 -20.51
C VAL L 2601 20.96 -54.23 -20.01
N LEU L 2602 21.49 -55.05 -20.93
CA LEU L 2602 22.10 -56.35 -20.61
C LEU L 2602 23.52 -56.24 -20.01
N THR L 2603 23.93 -57.23 -19.22
CA THR L 2603 25.05 -57.12 -18.25
C THR L 2603 26.43 -56.89 -18.88
N PRO L 2604 26.95 -57.75 -19.79
CA PRO L 2604 28.36 -57.68 -20.18
C PRO L 2604 28.66 -56.62 -21.25
N MET L 2605 27.65 -56.02 -21.87
CA MET L 2605 27.81 -55.00 -22.92
C MET L 2605 28.49 -53.76 -22.37
N GLY L 2721 20.59 -10.87 -41.26
CA GLY L 2721 21.28 -11.89 -42.05
C GLY L 2721 22.31 -11.34 -43.04
N ARG L 2722 22.56 -10.03 -43.04
CA ARG L 2722 23.34 -9.26 -44.05
C ARG L 2722 24.72 -9.79 -44.44
N THR L 2723 25.42 -10.50 -43.56
CA THR L 2723 26.71 -11.17 -43.85
C THR L 2723 26.57 -12.52 -44.56
N ASP L 2724 25.39 -13.13 -44.51
CA ASP L 2724 25.15 -14.56 -44.75
C ASP L 2724 24.51 -14.82 -46.12
N LEU L 2725 24.37 -13.76 -46.93
CA LEU L 2725 23.60 -13.74 -48.17
C LEU L 2725 24.21 -14.58 -49.31
N LEU L 2726 25.34 -15.25 -49.05
CA LEU L 2726 25.77 -16.45 -49.78
C LEU L 2726 24.65 -17.50 -49.86
N ARG L 2727 23.77 -17.59 -48.85
CA ARG L 2727 22.64 -18.53 -48.81
C ARG L 2727 21.68 -18.42 -50.00
N LEU L 2728 21.72 -17.33 -50.77
CA LEU L 2728 20.96 -17.15 -52.01
C LEU L 2728 21.61 -17.80 -53.25
N ARG L 2729 22.84 -18.31 -53.15
CA ARG L 2729 23.44 -19.26 -54.09
C ARG L 2729 22.68 -20.59 -54.04
N ARG L 2730 21.88 -20.89 -55.07
CA ARG L 2730 21.12 -22.15 -55.17
C ARG L 2730 20.81 -22.48 -56.63
N ARG L 2731 20.54 -23.76 -56.91
CA ARG L 2731 20.04 -24.28 -58.20
C ARG L 2731 18.93 -25.30 -57.97
N PHE L 2732 18.12 -25.57 -58.99
CA PHE L 2732 16.85 -26.32 -58.88
C PHE L 2732 16.76 -27.41 -59.95
N MET L 2733 16.30 -28.63 -59.65
CA MET L 2733 15.99 -29.64 -60.66
C MET L 2733 15.13 -29.10 -61.83
N ARG L 2734 15.24 -29.67 -63.03
CA ARG L 2734 14.25 -29.51 -64.12
C ARG L 2734 13.47 -30.77 -64.50
N ASP L 2735 13.89 -31.95 -64.06
CA ASP L 2735 13.00 -33.11 -64.02
C ASP L 2735 12.05 -32.96 -62.83
N GLN L 2736 10.83 -32.52 -63.11
CA GLN L 2736 9.68 -32.67 -62.22
C GLN L 2736 9.50 -34.14 -61.79
N GLU L 2737 9.82 -35.10 -62.66
CA GLU L 2737 9.79 -36.52 -62.29
C GLU L 2737 10.79 -36.84 -61.17
N LYS L 2738 12.09 -36.56 -61.35
CA LYS L 2738 13.09 -36.79 -60.29
C LYS L 2738 12.74 -36.06 -59.00
N LEU L 2739 12.28 -34.81 -59.12
CA LEU L 2739 11.84 -34.03 -57.97
C LEU L 2739 10.67 -34.71 -57.25
N SER L 2740 9.71 -35.28 -57.98
CA SER L 2740 8.66 -36.08 -57.37
C SER L 2740 9.19 -37.36 -56.71
N LEU L 2741 10.23 -38.01 -57.25
CA LEU L 2741 10.84 -39.16 -56.60
C LEU L 2741 11.56 -38.78 -55.31
N MET L 2742 12.22 -37.62 -55.27
CA MET L 2742 12.78 -37.06 -54.06
C MET L 2742 11.70 -36.91 -52.99
N TYR L 2743 10.55 -36.31 -53.33
CA TYR L 2743 9.45 -36.18 -52.39
C TYR L 2743 8.75 -37.50 -52.05
N ALA L 2744 8.74 -38.50 -52.93
CA ALA L 2744 8.28 -39.84 -52.59
C ALA L 2744 9.24 -40.53 -51.62
N ARG L 2745 10.56 -40.47 -51.84
CA ARG L 2745 11.59 -41.04 -50.95
C ARG L 2745 11.60 -40.36 -49.58
N LYS L 2746 11.54 -39.03 -49.56
CA LYS L 2746 11.33 -38.27 -48.32
C LYS L 2746 10.01 -38.66 -47.66
N GLY L 2747 8.94 -38.75 -48.42
CA GLY L 2747 7.60 -39.10 -47.94
C GLY L 2747 7.51 -40.49 -47.30
N VAL L 2748 8.16 -41.52 -47.83
CA VAL L 2748 8.16 -42.83 -47.17
C VAL L 2748 9.00 -42.82 -45.89
N ALA L 2749 10.18 -42.20 -45.90
CA ALA L 2749 11.01 -42.09 -44.69
C ALA L 2749 10.29 -41.29 -43.59
N GLU L 2750 9.62 -40.20 -43.95
CA GLU L 2750 8.73 -39.42 -43.09
C GLU L 2750 7.58 -40.28 -42.53
N GLN L 2751 6.96 -41.12 -43.36
CA GLN L 2751 5.85 -41.96 -42.90
C GLN L 2751 6.30 -42.98 -41.85
N LYS L 2752 7.50 -43.56 -41.99
CA LYS L 2752 8.09 -44.41 -40.94
C LYS L 2752 8.50 -43.59 -39.73
N ARG L 2753 9.13 -42.42 -39.93
CA ARG L 2753 9.60 -41.51 -38.88
C ARG L 2753 8.45 -41.00 -38.00
N GLU L 2754 7.32 -40.65 -38.61
CA GLU L 2754 6.04 -40.35 -37.96
C GLU L 2754 5.58 -41.50 -37.06
N LYS L 2755 5.56 -42.73 -37.56
CA LYS L 2755 5.09 -43.89 -36.79
C LYS L 2755 6.01 -44.21 -35.62
N GLU L 2756 7.31 -44.29 -35.86
CA GLU L 2756 8.26 -44.61 -34.79
C GLU L 2756 8.34 -43.49 -33.75
N ILE L 2757 8.34 -42.20 -34.13
CA ILE L 2757 8.36 -41.13 -33.13
C ILE L 2757 7.06 -41.06 -32.34
N LYS L 2758 5.90 -41.36 -32.93
CA LYS L 2758 4.67 -41.56 -32.15
C LYS L 2758 4.77 -42.71 -31.16
N SER L 2759 5.35 -43.84 -31.57
CA SER L 2759 5.57 -44.99 -30.68
C SER L 2759 6.55 -44.68 -29.54
N GLU L 2760 7.57 -43.86 -29.79
CA GLU L 2760 8.50 -43.41 -28.78
C GLU L 2760 7.86 -42.40 -27.83
N LEU L 2761 7.06 -41.47 -28.35
CA LEU L 2761 6.31 -40.49 -27.56
C LEU L 2761 5.22 -41.14 -26.69
N LYS L 2762 4.74 -42.34 -27.05
CA LYS L 2762 3.89 -43.16 -26.21
C LYS L 2762 4.67 -43.68 -25.00
N MET L 2763 5.84 -44.26 -25.21
CA MET L 2763 6.70 -44.78 -24.14
C MET L 2763 7.14 -43.66 -23.19
N LYS L 2764 7.67 -42.56 -23.74
CA LYS L 2764 8.23 -41.46 -22.96
C LYS L 2764 7.17 -40.56 -22.31
N GLN L 2765 5.93 -40.51 -22.82
CA GLN L 2765 4.82 -39.83 -22.13
C GLN L 2765 4.54 -40.45 -20.75
N ASP L 2766 4.53 -41.78 -20.63
CA ASP L 2766 4.32 -42.44 -19.33
C ASP L 2766 5.50 -42.20 -18.37
N ALA L 2767 6.72 -42.01 -18.88
CA ALA L 2767 7.97 -42.08 -18.11
C ALA L 2767 8.65 -40.72 -17.82
N GLN L 2768 8.25 -39.63 -18.45
CA GLN L 2768 8.82 -38.29 -18.24
C GLN L 2768 8.67 -37.80 -16.79
N VAL L 2769 9.72 -37.17 -16.26
CA VAL L 2769 9.78 -36.61 -14.89
C VAL L 2769 10.43 -35.22 -14.83
N VAL L 2770 10.34 -34.56 -13.68
CA VAL L 2770 11.09 -33.34 -13.35
C VAL L 2770 11.45 -33.32 -11.86
N LEU L 2771 12.61 -32.76 -11.51
CA LEU L 2771 13.08 -32.60 -10.12
C LEU L 2771 12.78 -31.18 -9.66
N TYR L 2772 12.19 -31.02 -8.48
CA TYR L 2772 11.75 -29.73 -7.92
C TYR L 2772 12.79 -29.05 -7.02
N ARG L 2773 13.75 -29.79 -6.44
CA ARG L 2773 14.91 -29.18 -5.76
C ARG L 2773 16.25 -29.61 -6.39
N SER L 2774 17.24 -28.72 -6.32
CA SER L 2774 18.64 -29.04 -6.65
C SER L 2774 19.35 -29.68 -5.45
N TYR L 2775 20.38 -30.47 -5.70
CA TYR L 2775 21.10 -31.25 -4.67
C TYR L 2775 22.59 -30.94 -4.67
N ARG L 2776 23.21 -30.93 -3.49
CA ARG L 2776 24.66 -30.96 -3.34
C ARG L 2776 25.16 -32.37 -2.99
N HIS L 2777 26.47 -32.56 -3.05
CA HIS L 2777 27.14 -33.80 -2.61
C HIS L 2777 28.34 -33.48 -1.73
N GLY L 2778 28.76 -34.42 -0.88
CA GLY L 2778 29.85 -34.28 0.08
C GLY L 2778 30.01 -35.52 0.97
N ASP L 2779 30.99 -35.53 1.87
CA ASP L 2779 31.15 -36.62 2.85
C ASP L 2779 30.03 -36.68 3.89
N LEU L 2780 29.28 -35.59 4.09
CA LEU L 2780 28.21 -35.45 5.08
C LEU L 2780 26.88 -34.99 4.44
N PRO L 2781 25.74 -35.21 5.11
CA PRO L 2781 24.45 -34.63 4.72
C PRO L 2781 24.49 -33.09 4.66
N ASP L 2782 24.03 -32.50 3.56
CA ASP L 2782 24.00 -31.06 3.30
C ASP L 2782 22.88 -30.32 4.05
N ILE L 2783 22.90 -30.32 5.38
CA ILE L 2783 21.80 -29.86 6.24
C ILE L 2783 21.27 -28.44 5.95
N GLN L 2784 22.12 -27.52 5.54
CA GLN L 2784 21.79 -26.09 5.42
C GLN L 2784 20.96 -25.73 4.18
N ILE L 2785 19.93 -26.52 3.87
CA ILE L 2785 19.03 -26.32 2.74
C ILE L 2785 18.11 -25.10 2.91
N LYS L 2786 17.72 -24.45 1.80
CA LYS L 2786 16.82 -23.29 1.83
C LYS L 2786 15.39 -23.70 2.11
N HIS L 2787 14.59 -22.86 2.76
CA HIS L 2787 13.15 -23.09 2.96
C HIS L 2787 12.45 -23.47 1.66
N SER L 2788 12.76 -22.77 0.57
CA SER L 2788 12.33 -23.07 -0.79
C SER L 2788 12.40 -24.56 -1.14
N SER L 2789 13.51 -25.22 -0.79
CA SER L 2789 13.79 -26.58 -1.21
C SER L 2789 12.99 -27.65 -0.47
N LEU L 2790 12.29 -27.31 0.61
CA LEU L 2790 11.29 -28.19 1.22
C LEU L 2790 9.88 -27.80 0.76
N ILE L 2791 9.54 -26.53 0.73
CA ILE L 2791 8.18 -26.12 0.41
C ILE L 2791 7.81 -26.42 -1.04
N THR L 2792 8.74 -26.27 -1.97
CA THR L 2792 8.49 -26.64 -3.37
C THR L 2792 8.13 -28.12 -3.51
N PRO L 2793 8.87 -29.12 -3.02
CA PRO L 2793 8.41 -30.48 -3.12
C PRO L 2793 7.20 -30.80 -2.25
N LEU L 2794 7.02 -30.16 -1.10
CA LEU L 2794 5.82 -30.38 -0.30
C LEU L 2794 4.56 -30.02 -1.07
N GLN L 2795 4.56 -28.89 -1.78
CA GLN L 2795 3.49 -28.59 -2.71
C GLN L 2795 3.47 -29.58 -3.89
N ALA L 2796 4.60 -29.91 -4.49
CA ALA L 2796 4.63 -30.77 -5.66
C ALA L 2796 4.03 -32.16 -5.43
N VAL L 2797 4.09 -32.70 -4.22
CA VAL L 2797 3.40 -33.95 -3.87
C VAL L 2797 1.91 -33.70 -3.63
N ALA L 2798 1.54 -32.68 -2.87
CA ALA L 2798 0.15 -32.36 -2.59
C ALA L 2798 -0.64 -31.99 -3.84
N GLN L 2799 0.02 -31.43 -4.84
CA GLN L 2799 -0.52 -31.20 -6.18
C GLN L 2799 -1.00 -32.48 -6.87
N ARG L 2800 -0.60 -33.64 -6.36
CA ARG L 2800 -0.46 -34.86 -7.15
C ARG L 2800 -1.00 -36.11 -6.48
N ASP L 2801 -1.00 -36.23 -5.16
CA ASP L 2801 -1.70 -37.29 -4.43
C ASP L 2801 -2.76 -36.74 -3.47
N PRO L 2802 -4.05 -37.08 -3.59
CA PRO L 2802 -5.11 -36.44 -2.82
C PRO L 2802 -5.00 -36.60 -1.33
N ILE L 2803 -4.46 -37.72 -0.84
CA ILE L 2803 -4.44 -37.96 0.60
C ILE L 2803 -3.29 -37.23 1.30
N ILE L 2804 -2.20 -36.90 0.62
CA ILE L 2804 -1.26 -35.87 1.10
C ILE L 2804 -1.88 -34.49 1.03
N ALA L 2805 -2.68 -34.18 0.01
CA ALA L 2805 -3.38 -32.91 -0.03
C ALA L 2805 -4.35 -32.76 1.14
N LYS L 2806 -5.02 -33.84 1.58
CA LYS L 2806 -5.76 -33.85 2.85
C LYS L 2806 -4.84 -33.56 3.99
N GLN L 2807 -3.72 -34.25 4.21
CA GLN L 2807 -2.89 -33.97 5.40
C GLN L 2807 -2.44 -32.51 5.44
N LEU L 2808 -1.93 -31.99 4.31
CA LEU L 2808 -1.31 -30.68 4.22
C LEU L 2808 -2.29 -29.54 4.43
N PHE L 2809 -3.44 -29.54 3.75
CA PHE L 2809 -4.42 -28.48 3.99
C PHE L 2809 -4.87 -28.47 5.43
N SER L 2810 -5.09 -29.62 6.03
CA SER L 2810 -5.52 -29.69 7.42
C SER L 2810 -4.49 -29.15 8.41
N SER L 2811 -3.25 -29.58 8.28
CA SER L 2811 -2.20 -29.10 9.16
C SER L 2811 -1.99 -27.59 8.99
N LEU L 2812 -1.90 -27.13 7.76
CA LEU L 2812 -1.65 -25.73 7.46
C LEU L 2812 -2.82 -24.84 7.89
N PHE L 2813 -4.07 -25.20 7.58
CA PHE L 2813 -5.25 -24.48 8.07
C PHE L 2813 -5.25 -24.40 9.58
N SER L 2814 -5.05 -25.51 10.28
CA SER L 2814 -5.14 -25.50 11.74
C SER L 2814 -4.00 -24.71 12.36
N GLY L 2815 -2.84 -24.66 11.72
CA GLY L 2815 -1.77 -23.74 12.07
C GLY L 2815 -2.19 -22.29 11.88
N ILE L 2816 -2.80 -21.86 10.76
CA ILE L 2816 -3.33 -20.50 10.61
C ILE L 2816 -4.32 -20.11 11.72
N LEU L 2817 -5.34 -20.90 12.01
CA LEU L 2817 -6.31 -20.54 13.06
C LEU L 2817 -5.72 -20.56 14.47
N LYS L 2818 -4.64 -21.32 14.75
CA LYS L 2818 -3.95 -21.20 16.04
C LYS L 2818 -3.29 -19.84 16.18
N GLU L 2819 -2.82 -19.28 15.07
CA GLU L 2819 -2.05 -18.06 15.04
C GLU L 2819 -2.88 -16.80 15.25
N MET L 2820 -4.15 -16.74 14.82
CA MET L 2820 -4.91 -15.49 14.92
C MET L 2820 -5.10 -15.00 16.36
N ASP L 2821 -5.07 -15.88 17.35
CA ASP L 2821 -5.09 -15.50 18.77
C ASP L 2821 -3.90 -14.63 19.21
N LYS L 2822 -2.80 -14.62 18.46
CA LYS L 2822 -1.70 -13.67 18.62
C LYS L 2822 -2.11 -12.23 18.32
N PHE L 2823 -3.08 -12.05 17.43
CA PHE L 2823 -3.35 -10.76 16.79
C PHE L 2823 -4.74 -10.20 17.10
N LYS L 2824 -5.81 -10.99 17.00
CA LYS L 2824 -7.17 -10.45 16.83
C LYS L 2824 -8.08 -10.80 18.00
N THR L 2825 -9.01 -9.90 18.29
CA THR L 2825 -9.87 -9.94 19.48
C THR L 2825 -10.99 -10.97 19.36
N LEU L 2826 -11.70 -11.21 20.47
CA LEU L 2826 -12.94 -11.98 20.43
C LEU L 2826 -13.94 -11.41 19.42
N SER L 2827 -13.99 -10.08 19.23
CA SER L 2827 -14.88 -9.44 18.27
C SER L 2827 -14.58 -9.80 16.81
N GLU L 2828 -13.31 -10.03 16.45
CA GLU L 2828 -12.97 -10.58 15.13
C GLU L 2828 -13.23 -12.08 15.03
N LYS L 2829 -12.89 -12.84 16.07
CA LYS L 2829 -12.98 -14.31 16.04
C LYS L 2829 -14.41 -14.81 16.00
N ASN L 2830 -15.36 -14.08 16.56
CA ASN L 2830 -16.78 -14.32 16.31
C ASN L 2830 -17.07 -14.23 14.82
N ASN L 2831 -16.74 -13.12 14.17
CA ASN L 2831 -17.00 -12.95 12.74
C ASN L 2831 -16.33 -14.04 11.89
N ILE L 2832 -15.03 -14.31 12.09
CA ILE L 2832 -14.32 -15.33 11.32
C ILE L 2832 -14.91 -16.73 11.51
N THR L 2833 -15.10 -17.19 12.74
CA THR L 2833 -15.60 -18.57 12.92
C THR L 2833 -17.04 -18.71 12.41
N GLN L 2834 -17.91 -17.71 12.56
CA GLN L 2834 -19.21 -17.73 11.90
C GLN L 2834 -19.09 -17.79 10.38
N LYS L 2835 -18.10 -17.12 9.79
CA LYS L 2835 -17.91 -17.10 8.35
C LYS L 2835 -17.44 -18.46 7.83
N LEU L 2836 -16.44 -19.07 8.46
CA LEU L 2836 -15.96 -20.40 8.07
C LEU L 2836 -17.06 -21.45 8.23
N LEU L 2837 -17.75 -21.47 9.36
CA LEU L 2837 -18.90 -22.35 9.55
C LEU L 2837 -19.95 -22.16 8.45
N GLN L 2838 -20.29 -20.92 8.12
CA GLN L 2838 -21.28 -20.65 7.08
C GLN L 2838 -20.85 -21.23 5.72
N ASP L 2839 -19.57 -21.20 5.40
CA ASP L 2839 -19.07 -21.81 4.20
C ASP L 2839 -19.10 -23.33 4.27
N PHE L 2840 -18.58 -23.95 5.34
CA PHE L 2840 -18.54 -25.40 5.41
C PHE L 2840 -19.91 -26.05 5.42
N ASN L 2841 -20.96 -25.40 5.93
CA ASN L 2841 -22.32 -25.87 5.69
C ASN L 2841 -22.64 -25.95 4.19
N ARG L 2842 -22.26 -24.94 3.41
CA ARG L 2842 -22.45 -24.94 1.97
C ARG L 2842 -21.71 -26.10 1.34
N PHE L 2843 -20.44 -26.31 1.64
CA PHE L 2843 -19.66 -27.41 1.06
C PHE L 2843 -20.30 -28.78 1.29
N LEU L 2844 -20.78 -29.05 2.49
CA LEU L 2844 -21.41 -30.34 2.78
C LEU L 2844 -22.80 -30.45 2.20
N ASN L 2845 -23.51 -29.36 2.02
CA ASN L 2845 -24.85 -29.38 1.49
C ASN L 2845 -24.88 -29.33 -0.05
N THR L 2846 -23.81 -28.88 -0.73
CA THR L 2846 -23.75 -28.81 -2.19
C THR L 2846 -22.82 -29.79 -2.89
N THR L 2847 -21.89 -30.48 -2.22
CA THR L 2847 -21.10 -31.53 -2.89
C THR L 2847 -22.00 -32.61 -3.49
N PHE L 2848 -21.68 -33.10 -4.68
CA PHE L 2848 -22.41 -34.19 -5.33
C PHE L 2848 -21.59 -35.47 -5.44
N SER L 2849 -20.26 -35.38 -5.54
CA SER L 2849 -19.39 -36.54 -5.75
C SER L 2849 -18.85 -37.12 -4.45
N PHE L 2850 -19.05 -36.44 -3.32
CA PHE L 2850 -18.66 -36.92 -2.00
C PHE L 2850 -17.23 -37.48 -1.95
N PHE L 2851 -16.27 -36.82 -2.59
CA PHE L 2851 -14.95 -37.40 -2.79
C PHE L 2851 -14.30 -37.65 -1.43
N PRO L 2852 -13.86 -38.87 -1.07
CA PRO L 2852 -13.60 -39.18 0.32
C PRO L 2852 -12.52 -38.31 0.96
N PRO L 2853 -11.35 -37.99 0.40
CA PRO L 2853 -10.41 -37.07 1.03
C PRO L 2853 -10.96 -35.67 1.30
N PHE L 2854 -11.82 -35.14 0.45
CA PHE L 2854 -12.43 -33.83 0.69
C PHE L 2854 -13.47 -33.89 1.79
N VAL L 2855 -14.43 -34.81 1.70
CA VAL L 2855 -15.50 -34.94 2.70
C VAL L 2855 -14.92 -35.17 4.08
N SER L 2856 -13.85 -35.94 4.22
CA SER L 2856 -13.19 -36.15 5.50
C SER L 2856 -12.41 -34.94 5.98
N CYS L 2857 -11.71 -34.23 5.11
CA CYS L 2857 -10.91 -33.08 5.47
C CYS L 2857 -11.72 -32.02 6.21
N ILE L 2858 -12.85 -31.60 5.67
CA ILE L 2858 -13.72 -30.57 6.25
C ILE L 2858 -14.13 -30.93 7.68
N GLN L 2859 -14.24 -32.22 7.95
CA GLN L 2859 -14.74 -32.77 9.19
C GLN L 2859 -13.66 -33.06 10.20
N ASP L 2860 -12.45 -33.38 9.79
CA ASP L 2860 -11.26 -33.29 10.63
C ASP L 2860 -11.13 -31.85 11.12
N ILE L 2861 -11.05 -30.90 10.19
CA ILE L 2861 -10.90 -29.48 10.50
C ILE L 2861 -11.95 -28.98 11.47
N SER L 2862 -13.22 -29.20 11.19
CA SER L 2862 -14.29 -28.71 12.05
C SER L 2862 -14.40 -29.44 13.37
N CYS L 2863 -13.67 -30.53 13.57
CA CYS L 2863 -13.62 -31.23 14.84
C CYS L 2863 -12.59 -30.61 15.80
N GLN L 2864 -11.63 -29.82 15.30
CA GLN L 2864 -10.53 -29.29 16.10
C GLN L 2864 -10.90 -28.07 16.96
N HIS L 2865 -11.93 -27.29 16.58
CA HIS L 2865 -12.20 -25.96 17.11
C HIS L 2865 -13.64 -25.78 17.55
N ALA L 2866 -13.89 -25.08 18.64
CA ALA L 2866 -15.22 -24.62 18.98
C ALA L 2866 -15.82 -23.69 17.89
N ALA L 2867 -17.12 -23.45 17.94
CA ALA L 2867 -17.92 -22.77 16.92
C ALA L 2867 -18.02 -23.51 15.57
N LEU L 2868 -16.90 -23.84 14.93
CA LEU L 2868 -16.88 -24.68 13.72
C LEU L 2868 -17.60 -26.01 13.96
N LEU L 2869 -17.51 -26.50 15.19
CA LEU L 2869 -18.08 -27.75 15.67
C LEU L 2869 -19.61 -27.84 15.69
N SER L 2870 -20.31 -26.79 15.25
CA SER L 2870 -21.78 -26.76 15.20
C SER L 2870 -22.38 -27.28 13.89
N LEU L 2871 -21.56 -27.83 12.99
CA LEU L 2871 -21.87 -28.14 11.60
C LEU L 2871 -23.18 -28.93 11.40
N ASP L 2872 -23.90 -28.67 10.30
CA ASP L 2872 -25.24 -29.24 10.07
C ASP L 2872 -25.20 -30.77 10.08
N PRO L 2873 -25.85 -31.45 11.04
CA PRO L 2873 -25.63 -32.85 11.29
C PRO L 2873 -26.21 -33.76 10.20
N ALA L 2874 -27.35 -33.43 9.63
CA ALA L 2874 -27.89 -34.23 8.54
C ALA L 2874 -27.03 -34.09 7.27
N ALA L 2875 -26.38 -32.95 7.09
CA ALA L 2875 -25.43 -32.80 6.00
C ALA L 2875 -24.20 -33.65 6.24
N VAL L 2876 -23.62 -33.56 7.44
CA VAL L 2876 -22.47 -34.37 7.87
C VAL L 2876 -22.73 -35.85 7.70
N SER L 2877 -23.87 -36.32 8.16
CA SER L 2877 -24.17 -37.74 8.13
C SER L 2877 -24.41 -38.27 6.72
N ALA L 2878 -25.11 -37.52 5.88
CA ALA L 2878 -25.27 -37.88 4.48
C ALA L 2878 -23.91 -37.94 3.78
N GLY L 2879 -23.04 -36.95 3.99
CA GLY L 2879 -21.72 -36.93 3.39
C GLY L 2879 -20.90 -38.15 3.79
N CYS L 2880 -20.85 -38.46 5.08
CA CYS L 2880 -20.07 -39.58 5.58
C CYS L 2880 -20.61 -40.94 5.16
N LEU L 2881 -21.93 -41.10 5.18
CA LEU L 2881 -22.57 -42.32 4.76
C LEU L 2881 -22.29 -42.60 3.27
N ALA L 2882 -22.46 -41.62 2.40
CA ALA L 2882 -22.20 -41.77 0.97
C ALA L 2882 -20.71 -41.95 0.66
N SER L 2883 -19.83 -41.17 1.28
CA SER L 2883 -18.38 -41.28 1.13
C SER L 2883 -17.79 -42.45 1.90
N LEU L 2884 -18.60 -43.30 2.54
CA LEU L 2884 -18.19 -44.60 3.07
C LEU L 2884 -17.17 -44.49 4.19
N GLN L 2885 -17.15 -43.36 4.88
CA GLN L 2885 -16.06 -42.91 5.75
C GLN L 2885 -16.61 -42.49 7.11
N GLN L 2886 -17.28 -43.43 7.77
CA GLN L 2886 -18.08 -43.17 8.96
C GLN L 2886 -17.30 -42.70 10.18
N PRO L 2887 -16.11 -43.22 10.55
CA PRO L 2887 -15.48 -42.87 11.80
C PRO L 2887 -15.21 -41.39 11.98
N VAL L 2888 -14.78 -40.65 10.96
CA VAL L 2888 -14.54 -39.21 11.12
C VAL L 2888 -15.84 -38.43 11.32
N GLY L 2889 -16.93 -38.82 10.67
CA GLY L 2889 -18.22 -38.19 10.88
C GLY L 2889 -18.76 -38.38 12.29
N ILE L 2890 -18.55 -39.56 12.85
CA ILE L 2890 -18.92 -39.89 14.22
C ILE L 2890 -18.20 -39.00 15.21
N ARG L 2891 -16.87 -38.86 15.15
CA ARG L 2891 -16.18 -38.07 16.18
C ARG L 2891 -16.63 -36.62 16.18
N LEU L 2892 -17.05 -36.05 15.06
CA LEU L 2892 -17.59 -34.70 15.05
C LEU L 2892 -18.91 -34.63 15.83
N LEU L 2893 -19.89 -35.47 15.54
CA LEU L 2893 -21.16 -35.43 16.26
C LEU L 2893 -20.95 -35.73 17.74
N GLU L 2894 -20.06 -36.65 18.05
CA GLU L 2894 -19.63 -36.95 19.40
C GLU L 2894 -19.08 -35.71 20.12
N GLU L 2895 -18.10 -35.02 19.56
CA GLU L 2895 -17.58 -33.77 20.11
C GLU L 2895 -18.66 -32.69 20.23
N ALA L 2896 -19.61 -32.61 19.32
CA ALA L 2896 -20.72 -31.67 19.47
C ALA L 2896 -21.55 -32.02 20.70
N LEU L 2897 -21.95 -33.27 20.85
CA LEU L 2897 -22.91 -33.74 21.85
C LEU L 2897 -22.41 -33.57 23.27
N LEU L 2898 -21.12 -33.41 23.49
CA LEU L 2898 -20.55 -32.99 24.77
C LEU L 2898 -20.30 -31.48 24.84
N ARG L 2899 -19.75 -30.85 23.79
CA ARG L 2899 -19.28 -29.45 23.87
C ARG L 2899 -20.42 -28.44 23.86
N LEU L 2900 -21.46 -28.71 23.06
CA LEU L 2900 -22.66 -27.88 22.97
C LEU L 2900 -23.62 -28.11 24.15
N LEU L 2901 -23.38 -29.13 24.97
CA LEU L 2901 -24.13 -29.40 26.21
C LEU L 2901 -23.21 -29.96 27.32
N PRO L 2902 -22.44 -29.10 28.01
CA PRO L 2902 -21.52 -29.51 29.07
C PRO L 2902 -22.22 -30.21 30.26
N ARG L 2915 -33.02 -25.39 28.62
CA ARG L 2915 -32.25 -26.54 28.16
C ARG L 2915 -33.18 -27.70 27.81
N LEU L 2916 -33.27 -28.06 26.54
CA LEU L 2916 -33.94 -29.26 26.04
C LEU L 2916 -32.90 -30.39 25.91
N PRO L 2917 -32.97 -31.47 26.72
CA PRO L 2917 -31.89 -32.45 26.79
C PRO L 2917 -31.50 -33.12 25.46
N PRO L 2918 -32.43 -33.68 24.66
CA PRO L 2918 -32.04 -34.73 23.73
C PRO L 2918 -31.23 -34.29 22.48
N ASP L 2919 -31.32 -33.03 22.07
CA ASP L 2919 -30.65 -32.52 20.88
C ASP L 2919 -30.81 -33.50 19.72
N VAL L 2920 -32.04 -33.98 19.51
CA VAL L 2920 -32.31 -35.28 18.90
C VAL L 2920 -31.68 -35.39 17.53
N LEU L 2921 -31.67 -34.29 16.78
CA LEU L 2921 -31.04 -34.24 15.48
C LEU L 2921 -29.57 -34.67 15.52
N ARG L 2922 -28.79 -34.32 16.53
CA ARG L 2922 -27.41 -34.82 16.66
C ARG L 2922 -27.39 -36.24 17.18
N TRP L 2923 -28.17 -36.57 18.20
CA TRP L 2923 -28.15 -37.91 18.77
C TRP L 2923 -28.63 -39.00 17.82
N VAL L 2924 -29.71 -38.79 17.07
CA VAL L 2924 -30.21 -39.79 16.13
C VAL L 2924 -29.35 -39.87 14.87
N GLU L 2925 -28.79 -38.77 14.38
CA GLU L 2925 -27.85 -38.85 13.26
C GLU L 2925 -26.56 -39.56 13.67
N LEU L 2926 -26.08 -39.40 14.90
CA LEU L 2926 -24.98 -40.22 15.42
C LEU L 2926 -25.34 -41.70 15.46
N ALA L 2927 -26.56 -42.07 15.83
CA ALA L 2927 -26.97 -43.47 15.74
C ALA L 2927 -26.97 -43.95 14.29
N LYS L 2928 -27.57 -43.20 13.38
CA LYS L 2928 -27.58 -43.56 11.97
C LYS L 2928 -26.18 -43.78 11.40
N LEU L 2929 -25.17 -43.02 11.82
CA LEU L 2929 -23.79 -43.29 11.42
C LEU L 2929 -23.25 -44.58 12.00
N TYR L 2930 -23.43 -44.83 13.29
CA TYR L 2930 -22.96 -46.10 13.87
C TYR L 2930 -23.66 -47.31 13.28
N ARG L 2931 -24.92 -47.23 12.92
CA ARG L 2931 -25.61 -48.41 12.43
C ARG L 2931 -25.08 -48.81 11.07
N SER L 2932 -24.65 -47.84 10.26
CA SER L 2932 -23.98 -48.07 8.99
C SER L 2932 -22.68 -48.86 9.14
N ILE L 2933 -21.83 -48.52 10.11
CA ILE L 2933 -20.62 -49.30 10.45
C ILE L 2933 -20.97 -50.61 11.19
N GLY L 2934 -22.23 -50.90 11.44
CA GLY L 2934 -22.71 -52.18 11.96
C GLY L 2934 -22.44 -52.40 13.44
N GLU L 2935 -22.24 -51.35 14.21
CA GLU L 2935 -21.93 -51.38 15.64
C GLU L 2935 -23.20 -51.52 16.49
N TYR L 2936 -24.03 -52.53 16.23
CA TYR L 2936 -25.34 -52.63 16.87
C TYR L 2936 -25.29 -52.65 18.38
N ASP L 2937 -24.26 -53.27 18.95
CA ASP L 2937 -24.21 -53.48 20.38
C ASP L 2937 -23.99 -52.18 21.19
N VAL L 2938 -23.53 -51.08 20.59
CA VAL L 2938 -23.53 -49.72 21.18
C VAL L 2938 -24.80 -48.94 20.93
N LEU L 2939 -25.68 -49.34 20.01
CA LEU L 2939 -26.97 -48.63 19.87
C LEU L 2939 -27.88 -48.79 21.08
N ARG L 2940 -27.64 -49.78 21.96
CA ARG L 2940 -28.25 -49.83 23.30
C ARG L 2940 -28.02 -48.55 24.09
N GLY L 2941 -26.81 -48.01 24.05
CA GLY L 2941 -26.39 -46.87 24.85
C GLY L 2941 -26.93 -45.54 24.35
N ILE L 2942 -27.25 -45.42 23.05
CA ILE L 2942 -27.99 -44.26 22.57
C ILE L 2942 -29.40 -44.34 23.14
N PHE L 2943 -30.15 -45.36 22.75
CA PHE L 2943 -31.61 -45.31 22.84
C PHE L 2943 -32.21 -45.68 24.22
N THR L 2944 -31.43 -45.75 25.30
CA THR L 2944 -31.98 -45.82 26.67
C THR L 2944 -32.99 -44.70 26.90
N SER L 2945 -34.18 -45.04 27.43
CA SER L 2945 -35.41 -44.24 27.34
C SER L 2945 -35.38 -42.83 27.97
N GLU L 2946 -34.34 -42.54 28.76
CA GLU L 2946 -33.99 -41.22 29.32
C GLU L 2946 -33.86 -40.10 28.27
N ILE L 2947 -33.52 -40.43 27.02
CA ILE L 2947 -33.55 -39.52 25.86
C ILE L 2947 -34.24 -40.22 24.68
N GLY L 2948 -34.79 -39.46 23.73
CA GLY L 2948 -35.35 -40.03 22.50
C GLY L 2948 -36.48 -41.03 22.78
N THR L 2949 -37.37 -40.64 23.70
CA THR L 2949 -38.29 -41.50 24.46
C THR L 2949 -39.43 -42.07 23.59
N LYS L 2950 -39.08 -43.01 22.73
CA LYS L 2950 -39.97 -43.81 21.88
C LYS L 2950 -39.41 -45.22 21.82
N GLN L 2951 -39.67 -46.02 22.85
CA GLN L 2951 -39.07 -47.34 23.06
C GLN L 2951 -39.32 -48.33 21.92
N ILE L 2952 -40.29 -48.07 21.04
CA ILE L 2952 -40.42 -48.79 19.77
C ILE L 2952 -39.09 -48.82 19.00
N THR L 2953 -38.30 -47.74 19.01
CA THR L 2953 -36.97 -47.73 18.39
C THR L 2953 -36.06 -48.76 19.04
N GLN L 2954 -36.00 -48.80 20.38
CA GLN L 2954 -35.19 -49.80 21.08
C GLN L 2954 -35.62 -51.23 20.75
N SER L 2955 -36.93 -51.51 20.73
CA SER L 2955 -37.43 -52.83 20.34
C SER L 2955 -37.05 -53.20 18.90
N ALA L 2956 -37.21 -52.28 17.96
CA ALA L 2956 -36.86 -52.50 16.56
C ALA L 2956 -35.36 -52.79 16.40
N LEU L 2957 -34.51 -51.97 17.03
CA LEU L 2957 -33.06 -52.16 16.98
C LEU L 2957 -32.67 -53.51 17.57
N LEU L 2958 -33.32 -53.97 18.63
CA LEU L 2958 -33.01 -55.25 19.25
C LEU L 2958 -33.24 -56.40 18.26
N ALA L 2959 -34.38 -56.39 17.55
CA ALA L 2959 -34.66 -57.43 16.57
C ALA L 2959 -33.64 -57.50 15.41
N GLU L 2960 -33.22 -56.37 14.85
CA GLU L 2960 -32.17 -56.40 13.84
C GLU L 2960 -30.78 -56.66 14.42
N ALA L 2961 -30.52 -56.36 15.69
CA ALA L 2961 -29.28 -56.77 16.33
C ALA L 2961 -29.16 -58.29 16.43
N ARG L 2962 -30.30 -58.99 16.62
CA ARG L 2962 -30.42 -60.45 16.49
C ARG L 2962 -30.64 -60.95 15.06
N SER L 2963 -30.60 -60.08 14.05
CA SER L 2963 -30.87 -60.40 12.64
C SER L 2963 -32.30 -60.88 12.32
N ASP L 2964 -33.29 -60.64 13.16
CA ASP L 2964 -34.71 -60.77 12.79
C ASP L 2964 -35.16 -59.55 11.99
N TYR L 2965 -34.62 -59.39 10.78
CA TYR L 2965 -35.00 -58.26 9.92
C TYR L 2965 -36.49 -58.25 9.61
N SER L 2966 -37.16 -59.41 9.58
CA SER L 2966 -38.61 -59.45 9.39
C SER L 2966 -39.36 -58.88 10.58
N GLU L 2967 -38.99 -59.26 11.81
CA GLU L 2967 -39.59 -58.66 13.00
C GLU L 2967 -39.25 -57.18 13.09
N ALA L 2968 -38.01 -56.78 12.85
CA ALA L 2968 -37.64 -55.37 12.83
C ALA L 2968 -38.43 -54.61 11.76
N ALA L 2969 -38.64 -55.15 10.56
CA ALA L 2969 -39.47 -54.47 9.56
C ALA L 2969 -40.91 -54.24 10.04
N LYS L 2970 -41.52 -55.20 10.75
CA LYS L 2970 -42.83 -55.00 11.38
C LYS L 2970 -42.81 -53.90 12.44
N GLN L 2971 -41.81 -53.85 13.31
CA GLN L 2971 -41.76 -52.84 14.37
C GLN L 2971 -41.66 -51.42 13.81
N TYR L 2972 -40.78 -51.14 12.85
CA TYR L 2972 -40.73 -49.80 12.24
C TYR L 2972 -42.00 -49.45 11.48
N ASP L 2973 -42.62 -50.42 10.83
CA ASP L 2973 -43.87 -50.21 10.12
C ASP L 2973 -44.96 -49.73 11.07
N GLU L 2974 -45.15 -50.38 12.21
CA GLU L 2974 -46.15 -49.89 13.16
C GLU L 2974 -45.75 -48.57 13.82
N ALA L 2975 -44.46 -48.24 13.95
CA ALA L 2975 -44.05 -46.92 14.44
C ALA L 2975 -44.51 -45.79 13.52
N LEU L 2976 -44.44 -46.00 12.21
CA LEU L 2976 -44.90 -45.04 11.22
C LEU L 2976 -46.43 -45.04 11.10
N ASN L 2977 -47.10 -46.16 11.35
CA ASN L 2977 -48.56 -46.22 11.33
C ASN L 2977 -49.26 -45.71 12.59
N LYS L 2978 -48.62 -45.73 13.78
CA LYS L 2978 -49.21 -45.26 15.04
C LYS L 2978 -49.59 -43.78 15.00
N GLN L 2979 -50.89 -43.49 14.99
CA GLN L 2979 -51.41 -42.20 14.57
C GLN L 2979 -51.53 -41.12 15.67
N ASP L 2980 -51.58 -41.50 16.96
CA ASP L 2980 -51.51 -40.54 18.06
C ASP L 2980 -50.77 -41.10 19.29
N TRP L 2981 -50.06 -40.21 19.99
CA TRP L 2981 -49.05 -40.53 20.98
C TRP L 2981 -49.36 -39.89 22.32
N VAL L 2982 -49.43 -40.71 23.37
CA VAL L 2982 -49.22 -40.22 24.74
C VAL L 2982 -47.78 -39.72 24.86
N ASP L 2983 -47.54 -38.66 25.62
CA ASP L 2983 -46.28 -37.90 25.64
C ASP L 2983 -45.87 -37.21 24.32
N GLY L 2984 -46.77 -37.15 23.34
CA GLY L 2984 -46.60 -36.40 22.11
C GLY L 2984 -45.78 -37.09 21.01
N GLU L 2985 -45.90 -36.61 19.79
CA GLU L 2985 -45.36 -37.25 18.58
C GLU L 2985 -43.83 -37.38 18.53
N PRO L 2986 -43.29 -38.40 17.85
CA PRO L 2986 -41.87 -38.48 17.51
C PRO L 2986 -41.44 -37.32 16.60
N THR L 2987 -40.15 -37.06 16.55
CA THR L 2987 -39.55 -36.01 15.72
C THR L 2987 -39.50 -36.38 14.23
N GLU L 2988 -39.31 -35.38 13.37
CA GLU L 2988 -38.91 -35.64 11.97
C GLU L 2988 -37.60 -36.44 11.89
N ALA L 2989 -36.68 -36.20 12.82
CA ALA L 2989 -35.43 -36.92 12.86
C ALA L 2989 -35.66 -38.43 13.09
N GLU L 2990 -36.48 -38.83 14.05
CA GLU L 2990 -36.81 -40.24 14.28
C GLU L 2990 -37.68 -40.83 13.18
N LYS L 2991 -38.68 -40.10 12.69
CA LYS L 2991 -39.54 -40.61 11.61
C LYS L 2991 -38.71 -40.92 10.38
N ASP L 2992 -37.76 -40.05 10.05
CA ASP L 2992 -36.80 -40.31 8.98
C ASP L 2992 -35.86 -41.47 9.31
N PHE L 2993 -35.40 -41.60 10.54
CA PHE L 2993 -34.60 -42.74 10.95
C PHE L 2993 -35.36 -44.06 10.75
N TRP L 2994 -36.61 -44.16 11.16
CA TRP L 2994 -37.42 -45.36 10.94
C TRP L 2994 -37.64 -45.63 9.47
N GLU L 2995 -37.83 -44.59 8.66
CA GLU L 2995 -37.97 -44.76 7.23
C GLU L 2995 -36.71 -45.38 6.63
N LEU L 2996 -35.53 -44.81 6.90
CA LEU L 2996 -34.27 -45.34 6.40
C LEU L 2996 -33.96 -46.73 6.94
N ALA L 2997 -34.14 -46.96 8.24
CA ALA L 2997 -33.86 -48.26 8.80
C ALA L 2997 -34.79 -49.34 8.25
N SER L 2998 -36.07 -49.05 8.02
CA SER L 2998 -36.99 -50.03 7.44
C SER L 2998 -36.72 -50.28 5.96
N LEU L 2999 -36.42 -49.26 5.15
CA LEU L 2999 -35.92 -49.47 3.80
C LEU L 2999 -34.77 -50.47 3.79
N ASP L 3000 -33.83 -50.34 4.72
CA ASP L 3000 -32.72 -51.25 4.79
C ASP L 3000 -33.12 -52.67 5.21
N CYS L 3001 -34.09 -52.83 6.12
CA CYS L 3001 -34.57 -54.15 6.50
C CYS L 3001 -35.10 -54.92 5.30
N TYR L 3002 -35.99 -54.35 4.50
CA TYR L 3002 -36.47 -55.01 3.30
C TYR L 3002 -35.36 -55.38 2.32
N ASN L 3003 -34.19 -54.75 2.41
CA ASN L 3003 -33.02 -55.03 1.59
C ASN L 3003 -32.12 -56.13 2.17
N HIS L 3004 -32.16 -56.42 3.48
CA HIS L 3004 -31.53 -57.60 4.09
C HIS L 3004 -32.42 -58.83 3.97
N LEU L 3005 -33.72 -58.63 4.09
CA LEU L 3005 -34.71 -59.50 3.45
C LEU L 3005 -34.51 -59.43 1.93
N ALA L 3006 -35.26 -60.15 1.11
CA ALA L 3006 -35.23 -59.95 -0.36
C ALA L 3006 -36.57 -59.50 -0.93
N GLU L 3007 -37.28 -58.64 -0.21
CA GLU L 3007 -38.67 -58.32 -0.51
C GLU L 3007 -38.82 -57.26 -1.60
N TRP L 3008 -38.31 -57.52 -2.80
CA TRP L 3008 -38.13 -56.51 -3.85
C TRP L 3008 -39.38 -55.72 -4.19
N LYS L 3009 -40.55 -56.36 -4.29
CA LYS L 3009 -41.81 -55.65 -4.56
C LYS L 3009 -42.18 -54.70 -3.43
N SER L 3010 -41.96 -55.09 -2.18
CA SER L 3010 -42.21 -54.21 -1.03
C SER L 3010 -41.24 -53.02 -0.98
N LEU L 3011 -39.97 -53.27 -1.28
CA LEU L 3011 -38.90 -52.26 -1.31
C LEU L 3011 -39.09 -51.27 -2.46
N GLU L 3012 -39.45 -51.77 -3.63
CA GLU L 3012 -39.81 -50.93 -4.78
C GLU L 3012 -41.04 -50.07 -4.48
N TYR L 3013 -42.09 -50.64 -3.90
CA TYR L 3013 -43.25 -49.88 -3.46
C TYR L 3013 -42.83 -48.80 -2.46
N CYS L 3014 -42.12 -49.18 -1.40
CA CYS L 3014 -41.77 -48.27 -0.34
C CYS L 3014 -40.87 -47.14 -0.81
N SER L 3015 -39.85 -47.45 -1.61
CA SER L 3015 -38.92 -46.45 -2.13
C SER L 3015 -39.58 -45.48 -3.12
N THR L 3016 -40.76 -45.79 -3.67
CA THR L 3016 -41.51 -44.89 -4.56
C THR L 3016 -42.74 -44.28 -3.92
N ALA L 3017 -43.27 -44.83 -2.84
CA ALA L 3017 -44.53 -44.37 -2.24
C ALA L 3017 -44.45 -42.99 -1.60
N SER L 3018 -43.32 -42.62 -1.00
CA SER L 3018 -43.20 -41.41 -0.19
C SER L 3018 -42.90 -40.13 -0.97
N ILE L 3019 -42.60 -40.22 -2.27
CA ILE L 3019 -42.11 -39.09 -3.07
C ILE L 3019 -43.26 -38.29 -3.72
N ASP L 3020 -44.38 -38.94 -4.05
CA ASP L 3020 -45.45 -38.33 -4.84
C ASP L 3020 -46.88 -38.81 -4.47
N SER L 3021 -47.86 -37.94 -4.68
CA SER L 3021 -49.26 -38.12 -4.27
C SER L 3021 -50.16 -38.78 -5.35
N GLU L 3022 -49.63 -39.07 -6.54
CA GLU L 3022 -50.33 -39.90 -7.55
C GLU L 3022 -50.56 -41.35 -7.10
N ASN L 3023 -51.44 -42.09 -7.79
CA ASN L 3023 -51.54 -43.54 -7.65
C ASN L 3023 -50.29 -44.24 -8.22
N PRO L 3024 -49.93 -44.10 -9.51
CA PRO L 3024 -48.60 -44.42 -10.00
C PRO L 3024 -47.68 -43.21 -9.73
N PRO L 3025 -46.83 -43.23 -8.68
CA PRO L 3025 -46.08 -42.05 -8.27
C PRO L 3025 -45.12 -41.61 -9.37
N ASP L 3026 -44.99 -40.32 -9.61
CA ASP L 3026 -44.08 -39.80 -10.62
C ASP L 3026 -42.62 -39.85 -10.13
N LEU L 3027 -41.89 -40.86 -10.58
CA LEU L 3027 -40.48 -41.07 -10.26
C LEU L 3027 -39.65 -39.82 -10.53
N ASN L 3028 -40.02 -39.01 -11.52
CA ASN L 3028 -39.27 -37.80 -11.87
C ASN L 3028 -39.23 -36.78 -10.73
N LYS L 3029 -40.07 -36.90 -9.70
CA LYS L 3029 -40.01 -36.02 -8.53
C LYS L 3029 -38.77 -36.25 -7.68
N ILE L 3030 -38.09 -37.41 -7.74
CA ILE L 3030 -36.99 -37.78 -6.81
C ILE L 3030 -35.93 -36.70 -6.66
N TRP L 3031 -35.66 -35.91 -7.69
CA TRP L 3031 -34.70 -34.81 -7.68
C TRP L 3031 -35.17 -33.55 -6.92
N SER L 3032 -36.36 -33.54 -6.33
CA SER L 3032 -37.01 -32.34 -5.78
C SER L 3032 -36.34 -31.75 -4.54
N GLU L 3033 -35.73 -32.55 -3.68
CA GLU L 3033 -34.93 -32.08 -2.55
C GLU L 3033 -33.84 -33.08 -2.18
N PRO L 3034 -32.73 -32.62 -1.57
CA PRO L 3034 -31.57 -33.47 -1.31
C PRO L 3034 -31.83 -34.67 -0.42
N PHE L 3035 -32.91 -34.70 0.36
CA PHE L 3035 -33.27 -35.89 1.12
C PHE L 3035 -33.53 -37.08 0.19
N TYR L 3036 -34.52 -36.99 -0.70
CA TYR L 3036 -34.89 -38.10 -1.57
C TYR L 3036 -33.71 -38.62 -2.41
N GLN L 3037 -32.91 -37.72 -2.95
CA GLN L 3037 -31.72 -38.03 -3.71
C GLN L 3037 -30.64 -38.74 -2.87
N GLU L 3038 -30.53 -38.43 -1.58
CA GLU L 3038 -29.64 -39.12 -0.65
C GLU L 3038 -30.19 -40.48 -0.23
N THR L 3039 -31.41 -40.52 0.30
CA THR L 3039 -31.96 -41.67 1.03
C THR L 3039 -32.74 -42.63 0.15
N TYR L 3040 -33.61 -42.13 -0.72
CA TYR L 3040 -34.56 -42.96 -1.46
C TYR L 3040 -33.99 -43.47 -2.77
N LEU L 3041 -33.35 -42.60 -3.54
CA LEU L 3041 -32.76 -42.94 -4.83
C LEU L 3041 -31.93 -44.21 -4.81
N PRO L 3042 -30.96 -44.45 -3.90
CA PRO L 3042 -30.15 -45.66 -3.96
C PRO L 3042 -30.97 -46.93 -3.90
N TYR L 3043 -31.93 -47.03 -2.97
CA TYR L 3043 -32.80 -48.21 -2.86
C TYR L 3043 -33.83 -48.32 -3.96
N MET L 3044 -34.30 -47.18 -4.47
CA MET L 3044 -35.27 -47.15 -5.54
C MET L 3044 -34.68 -47.77 -6.80
N ILE L 3045 -33.54 -47.29 -7.30
CA ILE L 3045 -32.92 -47.86 -8.49
C ILE L 3045 -32.55 -49.32 -8.30
N ARG L 3046 -32.02 -49.72 -7.13
CA ARG L 3046 -31.72 -51.11 -6.83
C ARG L 3046 -32.95 -52.01 -6.98
N SER L 3047 -34.06 -51.62 -6.38
CA SER L 3047 -35.26 -52.45 -6.39
C SER L 3047 -35.97 -52.50 -7.72
N LYS L 3048 -36.11 -51.39 -8.45
CA LYS L 3048 -36.58 -51.46 -9.84
C LYS L 3048 -35.72 -52.44 -10.63
N LEU L 3049 -34.41 -52.32 -10.54
CA LEU L 3049 -33.48 -53.14 -11.32
C LEU L 3049 -33.59 -54.61 -10.93
N LYS L 3050 -33.69 -54.95 -9.65
CA LYS L 3050 -33.89 -56.33 -9.21
C LYS L 3050 -35.14 -56.93 -9.81
N LEU L 3051 -36.26 -56.21 -9.84
CA LEU L 3051 -37.47 -56.75 -10.43
C LEU L 3051 -37.31 -57.02 -11.92
N LEU L 3052 -36.58 -56.21 -12.68
CA LEU L 3052 -36.42 -56.43 -14.12
C LEU L 3052 -35.78 -57.78 -14.43
N LEU L 3053 -34.69 -58.08 -13.70
CA LEU L 3053 -33.82 -59.24 -13.83
C LEU L 3053 -34.50 -60.55 -13.50
N GLN L 3054 -35.48 -60.56 -12.59
CA GLN L 3054 -36.33 -61.73 -12.33
C GLN L 3054 -37.67 -61.68 -13.08
N GLY L 3055 -37.75 -60.90 -14.16
CA GLY L 3055 -38.70 -61.07 -15.24
C GLY L 3055 -39.91 -60.13 -15.26
N GLU L 3056 -40.03 -59.17 -14.35
CA GLU L 3056 -41.17 -58.26 -14.36
C GLU L 3056 -40.94 -57.07 -15.32
N ALA L 3057 -41.74 -56.96 -16.38
CA ALA L 3057 -41.41 -56.20 -17.58
C ALA L 3057 -41.61 -54.67 -17.56
N ASP L 3058 -41.69 -54.03 -16.40
CA ASP L 3058 -42.00 -52.60 -16.26
C ASP L 3058 -41.01 -51.68 -16.98
N GLN L 3059 -41.49 -50.70 -17.75
CA GLN L 3059 -40.65 -49.71 -18.45
C GLN L 3059 -40.35 -48.46 -17.61
N SER L 3060 -40.71 -48.49 -16.33
CA SER L 3060 -40.62 -47.31 -15.46
C SER L 3060 -39.19 -46.86 -15.24
N LEU L 3061 -38.27 -47.76 -14.87
CA LEU L 3061 -36.91 -47.37 -14.58
C LEU L 3061 -36.18 -46.90 -15.82
N LEU L 3062 -36.31 -47.61 -16.93
CA LEU L 3062 -35.62 -47.26 -18.14
C LEU L 3062 -36.06 -45.87 -18.65
N THR L 3063 -37.34 -45.54 -18.58
CA THR L 3063 -37.79 -44.18 -18.91
C THR L 3063 -37.35 -43.15 -17.87
N PHE L 3064 -37.32 -43.48 -16.58
CA PHE L 3064 -36.78 -42.56 -15.56
C PHE L 3064 -35.33 -42.20 -15.82
N ILE L 3065 -34.47 -43.18 -16.08
CA ILE L 3065 -33.06 -42.93 -16.37
C ILE L 3065 -32.89 -42.20 -17.70
N ASP L 3066 -33.67 -42.53 -18.72
CA ASP L 3066 -33.63 -41.78 -19.98
C ASP L 3066 -33.93 -40.30 -19.77
N LYS L 3067 -34.95 -39.96 -18.98
CA LYS L 3067 -35.21 -38.57 -18.61
C LYS L 3067 -34.05 -37.99 -17.82
N ALA L 3068 -33.57 -38.67 -16.79
CA ALA L 3068 -32.48 -38.14 -15.97
C ALA L 3068 -31.24 -37.78 -16.79
N MET L 3069 -30.85 -38.61 -17.75
CA MET L 3069 -29.67 -38.37 -18.58
C MET L 3069 -29.74 -37.11 -19.47
N HIS L 3070 -30.85 -36.38 -19.49
CA HIS L 3070 -30.96 -35.07 -20.11
C HIS L 3070 -30.26 -33.95 -19.30
N GLY L 3071 -30.18 -34.08 -17.97
CA GLY L 3071 -29.63 -33.02 -17.11
C GLY L 3071 -28.19 -33.29 -16.68
N GLU L 3072 -27.30 -32.31 -16.73
CA GLU L 3072 -25.86 -32.55 -16.49
C GLU L 3072 -25.54 -32.96 -15.05
N LEU L 3073 -26.20 -32.37 -14.04
CA LEU L 3073 -26.02 -32.81 -12.65
C LEU L 3073 -26.56 -34.21 -12.42
N GLN L 3074 -27.76 -34.52 -12.92
CA GLN L 3074 -28.38 -35.83 -12.74
C GLN L 3074 -27.55 -36.91 -13.45
N LYS L 3075 -27.04 -36.63 -14.63
CA LYS L 3075 -26.07 -37.49 -15.32
C LYS L 3075 -24.85 -37.73 -14.45
N ALA L 3076 -24.27 -36.68 -13.86
CA ALA L 3076 -23.09 -36.80 -13.03
C ALA L 3076 -23.34 -37.57 -11.73
N ILE L 3077 -24.53 -37.49 -11.11
CA ILE L 3077 -24.92 -38.38 -10.01
C ILE L 3077 -24.94 -39.83 -10.50
N LEU L 3078 -25.69 -40.13 -11.57
CA LEU L 3078 -25.92 -41.49 -12.00
C LEU L 3078 -24.63 -42.18 -12.41
N GLU L 3079 -23.87 -41.62 -13.34
CA GLU L 3079 -22.72 -42.34 -13.89
C GLU L 3079 -21.53 -42.39 -12.93
N LEU L 3080 -21.62 -41.74 -11.77
CA LEU L 3080 -20.59 -41.80 -10.73
C LEU L 3080 -20.93 -42.81 -9.65
N HIS L 3081 -22.17 -42.84 -9.16
CA HIS L 3081 -22.58 -43.73 -8.07
C HIS L 3081 -23.24 -45.04 -8.51
N TYR L 3082 -23.89 -45.10 -9.68
CA TYR L 3082 -24.75 -46.21 -10.06
C TYR L 3082 -24.29 -46.95 -11.32
N SER L 3083 -23.03 -46.83 -11.70
CA SER L 3083 -22.53 -47.45 -12.94
C SER L 3083 -22.56 -48.98 -12.95
N GLN L 3084 -22.72 -49.68 -11.83
CA GLN L 3084 -23.14 -51.08 -11.88
C GLN L 3084 -24.56 -51.19 -12.40
N GLU L 3085 -25.55 -50.62 -11.72
CA GLU L 3085 -26.95 -50.76 -12.08
C GLU L 3085 -27.21 -50.30 -13.51
N LEU L 3086 -26.63 -49.18 -13.92
CA LEU L 3086 -26.75 -48.70 -15.27
C LEU L 3086 -26.16 -49.68 -16.28
N SER L 3087 -25.01 -50.28 -16.02
CA SER L 3087 -24.43 -51.23 -16.97
C SER L 3087 -25.22 -52.52 -17.09
N LEU L 3088 -25.99 -52.90 -16.08
CA LEU L 3088 -26.94 -54.01 -16.17
C LEU L 3088 -28.19 -53.59 -16.93
N LEU L 3089 -28.66 -52.37 -16.70
CA LEU L 3089 -29.86 -51.89 -17.35
C LEU L 3089 -29.70 -51.85 -18.87
N TYR L 3090 -28.65 -51.23 -19.40
CA TYR L 3090 -28.43 -51.25 -20.84
C TYR L 3090 -28.12 -52.63 -21.40
N LEU L 3091 -27.67 -53.56 -20.58
CA LEU L 3091 -27.41 -54.92 -21.00
C LEU L 3091 -28.68 -55.76 -21.02
N LEU L 3092 -29.66 -55.49 -20.17
CA LEU L 3092 -31.01 -56.01 -20.33
C LEU L 3092 -31.61 -55.60 -21.67
N GLN L 3093 -31.18 -54.49 -22.26
CA GLN L 3093 -31.61 -54.02 -23.58
C GLN L 3093 -30.76 -54.53 -24.76
N ASP L 3094 -29.76 -55.38 -24.52
CA ASP L 3094 -28.74 -55.77 -25.50
C ASP L 3094 -27.88 -54.63 -26.06
N ASP L 3095 -27.79 -53.46 -25.41
CA ASP L 3095 -26.79 -52.45 -25.76
C ASP L 3095 -25.43 -52.84 -25.19
N VAL L 3096 -24.82 -53.93 -25.67
CA VAL L 3096 -23.50 -54.33 -25.18
C VAL L 3096 -22.49 -53.22 -25.32
N ASP L 3097 -22.63 -52.30 -26.26
CA ASP L 3097 -21.76 -51.14 -26.34
C ASP L 3097 -21.92 -50.17 -25.17
N ARG L 3098 -23.14 -49.86 -24.72
CA ARG L 3098 -23.31 -49.00 -23.54
C ARG L 3098 -23.00 -49.74 -22.26
N ALA L 3099 -23.24 -51.04 -22.19
CA ALA L 3099 -22.72 -51.86 -21.11
C ALA L 3099 -21.20 -51.84 -21.06
N LYS L 3100 -20.47 -51.98 -22.18
CA LYS L 3100 -19.00 -51.81 -22.23
C LYS L 3100 -18.58 -50.47 -21.68
N TYR L 3101 -19.30 -49.40 -22.00
CA TYR L 3101 -18.96 -48.09 -21.47
C TYR L 3101 -19.19 -47.97 -19.98
N TYR L 3102 -20.40 -48.18 -19.48
CA TYR L 3102 -20.68 -47.97 -18.08
C TYR L 3102 -19.90 -48.91 -17.18
N ILE L 3103 -19.63 -50.15 -17.58
CA ILE L 3103 -18.84 -51.03 -16.73
C ILE L 3103 -17.39 -50.61 -16.65
N GLN L 3104 -16.77 -50.18 -17.75
CA GLN L 3104 -15.40 -49.68 -17.71
C GLN L 3104 -15.28 -48.44 -16.84
N ASN L 3105 -16.24 -47.53 -16.93
CA ASN L 3105 -16.33 -46.38 -16.06
C ASN L 3105 -16.61 -46.77 -14.59
N GLY L 3106 -17.26 -47.91 -14.35
CA GLY L 3106 -17.39 -48.51 -13.03
C GLY L 3106 -16.05 -48.96 -12.47
N ILE L 3107 -15.19 -49.59 -13.25
CA ILE L 3107 -13.83 -49.94 -12.83
C ILE L 3107 -13.00 -48.69 -12.54
N GLN L 3108 -13.03 -47.67 -13.39
CA GLN L 3108 -12.23 -46.47 -13.14
C GLN L 3108 -12.68 -45.70 -11.91
N SER L 3109 -13.97 -45.57 -11.67
CA SER L 3109 -14.49 -44.89 -10.48
C SER L 3109 -14.33 -45.71 -9.21
N PHE L 3110 -14.24 -47.04 -9.28
CA PHE L 3110 -13.81 -47.86 -8.16
C PHE L 3110 -12.38 -47.52 -7.75
N MET L 3111 -11.44 -47.49 -8.69
CA MET L 3111 -10.03 -47.29 -8.35
C MET L 3111 -9.77 -45.96 -7.69
N GLN L 3112 -10.40 -44.88 -8.18
CA GLN L 3112 -10.30 -43.56 -7.60
C GLN L 3112 -10.75 -43.61 -6.14
N ASN L 3113 -11.95 -44.09 -5.86
CA ASN L 3113 -12.44 -44.07 -4.48
C ASN L 3113 -11.64 -44.99 -3.61
N TYR L 3114 -11.33 -46.21 -4.02
CA TYR L 3114 -10.53 -47.13 -3.23
C TYR L 3114 -9.15 -46.58 -2.89
N SER L 3115 -8.41 -46.08 -3.87
CA SER L 3115 -7.10 -45.48 -3.64
C SER L 3115 -7.19 -44.28 -2.70
N SER L 3116 -8.27 -43.51 -2.73
CA SER L 3116 -8.43 -42.35 -1.88
C SER L 3116 -8.82 -42.67 -0.43
N ILE L 3117 -9.44 -43.82 -0.10
CA ILE L 3117 -9.74 -44.18 1.28
C ILE L 3117 -8.43 -44.43 2.04
N ASP L 3118 -8.21 -43.70 3.11
CA ASP L 3118 -6.97 -43.69 3.87
C ASP L 3118 -6.72 -45.02 4.61
N VAL L 3119 -5.46 -45.45 4.72
CA VAL L 3119 -5.10 -46.87 4.93
C VAL L 3119 -5.62 -47.45 6.24
N LEU L 3120 -5.78 -46.64 7.28
CA LEU L 3120 -6.22 -47.09 8.59
C LEU L 3120 -7.69 -47.54 8.63
N LEU L 3121 -8.52 -47.12 7.69
CA LEU L 3121 -9.95 -47.46 7.64
C LEU L 3121 -10.20 -48.87 7.09
N HIS L 3122 -9.85 -49.89 7.84
CA HIS L 3122 -9.96 -51.28 7.41
C HIS L 3122 -11.39 -51.67 7.05
N GLN L 3123 -12.40 -51.33 7.86
CA GLN L 3123 -13.79 -51.60 7.50
C GLN L 3123 -14.24 -50.87 6.23
N SER L 3124 -13.80 -49.63 6.01
CA SER L 3124 -14.17 -48.92 4.80
C SER L 3124 -13.54 -49.56 3.57
N ARG L 3125 -12.23 -49.84 3.59
CA ARG L 3125 -11.54 -50.49 2.47
C ARG L 3125 -12.09 -51.88 2.22
N LEU L 3126 -12.34 -52.66 3.26
CA LEU L 3126 -12.99 -53.96 3.16
C LEU L 3126 -14.37 -53.88 2.52
N THR L 3127 -15.21 -52.92 2.90
CA THR L 3127 -16.52 -52.76 2.26
C THR L 3127 -16.44 -52.18 0.86
N LYS L 3128 -15.34 -51.58 0.41
CA LYS L 3128 -15.13 -51.33 -1.03
C LYS L 3128 -14.82 -52.59 -1.80
N LEU L 3129 -13.99 -53.50 -1.28
CA LEU L 3129 -13.60 -54.70 -2.01
C LEU L 3129 -14.81 -55.55 -2.40
N GLN L 3130 -15.88 -55.57 -1.62
CA GLN L 3130 -17.06 -56.37 -1.94
C GLN L 3130 -17.63 -56.11 -3.33
N SER L 3131 -17.52 -54.91 -3.87
CA SER L 3131 -17.99 -54.58 -5.21
C SER L 3131 -17.16 -55.22 -6.34
N VAL L 3132 -15.91 -55.62 -6.08
CA VAL L 3132 -14.96 -55.96 -7.16
C VAL L 3132 -15.29 -57.28 -7.83
N GLN L 3133 -15.90 -58.21 -7.10
CA GLN L 3133 -16.40 -59.41 -7.73
C GLN L 3133 -17.56 -59.11 -8.66
N ALA L 3134 -18.54 -58.31 -8.24
CA ALA L 3134 -19.71 -58.01 -9.05
C ALA L 3134 -19.33 -57.39 -10.38
N LEU L 3135 -18.52 -56.35 -10.39
CA LEU L 3135 -18.04 -55.73 -11.62
C LEU L 3135 -17.38 -56.75 -12.55
N THR L 3136 -16.65 -57.70 -12.00
CA THR L 3136 -15.93 -58.70 -12.80
C THR L 3136 -16.85 -59.77 -13.37
N GLU L 3137 -17.94 -60.15 -12.73
CA GLU L 3137 -18.94 -61.02 -13.36
C GLU L 3137 -19.51 -60.33 -14.61
N ILE L 3138 -19.85 -59.04 -14.56
CA ILE L 3138 -20.35 -58.32 -15.75
C ILE L 3138 -19.28 -58.32 -16.85
N GLN L 3139 -18.07 -57.90 -16.52
CA GLN L 3139 -17.01 -57.75 -17.50
C GLN L 3139 -16.66 -59.06 -18.18
N GLU L 3140 -16.61 -60.20 -17.48
CA GLU L 3140 -16.37 -61.49 -18.13
C GLU L 3140 -17.47 -61.86 -19.09
N PHE L 3141 -18.72 -61.60 -18.74
CA PHE L 3141 -19.81 -61.94 -19.61
C PHE L 3141 -19.87 -61.07 -20.87
N ILE L 3142 -19.60 -59.77 -20.75
CA ILE L 3142 -19.51 -58.85 -21.90
C ILE L 3142 -18.41 -59.29 -22.85
N SER L 3143 -17.30 -59.82 -22.33
CA SER L 3143 -16.29 -60.47 -23.16
C SER L 3143 -16.87 -61.69 -23.86
N PHE L 3144 -17.41 -62.65 -23.10
CA PHE L 3144 -17.93 -63.91 -23.63
C PHE L 3144 -18.97 -63.72 -24.72
N ILE L 3145 -20.02 -62.91 -24.50
CA ILE L 3145 -21.07 -62.64 -25.48
C ILE L 3145 -20.58 -61.98 -26.76
N SER L 3146 -19.47 -61.26 -26.72
CA SER L 3146 -18.91 -60.65 -27.93
C SER L 3146 -18.22 -61.66 -28.86
N LYS L 3147 -17.77 -62.80 -28.33
CA LYS L 3147 -16.86 -63.71 -29.05
C LYS L 3147 -17.59 -64.72 -29.93
N GLN L 3148 -17.37 -64.65 -31.23
CA GLN L 3148 -17.94 -65.49 -32.27
C GLN L 3148 -17.59 -66.99 -32.11
N GLY L 3149 -16.34 -67.29 -31.76
CA GLY L 3149 -15.88 -68.67 -31.53
C GLY L 3149 -16.41 -69.26 -30.24
N ASN L 3150 -16.65 -68.44 -29.21
CA ASN L 3150 -17.16 -68.91 -27.93
C ASN L 3150 -18.67 -69.22 -27.95
N LEU L 3151 -19.44 -68.38 -28.64
CA LEU L 3151 -20.89 -68.47 -28.66
C LEU L 3151 -21.44 -69.62 -29.52
N SER L 3152 -20.69 -70.11 -30.52
CA SER L 3152 -21.23 -70.97 -31.58
C SER L 3152 -21.81 -72.31 -31.09
N SER L 3153 -21.03 -72.92 -30.18
CA SER L 3153 -21.10 -74.28 -29.60
C SER L 3153 -20.85 -74.32 -28.08
N GLN L 3154 -21.08 -75.48 -27.45
CA GLN L 3154 -20.97 -75.69 -25.99
C GLN L 3154 -19.57 -75.57 -25.36
N VAL L 3155 -18.48 -75.77 -26.11
CA VAL L 3155 -17.18 -76.12 -25.53
C VAL L 3155 -16.66 -75.16 -24.43
N PRO L 3156 -16.46 -73.85 -24.68
CA PRO L 3156 -16.00 -72.93 -23.64
C PRO L 3156 -17.11 -72.50 -22.68
N LEU L 3157 -18.39 -72.71 -22.99
CA LEU L 3157 -19.47 -72.47 -22.03
C LEU L 3157 -19.31 -73.42 -20.85
N LYS L 3158 -18.97 -74.70 -21.04
CA LYS L 3158 -18.71 -75.59 -19.89
C LYS L 3158 -17.59 -75.03 -19.02
N ARG L 3159 -16.51 -74.52 -19.63
CA ARG L 3159 -15.38 -73.93 -18.92
C ARG L 3159 -15.78 -72.69 -18.11
N LEU L 3160 -16.60 -71.80 -18.65
CA LEU L 3160 -17.14 -70.66 -17.90
C LEU L 3160 -17.97 -71.14 -16.70
N LEU L 3161 -18.91 -72.05 -16.94
CA LEU L 3161 -19.80 -72.62 -15.94
C LEU L 3161 -19.04 -73.27 -14.79
N ASN L 3162 -17.94 -73.94 -15.10
CA ASN L 3162 -17.04 -74.50 -14.10
C ASN L 3162 -16.55 -73.41 -13.14
N THR L 3163 -15.92 -72.35 -13.65
CA THR L 3163 -15.30 -71.34 -12.76
C THR L 3163 -16.33 -70.64 -11.89
N TRP L 3164 -17.49 -70.29 -12.42
CA TRP L 3164 -18.51 -69.64 -11.62
C TRP L 3164 -19.00 -70.56 -10.51
N THR L 3165 -19.05 -71.87 -10.74
CA THR L 3165 -19.48 -72.84 -9.72
C THR L 3165 -18.60 -72.88 -8.48
N ASN L 3166 -17.38 -72.34 -8.49
CA ASN L 3166 -16.51 -72.26 -7.32
C ASN L 3166 -15.75 -70.91 -7.16
N ARG L 3167 -16.44 -69.80 -7.42
CA ARG L 3167 -15.95 -68.43 -7.21
C ARG L 3167 -16.92 -67.66 -6.34
N TYR L 3168 -17.04 -67.98 -5.07
CA TYR L 3168 -17.98 -67.28 -4.19
C TYR L 3168 -17.35 -66.08 -3.45
N PRO L 3169 -18.15 -65.15 -2.90
CA PRO L 3169 -17.66 -64.23 -1.90
C PRO L 3169 -17.34 -64.94 -0.57
N ASP L 3170 -16.96 -64.24 0.50
CA ASP L 3170 -16.62 -64.89 1.76
C ASP L 3170 -17.87 -65.23 2.57
N ALA L 3171 -18.28 -66.49 2.60
CA ALA L 3171 -19.49 -66.93 3.29
C ALA L 3171 -19.53 -66.65 4.80
N LYS L 3172 -18.38 -66.44 5.45
CA LYS L 3172 -18.30 -66.10 6.88
C LYS L 3172 -18.35 -64.60 7.14
N MET L 3173 -18.06 -63.76 6.15
CA MET L 3173 -17.80 -62.33 6.35
C MET L 3173 -18.65 -61.42 5.47
N ASP L 3174 -18.74 -61.69 4.16
CA ASP L 3174 -19.42 -60.79 3.23
C ASP L 3174 -20.95 -60.85 3.44
N PRO L 3175 -21.67 -59.72 3.59
CA PRO L 3175 -23.08 -59.72 3.97
C PRO L 3175 -24.00 -60.16 2.84
N MET L 3176 -25.24 -60.48 3.14
CA MET L 3176 -26.11 -61.09 2.12
C MET L 3176 -26.50 -60.17 0.99
N ASN L 3177 -26.54 -58.87 1.16
CA ASN L 3177 -26.86 -57.97 0.06
C ASN L 3177 -25.79 -57.93 -1.04
N ILE L 3178 -24.53 -58.30 -0.78
CA ILE L 3178 -23.57 -58.55 -1.85
C ILE L 3178 -23.69 -59.98 -2.36
N TRP L 3179 -24.22 -60.91 -1.57
CA TRP L 3179 -24.38 -62.26 -2.04
C TRP L 3179 -25.48 -62.40 -3.08
N ASP L 3180 -26.67 -61.88 -2.83
CA ASP L 3180 -27.74 -61.95 -3.82
C ASP L 3180 -27.53 -61.01 -5.01
N ASP L 3181 -26.65 -60.01 -4.89
CA ASP L 3181 -26.11 -59.31 -6.04
C ASP L 3181 -25.38 -60.26 -6.97
N ILE L 3182 -24.42 -61.05 -6.47
CA ILE L 3182 -23.71 -62.00 -7.32
C ILE L 3182 -24.67 -63.00 -7.92
N ILE L 3183 -25.63 -63.51 -7.18
CA ILE L 3183 -26.41 -64.66 -7.64
C ILE L 3183 -27.61 -64.29 -8.48
N THR L 3184 -28.34 -63.21 -8.21
CA THR L 3184 -29.36 -62.75 -9.16
C THR L 3184 -28.72 -62.24 -10.45
N ASN L 3185 -27.46 -61.77 -10.45
CA ASN L 3185 -26.71 -61.51 -11.69
C ASN L 3185 -26.31 -62.77 -12.42
N ARG L 3186 -25.66 -63.74 -11.76
CA ARG L 3186 -25.26 -65.01 -12.38
C ARG L 3186 -26.48 -65.66 -13.04
N CYS L 3187 -27.58 -65.71 -12.33
CA CYS L 3187 -28.85 -66.20 -12.84
C CYS L 3187 -29.28 -65.51 -14.14
N PHE L 3188 -29.29 -64.18 -14.20
CA PHE L 3188 -29.61 -63.45 -15.42
C PHE L 3188 -28.67 -63.83 -16.56
N PHE L 3189 -27.36 -63.82 -16.36
CA PHE L 3189 -26.42 -64.18 -17.41
C PHE L 3189 -26.64 -65.59 -17.95
N LEU L 3190 -26.86 -66.57 -17.08
CA LEU L 3190 -27.12 -67.92 -17.54
C LEU L 3190 -28.38 -67.98 -18.40
N SER L 3191 -29.47 -67.31 -18.01
CA SER L 3191 -30.68 -67.25 -18.84
C SER L 3191 -30.45 -66.52 -20.18
N LYS L 3192 -29.60 -65.51 -20.22
CA LYS L 3192 -29.30 -64.77 -21.45
C LYS L 3192 -28.45 -65.62 -22.40
N ILE L 3193 -27.43 -66.32 -21.90
CA ILE L 3193 -26.62 -67.22 -22.72
C ILE L 3193 -27.48 -68.37 -23.24
N GLU L 3194 -28.38 -68.90 -22.41
CA GLU L 3194 -29.31 -69.97 -22.78
C GLU L 3194 -30.11 -69.58 -24.04
N GLU L 3195 -30.67 -68.38 -24.09
CA GLU L 3195 -31.35 -67.87 -25.27
C GLU L 3195 -30.39 -67.66 -26.43
N LYS L 3196 -29.25 -67.01 -26.23
CA LYS L 3196 -28.27 -66.72 -27.29
C LYS L 3196 -27.76 -67.99 -27.98
N LEU L 3197 -27.59 -69.05 -27.21
CA LEU L 3197 -27.16 -70.40 -27.62
C LEU L 3197 -28.35 -71.38 -27.60
N THR L 3198 -29.51 -70.95 -28.11
CA THR L 3198 -30.68 -71.83 -28.26
C THR L 3198 -30.45 -72.95 -29.29
N PRO L 3199 -30.13 -72.66 -30.58
CA PRO L 3199 -30.08 -73.73 -31.57
C PRO L 3199 -28.72 -74.45 -31.60
N ILE L 3227 -28.84 -75.71 -22.93
CA ILE L 3227 -28.13 -76.85 -22.38
C ILE L 3227 -28.65 -77.16 -20.96
N SER L 3228 -29.95 -77.35 -20.80
CA SER L 3228 -30.61 -77.37 -19.48
C SER L 3228 -30.01 -78.33 -18.47
N SER L 3229 -29.48 -79.48 -18.90
CA SER L 3229 -28.79 -80.44 -18.05
C SER L 3229 -27.49 -79.90 -17.44
N LEU L 3230 -26.74 -79.05 -18.16
CA LEU L 3230 -25.64 -78.24 -17.62
C LEU L 3230 -26.22 -77.12 -16.76
N ILE L 3231 -27.07 -76.26 -17.31
CA ILE L 3231 -27.45 -75.01 -16.67
C ILE L 3231 -28.15 -75.23 -15.32
N ARG L 3232 -29.11 -76.16 -15.23
CA ARG L 3232 -29.78 -76.44 -13.96
C ARG L 3232 -28.82 -76.89 -12.87
N SER L 3233 -27.82 -77.70 -13.19
CA SER L 3233 -26.84 -78.18 -12.21
C SER L 3233 -26.02 -77.05 -11.58
N CYS L 3234 -25.67 -76.05 -12.38
CA CYS L 3234 -24.96 -74.89 -11.89
C CYS L 3234 -25.91 -73.97 -11.12
N LYS L 3235 -27.02 -73.56 -11.73
CA LYS L 3235 -28.01 -72.68 -11.11
C LYS L 3235 -28.49 -73.22 -9.75
N PHE L 3236 -28.74 -74.51 -9.62
CA PHE L 3236 -29.13 -75.10 -8.34
C PHE L 3236 -27.99 -75.18 -7.33
N SER L 3237 -26.81 -75.66 -7.68
CA SER L 3237 -25.68 -75.75 -6.72
C SER L 3237 -25.17 -74.37 -6.29
N MET L 3238 -25.22 -73.39 -7.18
CA MET L 3238 -24.94 -72.00 -6.88
C MET L 3238 -25.95 -71.45 -5.88
N LYS L 3239 -27.25 -71.59 -6.14
CA LYS L 3239 -28.27 -71.14 -5.18
C LYS L 3239 -28.14 -71.90 -3.86
N MET L 3240 -27.88 -73.21 -3.80
CA MET L 3240 -27.63 -73.90 -2.51
C MET L 3240 -26.55 -73.25 -1.65
N LYS L 3241 -25.45 -72.76 -2.24
CA LYS L 3241 -24.39 -72.09 -1.46
C LYS L 3241 -24.89 -70.80 -0.79
N MET L 3242 -25.81 -70.06 -1.42
CA MET L 3242 -26.42 -68.88 -0.82
C MET L 3242 -27.27 -69.21 0.40
N ILE L 3243 -27.81 -70.42 0.47
CA ILE L 3243 -28.57 -70.87 1.64
C ILE L 3243 -27.65 -71.16 2.80
N ASP L 3244 -26.61 -71.95 2.63
CA ASP L 3244 -25.76 -72.29 3.76
C ASP L 3244 -25.00 -71.07 4.28
N SER L 3245 -24.56 -70.19 3.39
CA SER L 3245 -23.98 -68.92 3.82
C SER L 3245 -25.00 -68.03 4.51
N ALA L 3246 -26.27 -67.97 4.12
CA ALA L 3246 -27.30 -67.25 4.88
C ALA L 3246 -27.47 -67.82 6.30
N ARG L 3247 -27.47 -69.16 6.43
CA ARG L 3247 -27.45 -69.86 7.72
C ARG L 3247 -26.24 -69.46 8.56
N LYS L 3248 -25.01 -69.61 8.05
CA LYS L 3248 -23.80 -69.23 8.79
C LYS L 3248 -23.75 -67.75 9.15
N GLN L 3249 -24.30 -66.86 8.31
CA GLN L 3249 -24.58 -65.45 8.63
C GLN L 3249 -25.75 -65.23 9.61
N ASN L 3250 -26.42 -66.27 10.07
CA ASN L 3250 -27.58 -66.26 10.99
C ASN L 3250 -28.85 -65.55 10.49
N ASN L 3251 -28.95 -65.30 9.19
CA ASN L 3251 -30.06 -64.58 8.57
C ASN L 3251 -31.12 -65.58 8.11
N PHE L 3252 -32.05 -65.93 9.01
CA PHE L 3252 -32.97 -67.05 8.77
C PHE L 3252 -34.10 -66.82 7.78
N SER L 3253 -34.82 -65.72 7.83
CA SER L 3253 -36.00 -65.54 6.98
C SER L 3253 -35.63 -65.47 5.50
N LEU L 3254 -34.49 -64.86 5.15
CA LEU L 3254 -33.95 -64.93 3.79
C LEU L 3254 -33.64 -66.38 3.40
N ALA L 3255 -33.11 -67.17 4.33
CA ALA L 3255 -32.85 -68.55 4.07
C ALA L 3255 -34.15 -69.34 3.87
N MET L 3256 -35.18 -69.21 4.73
CA MET L 3256 -36.50 -69.82 4.50
C MET L 3256 -37.03 -69.53 3.10
N LYS L 3257 -37.00 -68.27 2.70
CA LYS L 3257 -37.57 -67.80 1.45
C LYS L 3257 -36.87 -68.43 0.24
N LEU L 3258 -35.55 -68.60 0.30
CA LEU L 3258 -34.79 -69.36 -0.68
C LEU L 3258 -35.14 -70.85 -0.64
N LEU L 3259 -35.30 -71.43 0.55
CA LEU L 3259 -35.52 -72.88 0.71
C LEU L 3259 -36.83 -73.32 0.07
N LYS L 3260 -37.90 -72.58 0.33
CA LYS L 3260 -39.24 -72.89 -0.19
C LYS L 3260 -39.31 -72.78 -1.70
N GLU L 3261 -38.56 -71.87 -2.32
CA GLU L 3261 -38.49 -71.76 -3.78
C GLU L 3261 -37.89 -73.01 -4.42
N LEU L 3262 -36.75 -73.49 -3.93
CA LEU L 3262 -36.05 -74.60 -4.55
C LEU L 3262 -36.68 -75.97 -4.28
N HIS L 3263 -37.60 -76.12 -3.31
CA HIS L 3263 -38.23 -77.41 -3.00
C HIS L 3263 -38.83 -78.08 -4.24
N LYS L 3264 -39.64 -77.36 -5.01
CA LYS L 3264 -40.32 -77.93 -6.17
C LYS L 3264 -39.37 -78.29 -7.33
N GLU L 3265 -38.20 -77.66 -7.41
CA GLU L 3265 -37.10 -78.10 -8.28
C GLU L 3265 -36.40 -79.34 -7.73
N SER L 3266 -36.16 -79.38 -6.41
CA SER L 3266 -35.32 -80.42 -5.79
C SER L 3266 -36.00 -81.78 -5.77
N LYS L 3267 -37.34 -81.79 -5.69
CA LYS L 3267 -38.22 -82.95 -5.74
C LYS L 3267 -37.96 -83.87 -6.95
N THR L 3268 -37.41 -83.35 -8.05
CA THR L 3268 -37.23 -84.10 -9.29
C THR L 3268 -36.08 -85.12 -9.29
N ARG L 3269 -35.09 -85.01 -8.39
CA ARG L 3269 -33.85 -85.82 -8.51
C ARG L 3269 -33.25 -86.19 -7.16
N ASP L 3270 -32.57 -87.32 -7.07
CA ASP L 3270 -32.08 -87.87 -5.79
C ASP L 3270 -31.03 -86.99 -5.10
N ASP L 3271 -30.07 -86.50 -5.87
CA ASP L 3271 -29.02 -85.62 -5.39
C ASP L 3271 -29.58 -84.24 -5.01
N TRP L 3272 -30.49 -83.68 -5.80
CA TRP L 3272 -31.12 -82.41 -5.41
C TRP L 3272 -32.05 -82.59 -4.20
N LEU L 3273 -32.82 -83.67 -4.12
CA LEU L 3273 -33.71 -83.95 -2.98
C LEU L 3273 -32.93 -84.20 -1.69
N VAL L 3274 -31.91 -85.05 -1.69
CA VAL L 3274 -31.15 -85.31 -0.47
C VAL L 3274 -30.46 -84.03 0.01
N SER L 3275 -29.94 -83.22 -0.90
CA SER L 3275 -29.33 -81.94 -0.54
C SER L 3275 -30.37 -80.95 -0.01
N TRP L 3276 -31.58 -80.90 -0.58
CA TRP L 3276 -32.64 -80.06 -0.05
C TRP L 3276 -33.04 -80.48 1.35
N VAL L 3277 -33.21 -81.78 1.61
CA VAL L 3277 -33.53 -82.26 2.95
C VAL L 3277 -32.42 -81.90 3.93
N GLN L 3278 -31.16 -82.21 3.59
CA GLN L 3278 -30.02 -81.85 4.42
C GLN L 3278 -29.91 -80.35 4.68
N SER L 3279 -30.07 -79.50 3.68
CA SER L 3279 -29.96 -78.04 3.88
C SER L 3279 -31.17 -77.49 4.64
N TYR L 3280 -32.40 -77.98 4.45
CA TYR L 3280 -33.53 -77.60 5.31
C TYR L 3280 -33.34 -78.02 6.76
N CYS L 3281 -32.91 -79.25 7.01
CA CYS L 3281 -32.75 -79.69 8.40
C CYS L 3281 -31.57 -79.00 9.08
N ARG L 3282 -30.41 -78.77 8.43
CA ARG L 3282 -29.34 -77.93 9.00
C ARG L 3282 -29.91 -76.61 9.52
N LEU L 3283 -30.69 -75.96 8.68
CA LEU L 3283 -31.28 -74.66 8.96
C LEU L 3283 -32.28 -74.69 10.12
N SER L 3284 -32.99 -75.79 10.33
CA SER L 3284 -33.85 -75.95 11.50
C SER L 3284 -33.10 -76.05 12.82
N HIS L 3285 -31.92 -76.67 12.84
CA HIS L 3285 -31.13 -76.77 14.08
C HIS L 3285 -30.69 -75.39 14.49
N CYS L 3286 -30.00 -74.67 13.59
CA CYS L 3286 -29.48 -73.36 13.90
C CYS L 3286 -30.63 -72.39 14.25
N ARG L 3287 -31.82 -72.54 13.61
CA ARG L 3287 -33.03 -71.79 13.99
C ARG L 3287 -33.48 -72.10 15.42
N SER L 3288 -33.72 -73.38 15.73
CA SER L 3288 -34.27 -73.82 17.00
C SER L 3288 -33.39 -73.46 18.20
N ARG L 3289 -32.06 -73.35 18.00
CA ARG L 3289 -31.05 -73.22 19.05
C ARG L 3289 -31.33 -72.12 20.08
N SER L 3290 -31.98 -71.03 19.66
CA SER L 3290 -32.31 -69.87 20.49
C SER L 3290 -33.79 -69.74 20.86
N GLN L 3291 -34.68 -70.60 20.34
CA GLN L 3291 -36.13 -70.41 20.37
C GLN L 3291 -36.84 -70.84 21.68
N GLY L 3292 -36.25 -70.47 22.81
CA GLY L 3292 -36.94 -70.43 24.11
C GLY L 3292 -37.26 -71.80 24.71
N CYS L 3293 -38.27 -71.86 25.58
CA CYS L 3293 -38.62 -73.06 26.33
C CYS L 3293 -39.21 -74.19 25.46
N SER L 3294 -40.25 -73.88 24.68
CA SER L 3294 -41.17 -74.90 24.13
C SER L 3294 -41.25 -74.99 22.62
N GLU L 3295 -41.12 -73.86 21.92
CA GLU L 3295 -41.17 -73.80 20.46
C GLU L 3295 -40.04 -74.61 19.79
N GLN L 3296 -39.00 -74.98 20.54
CA GLN L 3296 -37.97 -75.91 20.12
C GLN L 3296 -38.57 -77.24 19.64
N VAL L 3297 -39.38 -77.93 20.46
CA VAL L 3297 -39.85 -79.26 20.05
C VAL L 3297 -40.77 -79.19 18.84
N LEU L 3298 -41.58 -78.15 18.65
CA LEU L 3298 -42.25 -77.94 17.36
C LEU L 3298 -41.25 -77.74 16.21
N THR L 3299 -40.36 -76.76 16.33
CA THR L 3299 -39.45 -76.33 15.25
C THR L 3299 -38.40 -77.37 14.86
N VAL L 3300 -38.19 -78.42 15.67
CA VAL L 3300 -37.24 -79.51 15.36
C VAL L 3300 -37.81 -80.93 15.40
N LEU L 3301 -38.87 -81.25 16.14
CA LEU L 3301 -39.53 -82.57 15.97
C LEU L 3301 -40.42 -82.57 14.73
N LYS L 3302 -41.47 -81.73 14.77
CA LYS L 3302 -42.74 -81.88 14.05
C LYS L 3302 -42.58 -82.40 12.64
N THR L 3303 -41.88 -81.63 11.80
CA THR L 3303 -41.57 -82.01 10.41
C THR L 3303 -40.17 -82.57 10.26
N VAL L 3304 -39.14 -82.02 10.92
CA VAL L 3304 -37.74 -82.36 10.62
C VAL L 3304 -37.46 -83.84 10.83
N SER L 3305 -37.94 -84.42 11.94
CA SER L 3305 -37.75 -85.85 12.22
C SER L 3305 -38.39 -86.78 11.18
N LEU L 3306 -39.48 -86.37 10.55
CA LEU L 3306 -40.13 -87.16 9.50
C LEU L 3306 -39.26 -87.15 8.24
N LEU L 3307 -38.60 -86.01 8.02
CA LEU L 3307 -37.93 -85.64 6.79
C LEU L 3307 -36.65 -86.42 6.50
N ASP L 3308 -35.95 -86.99 7.49
CA ASP L 3308 -34.67 -87.72 7.28
C ASP L 3308 -34.80 -89.25 7.13
N GLU L 3309 -35.97 -89.83 7.36
CA GLU L 3309 -36.17 -91.30 7.36
C GLU L 3309 -36.39 -91.92 5.95
N ASN L 3310 -36.15 -91.15 4.89
CA ASN L 3310 -36.76 -91.37 3.57
C ASN L 3310 -36.47 -92.74 2.97
N ASN L 3311 -37.49 -93.39 2.42
CA ASN L 3311 -37.36 -94.60 1.61
C ASN L 3311 -36.39 -94.37 0.43
N VAL L 3312 -36.54 -93.24 -0.26
CA VAL L 3312 -35.70 -92.81 -1.38
C VAL L 3312 -34.27 -92.42 -1.00
N SER L 3313 -34.00 -92.12 0.28
CA SER L 3313 -32.65 -91.72 0.76
C SER L 3313 -31.82 -92.92 1.21
N SER L 3314 -32.48 -94.09 1.32
CA SER L 3314 -31.85 -95.41 1.40
C SER L 3314 -31.65 -96.02 -0.01
N TYR L 3315 -31.14 -95.21 -0.95
CA TYR L 3315 -30.86 -95.60 -2.34
C TYR L 3315 -29.54 -96.39 -2.46
N LEU L 3316 -29.43 -97.46 -1.66
CA LEU L 3316 -28.27 -98.37 -1.57
C LEU L 3316 -26.96 -97.65 -1.19
N SER L 3317 -27.08 -96.55 -0.42
CA SER L 3317 -25.99 -95.71 0.12
C SER L 3317 -24.88 -95.47 -0.91
N LYS L 3318 -25.28 -95.02 -2.11
CA LYS L 3318 -24.46 -95.03 -3.33
C LYS L 3318 -23.11 -94.32 -3.18
N ASN L 3319 -23.07 -93.24 -2.39
CA ASN L 3319 -21.83 -92.64 -1.88
C ASN L 3319 -21.92 -92.41 -0.36
N ILE L 3320 -20.90 -92.80 0.42
CA ILE L 3320 -20.99 -92.87 1.88
C ILE L 3320 -20.98 -91.50 2.59
N LEU L 3321 -20.47 -90.44 1.96
CA LEU L 3321 -20.41 -89.10 2.56
C LEU L 3321 -21.81 -88.59 2.94
N ALA L 3322 -22.80 -88.76 2.05
CA ALA L 3322 -24.18 -88.39 2.33
C ALA L 3322 -24.78 -89.19 3.49
N PHE L 3323 -24.48 -90.49 3.58
CA PHE L 3323 -24.88 -91.34 4.70
C PHE L 3323 -24.26 -90.83 6.01
N ARG L 3324 -22.95 -90.52 6.02
CA ARG L 3324 -22.26 -89.88 7.15
C ARG L 3324 -22.95 -88.59 7.57
N ASP L 3325 -23.29 -87.72 6.62
CA ASP L 3325 -23.97 -86.45 6.89
C ASP L 3325 -25.36 -86.64 7.47
N GLN L 3326 -26.21 -87.48 6.86
CA GLN L 3326 -27.55 -87.82 7.38
C GLN L 3326 -27.48 -88.49 8.77
N ASN L 3327 -26.46 -89.31 8.98
CA ASN L 3327 -26.19 -89.94 10.27
C ASN L 3327 -25.77 -88.96 11.36
N ILE L 3328 -25.29 -87.75 11.03
CA ILE L 3328 -25.18 -86.70 12.05
C ILE L 3328 -26.56 -86.11 12.30
N LEU L 3329 -27.24 -85.68 11.23
CA LEU L 3329 -28.37 -84.76 11.28
C LEU L 3329 -29.54 -85.31 12.09
N LEU L 3330 -30.03 -86.54 11.83
CA LEU L 3330 -31.18 -87.07 12.56
C LEU L 3330 -30.90 -87.32 14.06
N GLY L 3331 -29.64 -87.40 14.47
CA GLY L 3331 -29.29 -87.70 15.86
C GLY L 3331 -29.05 -86.45 16.67
N THR L 3332 -28.36 -85.46 16.10
CA THR L 3332 -28.39 -84.14 16.71
C THR L 3332 -29.83 -83.62 16.75
N THR L 3333 -30.69 -83.98 15.80
CA THR L 3333 -32.15 -83.76 15.91
C THR L 3333 -32.74 -84.40 17.19
N TYR L 3334 -32.52 -85.68 17.46
CA TYR L 3334 -33.03 -86.32 18.69
C TYR L 3334 -32.47 -85.71 19.97
N ARG L 3335 -31.18 -85.37 20.03
CA ARG L 3335 -30.60 -84.72 21.21
C ARG L 3335 -31.40 -83.47 21.57
N ILE L 3336 -31.69 -82.60 20.61
CA ILE L 3336 -32.41 -81.35 20.91
C ILE L 3336 -33.78 -81.65 21.50
N ILE L 3337 -34.53 -82.57 20.88
CA ILE L 3337 -35.89 -82.95 21.30
C ILE L 3337 -35.88 -83.48 22.76
N ALA L 3338 -34.87 -84.26 23.10
CA ALA L 3338 -34.73 -84.81 24.44
C ALA L 3338 -34.21 -83.79 25.46
N ASN L 3339 -33.27 -82.95 25.05
CA ASN L 3339 -32.67 -81.92 25.88
C ASN L 3339 -33.69 -80.82 26.22
N ALA L 3340 -34.63 -80.53 25.33
CA ALA L 3340 -35.79 -79.70 25.63
C ALA L 3340 -36.55 -80.25 26.85
N LEU L 3341 -36.94 -81.52 26.82
CA LEU L 3341 -37.62 -82.19 27.93
C LEU L 3341 -36.76 -82.32 29.20
N SER L 3342 -35.43 -82.34 29.08
CA SER L 3342 -34.54 -82.25 30.25
C SER L 3342 -34.47 -80.85 30.84
N SER L 3343 -34.68 -79.80 30.05
CA SER L 3343 -34.79 -78.44 30.57
C SER L 3343 -36.07 -78.22 31.40
N GLU L 3344 -37.20 -78.78 30.98
CA GLU L 3344 -38.37 -79.03 31.84
C GLU L 3344 -39.16 -80.27 31.38
N PRO L 3345 -39.31 -81.32 32.22
CA PRO L 3345 -40.12 -82.49 31.87
C PRO L 3345 -41.63 -82.26 32.03
N ALA L 3346 -42.01 -81.45 33.02
CA ALA L 3346 -43.38 -81.40 33.54
C ALA L 3346 -44.38 -80.63 32.66
N CYS L 3347 -43.93 -79.89 31.64
CA CYS L 3347 -44.77 -78.94 30.91
C CYS L 3347 -44.78 -79.11 29.39
N LEU L 3348 -43.68 -79.50 28.75
CA LEU L 3348 -43.65 -79.52 27.27
C LEU L 3348 -44.70 -80.47 26.67
N ALA L 3349 -44.73 -81.72 27.12
CA ALA L 3349 -45.75 -82.66 26.71
C ALA L 3349 -47.15 -82.24 27.20
N GLU L 3350 -47.27 -81.78 28.43
CA GLU L 3350 -48.57 -81.42 29.03
C GLU L 3350 -49.24 -80.22 28.35
N ILE L 3351 -48.47 -79.33 27.72
CA ILE L 3351 -48.97 -78.11 27.04
C ILE L 3351 -49.05 -78.29 25.53
N GLU L 3352 -48.09 -78.94 24.87
CA GLU L 3352 -48.11 -79.18 23.41
C GLU L 3352 -48.96 -80.41 23.03
N GLU L 3353 -50.21 -80.43 23.52
CA GLU L 3353 -51.03 -81.63 23.79
C GLU L 3353 -51.68 -82.36 22.60
N ASP L 3354 -51.56 -81.86 21.37
CA ASP L 3354 -52.45 -82.23 20.26
C ASP L 3354 -51.83 -83.10 19.14
N LYS L 3355 -51.23 -82.48 18.12
CA LYS L 3355 -50.94 -83.09 16.82
C LYS L 3355 -49.73 -84.05 16.83
N ALA L 3356 -48.73 -83.76 17.66
CA ALA L 3356 -47.44 -84.44 17.65
C ALA L 3356 -47.38 -85.77 18.43
N ARG L 3357 -48.25 -86.01 19.42
CA ARG L 3357 -48.02 -87.03 20.46
C ARG L 3357 -47.76 -88.47 19.96
N ARG L 3358 -48.42 -88.92 18.90
CA ARG L 3358 -48.19 -90.29 18.36
C ARG L 3358 -46.85 -90.38 17.63
N ILE L 3359 -46.57 -89.41 16.75
CA ILE L 3359 -45.27 -89.38 16.07
C ILE L 3359 -44.13 -89.11 17.06
N LEU L 3360 -44.41 -88.46 18.20
CA LEU L 3360 -43.48 -88.35 19.32
C LEU L 3360 -43.21 -89.71 19.96
N GLU L 3361 -44.24 -90.53 20.22
CA GLU L 3361 -44.05 -91.91 20.66
C GLU L 3361 -43.24 -92.74 19.66
N LEU L 3362 -43.55 -92.68 18.37
CA LEU L 3362 -42.77 -93.37 17.34
C LEU L 3362 -41.35 -92.80 17.18
N SER L 3363 -41.13 -91.55 17.58
CA SER L 3363 -39.83 -90.90 17.65
C SER L 3363 -39.06 -91.19 18.94
N GLY L 3364 -39.65 -91.87 19.94
CA GLY L 3364 -39.01 -92.21 21.21
C GLY L 3364 -39.18 -93.67 21.63
N SER L 3365 -39.12 -93.94 22.93
CA SER L 3365 -39.44 -95.26 23.49
C SER L 3365 -40.95 -95.55 23.40
N SER L 3366 -41.28 -96.83 23.24
CA SER L 3366 -42.67 -97.28 23.10
C SER L 3366 -43.52 -97.07 24.36
N SER L 3367 -42.90 -97.11 25.56
CA SER L 3367 -43.58 -97.00 26.86
C SER L 3367 -44.31 -95.66 27.10
N GLU L 3368 -45.39 -95.72 27.88
CA GLU L 3368 -46.16 -94.58 28.41
C GLU L 3368 -45.69 -94.12 29.80
N ASP L 3369 -44.60 -94.68 30.33
CA ASP L 3369 -43.89 -94.18 31.51
C ASP L 3369 -43.34 -92.76 31.25
N SER L 3370 -43.83 -91.76 31.97
CA SER L 3370 -43.51 -90.34 31.73
C SER L 3370 -42.01 -90.00 31.80
N GLU L 3371 -41.22 -90.69 32.62
CA GLU L 3371 -39.78 -90.45 32.74
C GLU L 3371 -38.96 -91.10 31.62
N LYS L 3372 -39.33 -92.32 31.18
CA LYS L 3372 -38.46 -93.15 30.31
C LYS L 3372 -38.34 -92.62 28.89
N VAL L 3373 -39.20 -91.69 28.48
CA VAL L 3373 -39.18 -91.15 27.11
C VAL L 3373 -37.84 -90.50 26.78
N ILE L 3374 -37.23 -89.76 27.71
CA ILE L 3374 -35.93 -89.12 27.45
C ILE L 3374 -34.82 -90.17 27.31
N ALA L 3375 -34.78 -91.21 28.15
CA ALA L 3375 -33.80 -92.28 28.03
C ALA L 3375 -33.97 -93.07 26.72
N GLY L 3376 -35.21 -93.29 26.29
CA GLY L 3376 -35.51 -93.89 25.00
C GLY L 3376 -35.00 -93.05 23.83
N LEU L 3377 -35.28 -91.75 23.85
CA LEU L 3377 -34.78 -90.78 22.88
C LEU L 3377 -33.26 -90.79 22.85
N TYR L 3378 -32.59 -90.74 24.00
CA TYR L 3378 -31.14 -90.79 24.05
C TYR L 3378 -30.54 -92.11 23.56
N GLN L 3379 -31.21 -93.26 23.75
CA GLN L 3379 -30.72 -94.56 23.27
C GLN L 3379 -30.67 -94.62 21.74
N ARG L 3380 -31.76 -94.21 21.08
CA ARG L 3380 -31.80 -94.14 19.62
C ARG L 3380 -30.93 -93.01 19.05
N ALA L 3381 -30.71 -91.93 19.80
CA ALA L 3381 -29.68 -90.95 19.45
C ALA L 3381 -28.29 -91.61 19.45
N PHE L 3382 -27.89 -92.23 20.56
CA PHE L 3382 -26.54 -92.79 20.73
C PHE L 3382 -26.16 -93.80 19.63
N GLN L 3383 -27.05 -94.73 19.30
CA GLN L 3383 -26.76 -95.69 18.24
C GLN L 3383 -26.60 -94.98 16.89
N HIS L 3384 -27.38 -93.93 16.60
CA HIS L 3384 -27.25 -93.18 15.35
C HIS L 3384 -25.93 -92.42 15.28
N LEU L 3385 -25.55 -91.74 16.37
CA LEU L 3385 -24.24 -91.12 16.53
C LEU L 3385 -23.11 -92.13 16.29
N SER L 3386 -23.25 -93.35 16.84
CA SER L 3386 -22.28 -94.43 16.65
C SER L 3386 -22.22 -94.91 15.19
N GLU L 3387 -23.36 -94.99 14.51
CA GLU L 3387 -23.45 -95.33 13.10
C GLU L 3387 -22.68 -94.31 12.22
N ALA L 3388 -22.73 -93.02 12.59
CA ALA L 3388 -21.98 -91.98 11.90
C ALA L 3388 -20.47 -92.24 11.90
N VAL L 3389 -19.92 -92.82 12.97
CA VAL L 3389 -18.49 -93.18 13.06
C VAL L 3389 -18.13 -94.24 12.03
N GLN L 3390 -18.98 -95.24 11.84
CA GLN L 3390 -18.73 -96.32 10.88
C GLN L 3390 -18.73 -95.81 9.43
N ALA L 3391 -19.61 -94.86 9.11
CA ALA L 3391 -19.59 -94.16 7.83
C ALA L 3391 -18.36 -93.25 7.71
N ALA L 3392 -17.98 -92.56 8.79
CA ALA L 3392 -16.81 -91.69 8.85
C ALA L 3392 -15.49 -92.45 8.62
N GLU L 3393 -15.35 -93.67 9.13
CA GLU L 3393 -14.18 -94.53 8.91
C GLU L 3393 -14.24 -95.36 7.61
N GLU L 3394 -15.11 -94.95 6.68
CA GLU L 3394 -15.21 -95.47 5.31
C GLU L 3394 -15.30 -94.31 4.31
N GLU L 3395 -14.26 -93.47 4.27
CA GLU L 3395 -14.22 -92.27 3.42
C GLU L 3395 -14.31 -92.61 1.92
N ALA L 3406 -10.20 -85.04 7.69
CA ALA L 3406 -10.27 -83.97 8.68
C ALA L 3406 -11.64 -83.27 8.69
N ALA L 3407 -12.40 -83.36 7.59
CA ALA L 3407 -13.86 -83.23 7.61
C ALA L 3407 -14.54 -84.52 8.11
N GLY L 3408 -13.81 -85.64 8.13
CA GLY L 3408 -14.26 -86.97 8.53
C GLY L 3408 -14.22 -87.20 10.05
N VAL L 3409 -13.45 -88.20 10.48
CA VAL L 3409 -13.65 -88.84 11.79
C VAL L 3409 -13.60 -87.87 12.97
N ILE L 3410 -12.79 -86.81 12.94
CA ILE L 3410 -12.66 -85.94 14.10
C ILE L 3410 -13.96 -85.21 14.45
N ASP L 3411 -14.76 -84.83 13.45
CA ASP L 3411 -16.04 -84.18 13.69
C ASP L 3411 -17.10 -85.17 14.18
N ALA L 3412 -17.11 -86.38 13.62
CA ALA L 3412 -18.01 -87.45 14.05
C ALA L 3412 -17.68 -87.92 15.48
N TYR L 3413 -16.44 -88.32 15.72
CA TYR L 3413 -15.91 -88.71 17.03
C TYR L 3413 -16.19 -87.62 18.06
N MET L 3414 -15.96 -86.36 17.76
CA MET L 3414 -16.19 -85.32 18.76
C MET L 3414 -17.68 -85.11 19.07
N THR L 3415 -18.59 -85.35 18.13
CA THR L 3415 -20.03 -85.29 18.47
C THR L 3415 -20.47 -86.43 19.39
N LEU L 3416 -19.91 -87.64 19.27
CA LEU L 3416 -20.14 -88.69 20.28
C LEU L 3416 -19.60 -88.22 21.61
N ALA L 3417 -18.34 -87.81 21.63
CA ALA L 3417 -17.64 -87.37 22.82
C ALA L 3417 -18.43 -86.29 23.58
N ASP L 3418 -18.92 -85.28 22.87
CA ASP L 3418 -19.81 -84.27 23.42
C ASP L 3418 -21.09 -84.87 23.98
N PHE L 3419 -21.86 -85.64 23.20
CA PHE L 3419 -23.14 -86.16 23.67
C PHE L 3419 -22.97 -87.11 24.87
N CYS L 3420 -22.05 -88.05 24.77
CA CYS L 3420 -21.63 -88.96 25.82
C CYS L 3420 -21.24 -88.19 27.10
N ASP L 3421 -20.32 -87.24 26.99
CA ASP L 3421 -19.85 -86.48 28.16
C ASP L 3421 -20.90 -85.48 28.68
N GLN L 3422 -21.81 -84.97 27.85
CA GLN L 3422 -22.96 -84.19 28.30
C GLN L 3422 -23.91 -85.06 29.12
N GLN L 3423 -24.18 -86.27 28.64
CA GLN L 3423 -24.88 -87.28 29.44
C GLN L 3423 -24.10 -87.53 30.72
N LEU L 3424 -22.75 -87.62 30.70
CA LEU L 3424 -21.98 -87.65 31.95
C LEU L 3424 -22.24 -86.44 32.83
N ARG L 3425 -22.17 -85.15 32.39
CA ARG L 3425 -22.36 -84.07 33.35
C ARG L 3425 -23.71 -84.18 33.99
N LYS L 3426 -24.75 -84.41 33.19
CA LYS L 3426 -26.08 -84.55 33.73
C LYS L 3426 -26.14 -85.74 34.67
N GLU L 3427 -25.43 -86.81 34.34
CA GLU L 3427 -25.52 -88.02 35.14
C GLU L 3427 -24.91 -87.80 36.51
N GLU L 3428 -23.82 -87.04 36.58
CA GLU L 3428 -23.14 -86.90 37.85
C GLU L 3428 -24.00 -86.17 38.86
N GLU L 3429 -25.11 -85.59 38.43
CA GLU L 3429 -25.96 -84.85 39.35
C GLU L 3429 -27.12 -85.69 39.88
N ASN L 3430 -27.19 -86.97 39.55
CA ASN L 3430 -28.26 -87.83 40.00
C ASN L 3430 -27.76 -89.28 39.96
N ALA L 3431 -28.68 -90.23 40.07
CA ALA L 3431 -28.36 -91.66 40.04
C ALA L 3431 -29.35 -92.36 39.11
N SER L 3432 -28.90 -92.72 37.92
CA SER L 3432 -29.71 -93.45 36.94
C SER L 3432 -28.98 -94.76 36.64
N VAL L 3433 -29.45 -95.86 37.25
CA VAL L 3433 -28.74 -97.12 37.17
C VAL L 3433 -28.75 -97.66 35.74
N ILE L 3434 -29.91 -97.66 35.09
CA ILE L 3434 -30.02 -98.22 33.75
C ILE L 3434 -29.32 -97.32 32.73
N ASP L 3435 -29.25 -96.00 32.91
CA ASP L 3435 -28.24 -95.23 32.16
C ASP L 3435 -26.81 -95.64 32.53
N SER L 3436 -26.51 -95.95 33.80
CA SER L 3436 -25.20 -96.45 34.24
C SER L 3436 -24.79 -97.75 33.54
N ALA L 3437 -25.77 -98.60 33.19
CA ALA L 3437 -25.56 -99.89 32.55
C ALA L 3437 -25.04 -99.71 31.11
N GLU L 3438 -25.72 -98.91 30.29
CA GLU L 3438 -25.19 -98.53 28.97
C GLU L 3438 -23.92 -97.67 29.11
N LEU L 3439 -23.80 -96.91 30.20
CA LEU L 3439 -22.58 -96.21 30.55
C LEU L 3439 -21.41 -97.13 30.91
N GLN L 3440 -21.58 -98.43 31.15
CA GLN L 3440 -20.43 -99.35 31.12
C GLN L 3440 -19.69 -99.29 29.76
N ALA L 3441 -20.38 -98.87 28.70
CA ALA L 3441 -19.75 -98.46 27.45
C ALA L 3441 -19.41 -96.96 27.39
N TYR L 3442 -20.28 -96.05 27.89
CA TYR L 3442 -20.18 -94.61 27.57
C TYR L 3442 -18.75 -94.06 27.66
N PRO L 3443 -18.04 -94.06 28.80
CA PRO L 3443 -16.78 -93.32 28.88
C PRO L 3443 -15.62 -94.05 28.23
N ALA L 3444 -15.69 -95.37 28.09
CA ALA L 3444 -14.75 -96.11 27.25
C ALA L 3444 -14.87 -95.68 25.77
N LEU L 3445 -16.10 -95.45 25.30
CA LEU L 3445 -16.39 -94.91 23.97
C LEU L 3445 -16.13 -93.40 23.86
N VAL L 3446 -16.17 -92.65 24.95
CA VAL L 3446 -15.58 -91.32 25.03
C VAL L 3446 -14.10 -91.46 24.77
N VAL L 3447 -13.32 -92.16 25.59
CA VAL L 3447 -11.93 -91.89 25.72
C VAL L 3447 -11.21 -92.32 24.47
N GLU L 3448 -11.45 -93.52 23.96
CA GLU L 3448 -10.74 -93.99 22.78
C GLU L 3448 -11.04 -93.11 21.55
N LYS L 3449 -12.31 -92.81 21.30
CA LYS L 3449 -12.73 -92.12 20.08
C LYS L 3449 -12.48 -90.61 20.16
N MET L 3450 -12.78 -90.00 21.30
CA MET L 3450 -12.49 -88.59 21.56
C MET L 3450 -11.01 -88.28 21.38
N LEU L 3451 -10.15 -89.13 21.92
CA LEU L 3451 -8.72 -88.91 21.85
C LEU L 3451 -8.15 -89.22 20.47
N LYS L 3452 -8.75 -90.14 19.69
CA LYS L 3452 -8.30 -90.41 18.32
C LYS L 3452 -8.20 -89.13 17.45
N ALA L 3453 -8.94 -88.08 17.80
CA ALA L 3453 -8.79 -86.75 17.21
C ALA L 3453 -7.39 -86.12 17.41
N LEU L 3454 -6.77 -86.31 18.57
CA LEU L 3454 -5.57 -85.58 19.00
C LEU L 3454 -4.28 -85.95 18.23
N LYS L 3455 -4.27 -86.94 17.33
CA LYS L 3455 -3.17 -87.04 16.34
C LYS L 3455 -3.25 -85.94 15.26
N LEU L 3456 -4.43 -85.35 15.08
CA LEU L 3456 -4.75 -84.32 14.08
C LEU L 3456 -4.85 -82.93 14.75
N ASN L 3457 -5.24 -81.91 13.98
CA ASN L 3457 -5.39 -80.52 14.43
C ASN L 3457 -6.22 -80.38 15.73
N SER L 3458 -7.50 -80.81 15.68
CA SER L 3458 -8.32 -81.31 16.80
C SER L 3458 -8.43 -80.47 18.08
N ASN L 3459 -8.21 -79.16 18.01
CA ASN L 3459 -8.01 -78.36 19.20
C ASN L 3459 -9.18 -78.39 20.19
N GLU L 3460 -10.43 -78.61 19.77
CA GLU L 3460 -11.56 -78.77 20.69
C GLU L 3460 -11.30 -79.89 21.70
N ALA L 3461 -10.81 -81.03 21.24
CA ALA L 3461 -10.55 -82.18 22.08
C ALA L 3461 -9.33 -81.95 22.99
N ARG L 3462 -8.30 -81.23 22.53
CA ARG L 3462 -7.13 -80.87 23.34
C ARG L 3462 -7.50 -79.89 24.44
N LEU L 3463 -8.43 -78.98 24.16
CA LEU L 3463 -9.08 -78.10 25.12
C LEU L 3463 -9.92 -78.85 26.17
N LYS L 3464 -10.43 -80.04 25.85
CA LYS L 3464 -11.36 -80.83 26.68
C LYS L 3464 -10.70 -81.93 27.50
N PHE L 3465 -9.43 -82.27 27.24
CA PHE L 3465 -8.68 -83.31 27.95
C PHE L 3465 -8.55 -83.16 29.50
N PRO L 3466 -8.66 -81.99 30.16
CA PRO L 3466 -8.58 -81.89 31.63
C PRO L 3466 -9.64 -82.70 32.39
N ARG L 3467 -10.76 -83.10 31.75
CA ARG L 3467 -11.79 -83.92 32.38
C ARG L 3467 -11.28 -85.31 32.78
N LEU L 3468 -10.52 -85.97 31.91
CA LEU L 3468 -10.35 -87.44 31.96
C LEU L 3468 -9.95 -87.92 33.34
N LEU L 3469 -8.86 -87.35 33.86
CA LEU L 3469 -8.16 -87.79 35.04
C LEU L 3469 -9.04 -87.83 36.32
N GLN L 3470 -10.09 -87.00 36.41
CA GLN L 3470 -11.06 -87.07 37.51
C GLN L 3470 -12.27 -87.99 37.22
N ILE L 3471 -12.78 -88.10 35.99
CA ILE L 3471 -13.80 -89.13 35.71
C ILE L 3471 -13.22 -90.53 35.88
N ILE L 3472 -12.02 -90.80 35.39
CA ILE L 3472 -11.33 -92.09 35.60
C ILE L 3472 -10.85 -92.28 37.06
N GLU L 3473 -11.14 -91.35 37.96
CA GLU L 3473 -11.12 -91.58 39.41
C GLU L 3473 -12.52 -91.94 39.92
N ARG L 3474 -13.52 -91.08 39.73
CA ARG L 3474 -14.88 -91.30 40.29
C ARG L 3474 -15.69 -92.41 39.59
N TYR L 3475 -15.25 -92.87 38.43
CA TYR L 3475 -15.65 -94.13 37.82
C TYR L 3475 -14.35 -94.90 37.47
N PRO L 3476 -13.78 -95.65 38.44
CA PRO L 3476 -12.37 -96.03 38.40
C PRO L 3476 -12.04 -97.10 37.34
N GLU L 3477 -12.90 -98.11 37.21
CA GLU L 3477 -12.61 -99.32 36.43
C GLU L 3477 -12.23 -99.03 34.97
N GLU L 3478 -12.91 -98.09 34.32
CA GLU L 3478 -12.74 -97.86 32.88
C GLU L 3478 -11.41 -97.18 32.52
N THR L 3479 -10.61 -96.77 33.53
CA THR L 3479 -9.22 -96.33 33.34
C THR L 3479 -8.40 -97.32 32.50
N LEU L 3480 -8.66 -98.62 32.63
CA LEU L 3480 -8.02 -99.67 31.84
C LEU L 3480 -8.06 -99.40 30.32
N SER L 3481 -9.18 -98.86 29.83
CA SER L 3481 -9.39 -98.59 28.39
C SER L 3481 -8.55 -97.42 27.84
N LEU L 3482 -7.99 -96.57 28.72
CA LEU L 3482 -7.07 -95.50 28.34
C LEU L 3482 -5.65 -96.05 28.09
N MET L 3483 -4.99 -96.55 29.14
CA MET L 3483 -3.55 -96.85 29.09
C MET L 3483 -3.17 -98.04 28.24
N THR L 3484 -4.05 -99.04 28.13
CA THR L 3484 -3.67 -100.36 27.61
C THR L 3484 -3.39 -100.41 26.11
N LYS L 3485 -3.75 -99.39 25.31
CA LYS L 3485 -3.63 -99.44 23.84
C LYS L 3485 -3.01 -98.21 23.17
N GLU L 3486 -3.59 -97.01 23.28
CA GLU L 3486 -3.17 -95.95 22.34
C GLU L 3486 -3.13 -94.53 22.87
N ILE L 3487 -3.18 -94.31 24.20
CA ILE L 3487 -2.68 -93.04 24.76
C ILE L 3487 -1.20 -92.84 24.36
N SER L 3488 -0.43 -93.93 24.34
CA SER L 3488 0.95 -93.98 23.85
C SER L 3488 1.09 -93.87 22.32
N SER L 3489 -0.02 -93.78 21.57
CA SER L 3489 0.03 -93.43 20.13
C SER L 3489 -0.06 -91.92 19.90
N VAL L 3490 -0.60 -91.16 20.88
CA VAL L 3490 -0.77 -89.72 20.76
C VAL L 3490 0.62 -89.08 20.61
N PRO L 3491 0.89 -88.28 19.56
CA PRO L 3491 2.17 -87.59 19.44
C PRO L 3491 2.46 -86.83 20.74
N CYS L 3492 3.57 -87.09 21.39
CA CYS L 3492 3.85 -86.58 22.74
C CYS L 3492 3.81 -85.06 22.83
N TRP L 3493 4.13 -84.36 21.74
CA TRP L 3493 4.08 -82.89 21.72
C TRP L 3493 2.68 -82.31 21.97
N GLN L 3494 1.60 -83.08 21.77
CA GLN L 3494 0.24 -82.70 22.13
C GLN L 3494 0.02 -82.50 23.63
N PHE L 3495 0.71 -83.26 24.48
CA PHE L 3495 0.41 -83.33 25.91
C PHE L 3495 1.22 -82.34 26.78
N ILE L 3496 2.08 -81.52 26.17
CA ILE L 3496 2.81 -80.46 26.91
C ILE L 3496 1.88 -79.36 27.46
N SER L 3497 0.71 -79.19 26.85
CA SER L 3497 -0.15 -78.00 26.96
C SER L 3497 -0.35 -77.48 28.38
N TRP L 3498 -0.67 -78.35 29.34
CA TRP L 3498 -0.74 -78.02 30.77
C TRP L 3498 -0.04 -79.08 31.62
N ILE L 3499 1.17 -79.48 31.19
CA ILE L 3499 1.88 -80.62 31.78
C ILE L 3499 2.10 -80.53 33.29
N SER L 3500 2.17 -79.31 33.84
CA SER L 3500 2.27 -79.03 35.29
C SER L 3500 1.20 -79.75 36.11
N HIS L 3501 -0.01 -79.85 35.59
CA HIS L 3501 -1.11 -80.51 36.27
C HIS L 3501 -0.92 -82.03 36.26
N MET L 3502 -0.68 -82.66 35.10
CA MET L 3502 -0.53 -84.11 35.06
C MET L 3502 0.75 -84.59 35.77
N VAL L 3503 1.88 -83.89 35.65
CA VAL L 3503 3.14 -84.32 36.29
C VAL L 3503 3.12 -84.13 37.81
N ALA L 3504 2.23 -83.29 38.33
CA ALA L 3504 2.03 -83.16 39.77
C ALA L 3504 1.20 -84.30 40.37
N LEU L 3505 0.32 -84.95 39.60
CA LEU L 3505 -0.59 -86.00 40.10
C LEU L 3505 0.08 -87.36 40.35
N LEU L 3506 1.41 -87.43 40.42
CA LEU L 3506 2.12 -88.71 40.33
C LEU L 3506 1.92 -89.68 41.51
N ASP L 3507 1.27 -89.25 42.59
CA ASP L 3507 0.94 -90.08 43.75
C ASP L 3507 -0.42 -90.81 43.62
N LYS L 3508 -1.34 -90.28 42.82
CA LYS L 3508 -2.58 -90.98 42.48
C LYS L 3508 -2.25 -92.15 41.57
N ASP L 3509 -2.97 -93.26 41.68
CA ASP L 3509 -2.75 -94.43 40.82
C ASP L 3509 -2.91 -94.12 39.32
N GLN L 3510 -3.80 -93.20 38.97
CA GLN L 3510 -4.06 -92.74 37.60
C GLN L 3510 -2.80 -92.18 36.91
N ALA L 3511 -1.73 -91.89 37.63
CA ALA L 3511 -0.44 -91.52 37.03
C ALA L 3511 0.14 -92.61 36.08
N VAL L 3512 -0.34 -93.86 36.17
CA VAL L 3512 -0.12 -94.88 35.13
C VAL L 3512 -0.52 -94.39 33.71
N ALA L 3513 -1.49 -93.50 33.59
CA ALA L 3513 -1.83 -92.80 32.35
C ALA L 3513 -0.82 -91.75 31.96
N VAL L 3514 -0.37 -90.95 32.92
CA VAL L 3514 0.62 -89.90 32.68
C VAL L 3514 1.95 -90.51 32.20
N GLN L 3515 2.30 -91.69 32.72
CA GLN L 3515 3.62 -92.33 32.57
C GLN L 3515 4.20 -92.27 31.15
N HIS L 3516 3.56 -92.90 30.17
CA HIS L 3516 4.15 -93.05 28.85
C HIS L 3516 4.31 -91.72 28.12
N SER L 3517 3.33 -90.81 28.21
CA SER L 3517 3.46 -89.50 27.57
C SER L 3517 4.54 -88.62 28.24
N VAL L 3518 4.67 -88.61 29.57
CA VAL L 3518 5.71 -87.77 30.20
C VAL L 3518 7.10 -88.43 30.17
N GLU L 3519 7.19 -89.75 30.04
CA GLU L 3519 8.41 -90.42 29.57
C GLU L 3519 8.84 -89.89 28.21
N GLU L 3520 7.95 -89.87 27.22
CA GLU L 3520 8.27 -89.32 25.89
C GLU L 3520 8.67 -87.86 25.97
N ILE L 3521 7.96 -87.03 26.74
CA ILE L 3521 8.31 -85.62 26.85
C ILE L 3521 9.64 -85.43 27.61
N THR L 3522 9.98 -86.30 28.56
CA THR L 3522 11.30 -86.32 29.20
C THR L 3522 12.40 -86.73 28.22
N ASP L 3523 12.11 -87.64 27.29
CA ASP L 3523 13.04 -88.08 26.24
C ASP L 3523 13.24 -87.02 25.15
N ASN L 3524 12.16 -86.57 24.53
CA ASN L 3524 12.17 -85.60 23.44
C ASN L 3524 12.49 -84.17 23.91
N TYR L 3525 11.87 -83.71 25.00
CA TYR L 3525 11.75 -82.29 25.35
C TYR L 3525 11.93 -82.02 26.86
N PRO L 3526 13.09 -82.40 27.47
CA PRO L 3526 13.32 -82.21 28.91
C PRO L 3526 13.13 -80.75 29.36
N GLN L 3527 13.52 -79.81 28.50
CA GLN L 3527 13.34 -78.37 28.72
C GLN L 3527 11.88 -77.97 28.95
N ALA L 3528 10.95 -78.68 28.32
CA ALA L 3528 9.53 -78.37 28.42
C ALA L 3528 8.94 -78.77 29.78
N ILE L 3529 9.44 -79.85 30.36
CA ILE L 3529 8.91 -80.47 31.60
C ILE L 3529 9.64 -80.02 32.87
N VAL L 3530 10.96 -79.82 32.79
CA VAL L 3530 11.86 -79.56 33.93
C VAL L 3530 11.39 -78.52 34.94
N TYR L 3531 11.14 -77.28 34.54
CA TYR L 3531 10.94 -76.19 35.49
C TYR L 3531 9.71 -76.40 36.42
N PRO L 3532 8.48 -76.61 35.91
CA PRO L 3532 7.36 -76.96 36.77
C PRO L 3532 7.59 -78.32 37.43
N PHE L 3533 8.35 -79.23 36.82
CA PHE L 3533 8.60 -80.54 37.40
C PHE L 3533 9.40 -80.52 38.70
N ILE L 3534 10.40 -79.66 38.85
CA ILE L 3534 11.21 -79.62 40.08
C ILE L 3534 10.36 -79.39 41.35
N ILE L 3535 9.24 -78.66 41.27
CA ILE L 3535 8.36 -78.41 42.44
C ILE L 3535 7.21 -79.42 42.57
N SER L 3536 6.71 -79.96 41.46
CA SER L 3536 5.82 -81.12 41.52
C SER L 3536 6.55 -82.39 42.00
N SER L 3537 7.85 -82.53 41.72
CA SER L 3537 8.74 -83.50 42.35
C SER L 3537 8.86 -83.24 43.86
N GLU L 3538 9.09 -82.00 44.29
CA GLU L 3538 9.07 -81.66 45.72
C GLU L 3538 7.73 -82.05 46.39
N SER L 3539 7.79 -82.41 47.67
CA SER L 3539 6.64 -82.66 48.56
C SER L 3539 5.60 -83.70 48.09
N TYR L 3540 6.01 -84.74 47.36
CA TYR L 3540 5.28 -86.02 47.39
C TYR L 3540 5.36 -86.62 48.81
N SER L 3541 4.31 -87.31 49.25
CA SER L 3541 4.16 -87.75 50.66
C SER L 3541 3.48 -89.12 50.82
N PHE L 3542 3.44 -89.93 49.76
CA PHE L 3542 2.77 -91.24 49.78
C PHE L 3542 3.61 -92.41 50.33
N LYS L 3543 2.95 -93.45 50.86
CA LYS L 3543 3.57 -94.52 51.67
C LYS L 3543 4.18 -95.66 50.84
N ASP L 3544 4.81 -96.63 51.50
CA ASP L 3544 5.48 -97.81 50.90
C ASP L 3544 4.51 -98.89 50.33
N THR L 3545 3.30 -98.51 49.95
CA THR L 3545 2.27 -99.41 49.42
C THR L 3545 2.67 -100.02 48.07
N SER L 3546 1.95 -101.04 47.60
CA SER L 3546 2.22 -101.70 46.32
C SER L 3546 2.12 -100.76 45.10
N THR L 3547 1.32 -99.70 45.15
CA THR L 3547 1.30 -98.62 44.15
C THR L 3547 2.36 -97.57 44.43
N GLY L 3548 2.58 -97.17 45.69
CA GLY L 3548 3.59 -96.18 46.06
C GLY L 3548 5.01 -96.62 45.69
N HIS L 3549 5.30 -97.91 45.82
CA HIS L 3549 6.50 -98.57 45.33
C HIS L 3549 6.76 -98.28 43.85
N LYS L 3550 5.85 -98.70 42.95
CA LYS L 3550 6.04 -98.55 41.50
C LYS L 3550 5.95 -97.09 41.04
N ASN L 3551 5.09 -96.27 41.65
CA ASN L 3551 5.05 -94.85 41.32
C ASN L 3551 6.36 -94.15 41.71
N LYS L 3552 6.85 -94.32 42.94
CA LYS L 3552 8.12 -93.69 43.35
C LYS L 3552 9.32 -94.26 42.59
N GLU L 3553 9.29 -95.53 42.18
CA GLU L 3553 10.26 -96.07 41.23
C GLU L 3553 10.19 -95.34 39.86
N PHE L 3554 9.00 -95.04 39.33
CA PHE L 3554 8.85 -94.26 38.10
C PHE L 3554 9.38 -92.83 38.26
N VAL L 3555 9.12 -92.20 39.42
CA VAL L 3555 9.72 -90.91 39.79
C VAL L 3555 11.24 -91.00 39.79
N ALA L 3556 11.82 -92.02 40.41
CA ALA L 3556 13.28 -92.18 40.48
C ALA L 3556 13.91 -92.25 39.09
N ARG L 3557 13.34 -93.02 38.15
CA ARG L 3557 13.89 -93.07 36.78
C ARG L 3557 13.79 -91.74 36.05
N ILE L 3558 12.66 -91.03 36.09
CA ILE L 3558 12.60 -89.70 35.45
C ILE L 3558 13.54 -88.71 36.13
N LYS L 3559 13.62 -88.69 37.47
CA LYS L 3559 14.55 -87.83 38.21
C LYS L 3559 16.00 -88.04 37.76
N SER L 3560 16.37 -89.26 37.42
CA SER L 3560 17.70 -89.59 36.86
C SER L 3560 17.88 -89.16 35.39
N LYS L 3561 16.80 -88.91 34.64
CA LYS L 3561 16.84 -88.68 33.18
C LYS L 3561 17.30 -87.27 32.76
N LEU L 3562 17.35 -86.31 33.70
CA LEU L 3562 17.36 -84.87 33.40
C LEU L 3562 18.38 -84.07 34.24
N ASP L 3563 18.68 -82.86 33.77
CA ASP L 3563 19.71 -81.96 34.31
C ASP L 3563 21.09 -82.63 34.43
N GLN L 3564 21.64 -83.03 33.28
CA GLN L 3564 22.90 -83.74 33.19
C GLN L 3564 24.06 -82.88 33.74
N GLY L 3565 24.59 -83.23 34.92
CA GLY L 3565 25.60 -82.47 35.63
C GLY L 3565 25.07 -81.44 36.65
N GLY L 3566 23.76 -81.32 36.87
CA GLY L 3566 23.21 -80.43 37.90
C GLY L 3566 23.40 -78.93 37.64
N VAL L 3567 23.29 -78.51 36.37
CA VAL L 3567 23.55 -77.15 35.89
C VAL L 3567 22.29 -76.30 35.83
N ILE L 3568 21.14 -76.91 35.52
CA ILE L 3568 19.83 -76.28 35.64
C ILE L 3568 19.51 -76.07 37.12
N GLN L 3569 19.85 -77.03 37.99
CA GLN L 3569 19.82 -76.84 39.43
C GLN L 3569 20.75 -75.71 39.88
N ASP L 3570 21.91 -75.51 39.25
CA ASP L 3570 22.79 -74.38 39.58
C ASP L 3570 22.14 -73.03 39.23
N PHE L 3571 21.42 -72.92 38.10
CA PHE L 3571 20.61 -71.73 37.79
C PHE L 3571 19.48 -71.55 38.80
N ILE L 3572 18.71 -72.61 39.07
CA ILE L 3572 17.58 -72.60 40.02
C ILE L 3572 18.06 -72.15 41.39
N ASN L 3573 19.24 -72.61 41.83
CA ASN L 3573 19.88 -72.13 43.03
C ASN L 3573 20.35 -70.67 42.91
N ALA L 3574 21.18 -70.33 41.92
CA ALA L 3574 21.81 -69.03 41.81
C ALA L 3574 20.77 -67.89 41.86
N LEU L 3575 19.71 -68.01 41.09
CA LEU L 3575 18.64 -67.02 41.13
C LEU L 3575 17.76 -67.17 42.39
N ASP L 3576 17.72 -68.30 43.11
CA ASP L 3576 17.03 -68.41 44.41
C ASP L 3576 17.68 -67.52 45.47
N GLN L 3577 18.96 -67.84 45.68
CA GLN L 3577 19.78 -67.45 46.81
C GLN L 3577 20.23 -66.01 46.67
N LEU L 3578 20.56 -65.55 45.46
CA LEU L 3578 20.85 -64.14 45.26
C LEU L 3578 19.60 -63.29 45.39
N SER L 3579 18.70 -63.51 44.45
CA SER L 3579 17.75 -62.51 43.98
C SER L 3579 16.66 -62.03 44.93
N ASN L 3580 16.47 -62.70 46.07
CA ASN L 3580 15.47 -62.38 47.07
C ASN L 3580 16.03 -61.27 47.98
N PRO L 3581 15.50 -60.03 47.94
CA PRO L 3581 16.00 -58.90 48.72
C PRO L 3581 15.79 -59.10 50.23
N GLU L 3582 16.06 -58.05 51.03
CA GLU L 3582 15.83 -58.02 52.49
C GLU L 3582 14.49 -58.64 52.90
N LEU L 3583 13.44 -58.37 52.11
CA LEU L 3583 12.07 -58.84 52.25
C LEU L 3583 11.94 -60.36 52.42
N LEU L 3584 12.95 -61.14 52.02
CA LEU L 3584 13.04 -62.56 52.32
C LEU L 3584 12.80 -62.85 53.80
N PHE L 3585 13.42 -62.08 54.71
CA PHE L 3585 13.21 -62.28 56.15
C PHE L 3585 11.74 -62.15 56.53
N LYS L 3586 11.08 -61.08 56.06
CA LYS L 3586 9.69 -60.80 56.39
C LYS L 3586 8.77 -61.97 56.06
N ASP L 3587 9.06 -62.73 54.99
CA ASP L 3587 8.22 -63.80 54.48
C ASP L 3587 8.30 -65.03 55.37
N TRP L 3588 9.51 -65.53 55.59
CA TRP L 3588 9.54 -66.76 56.34
C TRP L 3588 9.24 -66.46 57.80
N SER L 3589 9.36 -65.19 58.19
CA SER L 3589 9.10 -64.85 59.58
C SER L 3589 7.62 -64.94 59.90
N ASN L 3590 6.78 -64.38 59.03
CA ASN L 3590 5.36 -64.53 59.34
C ASN L 3590 4.89 -65.94 58.99
N ASP L 3591 5.60 -66.66 58.13
CA ASP L 3591 5.30 -68.08 58.02
C ASP L 3591 5.55 -68.79 59.33
N VAL L 3592 6.70 -68.53 59.94
CA VAL L 3592 6.99 -69.09 61.25
C VAL L 3592 5.96 -68.61 62.27
N ARG L 3593 5.51 -67.37 62.14
CA ARG L 3593 4.51 -66.82 63.04
C ARG L 3593 3.22 -67.62 62.96
N ALA L 3594 2.79 -67.93 61.75
CA ALA L 3594 1.60 -68.75 61.60
C ALA L 3594 1.83 -70.13 62.17
N GLU L 3595 2.98 -70.73 61.86
CA GLU L 3595 3.21 -72.12 62.25
C GLU L 3595 3.46 -72.27 63.75
N LEU L 3596 3.81 -71.18 64.44
CA LEU L 3596 4.06 -71.24 65.88
C LEU L 3596 2.79 -71.35 66.70
N ALA L 3597 1.63 -70.99 66.13
CA ALA L 3597 0.38 -71.20 66.82
C ALA L 3597 0.06 -72.67 67.00
N LYS L 3598 0.78 -73.56 66.33
CA LYS L 3598 0.52 -74.99 66.42
C LYS L 3598 1.17 -75.56 67.69
N THR L 3599 0.84 -76.82 67.97
CA THR L 3599 1.37 -77.52 69.12
C THR L 3599 2.86 -77.80 68.94
N PRO L 3600 3.58 -78.05 70.04
CA PRO L 3600 5.04 -78.26 69.94
C PRO L 3600 5.45 -79.44 69.06
N VAL L 3601 4.51 -80.33 68.69
CA VAL L 3601 4.84 -81.41 67.76
C VAL L 3601 5.15 -80.88 66.37
N ASN L 3602 4.91 -79.60 66.11
CA ASN L 3602 5.28 -78.95 64.86
C ASN L 3602 6.77 -78.63 64.78
N LYS L 3603 7.59 -79.20 65.68
CA LYS L 3603 9.01 -78.89 65.67
C LYS L 3603 9.69 -79.35 64.37
N LYS L 3604 9.16 -80.40 63.74
CA LYS L 3604 9.71 -80.83 62.46
C LYS L 3604 9.52 -79.75 61.39
N ASN L 3605 8.32 -79.17 61.32
CA ASN L 3605 8.09 -78.07 60.39
C ASN L 3605 8.88 -76.84 60.79
N ILE L 3606 9.06 -76.62 62.10
CA ILE L 3606 9.86 -75.50 62.56
C ILE L 3606 11.29 -75.63 62.07
N GLU L 3607 11.84 -76.84 62.17
CA GLU L 3607 13.20 -77.07 61.67
C GLU L 3607 13.27 -76.94 60.16
N LYS L 3608 12.24 -77.43 59.46
CA LYS L 3608 12.20 -77.28 58.01
C LYS L 3608 12.07 -75.83 57.57
N MET L 3609 11.56 -74.96 58.44
CA MET L 3609 11.53 -73.53 58.14
C MET L 3609 12.82 -72.83 58.56
N TYR L 3610 13.47 -73.31 59.63
CA TYR L 3610 14.77 -72.78 59.99
C TYR L 3610 15.80 -73.10 58.93
N GLU L 3611 15.80 -74.32 58.40
CA GLU L 3611 16.80 -74.73 57.44
C GLU L 3611 16.76 -73.87 56.19
N ARG L 3612 15.58 -73.36 55.82
CA ARG L 3612 15.52 -72.43 54.70
C ARG L 3612 16.49 -71.28 54.92
N MET L 3613 16.20 -70.45 55.92
CA MET L 3613 17.02 -69.28 56.15
C MET L 3613 18.45 -69.65 56.48
N TYR L 3614 18.65 -70.82 57.10
CA TYR L 3614 20.01 -71.25 57.43
C TYR L 3614 20.83 -71.48 56.17
N ALA L 3615 20.29 -72.27 55.23
CA ALA L 3615 20.98 -72.47 53.97
C ALA L 3615 21.06 -71.18 53.19
N ALA L 3616 20.12 -70.27 53.42
CA ALA L 3616 20.14 -68.99 52.73
C ALA L 3616 21.26 -68.09 53.23
N LEU L 3617 21.47 -68.02 54.54
CA LEU L 3617 22.36 -67.06 55.16
C LEU L 3617 23.50 -67.71 55.93
N GLY L 3618 23.17 -68.53 56.94
CA GLY L 3618 24.16 -68.86 57.96
C GLY L 3618 25.33 -69.68 57.45
N ASP L 3619 25.06 -70.58 56.52
CA ASP L 3619 26.10 -71.51 56.08
C ASP L 3619 27.26 -70.73 55.44
N PRO L 3620 28.48 -70.95 55.91
CA PRO L 3620 29.64 -70.28 55.29
C PRO L 3620 29.78 -70.68 53.83
N LYS L 3621 30.16 -69.71 53.00
CA LYS L 3621 30.27 -69.90 51.56
C LYS L 3621 28.98 -70.49 51.00
N ALA L 3622 27.88 -69.83 51.32
CA ALA L 3622 26.56 -70.33 50.94
C ALA L 3622 26.44 -70.35 49.41
N PRO L 3623 25.66 -71.30 48.86
CA PRO L 3623 25.48 -71.33 47.42
C PRO L 3623 24.87 -70.03 46.91
N GLY L 3624 25.31 -69.63 45.72
CA GLY L 3624 24.91 -68.35 45.17
C GLY L 3624 25.91 -67.25 45.49
N LEU L 3625 26.35 -67.19 46.74
CA LEU L 3625 27.35 -66.22 47.17
C LEU L 3625 26.91 -64.79 46.85
N GLY L 3626 25.76 -64.39 47.38
CA GLY L 3626 25.22 -63.09 47.03
C GLY L 3626 26.02 -61.95 47.60
N ALA L 3627 25.88 -60.79 46.97
CA ALA L 3627 26.58 -59.59 47.43
C ALA L 3627 25.84 -58.97 48.60
N PHE L 3628 24.63 -58.50 48.36
CA PHE L 3628 23.83 -58.05 49.49
C PHE L 3628 23.46 -59.22 50.39
N ARG L 3629 23.42 -60.44 49.84
CA ARG L 3629 23.29 -61.62 50.68
C ARG L 3629 24.47 -61.73 51.65
N ARG L 3630 25.68 -61.56 51.15
CA ARG L 3630 26.84 -61.57 52.03
C ARG L 3630 26.74 -60.45 53.04
N LYS L 3631 26.30 -59.27 52.60
CA LYS L 3631 26.19 -58.15 53.51
C LYS L 3631 25.19 -58.45 54.64
N PHE L 3632 24.08 -59.07 54.29
CA PHE L 3632 23.06 -59.35 55.29
C PHE L 3632 23.50 -60.43 56.25
N ILE L 3633 24.11 -61.51 55.75
CA ILE L 3633 24.59 -62.55 56.66
C ILE L 3633 25.70 -62.00 57.54
N GLN L 3634 26.56 -61.14 56.98
CA GLN L 3634 27.57 -60.49 57.80
C GLN L 3634 26.94 -59.59 58.86
N THR L 3635 25.83 -58.94 58.53
CA THR L 3635 25.10 -58.15 59.52
C THR L 3635 24.24 -58.99 60.43
N PHE L 3636 24.14 -60.30 60.18
CA PHE L 3636 23.29 -61.13 61.01
C PHE L 3636 23.98 -62.45 61.34
N GLY L 3637 25.19 -62.31 61.88
CA GLY L 3637 25.91 -63.44 62.42
C GLY L 3637 25.64 -63.54 63.90
N LYS L 3638 26.60 -63.11 64.72
CA LYS L 3638 26.44 -63.17 66.18
C LYS L 3638 25.14 -62.56 66.66
N GLU L 3639 24.56 -61.63 65.90
CA GLU L 3639 23.25 -61.08 66.24
C GLU L 3639 22.17 -62.15 66.15
N PHE L 3640 22.25 -63.01 65.13
CA PHE L 3640 21.36 -64.16 65.06
C PHE L 3640 21.61 -65.14 66.20
N ASP L 3641 22.87 -65.43 66.51
CA ASP L 3641 23.18 -66.39 67.54
C ASP L 3641 22.68 -65.91 68.90
N LYS L 3642 22.77 -64.61 69.16
CA LYS L 3642 22.32 -64.07 70.44
C LYS L 3642 20.82 -64.28 70.62
N HIS L 3643 20.02 -63.96 69.60
CA HIS L 3643 18.59 -63.87 69.80
C HIS L 3643 17.83 -65.06 69.23
N PHE L 3644 17.91 -65.23 67.92
CA PHE L 3644 16.87 -65.98 67.22
C PHE L 3644 17.19 -67.45 67.07
N GLY L 3645 18.47 -67.83 67.05
CA GLY L 3645 18.78 -69.21 66.78
C GLY L 3645 19.47 -69.91 67.93
N LYS L 3646 20.21 -69.14 68.73
CA LYS L 3646 21.05 -69.68 69.79
C LYS L 3646 22.00 -70.75 69.27
N GLY L 3647 22.52 -70.54 68.06
CA GLY L 3647 23.29 -71.57 67.39
C GLY L 3647 22.46 -72.61 66.70
N GLY L 3648 21.14 -72.49 66.74
CA GLY L 3648 20.26 -73.51 66.18
C GLY L 3648 19.38 -74.09 67.25
N SER L 3649 19.75 -73.88 68.51
CA SER L 3649 19.09 -74.49 69.66
C SER L 3649 17.89 -73.70 70.14
N LYS L 3650 17.37 -72.77 69.34
CA LYS L 3650 16.15 -72.07 69.74
C LYS L 3650 14.93 -72.94 69.50
N LEU L 3651 15.11 -74.12 68.91
CA LEU L 3651 13.99 -74.99 68.54
C LEU L 3651 13.11 -75.36 69.72
N LEU L 3652 13.65 -75.26 70.94
CA LEU L 3652 12.88 -75.65 72.12
C LEU L 3652 11.67 -74.74 72.35
N ARG L 3653 11.85 -73.43 72.21
CA ARG L 3653 10.89 -72.46 72.72
C ARG L 3653 9.77 -72.16 71.72
N MET L 3654 8.96 -73.19 71.47
CA MET L 3654 7.80 -73.04 70.59
C MET L 3654 6.52 -72.73 71.34
N LYS L 3655 6.56 -72.71 72.68
CA LYS L 3655 5.32 -72.52 73.42
C LYS L 3655 4.73 -71.12 73.26
N LEU L 3656 5.56 -70.08 73.23
CA LEU L 3656 5.07 -68.70 73.17
C LEU L 3656 5.51 -68.08 71.86
N SER L 3657 4.69 -67.18 71.34
CA SER L 3657 4.89 -66.65 69.99
C SER L 3657 5.26 -65.18 69.97
N ASP L 3658 5.79 -64.64 71.06
CA ASP L 3658 6.08 -63.21 71.12
C ASP L 3658 7.20 -62.77 70.20
N PHE L 3659 7.93 -63.73 69.61
CA PHE L 3659 9.18 -63.40 68.91
C PHE L 3659 8.98 -62.41 67.78
N ASN L 3660 7.72 -62.10 67.47
CA ASN L 3660 7.38 -61.07 66.49
C ASN L 3660 8.07 -59.77 66.85
N ASP L 3661 8.33 -59.56 68.15
CA ASP L 3661 9.06 -58.37 68.56
C ASP L 3661 10.47 -58.35 67.98
N ILE L 3662 11.20 -59.46 68.13
CA ILE L 3662 12.54 -59.53 67.57
C ILE L 3662 12.47 -59.39 66.05
N THR L 3663 11.48 -60.05 65.45
CA THR L 3663 11.29 -59.92 64.00
C THR L 3663 11.11 -58.46 63.61
N ASN L 3664 10.28 -57.74 64.33
CA ASN L 3664 9.97 -56.37 63.96
C ASN L 3664 11.18 -55.47 64.13
N MET L 3665 11.89 -55.63 65.24
CA MET L 3665 13.06 -54.78 65.47
C MET L 3665 14.14 -55.04 64.45
N LEU L 3666 14.33 -56.30 64.04
CA LEU L 3666 15.24 -56.59 62.95
C LEU L 3666 14.76 -55.94 61.66
N LEU L 3667 13.48 -56.15 61.34
CA LEU L 3667 12.94 -55.76 60.05
C LEU L 3667 12.96 -54.28 59.86
N LEU L 3668 12.68 -53.52 60.92
CA LEU L 3668 12.82 -52.07 60.84
C LEU L 3668 14.22 -51.70 60.42
N LYS L 3669 15.20 -52.04 61.25
CA LYS L 3669 16.56 -51.57 61.01
C LYS L 3669 17.12 -52.08 59.71
N MET L 3670 16.59 -53.18 59.19
CA MET L 3670 17.03 -53.59 57.86
C MET L 3670 16.26 -52.87 56.76
N ASN L 3671 15.04 -52.42 57.04
CA ASN L 3671 14.32 -51.61 56.08
C ASN L 3671 14.98 -50.25 55.90
N LYS L 3672 15.28 -49.59 57.02
CA LYS L 3672 16.03 -48.34 56.95
C LYS L 3672 17.48 -48.63 56.60
N ASP L 3673 18.09 -47.69 55.88
CA ASP L 3673 19.48 -47.82 55.43
C ASP L 3673 19.68 -49.09 54.61
N SER L 3674 18.60 -49.59 54.01
CA SER L 3674 18.70 -50.74 53.13
C SER L 3674 19.37 -50.33 51.83
N LYS L 3675 19.88 -51.33 51.11
CA LYS L 3675 20.58 -51.06 49.87
C LYS L 3675 19.87 -51.72 48.71
N PRO L 3676 19.58 -50.99 47.64
CA PRO L 3676 19.11 -51.63 46.42
C PRO L 3676 20.18 -52.57 45.89
N PRO L 3677 19.79 -53.67 45.28
CA PRO L 3677 20.80 -54.54 44.66
C PRO L 3677 21.59 -53.77 43.64
N GLY L 3678 22.90 -53.99 43.62
CA GLY L 3678 23.86 -53.07 43.01
C GLY L 3678 23.60 -52.86 41.54
N ASN L 3679 23.37 -51.61 41.12
CA ASN L 3679 22.88 -51.29 39.78
C ASN L 3679 23.77 -51.88 38.67
N LEU L 3680 25.09 -51.87 38.85
CA LEU L 3680 26.00 -52.73 38.10
C LEU L 3680 26.11 -54.08 38.82
N LYS L 3681 25.45 -55.11 38.26
CA LYS L 3681 25.25 -56.45 38.86
C LYS L 3681 26.51 -57.28 39.15
N GLU L 3682 27.72 -56.82 38.82
CA GLU L 3682 28.96 -57.59 38.99
C GLU L 3682 29.16 -58.10 40.43
N CYS L 3683 28.68 -57.34 41.42
CA CYS L 3683 28.43 -57.86 42.76
C CYS L 3683 27.17 -58.76 42.77
N SER L 3684 27.28 -59.94 42.15
CA SER L 3684 26.36 -61.09 42.19
C SER L 3684 27.04 -62.26 41.48
N PRO L 3685 28.21 -62.74 41.98
CA PRO L 3685 29.25 -63.37 41.18
C PRO L 3685 28.77 -64.43 40.18
N TRP L 3686 27.83 -65.31 40.52
CA TRP L 3686 27.35 -66.33 39.58
C TRP L 3686 26.71 -65.77 38.31
N MET L 3687 25.92 -64.69 38.43
CA MET L 3687 25.32 -63.99 37.29
C MET L 3687 26.38 -63.30 36.43
N SER L 3688 27.53 -62.94 37.00
CA SER L 3688 28.70 -62.54 36.20
C SER L 3688 29.39 -63.77 35.58
N ASP L 3689 29.42 -64.91 36.27
CA ASP L 3689 30.20 -66.10 35.92
C ASP L 3689 29.59 -66.95 34.78
N PHE L 3690 28.27 -66.85 34.56
CA PHE L 3690 27.57 -67.58 33.50
C PHE L 3690 27.88 -67.07 32.08
N LYS L 3691 28.36 -67.96 31.20
CA LYS L 3691 28.67 -67.78 29.77
C LYS L 3691 28.26 -69.02 28.97
N VAL L 3692 28.22 -68.97 27.64
CA VAL L 3692 28.13 -70.19 26.81
C VAL L 3692 29.49 -70.91 26.75
N GLU L 3693 29.55 -72.13 27.31
CA GLU L 3693 30.72 -72.99 27.38
C GLU L 3693 30.29 -74.45 27.32
N PHE L 3694 31.22 -75.28 26.85
CA PHE L 3694 31.01 -76.73 26.87
C PHE L 3694 30.96 -77.23 28.30
N LEU L 3695 30.71 -78.54 28.44
CA LEU L 3695 30.41 -79.18 29.71
C LEU L 3695 29.24 -78.51 30.41
N ARG L 3696 28.35 -77.80 29.68
CA ARG L 3696 27.12 -77.21 30.21
C ARG L 3696 25.97 -77.42 29.22
N ASN L 3697 24.84 -77.90 29.71
CA ASN L 3697 23.61 -77.99 28.94
C ASN L 3697 23.13 -76.56 28.66
N GLU L 3698 23.09 -76.15 27.40
CA GLU L 3698 22.79 -74.75 27.09
C GLU L 3698 21.34 -74.43 27.46
N LEU L 3699 21.16 -73.44 28.34
CA LEU L 3699 19.86 -73.11 28.91
C LEU L 3699 18.99 -72.38 27.89
N GLU L 3700 18.04 -73.09 27.30
CA GLU L 3700 16.91 -72.54 26.54
C GLU L 3700 16.18 -71.51 27.42
N ILE L 3701 15.66 -70.42 26.85
CA ILE L 3701 14.98 -69.38 27.62
C ILE L 3701 13.78 -69.97 28.40
N PRO L 3702 13.57 -69.60 29.69
CA PRO L 3702 12.62 -70.30 30.54
C PRO L 3702 11.18 -70.32 30.05
N GLY L 3703 10.54 -71.50 30.08
CA GLY L 3703 9.09 -71.65 29.86
C GLY L 3703 8.60 -71.38 28.45
N GLN L 3704 9.50 -71.26 27.47
CA GLN L 3704 9.16 -70.96 26.08
C GLN L 3704 8.39 -72.10 25.38
N TYR L 3705 8.44 -73.32 25.91
CA TYR L 3705 7.71 -74.48 25.40
C TYR L 3705 6.21 -74.40 25.76
N ASP L 3706 5.34 -74.61 24.77
CA ASP L 3706 3.87 -74.59 24.89
C ASP L 3706 3.19 -75.48 23.82
N GLY L 3707 1.90 -75.77 24.02
CA GLY L 3707 1.15 -76.75 23.19
C GLY L 3707 0.73 -76.28 21.80
N ARG L 3708 1.04 -75.04 21.42
CA ARG L 3708 0.67 -74.45 20.12
C ARG L 3708 1.55 -75.00 18.99
N GLY L 3709 1.18 -76.16 18.46
CA GLY L 3709 1.89 -76.85 17.38
C GLY L 3709 3.18 -77.56 17.81
N LYS L 3710 3.78 -78.33 16.89
CA LYS L 3710 5.09 -78.97 17.13
C LYS L 3710 6.19 -77.89 17.30
N PRO L 3711 7.19 -78.08 18.19
CA PRO L 3711 7.93 -76.96 18.76
C PRO L 3711 9.02 -76.31 17.89
N LEU L 3712 9.70 -77.09 17.03
CA LEU L 3712 11.01 -76.71 16.45
C LEU L 3712 12.01 -76.31 17.57
N PRO L 3713 12.35 -77.23 18.48
CA PRO L 3713 13.03 -76.91 19.75
C PRO L 3713 14.31 -76.07 19.56
N GLU L 3714 15.15 -76.39 18.56
CA GLU L 3714 16.41 -75.67 18.34
C GLU L 3714 16.20 -74.18 17.94
N TYR L 3715 15.00 -73.80 17.48
CA TYR L 3715 14.68 -72.39 17.16
C TYR L 3715 14.37 -71.58 18.43
N HIS L 3716 14.07 -72.19 19.57
CA HIS L 3716 13.83 -71.46 20.81
C HIS L 3716 15.10 -70.74 21.27
N VAL L 3717 14.94 -69.55 21.83
CA VAL L 3717 16.05 -68.72 22.31
C VAL L 3717 16.76 -69.47 23.44
N ARG L 3718 18.06 -69.23 23.64
CA ARG L 3718 18.84 -69.75 24.78
C ARG L 3718 19.80 -68.70 25.34
N ILE L 3719 20.10 -68.77 26.62
CA ILE L 3719 20.82 -67.72 27.36
C ILE L 3719 22.21 -67.59 26.79
N ALA L 3720 22.60 -66.38 26.38
CA ALA L 3720 24.01 -66.06 26.15
C ALA L 3720 24.65 -65.59 27.48
N GLY L 3721 23.98 -64.69 28.20
CA GLY L 3721 24.37 -64.29 29.55
C GLY L 3721 23.47 -63.21 30.15
N PHE L 3722 23.59 -63.03 31.47
CA PHE L 3722 23.04 -61.88 32.20
C PHE L 3722 23.85 -60.61 31.91
N ASP L 3723 23.47 -59.50 32.54
CA ASP L 3723 24.03 -58.18 32.25
C ASP L 3723 24.31 -57.38 33.53
N GLU L 3724 25.21 -56.42 33.45
CA GLU L 3724 25.59 -55.50 34.52
C GLU L 3724 24.55 -54.37 34.76
N ARG L 3725 23.25 -54.72 34.79
CA ARG L 3725 22.13 -53.77 34.96
C ARG L 3725 20.99 -54.34 35.80
N VAL L 3726 20.41 -53.55 36.72
CA VAL L 3726 19.21 -53.91 37.50
C VAL L 3726 18.45 -52.67 38.01
N THR L 3727 17.16 -52.83 38.30
CA THR L 3727 16.32 -51.88 39.05
C THR L 3727 15.22 -52.63 39.80
N VAL L 3728 14.69 -52.06 40.89
CA VAL L 3728 13.60 -52.64 41.69
C VAL L 3728 12.28 -51.91 41.46
N MET L 3729 11.20 -52.68 41.28
CA MET L 3729 9.83 -52.19 41.15
C MET L 3729 9.30 -51.63 42.48
N ALA L 3730 8.43 -50.62 42.43
CA ALA L 3730 7.99 -49.90 43.63
C ALA L 3730 7.10 -50.69 44.58
N SER L 3731 6.25 -51.62 44.10
CA SER L 3731 5.24 -52.20 44.98
C SER L 3731 5.85 -53.19 46.01
N LEU L 3732 5.11 -53.44 47.10
CA LEU L 3732 5.62 -53.85 48.41
C LEU L 3732 6.59 -55.05 48.45
N ARG L 3733 6.57 -56.04 47.53
CA ARG L 3733 7.54 -57.14 47.51
C ARG L 3733 8.84 -56.83 46.76
N ARG L 3734 9.02 -55.58 46.28
CA ARG L 3734 10.19 -55.05 45.56
C ARG L 3734 10.85 -56.06 44.58
N PRO L 3735 10.06 -56.65 43.66
CA PRO L 3735 10.56 -57.51 42.60
C PRO L 3735 11.41 -56.71 41.60
N LYS L 3736 12.07 -57.42 40.70
CA LYS L 3736 13.30 -56.92 40.07
C LYS L 3736 13.31 -57.08 38.55
N ARG L 3737 13.50 -56.00 37.81
CA ARG L 3737 13.61 -56.02 36.35
C ARG L 3737 15.03 -56.43 35.90
N ILE L 3738 15.33 -57.71 36.11
CA ILE L 3738 16.47 -58.42 35.51
C ILE L 3738 16.42 -58.35 33.98
N ILE L 3739 17.59 -58.43 33.35
CA ILE L 3739 17.75 -58.51 31.90
C ILE L 3739 18.63 -59.72 31.53
N ILE L 3740 18.15 -60.53 30.61
CA ILE L 3740 18.89 -61.65 30.00
C ILE L 3740 19.21 -61.31 28.54
N ARG L 3741 20.44 -61.54 28.05
CA ARG L 3741 20.73 -61.54 26.61
C ARG L 3741 20.75 -62.98 26.09
N GLY L 3742 19.99 -63.25 25.04
CA GLY L 3742 19.95 -64.56 24.40
C GLY L 3742 21.02 -64.72 23.32
N HIS L 3743 21.22 -65.94 22.85
CA HIS L 3743 22.07 -66.27 21.71
C HIS L 3743 21.61 -65.61 20.41
N ASP L 3744 20.35 -65.19 20.36
CA ASP L 3744 19.74 -64.31 19.35
C ASP L 3744 20.34 -62.88 19.37
N GLU L 3745 21.28 -62.57 20.26
CA GLU L 3745 21.85 -61.23 20.52
C GLU L 3745 20.76 -60.17 20.75
N ARG L 3746 19.82 -60.51 21.66
CA ARG L 3746 18.58 -59.78 21.90
C ARG L 3746 18.26 -59.79 23.39
N GLU L 3747 17.67 -58.70 23.85
CA GLU L 3747 17.21 -58.48 25.22
C GLU L 3747 15.96 -59.29 25.57
N HIS L 3748 15.94 -59.92 26.73
CA HIS L 3748 14.73 -60.38 27.40
C HIS L 3748 14.69 -59.73 28.78
N PRO L 3749 14.20 -58.48 28.88
CA PRO L 3749 13.82 -57.90 30.14
C PRO L 3749 12.74 -58.77 30.76
N PHE L 3750 12.87 -59.02 32.04
CA PHE L 3750 12.09 -60.03 32.74
C PHE L 3750 11.80 -59.52 34.15
N LEU L 3751 10.67 -59.90 34.75
CA LEU L 3751 10.47 -59.70 36.18
C LEU L 3751 10.87 -60.95 36.95
N VAL L 3752 11.90 -60.88 37.80
CA VAL L 3752 11.99 -61.80 38.94
C VAL L 3752 11.03 -61.33 40.00
N LYS L 3753 10.14 -62.25 40.40
CA LYS L 3753 9.30 -62.21 41.59
C LYS L 3753 9.54 -63.48 42.43
N GLY L 3754 9.48 -63.42 43.76
CA GLY L 3754 9.84 -64.57 44.59
C GLY L 3754 9.42 -64.40 46.04
N GLY L 3755 9.61 -65.44 46.86
CA GLY L 3755 9.03 -65.53 48.21
C GLY L 3755 7.53 -65.80 48.20
N GLU L 3756 6.78 -65.05 47.39
CA GLU L 3756 5.50 -65.47 46.82
C GLU L 3756 5.72 -66.70 45.92
N ASP L 3757 4.83 -67.69 46.00
CA ASP L 3757 4.94 -68.94 45.25
C ASP L 3757 4.14 -68.83 43.95
N LEU L 3758 4.84 -68.87 42.82
CA LEU L 3758 4.25 -68.65 41.50
C LEU L 3758 3.35 -69.81 41.03
N ARG L 3759 3.12 -70.84 41.87
CA ARG L 3759 2.17 -71.93 41.61
C ARG L 3759 0.75 -71.42 41.37
N GLN L 3760 0.28 -70.51 42.22
CA GLN L 3760 -1.01 -69.84 42.11
C GLN L 3760 -1.11 -69.01 40.82
N ASP L 3761 -0.09 -68.22 40.53
CA ASP L 3761 0.01 -67.39 39.32
C ASP L 3761 0.08 -68.21 38.02
N GLN L 3762 0.76 -69.36 38.04
CA GLN L 3762 0.73 -70.26 36.89
C GLN L 3762 -0.68 -70.80 36.67
N ARG L 3763 -1.34 -71.26 37.73
CA ARG L 3763 -2.68 -71.87 37.62
C ARG L 3763 -3.70 -70.83 37.20
N VAL L 3764 -3.64 -69.60 37.70
CA VAL L 3764 -4.51 -68.54 37.18
C VAL L 3764 -4.23 -68.18 35.71
N GLU L 3765 -3.08 -68.51 35.12
CA GLU L 3765 -2.90 -68.43 33.67
C GLU L 3765 -3.35 -69.65 32.86
N GLN L 3766 -3.31 -70.89 33.38
CA GLN L 3766 -3.87 -72.05 32.64
C GLN L 3766 -5.31 -71.74 32.22
N LEU L 3767 -6.06 -71.32 33.22
CA LEU L 3767 -7.38 -70.74 33.11
C LEU L 3767 -7.48 -69.72 31.97
N PHE L 3768 -6.66 -68.70 31.97
CA PHE L 3768 -6.79 -67.65 30.98
C PHE L 3768 -6.50 -68.19 29.58
N GLN L 3769 -5.58 -69.14 29.44
CA GLN L 3769 -5.33 -69.79 28.15
C GLN L 3769 -6.56 -70.57 27.65
N VAL L 3770 -7.26 -71.32 28.52
CA VAL L 3770 -8.49 -71.99 28.09
C VAL L 3770 -9.65 -70.99 27.84
N MET L 3771 -9.67 -69.80 28.46
CA MET L 3771 -10.67 -68.78 28.15
C MET L 3771 -10.47 -68.18 26.76
N ASN L 3772 -9.23 -67.88 26.39
CA ASN L 3772 -8.87 -67.61 25.00
C ASN L 3772 -9.33 -68.73 24.06
N GLY L 3773 -9.17 -69.98 24.51
CA GLY L 3773 -9.69 -71.17 23.85
C GLY L 3773 -11.18 -71.08 23.50
N ILE L 3774 -12.09 -70.94 24.46
CA ILE L 3774 -13.52 -70.86 24.14
C ILE L 3774 -13.86 -69.59 23.37
N LEU L 3775 -13.21 -68.47 23.69
CA LEU L 3775 -13.45 -67.20 23.03
C LEU L 3775 -13.17 -67.25 21.53
N ALA L 3776 -12.12 -67.95 21.12
CA ALA L 3776 -11.80 -68.14 19.71
C ALA L 3776 -12.78 -69.09 19.01
N GLN L 3777 -13.61 -69.81 19.74
CA GLN L 3777 -14.36 -70.98 19.32
C GLN L 3777 -15.88 -70.87 19.59
N ASP L 3778 -16.49 -69.76 19.77
CA ASP L 3778 -17.83 -69.37 19.64
C ASP L 3778 -18.06 -68.08 18.85
N SER L 3779 -19.02 -68.06 17.94
CA SER L 3779 -19.37 -67.00 16.99
C SER L 3779 -19.54 -65.63 17.65
N ALA L 3780 -20.19 -65.60 18.81
CA ALA L 3780 -20.40 -64.37 19.58
C ALA L 3780 -19.09 -63.65 19.97
N CYS L 3781 -17.94 -64.32 19.92
CA CYS L 3781 -16.65 -63.75 20.29
C CYS L 3781 -15.60 -63.78 19.19
N SER L 3782 -15.64 -64.77 18.29
CA SER L 3782 -14.79 -64.72 17.10
C SER L 3782 -15.19 -63.54 16.20
N GLN L 3783 -16.48 -63.25 16.05
CA GLN L 3783 -16.96 -62.13 15.22
C GLN L 3783 -16.54 -60.76 15.78
N ARG L 3784 -16.33 -60.68 17.11
CA ARG L 3784 -15.82 -59.51 17.85
C ARG L 3784 -14.30 -59.49 18.04
N ALA L 3785 -13.56 -60.50 17.57
CA ALA L 3785 -12.11 -60.65 17.77
C ALA L 3785 -11.66 -60.62 19.26
N LEU L 3786 -12.47 -61.21 20.13
CA LEU L 3786 -12.30 -61.19 21.58
C LEU L 3786 -11.30 -62.26 22.05
N GLN L 3787 -10.18 -61.85 22.66
CA GLN L 3787 -9.19 -62.68 23.36
C GLN L 3787 -8.61 -61.88 24.53
N LEU L 3788 -8.29 -62.52 25.65
CA LEU L 3788 -7.38 -61.92 26.64
C LEU L 3788 -5.95 -62.00 26.12
N ARG L 3789 -5.04 -61.18 26.64
CA ARG L 3789 -3.63 -61.59 26.66
C ARG L 3789 -3.38 -62.30 27.99
N THR L 3790 -2.97 -63.55 27.92
CA THR L 3790 -2.13 -64.18 28.93
C THR L 3790 -0.66 -63.78 28.68
N TYR L 3791 0.27 -64.29 29.49
CA TYR L 3791 1.73 -64.14 29.42
C TYR L 3791 2.40 -65.27 30.23
N SER L 3792 3.69 -65.52 30.01
CA SER L 3792 4.43 -66.61 30.66
C SER L 3792 4.87 -66.32 32.10
N VAL L 3793 4.23 -66.99 33.04
CA VAL L 3793 4.80 -67.35 34.34
C VAL L 3793 5.74 -68.55 34.15
N VAL L 3794 6.75 -68.72 35.00
CA VAL L 3794 7.51 -69.97 35.14
C VAL L 3794 8.02 -70.08 36.58
N PRO L 3795 7.50 -71.04 37.39
CA PRO L 3795 7.72 -71.08 38.83
C PRO L 3795 9.06 -71.73 39.17
N MET L 3796 10.17 -71.09 38.76
CA MET L 3796 11.54 -71.63 38.76
C MET L 3796 11.97 -72.28 40.06
N THR L 3797 11.47 -71.79 41.19
CA THR L 3797 11.41 -72.59 42.41
C THR L 3797 10.14 -72.26 43.17
N SER L 3798 9.89 -72.95 44.29
CA SER L 3798 8.75 -72.68 45.19
C SER L 3798 8.65 -71.21 45.61
N ARG L 3799 9.74 -70.45 45.45
CA ARG L 3799 9.88 -69.04 45.82
C ARG L 3799 10.48 -68.18 44.70
N LEU L 3800 10.27 -68.51 43.42
CA LEU L 3800 10.70 -67.69 42.27
C LEU L 3800 9.83 -67.85 41.03
N GLY L 3801 9.86 -66.85 40.17
CA GLY L 3801 9.63 -67.02 38.74
C GLY L 3801 10.23 -65.91 37.91
N LEU L 3802 10.59 -66.23 36.66
CA LEU L 3802 11.01 -65.27 35.63
C LEU L 3802 9.79 -64.87 34.80
N ILE L 3803 8.96 -63.96 35.31
CA ILE L 3803 7.69 -63.55 34.71
C ILE L 3803 7.95 -62.59 33.53
N GLU L 3804 7.50 -62.91 32.32
CA GLU L 3804 7.89 -62.11 31.15
C GLU L 3804 7.43 -60.65 31.20
N TRP L 3805 8.37 -59.73 30.98
CA TRP L 3805 8.07 -58.32 30.83
C TRP L 3805 7.49 -58.12 29.43
N LEU L 3806 6.30 -57.56 29.26
CA LEU L 3806 5.83 -57.08 27.97
C LEU L 3806 6.47 -55.72 27.65
N GLU L 3807 7.38 -55.69 26.69
CA GLU L 3807 8.06 -54.47 26.24
C GLU L 3807 7.11 -53.51 25.51
N ASN L 3808 7.46 -52.22 25.49
CA ASN L 3808 6.62 -51.13 24.96
C ASN L 3808 5.24 -51.05 25.64
N THR L 3809 5.20 -51.34 26.94
CA THR L 3809 4.01 -51.18 27.78
C THR L 3809 4.31 -50.34 29.01
N VAL L 3810 3.28 -49.71 29.59
CA VAL L 3810 3.31 -48.91 30.85
C VAL L 3810 2.07 -49.15 31.74
N THR L 3811 2.17 -49.04 33.07
CA THR L 3811 0.99 -49.24 33.93
C THR L 3811 0.02 -48.10 33.85
N LEU L 3812 -1.22 -48.37 34.21
CA LEU L 3812 -2.29 -47.40 34.08
C LEU L 3812 -2.14 -46.23 35.06
N LYS L 3813 -1.64 -46.42 36.29
CA LYS L 3813 -1.31 -45.29 37.17
C LYS L 3813 -0.16 -44.45 36.61
N ASP L 3814 0.87 -45.08 36.05
CA ASP L 3814 1.96 -44.35 35.40
C ASP L 3814 1.42 -43.54 34.22
N LEU L 3815 0.60 -44.15 33.36
CA LEU L 3815 -0.11 -43.50 32.27
C LEU L 3815 -0.96 -42.33 32.76
N LEU L 3816 -1.76 -42.50 33.81
CA LEU L 3816 -2.64 -41.47 34.36
C LEU L 3816 -1.84 -40.23 34.79
N LEU L 3817 -0.85 -40.40 35.67
CA LEU L 3817 0.01 -39.30 36.08
C LEU L 3817 0.76 -38.69 34.89
N ASN L 3818 1.19 -39.50 33.93
CA ASN L 3818 1.82 -39.05 32.70
C ASN L 3818 0.86 -38.24 31.79
N THR L 3819 -0.47 -38.34 31.93
CA THR L 3819 -1.37 -37.36 31.29
C THR L 3819 -1.50 -36.03 32.04
N MET L 3820 -1.14 -35.93 33.32
CA MET L 3820 -1.33 -34.70 34.10
C MET L 3820 -0.26 -33.65 33.78
N SER L 3821 -0.57 -32.37 33.97
CA SER L 3821 0.44 -31.30 34.08
C SER L 3821 0.95 -31.20 35.53
N GLN L 3822 2.05 -30.48 35.72
CA GLN L 3822 2.61 -30.16 37.03
C GLN L 3822 1.58 -29.52 37.99
N GLU L 3823 0.55 -28.85 37.47
CA GLU L 3823 -0.45 -28.18 38.28
C GLU L 3823 -1.52 -29.14 38.84
N GLU L 3824 -1.92 -30.18 38.09
CA GLU L 3824 -2.81 -31.23 38.64
C GLU L 3824 -2.03 -32.27 39.44
N LYS L 3825 -0.78 -32.55 39.02
CA LYS L 3825 0.18 -33.39 39.74
C LYS L 3825 0.45 -32.89 41.16
N ALA L 3826 0.32 -31.59 41.39
CA ALA L 3826 0.30 -31.03 42.74
C ALA L 3826 -0.72 -31.74 43.64
N ALA L 3827 -1.89 -32.12 43.11
CA ALA L 3827 -2.91 -32.91 43.80
C ALA L 3827 -2.54 -34.40 44.02
N TYR L 3828 -1.29 -34.82 43.79
CA TYR L 3828 -0.77 -36.16 44.10
C TYR L 3828 0.58 -36.11 44.82
N LEU L 3829 1.41 -35.11 44.50
CA LEU L 3829 2.41 -34.56 45.41
C LEU L 3829 1.79 -34.11 46.76
N SER L 3830 0.46 -34.00 46.80
CA SER L 3830 -0.35 -33.77 48.01
C SER L 3830 -0.01 -32.45 48.69
N ASP L 3831 0.27 -31.45 47.86
CA ASP L 3831 0.55 -30.07 48.27
C ASP L 3831 -0.74 -29.28 48.63
N PRO L 3832 -1.87 -29.41 47.90
CA PRO L 3832 -3.11 -28.70 48.23
C PRO L 3832 -3.77 -29.24 49.51
N ARG L 3833 -3.71 -30.56 49.73
CA ARG L 3833 -4.09 -31.26 50.98
C ARG L 3833 -3.17 -32.47 51.17
N ALA L 3834 -2.91 -32.88 52.41
CA ALA L 3834 -1.94 -33.91 52.78
C ALA L 3834 -2.20 -35.33 52.20
N PRO L 3835 -3.46 -35.76 51.99
CA PRO L 3835 -3.80 -36.82 51.05
C PRO L 3835 -4.22 -36.25 49.68
N PRO L 3836 -4.02 -36.99 48.56
CA PRO L 3836 -4.15 -36.50 47.18
C PRO L 3836 -5.54 -35.93 46.88
N CYS L 3837 -6.57 -36.75 47.06
CA CYS L 3837 -7.90 -36.28 47.42
C CYS L 3837 -7.97 -36.29 48.96
N GLU L 3838 -8.87 -35.53 49.59
CA GLU L 3838 -8.99 -35.38 51.06
C GLU L 3838 -9.09 -36.71 51.86
N TYR L 3839 -9.39 -37.82 51.19
CA TYR L 3839 -9.86 -39.10 51.74
C TYR L 3839 -9.31 -39.45 53.11
N LYS L 3840 -7.99 -39.59 53.30
CA LYS L 3840 -7.41 -40.03 54.59
C LYS L 3840 -7.74 -39.12 55.77
N ASP L 3841 -7.88 -37.82 55.53
CA ASP L 3841 -8.24 -36.84 56.57
C ASP L 3841 -9.76 -36.76 56.73
N TRP L 3842 -10.51 -36.82 55.62
CA TRP L 3842 -11.97 -36.91 55.63
C TRP L 3842 -12.48 -38.13 56.38
N LEU L 3843 -11.67 -39.18 56.55
CA LEU L 3843 -11.99 -40.28 57.43
C LEU L 3843 -12.52 -39.79 58.79
N THR L 3844 -11.97 -38.72 59.35
CA THR L 3844 -12.42 -38.17 60.64
C THR L 3844 -13.88 -37.67 60.62
N LYS L 3845 -14.34 -37.07 59.53
CA LYS L 3845 -15.76 -36.72 59.29
C LYS L 3845 -16.61 -37.99 59.13
N MET L 3846 -16.03 -39.00 58.50
CA MET L 3846 -16.56 -40.36 58.41
C MET L 3846 -16.33 -41.21 59.69
N SER L 3847 -15.96 -40.59 60.81
CA SER L 3847 -15.68 -41.19 62.14
C SER L 3847 -14.49 -42.18 62.23
N GLY L 3848 -13.70 -42.33 61.17
CA GLY L 3848 -12.45 -43.12 61.14
C GLY L 3848 -11.21 -42.27 61.40
N LYS L 3849 -10.34 -42.67 62.34
CA LYS L 3849 -9.23 -41.83 62.82
C LYS L 3849 -7.90 -42.15 62.16
N HIS L 3850 -7.44 -43.38 62.29
CA HIS L 3850 -6.18 -43.89 61.77
C HIS L 3850 -6.26 -44.25 60.28
N ASP L 3851 -5.12 -44.52 59.63
CA ASP L 3851 -5.09 -44.79 58.18
C ASP L 3851 -5.57 -46.22 57.86
N VAL L 3852 -5.05 -47.25 58.56
CA VAL L 3852 -5.36 -48.64 58.29
C VAL L 3852 -6.57 -49.04 59.12
N GLY L 3853 -7.44 -49.86 58.55
CA GLY L 3853 -8.50 -50.48 59.30
C GLY L 3853 -9.62 -49.56 59.72
N ALA L 3854 -9.40 -48.25 59.72
CA ALA L 3854 -10.46 -47.35 60.11
C ALA L 3854 -11.71 -47.54 59.26
N TYR L 3855 -11.58 -48.11 58.07
CA TYR L 3855 -12.76 -48.43 57.29
C TYR L 3855 -13.69 -49.36 58.05
N MET L 3856 -13.13 -50.13 58.98
CA MET L 3856 -13.92 -51.09 59.73
C MET L 3856 -14.99 -50.40 60.56
N LEU L 3857 -14.85 -49.09 60.76
CA LEU L 3857 -15.87 -48.36 61.47
C LEU L 3857 -16.87 -47.69 60.54
N MET L 3858 -16.42 -47.15 59.41
CA MET L 3858 -17.32 -46.30 58.63
C MET L 3858 -18.55 -47.01 58.15
N TYR L 3859 -18.46 -48.28 57.79
CA TYR L 3859 -19.60 -49.01 57.30
C TYR L 3859 -20.74 -49.06 58.31
N LYS L 3860 -20.51 -48.62 59.55
CA LYS L 3860 -21.60 -48.63 60.53
C LYS L 3860 -22.60 -47.52 60.26
N GLY L 3861 -22.15 -46.27 60.31
CA GLY L 3861 -23.04 -45.13 60.18
C GLY L 3861 -23.11 -44.52 58.80
N ALA L 3862 -22.57 -45.20 57.79
CA ALA L 3862 -22.45 -44.67 56.45
C ALA L 3862 -23.80 -44.74 55.71
N ASN L 3863 -24.73 -43.92 56.16
CA ASN L 3863 -25.97 -43.65 55.46
C ASN L 3863 -25.69 -43.24 54.01
N ARG L 3864 -26.57 -43.63 53.09
CA ARG L 3864 -26.42 -43.39 51.64
C ARG L 3864 -26.14 -41.91 51.38
N THR L 3865 -26.93 -41.01 51.95
CA THR L 3865 -26.84 -39.57 51.66
C THR L 3865 -25.49 -38.96 52.03
N GLU L 3866 -24.97 -39.10 53.26
CA GLU L 3866 -23.69 -38.46 53.59
C GLU L 3866 -22.51 -39.06 52.82
N THR L 3867 -22.46 -40.39 52.68
CA THR L 3867 -21.35 -41.02 51.96
C THR L 3867 -21.42 -40.77 50.46
N VAL L 3868 -22.59 -40.84 49.83
CA VAL L 3868 -22.71 -40.50 48.42
C VAL L 3868 -22.35 -39.04 48.22
N THR L 3869 -22.94 -38.09 48.95
CA THR L 3869 -22.69 -36.65 48.68
C THR L 3869 -21.23 -36.26 48.91
N SER L 3870 -20.59 -36.77 49.96
CA SER L 3870 -19.16 -36.56 50.16
C SER L 3870 -18.30 -37.28 49.13
N PHE L 3871 -18.59 -38.54 48.78
CA PHE L 3871 -17.88 -39.23 47.70
C PHE L 3871 -18.02 -38.49 46.36
N ARG L 3872 -19.22 -38.01 46.02
CA ARG L 3872 -19.44 -37.22 44.80
C ARG L 3872 -18.64 -35.92 44.82
N LYS L 3873 -18.47 -35.26 45.98
CA LYS L 3873 -17.59 -34.07 46.07
C LYS L 3873 -16.14 -34.40 45.73
N ARG L 3874 -15.61 -35.55 46.13
CA ARG L 3874 -14.26 -35.98 45.72
C ARG L 3874 -14.16 -36.49 44.29
N GLU L 3875 -15.10 -37.30 43.84
CA GLU L 3875 -15.14 -37.78 42.46
C GLU L 3875 -15.18 -36.62 41.46
N SER L 3876 -15.85 -35.52 41.82
CA SER L 3876 -15.89 -34.28 41.03
C SER L 3876 -14.73 -33.31 41.27
N LYS L 3877 -13.76 -33.63 42.15
CA LYS L 3877 -12.55 -32.83 42.35
C LYS L 3877 -11.47 -33.10 41.29
N VAL L 3878 -11.21 -34.38 41.07
CA VAL L 3878 -10.02 -34.90 40.36
C VAL L 3878 -10.24 -34.79 38.84
N PRO L 3879 -9.21 -34.50 38.02
CA PRO L 3879 -9.43 -33.85 36.72
C PRO L 3879 -10.30 -34.61 35.72
N ALA L 3880 -11.11 -33.85 34.97
CA ALA L 3880 -11.85 -34.34 33.82
C ALA L 3880 -10.92 -34.83 32.69
N ASP L 3881 -11.43 -35.73 31.86
CA ASP L 3881 -10.89 -36.01 30.53
C ASP L 3881 -9.40 -36.45 30.50
N LEU L 3882 -8.91 -37.12 31.56
CA LEU L 3882 -7.53 -37.63 31.60
C LEU L 3882 -7.29 -38.74 30.59
N LEU L 3883 -8.12 -39.78 30.58
CA LEU L 3883 -7.96 -40.86 29.60
C LEU L 3883 -8.35 -40.48 28.18
N LYS L 3884 -9.35 -39.61 28.01
CA LYS L 3884 -9.61 -39.00 26.71
C LYS L 3884 -8.32 -38.31 26.22
N ARG L 3885 -7.61 -37.57 27.08
CA ARG L 3885 -6.31 -37.00 26.74
C ARG L 3885 -5.23 -38.04 26.43
N ALA L 3886 -5.17 -39.15 27.16
CA ALA L 3886 -4.23 -40.22 26.84
C ALA L 3886 -4.40 -40.71 25.39
N PHE L 3887 -5.62 -41.02 24.94
CA PHE L 3887 -5.79 -41.56 23.59
C PHE L 3887 -5.71 -40.50 22.50
N VAL L 3888 -6.11 -39.26 22.78
CA VAL L 3888 -5.85 -38.16 21.83
C VAL L 3888 -4.34 -38.01 21.60
N ARG L 3889 -3.51 -38.12 22.64
CA ARG L 3889 -2.05 -38.11 22.52
C ARG L 3889 -1.52 -39.28 21.69
N MET L 3890 -2.05 -40.50 21.89
CA MET L 3890 -1.63 -41.68 21.12
C MET L 3890 -1.98 -41.60 19.63
N SER L 3891 -3.15 -41.05 19.31
CA SER L 3891 -3.81 -41.19 18.02
C SER L 3891 -3.27 -40.27 16.93
N THR L 3892 -3.20 -40.77 15.71
CA THR L 3892 -2.88 -39.94 14.54
C THR L 3892 -3.99 -38.94 14.20
N SER L 3893 -5.25 -39.37 14.18
CA SER L 3893 -6.41 -38.59 13.67
C SER L 3893 -7.75 -39.22 14.12
N PRO L 3894 -8.91 -38.56 13.95
CA PRO L 3894 -10.18 -38.98 14.54
C PRO L 3894 -10.60 -40.43 14.28
N GLU L 3895 -10.31 -40.97 13.11
CA GLU L 3895 -10.58 -42.37 12.79
C GLU L 3895 -9.71 -43.32 13.60
N ALA L 3896 -8.45 -42.98 13.79
CA ALA L 3896 -7.55 -43.77 14.58
C ALA L 3896 -7.88 -43.65 16.05
N PHE L 3897 -8.25 -42.46 16.55
CA PHE L 3897 -8.76 -42.35 17.92
C PHE L 3897 -10.00 -43.20 18.10
N LEU L 3898 -11.05 -43.14 17.27
CA LEU L 3898 -12.29 -43.89 17.56
C LEU L 3898 -12.02 -45.40 17.72
N ALA L 3899 -11.20 -45.97 16.84
CA ALA L 3899 -10.77 -47.36 16.90
C ALA L 3899 -10.01 -47.70 18.18
N LEU L 3900 -8.99 -46.93 18.51
CA LEU L 3900 -8.12 -47.18 19.66
C LEU L 3900 -8.90 -47.17 20.97
N ARG L 3901 -9.79 -46.19 21.11
CA ARG L 3901 -10.77 -46.06 22.20
C ARG L 3901 -11.57 -47.35 22.37
N SER L 3902 -12.14 -47.83 21.27
CA SER L 3902 -12.99 -49.01 21.31
C SER L 3902 -12.23 -50.25 21.74
N HIS L 3903 -10.99 -50.47 21.28
CA HIS L 3903 -10.23 -51.65 21.66
C HIS L 3903 -9.78 -51.60 23.12
N PHE L 3904 -9.37 -50.45 23.63
CA PHE L 3904 -9.09 -50.29 25.06
C PHE L 3904 -10.32 -50.70 25.89
N ALA L 3905 -11.47 -50.10 25.62
CA ALA L 3905 -12.70 -50.39 26.35
C ALA L 3905 -13.19 -51.83 26.16
N SER L 3906 -13.00 -52.41 24.98
CA SER L 3906 -13.34 -53.82 24.72
C SER L 3906 -12.43 -54.77 25.48
N SER L 3907 -11.12 -54.60 25.35
CA SER L 3907 -10.17 -55.48 26.01
C SER L 3907 -10.31 -55.34 27.52
N HIS L 3908 -10.41 -54.11 28.02
CA HIS L 3908 -10.73 -53.84 29.42
C HIS L 3908 -12.01 -54.54 29.87
N ALA L 3909 -13.05 -54.56 29.07
CA ALA L 3909 -14.33 -55.15 29.45
C ALA L 3909 -14.18 -56.65 29.67
N LEU L 3910 -13.58 -57.32 28.69
CA LEU L 3910 -13.37 -58.76 28.71
C LEU L 3910 -12.52 -59.23 29.89
N ILE L 3911 -11.48 -58.47 30.22
CA ILE L 3911 -10.64 -58.73 31.39
C ILE L 3911 -11.42 -58.62 32.68
N CYS L 3912 -12.26 -57.60 32.81
CA CYS L 3912 -12.86 -57.36 34.10
C CYS L 3912 -14.00 -58.37 34.40
N ILE L 3913 -14.72 -58.88 33.41
CA ILE L 3913 -15.60 -60.04 33.61
C ILE L 3913 -14.81 -61.31 33.93
N SER L 3914 -13.76 -61.64 33.20
CA SER L 3914 -13.00 -62.88 33.43
C SER L 3914 -12.26 -62.90 34.78
N HIS L 3915 -11.69 -61.78 35.21
CA HIS L 3915 -11.25 -61.55 36.60
C HIS L 3915 -12.37 -61.75 37.58
N TRP L 3916 -13.57 -61.21 37.36
CA TRP L 3916 -14.68 -61.52 38.23
C TRP L 3916 -14.96 -63.02 38.25
N ILE L 3917 -15.06 -63.71 37.12
CA ILE L 3917 -15.38 -65.14 37.04
C ILE L 3917 -14.49 -66.00 37.96
N LEU L 3918 -13.21 -65.65 38.13
CA LEU L 3918 -12.25 -66.33 39.01
C LEU L 3918 -11.98 -65.57 40.31
N GLY L 3919 -12.87 -64.66 40.70
CA GLY L 3919 -12.96 -63.93 41.96
C GLY L 3919 -11.73 -63.13 42.39
N ILE L 3920 -10.82 -62.83 41.47
CA ILE L 3920 -9.61 -62.03 41.71
C ILE L 3920 -9.99 -60.64 42.25
N GLY L 3921 -9.10 -60.03 43.04
CA GLY L 3921 -9.28 -58.69 43.58
C GLY L 3921 -7.95 -57.95 43.73
N ASP L 3922 -7.93 -56.90 44.53
CA ASP L 3922 -6.85 -55.91 44.58
C ASP L 3922 -6.49 -55.38 43.17
N ARG L 3923 -7.50 -54.88 42.46
CA ARG L 3923 -7.36 -54.25 41.14
C ARG L 3923 -6.79 -52.83 41.23
N HIS L 3924 -5.71 -52.67 42.01
CA HIS L 3924 -4.94 -51.45 42.17
C HIS L 3924 -4.38 -50.96 40.83
N LEU L 3925 -4.17 -49.67 40.64
CA LEU L 3925 -3.90 -49.11 39.30
C LEU L 3925 -2.49 -49.39 38.77
N ASN L 3926 -1.62 -50.00 39.56
CA ASN L 3926 -0.41 -50.65 39.06
C ASN L 3926 -0.67 -52.07 38.51
N ASN L 3927 -1.82 -52.68 38.81
CA ASN L 3927 -2.19 -54.04 38.43
C ASN L 3927 -2.92 -54.09 37.08
N PHE L 3928 -2.74 -53.07 36.25
CA PHE L 3928 -3.16 -53.01 34.86
C PHE L 3928 -2.06 -52.37 34.03
N MET L 3929 -1.87 -52.84 32.81
CA MET L 3929 -1.01 -52.16 31.87
C MET L 3929 -1.74 -51.86 30.58
N VAL L 3930 -1.43 -50.71 30.00
CA VAL L 3930 -1.78 -50.43 28.63
C VAL L 3930 -0.68 -51.00 27.76
N ALA L 3931 -1.05 -51.91 26.88
CA ALA L 3931 -0.15 -52.49 25.90
C ALA L 3931 0.13 -51.46 24.79
N MET L 3932 0.98 -50.47 25.09
CA MET L 3932 1.01 -49.14 24.45
C MET L 3932 1.06 -49.11 22.91
N GLU L 3933 1.59 -50.13 22.25
CA GLU L 3933 1.49 -50.27 20.79
C GLU L 3933 0.04 -50.55 20.33
N THR L 3934 -0.58 -51.61 20.81
CA THR L 3934 -1.95 -52.00 20.41
C THR L 3934 -3.03 -51.23 21.18
N GLY L 3935 -2.72 -50.67 22.35
CA GLY L 3935 -3.62 -49.86 23.17
C GLY L 3935 -4.62 -50.64 24.03
N GLY L 3936 -4.50 -51.96 24.12
CA GLY L 3936 -5.38 -52.81 24.94
C GLY L 3936 -4.93 -52.94 26.40
N VAL L 3937 -5.85 -53.26 27.31
CA VAL L 3937 -5.51 -53.54 28.72
C VAL L 3937 -4.98 -54.95 28.91
N ILE L 3938 -4.04 -55.13 29.83
CA ILE L 3938 -3.59 -56.43 30.37
C ILE L 3938 -3.75 -56.40 31.90
N GLY L 3939 -4.43 -57.40 32.47
CA GLY L 3939 -4.56 -57.56 33.92
C GLY L 3939 -3.34 -58.26 34.49
N ILE L 3940 -2.66 -57.61 35.43
CA ILE L 3940 -1.23 -57.85 35.63
C ILE L 3940 -0.90 -58.98 36.60
N ASP L 3941 -1.53 -59.01 37.77
CA ASP L 3941 -1.15 -60.00 38.78
C ASP L 3941 -2.29 -60.43 39.70
N PHE L 3942 -2.05 -61.48 40.47
CA PHE L 3942 -3.01 -62.42 40.99
C PHE L 3942 -2.59 -63.07 42.33
N GLY L 3943 -1.76 -62.40 43.15
CA GLY L 3943 -1.51 -62.81 44.53
C GLY L 3943 -2.79 -63.07 45.35
N HIS L 3944 -3.97 -62.60 44.92
CA HIS L 3944 -5.25 -62.75 45.64
C HIS L 3944 -6.40 -63.38 44.82
N ALA L 3945 -6.08 -64.37 43.98
CA ALA L 3945 -7.05 -65.07 43.13
C ALA L 3945 -8.15 -65.86 43.89
N PHE L 3946 -9.18 -66.31 43.18
CA PHE L 3946 -10.20 -67.28 43.61
C PHE L 3946 -11.00 -66.86 44.83
N GLY L 3947 -11.49 -65.61 44.82
CA GLY L 3947 -12.19 -65.00 45.94
C GLY L 3947 -11.27 -64.59 47.09
N SER L 3948 -9.98 -64.99 47.09
CA SER L 3948 -9.13 -64.78 48.25
C SER L 3948 -8.85 -63.29 48.53
N ALA L 3949 -9.03 -62.38 47.58
CA ALA L 3949 -9.05 -60.95 47.89
C ALA L 3949 -10.08 -60.55 48.96
N THR L 3950 -11.33 -60.99 48.81
CA THR L 3950 -12.44 -60.57 49.69
C THR L 3950 -12.54 -61.43 50.95
N GLN L 3951 -11.97 -62.65 50.95
CA GLN L 3951 -11.92 -63.49 52.13
C GLN L 3951 -11.06 -62.89 53.24
N PHE L 3952 -9.93 -62.25 52.89
CA PHE L 3952 -8.98 -61.73 53.87
C PHE L 3952 -9.49 -60.44 54.55
N LEU L 3953 -9.83 -60.64 55.83
CA LEU L 3953 -10.54 -59.83 56.83
C LEU L 3953 -10.21 -58.32 56.97
N PRO L 3954 -8.95 -57.85 57.09
CA PRO L 3954 -8.68 -56.58 57.75
C PRO L 3954 -9.20 -55.35 57.02
N VAL L 3955 -9.31 -55.41 55.69
CA VAL L 3955 -10.02 -54.43 54.85
C VAL L 3955 -10.80 -55.18 53.77
N PRO L 3956 -12.11 -55.43 53.93
CA PRO L 3956 -12.90 -56.21 52.98
C PRO L 3956 -13.07 -55.52 51.64
N GLU L 3957 -12.98 -56.28 50.55
CA GLU L 3957 -13.29 -55.79 49.20
C GLU L 3957 -14.72 -56.13 48.79
N LEU L 3958 -15.62 -55.15 48.91
CA LEU L 3958 -17.03 -55.22 48.49
C LEU L 3958 -17.20 -55.22 46.97
N MET L 3959 -16.47 -54.34 46.26
CA MET L 3959 -16.57 -54.21 44.81
C MET L 3959 -16.11 -55.50 44.10
N PRO L 3960 -16.88 -56.09 43.17
CA PRO L 3960 -16.47 -57.36 42.56
C PRO L 3960 -15.38 -57.20 41.49
N PHE L 3961 -15.34 -56.04 40.82
CA PHE L 3961 -14.31 -55.61 39.85
C PHE L 3961 -14.44 -54.10 39.63
N ARG L 3962 -13.77 -53.58 38.59
CA ARG L 3962 -13.50 -52.15 38.38
C ARG L 3962 -14.24 -51.51 37.19
N LEU L 3963 -15.11 -50.52 37.43
CA LEU L 3963 -15.68 -49.61 36.41
C LEU L 3963 -15.64 -48.14 36.87
N THR L 3964 -14.45 -47.56 37.10
CA THR L 3964 -14.43 -46.27 37.75
C THR L 3964 -14.44 -45.17 36.70
N ARG L 3965 -14.47 -43.97 37.32
CA ARG L 3965 -14.73 -42.64 36.79
C ARG L 3965 -13.99 -42.41 35.51
N GLN L 3966 -12.67 -42.51 35.46
CA GLN L 3966 -12.01 -42.21 34.22
C GLN L 3966 -12.36 -43.19 33.08
N PHE L 3967 -12.93 -44.38 33.34
CA PHE L 3967 -13.57 -45.19 32.29
C PHE L 3967 -14.95 -44.65 31.92
N ILE L 3968 -15.80 -44.30 32.87
CA ILE L 3968 -17.09 -43.67 32.53
C ILE L 3968 -16.88 -42.36 31.76
N ASN L 3969 -15.90 -41.55 32.16
CA ASN L 3969 -15.46 -40.33 31.50
C ASN L 3969 -14.83 -40.63 30.13
N LEU L 3970 -14.24 -41.81 29.91
CA LEU L 3970 -13.75 -42.19 28.59
C LEU L 3970 -14.90 -42.40 27.60
N MET L 3971 -16.01 -42.97 28.05
CA MET L 3971 -17.21 -43.17 27.23
C MET L 3971 -18.17 -41.98 27.24
N LEU L 3972 -17.76 -40.79 27.65
CA LEU L 3972 -18.68 -39.81 28.26
C LEU L 3972 -20.12 -39.68 27.70
N PRO L 3973 -20.31 -39.39 26.40
CA PRO L 3973 -21.65 -39.21 25.85
C PRO L 3973 -22.58 -40.41 26.09
N MET L 3974 -22.10 -41.63 26.33
CA MET L 3974 -22.92 -42.75 26.80
C MET L 3974 -22.37 -43.45 28.04
N LYS L 3975 -23.27 -43.84 28.94
CA LYS L 3975 -22.93 -44.56 30.18
C LYS L 3975 -22.22 -45.89 29.89
N GLU L 3976 -21.72 -46.57 30.92
CA GLU L 3976 -21.12 -47.91 30.79
C GLU L 3976 -22.07 -48.95 30.21
N THR L 3977 -23.38 -48.66 30.16
CA THR L 3977 -24.41 -49.41 29.46
C THR L 3977 -24.25 -49.44 27.93
N GLY L 3978 -23.27 -48.75 27.34
CA GLY L 3978 -22.96 -48.92 25.92
C GLY L 3978 -22.04 -50.11 25.67
N LEU L 3979 -20.95 -49.86 24.95
CA LEU L 3979 -20.06 -50.90 24.41
C LEU L 3979 -19.44 -51.78 25.49
N MET L 3980 -19.15 -51.23 26.68
CA MET L 3980 -18.62 -52.03 27.78
C MET L 3980 -19.66 -53.10 28.14
N TYR L 3981 -20.80 -52.71 28.66
CA TYR L 3981 -21.93 -53.59 28.95
C TYR L 3981 -22.20 -54.65 27.87
N SER L 3982 -22.46 -54.25 26.62
CA SER L 3982 -22.89 -55.23 25.63
C SER L 3982 -21.79 -56.19 25.19
N ILE L 3983 -20.50 -55.81 25.25
CA ILE L 3983 -19.41 -56.77 25.06
C ILE L 3983 -19.41 -57.82 26.15
N MET L 3984 -19.82 -57.52 27.37
CA MET L 3984 -19.95 -58.53 28.39
C MET L 3984 -21.13 -59.46 28.19
N VAL L 3985 -22.20 -59.15 27.46
CA VAL L 3985 -23.38 -59.90 27.03
C VAL L 3985 -22.69 -60.94 26.16
N HIS L 3986 -21.89 -60.50 25.19
CA HIS L 3986 -21.28 -61.41 24.21
C HIS L 3986 -20.21 -62.30 24.84
N ALA L 3987 -19.50 -61.84 25.88
CA ALA L 3987 -18.51 -62.63 26.60
C ALA L 3987 -19.11 -63.64 27.58
N LEU L 3988 -19.92 -63.21 28.55
CA LEU L 3988 -20.42 -64.13 29.59
C LEU L 3988 -21.31 -65.24 29.02
N ARG L 3989 -22.10 -64.96 27.97
CA ARG L 3989 -22.88 -65.97 27.27
C ARG L 3989 -22.01 -67.12 26.77
N ALA L 3990 -20.85 -66.83 26.20
CA ALA L 3990 -19.95 -67.86 25.69
C ALA L 3990 -19.48 -68.83 26.77
N PHE L 3991 -19.32 -68.37 28.02
CA PHE L 3991 -18.95 -69.24 29.14
C PHE L 3991 -20.18 -69.92 29.74
N ARG L 3992 -21.20 -69.15 30.15
CA ARG L 3992 -22.42 -69.62 30.85
C ARG L 3992 -23.12 -70.75 30.10
N SER L 3993 -23.07 -70.74 28.78
CA SER L 3993 -23.67 -71.77 27.94
C SER L 3993 -23.16 -73.19 28.24
N ASP L 3994 -21.89 -73.35 28.63
CA ASP L 3994 -21.21 -74.63 28.83
C ASP L 3994 -20.35 -74.65 30.11
N PRO L 3995 -20.95 -74.72 31.32
CA PRO L 3995 -20.22 -74.51 32.57
C PRO L 3995 -19.17 -75.56 32.88
N GLY L 3996 -19.31 -76.77 32.33
CA GLY L 3996 -18.34 -77.84 32.49
C GLY L 3996 -16.94 -77.42 32.09
N LEU L 3997 -16.76 -76.92 30.87
CA LEU L 3997 -15.46 -76.71 30.24
C LEU L 3997 -14.45 -76.00 31.14
N LEU L 3998 -14.86 -74.88 31.76
CA LEU L 3998 -14.01 -74.12 32.68
C LEU L 3998 -14.05 -74.70 34.09
N THR L 3999 -15.21 -74.95 34.70
CA THR L 3999 -15.29 -75.38 36.11
C THR L 3999 -14.59 -76.73 36.35
N ASN L 4000 -14.73 -77.64 35.42
CA ASN L 4000 -14.11 -78.95 35.41
C ASN L 4000 -12.58 -78.82 35.24
N THR L 4001 -12.10 -77.93 34.36
CA THR L 4001 -10.68 -77.57 34.33
C THR L 4001 -10.23 -77.01 35.68
N MET L 4002 -11.04 -76.15 36.30
CA MET L 4002 -10.69 -75.48 37.55
C MET L 4002 -10.72 -76.42 38.77
N ASP L 4003 -11.12 -77.68 38.60
CA ASP L 4003 -10.80 -78.77 39.55
C ASP L 4003 -9.31 -79.15 39.58
N VAL L 4004 -8.45 -78.41 38.86
CA VAL L 4004 -6.97 -78.42 38.98
C VAL L 4004 -6.45 -78.23 40.41
N PHE L 4005 -7.27 -77.69 41.31
CA PHE L 4005 -6.97 -77.57 42.74
C PHE L 4005 -7.17 -78.88 43.54
N VAL L 4006 -6.49 -79.94 43.08
CA VAL L 4006 -6.12 -81.12 43.90
C VAL L 4006 -4.89 -80.85 44.79
N LYS L 4007 -4.08 -79.83 44.47
CA LYS L 4007 -2.86 -79.44 45.20
C LYS L 4007 -3.05 -79.25 46.72
N ASN L 4037 -11.71 -77.39 56.01
CA ASN L 4037 -12.03 -78.09 54.77
C ASN L 4037 -11.08 -77.67 53.64
N TRP L 4038 -11.33 -78.19 52.44
CA TRP L 4038 -10.62 -77.74 51.26
C TRP L 4038 -11.18 -76.37 50.91
N TYR L 4039 -10.38 -75.30 51.11
CA TYR L 4039 -10.69 -74.02 50.48
C TYR L 4039 -11.01 -74.19 48.98
N PRO L 4040 -10.35 -75.09 48.22
CA PRO L 4040 -10.80 -75.48 46.88
C PRO L 4040 -12.28 -75.86 46.80
N ARG L 4041 -12.77 -76.85 47.57
CA ARG L 4041 -14.16 -77.30 47.42
C ARG L 4041 -15.14 -76.17 47.69
N GLN L 4042 -14.96 -75.39 48.76
CA GLN L 4042 -15.99 -74.42 49.13
C GLN L 4042 -16.00 -73.16 48.24
N LYS L 4043 -14.90 -72.83 47.55
CA LYS L 4043 -14.84 -71.76 46.54
C LYS L 4043 -15.27 -72.25 45.16
N ILE L 4044 -14.97 -73.49 44.78
CA ILE L 4044 -15.49 -74.11 43.56
C ILE L 4044 -16.99 -74.36 43.68
N CYS L 4045 -17.51 -74.68 44.87
CA CYS L 4045 -18.95 -74.69 45.16
C CYS L 4045 -19.63 -73.37 44.76
N TYR L 4046 -18.98 -72.23 45.02
CA TYR L 4046 -19.45 -70.91 44.58
C TYR L 4046 -19.20 -70.67 43.10
N ALA L 4047 -18.06 -71.09 42.54
CA ALA L 4047 -17.75 -70.96 41.11
C ALA L 4047 -18.77 -71.70 40.23
N LYS L 4048 -19.16 -72.92 40.60
CA LYS L 4048 -20.19 -73.68 39.89
C LYS L 4048 -21.55 -72.98 39.94
N ARG L 4049 -21.88 -72.28 41.03
CA ARG L 4049 -23.10 -71.45 41.09
C ARG L 4049 -23.01 -70.21 40.22
N LYS L 4050 -21.89 -69.48 40.24
CA LYS L 4050 -21.75 -68.22 39.48
C LYS L 4050 -21.51 -68.40 37.98
N LEU L 4051 -20.98 -69.55 37.54
CA LEU L 4051 -20.95 -69.93 36.13
C LEU L 4051 -22.34 -70.32 35.65
N ALA L 4052 -23.10 -71.05 36.47
CA ALA L 4052 -24.55 -71.17 36.33
C ALA L 4052 -25.23 -69.82 36.62
N GLY L 4053 -26.55 -69.77 36.59
CA GLY L 4053 -27.28 -68.57 36.94
C GLY L 4053 -27.25 -68.34 38.45
N ALA L 4054 -26.41 -67.42 38.95
CA ALA L 4054 -26.41 -66.92 40.32
C ALA L 4054 -26.00 -65.44 40.39
N ASN L 4055 -26.51 -64.71 41.38
CA ASN L 4055 -26.37 -63.26 41.51
C ASN L 4055 -25.02 -62.83 42.15
N PRO L 4056 -24.38 -61.72 41.70
CA PRO L 4056 -23.07 -61.27 42.18
C PRO L 4056 -23.09 -60.78 43.65
N ALA L 4057 -24.11 -60.02 44.03
CA ALA L 4057 -24.25 -59.57 45.41
C ALA L 4057 -24.50 -60.78 46.34
N VAL L 4058 -25.28 -61.77 45.91
CA VAL L 4058 -25.55 -63.00 46.67
C VAL L 4058 -24.25 -63.70 47.06
N ILE L 4059 -23.34 -63.97 46.11
CA ILE L 4059 -22.01 -64.54 46.42
C ILE L 4059 -21.24 -63.67 47.43
N THR L 4060 -21.38 -62.35 47.38
CA THR L 4060 -20.71 -61.47 48.34
C THR L 4060 -21.30 -61.67 49.75
N CYS L 4061 -22.63 -61.73 49.86
CA CYS L 4061 -23.30 -62.05 51.12
C CYS L 4061 -22.87 -63.43 51.64
N ASP L 4062 -22.85 -64.41 50.74
CA ASP L 4062 -22.46 -65.79 51.01
C ASP L 4062 -21.02 -65.86 51.53
N GLU L 4063 -20.08 -65.12 50.94
CA GLU L 4063 -18.72 -64.99 51.48
C GLU L 4063 -18.73 -64.41 52.89
N LEU L 4064 -19.44 -63.30 53.12
CA LEU L 4064 -19.46 -62.67 54.43
C LEU L 4064 -20.06 -63.61 55.50
N LEU L 4065 -21.03 -64.45 55.13
CA LEU L 4065 -21.58 -65.51 55.98
C LEU L 4065 -20.55 -66.62 56.27
N LEU L 4066 -19.60 -66.87 55.36
CA LEU L 4066 -18.60 -67.92 55.46
C LEU L 4066 -17.45 -67.55 56.41
N GLY L 4067 -17.76 -67.52 57.71
CA GLY L 4067 -16.82 -67.33 58.82
C GLY L 4067 -16.48 -65.88 59.13
N HIS L 4068 -16.50 -64.99 58.14
CA HIS L 4068 -16.23 -63.56 58.30
C HIS L 4068 -17.27 -62.82 59.18
N GLU L 4069 -18.41 -63.45 59.51
CA GLU L 4069 -19.39 -62.95 60.47
C GLU L 4069 -18.85 -62.62 61.86
N LYS L 4070 -17.60 -63.01 62.17
CA LYS L 4070 -16.92 -62.51 63.35
C LYS L 4070 -16.53 -61.02 63.32
N ALA L 4071 -16.41 -60.30 62.16
CA ALA L 4071 -16.12 -58.89 62.30
C ALA L 4071 -17.42 -58.07 62.49
N PRO L 4072 -17.47 -57.07 63.38
CA PRO L 4072 -18.74 -56.51 63.88
C PRO L 4072 -19.63 -55.88 62.79
N ALA L 4073 -19.04 -55.27 61.77
CA ALA L 4073 -19.79 -54.67 60.69
C ALA L 4073 -20.35 -55.68 59.66
N PHE L 4074 -20.29 -57.01 59.86
CA PHE L 4074 -20.83 -57.97 58.89
C PHE L 4074 -22.31 -57.73 58.56
N ARG L 4075 -23.13 -57.41 59.57
CA ARG L 4075 -24.53 -56.97 59.44
C ARG L 4075 -24.69 -55.83 58.45
N ASP L 4076 -23.74 -54.90 58.46
CA ASP L 4076 -23.71 -53.72 57.61
C ASP L 4076 -23.05 -53.98 56.25
N TYR L 4077 -21.99 -54.78 56.20
CA TYR L 4077 -21.36 -55.25 54.97
C TYR L 4077 -22.39 -55.95 54.09
N VAL L 4078 -23.24 -56.80 54.63
CA VAL L 4078 -24.35 -57.39 53.86
C VAL L 4078 -25.35 -56.31 53.40
N ALA L 4079 -25.69 -55.34 54.26
CA ALA L 4079 -26.57 -54.22 53.89
C ALA L 4079 -25.99 -53.27 52.82
N VAL L 4080 -24.67 -53.22 52.68
CA VAL L 4080 -23.99 -52.60 51.53
C VAL L 4080 -24.03 -53.53 50.32
N ALA L 4081 -23.74 -54.82 50.46
CA ALA L 4081 -23.81 -55.78 49.36
C ALA L 4081 -25.23 -55.95 48.76
N ARG L 4082 -26.24 -56.22 49.59
CA ARG L 4082 -27.67 -56.34 49.24
C ARG L 4082 -28.28 -55.04 48.72
N GLY L 4083 -27.69 -53.90 49.05
CA GLY L 4083 -28.17 -52.60 48.60
C GLY L 4083 -29.54 -52.20 49.16
N SER L 4084 -30.16 -51.20 48.54
CA SER L 4084 -31.50 -50.71 48.89
C SER L 4084 -32.51 -51.10 47.82
N LYS L 4085 -33.58 -51.83 48.18
CA LYS L 4085 -34.65 -52.24 47.25
C LYS L 4085 -35.38 -51.06 46.60
N ASP L 4086 -35.29 -49.87 47.18
CA ASP L 4086 -35.86 -48.62 46.66
C ASP L 4086 -35.16 -48.11 45.38
N HIS L 4087 -33.84 -48.30 45.24
CA HIS L 4087 -33.06 -47.61 44.20
C HIS L 4087 -31.75 -48.30 43.79
N ASN L 4088 -31.52 -49.57 44.13
CA ASN L 4088 -30.41 -50.39 43.61
C ASN L 4088 -30.96 -51.57 42.79
N ILE L 4089 -30.61 -51.63 41.51
CA ILE L 4089 -31.23 -52.54 40.53
C ILE L 4089 -30.84 -54.02 40.69
N ARG L 4090 -29.90 -54.36 41.57
CA ARG L 4090 -29.65 -55.76 41.99
C ARG L 4090 -30.74 -56.31 42.89
N ALA L 4091 -31.34 -55.46 43.72
CA ALA L 4091 -31.97 -55.90 44.96
C ALA L 4091 -33.32 -56.58 44.75
N GLN L 4092 -33.97 -56.31 43.63
CA GLN L 4092 -35.28 -56.86 43.27
C GLN L 4092 -35.17 -58.28 42.65
N GLU L 4093 -33.99 -58.69 42.18
CA GLU L 4093 -33.85 -59.97 41.48
C GLU L 4093 -33.82 -61.19 42.43
N PRO L 4094 -34.24 -62.38 41.97
CA PRO L 4094 -33.97 -63.63 42.69
C PRO L 4094 -32.47 -63.91 42.81
N GLU L 4095 -32.11 -64.89 43.62
CA GLU L 4095 -30.71 -65.27 43.85
C GLU L 4095 -30.08 -66.04 42.67
N SER L 4096 -30.89 -66.80 41.94
CA SER L 4096 -30.46 -67.88 41.04
C SER L 4096 -31.34 -67.97 39.78
N GLY L 4097 -30.86 -68.66 38.74
CA GLY L 4097 -31.59 -68.85 37.47
C GLY L 4097 -31.53 -67.65 36.52
N LEU L 4098 -30.64 -66.70 36.78
CA LEU L 4098 -30.50 -65.44 36.06
C LEU L 4098 -30.05 -65.65 34.61
N SER L 4099 -30.73 -65.01 33.67
CA SER L 4099 -30.29 -64.85 32.27
C SER L 4099 -29.03 -63.99 32.18
N GLU L 4100 -28.30 -64.09 31.07
CA GLU L 4100 -27.11 -63.27 30.80
C GLU L 4100 -27.39 -61.78 31.01
N GLU L 4101 -28.55 -61.27 30.59
CA GLU L 4101 -28.94 -59.89 30.86
C GLU L 4101 -29.01 -59.65 32.35
N THR L 4102 -29.90 -60.32 33.10
CA THR L 4102 -30.06 -60.07 34.54
C THR L 4102 -28.75 -60.20 35.32
N GLN L 4103 -27.98 -61.23 35.01
CA GLN L 4103 -26.65 -61.48 35.53
C GLN L 4103 -25.75 -60.25 35.44
N VAL L 4104 -25.57 -59.70 34.25
CA VAL L 4104 -24.65 -58.57 34.02
C VAL L 4104 -25.28 -57.25 34.46
N LYS L 4105 -26.57 -57.03 34.22
CA LYS L 4105 -27.32 -55.82 34.65
C LYS L 4105 -27.11 -55.54 36.13
N CYS L 4106 -27.19 -56.58 36.94
CA CYS L 4106 -26.94 -56.55 38.36
C CYS L 4106 -25.45 -56.41 38.68
N LEU L 4107 -24.58 -57.14 37.98
CA LEU L 4107 -23.14 -57.09 38.18
C LEU L 4107 -22.57 -55.69 37.93
N MET L 4108 -23.19 -54.90 37.03
CA MET L 4108 -22.93 -53.46 36.94
C MET L 4108 -23.21 -52.80 38.28
N ASP L 4109 -24.46 -52.83 38.77
CA ASP L 4109 -24.86 -52.16 40.02
C ASP L 4109 -23.95 -52.51 41.21
N GLN L 4110 -23.68 -53.79 41.45
CA GLN L 4110 -22.82 -54.18 42.57
C GLN L 4110 -21.36 -53.69 42.43
N ALA L 4111 -20.89 -53.34 41.22
CA ALA L 4111 -19.56 -52.74 41.03
C ALA L 4111 -19.58 -51.21 41.07
N THR L 4112 -20.60 -50.56 40.49
CA THR L 4112 -20.64 -49.10 40.35
C THR L 4112 -21.23 -48.35 41.55
N ASP L 4113 -21.60 -49.03 42.62
CA ASP L 4113 -22.30 -48.43 43.76
C ASP L 4113 -21.49 -47.30 44.45
N PRO L 4114 -21.93 -46.04 44.40
CA PRO L 4114 -21.24 -44.94 45.07
C PRO L 4114 -21.22 -45.13 46.58
N ASN L 4115 -22.14 -45.89 47.17
CA ASN L 4115 -22.16 -46.20 48.59
C ASN L 4115 -21.26 -47.38 49.00
N ILE L 4116 -20.72 -48.15 48.06
CA ILE L 4116 -19.50 -48.95 48.29
C ILE L 4116 -18.29 -48.04 48.18
N LEU L 4117 -18.17 -47.35 47.04
CA LEU L 4117 -16.95 -46.61 46.70
C LEU L 4117 -16.67 -45.49 47.71
N GLY L 4118 -17.71 -44.83 48.20
CA GLY L 4118 -17.64 -43.85 49.29
C GLY L 4118 -17.21 -44.40 50.65
N ARG L 4119 -16.92 -45.70 50.79
CA ARG L 4119 -16.35 -46.31 52.01
C ARG L 4119 -15.38 -47.47 51.70
N THR L 4120 -14.13 -47.19 51.34
CA THR L 4120 -13.22 -48.25 50.85
C THR L 4120 -11.72 -47.91 50.98
N TRP L 4121 -10.85 -48.88 50.69
CA TRP L 4121 -9.39 -48.74 50.77
C TRP L 4121 -8.84 -47.60 49.91
N GLU L 4122 -7.90 -46.84 50.47
CA GLU L 4122 -6.93 -45.96 49.81
C GLU L 4122 -5.72 -46.76 49.28
N GLY L 4123 -4.85 -46.17 48.45
CA GLY L 4123 -3.84 -46.93 47.70
C GLY L 4123 -4.52 -47.59 46.52
N TRP L 4124 -5.40 -48.56 46.78
CA TRP L 4124 -6.51 -48.82 45.86
C TRP L 4124 -7.34 -47.54 45.78
N GLU L 4125 -8.02 -47.28 44.66
CA GLU L 4125 -8.37 -45.90 44.37
C GLU L 4125 -9.65 -45.77 43.54
N PRO L 4126 -10.78 -45.37 44.16
CA PRO L 4126 -12.02 -45.14 43.41
C PRO L 4126 -11.95 -43.87 42.54
N TRP L 4127 -11.24 -42.83 42.98
CA TRP L 4127 -11.11 -41.59 42.21
C TRP L 4127 -10.01 -41.62 41.12
N MET L 4128 -9.04 -42.54 41.22
CA MET L 4128 -7.82 -42.68 40.40
C MET L 4128 -6.88 -41.47 40.34
N UNK M 1 38.65 -61.29 -33.73
CA UNK M 1 37.63 -61.69 -34.70
C UNK M 1 36.25 -61.79 -34.05
N UNK M 2 35.33 -62.42 -34.73
CA UNK M 2 33.96 -62.56 -34.24
C UNK M 2 33.24 -63.69 -34.96
N UNK M 3 32.77 -64.66 -34.19
CA UNK M 3 32.15 -65.86 -34.73
C UNK M 3 31.16 -65.57 -35.83
N UNK M 4 30.42 -64.48 -35.69
CA UNK M 4 29.53 -64.07 -36.73
C UNK M 4 30.35 -63.70 -37.93
N UNK M 5 31.15 -62.65 -37.80
CA UNK M 5 31.95 -62.12 -38.89
C UNK M 5 32.83 -63.19 -39.49
N UNK M 6 33.24 -64.14 -38.66
CA UNK M 6 33.98 -65.27 -39.15
C UNK M 6 33.08 -66.11 -40.02
N UNK M 7 32.11 -66.79 -39.41
CA UNK M 7 31.26 -67.73 -40.10
C UNK M 7 30.68 -67.10 -41.33
N UNK M 8 30.59 -65.78 -41.30
CA UNK M 8 30.16 -65.02 -42.45
C UNK M 8 31.02 -65.38 -43.64
N UNK M 9 32.24 -64.87 -43.64
CA UNK M 9 33.16 -65.10 -44.74
C UNK M 9 33.35 -66.58 -44.92
N UNK M 10 33.29 -67.33 -43.83
CA UNK M 10 33.46 -68.76 -43.90
C UNK M 10 32.43 -69.30 -44.85
N UNK M 11 31.23 -68.77 -44.74
CA UNK M 11 30.16 -69.18 -45.63
C UNK M 11 30.21 -68.31 -46.85
N UNK M 12 31.42 -68.10 -47.32
CA UNK M 12 31.63 -67.37 -48.55
C UNK M 12 32.80 -67.98 -49.27
N UNK M 13 33.69 -68.61 -48.52
CA UNK M 13 34.81 -69.31 -49.12
C UNK M 13 34.23 -70.40 -49.98
N UNK M 14 33.11 -70.91 -49.53
CA UNK M 14 32.40 -71.91 -50.29
C UNK M 14 31.74 -71.27 -51.49
N UNK M 15 31.11 -70.13 -51.26
CA UNK M 15 30.26 -69.54 -52.27
C UNK M 15 31.07 -69.01 -53.43
N UNK M 16 32.38 -68.93 -53.24
CA UNK M 16 33.27 -68.35 -54.23
C UNK M 16 32.80 -66.94 -54.60
N UNK M 17 32.16 -66.29 -53.64
CA UNK M 17 31.69 -64.93 -53.82
C UNK M 17 32.13 -64.08 -52.64
N UNK M 18 33.01 -63.11 -52.89
CA UNK M 18 33.57 -62.27 -51.83
C UNK M 18 32.59 -61.21 -51.37
N UNK M 19 31.47 -61.07 -52.09
CA UNK M 19 30.43 -60.09 -51.77
C UNK M 19 30.99 -58.68 -51.71
N UNK M 20 31.94 -58.38 -52.59
CA UNK M 20 32.55 -57.06 -52.64
C UNK M 20 31.81 -56.15 -53.61
N MET P 1 -120.73 38.38 -43.65
CA MET P 1 -120.29 39.64 -43.01
C MET P 1 -119.58 39.31 -41.68
N GLU P 2 -118.68 40.15 -41.22
CA GLU P 2 -118.07 40.05 -39.90
C GLU P 2 -118.41 41.31 -39.11
N ARG P 3 -118.53 41.13 -37.80
CA ARG P 3 -118.39 42.25 -36.88
C ARG P 3 -117.43 41.84 -35.78
N LYS P 4 -117.01 42.84 -35.02
CA LYS P 4 -116.07 42.70 -33.93
C LYS P 4 -116.26 43.85 -32.95
N ILE P 5 -116.70 43.50 -31.75
CA ILE P 5 -116.71 44.37 -30.58
C ILE P 5 -115.37 44.26 -29.85
N SER P 6 -114.89 45.39 -29.36
CA SER P 6 -113.60 45.59 -28.73
C SER P 6 -113.81 46.60 -27.59
N ARG P 7 -113.26 46.39 -26.38
CA ARG P 7 -113.46 47.35 -25.26
C ARG P 7 -112.23 48.20 -25.03
N ILE P 8 -112.42 49.50 -24.89
CA ILE P 8 -111.35 50.50 -24.88
C ILE P 8 -111.55 51.50 -23.78
N HIS P 9 -110.50 52.28 -23.56
CA HIS P 9 -110.52 53.52 -22.81
C HIS P 9 -110.09 54.67 -23.71
N LEU P 10 -110.94 55.69 -23.82
CA LEU P 10 -110.49 56.97 -24.31
C LEU P 10 -109.47 57.58 -23.36
N VAL P 11 -108.50 58.29 -23.93
CA VAL P 11 -107.59 59.11 -23.11
C VAL P 11 -108.36 60.15 -22.30
N SER P 12 -109.39 60.77 -22.92
CA SER P 12 -110.29 61.73 -22.25
C SER P 12 -110.94 61.17 -21.00
N GLU P 13 -111.16 59.86 -20.94
CA GLU P 13 -112.03 59.23 -19.97
C GLU P 13 -111.40 57.95 -19.40
N PRO P 14 -110.49 58.15 -18.44
CA PRO P 14 -109.75 57.08 -17.77
C PRO P 14 -110.65 55.97 -17.22
N SER P 15 -111.73 56.31 -16.51
CA SER P 15 -112.51 55.37 -15.68
C SER P 15 -113.77 54.84 -16.39
N ILE P 16 -114.18 55.43 -17.50
CA ILE P 16 -115.29 54.90 -18.31
C ILE P 16 -114.72 53.86 -19.27
N THR P 17 -115.15 52.60 -19.16
CA THR P 17 -114.91 51.62 -20.23
C THR P 17 -115.85 51.94 -21.36
N HIS P 18 -115.30 52.14 -22.56
CA HIS P 18 -116.09 52.29 -23.77
C HIS P 18 -116.09 50.99 -24.59
N PHE P 19 -117.04 50.87 -25.51
CA PHE P 19 -117.09 49.78 -26.49
C PHE P 19 -117.01 50.33 -27.91
N LEU P 20 -116.03 49.83 -28.65
CA LEU P 20 -115.85 50.08 -30.07
C LEU P 20 -116.40 48.86 -30.81
N GLN P 21 -117.35 49.06 -31.71
CA GLN P 21 -117.88 48.00 -32.56
C GLN P 21 -117.54 48.34 -34.00
N VAL P 22 -116.95 47.37 -34.68
CA VAL P 22 -116.62 47.44 -36.09
C VAL P 22 -117.36 46.34 -36.83
N SER P 23 -117.76 46.62 -38.06
CA SER P 23 -118.65 45.75 -38.84
C SER P 23 -118.36 45.96 -40.32
N TRP P 24 -118.12 44.87 -41.06
CA TRP P 24 -117.61 44.92 -42.43
C TRP P 24 -117.68 43.54 -43.11
N GLU P 25 -117.26 43.49 -44.36
CA GLU P 25 -117.33 42.30 -45.17
C GLU P 25 -115.94 41.80 -45.49
N LYS P 26 -115.46 40.99 -44.55
CA LYS P 26 -114.19 40.30 -44.42
C LYS P 26 -112.92 41.09 -44.66
N THR P 27 -112.73 41.72 -45.82
CA THR P 27 -111.74 42.78 -45.85
C THR P 27 -112.27 44.04 -45.19
N LEU P 28 -111.66 44.37 -44.06
CA LEU P 28 -111.71 45.71 -43.46
C LEU P 28 -111.39 46.79 -44.49
N GLU P 29 -110.49 46.45 -45.41
CA GLU P 29 -110.01 47.29 -46.51
C GLU P 29 -111.12 47.84 -47.41
N SER P 30 -112.21 47.10 -47.56
CA SER P 30 -113.36 47.52 -48.38
C SER P 30 -114.13 48.71 -47.79
N GLY P 31 -113.79 49.16 -46.59
CA GLY P 31 -114.57 50.09 -45.79
C GLY P 31 -115.42 49.36 -44.73
N PHE P 32 -115.81 50.08 -43.67
CA PHE P 32 -116.48 49.53 -42.48
C PHE P 32 -117.37 50.58 -41.82
N VAL P 33 -118.31 50.10 -41.02
CA VAL P 33 -119.06 50.92 -40.08
C VAL P 33 -118.50 50.75 -38.69
N ILE P 34 -118.50 51.84 -37.96
CA ILE P 34 -117.87 51.93 -36.67
C ILE P 34 -118.81 52.65 -35.70
N THR P 35 -119.01 52.07 -34.53
CA THR P 35 -119.81 52.62 -33.44
C THR P 35 -118.90 52.77 -32.23
N LEU P 36 -119.05 53.83 -31.45
CA LEU P 36 -118.55 53.91 -30.08
C LEU P 36 -119.73 54.07 -29.15
N THR P 37 -119.64 53.54 -27.92
CA THR P 37 -120.61 53.77 -26.85
C THR P 37 -119.95 53.65 -25.46
N ASP P 38 -120.54 54.27 -24.45
CA ASP P 38 -120.11 54.22 -23.05
C ASP P 38 -121.17 53.66 -22.06
N GLY P 39 -122.25 53.03 -22.58
CA GLY P 39 -123.39 52.55 -21.79
C GLY P 39 -124.46 53.60 -21.50
N HIS P 40 -124.27 54.83 -21.96
CA HIS P 40 -125.23 55.92 -21.81
C HIS P 40 -125.54 56.58 -23.16
N SER P 41 -124.51 56.74 -24.00
CA SER P 41 -124.58 57.40 -25.31
C SER P 41 -123.87 56.56 -26.36
N ALA P 42 -124.09 56.85 -27.64
CA ALA P 42 -123.48 56.14 -28.75
C ALA P 42 -123.18 57.12 -29.89
N TRP P 43 -122.17 56.79 -30.71
CA TRP P 43 -121.71 57.57 -31.85
C TRP P 43 -121.37 56.63 -32.97
N THR P 44 -121.47 57.07 -34.20
CA THR P 44 -121.23 56.19 -35.34
C THR P 44 -120.54 56.94 -36.44
N GLY P 45 -119.84 56.23 -37.31
CA GLY P 45 -119.59 56.69 -38.65
C GLY P 45 -119.10 55.56 -39.53
N THR P 46 -118.64 55.95 -40.71
CA THR P 46 -118.31 55.02 -41.78
C THR P 46 -116.95 55.39 -42.36
N VAL P 47 -116.18 54.42 -42.86
CA VAL P 47 -114.93 54.62 -43.62
C VAL P 47 -114.94 53.80 -44.91
N SER P 48 -114.38 54.30 -46.01
CA SER P 48 -114.47 53.70 -47.35
C SER P 48 -113.12 53.27 -47.98
N GLU P 49 -113.17 52.59 -49.12
CA GLU P 49 -112.04 51.97 -49.84
C GLU P 49 -110.90 52.96 -50.14
N SER P 50 -111.27 54.10 -50.72
CA SER P 50 -110.35 55.16 -51.14
C SER P 50 -109.83 55.96 -49.95
N GLU P 51 -110.58 56.06 -48.85
CA GLU P 51 -110.14 56.76 -47.63
C GLU P 51 -109.03 56.00 -46.90
N ILE P 52 -109.17 54.69 -46.73
CA ILE P 52 -108.10 53.82 -46.21
C ILE P 52 -106.88 53.85 -47.14
N SER P 53 -107.10 53.81 -48.46
CA SER P 53 -105.98 53.95 -49.41
C SER P 53 -105.22 55.23 -49.18
N GLN P 54 -105.92 56.38 -49.17
CA GLN P 54 -105.30 57.69 -49.04
C GLN P 54 -104.60 57.87 -47.69
N GLU P 55 -105.18 57.31 -46.61
CA GLU P 55 -104.60 57.30 -45.27
C GLU P 55 -103.26 56.54 -45.24
N ALA P 56 -103.22 55.35 -45.85
CA ALA P 56 -101.99 54.58 -46.03
C ALA P 56 -100.98 55.29 -46.94
N ASP P 57 -101.44 55.83 -48.07
CA ASP P 57 -100.60 56.34 -49.15
C ASP P 57 -99.90 57.64 -48.76
N ASP P 58 -100.52 58.44 -47.90
CA ASP P 58 -99.89 59.58 -47.25
C ASP P 58 -98.85 59.14 -46.19
N MET P 59 -99.14 58.08 -45.45
CA MET P 59 -98.20 57.46 -44.49
C MET P 59 -97.08 56.64 -45.18
N ALA P 60 -97.21 56.42 -46.49
CA ALA P 60 -96.26 55.71 -47.38
C ALA P 60 -96.07 54.22 -47.02
N MET P 61 -97.16 53.51 -46.82
CA MET P 61 -97.11 52.08 -46.49
C MET P 61 -98.03 51.26 -47.39
N GLU P 62 -97.56 50.06 -47.71
CA GLU P 62 -98.30 49.04 -48.44
C GLU P 62 -99.70 48.86 -47.82
N LYS P 63 -100.77 49.06 -48.60
CA LYS P 63 -102.13 48.74 -48.18
C LYS P 63 -102.27 47.24 -48.05
N GLY P 64 -102.97 46.76 -47.04
CA GLY P 64 -102.80 45.39 -46.56
C GLY P 64 -101.85 45.36 -45.36
N LYS P 65 -100.65 45.96 -45.44
CA LYS P 65 -99.78 46.14 -44.26
C LYS P 65 -100.35 47.20 -43.32
N TYR P 66 -100.76 48.32 -43.88
CA TYR P 66 -101.55 49.33 -43.17
C TYR P 66 -102.88 48.77 -42.66
N VAL P 67 -103.45 47.83 -43.42
CA VAL P 67 -104.66 47.14 -42.98
C VAL P 67 -104.37 46.23 -41.82
N GLY P 68 -103.21 45.59 -41.79
CA GLY P 68 -102.65 44.93 -40.63
C GLY P 68 -102.70 45.83 -39.40
N GLU P 69 -102.09 47.01 -39.49
CA GLU P 69 -102.15 48.01 -38.41
C GLU P 69 -103.58 48.34 -38.00
N LEU P 70 -104.47 48.52 -38.98
CA LEU P 70 -105.88 48.75 -38.70
C LEU P 70 -106.51 47.56 -37.96
N ARG P 71 -106.25 46.31 -38.34
CA ARG P 71 -106.87 45.15 -37.67
C ARG P 71 -106.40 45.12 -36.23
N LYS P 72 -105.13 45.39 -36.03
CA LYS P 72 -104.51 45.32 -34.73
C LYS P 72 -105.00 46.41 -33.80
N ALA P 73 -105.16 47.60 -34.35
CA ALA P 73 -105.72 48.75 -33.64
C ALA P 73 -107.21 48.55 -33.34
N LEU P 74 -108.02 48.23 -34.35
CA LEU P 74 -109.49 48.36 -34.26
C LEU P 74 -110.21 47.05 -33.86
N LEU P 75 -109.59 45.92 -34.15
CA LEU P 75 -110.14 44.59 -33.93
C LEU P 75 -109.42 43.84 -32.81
N SER P 76 -108.82 44.57 -31.86
CA SER P 76 -108.07 44.02 -30.72
C SER P 76 -106.90 43.11 -31.15
N GLY P 77 -106.44 43.16 -32.41
CA GLY P 77 -105.36 42.28 -32.90
C GLY P 77 -103.96 42.68 -32.41
N ALA P 78 -103.86 43.58 -31.44
CA ALA P 78 -102.61 44.00 -30.80
C ALA P 78 -101.84 42.88 -30.11
N GLY P 79 -100.53 42.80 -30.37
CA GLY P 79 -99.58 42.06 -29.54
C GLY P 79 -99.19 42.84 -28.28
N PRO P 80 -98.38 42.25 -27.38
CA PRO P 80 -97.96 42.90 -26.12
C PRO P 80 -97.03 44.09 -26.37
N ALA P 81 -96.30 44.02 -27.49
CA ALA P 81 -95.45 45.08 -27.98
C ALA P 81 -96.25 46.28 -28.48
N ASP P 82 -97.45 46.05 -29.00
CA ASP P 82 -98.27 47.09 -29.57
C ASP P 82 -99.05 47.79 -28.47
N VAL P 83 -98.92 49.11 -28.41
CA VAL P 83 -99.71 49.95 -27.52
C VAL P 83 -100.41 50.98 -28.39
N TYR P 84 -101.72 50.86 -28.48
CA TYR P 84 -102.57 51.78 -29.20
C TYR P 84 -103.22 52.80 -28.25
N THR P 85 -103.63 53.95 -28.76
CA THR P 85 -104.18 55.08 -28.00
C THR P 85 -105.41 55.58 -28.75
N PHE P 86 -106.50 55.88 -28.02
CA PHE P 86 -107.81 56.20 -28.57
C PHE P 86 -108.34 57.52 -28.04
N ASN P 87 -108.74 58.41 -28.93
CA ASN P 87 -109.11 59.76 -28.60
C ASN P 87 -110.38 60.18 -29.31
N PHE P 88 -111.21 60.90 -28.58
CA PHE P 88 -112.51 61.33 -29.05
C PHE P 88 -112.97 62.55 -28.27
N SER P 89 -113.36 63.59 -28.99
CA SER P 89 -114.29 64.58 -28.45
C SER P 89 -115.66 64.11 -28.86
N LYS P 90 -116.58 64.06 -27.90
CA LYS P 90 -118.01 63.84 -28.16
C LYS P 90 -118.62 65.11 -28.71
N GLU P 91 -118.03 66.23 -28.31
CA GLU P 91 -118.41 67.59 -28.63
C GLU P 91 -118.23 67.87 -30.11
N SER P 92 -117.02 67.60 -30.64
CA SER P 92 -116.76 67.63 -32.08
C SER P 92 -117.07 66.31 -32.79
N CYS P 93 -117.24 65.22 -32.04
CA CYS P 93 -117.31 63.87 -32.55
C CYS P 93 -116.12 63.43 -33.43
N TYR P 94 -114.94 64.02 -33.26
CA TYR P 94 -113.73 63.63 -33.95
C TYR P 94 -113.02 62.51 -33.21
N PHE P 95 -113.04 61.33 -33.79
CA PHE P 95 -112.22 60.23 -33.34
C PHE P 95 -110.86 60.30 -33.98
N PHE P 96 -109.83 59.92 -33.24
CA PHE P 96 -108.56 59.50 -33.81
C PHE P 96 -107.87 58.52 -32.91
N PHE P 97 -106.98 57.74 -33.51
CA PHE P 97 -106.21 56.72 -32.81
C PHE P 97 -104.75 56.84 -33.17
N GLU P 98 -103.90 56.32 -32.29
CA GLU P 98 -102.44 56.44 -32.35
C GLU P 98 -101.81 55.11 -31.93
N LYS P 99 -100.57 54.86 -32.35
CA LYS P 99 -99.71 53.79 -31.84
C LYS P 99 -98.57 54.45 -31.08
N ASN P 100 -98.10 53.84 -30.00
CA ASN P 100 -96.99 54.36 -29.19
C ASN P 100 -95.76 53.44 -29.26
N LEU P 101 -94.60 53.99 -29.63
CA LEU P 101 -93.25 53.44 -29.49
C LEU P 101 -92.24 54.61 -29.67
N LYS P 102 -90.95 54.43 -29.36
CA LYS P 102 -89.94 55.53 -29.29
C LYS P 102 -90.35 56.70 -28.36
N ASP P 103 -91.11 56.32 -27.34
CA ASP P 103 -91.68 57.10 -26.25
C ASP P 103 -92.63 58.22 -26.70
N VAL P 104 -93.28 58.05 -27.85
CA VAL P 104 -94.27 59.01 -28.30
C VAL P 104 -95.36 58.30 -29.07
N SER P 105 -96.52 58.97 -29.10
CA SER P 105 -97.69 58.53 -29.85
C SER P 105 -97.64 59.01 -31.31
N PHE P 106 -98.17 58.18 -32.20
CA PHE P 106 -98.18 58.34 -33.64
C PHE P 106 -99.55 57.98 -34.14
N ARG P 107 -100.34 59.00 -34.45
CA ARG P 107 -101.58 58.91 -35.19
C ARG P 107 -101.54 57.83 -36.25
N LEU P 108 -102.53 56.95 -36.24
CA LEU P 108 -102.81 55.95 -37.27
C LEU P 108 -104.03 56.32 -38.13
N GLY P 109 -105.00 57.07 -37.62
CA GLY P 109 -106.16 57.48 -38.41
C GLY P 109 -107.17 58.30 -37.62
N SER P 110 -108.21 58.78 -38.29
CA SER P 110 -109.26 59.64 -37.75
C SER P 110 -110.64 59.41 -38.35
N PHE P 111 -111.68 59.64 -37.55
CA PHE P 111 -113.07 59.52 -37.96
C PHE P 111 -113.92 60.71 -37.53
N ASN P 112 -114.75 61.11 -38.46
CA ASN P 112 -115.99 61.80 -38.21
C ASN P 112 -117.01 60.80 -37.65
N LEU P 113 -117.26 60.81 -36.34
CA LEU P 113 -118.48 60.22 -35.81
C LEU P 113 -119.61 61.25 -35.85
N GLU P 114 -120.81 60.75 -35.73
CA GLU P 114 -122.03 61.51 -35.50
C GLU P 114 -122.59 60.89 -34.22
N LYS P 115 -123.07 61.70 -33.27
CA LYS P 115 -123.84 61.16 -32.16
C LYS P 115 -125.09 60.49 -32.71
N VAL P 116 -125.38 59.34 -32.16
CA VAL P 116 -126.49 58.53 -32.58
C VAL P 116 -127.73 58.87 -31.75
N GLU P 117 -128.84 58.96 -32.47
CA GLU P 117 -130.13 59.46 -32.01
C GLU P 117 -130.90 58.43 -31.17
N ASN P 118 -130.64 57.15 -31.39
CA ASN P 118 -131.33 56.04 -30.74
C ASN P 118 -130.33 55.22 -29.90
N PRO P 119 -129.81 55.79 -28.81
CA PRO P 119 -128.69 55.20 -28.08
C PRO P 119 -128.97 53.81 -27.52
N ALA P 120 -129.99 53.71 -26.65
CA ALA P 120 -130.37 52.46 -25.96
C ALA P 120 -130.67 51.29 -26.95
N GLU P 121 -131.05 51.59 -28.19
CA GLU P 121 -131.43 50.61 -29.19
C GLU P 121 -130.27 49.91 -29.89
N VAL P 122 -129.25 50.65 -30.28
CA VAL P 122 -128.08 49.98 -30.85
C VAL P 122 -127.31 49.24 -29.77
N ILE P 123 -127.35 49.77 -28.53
CA ILE P 123 -126.89 49.07 -27.32
C ILE P 123 -127.64 47.75 -27.13
N ARG P 124 -128.97 47.71 -27.26
CA ARG P 124 -129.77 46.47 -27.24
C ARG P 124 -129.28 45.43 -28.21
N GLU P 125 -129.15 45.84 -29.46
CA GLU P 125 -128.66 44.98 -30.52
C GLU P 125 -127.29 44.42 -30.11
N LEU P 126 -126.34 45.28 -29.71
CA LEU P 126 -124.98 44.88 -29.31
C LEU P 126 -124.99 43.83 -28.19
N ILE P 127 -125.71 44.06 -27.07
CA ILE P 127 -125.78 43.08 -25.98
C ILE P 127 -126.52 41.80 -26.37
N CYS P 128 -127.49 41.85 -27.28
CA CYS P 128 -128.07 40.61 -27.85
C CYS P 128 -126.98 39.76 -28.53
N TYR P 129 -126.19 40.36 -29.43
CA TYR P 129 -125.14 39.63 -30.13
C TYR P 129 -124.11 39.07 -29.16
N CYS P 130 -123.78 39.81 -28.10
CA CYS P 130 -122.84 39.32 -27.09
C CYS P 130 -123.42 38.12 -26.31
N LEU P 131 -124.67 38.20 -25.84
CA LEU P 131 -125.32 37.08 -25.14
C LEU P 131 -125.41 35.83 -26.03
N ASP P 132 -125.62 36.00 -27.34
CA ASP P 132 -125.57 34.94 -28.32
C ASP P 132 -124.14 34.37 -28.37
N THR P 133 -123.16 35.22 -28.59
CA THR P 133 -121.76 34.82 -28.69
C THR P 133 -121.23 34.13 -27.41
N ILE P 134 -121.71 34.47 -26.20
CA ILE P 134 -121.45 33.66 -24.99
C ILE P 134 -122.02 32.27 -25.23
N ALA P 135 -123.33 32.18 -25.42
CA ALA P 135 -124.06 30.93 -25.49
C ALA P 135 -123.49 30.01 -26.57
N GLU P 136 -123.09 30.53 -27.73
CA GLU P 136 -122.55 29.73 -28.85
C GLU P 136 -121.21 29.08 -28.48
N ASN P 137 -120.27 29.87 -27.97
CA ASN P 137 -118.96 29.35 -27.58
C ASN P 137 -119.03 28.47 -26.32
N GLN P 138 -120.00 28.74 -25.43
CA GLN P 138 -120.35 27.88 -24.30
C GLN P 138 -120.87 26.51 -24.79
N ALA P 139 -121.84 26.49 -25.72
CA ALA P 139 -122.30 25.24 -26.36
C ALA P 139 -121.17 24.43 -27.04
N LYS P 140 -120.27 25.10 -27.78
CA LYS P 140 -119.05 24.48 -28.34
C LYS P 140 -118.15 23.92 -27.23
N ASN P 141 -118.02 24.60 -26.11
CA ASN P 141 -117.21 24.13 -24.99
C ASN P 141 -117.72 22.84 -24.39
N GLU P 142 -119.03 22.78 -24.12
CA GLU P 142 -119.63 21.58 -23.53
C GLU P 142 -119.39 20.37 -24.42
N HIS P 143 -119.58 20.55 -25.73
CA HIS P 143 -119.31 19.51 -26.69
C HIS P 143 -117.84 19.04 -26.65
N LEU P 144 -116.89 19.97 -26.65
CA LEU P 144 -115.48 19.62 -26.58
C LEU P 144 -115.09 18.91 -25.26
N GLN P 145 -115.75 19.16 -24.12
CA GLN P 145 -115.55 18.35 -22.92
C GLN P 145 -116.01 16.90 -23.16
N LYS P 146 -117.21 16.69 -23.70
CA LYS P 146 -117.75 15.33 -24.00
C LYS P 146 -116.79 14.53 -24.89
N GLU P 147 -116.30 15.14 -25.97
CA GLU P 147 -115.39 14.47 -26.90
C GLU P 147 -114.03 14.16 -26.27
N ASN P 148 -113.53 15.02 -25.36
CA ASN P 148 -112.31 14.74 -24.59
C ASN P 148 -112.49 13.53 -23.66
N GLU P 149 -113.56 13.47 -22.87
CA GLU P 149 -113.86 12.34 -21.98
C GLU P 149 -113.91 11.02 -22.73
N ARG P 150 -114.71 11.00 -23.81
CA ARG P 150 -114.92 9.84 -24.68
C ARG P 150 -113.60 9.35 -25.24
N LEU P 151 -112.83 10.23 -25.87
CA LEU P 151 -111.57 9.83 -26.45
C LEU P 151 -110.51 9.47 -25.39
N LEU P 152 -110.58 9.96 -24.14
CA LEU P 152 -109.58 9.58 -23.16
C LEU P 152 -109.79 8.14 -22.69
N ARG P 153 -111.06 7.80 -22.47
CA ARG P 153 -111.50 6.43 -22.23
C ARG P 153 -111.14 5.53 -23.41
N ASP P 154 -111.66 5.87 -24.59
CA ASP P 154 -111.49 5.05 -25.80
C ASP P 154 -110.03 4.88 -26.19
N TRP P 155 -109.18 5.88 -25.93
CA TRP P 155 -107.76 5.71 -26.18
C TRP P 155 -107.13 4.68 -25.26
N ASN P 156 -107.40 4.76 -23.96
CA ASN P 156 -106.92 3.76 -23.00
C ASN P 156 -107.36 2.37 -23.35
N ASP P 157 -108.59 2.28 -23.83
CA ASP P 157 -109.25 1.07 -24.28
C ASP P 157 -108.47 0.39 -25.41
N VAL P 158 -108.35 1.02 -26.59
CA VAL P 158 -107.71 0.36 -27.75
C VAL P 158 -106.22 0.20 -27.51
N GLN P 159 -105.60 1.08 -26.71
CA GLN P 159 -104.21 0.90 -26.32
C GLN P 159 -103.99 -0.42 -25.61
N GLY P 160 -104.79 -0.69 -24.58
CA GLY P 160 -104.72 -1.94 -23.86
C GLY P 160 -105.05 -3.13 -24.74
N ARG P 161 -106.20 -3.12 -25.45
CA ARG P 161 -106.63 -4.24 -26.33
C ARG P 161 -105.57 -4.54 -27.38
N PHE P 162 -105.02 -3.52 -28.04
CA PHE P 162 -104.04 -3.72 -29.09
C PHE P 162 -102.80 -4.46 -28.61
N GLU P 163 -102.28 -4.06 -27.45
CA GLU P 163 -101.08 -4.64 -26.86
C GLU P 163 -101.31 -6.08 -26.37
N LYS P 164 -102.52 -6.37 -25.90
CA LYS P 164 -102.99 -7.72 -25.62
C LYS P 164 -103.06 -8.56 -26.89
N CYS P 165 -103.60 -7.99 -27.98
CA CYS P 165 -103.66 -8.65 -29.27
C CYS P 165 -102.27 -8.92 -29.86
N VAL P 166 -101.34 -7.95 -29.83
CA VAL P 166 -99.95 -8.13 -30.28
C VAL P 166 -99.29 -9.30 -29.55
N SER P 167 -99.40 -9.36 -28.22
CA SER P 167 -98.85 -10.48 -27.44
C SER P 167 -99.47 -11.83 -27.81
N ALA P 168 -100.79 -11.86 -28.00
CA ALA P 168 -101.50 -13.08 -28.35
C ALA P 168 -101.11 -13.58 -29.75
N LYS P 169 -100.98 -12.65 -30.72
CA LYS P 169 -100.49 -12.93 -32.07
C LYS P 169 -99.10 -13.55 -32.04
N GLU P 170 -98.23 -13.00 -31.21
CA GLU P 170 -96.84 -13.44 -31.12
C GLU P 170 -96.71 -14.85 -30.47
N ALA P 171 -97.68 -15.29 -29.67
CA ALA P 171 -97.77 -16.66 -29.14
C ALA P 171 -98.40 -17.66 -30.15
N LEU P 172 -99.33 -17.19 -30.99
CA LEU P 172 -100.17 -18.01 -31.87
C LEU P 172 -99.44 -18.99 -32.76
N GLU P 173 -98.32 -18.57 -33.38
CA GLU P 173 -97.50 -19.39 -34.28
C GLU P 173 -96.76 -20.53 -33.56
N THR P 174 -96.34 -20.33 -32.31
CA THR P 174 -95.76 -21.43 -31.50
C THR P 174 -96.84 -22.45 -31.13
N ASP P 175 -98.05 -21.94 -30.89
CA ASP P 175 -99.18 -22.70 -30.39
C ASP P 175 -99.65 -23.72 -31.40
N LEU P 176 -100.00 -23.22 -32.57
CA LEU P 176 -100.40 -23.99 -33.72
C LEU P 176 -99.36 -25.05 -34.05
N TYR P 177 -98.07 -24.70 -34.23
CA TYR P 177 -97.06 -25.74 -34.52
C TYR P 177 -96.94 -26.80 -33.42
N LYS P 178 -96.98 -26.45 -32.12
CA LYS P 178 -97.01 -27.45 -31.03
C LYS P 178 -98.16 -28.43 -31.23
N ARG P 179 -99.35 -27.94 -31.58
CA ARG P 179 -100.54 -28.77 -31.82
C ARG P 179 -100.35 -29.65 -33.04
N PHE P 180 -99.80 -29.10 -34.12
CA PHE P 180 -99.62 -29.79 -35.38
C PHE P 180 -98.58 -30.92 -35.29
N ILE P 181 -97.42 -30.66 -34.63
CA ILE P 181 -96.31 -31.61 -34.42
C ILE P 181 -96.83 -32.96 -33.94
N LEU P 182 -97.57 -32.91 -32.84
CA LEU P 182 -98.12 -34.07 -32.16
C LEU P 182 -99.08 -34.86 -33.07
N VAL P 183 -100.09 -34.16 -33.63
CA VAL P 183 -101.08 -34.77 -34.53
C VAL P 183 -100.36 -35.49 -35.69
N LEU P 184 -99.37 -34.82 -36.27
CA LEU P 184 -98.65 -35.24 -37.45
C LEU P 184 -97.68 -36.42 -37.22
N ASN P 185 -97.03 -36.48 -36.07
CA ASN P 185 -96.22 -37.61 -35.60
C ASN P 185 -97.08 -38.85 -35.29
N GLU P 186 -98.23 -38.68 -34.63
CA GLU P 186 -99.19 -39.77 -34.44
C GLU P 186 -99.65 -40.34 -35.80
N LYS P 187 -99.94 -39.47 -36.77
CA LYS P 187 -100.29 -39.93 -38.14
C LYS P 187 -99.15 -40.72 -38.80
N LYS P 188 -97.93 -40.21 -38.72
CA LYS P 188 -96.72 -40.92 -39.18
C LYS P 188 -96.56 -42.30 -38.55
N THR P 189 -96.84 -42.45 -37.24
CA THR P 189 -96.86 -43.75 -36.55
C THR P 189 -97.85 -44.74 -37.20
N LYS P 190 -99.05 -44.28 -37.55
CA LYS P 190 -100.06 -45.09 -38.23
C LYS P 190 -99.64 -45.49 -39.64
N ILE P 191 -98.98 -44.59 -40.39
CA ILE P 191 -98.45 -44.84 -41.75
C ILE P 191 -97.28 -45.83 -41.73
N ARG P 192 -96.28 -45.63 -40.86
CA ARG P 192 -95.18 -46.60 -40.64
C ARG P 192 -95.71 -48.02 -40.46
N SER P 193 -96.75 -48.14 -39.64
CA SER P 193 -97.27 -49.42 -39.17
C SER P 193 -98.00 -50.15 -40.28
N LEU P 194 -98.96 -49.45 -40.89
CA LEU P 194 -99.74 -50.02 -41.95
C LEU P 194 -98.91 -50.33 -43.20
N HIS P 195 -97.92 -49.50 -43.55
CA HIS P 195 -97.01 -49.78 -44.67
C HIS P 195 -96.03 -50.94 -44.37
N ASN P 196 -95.47 -51.03 -43.16
CA ASN P 196 -94.71 -52.22 -42.72
C ASN P 196 -95.54 -53.50 -42.84
N LYS P 197 -96.78 -53.52 -42.30
CA LYS P 197 -97.63 -54.69 -42.38
C LYS P 197 -97.95 -55.02 -43.83
N LEU P 198 -98.20 -54.02 -44.67
CA LEU P 198 -98.48 -54.26 -46.08
C LEU P 198 -97.28 -54.82 -46.85
N LEU P 199 -96.07 -54.38 -46.53
CA LEU P 199 -94.82 -54.93 -47.08
C LEU P 199 -94.62 -56.40 -46.71
N ASN P 200 -94.87 -56.76 -45.46
CA ASN P 200 -94.78 -58.15 -45.00
C ASN P 200 -95.88 -59.03 -45.63
N ALA P 201 -96.91 -58.43 -46.22
CA ALA P 201 -98.02 -59.11 -46.89
C ALA P 201 -98.58 -58.34 -48.09
N ALA P 267 -46.62 -59.50 6.53
CA ALA P 267 -47.39 -58.25 6.62
C ALA P 267 -47.07 -57.33 5.46
N PRO P 268 -48.10 -56.75 4.84
CA PRO P 268 -47.88 -55.84 3.72
C PRO P 268 -47.11 -54.60 4.16
N SER P 269 -46.33 -54.06 3.24
CA SER P 269 -45.51 -52.89 3.47
C SER P 269 -46.21 -51.67 2.90
N ARG P 270 -46.60 -50.74 3.76
CA ARG P 270 -47.32 -49.55 3.35
C ARG P 270 -46.57 -48.30 3.78
N LYS P 271 -46.80 -47.22 3.05
CA LYS P 271 -46.21 -45.92 3.35
C LYS P 271 -47.21 -44.85 2.99
N ARG P 272 -46.89 -43.61 3.36
CA ARG P 272 -47.58 -42.44 2.84
C ARG P 272 -46.54 -41.37 2.52
N ARG P 273 -47.00 -40.30 1.91
CA ARG P 273 -46.10 -39.20 1.59
C ARG P 273 -45.69 -38.46 2.85
N GLN P 274 -44.63 -37.68 2.74
CA GLN P 274 -44.15 -36.83 3.82
C GLN P 274 -43.73 -35.49 3.23
N ARG P 275 -43.88 -34.43 4.02
CA ARG P 275 -43.49 -33.10 3.61
C ARG P 275 -42.30 -32.65 4.45
N MET P 276 -41.20 -32.31 3.79
CA MET P 276 -40.00 -31.90 4.51
C MET P 276 -40.10 -30.43 4.88
N GLN P 277 -40.13 -30.16 6.19
CA GLN P 277 -40.37 -28.80 6.68
C GLN P 277 -39.19 -27.86 6.45
N ARG P 278 -38.00 -28.41 6.25
CA ARG P 278 -36.80 -27.60 5.99
C ARG P 278 -36.54 -26.59 7.12
N SER Q 656 -65.02 -43.62 -28.41
CA SER Q 656 -66.06 -44.26 -29.21
C SER Q 656 -65.48 -45.32 -30.16
N ASN Q 657 -66.27 -46.36 -30.45
CA ASN Q 657 -65.99 -47.44 -31.41
C ASN Q 657 -67.11 -47.55 -32.47
N ILE Q 658 -67.94 -46.52 -32.60
CA ILE Q 658 -69.17 -46.52 -33.42
C ILE Q 658 -68.94 -45.97 -34.84
N PHE Q 659 -68.17 -44.89 -34.99
CA PHE Q 659 -67.96 -44.24 -36.28
C PHE Q 659 -66.86 -44.89 -37.12
N GLU Q 660 -66.00 -45.71 -36.55
CA GLU Q 660 -65.24 -46.68 -37.33
C GLU Q 660 -66.17 -47.51 -38.25
N ASP Q 661 -65.67 -47.90 -39.42
CA ASP Q 661 -66.43 -48.49 -40.52
C ASP Q 661 -67.39 -47.52 -41.24
N VAL Q 662 -67.50 -46.26 -40.78
CA VAL Q 662 -68.27 -45.20 -41.42
C VAL Q 662 -67.33 -44.09 -41.90
N GLU Q 663 -67.31 -43.85 -43.21
CA GLU Q 663 -66.38 -42.91 -43.84
C GLU Q 663 -67.03 -41.59 -44.25
N PHE Q 664 -66.35 -40.51 -43.87
CA PHE Q 664 -66.82 -39.13 -43.91
C PHE Q 664 -65.94 -38.25 -44.77
N CYS Q 665 -66.55 -37.27 -45.42
CA CYS Q 665 -65.81 -36.17 -46.01
C CYS Q 665 -66.08 -34.84 -45.30
N VAL Q 666 -65.08 -34.20 -44.69
CA VAL Q 666 -65.25 -32.87 -44.08
C VAL Q 666 -64.82 -31.79 -45.07
N MET Q 667 -65.64 -31.59 -46.09
CA MET Q 667 -65.35 -30.71 -47.21
C MET Q 667 -65.27 -29.22 -46.83
N SER Q 668 -65.85 -28.79 -45.71
CA SER Q 668 -65.64 -27.43 -45.17
C SER Q 668 -65.97 -27.32 -43.66
N GLY Q 669 -65.60 -26.19 -43.03
CA GLY Q 669 -65.97 -25.84 -41.65
C GLY Q 669 -66.26 -24.34 -41.49
N THR Q 670 -65.46 -23.64 -40.68
CA THR Q 670 -65.54 -22.18 -40.39
C THR Q 670 -66.96 -21.69 -40.12
N GLN Q 673 -66.46 -22.54 -35.81
CA GLN Q 673 -66.15 -23.95 -35.61
C GLN Q 673 -64.85 -24.35 -36.35
N PRO Q 674 -63.92 -25.12 -35.76
CA PRO Q 674 -62.60 -25.33 -36.34
C PRO Q 674 -62.60 -26.54 -37.28
N LYS Q 675 -62.61 -26.32 -38.60
CA LYS Q 675 -62.54 -27.39 -39.64
C LYS Q 675 -61.49 -28.49 -39.36
N PRO Q 676 -60.21 -28.16 -39.11
CA PRO Q 676 -59.21 -29.20 -38.84
C PRO Q 676 -59.48 -29.93 -37.51
N ASP Q 677 -60.16 -29.29 -36.55
CA ASP Q 677 -60.59 -29.98 -35.33
C ASP Q 677 -61.86 -30.83 -35.52
N LEU Q 678 -62.70 -30.55 -36.53
CA LEU Q 678 -63.88 -31.36 -36.81
C LEU Q 678 -63.45 -32.81 -37.04
N GLU Q 679 -62.52 -33.04 -37.96
CA GLU Q 679 -61.99 -34.38 -38.19
C GLU Q 679 -61.18 -34.92 -37.00
N ASN Q 680 -60.57 -34.07 -36.17
CA ASN Q 680 -59.89 -34.55 -34.96
C ASN Q 680 -60.88 -35.05 -33.92
N ARG Q 681 -62.01 -34.36 -33.71
CA ARG Q 681 -63.08 -34.86 -32.86
C ARG Q 681 -63.59 -36.19 -33.42
N ILE Q 682 -63.81 -36.23 -34.73
CA ILE Q 682 -64.14 -37.46 -35.44
C ILE Q 682 -63.11 -38.55 -35.21
N ALA Q 683 -61.81 -38.22 -35.12
CA ALA Q 683 -60.73 -39.18 -34.97
C ALA Q 683 -60.71 -39.89 -33.61
N GLU Q 684 -61.11 -39.23 -32.52
CA GLU Q 684 -61.26 -39.92 -31.23
C GLU Q 684 -62.57 -40.71 -31.14
N PHE Q 685 -63.51 -40.43 -32.06
CA PHE Q 685 -64.60 -41.35 -32.38
C PHE Q 685 -64.27 -42.30 -33.53
N GLY Q 686 -63.05 -42.25 -34.05
CA GLY Q 686 -62.57 -43.07 -35.16
C GLY Q 686 -63.34 -43.00 -36.48
N GLY Q 687 -64.19 -41.99 -36.71
CA GLY Q 687 -64.88 -41.86 -38.00
C GLY Q 687 -63.89 -41.76 -39.16
N TYR Q 688 -64.09 -42.52 -40.24
CA TYR Q 688 -63.06 -42.71 -41.26
C TYR Q 688 -62.95 -41.48 -42.18
N ILE Q 689 -61.98 -40.61 -41.90
CA ILE Q 689 -61.78 -39.35 -42.61
C ILE Q 689 -61.29 -39.54 -44.05
N VAL Q 690 -61.91 -38.82 -44.98
CA VAL Q 690 -61.60 -38.77 -46.41
C VAL Q 690 -61.56 -37.31 -46.89
N GLN Q 691 -60.53 -36.90 -47.63
CA GLN Q 691 -60.40 -35.49 -48.09
C GLN Q 691 -61.26 -35.13 -49.30
N ASN Q 692 -61.66 -36.11 -50.10
CA ASN Q 692 -62.37 -35.91 -51.36
C ASN Q 692 -63.29 -37.11 -51.61
N PRO Q 693 -64.62 -36.94 -51.71
CA PRO Q 693 -65.55 -38.05 -51.63
C PRO Q 693 -65.55 -38.86 -52.93
N GLY Q 694 -65.09 -40.11 -52.86
CA GLY Q 694 -65.30 -41.08 -53.94
C GLY Q 694 -66.71 -41.69 -53.88
N PRO Q 695 -67.06 -42.58 -54.82
CA PRO Q 695 -68.35 -43.28 -54.81
C PRO Q 695 -68.52 -44.24 -53.62
N ASP Q 696 -67.45 -44.54 -52.89
CA ASP Q 696 -67.44 -45.37 -51.69
C ASP Q 696 -68.08 -44.70 -50.47
N THR Q 697 -67.98 -43.38 -50.35
CA THR Q 697 -68.16 -42.74 -49.04
C THR Q 697 -69.60 -42.75 -48.57
N TYR Q 698 -69.82 -42.63 -47.25
CA TYR Q 698 -71.19 -42.56 -46.74
C TYR Q 698 -71.84 -41.20 -47.07
N CYS Q 699 -71.21 -40.11 -46.65
CA CYS Q 699 -71.81 -38.78 -46.74
C CYS Q 699 -70.74 -37.68 -46.63
N VAL Q 700 -71.10 -36.46 -47.00
CA VAL Q 700 -70.21 -35.30 -47.02
C VAL Q 700 -70.75 -34.20 -46.11
N ILE Q 701 -69.83 -33.64 -45.34
CA ILE Q 701 -70.01 -32.76 -44.21
C ILE Q 701 -69.38 -31.41 -44.56
N ALA Q 702 -70.08 -30.30 -44.38
CA ALA Q 702 -69.55 -28.99 -44.76
C ALA Q 702 -70.15 -27.87 -43.90
N GLY Q 703 -69.30 -27.21 -43.09
CA GLY Q 703 -69.65 -26.04 -42.28
C GLY Q 703 -70.25 -24.83 -43.02
N SER Q 704 -70.07 -24.78 -44.33
CA SER Q 704 -70.57 -23.77 -45.27
C SER Q 704 -70.45 -24.32 -46.69
N GLU Q 705 -71.11 -23.71 -47.66
CA GLU Q 705 -70.92 -24.04 -49.09
C GLU Q 705 -69.49 -23.69 -49.57
N ASN Q 706 -68.99 -24.44 -50.56
CA ASN Q 706 -67.88 -24.10 -51.45
C ASN Q 706 -68.25 -24.55 -52.86
N ILE Q 707 -67.45 -24.18 -53.86
CA ILE Q 707 -67.72 -24.60 -55.24
C ILE Q 707 -67.75 -26.12 -55.40
N ARG Q 708 -66.96 -26.85 -54.61
CA ARG Q 708 -67.00 -28.32 -54.63
C ARG Q 708 -68.35 -28.84 -54.14
N VAL Q 709 -68.95 -28.22 -53.13
CA VAL Q 709 -70.30 -28.51 -52.68
C VAL Q 709 -71.30 -28.20 -53.78
N LYS Q 710 -71.19 -27.04 -54.47
CA LYS Q 710 -72.00 -26.82 -55.69
C LYS Q 710 -71.79 -27.92 -56.73
N ASN Q 711 -70.56 -28.40 -56.96
CA ASN Q 711 -70.33 -29.51 -57.89
C ASN Q 711 -71.15 -30.75 -57.47
N ILE Q 712 -71.28 -30.97 -56.17
CA ILE Q 712 -72.05 -32.07 -55.56
C ILE Q 712 -73.55 -31.74 -55.38
N ILE Q 713 -73.99 -30.51 -55.62
CA ILE Q 713 -75.38 -30.23 -55.93
C ILE Q 713 -75.63 -30.56 -57.41
N LEU Q 714 -74.72 -30.20 -58.31
CA LEU Q 714 -74.86 -30.45 -59.75
C LEU Q 714 -74.78 -31.95 -60.09
N SER Q 715 -73.89 -32.68 -59.44
CA SER Q 715 -73.76 -34.14 -59.53
C SER Q 715 -74.43 -34.72 -58.31
N ASN Q 716 -75.64 -35.24 -58.51
CA ASN Q 716 -76.55 -35.62 -57.43
C ASN Q 716 -76.06 -36.80 -56.56
N LYS Q 717 -75.04 -37.56 -56.98
CA LYS Q 717 -74.68 -38.90 -56.48
C LYS Q 717 -74.45 -39.09 -54.97
N HIS Q 718 -74.41 -38.04 -54.16
CA HIS Q 718 -73.96 -38.08 -52.76
C HIS Q 718 -74.90 -37.40 -51.77
N ASP Q 719 -74.74 -37.77 -50.50
CA ASP Q 719 -75.57 -37.37 -49.37
C ASP Q 719 -74.87 -36.26 -48.56
N VAL Q 720 -75.50 -35.09 -48.48
CA VAL Q 720 -74.92 -33.81 -48.06
C VAL Q 720 -75.59 -33.29 -46.78
N VAL Q 721 -74.80 -33.07 -45.73
CA VAL Q 721 -75.27 -33.14 -44.34
C VAL Q 721 -75.04 -31.84 -43.57
N LYS Q 722 -75.96 -31.45 -42.68
CA LYS Q 722 -75.84 -30.25 -41.83
C LYS Q 722 -74.63 -30.38 -40.86
N PRO Q 723 -73.96 -29.29 -40.47
CA PRO Q 723 -72.80 -29.36 -39.56
C PRO Q 723 -73.19 -29.89 -38.17
N ALA Q 724 -74.27 -29.34 -37.62
CA ALA Q 724 -74.75 -29.60 -36.27
C ALA Q 724 -75.20 -31.05 -36.00
N TRP Q 725 -75.60 -31.80 -37.04
CA TRP Q 725 -76.08 -33.17 -36.87
C TRP Q 725 -75.00 -34.08 -36.29
N LEU Q 726 -73.78 -33.97 -36.80
CA LEU Q 726 -72.70 -34.81 -36.31
C LEU Q 726 -72.30 -34.38 -34.89
N LEU Q 727 -72.27 -33.08 -34.59
CA LEU Q 727 -72.07 -32.60 -33.22
C LEU Q 727 -73.13 -33.13 -32.24
N GLU Q 728 -74.38 -33.23 -32.68
CA GLU Q 728 -75.43 -33.87 -31.90
C GLU Q 728 -75.17 -35.36 -31.70
N CYS Q 729 -74.80 -36.14 -32.71
CA CYS Q 729 -74.44 -37.55 -32.54
C CYS Q 729 -73.25 -37.76 -31.60
N PHE Q 730 -72.32 -36.81 -31.60
CA PHE Q 730 -71.19 -36.79 -30.68
C PHE Q 730 -71.69 -36.50 -29.26
N LYS Q 731 -72.61 -35.54 -29.09
CA LYS Q 731 -73.23 -35.22 -27.80
C LYS Q 731 -74.15 -36.33 -27.27
N THR Q 732 -74.83 -37.10 -28.12
CA THR Q 732 -75.60 -38.30 -27.75
C THR Q 732 -74.73 -39.50 -27.41
N LYS Q 733 -73.40 -39.45 -27.61
CA LYS Q 733 -72.47 -40.60 -27.46
C LYS Q 733 -72.95 -41.86 -28.21
N SER Q 734 -73.71 -41.66 -29.28
CA SER Q 734 -74.44 -42.70 -30.02
C SER Q 734 -74.86 -42.15 -31.38
N PHE Q 735 -74.66 -42.90 -32.44
CA PHE Q 735 -75.02 -42.45 -33.79
C PHE Q 735 -76.52 -42.22 -33.89
N VAL Q 736 -76.92 -40.99 -34.25
CA VAL Q 736 -78.31 -40.64 -34.51
C VAL Q 736 -78.57 -40.82 -36.02
N PRO Q 737 -79.44 -41.74 -36.48
CA PRO Q 737 -79.82 -41.81 -37.89
C PRO Q 737 -80.63 -40.59 -38.38
N TRP Q 738 -80.72 -40.40 -39.69
CA TRP Q 738 -81.09 -39.12 -40.29
C TRP Q 738 -82.58 -38.73 -40.24
N GLN Q 739 -82.93 -37.83 -39.32
CA GLN Q 739 -84.13 -36.98 -39.39
C GLN Q 739 -83.98 -35.96 -40.55
N PRO Q 740 -85.06 -35.43 -41.15
CA PRO Q 740 -84.99 -34.85 -42.49
C PRO Q 740 -84.07 -33.63 -42.57
N ARG Q 741 -84.12 -32.76 -41.56
CA ARG Q 741 -83.29 -31.54 -41.47
C ARG Q 741 -81.79 -31.81 -41.21
N PHE Q 742 -81.40 -33.02 -40.80
CA PHE Q 742 -79.99 -33.37 -40.66
C PHE Q 742 -79.29 -33.37 -42.03
N MET Q 743 -80.04 -33.56 -43.11
CA MET Q 743 -79.58 -33.35 -44.47
C MET Q 743 -79.82 -31.92 -44.98
N ILE Q 744 -78.99 -31.50 -45.94
CA ILE Q 744 -79.20 -30.30 -46.77
C ILE Q 744 -79.22 -30.63 -48.27
N HIS Q 745 -78.78 -31.83 -48.67
CA HIS Q 745 -79.19 -32.48 -49.93
C HIS Q 745 -79.00 -34.00 -49.83
N MET Q 746 -79.67 -34.79 -50.66
CA MET Q 746 -79.61 -36.25 -50.64
C MET Q 746 -79.39 -36.84 -52.05
N CYS Q 747 -78.79 -38.02 -52.13
CA CYS Q 747 -78.55 -38.68 -53.41
C CYS Q 747 -79.80 -39.33 -53.98
N PRO Q 748 -79.83 -39.72 -55.27
CA PRO Q 748 -80.99 -40.37 -55.87
C PRO Q 748 -81.29 -41.72 -55.21
N SER Q 749 -80.29 -42.50 -54.81
CA SER Q 749 -80.51 -43.76 -54.08
C SER Q 749 -81.27 -43.51 -52.78
N THR Q 750 -80.80 -42.55 -51.97
CA THR Q 750 -81.51 -42.14 -50.76
C THR Q 750 -82.86 -41.51 -51.07
N LYS Q 751 -82.99 -40.67 -52.11
CA LYS Q 751 -84.27 -40.03 -52.44
C LYS Q 751 -85.32 -41.04 -52.91
N GLU Q 752 -84.94 -42.04 -53.71
CA GLU Q 752 -85.82 -43.13 -54.12
C GLU Q 752 -86.10 -44.09 -52.94
N HIS Q 753 -85.14 -44.34 -52.06
CA HIS Q 753 -85.41 -44.99 -50.77
C HIS Q 753 -86.42 -44.15 -49.98
N PHE Q 754 -86.26 -42.84 -49.86
CA PHE Q 754 -87.08 -42.00 -48.98
C PHE Q 754 -88.28 -41.38 -49.66
N ALA Q 755 -88.54 -41.62 -50.95
CA ALA Q 755 -89.83 -41.32 -51.57
C ALA Q 755 -90.94 -42.19 -50.96
N ARG Q 756 -90.57 -43.39 -50.51
CA ARG Q 756 -91.43 -44.32 -49.76
C ARG Q 756 -91.64 -43.87 -48.31
N GLU Q 757 -90.53 -43.66 -47.61
CA GLU Q 757 -90.45 -43.61 -46.14
C GLU Q 757 -90.27 -42.20 -45.55
N TYR Q 758 -89.99 -41.20 -46.37
CA TYR Q 758 -90.37 -39.82 -46.09
C TYR Q 758 -91.70 -39.53 -46.81
N ASP Q 759 -92.44 -38.51 -46.37
CA ASP Q 759 -93.44 -37.91 -47.26
C ASP Q 759 -92.73 -37.16 -48.38
N CYS Q 760 -93.36 -37.00 -49.55
CA CYS Q 760 -92.72 -36.41 -50.73
C CYS Q 760 -92.25 -34.95 -50.50
N TYR Q 761 -92.87 -34.25 -49.55
CA TYR Q 761 -92.50 -32.91 -49.09
C TYR Q 761 -91.31 -32.87 -48.12
N GLY Q 762 -90.75 -33.98 -47.65
CA GLY Q 762 -89.62 -33.93 -46.71
C GLY Q 762 -89.98 -33.75 -45.23
N ASP Q 763 -91.18 -34.15 -44.79
CA ASP Q 763 -91.35 -34.60 -43.41
C ASP Q 763 -91.36 -36.13 -43.40
N SER Q 764 -90.50 -36.75 -42.61
CA SER Q 764 -90.16 -38.15 -42.78
C SER Q 764 -91.23 -39.06 -42.17
N TYR Q 765 -92.07 -39.78 -42.94
CA TYR Q 765 -93.05 -40.73 -42.37
C TYR Q 765 -92.42 -41.66 -41.33
N PHE Q 766 -91.20 -42.12 -41.56
CA PHE Q 766 -90.51 -43.06 -40.67
C PHE Q 766 -89.81 -42.44 -39.44
N ILE Q 767 -89.96 -41.13 -39.20
CA ILE Q 767 -89.39 -40.41 -38.04
C ILE Q 767 -90.40 -39.40 -37.49
N ASP Q 768 -90.54 -39.25 -36.17
CA ASP Q 768 -91.40 -38.23 -35.55
C ASP Q 768 -90.60 -36.97 -35.17
N THR Q 769 -91.13 -35.79 -35.54
CA THR Q 769 -90.35 -34.58 -35.84
C THR Q 769 -90.75 -33.34 -35.02
N ASP Q 770 -89.90 -32.33 -35.07
CA ASP Q 770 -89.87 -31.09 -34.26
C ASP Q 770 -90.42 -29.83 -34.96
N LEU Q 771 -90.56 -28.74 -34.20
CA LEU Q 771 -90.98 -27.39 -34.59
C LEU Q 771 -90.19 -26.82 -35.79
N ASN Q 772 -88.87 -26.74 -35.68
CA ASN Q 772 -87.96 -26.29 -36.73
C ASN Q 772 -88.09 -27.09 -38.04
N GLN Q 773 -88.34 -28.40 -37.93
CA GLN Q 773 -88.49 -29.31 -39.06
C GLN Q 773 -89.80 -29.07 -39.82
N LEU Q 774 -90.96 -28.98 -39.13
CA LEU Q 774 -92.22 -28.63 -39.82
C LEU Q 774 -92.27 -27.16 -40.29
N LYS Q 775 -91.65 -26.21 -39.56
CA LYS Q 775 -91.43 -24.81 -40.02
C LYS Q 775 -90.77 -24.74 -41.39
N GLU Q 776 -89.67 -25.46 -41.56
CA GLU Q 776 -88.90 -25.54 -42.82
C GLU Q 776 -89.83 -25.99 -43.96
N VAL Q 777 -90.49 -27.13 -43.75
CA VAL Q 777 -91.45 -27.76 -44.68
C VAL Q 777 -92.55 -26.76 -45.06
N PHE Q 778 -93.15 -26.09 -44.07
CA PHE Q 778 -94.22 -25.12 -44.30
C PHE Q 778 -93.73 -23.94 -45.14
N SER Q 779 -92.53 -23.42 -44.91
CA SER Q 779 -91.98 -22.33 -45.70
C SER Q 779 -91.66 -22.72 -47.14
N GLY Q 780 -91.49 -24.02 -47.42
CA GLY Q 780 -91.27 -24.59 -48.74
C GLY Q 780 -92.52 -24.92 -49.54
N ILE Q 781 -93.68 -24.99 -48.90
CA ILE Q 781 -94.97 -25.13 -49.61
C ILE Q 781 -95.29 -23.82 -50.34
N LYS Q 782 -95.89 -23.91 -51.54
CA LYS Q 782 -96.20 -22.75 -52.37
C LYS Q 782 -97.30 -21.86 -51.75
N ASN Q 783 -97.55 -20.68 -52.30
CA ASN Q 783 -98.60 -19.76 -51.85
C ASN Q 783 -99.86 -19.83 -52.72
N SER Q 784 -101.02 -19.96 -52.11
CA SER Q 784 -102.29 -20.22 -52.80
C SER Q 784 -103.48 -19.87 -51.90
N ASN Q 785 -104.65 -19.64 -52.49
CA ASN Q 785 -105.86 -19.26 -51.75
C ASN Q 785 -107.15 -19.75 -52.43
N GLU Q 786 -107.11 -20.90 -53.09
CA GLU Q 786 -108.23 -21.45 -53.87
C GLU Q 786 -109.40 -21.87 -53.01
N GLN Q 787 -109.10 -22.33 -51.79
CA GLN Q 787 -110.13 -22.60 -50.82
C GLN Q 787 -110.87 -21.32 -50.57
N THR Q 788 -112.18 -21.42 -50.66
CA THR Q 788 -113.03 -20.32 -50.30
C THR Q 788 -112.81 -20.00 -48.83
N PRO Q 789 -112.83 -18.72 -48.42
CA PRO Q 789 -112.87 -18.36 -47.02
C PRO Q 789 -113.89 -19.20 -46.22
N GLU Q 790 -115.07 -19.51 -46.79
CA GLU Q 790 -116.12 -20.33 -46.13
C GLU Q 790 -115.75 -21.82 -45.97
N GLU Q 791 -115.12 -22.39 -46.99
CA GLU Q 791 -114.57 -23.75 -46.92
C GLU Q 791 -113.53 -23.81 -45.81
N MET Q 792 -112.58 -22.88 -45.87
CA MET Q 792 -111.49 -22.78 -44.92
C MET Q 792 -111.92 -22.59 -43.49
N ALA Q 793 -112.89 -21.70 -43.24
CA ALA Q 793 -113.42 -21.52 -41.91
C ALA Q 793 -114.00 -22.81 -41.31
N SER Q 794 -114.68 -23.63 -42.11
CA SER Q 794 -115.19 -24.92 -41.63
C SER Q 794 -114.11 -25.98 -41.49
N LEU Q 795 -113.09 -26.04 -42.35
CA LEU Q 795 -111.91 -26.89 -42.13
C LEU Q 795 -111.29 -26.60 -40.76
N ILE Q 796 -111.11 -25.32 -40.47
CA ILE Q 796 -110.53 -24.87 -39.22
C ILE Q 796 -111.48 -25.18 -38.07
N ALA Q 797 -112.77 -24.88 -38.20
CA ALA Q 797 -113.78 -25.15 -37.18
C ALA Q 797 -113.91 -26.63 -36.84
N ASP Q 798 -113.75 -27.50 -37.83
CA ASP Q 798 -113.76 -28.96 -37.67
C ASP Q 798 -112.49 -29.49 -37.01
N LEU Q 799 -111.33 -28.96 -37.36
CA LEU Q 799 -110.05 -29.38 -36.76
C LEU Q 799 -109.95 -28.97 -35.28
N GLU Q 800 -110.42 -27.77 -34.97
CA GLU Q 800 -110.50 -27.24 -33.61
C GLU Q 800 -111.57 -27.93 -32.77
N TYR Q 801 -112.60 -28.49 -33.40
CA TYR Q 801 -113.59 -29.36 -32.77
C TYR Q 801 -112.99 -30.74 -32.47
N ARG Q 802 -112.38 -31.41 -33.47
CA ARG Q 802 -111.77 -32.74 -33.29
C ARG Q 802 -110.74 -32.73 -32.16
N TYR Q 803 -109.81 -31.80 -32.19
CA TYR Q 803 -108.68 -31.74 -31.25
C TYR Q 803 -108.91 -30.82 -30.05
N SER Q 804 -110.14 -30.34 -29.85
CA SER Q 804 -110.56 -29.53 -28.70
C SER Q 804 -109.86 -28.17 -28.58
N TRP Q 805 -109.32 -27.62 -29.66
CA TRP Q 805 -108.76 -26.27 -29.71
C TRP Q 805 -109.85 -25.19 -29.73
N ASP Q 806 -111.13 -25.57 -29.84
CA ASP Q 806 -112.28 -24.68 -30.05
C ASP Q 806 -112.59 -23.65 -28.95
N CYS Q 807 -112.12 -23.85 -27.73
CA CYS Q 807 -112.23 -22.90 -26.62
C CYS Q 807 -111.05 -21.92 -26.56
N SER Q 808 -110.02 -22.16 -27.39
CA SER Q 808 -108.86 -21.29 -27.53
C SER Q 808 -109.31 -19.85 -27.83
N PRO Q 809 -108.74 -18.85 -27.15
CA PRO Q 809 -109.35 -17.53 -27.13
C PRO Q 809 -109.51 -16.87 -28.50
N LEU Q 810 -108.44 -16.89 -29.30
CA LEU Q 810 -108.33 -16.32 -30.65
C LEU Q 810 -109.18 -17.06 -31.71
N SER Q 811 -109.91 -18.10 -31.31
CA SER Q 811 -110.92 -18.81 -32.10
C SER Q 811 -112.31 -18.82 -31.42
N MET Q 812 -112.53 -18.13 -30.30
CA MET Q 812 -113.77 -18.31 -29.53
C MET Q 812 -115.06 -18.00 -30.33
N PHE Q 813 -115.06 -16.97 -31.18
CA PHE Q 813 -116.19 -16.66 -32.04
C PHE Q 813 -116.19 -17.40 -33.40
N ARG Q 814 -115.36 -18.44 -33.61
CA ARG Q 814 -115.30 -19.21 -34.88
C ARG Q 814 -116.67 -19.61 -35.40
N ARG Q 815 -117.57 -20.06 -34.51
CA ARG Q 815 -118.92 -20.52 -34.87
C ARG Q 815 -119.95 -19.40 -34.92
N HIS Q 816 -119.53 -18.13 -34.88
CA HIS Q 816 -120.38 -16.95 -35.07
C HIS Q 816 -120.15 -16.32 -36.45
N THR Q 817 -121.24 -16.24 -37.19
CA THR Q 817 -121.39 -15.30 -38.33
C THR Q 817 -122.05 -14.06 -37.78
N VAL Q 818 -121.47 -12.90 -38.08
CA VAL Q 818 -121.82 -11.65 -37.42
C VAL Q 818 -121.96 -10.49 -38.41
N TYR Q 819 -123.07 -9.77 -38.33
CA TYR Q 819 -123.30 -8.51 -39.02
C TYR Q 819 -123.12 -7.34 -38.05
N LEU Q 820 -122.49 -6.27 -38.52
CA LEU Q 820 -122.04 -5.14 -37.72
C LEU Q 820 -122.81 -3.88 -38.15
N ASP Q 821 -123.66 -3.31 -37.27
CA ASP Q 821 -124.74 -2.39 -37.72
C ASP Q 821 -124.32 -0.98 -38.17
N SER Q 822 -123.03 -0.72 -38.39
CA SER Q 822 -122.50 0.59 -38.81
C SER Q 822 -123.13 1.13 -40.10
N TYR Q 823 -123.75 0.30 -40.94
CA TYR Q 823 -124.47 0.75 -42.12
C TYR Q 823 -125.77 1.49 -41.74
N ALA Q 824 -125.88 2.79 -42.06
CA ALA Q 824 -127.06 3.62 -41.88
C ALA Q 824 -128.31 3.00 -42.52
N VAL Q 825 -128.13 2.24 -43.60
CA VAL Q 825 -129.15 1.41 -44.24
C VAL Q 825 -128.67 -0.05 -44.18
N ILE Q 826 -129.46 -0.90 -43.51
CA ILE Q 826 -129.15 -2.34 -43.39
C ILE Q 826 -128.91 -2.90 -44.79
N ASN Q 827 -127.81 -3.64 -44.96
CA ASN Q 827 -127.33 -4.28 -46.19
C ASN Q 827 -126.87 -3.36 -47.34
N ASP Q 828 -126.97 -2.02 -47.25
CA ASP Q 828 -126.45 -1.15 -48.32
C ASP Q 828 -124.99 -0.77 -48.03
N LEU Q 829 -124.05 -1.38 -48.74
CA LEU Q 829 -122.60 -1.21 -48.50
C LEU Q 829 -122.09 0.23 -48.71
N SER Q 830 -122.91 1.13 -49.28
CA SER Q 830 -122.58 2.55 -49.45
C SER Q 830 -122.63 3.33 -48.13
N THR Q 831 -123.41 2.86 -47.14
CA THR Q 831 -123.84 3.64 -45.96
C THR Q 831 -122.97 3.46 -44.71
N LYS Q 832 -121.70 3.12 -44.89
CA LYS Q 832 -120.73 2.84 -43.83
C LYS Q 832 -120.64 3.99 -42.80
N ASN Q 833 -120.77 3.72 -41.49
CA ASN Q 833 -120.51 4.73 -40.44
C ASN Q 833 -119.09 4.55 -39.88
N GLU Q 834 -118.12 5.01 -40.65
CA GLU Q 834 -116.68 4.99 -40.32
C GLU Q 834 -116.32 5.88 -39.11
N GLY Q 835 -115.19 5.60 -38.46
CA GLY Q 835 -114.73 6.36 -37.29
C GLY Q 835 -115.53 6.14 -36.00
N THR Q 836 -116.50 5.23 -36.01
CA THR Q 836 -117.24 4.75 -34.81
C THR Q 836 -116.49 3.62 -34.11
N ARG Q 837 -116.68 3.42 -32.79
CA ARG Q 837 -116.08 2.29 -32.06
C ARG Q 837 -116.53 0.90 -32.53
N LEU Q 838 -117.63 0.78 -33.29
CA LEU Q 838 -117.95 -0.47 -34.03
C LEU Q 838 -116.80 -0.95 -34.95
N ALA Q 839 -115.99 -0.06 -35.52
CA ALA Q 839 -114.83 -0.47 -36.32
C ALA Q 839 -113.81 -1.26 -35.48
N ILE Q 840 -113.56 -0.84 -34.24
CA ILE Q 840 -112.71 -1.59 -33.30
C ILE Q 840 -113.33 -2.95 -33.00
N LYS Q 841 -114.66 -3.02 -32.86
CA LYS Q 841 -115.34 -4.31 -32.58
C LYS Q 841 -115.29 -5.29 -33.76
N ALA Q 842 -115.22 -4.82 -35.00
CA ALA Q 842 -114.97 -5.71 -36.13
C ALA Q 842 -113.50 -6.18 -36.19
N LEU Q 843 -112.52 -5.33 -35.84
CA LEU Q 843 -111.13 -5.80 -35.62
C LEU Q 843 -111.08 -6.88 -34.56
N GLU Q 844 -111.75 -6.65 -33.43
CA GLU Q 844 -111.85 -7.59 -32.33
C GLU Q 844 -112.52 -8.91 -32.77
N LEU Q 845 -113.72 -8.89 -33.37
CA LEU Q 845 -114.40 -10.12 -33.82
C LEU Q 845 -113.56 -10.91 -34.82
N ARG Q 846 -112.96 -10.24 -35.80
CA ARG Q 846 -112.02 -10.87 -36.74
C ARG Q 846 -110.82 -11.45 -36.03
N PHE Q 847 -110.22 -10.71 -35.10
CA PHE Q 847 -109.06 -11.19 -34.35
C PHE Q 847 -109.39 -12.47 -33.57
N HIS Q 848 -110.61 -12.66 -33.09
CA HIS Q 848 -111.04 -13.85 -32.34
C HIS Q 848 -111.96 -14.83 -33.09
N GLY Q 849 -111.85 -14.85 -34.41
CA GLY Q 849 -112.35 -15.95 -35.24
C GLY Q 849 -113.74 -15.77 -35.85
N ALA Q 850 -114.43 -14.67 -35.59
CA ALA Q 850 -115.75 -14.46 -36.16
C ALA Q 850 -115.72 -14.20 -37.67
N LYS Q 851 -116.71 -14.77 -38.35
CA LYS Q 851 -117.03 -14.47 -39.75
C LYS Q 851 -117.83 -13.16 -39.79
N VAL Q 852 -117.12 -12.04 -39.75
CA VAL Q 852 -117.72 -10.70 -39.91
C VAL Q 852 -118.14 -10.53 -41.37
N VAL Q 853 -119.39 -10.13 -41.62
CA VAL Q 853 -119.96 -10.01 -42.97
C VAL Q 853 -120.63 -8.65 -43.19
N SER Q 854 -120.49 -8.09 -44.40
CA SER Q 854 -121.00 -6.77 -44.79
C SER Q 854 -122.46 -6.77 -45.29
N CYS Q 855 -123.10 -7.93 -45.40
CA CYS Q 855 -124.51 -8.09 -45.74
C CYS Q 855 -125.21 -9.15 -44.87
N LEU Q 856 -126.39 -8.83 -44.34
CA LEU Q 856 -127.23 -9.68 -43.52
C LEU Q 856 -128.14 -10.55 -44.41
N ALA Q 857 -127.66 -11.73 -44.80
CA ALA Q 857 -128.44 -12.82 -45.41
C ALA Q 857 -128.93 -13.83 -44.35
N GLU Q 858 -129.64 -14.90 -44.75
CA GLU Q 858 -130.04 -15.99 -43.86
C GLU Q 858 -128.92 -16.61 -42.99
N GLY Q 859 -127.66 -16.50 -43.45
CA GLY Q 859 -126.46 -17.14 -42.87
C GLY Q 859 -125.93 -16.56 -41.57
N VAL Q 860 -126.60 -15.54 -41.05
CA VAL Q 860 -126.10 -14.78 -39.92
C VAL Q 860 -126.69 -15.30 -38.62
N SER Q 861 -125.83 -15.51 -37.62
CA SER Q 861 -126.24 -15.91 -36.27
C SER Q 861 -126.43 -14.70 -35.34
N HIS Q 862 -125.68 -13.60 -35.52
CA HIS Q 862 -125.67 -12.43 -34.63
C HIS Q 862 -125.63 -11.11 -35.40
N VAL Q 863 -126.40 -10.13 -34.97
CA VAL Q 863 -126.25 -8.71 -35.31
C VAL Q 863 -125.73 -7.98 -34.08
N ILE Q 864 -124.74 -7.09 -34.25
CA ILE Q 864 -124.15 -6.27 -33.16
C ILE Q 864 -124.57 -4.80 -33.29
N ILE Q 865 -125.13 -4.25 -32.21
CA ILE Q 865 -125.66 -2.88 -32.10
C ILE Q 865 -124.78 -2.05 -31.19
N GLY Q 866 -124.40 -0.86 -31.68
CA GLY Q 866 -123.70 0.16 -30.91
C GLY Q 866 -124.64 1.11 -30.18
N GLU Q 867 -124.25 2.38 -30.13
CA GLU Q 867 -125.04 3.44 -29.49
C GLU Q 867 -126.36 3.67 -30.23
N ASP Q 868 -126.29 3.77 -31.56
CA ASP Q 868 -127.42 4.12 -32.41
C ASP Q 868 -128.43 2.97 -32.60
N HIS Q 869 -129.45 2.94 -31.76
CA HIS Q 869 -130.59 2.03 -31.90
C HIS Q 869 -131.55 2.42 -33.06
N SER Q 870 -131.26 3.42 -33.92
CA SER Q 870 -132.23 3.88 -34.95
C SER Q 870 -132.63 2.82 -36.00
N ARG Q 871 -131.98 1.65 -35.94
CA ARG Q 871 -132.09 0.49 -36.84
C ARG Q 871 -132.74 -0.75 -36.18
N VAL Q 872 -132.93 -0.79 -34.83
CA VAL Q 872 -133.29 -2.04 -34.12
C VAL Q 872 -134.69 -2.53 -34.45
N ALA Q 873 -135.68 -1.63 -34.60
CA ALA Q 873 -137.01 -1.98 -35.07
C ALA Q 873 -137.01 -2.74 -36.40
N ASP Q 874 -136.02 -2.46 -37.25
CA ASP Q 874 -135.93 -2.96 -38.61
C ASP Q 874 -135.15 -4.25 -38.67
N PHE Q 875 -134.11 -4.40 -37.84
CA PHE Q 875 -133.53 -5.71 -37.56
C PHE Q 875 -134.62 -6.64 -37.01
N LYS Q 876 -135.33 -6.27 -35.94
CA LYS Q 876 -136.39 -7.09 -35.33
C LYS Q 876 -137.52 -7.44 -36.31
N ALA Q 877 -137.89 -6.51 -37.19
CA ALA Q 877 -138.89 -6.74 -38.23
C ALA Q 877 -138.37 -7.68 -39.34
N PHE Q 878 -137.16 -7.45 -39.82
CA PHE Q 878 -136.53 -8.27 -40.86
C PHE Q 878 -136.33 -9.70 -40.37
N ARG Q 879 -135.95 -9.87 -39.10
CA ARG Q 879 -135.83 -11.16 -38.38
C ARG Q 879 -137.13 -11.97 -38.28
N ARG Q 880 -138.30 -11.34 -38.40
CA ARG Q 880 -139.60 -12.05 -38.60
C ARG Q 880 -139.64 -12.87 -39.91
N THR Q 881 -138.84 -12.49 -40.92
CA THR Q 881 -138.71 -13.22 -42.20
C THR Q 881 -138.01 -14.59 -42.05
N PHE Q 882 -137.09 -14.69 -41.10
CA PHE Q 882 -136.03 -15.69 -41.15
C PHE Q 882 -136.45 -17.07 -40.65
N LYS Q 883 -135.89 -18.12 -41.26
CA LYS Q 883 -136.06 -19.52 -40.83
C LYS Q 883 -135.22 -19.87 -39.60
N ARG Q 884 -133.91 -19.61 -39.62
CA ARG Q 884 -133.04 -19.55 -38.42
C ARG Q 884 -132.71 -18.10 -38.14
N LYS Q 885 -132.91 -17.72 -36.89
CA LYS Q 885 -133.15 -16.36 -36.46
C LYS Q 885 -131.94 -15.86 -35.69
N PHE Q 886 -131.33 -14.77 -36.18
CA PHE Q 886 -130.18 -14.16 -35.52
C PHE Q 886 -130.58 -13.50 -34.18
N LYS Q 887 -129.63 -13.51 -33.25
CA LYS Q 887 -129.65 -12.64 -32.08
C LYS Q 887 -129.21 -11.23 -32.43
N ILE Q 888 -129.70 -10.28 -31.66
CA ILE Q 888 -129.25 -8.90 -31.71
C ILE Q 888 -128.60 -8.64 -30.35
N LEU Q 889 -127.33 -8.27 -30.32
CA LEU Q 889 -126.58 -8.13 -29.08
C LEU Q 889 -125.93 -6.74 -28.98
N LYS Q 890 -125.76 -6.26 -27.74
CA LYS Q 890 -124.94 -5.09 -27.43
C LYS Q 890 -123.46 -5.34 -27.77
N GLU Q 891 -122.73 -4.29 -28.14
CA GLU Q 891 -121.26 -4.30 -28.31
C GLU Q 891 -120.53 -5.05 -27.16
N SER Q 892 -120.97 -4.83 -25.91
CA SER Q 892 -120.30 -5.30 -24.70
C SER Q 892 -120.15 -6.83 -24.60
N TRP Q 893 -120.92 -7.62 -25.36
CA TRP Q 893 -120.77 -9.09 -25.45
C TRP Q 893 -119.40 -9.50 -25.99
N VAL Q 894 -118.96 -8.84 -27.07
CA VAL Q 894 -117.66 -9.06 -27.71
C VAL Q 894 -116.54 -8.70 -26.74
N THR Q 895 -116.65 -7.51 -26.15
CA THR Q 895 -115.70 -6.94 -25.19
C THR Q 895 -115.46 -7.88 -24.02
N ASP Q 896 -116.56 -8.32 -23.39
CA ASP Q 896 -116.50 -9.06 -22.15
C ASP Q 896 -115.99 -10.49 -22.38
N SER Q 897 -116.36 -11.09 -23.51
CA SER Q 897 -115.87 -12.41 -23.90
C SER Q 897 -114.37 -12.42 -24.19
N ILE Q 898 -113.86 -11.42 -24.89
CA ILE Q 898 -112.42 -11.29 -25.14
C ILE Q 898 -111.64 -11.06 -23.84
N ASP Q 899 -112.15 -10.20 -22.95
CA ASP Q 899 -111.49 -9.84 -21.70
C ASP Q 899 -111.40 -11.04 -20.75
N LYS Q 900 -112.45 -11.86 -20.69
CA LYS Q 900 -112.49 -13.12 -19.95
C LYS Q 900 -111.95 -14.32 -20.73
N CYS Q 901 -111.40 -14.12 -21.94
CA CYS Q 901 -110.82 -15.17 -22.79
C CYS Q 901 -111.79 -16.32 -23.16
N GLU Q 902 -113.10 -16.08 -23.14
CA GLU Q 902 -114.16 -17.10 -23.07
C GLU Q 902 -115.52 -16.49 -23.51
N LEU Q 903 -116.33 -17.22 -24.28
CA LEU Q 903 -117.67 -16.78 -24.68
C LEU Q 903 -118.57 -16.54 -23.45
N GLN Q 904 -118.93 -15.27 -23.19
CA GLN Q 904 -119.91 -14.93 -22.16
C GLN Q 904 -121.34 -15.20 -22.64
N GLU Q 905 -122.21 -15.59 -21.72
CA GLU Q 905 -123.60 -15.95 -21.99
C GLU Q 905 -124.36 -14.79 -22.66
N GLU Q 906 -124.95 -15.00 -23.82
CA GLU Q 906 -125.49 -13.94 -24.68
C GLU Q 906 -126.78 -13.25 -24.16
N ASN Q 907 -127.53 -13.88 -23.25
CA ASN Q 907 -128.89 -13.45 -22.87
C ASN Q 907 -128.95 -12.09 -22.13
N GLN Q 908 -127.95 -11.80 -21.30
CA GLN Q 908 -127.73 -10.52 -20.61
C GLN Q 908 -127.38 -9.37 -21.58
N TYR Q 909 -126.83 -9.73 -22.75
CA TYR Q 909 -126.44 -8.83 -23.82
C TYR Q 909 -127.52 -8.67 -24.92
N LEU Q 910 -128.72 -9.23 -24.76
CA LEU Q 910 -129.77 -9.16 -25.77
C LEU Q 910 -130.32 -7.73 -25.94
N ILE Q 911 -130.42 -7.34 -27.21
CA ILE Q 911 -130.87 -6.09 -27.85
C ILE Q 911 -130.16 -4.81 -27.37
N MET R 1 -119.80 34.97 -5.80
CA MET R 1 -120.89 35.65 -6.51
C MET R 1 -121.04 35.09 -7.92
N GLU R 2 -122.24 34.69 -8.26
CA GLU R 2 -122.65 34.20 -9.57
C GLU R 2 -123.71 35.14 -10.20
N ARG R 3 -124.00 34.90 -11.48
CA ARG R 3 -124.83 35.79 -12.29
C ARG R 3 -125.23 35.16 -13.60
N LYS R 4 -126.41 35.55 -14.08
CA LYS R 4 -126.96 35.27 -15.41
C LYS R 4 -127.60 36.54 -16.00
N ILE R 5 -127.68 36.65 -17.33
CA ILE R 5 -128.31 37.76 -18.06
C ILE R 5 -129.26 37.24 -19.16
N SER R 6 -130.44 37.84 -19.33
CA SER R 6 -131.41 37.40 -20.35
C SER R 6 -132.40 38.45 -20.87
N ARG R 7 -132.58 38.38 -22.19
CA ARG R 7 -133.55 39.12 -22.97
C ARG R 7 -134.98 38.70 -22.65
N ILE R 8 -135.83 39.69 -22.47
CA ILE R 8 -137.26 39.58 -22.17
C ILE R 8 -138.05 40.63 -22.94
N HIS R 9 -139.37 40.55 -22.82
CA HIS R 9 -140.34 41.56 -23.23
C HIS R 9 -141.07 42.08 -21.99
N LEU R 10 -141.97 43.03 -22.17
CA LEU R 10 -143.07 43.22 -21.22
C LEU R 10 -144.36 43.40 -22.01
N VAL R 11 -145.50 42.91 -21.53
CA VAL R 11 -146.78 43.12 -22.25
C VAL R 11 -147.18 44.59 -22.25
N SER R 12 -146.74 45.33 -21.25
CA SER R 12 -146.76 46.78 -21.15
C SER R 12 -145.99 47.49 -22.27
N GLU R 13 -144.95 46.89 -22.85
CA GLU R 13 -144.27 47.39 -24.05
C GLU R 13 -143.99 46.22 -25.03
N PRO R 14 -144.99 45.80 -25.82
CA PRO R 14 -144.99 44.57 -26.62
C PRO R 14 -144.00 44.54 -27.78
N SER R 15 -143.58 45.72 -28.22
CA SER R 15 -142.90 45.90 -29.50
C SER R 15 -141.38 45.87 -29.37
N ILE R 16 -140.85 45.70 -28.16
CA ILE R 16 -139.45 46.04 -27.87
C ILE R 16 -138.84 45.11 -26.81
N THR R 17 -137.56 44.83 -27.02
CA THR R 17 -136.74 43.98 -26.17
C THR R 17 -136.47 44.66 -24.82
N HIS R 18 -136.27 43.92 -23.75
CA HIS R 18 -135.60 44.37 -22.53
C HIS R 18 -134.65 43.30 -22.09
N PHE R 19 -133.87 43.66 -21.11
CA PHE R 19 -132.92 42.80 -20.48
C PHE R 19 -133.18 42.77 -18.99
N LEU R 20 -133.41 41.58 -18.50
CA LEU R 20 -133.24 41.26 -17.10
C LEU R 20 -131.80 40.79 -16.91
N GLN R 21 -131.24 41.04 -15.74
CA GLN R 21 -129.98 40.50 -15.25
C GLN R 21 -130.18 40.05 -13.80
N VAL R 22 -129.77 38.81 -13.52
CA VAL R 22 -130.02 38.17 -12.22
C VAL R 22 -128.66 37.77 -11.63
N SER R 23 -128.27 38.35 -10.49
CA SER R 23 -126.99 38.09 -9.84
C SER R 23 -127.16 37.65 -8.40
N TRP R 24 -126.48 36.58 -8.00
CA TRP R 24 -126.71 35.96 -6.72
C TRP R 24 -125.45 35.46 -6.07
N GLU R 25 -125.52 35.33 -4.75
CA GLU R 25 -124.40 34.82 -4.02
C GLU R 25 -124.61 33.34 -3.75
N LYS R 26 -123.60 32.56 -4.14
CA LYS R 26 -123.54 31.10 -4.18
C LYS R 26 -124.72 30.47 -4.94
N THR R 27 -125.92 30.52 -4.40
CA THR R 27 -127.16 30.04 -5.02
C THR R 27 -128.21 31.15 -5.10
N LEU R 28 -129.04 31.03 -6.13
CA LEU R 28 -130.34 31.69 -6.30
C LEU R 28 -131.24 31.59 -5.05
N GLU R 29 -130.98 30.62 -4.20
CA GLU R 29 -131.70 30.34 -2.97
C GLU R 29 -131.25 31.15 -1.76
N SER R 30 -130.02 31.69 -1.72
CA SER R 30 -129.63 32.61 -0.64
C SER R 30 -130.34 33.96 -0.74
N GLY R 31 -130.97 34.22 -1.88
CA GLY R 31 -131.32 35.57 -2.28
C GLY R 31 -130.34 36.22 -3.23
N PHE R 32 -130.75 37.38 -3.77
CA PHE R 32 -130.15 37.89 -4.99
C PHE R 32 -130.39 39.38 -5.24
N VAL R 33 -129.61 39.94 -6.19
CA VAL R 33 -129.84 41.23 -6.83
C VAL R 33 -130.30 41.03 -8.27
N ILE R 34 -131.41 41.68 -8.62
CA ILE R 34 -132.06 41.65 -9.95
C ILE R 34 -132.02 43.06 -10.55
N THR R 35 -131.88 43.16 -11.87
CA THR R 35 -131.76 44.42 -12.60
C THR R 35 -132.47 44.37 -13.96
N LEU R 36 -133.40 45.28 -14.25
CA LEU R 36 -134.06 45.38 -15.56
C LEU R 36 -133.53 46.61 -16.26
N THR R 37 -133.41 46.50 -17.58
CA THR R 37 -133.18 47.62 -18.46
C THR R 37 -133.82 47.43 -19.83
N ASP R 38 -134.23 48.54 -20.42
CA ASP R 38 -134.60 48.71 -21.83
C ASP R 38 -133.37 48.73 -22.76
N GLY R 39 -132.23 49.27 -22.29
CA GLY R 39 -131.12 49.81 -23.10
C GLY R 39 -130.83 51.28 -22.76
N HIS R 40 -131.71 51.93 -21.98
CA HIS R 40 -131.66 53.35 -21.62
C HIS R 40 -131.61 53.64 -20.10
N SER R 41 -132.28 52.84 -19.26
CA SER R 41 -132.62 53.20 -17.87
C SER R 41 -132.38 52.03 -16.89
N ALA R 42 -132.06 52.42 -15.66
CA ALA R 42 -131.54 51.54 -14.64
C ALA R 42 -132.62 51.15 -13.63
N TRP R 43 -133.15 49.94 -13.66
CA TRP R 43 -133.99 49.42 -12.59
C TRP R 43 -133.30 48.32 -11.81
N THR R 44 -133.46 48.31 -10.49
CA THR R 44 -132.78 47.34 -9.61
C THR R 44 -133.70 46.87 -8.50
N GLY R 45 -133.34 45.77 -7.86
CA GLY R 45 -133.96 45.27 -6.63
C GLY R 45 -133.02 44.33 -5.88
N THR R 46 -133.18 44.24 -4.56
CA THR R 46 -132.55 43.21 -3.71
C THR R 46 -133.64 42.46 -2.93
N VAL R 47 -133.65 41.14 -3.01
CA VAL R 47 -134.70 40.26 -2.49
C VAL R 47 -134.03 38.94 -2.01
N SER R 48 -134.06 38.72 -0.68
CA SER R 48 -133.13 37.89 0.11
C SER R 48 -133.78 36.65 0.80
N GLU R 49 -132.96 35.74 1.37
CA GLU R 49 -133.36 34.40 1.85
C GLU R 49 -134.69 34.36 2.61
N SER R 50 -134.84 35.24 3.61
CA SER R 50 -135.98 35.27 4.55
C SER R 50 -137.33 35.34 3.83
N GLU R 51 -137.36 36.03 2.69
CA GLU R 51 -138.56 36.31 1.91
C GLU R 51 -138.59 35.60 0.54
N ILE R 52 -137.47 35.15 -0.06
CA ILE R 52 -137.58 34.24 -1.22
C ILE R 52 -138.20 32.90 -0.83
N SER R 53 -137.80 32.40 0.35
CA SER R 53 -138.41 31.26 1.04
C SER R 53 -139.83 31.56 1.53
N GLN R 54 -140.18 32.83 1.73
CA GLN R 54 -141.55 33.25 2.09
C GLN R 54 -142.47 33.23 0.86
N GLU R 55 -141.92 33.29 -0.37
CA GLU R 55 -142.69 33.18 -1.61
C GLU R 55 -143.41 31.83 -1.73
N ALA R 56 -142.63 30.76 -1.65
CA ALA R 56 -143.08 29.37 -1.53
C ALA R 56 -143.65 29.08 -0.11
N ASP R 57 -144.46 29.96 0.41
CA ASP R 57 -145.19 29.91 1.67
C ASP R 57 -146.46 30.77 1.55
N ASP R 58 -146.34 31.99 1.03
CA ASP R 58 -147.46 32.82 0.59
C ASP R 58 -148.23 32.17 -0.58
N MET R 59 -147.50 31.56 -1.52
CA MET R 59 -148.03 30.84 -2.68
C MET R 59 -148.25 29.35 -2.40
N ALA R 60 -149.20 28.73 -3.12
CA ALA R 60 -149.43 27.29 -3.11
C ALA R 60 -148.31 26.46 -3.77
N MET R 61 -147.47 27.09 -4.61
CA MET R 61 -146.32 26.45 -5.25
C MET R 61 -145.22 26.10 -4.23
N GLU R 62 -144.84 24.83 -4.16
CA GLU R 62 -143.74 24.36 -3.29
C GLU R 62 -142.35 24.82 -3.80
N LYS R 63 -141.37 24.88 -2.88
CA LYS R 63 -140.02 25.44 -3.12
C LYS R 63 -139.35 24.94 -4.40
N GLY R 64 -139.24 23.63 -4.57
CA GLY R 64 -138.55 23.02 -5.72
C GLY R 64 -139.18 23.42 -7.06
N LYS R 65 -140.50 23.22 -7.20
CA LYS R 65 -141.23 23.57 -8.43
C LYS R 65 -141.25 25.07 -8.72
N TYR R 66 -141.37 25.92 -7.70
CA TYR R 66 -141.36 27.39 -7.80
C TYR R 66 -139.98 27.95 -8.16
N VAL R 67 -138.91 27.57 -7.47
CA VAL R 67 -137.58 28.09 -7.76
C VAL R 67 -137.12 27.58 -9.13
N GLY R 68 -137.51 26.34 -9.49
CA GLY R 68 -137.37 25.67 -10.80
C GLY R 68 -138.16 26.35 -11.92
N GLU R 69 -139.41 26.67 -11.64
CA GLU R 69 -140.32 27.44 -12.49
C GLU R 69 -139.80 28.85 -12.63
N LEU R 70 -139.26 29.45 -11.57
CA LEU R 70 -138.63 30.76 -11.63
C LEU R 70 -137.36 30.71 -12.44
N ARG R 71 -136.48 29.72 -12.30
CA ARG R 71 -135.28 29.68 -13.16
C ARG R 71 -135.62 29.39 -14.62
N LYS R 72 -136.70 28.64 -14.90
CA LYS R 72 -137.30 28.55 -16.24
C LYS R 72 -137.86 29.89 -16.69
N ALA R 73 -138.62 30.55 -15.84
CA ALA R 73 -139.30 31.80 -16.14
C ALA R 73 -138.29 32.94 -16.36
N LEU R 74 -137.47 33.16 -15.34
CA LEU R 74 -136.48 34.21 -15.17
C LEU R 74 -135.18 33.95 -15.92
N LEU R 75 -134.43 32.91 -15.56
CA LEU R 75 -133.10 32.60 -16.13
C LEU R 75 -133.25 31.94 -17.53
N SER R 76 -134.22 32.42 -18.32
CA SER R 76 -134.68 31.93 -19.62
C SER R 76 -135.28 30.53 -19.50
N VAL R 83 -146.10 28.91 -20.46
CA VAL R 83 -145.50 30.17 -20.92
C VAL R 83 -145.33 31.11 -19.73
N TYR R 84 -144.27 31.91 -19.73
CA TYR R 84 -144.15 33.06 -18.83
C TYR R 84 -144.42 34.35 -19.55
N THR R 85 -144.79 35.33 -18.76
CA THR R 85 -145.23 36.64 -19.21
C THR R 85 -144.77 37.64 -18.18
N PHE R 86 -144.22 38.79 -18.62
CA PHE R 86 -143.54 39.75 -17.76
C PHE R 86 -144.17 41.12 -17.91
N ASN R 87 -144.40 41.83 -16.82
CA ASN R 87 -145.02 43.15 -16.84
C ASN R 87 -144.35 44.03 -15.80
N PHE R 88 -144.00 45.27 -16.14
CA PHE R 88 -143.37 46.22 -15.22
C PHE R 88 -143.94 47.60 -15.47
N SER R 89 -144.04 48.42 -14.43
CA SER R 89 -144.27 49.85 -14.63
C SER R 89 -143.25 50.67 -13.88
N LYS R 90 -142.81 51.71 -14.57
CA LYS R 90 -141.55 52.40 -14.36
C LYS R 90 -141.61 53.29 -13.14
N GLU R 91 -142.76 53.91 -12.95
CA GLU R 91 -143.12 54.73 -11.79
C GLU R 91 -143.24 53.90 -10.51
N SER R 92 -144.29 53.08 -10.40
CA SER R 92 -144.56 52.20 -9.26
C SER R 92 -143.42 51.22 -9.01
N CYS R 93 -142.65 50.90 -10.04
CA CYS R 93 -141.55 49.98 -10.00
C CYS R 93 -142.01 48.55 -9.67
N TYR R 94 -143.32 48.28 -9.74
CA TYR R 94 -143.86 46.94 -9.63
C TYR R 94 -143.55 46.18 -10.94
N PHE R 95 -142.93 45.01 -10.79
CA PHE R 95 -142.71 43.98 -11.79
C PHE R 95 -143.55 42.76 -11.40
N PHE R 96 -144.20 42.05 -12.31
CA PHE R 96 -144.77 40.72 -12.03
C PHE R 96 -144.74 39.81 -13.26
N PHE R 97 -144.86 38.51 -12.99
CA PHE R 97 -144.90 37.46 -14.00
C PHE R 97 -145.75 36.29 -13.51
N GLU R 98 -146.36 35.57 -14.45
CA GLU R 98 -147.26 34.48 -14.10
C GLU R 98 -147.16 33.29 -15.06
N LYS R 99 -147.40 32.09 -14.56
CA LYS R 99 -147.35 30.89 -15.41
C LYS R 99 -148.69 30.77 -16.13
N ASN R 100 -148.62 30.98 -17.44
CA ASN R 100 -149.75 30.84 -18.33
C ASN R 100 -149.85 29.37 -18.71
N LEU R 101 -151.02 28.77 -18.53
CA LEU R 101 -151.34 27.41 -18.97
C LEU R 101 -152.44 27.43 -20.04
N LYS R 102 -152.78 26.26 -20.60
CA LYS R 102 -153.86 26.11 -21.59
C LYS R 102 -155.22 26.40 -20.95
N ASP R 103 -155.77 27.58 -21.23
CA ASP R 103 -157.05 28.13 -20.74
C ASP R 103 -157.23 28.26 -19.20
N VAL R 104 -156.17 28.13 -18.38
CA VAL R 104 -156.10 28.62 -16.98
C VAL R 104 -154.78 29.37 -16.78
N SER R 105 -154.70 30.24 -15.78
CA SER R 105 -153.54 31.12 -15.59
C SER R 105 -153.38 31.51 -14.12
N PHE R 106 -152.17 31.41 -13.56
CA PHE R 106 -151.98 31.61 -12.13
C PHE R 106 -150.66 32.30 -11.77
N ARG R 107 -150.69 33.00 -10.63
CA ARG R 107 -149.57 33.84 -10.22
C ARG R 107 -148.34 33.03 -9.86
N LEU R 108 -147.20 33.52 -10.36
CA LEU R 108 -145.90 32.96 -10.06
C LEU R 108 -145.17 33.93 -9.12
N GLY R 109 -144.74 35.11 -9.57
CA GLY R 109 -144.05 36.09 -8.71
C GLY R 109 -144.24 37.56 -9.10
N SER R 110 -143.77 38.45 -8.21
CA SER R 110 -143.71 39.91 -8.40
C SER R 110 -142.63 40.58 -7.53
N PHE R 111 -141.97 41.66 -8.02
CA PHE R 111 -141.05 42.52 -7.24
C PHE R 111 -141.52 43.96 -7.34
N ASN R 112 -141.74 44.57 -6.19
CA ASN R 112 -141.69 46.01 -6.07
C ASN R 112 -140.21 46.40 -6.11
N LEU R 113 -139.67 46.58 -7.30
CA LEU R 113 -138.30 47.04 -7.55
C LEU R 113 -138.12 48.49 -7.05
N GLU R 114 -136.90 48.99 -7.05
CA GLU R 114 -136.61 50.42 -6.86
C GLU R 114 -135.41 50.75 -7.78
N LYS R 115 -135.63 51.60 -8.78
CA LYS R 115 -134.63 51.91 -9.81
C LYS R 115 -133.40 52.64 -9.27
N VAL R 116 -132.37 52.75 -10.11
CA VAL R 116 -131.10 53.43 -9.80
C VAL R 116 -130.70 54.39 -10.92
N GLU R 117 -129.70 55.18 -10.57
CA GLU R 117 -129.20 56.39 -11.19
C GLU R 117 -128.26 56.18 -12.39
N ASN R 118 -127.79 54.97 -12.64
CA ASN R 118 -126.68 54.72 -13.54
C ASN R 118 -127.07 53.72 -14.62
N PRO R 119 -127.81 54.19 -15.63
CA PRO R 119 -128.13 53.36 -16.78
C PRO R 119 -126.85 52.86 -17.48
N ALA R 120 -125.84 53.73 -17.61
CA ALA R 120 -124.58 53.43 -18.28
C ALA R 120 -123.69 52.40 -17.59
N GLU R 121 -123.40 52.63 -16.32
CA GLU R 121 -122.54 51.74 -15.54
C GLU R 121 -123.13 50.34 -15.54
N VAL R 122 -124.46 50.22 -15.44
CA VAL R 122 -125.18 48.96 -15.55
C VAL R 122 -124.92 48.26 -16.89
N ILE R 123 -125.17 48.96 -18.00
CA ILE R 123 -124.99 48.46 -19.39
C ILE R 123 -123.53 48.09 -19.64
N ARG R 124 -122.58 48.89 -19.14
CA ARG R 124 -121.13 48.60 -19.19
C ARG R 124 -120.78 47.27 -18.55
N GLU R 125 -121.23 47.01 -17.33
CA GLU R 125 -120.93 45.74 -16.67
C GLU R 125 -121.52 44.53 -17.39
N LEU R 126 -122.74 44.68 -17.95
CA LEU R 126 -123.42 43.66 -18.75
C LEU R 126 -122.60 43.31 -20.01
N ILE R 127 -122.18 44.32 -20.79
CA ILE R 127 -121.32 44.15 -21.96
C ILE R 127 -119.96 43.54 -21.58
N CYS R 128 -119.28 44.07 -20.56
CA CYS R 128 -117.98 43.56 -20.12
C CYS R 128 -118.06 42.09 -19.68
N TYR R 129 -119.13 41.71 -18.95
CA TYR R 129 -119.37 40.32 -18.58
C TYR R 129 -119.46 39.45 -19.83
N CYS R 130 -120.33 39.79 -20.79
CA CYS R 130 -120.44 39.05 -22.04
C CYS R 130 -119.08 38.93 -22.77
N LEU R 131 -118.42 40.03 -23.09
CA LEU R 131 -117.15 40.05 -23.85
C LEU R 131 -116.03 39.26 -23.15
N ASP R 132 -115.94 39.30 -21.83
CA ASP R 132 -115.01 38.44 -21.07
C ASP R 132 -115.39 36.97 -21.16
N THR R 133 -116.67 36.66 -20.96
CA THR R 133 -117.16 35.27 -20.85
C THR R 133 -117.12 34.52 -22.17
N ILE R 134 -117.39 35.27 -23.24
CA ILE R 134 -117.12 34.95 -24.66
C ILE R 134 -115.66 34.48 -24.78
N ALA R 135 -114.71 35.39 -24.48
CA ALA R 135 -113.27 35.25 -24.71
C ALA R 135 -112.63 34.08 -23.94
N GLU R 136 -113.00 33.91 -22.68
CA GLU R 136 -112.51 32.79 -21.88
C GLU R 136 -112.95 31.44 -22.49
N ASN R 137 -114.18 31.37 -23.00
CA ASN R 137 -114.71 30.17 -23.63
C ASN R 137 -114.01 29.86 -24.96
N GLN R 138 -113.70 30.85 -25.79
CA GLN R 138 -112.91 30.62 -27.01
C GLN R 138 -111.48 30.13 -26.70
N ALA R 139 -110.87 30.58 -25.59
CA ALA R 139 -109.60 30.01 -25.13
C ALA R 139 -109.74 28.51 -24.78
N LYS R 140 -110.73 28.15 -23.96
CA LYS R 140 -111.03 26.76 -23.58
C LYS R 140 -111.32 25.90 -24.80
N ASN R 141 -112.08 26.44 -25.74
CA ASN R 141 -112.44 25.75 -26.98
C ASN R 141 -111.19 25.47 -27.81
N GLU R 142 -110.23 26.39 -27.89
CA GLU R 142 -108.93 26.06 -28.47
C GLU R 142 -108.25 24.92 -27.68
N HIS R 143 -108.11 25.00 -26.35
CA HIS R 143 -107.36 23.99 -25.60
C HIS R 143 -107.99 22.61 -25.78
N LEU R 144 -109.29 22.45 -25.53
CA LEU R 144 -109.93 21.16 -25.69
C LEU R 144 -109.82 20.68 -27.14
N GLN R 145 -109.90 21.59 -28.13
CA GLN R 145 -109.74 21.22 -29.52
C GLN R 145 -108.36 20.63 -29.79
N LYS R 146 -107.30 21.26 -29.28
CA LYS R 146 -105.94 20.73 -29.41
C LYS R 146 -105.78 19.39 -28.71
N GLU R 147 -106.22 19.34 -27.48
CA GLU R 147 -106.11 18.16 -26.63
C GLU R 147 -106.73 16.96 -27.30
N ASN R 148 -107.92 17.16 -27.84
CA ASN R 148 -108.70 16.07 -28.32
C ASN R 148 -108.54 15.81 -29.83
N GLU R 149 -107.88 16.71 -30.56
CA GLU R 149 -107.13 16.34 -31.76
C GLU R 149 -106.04 15.32 -31.39
N ARG R 150 -105.21 15.53 -30.35
CA ARG R 150 -104.18 14.55 -29.96
C ARG R 150 -104.80 13.18 -29.68
N LEU R 151 -105.87 13.16 -28.89
CA LEU R 151 -106.57 11.92 -28.58
C LEU R 151 -107.15 11.26 -29.84
N LEU R 152 -107.73 12.00 -30.79
CA LEU R 152 -108.27 11.37 -31.99
C LEU R 152 -107.14 10.90 -32.92
N ARG R 153 -106.14 11.74 -33.14
CA ARG R 153 -104.94 11.50 -33.91
C ARG R 153 -104.28 10.20 -33.47
N ASP R 154 -104.07 10.05 -32.16
CA ASP R 154 -103.57 8.81 -31.57
C ASP R 154 -104.55 7.65 -31.79
N TRP R 155 -105.84 7.82 -31.46
CA TRP R 155 -106.84 6.78 -31.59
C TRP R 155 -106.93 6.19 -32.99
N ASN R 156 -106.88 7.05 -34.00
CA ASN R 156 -106.85 6.71 -35.42
C ASN R 156 -105.57 5.95 -35.81
N ASP R 157 -104.44 6.23 -35.18
CA ASP R 157 -103.20 5.49 -35.44
C ASP R 157 -103.23 4.10 -34.85
N VAL R 158 -103.71 3.95 -33.61
CA VAL R 158 -103.85 2.63 -33.01
C VAL R 158 -104.88 1.80 -33.76
N GLN R 159 -105.98 2.42 -34.22
CA GLN R 159 -106.87 1.83 -35.22
C GLN R 159 -106.01 1.21 -36.33
N GLY R 160 -105.23 2.02 -37.07
CA GLY R 160 -104.40 1.60 -38.21
C GLY R 160 -103.52 0.38 -37.93
N ARG R 161 -102.80 0.43 -36.82
CA ARG R 161 -101.94 -0.67 -36.36
C ARG R 161 -102.72 -1.91 -35.99
N PHE R 162 -103.85 -1.75 -35.33
CA PHE R 162 -104.74 -2.83 -34.98
C PHE R 162 -105.28 -3.49 -36.22
N GLU R 163 -105.66 -2.72 -37.25
CA GLU R 163 -106.05 -3.28 -38.55
C GLU R 163 -104.91 -4.12 -39.16
N LYS R 164 -103.66 -3.63 -39.09
CA LYS R 164 -102.49 -4.41 -39.55
C LYS R 164 -102.34 -5.70 -38.76
N CYS R 165 -102.48 -5.65 -37.44
CA CYS R 165 -102.40 -6.83 -36.59
C CYS R 165 -103.55 -7.80 -36.87
N VAL R 166 -104.80 -7.34 -37.00
CA VAL R 166 -105.92 -8.19 -37.32
C VAL R 166 -105.71 -8.88 -38.66
N SER R 167 -105.30 -8.13 -39.67
CA SER R 167 -105.01 -8.72 -40.99
C SER R 167 -103.90 -9.74 -40.95
N ALA R 168 -102.80 -9.42 -40.25
CA ALA R 168 -101.70 -10.35 -40.09
C ALA R 168 -102.12 -11.63 -39.34
N LYS R 169 -103.01 -11.52 -38.34
CA LYS R 169 -103.56 -12.66 -37.61
C LYS R 169 -104.46 -13.53 -38.48
N GLU R 170 -105.36 -12.95 -39.29
CA GLU R 170 -106.18 -13.75 -40.22
C GLU R 170 -105.31 -14.50 -41.20
N ALA R 171 -104.38 -13.82 -41.85
CA ALA R 171 -103.46 -14.42 -42.79
C ALA R 171 -102.60 -15.53 -42.17
N LEU R 172 -102.11 -15.31 -40.94
CA LEU R 172 -101.37 -16.32 -40.17
C LEU R 172 -102.21 -17.60 -39.97
N GLU R 173 -103.47 -17.49 -39.53
CA GLU R 173 -104.35 -18.65 -39.41
C GLU R 173 -104.58 -19.38 -40.73
N THR R 174 -105.13 -18.69 -41.73
CA THR R 174 -105.56 -19.37 -42.97
C THR R 174 -104.33 -19.98 -43.64
N ASP R 175 -103.22 -19.26 -43.69
CA ASP R 175 -101.96 -19.76 -44.23
C ASP R 175 -101.45 -21.02 -43.53
N LEU R 176 -101.38 -21.00 -42.19
CA LEU R 176 -100.93 -22.14 -41.41
C LEU R 176 -101.86 -23.33 -41.54
N TYR R 177 -103.17 -23.10 -41.42
CA TYR R 177 -104.16 -24.16 -41.56
C TYR R 177 -104.14 -24.72 -42.98
N LYS R 178 -104.07 -23.91 -44.04
CA LYS R 178 -103.95 -24.45 -45.42
C LYS R 178 -102.76 -25.38 -45.58
N ARG R 179 -101.61 -25.03 -44.98
CA ARG R 179 -100.41 -25.86 -45.03
C ARG R 179 -100.51 -27.11 -44.17
N PHE R 180 -101.09 -26.98 -43.00
CA PHE R 180 -101.41 -28.10 -42.11
C PHE R 180 -102.34 -29.08 -42.80
N ILE R 181 -103.44 -28.58 -43.36
CA ILE R 181 -104.45 -29.32 -44.13
C ILE R 181 -103.79 -30.11 -45.24
N LEU R 182 -102.89 -29.51 -46.04
CA LEU R 182 -102.18 -30.23 -47.09
C LEU R 182 -101.36 -31.40 -46.52
N VAL R 183 -100.51 -31.13 -45.51
CA VAL R 183 -99.63 -32.13 -44.89
C VAL R 183 -100.45 -33.23 -44.20
N LEU R 184 -101.47 -32.85 -43.43
CA LEU R 184 -102.39 -33.69 -42.68
C LEU R 184 -103.19 -34.56 -43.65
N ASN R 185 -103.80 -33.98 -44.65
CA ASN R 185 -104.67 -34.70 -45.58
C ASN R 185 -103.94 -35.77 -46.37
N GLU R 186 -102.70 -35.53 -46.76
CA GLU R 186 -101.88 -36.52 -47.46
C GLU R 186 -101.59 -37.71 -46.56
N LYS R 187 -101.26 -37.44 -45.28
CA LYS R 187 -101.16 -38.48 -44.25
C LYS R 187 -102.47 -39.28 -44.10
N LYS R 188 -103.61 -38.61 -43.95
CA LYS R 188 -104.95 -39.23 -43.82
C LYS R 188 -105.31 -40.11 -45.03
N THR R 189 -105.10 -39.62 -46.24
CA THR R 189 -105.32 -40.31 -47.52
C THR R 189 -104.47 -41.55 -47.60
N LYS R 190 -103.18 -41.45 -47.23
CA LYS R 190 -102.28 -42.61 -47.22
C LYS R 190 -102.72 -43.60 -46.16
N ILE R 191 -103.07 -43.16 -44.94
CA ILE R 191 -103.64 -44.03 -43.88
C ILE R 191 -104.87 -44.77 -44.39
N ARG R 192 -105.78 -44.12 -45.11
CA ARG R 192 -106.99 -44.70 -45.67
C ARG R 192 -106.66 -45.76 -46.68
N SER R 193 -105.81 -45.39 -47.64
CA SER R 193 -105.39 -46.27 -48.71
C SER R 193 -104.72 -47.51 -48.16
N LEU R 194 -103.80 -47.34 -47.22
CA LEU R 194 -103.15 -48.46 -46.57
C LEU R 194 -104.09 -49.29 -45.69
N HIS R 195 -104.97 -48.66 -44.91
CA HIS R 195 -105.97 -49.32 -44.06
C HIS R 195 -106.86 -50.25 -44.86
N ASN R 196 -107.38 -49.74 -45.98
CA ASN R 196 -108.17 -50.52 -46.92
C ASN R 196 -107.29 -51.58 -47.57
N LYS R 197 -106.15 -51.22 -48.17
CA LYS R 197 -105.22 -52.18 -48.79
C LYS R 197 -104.79 -53.30 -47.84
N LEU R 198 -104.72 -53.03 -46.55
CA LEU R 198 -104.34 -53.97 -45.51
C LEU R 198 -105.49 -54.88 -45.05
N LEU R 199 -106.70 -54.35 -44.91
CA LEU R 199 -107.89 -55.19 -44.70
C LEU R 199 -108.08 -56.21 -45.82
N ASN R 200 -107.70 -55.81 -47.05
CA ASN R 200 -107.73 -56.66 -48.23
C ASN R 200 -106.46 -57.53 -48.40
N ALA R 201 -105.29 -57.05 -47.96
CA ALA R 201 -104.04 -57.77 -47.88
C ALA R 201 -103.15 -57.16 -46.78
N ARG S 179 -25.63 71.08 19.32
CA ARG S 179 -25.92 70.97 17.89
C ARG S 179 -25.27 72.10 17.10
N CYS S 180 -25.12 71.90 15.79
CA CYS S 180 -24.42 72.76 14.84
C CYS S 180 -24.49 74.30 15.04
N PRO S 181 -25.66 74.94 15.24
CA PRO S 181 -25.81 76.36 14.87
C PRO S 181 -24.86 77.37 15.52
N GLY S 182 -24.42 77.13 16.76
CA GLY S 182 -23.54 78.02 17.52
C GLY S 182 -22.10 77.52 17.76
N GLU S 183 -21.75 76.33 17.28
CA GLU S 183 -20.55 75.60 17.71
C GLU S 183 -19.47 75.63 16.61
N SER S 184 -18.26 76.12 16.90
CA SER S 184 -17.27 76.42 15.84
C SER S 184 -16.65 75.16 15.24
N LEU S 185 -16.37 75.15 13.92
CA LEU S 185 -15.74 74.00 13.28
C LEU S 185 -14.23 73.91 13.50
N ILE S 186 -13.55 75.04 13.77
CA ILE S 186 -12.12 75.08 14.09
C ILE S 186 -11.87 74.47 15.48
N ASN S 187 -12.77 74.72 16.41
CA ASN S 187 -12.58 74.44 17.82
C ASN S 187 -13.93 73.98 18.43
N PRO S 188 -14.26 72.69 18.35
CA PRO S 188 -15.60 72.17 18.62
C PRO S 188 -16.02 72.26 20.07
N GLY S 189 -17.33 72.22 20.31
CA GLY S 189 -17.96 72.42 21.61
C GLY S 189 -18.00 73.89 22.05
N PHE S 190 -16.91 74.63 21.86
CA PHE S 190 -16.83 76.05 22.15
C PHE S 190 -17.64 76.88 21.15
N LYS S 191 -18.18 77.99 21.64
CA LYS S 191 -19.13 78.85 20.90
C LYS S 191 -18.42 79.68 19.84
N SER S 192 -18.99 79.88 18.66
CA SER S 192 -18.29 80.55 17.55
C SER S 192 -17.86 81.99 17.85
N LYS S 193 -16.58 82.30 17.65
CA LYS S 193 -16.02 83.65 17.82
C LYS S 193 -16.46 84.56 16.65
N LYS S 194 -17.31 85.55 16.96
CA LYS S 194 -17.81 86.53 15.98
C LYS S 194 -16.73 87.56 15.64
N PRO S 195 -16.77 88.21 14.47
CA PRO S 195 -15.60 88.86 13.88
C PRO S 195 -15.33 90.28 14.40
N ALA S 196 -14.98 90.41 15.67
CA ALA S 196 -14.40 91.57 16.38
C ALA S 196 -15.22 92.88 16.48
N GLY S 197 -15.98 93.27 15.47
CA GLY S 197 -16.84 94.46 15.50
C GLY S 197 -16.06 95.77 15.68
N GLY S 198 -16.47 96.56 16.68
CA GLY S 198 -16.08 97.95 16.90
C GLY S 198 -17.24 98.94 16.70
N VAL S 199 -16.94 100.24 16.80
CA VAL S 199 -17.89 101.35 16.59
C VAL S 199 -18.19 101.59 15.11
N ASP S 200 -19.47 101.69 14.75
CA ASP S 200 -20.02 101.74 13.39
C ASP S 200 -21.47 102.19 13.47
N PHE S 201 -21.85 103.43 13.07
CA PHE S 201 -23.19 103.88 13.44
C PHE S 201 -24.28 103.44 12.45
N MET T 1 -12.50 117.67 -62.72
CA MET T 1 -13.29 116.83 -63.64
C MET T 1 -12.57 115.48 -63.82
N GLU T 2 -13.30 114.41 -64.13
CA GLU T 2 -12.73 113.12 -64.50
C GLU T 2 -13.18 112.78 -65.91
N ARG T 3 -12.33 112.08 -66.63
CA ARG T 3 -12.75 111.29 -67.78
C ARG T 3 -12.19 109.91 -67.65
N LYS T 4 -12.71 109.01 -68.48
CA LYS T 4 -12.35 107.61 -68.51
C LYS T 4 -12.67 107.05 -69.89
N ILE T 5 -11.61 106.67 -70.61
CA ILE T 5 -11.68 105.88 -71.83
C ILE T 5 -11.66 104.39 -71.47
N SER T 6 -12.44 103.60 -72.19
CA SER T 6 -12.72 102.19 -71.99
C SER T 6 -12.83 101.56 -73.38
N ARG T 7 -12.23 100.40 -73.66
CA ARG T 7 -12.31 99.76 -75.00
C ARG T 7 -13.28 98.60 -75.00
N ILE T 8 -14.15 98.55 -76.00
CA ILE T 8 -15.29 97.63 -76.04
C ILE T 8 -15.43 97.00 -77.41
N HIS T 9 -16.28 95.99 -77.46
CA HIS T 9 -16.85 95.44 -78.67
C HIS T 9 -18.36 95.57 -78.63
N LEU T 10 -18.92 96.21 -79.64
CA LEU T 10 -20.35 96.05 -79.91
C LEU T 10 -20.67 94.62 -80.29
N VAL T 11 -21.85 94.15 -79.90
CA VAL T 11 -22.36 92.87 -80.37
C VAL T 11 -22.49 92.88 -81.89
N SER T 12 -22.95 94.00 -82.48
CA SER T 12 -23.05 94.20 -83.93
C SER T 12 -21.73 93.97 -84.66
N GLU T 13 -20.62 94.22 -83.99
CA GLU T 13 -19.31 94.35 -84.63
C GLU T 13 -18.23 93.61 -83.85
N PRO T 14 -18.19 92.28 -84.04
CA PRO T 14 -17.26 91.39 -83.36
C PRO T 14 -15.79 91.82 -83.47
N SER T 15 -15.32 92.19 -84.68
CA SER T 15 -13.89 92.36 -84.99
C SER T 15 -13.41 93.82 -84.93
N ILE T 16 -14.32 94.79 -84.85
CA ILE T 16 -13.95 96.19 -84.65
C ILE T 16 -13.84 96.43 -83.15
N THR T 17 -12.66 96.81 -82.68
CA THR T 17 -12.54 97.38 -81.33
C THR T 17 -13.07 98.79 -81.38
N HIS T 18 -14.02 99.10 -80.52
CA HIS T 18 -14.52 100.45 -80.31
C HIS T 18 -13.93 101.08 -79.05
N PHE T 19 -14.00 102.40 -78.95
CA PHE T 19 -13.63 103.15 -77.74
C PHE T 19 -14.83 103.93 -77.21
N LEU T 20 -15.17 103.67 -75.95
CA LEU T 20 -16.17 104.39 -75.19
C LEU T 20 -15.41 105.39 -74.29
N GLN T 21 -15.72 106.68 -74.41
CA GLN T 21 -15.16 107.71 -73.55
C GLN T 21 -16.28 108.31 -72.75
N VAL T 22 -16.09 108.37 -71.43
CA VAL T 22 -17.01 108.99 -70.50
C VAL T 22 -16.28 110.12 -69.78
N SER T 23 -17.01 111.17 -69.46
CA SER T 23 -16.44 112.42 -68.95
C SER T 23 -17.47 113.11 -68.06
N TRP T 24 -17.09 113.47 -66.84
CA TRP T 24 -18.02 113.93 -65.81
C TRP T 24 -17.28 114.53 -64.60
N GLU T 25 -18.03 114.99 -63.62
CA GLU T 25 -17.50 115.66 -62.46
C GLU T 25 -17.74 114.82 -61.22
N LYS T 26 -16.77 113.94 -61.01
CA LYS T 26 -16.61 112.92 -59.97
C LYS T 26 -17.78 112.02 -59.65
N THR T 27 -18.94 112.55 -59.27
CA THR T 27 -20.13 111.70 -59.37
C THR T 27 -20.58 111.59 -60.82
N LEU T 28 -20.46 110.39 -61.35
CA LEU T 28 -21.16 109.93 -62.55
C LEU T 28 -22.66 110.25 -62.44
N GLU T 29 -23.18 110.15 -61.22
CA GLU T 29 -24.58 110.39 -60.86
C GLU T 29 -25.11 111.77 -61.26
N SER T 30 -24.25 112.78 -61.31
CA SER T 30 -24.61 114.15 -61.69
C SER T 30 -24.97 114.27 -63.19
N GLY T 31 -24.79 113.22 -63.98
CA GLY T 31 -24.84 113.24 -65.43
C GLY T 31 -23.44 113.29 -66.05
N PHE T 32 -23.31 112.88 -67.31
CA PHE T 32 -22.03 112.70 -68.02
C PHE T 32 -22.21 112.88 -69.53
N VAL T 33 -21.10 113.16 -70.19
CA VAL T 33 -20.99 113.08 -71.64
C VAL T 33 -20.31 111.79 -72.03
N ILE T 34 -20.79 111.24 -73.14
CA ILE T 34 -20.39 109.94 -73.59
C ILE T 34 -20.13 109.99 -75.10
N THR T 35 -18.99 109.47 -75.53
CA THR T 35 -18.58 109.37 -76.93
C THR T 35 -18.37 107.89 -77.22
N LEU T 36 -18.74 107.42 -78.42
CA LEU T 36 -18.25 106.17 -78.98
C LEU T 36 -17.50 106.49 -80.26
N THR T 37 -16.47 105.71 -80.59
CA THR T 37 -15.74 105.76 -81.87
C THR T 37 -15.16 104.39 -82.24
N ASP T 38 -14.92 104.16 -83.53
CA ASP T 38 -14.28 102.96 -84.08
C ASP T 38 -12.97 103.21 -84.87
N GLY T 39 -12.39 104.41 -84.76
CA GLY T 39 -11.20 104.86 -85.52
C GLY T 39 -11.51 105.42 -86.91
N HIS T 40 -12.79 105.45 -87.31
CA HIS T 40 -13.23 106.00 -88.57
C HIS T 40 -14.35 107.03 -88.37
N SER T 41 -15.27 106.75 -87.44
CA SER T 41 -16.45 107.56 -87.12
C SER T 41 -16.59 107.74 -85.62
N ALA T 42 -17.41 108.69 -85.17
CA ALA T 42 -17.65 108.97 -83.77
C ALA T 42 -19.10 109.38 -83.55
N TRP T 43 -19.62 109.12 -82.34
CA TRP T 43 -20.98 109.42 -81.92
C TRP T 43 -20.94 109.94 -80.51
N THR T 44 -21.90 110.74 -80.12
CA THR T 44 -21.90 111.35 -78.79
C THR T 44 -23.28 111.44 -78.24
N GLY T 45 -23.42 111.50 -76.94
CA GLY T 45 -24.58 112.11 -76.31
C GLY T 45 -24.32 112.37 -74.85
N THR T 46 -25.39 112.73 -74.15
CA THR T 46 -25.34 113.21 -72.78
C THR T 46 -26.40 112.50 -71.96
N VAL T 47 -26.15 112.29 -70.67
CA VAL T 47 -27.13 111.77 -69.68
C VAL T 47 -27.16 112.67 -68.44
N SER T 48 -28.32 112.88 -67.81
CA SER T 48 -28.52 113.84 -66.71
C SER T 48 -28.97 113.22 -65.36
N GLU T 49 -29.02 114.04 -64.31
CA GLU T 49 -29.29 113.65 -62.91
C GLU T 49 -30.62 112.88 -62.73
N SER T 50 -31.68 113.42 -63.30
CA SER T 50 -33.04 112.88 -63.22
C SER T 50 -33.22 111.67 -64.13
N GLU T 51 -32.47 111.56 -65.22
CA GLU T 51 -32.52 110.40 -66.12
C GLU T 51 -31.92 109.14 -65.50
N ILE T 52 -30.76 109.25 -64.85
CA ILE T 52 -30.17 108.17 -64.04
C ILE T 52 -31.09 107.80 -62.88
N SER T 53 -31.68 108.80 -62.20
CA SER T 53 -32.66 108.52 -61.15
C SER T 53 -33.81 107.68 -61.66
N GLN T 54 -34.45 108.12 -62.75
CA GLN T 54 -35.63 107.45 -63.31
C GLN T 54 -35.29 106.04 -63.83
N GLU T 55 -34.09 105.87 -64.41
CA GLU T 55 -33.58 104.58 -64.87
C GLU T 55 -33.41 103.58 -63.70
N ALA T 56 -32.82 104.03 -62.59
CA ALA T 56 -32.73 103.27 -61.36
C ALA T 56 -34.10 102.98 -60.73
N ASP T 57 -34.97 104.01 -60.66
CA ASP T 57 -36.21 103.98 -59.89
C ASP T 57 -37.26 103.09 -60.55
N ASP T 58 -37.25 102.97 -61.88
CA ASP T 58 -38.08 102.01 -62.61
C ASP T 58 -37.61 100.54 -62.37
N MET T 59 -36.30 100.33 -62.26
CA MET T 59 -35.71 99.04 -61.84
C MET T 59 -35.74 98.81 -60.32
N ALA T 60 -36.23 99.79 -59.54
CA ALA T 60 -36.35 99.75 -58.08
C ALA T 60 -35.04 99.41 -57.34
N MET T 61 -33.93 100.10 -57.65
CA MET T 61 -32.66 99.98 -56.93
C MET T 61 -32.18 101.32 -56.41
N GLU T 62 -31.57 101.26 -55.22
CA GLU T 62 -30.91 102.38 -54.58
C GLU T 62 -29.97 103.09 -55.57
N LYS T 63 -30.17 104.38 -55.80
CA LYS T 63 -29.25 105.21 -56.58
C LYS T 63 -27.95 105.35 -55.80
N GLY T 64 -26.82 105.32 -56.48
CA GLY T 64 -25.55 104.99 -55.80
C GLY T 64 -25.22 103.51 -55.97
N LYS T 65 -26.12 102.58 -55.65
CA LYS T 65 -25.95 101.15 -55.98
C LYS T 65 -26.09 100.92 -57.49
N TYR T 66 -27.12 101.50 -58.07
CA TYR T 66 -27.28 101.56 -59.52
C TYR T 66 -26.13 102.33 -60.18
N VAL T 67 -25.59 103.33 -59.47
CA VAL T 67 -24.41 104.06 -59.94
C VAL T 67 -23.19 103.17 -59.90
N GLY T 68 -23.06 102.31 -58.89
CA GLY T 68 -22.13 101.20 -58.86
C GLY T 68 -22.18 100.41 -60.15
N GLU T 69 -23.35 99.88 -60.51
CA GLU T 69 -23.55 99.16 -61.78
C GLU T 69 -23.10 100.00 -62.98
N LEU T 70 -23.46 101.28 -63.00
CA LEU T 70 -23.01 102.18 -64.06
C LEU T 70 -21.49 102.32 -64.09
N ARG T 71 -20.79 102.46 -62.95
CA ARG T 71 -19.33 102.61 -62.96
C ARG T 71 -18.71 101.35 -63.54
N LYS T 72 -19.24 100.22 -63.13
CA LYS T 72 -18.72 98.92 -63.50
C LYS T 72 -18.92 98.64 -64.98
N ALA T 73 -20.08 99.00 -65.49
CA ALA T 73 -20.42 98.90 -66.89
C ALA T 73 -19.60 99.87 -67.74
N LEU T 74 -19.60 101.17 -67.40
CA LEU T 74 -19.17 102.24 -68.31
C LEU T 74 -17.70 102.66 -68.12
N LEU T 75 -17.17 102.45 -66.93
CA LEU T 75 -15.82 102.86 -66.52
C LEU T 75 -14.90 101.65 -66.32
N SER T 76 -15.16 100.55 -67.00
CA SER T 76 -14.40 99.29 -66.91
C SER T 76 -14.31 98.72 -65.48
N GLY T 77 -15.17 99.15 -64.54
CA GLY T 77 -15.09 98.69 -63.15
C GLY T 77 -15.63 97.27 -62.93
N ALA T 78 -15.85 96.50 -63.99
CA ALA T 78 -16.27 95.11 -63.95
C ALA T 78 -15.28 94.17 -63.24
N GLY T 79 -15.80 93.33 -62.35
CA GLY T 79 -15.11 92.14 -61.86
C GLY T 79 -15.19 90.97 -62.86
N PRO T 80 -14.53 89.83 -62.59
CA PRO T 80 -14.52 88.66 -63.48
C PRO T 80 -15.90 88.00 -63.58
N ALA T 81 -16.68 88.14 -62.51
CA ALA T 81 -18.06 87.70 -62.41
C ALA T 81 -18.99 88.53 -63.30
N ASP T 82 -18.66 89.80 -63.49
CA ASP T 82 -19.49 90.71 -64.26
C ASP T 82 -19.20 90.57 -65.74
N VAL T 83 -20.24 90.31 -66.51
CA VAL T 83 -20.19 90.30 -67.97
C VAL T 83 -21.20 91.30 -68.47
N TYR T 84 -20.69 92.40 -69.04
CA TYR T 84 -21.46 93.45 -69.67
C TYR T 84 -21.39 93.35 -71.20
N THR T 85 -22.49 93.68 -71.85
CA THR T 85 -22.69 93.56 -73.30
C THR T 85 -23.22 94.87 -73.86
N PHE T 86 -22.65 95.32 -74.98
CA PHE T 86 -22.81 96.68 -75.47
C PHE T 86 -23.37 96.68 -76.90
N ASN T 87 -24.37 97.50 -77.17
CA ASN T 87 -25.18 97.42 -78.38
C ASN T 87 -25.48 98.82 -78.94
N PHE T 88 -25.41 98.95 -80.26
CA PHE T 88 -25.55 100.21 -80.94
C PHE T 88 -25.94 99.98 -82.39
N SER T 89 -27.00 100.65 -82.84
CA SER T 89 -27.19 100.95 -84.25
C SER T 89 -26.57 102.31 -84.46
N LYS T 90 -25.71 102.43 -85.46
CA LYS T 90 -25.19 103.71 -85.95
C LYS T 90 -26.27 104.43 -86.74
N GLU T 91 -27.13 103.62 -87.35
CA GLU T 91 -28.24 104.01 -88.21
C GLU T 91 -29.30 104.76 -87.42
N SER T 92 -29.77 104.18 -86.31
CA SER T 92 -30.63 104.87 -85.35
C SER T 92 -29.87 105.66 -84.29
N CYS T 93 -28.57 105.43 -84.15
CA CYS T 93 -27.76 105.91 -83.05
C CYS T 93 -28.28 105.59 -81.64
N TYR T 94 -29.04 104.51 -81.47
CA TYR T 94 -29.52 104.04 -80.19
C TYR T 94 -28.49 103.11 -79.55
N PHE T 95 -27.86 103.59 -78.49
CA PHE T 95 -27.04 102.75 -77.63
C PHE T 95 -27.89 102.10 -76.57
N PHE T 96 -27.55 100.88 -76.22
CA PHE T 96 -27.96 100.28 -74.96
C PHE T 96 -26.94 99.27 -74.51
N PHE T 97 -26.95 99.02 -73.21
CA PHE T 97 -26.05 98.08 -72.57
C PHE T 97 -26.82 97.15 -71.65
N GLU T 98 -26.23 96.00 -71.38
CA GLU T 98 -26.84 94.89 -70.65
C GLU T 98 -25.81 94.20 -69.76
N LYS T 99 -26.25 93.57 -68.68
CA LYS T 99 -25.44 92.67 -67.84
C LYS T 99 -25.95 91.26 -68.09
N ASN T 100 -25.08 90.25 -68.01
CA ASN T 100 -25.43 88.86 -68.26
C ASN T 100 -25.12 87.98 -67.04
N LEU T 101 -26.12 87.21 -66.61
CA LEU T 101 -25.92 85.96 -65.84
C LEU T 101 -27.23 85.13 -65.84
N LYS T 102 -27.19 83.93 -65.25
CA LYS T 102 -28.22 82.88 -65.39
C LYS T 102 -28.55 82.59 -66.87
N ASP T 103 -27.48 82.61 -67.66
CA ASP T 103 -27.29 82.35 -69.10
C ASP T 103 -27.68 83.48 -70.09
N VAL T 104 -28.35 84.57 -69.68
CA VAL T 104 -28.89 85.57 -70.64
C VAL T 104 -28.77 87.03 -70.14
N SER T 105 -28.97 88.00 -71.03
CA SER T 105 -28.74 89.43 -70.79
C SER T 105 -29.91 90.20 -70.15
N PHE T 106 -29.58 91.34 -69.53
CA PHE T 106 -30.46 92.24 -68.81
C PHE T 106 -29.98 93.64 -69.03
N ARG T 107 -30.74 94.39 -69.83
CA ARG T 107 -30.60 95.84 -70.08
C ARG T 107 -30.36 96.60 -68.78
N LEU T 108 -29.26 97.36 -68.76
CA LEU T 108 -28.93 98.29 -67.69
C LEU T 108 -29.27 99.75 -68.08
N GLY T 109 -29.25 100.11 -69.36
CA GLY T 109 -29.60 101.48 -69.76
C GLY T 109 -29.48 101.69 -71.27
N SER T 110 -29.85 102.88 -71.73
CA SER T 110 -29.89 103.29 -73.14
C SER T 110 -29.57 104.75 -73.39
N PHE T 111 -28.97 105.04 -74.56
CA PHE T 111 -28.62 106.38 -74.98
C PHE T 111 -29.03 106.67 -76.41
N ASN T 112 -29.56 107.86 -76.57
CA ASN T 112 -29.56 108.61 -77.81
C ASN T 112 -28.13 109.13 -78.05
N LEU T 113 -27.37 108.50 -78.95
CA LEU T 113 -26.22 109.17 -79.54
C LEU T 113 -26.66 109.98 -80.75
N GLU T 114 -25.80 110.89 -81.16
CA GLU T 114 -25.86 111.62 -82.41
C GLU T 114 -24.52 111.31 -83.07
N LYS T 115 -24.50 111.02 -84.37
CA LYS T 115 -23.23 110.96 -85.09
C LYS T 115 -22.58 112.33 -85.03
N VAL T 116 -21.28 112.31 -84.79
CA VAL T 116 -20.49 113.50 -84.64
C VAL T 116 -19.92 113.92 -85.98
N GLU T 117 -19.98 115.22 -86.22
CA GLU T 117 -19.69 115.89 -87.49
C GLU T 117 -18.19 116.05 -87.75
N ASN T 118 -17.39 116.10 -86.69
CA ASN T 118 -15.95 116.32 -86.74
C ASN T 118 -15.21 115.08 -86.20
N PRO T 119 -15.26 113.94 -86.89
CA PRO T 119 -14.80 112.68 -86.35
C PRO T 119 -13.31 112.66 -85.98
N ALA T 120 -12.43 112.92 -86.95
CA ALA T 120 -10.97 112.89 -86.78
C ALA T 120 -10.47 113.82 -85.66
N GLU T 121 -11.23 114.87 -85.32
CA GLU T 121 -10.86 115.89 -84.34
C GLU T 121 -11.07 115.48 -82.88
N VAL T 122 -12.20 114.87 -82.57
CA VAL T 122 -12.37 114.38 -81.19
C VAL T 122 -11.49 113.16 -80.97
N ILE T 123 -11.24 112.38 -82.02
CA ILE T 123 -10.21 111.33 -82.06
C ILE T 123 -8.83 111.91 -81.73
N ARG T 124 -8.41 113.02 -82.36
CA ARG T 124 -7.16 113.73 -82.03
C ARG T 124 -7.02 114.04 -80.56
N GLU T 125 -8.05 114.69 -80.02
CA GLU T 125 -8.09 115.04 -78.62
C GLU T 125 -7.91 113.77 -77.78
N LEU T 126 -8.69 112.71 -78.03
CA LEU T 126 -8.62 111.45 -77.29
C LEU T 126 -7.22 110.84 -77.30
N ILE T 127 -6.56 110.69 -78.47
CA ILE T 127 -5.20 110.13 -78.51
C ILE T 127 -4.15 111.06 -77.91
N CYS T 128 -4.34 112.39 -77.92
CA CYS T 128 -3.48 113.28 -77.15
C CYS T 128 -3.53 112.94 -75.65
N TYR T 129 -4.74 112.85 -75.07
CA TYR T 129 -4.90 112.52 -73.66
C TYR T 129 -4.30 111.16 -73.32
N CYS T 130 -4.43 110.18 -74.21
CA CYS T 130 -3.83 108.86 -74.00
C CYS T 130 -2.28 108.93 -74.02
N LEU T 131 -1.68 109.60 -75.01
CA LEU T 131 -0.22 109.77 -75.06
C LEU T 131 0.32 110.50 -73.82
N ASP T 132 -0.43 111.46 -73.28
CA ASP T 132 -0.12 112.12 -72.04
C ASP T 132 -0.19 111.11 -70.89
N THR T 133 -1.30 110.39 -70.77
CA THR T 133 -1.51 109.41 -69.71
C THR T 133 -0.49 108.26 -69.75
N ILE T 134 0.05 107.84 -70.92
CA ILE T 134 1.22 106.96 -70.97
C ILE T 134 2.38 107.66 -70.27
N ALA T 135 2.79 108.81 -70.81
CA ALA T 135 3.98 109.53 -70.39
C ALA T 135 3.94 109.84 -68.89
N GLU T 136 2.79 110.20 -68.33
CA GLU T 136 2.64 110.55 -66.91
C GLU T 136 2.90 109.35 -65.99
N ASN T 137 2.23 108.22 -66.28
CA ASN T 137 2.40 107.01 -65.48
C ASN T 137 3.77 106.36 -65.72
N GLN T 138 4.36 106.53 -66.90
CA GLN T 138 5.73 106.16 -67.22
C GLN T 138 6.72 106.99 -66.36
N ALA T 139 6.58 108.32 -66.33
CA ALA T 139 7.37 109.19 -65.43
C ALA T 139 7.27 108.81 -63.94
N LYS T 140 6.06 108.51 -63.44
CA LYS T 140 5.83 107.97 -62.09
C LYS T 140 6.55 106.63 -61.89
N ASN T 141 6.56 105.76 -62.89
CA ASN T 141 7.24 104.47 -62.82
C ASN T 141 8.74 104.61 -62.64
N GLU T 142 9.37 105.46 -63.46
CA GLU T 142 10.82 105.66 -63.37
C GLU T 142 11.22 106.13 -61.98
N HIS T 143 10.45 107.09 -61.44
CA HIS T 143 10.68 107.57 -60.11
C HIS T 143 10.56 106.44 -59.05
N LEU T 144 9.52 105.62 -59.11
CA LEU T 144 9.36 104.50 -58.20
C LEU T 144 10.46 103.43 -58.31
N GLN T 145 11.09 103.22 -59.47
CA GLN T 145 12.29 102.38 -59.57
C GLN T 145 13.45 103.01 -58.76
N LYS T 146 13.74 104.30 -58.96
CA LYS T 146 14.82 105.02 -58.24
C LYS T 146 14.65 104.90 -56.72
N GLU T 147 13.45 105.15 -56.21
CA GLU T 147 13.18 105.09 -54.78
C GLU T 147 13.29 103.65 -54.22
N ASN T 148 12.93 102.63 -55.01
CA ASN T 148 13.13 101.22 -54.64
C ASN T 148 14.64 100.88 -54.52
N GLU T 149 15.46 101.23 -55.52
CA GLU T 149 16.90 100.99 -55.49
C GLU T 149 17.58 101.62 -54.27
N ARG T 150 17.28 102.92 -54.05
CA ARG T 150 17.80 103.71 -52.95
C ARG T 150 17.44 103.09 -51.61
N LEU T 151 16.17 102.81 -51.39
CA LEU T 151 15.75 102.24 -50.12
C LEU T 151 16.23 100.78 -49.95
N LEU T 152 16.53 100.00 -51.01
CA LEU T 152 17.00 98.65 -50.81
C LEU T 152 18.45 98.64 -50.32
N ARG T 153 19.26 99.51 -50.90
CA ARG T 153 20.60 99.82 -50.43
C ARG T 153 20.56 100.36 -49.01
N ASP T 154 19.87 101.48 -48.80
CA ASP T 154 19.80 102.17 -47.51
C ASP T 154 19.24 101.28 -46.40
N TRP T 155 18.31 100.38 -46.71
CA TRP T 155 17.82 99.46 -45.71
C TRP T 155 18.91 98.48 -45.27
N ASN T 156 19.62 97.87 -46.21
CA ASN T 156 20.73 96.99 -45.90
C ASN T 156 21.79 97.67 -45.06
N ASP T 157 22.02 98.93 -45.39
CA ASP T 157 22.96 99.82 -44.74
C ASP T 157 22.63 99.98 -43.24
N VAL T 158 21.48 100.57 -42.89
CA VAL T 158 21.17 100.86 -41.47
C VAL T 158 20.92 99.56 -40.72
N GLN T 159 20.44 98.51 -41.38
CA GLN T 159 20.32 97.20 -40.76
C GLN T 159 21.65 96.70 -40.24
N GLY T 160 22.67 96.70 -41.09
CA GLY T 160 24.01 96.30 -40.70
C GLY T 160 24.59 97.21 -39.63
N ARG T 161 24.58 98.54 -39.84
CA ARG T 161 25.15 99.52 -38.87
C ARG T 161 24.46 99.39 -37.52
N PHE T 162 23.15 99.29 -37.48
CA PHE T 162 22.42 99.20 -36.22
C PHE T 162 22.83 97.99 -35.38
N GLU T 163 22.94 96.83 -36.02
CA GLU T 163 23.31 95.58 -35.36
C GLU T 163 24.77 95.57 -34.86
N LYS T 164 25.65 96.24 -35.62
CA LYS T 164 27.02 96.55 -35.19
C LYS T 164 27.02 97.47 -33.98
N CYS T 165 26.20 98.52 -33.99
CA CYS T 165 26.05 99.43 -32.86
C CYS T 165 25.49 98.74 -31.62
N VAL T 166 24.43 97.92 -31.74
CA VAL T 166 23.86 97.15 -30.63
C VAL T 166 24.94 96.27 -29.97
N SER T 167 25.72 95.53 -30.75
CA SER T 167 26.82 94.72 -30.23
C SER T 167 27.89 95.53 -29.51
N ALA T 168 28.25 96.68 -30.09
CA ALA T 168 29.27 97.55 -29.51
C ALA T 168 28.79 98.18 -28.19
N LYS T 169 27.51 98.60 -28.13
CA LYS T 169 26.86 99.09 -26.92
C LYS T 169 26.90 98.04 -25.80
N GLU T 170 26.60 96.79 -26.16
CA GLU T 170 26.54 95.70 -25.20
C GLU T 170 27.92 95.32 -24.63
N ALA T 171 29.01 95.61 -25.36
CA ALA T 171 30.39 95.46 -24.86
C ALA T 171 30.86 96.66 -23.99
N LEU T 172 30.37 97.87 -24.29
CA LEU T 172 30.83 99.14 -23.72
C LEU T 172 30.87 99.22 -22.20
N GLU T 173 29.85 98.71 -21.52
CA GLU T 173 29.75 98.71 -20.05
C GLU T 173 30.77 97.77 -19.36
N THR T 174 31.12 96.64 -19.98
CA THR T 174 32.21 95.79 -19.46
C THR T 174 33.56 96.47 -19.63
N ASP T 175 33.69 97.22 -20.73
CA ASP T 175 34.94 97.85 -21.15
C ASP T 175 35.36 98.93 -20.19
N LEU T 176 34.47 99.90 -20.02
CA LEU T 176 34.61 100.99 -19.08
C LEU T 176 34.91 100.47 -17.68
N TYR T 177 34.11 99.56 -17.10
CA TYR T 177 34.43 99.05 -15.75
C TYR T 177 35.80 98.36 -15.68
N LYS T 178 36.22 97.54 -16.66
CA LYS T 178 37.59 96.97 -16.69
C LYS T 178 38.64 98.07 -16.58
N ARG T 179 38.46 99.17 -17.32
CA ARG T 179 39.39 100.31 -17.30
C ARG T 179 39.37 101.01 -15.95
N PHE T 180 38.19 101.19 -15.37
CA PHE T 180 38.02 101.92 -14.12
C PHE T 180 38.59 101.14 -12.92
N ILE T 181 38.34 99.82 -12.84
CA ILE T 181 38.82 98.91 -11.78
C ILE T 181 40.30 99.12 -11.50
N LEU T 182 41.09 98.99 -12.56
CA LEU T 182 42.54 99.09 -12.54
C LEU T 182 43.00 100.48 -12.05
N VAL T 183 42.50 101.55 -12.67
CA VAL T 183 42.84 102.93 -12.32
C VAL T 183 42.55 103.17 -10.82
N LEU T 184 41.39 102.71 -10.37
CA LEU T 184 40.86 102.92 -9.04
C LEU T 184 41.57 102.13 -7.93
N ASN T 185 42.01 100.90 -8.22
CA ASN T 185 42.86 100.08 -7.35
C ASN T 185 44.29 100.65 -7.22
N GLU T 186 44.89 101.12 -8.32
CA GLU T 186 46.16 101.83 -8.26
C GLU T 186 46.05 103.09 -7.38
N LYS T 187 44.95 103.86 -7.51
CA LYS T 187 44.72 105.02 -6.62
C LYS T 187 44.60 104.62 -5.14
N LYS T 188 43.83 103.58 -4.84
CA LYS T 188 43.74 102.99 -3.51
C LYS T 188 45.10 102.58 -2.94
N THR T 189 45.99 102.00 -3.74
CA THR T 189 47.38 101.69 -3.34
C THR T 189 48.15 102.94 -2.90
N LYS T 190 48.00 104.06 -3.61
CA LYS T 190 48.63 105.33 -3.27
C LYS T 190 48.06 105.93 -1.98
N ILE T 191 46.75 105.81 -1.74
CA ILE T 191 46.05 106.27 -0.52
C ILE T 191 46.43 105.44 0.71
N ARG T 192 46.40 104.10 0.62
CA ARG T 192 46.90 103.18 1.67
C ARG T 192 48.28 103.61 2.16
N SER T 193 49.16 103.90 1.20
CA SER T 193 50.58 104.13 1.45
C SER T 193 50.81 105.45 2.15
N LEU T 194 50.28 106.51 1.56
CA LEU T 194 50.42 107.84 2.11
C LEU T 194 49.73 107.99 3.46
N HIS T 195 48.56 107.39 3.68
CA HIS T 195 47.89 107.41 4.99
C HIS T 195 48.62 106.56 6.05
N ASN T 196 49.14 105.37 5.71
CA ASN T 196 50.04 104.61 6.60
C ASN T 196 51.26 105.43 7.01
N LYS T 197 51.97 106.05 6.06
CA LYS T 197 53.14 106.87 6.36
C LYS T 197 52.74 108.05 7.24
N LEU T 198 51.61 108.69 6.98
CA LEU T 198 51.14 109.81 7.79
C LEU T 198 50.78 109.41 9.21
N LEU T 199 50.19 108.22 9.41
CA LEU T 199 49.90 107.65 10.73
C LEU T 199 51.18 107.39 11.53
N ASN T 200 52.21 106.82 10.89
CA ASN T 200 53.50 106.59 11.54
C ASN T 200 54.24 107.91 11.86
N ALA T 201 53.80 109.03 11.27
CA ALA T 201 54.36 110.36 11.49
C ALA T 201 53.31 111.48 11.40
N ALA T 267 65.31 37.12 8.31
CA ALA T 267 64.66 37.54 7.08
C ALA T 267 63.21 37.94 7.35
N PRO T 268 62.79 39.08 6.80
CA PRO T 268 61.41 39.53 7.00
C PRO T 268 60.41 38.56 6.39
N SER T 269 59.25 38.49 7.02
CA SER T 269 58.18 37.60 6.58
C SER T 269 57.16 38.41 5.79
N ARG T 270 57.01 38.08 4.51
CA ARG T 270 56.11 38.81 3.62
C ARG T 270 55.10 37.84 3.02
N LYS T 271 53.96 38.39 2.63
CA LYS T 271 52.91 37.63 1.98
C LYS T 271 52.20 38.55 0.99
N ARG T 272 51.33 37.96 0.18
CA ARG T 272 50.37 38.72 -0.61
C ARG T 272 49.03 38.02 -0.53
N ARG T 273 48.02 38.67 -1.09
CA ARG T 273 46.69 38.08 -1.10
C ARG T 273 46.63 36.91 -2.06
N GLN T 274 45.61 36.09 -1.92
CA GLN T 274 45.35 34.97 -2.81
C GLN T 274 43.85 34.91 -3.08
N ARG T 275 43.49 34.43 -4.26
CA ARG T 275 42.09 34.27 -4.64
C ARG T 275 41.79 32.79 -4.77
N MET T 276 40.81 32.32 -4.01
CA MET T 276 40.46 30.91 -4.04
C MET T 276 39.53 30.63 -5.22
N GLN T 277 40.01 29.80 -6.16
CA GLN T 277 39.29 29.58 -7.40
C GLN T 277 38.04 28.72 -7.22
N ARG T 278 37.95 27.97 -6.14
CA ARG T 278 36.79 27.13 -5.85
C ARG T 278 36.50 26.14 -6.97
N SER U 656 40.79 71.90 8.86
CA SER U 656 41.23 73.25 9.17
C SER U 656 41.37 73.49 10.67
N ASN U 657 42.30 74.37 11.06
CA ASN U 657 42.54 74.85 12.44
C ASN U 657 42.45 76.39 12.53
N ILE U 658 41.85 77.03 11.52
CA ILE U 658 41.84 78.50 11.33
C ILE U 658 40.59 79.16 11.94
N PHE U 659 39.40 78.57 11.75
CA PHE U 659 38.15 79.16 12.23
C PHE U 659 37.84 78.89 13.69
N GLU U 660 38.49 77.93 14.34
CA GLU U 660 38.59 77.92 15.79
C GLU U 660 39.07 79.27 16.33
N ASP U 661 38.59 79.65 17.52
CA ASP U 661 38.74 80.99 18.11
C ASP U 661 37.93 82.10 17.41
N VAL U 662 37.22 81.79 16.31
CA VAL U 662 36.31 82.70 15.62
C VAL U 662 34.88 82.18 15.71
N GLU U 663 33.99 82.95 16.33
CA GLU U 663 32.61 82.54 16.61
C GLU U 663 31.59 83.19 15.68
N PHE U 664 30.71 82.34 15.17
CA PHE U 664 29.78 82.61 14.08
C PHE U 664 28.34 82.39 14.50
N CYS U 665 27.43 83.19 13.95
CA CYS U 665 26.01 82.89 13.99
C CYS U 665 25.44 82.54 12.63
N VAL U 666 24.92 81.34 12.42
CA VAL U 666 24.26 80.96 11.15
C VAL U 666 22.75 81.16 11.29
N MET U 667 22.34 82.42 11.31
CA MET U 667 20.96 82.83 11.57
C MET U 667 19.96 82.41 10.48
N SER U 668 20.41 82.12 9.25
CA SER U 668 19.56 81.49 8.20
C SER U 668 20.38 80.80 7.09
N GLY U 669 19.71 80.03 6.23
CA GLY U 669 20.28 79.41 5.02
C GLY U 669 19.29 79.41 3.85
N THR U 670 18.91 78.22 3.36
CA THR U 670 17.94 77.99 2.26
C THR U 670 18.17 78.87 1.05
N GLN U 673 20.92 75.86 -0.67
CA GLN U 673 22.03 75.60 0.27
C GLN U 673 21.51 75.10 1.63
N PRO U 674 22.12 74.07 2.27
CA PRO U 674 21.52 73.44 3.43
C PRO U 674 21.98 74.13 4.73
N LYS U 675 21.11 74.94 5.35
CA LYS U 675 21.39 75.62 6.64
C LYS U 675 22.03 74.73 7.72
N PRO U 676 21.48 73.55 8.06
CA PRO U 676 22.09 72.71 9.08
C PRO U 676 23.46 72.14 8.62
N ASP U 677 23.70 72.01 7.31
CA ASP U 677 25.01 71.64 6.80
C ASP U 677 26.01 72.81 6.77
N LEU U 678 25.54 74.07 6.72
CA LEU U 678 26.42 75.23 6.76
C LEU U 678 27.30 75.17 8.01
N GLU U 679 26.67 75.03 9.18
CA GLU U 679 27.44 74.88 10.42
C GLU U 679 28.19 73.55 10.50
N ASN U 680 27.76 72.49 9.82
CA ASN U 680 28.54 71.25 9.78
C ASN U 680 29.82 71.41 8.96
N ARG U 681 29.76 72.09 7.81
CA ARG U 681 30.96 72.44 7.05
C ARG U 681 31.88 73.29 7.93
N ILE U 682 31.30 74.29 8.59
CA ILE U 682 32.00 75.10 9.58
C ILE U 682 32.63 74.23 10.68
N ALA U 683 31.97 73.15 11.11
CA ALA U 683 32.44 72.30 12.19
C ALA U 683 33.70 71.50 11.86
N GLU U 684 33.89 71.06 10.62
CA GLU U 684 35.16 70.43 10.21
C GLU U 684 36.26 71.46 9.95
N PHE U 685 35.90 72.74 9.81
CA PHE U 685 36.81 73.87 9.96
C PHE U 685 36.83 74.41 11.42
N GLY U 686 36.11 73.78 12.33
CA GLY U 686 36.01 74.17 13.73
C GLY U 686 35.53 75.59 14.03
N GLY U 687 34.90 76.31 13.09
CA GLY U 687 34.35 77.64 13.39
C GLY U 687 33.32 77.59 14.53
N TYR U 688 33.42 78.48 15.52
CA TYR U 688 32.69 78.35 16.77
C TYR U 688 31.21 78.73 16.59
N ILE U 689 30.34 77.72 16.41
CA ILE U 689 28.93 77.91 16.15
C ILE U 689 28.16 78.45 17.37
N VAL U 690 27.31 79.45 17.11
CA VAL U 690 26.42 80.09 18.09
C VAL U 690 25.01 80.24 17.48
N GLN U 691 23.95 79.87 18.20
CA GLN U 691 22.57 79.94 17.67
C GLN U 691 21.94 81.33 17.69
N ASN U 692 22.42 82.23 18.55
CA ASN U 692 21.84 83.55 18.77
C ASN U 692 22.97 84.52 19.16
N PRO U 693 23.23 85.60 18.40
CA PRO U 693 24.45 86.37 18.56
C PRO U 693 24.40 87.25 19.80
N GLY U 694 25.26 86.95 20.78
CA GLY U 694 25.53 87.87 21.88
C GLY U 694 26.51 88.98 21.48
N PRO U 695 26.83 89.91 22.38
CA PRO U 695 27.80 90.97 22.12
C PRO U 695 29.25 90.44 21.95
N ASP U 696 29.51 89.18 22.27
CA ASP U 696 30.79 88.50 22.10
C ASP U 696 31.12 88.17 20.64
N THR U 697 30.11 87.89 19.80
CA THR U 697 30.36 87.16 18.56
C THR U 697 31.10 88.00 17.51
N TYR U 698 31.77 87.33 16.57
CA TYR U 698 32.45 88.05 15.50
C TYR U 698 31.43 88.66 14.51
N CYS U 699 30.58 87.81 13.92
CA CYS U 699 29.70 88.21 12.83
C CYS U 699 28.54 87.22 12.67
N VAL U 700 27.51 87.63 11.93
CA VAL U 700 26.29 86.86 11.70
C VAL U 700 26.08 86.62 10.21
N ILE U 701 25.74 85.38 9.92
CA ILE U 701 25.71 84.73 8.61
C ILE U 701 24.26 84.35 8.33
N ALA U 702 23.71 84.69 7.16
CA ALA U 702 22.32 84.40 6.85
C ALA U 702 22.09 84.23 5.34
N GLY U 703 21.71 83.01 4.92
CA GLY U 703 21.34 82.67 3.54
C GLY U 703 20.21 83.50 2.90
N SER U 704 19.42 84.18 3.72
CA SER U 704 18.31 85.07 3.37
C SER U 704 17.96 85.91 4.60
N GLU U 705 17.20 86.99 4.43
CA GLU U 705 16.64 87.74 5.56
C GLU U 705 15.63 86.91 6.39
N ASN U 706 15.54 87.21 7.68
CA ASN U 706 14.43 86.87 8.58
C ASN U 706 14.16 88.09 9.47
N ILE U 707 13.08 88.06 10.25
CA ILE U 707 12.78 89.17 11.16
C ILE U 707 13.89 89.41 12.18
N ARG U 708 14.61 88.37 12.59
CA ARG U 708 15.75 88.54 13.50
C ARG U 708 16.89 89.32 12.82
N VAL U 709 17.12 89.11 11.53
CA VAL U 709 18.05 89.89 10.72
C VAL U 709 17.55 91.33 10.64
N LYS U 710 16.25 91.59 10.39
CA LYS U 710 15.73 92.95 10.51
C LYS U 710 15.97 93.53 11.90
N ASN U 711 15.81 92.77 13.00
CA ASN U 711 16.11 93.26 14.33
C ASN U 711 17.57 93.73 14.42
N ILE U 712 18.48 93.04 13.73
CA ILE U 712 19.91 93.35 13.65
C ILE U 712 20.26 94.38 12.55
N ILE U 713 19.31 94.76 11.69
CA ILE U 713 19.40 96.02 10.95
C ILE U 713 18.97 97.17 11.87
N LEU U 714 17.90 96.99 12.66
CA LEU U 714 17.40 98.02 13.57
C LEU U 714 18.36 98.30 14.75
N SER U 715 18.98 97.26 15.29
CA SER U 715 20.01 97.35 16.30
C SER U 715 21.35 97.15 15.61
N ASN U 716 22.06 98.25 15.40
CA ASN U 716 23.22 98.32 14.54
C ASN U 716 24.43 97.50 15.01
N LYS U 717 24.47 97.03 16.26
CA LYS U 717 25.66 96.55 17.01
C LYS U 717 26.52 95.44 16.37
N HIS U 718 26.10 94.82 15.27
CA HIS U 718 26.73 93.59 14.73
C HIS U 718 27.03 93.65 13.24
N ASP U 719 27.93 92.76 12.83
CA ASP U 719 28.48 92.66 11.48
C ASP U 719 27.80 91.52 10.70
N VAL U 720 27.14 91.86 9.58
CA VAL U 720 26.16 91.04 8.86
C VAL U 720 26.66 90.71 7.45
N VAL U 721 26.77 89.43 7.12
CA VAL U 721 27.72 88.93 6.12
C VAL U 721 27.03 88.15 4.99
N LYS U 722 27.50 88.28 3.74
CA LYS U 722 26.96 87.55 2.58
C LYS U 722 27.16 86.03 2.75
N PRO U 723 26.28 85.17 2.21
CA PRO U 723 26.44 83.70 2.35
C PRO U 723 27.70 83.17 1.67
N ALA U 724 27.93 83.62 0.43
CA ALA U 724 29.01 83.18 -0.45
C ALA U 724 30.43 83.48 0.05
N TRP U 725 30.61 84.50 0.89
CA TRP U 725 31.93 84.88 1.39
C TRP U 725 32.58 83.75 2.19
N LEU U 726 31.81 83.12 3.08
CA LEU U 726 32.36 82.05 3.88
C LEU U 726 32.64 80.82 3.01
N LEU U 727 31.77 80.50 2.05
CA LEU U 727 32.04 79.43 1.07
C LEU U 727 33.33 79.69 0.27
N GLU U 728 33.60 80.95 -0.08
CA GLU U 728 34.86 81.33 -0.70
C GLU U 728 36.04 81.11 0.24
N CYS U 729 35.99 81.54 1.51
CA CYS U 729 37.07 81.28 2.48
C CYS U 729 37.33 79.77 2.70
N PHE U 730 36.27 78.97 2.60
CA PHE U 730 36.35 77.53 2.65
C PHE U 730 37.04 76.99 1.39
N LYS U 731 36.69 77.52 0.22
CA LYS U 731 37.32 77.16 -1.06
C LYS U 731 38.78 77.64 -1.17
N THR U 732 39.16 78.77 -0.57
CA THR U 732 40.56 79.23 -0.46
C THR U 732 41.39 78.45 0.56
N LYS U 733 40.79 77.54 1.35
CA LYS U 733 41.45 76.83 2.48
C LYS U 733 42.22 77.77 3.43
N SER U 734 41.74 79.01 3.52
CA SER U 734 42.42 80.12 4.19
C SER U 734 41.41 81.26 4.41
N PHE U 735 41.37 81.83 5.61
CA PHE U 735 40.44 82.92 5.91
C PHE U 735 40.71 84.13 5.03
N VAL U 736 39.70 84.55 4.26
CA VAL U 736 39.75 85.76 3.45
C VAL U 736 39.19 86.92 4.29
N PRO U 737 39.96 87.96 4.67
CA PRO U 737 39.42 89.15 5.32
C PRO U 737 38.48 89.98 4.41
N TRP U 738 37.66 90.86 5.01
CA TRP U 738 36.47 91.41 4.36
C TRP U 738 36.71 92.50 3.31
N GLN U 739 36.60 92.12 2.02
CA GLN U 739 36.30 93.02 0.90
C GLN U 739 34.84 93.55 1.03
N PRO U 740 34.48 94.72 0.46
CA PRO U 740 33.31 95.45 0.92
C PRO U 740 32.00 94.68 0.70
N ARG U 741 31.87 94.01 -0.45
CA ARG U 741 30.68 93.21 -0.81
C ARG U 741 30.52 91.92 0.01
N PHE U 742 31.55 91.45 0.73
CA PHE U 742 31.41 90.30 1.61
C PHE U 742 30.46 90.62 2.78
N MET U 743 30.30 91.89 3.12
CA MET U 743 29.26 92.37 4.02
C MET U 743 27.96 92.75 3.30
N ILE U 744 26.85 92.68 4.04
CA ILE U 744 25.55 93.25 3.67
C ILE U 744 25.02 94.24 4.73
N HIS U 745 25.60 94.24 5.94
CA HIS U 745 25.60 95.40 6.84
C HIS U 745 26.78 95.33 7.83
N MET U 746 27.17 96.44 8.44
CA MET U 746 28.32 96.49 9.36
C MET U 746 27.97 97.25 10.65
N CYS U 747 28.63 96.94 11.75
CA CYS U 747 28.40 97.61 13.02
C CYS U 747 29.03 99.01 13.09
N PRO U 748 28.67 99.87 14.06
CA PRO U 748 29.26 101.19 14.20
C PRO U 748 30.75 101.13 14.48
N SER U 749 31.24 100.16 15.27
CA SER U 749 32.68 99.99 15.51
C SER U 749 33.42 99.74 14.19
N THR U 750 32.94 98.79 13.39
CA THR U 750 33.49 98.54 12.06
C THR U 750 33.28 99.73 11.13
N LYS U 751 32.14 100.42 11.14
CA LYS U 751 31.90 101.56 10.25
C LYS U 751 32.79 102.75 10.59
N GLU U 752 33.03 103.03 11.86
CA GLU U 752 33.96 104.08 12.30
C GLU U 752 35.42 103.64 12.07
N HIS U 753 35.75 102.36 12.23
CA HIS U 753 37.03 101.82 11.74
C HIS U 753 37.13 102.03 10.22
N PHE U 754 36.12 101.72 9.42
CA PHE U 754 36.19 101.73 7.97
C PHE U 754 35.76 103.05 7.33
N ALA U 755 35.35 104.06 8.09
CA ALA U 755 35.23 105.43 7.58
C ALA U 755 36.60 105.98 7.17
N ARG U 756 37.67 105.52 7.85
CA ARG U 756 39.07 105.80 7.52
C ARG U 756 39.54 105.01 6.30
N GLU U 757 39.37 103.69 6.36
CA GLU U 757 40.08 102.71 5.52
C GLU U 757 39.23 102.08 4.41
N TYR U 758 37.91 102.29 4.41
CA TYR U 758 37.10 102.30 3.19
C TYR U 758 36.96 103.75 2.72
N ASP U 759 36.63 103.96 1.44
CA ASP U 759 36.04 105.24 1.06
C ASP U 759 34.63 105.33 1.62
N CYS U 760 34.11 106.54 1.86
CA CYS U 760 32.81 106.74 2.50
C CYS U 760 31.63 106.10 1.73
N TYR U 761 31.79 105.93 0.43
CA TYR U 761 30.87 105.24 -0.48
C TYR U 761 30.93 103.70 -0.43
N GLY U 762 31.86 103.07 0.29
CA GLY U 762 31.94 101.61 0.32
C GLY U 762 32.69 100.94 -0.84
N ASP U 763 33.64 101.63 -1.48
CA ASP U 763 34.78 100.93 -2.10
C ASP U 763 35.98 101.07 -1.16
N SER U 764 36.58 99.96 -0.79
CA SER U 764 37.48 99.92 0.36
C SER U 764 38.86 100.45 0.00
N TYR U 765 39.31 101.64 0.44
CA TYR U 765 40.68 102.12 0.17
C TYR U 765 41.75 101.06 0.48
N PHE U 766 41.56 100.30 1.56
CA PHE U 766 42.53 99.29 1.99
C PHE U 766 42.46 97.92 1.27
N ILE U 767 41.62 97.77 0.24
CA ILE U 767 41.48 96.55 -0.57
C ILE U 767 41.31 96.91 -2.05
N ASP U 768 41.93 96.17 -2.97
CA ASP U 768 41.75 96.37 -4.42
C ASP U 768 40.70 95.40 -5.00
N THR U 769 39.76 95.94 -5.79
CA THR U 769 38.38 95.42 -5.96
C THR U 769 37.98 95.12 -7.40
N ASP U 770 36.87 94.39 -7.55
CA ASP U 770 36.34 93.76 -8.76
C ASP U 770 35.14 94.53 -9.43
N LEU U 771 34.75 94.06 -10.62
CA LEU U 771 33.63 94.52 -11.45
C LEU U 771 32.30 94.61 -10.70
N ASN U 772 31.85 93.51 -10.10
CA ASN U 772 30.63 93.42 -9.27
C ASN U 772 30.61 94.41 -8.09
N GLN U 773 31.78 94.65 -7.49
CA GLN U 773 31.95 95.54 -6.35
C GLN U 773 31.81 97.03 -6.77
N LEU U 774 32.48 97.48 -7.83
CA LEU U 774 32.28 98.86 -8.32
C LEU U 774 30.90 99.06 -8.99
N LYS U 775 30.33 98.04 -9.67
CA LYS U 775 28.92 98.04 -10.15
C LYS U 775 27.92 98.38 -9.05
N GLU U 776 28.03 97.70 -7.91
CA GLU U 776 27.17 97.90 -6.74
C GLU U 776 27.23 99.37 -6.28
N VAL U 777 28.46 99.85 -6.06
CA VAL U 777 28.79 101.23 -5.64
C VAL U 777 28.19 102.23 -6.62
N PHE U 778 28.37 102.01 -7.93
CA PHE U 778 27.86 102.91 -8.97
C PHE U 778 26.33 102.96 -8.96
N SER U 779 25.64 101.83 -8.78
CA SER U 779 24.19 101.80 -8.70
C SER U 779 23.63 102.50 -7.45
N GLY U 780 24.45 102.65 -6.40
CA GLY U 780 24.12 103.37 -5.16
C GLY U 780 24.39 104.85 -5.16
N ILE U 781 25.16 105.37 -6.11
CA ILE U 781 25.34 106.81 -6.30
C ILE U 781 24.04 107.41 -6.85
N LYS U 782 23.69 108.63 -6.43
CA LYS U 782 22.45 109.30 -6.83
C LYS U 782 22.46 109.69 -8.33
N ASN U 783 21.33 110.12 -8.87
CA ASN U 783 21.19 110.58 -10.26
C ASN U 783 21.21 112.10 -10.38
N SER U 784 22.03 112.64 -11.27
CA SER U 784 22.30 114.07 -11.40
C SER U 784 22.89 114.41 -12.77
N ASN U 785 22.80 115.65 -13.20
CA ASN U 785 23.30 116.10 -14.50
C ASN U 785 23.77 117.57 -14.50
N GLU U 786 24.30 118.04 -13.39
CA GLU U 786 24.70 119.45 -13.19
C GLU U 786 25.88 119.86 -14.05
N GLN U 787 26.77 118.90 -14.31
CA GLN U 787 27.84 119.10 -15.25
C GLN U 787 27.22 119.43 -16.59
N THR U 788 27.70 120.50 -17.18
CA THR U 788 27.30 120.84 -18.52
C THR U 788 27.76 119.73 -19.45
N PRO U 789 26.98 119.39 -20.48
CA PRO U 789 27.45 118.51 -21.53
C PRO U 789 28.87 118.87 -22.02
N GLU U 790 29.22 120.17 -22.13
CA GLU U 790 30.55 120.63 -22.56
C GLU U 790 31.67 120.38 -21.54
N GLU U 791 31.37 120.57 -20.26
CA GLU U 791 32.29 120.21 -19.17
C GLU U 791 32.56 118.72 -19.23
N MET U 792 31.49 117.94 -19.26
CA MET U 792 31.53 116.49 -19.28
C MET U 792 32.28 115.92 -20.45
N ALA U 793 32.05 116.43 -21.66
CA ALA U 793 32.78 116.00 -22.82
C ALA U 793 34.30 116.18 -22.68
N SER U 794 34.75 117.28 -22.08
CA SER U 794 36.18 117.48 -21.83
C SER U 794 36.73 116.65 -20.68
N LEU U 795 35.97 116.40 -19.60
CA LEU U 795 36.36 115.42 -18.58
C LEU U 795 36.63 114.06 -19.21
N ILE U 796 35.73 113.63 -20.08
CA ILE U 796 35.84 112.36 -20.76
C ILE U 796 37.01 112.40 -21.75
N ALA U 797 37.13 113.46 -22.55
CA ALA U 797 38.22 113.62 -23.52
C ALA U 797 39.61 113.64 -22.86
N ASP U 798 39.70 114.21 -21.66
CA ASP U 798 40.93 114.25 -20.86
C ASP U 798 41.27 112.89 -20.24
N LEU U 799 40.28 112.16 -19.74
CA LEU U 799 40.48 110.83 -19.14
C LEU U 799 40.90 109.79 -20.20
N GLU U 800 40.29 109.87 -21.37
CA GLU U 800 40.61 109.01 -22.52
C GLU U 800 41.97 109.38 -23.16
N TYR U 801 42.41 110.63 -23.01
CA TYR U 801 43.76 111.09 -23.35
C TYR U 801 44.80 110.55 -22.35
N ARG U 802 44.59 110.75 -21.04
CA ARG U 802 45.51 110.27 -19.99
C ARG U 802 45.76 108.77 -20.10
N TYR U 803 44.69 107.98 -20.16
CA TYR U 803 44.75 106.52 -20.13
C TYR U 803 44.75 105.86 -21.52
N SER U 804 44.89 106.65 -22.59
CA SER U 804 44.99 106.19 -23.98
C SER U 804 43.76 105.46 -24.52
N TRP U 805 42.59 105.67 -23.95
CA TRP U 805 41.32 105.15 -24.46
C TRP U 805 40.83 105.92 -25.69
N ASP U 806 41.50 107.01 -26.07
CA ASP U 806 41.08 107.96 -27.11
C ASP U 806 40.95 107.43 -28.56
N CYS U 807 41.60 106.32 -28.87
CA CYS U 807 41.47 105.63 -30.17
C CYS U 807 40.34 104.59 -30.17
N SER U 808 39.75 104.34 -29.00
CA SER U 808 38.60 103.45 -28.84
C SER U 808 37.47 103.86 -29.79
N PRO U 809 36.85 102.91 -30.50
CA PRO U 809 36.04 103.25 -31.66
C PRO U 809 34.86 104.18 -31.36
N LEU U 810 34.10 103.86 -30.31
CA LEU U 810 32.90 104.58 -29.82
C LEU U 810 33.21 105.96 -29.21
N SER U 811 34.49 106.36 -29.19
CA SER U 811 34.96 107.70 -28.84
C SER U 811 35.80 108.35 -29.95
N MET U 812 35.92 107.75 -31.16
CA MET U 812 36.89 108.25 -32.15
C MET U 812 36.65 109.71 -32.56
N PHE U 813 35.40 110.16 -32.70
CA PHE U 813 35.08 111.56 -33.01
C PHE U 813 34.95 112.47 -31.76
N ARG U 814 35.38 112.05 -30.56
CA ARG U 814 35.30 112.87 -29.32
C ARG U 814 35.80 114.30 -29.49
N ARG U 815 36.92 114.46 -30.22
CA ARG U 815 37.55 115.77 -30.45
C ARG U 815 36.99 116.51 -31.66
N HIS U 816 35.88 116.05 -32.23
CA HIS U 816 35.14 116.72 -33.30
C HIS U 816 33.85 117.36 -32.78
N THR U 817 33.76 118.66 -32.98
CA THR U 817 32.50 119.40 -32.99
C THR U 817 32.03 119.48 -34.42
N VAL U 818 30.76 119.12 -34.65
CA VAL U 818 30.26 118.86 -36.01
C VAL U 818 28.88 119.49 -36.22
N TYR U 819 28.73 120.24 -37.31
CA TYR U 819 27.45 120.75 -37.80
C TYR U 819 26.99 119.90 -38.99
N LEU U 820 25.70 119.62 -39.04
CA LEU U 820 25.08 118.68 -39.96
C LEU U 820 24.14 119.43 -40.92
N ASP U 821 24.43 119.49 -42.21
CA ASP U 821 23.84 120.53 -43.11
C ASP U 821 22.36 120.37 -43.49
N SER U 822 21.61 119.49 -42.84
CA SER U 822 20.19 119.23 -43.12
C SER U 822 19.31 120.48 -43.05
N TYR U 823 19.72 121.55 -42.38
CA TYR U 823 18.99 122.81 -42.36
C TYR U 823 19.05 123.51 -43.73
N ALA U 824 17.91 123.69 -44.40
CA ALA U 824 17.75 124.43 -45.65
C ALA U 824 18.31 125.85 -45.56
N VAL U 825 18.29 126.45 -44.37
CA VAL U 825 18.95 127.70 -44.03
C VAL U 825 19.95 127.43 -42.92
N ILE U 826 21.23 127.67 -43.19
CA ILE U 826 22.31 127.50 -42.21
C ILE U 826 21.94 128.23 -40.93
N ASN U 827 22.07 127.54 -39.79
CA ASN U 827 21.76 128.00 -38.43
C ASN U 827 20.28 128.29 -38.09
N ASP U 828 19.31 128.20 -39.02
CA ASP U 828 17.89 128.38 -38.66
C ASP U 828 17.27 127.04 -38.28
N LEU U 829 17.04 126.80 -36.99
CA LEU U 829 16.55 125.51 -36.46
C LEU U 829 15.14 125.13 -36.96
N SER U 830 14.41 126.04 -37.62
CA SER U 830 13.11 125.77 -38.23
C SER U 830 13.21 124.93 -39.51
N THR U 831 14.36 124.94 -40.19
CA THR U 831 14.49 124.48 -41.58
C THR U 831 15.01 123.04 -41.73
N LYS U 832 14.75 122.19 -40.74
CA LYS U 832 15.20 120.79 -40.67
C LYS U 832 14.81 119.99 -41.92
N ASN U 833 15.75 119.29 -42.58
CA ASN U 833 15.42 118.34 -43.67
C ASN U 833 15.38 116.91 -43.13
N GLU U 834 14.29 116.60 -42.45
CA GLU U 834 13.99 115.28 -41.86
C GLU U 834 13.81 114.18 -42.91
N GLY U 835 13.99 112.91 -42.51
CA GLY U 835 13.85 111.75 -43.41
C GLY U 835 14.97 111.58 -44.45
N THR U 836 16.01 112.43 -44.41
CA THR U 836 17.25 112.30 -45.19
C THR U 836 18.25 111.36 -44.50
N ARG U 837 19.16 110.71 -45.24
CA ARG U 837 20.23 109.87 -44.64
C ARG U 837 21.23 110.64 -43.76
N LEU U 838 21.29 111.98 -43.82
CA LEU U 838 21.98 112.80 -42.80
C LEU U 838 21.49 112.52 -41.36
N ALA U 839 20.22 112.18 -41.14
CA ALA U 839 19.72 111.81 -39.81
C ALA U 839 20.44 110.56 -39.26
N ILE U 840 20.68 109.55 -40.11
CA ILE U 840 21.47 108.37 -39.72
C ILE U 840 22.91 108.78 -39.40
N LYS U 841 23.49 109.72 -40.14
CA LYS U 841 24.86 110.19 -39.87
C LYS U 841 25.00 110.97 -38.56
N ALA U 842 23.95 111.65 -38.09
CA ALA U 842 23.98 112.24 -36.76
C ALA U 842 23.82 111.18 -35.65
N LEU U 843 23.00 110.13 -35.84
CA LEU U 843 23.01 108.97 -34.95
C LEU U 843 24.40 108.34 -34.87
N GLU U 844 25.03 108.14 -36.02
CA GLU U 844 26.39 107.62 -36.12
C GLU U 844 27.41 108.51 -35.41
N LEU U 845 27.48 109.81 -35.71
CA LEU U 845 28.44 110.72 -35.06
C LEU U 845 28.26 110.77 -33.54
N ARG U 846 27.01 110.86 -33.07
CA ARG U 846 26.69 110.77 -31.65
C ARG U 846 27.11 109.45 -31.05
N PHE U 847 26.82 108.34 -31.73
CA PHE U 847 27.20 107.01 -31.24
C PHE U 847 28.71 106.88 -31.08
N HIS U 848 29.53 107.55 -31.90
CA HIS U 848 30.99 107.51 -31.83
C HIS U 848 31.68 108.77 -31.28
N GLY U 849 30.96 109.53 -30.44
CA GLY U 849 31.56 110.52 -29.54
C GLY U 849 31.57 111.96 -30.04
N ALA U 850 31.08 112.24 -31.24
CA ALA U 850 31.05 113.61 -31.75
C ALA U 850 30.06 114.51 -31.02
N LYS U 851 30.48 115.75 -30.81
CA LYS U 851 29.63 116.86 -30.36
C LYS U 851 28.84 117.39 -31.57
N VAL U 852 27.75 116.71 -31.91
CA VAL U 852 26.82 117.17 -32.96
C VAL U 852 26.06 118.39 -32.45
N VAL U 853 26.04 119.47 -33.21
CA VAL U 853 25.43 120.75 -32.81
C VAL U 853 24.48 121.30 -33.89
N SER U 854 23.37 121.90 -33.46
CA SER U 854 22.29 122.43 -34.32
C SER U 854 22.53 123.87 -34.82
N CYS U 855 23.60 124.54 -34.37
CA CYS U 855 24.01 125.86 -34.83
C CYS U 855 25.54 125.94 -35.04
N LEU U 856 25.96 126.50 -36.18
CA LEU U 856 27.35 126.71 -36.57
C LEU U 856 27.87 128.05 -36.01
N ALA U 857 28.42 128.01 -34.80
CA ALA U 857 29.21 129.10 -34.20
C ALA U 857 30.73 128.90 -34.45
N GLU U 858 31.59 129.79 -33.92
CA GLU U 858 33.05 129.64 -33.98
C GLU U 858 33.60 128.27 -33.51
N GLY U 859 32.85 127.58 -32.64
CA GLY U 859 33.26 126.34 -31.93
C GLY U 859 33.30 125.07 -32.76
N VAL U 860 33.00 125.17 -34.04
CA VAL U 860 32.84 124.01 -34.91
C VAL U 860 34.12 123.70 -35.66
N SER U 861 34.53 122.43 -35.64
CA SER U 861 35.68 121.94 -36.40
C SER U 861 35.28 121.39 -37.78
N HIS U 862 34.08 120.84 -37.95
CA HIS U 862 33.62 120.17 -39.18
C HIS U 862 32.17 120.51 -39.53
N VAL U 863 31.89 120.75 -40.80
CA VAL U 863 30.56 120.73 -41.41
C VAL U 863 30.46 119.49 -42.28
N ILE U 864 29.34 118.76 -42.21
CA ILE U 864 29.07 117.55 -43.02
C ILE U 864 27.99 117.83 -44.08
N ILE U 865 28.31 117.55 -45.35
CA ILE U 865 27.49 117.77 -46.53
C ILE U 865 27.00 116.44 -47.10
N GLY U 866 25.70 116.37 -47.35
CA GLY U 866 25.07 115.24 -48.06
C GLY U 866 25.02 115.44 -49.56
N GLU U 867 23.93 115.00 -50.17
CA GLU U 867 23.71 115.11 -51.62
C GLU U 867 23.57 116.59 -52.03
N ASP U 868 22.78 117.36 -51.29
CA ASP U 868 22.44 118.73 -51.63
C ASP U 868 23.58 119.74 -51.33
N HIS U 869 24.40 120.01 -52.35
CA HIS U 869 25.40 121.05 -52.32
C HIS U 869 24.82 122.49 -52.41
N SER U 870 23.50 122.72 -52.37
CA SER U 870 22.93 124.07 -52.58
C SER U 870 23.33 125.14 -51.53
N ARG U 871 24.07 124.69 -50.49
CA ARG U 871 24.53 125.44 -49.31
C ARG U 871 26.07 125.62 -49.28
N VAL U 872 26.86 124.95 -50.13
CA VAL U 872 28.34 124.88 -49.97
C VAL U 872 29.03 126.22 -50.21
N ALA U 873 28.58 127.00 -51.21
CA ALA U 873 29.05 128.35 -51.44
C ALA U 873 28.94 129.25 -50.20
N ASP U 874 27.95 128.99 -49.35
CA ASP U 874 27.60 129.82 -48.21
C ASP U 874 28.31 129.36 -46.96
N PHE U 875 28.51 128.05 -46.80
CA PHE U 875 29.49 127.53 -45.84
C PHE U 875 30.87 128.11 -46.16
N LYS U 876 31.38 127.96 -47.39
CA LYS U 876 32.70 128.47 -47.80
C LYS U 876 32.84 129.99 -47.62
N ALA U 877 31.78 130.74 -47.88
CA ALA U 877 31.74 132.19 -47.67
C ALA U 877 31.72 132.57 -46.18
N PHE U 878 30.88 131.91 -45.39
CA PHE U 878 30.77 132.14 -43.95
C PHE U 878 32.07 131.79 -43.24
N ARG U 879 32.76 130.73 -43.67
CA ARG U 879 34.09 130.29 -43.22
C ARG U 879 35.22 131.30 -43.48
N ARG U 880 35.06 132.24 -44.42
CA ARG U 880 35.96 133.42 -44.56
C ARG U 880 35.91 134.34 -43.31
N THR U 881 34.83 134.32 -42.54
CA THR U 881 34.68 135.08 -41.28
C THR U 881 35.59 134.57 -40.16
N PHE U 882 35.86 133.27 -40.14
CA PHE U 882 36.25 132.56 -38.93
C PHE U 882 37.74 132.70 -38.60
N LYS U 883 38.06 132.73 -37.29
CA LYS U 883 39.43 132.71 -36.76
C LYS U 883 40.06 131.32 -36.82
N ARG U 884 39.40 130.29 -36.26
CA ARG U 884 39.69 128.86 -36.53
C ARG U 884 38.59 128.30 -37.40
N LYS U 885 39.03 127.65 -38.47
CA LYS U 885 38.26 127.45 -39.69
C LYS U 885 37.87 125.98 -39.79
N PHE U 886 36.56 125.73 -39.86
CA PHE U 886 36.04 124.37 -40.01
C PHE U 886 36.36 123.79 -41.39
N LYS U 887 36.53 122.46 -41.43
CA LYS U 887 36.47 121.68 -42.65
C LYS U 887 35.04 121.44 -43.09
N ILE U 888 34.87 121.25 -44.38
CA ILE U 888 33.60 120.81 -44.97
C ILE U 888 33.89 119.44 -45.56
N LEU U 889 33.19 118.41 -45.12
CA LEU U 889 33.48 117.03 -45.52
C LEU U 889 32.23 116.36 -46.10
N LYS U 890 32.45 115.42 -47.02
CA LYS U 890 31.42 114.48 -47.48
C LYS U 890 30.94 113.56 -46.34
N GLU U 891 29.67 113.14 -46.39
CA GLU U 891 29.10 112.11 -45.50
C GLU U 891 30.05 110.89 -45.32
N SER U 892 30.66 110.43 -46.40
CA SER U 892 31.45 109.18 -46.45
C SER U 892 32.64 109.14 -45.49
N TRP U 893 33.12 110.28 -44.97
CA TRP U 893 34.17 110.34 -43.94
C TRP U 893 33.75 109.65 -42.63
N VAL U 894 32.52 109.93 -42.19
CA VAL U 894 31.92 109.34 -40.98
C VAL U 894 31.77 107.84 -41.17
N THR U 895 31.18 107.46 -42.30
CA THR U 895 30.92 106.07 -42.70
C THR U 895 32.19 105.23 -42.67
N ASP U 896 33.23 105.73 -43.35
CA ASP U 896 34.44 104.96 -43.58
C ASP U 896 35.26 104.84 -42.30
N SER U 897 35.26 105.88 -41.47
CA SER U 897 35.93 105.86 -40.16
C SER U 897 35.28 104.87 -39.19
N ILE U 898 33.95 104.83 -39.13
CA ILE U 898 33.23 103.86 -38.30
C ILE U 898 33.48 102.42 -38.78
N ASP U 899 33.44 102.19 -40.09
CA ASP U 899 33.59 100.86 -40.67
C ASP U 899 35.00 100.30 -40.44
N LYS U 900 36.02 101.16 -40.53
CA LYS U 900 37.42 100.82 -40.21
C LYS U 900 37.76 101.00 -38.72
N CYS U 901 36.79 101.31 -37.85
CA CYS U 901 36.96 101.48 -36.40
C CYS U 901 37.99 102.56 -36.00
N GLU U 902 38.26 103.54 -36.86
CA GLU U 902 39.45 104.42 -36.83
C GLU U 902 39.21 105.68 -37.67
N LEU U 903 39.64 106.86 -37.21
CA LEU U 903 39.55 108.11 -37.97
C LEU U 903 40.30 108.02 -39.32
N GLN U 904 39.57 108.03 -40.43
CA GLN U 904 40.17 108.12 -41.77
C GLN U 904 40.61 109.55 -42.08
N GLU U 905 41.70 109.68 -42.85
CA GLU U 905 42.30 110.96 -43.20
C GLU U 905 41.30 111.86 -43.94
N GLU U 906 41.06 113.07 -43.45
CA GLU U 906 39.96 113.94 -43.90
C GLU U 906 40.13 114.54 -45.31
N ASN U 907 41.36 114.61 -45.86
CA ASN U 907 41.68 115.40 -47.06
C ASN U 907 41.03 114.87 -48.37
N GLN U 908 40.89 113.54 -48.49
CA GLN U 908 40.18 112.84 -49.55
C GLN U 908 38.65 113.06 -49.52
N TYR U 909 38.14 113.40 -48.32
CA TYR U 909 36.73 113.70 -48.06
C TYR U 909 36.40 115.21 -48.10
N LEU U 910 37.33 116.09 -48.49
CA LEU U 910 37.09 117.52 -48.50
C LEU U 910 36.07 117.93 -49.58
N ILE U 911 35.14 118.79 -49.15
CA ILE U 911 33.98 119.43 -49.80
C ILE U 911 32.99 118.47 -50.48
N MET V 1 9.71 93.55 -81.99
CA MET V 1 9.17 94.79 -82.58
C MET V 1 8.91 95.83 -81.50
N GLU V 2 9.45 97.02 -81.69
CA GLU V 2 9.28 98.20 -80.85
C GLU V 2 8.58 99.32 -81.62
N ARG V 3 8.19 100.37 -80.91
CA ARG V 3 7.36 101.44 -81.42
C ARG V 3 7.29 102.63 -80.49
N LYS V 4 7.13 103.81 -81.08
CA LYS V 4 6.84 105.10 -80.44
C LYS V 4 5.77 105.85 -81.22
N ILE V 5 5.01 106.74 -80.56
CA ILE V 5 3.97 107.59 -81.17
C ILE V 5 4.12 109.06 -80.71
N SER V 6 3.96 110.03 -81.62
CA SER V 6 4.09 111.46 -81.28
C SER V 6 3.33 112.47 -82.15
N ARG V 7 2.77 113.43 -81.44
CA ARG V 7 2.09 114.60 -81.96
C ARG V 7 3.07 115.55 -82.65
N ILE V 8 2.68 116.02 -83.83
CA ILE V 8 3.42 116.95 -84.69
C ILE V 8 2.46 117.96 -85.33
N HIS V 9 3.03 118.91 -86.04
CA HIS V 9 2.35 119.83 -86.96
C HIS V 9 2.85 119.58 -88.37
N LEU V 10 2.30 120.30 -89.34
CA LEU V 10 3.02 120.55 -90.59
C LEU V 10 2.89 122.03 -90.94
N VAL V 11 3.93 122.65 -91.51
CA VAL V 11 3.82 124.08 -91.91
C VAL V 11 2.79 124.27 -93.04
N SER V 12 2.60 123.24 -93.84
CA SER V 12 1.53 123.07 -94.80
C SER V 12 0.11 123.11 -94.18
N GLU V 13 -0.06 122.71 -92.92
CA GLU V 13 -1.32 122.89 -92.17
C GLU V 13 -1.01 123.39 -90.73
N PRO V 14 -0.76 124.71 -90.56
CA PRO V 14 -0.21 125.30 -89.33
C PRO V 14 -1.13 125.27 -88.11
N SER V 15 -2.42 125.12 -88.36
CA SER V 15 -3.48 125.38 -87.37
C SER V 15 -3.89 124.11 -86.62
N ILE V 16 -3.31 122.95 -86.93
CA ILE V 16 -3.88 121.66 -86.56
C ILE V 16 -2.82 120.61 -86.27
N THR V 17 -3.14 119.77 -85.30
CA THR V 17 -2.30 118.68 -84.82
C THR V 17 -2.21 117.56 -85.88
N HIS V 18 -1.14 116.80 -85.93
CA HIS V 18 -1.08 115.48 -86.56
C HIS V 18 -0.34 114.56 -85.65
N PHE V 19 -0.37 113.31 -86.02
CA PHE V 19 0.31 112.25 -85.34
C PHE V 19 1.20 111.53 -86.32
N LEU V 20 2.48 111.51 -85.99
CA LEU V 20 3.40 110.51 -86.52
C LEU V 20 3.38 109.31 -85.56
N GLN V 21 3.60 108.13 -86.10
CA GLN V 21 3.85 106.90 -85.38
C GLN V 21 5.05 106.18 -86.03
N VAL V 22 6.02 105.79 -85.22
CA VAL V 22 7.28 105.23 -85.70
C VAL V 22 7.45 103.83 -85.08
N SER V 23 7.46 102.78 -85.88
CA SER V 23 7.57 101.40 -85.41
C SER V 23 8.73 100.66 -86.06
N TRP V 24 9.54 99.98 -85.27
CA TRP V 24 10.79 99.40 -85.75
C TRP V 24 11.09 98.06 -85.15
N GLU V 25 11.90 97.31 -85.86
CA GLU V 25 12.30 96.02 -85.37
C GLU V 25 13.67 96.14 -84.73
N LYS V 26 13.74 95.68 -83.48
CA LYS V 26 14.84 95.77 -82.52
C LYS V 26 15.32 97.22 -82.32
N THR V 27 15.98 97.81 -83.31
CA THR V 27 16.45 99.19 -83.32
C THR V 27 15.89 99.96 -84.51
N LEU V 28 15.73 101.26 -84.29
CA LEU V 28 15.57 102.32 -85.29
C LEU V 28 16.60 102.24 -86.43
N GLU V 29 17.72 101.59 -86.17
CA GLU V 29 18.82 101.41 -87.10
C GLU V 29 18.67 100.23 -88.06
N SER V 30 17.86 99.21 -87.77
CA SER V 30 17.57 98.15 -88.75
C SER V 30 16.70 98.64 -89.91
N GLY V 31 16.11 99.82 -89.74
CA GLY V 31 14.98 100.24 -90.54
C GLY V 31 13.62 100.02 -89.86
N PHE V 32 12.59 100.58 -90.48
CA PHE V 32 11.34 100.83 -89.78
C PHE V 32 10.13 101.04 -90.68
N VAL V 33 8.93 100.99 -90.06
CA VAL V 33 7.65 101.46 -90.62
C VAL V 33 7.21 102.73 -89.91
N ILE V 34 6.89 103.76 -90.69
CA ILE V 34 6.45 105.09 -90.25
C ILE V 34 5.02 105.32 -90.76
N THR V 35 4.20 106.03 -89.98
CA THR V 35 2.78 106.28 -90.28
C THR V 35 2.36 107.69 -89.83
N LEU V 36 1.80 108.51 -90.73
CA LEU V 36 1.26 109.84 -90.38
C LEU V 36 -0.25 109.77 -90.45
N THR V 37 -0.89 110.51 -89.57
CA THR V 37 -2.31 110.78 -89.62
C THR V 37 -2.65 112.15 -89.05
N ASP V 38 -3.71 112.75 -89.62
CA ASP V 38 -4.44 113.90 -89.10
C ASP V 38 -5.37 113.52 -87.93
N GLY V 39 -5.92 112.30 -87.94
CA GLY V 39 -7.15 111.91 -87.20
C GLY V 39 -8.21 111.33 -88.15
N HIS V 40 -8.01 111.48 -89.47
CA HIS V 40 -8.95 111.10 -90.53
C HIS V 40 -8.40 110.08 -91.55
N SER V 41 -7.11 110.14 -91.91
CA SER V 41 -6.55 109.51 -93.11
C SER V 41 -5.21 108.80 -92.84
N ALA V 42 -4.96 107.75 -93.60
CA ALA V 42 -3.91 106.80 -93.37
C ALA V 42 -2.73 107.02 -94.30
N TRP V 43 -1.61 107.56 -93.81
CA TRP V 43 -0.36 107.58 -94.56
C TRP V 43 0.67 106.65 -93.97
N THR V 44 1.43 105.95 -94.80
CA THR V 44 2.41 104.96 -94.35
C THR V 44 3.67 105.02 -95.19
N GLY V 45 4.76 104.43 -94.69
CA GLY V 45 5.99 104.19 -95.42
C GLY V 45 6.80 103.06 -94.77
N THR V 46 7.61 102.37 -95.56
CA THR V 46 8.67 101.44 -95.09
C THR V 46 10.02 101.85 -95.65
N VAL V 47 11.02 102.02 -94.79
CA VAL V 47 12.34 102.59 -95.10
C VAL V 47 13.38 101.89 -94.22
N SER V 48 14.26 101.09 -94.86
CA SER V 48 15.02 99.96 -94.31
C SER V 48 16.57 100.12 -94.29
N GLU V 49 17.30 99.20 -93.62
CA GLU V 49 18.73 99.33 -93.28
C GLU V 49 19.62 99.88 -94.41
N SER V 50 19.51 99.31 -95.62
CA SER V 50 20.35 99.61 -96.78
C SER V 50 20.38 101.09 -97.13
N GLU V 51 19.25 101.77 -96.92
CA GLU V 51 19.03 103.17 -97.28
C GLU V 51 18.88 104.10 -96.07
N ILE V 52 18.53 103.65 -94.85
CA ILE V 52 18.68 104.53 -93.67
C ILE V 52 20.14 104.89 -93.40
N SER V 53 21.01 103.89 -93.55
CA SER V 53 22.47 104.02 -93.57
C SER V 53 22.98 104.79 -94.80
N GLN V 54 22.20 104.82 -95.89
CA GLN V 54 22.53 105.63 -97.08
C GLN V 54 22.21 107.11 -96.84
N GLU V 55 21.33 107.45 -95.89
CA GLU V 55 21.03 108.84 -95.52
C GLU V 55 22.26 109.57 -94.99
N ALA V 56 22.87 109.02 -93.95
CA ALA V 56 24.18 109.41 -93.42
C ALA V 56 25.34 108.98 -94.35
N ASP V 57 25.19 109.22 -95.64
CA ASP V 57 26.15 109.00 -96.72
C ASP V 57 25.85 109.99 -97.86
N ASP V 58 24.57 110.11 -98.25
CA ASP V 58 24.07 111.19 -99.11
C ASP V 58 24.23 112.57 -98.43
N MET V 59 24.07 112.66 -97.10
CA MET V 59 24.49 113.80 -96.27
C MET V 59 25.78 113.53 -95.48
N ALA V 60 26.72 112.76 -96.06
CA ALA V 60 28.15 112.61 -95.67
C ALA V 60 28.52 112.05 -94.30
N MET V 61 27.64 112.17 -93.33
CA MET V 61 28.05 112.29 -91.95
C MET V 61 27.90 111.07 -91.04
N GLU V 62 28.17 111.32 -89.77
CA GLU V 62 27.91 110.39 -88.69
C GLU V 62 26.42 110.03 -88.73
N LYS V 63 26.14 108.74 -88.84
CA LYS V 63 24.84 108.23 -88.41
C LYS V 63 24.57 108.61 -86.96
N GLY V 64 25.61 108.89 -86.16
CA GLY V 64 25.56 109.40 -84.79
C GLY V 64 24.58 110.54 -84.58
N LYS V 65 25.03 111.77 -84.78
CA LYS V 65 24.12 112.92 -84.64
C LYS V 65 23.00 112.88 -85.65
N TYR V 66 23.06 112.24 -86.81
CA TYR V 66 21.86 112.16 -87.65
C TYR V 66 20.78 111.28 -87.05
N VAL V 67 21.06 110.05 -86.64
CA VAL V 67 20.05 109.16 -86.09
C VAL V 67 19.58 109.70 -84.73
N GLY V 68 20.49 110.32 -83.97
CA GLY V 68 20.24 111.06 -82.73
C GLY V 68 19.41 112.34 -82.94
N GLU V 69 19.75 113.12 -83.95
CA GLU V 69 19.01 114.29 -84.42
C GLU V 69 17.65 113.85 -84.93
N LEU V 70 17.55 112.73 -85.62
CA LEU V 70 16.29 112.16 -86.06
C LEU V 70 15.48 111.68 -84.89
N ARG V 71 16.02 111.01 -83.88
CA ARG V 71 15.21 110.61 -82.73
C ARG V 71 14.78 111.82 -81.88
N LYS V 72 15.58 112.89 -81.84
CA LYS V 72 15.15 114.20 -81.33
C LYS V 72 14.06 114.81 -82.19
N ALA V 73 14.24 114.81 -83.49
CA ALA V 73 13.34 115.41 -84.45
C ALA V 73 12.00 114.68 -84.49
N LEU V 74 12.08 113.39 -84.78
CA LEU V 74 11.02 112.41 -85.01
C LEU V 74 10.38 111.90 -83.71
N LEU V 75 11.14 111.18 -82.87
CA LEU V 75 10.63 110.53 -81.65
C LEU V 75 10.46 111.59 -80.51
N SER V 76 10.00 112.78 -80.87
CA SER V 76 9.86 114.00 -80.06
C SER V 76 11.21 114.51 -79.59
N VAL V 83 15.63 123.63 -83.81
CA VAL V 83 14.21 123.36 -84.00
C VAL V 83 14.03 122.40 -85.18
N TYR V 84 13.05 121.51 -85.10
CA TYR V 84 12.59 120.75 -86.27
C TYR V 84 11.29 121.31 -86.79
N THR V 85 11.06 121.01 -88.06
CA THR V 85 9.95 121.52 -88.84
C THR V 85 9.55 120.43 -89.81
N PHE V 86 8.24 120.19 -89.97
CA PHE V 86 7.71 119.04 -90.69
C PHE V 86 6.76 119.51 -91.78
N ASN V 87 6.87 118.95 -92.99
CA ASN V 87 6.04 119.33 -94.12
C ASN V 87 5.66 118.08 -94.90
N PHE V 88 4.41 117.92 -95.29
CA PHE V 88 3.93 116.77 -96.06
C PHE V 88 2.90 117.26 -97.09
N SER V 89 2.84 116.61 -98.24
CA SER V 89 1.70 116.78 -99.13
C SER V 89 1.11 115.46 -99.53
N LYS V 90 -0.21 115.47 -99.53
CA LYS V 90 -1.06 114.30 -99.41
C LYS V 90 -1.11 113.50 -100.69
N GLU V 91 -1.09 114.22 -101.81
CA GLU V 91 -1.02 113.72 -103.17
C GLU V 91 0.35 113.08 -103.47
N SER V 92 1.40 113.89 -103.59
CA SER V 92 2.78 113.45 -103.83
C SER V 92 3.30 112.50 -102.77
N CYS V 93 2.73 112.58 -101.57
CA CYS V 93 3.10 111.78 -100.43
C CYS V 93 4.56 112.05 -99.99
N TYR V 94 5.16 113.13 -100.48
CA TYR V 94 6.46 113.60 -100.00
C TYR V 94 6.27 114.23 -98.61
N PHE V 95 7.05 113.77 -97.65
CA PHE V 95 7.25 114.31 -96.31
C PHE V 95 8.70 114.81 -96.24
N PHE V 96 8.99 115.95 -95.61
CA PHE V 96 10.38 116.33 -95.26
C PHE V 96 10.43 117.15 -93.97
N PHE V 97 11.62 117.19 -93.39
CA PHE V 97 11.93 117.94 -92.19
C PHE V 97 13.39 118.39 -92.20
N GLU V 98 13.67 119.51 -91.53
CA GLU V 98 15.00 120.09 -91.54
C GLU V 98 15.40 120.71 -90.21
N LYS V 99 16.68 120.68 -89.87
CA LYS V 99 17.15 121.28 -88.62
C LYS V 99 17.32 122.78 -88.84
N ASN V 100 16.45 123.52 -88.17
CA ASN V 100 16.47 124.98 -88.18
C ASN V 100 17.46 125.42 -87.10
N LEU V 101 18.42 126.25 -87.47
CA LEU V 101 19.35 126.89 -86.54
C LEU V 101 19.15 128.42 -86.52
N LYS V 102 19.88 129.12 -85.65
CA LYS V 102 19.85 130.60 -85.56
C LYS V 102 20.42 131.23 -86.84
N ASP V 103 19.53 131.74 -87.70
CA ASP V 103 19.79 132.37 -89.00
C ASP V 103 20.56 131.54 -90.08
N VAL V 104 20.72 130.21 -89.90
CA VAL V 104 21.06 129.24 -90.97
C VAL V 104 20.12 128.03 -90.85
N SER V 105 19.95 127.27 -91.92
CA SER V 105 18.97 126.17 -91.95
C SER V 105 19.37 125.09 -92.96
N PHE V 106 19.34 123.81 -92.58
CA PHE V 106 19.88 122.75 -93.43
C PHE V 106 19.08 121.45 -93.36
N ARG V 107 19.13 120.70 -94.46
CA ARG V 107 18.32 119.51 -94.61
C ARG V 107 18.71 118.39 -93.66
N LEU V 108 17.70 117.78 -93.07
CA LEU V 108 17.85 116.63 -92.21
C LEU V 108 17.34 115.39 -92.96
N GLY V 109 16.04 115.24 -93.20
CA GLY V 109 15.49 114.09 -93.94
C GLY V 109 14.21 114.35 -94.72
N SER V 110 13.81 113.36 -95.54
CA SER V 110 12.55 113.31 -96.29
C SER V 110 12.11 111.87 -96.62
N PHE V 111 10.80 111.56 -96.67
CA PHE V 111 10.23 110.29 -97.16
C PHE V 111 9.19 110.60 -98.24
N ASN V 112 9.40 110.00 -99.39
CA ASN V 112 8.34 109.77 -100.33
C ASN V 112 7.50 108.60 -99.76
N LEU V 113 6.55 108.92 -98.89
CA LEU V 113 5.60 107.97 -98.31
C LEU V 113 4.67 107.40 -99.40
N GLU V 114 3.85 106.40 -99.05
CA GLU V 114 2.74 105.94 -99.89
C GLU V 114 1.60 105.57 -98.92
N LYS V 115 0.48 106.29 -98.98
CA LYS V 115 -0.63 106.12 -98.04
C LYS V 115 -1.34 104.77 -98.15
N VAL V 116 -2.21 104.49 -97.19
CA VAL V 116 -3.01 103.26 -97.11
C VAL V 116 -4.49 103.56 -96.84
N GLU V 117 -5.26 102.50 -96.99
CA GLU V 117 -6.71 102.40 -97.12
C GLU V 117 -7.47 102.44 -95.80
N ASN V 118 -6.82 102.34 -94.65
CA ASN V 118 -7.47 102.06 -93.38
C ASN V 118 -7.13 103.12 -92.36
N PRO V 119 -7.77 104.29 -92.45
CA PRO V 119 -7.62 105.32 -91.45
C PRO V 119 -8.04 104.82 -90.05
N ALA V 120 -9.11 104.03 -89.97
CA ALA V 120 -9.65 103.50 -88.72
C ALA V 120 -8.81 102.47 -88.01
N GLU V 121 -8.41 101.43 -88.73
CA GLU V 121 -7.59 100.36 -88.18
C GLU V 121 -6.28 100.93 -87.63
N VAL V 122 -5.71 101.91 -88.33
CA VAL V 122 -4.53 102.64 -87.86
C VAL V 122 -4.77 103.34 -86.52
N ILE V 123 -5.82 104.17 -86.44
CA ILE V 123 -6.21 104.94 -85.24
C ILE V 123 -6.56 103.99 -84.08
N ARG V 124 -7.24 102.87 -84.36
CA ARG V 124 -7.52 101.81 -83.37
C ARG V 124 -6.27 101.26 -82.73
N GLU V 125 -5.27 100.86 -83.53
CA GLU V 125 -4.04 100.31 -82.96
C GLU V 125 -3.26 101.34 -82.12
N LEU V 126 -3.27 102.61 -82.53
CA LEU V 126 -2.67 103.73 -81.81
C LEU V 126 -3.32 103.91 -80.42
N ILE V 127 -4.66 103.99 -80.38
CA ILE V 127 -5.44 104.07 -79.14
C ILE V 127 -5.22 102.83 -78.24
N CYS V 128 -5.32 101.62 -78.80
CA CYS V 128 -5.13 100.39 -78.05
C CYS V 128 -3.72 100.29 -77.43
N TYR V 129 -2.69 100.70 -78.19
CA TYR V 129 -1.32 100.77 -77.67
C TYR V 129 -1.27 101.69 -76.45
N CYS V 130 -1.74 102.94 -76.58
CA CYS V 130 -1.79 103.87 -75.46
C CYS V 130 -2.52 103.28 -74.24
N LEU V 131 -3.79 102.87 -74.38
CA LEU V 131 -4.62 102.36 -73.28
C LEU V 131 -4.03 101.12 -72.59
N ASP V 132 -3.39 100.22 -73.34
CA ASP V 132 -2.63 99.10 -72.76
C ASP V 132 -1.40 99.59 -71.98
N THR V 133 -0.63 100.47 -72.60
CA THR V 133 0.68 100.90 -72.07
C THR V 133 0.57 101.76 -70.82
N ILE V 134 -0.49 102.59 -70.80
CA ILE V 134 -1.07 103.27 -69.65
C ILE V 134 -1.26 102.26 -68.51
N ALA V 135 -2.14 101.27 -68.74
CA ALA V 135 -2.63 100.30 -67.74
C ALA V 135 -1.54 99.42 -67.13
N GLU V 136 -0.61 98.95 -67.95
CA GLU V 136 0.51 98.16 -67.45
C GLU V 136 1.40 98.99 -66.50
N ASN V 137 1.60 100.27 -66.82
CA ASN V 137 2.39 101.18 -65.99
C ASN V 137 1.70 101.49 -64.67
N GLN V 138 0.38 101.68 -64.64
CA GLN V 138 -0.34 101.86 -63.37
C GLN V 138 -0.28 100.59 -62.49
N ALA V 139 -0.26 99.39 -63.07
CA ALA V 139 0.00 98.16 -62.31
C ALA V 139 1.41 98.18 -61.66
N LYS V 140 2.46 98.46 -62.44
CA LYS V 140 3.84 98.57 -61.96
C LYS V 140 3.97 99.63 -60.87
N ASN V 141 3.32 100.78 -61.07
CA ASN V 141 3.32 101.88 -60.12
C ASN V 141 2.69 101.46 -58.80
N GLU V 142 1.60 100.69 -58.81
CA GLU V 142 1.12 100.07 -57.57
C GLU V 142 2.19 99.15 -56.98
N HIS V 143 2.77 98.20 -57.72
CA HIS V 143 3.70 97.24 -57.12
C HIS V 143 4.90 97.96 -56.50
N LEU V 144 5.60 98.81 -57.24
CA LEU V 144 6.73 99.52 -56.69
C LEU V 144 6.31 100.38 -55.51
N GLN V 145 5.12 100.99 -55.53
CA GLN V 145 4.62 101.77 -54.43
C GLN V 145 4.47 100.91 -53.16
N LYS V 146 3.90 99.71 -53.28
CA LYS V 146 3.78 98.79 -52.14
C LYS V 146 5.13 98.35 -51.64
N GLU V 147 5.97 97.92 -52.55
CA GLU V 147 7.30 97.40 -52.26
C GLU V 147 8.10 98.40 -51.47
N ASN V 148 8.06 99.65 -51.91
CA ASN V 148 8.93 100.65 -51.37
C ASN V 148 8.28 101.48 -50.25
N GLU V 149 6.97 101.35 -50.04
CA GLU V 149 6.39 101.56 -48.72
C GLU V 149 7.00 100.56 -47.72
N ARG V 150 7.11 99.26 -48.01
CA ARG V 150 7.73 98.30 -47.07
C ARG V 150 9.15 98.72 -46.73
N LEU V 151 9.94 99.06 -47.74
CA LEU V 151 11.32 99.51 -47.53
C LEU V 151 11.36 100.80 -46.70
N LEU V 152 10.49 101.79 -46.91
CA LEU V 152 10.53 103.01 -46.13
C LEU V 152 10.03 102.76 -44.69
N ARG V 153 8.91 102.05 -44.55
CA ARG V 153 8.30 101.62 -43.31
C ARG V 153 9.32 100.94 -42.42
N ASP V 154 10.05 99.96 -42.96
CA ASP V 154 11.17 99.32 -42.28
C ASP V 154 12.29 100.31 -41.96
N TRP V 155 12.76 101.09 -42.94
CA TRP V 155 13.85 102.04 -42.76
C TRP V 155 13.60 103.04 -41.63
N ASN V 156 12.38 103.56 -41.55
CA ASN V 156 11.89 104.44 -40.51
C ASN V 156 11.86 103.76 -39.13
N ASP V 157 11.58 102.46 -39.07
CA ASP V 157 11.61 101.74 -37.80
C ASP V 157 13.02 101.50 -37.29
N VAL V 158 13.94 101.12 -38.18
CA VAL V 158 15.34 100.96 -37.79
C VAL V 158 15.93 102.30 -37.38
N GLN V 159 15.59 103.39 -38.08
CA GLN V 159 15.83 104.75 -37.61
C GLN V 159 15.43 104.84 -36.13
N GLY V 160 14.15 104.62 -35.79
CA GLY V 160 13.60 104.73 -34.43
C GLY V 160 14.40 103.97 -33.37
N ARG V 161 14.70 102.71 -33.65
CA ARG V 161 15.51 101.85 -32.79
C ARG V 161 16.94 102.33 -32.65
N PHE V 162 17.53 102.79 -33.74
CA PHE V 162 18.87 103.34 -33.75
C PHE V 162 18.92 104.60 -32.90
N GLU V 163 17.91 105.46 -32.98
CA GLU V 163 17.79 106.63 -32.11
C GLU V 163 17.74 106.20 -30.62
N LYS V 164 16.97 105.15 -30.29
CA LYS V 164 16.95 104.59 -28.94
C LYS V 164 18.33 104.10 -28.51
N CYS V 165 19.02 103.36 -29.37
CA CYS V 165 20.36 102.88 -29.10
C CYS V 165 21.36 104.03 -28.95
N VAL V 166 21.36 105.03 -29.83
CA VAL V 166 22.24 106.19 -29.71
C VAL V 166 22.00 106.91 -28.40
N SER V 167 20.75 107.16 -28.05
CA SER V 167 20.42 107.82 -26.78
C SER V 167 20.86 107.01 -25.57
N ALA V 168 20.62 105.70 -25.59
CA ALA V 168 21.06 104.83 -24.52
C ALA V 168 22.58 104.79 -24.39
N LYS V 169 23.32 104.84 -25.50
CA LYS V 169 24.78 104.90 -25.51
C LYS V 169 25.31 106.23 -24.96
N GLU V 170 24.74 107.38 -25.33
CA GLU V 170 25.15 108.66 -24.74
C GLU V 170 24.93 108.68 -23.24
N ALA V 171 23.74 108.29 -22.80
CA ALA V 171 23.41 108.23 -21.38
C ALA V 171 24.31 107.26 -20.61
N LEU V 172 24.62 106.10 -21.18
CA LEU V 172 25.55 105.13 -20.63
C LEU V 172 26.95 105.75 -20.39
N GLU V 173 27.52 106.45 -21.38
CA GLU V 173 28.78 107.15 -21.21
C GLU V 173 28.74 108.22 -20.11
N THR V 174 27.86 109.23 -20.25
CA THR V 174 27.90 110.38 -19.35
C THR V 174 27.61 109.90 -17.92
N ASP V 175 26.63 109.01 -17.75
CA ASP V 175 26.32 108.41 -16.45
C ASP V 175 27.50 107.68 -15.81
N LEU V 176 28.16 106.80 -16.56
CA LEU V 176 29.31 106.06 -16.06
C LEU V 176 30.49 106.96 -15.76
N TYR V 177 30.82 107.88 -16.66
CA TYR V 177 31.90 108.82 -16.45
C TYR V 177 31.59 109.75 -15.28
N LYS V 178 30.37 110.29 -15.12
CA LYS V 178 30.04 111.10 -13.94
C LYS V 178 30.28 110.35 -12.64
N ARG V 179 29.93 109.06 -12.58
CA ARG V 179 30.14 108.23 -11.39
C ARG V 179 31.60 107.88 -11.17
N PHE V 180 32.32 107.58 -12.25
CA PHE V 180 33.77 107.36 -12.23
C PHE V 180 34.48 108.61 -11.73
N ILE V 181 34.18 109.78 -12.30
CA ILE V 181 34.69 111.10 -11.94
C ILE V 181 34.50 111.35 -10.45
N LEU V 182 33.32 111.10 -9.89
CA LEU V 182 33.08 111.26 -8.45
C LEU V 182 34.02 110.37 -7.62
N VAL V 183 34.04 109.06 -7.92
CA VAL V 183 34.87 108.07 -7.19
C VAL V 183 36.37 108.38 -7.34
N LEU V 184 36.81 108.64 -8.57
CA LEU V 184 38.17 108.96 -8.97
C LEU V 184 38.62 110.26 -8.31
N ASN V 185 37.84 111.32 -8.40
CA ASN V 185 38.21 112.62 -7.89
C ASN V 185 38.39 112.65 -6.38
N GLU V 186 37.57 111.91 -5.65
CA GLU V 186 37.70 111.79 -4.20
C GLU V 186 39.02 111.10 -3.83
N LYS V 187 39.36 110.03 -4.55
CA LYS V 187 40.67 109.40 -4.45
C LYS V 187 41.82 110.37 -4.75
N LYS V 188 41.76 111.12 -5.86
CA LYS V 188 42.77 112.13 -6.26
C LYS V 188 42.94 113.24 -5.21
N THR V 189 41.86 113.80 -4.70
CA THR V 189 41.79 114.82 -3.66
C THR V 189 42.44 114.32 -2.38
N LYS V 190 42.12 113.08 -1.97
CA LYS V 190 42.73 112.47 -0.79
C LYS V 190 44.21 112.23 -1.01
N ILE V 191 44.62 111.72 -2.18
CA ILE V 191 46.04 111.56 -2.56
C ILE V 191 46.77 112.89 -2.46
N ARG V 192 46.18 113.99 -2.94
CA ARG V 192 46.76 115.34 -2.90
C ARG V 192 46.95 115.79 -1.49
N SER V 193 45.87 115.71 -0.71
CA SER V 193 45.85 116.13 0.68
C SER V 193 46.89 115.37 1.48
N LEU V 194 46.94 114.05 1.33
CA LEU V 194 47.93 113.24 1.99
C LEU V 194 49.36 113.48 1.48
N HIS V 195 49.57 113.63 0.18
CA HIS V 195 50.87 113.92 -0.44
C HIS V 195 51.48 115.19 0.13
N ASN V 196 50.68 116.26 0.17
CA ASN V 196 51.06 117.51 0.78
C ASN V 196 51.25 117.33 2.29
N LYS V 197 50.26 116.80 3.02
CA LYS V 197 50.37 116.55 4.47
C LYS V 197 51.60 115.72 4.84
N LEU V 198 52.05 114.83 3.96
CA LEU V 198 53.20 113.96 4.15
C LEU V 198 54.53 114.64 3.83
N LEU V 199 54.61 115.46 2.78
CA LEU V 199 55.78 116.32 2.54
C LEU V 199 56.04 117.26 3.71
N ASN V 200 54.97 117.69 4.38
CA ASN V 200 55.02 118.53 5.57
C ASN V 200 55.17 117.73 6.88
N ALA V 201 54.64 116.51 6.95
CA ALA V 201 54.83 115.54 8.03
C ALA V 201 54.62 114.11 7.49
PG ATP W . 65.86 -25.07 10.89
O1G ATP W . 65.53 -26.48 10.63
O2G ATP W . 66.98 -24.69 9.98
O3G ATP W . 64.67 -24.23 10.59
PB ATP W . 67.11 -23.70 12.90
O1B ATP W . 66.83 -22.42 12.20
O2B ATP W . 68.56 -24.00 12.77
O3B ATP W . 66.28 -24.95 12.39
PA ATP W . 65.28 -23.28 14.94
O1A ATP W . 64.64 -22.17 14.16
O2A ATP W . 65.49 -22.85 16.37
O3A ATP W . 66.69 -23.79 14.41
O5' ATP W . 64.44 -24.67 14.87
C5' ATP W . 63.50 -24.88 13.83
C4' ATP W . 62.04 -24.46 14.21
O4' ATP W . 61.87 -24.03 15.58
C3' ATP W . 61.59 -23.25 13.42
O3' ATP W . 61.36 -23.60 12.06
C2' ATP W . 60.35 -22.80 14.21
O2' ATP W . 59.25 -23.59 13.77
C1' ATP W . 60.72 -23.14 15.69
N9 ATP W . 61.09 -21.98 16.52
C8 ATP W . 62.38 -21.53 16.81
N7 ATP W . 62.41 -20.62 17.81
C5 ATP W . 61.09 -20.48 18.10
C6 ATP W . 60.50 -19.65 19.05
N6 ATP W . 61.22 -18.85 19.87
N1 ATP W . 59.20 -19.63 19.26
C2 ATP W . 58.48 -20.42 18.45
N3 ATP W . 58.96 -21.25 17.49
C4 ATP W . 60.29 -21.26 17.35
PG ATP X . 2.89 -56.37 45.31
O1G ATP X . 4.11 -55.89 45.98
O2G ATP X . 1.89 -56.76 46.34
O3G ATP X . 2.32 -55.26 44.49
PB ATP X . 2.20 -58.57 43.84
O1B ATP X . 0.92 -57.95 43.41
O2B ATP X . 1.89 -59.60 44.87
O3B ATP X . 3.28 -57.58 44.40
PA ATP X . 3.32 -58.43 41.30
O1A ATP X . 2.25 -57.48 40.87
O2A ATP X . 3.47 -59.49 40.25
O3A ATP X . 3.10 -59.17 42.69
O5' ATP X . 4.76 -57.71 41.54
C5' ATP X . 4.80 -56.35 42.00
C4' ATP X . 5.12 -55.31 40.87
O4' ATP X . 5.84 -55.85 39.74
C3' ATP X . 3.86 -54.70 40.27
O3' ATP X . 3.26 -53.78 41.17
C2' ATP X . 4.41 -54.06 39.01
O2' ATP X . 5.01 -52.82 39.38
C1' ATP X . 5.47 -55.11 38.54
N9 ATP X . 4.95 -56.06 37.55
C8 ATP X . 4.32 -57.29 37.78
N7 ATP X . 4.17 -58.02 36.66
C5 ATP X . 4.70 -57.20 35.72
C6 ATP X . 4.83 -57.41 34.34
N6 ATP X . 4.48 -58.57 33.74
N1 ATP X . 5.33 -56.50 33.53
C2 ATP X . 5.71 -55.34 34.11
N3 ATP X . 5.63 -55.05 35.43
C4 ATP X . 5.15 -56.02 36.21
#